data_6V6S
#
_entry.id   6V6S
#
loop_
_entity.id
_entity.type
_entity.pdbx_description
1 polymer 'Gamma-tubulin complex component 2'
2 polymer 'Gamma-tubulin complex component 3'
3 polymer 'Gamma-tubulin complex component 4'
4 polymer 'Gamma-tubulin complex component 5'
5 polymer 'Gamma-tubulin complex component 6'
6 polymer 'Unassigned poly-alanine chain ("staple")'
7 polymer 'beta actin'
8 polymer 'Unassigned poly-alanine model ("CC")'
9 polymer 'Unassigned poly-alanine model ("HB")'
10 polymer 'Unassigned poly-alanine model ("Lumenal bridge helical bundles")'
11 polymer 'Tubulin gamma-1 chain'
12 non-polymer "ADENOSINE-5'-DIPHOSPHATE"
13 non-polymer "GUANOSINE-5'-DIPHOSPHATE"
#
loop_
_entity_poly.entity_id
_entity_poly.type
_entity_poly.pdbx_seq_one_letter_code
_entity_poly.pdbx_strand_id
1 'polypeptide(L)'
;MSEFRIHHDVNELLSLLRVHGGDGAEVYIDLLQKNRTPYVTTTVSAHSAKVKIAEFSRTPEDFLKKYDELKSKNTRNLDP
LVYLLSKLTEDKETLQYLQQNAKERAELAAAAVGSSTTSINVPAAASKISMQELEELRKQLGSVATGSTLQQSLELKRKM
LRDKQNKKNSGQHLPIFPAWVYERPALIGDFLIGAGISTDTALPIVLLRWNLALSPRLKCSGVISAHCNLHLPGTLPLAS
QESAVVEDLLYVLVGVDGRYVSAQPLAGRQSRTFLVDPNLDLSIRELVHRILPVAASYSAVTRFIEEKSSFEYGQVNHAL
AAAMRTLVKEHLILVSQLEQLHRQGLLSLQKLWFYIQPAMRTMDILASLATSVDKGECLGGSTLSLLHDRSFSYTGDSQA
QELCLYLTKAASAPYFEVLEKWIYRGIIHDPYSEFMVEEHELRKERIQEDYNDKYWDQRYTIVQQQIPSFLQKMADKILS
TGKYLNVVRECGHDVTCPVAKEIIYTLKERAYVEQIEKAFNYASKVLLDFLMEEKELVAHLRSIKRYFLMDQGDFFVHFM
DLAEEELRKPVEDITPPRLEALLELALRMSTANTDPFKDDLKIDLMPHDLITQLLRVLAIETKQEKAMAHADPTELALSG
LEAFSFDYIVKWPLSLIINRKALTRYQMLFRHMFYCKHVERQLCSVWISNKTAKQHSLHSAQWFAGAFTLRQRMLNFVQN
IQYYMMFEVMEPTWHILEKNLKSASNIDDVLGHHTGFLDTCLKDCMLTNPELLKVFSKLMSVCVMFTNCMQKFTQSMKLD
GELGGQTLEHSTVLGLPAGAEERARKELARKHLAEHADTVQLVSGFEATINKFDKNFSAHLLDLLARLSIYSTSDCEHGM
ASVISRLDFNGFYTERLERLSAERSQKATPQVPVLRGPPAPAPRVAVTAQ
;
A,C,E,G,M
2 'polypeptide(L)'
;MATPDQKSPNVLLQNLCCRILGRSEADVAQQFQYAVRVIGSNFAPTVERDEFLVAEKIKKELIRQRREADAALFSELHRK
LHSQGVLKNKWSILYLLLSLSEDPRRQPSKVSSYATLFAQALPRDAHSTPYYYARPQTLPLSYQDRSAQSAQSSGSVGSS
GISSIGLCALSGPAPAPQSLLPGQSNQAPGVGDCLRQQLGSRLAWTLTANQPSSQATTSKGVPSAVSRNMTRSRREGDTG
GTMEITEAALVRDILYVFQGIDGKNIKMNNTENCYKVEGKANLSRSLRDTAVRLSELGWLHNKIRRYTDQRSLDRSFGLV
GQSFCAALHQELREYYRLLSVLHSQLQLEDDQGVNLGLESSLTLRRLLVWTYDPKIRLKTLAALVDHCQGRKGGELASAV
HAYTKTGDPYMRSLVQHILSLVSHPVLSFLYRWIYDGELEDTYHEFFVASDPTVKTDRLWHDKYTLRKSMIPSFMTMDQS
RKVLLIGKSINFLHQVCHDQTPTTKMIAVTKSAESPQDAADLFTDLENAFQGKIDAAYFETSKYLLDVLNKKYSLLDHMQ
AMRRYLLLGQGDFIRHLMDLLKPELVRPATTLYQHNLTGILETAVRATNAQFDSPEILRRLDVRLLEVSPGDTGWDVFSL
DYHVDGPIATVFTRECMSHYLRVFNFLWRAKRMEYILTDIRKGHMCNAKLLRNMPEFSGVLHQCHILASEMVHFIHQMQY
YITFEVLECSWDELWNKVQQAQDLDHIIAAHEVFLDTIISRCLLDSDSRALLNQLRAVFDQIIELQNAQDAIYRAALEEL
QRRLQFEEKKKQREIEGQWGVTAAEEEEENKRIGEFKESIPKMCSQLRILTHFYQGIVQQFLVLLTTSSDESLRFLSFRL
DFNEHYKAREPRLRVSLGTRGRRSSHT
;
B,D,F,H,T
3 'polypeptide(L)'
;MIHELLLALSGYPGSIFTWNKRSGLQVSQDFPFLHPSETSVLNRLCRLGTDYIRFTEFIEQYTGHVQQQDHHPSQQGQGG
LHGIYLRAFCTGLDSVLQPYRQALLDLEQEFLGDPHLSISHVNYFLDQFQLLFPSVMVVVEQIKSQKIHGCQILETVYKH
SCGGLPPVRSALEKILAVCHGVMYKQLSAWMLHGLLLDQHEEFFIKQGPSSGNVSAQPEEDEEDLGIGGLTGKQLRELQD
LRLIEEENMLAPSLKQFSLRVEILPSYIPVRVAEKILFVGESVQMFENQNVNLTRKGSILKNQEDTFAAELHRLKQQPLF
SLVDFEQVVDRIRSTVAEHLWKLMVEESDLLGQLKIIKDFYLLGRGELFQAFIDTAQHMLKTPPTAVTEHDVNVAFQQSA
HKVLLDDDNLLPLLHLTIEYHGKEHKADATQAREGPSRETSPREAPASGWAALGLSYKVQWPLHILFTPAVLEKYNVVFK
YLLSVRRVQAELQHCWALQMQRKHLKSNQTDAIKWRLRNHMAFLVDNLQYYLQVDVLESQFSQLLHQINSTRDFESIRLA
HDHFLSNLLAQSFILLKPVFHCLNEILDLCHSFCSLVSQNLGPLDERGAAQLSILVKGFSRQSSLLFKILSSVRNHQINS
DLAQLLLRLDYNKYYTQAGGTLGSFGM
;
I,K
4 'polypeptide(L)'
;MARHGPPWSRLDAQQERDVRELVRGVAGLQDEADPNFQLALNFAWSNFRFHRFLDVNSHKIEKTIEGIYEKFVIHSDLSK
AASWKRLTEEFLNAPLPSIKEIKTDAHYSILSLLLCLSDSPSNSSYVETPRNKEVEKKDDFDWGKYLMEDEEMDIGPYMD
TPNWSEESEEENDQQPLSREDSGIQVDRTPLEEQDQNRKLDPCISWKDEPDDRSWLEHHVVHQYWTARPSQFPHSLHLHS
NLAAVWDQHLYSSDPLYVPDDRVLVTETQVIRETLWLLSGVKKLFIFQLIDGKVTVRNNIIVTHLTHSCLRSVLEQIAAY
GQVVFRLQEFIDEVMGHSSESMLPGSGSVPKKSTEAPFRTYQAFMWALYKYFISFKEELAEIEKCIINNDTTITLAIVVD
KLAPRLSQLKVLHKVFSTGVAEVPPDTRNVVRASHLLNTLYKAILEYDNVGEASEQTVSLLFSLWVETVRPYLQTVDEWI
VHGHLWDGAREFIIQRNKNVPVNHRDFWYATYTLYSVSEKTENEEKMSDNASASSGSDQGPSSRQHTMVSFLKPVLKQII
MAGKSMQLLKNLQCAESTTCQAGARDAERKSLYTLFLESVQSRLRHGEDSTPQVLTEQQATKENLMKMQSIAESHLELDD
VHDPLLAINFARMYLEQSDFHEKFAGGDVCVDRSSESVTCQTFELTLRSCLYPHIDKQYLDCCGNLMQTLKKDYRLVEYL
QAMRNFFLMEGGDTMYDFYTSIFDKIREKETWQNVSFLNVQLQEAVGQRYPEDSSRLSISFENVDTAKKKLPVHILDGLT
LSYKVPWPVDIVISLECQKIYNQVFLLLLQIKWAKYSLDVLLFGELVSTAEKPRLKEGLIHEQDTVAQFGPQKEPVRQQI
HRMFLLRVKLMHFVNSLHNYIMTRILHSTGLEFQHQVEEAKDLDQLIKIHYRYLSTIHDRCLLREKVSFVKEAIMKVLNL
ALMFADGWQAGLGTWRMESIEKMESDFKNCHMFLVTILNKAVCRGSFPHLESLALSLMAGMEQS
;
J
5 'polypeptide(L)'
;MASITQLFDDLCEALLPAAKTHLGQRSVNRKRAKRSLKKVAYNALFTNLFQDETQQLQPDMSKLPARNKILMLSFDLRVG
GLGPKADRLEELVEELEAAPCCPLLEVGSVLDLLVQLAGSGPPQVLPRKRDYFLNNKHVGRNVPYSGYDCDDLSVFEMDV
QSLISREECLCHSMIQETLQVMEAAPGTGLPTVGLFSFGDPCGDRFERDTRVSLFGALVHSRTYDMDVRLGLPPVPDNAD
LSGLAIKVPPSVDQWEDEGFQSASNLTPDSQSEPSVTPDVDLWEAALTYEASKRRCWERVGCPPGHREEPYLTEAGRDAF
DKFCRLHQGELQLLAGGVLQAPQPVLVKECELVKDVLNVLIGVVSATFSLCQPAQAFVVKRGVHVSGASPESISSLLSEV
AEYGTCYTRLSHFSLQPVLDSLYSKGLVFQAFTSGLRRYLQYYRACVLSTPPTLSLLTIGFLFKKLGRQLRYLAELCGVG
AVLPGTCGGGPRAAFPTGVKLLSYLYQEALHNCSNEHYPVLLSLLKTSCEPYTRFIHDWVYSGVFRDAYGEFMIQVNHEY
LSFRDKLYWTHGYVLISKEVEDCVPVFLKHIAHDIYVCGKTINLLKLCCPRHYLCWSDVPVPRISVIFSLEELKEIEKDC
AVYVGRMERVARHSSVSKEEKELRMEIAKQELIAHAREAASRVLSALSDRQMSERMALDARKREQFQRLKEQFVKDQERR
QAARQEELDDDFSYARELRDRERRLKSLEEELERKARQALVDHYSKLSAEAARREQKALWRIQRHRLESARLRFLLEDEK
HIQEMLKAVSEAHQPQEPPDVLLSVHPQVTSPGPEHPEGGQGCDSGSAEQHSPAWDGWNRPGLLTPQPLKPLAVGAGGRG
LQQAEGARPFSDSLSIGDFLPVGPGAEPSVQTGMVPLLEVALQTINLDLPPSAPGEAPAAASTQPSRPQEYDFSTVLRPA
VATSPAPGPLQAAECSLGSSGLQLWEDSCGKMDACGSASRETLLPSHPPRRAALEEGSSQPTERLFGQVSGGGLPTGDYA
SEIAPTRPRWNTHGHVSDASIRVGENVSDVAPTQPRWNTHGHVSNASISLGESVSDVAPTRPRWNIHGHVSNASIRVGEN
VSDVAPTRPRWNTHGHVSNASIRVGENVSDVAPTRPRWNTHGHVSDASISLGESVSDMAPARPRWNTHGHVSDASISLGE
SVSDMAPTRPRWNTHGHVSDTSIRVGENVSDVAPIRSRCNTHGHVSDASISLGEPVSDVVSTRPRWNTHVPIPPPHMVLG
ALSPEAEPNTPRPQQSPPGHTSQSALSLGAQSTVLDCGPRLPVEVGPSLSSPSSGCGEGSISVGENVSDVAPTQPWWPNT
PGDSVSEELGPGRSGDTEDLSPNWPLNSQEDTAAQSSPGRGEEAEASAAEAQGGEQAYLAGLAGQYHLERYPDSYESMSE
PPIAHLLRPVLPRAFAFPVDPQVQSAADETAVQLSELLTLPVLMKRSITAPLAAHISLVNKAAVDYFFVELHLEAHYEAL
RHFLLMEDGEFAQSLSDLLFEKLGAGQTPGELLNPLVLNSVLSKALQCSLHGDTPHASNLSLALKYLPEVFAPNAPDVLS
CLELRYKVDWPLNIVITEGCVSKYSGVFSFLLQLKLMMWALKDVCFHLKRTALLSHMAGSVQFRQLQLFKHEMQHFVKVI
QGYIANQILHVTWCEFRARLATVGDLEEIQRAHAEYLHKAVFRGLLTEKAAPVMNVIHSIFSLVLKFRSQLISQAWGPPG
GPRGAEHPNFALMQQSYNTFKYYSHFLFKVVTKLVNRGYQPHLEDFLLRINFNNYYQDA
;
L
6 'polypeptide(L)'
;(UNK)(UNK)(UNK)(UNK)(UNK)(UNK)(UNK)(UNK)(UNK)(UNK)(UNK)(UNK)(UNK)(UNK)(UNK)(UNK)
(UNK)(UNK)(UNK)(UNK)(UNK)(UNK)(UNK)(UNK)(UNK)(UNK)(UNK)(UNK)(UNK)(UNK)(UNK)(UNK)
(UNK)(UNK)(UNK)(UNK)(UNK)(UNK)(UNK)(UNK)(UNK)(UNK)(UNK)(UNK)(UNK)(UNK)(UNK)(UNK)
(UNK)(UNK)
;
N,O,Q,R,S
7 'polypeptide(L)'
;DEEVAALVVDNGSGMCKAGFAGDDAPRAVFPSIVGRPRHQGVMVGMGQKDSYVGDEAQSKRGILTLKYPIEHGIVTNWDD
MEKIWHHTFYNELRVAPEEHPVLLTEAPLNPKANREKMTQIMFETFNTPAMYVAIQAVLSLYASGRTTGIVLDSGDGVSH
TVPIYEGYALPHAILRLDLAGRDLTDYLMKILTERGYSFTTTEEREIVRDIKEKLCYVALDFEQEMATAASSSSLEKSYE
LKDGQVITIGNERFRCPEALFQPSFLGMEACGIHETTYNSIMKCDVDIRKDLYANTVLSGGTTMYPGIADRMQKEITALA
PSTMKIKIIAPPERKYSVWIGGSILASLSTFQQMWISKQEYDESGPSIVHRKCF
;
U
8 'polypeptide(L)'
;(UNK)(UNK)(UNK)(UNK)(UNK)(UNK)(UNK)(UNK)(UNK)(UNK)(UNK)(UNK)(UNK)(UNK)(UNK)(UNK)
(UNK)(UNK)(UNK)(UNK)(UNK)(UNK)(UNK)(UNK)(UNK)(UNK)(UNK)(UNK)(UNK)(UNK)(UNK)(UNK)
(UNK)(UNK)(UNK)(UNK)(UNK)(UNK)(UNK)(UNK)(UNK)(UNK)(UNK)(UNK)(UNK)(UNK)(UNK)(UNK)
(UNK)(UNK)(UNK)(UNK)(UNK)(UNK)(UNK)(UNK)(UNK)(UNK)(UNK)(UNK)(UNK)(UNK)(UNK)(UNK)
(UNK)(UNK)
;
V,Y
9 'polypeptide(L)'
;(UNK)(UNK)(UNK)(UNK)(UNK)(UNK)(UNK)(UNK)(UNK)(UNK)(UNK)(UNK)(UNK)(UNK)(UNK)(UNK)
(UNK)(UNK)(UNK)(UNK)(UNK)(UNK)(UNK)(UNK)(UNK)(UNK)(UNK)(UNK)(UNK)(UNK)(UNK)(UNK)
(UNK)(UNK)(UNK)(UNK)(UNK)(UNK)(UNK)(UNK)(UNK)(UNK)(UNK)(UNK)(UNK)(UNK)(UNK)(UNK)
(UNK)(UNK)(UNK)(UNK)(UNK)(UNK)(UNK)(UNK)(UNK)(UNK)(UNK)(UNK)(UNK)(UNK)(UNK)(UNK)
(UNK)(UNK)(UNK)(UNK)(UNK)(UNK)(UNK)(UNK)(UNK)(UNK)(UNK)(UNK)(UNK)(UNK)(UNK)(UNK)
(UNK)(UNK)(UNK)(UNK)(UNK)(UNK)(UNK)(UNK)(UNK)(UNK)(UNK)(UNK)(UNK)(UNK)(UNK)(UNK)
(UNK)(UNK)(UNK)(UNK)(UNK)(UNK)(UNK)(UNK)(UNK)(UNK)(UNK)(UNK)(UNK)(UNK)(UNK)(UNK)
(UNK)(UNK)(UNK)(UNK)(UNK)(UNK)(UNK)(UNK)(UNK)(UNK)(UNK)(UNK)(UNK)(UNK)(UNK)(UNK)
(UNK)(UNK)(UNK)(UNK)(UNK)(UNK)(UNK)(UNK)(UNK)(UNK)(UNK)(UNK)(UNK)(UNK)(UNK)(UNK)
(UNK)(UNK)(UNK)(UNK)(UNK)(UNK)(UNK)(UNK)(UNK)(UNK)(UNK)(UNK)(UNK)(UNK)(UNK)(UNK)
(UNK)(UNK)(UNK)(UNK)(UNK)
;
W
10 'polypeptide(L)'
;(UNK)(UNK)(UNK)(UNK)(UNK)(UNK)(UNK)(UNK)(UNK)(UNK)(UNK)(UNK)(UNK)(UNK)(UNK)(UNK)
(UNK)(UNK)(UNK)(UNK)(UNK)(UNK)(UNK)(UNK)(UNK)(UNK)(UNK)(UNK)(UNK)(UNK)(UNK)(UNK)
(UNK)(UNK)(UNK)(UNK)(UNK)(UNK)(UNK)(UNK)(UNK)(UNK)(UNK)(UNK)(UNK)(UNK)(UNK)(UNK)
(UNK)(UNK)(UNK)(UNK)(UNK)(UNK)(UNK)(UNK)(UNK)(UNK)(UNK)(UNK)(UNK)(UNK)(UNK)(UNK)
(UNK)(UNK)(UNK)(UNK)(UNK)(UNK)(UNK)(UNK)(UNK)(UNK)(UNK)(UNK)(UNK)(UNK)(UNK)(UNK)
(UNK)(UNK)(UNK)(UNK)(UNK)(UNK)(UNK)(UNK)(UNK)(UNK)(UNK)(UNK)(UNK)(UNK)(UNK)(UNK)
(UNK)(UNK)(UNK)(UNK)(UNK)(UNK)(UNK)(UNK)(UNK)(UNK)(UNK)(UNK)(UNK)(UNK)(UNK)(UNK)
(UNK)(UNK)(UNK)(UNK)(UNK)(UNK)(UNK)(UNK)(UNK)(UNK)(UNK)(UNK)(UNK)(UNK)(UNK)(UNK)
(UNK)(UNK)(UNK)(UNK)(UNK)(UNK)(UNK)(UNK)(UNK)(UNK)(UNK)(UNK)(UNK)(UNK)(UNK)(UNK)
(UNK)(UNK)(UNK)(UNK)(UNK)(UNK)(UNK)(UNK)(UNK)(UNK)(UNK)(UNK)(UNK)(UNK)(UNK)(UNK)
(UNK)(UNK)(UNK)(UNK)(UNK)(UNK)(UNK)(UNK)(UNK)(UNK)(UNK)(UNK)(UNK)(UNK)(UNK)(UNK)
(UNK)(UNK)(UNK)(UNK)(UNK)(UNK)(UNK)(UNK)(UNK)(UNK)(UNK)(UNK)(UNK)(UNK)(UNK)(UNK)
(UNK)(UNK)(UNK)(UNK)(UNK)(UNK)(UNK)(UNK)(UNK)(UNK)(UNK)(UNK)(UNK)(UNK)(UNK)(UNK)
(UNK)(UNK)(UNK)(UNK)(UNK)(UNK)(UNK)(UNK)(UNK)(UNK)(UNK)(UNK)(UNK)(UNK)(UNK)(UNK)
(UNK)(UNK)(UNK)(UNK)(UNK)(UNK)(UNK)(UNK)(UNK)(UNK)(UNK)(UNK)(UNK)(UNK)(UNK)(UNK)
(UNK)(UNK)(UNK)(UNK)(UNK)(UNK)(UNK)(UNK)(UNK)(UNK)(UNK)(UNK)(UNK)(UNK)(UNK)(UNK)
(UNK)(UNK)(UNK)(UNK)(UNK)(UNK)(UNK)
;
X
11 'polypeptide(L)'
;MPREIITLQLGQCGNQIGFEFWKQLCAEHGISPEAIVEEFATEGTDRKDVFFYQADDEHYIPRAVLLDLEPRVIHSILNS
PYAKLYNPENIYLSEHGGGAGNNWASGFSQGEKIHEDIFDIIDREADGSDSLEGFVLCHSIAGGTGSGLGSYLLERLNDR
YPKKLVQTYSVFPNQDEMSDVVVQPYNSLLTLKRLTQNADCLVVLDNTALNRIATDRLHIQNPSFSQINQLVSTIMSAST
TTLRYPGYMNNDLIGLIASLIPTPRLHFLMTGYTPLTTDQSVASVRKTTVLDVMRRLLQPKNVMVSTGRDRQTNHCYIAI
LNIIQGEVDPTQVHKSLQRIRERKLANFIPWGPASIQVALSRKSPYLPSAHRVSGLMMANHTSISSLFERTCRQYDKLRK
REAFLEQFRKEDMFKDNFDEMDTSREIVQQLIDEYHAATRPDYISWGTQEQ
;
a,b,c,d,e,f,g,h,i,j,k,l,m,t
#
# COMPACT_ATOMS: atom_id res chain seq x y z
N LEU A 232 -117.53 -64.35 -37.42
CA LEU A 232 -117.88 -65.43 -38.34
C LEU A 232 -116.71 -65.77 -39.25
N PRO A 233 -115.75 -66.54 -38.73
CA PRO A 233 -114.58 -66.90 -39.54
C PRO A 233 -114.87 -67.97 -40.58
N GLY A 234 -115.98 -68.70 -40.47
CA GLY A 234 -116.27 -69.74 -41.42
C GLY A 234 -116.49 -69.22 -42.83
N THR A 235 -116.94 -67.97 -42.95
CA THR A 235 -117.15 -67.34 -44.24
C THR A 235 -115.95 -66.53 -44.70
N LEU A 236 -114.81 -66.66 -44.03
CA LEU A 236 -113.61 -65.93 -44.41
C LEU A 236 -112.57 -66.88 -44.98
N PRO A 237 -111.80 -66.45 -45.98
CA PRO A 237 -110.80 -67.34 -46.59
C PRO A 237 -109.70 -67.69 -45.60
N LEU A 238 -108.88 -68.68 -46.00
CA LEU A 238 -107.82 -69.16 -45.13
C LEU A 238 -106.69 -68.14 -45.02
N ALA A 239 -106.16 -67.67 -46.15
CA ALA A 239 -105.00 -66.79 -46.13
C ALA A 239 -105.31 -65.43 -45.54
N SER A 240 -106.58 -65.04 -45.45
CA SER A 240 -106.95 -63.73 -44.93
C SER A 240 -107.42 -63.76 -43.49
N GLN A 241 -108.17 -64.78 -43.07
CA GLN A 241 -108.60 -64.86 -41.68
C GLN A 241 -107.42 -64.98 -40.73
N GLU A 242 -106.28 -65.47 -41.20
CA GLU A 242 -105.08 -65.49 -40.39
C GLU A 242 -104.69 -64.10 -39.95
N SER A 243 -104.94 -63.09 -40.79
CA SER A 243 -104.64 -61.72 -40.42
C SER A 243 -105.58 -61.20 -39.33
N ALA A 244 -106.67 -61.91 -39.05
CA ALA A 244 -107.56 -61.52 -37.96
C ALA A 244 -107.13 -62.12 -36.64
N VAL A 245 -106.58 -63.34 -36.66
CA VAL A 245 -106.15 -63.97 -35.41
C VAL A 245 -104.89 -63.32 -34.88
N VAL A 246 -103.93 -63.04 -35.76
CA VAL A 246 -102.65 -62.52 -35.32
C VAL A 246 -102.81 -61.17 -34.64
N GLU A 247 -103.72 -60.33 -35.12
CA GLU A 247 -103.94 -59.04 -34.47
C GLU A 247 -104.87 -59.18 -33.28
N ASP A 248 -105.62 -60.27 -33.19
CA ASP A 248 -106.39 -60.55 -31.99
C ASP A 248 -105.51 -61.20 -30.92
N LEU A 249 -104.71 -62.18 -31.33
CA LEU A 249 -103.75 -62.82 -30.43
C LEU A 249 -102.71 -61.86 -29.91
N LEU A 250 -102.38 -60.81 -30.66
CA LEU A 250 -101.40 -59.83 -30.22
C LEU A 250 -101.88 -59.00 -29.04
N TYR A 251 -103.12 -59.18 -28.61
CA TYR A 251 -103.65 -58.45 -27.47
C TYR A 251 -103.71 -59.31 -26.22
N VAL A 252 -103.95 -60.62 -26.39
CA VAL A 252 -104.07 -61.51 -25.24
C VAL A 252 -102.76 -61.57 -24.47
N LEU A 253 -101.62 -61.44 -25.17
CA LEU A 253 -100.33 -61.45 -24.50
C LEU A 253 -100.14 -60.28 -23.56
N VAL A 254 -101.06 -59.31 -23.55
CA VAL A 254 -100.91 -58.13 -22.71
C VAL A 254 -101.74 -58.29 -21.45
N GLY A 255 -102.85 -59.00 -21.55
CA GLY A 255 -103.73 -59.18 -20.41
C GLY A 255 -105.16 -58.84 -20.74
N VAL A 256 -105.35 -57.95 -21.70
CA VAL A 256 -106.69 -57.63 -22.17
C VAL A 256 -107.26 -58.83 -22.91
N ASP A 257 -108.57 -59.04 -22.76
CA ASP A 257 -109.25 -60.11 -23.46
C ASP A 257 -109.19 -59.88 -24.97
N GLY A 258 -109.65 -60.87 -25.72
CA GLY A 258 -109.59 -60.79 -27.17
C GLY A 258 -110.94 -60.92 -27.86
N ARG A 259 -110.92 -60.99 -29.19
CA ARG A 259 -112.15 -61.10 -29.95
C ARG A 259 -112.62 -62.55 -30.04
N TYR A 260 -111.80 -63.42 -30.65
CA TYR A 260 -112.13 -64.83 -30.77
C TYR A 260 -111.45 -65.68 -29.70
N VAL A 261 -110.14 -65.56 -29.55
CA VAL A 261 -109.41 -66.32 -28.54
C VAL A 261 -109.59 -65.65 -27.18
N SER A 262 -110.63 -66.06 -26.47
CA SER A 262 -111.01 -65.43 -25.22
C SER A 262 -110.32 -66.10 -24.04
N ALA A 263 -110.52 -65.50 -22.86
CA ALA A 263 -110.04 -66.05 -21.61
C ALA A 263 -111.22 -66.53 -20.77
N GLN A 264 -110.94 -67.44 -19.84
CA GLN A 264 -111.97 -68.02 -19.00
C GLN A 264 -111.71 -67.71 -17.53
N PRO A 265 -112.76 -67.64 -16.72
CA PRO A 265 -112.58 -67.27 -15.31
C PRO A 265 -111.73 -68.28 -14.57
N LEU A 266 -111.07 -67.80 -13.51
CA LEU A 266 -110.21 -68.64 -12.70
C LEU A 266 -111.03 -69.55 -11.79
N SER A 271 -102.41 -70.65 -14.30
CA SER A 271 -103.49 -71.62 -14.23
C SER A 271 -104.69 -71.15 -15.06
N ARG A 272 -104.45 -70.28 -16.03
CA ARG A 272 -105.54 -69.76 -16.83
C ARG A 272 -105.88 -70.72 -17.97
N THR A 273 -107.17 -70.85 -18.24
CA THR A 273 -107.66 -71.67 -19.35
C THR A 273 -108.25 -70.76 -20.43
N PHE A 274 -108.09 -71.16 -21.68
CA PHE A 274 -108.52 -70.35 -22.81
C PHE A 274 -109.44 -71.15 -23.72
N LEU A 275 -110.21 -70.41 -24.52
CA LEU A 275 -111.14 -70.98 -25.48
C LEU A 275 -110.88 -70.30 -26.81
N VAL A 276 -110.85 -71.08 -27.90
CA VAL A 276 -110.47 -70.52 -29.18
C VAL A 276 -111.66 -70.36 -30.11
N ASP A 277 -112.22 -71.47 -30.59
CA ASP A 277 -113.22 -71.39 -31.64
C ASP A 277 -113.82 -72.76 -31.88
N PRO A 278 -115.15 -72.87 -32.04
CA PRO A 278 -115.71 -74.14 -32.51
C PRO A 278 -115.43 -74.41 -33.97
N ASN A 279 -115.57 -73.40 -34.82
CA ASN A 279 -115.35 -73.54 -36.26
C ASN A 279 -114.12 -72.72 -36.66
N LEU A 280 -112.97 -73.37 -36.60
CA LEU A 280 -111.72 -72.78 -37.06
C LEU A 280 -110.89 -73.86 -37.74
N ASP A 281 -109.93 -73.41 -38.56
CA ASP A 281 -109.06 -74.34 -39.26
C ASP A 281 -108.16 -75.07 -38.26
N LEU A 282 -108.09 -76.39 -38.40
CA LEU A 282 -107.26 -77.17 -37.49
C LEU A 282 -105.79 -76.84 -37.66
N SER A 283 -105.40 -76.36 -38.84
CA SER A 283 -104.02 -75.96 -39.10
C SER A 283 -103.64 -74.68 -38.37
N ILE A 284 -104.57 -74.09 -37.61
CA ILE A 284 -104.31 -72.89 -36.83
C ILE A 284 -104.39 -73.17 -35.34
N ARG A 285 -105.43 -73.92 -34.92
CA ARG A 285 -105.65 -74.14 -33.50
C ARG A 285 -104.50 -74.89 -32.86
N GLU A 286 -103.89 -75.82 -33.60
CA GLU A 286 -102.73 -76.52 -33.07
C GLU A 286 -101.55 -75.59 -32.88
N LEU A 287 -101.48 -74.49 -33.64
CA LEU A 287 -100.39 -73.55 -33.47
C LEU A 287 -100.73 -72.44 -32.48
N VAL A 288 -102.02 -72.12 -32.36
CA VAL A 288 -102.45 -71.15 -31.35
C VAL A 288 -102.08 -71.66 -29.96
N HIS A 289 -102.35 -72.93 -29.69
CA HIS A 289 -102.03 -73.54 -28.40
C HIS A 289 -100.53 -73.59 -28.14
N ARG A 290 -99.70 -73.24 -29.12
CA ARG A 290 -98.26 -73.14 -28.92
C ARG A 290 -97.82 -71.74 -28.57
N ILE A 291 -98.68 -70.74 -28.73
CA ILE A 291 -98.31 -69.37 -28.41
C ILE A 291 -98.86 -68.95 -27.04
N LEU A 292 -100.04 -69.44 -26.68
CA LEU A 292 -100.70 -69.05 -25.42
C LEU A 292 -99.87 -69.30 -24.16
N PRO A 293 -99.06 -70.37 -24.06
CA PRO A 293 -98.29 -70.58 -22.83
C PRO A 293 -97.37 -69.44 -22.42
N VAL A 294 -97.24 -68.39 -23.24
CA VAL A 294 -96.58 -67.17 -22.80
C VAL A 294 -97.56 -66.18 -22.20
N ALA A 295 -98.86 -66.31 -22.50
CA ALA A 295 -99.85 -65.45 -21.88
C ALA A 295 -100.28 -65.99 -20.53
N ALA A 296 -100.59 -67.28 -20.46
CA ALA A 296 -100.95 -67.88 -19.18
C ALA A 296 -99.81 -67.79 -18.19
N SER A 297 -98.58 -67.90 -18.65
CA SER A 297 -97.42 -67.67 -17.81
C SER A 297 -97.19 -66.20 -17.53
N TYR A 298 -97.93 -65.31 -18.19
CA TYR A 298 -97.89 -63.88 -17.89
C TYR A 298 -99.00 -63.45 -16.96
N SER A 299 -100.19 -64.04 -17.08
CA SER A 299 -101.29 -63.70 -16.18
C SER A 299 -101.07 -64.19 -14.78
N ALA A 300 -99.95 -64.84 -14.51
CA ALA A 300 -99.61 -65.25 -13.15
C ALA A 300 -98.42 -64.49 -12.60
N VAL A 301 -97.72 -63.72 -13.43
CA VAL A 301 -96.68 -62.82 -12.96
C VAL A 301 -97.25 -61.46 -12.60
N THR A 302 -98.12 -60.91 -13.43
CA THR A 302 -98.70 -59.60 -13.14
C THR A 302 -99.59 -59.63 -11.92
N ARG A 303 -100.13 -60.79 -11.56
CA ARG A 303 -100.87 -60.93 -10.31
C ARG A 303 -99.95 -61.16 -9.13
N PHE A 304 -98.71 -61.58 -9.37
CA PHE A 304 -97.74 -61.68 -8.29
C PHE A 304 -97.18 -60.32 -7.91
N ILE A 305 -97.13 -59.39 -8.85
CA ILE A 305 -96.63 -58.06 -8.56
C ILE A 305 -97.62 -57.28 -7.72
N GLU A 306 -98.88 -57.25 -8.17
CA GLU A 306 -99.98 -56.46 -7.54
C GLU A 306 -100.40 -57.00 -6.17
N GLU A 307 -99.79 -58.09 -5.69
CA GLU A 307 -100.15 -58.64 -4.40
C GLU A 307 -98.97 -58.69 -3.43
N LYS A 308 -97.84 -59.22 -3.86
CA LYS A 308 -96.67 -59.35 -3.00
C LYS A 308 -95.94 -58.03 -2.80
N SER A 309 -96.64 -56.94 -3.14
CA SER A 309 -96.13 -55.56 -2.95
C SER A 309 -96.69 -55.01 -1.63
N SER A 310 -97.66 -55.73 -1.04
CA SER A 310 -98.27 -55.33 0.26
C SER A 310 -97.18 -55.38 1.33
N PHE A 311 -97.11 -54.35 2.17
CA PHE A 311 -96.07 -54.26 3.25
C PHE A 311 -95.99 -55.55 4.08
N GLU A 312 -97.14 -56.10 4.50
CA GLU A 312 -97.14 -57.30 5.39
C GLU A 312 -96.41 -58.48 4.76
N TYR A 313 -95.41 -58.25 3.90
CA TYR A 313 -94.66 -59.35 3.32
C TYR A 313 -93.15 -59.22 3.43
N GLY A 314 -92.64 -58.25 4.17
CA GLY A 314 -91.21 -58.13 4.40
C GLY A 314 -90.55 -57.23 3.38
N GLN A 315 -89.32 -56.88 3.68
CA GLN A 315 -88.53 -56.00 2.83
C GLN A 315 -87.80 -56.76 1.72
N VAL A 316 -88.06 -58.05 1.56
CA VAL A 316 -87.47 -58.86 0.51
C VAL A 316 -88.50 -59.18 -0.57
N ASN A 317 -89.68 -59.65 -0.16
CA ASN A 317 -90.74 -59.87 -1.13
C ASN A 317 -91.20 -58.60 -1.82
N HIS A 318 -90.66 -57.43 -1.44
CA HIS A 318 -90.91 -56.19 -2.15
C HIS A 318 -89.91 -56.01 -3.28
N ALA A 319 -88.62 -55.92 -2.93
CA ALA A 319 -87.61 -55.69 -3.95
C ALA A 319 -87.53 -56.85 -4.93
N LEU A 320 -88.05 -58.01 -4.55
CA LEU A 320 -88.22 -59.08 -5.53
C LEU A 320 -89.34 -58.77 -6.51
N ALA A 321 -90.40 -58.10 -6.07
CA ALA A 321 -91.48 -57.72 -6.98
C ALA A 321 -91.14 -56.50 -7.81
N ALA A 322 -90.22 -55.66 -7.35
CA ALA A 322 -89.81 -54.52 -8.16
C ALA A 322 -88.89 -54.97 -9.30
N ALA A 323 -87.83 -55.69 -8.98
CA ALA A 323 -86.94 -56.19 -10.01
C ALA A 323 -87.64 -57.17 -10.95
N MET A 324 -88.77 -57.71 -10.53
CA MET A 324 -89.60 -58.55 -11.40
C MET A 324 -90.56 -57.73 -12.22
N ARG A 325 -90.51 -56.41 -12.12
CA ARG A 325 -91.38 -55.53 -12.89
C ARG A 325 -90.70 -54.93 -14.10
N THR A 326 -89.40 -54.68 -14.02
CA THR A 326 -88.68 -54.14 -15.18
C THR A 326 -88.77 -55.09 -16.37
N LEU A 327 -88.78 -56.39 -16.12
CA LEU A 327 -88.93 -57.34 -17.23
C LEU A 327 -90.32 -57.27 -17.83
N VAL A 328 -91.34 -57.04 -17.00
CA VAL A 328 -92.69 -56.86 -17.54
C VAL A 328 -92.75 -55.63 -18.43
N LYS A 329 -92.00 -54.59 -18.08
CA LYS A 329 -91.94 -53.40 -18.93
C LYS A 329 -91.34 -53.74 -20.28
N GLU A 330 -90.23 -54.48 -20.29
CA GLU A 330 -89.61 -54.87 -21.54
C GLU A 330 -90.43 -55.88 -22.31
N HIS A 331 -91.37 -56.57 -21.67
CA HIS A 331 -92.28 -57.43 -22.39
C HIS A 331 -93.41 -56.64 -23.03
N LEU A 332 -93.75 -55.48 -22.48
CA LEU A 332 -94.74 -54.62 -23.12
C LEU A 332 -94.17 -53.86 -24.31
N ILE A 333 -92.88 -53.61 -24.34
CA ILE A 333 -92.25 -53.02 -25.52
C ILE A 333 -92.20 -54.03 -26.66
N LEU A 334 -91.97 -55.30 -26.35
CA LEU A 334 -91.91 -56.32 -27.38
C LEU A 334 -93.26 -56.57 -28.04
N VAL A 335 -94.36 -56.25 -27.35
CA VAL A 335 -95.67 -56.34 -28.00
C VAL A 335 -95.97 -55.08 -28.79
N SER A 336 -95.44 -53.93 -28.39
CA SER A 336 -95.63 -52.71 -29.16
C SER A 336 -94.94 -52.81 -30.52
N GLN A 337 -93.68 -53.25 -30.53
CA GLN A 337 -92.94 -53.32 -31.78
C GLN A 337 -93.52 -54.36 -32.73
N LEU A 338 -94.36 -55.27 -32.22
CA LEU A 338 -95.03 -56.21 -33.12
C LEU A 338 -96.24 -55.60 -33.79
N GLU A 339 -97.04 -54.82 -33.07
CA GLU A 339 -98.18 -54.18 -33.70
C GLU A 339 -97.77 -53.17 -34.76
N GLN A 340 -96.75 -52.35 -34.48
CA GLN A 340 -96.24 -51.44 -35.47
C GLN A 340 -95.66 -52.17 -36.67
N LEU A 341 -95.14 -53.37 -36.46
CA LEU A 341 -94.70 -54.20 -37.57
C LEU A 341 -95.85 -54.97 -38.18
N HIS A 342 -97.00 -55.02 -37.50
CA HIS A 342 -98.17 -55.69 -38.07
C HIS A 342 -98.91 -54.81 -39.07
N ARG A 343 -98.78 -53.49 -38.96
CA ARG A 343 -99.50 -52.61 -39.89
C ARG A 343 -99.02 -52.81 -41.32
N GLN A 344 -97.72 -52.95 -41.50
CA GLN A 344 -97.22 -53.21 -42.84
C GLN A 344 -97.50 -54.63 -43.32
N GLY A 345 -98.26 -55.43 -42.57
CA GLY A 345 -98.57 -56.78 -42.98
C GLY A 345 -97.42 -57.75 -42.97
N LEU A 346 -96.24 -57.34 -42.52
CA LEU A 346 -95.06 -58.19 -42.53
C LEU A 346 -95.07 -59.24 -41.43
N LEU A 347 -96.18 -59.40 -40.71
CA LEU A 347 -96.25 -60.28 -39.55
C LEU A 347 -97.22 -61.42 -39.86
N SER A 348 -96.70 -62.53 -40.35
CA SER A 348 -97.51 -63.72 -40.53
C SER A 348 -97.51 -64.54 -39.26
N LEU A 349 -98.53 -65.40 -39.12
CA LEU A 349 -98.67 -66.21 -37.92
C LEU A 349 -97.44 -67.07 -37.68
N GLN A 350 -96.93 -67.69 -38.74
CA GLN A 350 -95.70 -68.48 -38.62
C GLN A 350 -94.53 -67.61 -38.18
N LYS A 351 -94.48 -66.36 -38.63
CA LYS A 351 -93.42 -65.45 -38.22
C LYS A 351 -93.55 -65.04 -36.77
N LEU A 352 -94.76 -65.14 -36.20
CA LEU A 352 -94.96 -64.74 -34.81
C LEU A 352 -94.34 -65.73 -33.85
N TRP A 353 -94.56 -67.04 -34.09
CA TRP A 353 -94.07 -68.09 -33.22
C TRP A 353 -92.57 -68.02 -32.98
N PHE A 354 -91.82 -67.38 -33.88
CA PHE A 354 -90.38 -67.24 -33.74
C PHE A 354 -89.98 -65.95 -33.02
N TYR A 355 -90.79 -64.90 -33.13
CA TYR A 355 -90.41 -63.61 -32.55
C TYR A 355 -90.46 -63.65 -31.02
N ILE A 356 -91.47 -64.29 -30.45
CA ILE A 356 -91.68 -64.25 -29.00
C ILE A 356 -90.85 -65.26 -28.23
N GLN A 357 -89.97 -66.00 -28.90
CA GLN A 357 -89.22 -67.05 -28.22
C GLN A 357 -88.39 -66.53 -27.04
N PRO A 358 -87.71 -65.38 -27.11
CA PRO A 358 -87.08 -64.87 -25.89
C PRO A 358 -88.06 -64.59 -24.77
N ALA A 359 -89.31 -64.27 -25.11
CA ALA A 359 -90.31 -64.02 -24.09
C ALA A 359 -90.94 -65.30 -23.55
N MET A 360 -90.97 -66.37 -24.34
CA MET A 360 -91.51 -67.63 -23.85
C MET A 360 -90.59 -68.32 -22.87
N ARG A 361 -89.29 -67.98 -22.89
CA ARG A 361 -88.35 -68.53 -21.94
C ARG A 361 -88.24 -67.72 -20.66
N THR A 362 -88.29 -66.39 -20.77
CA THR A 362 -88.20 -65.55 -19.57
C THR A 362 -89.48 -65.60 -18.77
N MET A 363 -90.62 -65.31 -19.40
CA MET A 363 -91.89 -65.39 -18.70
C MET A 363 -92.27 -66.81 -18.33
N ASP A 364 -91.42 -67.80 -18.62
CA ASP A 364 -91.56 -69.13 -18.07
C ASP A 364 -90.72 -69.34 -16.82
N ILE A 365 -89.68 -68.53 -16.63
CA ILE A 365 -88.89 -68.58 -15.41
C ILE A 365 -89.60 -67.87 -14.27
N LEU A 366 -90.05 -66.64 -14.52
CA LEU A 366 -90.72 -65.85 -13.48
C LEU A 366 -92.05 -66.45 -13.08
N ALA A 367 -92.79 -67.06 -14.00
CA ALA A 367 -94.03 -67.73 -13.66
C ALA A 367 -93.80 -69.02 -12.90
N SER A 368 -92.54 -69.41 -12.69
CA SER A 368 -92.20 -70.53 -11.83
C SER A 368 -91.70 -70.11 -10.46
N LEU A 369 -91.04 -68.95 -10.36
CA LEU A 369 -90.71 -68.43 -9.04
C LEU A 369 -91.94 -67.87 -8.35
N ALA A 370 -92.76 -67.10 -9.07
CA ALA A 370 -93.96 -66.53 -8.48
C ALA A 370 -94.98 -67.57 -8.07
N THR A 371 -94.84 -68.83 -8.52
CA THR A 371 -95.69 -69.90 -8.05
C THR A 371 -95.02 -70.80 -7.03
N SER A 372 -93.73 -70.63 -6.78
CA SER A 372 -92.99 -71.41 -5.80
C SER A 372 -92.60 -70.59 -4.58
N VAL A 373 -92.88 -69.28 -4.58
CA VAL A 373 -92.63 -68.43 -3.42
C VAL A 373 -93.93 -68.32 -2.65
N ASP A 374 -95.06 -68.48 -3.34
CA ASP A 374 -96.36 -68.41 -2.69
C ASP A 374 -96.90 -69.77 -2.27
N LYS A 375 -96.39 -70.86 -2.84
CA LYS A 375 -96.82 -72.19 -2.42
C LYS A 375 -96.53 -72.40 -0.94
N GLY A 376 -95.25 -72.41 -0.57
CA GLY A 376 -94.86 -72.38 0.82
C GLY A 376 -94.59 -70.94 1.20
N GLU A 377 -95.41 -70.42 2.10
CA GLU A 377 -95.36 -68.99 2.42
C GLU A 377 -93.96 -68.59 2.87
N CYS A 378 -93.29 -67.79 2.05
CA CYS A 378 -91.93 -67.35 2.31
C CYS A 378 -91.91 -65.84 2.45
N LEU A 379 -91.11 -65.35 3.40
CA LEU A 379 -90.90 -63.92 3.57
C LEU A 379 -89.60 -63.72 4.32
N GLY A 380 -88.75 -62.87 3.80
CA GLY A 380 -87.46 -62.61 4.43
C GLY A 380 -86.36 -63.51 3.85
N GLY A 381 -85.69 -64.24 4.73
CA GLY A 381 -84.57 -65.07 4.31
C GLY A 381 -85.00 -66.26 3.48
N SER A 382 -86.15 -66.85 3.81
CA SER A 382 -86.62 -68.02 3.09
C SER A 382 -87.08 -67.69 1.67
N THR A 383 -87.17 -66.42 1.32
CA THR A 383 -87.39 -66.00 -0.06
C THR A 383 -86.07 -65.65 -0.75
N LEU A 384 -85.00 -65.50 0.02
CA LEU A 384 -83.67 -65.34 -0.52
C LEU A 384 -82.93 -66.66 -0.68
N SER A 385 -83.39 -67.73 -0.01
CA SER A 385 -82.83 -69.04 -0.25
C SER A 385 -83.34 -69.63 -1.56
N LEU A 386 -84.62 -69.44 -1.85
CA LEU A 386 -85.21 -70.04 -3.03
C LEU A 386 -84.60 -69.47 -4.31
N LEU A 387 -84.20 -68.20 -4.29
CA LEU A 387 -83.52 -67.60 -5.42
C LEU A 387 -82.07 -68.02 -5.53
N HIS A 388 -81.56 -68.80 -4.58
CA HIS A 388 -80.19 -69.31 -4.64
C HIS A 388 -80.12 -70.77 -5.00
N ASP A 389 -81.22 -71.51 -4.89
CA ASP A 389 -81.30 -72.86 -5.42
C ASP A 389 -81.86 -72.90 -6.84
N ARG A 390 -82.86 -72.07 -7.13
CA ARG A 390 -83.35 -71.96 -8.49
C ARG A 390 -82.34 -71.30 -9.42
N SER A 391 -81.27 -70.73 -8.88
CA SER A 391 -80.14 -70.29 -9.68
C SER A 391 -79.07 -71.35 -9.83
N PHE A 392 -79.12 -72.40 -9.02
CA PHE A 392 -78.17 -73.49 -9.10
C PHE A 392 -78.64 -74.59 -10.05
N SER A 393 -79.95 -74.75 -10.21
CA SER A 393 -80.47 -75.76 -11.14
C SER A 393 -80.13 -75.40 -12.58
N TYR A 394 -80.13 -74.12 -12.92
CA TYR A 394 -79.83 -73.68 -14.27
C TYR A 394 -78.33 -73.43 -14.45
N THR A 395 -77.53 -74.42 -14.05
CA THR A 395 -76.09 -74.30 -14.13
C THR A 395 -75.54 -74.56 -15.53
N GLY A 396 -76.39 -74.98 -16.47
CA GLY A 396 -75.95 -75.24 -17.82
C GLY A 396 -76.79 -74.52 -18.86
N ASP A 397 -77.66 -73.62 -18.40
CA ASP A 397 -78.50 -72.84 -19.30
C ASP A 397 -77.78 -71.59 -19.78
N SER A 398 -77.15 -70.86 -18.85
CA SER A 398 -76.34 -69.68 -19.14
C SER A 398 -77.17 -68.51 -19.66
N GLN A 399 -78.48 -68.72 -19.82
CA GLN A 399 -79.40 -67.66 -20.17
C GLN A 399 -80.45 -67.41 -19.11
N ALA A 400 -80.99 -68.45 -18.50
CA ALA A 400 -81.82 -68.33 -17.31
C ALA A 400 -80.99 -68.35 -16.04
N GLN A 401 -79.67 -68.38 -16.17
CA GLN A 401 -78.76 -68.22 -15.04
C GLN A 401 -78.23 -66.81 -14.92
N GLU A 402 -78.22 -66.05 -16.02
CA GLU A 402 -78.00 -64.62 -15.92
C GLU A 402 -79.22 -63.91 -15.35
N LEU A 403 -80.42 -64.41 -15.61
CA LEU A 403 -81.64 -63.82 -15.08
C LEU A 403 -81.76 -64.02 -13.57
N CYS A 404 -81.79 -65.29 -13.13
CA CYS A 404 -81.92 -65.58 -11.72
C CYS A 404 -80.74 -65.07 -10.90
N LEU A 405 -79.71 -64.54 -11.54
CA LEU A 405 -78.69 -63.79 -10.83
C LEU A 405 -79.03 -62.30 -10.78
N TYR A 406 -79.80 -61.80 -11.73
CA TYR A 406 -80.23 -60.41 -11.71
C TYR A 406 -81.33 -60.18 -10.68
N LEU A 407 -82.17 -61.18 -10.42
CA LEU A 407 -83.17 -61.05 -9.38
C LEU A 407 -82.54 -61.07 -7.99
N THR A 408 -81.76 -62.12 -7.70
CA THR A 408 -81.20 -62.26 -6.36
C THR A 408 -80.21 -61.15 -6.05
N LYS A 409 -79.62 -60.55 -7.07
CA LYS A 409 -78.77 -59.39 -6.83
C LYS A 409 -79.57 -58.18 -6.42
N ALA A 410 -80.84 -58.10 -6.79
CA ALA A 410 -81.71 -56.98 -6.45
C ALA A 410 -82.68 -57.30 -5.33
N ALA A 411 -83.03 -58.57 -5.12
CA ALA A 411 -83.89 -58.97 -4.03
C ALA A 411 -83.13 -59.18 -2.73
N SER A 412 -81.86 -58.78 -2.68
CA SER A 412 -81.05 -58.96 -1.50
C SER A 412 -80.47 -57.66 -0.98
N ALA A 413 -80.61 -56.57 -1.71
CA ALA A 413 -80.13 -55.28 -1.19
C ALA A 413 -80.81 -54.86 0.10
N PRO A 414 -82.12 -55.09 0.31
CA PRO A 414 -82.69 -54.73 1.61
C PRO A 414 -82.16 -55.59 2.74
N TYR A 415 -81.97 -56.89 2.51
CA TYR A 415 -81.45 -57.75 3.57
C TYR A 415 -80.01 -57.38 3.91
N PHE A 416 -79.19 -57.13 2.92
CA PHE A 416 -77.81 -56.77 3.18
C PHE A 416 -77.64 -55.33 3.62
N GLU A 417 -78.74 -54.61 3.84
CA GLU A 417 -78.64 -53.28 4.42
C GLU A 417 -79.02 -53.25 5.89
N VAL A 418 -79.69 -54.30 6.38
CA VAL A 418 -79.88 -54.44 7.81
C VAL A 418 -78.71 -55.19 8.43
N LEU A 419 -77.94 -55.92 7.61
CA LEU A 419 -76.79 -56.66 8.13
C LEU A 419 -75.63 -55.74 8.42
N GLU A 420 -75.37 -54.77 7.54
CA GLU A 420 -74.29 -53.82 7.77
C GLU A 420 -74.57 -52.90 8.96
N LYS A 421 -75.75 -52.99 9.56
CA LYS A 421 -76.05 -52.31 10.81
C LYS A 421 -75.89 -53.22 12.01
N TRP A 422 -75.98 -54.54 11.83
CA TRP A 422 -75.86 -55.49 12.92
C TRP A 422 -74.43 -55.96 13.13
N ILE A 423 -73.54 -55.74 12.18
CA ILE A 423 -72.15 -56.13 12.34
C ILE A 423 -71.26 -54.94 12.67
N TYR A 424 -71.29 -53.90 11.83
CA TYR A 424 -70.51 -52.71 12.10
C TYR A 424 -71.07 -51.88 13.25
N ARG A 425 -72.28 -52.19 13.70
CA ARG A 425 -72.84 -51.61 14.90
C ARG A 425 -73.72 -52.67 15.56
N GLY A 426 -74.37 -52.29 16.65
CA GLY A 426 -75.18 -53.27 17.35
C GLY A 426 -76.66 -53.17 17.12
N ILE A 427 -77.12 -52.19 16.35
CA ILE A 427 -78.56 -51.91 16.25
C ILE A 427 -79.21 -52.86 15.25
N ILE A 428 -80.42 -53.30 15.58
CA ILE A 428 -81.19 -54.22 14.75
C ILE A 428 -82.51 -53.55 14.44
N HIS A 429 -82.71 -53.16 13.18
CA HIS A 429 -83.93 -52.43 12.84
C HIS A 429 -85.10 -53.38 12.57
N ASP A 430 -85.02 -54.15 11.49
CA ASP A 430 -85.95 -55.24 11.17
C ASP A 430 -87.40 -54.94 11.55
N PRO A 431 -88.06 -53.99 10.87
CA PRO A 431 -89.45 -53.67 11.24
C PRO A 431 -90.38 -54.88 11.14
N TYR A 432 -90.38 -55.57 10.01
CA TYR A 432 -91.07 -56.84 9.91
C TYR A 432 -90.15 -57.94 10.42
N SER A 433 -90.74 -59.01 10.93
CA SER A 433 -89.93 -60.09 11.47
C SER A 433 -89.33 -60.92 10.35
N GLU A 434 -88.15 -60.52 9.86
CA GLU A 434 -87.48 -61.22 8.78
C GLU A 434 -86.01 -61.49 9.00
N PHE A 435 -85.35 -60.77 9.90
CA PHE A 435 -83.91 -60.91 10.04
C PHE A 435 -83.56 -62.21 10.77
N MET A 436 -82.32 -62.66 10.57
CA MET A 436 -81.90 -63.94 11.13
C MET A 436 -81.59 -63.83 12.61
N VAL A 437 -81.50 -62.62 13.16
CA VAL A 437 -81.17 -62.41 14.56
C VAL A 437 -82.22 -61.50 15.17
N GLU A 438 -82.92 -61.99 16.20
CA GLU A 438 -83.94 -61.23 16.89
C GLU A 438 -83.50 -61.00 18.32
N GLU A 439 -83.96 -59.90 18.92
CA GLU A 439 -83.59 -59.61 20.29
C GLU A 439 -84.77 -59.87 21.22
N HIS A 440 -84.51 -59.75 22.52
CA HIS A 440 -85.50 -60.01 23.55
C HIS A 440 -85.39 -58.94 24.62
N GLU A 441 -85.99 -59.21 25.77
CA GLU A 441 -85.91 -58.28 26.89
C GLU A 441 -86.04 -59.00 28.23
N TYR A 455 -79.69 -65.00 30.96
CA TYR A 455 -79.46 -63.61 31.32
C TYR A 455 -78.80 -62.85 30.16
N TRP A 456 -78.00 -63.55 29.38
CA TRP A 456 -77.39 -62.98 28.19
C TRP A 456 -77.43 -63.93 26.99
N ASP A 457 -77.73 -65.20 27.20
CA ASP A 457 -77.96 -66.09 26.06
C ASP A 457 -79.40 -66.05 25.59
N GLN A 458 -80.28 -65.37 26.30
CA GLN A 458 -81.64 -65.12 25.83
C GLN A 458 -81.84 -63.72 25.30
N ARG A 459 -80.79 -62.90 25.26
CA ARG A 459 -80.92 -61.56 24.72
C ARG A 459 -81.10 -61.59 23.20
N TYR A 460 -80.11 -62.14 22.49
CA TYR A 460 -80.18 -62.33 21.05
C TYR A 460 -80.09 -63.81 20.73
N THR A 461 -81.02 -64.31 19.92
CA THR A 461 -81.04 -65.71 19.56
C THR A 461 -81.32 -65.89 18.08
N ILE A 462 -80.63 -66.86 17.46
CA ILE A 462 -80.81 -67.10 16.04
C ILE A 462 -82.19 -67.65 15.78
N VAL A 463 -82.85 -67.14 14.75
CA VAL A 463 -84.04 -67.80 14.21
C VAL A 463 -83.60 -68.71 13.06
N GLN A 464 -84.06 -69.96 13.11
CA GLN A 464 -83.49 -70.96 12.21
C GLN A 464 -84.07 -70.87 10.81
N GLN A 465 -85.36 -70.56 10.70
CA GLN A 465 -86.00 -70.51 9.39
C GLN A 465 -85.35 -69.47 8.49
N GLN A 466 -85.27 -68.23 8.97
CA GLN A 466 -84.87 -67.09 8.14
C GLN A 466 -83.35 -67.01 8.02
N ILE A 467 -82.75 -68.06 7.45
CA ILE A 467 -81.33 -68.11 7.19
C ILE A 467 -81.14 -68.20 5.68
N PRO A 468 -80.29 -67.39 5.07
CA PRO A 468 -80.21 -67.33 3.60
C PRO A 468 -79.74 -68.62 2.95
N SER A 469 -79.26 -69.61 3.71
CA SER A 469 -78.81 -70.90 3.19
C SER A 469 -77.60 -70.76 2.27
N PHE A 470 -77.08 -69.55 2.11
CA PHE A 470 -75.72 -69.36 1.63
C PHE A 470 -74.86 -68.61 2.62
N LEU A 471 -75.44 -68.13 3.71
CA LEU A 471 -74.70 -67.71 4.90
C LEU A 471 -74.78 -68.74 6.01
N GLN A 472 -75.42 -69.89 5.74
CA GLN A 472 -75.56 -70.93 6.76
C GLN A 472 -74.22 -71.36 7.32
N LYS A 473 -73.15 -71.19 6.55
CA LYS A 473 -71.82 -71.53 7.04
C LYS A 473 -71.43 -70.64 8.22
N MET A 474 -71.82 -69.38 8.18
CA MET A 474 -71.43 -68.40 9.20
C MET A 474 -72.63 -67.90 9.99
N ALA A 475 -73.57 -68.79 10.31
CA ALA A 475 -74.72 -68.39 11.10
C ALA A 475 -74.37 -68.12 12.55
N ASP A 476 -73.19 -68.51 13.01
CA ASP A 476 -72.80 -68.32 14.40
C ASP A 476 -71.84 -67.15 14.58
N LYS A 477 -71.06 -66.81 13.55
CA LYS A 477 -70.17 -65.66 13.67
C LYS A 477 -70.91 -64.34 13.56
N ILE A 478 -72.01 -64.30 12.79
CA ILE A 478 -72.81 -63.09 12.72
C ILE A 478 -73.43 -62.79 14.07
N LEU A 479 -74.13 -63.78 14.65
CA LEU A 479 -74.76 -63.58 15.95
C LEU A 479 -73.72 -63.26 17.02
N SER A 480 -72.52 -63.81 16.90
CA SER A 480 -71.47 -63.52 17.86
C SER A 480 -70.78 -62.20 17.60
N THR A 481 -70.95 -61.60 16.41
CA THR A 481 -70.25 -60.37 16.10
C THR A 481 -70.96 -59.16 16.70
N GLY A 482 -72.28 -59.08 16.52
CA GLY A 482 -73.02 -57.98 17.09
C GLY A 482 -73.19 -58.09 18.59
N LYS A 483 -73.29 -59.32 19.10
CA LYS A 483 -73.47 -59.52 20.53
C LYS A 483 -72.34 -58.89 21.33
N TYR A 484 -71.10 -58.96 20.83
CA TYR A 484 -69.99 -58.35 21.53
C TYR A 484 -70.06 -56.83 21.44
N LEU A 485 -70.68 -56.30 20.38
CA LEU A 485 -70.76 -54.85 20.24
C LEU A 485 -71.74 -54.22 21.20
N ASN A 486 -72.66 -55.01 21.77
CA ASN A 486 -73.68 -54.42 22.62
C ASN A 486 -73.26 -54.40 24.09
N VAL A 487 -72.44 -55.34 24.54
CA VAL A 487 -72.03 -55.38 25.93
C VAL A 487 -70.98 -54.31 26.18
N VAL A 488 -70.59 -53.59 25.13
CA VAL A 488 -69.70 -52.45 25.25
C VAL A 488 -70.42 -51.15 24.96
N ARG A 489 -71.38 -51.17 24.02
CA ARG A 489 -72.10 -49.94 23.70
C ARG A 489 -72.92 -49.44 24.88
N GLU A 490 -73.63 -50.35 25.56
CA GLU A 490 -74.42 -49.91 26.71
C GLU A 490 -73.56 -49.62 27.93
N CYS A 491 -72.26 -49.87 27.88
CA CYS A 491 -71.35 -49.51 28.95
C CYS A 491 -70.65 -48.19 28.71
N GLY A 492 -70.34 -47.86 27.46
CA GLY A 492 -69.69 -46.61 27.13
C GLY A 492 -68.27 -46.78 26.60
N GLU A 502 -69.38 -52.15 3.37
CA GLU A 502 -70.36 -52.41 2.32
C GLU A 502 -70.30 -53.86 1.85
N ILE A 503 -71.45 -54.45 1.58
CA ILE A 503 -71.57 -55.85 1.20
C ILE A 503 -72.43 -55.96 -0.05
N ILE A 504 -71.97 -56.75 -1.03
CA ILE A 504 -72.72 -57.01 -2.24
C ILE A 504 -72.70 -58.51 -2.51
N TYR A 505 -73.78 -59.01 -3.10
CA TYR A 505 -73.92 -60.43 -3.37
C TYR A 505 -73.30 -60.79 -4.71
N THR A 506 -72.48 -61.85 -4.72
CA THR A 506 -71.89 -62.36 -5.94
C THR A 506 -71.95 -63.88 -5.93
N LEU A 507 -72.01 -64.46 -7.12
CA LEU A 507 -72.08 -65.91 -7.27
C LEU A 507 -70.68 -66.48 -7.50
N LYS A 508 -70.40 -67.60 -6.84
CA LYS A 508 -69.11 -68.31 -6.92
C LYS A 508 -67.95 -67.45 -6.44
N GLU A 509 -68.24 -66.27 -5.89
CA GLU A 509 -67.22 -65.42 -5.30
C GLU A 509 -67.64 -65.09 -3.88
N ARG A 510 -66.72 -65.29 -2.94
CA ARG A 510 -67.02 -65.17 -1.52
C ARG A 510 -66.50 -63.87 -0.93
N ALA A 511 -66.61 -62.77 -1.68
CA ALA A 511 -66.14 -61.48 -1.20
C ALA A 511 -66.93 -60.97 0.00
N TYR A 512 -68.15 -61.47 0.22
CA TYR A 512 -68.91 -61.10 1.40
C TYR A 512 -68.69 -62.04 2.57
N VAL A 513 -68.45 -63.33 2.30
CA VAL A 513 -68.09 -64.26 3.36
C VAL A 513 -66.76 -63.86 3.99
N GLU A 514 -65.83 -63.36 3.17
CA GLU A 514 -64.58 -62.86 3.73
C GLU A 514 -64.77 -61.51 4.41
N GLN A 515 -65.74 -60.73 3.95
CA GLN A 515 -65.94 -59.40 4.52
C GLN A 515 -66.50 -59.47 5.93
N ILE A 516 -67.22 -60.54 6.26
CA ILE A 516 -67.78 -60.68 7.60
C ILE A 516 -66.69 -61.07 8.60
N GLU A 517 -65.78 -61.96 8.19
CA GLU A 517 -64.70 -62.37 9.08
C GLU A 517 -63.77 -61.21 9.41
N LYS A 518 -63.68 -60.21 8.52
CA LYS A 518 -62.80 -59.07 8.78
C LYS A 518 -63.37 -58.14 9.82
N ALA A 519 -64.65 -58.25 10.14
CA ALA A 519 -65.27 -57.44 11.18
C ALA A 519 -65.45 -58.20 12.49
N PHE A 520 -65.76 -59.50 12.41
CA PHE A 520 -65.83 -60.31 13.62
C PHE A 520 -64.46 -60.44 14.27
N ASN A 521 -63.40 -60.43 13.46
CA ASN A 521 -62.05 -60.47 14.01
C ASN A 521 -61.68 -59.17 14.69
N TYR A 522 -62.43 -58.10 14.47
CA TYR A 522 -62.27 -56.87 15.23
C TYR A 522 -63.30 -56.71 16.33
N ALA A 523 -64.48 -57.31 16.15
CA ALA A 523 -65.53 -57.19 17.16
C ALA A 523 -65.08 -57.74 18.51
N SER A 524 -64.27 -58.80 18.51
CA SER A 524 -63.77 -59.37 19.75
C SER A 524 -62.58 -58.61 20.30
N LYS A 525 -61.70 -58.11 19.43
CA LYS A 525 -60.51 -57.42 19.89
C LYS A 525 -60.82 -56.09 20.57
N VAL A 526 -62.07 -55.61 20.49
CA VAL A 526 -62.42 -54.41 21.22
C VAL A 526 -63.07 -54.76 22.54
N LEU A 527 -63.72 -55.93 22.63
CA LEU A 527 -64.33 -56.34 23.89
C LEU A 527 -63.35 -57.09 24.77
N LEU A 528 -62.63 -58.05 24.20
CA LEU A 528 -61.64 -58.79 24.98
C LEU A 528 -60.63 -57.84 25.61
N ASP A 529 -60.15 -56.88 24.83
CA ASP A 529 -59.27 -55.86 25.41
C ASP A 529 -60.01 -54.99 26.41
N PHE A 530 -61.32 -54.86 26.26
CA PHE A 530 -62.08 -54.03 27.20
C PHE A 530 -62.18 -54.69 28.57
N LEU A 531 -61.95 -55.99 28.67
CA LEU A 531 -62.01 -56.67 29.95
C LEU A 531 -60.65 -56.97 30.55
N MET A 532 -59.57 -56.75 29.82
CA MET A 532 -58.25 -57.07 30.36
C MET A 532 -57.51 -55.84 30.89
N GLU A 533 -57.67 -54.69 30.23
CA GLU A 533 -56.98 -53.49 30.69
C GLU A 533 -57.86 -52.64 31.62
N GLU A 534 -58.96 -52.11 31.09
CA GLU A 534 -59.94 -51.44 31.93
C GLU A 534 -60.90 -52.48 32.49
N LYS A 535 -61.39 -52.23 33.69
CA LYS A 535 -62.14 -53.22 34.50
C LYS A 535 -61.54 -54.60 34.30
N GLU A 536 -60.26 -54.70 34.67
CA GLU A 536 -59.46 -55.88 34.42
C GLU A 536 -60.10 -57.13 35.00
N LEU A 537 -59.88 -58.26 34.34
CA LEU A 537 -60.40 -59.54 34.78
C LEU A 537 -59.34 -60.42 35.42
N VAL A 538 -58.10 -60.41 34.91
CA VAL A 538 -57.07 -61.27 35.49
C VAL A 538 -56.64 -60.75 36.85
N ALA A 539 -56.56 -59.43 37.02
CA ALA A 539 -56.31 -58.85 38.33
C ALA A 539 -57.55 -58.84 39.20
N HIS A 540 -58.64 -59.43 38.72
CA HIS A 540 -59.89 -59.54 39.45
C HIS A 540 -60.14 -60.94 39.97
N LEU A 541 -59.52 -61.95 39.37
CA LEU A 541 -59.64 -63.31 39.86
C LEU A 541 -58.67 -63.60 40.98
N ARG A 542 -57.49 -62.97 40.97
CA ARG A 542 -56.56 -63.11 42.07
C ARG A 542 -57.14 -62.58 43.38
N SER A 543 -58.12 -61.69 43.30
CA SER A 543 -58.86 -61.29 44.48
C SER A 543 -59.88 -62.32 44.92
N ILE A 544 -60.06 -63.39 44.16
CA ILE A 544 -60.91 -64.50 44.57
C ILE A 544 -60.08 -65.66 45.14
N LYS A 545 -58.93 -65.94 44.53
CA LYS A 545 -58.04 -66.96 45.08
C LYS A 545 -57.55 -66.58 46.47
N ARG A 546 -57.50 -65.28 46.78
CA ARG A 546 -57.07 -64.86 48.10
C ARG A 546 -58.06 -65.26 49.19
N TYR A 547 -59.34 -65.38 48.83
CA TYR A 547 -60.38 -65.63 49.82
C TYR A 547 -61.07 -66.98 49.62
N PHE A 548 -61.48 -67.30 48.41
CA PHE A 548 -62.24 -68.53 48.19
C PHE A 548 -61.32 -69.74 48.19
N LEU A 549 -60.22 -69.69 47.45
CA LEU A 549 -59.30 -70.82 47.36
C LEU A 549 -58.30 -70.85 48.50
N MET A 550 -58.38 -69.91 49.43
CA MET A 550 -57.58 -69.91 50.66
C MET A 550 -56.08 -69.91 50.35
N ASP A 551 -55.67 -68.98 49.50
CA ASP A 551 -54.25 -68.83 49.09
C ASP A 551 -53.48 -68.06 50.17
N GLN A 552 -54.20 -67.22 50.95
CA GLN A 552 -53.57 -66.42 52.03
C GLN A 552 -54.11 -66.89 53.38
N GLY A 553 -53.25 -67.53 54.19
CA GLY A 553 -53.66 -68.04 55.51
C GLY A 553 -53.46 -67.00 56.61
N ASP A 554 -52.99 -65.81 56.24
CA ASP A 554 -52.76 -64.70 57.22
C ASP A 554 -54.10 -64.06 57.58
N PHE A 555 -55.10 -64.20 56.71
CA PHE A 555 -56.45 -63.62 56.94
C PHE A 555 -57.34 -64.64 57.69
N PHE A 556 -57.01 -65.93 57.55
CA PHE A 556 -57.78 -67.00 58.22
C PHE A 556 -57.24 -67.21 59.64
N VAL A 557 -55.93 -67.42 59.77
CA VAL A 557 -55.29 -67.63 61.09
C VAL A 557 -55.71 -66.50 62.04
N HIS A 558 -56.17 -65.38 61.47
CA HIS A 558 -56.60 -64.24 62.26
C HIS A 558 -58.10 -64.09 62.31
N PHE A 559 -58.84 -64.76 61.43
CA PHE A 559 -60.30 -64.64 61.45
C PHE A 559 -60.93 -65.71 62.35
N MET A 560 -60.57 -66.98 62.14
CA MET A 560 -61.06 -68.01 63.04
C MET A 560 -60.61 -67.75 64.47
N ASP A 561 -59.46 -67.11 64.64
CA ASP A 561 -58.98 -66.76 65.97
C ASP A 561 -59.91 -65.77 66.66
N LEU A 562 -60.72 -65.04 65.88
CA LEU A 562 -61.67 -64.08 66.42
C LEU A 562 -63.08 -64.66 66.51
N ALA A 563 -63.57 -65.27 65.44
CA ALA A 563 -64.95 -65.73 65.37
C ALA A 563 -65.08 -67.23 65.62
N GLU A 564 -64.28 -67.77 66.53
CA GLU A 564 -64.39 -69.20 66.86
C GLU A 564 -65.54 -69.46 67.84
N GLU A 565 -65.51 -68.76 68.97
CA GLU A 565 -66.55 -68.97 69.98
C GLU A 565 -67.93 -68.63 69.44
N GLU A 566 -68.00 -67.61 68.58
CA GLU A 566 -69.27 -67.12 68.07
C GLU A 566 -69.71 -67.82 66.79
N LEU A 567 -69.07 -68.94 66.45
CA LEU A 567 -69.55 -69.82 65.39
C LEU A 567 -69.98 -71.18 65.89
N ARG A 568 -69.46 -71.63 67.04
CA ARG A 568 -69.89 -72.90 67.59
C ARG A 568 -71.32 -72.85 68.10
N LYS A 569 -71.88 -71.66 68.29
CA LYS A 569 -73.28 -71.53 68.61
C LYS A 569 -74.12 -72.09 67.47
N PRO A 570 -75.29 -72.66 67.77
CA PRO A 570 -76.15 -73.18 66.71
C PRO A 570 -76.69 -72.05 65.84
N VAL A 571 -77.08 -72.43 64.63
CA VAL A 571 -77.62 -71.46 63.69
C VAL A 571 -78.95 -70.90 64.21
N GLU A 572 -79.41 -69.82 63.58
CA GLU A 572 -80.54 -68.99 64.04
C GLU A 572 -80.37 -68.60 65.51
N ASP A 573 -79.12 -68.47 65.94
CA ASP A 573 -78.79 -67.92 67.24
C ASP A 573 -77.69 -66.87 67.19
N ILE A 574 -77.00 -66.73 66.05
CA ILE A 574 -75.91 -65.77 65.90
C ILE A 574 -76.41 -64.59 65.07
N THR A 575 -75.91 -63.40 65.39
CA THR A 575 -76.34 -62.19 64.71
C THR A 575 -75.43 -61.90 63.54
N PRO A 576 -75.91 -61.92 62.30
CA PRO A 576 -75.04 -61.66 61.15
C PRO A 576 -74.37 -60.29 61.21
N PRO A 577 -75.00 -59.26 61.79
CA PRO A 577 -74.25 -57.99 61.98
C PRO A 577 -73.02 -58.13 62.85
N ARG A 578 -72.83 -59.25 63.53
CA ARG A 578 -71.62 -59.46 64.32
C ARG A 578 -70.51 -60.12 63.50
N LEU A 579 -70.86 -61.05 62.61
CA LEU A 579 -69.85 -61.71 61.80
C LEU A 579 -69.25 -60.74 60.78
N GLU A 580 -70.09 -59.98 60.10
CA GLU A 580 -69.60 -58.98 59.16
C GLU A 580 -68.69 -57.97 59.86
N ALA A 581 -68.98 -57.66 61.11
CA ALA A 581 -68.12 -56.75 61.86
C ALA A 581 -66.83 -57.44 62.27
N LEU A 582 -66.79 -58.77 62.22
CA LEU A 582 -65.55 -59.48 62.50
C LEU A 582 -64.76 -59.75 61.24
N LEU A 583 -65.43 -60.06 60.14
CA LEU A 583 -64.76 -60.20 58.85
C LEU A 583 -64.13 -58.88 58.43
N GLU A 584 -64.88 -57.78 58.55
CA GLU A 584 -64.38 -56.48 58.13
C GLU A 584 -63.13 -56.09 58.90
N LEU A 585 -62.99 -56.59 60.13
CA LEU A 585 -61.80 -56.31 60.91
C LEU A 585 -60.66 -57.27 60.63
N ALA A 586 -60.96 -58.55 60.39
CA ALA A 586 -59.91 -59.54 60.20
C ALA A 586 -59.08 -59.22 58.95
N LEU A 587 -59.68 -58.55 57.98
CA LEU A 587 -58.94 -58.18 56.78
C LEU A 587 -57.88 -57.12 57.09
N ARG A 588 -58.32 -55.95 57.53
CA ARG A 588 -57.41 -54.80 57.61
C ARG A 588 -56.31 -55.02 58.63
N MET A 589 -56.53 -55.90 59.61
CA MET A 589 -55.48 -56.20 60.55
C MET A 589 -54.42 -57.13 59.95
N SER A 590 -54.81 -58.00 59.02
CA SER A 590 -53.89 -58.97 58.42
C SER A 590 -53.14 -58.31 57.27
N THR A 591 -52.47 -59.13 56.46
CA THR A 591 -51.72 -58.65 55.31
C THR A 591 -52.56 -58.52 54.06
N ALA A 592 -53.85 -58.84 54.13
CA ALA A 592 -54.73 -58.66 52.99
C ALA A 592 -55.18 -57.22 52.83
N ASN A 593 -54.59 -56.30 53.60
CA ASN A 593 -54.98 -54.90 53.53
C ASN A 593 -54.66 -54.29 52.17
N THR A 594 -53.56 -54.72 51.55
CA THR A 594 -53.15 -54.18 50.26
C THR A 594 -53.91 -54.89 49.14
N ASP A 595 -55.18 -54.51 49.00
CA ASP A 595 -56.05 -55.08 48.00
C ASP A 595 -57.10 -54.06 47.61
N PRO A 596 -57.21 -53.71 46.32
CA PRO A 596 -58.22 -52.72 45.91
C PRO A 596 -59.65 -53.22 46.06
N PHE A 597 -59.88 -54.52 46.01
CA PHE A 597 -61.22 -55.06 45.91
C PHE A 597 -61.69 -55.76 47.19
N LYS A 598 -61.05 -55.48 48.33
CA LYS A 598 -61.38 -56.20 49.54
C LYS A 598 -62.76 -55.87 50.07
N ASP A 599 -63.38 -54.81 49.57
CA ASP A 599 -64.68 -54.38 50.07
C ASP A 599 -65.84 -55.14 49.46
N ASP A 600 -65.59 -56.31 48.87
CA ASP A 600 -66.63 -57.07 48.18
C ASP A 600 -66.85 -58.44 48.79
N LEU A 601 -66.51 -58.62 50.06
CA LEU A 601 -66.72 -59.89 50.75
C LEU A 601 -67.93 -59.79 51.66
N LYS A 602 -68.91 -60.67 51.44
CA LYS A 602 -70.12 -60.70 52.24
C LYS A 602 -70.31 -62.09 52.82
N ILE A 603 -70.83 -62.14 54.03
CA ILE A 603 -71.12 -63.41 54.68
C ILE A 603 -72.47 -63.92 54.17
N ASP A 604 -72.53 -65.22 53.92
CA ASP A 604 -73.75 -65.85 53.41
C ASP A 604 -73.92 -67.20 54.09
N LEU A 605 -74.77 -67.25 55.11
CA LEU A 605 -75.01 -68.48 55.87
C LEU A 605 -75.93 -69.37 55.06
N MET A 606 -75.38 -70.43 54.49
CA MET A 606 -76.17 -71.32 53.64
C MET A 606 -77.11 -72.16 54.49
N PRO A 607 -78.25 -72.59 53.93
CA PRO A 607 -79.16 -73.44 54.72
C PRO A 607 -78.65 -74.84 54.92
N HIS A 608 -78.14 -75.49 53.87
CA HIS A 608 -77.75 -76.88 53.96
C HIS A 608 -76.23 -77.01 53.91
N ASP A 609 -75.70 -77.92 54.72
CA ASP A 609 -74.26 -78.11 54.80
C ASP A 609 -73.76 -78.82 53.53
N LEU A 610 -72.47 -79.13 53.52
CA LEU A 610 -71.85 -79.82 52.40
C LEU A 610 -72.32 -81.29 52.44
N ILE A 611 -73.45 -81.53 51.79
CA ILE A 611 -74.08 -82.84 51.80
C ILE A 611 -73.17 -83.89 51.20
N SER A 639 -75.93 -76.93 63.83
CA SER A 639 -75.14 -76.45 62.71
C SER A 639 -74.17 -75.36 63.15
N GLY A 640 -74.47 -74.12 62.78
CA GLY A 640 -73.65 -72.98 63.16
C GLY A 640 -72.34 -72.80 62.42
N LEU A 641 -71.45 -73.79 62.47
CA LEU A 641 -70.15 -73.68 61.84
C LEU A 641 -70.13 -74.25 60.43
N GLU A 642 -70.83 -75.36 60.21
CA GLU A 642 -70.86 -76.01 58.91
C GLU A 642 -71.82 -75.34 57.93
N ALA A 643 -72.22 -74.10 58.21
CA ALA A 643 -73.10 -73.32 57.33
C ALA A 643 -72.59 -71.91 57.19
N PHE A 644 -71.28 -71.77 56.96
CA PHE A 644 -70.63 -70.47 56.79
C PHE A 644 -69.83 -70.46 55.51
N SER A 645 -69.98 -69.40 54.71
CA SER A 645 -69.30 -69.30 53.44
C SER A 645 -69.38 -67.86 52.94
N PHE A 646 -68.28 -67.39 52.35
CA PHE A 646 -68.24 -66.03 51.84
C PHE A 646 -69.17 -65.88 50.63
N ASP A 647 -69.45 -64.63 50.29
CA ASP A 647 -70.20 -64.29 49.09
C ASP A 647 -69.59 -63.06 48.46
N TYR A 648 -69.64 -62.98 47.13
CA TYR A 648 -68.88 -62.00 46.39
C TYR A 648 -69.78 -61.37 45.33
N ILE A 649 -69.70 -60.06 45.17
CA ILE A 649 -70.60 -59.33 44.28
C ILE A 649 -69.78 -58.52 43.29
N VAL A 650 -70.18 -58.57 42.02
CA VAL A 650 -69.46 -57.91 40.94
C VAL A 650 -70.45 -57.12 40.07
N LYS A 651 -69.90 -56.17 39.33
CA LYS A 651 -70.72 -55.28 38.52
C LYS A 651 -71.16 -55.98 37.24
N TRP A 652 -71.76 -55.21 36.30
CA TRP A 652 -72.28 -55.83 35.08
C TRP A 652 -71.19 -56.40 34.20
N PRO A 653 -70.18 -55.63 33.74
CA PRO A 653 -69.32 -56.13 32.67
C PRO A 653 -68.52 -57.36 33.07
N LEU A 654 -68.08 -57.42 34.32
CA LEU A 654 -67.36 -58.60 34.80
C LEU A 654 -68.30 -59.71 35.23
N SER A 655 -69.60 -59.46 35.27
CA SER A 655 -70.53 -60.51 35.69
C SER A 655 -70.74 -61.58 34.64
N LEU A 656 -70.55 -61.25 33.36
CA LEU A 656 -70.74 -62.25 32.30
C LEU A 656 -69.76 -63.41 32.46
N ILE A 657 -68.61 -63.16 33.10
CA ILE A 657 -67.60 -64.21 33.26
C ILE A 657 -67.85 -64.99 34.55
N ILE A 658 -67.93 -64.29 35.67
CA ILE A 658 -68.16 -64.90 36.97
C ILE A 658 -69.59 -64.61 37.40
N ASN A 659 -70.49 -65.55 37.17
CA ASN A 659 -71.90 -65.38 37.45
C ASN A 659 -72.31 -66.33 38.56
N ARG A 660 -73.60 -66.28 38.92
CA ARG A 660 -74.09 -67.13 40.00
C ARG A 660 -73.96 -68.61 39.66
N LYS A 661 -73.92 -68.95 38.38
CA LYS A 661 -73.75 -70.36 38.02
C LYS A 661 -72.32 -70.81 38.29
N ALA A 662 -71.35 -69.92 38.10
CA ALA A 662 -69.95 -70.24 38.30
C ALA A 662 -69.36 -69.56 39.53
N LEU A 663 -70.19 -69.22 40.50
CA LEU A 663 -69.71 -68.72 41.78
C LEU A 663 -70.08 -69.63 42.94
N THR A 664 -71.23 -70.30 42.88
CA THR A 664 -71.50 -71.34 43.85
C THR A 664 -70.48 -72.47 43.77
N ARG A 665 -69.91 -72.70 42.58
CA ARG A 665 -68.84 -73.68 42.48
C ARG A 665 -67.60 -73.21 43.25
N TYR A 666 -67.27 -71.92 43.15
CA TYR A 666 -66.25 -71.37 44.03
C TYR A 666 -66.66 -71.50 45.49
N GLN A 667 -67.96 -71.54 45.76
CA GLN A 667 -68.48 -71.63 47.11
C GLN A 667 -68.71 -73.08 47.54
N MET A 668 -68.62 -74.03 46.62
CA MET A 668 -68.64 -75.44 46.98
C MET A 668 -67.27 -75.96 47.35
N LEU A 669 -66.24 -75.58 46.59
CA LEU A 669 -64.88 -76.01 46.88
C LEU A 669 -64.17 -75.09 47.86
N PHE A 670 -64.88 -74.17 48.50
CA PHE A 670 -64.33 -73.44 49.63
C PHE A 670 -64.68 -74.13 50.94
N ARG A 671 -65.97 -74.41 51.14
CA ARG A 671 -66.40 -75.07 52.36
C ARG A 671 -65.70 -76.41 52.53
N HIS A 672 -65.44 -77.11 51.43
CA HIS A 672 -64.68 -78.36 51.52
C HIS A 672 -63.24 -78.12 51.95
N MET A 673 -62.75 -76.90 51.82
CA MET A 673 -61.42 -76.56 52.30
C MET A 673 -61.44 -75.75 53.58
N PHE A 674 -62.60 -75.27 54.01
CA PHE A 674 -62.74 -74.72 55.34
C PHE A 674 -62.99 -75.80 56.37
N TYR A 675 -63.55 -76.94 55.94
CA TYR A 675 -63.80 -78.04 56.85
C TYR A 675 -62.51 -78.75 57.24
N CYS A 676 -61.68 -79.10 56.25
CA CYS A 676 -60.38 -79.67 56.55
C CYS A 676 -59.47 -78.68 57.25
N LYS A 677 -59.63 -77.38 56.99
CA LYS A 677 -58.82 -76.38 57.68
C LYS A 677 -59.27 -76.17 59.11
N HIS A 678 -60.54 -76.45 59.40
CA HIS A 678 -61.04 -76.25 60.75
C HIS A 678 -60.64 -77.40 61.67
N VAL A 679 -60.74 -78.64 61.18
CA VAL A 679 -60.46 -79.78 62.04
C VAL A 679 -58.99 -79.84 62.40
N GLU A 680 -58.11 -79.60 61.43
CA GLU A 680 -56.71 -79.70 61.78
C GLU A 680 -56.20 -78.48 62.47
N ARG A 681 -57.06 -77.47 62.65
CA ARG A 681 -56.70 -76.32 63.46
C ARG A 681 -56.92 -76.62 64.94
N GLN A 682 -57.92 -77.47 65.21
CA GLN A 682 -58.27 -77.88 66.59
C GLN A 682 -57.50 -79.17 66.93
N LEU A 683 -57.48 -80.13 66.01
CA LEU A 683 -56.77 -81.38 66.23
C LEU A 683 -55.30 -81.11 66.53
N CYS A 684 -54.77 -80.02 65.99
CA CYS A 684 -53.45 -79.55 66.37
C CYS A 684 -53.49 -78.76 67.68
N SER A 685 -54.67 -78.33 68.11
CA SER A 685 -54.77 -77.57 69.36
C SER A 685 -54.74 -78.48 70.58
N VAL A 686 -55.25 -79.70 70.46
CA VAL A 686 -55.16 -80.64 71.58
C VAL A 686 -53.72 -81.01 71.87
N TRP A 687 -52.81 -80.73 70.94
CA TRP A 687 -51.41 -81.07 71.12
C TRP A 687 -50.78 -80.25 72.25
N ILE A 688 -51.29 -79.05 72.52
CA ILE A 688 -50.67 -78.19 73.53
C ILE A 688 -51.33 -78.44 74.88
N SER A 689 -52.55 -78.98 74.87
CA SER A 689 -53.22 -79.28 76.13
C SER A 689 -52.53 -80.44 76.86
N ASN A 690 -52.09 -81.45 76.12
CA ASN A 690 -51.47 -82.61 76.76
C ASN A 690 -50.01 -82.34 77.12
N LYS A 691 -49.38 -81.37 76.46
CA LYS A 691 -48.00 -81.03 76.77
C LYS A 691 -47.92 -80.44 78.18
N THR A 692 -47.40 -81.23 79.12
CA THR A 692 -47.33 -80.80 80.51
C THR A 692 -46.31 -79.69 80.71
N PHE A 704 -53.52 -92.38 78.60
CA PHE A 704 -52.76 -91.27 79.15
C PHE A 704 -51.46 -91.08 78.38
N ALA A 705 -50.99 -92.17 77.75
CA ALA A 705 -49.77 -92.11 76.97
C ALA A 705 -49.87 -92.92 75.68
N GLY A 706 -51.02 -93.50 75.37
CA GLY A 706 -51.19 -94.27 74.16
C GLY A 706 -52.11 -93.58 73.16
N ALA A 707 -52.65 -92.43 73.55
CA ALA A 707 -53.48 -91.65 72.66
C ALA A 707 -52.67 -90.76 71.73
N PHE A 708 -51.38 -90.55 72.02
CA PHE A 708 -50.55 -89.74 71.14
C PHE A 708 -50.29 -90.45 69.82
N THR A 709 -50.07 -91.77 69.87
CA THR A 709 -49.80 -92.53 68.65
C THR A 709 -51.00 -92.60 67.73
N LEU A 710 -52.19 -92.30 68.21
CA LEU A 710 -53.36 -92.15 67.34
C LEU A 710 -53.45 -90.75 66.77
N ARG A 711 -53.17 -89.73 67.60
CA ARG A 711 -53.17 -88.36 67.10
C ARG A 711 -52.17 -88.19 65.98
N GLN A 712 -51.02 -88.86 66.07
CA GLN A 712 -50.05 -88.86 64.99
C GLN A 712 -50.60 -89.49 63.72
N ARG A 713 -51.48 -90.47 63.84
CA ARG A 713 -52.08 -91.09 62.67
C ARG A 713 -53.14 -90.23 62.02
N MET A 714 -53.86 -89.43 62.81
CA MET A 714 -54.89 -88.56 62.27
C MET A 714 -54.32 -87.28 61.70
N LEU A 715 -53.47 -86.59 62.47
CA LEU A 715 -52.90 -85.33 62.00
C LEU A 715 -52.09 -85.53 60.72
N ASN A 716 -51.38 -86.66 60.63
CA ASN A 716 -50.58 -86.90 59.43
C ASN A 716 -51.43 -87.35 58.25
N PHE A 717 -52.75 -87.41 58.40
CA PHE A 717 -53.65 -87.69 57.29
C PHE A 717 -54.29 -86.42 56.74
N VAL A 718 -54.69 -85.50 57.61
CA VAL A 718 -55.28 -84.25 57.13
C VAL A 718 -54.19 -83.32 56.60
N GLN A 719 -53.00 -83.37 57.18
CA GLN A 719 -51.87 -82.66 56.59
C GLN A 719 -51.47 -83.24 55.24
N ASN A 720 -51.83 -84.49 54.97
CA ASN A 720 -51.51 -85.12 53.69
C ASN A 720 -52.64 -85.00 52.69
N ILE A 721 -53.83 -84.59 53.12
CA ILE A 721 -54.89 -84.25 52.19
C ILE A 721 -54.77 -82.81 51.73
N GLN A 722 -54.51 -81.89 52.66
CA GLN A 722 -54.42 -80.48 52.29
C GLN A 722 -53.25 -80.22 51.36
N TYR A 723 -52.09 -80.82 51.63
CA TYR A 723 -50.96 -80.62 50.74
C TYR A 723 -51.24 -81.17 49.36
N TYR A 724 -52.12 -82.18 49.28
CA TYR A 724 -52.52 -82.68 47.96
C TYR A 724 -53.57 -81.78 47.34
N MET A 725 -54.37 -81.12 48.16
CA MET A 725 -55.47 -80.32 47.64
C MET A 725 -55.03 -78.91 47.27
N MET A 726 -53.87 -78.47 47.75
CA MET A 726 -53.42 -77.08 47.46
C MET A 726 -52.23 -77.08 46.48
N PHE A 727 -51.18 -77.84 46.77
CA PHE A 727 -49.99 -77.82 45.93
C PHE A 727 -50.02 -78.86 44.82
N GLU A 728 -51.15 -79.50 44.58
CA GLU A 728 -51.24 -80.53 43.54
C GLU A 728 -52.44 -80.38 42.62
N VAL A 729 -53.55 -79.81 43.08
CA VAL A 729 -54.77 -79.69 42.29
C VAL A 729 -55.10 -78.25 41.97
N MET A 730 -55.08 -77.38 42.98
CA MET A 730 -55.52 -76.00 42.79
C MET A 730 -54.38 -75.04 42.49
N GLU A 731 -53.15 -75.41 42.78
CA GLU A 731 -52.02 -74.58 42.33
C GLU A 731 -51.61 -74.87 40.90
N PRO A 732 -51.52 -76.13 40.46
CA PRO A 732 -51.18 -76.36 39.05
C PRO A 732 -52.28 -75.97 38.09
N THR A 733 -53.54 -76.31 38.41
CA THR A 733 -54.64 -76.00 37.50
C THR A 733 -54.84 -74.50 37.36
N TRP A 734 -54.57 -73.74 38.42
CA TRP A 734 -54.68 -72.29 38.30
C TRP A 734 -53.60 -71.73 37.40
N HIS A 735 -52.36 -72.24 37.51
CA HIS A 735 -51.29 -71.73 36.68
C HIS A 735 -51.57 -71.95 35.20
N ILE A 736 -52.32 -73.00 34.86
CA ILE A 736 -52.76 -73.18 33.49
C ILE A 736 -53.70 -72.05 33.08
N LEU A 737 -54.68 -71.73 33.93
CA LEU A 737 -55.67 -70.72 33.58
C LEU A 737 -55.02 -69.37 33.36
N GLU A 738 -54.00 -69.03 34.15
CA GLU A 738 -53.32 -67.75 33.96
C GLU A 738 -52.68 -67.68 32.59
N LYS A 739 -52.05 -68.76 32.16
CA LYS A 739 -51.47 -68.81 30.82
C LYS A 739 -52.53 -69.00 29.76
N ASN A 740 -53.57 -69.76 30.06
CA ASN A 740 -54.62 -70.04 29.08
C ASN A 740 -55.51 -68.84 28.80
N LEU A 741 -55.32 -67.73 29.52
CA LEU A 741 -56.07 -66.51 29.25
C LEU A 741 -55.29 -65.51 28.44
N LYS A 742 -53.98 -65.69 28.27
CA LYS A 742 -53.21 -64.81 27.41
C LYS A 742 -53.37 -65.17 25.94
N SER A 743 -53.70 -66.43 25.65
CA SER A 743 -53.90 -66.89 24.29
C SER A 743 -55.39 -66.93 23.91
N ALA A 744 -56.21 -66.15 24.60
CA ALA A 744 -57.63 -66.10 24.27
C ALA A 744 -57.86 -65.13 23.12
N SER A 745 -58.91 -65.40 22.34
CA SER A 745 -59.26 -64.57 21.20
C SER A 745 -60.62 -63.91 21.30
N ASN A 746 -61.48 -64.37 22.20
CA ASN A 746 -62.80 -63.77 22.36
C ASN A 746 -63.39 -64.20 23.69
N ILE A 747 -64.52 -63.59 24.05
CA ILE A 747 -65.16 -63.90 25.33
C ILE A 747 -65.72 -65.31 25.32
N ASP A 748 -66.17 -65.79 24.16
CA ASP A 748 -66.64 -67.17 24.10
C ASP A 748 -65.55 -68.19 24.36
N ASP A 749 -64.29 -67.76 24.45
CA ASP A 749 -63.20 -68.64 24.87
C ASP A 749 -62.83 -68.45 26.34
N VAL A 750 -62.80 -67.20 26.81
CA VAL A 750 -62.57 -66.95 28.23
C VAL A 750 -63.63 -67.64 29.06
N LEU A 751 -64.88 -67.63 28.59
CA LEU A 751 -65.91 -68.42 29.24
C LEU A 751 -65.67 -69.92 29.12
N GLY A 752 -64.75 -70.35 28.27
CA GLY A 752 -64.46 -71.76 28.14
C GLY A 752 -63.30 -72.19 29.02
N HIS A 753 -62.36 -71.27 29.23
CA HIS A 753 -61.22 -71.56 30.08
C HIS A 753 -61.50 -71.33 31.56
N HIS A 754 -62.63 -70.71 31.90
CA HIS A 754 -63.00 -70.54 33.30
C HIS A 754 -63.81 -71.73 33.80
N THR A 755 -64.96 -71.98 33.16
CA THR A 755 -65.73 -73.16 33.52
C THR A 755 -65.00 -74.43 33.15
N GLY A 756 -63.95 -74.33 32.34
CA GLY A 756 -63.05 -75.45 32.14
C GLY A 756 -62.03 -75.63 33.25
N PHE A 757 -61.85 -74.61 34.08
CA PHE A 757 -61.00 -74.71 35.27
C PHE A 757 -61.76 -75.18 36.49
N LEU A 758 -63.05 -74.87 36.59
CA LEU A 758 -63.82 -75.31 37.75
C LEU A 758 -64.22 -76.77 37.66
N ASP A 759 -64.72 -77.22 36.51
CA ASP A 759 -65.10 -78.62 36.39
C ASP A 759 -63.90 -79.55 36.43
N THR A 760 -62.69 -79.00 36.42
CA THR A 760 -61.50 -79.82 36.60
C THR A 760 -61.10 -79.93 38.07
N CYS A 761 -61.20 -78.83 38.81
CA CYS A 761 -60.91 -78.88 40.25
C CYS A 761 -61.88 -79.78 40.98
N LEU A 762 -63.17 -79.65 40.69
CA LEU A 762 -64.17 -80.48 41.34
C LEU A 762 -64.11 -81.93 40.90
N LYS A 763 -63.23 -82.28 39.97
CA LYS A 763 -63.02 -83.67 39.58
C LYS A 763 -61.81 -84.27 40.27
N ASP A 764 -60.68 -83.56 40.29
CA ASP A 764 -59.50 -84.08 40.97
C ASP A 764 -59.67 -84.02 42.48
N CYS A 765 -60.50 -83.11 42.98
CA CYS A 765 -60.90 -83.16 44.37
C CYS A 765 -61.99 -84.23 44.55
N MET A 766 -62.24 -84.58 45.80
CA MET A 766 -63.22 -85.61 46.08
C MET A 766 -64.66 -85.12 45.99
N LEU A 767 -64.88 -83.91 45.49
CA LEU A 767 -66.22 -83.31 45.50
C LEU A 767 -67.20 -84.03 44.59
N THR A 768 -66.74 -84.85 43.65
CA THR A 768 -67.64 -85.57 42.76
C THR A 768 -67.24 -87.04 42.62
N LEU A 772 -71.12 -91.76 46.50
CA LEU A 772 -69.77 -91.46 46.03
C LEU A 772 -68.76 -91.61 47.15
N LEU A 773 -67.80 -90.69 47.20
CA LEU A 773 -66.81 -90.66 48.28
C LEU A 773 -67.36 -89.94 49.51
N LYS A 774 -68.53 -90.36 49.97
CA LYS A 774 -69.08 -89.80 51.19
C LYS A 774 -68.48 -90.42 52.45
N VAL A 775 -67.64 -91.45 52.30
CA VAL A 775 -66.94 -92.01 53.45
C VAL A 775 -65.94 -91.02 54.00
N PHE A 776 -65.52 -90.04 53.20
CA PHE A 776 -64.65 -88.99 53.71
C PHE A 776 -65.36 -88.19 54.79
N SER A 777 -66.64 -87.90 54.60
CA SER A 777 -67.38 -87.14 55.59
C SER A 777 -67.44 -87.89 56.92
N LYS A 778 -67.70 -89.19 56.87
CA LYS A 778 -67.75 -89.98 58.10
C LYS A 778 -66.37 -90.16 58.71
N LEU A 779 -65.32 -90.20 57.87
CA LEU A 779 -63.98 -90.38 58.41
C LEU A 779 -63.54 -89.17 59.22
N MET A 780 -63.96 -87.97 58.79
CA MET A 780 -63.60 -86.74 59.52
C MET A 780 -64.49 -86.61 60.77
N SER A 781 -65.61 -87.35 60.79
CA SER A 781 -66.54 -87.32 61.94
C SER A 781 -65.86 -87.87 63.20
N VAL A 782 -65.11 -88.97 63.07
CA VAL A 782 -64.40 -89.57 64.24
C VAL A 782 -63.30 -88.61 64.73
N CYS A 783 -62.62 -87.92 63.81
CA CYS A 783 -61.50 -87.01 64.18
C CYS A 783 -62.01 -85.86 65.07
N VAL A 784 -63.13 -85.23 64.71
CA VAL A 784 -63.67 -84.11 65.54
C VAL A 784 -64.10 -84.66 66.90
N MET A 785 -64.69 -85.86 66.91
CA MET A 785 -65.15 -86.52 68.17
C MET A 785 -63.92 -86.82 69.04
N PHE A 786 -62.82 -87.26 68.43
CA PHE A 786 -61.57 -87.61 69.17
C PHE A 786 -61.05 -86.35 69.87
N THR A 787 -61.07 -85.21 69.18
CA THR A 787 -60.60 -83.93 69.78
C THR A 787 -61.51 -83.58 70.96
N ASN A 788 -62.83 -83.78 70.78
CA ASN A 788 -63.83 -83.50 71.84
C ASN A 788 -63.47 -84.30 73.11
N CYS A 789 -63.31 -85.62 72.96
CA CYS A 789 -62.98 -86.47 74.10
C CYS A 789 -61.76 -85.94 74.84
N MET A 790 -60.70 -85.60 74.11
CA MET A 790 -59.50 -85.05 74.73
C MET A 790 -59.73 -83.65 75.26
N GLN A 791 -60.82 -82.99 74.88
CA GLN A 791 -61.11 -81.65 75.36
C GLN A 791 -61.72 -81.64 76.76
N LYS A 792 -62.06 -82.79 77.32
CA LYS A 792 -62.69 -82.87 78.62
C LYS A 792 -61.69 -83.09 79.75
N PHE A 793 -60.41 -82.87 79.49
CA PHE A 793 -59.38 -83.16 80.48
C PHE A 793 -58.70 -81.88 80.95
N PHE A 846 -62.29 -93.61 79.42
CA PHE A 846 -61.35 -92.90 78.57
C PHE A 846 -60.26 -93.83 78.06
N GLU A 847 -59.63 -94.56 78.98
CA GLU A 847 -58.59 -95.50 78.59
C GLU A 847 -59.12 -96.60 77.69
N ALA A 848 -60.42 -96.87 77.73
CA ALA A 848 -61.02 -97.94 76.95
C ALA A 848 -61.68 -97.45 75.67
N THR A 849 -61.89 -96.15 75.52
CA THR A 849 -62.52 -95.61 74.31
C THR A 849 -61.51 -95.14 73.28
N ILE A 850 -60.30 -94.79 73.68
CA ILE A 850 -59.27 -94.40 72.72
C ILE A 850 -58.97 -95.54 71.77
N ASN A 851 -58.90 -96.77 72.30
CA ASN A 851 -58.66 -97.93 71.44
C ASN A 851 -59.85 -98.24 70.55
N LYS A 852 -61.06 -97.81 70.92
CA LYS A 852 -62.20 -98.01 70.04
C LYS A 852 -62.11 -97.10 68.81
N PHE A 853 -61.72 -95.84 69.02
CA PHE A 853 -61.56 -94.93 67.89
C PHE A 853 -60.51 -95.44 66.91
N ASP A 854 -59.45 -96.07 67.42
CA ASP A 854 -58.41 -96.58 66.55
C ASP A 854 -58.96 -97.65 65.62
N LYS A 855 -59.71 -98.61 66.18
CA LYS A 855 -60.33 -99.63 65.36
C LYS A 855 -61.41 -99.06 64.45
N ASN A 856 -62.03 -97.96 64.84
CA ASN A 856 -63.05 -97.31 64.02
C ASN A 856 -62.45 -96.45 62.93
N PHE A 857 -61.46 -95.62 63.27
CA PHE A 857 -60.89 -94.71 62.29
C PHE A 857 -60.00 -95.44 61.30
N SER A 858 -59.22 -96.42 61.76
CA SER A 858 -58.36 -97.16 60.84
C SER A 858 -59.17 -98.00 59.87
N ALA A 859 -60.40 -98.35 60.23
CA ALA A 859 -61.24 -99.12 59.32
C ALA A 859 -61.71 -98.27 58.15
N HIS A 860 -62.04 -97.00 58.41
CA HIS A 860 -62.48 -96.11 57.34
C HIS A 860 -61.32 -95.72 56.44
N LEU A 861 -60.11 -95.61 56.99
CA LEU A 861 -58.97 -95.22 56.16
C LEU A 861 -58.59 -96.32 55.17
N LEU A 862 -58.64 -97.59 55.60
CA LEU A 862 -58.41 -98.68 54.67
C LEU A 862 -59.50 -98.78 53.61
N ASP A 863 -60.64 -98.13 53.84
CA ASP A 863 -61.65 -98.03 52.79
C ASP A 863 -61.32 -96.91 51.81
N LEU A 864 -60.80 -95.79 52.32
CA LEU A 864 -60.43 -94.67 51.45
C LEU A 864 -59.28 -95.06 50.53
N LEU A 865 -58.24 -95.69 51.10
CA LEU A 865 -57.12 -96.12 50.28
C LEU A 865 -57.52 -97.24 49.33
N ALA A 866 -58.62 -97.95 49.60
CA ALA A 866 -59.05 -99.01 48.71
C ALA A 866 -59.68 -98.45 47.44
N ARG A 867 -60.69 -97.59 47.59
CA ARG A 867 -61.36 -97.03 46.42
C ARG A 867 -60.48 -96.07 45.65
N LEU A 868 -59.55 -95.40 46.32
CA LEU A 868 -58.66 -94.48 45.62
C LEU A 868 -57.61 -95.21 44.80
N SER A 869 -57.56 -96.54 44.91
CA SER A 869 -56.63 -97.31 44.10
C SER A 869 -57.24 -97.75 42.77
N ILE A 870 -58.54 -98.04 42.75
CA ILE A 870 -59.19 -98.51 41.54
C ILE A 870 -59.50 -97.33 40.63
N TYR A 871 -58.52 -96.93 39.83
CA TYR A 871 -58.71 -95.86 38.86
C TYR A 871 -57.73 -96.07 37.71
N SER A 872 -57.97 -95.38 36.60
CA SER A 872 -57.18 -95.54 35.39
C SER A 872 -55.88 -94.74 35.46
N GLY A 879 -53.24 -86.26 40.02
CA GLY A 879 -54.19 -87.22 39.49
C GLY A 879 -54.95 -87.96 40.58
N MET A 880 -55.58 -89.08 40.21
CA MET A 880 -56.31 -89.90 41.16
C MET A 880 -55.51 -91.11 41.64
N ALA A 881 -54.39 -91.41 41.00
CA ALA A 881 -53.53 -92.50 41.46
C ALA A 881 -52.36 -92.02 42.31
N SER A 882 -51.92 -90.78 42.12
CA SER A 882 -50.82 -90.24 42.90
C SER A 882 -51.23 -89.85 44.32
N VAL A 883 -52.51 -89.98 44.66
CA VAL A 883 -52.93 -89.65 46.01
C VAL A 883 -52.40 -90.68 47.00
N ILE A 884 -52.30 -91.94 46.59
CA ILE A 884 -51.80 -92.98 47.50
C ILE A 884 -50.36 -92.69 47.89
N SER A 885 -49.56 -92.19 46.95
CA SER A 885 -48.21 -91.77 47.27
C SER A 885 -48.18 -90.53 48.15
N ARG A 886 -49.31 -89.85 48.29
CA ARG A 886 -49.42 -88.75 49.24
C ARG A 886 -49.96 -89.20 50.59
N LEU A 887 -50.76 -90.26 50.63
CA LEU A 887 -51.21 -90.81 51.90
C LEU A 887 -50.11 -91.67 52.53
N ASP A 888 -49.58 -92.61 51.76
CA ASP A 888 -48.51 -93.48 52.23
C ASP A 888 -47.19 -93.06 51.61
N PHE A 889 -46.12 -93.24 52.34
CA PHE A 889 -44.77 -93.09 51.84
C PHE A 889 -43.89 -94.26 52.24
N ASN A 890 -44.22 -94.96 53.32
CA ASN A 890 -43.35 -95.95 53.94
C ASN A 890 -43.74 -97.38 53.60
N GLY A 891 -44.65 -97.57 52.65
CA GLY A 891 -45.19 -98.88 52.43
C GLY A 891 -46.21 -99.31 53.45
N PHE A 892 -46.56 -98.44 54.40
CA PHE A 892 -47.58 -98.74 55.38
C PHE A 892 -48.94 -98.91 54.70
N TYR A 893 -49.91 -99.38 55.48
CA TYR A 893 -51.26 -99.64 54.95
C TYR A 893 -51.21 -100.59 53.77
N THR A 894 -50.20 -101.45 53.74
CA THR A 894 -50.02 -102.39 52.64
C THR A 894 -50.98 -103.56 52.69
N GLU A 895 -51.89 -103.57 53.65
CA GLU A 895 -52.84 -104.68 53.79
C GLU A 895 -54.11 -104.38 52.99
N ILE B 245 -117.32 -46.75 -34.16
CA ILE B 245 -116.42 -45.82 -33.42
C ILE B 245 -114.96 -46.18 -33.74
N THR B 246 -114.21 -45.24 -34.32
CA THR B 246 -112.79 -45.47 -34.70
C THR B 246 -111.89 -45.52 -33.45
N GLU B 247 -110.75 -46.21 -33.55
CA GLU B 247 -109.77 -46.34 -32.44
C GLU B 247 -109.18 -44.97 -32.10
N ALA B 248 -108.99 -44.12 -33.10
CA ALA B 248 -108.42 -42.76 -32.93
C ALA B 248 -109.33 -41.93 -32.01
N ALA B 249 -110.65 -42.08 -32.16
CA ALA B 249 -111.63 -41.33 -31.32
C ALA B 249 -111.42 -41.69 -29.85
N LEU B 250 -111.18 -42.97 -29.56
CA LEU B 250 -110.93 -43.41 -28.15
C LEU B 250 -109.65 -42.73 -27.64
N VAL B 251 -108.62 -42.65 -28.48
CA VAL B 251 -107.32 -42.03 -28.11
C VAL B 251 -107.53 -40.53 -27.83
N ARG B 252 -108.59 -39.95 -28.38
CA ARG B 252 -108.89 -38.54 -28.17
C ARG B 252 -109.53 -38.31 -26.80
N ASP B 253 -110.45 -39.19 -26.40
CA ASP B 253 -111.11 -39.03 -25.12
C ASP B 253 -110.24 -39.47 -23.96
N ILE B 254 -109.46 -40.53 -24.16
CA ILE B 254 -108.61 -41.03 -23.07
C ILE B 254 -107.64 -39.94 -22.61
N LEU B 255 -107.08 -39.18 -23.54
CA LEU B 255 -106.16 -38.12 -23.14
C LEU B 255 -106.83 -37.05 -22.29
N TYR B 256 -108.15 -37.07 -22.16
CA TYR B 256 -108.85 -36.21 -21.22
C TYR B 256 -109.20 -36.93 -19.93
N VAL B 257 -109.56 -38.20 -20.01
CA VAL B 257 -109.91 -38.95 -18.81
C VAL B 257 -108.71 -39.06 -17.88
N PHE B 258 -107.50 -38.89 -18.40
CA PHE B 258 -106.32 -38.84 -17.56
C PHE B 258 -106.31 -37.65 -16.61
N GLN B 259 -107.25 -36.71 -16.77
CA GLN B 259 -107.31 -35.53 -15.94
C GLN B 259 -108.55 -35.43 -15.08
N GLY B 260 -109.64 -36.06 -15.48
CA GLY B 260 -110.89 -35.93 -14.76
C GLY B 260 -112.03 -35.52 -15.67
N ILE B 261 -111.68 -34.86 -16.77
CA ILE B 261 -112.68 -34.41 -17.73
C ILE B 261 -113.06 -35.57 -18.64
N ASP B 262 -114.33 -35.96 -18.58
CA ASP B 262 -114.82 -37.00 -19.47
C ASP B 262 -114.77 -36.54 -20.91
N ASN B 265 -117.18 -40.28 -25.21
CA ASN B 265 -117.71 -41.62 -24.98
C ASN B 265 -117.45 -42.09 -23.56
N ILE B 266 -116.25 -41.86 -23.07
CA ILE B 266 -115.88 -42.28 -21.72
C ILE B 266 -116.43 -41.28 -20.72
N LYS B 267 -117.26 -41.75 -19.80
CA LYS B 267 -117.86 -40.89 -18.78
C LYS B 267 -117.57 -41.48 -17.41
N MET B 268 -117.97 -40.73 -16.37
CA MET B 268 -117.74 -41.18 -15.01
C MET B 268 -118.66 -42.34 -14.65
N ASN B 273 -117.23 -46.58 -9.19
CA ASN B 273 -116.70 -45.27 -9.55
C ASN B 273 -115.92 -45.33 -10.86
N CYS B 274 -115.79 -46.55 -11.39
CA CYS B 274 -115.03 -46.83 -12.64
C CYS B 274 -115.55 -46.01 -13.82
N TYR B 275 -114.65 -45.59 -14.72
CA TYR B 275 -115.01 -44.82 -15.89
C TYR B 275 -115.66 -45.75 -16.90
N LYS B 276 -116.96 -45.97 -16.71
CA LYS B 276 -117.70 -46.87 -17.57
C LYS B 276 -117.85 -46.25 -18.96
N VAL B 277 -117.39 -46.99 -19.98
CA VAL B 277 -117.44 -46.52 -21.35
C VAL B 277 -118.70 -47.06 -22.00
N GLU B 278 -119.35 -46.23 -22.81
CA GLU B 278 -120.56 -46.64 -23.52
C GLU B 278 -120.52 -46.20 -24.97
N ASN B 282 -121.92 -50.30 -31.31
CA ASN B 282 -120.85 -49.74 -30.51
C ASN B 282 -119.49 -50.22 -30.99
N LEU B 283 -118.60 -50.52 -30.04
CA LEU B 283 -117.22 -50.92 -30.33
C LEU B 283 -116.99 -52.36 -29.91
N SER B 284 -115.84 -52.88 -30.33
CA SER B 284 -115.49 -54.27 -30.08
C SER B 284 -114.97 -54.46 -28.66
N ARG B 285 -115.13 -55.69 -28.15
CA ARG B 285 -114.76 -55.96 -26.76
C ARG B 285 -113.28 -55.74 -26.52
N SER B 286 -112.44 -55.97 -27.53
CA SER B 286 -111.01 -55.80 -27.35
C SER B 286 -110.63 -54.37 -27.05
N LEU B 287 -111.53 -53.43 -27.36
CA LEU B 287 -111.27 -51.98 -27.14
C LEU B 287 -111.78 -51.53 -25.77
N ARG B 288 -113.00 -51.95 -25.39
CA ARG B 288 -113.57 -51.51 -24.13
C ARG B 288 -112.70 -51.92 -22.95
N ASP B 289 -112.12 -53.12 -23.01
CA ASP B 289 -111.35 -53.62 -21.87
C ASP B 289 -110.12 -52.76 -21.63
N THR B 290 -109.37 -52.46 -22.70
CA THR B 290 -108.15 -51.67 -22.51
C THR B 290 -108.47 -50.24 -22.11
N ALA B 291 -109.60 -49.71 -22.57
CA ALA B 291 -110.00 -48.37 -22.17
C ALA B 291 -110.29 -48.30 -20.68
N VAL B 292 -111.04 -49.30 -20.19
CA VAL B 292 -111.46 -49.40 -18.76
C VAL B 292 -110.26 -49.19 -17.84
N ARG B 293 -109.20 -49.98 -18.01
CA ARG B 293 -107.99 -49.87 -17.15
C ARG B 293 -107.34 -48.49 -17.35
N LEU B 294 -107.21 -48.03 -18.60
CA LEU B 294 -106.59 -46.71 -18.91
C LEU B 294 -107.42 -45.57 -18.31
N SER B 295 -108.75 -45.64 -18.45
CA SER B 295 -109.67 -44.60 -17.95
C SER B 295 -109.57 -44.50 -16.42
N GLU B 296 -109.43 -45.64 -15.74
CA GLU B 296 -109.35 -45.73 -14.26
C GLU B 296 -108.13 -45.00 -13.70
N LEU B 297 -107.03 -44.91 -14.46
CA LEU B 297 -105.81 -44.17 -14.03
C LEU B 297 -106.19 -42.70 -13.82
N GLY B 298 -107.02 -42.14 -14.72
CA GLY B 298 -107.53 -40.76 -14.61
C GLY B 298 -108.36 -40.60 -13.34
N TRP B 299 -109.13 -41.63 -12.96
CA TRP B 299 -109.96 -41.57 -11.73
C TRP B 299 -109.04 -41.36 -10.52
N LEU B 300 -107.90 -42.08 -10.49
CA LEU B 300 -106.93 -41.92 -9.37
C LEU B 300 -106.57 -40.44 -9.26
N HIS B 301 -106.15 -39.84 -10.38
CA HIS B 301 -105.80 -38.43 -10.43
C HIS B 301 -106.84 -37.55 -9.78
N ASN B 302 -108.10 -37.99 -9.71
CA ASN B 302 -109.11 -37.21 -9.01
C ASN B 302 -108.90 -37.27 -7.51
N LYS B 303 -108.71 -38.47 -6.98
CA LYS B 303 -108.56 -38.64 -5.54
C LYS B 303 -107.37 -37.86 -5.01
N ILE B 304 -106.30 -37.74 -5.80
CA ILE B 304 -105.16 -36.95 -5.36
C ILE B 304 -105.39 -35.47 -5.61
N ARG B 305 -106.29 -35.11 -6.52
CA ARG B 305 -106.59 -33.70 -6.76
C ARG B 305 -107.58 -33.15 -5.74
N ARG B 306 -108.54 -33.97 -5.30
CA ARG B 306 -109.52 -33.49 -4.34
C ARG B 306 -108.87 -33.10 -3.03
N TYR B 307 -107.87 -33.87 -2.59
CA TYR B 307 -107.21 -33.55 -1.32
C TYR B 307 -106.43 -32.24 -1.43
N THR B 308 -105.65 -32.07 -2.50
CA THR B 308 -104.90 -30.84 -2.67
C THR B 308 -105.75 -29.67 -3.08
N ASP B 309 -107.07 -29.81 -3.06
CA ASP B 309 -108.00 -28.75 -3.34
C ASP B 309 -108.97 -28.52 -2.19
N GLN B 310 -109.36 -29.57 -1.48
CA GLN B 310 -110.22 -29.41 -0.32
C GLN B 310 -109.44 -28.83 0.84
N ARG B 311 -108.18 -29.25 1.02
CA ARG B 311 -107.36 -28.76 2.12
C ARG B 311 -106.59 -27.50 1.79
N SER B 312 -106.55 -27.11 0.51
CA SER B 312 -106.03 -25.79 0.14
C SER B 312 -107.08 -24.71 0.29
N LEU B 313 -108.19 -25.02 0.94
CA LEU B 313 -109.29 -24.08 1.15
C LEU B 313 -109.33 -23.56 2.57
N ASP B 314 -109.41 -24.46 3.55
CA ASP B 314 -109.45 -24.05 4.95
C ASP B 314 -108.07 -23.61 5.40
N ARG B 315 -108.04 -22.61 6.27
CA ARG B 315 -106.79 -22.06 6.77
C ARG B 315 -106.40 -22.63 8.12
N SER B 316 -107.01 -23.75 8.52
CA SER B 316 -106.71 -24.39 9.80
C SER B 316 -106.08 -25.77 9.58
N PHE B 317 -105.22 -25.88 8.58
CA PHE B 317 -104.51 -27.12 8.33
C PHE B 317 -103.07 -27.09 8.84
N GLY B 318 -102.56 -25.92 9.19
CA GLY B 318 -101.26 -25.84 9.82
C GLY B 318 -100.17 -25.40 8.86
N LEU B 319 -98.94 -25.56 9.33
CA LEU B 319 -97.76 -25.25 8.54
C LEU B 319 -97.13 -26.47 7.89
N VAL B 320 -97.26 -27.65 8.49
CA VAL B 320 -96.79 -28.87 7.84
C VAL B 320 -97.78 -29.29 6.76
N GLY B 321 -99.07 -29.21 7.05
CA GLY B 321 -100.08 -29.59 6.07
C GLY B 321 -100.08 -28.73 4.82
N GLN B 322 -99.28 -27.67 4.78
CA GLN B 322 -99.11 -26.89 3.57
C GLN B 322 -97.93 -27.41 2.75
N SER B 323 -96.77 -27.58 3.39
CA SER B 323 -95.62 -28.13 2.69
C SER B 323 -95.89 -29.53 2.17
N PHE B 324 -96.89 -30.22 2.71
CA PHE B 324 -97.33 -31.47 2.09
C PHE B 324 -98.28 -31.19 0.95
N CYS B 325 -99.28 -30.35 1.17
CA CYS B 325 -100.22 -30.01 0.11
C CYS B 325 -99.58 -29.16 -0.97
N ALA B 326 -98.41 -28.59 -0.71
CA ALA B 326 -97.63 -27.90 -1.72
C ALA B 326 -96.41 -28.69 -2.17
N ALA B 327 -96.33 -29.96 -1.79
CA ALA B 327 -95.40 -30.90 -2.40
C ALA B 327 -96.11 -31.98 -3.19
N LEU B 328 -97.43 -32.05 -3.11
CA LEU B 328 -98.20 -32.85 -4.04
C LEU B 328 -98.45 -32.12 -5.35
N HIS B 329 -97.93 -30.92 -5.52
CA HIS B 329 -98.07 -30.20 -6.77
C HIS B 329 -96.84 -30.27 -7.65
N GLN B 330 -95.64 -30.23 -7.07
CA GLN B 330 -94.44 -30.48 -7.87
C GLN B 330 -94.42 -31.89 -8.43
N GLU B 331 -95.12 -32.83 -7.79
CA GLU B 331 -95.32 -34.16 -8.33
C GLU B 331 -96.58 -34.26 -9.16
N LEU B 332 -97.17 -33.13 -9.53
CA LEU B 332 -98.27 -33.09 -10.46
C LEU B 332 -97.99 -32.28 -11.71
N ARG B 333 -97.17 -31.23 -11.62
CA ARG B 333 -96.77 -30.54 -12.84
C ARG B 333 -96.10 -31.50 -13.80
N GLU B 334 -95.26 -32.40 -13.28
CA GLU B 334 -94.64 -33.39 -14.16
C GLU B 334 -95.69 -34.28 -14.79
N TYR B 335 -96.71 -34.67 -14.04
CA TYR B 335 -97.79 -35.42 -14.66
C TYR B 335 -98.56 -34.57 -15.66
N TYR B 336 -98.41 -33.25 -15.61
CA TYR B 336 -98.98 -32.40 -16.64
C TYR B 336 -98.02 -32.17 -17.79
N ARG B 337 -96.74 -32.47 -17.61
CA ARG B 337 -95.81 -32.43 -18.74
C ARG B 337 -95.96 -33.67 -19.59
N LEU B 338 -96.19 -34.83 -18.96
CA LEU B 338 -96.40 -36.05 -19.74
C LEU B 338 -97.64 -35.92 -20.61
N LEU B 339 -98.74 -35.39 -20.06
CA LEU B 339 -99.93 -35.22 -20.86
C LEU B 339 -99.71 -34.23 -22.00
N SER B 340 -98.77 -33.30 -21.83
CA SER B 340 -98.41 -32.41 -22.92
C SER B 340 -97.82 -33.19 -24.08
N VAL B 341 -96.78 -33.98 -23.81
CA VAL B 341 -96.10 -34.73 -24.86
C VAL B 341 -97.06 -35.69 -25.55
N LEU B 342 -97.87 -36.42 -24.79
CA LEU B 342 -98.77 -37.39 -25.38
C LEU B 342 -99.76 -36.73 -26.33
N HIS B 343 -100.13 -35.48 -26.08
CA HIS B 343 -101.12 -34.84 -26.94
C HIS B 343 -100.52 -34.37 -28.25
N SER B 344 -99.23 -34.08 -28.27
CA SER B 344 -98.62 -33.59 -29.51
C SER B 344 -98.54 -34.68 -30.56
N GLN B 345 -98.49 -35.94 -30.14
CA GLN B 345 -98.39 -37.05 -31.07
C GLN B 345 -99.75 -37.58 -31.54
N LEU B 346 -100.84 -37.12 -30.93
CA LEU B 346 -102.16 -37.59 -31.35
C LEU B 346 -102.50 -37.11 -32.75
N GLN B 347 -101.88 -36.04 -33.21
CA GLN B 347 -102.15 -35.48 -34.53
C GLN B 347 -101.98 -36.50 -35.65
N SER B 361 -97.82 -41.20 -34.68
CA SER B 361 -99.08 -41.83 -34.33
C SER B 361 -98.90 -42.73 -33.12
N LEU B 362 -99.90 -42.74 -32.24
CA LEU B 362 -99.90 -43.63 -31.09
C LEU B 362 -101.27 -44.29 -31.00
N THR B 363 -101.28 -45.53 -30.49
CA THR B 363 -102.53 -46.32 -30.35
C THR B 363 -102.70 -46.76 -28.89
N LEU B 364 -103.76 -47.54 -28.61
CA LEU B 364 -104.04 -48.03 -27.24
C LEU B 364 -102.85 -48.87 -26.75
N ARG B 365 -102.48 -49.91 -27.48
CA ARG B 365 -101.37 -50.78 -27.07
C ARG B 365 -100.07 -50.03 -26.96
N ARG B 366 -99.95 -48.85 -27.58
CA ARG B 366 -98.77 -48.02 -27.42
C ARG B 366 -98.84 -47.16 -26.18
N LEU B 367 -100.05 -46.86 -25.70
CA LEU B 367 -100.15 -46.09 -24.46
C LEU B 367 -99.72 -46.92 -23.26
N LEU B 368 -100.06 -48.20 -23.23
CA LEU B 368 -99.79 -49.03 -22.06
C LEU B 368 -98.34 -48.97 -21.64
N VAL B 369 -97.43 -48.94 -22.60
CA VAL B 369 -96.02 -48.83 -22.24
C VAL B 369 -95.67 -47.40 -21.86
N TRP B 370 -96.28 -46.41 -22.51
CA TRP B 370 -96.01 -45.01 -22.18
C TRP B 370 -96.41 -44.70 -20.75
N THR B 371 -97.60 -45.16 -20.35
CA THR B 371 -98.17 -44.85 -19.05
C THR B 371 -98.13 -46.04 -18.10
N TYR B 372 -97.10 -46.87 -18.18
CA TYR B 372 -96.95 -47.96 -17.23
C TYR B 372 -96.25 -47.51 -15.96
N ASP B 373 -95.37 -46.53 -16.06
CA ASP B 373 -94.70 -46.02 -14.87
C ASP B 373 -95.57 -45.03 -14.10
N PRO B 374 -96.25 -44.07 -14.76
CA PRO B 374 -97.08 -43.15 -13.99
C PRO B 374 -98.40 -43.76 -13.53
N LYS B 375 -98.41 -45.09 -13.53
CA LYS B 375 -99.54 -45.92 -13.03
C LYS B 375 -99.13 -46.38 -11.63
N ILE B 376 -97.87 -46.10 -11.26
CA ILE B 376 -97.34 -46.44 -9.95
C ILE B 376 -97.18 -45.21 -9.07
N ARG B 377 -96.58 -44.14 -9.61
CA ARG B 377 -96.49 -42.91 -8.86
C ARG B 377 -97.87 -42.37 -8.53
N LEU B 378 -98.83 -42.55 -9.43
CA LEU B 378 -100.22 -42.23 -9.15
C LEU B 378 -100.93 -43.35 -8.40
N LYS B 379 -100.13 -44.27 -7.84
CA LYS B 379 -100.61 -45.41 -7.04
C LYS B 379 -100.12 -45.23 -5.60
N THR B 380 -98.94 -44.63 -5.42
CA THR B 380 -98.42 -44.33 -4.10
C THR B 380 -99.02 -43.04 -3.57
N LEU B 381 -99.05 -42.00 -4.41
CA LEU B 381 -99.60 -40.72 -3.98
C LEU B 381 -101.09 -40.82 -3.71
N ALA B 382 -101.82 -41.56 -4.55
CA ALA B 382 -103.25 -41.72 -4.30
C ALA B 382 -103.55 -42.64 -3.14
N ALA B 383 -102.53 -43.31 -2.59
CA ALA B 383 -102.68 -44.09 -1.37
C ALA B 383 -101.83 -43.54 -0.24
N LEU B 384 -101.11 -42.45 -0.46
CA LEU B 384 -100.43 -41.73 0.60
C LEU B 384 -101.30 -40.65 1.23
N VAL B 385 -102.30 -40.15 0.49
CA VAL B 385 -103.21 -39.14 1.02
C VAL B 385 -104.39 -39.74 1.75
N ASP B 386 -104.57 -41.06 1.72
CA ASP B 386 -105.61 -41.68 2.52
C ASP B 386 -105.08 -42.18 3.85
N HIS B 387 -103.81 -42.61 3.91
CA HIS B 387 -103.25 -43.05 5.18
C HIS B 387 -103.08 -41.89 6.15
N CYS B 388 -102.95 -40.67 5.65
CA CYS B 388 -102.85 -39.48 6.50
C CYS B 388 -104.00 -38.55 6.13
N GLN B 389 -105.15 -38.78 6.74
CA GLN B 389 -106.35 -37.99 6.47
C GLN B 389 -106.56 -36.89 7.51
N GLY B 390 -106.70 -37.26 8.77
CA GLY B 390 -106.94 -36.30 9.81
C GLY B 390 -105.71 -35.83 10.55
N ARG B 391 -104.52 -36.09 10.03
CA ARG B 391 -103.30 -35.74 10.73
C ARG B 391 -102.87 -34.34 10.33
N LYS B 392 -102.66 -33.49 11.33
CA LYS B 392 -102.17 -32.13 11.11
C LYS B 392 -100.95 -31.91 11.97
N GLY B 393 -100.13 -30.93 11.58
CA GLY B 393 -98.92 -30.68 12.33
C GLY B 393 -97.93 -31.83 12.18
N GLY B 394 -97.16 -32.06 13.25
CA GLY B 394 -96.12 -33.06 13.19
C GLY B 394 -96.64 -34.47 13.03
N GLU B 395 -97.86 -34.72 13.50
CA GLU B 395 -98.46 -36.04 13.38
C GLU B 395 -98.65 -36.45 11.93
N LEU B 396 -98.61 -35.50 11.01
CA LEU B 396 -98.65 -35.82 9.58
C LEU B 396 -97.25 -36.13 9.06
N ALA B 397 -96.24 -35.42 9.55
CA ALA B 397 -94.85 -35.72 9.19
C ALA B 397 -94.38 -37.03 9.78
N SER B 398 -95.17 -37.64 10.66
CA SER B 398 -94.90 -38.94 11.22
C SER B 398 -95.71 -40.06 10.57
N ALA B 399 -96.67 -39.71 9.73
CA ALA B 399 -97.48 -40.68 9.02
C ALA B 399 -97.14 -40.74 7.53
N VAL B 400 -96.32 -39.80 7.04
CA VAL B 400 -95.68 -39.94 5.74
C VAL B 400 -94.27 -40.47 5.87
N HIS B 401 -93.82 -40.75 7.09
CA HIS B 401 -92.58 -41.46 7.33
C HIS B 401 -92.79 -42.95 7.54
N ALA B 402 -94.02 -43.35 7.88
CA ALA B 402 -94.36 -44.77 7.98
C ALA B 402 -94.63 -45.39 6.62
N TYR B 403 -94.18 -44.71 5.56
CA TYR B 403 -94.32 -45.21 4.17
C TYR B 403 -92.92 -45.48 3.60
N THR B 404 -91.88 -45.23 4.41
CA THR B 404 -90.52 -45.46 3.97
C THR B 404 -90.05 -46.88 4.25
N LYS B 405 -90.64 -47.54 5.24
CA LYS B 405 -90.33 -48.94 5.53
C LYS B 405 -91.04 -49.83 4.51
N THR B 406 -90.55 -49.76 3.26
CA THR B 406 -91.21 -50.48 2.18
C THR B 406 -90.23 -51.32 1.36
N GLY B 407 -89.00 -50.85 1.21
CA GLY B 407 -87.98 -51.62 0.54
C GLY B 407 -87.96 -51.49 -0.97
N ASP B 408 -89.14 -51.37 -1.58
CA ASP B 408 -89.27 -51.15 -3.01
C ASP B 408 -88.43 -49.95 -3.44
N PRO B 409 -87.36 -50.16 -4.20
CA PRO B 409 -86.41 -49.06 -4.46
C PRO B 409 -87.00 -47.90 -5.21
N TYR B 410 -88.15 -48.08 -5.85
CA TYR B 410 -88.81 -47.00 -6.58
C TYR B 410 -89.73 -46.18 -5.68
N MET B 411 -90.36 -46.81 -4.69
CA MET B 411 -91.20 -46.07 -3.77
C MET B 411 -90.40 -45.46 -2.63
N ARG B 412 -89.47 -46.22 -2.04
CA ARG B 412 -88.68 -45.69 -0.95
C ARG B 412 -87.82 -44.51 -1.37
N SER B 413 -87.63 -44.30 -2.67
CA SER B 413 -86.89 -43.13 -3.14
C SER B 413 -87.80 -42.03 -3.64
N LEU B 414 -89.11 -42.24 -3.62
CA LEU B 414 -90.08 -41.18 -3.88
C LEU B 414 -90.60 -40.59 -2.58
N VAL B 415 -91.14 -41.44 -1.69
CA VAL B 415 -91.64 -40.96 -0.41
C VAL B 415 -90.52 -40.37 0.43
N GLN B 416 -89.31 -40.92 0.34
CA GLN B 416 -88.21 -40.33 1.08
C GLN B 416 -87.78 -38.98 0.53
N HIS B 417 -88.48 -38.47 -0.47
CA HIS B 417 -88.32 -37.08 -0.91
C HIS B 417 -89.42 -36.18 -0.40
N ILE B 418 -90.67 -36.65 -0.44
CA ILE B 418 -91.76 -35.88 0.17
C ILE B 418 -91.52 -35.70 1.65
N LEU B 419 -90.89 -36.67 2.31
CA LEU B 419 -90.52 -36.48 3.71
C LEU B 419 -89.51 -35.36 3.87
N SER B 420 -88.62 -35.17 2.88
CA SER B 420 -87.63 -34.13 2.99
C SER B 420 -88.21 -32.73 2.80
N LEU B 421 -89.44 -32.63 2.30
CA LEU B 421 -90.14 -31.35 2.25
C LEU B 421 -91.11 -31.17 3.40
N VAL B 422 -91.83 -32.22 3.77
CA VAL B 422 -92.79 -32.12 4.87
C VAL B 422 -92.08 -31.89 6.19
N SER B 423 -90.90 -32.46 6.37
CA SER B 423 -90.16 -32.30 7.61
C SER B 423 -89.27 -31.06 7.60
N HIS B 424 -89.49 -30.13 6.68
CA HIS B 424 -88.74 -28.88 6.75
C HIS B 424 -89.36 -27.90 7.74
N PRO B 425 -90.69 -27.72 7.76
CA PRO B 425 -91.26 -26.87 8.81
C PRO B 425 -91.02 -27.40 10.20
N VAL B 426 -91.07 -28.72 10.41
CA VAL B 426 -90.79 -29.27 11.73
C VAL B 426 -89.39 -28.91 12.16
N LEU B 427 -88.42 -29.11 11.30
CA LEU B 427 -87.08 -28.68 11.64
C LEU B 427 -86.91 -27.18 11.57
N SER B 428 -87.98 -26.41 11.37
CA SER B 428 -87.88 -24.96 11.50
C SER B 428 -88.23 -24.51 12.90
N PHE B 429 -89.24 -25.13 13.52
CA PHE B 429 -89.50 -24.84 14.94
C PHE B 429 -88.35 -25.33 15.80
N LEU B 430 -87.84 -26.53 15.51
CA LEU B 430 -86.79 -27.12 16.34
C LEU B 430 -85.55 -26.25 16.38
N TYR B 431 -85.10 -25.79 15.21
CA TYR B 431 -83.94 -24.90 15.20
C TYR B 431 -84.27 -23.52 15.73
N ARG B 432 -85.53 -23.25 16.05
CA ARG B 432 -85.94 -22.01 16.69
C ARG B 432 -86.08 -22.15 18.20
N TRP B 433 -86.67 -23.27 18.61
CA TRP B 433 -86.93 -23.60 20.04
C TRP B 433 -85.68 -24.16 20.73
N ILE B 434 -84.54 -24.20 20.03
CA ILE B 434 -83.29 -24.67 20.59
C ILE B 434 -82.27 -23.56 20.74
N TYR B 435 -82.13 -22.71 19.73
CA TYR B 435 -81.13 -21.66 19.76
C TYR B 435 -81.66 -20.33 20.26
N ASP B 436 -82.98 -20.12 20.20
CA ASP B 436 -83.58 -18.87 20.67
C ASP B 436 -84.68 -19.07 21.70
N GLY B 437 -85.26 -20.26 21.81
CA GLY B 437 -86.25 -20.50 22.83
C GLY B 437 -87.53 -19.72 22.67
N GLU B 438 -87.86 -19.32 21.45
CA GLU B 438 -89.06 -18.54 21.17
C GLU B 438 -89.97 -19.37 20.26
N LEU B 439 -90.77 -20.23 20.84
CA LEU B 439 -91.71 -21.02 20.05
C LEU B 439 -92.91 -20.16 19.69
N GLU B 440 -93.37 -20.28 18.46
CA GLU B 440 -94.50 -19.50 17.98
C GLU B 440 -95.25 -20.34 16.96
N ASP B 441 -96.43 -20.80 17.32
CA ASP B 441 -97.28 -21.56 16.40
C ASP B 441 -98.72 -21.37 16.86
N THR B 442 -99.46 -20.49 16.17
CA THR B 442 -100.86 -20.28 16.50
C THR B 442 -101.62 -21.60 16.46
N TYR B 443 -101.37 -22.41 15.43
CA TYR B 443 -101.85 -23.78 15.40
C TYR B 443 -100.89 -24.66 16.18
N HIS B 444 -101.46 -25.60 16.94
CA HIS B 444 -100.65 -26.44 17.82
C HIS B 444 -100.04 -27.57 17.00
N GLU B 445 -98.77 -27.40 16.61
CA GLU B 445 -98.04 -28.39 15.84
C GLU B 445 -96.83 -28.93 16.59
N PHE B 446 -95.96 -28.03 17.06
CA PHE B 446 -94.78 -28.44 17.80
C PHE B 446 -95.17 -29.25 19.02
N PHE B 447 -94.32 -30.20 19.40
CA PHE B 447 -94.63 -31.06 20.53
C PHE B 447 -94.32 -30.43 21.88
N VAL B 448 -93.90 -29.15 21.85
CA VAL B 448 -93.62 -28.37 23.09
C VAL B 448 -94.80 -27.41 23.26
N ALA B 449 -95.73 -27.73 24.16
CA ALA B 449 -96.93 -26.89 24.37
C ALA B 449 -96.69 -25.95 25.56
N SER B 450 -96.86 -24.64 25.34
CA SER B 450 -96.66 -23.64 26.40
C SER B 450 -97.97 -23.38 27.14
N ASP B 451 -97.90 -22.84 28.36
CA ASP B 451 -99.06 -22.53 29.16
C ASP B 451 -99.03 -21.04 29.49
N PRO B 452 -100.04 -20.25 29.07
CA PRO B 452 -100.08 -18.82 29.33
C PRO B 452 -100.05 -18.47 30.82
N LEU B 459 -90.98 -21.35 36.89
CA LEU B 459 -90.87 -21.36 35.40
C LEU B 459 -90.28 -22.70 34.95
N TRP B 460 -90.11 -23.64 35.88
CA TRP B 460 -89.57 -24.95 35.58
C TRP B 460 -90.62 -26.04 35.69
N HIS B 461 -91.40 -26.02 36.76
CA HIS B 461 -92.33 -27.12 37.00
C HIS B 461 -93.50 -27.10 36.03
N ASP B 462 -93.92 -25.91 35.62
CA ASP B 462 -95.09 -25.76 34.70
C ASP B 462 -94.69 -24.88 33.50
N LYS B 463 -95.65 -24.72 32.57
CA LYS B 463 -95.62 -23.92 31.31
C LYS B 463 -94.94 -24.68 30.17
N TYR B 464 -94.44 -25.90 30.43
CA TYR B 464 -93.80 -26.75 29.39
C TYR B 464 -94.38 -28.16 29.47
N THR B 465 -94.96 -28.64 28.37
CA THR B 465 -95.54 -30.01 28.36
C THR B 465 -95.05 -30.77 27.12
N LEU B 466 -94.56 -32.00 27.31
CA LEU B 466 -94.11 -32.84 26.18
C LEU B 466 -95.37 -33.45 25.54
N ARG B 467 -95.73 -33.01 24.33
CA ARG B 467 -96.95 -33.48 23.70
C ARG B 467 -96.68 -34.87 23.12
N LYS B 468 -97.28 -35.89 23.73
CA LYS B 468 -97.05 -37.26 23.29
C LYS B 468 -97.60 -37.52 21.90
N SER B 469 -98.49 -36.65 21.40
CA SER B 469 -99.19 -36.95 20.15
C SER B 469 -98.47 -36.42 18.93
N MET B 470 -97.82 -35.27 19.02
CA MET B 470 -97.21 -34.62 17.88
C MET B 470 -95.69 -34.78 17.87
N ILE B 471 -95.20 -35.94 18.29
CA ILE B 471 -93.77 -36.24 18.17
C ILE B 471 -93.57 -37.00 16.86
N PRO B 472 -92.68 -36.55 15.99
CA PRO B 472 -92.46 -37.28 14.73
C PRO B 472 -91.85 -38.64 15.01
N SER B 473 -92.17 -39.61 14.14
CA SER B 473 -91.64 -40.95 14.34
C SER B 473 -90.12 -40.99 14.26
N PHE B 474 -89.53 -40.13 13.44
CA PHE B 474 -88.08 -40.17 13.26
C PHE B 474 -87.32 -39.45 14.37
N MET B 475 -87.92 -39.23 15.54
CA MET B 475 -87.21 -38.78 16.72
C MET B 475 -87.58 -39.69 17.87
N THR B 476 -86.58 -40.34 18.46
CA THR B 476 -86.82 -41.25 19.57
C THR B 476 -87.33 -40.48 20.78
N MET B 477 -88.10 -41.18 21.62
CA MET B 477 -88.77 -40.55 22.76
C MET B 477 -87.78 -39.91 23.72
N ASP B 478 -86.54 -40.36 23.75
CA ASP B 478 -85.54 -39.73 24.61
C ASP B 478 -85.01 -38.44 24.00
N GLN B 479 -84.86 -38.40 22.67
CA GLN B 479 -84.40 -37.18 22.03
C GLN B 479 -85.41 -36.05 22.21
N SER B 480 -86.69 -36.38 22.37
CA SER B 480 -87.70 -35.35 22.55
C SER B 480 -87.67 -34.73 23.94
N ARG B 481 -86.94 -35.31 24.88
CA ARG B 481 -86.77 -34.72 26.20
C ARG B 481 -85.48 -33.94 26.33
N LYS B 482 -84.62 -33.97 25.32
CA LYS B 482 -83.45 -33.11 25.30
C LYS B 482 -83.70 -31.79 24.59
N VAL B 483 -84.75 -31.71 23.77
CA VAL B 483 -85.09 -30.43 23.18
C VAL B 483 -85.96 -29.61 24.14
N LEU B 484 -86.88 -30.30 24.85
CA LEU B 484 -87.79 -29.65 25.82
C LEU B 484 -86.94 -29.13 26.98
N LEU B 485 -85.74 -29.69 27.12
CA LEU B 485 -84.83 -29.24 28.16
C LEU B 485 -83.86 -28.17 27.69
N ILE B 486 -83.55 -28.13 26.40
CA ILE B 486 -82.71 -27.04 25.89
C ILE B 486 -83.54 -25.80 25.66
N GLY B 487 -84.79 -25.96 25.22
CA GLY B 487 -85.66 -24.81 25.08
C GLY B 487 -85.97 -24.15 26.41
N LYS B 488 -86.28 -24.99 27.41
CA LYS B 488 -86.60 -24.51 28.77
C LYS B 488 -85.36 -23.85 29.38
N SER B 489 -84.16 -24.37 29.10
CA SER B 489 -82.94 -23.83 29.67
C SER B 489 -82.63 -22.44 29.15
N ILE B 490 -83.08 -22.12 27.93
CA ILE B 490 -82.81 -20.81 27.36
C ILE B 490 -83.93 -19.84 27.66
N ASN B 491 -85.16 -20.34 27.67
CA ASN B 491 -86.35 -19.50 27.99
C ASN B 491 -86.22 -19.01 29.44
N PHE B 492 -85.78 -19.90 30.35
CA PHE B 492 -85.62 -19.55 31.75
C PHE B 492 -84.37 -18.70 31.97
N LEU B 493 -83.37 -18.82 31.11
CA LEU B 493 -82.18 -18.01 31.23
C LEU B 493 -82.45 -16.54 30.92
N HIS B 494 -83.49 -16.24 30.15
CA HIS B 494 -83.80 -14.87 29.75
C HIS B 494 -84.70 -14.18 30.78
N GLN B 495 -85.84 -14.79 31.10
CA GLN B 495 -86.83 -14.10 31.91
C GLN B 495 -86.40 -14.00 33.37
N VAL B 496 -86.25 -15.15 34.02
CA VAL B 496 -86.02 -15.13 35.48
C VAL B 496 -84.59 -14.77 35.79
N CYS B 497 -83.63 -15.44 35.16
CA CYS B 497 -82.23 -15.16 35.44
C CYS B 497 -81.82 -13.76 35.00
N HIS B 498 -82.62 -13.12 34.14
CA HIS B 498 -82.38 -11.76 33.68
C HIS B 498 -81.02 -11.63 32.99
N ASP B 499 -80.90 -12.33 31.87
CA ASP B 499 -79.68 -12.32 31.08
C ASP B 499 -80.03 -12.58 29.62
N GLN B 500 -79.28 -11.96 28.72
CA GLN B 500 -79.47 -12.13 27.29
C GLN B 500 -78.11 -12.38 26.63
N THR B 501 -78.14 -13.17 25.56
CA THR B 501 -76.93 -13.50 24.83
C THR B 501 -76.77 -12.61 23.59
N GLU B 527 -80.57 -39.50 11.02
CA GLU B 527 -79.27 -38.89 10.76
C GLU B 527 -78.34 -39.05 11.95
N ASN B 528 -77.06 -38.75 11.74
CA ASN B 528 -76.08 -38.73 12.82
C ASN B 528 -75.58 -37.34 13.15
N ALA B 529 -75.44 -36.47 12.15
CA ALA B 529 -75.11 -35.08 12.43
C ALA B 529 -76.25 -34.37 13.15
N PHE B 530 -77.48 -34.87 13.02
CA PHE B 530 -78.59 -34.28 13.76
C PHE B 530 -78.49 -34.61 15.24
N GLN B 531 -78.16 -35.85 15.58
CA GLN B 531 -77.98 -36.20 16.99
C GLN B 531 -76.84 -35.42 17.61
N GLY B 532 -75.77 -35.19 16.84
CA GLY B 532 -74.66 -34.39 17.34
C GLY B 532 -75.01 -32.93 17.54
N LYS B 533 -76.05 -32.43 16.86
CA LYS B 533 -76.46 -31.05 17.06
C LYS B 533 -77.20 -30.88 18.37
N ILE B 534 -78.05 -31.84 18.74
CA ILE B 534 -78.77 -31.75 20.01
C ILE B 534 -77.79 -31.77 21.17
N ASP B 535 -76.82 -32.69 21.13
CA ASP B 535 -75.86 -32.78 22.22
C ASP B 535 -74.94 -31.56 22.25
N ALA B 536 -74.61 -31.00 21.09
CA ALA B 536 -73.81 -29.78 21.07
C ALA B 536 -74.57 -28.62 21.69
N ALA B 537 -75.88 -28.55 21.45
CA ALA B 537 -76.70 -27.52 22.07
C ALA B 537 -77.00 -27.81 23.52
N TYR B 538 -76.66 -29.01 24.00
CA TYR B 538 -76.89 -29.38 25.40
C TYR B 538 -75.66 -29.13 26.26
N PHE B 539 -74.51 -29.63 25.84
CA PHE B 539 -73.30 -29.50 26.63
C PHE B 539 -72.72 -28.11 26.59
N GLU B 540 -73.44 -27.15 26.02
CA GLU B 540 -73.02 -25.75 26.04
C GLU B 540 -74.03 -24.87 26.76
N THR B 541 -75.32 -25.04 26.51
CA THR B 541 -76.32 -24.22 27.17
C THR B 541 -76.38 -24.51 28.66
N SER B 542 -76.46 -25.79 29.03
CA SER B 542 -76.57 -26.14 30.43
C SER B 542 -75.29 -25.77 31.19
N LYS B 543 -74.13 -26.03 30.61
CA LYS B 543 -72.88 -25.65 31.25
C LYS B 543 -72.79 -24.14 31.45
N TYR B 544 -73.46 -23.37 30.61
CA TYR B 544 -73.51 -21.92 30.80
C TYR B 544 -74.56 -21.52 31.83
N LEU B 545 -75.63 -22.30 31.96
CA LEU B 545 -76.66 -21.96 32.94
C LEU B 545 -76.13 -22.04 34.37
N LEU B 546 -75.21 -22.96 34.64
CA LEU B 546 -74.64 -23.05 35.98
C LEU B 546 -73.69 -21.89 36.25
N ASP B 547 -72.93 -21.47 35.24
CA ASP B 547 -71.99 -20.38 35.44
C ASP B 547 -72.71 -19.09 35.81
N VAL B 548 -73.80 -18.78 35.12
CA VAL B 548 -74.56 -17.58 35.47
C VAL B 548 -75.33 -17.78 36.76
N LEU B 549 -75.51 -19.02 37.19
CA LEU B 549 -76.23 -19.30 38.43
C LEU B 549 -75.31 -19.53 39.62
N ASN B 550 -74.00 -19.50 39.39
CA ASN B 550 -73.02 -19.58 40.48
C ASN B 550 -72.21 -18.30 40.66
N LYS B 551 -72.11 -17.46 39.63
CA LYS B 551 -71.39 -16.20 39.72
C LYS B 551 -72.30 -15.02 39.98
N LYS B 552 -73.48 -15.01 39.37
CA LYS B 552 -74.43 -13.93 39.57
C LYS B 552 -75.37 -14.16 40.73
N TYR B 553 -75.48 -15.40 41.23
CA TYR B 553 -76.35 -15.69 42.34
C TYR B 553 -75.73 -16.57 43.42
N SER B 554 -74.61 -17.23 43.13
CA SER B 554 -73.92 -18.08 44.10
C SER B 554 -74.86 -19.11 44.70
N LEU B 555 -75.39 -19.97 43.82
CA LEU B 555 -76.31 -21.02 44.27
C LEU B 555 -75.63 -21.96 45.25
N LEU B 556 -74.34 -22.23 45.04
CA LEU B 556 -73.63 -23.15 45.93
C LEU B 556 -73.33 -22.51 47.27
N ASP B 557 -72.95 -21.23 47.29
CA ASP B 557 -72.62 -20.56 48.53
C ASP B 557 -73.82 -20.44 49.46
N HIS B 558 -75.03 -20.65 48.96
CA HIS B 558 -76.21 -20.68 49.82
C HIS B 558 -76.47 -22.06 50.40
N MET B 559 -76.19 -23.13 49.64
CA MET B 559 -76.35 -24.47 50.18
C MET B 559 -75.45 -24.68 51.40
N GLN B 560 -74.20 -24.26 51.31
CA GLN B 560 -73.31 -24.37 52.46
C GLN B 560 -73.75 -23.47 53.61
N ALA B 561 -74.17 -22.25 53.29
CA ALA B 561 -74.62 -21.34 54.34
C ALA B 561 -75.96 -21.75 54.92
N MET B 562 -76.77 -22.50 54.18
CA MET B 562 -78.05 -22.96 54.69
C MET B 562 -77.91 -24.22 55.53
N ARG B 563 -76.71 -24.79 55.60
CA ARG B 563 -76.39 -25.87 56.52
C ARG B 563 -75.80 -25.36 57.81
N ARG B 564 -74.99 -24.30 57.74
CA ARG B 564 -74.34 -23.78 58.95
C ARG B 564 -75.38 -23.24 59.92
N TYR B 565 -76.39 -22.53 59.43
CA TYR B 565 -77.37 -21.87 60.29
C TYR B 565 -78.64 -22.69 60.44
N LEU B 566 -79.31 -22.99 59.33
CA LEU B 566 -80.60 -23.66 59.41
C LEU B 566 -80.49 -25.10 59.88
N LEU B 567 -79.31 -25.72 59.76
CA LEU B 567 -79.10 -27.08 60.22
C LEU B 567 -78.12 -27.14 61.40
N LEU B 568 -77.90 -26.02 62.06
CA LEU B 568 -77.05 -25.92 63.25
C LEU B 568 -75.61 -26.34 62.97
N GLY B 569 -75.21 -26.39 61.71
CA GLY B 569 -73.86 -26.80 61.37
C GLY B 569 -72.77 -25.85 61.82
N GLN B 570 -73.12 -24.70 62.38
CA GLN B 570 -72.12 -23.75 62.84
C GLN B 570 -71.66 -24.06 64.26
N GLY B 571 -72.59 -24.33 65.15
CA GLY B 571 -72.22 -24.68 66.52
C GLY B 571 -71.73 -23.54 67.38
N ASP B 572 -70.78 -22.76 66.89
CA ASP B 572 -70.29 -21.61 67.64
C ASP B 572 -71.37 -20.54 67.76
N PHE B 573 -72.16 -20.34 66.70
CA PHE B 573 -73.18 -19.32 66.71
C PHE B 573 -74.41 -19.76 67.49
N ILE B 574 -74.80 -21.03 67.37
CA ILE B 574 -75.98 -21.50 68.07
C ILE B 574 -75.72 -21.60 69.58
N ARG B 575 -74.46 -21.72 70.00
CA ARG B 575 -74.18 -21.72 71.43
C ARG B 575 -74.56 -20.38 72.05
N HIS B 576 -74.03 -19.29 71.49
CA HIS B 576 -74.36 -17.97 72.03
C HIS B 576 -75.84 -17.66 71.88
N LEU B 577 -76.48 -18.17 70.83
CA LEU B 577 -77.88 -17.88 70.60
C LEU B 577 -78.79 -18.58 71.60
N MET B 578 -78.34 -19.69 72.19
CA MET B 578 -79.14 -20.35 73.21
C MET B 578 -78.92 -19.75 74.58
N ASP B 579 -77.85 -18.97 74.77
CA ASP B 579 -77.64 -18.31 76.05
C ASP B 579 -78.40 -16.99 76.14
N LEU B 580 -78.71 -16.37 75.00
CA LEU B 580 -79.41 -15.09 75.00
C LEU B 580 -80.92 -15.25 74.97
N LEU B 581 -81.43 -16.31 74.34
CA LEU B 581 -82.87 -16.54 74.32
C LEU B 581 -83.38 -17.18 75.59
N LYS B 582 -82.50 -17.58 76.50
CA LYS B 582 -82.94 -18.20 77.75
C LYS B 582 -83.83 -17.29 78.58
N PRO B 583 -83.46 -16.02 78.85
CA PRO B 583 -84.35 -15.17 79.66
C PRO B 583 -85.67 -14.84 78.99
N GLU B 584 -85.79 -15.05 77.68
CA GLU B 584 -87.01 -14.65 76.98
C GLU B 584 -88.00 -15.80 76.83
N LEU B 585 -87.54 -16.94 76.30
CA LEU B 585 -88.45 -18.02 75.95
C LEU B 585 -89.08 -18.70 77.16
N VAL B 586 -88.56 -18.47 78.37
CA VAL B 586 -89.16 -19.07 79.54
C VAL B 586 -90.55 -18.52 79.79
N ARG B 587 -90.82 -17.30 79.33
CA ARG B 587 -92.15 -16.72 79.47
C ARG B 587 -93.12 -17.39 78.50
N PRO B 588 -94.42 -17.31 78.78
CA PRO B 588 -95.40 -17.87 77.83
C PRO B 588 -95.39 -17.13 76.51
N ALA B 589 -95.96 -17.77 75.50
CA ALA B 589 -95.90 -17.24 74.14
C ALA B 589 -96.74 -15.98 73.96
N THR B 590 -97.74 -15.76 74.82
CA THR B 590 -98.64 -14.63 74.64
C THR B 590 -97.92 -13.30 74.78
N THR B 591 -96.90 -13.24 75.63
CA THR B 591 -96.13 -12.02 75.84
C THR B 591 -94.96 -11.90 74.87
N LEU B 592 -94.85 -12.81 73.90
CA LEU B 592 -93.74 -12.83 72.96
C LEU B 592 -94.12 -12.10 71.69
N TYR B 593 -93.26 -11.21 71.23
CA TYR B 593 -93.48 -10.46 70.00
C TYR B 593 -92.20 -10.47 69.19
N GLN B 594 -92.34 -10.67 67.87
CA GLN B 594 -91.18 -10.94 67.02
C GLN B 594 -90.21 -9.77 67.01
N HIS B 595 -90.71 -8.54 67.09
CA HIS B 595 -89.87 -7.36 66.93
C HIS B 595 -88.78 -7.26 68.00
N ASN B 596 -88.90 -8.02 69.08
CA ASN B 596 -87.89 -7.97 70.14
C ASN B 596 -86.75 -8.95 69.92
N LEU B 597 -87.06 -10.13 69.37
CA LEU B 597 -86.05 -11.17 69.24
C LEU B 597 -85.01 -10.83 68.19
N THR B 598 -85.38 -10.06 67.16
CA THR B 598 -84.47 -9.77 66.07
C THR B 598 -83.22 -9.06 66.58
N GLY B 599 -83.39 -8.15 67.55
CA GLY B 599 -82.23 -7.51 68.14
C GLY B 599 -81.31 -8.49 68.85
N ILE B 600 -81.86 -9.58 69.37
CA ILE B 600 -81.05 -10.60 70.02
C ILE B 600 -80.31 -11.43 68.98
N LEU B 601 -81.02 -11.88 67.94
CA LEU B 601 -80.38 -12.62 66.87
C LEU B 601 -79.26 -11.80 66.24
N GLU B 602 -79.54 -10.52 65.96
CA GLU B 602 -78.51 -9.65 65.38
C GLU B 602 -77.31 -9.53 66.30
N THR B 603 -77.53 -9.59 67.62
CA THR B 603 -76.42 -9.51 68.55
C THR B 603 -75.55 -10.77 68.48
N ALA B 604 -76.18 -11.94 68.33
CA ALA B 604 -75.42 -13.18 68.26
C ALA B 604 -74.55 -13.23 67.01
N VAL B 605 -75.10 -12.85 65.87
CA VAL B 605 -74.34 -12.89 64.62
C VAL B 605 -73.16 -11.94 64.68
N ARG B 606 -73.21 -10.95 65.56
CA ARG B 606 -72.11 -10.01 65.67
C ARG B 606 -71.03 -10.51 66.60
N ALA B 607 -71.40 -11.21 67.68
CA ALA B 607 -70.43 -11.65 68.68
C ALA B 607 -69.68 -12.90 68.25
N THR B 608 -70.38 -13.88 67.69
CA THR B 608 -69.77 -15.15 67.31
C THR B 608 -68.93 -14.97 66.05
N ASN B 609 -68.40 -16.08 65.52
CA ASN B 609 -67.60 -16.04 64.31
C ASN B 609 -68.42 -15.85 63.05
N ALA B 610 -69.74 -15.85 63.15
CA ALA B 610 -70.59 -15.68 61.98
C ALA B 610 -70.56 -14.26 61.43
N GLN B 611 -69.85 -13.33 62.08
CA GLN B 611 -69.77 -11.97 61.55
C GLN B 611 -68.94 -11.92 60.29
N PHE B 612 -67.85 -12.67 60.23
CA PHE B 612 -67.02 -12.76 59.03
C PHE B 612 -67.75 -13.65 58.03
N ASP B 613 -68.67 -13.04 57.27
CA ASP B 613 -69.54 -13.80 56.40
C ASP B 613 -70.06 -12.89 55.30
N SER B 614 -70.50 -13.50 54.21
CA SER B 614 -71.03 -12.76 53.07
C SER B 614 -72.24 -11.94 53.50
N PRO B 615 -72.25 -10.63 53.25
CA PRO B 615 -73.40 -9.82 53.68
C PRO B 615 -74.69 -10.19 53.01
N GLU B 616 -74.63 -10.77 51.80
CA GLU B 616 -75.85 -11.11 51.09
C GLU B 616 -76.64 -12.20 51.81
N ILE B 617 -75.97 -13.32 52.13
CA ILE B 617 -76.67 -14.41 52.79
C ILE B 617 -77.13 -14.01 54.19
N LEU B 618 -76.43 -13.08 54.84
CA LEU B 618 -76.88 -12.60 56.14
C LEU B 618 -78.11 -11.71 56.05
N ARG B 619 -78.45 -11.23 54.85
CA ARG B 619 -79.65 -10.42 54.70
C ARG B 619 -80.91 -11.26 54.75
N ARG B 620 -80.83 -12.54 54.41
CA ARG B 620 -82.00 -13.40 54.38
C ARG B 620 -82.26 -14.12 55.70
N LEU B 621 -81.24 -14.29 56.53
CA LEU B 621 -81.40 -15.02 57.78
C LEU B 621 -82.18 -14.17 58.78
N ASP B 622 -83.38 -14.62 59.14
CA ASP B 622 -84.19 -13.93 60.12
C ASP B 622 -84.87 -14.95 61.01
N VAL B 623 -85.87 -14.48 61.76
CA VAL B 623 -86.62 -15.31 62.70
C VAL B 623 -88.05 -15.44 62.19
N ARG B 624 -88.73 -16.49 62.63
CA ARG B 624 -90.16 -16.62 62.41
C ARG B 624 -90.79 -17.18 63.68
N LEU B 625 -92.08 -16.93 63.85
CA LEU B 625 -92.81 -17.39 65.03
C LEU B 625 -93.87 -18.38 64.60
N LEU B 626 -93.66 -19.65 64.94
CA LEU B 626 -94.61 -20.69 64.60
C LEU B 626 -95.87 -20.53 65.44
N GLU B 627 -97.01 -20.88 64.85
CA GLU B 627 -98.28 -20.84 65.56
C GLU B 627 -99.14 -22.06 65.21
N ASP B 632 -98.67 -22.87 75.51
CA ASP B 632 -97.39 -22.99 74.84
C ASP B 632 -96.31 -22.22 75.59
N THR B 633 -95.08 -22.28 75.09
CA THR B 633 -93.95 -21.61 75.72
C THR B 633 -93.01 -21.14 74.62
N GLY B 634 -92.11 -20.21 74.98
CA GLY B 634 -91.16 -19.67 74.03
C GLY B 634 -90.26 -20.70 73.39
N TRP B 635 -90.11 -21.87 74.02
CA TRP B 635 -89.32 -22.95 73.46
C TRP B 635 -90.13 -23.85 72.53
N ASP B 636 -91.31 -23.40 72.10
CA ASP B 636 -92.15 -24.18 71.21
C ASP B 636 -92.56 -23.41 69.96
N VAL B 637 -92.28 -22.11 69.89
CA VAL B 637 -92.71 -21.27 68.76
C VAL B 637 -91.55 -20.53 68.11
N PHE B 638 -90.31 -20.76 68.54
CA PHE B 638 -89.16 -20.09 67.95
C PHE B 638 -88.49 -20.99 66.92
N SER B 639 -88.10 -20.41 65.80
CA SER B 639 -87.42 -21.12 64.73
C SER B 639 -86.93 -20.11 63.70
N LEU B 640 -85.79 -20.42 63.08
CA LEU B 640 -85.25 -19.60 62.02
C LEU B 640 -85.90 -19.97 60.69
N ASP B 641 -85.84 -19.04 59.73
CA ASP B 641 -86.54 -19.23 58.46
C ASP B 641 -85.60 -19.25 57.26
N TYR B 642 -84.76 -18.24 57.09
CA TYR B 642 -83.91 -18.09 55.91
C TYR B 642 -84.74 -18.19 54.63
N HIS B 643 -85.61 -17.19 54.45
CA HIS B 643 -86.43 -17.12 53.25
C HIS B 643 -85.57 -16.87 52.03
N VAL B 644 -85.98 -17.45 50.90
CA VAL B 644 -85.24 -17.31 49.65
C VAL B 644 -86.24 -17.10 48.51
N ASP B 645 -86.07 -16.02 47.76
CA ASP B 645 -86.91 -15.70 46.62
C ASP B 645 -86.02 -15.32 45.43
N GLY B 646 -86.55 -15.54 44.23
CA GLY B 646 -85.83 -15.21 43.02
C GLY B 646 -85.50 -16.43 42.19
N PRO B 647 -84.38 -16.38 41.47
CA PRO B 647 -83.96 -17.56 40.70
C PRO B 647 -83.55 -18.72 41.57
N ILE B 648 -82.85 -18.46 42.68
CA ILE B 648 -82.47 -19.52 43.60
C ILE B 648 -83.67 -20.23 44.20
N ALA B 649 -84.85 -19.61 44.15
CA ALA B 649 -86.05 -20.24 44.69
C ALA B 649 -86.55 -21.39 43.84
N THR B 650 -85.93 -21.66 42.68
CA THR B 650 -86.31 -22.81 41.88
C THR B 650 -85.61 -24.08 42.31
N VAL B 651 -84.65 -23.99 43.24
CA VAL B 651 -84.01 -25.18 43.78
C VAL B 651 -84.69 -25.63 45.07
N PHE B 652 -85.31 -24.71 45.80
CA PHE B 652 -85.91 -25.00 47.11
C PHE B 652 -87.42 -25.15 47.03
N THR B 653 -88.09 -24.34 46.21
CA THR B 653 -89.44 -24.63 45.72
C THR B 653 -90.45 -24.84 46.85
N ARG B 654 -90.28 -24.12 47.96
CA ARG B 654 -91.31 -24.03 48.98
C ARG B 654 -91.53 -25.37 49.69
N GLU B 655 -90.88 -26.42 49.21
CA GLU B 655 -90.95 -27.72 49.86
C GLU B 655 -89.71 -28.03 50.66
N CYS B 656 -88.54 -27.59 50.19
CA CYS B 656 -87.34 -27.69 51.01
C CYS B 656 -87.43 -26.79 52.23
N MET B 657 -88.09 -25.65 52.10
CA MET B 657 -88.34 -24.80 53.26
C MET B 657 -89.44 -25.33 54.16
N SER B 658 -90.30 -26.21 53.65
CA SER B 658 -91.25 -26.90 54.51
C SER B 658 -90.70 -28.22 55.03
N HIS B 659 -89.48 -28.59 54.63
CA HIS B 659 -88.80 -29.76 55.18
C HIS B 659 -87.69 -29.38 56.15
N TYR B 660 -86.95 -28.31 55.87
CA TYR B 660 -85.93 -27.86 56.80
C TYR B 660 -86.52 -27.52 58.16
N LEU B 661 -87.63 -26.77 58.16
CA LEU B 661 -88.29 -26.46 59.43
C LEU B 661 -88.80 -27.72 60.09
N ARG B 662 -89.20 -28.72 59.31
CA ARG B 662 -89.56 -30.01 59.89
C ARG B 662 -88.37 -30.69 60.53
N VAL B 663 -87.16 -30.39 60.04
CA VAL B 663 -85.94 -30.92 60.64
C VAL B 663 -85.47 -30.04 61.79
N PHE B 664 -85.57 -28.72 61.63
CA PHE B 664 -84.96 -27.81 62.59
C PHE B 664 -85.53 -28.00 64.00
N ASN B 665 -86.78 -28.44 64.11
CA ASN B 665 -87.33 -28.71 65.43
C ASN B 665 -86.58 -29.84 66.12
N PHE B 666 -86.31 -30.93 65.40
CA PHE B 666 -85.63 -32.06 66.02
C PHE B 666 -84.20 -31.71 66.41
N LEU B 667 -83.56 -30.81 65.67
CA LEU B 667 -82.23 -30.37 66.05
C LEU B 667 -82.25 -29.30 67.12
N TRP B 668 -83.38 -28.59 67.28
CA TRP B 668 -83.48 -27.62 68.36
C TRP B 668 -83.77 -28.31 69.69
N ARG B 669 -84.66 -29.31 69.68
CA ARG B 669 -84.96 -30.04 70.90
C ARG B 669 -83.73 -30.78 71.39
N ALA B 670 -83.10 -31.56 70.52
CA ALA B 670 -81.89 -32.28 70.89
C ALA B 670 -80.73 -31.37 71.20
N LYS B 671 -80.91 -30.05 71.10
CA LYS B 671 -79.88 -29.10 71.50
C LYS B 671 -80.18 -28.45 72.85
N ARG B 672 -81.45 -28.25 73.19
CA ARG B 672 -81.78 -27.75 74.51
C ARG B 672 -81.80 -28.87 75.55
N MET B 673 -82.13 -30.09 75.12
CA MET B 673 -82.03 -31.24 76.02
C MET B 673 -80.58 -31.56 76.38
N GLU B 674 -79.62 -30.99 75.69
CA GLU B 674 -78.21 -31.15 76.03
C GLU B 674 -77.68 -30.00 76.89
N TYR B 675 -78.07 -28.76 76.58
CA TYR B 675 -77.62 -27.65 77.40
C TYR B 675 -78.33 -27.60 78.74
N ILE B 676 -79.45 -28.31 78.87
CA ILE B 676 -80.02 -28.55 80.19
C ILE B 676 -79.14 -29.51 80.97
N LEU B 677 -78.71 -30.60 80.33
CA LEU B 677 -77.94 -31.64 80.99
C LEU B 677 -76.49 -31.26 81.23
N THR B 678 -75.99 -30.22 80.59
CA THR B 678 -74.70 -29.68 81.00
C THR B 678 -74.84 -28.56 82.02
N ASP B 679 -76.06 -28.08 82.25
CA ASP B 679 -76.29 -27.16 83.35
C ASP B 679 -76.46 -27.92 84.66
N ILE B 680 -77.21 -29.02 84.63
CA ILE B 680 -77.32 -29.88 85.81
C ILE B 680 -75.94 -30.36 86.23
N ARG B 681 -75.16 -30.87 85.27
CA ARG B 681 -73.79 -31.28 85.56
C ARG B 681 -72.95 -30.12 86.06
N LYS B 682 -73.30 -28.88 85.69
CA LYS B 682 -72.60 -27.72 86.23
C LYS B 682 -73.04 -27.45 87.66
N GLY B 683 -74.31 -27.74 87.97
CA GLY B 683 -74.77 -27.55 89.34
C GLY B 683 -74.08 -28.49 90.32
N HIS B 684 -73.97 -29.77 89.95
CA HIS B 684 -73.30 -30.73 90.82
C HIS B 684 -71.82 -30.41 90.97
N MET B 685 -71.24 -29.72 89.99
CA MET B 685 -69.85 -29.31 90.07
C MET B 685 -69.67 -28.12 91.00
N CYS B 686 -70.76 -27.48 91.42
CA CYS B 686 -70.74 -26.49 92.49
C CYS B 686 -71.46 -26.94 93.74
N ASN B 687 -72.30 -27.97 93.64
CA ASN B 687 -73.03 -28.46 94.81
C ASN B 687 -72.06 -29.01 95.85
N ALA B 688 -71.31 -30.05 95.49
CA ALA B 688 -70.41 -30.69 96.43
C ALA B 688 -69.31 -29.77 96.93
N LYS B 689 -69.12 -28.61 96.32
CA LYS B 689 -68.11 -27.67 96.78
C LYS B 689 -68.61 -26.76 97.90
N LEU B 690 -69.89 -26.89 98.29
CA LEU B 690 -70.43 -26.11 99.39
C LEU B 690 -70.86 -26.99 100.55
N LEU B 691 -71.70 -27.99 100.31
CA LEU B 691 -72.26 -28.83 101.36
C LEU B 691 -71.51 -30.14 101.55
N ARG B 692 -70.19 -30.13 101.37
CA ARG B 692 -69.37 -31.30 101.60
C ARG B 692 -69.14 -31.57 103.08
N ASN B 693 -69.80 -30.85 103.98
CA ASN B 693 -69.65 -31.03 105.41
C ASN B 693 -70.83 -31.72 106.06
N MET B 694 -71.84 -32.14 105.29
CA MET B 694 -73.01 -32.82 105.82
C MET B 694 -73.01 -34.27 105.37
N PRO B 695 -72.35 -35.17 106.11
CA PRO B 695 -72.23 -36.56 105.65
C PRO B 695 -73.56 -37.31 105.61
N GLU B 696 -74.60 -36.78 106.23
CA GLU B 696 -75.91 -37.43 106.21
C GLU B 696 -76.67 -37.17 104.92
N PHE B 697 -76.20 -36.25 104.08
CA PHE B 697 -76.88 -35.92 102.84
C PHE B 697 -76.26 -36.55 101.61
N SER B 698 -74.99 -36.96 101.68
CA SER B 698 -74.33 -37.55 100.52
C SER B 698 -74.90 -38.90 100.14
N GLY B 699 -75.62 -39.56 101.06
CA GLY B 699 -76.23 -40.83 100.71
C GLY B 699 -77.31 -40.69 99.67
N VAL B 700 -78.18 -39.69 99.82
CA VAL B 700 -79.22 -39.45 98.83
C VAL B 700 -78.72 -38.56 97.70
N LEU B 701 -77.70 -37.72 97.97
CA LEU B 701 -77.13 -36.91 96.91
C LEU B 701 -76.46 -37.75 95.85
N HIS B 702 -75.96 -38.93 96.23
CA HIS B 702 -75.27 -39.77 95.28
C HIS B 702 -76.18 -40.23 94.15
N GLN B 703 -77.40 -40.65 94.49
CA GLN B 703 -78.35 -41.04 93.45
C GLN B 703 -78.66 -39.88 92.51
N CYS B 704 -78.41 -38.65 92.93
CA CYS B 704 -78.60 -37.51 92.05
C CYS B 704 -77.50 -37.41 91.01
N HIS B 705 -76.31 -37.95 91.32
CA HIS B 705 -75.22 -37.92 90.36
C HIS B 705 -75.33 -39.05 89.35
N ILE B 706 -75.52 -40.28 89.83
CA ILE B 706 -75.54 -41.44 88.94
C ILE B 706 -76.65 -41.32 87.92
N LEU B 707 -77.84 -40.89 88.37
CA LEU B 707 -78.95 -40.71 87.43
C LEU B 707 -78.61 -39.66 86.39
N ALA B 708 -77.79 -38.67 86.74
CA ALA B 708 -77.38 -37.68 85.76
C ALA B 708 -76.43 -38.29 84.74
N SER B 709 -75.36 -38.93 85.21
CA SER B 709 -74.36 -39.50 84.30
C SER B 709 -74.92 -40.65 83.47
N GLU B 710 -75.96 -41.33 83.97
CA GLU B 710 -76.65 -42.31 83.14
C GLU B 710 -77.56 -41.64 82.12
N MET B 711 -77.98 -40.40 82.38
CA MET B 711 -78.84 -39.68 81.46
C MET B 711 -78.05 -38.88 80.44
N VAL B 712 -76.93 -38.29 80.83
CA VAL B 712 -76.14 -37.51 79.90
C VAL B 712 -75.49 -38.40 78.85
N HIS B 713 -75.29 -39.68 79.13
CA HIS B 713 -74.75 -40.58 78.13
C HIS B 713 -75.72 -40.78 76.98
N PHE B 714 -76.99 -41.08 77.30
CA PHE B 714 -77.98 -41.30 76.24
C PHE B 714 -78.14 -40.09 75.34
N ILE B 715 -77.98 -38.89 75.89
CA ILE B 715 -78.10 -37.68 75.09
C ILE B 715 -76.80 -37.37 74.38
N HIS B 716 -75.67 -37.40 75.09
CA HIS B 716 -74.39 -37.12 74.45
C HIS B 716 -73.99 -38.17 73.44
N GLN B 717 -74.63 -39.33 73.43
CA GLN B 717 -74.36 -40.33 72.41
C GLN B 717 -75.25 -40.14 71.18
N MET B 718 -76.56 -39.97 71.39
CA MET B 718 -77.44 -39.66 70.28
C MET B 718 -77.04 -38.36 69.60
N GLN B 719 -76.41 -37.45 70.34
CA GLN B 719 -75.91 -36.22 69.74
C GLN B 719 -74.80 -36.50 68.75
N TYR B 720 -74.10 -37.64 68.92
CA TYR B 720 -73.07 -38.00 67.95
C TYR B 720 -73.68 -38.66 66.71
N TYR B 721 -74.68 -39.51 66.91
CA TYR B 721 -75.37 -40.11 65.77
C TYR B 721 -75.95 -39.05 64.85
N ILE B 722 -76.26 -37.87 65.39
CA ILE B 722 -76.76 -36.79 64.55
C ILE B 722 -75.64 -36.20 63.71
N THR B 723 -74.42 -36.14 64.25
CA THR B 723 -73.34 -35.51 63.52
C THR B 723 -72.79 -36.39 62.41
N PHE B 724 -72.44 -37.64 62.74
CA PHE B 724 -71.72 -38.50 61.80
C PHE B 724 -72.62 -39.32 60.90
N GLU B 725 -73.75 -39.80 61.41
CA GLU B 725 -74.62 -40.69 60.65
C GLU B 725 -75.67 -39.95 59.84
N VAL B 726 -75.94 -38.69 60.14
CA VAL B 726 -77.00 -37.93 59.50
C VAL B 726 -76.47 -36.72 58.77
N LEU B 727 -75.65 -35.91 59.44
CA LEU B 727 -75.15 -34.69 58.82
C LEU B 727 -73.89 -34.93 57.99
N GLU B 728 -72.84 -35.44 58.63
CA GLU B 728 -71.56 -35.56 57.94
C GLU B 728 -71.56 -36.64 56.87
N CYS B 729 -72.45 -37.62 56.96
CA CYS B 729 -72.48 -38.69 55.97
C CYS B 729 -73.45 -38.40 54.83
N SER B 730 -74.66 -37.95 55.14
CA SER B 730 -75.64 -37.68 54.10
C SER B 730 -75.34 -36.38 53.36
N TRP B 731 -74.54 -35.49 53.92
CA TRP B 731 -74.11 -34.32 53.18
C TRP B 731 -72.96 -34.64 52.24
N ASP B 732 -72.15 -35.65 52.56
CA ASP B 732 -71.03 -35.99 51.70
C ASP B 732 -71.52 -36.60 50.39
N GLU B 733 -72.62 -37.33 50.42
CA GLU B 733 -73.22 -37.84 49.19
C GLU B 733 -73.93 -36.76 48.40
N LEU B 734 -73.97 -35.52 48.90
CA LEU B 734 -74.52 -34.39 48.18
C LEU B 734 -73.44 -33.54 47.53
N TRP B 735 -72.41 -33.19 48.28
CA TRP B 735 -71.30 -32.43 47.69
C TRP B 735 -70.51 -33.27 46.70
N ASN B 736 -70.70 -34.59 46.69
CA ASN B 736 -70.07 -35.44 45.69
C ASN B 736 -70.88 -35.50 44.41
N LYS B 737 -72.20 -35.42 44.49
CA LYS B 737 -73.08 -35.41 43.33
C LYS B 737 -73.47 -34.01 42.90
N VAL B 738 -72.63 -33.02 43.22
CA VAL B 738 -72.82 -31.64 42.78
C VAL B 738 -71.61 -31.13 42.02
N GLN B 739 -70.42 -31.38 42.56
CA GLN B 739 -69.20 -31.03 41.84
C GLN B 739 -69.00 -31.84 40.56
N GLN B 740 -69.83 -32.85 40.32
CA GLN B 740 -69.79 -33.62 39.09
C GLN B 740 -71.08 -33.56 38.29
N ALA B 741 -72.16 -33.05 38.87
CA ALA B 741 -73.42 -32.93 38.16
C ALA B 741 -73.38 -31.71 37.24
N GLN B 742 -74.49 -31.47 36.55
CA GLN B 742 -74.62 -30.35 35.64
C GLN B 742 -76.10 -30.18 35.30
N ASP B 743 -76.38 -29.29 34.34
CA ASP B 743 -77.69 -29.02 33.75
C ASP B 743 -78.79 -28.75 34.78
N LEU B 744 -78.40 -28.46 36.03
CA LEU B 744 -79.32 -27.98 37.05
C LEU B 744 -80.48 -28.93 37.32
N ASP B 745 -80.53 -30.05 36.61
CA ASP B 745 -81.53 -31.07 36.88
C ASP B 745 -80.95 -32.31 37.52
N HIS B 746 -79.63 -32.43 37.54
CA HIS B 746 -78.94 -33.36 38.42
C HIS B 746 -78.60 -32.73 39.76
N ILE B 747 -78.77 -31.42 39.89
CA ILE B 747 -78.58 -30.74 41.17
C ILE B 747 -79.86 -30.78 41.99
N ILE B 748 -81.01 -30.51 41.37
CA ILE B 748 -82.28 -30.60 42.08
C ILE B 748 -82.51 -32.02 42.57
N ALA B 749 -82.30 -33.01 41.71
CA ALA B 749 -82.51 -34.39 42.10
C ALA B 749 -81.47 -34.89 43.08
N ALA B 750 -80.33 -34.20 43.20
CA ALA B 750 -79.36 -34.56 44.23
C ALA B 750 -79.63 -33.85 45.54
N HIS B 751 -80.22 -32.67 45.49
CA HIS B 751 -80.61 -31.96 46.70
C HIS B 751 -81.98 -32.40 47.21
N GLU B 752 -82.82 -32.98 46.36
CA GLU B 752 -84.13 -33.45 46.82
C GLU B 752 -84.01 -34.75 47.60
N VAL B 753 -83.12 -35.66 47.15
CA VAL B 753 -82.91 -36.89 47.90
C VAL B 753 -82.10 -36.63 49.16
N PHE B 754 -81.35 -35.53 49.21
CA PHE B 754 -80.64 -35.14 50.42
C PHE B 754 -81.58 -34.77 51.54
N LEU B 755 -82.82 -34.43 51.21
CA LEU B 755 -83.86 -34.18 52.21
C LEU B 755 -84.79 -35.36 52.41
N ASP B 756 -84.55 -36.47 51.73
CA ASP B 756 -85.33 -37.67 51.97
C ASP B 756 -84.57 -38.71 52.76
N THR B 757 -83.26 -38.55 52.92
CA THR B 757 -82.50 -39.40 53.82
C THR B 757 -82.42 -38.82 55.22
N ILE B 758 -82.21 -37.50 55.33
CA ILE B 758 -82.17 -36.87 56.64
C ILE B 758 -83.50 -37.03 57.35
N ILE B 759 -84.61 -36.88 56.63
CA ILE B 759 -85.91 -37.18 57.22
C ILE B 759 -86.01 -38.65 57.59
N SER B 760 -85.37 -39.53 56.82
CA SER B 760 -85.45 -40.96 57.10
C SER B 760 -84.45 -41.40 58.16
N ARG B 761 -83.23 -40.85 58.13
CA ARG B 761 -82.23 -41.26 59.11
C ARG B 761 -82.55 -40.68 60.48
N CYS B 762 -83.06 -39.46 60.53
CA CYS B 762 -83.77 -39.01 61.71
C CYS B 762 -85.13 -39.71 61.76
N LEU B 763 -85.77 -39.65 62.93
CA LEU B 763 -86.99 -40.41 63.13
C LEU B 763 -88.25 -39.66 62.74
N LEU B 764 -88.14 -38.67 61.84
CA LEU B 764 -89.26 -37.84 61.44
C LEU B 764 -90.04 -38.41 60.26
N ASP B 765 -89.96 -39.73 60.03
CA ASP B 765 -90.71 -40.32 58.93
C ASP B 765 -92.18 -40.45 59.29
N SER B 766 -92.92 -41.13 58.42
CA SER B 766 -94.34 -41.36 58.64
C SER B 766 -94.62 -42.71 59.28
N ASP B 767 -93.89 -43.75 58.89
CA ASP B 767 -94.07 -45.08 59.45
C ASP B 767 -93.21 -45.33 60.69
N SER B 768 -92.32 -44.41 61.03
CA SER B 768 -91.54 -44.50 62.26
C SER B 768 -92.17 -43.67 63.38
N ARG B 769 -93.48 -43.47 63.34
CA ARG B 769 -94.15 -42.62 64.32
C ARG B 769 -94.05 -43.20 65.72
N ALA B 770 -94.17 -44.53 65.85
CA ALA B 770 -94.08 -45.16 67.16
C ALA B 770 -92.71 -44.96 67.80
N LEU B 771 -91.70 -44.62 67.01
CA LEU B 771 -90.36 -44.45 67.57
C LEU B 771 -90.16 -43.05 68.14
N LEU B 772 -90.60 -42.02 67.42
CA LEU B 772 -90.35 -40.66 67.89
C LEU B 772 -91.14 -40.35 69.16
N ASN B 773 -92.42 -40.74 69.18
CA ASN B 773 -93.22 -40.54 70.39
C ASN B 773 -92.62 -41.30 71.57
N GLN B 774 -91.91 -42.39 71.31
CA GLN B 774 -91.20 -43.08 72.37
C GLN B 774 -89.99 -42.28 72.84
N LEU B 775 -89.32 -41.57 71.92
CA LEU B 775 -88.17 -40.77 72.31
C LEU B 775 -88.58 -39.55 73.11
N ARG B 776 -89.76 -38.99 72.84
CA ARG B 776 -90.20 -37.79 73.54
C ARG B 776 -90.31 -38.05 75.04
N ALA B 777 -90.78 -39.24 75.42
CA ALA B 777 -90.87 -39.57 76.84
C ALA B 777 -89.51 -39.49 77.52
N VAL B 778 -88.46 -39.97 76.84
CA VAL B 778 -87.12 -39.85 77.39
C VAL B 778 -86.70 -38.38 77.42
N PHE B 779 -87.12 -37.61 76.43
CA PHE B 779 -86.85 -36.17 76.45
C PHE B 779 -87.57 -35.50 77.60
N ASP B 780 -88.71 -36.05 78.03
CA ASP B 780 -89.44 -35.45 79.14
C ASP B 780 -88.80 -35.78 80.48
N GLN B 781 -88.30 -37.01 80.64
CA GLN B 781 -87.70 -37.39 81.91
C GLN B 781 -86.48 -36.56 82.26
N ILE B 782 -85.85 -35.94 81.26
CA ILE B 782 -84.74 -35.04 81.57
C ILE B 782 -85.24 -33.77 82.23
N ILE B 783 -86.42 -33.29 81.84
CA ILE B 783 -86.96 -32.09 82.45
C ILE B 783 -87.43 -32.37 83.87
N GLU B 784 -88.07 -33.51 84.08
CA GLU B 784 -88.57 -33.85 85.42
C GLU B 784 -87.42 -34.02 86.40
N LEU B 785 -86.24 -34.41 85.92
CA LEU B 785 -85.08 -34.46 86.80
C LEU B 785 -84.69 -33.05 87.25
N GLN B 786 -84.67 -32.09 86.33
CA GLN B 786 -84.30 -30.73 86.69
C GLN B 786 -85.26 -30.12 87.70
N ASN B 787 -86.54 -30.52 87.68
CA ASN B 787 -87.50 -30.04 88.66
C ASN B 787 -87.36 -30.76 89.99
N ALA B 788 -87.08 -32.06 89.97
CA ALA B 788 -86.88 -32.82 91.19
C ALA B 788 -85.46 -32.73 91.72
N GLN B 789 -84.63 -31.85 91.16
CA GLN B 789 -83.26 -31.70 91.62
C GLN B 789 -83.08 -30.41 92.41
N ASP B 790 -83.48 -29.28 91.83
CA ASP B 790 -83.34 -28.00 92.53
C ASP B 790 -84.17 -27.98 93.81
N ALA B 791 -85.28 -28.73 93.83
CA ALA B 791 -86.03 -28.87 95.08
C ALA B 791 -85.19 -29.55 96.14
N ILE B 792 -84.48 -30.62 95.78
CA ILE B 792 -83.59 -31.28 96.73
C ILE B 792 -82.32 -30.48 96.91
N TYR B 793 -81.96 -29.66 95.91
CA TYR B 793 -80.78 -28.81 96.05
C TYR B 793 -81.05 -27.65 96.99
N ARG B 794 -82.16 -26.93 96.77
CA ARG B 794 -82.44 -25.74 97.56
C ARG B 794 -82.80 -26.09 99.00
N ALA B 795 -83.54 -27.19 99.19
CA ALA B 795 -83.92 -27.59 100.54
C ALA B 795 -82.70 -27.90 101.41
N ALA B 796 -81.57 -28.24 100.80
CA ALA B 796 -80.34 -28.45 101.55
C ALA B 796 -79.55 -27.18 101.78
N LEU B 797 -79.74 -26.16 100.93
CA LEU B 797 -79.07 -24.88 101.14
C LEU B 797 -79.77 -24.03 102.19
N GLU B 798 -81.09 -24.13 102.29
CA GLU B 798 -81.80 -23.43 103.35
C GLU B 798 -81.38 -23.96 104.72
N GLU B 799 -81.46 -25.27 104.90
CA GLU B 799 -81.05 -25.88 106.16
C GLU B 799 -79.59 -25.61 106.47
N LEU B 800 -78.77 -25.46 105.43
CA LEU B 800 -77.37 -25.12 105.67
C LEU B 800 -77.23 -23.65 106.08
N GLN B 801 -78.01 -22.78 105.45
CA GLN B 801 -77.91 -21.36 105.78
C GLN B 801 -78.39 -21.07 107.19
N ARG B 802 -79.50 -21.70 107.60
CA ARG B 802 -79.98 -21.55 108.97
C ARG B 802 -78.96 -22.09 109.96
N ARG B 803 -78.36 -23.24 109.65
CA ARG B 803 -77.33 -23.81 110.51
C ARG B 803 -76.10 -22.91 110.60
N LEU B 804 -75.87 -22.07 109.59
CA LEU B 804 -74.77 -21.11 109.68
C LEU B 804 -75.11 -19.98 110.63
N GLN B 805 -76.26 -19.34 110.46
CA GLN B 805 -76.66 -18.24 111.31
C GLN B 805 -77.01 -18.68 112.73
N PHE B 806 -77.42 -19.94 112.91
CA PHE B 806 -77.78 -20.42 114.24
C PHE B 806 -76.57 -20.58 115.16
N GLU B 807 -75.35 -20.42 114.64
CA GLU B 807 -74.15 -20.57 115.44
C GLU B 807 -73.17 -19.41 115.32
N GLU B 808 -73.27 -18.57 114.28
CA GLU B 808 -72.33 -17.47 114.13
C GLU B 808 -72.70 -16.28 115.02
N LYS B 809 -73.99 -16.06 115.26
CA LYS B 809 -74.39 -14.94 116.11
C LYS B 809 -74.26 -15.26 117.58
N LYS B 810 -74.35 -16.53 117.95
CA LYS B 810 -74.25 -16.93 119.35
C LYS B 810 -72.85 -17.33 119.76
N LYS B 811 -71.96 -17.58 118.80
CA LYS B 811 -70.58 -17.97 119.10
C LYS B 811 -69.59 -17.19 118.26
N GLU B 825 -83.28 -22.87 123.57
CA GLU B 825 -82.62 -22.50 122.32
C GLU B 825 -81.94 -23.71 121.68
N GLU B 826 -81.09 -24.39 122.45
CA GLU B 826 -80.38 -25.56 121.93
C GLU B 826 -81.29 -26.76 121.75
N GLU B 827 -82.42 -26.80 122.47
CA GLU B 827 -83.33 -27.93 122.39
C GLU B 827 -84.43 -27.74 121.35
N GLU B 828 -84.83 -26.49 121.09
CA GLU B 828 -85.89 -26.22 120.12
C GLU B 828 -85.43 -26.40 118.68
N GLU B 829 -84.13 -26.49 118.43
CA GLU B 829 -83.61 -26.69 117.09
C GLU B 829 -83.27 -28.13 116.80
N ASN B 830 -82.89 -28.91 117.82
CA ASN B 830 -82.61 -30.32 117.59
C ASN B 830 -83.83 -31.06 117.06
N LYS B 831 -85.03 -30.60 117.41
CA LYS B 831 -86.23 -31.17 116.79
C LYS B 831 -86.37 -30.69 115.34
N ARG B 832 -85.88 -29.49 115.03
CA ARG B 832 -85.87 -29.04 113.64
C ARG B 832 -84.77 -29.72 112.85
N ILE B 833 -83.59 -29.88 113.46
CA ILE B 833 -82.53 -30.66 112.81
C ILE B 833 -82.90 -32.14 112.78
N GLY B 834 -83.55 -32.62 113.84
CA GLY B 834 -83.94 -34.02 113.87
C GLY B 834 -84.99 -34.37 112.84
N GLU B 835 -85.98 -33.49 112.65
CA GLU B 835 -86.98 -33.74 111.62
C GLU B 835 -86.41 -33.60 110.22
N PHE B 836 -85.39 -32.74 110.06
CA PHE B 836 -84.78 -32.57 108.74
C PHE B 836 -84.11 -33.84 108.29
N LYS B 837 -83.52 -34.60 109.22
CA LYS B 837 -82.98 -35.90 108.87
C LYS B 837 -84.08 -36.89 108.52
N GLU B 838 -85.28 -36.70 109.07
CA GLU B 838 -86.38 -37.63 108.80
C GLU B 838 -87.03 -37.39 107.45
N SER B 839 -86.91 -36.19 106.89
CA SER B 839 -87.43 -35.93 105.55
C SER B 839 -86.52 -36.46 104.46
N ILE B 840 -85.29 -36.86 104.79
CA ILE B 840 -84.36 -37.36 103.77
C ILE B 840 -84.86 -38.65 103.13
N PRO B 841 -85.25 -39.69 103.88
CA PRO B 841 -85.73 -40.91 103.22
C PRO B 841 -86.96 -40.69 102.36
N LYS B 842 -87.68 -39.60 102.56
CA LYS B 842 -88.79 -39.28 101.66
C LYS B 842 -88.27 -38.90 100.28
N MET B 843 -87.25 -38.04 100.24
CA MET B 843 -86.67 -37.65 98.95
C MET B 843 -85.96 -38.81 98.28
N CYS B 844 -85.38 -39.72 99.07
CA CYS B 844 -84.73 -40.88 98.49
C CYS B 844 -85.70 -41.75 97.73
N SER B 845 -86.95 -41.87 98.21
CA SER B 845 -87.95 -42.64 97.49
C SER B 845 -88.39 -41.96 96.20
N GLN B 846 -88.05 -40.68 96.01
CA GLN B 846 -88.30 -40.03 94.73
C GLN B 846 -87.28 -40.46 93.69
N LEU B 847 -85.99 -40.23 93.98
CA LEU B 847 -84.94 -40.61 93.05
C LEU B 847 -84.81 -42.11 92.89
N ARG B 848 -85.37 -42.90 93.81
CA ARG B 848 -85.38 -44.33 93.63
C ARG B 848 -86.52 -44.78 92.71
N ILE B 849 -87.60 -44.00 92.65
CA ILE B 849 -88.69 -44.33 91.74
C ILE B 849 -88.60 -43.58 90.42
N LEU B 850 -87.88 -42.45 90.38
CA LEU B 850 -87.67 -41.77 89.11
C LEU B 850 -86.66 -42.53 88.26
N THR B 851 -85.61 -43.06 88.88
CA THR B 851 -84.62 -43.83 88.14
C THR B 851 -85.22 -45.13 87.63
N HIS B 852 -85.91 -45.87 88.49
CA HIS B 852 -86.47 -47.15 88.09
C HIS B 852 -87.49 -47.03 86.97
N PHE B 853 -88.01 -45.82 86.73
CA PHE B 853 -88.89 -45.58 85.59
C PHE B 853 -88.15 -45.04 84.38
N TYR B 854 -87.04 -44.34 84.59
CA TYR B 854 -86.23 -43.89 83.46
C TYR B 854 -85.61 -45.08 82.73
N GLN B 855 -85.12 -46.07 83.47
CA GLN B 855 -84.56 -47.26 82.83
C GLN B 855 -85.65 -48.09 82.17
N GLY B 856 -86.89 -47.99 82.64
CA GLY B 856 -87.98 -48.72 82.01
C GLY B 856 -88.42 -48.15 80.69
N ILE B 857 -88.05 -46.90 80.40
CA ILE B 857 -88.42 -46.28 79.14
C ILE B 857 -87.27 -46.29 78.13
N VAL B 858 -86.03 -46.53 78.58
CA VAL B 858 -84.91 -46.68 77.67
C VAL B 858 -84.77 -48.11 77.20
N GLN B 859 -84.83 -49.07 78.13
CA GLN B 859 -84.81 -50.47 77.75
C GLN B 859 -86.00 -50.83 76.86
N GLN B 860 -87.07 -50.06 76.92
CA GLN B 860 -88.15 -50.20 75.95
C GLN B 860 -87.83 -49.48 74.66
N PHE B 861 -87.07 -48.38 74.73
CA PHE B 861 -86.70 -47.64 73.53
C PHE B 861 -85.86 -48.50 72.59
N LEU B 862 -84.89 -49.23 73.14
CA LEU B 862 -84.01 -50.04 72.29
C LEU B 862 -84.78 -51.12 71.56
N VAL B 863 -85.76 -51.74 72.23
CA VAL B 863 -86.53 -52.80 71.60
C VAL B 863 -87.25 -52.31 70.36
N LEU B 864 -87.60 -51.02 70.32
CA LEU B 864 -88.30 -50.48 69.17
C LEU B 864 -87.38 -50.24 67.98
N LEU B 865 -86.06 -50.15 68.20
CA LEU B 865 -85.15 -49.94 67.08
C LEU B 865 -85.03 -51.17 66.20
N THR B 866 -85.14 -52.37 66.78
CA THR B 866 -85.09 -53.60 65.99
C THR B 866 -86.42 -53.72 65.26
N THR B 867 -86.53 -52.94 64.17
CA THR B 867 -87.77 -52.86 63.41
C THR B 867 -88.11 -54.21 62.79
N ASP B 870 -84.25 -47.71 57.73
CA ASP B 870 -84.59 -48.93 58.45
C ASP B 870 -83.34 -49.77 58.71
N GLU B 871 -82.21 -49.30 58.20
CA GLU B 871 -80.93 -49.97 58.42
C GLU B 871 -79.91 -49.09 59.10
N SER B 872 -79.85 -47.80 58.75
CA SER B 872 -78.90 -46.90 59.40
C SER B 872 -79.16 -46.75 60.88
N LEU B 873 -80.37 -47.09 61.34
CA LEU B 873 -80.67 -47.06 62.77
C LEU B 873 -79.85 -48.08 63.54
N ARG B 874 -79.43 -49.17 62.88
CA ARG B 874 -78.61 -50.17 63.56
C ARG B 874 -77.32 -49.57 64.09
N PHE B 875 -76.79 -48.55 63.43
CA PHE B 875 -75.64 -47.86 63.95
C PHE B 875 -75.95 -47.07 65.21
N LEU B 876 -77.23 -46.82 65.51
CA LEU B 876 -77.58 -46.12 66.73
C LEU B 876 -77.67 -47.09 67.91
N SER B 877 -78.21 -48.29 67.67
CA SER B 877 -78.33 -49.27 68.75
C SER B 877 -76.97 -49.64 69.31
N PHE B 878 -75.92 -49.56 68.50
CA PHE B 878 -74.58 -49.81 69.00
C PHE B 878 -74.06 -48.64 69.83
N ARG B 879 -74.39 -47.42 69.44
CA ARG B 879 -73.93 -46.25 70.19
C ARG B 879 -74.46 -46.26 71.61
N LEU B 880 -75.76 -46.56 71.77
CA LEU B 880 -76.38 -46.53 73.08
C LEU B 880 -75.98 -47.72 73.93
N ASP B 881 -75.95 -48.91 73.32
CA ASP B 881 -75.72 -50.16 74.02
C ASP B 881 -74.25 -50.56 74.03
N PHE B 882 -73.35 -49.58 73.94
CA PHE B 882 -71.92 -49.88 74.00
C PHE B 882 -71.60 -50.48 75.35
N ASN B 883 -70.63 -51.40 75.38
CA ASN B 883 -70.23 -52.21 76.52
C ASN B 883 -71.37 -53.04 77.09
N GLU B 884 -72.51 -53.07 76.40
CA GLU B 884 -73.66 -53.90 76.78
C GLU B 884 -74.07 -53.70 78.24
N HIS B 885 -74.19 -52.43 78.65
CA HIS B 885 -74.69 -52.17 80.00
C HIS B 885 -76.16 -52.52 80.10
N TYR B 886 -76.93 -52.30 79.04
CA TYR B 886 -78.28 -52.82 78.96
C TYR B 886 -78.20 -54.21 78.33
N LYS B 887 -79.37 -54.77 77.99
CA LYS B 887 -79.46 -56.14 77.48
C LYS B 887 -78.82 -57.13 78.43
N ALA B 888 -78.84 -56.82 79.73
CA ALA B 888 -78.26 -57.65 80.77
C ALA B 888 -76.80 -57.99 80.48
N LEU C 232 -119.90 -19.61 -34.95
CA LEU C 232 -120.75 -20.80 -34.89
C LEU C 232 -119.94 -22.06 -34.63
N PRO C 233 -119.46 -22.23 -33.40
CA PRO C 233 -118.62 -23.40 -33.10
C PRO C 233 -119.39 -24.71 -33.05
N GLY C 234 -120.72 -24.65 -33.06
CA GLY C 234 -121.49 -25.89 -33.07
C GLY C 234 -121.40 -26.63 -34.40
N THR C 235 -121.48 -25.90 -35.51
CA THR C 235 -121.39 -26.47 -36.84
C THR C 235 -119.95 -26.57 -37.33
N LEU C 236 -118.98 -26.61 -36.42
CA LEU C 236 -117.57 -26.58 -36.73
C LEU C 236 -116.90 -27.85 -36.22
N PRO C 237 -115.88 -28.36 -36.90
CA PRO C 237 -115.25 -29.62 -36.49
C PRO C 237 -114.67 -29.56 -35.08
N LEU C 238 -114.33 -30.73 -34.56
CA LEU C 238 -113.90 -30.87 -33.17
C LEU C 238 -112.44 -30.49 -32.99
N ALA C 239 -111.54 -31.18 -33.69
CA ALA C 239 -110.11 -30.98 -33.48
C ALA C 239 -109.64 -29.60 -33.89
N SER C 240 -110.43 -28.87 -34.68
CA SER C 240 -110.03 -27.55 -35.14
C SER C 240 -110.58 -26.42 -34.28
N GLN C 241 -111.81 -26.56 -33.76
CA GLN C 241 -112.38 -25.51 -32.93
C GLN C 241 -111.58 -25.32 -31.64
N GLU C 242 -110.86 -26.34 -31.19
CA GLU C 242 -109.98 -26.18 -30.04
C GLU C 242 -108.89 -25.15 -30.32
N SER C 243 -108.40 -25.09 -31.56
CA SER C 243 -107.41 -24.09 -31.90
C SER C 243 -108.02 -22.69 -31.99
N ALA C 244 -109.34 -22.58 -32.07
CA ALA C 244 -109.98 -21.28 -32.03
C ALA C 244 -110.18 -20.79 -30.61
N VAL C 245 -110.44 -21.70 -29.67
CA VAL C 245 -110.59 -21.29 -28.28
C VAL C 245 -109.24 -20.89 -27.70
N VAL C 246 -108.17 -21.59 -28.09
CA VAL C 246 -106.87 -21.28 -27.51
C VAL C 246 -106.37 -19.93 -27.96
N GLU C 247 -106.91 -19.43 -29.07
CA GLU C 247 -106.54 -18.08 -29.58
C GLU C 247 -107.29 -17.05 -28.72
N ASP C 248 -108.62 -17.21 -28.65
CA ASP C 248 -109.52 -16.33 -27.85
C ASP C 248 -109.16 -16.46 -26.36
N LEU C 249 -108.83 -17.69 -25.93
CA LEU C 249 -108.47 -17.98 -24.52
C LEU C 249 -107.24 -17.15 -24.11
N LEU C 250 -106.27 -17.03 -25.02
CA LEU C 250 -105.04 -16.22 -24.75
C LEU C 250 -105.43 -14.77 -24.50
N TYR C 251 -106.39 -14.25 -25.27
CA TYR C 251 -106.91 -12.86 -25.12
C TYR C 251 -107.56 -12.71 -23.74
N VAL C 252 -108.27 -13.75 -23.27
CA VAL C 252 -108.96 -13.75 -21.95
C VAL C 252 -107.94 -13.56 -20.83
N LEU C 253 -106.75 -14.15 -20.96
CA LEU C 253 -105.66 -14.00 -19.94
C LEU C 253 -105.26 -12.53 -19.87
N VAL C 254 -105.19 -11.86 -21.03
CA VAL C 254 -104.86 -10.41 -21.15
C VAL C 254 -105.95 -9.56 -20.47
N GLY C 255 -107.20 -10.02 -20.54
CA GLY C 255 -108.35 -9.30 -19.94
C GLY C 255 -109.15 -8.55 -21.00
N VAL C 256 -108.73 -8.64 -22.26
CA VAL C 256 -109.46 -7.99 -23.39
C VAL C 256 -110.62 -8.92 -23.77
N ASP C 257 -111.84 -8.38 -23.90
CA ASP C 257 -113.04 -9.18 -24.23
C ASP C 257 -112.74 -10.02 -25.48
N GLY C 258 -112.92 -11.35 -25.39
CA GLY C 258 -112.66 -12.23 -26.50
C GLY C 258 -113.86 -12.48 -27.39
N ARG C 259 -113.71 -13.38 -28.36
CA ARG C 259 -114.80 -13.67 -29.28
C ARG C 259 -115.83 -14.61 -28.66
N TYR C 260 -115.37 -15.72 -28.11
CA TYR C 260 -116.25 -16.69 -27.46
C TYR C 260 -116.22 -16.59 -25.94
N VAL C 261 -115.04 -16.61 -25.35
CA VAL C 261 -114.92 -16.50 -23.90
C VAL C 261 -115.07 -15.05 -23.50
N SER C 262 -116.30 -14.63 -23.21
CA SER C 262 -116.57 -13.24 -22.89
C SER C 262 -116.60 -13.03 -21.38
N ALA C 263 -116.65 -11.77 -20.99
CA ALA C 263 -116.73 -11.38 -19.58
C ALA C 263 -118.11 -10.84 -19.28
N GLN C 264 -118.48 -10.91 -18.00
CA GLN C 264 -119.77 -10.40 -17.54
C GLN C 264 -119.56 -9.26 -16.56
N PRO C 265 -120.49 -8.31 -16.48
CA PRO C 265 -120.31 -7.19 -15.56
C PRO C 265 -120.18 -7.66 -14.12
N LEU C 266 -119.36 -6.96 -13.37
CA LEU C 266 -119.02 -7.36 -12.01
C LEU C 266 -120.24 -7.25 -11.10
N SER C 271 -113.67 -11.75 -8.47
CA SER C 271 -115.10 -12.00 -8.40
C SER C 271 -115.73 -11.89 -9.77
N ARG C 272 -114.88 -11.68 -10.77
CA ARG C 272 -115.35 -11.62 -12.16
C ARG C 272 -115.84 -13.00 -12.60
N THR C 273 -117.05 -13.05 -13.15
CA THR C 273 -117.61 -14.30 -13.65
C THR C 273 -117.73 -14.25 -15.17
N PHE C 274 -117.30 -15.31 -15.82
CA PHE C 274 -117.25 -15.38 -17.27
C PHE C 274 -118.34 -16.30 -17.80
N LEU C 275 -118.56 -16.23 -19.12
CA LEU C 275 -119.39 -17.20 -19.81
C LEU C 275 -118.66 -17.62 -21.07
N VAL C 276 -118.79 -18.90 -21.44
CA VAL C 276 -118.01 -19.41 -22.56
C VAL C 276 -118.86 -19.55 -23.82
N ASP C 277 -119.88 -20.41 -23.79
CA ASP C 277 -120.85 -20.63 -24.86
C ASP C 277 -121.84 -21.71 -24.46
N PRO C 278 -123.06 -21.66 -24.98
CA PRO C 278 -124.02 -22.71 -24.68
C PRO C 278 -123.73 -24.01 -25.41
N ASN C 279 -123.34 -23.91 -26.67
CA ASN C 279 -123.13 -25.09 -27.53
C ASN C 279 -121.65 -25.25 -27.84
N LEU C 280 -120.95 -25.92 -26.93
CA LEU C 280 -119.55 -26.25 -27.09
C LEU C 280 -119.35 -27.66 -26.57
N ASP C 281 -118.23 -28.28 -26.93
CA ASP C 281 -118.00 -29.65 -26.52
C ASP C 281 -117.79 -29.75 -25.02
N LEU C 282 -118.38 -30.78 -24.41
CA LEU C 282 -118.30 -30.95 -22.96
C LEU C 282 -116.87 -31.13 -22.49
N SER C 283 -116.05 -31.81 -23.27
CA SER C 283 -114.67 -32.06 -22.89
C SER C 283 -113.77 -30.87 -23.20
N ILE C 284 -114.32 -29.71 -23.50
CA ILE C 284 -113.56 -28.48 -23.65
C ILE C 284 -113.91 -27.48 -22.56
N ARG C 285 -115.20 -27.19 -22.39
CA ARG C 285 -115.62 -26.20 -21.40
C ARG C 285 -115.16 -26.61 -20.00
N GLU C 286 -115.31 -27.88 -19.66
CA GLU C 286 -114.82 -28.34 -18.37
C GLU C 286 -113.32 -28.21 -18.26
N LEU C 287 -112.61 -28.07 -19.38
CA LEU C 287 -111.19 -27.78 -19.35
C LEU C 287 -110.90 -26.30 -19.42
N VAL C 288 -111.72 -25.54 -20.16
CA VAL C 288 -111.51 -24.08 -20.21
C VAL C 288 -111.73 -23.47 -18.84
N HIS C 289 -112.84 -23.83 -18.19
CA HIS C 289 -113.17 -23.29 -16.88
C HIS C 289 -112.11 -23.58 -15.83
N ARG C 290 -111.11 -24.40 -16.14
CA ARG C 290 -110.01 -24.60 -15.23
C ARG C 290 -108.91 -23.57 -15.38
N ILE C 291 -108.87 -22.87 -16.50
CA ILE C 291 -107.84 -21.87 -16.75
C ILE C 291 -108.28 -20.48 -16.31
N LEU C 292 -109.55 -20.15 -16.56
CA LEU C 292 -110.11 -18.84 -16.28
C LEU C 292 -109.87 -18.33 -14.86
N PRO C 293 -109.74 -19.17 -13.84
CA PRO C 293 -109.32 -18.66 -12.53
C PRO C 293 -107.96 -17.97 -12.53
N VAL C 294 -107.28 -17.88 -13.67
CA VAL C 294 -106.14 -16.98 -13.80
C VAL C 294 -106.54 -15.68 -14.48
N ALA C 295 -107.70 -15.63 -15.12
CA ALA C 295 -108.20 -14.36 -15.63
C ALA C 295 -108.89 -13.56 -14.53
N ALA C 296 -109.74 -14.24 -13.75
CA ALA C 296 -110.42 -13.56 -12.66
C ALA C 296 -109.44 -13.08 -11.59
N SER C 297 -108.40 -13.85 -11.33
CA SER C 297 -107.35 -13.41 -10.41
C SER C 297 -106.44 -12.36 -11.04
N TYR C 298 -106.73 -11.93 -12.25
CA TYR C 298 -106.04 -10.82 -12.88
C TYR C 298 -106.94 -9.61 -13.11
N SER C 299 -108.22 -9.83 -13.34
CA SER C 299 -109.17 -8.74 -13.35
C SER C 299 -109.49 -8.27 -11.97
N ALA C 300 -108.74 -8.70 -10.97
CA ALA C 300 -108.90 -8.22 -9.60
C ALA C 300 -107.59 -7.80 -8.98
N VAL C 301 -106.48 -7.88 -9.70
CA VAL C 301 -105.21 -7.32 -9.27
C VAL C 301 -104.88 -6.04 -10.02
N THR C 302 -105.25 -6.02 -11.31
CA THR C 302 -105.05 -4.81 -12.14
C THR C 302 -105.99 -3.72 -11.62
N ARG C 303 -107.10 -4.11 -10.98
CA ARG C 303 -108.01 -3.16 -10.39
C ARG C 303 -107.55 -2.70 -9.02
N PHE C 304 -106.52 -3.34 -8.47
CA PHE C 304 -105.89 -2.90 -7.25
C PHE C 304 -104.71 -1.99 -7.53
N ILE C 305 -104.10 -2.13 -8.71
CA ILE C 305 -103.01 -1.23 -9.09
C ILE C 305 -103.56 0.11 -9.54
N GLU C 306 -104.56 0.07 -10.42
CA GLU C 306 -105.18 1.30 -10.99
C GLU C 306 -106.02 2.04 -9.93
N GLU C 307 -106.00 1.57 -8.68
CA GLU C 307 -106.77 2.22 -7.61
C GLU C 307 -105.92 2.62 -6.42
N LYS C 308 -105.11 1.71 -5.89
CA LYS C 308 -104.36 1.97 -4.67
C LYS C 308 -103.13 2.81 -4.88
N SER C 309 -103.00 3.47 -6.02
CA SER C 309 -101.87 4.37 -6.26
C SER C 309 -102.23 5.82 -6.03
N SER C 310 -103.43 6.10 -5.52
CA SER C 310 -103.83 7.47 -5.25
C SER C 310 -103.05 8.01 -4.06
N PHE C 311 -103.21 9.31 -3.80
CA PHE C 311 -102.48 9.97 -2.75
C PHE C 311 -103.16 9.89 -1.39
N GLU C 312 -104.40 9.41 -1.33
CA GLU C 312 -105.14 9.34 -0.09
C GLU C 312 -104.83 8.10 0.73
N TYR C 313 -103.72 7.40 0.46
CA TYR C 313 -103.48 6.11 1.09
C TYR C 313 -102.11 5.96 1.75
N GLY C 314 -101.18 6.87 1.54
CA GLY C 314 -99.93 6.82 2.25
C GLY C 314 -98.80 6.37 1.35
N GLN C 315 -97.62 6.25 1.96
CA GLN C 315 -96.41 5.90 1.25
C GLN C 315 -96.11 4.41 1.28
N VAL C 316 -97.04 3.59 1.77
CA VAL C 316 -96.88 2.14 1.74
C VAL C 316 -97.86 1.48 0.80
N ASN C 317 -99.15 1.84 0.87
CA ASN C 317 -100.07 1.40 -0.16
C ASN C 317 -99.70 1.91 -1.55
N HIS C 318 -98.64 2.71 -1.68
CA HIS C 318 -98.09 3.05 -2.98
C HIS C 318 -97.05 2.02 -3.40
N ALA C 319 -96.01 1.83 -2.59
CA ALA C 319 -94.95 0.90 -2.94
C ALA C 319 -95.48 -0.52 -3.06
N LEU C 320 -96.45 -0.89 -2.23
CA LEU C 320 -97.10 -2.19 -2.41
C LEU C 320 -97.84 -2.28 -3.73
N ALA C 321 -98.25 -1.16 -4.31
CA ALA C 321 -98.90 -1.17 -5.60
C ALA C 321 -97.93 -0.97 -6.75
N ALA C 322 -96.69 -0.59 -6.49
CA ALA C 322 -95.70 -0.55 -7.55
C ALA C 322 -95.00 -1.89 -7.69
N ALA C 323 -94.49 -2.43 -6.58
CA ALA C 323 -93.87 -3.74 -6.61
C ALA C 323 -94.87 -4.84 -6.98
N MET C 324 -96.16 -4.55 -6.93
CA MET C 324 -97.19 -5.42 -7.47
C MET C 324 -97.53 -5.09 -8.90
N ARG C 325 -96.82 -4.15 -9.51
CA ARG C 325 -96.98 -3.82 -10.91
C ARG C 325 -95.85 -4.33 -11.78
N THR C 326 -94.66 -4.51 -11.21
CA THR C 326 -93.59 -5.19 -11.93
C THR C 326 -94.00 -6.62 -12.29
N LEU C 327 -94.77 -7.28 -11.43
CA LEU C 327 -95.19 -8.64 -11.73
C LEU C 327 -96.17 -8.69 -12.89
N VAL C 328 -97.14 -7.78 -12.93
CA VAL C 328 -98.12 -7.80 -14.01
C VAL C 328 -97.43 -7.61 -15.35
N LYS C 329 -96.30 -6.89 -15.37
CA LYS C 329 -95.52 -6.79 -16.60
C LYS C 329 -94.96 -8.16 -16.97
N GLU C 330 -94.39 -8.88 -16.01
CA GLU C 330 -93.86 -10.21 -16.28
C GLU C 330 -94.94 -11.21 -16.63
N HIS C 331 -96.21 -10.86 -16.44
CA HIS C 331 -97.30 -11.68 -16.95
C HIS C 331 -97.74 -11.24 -18.33
N LEU C 332 -97.52 -9.98 -18.68
CA LEU C 332 -97.79 -9.52 -20.04
C LEU C 332 -96.77 -10.03 -21.04
N ILE C 333 -95.66 -10.58 -20.56
CA ILE C 333 -94.68 -11.20 -21.45
C ILE C 333 -94.97 -12.69 -21.62
N LEU C 334 -95.32 -13.37 -20.53
CA LEU C 334 -95.66 -14.79 -20.62
C LEU C 334 -96.91 -15.02 -21.46
N VAL C 335 -97.69 -13.99 -21.73
CA VAL C 335 -98.74 -14.11 -22.73
C VAL C 335 -98.27 -13.62 -24.10
N SER C 336 -97.15 -12.89 -24.16
CA SER C 336 -96.59 -12.54 -25.46
C SER C 336 -95.85 -13.71 -26.08
N GLN C 337 -95.09 -14.45 -25.28
CA GLN C 337 -94.38 -15.61 -25.79
C GLN C 337 -95.33 -16.68 -26.32
N LEU C 338 -96.54 -16.72 -25.78
CA LEU C 338 -97.51 -17.70 -26.24
C LEU C 338 -98.23 -17.23 -27.50
N GLU C 339 -98.40 -15.91 -27.64
CA GLU C 339 -99.08 -15.36 -28.84
C GLU C 339 -98.17 -15.54 -30.07
N GLN C 340 -96.86 -15.69 -29.84
CA GLN C 340 -95.92 -15.93 -30.94
C GLN C 340 -95.71 -17.41 -31.18
N LEU C 341 -95.67 -18.21 -30.11
CA LEU C 341 -95.54 -19.66 -30.28
C LEU C 341 -96.81 -20.30 -30.78
N HIS C 342 -97.93 -19.58 -30.76
CA HIS C 342 -99.17 -20.13 -31.29
C HIS C 342 -99.30 -19.93 -32.79
N ARG C 343 -98.63 -18.93 -33.36
CA ARG C 343 -98.70 -18.71 -34.81
C ARG C 343 -98.25 -19.95 -35.56
N GLN C 344 -97.19 -20.58 -35.11
CA GLN C 344 -96.61 -21.76 -35.71
C GLN C 344 -97.44 -23.02 -35.48
N GLY C 345 -98.59 -22.91 -34.83
CA GLY C 345 -99.46 -24.06 -34.57
C GLY C 345 -99.02 -24.94 -33.42
N LEU C 346 -97.96 -24.60 -32.71
CA LEU C 346 -97.40 -25.48 -31.69
C LEU C 346 -98.09 -25.36 -30.34
N LEU C 347 -99.27 -24.76 -30.25
CA LEU C 347 -99.90 -24.49 -28.97
C LEU C 347 -101.30 -25.08 -28.95
N SER C 348 -101.39 -26.35 -28.56
CA SER C 348 -102.69 -26.98 -28.38
C SER C 348 -103.23 -26.63 -27.00
N LEU C 349 -104.56 -26.71 -26.86
CA LEU C 349 -105.20 -26.34 -25.60
C LEU C 349 -104.62 -27.12 -24.44
N GLN C 350 -104.38 -28.42 -24.64
CA GLN C 350 -103.77 -29.24 -23.61
C GLN C 350 -102.37 -28.74 -23.28
N LYS C 351 -101.70 -28.09 -24.24
CA LYS C 351 -100.37 -27.55 -23.97
C LYS C 351 -100.44 -26.26 -23.18
N LEU C 352 -101.55 -25.51 -23.30
CA LEU C 352 -101.69 -24.29 -22.53
C LEU C 352 -101.83 -24.58 -21.05
N TRP C 353 -102.65 -25.56 -20.70
CA TRP C 353 -102.93 -25.92 -19.31
C TRP C 353 -101.68 -26.33 -18.55
N PHE C 354 -100.54 -26.48 -19.22
CA PHE C 354 -99.29 -26.75 -18.54
C PHE C 354 -98.44 -25.52 -18.38
N TYR C 355 -98.39 -24.63 -19.38
CA TYR C 355 -97.46 -23.52 -19.34
C TYR C 355 -97.88 -22.47 -18.32
N ILE C 356 -99.18 -22.29 -18.12
CA ILE C 356 -99.68 -21.26 -17.20
C ILE C 356 -99.64 -21.69 -15.75
N GLN C 357 -99.23 -22.92 -15.46
CA GLN C 357 -99.25 -23.39 -14.07
C GLN C 357 -98.54 -22.46 -13.11
N PRO C 358 -97.36 -21.91 -13.40
CA PRO C 358 -96.79 -20.93 -12.47
C PRO C 358 -97.52 -19.60 -12.46
N ALA C 359 -98.03 -19.15 -13.60
CA ALA C 359 -98.76 -17.89 -13.62
C ALA C 359 -100.16 -18.02 -13.03
N MET C 360 -100.61 -19.22 -12.71
CA MET C 360 -101.86 -19.43 -12.01
C MET C 360 -101.67 -19.44 -10.51
N ARG C 361 -100.44 -19.68 -10.05
CA ARG C 361 -100.12 -19.68 -8.62
C ARG C 361 -99.62 -18.33 -8.13
N THR C 362 -98.90 -17.57 -8.97
CA THR C 362 -98.49 -16.24 -8.57
C THR C 362 -99.68 -15.29 -8.55
N MET C 363 -100.48 -15.28 -9.60
CA MET C 363 -101.67 -14.45 -9.60
C MET C 363 -102.72 -14.90 -8.61
N ASP C 364 -102.47 -15.96 -7.85
CA ASP C 364 -103.36 -16.35 -6.77
C ASP C 364 -102.84 -15.93 -5.40
N ILE C 365 -101.62 -15.40 -5.33
CA ILE C 365 -101.16 -14.74 -4.11
C ILE C 365 -101.49 -13.26 -4.15
N LEU C 366 -101.21 -12.60 -5.27
CA LEU C 366 -101.49 -11.18 -5.38
C LEU C 366 -102.99 -10.90 -5.35
N ALA C 367 -103.82 -11.87 -5.69
CA ALA C 367 -105.27 -11.69 -5.57
C ALA C 367 -105.79 -12.08 -4.20
N SER C 368 -104.90 -12.44 -3.27
CA SER C 368 -105.27 -12.66 -1.88
C SER C 368 -104.75 -11.59 -0.94
N LEU C 369 -103.66 -10.90 -1.30
CA LEU C 369 -103.26 -9.72 -0.55
C LEU C 369 -104.12 -8.53 -0.93
N ALA C 370 -104.46 -8.41 -2.21
CA ALA C 370 -105.34 -7.32 -2.66
C ALA C 370 -106.77 -7.47 -2.16
N THR C 371 -107.09 -8.55 -1.46
CA THR C 371 -108.38 -8.69 -0.81
C THR C 371 -108.29 -8.77 0.71
N SER C 372 -107.08 -8.93 1.25
CA SER C 372 -106.86 -8.85 2.68
C SER C 372 -106.26 -7.52 3.10
N VAL C 373 -106.11 -6.59 2.17
CA VAL C 373 -105.66 -5.24 2.47
C VAL C 373 -106.88 -4.33 2.42
N ASP C 374 -107.90 -4.74 1.66
CA ASP C 374 -109.15 -3.99 1.59
C ASP C 374 -110.22 -4.50 2.53
N LYS C 375 -110.08 -5.72 3.05
CA LYS C 375 -111.04 -6.22 4.03
C LYS C 375 -111.03 -5.34 5.28
N GLY C 376 -109.89 -5.30 5.97
CA GLY C 376 -109.67 -4.34 7.02
C GLY C 376 -108.80 -3.23 6.49
N GLU C 377 -109.32 -2.00 6.52
CA GLU C 377 -108.61 -0.87 5.92
C GLU C 377 -107.24 -0.71 6.54
N CYS C 378 -106.20 -0.98 5.76
CA CYS C 378 -104.82 -0.91 6.23
C CYS C 378 -104.07 0.16 5.47
N LEU C 379 -103.40 1.04 6.20
CA LEU C 379 -102.51 2.02 5.60
C LEU C 379 -101.45 2.36 6.63
N GLY C 380 -100.20 2.41 6.20
CA GLY C 380 -99.10 2.71 7.11
C GLY C 380 -98.48 1.45 7.69
N GLY C 381 -98.74 1.20 8.98
CA GLY C 381 -98.12 0.09 9.65
C GLY C 381 -98.92 -1.20 9.56
N SER C 382 -100.24 -1.11 9.68
CA SER C 382 -101.05 -2.32 9.66
C SER C 382 -101.04 -2.99 8.30
N THR C 383 -100.73 -2.24 7.23
CA THR C 383 -100.46 -2.83 5.93
C THR C 383 -99.01 -3.24 5.79
N LEU C 384 -98.27 -3.30 6.89
CA LEU C 384 -96.96 -3.92 6.94
C LEU C 384 -96.90 -5.02 7.97
N SER C 385 -97.84 -5.07 8.90
CA SER C 385 -98.01 -6.23 9.75
C SER C 385 -98.56 -7.41 8.95
N LEU C 386 -99.49 -7.12 8.03
CA LEU C 386 -100.10 -8.17 7.24
C LEU C 386 -99.08 -8.85 6.34
N LEU C 387 -98.16 -8.08 5.78
CA LEU C 387 -97.12 -8.62 4.90
C LEU C 387 -95.96 -9.22 5.67
N HIS C 388 -96.02 -9.28 6.99
CA HIS C 388 -95.08 -10.06 7.79
C HIS C 388 -95.71 -11.32 8.36
N ASP C 389 -97.03 -11.43 8.32
CA ASP C 389 -97.74 -12.65 8.71
C ASP C 389 -98.13 -13.50 7.52
N ARG C 390 -98.56 -12.88 6.42
CA ARG C 390 -98.76 -13.62 5.18
C ARG C 390 -97.47 -14.13 4.59
N SER C 391 -96.32 -13.74 5.15
CA SER C 391 -95.05 -14.28 4.73
C SER C 391 -94.51 -15.33 5.68
N PHE C 392 -95.08 -15.43 6.87
CA PHE C 392 -94.71 -16.49 7.80
C PHE C 392 -95.62 -17.70 7.68
N SER C 393 -96.86 -17.50 7.23
CA SER C 393 -97.76 -18.61 6.98
C SER C 393 -97.24 -19.51 5.86
N TYR C 394 -96.47 -18.95 4.93
CA TYR C 394 -95.83 -19.73 3.88
C TYR C 394 -94.39 -20.03 4.26
N THR C 395 -94.19 -20.70 5.39
CA THR C 395 -92.82 -20.96 5.84
C THR C 395 -92.22 -22.21 5.24
N GLY C 396 -92.95 -22.92 4.38
CA GLY C 396 -92.40 -24.12 3.79
C GLY C 396 -92.73 -24.29 2.32
N ASP C 397 -93.37 -23.28 1.74
CA ASP C 397 -93.74 -23.36 0.34
C ASP C 397 -92.56 -23.06 -0.57
N SER C 398 -91.83 -21.97 -0.28
CA SER C 398 -90.59 -21.60 -0.95
C SER C 398 -90.81 -21.19 -2.41
N GLN C 399 -92.05 -21.29 -2.90
CA GLN C 399 -92.43 -20.71 -4.16
C GLN C 399 -93.44 -19.59 -3.99
N ALA C 400 -94.08 -19.50 -2.83
CA ALA C 400 -94.92 -18.38 -2.47
C ALA C 400 -94.40 -17.68 -1.22
N GLN C 401 -93.18 -18.00 -0.79
CA GLN C 401 -92.48 -17.21 0.22
C GLN C 401 -91.37 -16.37 -0.36
N GLU C 402 -90.71 -16.82 -1.42
CA GLU C 402 -89.81 -15.95 -2.16
C GLU C 402 -90.57 -14.81 -2.84
N LEU C 403 -91.89 -14.90 -2.93
CA LEU C 403 -92.70 -13.82 -3.47
C LEU C 403 -93.11 -12.84 -2.37
N CYS C 404 -93.84 -13.32 -1.37
CA CYS C 404 -94.25 -12.45 -0.28
C CYS C 404 -93.09 -11.86 0.49
N LEU C 405 -91.88 -12.32 0.26
CA LEU C 405 -90.69 -11.67 0.77
C LEU C 405 -90.13 -10.65 -0.20
N TYR C 406 -90.62 -10.61 -1.44
CA TYR C 406 -90.29 -9.53 -2.36
C TYR C 406 -91.23 -8.36 -2.20
N LEU C 407 -92.47 -8.61 -1.79
CA LEU C 407 -93.40 -7.51 -1.57
C LEU C 407 -93.07 -6.77 -0.28
N THR C 408 -92.84 -7.50 0.82
CA THR C 408 -92.52 -6.86 2.08
C THR C 408 -91.21 -6.09 1.99
N LYS C 409 -90.21 -6.67 1.34
CA LYS C 409 -88.93 -5.99 1.18
C LYS C 409 -89.03 -4.75 0.32
N ALA C 410 -90.13 -4.57 -0.40
CA ALA C 410 -90.34 -3.40 -1.24
C ALA C 410 -91.42 -2.46 -0.74
N ALA C 411 -92.39 -2.97 0.03
CA ALA C 411 -93.43 -2.15 0.61
C ALA C 411 -93.06 -1.66 2.00
N SER C 412 -91.78 -1.64 2.33
CA SER C 412 -91.34 -1.16 3.63
C SER C 412 -90.16 -0.22 3.53
N ALA C 413 -89.64 0.03 2.34
CA ALA C 413 -88.61 1.06 2.20
C ALA C 413 -89.13 2.45 2.52
N PRO C 414 -90.31 2.87 2.05
CA PRO C 414 -90.76 4.22 2.41
C PRO C 414 -91.02 4.37 3.90
N TYR C 415 -91.52 3.33 4.55
CA TYR C 415 -91.69 3.38 6.00
C TYR C 415 -90.34 3.43 6.70
N PHE C 416 -89.33 2.78 6.14
CA PHE C 416 -88.02 2.76 6.76
C PHE C 416 -87.17 3.96 6.39
N GLU C 417 -87.63 4.84 5.50
CA GLU C 417 -86.88 6.04 5.20
C GLU C 417 -87.27 7.21 6.07
N VAL C 418 -88.42 7.14 6.74
CA VAL C 418 -88.74 8.10 7.79
C VAL C 418 -88.19 7.64 9.13
N LEU C 419 -88.08 6.33 9.34
CA LEU C 419 -87.47 5.82 10.57
C LEU C 419 -86.01 6.21 10.66
N GLU C 420 -85.37 6.35 9.49
CA GLU C 420 -83.95 6.76 9.42
C GLU C 420 -83.86 8.24 9.83
N LYS C 421 -84.98 8.98 9.74
CA LYS C 421 -85.01 10.38 10.10
C LYS C 421 -85.43 10.61 11.54
N TRP C 422 -86.04 9.60 12.14
CA TRP C 422 -86.51 9.66 13.56
C TRP C 422 -85.56 8.86 14.45
N ILE C 423 -84.37 8.52 13.92
CA ILE C 423 -83.36 7.74 14.70
C ILE C 423 -82.06 8.54 14.79
N TYR C 424 -81.54 9.01 13.66
CA TYR C 424 -80.27 9.79 13.63
C TYR C 424 -80.59 11.27 13.80
N ARG C 425 -81.88 11.63 13.78
CA ARG C 425 -82.33 13.03 13.94
C ARG C 425 -83.69 13.05 14.63
N GLY C 426 -84.23 14.25 14.88
CA GLY C 426 -85.51 14.38 15.55
C GLY C 426 -86.69 14.69 14.65
N ILE C 427 -86.44 14.95 13.38
CA ILE C 427 -87.48 15.42 12.48
C ILE C 427 -88.35 14.26 12.01
N ILE C 428 -89.66 14.46 12.04
CA ILE C 428 -90.65 13.48 11.61
C ILE C 428 -91.45 14.11 10.49
N HIS C 429 -91.26 13.63 9.26
CA HIS C 429 -91.97 14.23 8.14
C HIS C 429 -93.39 13.70 8.03
N ASP C 430 -93.53 12.41 7.69
CA ASP C 430 -94.79 11.65 7.68
C ASP C 430 -96.00 12.49 7.27
N PRO C 431 -96.05 12.97 6.02
CA PRO C 431 -97.18 13.85 5.63
C PRO C 431 -98.53 13.24 5.91
N TYR C 432 -98.77 12.01 5.45
CA TYR C 432 -99.97 11.30 5.81
C TYR C 432 -99.78 10.68 7.19
N SER C 433 -100.85 10.65 7.98
CA SER C 433 -100.73 10.18 9.35
C SER C 433 -100.59 8.66 9.39
N GLU C 434 -99.37 8.16 9.22
CA GLU C 434 -99.13 6.72 9.18
C GLU C 434 -97.98 6.24 10.04
N PHE C 435 -97.03 7.08 10.40
CA PHE C 435 -95.90 6.63 11.19
C PHE C 435 -96.35 6.24 12.59
N MET C 436 -95.51 5.46 13.27
CA MET C 436 -95.87 4.98 14.59
C MET C 436 -95.86 6.08 15.63
N VAL C 437 -95.07 7.13 15.42
CA VAL C 437 -94.93 8.23 16.36
C VAL C 437 -95.45 9.51 15.71
N GLU C 438 -96.36 10.18 16.40
CA GLU C 438 -96.89 11.46 15.94
C GLU C 438 -96.61 12.53 16.98
N GLU C 439 -96.30 13.73 16.50
CA GLU C 439 -96.01 14.84 17.38
C GLU C 439 -97.30 15.59 17.73
N HIS C 440 -97.17 16.56 18.62
CA HIS C 440 -98.32 17.35 19.06
C HIS C 440 -97.87 18.80 19.22
N GLU C 441 -98.76 19.62 19.77
CA GLU C 441 -98.44 21.02 20.05
C GLU C 441 -98.96 21.43 21.42
N TYR C 455 -94.92 18.00 30.89
CA TYR C 455 -94.86 19.02 29.84
C TYR C 455 -94.36 18.43 28.53
N TRP C 456 -93.70 17.27 28.60
CA TRP C 456 -93.22 16.60 27.41
C TRP C 456 -93.73 15.17 27.29
N ASP C 457 -94.51 14.68 28.24
CA ASP C 457 -95.12 13.37 28.07
C ASP C 457 -96.31 13.38 27.13
N GLN C 458 -96.69 14.54 26.60
CA GLN C 458 -97.78 14.66 25.66
C GLN C 458 -97.33 15.12 24.28
N ARG C 459 -96.06 15.47 24.12
CA ARG C 459 -95.58 15.96 22.83
C ARG C 459 -95.58 14.85 21.79
N TYR C 460 -94.80 13.79 22.02
CA TYR C 460 -94.74 12.65 21.13
C TYR C 460 -95.37 11.44 21.80
N THR C 461 -96.34 10.83 21.13
CA THR C 461 -97.06 9.71 21.69
C THR C 461 -97.01 8.53 20.73
N ILE C 462 -96.77 7.34 21.27
CA ILE C 462 -96.80 6.13 20.46
C ILE C 462 -98.22 5.85 20.01
N VAL C 463 -98.40 5.68 18.71
CA VAL C 463 -99.70 5.27 18.17
C VAL C 463 -99.72 3.75 18.15
N GLN C 464 -100.84 3.16 18.62
CA GLN C 464 -100.88 1.73 18.82
C GLN C 464 -101.20 0.98 17.53
N GLN C 465 -102.05 1.54 16.68
CA GLN C 465 -102.45 0.84 15.46
C GLN C 465 -101.24 0.64 14.54
N GLN C 466 -100.51 1.71 14.25
CA GLN C 466 -99.45 1.68 13.25
C GLN C 466 -98.13 1.21 13.85
N ILE C 467 -98.12 -0.01 14.35
CA ILE C 467 -96.92 -0.70 14.80
C ILE C 467 -96.74 -1.92 13.91
N PRO C 468 -95.58 -2.10 13.27
CA PRO C 468 -95.45 -3.14 12.23
C PRO C 468 -95.50 -4.58 12.75
N SER C 469 -95.64 -4.79 14.06
CA SER C 469 -95.75 -6.12 14.66
C SER C 469 -94.50 -6.95 14.46
N PHE C 470 -93.45 -6.38 13.86
CA PHE C 470 -92.11 -6.94 13.97
C PHE C 470 -91.15 -5.97 14.62
N LEU C 471 -91.57 -4.73 14.86
CA LEU C 471 -90.90 -3.80 15.75
C LEU C 471 -91.57 -3.73 17.10
N GLN C 472 -92.52 -4.63 17.37
CA GLN C 472 -93.25 -4.60 18.63
C GLN C 472 -92.32 -4.77 19.82
N LYS C 473 -91.23 -5.52 19.65
CA LYS C 473 -90.29 -5.70 20.75
C LYS C 473 -89.61 -4.40 21.12
N MET C 474 -89.30 -3.57 20.13
CA MET C 474 -88.61 -2.30 20.35
C MET C 474 -89.51 -1.11 20.06
N ALA C 475 -90.81 -1.24 20.38
CA ALA C 475 -91.72 -0.13 20.19
C ALA C 475 -91.47 1.02 21.16
N ASP C 476 -90.64 0.80 22.18
CA ASP C 476 -90.33 1.81 23.17
C ASP C 476 -89.00 2.51 22.92
N LYS C 477 -87.96 1.76 22.56
CA LYS C 477 -86.67 2.38 22.31
C LYS C 477 -86.69 3.27 21.09
N ILE C 478 -87.65 3.08 20.18
CA ILE C 478 -87.76 3.98 19.04
C ILE C 478 -88.19 5.37 19.51
N LEU C 479 -89.31 5.42 20.26
CA LEU C 479 -89.79 6.71 20.76
C LEU C 479 -88.81 7.33 21.74
N SER C 480 -88.24 6.52 22.63
CA SER C 480 -87.28 7.02 23.60
C SER C 480 -85.98 7.49 22.96
N THR C 481 -85.78 7.22 21.67
CA THR C 481 -84.54 7.63 21.00
C THR C 481 -84.63 9.06 20.50
N GLY C 482 -85.63 9.35 19.66
CA GLY C 482 -85.74 10.68 19.09
C GLY C 482 -86.09 11.74 20.12
N LYS C 483 -86.89 11.38 21.12
CA LYS C 483 -87.25 12.34 22.14
C LYS C 483 -86.01 12.88 22.85
N TYR C 484 -85.00 12.05 23.04
CA TYR C 484 -83.74 12.55 23.58
C TYR C 484 -83.07 13.51 22.60
N LEU C 485 -83.24 13.28 21.30
CA LEU C 485 -82.61 14.13 20.31
C LEU C 485 -83.25 15.51 20.23
N ASN C 486 -84.48 15.66 20.71
CA ASN C 486 -85.14 16.95 20.57
C ASN C 486 -84.89 17.87 21.75
N VAL C 487 -84.65 17.34 22.94
CA VAL C 487 -84.41 18.17 24.11
C VAL C 487 -82.96 18.64 24.11
N VAL C 488 -82.21 18.25 23.09
CA VAL C 488 -80.86 18.73 22.89
C VAL C 488 -80.75 19.61 21.65
N ARG C 489 -81.51 19.29 20.60
CA ARG C 489 -81.43 20.06 19.37
C ARG C 489 -81.97 21.47 19.57
N GLU C 490 -83.11 21.61 20.25
CA GLU C 490 -83.70 22.92 20.45
C GLU C 490 -82.93 23.77 21.45
N CYS C 491 -82.02 23.19 22.23
CA CYS C 491 -81.22 23.94 23.18
C CYS C 491 -79.82 24.26 22.66
N GLY C 492 -79.14 23.29 22.04
CA GLY C 492 -77.82 23.52 21.50
C GLY C 492 -77.01 22.25 21.32
N GLU C 502 -78.35 3.81 7.76
CA GLU C 502 -79.04 3.00 6.72
C GLU C 502 -79.66 1.76 7.38
N ILE C 503 -80.93 1.49 7.09
CA ILE C 503 -81.64 0.31 7.68
C ILE C 503 -82.36 -0.44 6.57
N ILE C 504 -82.14 -1.76 6.46
CA ILE C 504 -82.76 -2.57 5.43
C ILE C 504 -83.54 -3.69 6.11
N TYR C 505 -84.51 -4.24 5.38
CA TYR C 505 -85.36 -5.31 5.91
C TYR C 505 -84.80 -6.67 5.50
N THR C 506 -84.69 -7.57 6.47
CA THR C 506 -84.33 -8.96 6.22
C THR C 506 -85.17 -9.86 7.10
N LEU C 507 -85.47 -11.05 6.60
CA LEU C 507 -86.17 -12.07 7.37
C LEU C 507 -85.18 -13.13 7.82
N LYS C 508 -85.34 -13.59 9.06
CA LYS C 508 -84.44 -14.53 9.73
C LYS C 508 -83.06 -13.92 9.99
N GLU C 509 -82.86 -12.64 9.69
CA GLU C 509 -81.67 -11.91 10.09
C GLU C 509 -82.11 -10.59 10.69
N ARG C 510 -81.52 -10.21 11.81
CA ARG C 510 -81.92 -9.03 12.55
C ARG C 510 -80.97 -7.86 12.33
N ALA C 511 -80.48 -7.70 11.10
CA ALA C 511 -79.54 -6.64 10.78
C ALA C 511 -80.12 -5.25 11.04
N TYR C 512 -81.40 -5.14 11.34
CA TYR C 512 -81.97 -3.85 11.75
C TYR C 512 -82.24 -3.76 13.24
N VAL C 513 -82.59 -4.87 13.89
CA VAL C 513 -82.83 -4.84 15.33
C VAL C 513 -81.58 -4.40 16.08
N GLU C 514 -80.43 -4.94 15.70
CA GLU C 514 -79.19 -4.48 16.30
C GLU C 514 -78.88 -3.04 15.90
N GLN C 515 -79.31 -2.65 14.69
CA GLN C 515 -79.03 -1.29 14.16
C GLN C 515 -79.69 -0.22 15.04
N ILE C 516 -80.89 -0.49 15.56
CA ILE C 516 -81.61 0.49 16.37
C ILE C 516 -80.90 0.71 17.70
N GLU C 517 -80.35 -0.37 18.29
CA GLU C 517 -79.67 -0.24 19.56
C GLU C 517 -78.36 0.54 19.43
N LYS C 518 -77.64 0.38 18.32
CA LYS C 518 -76.39 1.10 18.16
C LYS C 518 -76.60 2.60 18.02
N ALA C 519 -77.86 2.99 17.79
CA ALA C 519 -78.26 4.42 17.65
C ALA C 519 -78.80 4.90 18.99
N PHE C 520 -79.72 4.13 19.60
CA PHE C 520 -80.30 4.50 20.88
C PHE C 520 -79.23 4.62 21.95
N ASN C 521 -78.21 3.77 21.90
CA ASN C 521 -77.13 3.85 22.86
C ASN C 521 -76.27 5.09 22.67
N TYR C 522 -76.32 5.72 21.51
CA TYR C 522 -75.72 7.04 21.34
C TYR C 522 -76.73 8.16 21.54
N ALA C 523 -78.00 7.91 21.24
CA ALA C 523 -79.02 8.92 21.47
C ALA C 523 -79.09 9.34 22.92
N SER C 524 -78.82 8.41 23.83
CA SER C 524 -78.84 8.72 25.25
C SER C 524 -77.52 9.30 25.74
N LYS C 525 -76.39 8.78 25.26
CA LYS C 525 -75.09 9.23 25.75
C LYS C 525 -74.83 10.70 25.46
N VAL C 526 -75.49 11.27 24.45
CA VAL C 526 -75.31 12.69 24.19
C VAL C 526 -76.18 13.53 25.13
N LEU C 527 -77.36 13.05 25.50
CA LEU C 527 -78.23 13.83 26.37
C LEU C 527 -77.79 13.73 27.83
N LEU C 528 -77.49 12.51 28.29
CA LEU C 528 -77.06 12.35 29.67
C LEU C 528 -75.81 13.17 29.96
N ASP C 529 -74.83 13.13 29.06
CA ASP C 529 -73.63 13.93 29.23
C ASP C 529 -73.95 15.42 29.08
N PHE C 530 -74.99 15.75 28.33
CA PHE C 530 -75.36 17.15 28.18
C PHE C 530 -75.83 17.75 29.50
N LEU C 531 -76.33 16.92 30.41
CA LEU C 531 -76.86 17.40 31.67
C LEU C 531 -75.85 17.38 32.81
N MET C 532 -74.73 16.68 32.65
CA MET C 532 -73.78 16.57 33.75
C MET C 532 -72.65 17.59 33.65
N GLU C 533 -72.14 17.86 32.44
CA GLU C 533 -71.06 18.81 32.28
C GLU C 533 -71.59 20.23 32.05
N GLU C 534 -72.35 20.43 30.98
CA GLU C 534 -73.04 21.69 30.78
C GLU C 534 -74.34 21.69 31.54
N LYS C 535 -74.71 22.86 32.07
CA LYS C 535 -75.81 23.01 33.03
C LYS C 535 -75.86 21.82 33.97
N GLU C 536 -74.77 21.68 34.73
CA GLU C 536 -74.52 20.51 35.55
C GLU C 536 -75.69 20.22 36.48
N LEU C 537 -75.85 18.96 36.83
CA LEU C 537 -76.94 18.48 37.66
C LEU C 537 -76.50 18.09 39.05
N VAL C 538 -75.39 17.36 39.19
CA VAL C 538 -74.93 16.97 40.52
C VAL C 538 -74.48 18.18 41.32
N ALA C 539 -73.82 19.13 40.67
CA ALA C 539 -73.49 20.40 41.31
C ALA C 539 -74.67 21.33 41.39
N HIS C 540 -75.85 20.87 40.97
CA HIS C 540 -77.10 21.62 41.08
C HIS C 540 -78.03 21.08 42.14
N LEU C 541 -77.94 19.77 42.41
CA LEU C 541 -78.79 19.11 43.43
C LEU C 541 -78.26 19.47 44.82
N ARG C 542 -76.94 19.66 44.95
CA ARG C 542 -76.30 19.99 46.25
C ARG C 542 -76.85 21.33 46.76
N SER C 543 -77.04 22.29 45.86
CA SER C 543 -77.57 23.63 46.24
C SER C 543 -78.97 23.46 46.84
N ILE C 544 -79.79 22.60 46.23
CA ILE C 544 -81.18 22.32 46.72
C ILE C 544 -81.08 21.70 48.12
N LYS C 545 -80.11 20.79 48.31
CA LYS C 545 -79.90 20.08 49.60
C LYS C 545 -79.55 21.07 50.72
N ARG C 546 -78.80 22.13 50.39
CA ARG C 546 -78.37 23.10 51.44
C ARG C 546 -79.58 23.75 52.12
N TYR C 547 -80.60 24.14 51.34
CA TYR C 547 -81.78 24.82 51.95
C TYR C 547 -82.92 23.85 52.26
N PHE C 548 -83.28 22.99 51.30
CA PHE C 548 -84.43 22.05 51.50
C PHE C 548 -84.16 21.05 52.62
N LEU C 549 -82.95 20.48 52.68
CA LEU C 549 -82.61 19.49 53.74
C LEU C 549 -81.97 20.21 54.93
N MET C 550 -81.81 21.53 54.83
CA MET C 550 -81.21 22.38 55.90
C MET C 550 -79.81 21.87 56.27
N ASP C 551 -79.01 21.49 55.28
CA ASP C 551 -77.63 20.99 55.51
C ASP C 551 -76.78 22.13 56.06
N GLN C 552 -76.87 23.31 55.43
CA GLN C 552 -76.14 24.49 55.84
C GLN C 552 -76.71 24.98 57.16
N GLY C 553 -75.89 25.00 58.20
CA GLY C 553 -76.34 25.42 59.50
C GLY C 553 -76.23 26.92 59.72
N ASP C 554 -75.17 27.53 59.20
CA ASP C 554 -74.96 28.95 59.41
C ASP C 554 -76.05 29.81 58.80
N PHE C 555 -76.86 29.27 57.90
CA PHE C 555 -77.90 30.05 57.24
C PHE C 555 -79.20 30.07 58.04
N PHE C 556 -79.50 29.01 58.78
CA PHE C 556 -80.76 28.96 59.51
C PHE C 556 -80.63 29.60 60.89
N VAL C 557 -79.52 29.38 61.58
CA VAL C 557 -79.35 29.97 62.90
C VAL C 557 -79.31 31.49 62.80
N HIS C 558 -79.05 32.00 61.59
CA HIS C 558 -78.98 33.47 61.38
C HIS C 558 -80.28 33.99 60.76
N PHE C 559 -81.07 33.11 60.14
CA PHE C 559 -82.33 33.55 59.52
C PHE C 559 -83.46 33.58 60.54
N MET C 560 -83.63 32.49 61.30
CA MET C 560 -84.67 32.48 62.32
C MET C 560 -84.38 33.49 63.42
N ASP C 561 -83.11 33.80 63.64
CA ASP C 561 -82.77 34.81 64.64
C ASP C 561 -83.22 36.20 64.20
N LEU C 562 -83.30 36.43 62.89
CA LEU C 562 -83.72 37.73 62.38
C LEU C 562 -85.22 37.79 62.08
N ALA C 563 -85.78 36.71 61.56
CA ALA C 563 -87.17 36.70 61.11
C ALA C 563 -88.08 35.90 62.04
N GLU C 564 -87.86 36.00 63.35
CA GLU C 564 -88.73 35.32 64.31
C GLU C 564 -89.91 36.20 64.70
N GLU C 565 -89.63 37.45 65.09
CA GLU C 565 -90.69 38.37 65.47
C GLU C 565 -91.68 38.58 64.35
N GLU C 566 -91.21 38.47 63.11
CA GLU C 566 -92.06 38.68 61.94
C GLU C 566 -92.66 37.39 61.41
N LEU C 567 -92.49 36.28 62.12
CA LEU C 567 -93.17 35.03 61.79
C LEU C 567 -94.25 34.65 62.78
N ARG C 568 -94.15 35.07 64.04
CA ARG C 568 -95.18 34.77 65.02
C ARG C 568 -96.48 35.52 64.73
N LYS C 569 -96.42 36.57 63.92
CA LYS C 569 -97.63 37.26 63.50
C LYS C 569 -98.50 36.30 62.68
N PRO C 570 -99.82 36.48 62.71
CA PRO C 570 -100.70 35.54 62.01
C PRO C 570 -100.56 35.65 60.49
N VAL C 571 -101.17 34.68 59.82
CA VAL C 571 -101.19 34.68 58.35
C VAL C 571 -102.03 35.86 57.86
N GLU C 572 -101.88 36.16 56.56
CA GLU C 572 -102.48 37.34 55.91
C GLU C 572 -102.28 38.61 56.74
N ASP C 573 -101.11 38.70 57.38
CA ASP C 573 -100.72 39.89 58.12
C ASP C 573 -99.27 40.30 57.86
N ILE C 574 -98.47 39.45 57.22
CA ILE C 574 -97.06 39.71 56.98
C ILE C 574 -96.86 40.01 55.49
N THR C 575 -96.06 41.04 55.21
CA THR C 575 -95.80 41.45 53.85
C THR C 575 -94.61 40.68 53.30
N PRO C 576 -94.77 39.92 52.22
CA PRO C 576 -93.64 39.20 51.63
C PRO C 576 -92.48 40.12 51.27
N PRO C 577 -92.72 41.39 50.89
CA PRO C 577 -91.57 42.31 50.75
C PRO C 577 -90.76 42.49 52.02
N ARG C 578 -91.26 42.06 53.18
CA ARG C 578 -90.48 42.15 54.41
C ARG C 578 -89.68 40.88 54.68
N LEU C 579 -90.22 39.72 54.30
CA LEU C 579 -89.49 38.48 54.51
C LEU C 579 -88.33 38.34 53.54
N GLU C 580 -88.65 38.52 52.24
CA GLU C 580 -87.66 38.40 51.13
C GLU C 580 -86.38 39.19 51.46
N ALA C 581 -86.52 40.45 51.86
CA ALA C 581 -85.34 41.28 52.18
C ALA C 581 -84.57 40.65 53.34
N LEU C 582 -85.28 40.20 54.38
CA LEU C 582 -84.64 39.57 55.56
C LEU C 582 -83.94 38.27 55.13
N LEU C 583 -84.61 37.48 54.27
CA LEU C 583 -84.07 36.19 53.78
C LEU C 583 -82.79 36.44 52.97
N GLU C 584 -82.79 37.47 52.12
CA GLU C 584 -81.61 37.79 51.27
C GLU C 584 -80.41 38.13 52.17
N LEU C 585 -80.63 38.98 53.18
CA LEU C 585 -79.56 39.42 54.11
C LEU C 585 -79.00 38.21 54.86
N ALA C 586 -79.89 37.34 55.35
CA ALA C 586 -79.45 36.13 56.12
C ALA C 586 -78.60 35.23 55.22
N LEU C 587 -79.01 35.03 53.97
CA LEU C 587 -78.24 34.16 53.04
C LEU C 587 -76.85 34.77 52.80
N ARG C 588 -76.79 36.09 52.55
CA ARG C 588 -75.50 36.78 52.33
C ARG C 588 -74.66 36.73 53.60
N MET C 589 -75.29 36.98 54.76
CA MET C 589 -74.59 36.97 56.07
C MET C 589 -74.06 35.56 56.36
N SER C 590 -74.87 34.54 56.03
CA SER C 590 -74.47 33.12 56.27
C SER C 590 -73.33 32.72 55.33
N THR C 591 -72.47 31.81 55.78
CA THR C 591 -71.31 31.34 54.97
C THR C 591 -71.80 30.83 53.61
N ALA C 592 -73.12 30.87 53.38
CA ALA C 592 -73.67 30.41 52.12
C ALA C 592 -73.39 31.36 50.97
N ASN C 593 -72.55 32.37 51.20
CA ASN C 593 -72.25 33.35 50.17
C ASN C 593 -71.56 32.71 48.97
N THR C 594 -70.86 31.60 49.18
CA THR C 594 -70.16 30.91 48.10
C THR C 594 -71.08 29.87 47.47
N ASP C 595 -72.11 30.37 46.81
CA ASP C 595 -73.10 29.51 46.17
C ASP C 595 -73.59 30.17 44.88
N PRO C 596 -73.22 29.65 43.72
CA PRO C 596 -73.63 30.30 42.47
C PRO C 596 -75.12 30.31 42.24
N PHE C 597 -75.85 29.32 42.75
CA PHE C 597 -77.28 29.18 42.50
C PHE C 597 -78.13 29.70 43.65
N LYS C 598 -77.56 30.48 44.55
CA LYS C 598 -78.32 30.97 45.70
C LYS C 598 -79.45 31.89 45.30
N ASP C 599 -79.39 32.47 44.10
CA ASP C 599 -80.38 33.46 43.69
C ASP C 599 -81.68 32.84 43.19
N ASP C 600 -81.92 31.57 43.49
CA ASP C 600 -83.16 30.91 43.07
C ASP C 600 -84.04 30.51 44.25
N LEU C 601 -83.79 31.09 45.42
CA LEU C 601 -84.61 30.83 46.60
C LEU C 601 -85.73 31.85 46.68
N LYS C 602 -86.96 31.38 46.74
CA LYS C 602 -88.11 32.26 46.86
C LYS C 602 -88.97 31.81 48.03
N ILE C 603 -89.62 32.77 48.66
CA ILE C 603 -90.52 32.49 49.78
C ILE C 603 -91.88 32.06 49.24
N ASP C 604 -92.43 31.00 49.81
CA ASP C 604 -93.72 30.47 49.39
C ASP C 604 -94.51 30.09 50.62
N LEU C 605 -95.53 30.88 50.96
CA LEU C 605 -96.36 30.64 52.13
C LEU C 605 -97.50 29.70 51.73
N MET C 606 -97.44 28.47 52.21
CA MET C 606 -98.46 27.49 51.87
C MET C 606 -99.79 27.88 52.54
N PRO C 607 -100.92 27.60 51.89
CA PRO C 607 -102.20 27.90 52.55
C PRO C 607 -102.52 26.92 53.68
N HIS C 608 -102.29 25.63 53.47
CA HIS C 608 -102.58 24.62 54.47
C HIS C 608 -101.34 24.32 55.29
N ASP C 609 -101.56 23.88 56.53
CA ASP C 609 -100.47 23.45 57.38
C ASP C 609 -100.00 22.06 56.96
N LEU C 610 -99.10 21.48 57.75
CA LEU C 610 -98.65 20.11 57.52
C LEU C 610 -99.72 19.17 58.06
N ILE C 611 -100.76 18.99 57.27
CA ILE C 611 -101.92 18.19 57.68
C ILE C 611 -101.52 16.74 57.93
N SER C 639 -101.59 31.00 62.52
CA SER C 639 -100.64 30.44 61.57
C SER C 639 -99.32 31.21 61.61
N GLY C 640 -98.90 31.73 60.47
CA GLY C 640 -97.67 32.51 60.39
C GLY C 640 -96.39 31.71 60.35
N LEU C 641 -96.13 30.89 61.37
CA LEU C 641 -94.91 30.11 61.42
C LEU C 641 -95.05 28.76 60.71
N GLU C 642 -96.19 28.11 60.86
CA GLU C 642 -96.43 26.82 60.23
C GLU C 642 -96.82 26.95 58.76
N ALA C 643 -96.66 28.13 58.17
CA ALA C 643 -96.99 28.37 56.77
C ALA C 643 -95.84 29.06 56.06
N PHE C 644 -94.63 28.56 56.25
CA PHE C 644 -93.44 29.11 55.62
C PHE C 644 -92.61 27.99 55.03
N SER C 645 -92.21 28.14 53.78
CA SER C 645 -91.44 27.10 53.09
C SER C 645 -90.81 27.70 51.85
N PHE C 646 -89.57 27.31 51.59
CA PHE C 646 -88.85 27.81 50.43
C PHE C 646 -89.47 27.30 49.14
N ASP C 647 -89.23 28.02 48.05
CA ASP C 647 -89.60 27.61 46.71
C ASP C 647 -88.40 27.80 45.80
N TYR C 648 -88.23 26.88 44.86
CA TYR C 648 -87.07 26.87 43.97
C TYR C 648 -87.54 26.86 42.54
N ILE C 649 -87.05 27.83 41.75
CA ILE C 649 -87.39 27.93 40.34
C ILE C 649 -86.16 27.54 39.52
N VAL C 650 -86.37 26.69 38.53
CA VAL C 650 -85.29 26.18 37.69
C VAL C 650 -85.62 26.43 36.23
N LYS C 651 -84.60 26.35 35.39
CA LYS C 651 -84.72 26.67 33.98
C LYS C 651 -85.35 25.49 33.24
N TRP C 652 -85.32 25.52 31.89
CA TRP C 652 -86.00 24.49 31.13
C TRP C 652 -85.28 23.14 31.18
N PRO C 653 -84.03 23.01 30.73
CA PRO C 653 -83.48 21.66 30.51
C PRO C 653 -83.40 20.84 31.79
N LEU C 654 -83.14 21.47 32.93
CA LEU C 654 -83.14 20.77 34.20
C LEU C 654 -84.54 20.50 34.73
N SER C 655 -85.54 21.24 34.25
CA SER C 655 -86.90 21.04 34.71
C SER C 655 -87.45 19.67 34.34
N LEU C 656 -86.75 18.90 33.51
CA LEU C 656 -87.17 17.52 33.25
C LEU C 656 -86.92 16.65 34.46
N ILE C 657 -85.85 16.91 35.20
CA ILE C 657 -85.52 16.10 36.37
C ILE C 657 -86.26 16.59 37.60
N ILE C 658 -86.00 17.83 38.00
CA ILE C 658 -86.59 18.41 39.20
C ILE C 658 -87.74 19.32 38.77
N ASN C 659 -88.96 18.81 38.88
CA ASN C 659 -90.15 19.50 38.41
C ASN C 659 -91.13 19.68 39.56
N ARG C 660 -92.21 20.41 39.28
CA ARG C 660 -93.19 20.74 40.33
C ARG C 660 -93.78 19.48 40.95
N LYS C 661 -93.82 18.38 40.21
CA LYS C 661 -94.33 17.14 40.77
C LYS C 661 -93.36 16.56 41.80
N ALA C 662 -92.06 16.69 41.55
CA ALA C 662 -91.03 16.16 42.44
C ALA C 662 -90.24 17.25 43.14
N LEU C 663 -90.82 18.44 43.28
CA LEU C 663 -90.24 19.48 44.13
C LEU C 663 -91.09 19.75 45.36
N THR C 664 -92.40 19.64 45.26
CA THR C 664 -93.24 19.74 46.45
C THR C 664 -92.90 18.66 47.46
N ARG C 665 -92.37 17.52 47.01
CA ARG C 665 -91.88 16.52 47.95
C ARG C 665 -90.68 17.05 48.73
N TYR C 666 -89.78 17.75 48.06
CA TYR C 666 -88.73 18.46 48.79
C TYR C 666 -89.31 19.47 49.76
N GLN C 667 -90.50 19.99 49.44
CA GLN C 667 -91.15 20.99 50.28
C GLN C 667 -92.05 20.36 51.34
N MET C 668 -92.33 19.06 51.24
CA MET C 668 -93.07 18.37 52.28
C MET C 668 -92.18 17.89 53.40
N LEU C 669 -90.99 17.39 53.08
CA LEU C 669 -90.03 16.99 54.10
C LEU C 669 -89.16 18.15 54.55
N PHE C 670 -89.45 19.36 54.11
CA PHE C 670 -88.74 20.52 54.66
C PHE C 670 -89.45 21.06 55.89
N ARG C 671 -90.75 21.31 55.77
CA ARG C 671 -91.51 21.84 56.90
C ARG C 671 -91.46 20.89 58.09
N HIS C 672 -91.46 19.59 57.83
CA HIS C 672 -91.32 18.62 58.92
C HIS C 672 -89.98 18.75 59.63
N MET C 673 -88.98 19.34 58.97
CA MET C 673 -87.70 19.58 59.62
C MET C 673 -87.54 21.01 60.09
N PHE C 674 -88.33 21.94 59.58
CA PHE C 674 -88.33 23.29 60.11
C PHE C 674 -89.15 23.40 61.39
N TYR C 675 -90.09 22.48 61.59
CA TYR C 675 -90.83 22.44 62.84
C TYR C 675 -89.94 21.91 63.97
N CYS C 676 -89.31 20.75 63.75
CA CYS C 676 -88.45 20.16 64.75
C CYS C 676 -87.23 21.02 65.05
N LYS C 677 -86.81 21.86 64.10
CA LYS C 677 -85.71 22.76 64.36
C LYS C 677 -86.16 24.00 65.13
N HIS C 678 -87.46 24.33 65.06
CA HIS C 678 -87.94 25.52 65.73
C HIS C 678 -88.19 25.26 67.21
N VAL C 679 -88.77 24.11 67.55
CA VAL C 679 -89.13 23.83 68.93
C VAL C 679 -87.89 23.78 69.81
N GLU C 680 -86.92 22.93 69.45
CA GLU C 680 -85.73 22.82 70.27
C GLU C 680 -84.79 23.98 70.07
N ARG C 681 -85.21 24.96 69.28
CA ARG C 681 -84.49 26.23 69.25
C ARG C 681 -84.94 27.13 70.40
N GLN C 682 -86.24 27.12 70.70
CA GLN C 682 -86.74 27.89 71.83
C GLN C 682 -86.78 27.11 73.12
N LEU C 683 -86.97 25.78 73.05
CA LEU C 683 -86.84 24.96 74.24
C LEU C 683 -85.45 25.12 74.85
N CYS C 684 -84.43 25.19 74.01
CA CYS C 684 -83.09 25.49 74.48
C CYS C 684 -82.92 26.96 74.85
N SER C 685 -83.87 27.81 74.46
CA SER C 685 -83.77 29.22 74.83
C SER C 685 -84.23 29.47 76.25
N VAL C 686 -85.22 28.71 76.73
CA VAL C 686 -85.65 28.85 78.12
C VAL C 686 -84.58 28.29 79.06
N TRP C 687 -83.59 27.60 78.52
CA TRP C 687 -82.55 27.00 79.35
C TRP C 687 -81.76 28.05 80.12
N ILE C 688 -81.69 29.28 79.61
CA ILE C 688 -80.88 30.31 80.23
C ILE C 688 -81.74 31.20 81.12
N SER C 689 -83.02 31.35 80.75
CA SER C 689 -83.90 32.24 81.51
C SER C 689 -84.07 31.77 82.94
N ASN C 690 -84.26 30.47 83.14
CA ASN C 690 -84.44 29.97 84.50
C ASN C 690 -83.13 29.99 85.28
N LYS C 691 -82.02 29.68 84.61
CA LYS C 691 -80.71 29.66 85.26
C LYS C 691 -80.36 31.07 85.76
N THR C 692 -80.31 31.24 87.07
CA THR C 692 -80.06 32.55 87.67
C THR C 692 -78.63 33.02 87.38
N PHE C 704 -90.97 24.90 90.54
CA PHE C 704 -89.92 25.90 90.60
C PHE C 704 -88.55 25.28 90.40
N ALA C 705 -88.41 24.02 90.83
CA ALA C 705 -87.16 23.31 90.67
C ALA C 705 -87.35 21.84 90.28
N GLY C 706 -88.56 21.45 89.87
CA GLY C 706 -88.81 20.09 89.46
C GLY C 706 -89.09 19.96 87.97
N ALA C 707 -89.01 21.08 87.27
CA ALA C 707 -89.22 21.08 85.83
C ALA C 707 -87.94 20.81 85.05
N PHE C 708 -86.78 20.88 85.69
CA PHE C 708 -85.53 20.61 85.00
C PHE C 708 -85.45 19.15 84.57
N THR C 709 -86.00 18.25 85.37
CA THR C 709 -86.01 16.84 85.00
C THR C 709 -87.10 16.49 84.00
N LEU C 710 -88.00 17.43 83.70
CA LEU C 710 -88.96 17.23 82.61
C LEU C 710 -88.44 17.80 81.31
N ARG C 711 -87.75 18.94 81.36
CA ARG C 711 -87.12 19.48 80.16
C ARG C 711 -86.14 18.47 79.57
N GLN C 712 -85.46 17.71 80.43
CA GLN C 712 -84.61 16.62 80.01
C GLN C 712 -85.36 15.56 79.22
N ARG C 713 -86.66 15.40 79.47
CA ARG C 713 -87.43 14.37 78.80
C ARG C 713 -87.85 14.77 77.39
N MET C 714 -87.94 16.07 77.12
CA MET C 714 -88.30 16.53 75.77
C MET C 714 -87.08 16.89 74.95
N LEU C 715 -86.05 17.46 75.57
CA LEU C 715 -84.84 17.80 74.83
C LEU C 715 -84.13 16.55 74.35
N ASN C 716 -84.03 15.54 75.21
CA ASN C 716 -83.47 14.25 74.81
C ASN C 716 -84.39 13.46 73.90
N PHE C 717 -85.53 14.03 73.51
CA PHE C 717 -86.39 13.40 72.51
C PHE C 717 -86.24 14.05 71.14
N VAL C 718 -86.24 15.37 71.07
CA VAL C 718 -86.08 16.04 69.78
C VAL C 718 -84.63 15.95 69.31
N GLN C 719 -83.66 16.18 70.22
CA GLN C 719 -82.27 15.99 69.84
C GLN C 719 -81.87 14.53 69.76
N ASN C 720 -82.81 13.60 69.89
CA ASN C 720 -82.59 12.21 69.54
C ASN C 720 -83.40 11.80 68.32
N ILE C 721 -84.33 12.64 67.88
CA ILE C 721 -84.98 12.46 66.59
C ILE C 721 -84.20 13.17 65.50
N GLN C 722 -83.69 14.36 65.78
CA GLN C 722 -82.95 15.11 64.77
C GLN C 722 -81.68 14.36 64.35
N TYR C 723 -80.99 13.75 65.30
CA TYR C 723 -79.78 13.00 64.94
C TYR C 723 -80.11 11.83 64.04
N TYR C 724 -81.19 11.10 64.35
CA TYR C 724 -81.59 9.99 63.48
C TYR C 724 -82.14 10.49 62.16
N MET C 725 -82.72 11.69 62.15
CA MET C 725 -83.33 12.20 60.93
C MET C 725 -82.31 12.77 59.96
N MET C 726 -81.13 13.17 60.46
CA MET C 726 -80.15 13.85 59.59
C MET C 726 -78.96 12.95 59.19
N PHE C 727 -78.41 12.17 60.12
CA PHE C 727 -77.20 11.37 59.80
C PHE C 727 -77.51 9.90 59.46
N GLU C 728 -78.71 9.39 59.78
CA GLU C 728 -78.96 7.99 59.50
C GLU C 728 -80.19 7.74 58.63
N VAL C 729 -80.76 8.80 58.06
CA VAL C 729 -81.95 8.66 57.17
C VAL C 729 -81.65 9.35 55.83
N MET C 730 -81.69 10.69 55.80
CA MET C 730 -81.44 11.48 54.57
C MET C 730 -79.98 11.34 54.10
N GLU C 731 -79.03 11.43 55.03
CA GLU C 731 -77.58 11.32 54.68
C GLU C 731 -77.34 10.03 53.91
N PRO C 732 -77.59 8.84 54.49
CA PRO C 732 -77.36 7.56 53.81
C PRO C 732 -78.00 7.52 52.41
N THR C 733 -79.26 7.93 52.29
CA THR C 733 -79.98 7.91 51.00
C THR C 733 -79.27 8.85 50.02
N TRP C 734 -78.90 10.05 50.48
CA TRP C 734 -78.17 11.01 49.61
C TRP C 734 -76.83 10.40 49.19
N HIS C 735 -76.09 9.82 50.15
CA HIS C 735 -74.76 9.23 49.84
C HIS C 735 -74.92 8.21 48.71
N ILE C 736 -76.01 7.44 48.71
CA ILE C 736 -76.24 6.44 47.67
C ILE C 736 -76.53 7.13 46.35
N LEU C 737 -77.39 8.15 46.38
CA LEU C 737 -77.79 8.82 45.14
C LEU C 737 -76.57 9.39 44.40
N GLU C 738 -75.67 10.05 45.13
CA GLU C 738 -74.48 10.61 44.50
C GLU C 738 -73.69 9.54 43.76
N LYS C 739 -73.45 8.40 44.41
CA LYS C 739 -72.80 7.29 43.72
C LYS C 739 -73.72 6.67 42.69
N ASN C 740 -75.03 6.64 42.95
CA ASN C 740 -75.98 6.02 42.04
C ASN C 740 -76.20 6.85 40.78
N LEU C 741 -75.67 8.06 40.71
CA LEU C 741 -75.73 8.88 39.51
C LEU C 741 -74.44 8.85 38.70
N LYS C 742 -73.40 8.19 39.20
CA LYS C 742 -72.19 8.02 38.41
C LYS C 742 -72.32 6.88 37.42
N SER C 743 -73.18 5.90 37.72
CA SER C 743 -73.41 4.76 36.86
C SER C 743 -74.70 4.88 36.07
N ALA C 744 -75.20 6.10 35.87
CA ALA C 744 -76.40 6.29 35.08
C ALA C 744 -76.13 6.01 33.61
N SER C 745 -77.18 5.66 32.88
CA SER C 745 -77.07 5.36 31.46
C SER C 745 -78.05 6.12 30.58
N ASN C 746 -79.18 6.54 31.13
CA ASN C 746 -80.17 7.29 30.36
C ASN C 746 -81.04 8.08 31.32
N ILE C 747 -81.67 9.13 30.78
CA ILE C 747 -82.35 10.11 31.62
C ILE C 747 -83.52 9.46 32.36
N ASP C 748 -84.25 8.58 31.69
CA ASP C 748 -85.34 7.88 32.38
C ASP C 748 -84.85 6.94 33.47
N ASP C 749 -83.53 6.85 33.68
CA ASP C 749 -82.98 6.16 34.83
C ASP C 749 -82.65 7.15 35.94
N VAL C 750 -82.02 8.28 35.59
CA VAL C 750 -81.82 9.34 36.57
C VAL C 750 -83.15 9.77 37.16
N LEU C 751 -84.18 9.86 36.31
CA LEU C 751 -85.54 10.11 36.80
C LEU C 751 -86.07 8.98 37.67
N GLY C 752 -85.32 7.90 37.82
CA GLY C 752 -85.70 6.81 38.70
C GLY C 752 -84.88 6.81 39.97
N HIS C 753 -83.59 7.14 39.83
CA HIS C 753 -82.73 7.27 41.00
C HIS C 753 -83.05 8.51 41.82
N HIS C 754 -83.90 9.41 41.31
CA HIS C 754 -84.29 10.59 42.06
C HIS C 754 -85.59 10.35 42.82
N THR C 755 -86.66 10.01 42.10
CA THR C 755 -87.90 9.67 42.79
C THR C 755 -87.74 8.43 43.65
N GLY C 756 -86.77 7.57 43.32
CA GLY C 756 -86.41 6.49 44.21
C GLY C 756 -85.70 6.93 45.47
N PHE C 757 -85.23 8.17 45.50
CA PHE C 757 -84.62 8.76 46.69
C PHE C 757 -85.61 9.56 47.52
N LEU C 758 -86.60 10.18 46.89
CA LEU C 758 -87.58 10.95 47.64
C LEU C 758 -88.65 10.07 48.26
N ASP C 759 -89.02 8.97 47.61
CA ASP C 759 -89.98 8.07 48.23
C ASP C 759 -89.37 7.27 49.37
N THR C 760 -88.05 7.23 49.46
CA THR C 760 -87.40 6.55 50.58
C THR C 760 -87.25 7.48 51.78
N CYS C 761 -86.90 8.74 51.54
CA CYS C 761 -86.81 9.69 52.65
C CYS C 761 -88.17 9.90 53.30
N LEU C 762 -89.23 9.96 52.50
CA LEU C 762 -90.57 10.10 53.05
C LEU C 762 -91.09 8.84 53.71
N LYS C 763 -90.43 7.70 53.48
CA LYS C 763 -90.85 6.44 54.09
C LYS C 763 -90.09 6.13 55.37
N ASP C 764 -88.76 6.29 55.34
CA ASP C 764 -87.97 6.05 56.55
C ASP C 764 -88.29 7.07 57.63
N CYS C 765 -88.59 8.31 57.25
CA CYS C 765 -89.09 9.27 58.22
C CYS C 765 -90.56 8.98 58.51
N MET C 766 -91.09 9.66 59.53
CA MET C 766 -92.47 9.45 59.93
C MET C 766 -93.47 10.15 59.02
N LEU C 767 -93.04 10.62 57.85
CA LEU C 767 -93.91 11.38 56.97
C LEU C 767 -94.97 10.52 56.30
N THR C 768 -94.92 9.21 56.47
CA THR C 768 -95.94 8.32 55.90
C THR C 768 -96.27 7.20 56.86
N LEU C 772 -102.57 8.08 60.07
CA LEU C 772 -101.22 7.53 60.06
C LEU C 772 -100.52 7.75 61.39
N LEU C 773 -99.27 8.19 61.33
CA LEU C 773 -98.49 8.47 62.53
C LEU C 773 -98.69 9.90 63.00
N LYS C 774 -99.96 10.31 63.13
CA LYS C 774 -100.29 11.65 63.56
C LYS C 774 -100.04 11.88 65.04
N VAL C 775 -99.69 10.82 65.78
CA VAL C 775 -99.40 10.98 67.21
C VAL C 775 -98.18 11.86 67.41
N PHE C 776 -97.30 11.93 66.42
CA PHE C 776 -96.16 12.83 66.52
C PHE C 776 -96.61 14.28 66.48
N SER C 777 -97.61 14.60 65.65
CA SER C 777 -98.09 15.97 65.55
C SER C 777 -98.62 16.46 66.90
N LYS C 778 -99.48 15.66 67.53
CA LYS C 778 -100.01 16.03 68.83
C LYS C 778 -98.95 15.93 69.92
N LEU C 779 -97.95 15.08 69.73
CA LEU C 779 -96.87 14.99 70.70
C LEU C 779 -96.05 16.26 70.74
N MET C 780 -95.92 16.95 69.61
CA MET C 780 -95.13 18.17 69.57
C MET C 780 -95.85 19.35 70.23
N SER C 781 -97.17 19.27 70.35
CA SER C 781 -97.92 20.39 70.91
C SER C 781 -97.59 20.60 72.38
N VAL C 782 -97.47 19.52 73.15
CA VAL C 782 -97.16 19.66 74.57
C VAL C 782 -95.72 20.12 74.79
N CYS C 783 -94.83 19.88 73.83
CA CYS C 783 -93.47 20.37 73.96
C CYS C 783 -93.42 21.88 73.78
N VAL C 784 -94.00 22.38 72.68
CA VAL C 784 -93.93 23.82 72.39
C VAL C 784 -94.76 24.59 73.41
N MET C 785 -95.88 24.02 73.86
CA MET C 785 -96.72 24.72 74.82
C MET C 785 -96.05 24.80 76.18
N PHE C 786 -95.31 23.76 76.56
CA PHE C 786 -94.58 23.82 77.82
C PHE C 786 -93.56 24.94 77.81
N THR C 787 -93.00 25.28 76.65
CA THR C 787 -92.11 26.43 76.57
C THR C 787 -92.85 27.72 76.83
N ASN C 788 -94.14 27.79 76.50
CA ASN C 788 -94.91 29.00 76.76
C ASN C 788 -95.16 29.19 78.25
N CYS C 789 -95.49 28.11 78.96
CA CYS C 789 -95.72 28.21 80.39
C CYS C 789 -94.48 28.71 81.12
N MET C 790 -93.33 28.11 80.83
CA MET C 790 -92.08 28.58 81.43
C MET C 790 -91.72 29.99 80.99
N GLN C 791 -92.24 30.44 79.85
CA GLN C 791 -91.96 31.79 79.38
C GLN C 791 -92.80 32.84 80.07
N LYS C 792 -93.77 32.44 80.90
CA LYS C 792 -94.62 33.38 81.61
C LYS C 792 -94.07 33.79 82.96
N PHE C 793 -92.76 33.71 83.16
CA PHE C 793 -92.15 34.12 84.42
C PHE C 793 -91.29 35.36 84.23
N PHE C 846 -99.30 26.75 88.86
CA PHE C 846 -98.06 26.50 88.14
C PHE C 846 -97.46 25.17 88.54
N GLU C 847 -97.13 25.04 89.83
CA GLU C 847 -96.56 23.81 90.35
C GLU C 847 -97.46 22.61 90.10
N ALA C 848 -98.77 22.83 89.96
CA ALA C 848 -99.71 21.78 89.62
C ALA C 848 -99.87 21.63 88.11
N THR C 849 -99.18 22.43 87.31
CA THR C 849 -99.24 22.32 85.86
C THR C 849 -98.03 21.63 85.26
N ILE C 850 -96.85 21.78 85.88
CA ILE C 850 -95.67 21.07 85.39
C ILE C 850 -95.89 19.57 85.47
N ASN C 851 -96.38 19.09 86.62
CA ASN C 851 -96.71 17.67 86.74
C ASN C 851 -97.87 17.27 85.85
N LYS C 852 -98.69 18.23 85.42
CA LYS C 852 -99.76 17.91 84.48
C LYS C 852 -99.22 17.63 83.08
N PHE C 853 -98.16 18.36 82.69
CA PHE C 853 -97.54 18.09 81.40
C PHE C 853 -96.82 16.74 81.41
N ASP C 854 -96.30 16.33 82.56
CA ASP C 854 -95.55 15.08 82.63
C ASP C 854 -96.44 13.89 82.29
N LYS C 855 -97.55 13.75 83.02
CA LYS C 855 -98.46 12.63 82.76
C LYS C 855 -99.06 12.70 81.36
N ASN C 856 -99.06 13.87 80.73
CA ASN C 856 -99.62 14.02 79.39
C ASN C 856 -98.59 13.73 78.30
N PHE C 857 -97.35 14.20 78.49
CA PHE C 857 -96.31 13.97 77.49
C PHE C 857 -95.77 12.55 77.56
N SER C 858 -95.50 12.04 78.76
CA SER C 858 -94.96 10.70 78.89
C SER C 858 -95.94 9.65 78.37
N ALA C 859 -97.24 9.91 78.51
CA ALA C 859 -98.23 8.99 77.94
C ALA C 859 -98.22 9.04 76.42
N HIS C 860 -98.04 10.23 75.85
CA HIS C 860 -97.99 10.35 74.40
C HIS C 860 -96.73 9.71 73.82
N LEU C 861 -95.62 9.79 74.54
CA LEU C 861 -94.39 9.17 74.05
C LEU C 861 -94.51 7.65 74.01
N LEU C 862 -95.12 7.05 75.03
CA LEU C 862 -95.28 5.60 75.07
C LEU C 862 -96.20 5.09 73.97
N ASP C 863 -97.09 5.93 73.46
CA ASP C 863 -97.89 5.53 72.30
C ASP C 863 -97.02 5.42 71.06
N LEU C 864 -95.96 6.21 70.98
CA LEU C 864 -95.09 6.19 69.81
C LEU C 864 -94.30 4.89 69.73
N LEU C 865 -93.53 4.58 70.78
CA LEU C 865 -92.71 3.38 70.78
C LEU C 865 -93.55 2.11 70.72
N ALA C 866 -94.83 2.19 71.05
CA ALA C 866 -95.70 1.03 70.89
C ALA C 866 -95.98 0.75 69.43
N ARG C 867 -96.19 1.80 68.64
CA ARG C 867 -96.45 1.63 67.21
C ARG C 867 -95.18 1.53 66.39
N LEU C 868 -94.10 2.17 66.82
CA LEU C 868 -92.83 2.06 66.12
C LEU C 868 -92.24 0.67 66.23
N SER C 869 -92.62 -0.10 67.25
CA SER C 869 -92.05 -1.42 67.44
C SER C 869 -92.80 -2.48 66.65
N ILE C 870 -94.11 -2.32 66.47
CA ILE C 870 -94.91 -3.33 65.78
C ILE C 870 -94.73 -3.19 64.28
N TYR C 871 -93.75 -3.91 63.73
CA TYR C 871 -93.50 -3.91 62.29
C TYR C 871 -92.85 -5.24 61.93
N SER C 872 -92.42 -5.37 60.68
CA SER C 872 -91.78 -6.58 60.20
C SER C 872 -90.40 -6.76 60.83
N GLY C 879 -83.64 2.54 59.50
CA GLY C 879 -84.55 1.47 59.83
C GLY C 879 -85.69 1.90 60.73
N MET C 880 -86.81 1.18 60.66
CA MET C 880 -87.97 1.48 61.49
C MET C 880 -87.89 0.84 62.87
N ALA C 881 -86.92 -0.03 63.11
CA ALA C 881 -86.74 -0.64 64.42
C ALA C 881 -85.57 -0.03 65.20
N SER C 882 -84.51 0.40 64.52
CA SER C 882 -83.38 1.01 65.19
C SER C 882 -83.71 2.37 65.80
N VAL C 883 -84.88 2.93 65.48
CA VAL C 883 -85.26 4.21 66.07
C VAL C 883 -85.46 4.08 67.56
N ILE C 884 -85.97 2.94 68.02
CA ILE C 884 -86.18 2.74 69.46
C ILE C 884 -84.85 2.79 70.20
N SER C 885 -83.81 2.17 69.63
CA SER C 885 -82.49 2.23 70.23
C SER C 885 -81.96 3.65 70.30
N ARG C 886 -82.49 4.55 69.49
CA ARG C 886 -82.11 5.96 69.56
C ARG C 886 -82.92 6.73 70.60
N LEU C 887 -84.19 6.35 70.79
CA LEU C 887 -85.03 7.04 71.77
C LEU C 887 -84.57 6.75 73.19
N ASP C 888 -84.49 5.47 73.55
CA ASP C 888 -83.98 5.06 74.86
C ASP C 888 -82.66 4.33 74.66
N PHE C 889 -81.73 4.59 75.55
CA PHE C 889 -80.41 3.99 75.53
C PHE C 889 -80.05 3.34 76.87
N ASN C 890 -80.69 3.79 77.96
CA ASN C 890 -80.43 3.28 79.29
C ASN C 890 -81.44 2.23 79.73
N GLY C 891 -82.12 1.59 78.79
CA GLY C 891 -83.20 0.71 79.13
C GLY C 891 -84.42 1.40 79.70
N PHE C 892 -84.41 2.73 79.77
CA PHE C 892 -85.56 3.47 80.23
C PHE C 892 -86.74 3.25 79.30
N TYR C 893 -87.93 3.63 79.78
CA TYR C 893 -89.19 3.41 79.05
C TYR C 893 -89.39 1.93 78.75
N THR C 894 -88.90 1.08 79.64
CA THR C 894 -89.07 -0.36 79.46
C THR C 894 -90.48 -0.85 79.80
N GLU C 895 -91.37 0.05 80.22
CA GLU C 895 -92.75 -0.32 80.50
C GLU C 895 -93.45 -0.79 79.23
N ILE D 245 -111.60 -6.00 -41.96
CA ILE D 245 -110.43 -5.12 -41.66
C ILE D 245 -109.30 -5.98 -41.10
N THR D 246 -108.13 -5.96 -41.76
CA THR D 246 -106.96 -6.76 -41.32
C THR D 246 -106.35 -6.18 -40.04
N GLU D 247 -105.68 -7.03 -39.25
CA GLU D 247 -105.04 -6.63 -37.97
C GLU D 247 -103.91 -5.62 -38.25
N ALA D 248 -103.20 -5.80 -39.36
CA ALA D 248 -102.07 -4.93 -39.76
C ALA D 248 -102.58 -3.49 -39.96
N ALA D 249 -103.77 -3.33 -40.54
CA ALA D 249 -104.37 -1.99 -40.79
C ALA D 249 -104.55 -1.27 -39.45
N LEU D 250 -104.99 -1.98 -38.41
CA LEU D 250 -105.19 -1.36 -37.07
C LEU D 250 -103.83 -0.88 -36.54
N VAL D 251 -102.77 -1.68 -36.75
CA VAL D 251 -101.39 -1.34 -36.26
C VAL D 251 -100.88 -0.10 -37.01
N ARG D 252 -101.49 0.22 -38.16
CA ARG D 252 -101.08 1.38 -38.95
C ARG D 252 -101.70 2.65 -38.40
N ASP D 253 -102.98 2.60 -38.01
CA ASP D 253 -103.65 3.78 -37.50
C ASP D 253 -103.26 4.07 -36.05
N ILE D 254 -103.08 3.02 -35.24
CA ILE D 254 -102.75 3.23 -33.84
C ILE D 254 -101.45 4.00 -33.71
N LEU D 255 -100.50 3.72 -34.60
CA LEU D 255 -99.18 4.42 -34.58
C LEU D 255 -99.39 5.93 -34.71
N TYR D 256 -100.53 6.36 -35.24
CA TYR D 256 -100.84 7.78 -35.37
C TYR D 256 -101.68 8.29 -34.21
N VAL D 257 -102.60 7.49 -33.70
CA VAL D 257 -103.43 7.92 -32.58
C VAL D 257 -102.58 8.18 -31.35
N PHE D 258 -101.37 7.61 -31.29
CA PHE D 258 -100.45 7.91 -30.22
C PHE D 258 -100.00 9.36 -30.22
N GLN D 259 -100.32 10.13 -31.27
CA GLN D 259 -99.90 11.51 -31.38
C GLN D 259 -101.05 12.51 -31.38
N GLY D 260 -102.25 12.10 -31.76
CA GLY D 260 -103.35 13.03 -31.87
C GLY D 260 -104.00 12.95 -33.24
N ILE D 261 -103.24 12.54 -34.24
CA ILE D 261 -103.74 12.43 -35.60
C ILE D 261 -104.52 11.13 -35.74
N ASP D 262 -105.81 11.24 -36.02
CA ASP D 262 -106.62 10.07 -36.27
C ASP D 262 -106.16 9.35 -37.53
N ASN D 265 -109.48 4.50 -39.46
CA ASN D 265 -110.62 3.91 -38.77
C ASN D 265 -110.83 4.52 -37.40
N ILE D 266 -109.73 4.69 -36.66
CA ILE D 266 -109.80 5.27 -35.32
C ILE D 266 -109.93 6.78 -35.44
N LYS D 267 -111.00 7.33 -34.86
CA LYS D 267 -111.22 8.77 -34.89
C LYS D 267 -111.46 9.27 -33.48
N MET D 268 -111.58 10.58 -33.35
CA MET D 268 -111.79 11.19 -32.04
C MET D 268 -113.19 10.91 -31.52
N ASN D 273 -114.77 11.54 -24.67
CA ASN D 273 -113.63 12.01 -25.43
C ASN D 273 -112.81 10.85 -25.98
N CYS D 274 -113.20 9.63 -25.63
CA CYS D 274 -112.45 8.46 -26.02
C CYS D 274 -112.34 8.36 -27.54
N TYR D 275 -111.31 7.64 -27.98
CA TYR D 275 -111.09 7.43 -29.41
C TYR D 275 -111.97 6.28 -29.87
N LYS D 276 -113.22 6.61 -30.18
CA LYS D 276 -114.18 5.61 -30.59
C LYS D 276 -113.82 5.08 -31.98
N VAL D 277 -113.65 3.77 -32.08
CA VAL D 277 -113.27 3.13 -33.33
C VAL D 277 -114.53 2.65 -34.02
N GLU D 278 -114.58 2.81 -35.34
CA GLU D 278 -115.72 2.36 -36.13
C GLU D 278 -115.28 1.62 -37.38
N ASN D 282 -117.63 -5.15 -40.11
CA ASN D 282 -116.53 -4.50 -39.41
C ASN D 282 -115.54 -5.52 -38.88
N LEU D 283 -115.04 -5.29 -37.66
CA LEU D 283 -114.03 -6.12 -37.05
C LEU D 283 -114.58 -6.85 -35.83
N SER D 284 -113.78 -7.80 -35.33
CA SER D 284 -114.19 -8.64 -34.22
C SER D 284 -114.03 -7.91 -32.89
N ARG D 285 -114.84 -8.32 -31.91
CA ARG D 285 -114.85 -7.63 -30.62
C ARG D 285 -113.49 -7.71 -29.94
N SER D 286 -112.77 -8.81 -30.18
CA SER D 286 -111.44 -9.05 -29.57
C SER D 286 -110.39 -8.07 -30.14
N LEU D 287 -110.82 -7.18 -31.04
CA LEU D 287 -109.88 -6.21 -31.66
C LEU D 287 -110.24 -4.79 -31.20
N ARG D 288 -111.54 -4.48 -31.18
CA ARG D 288 -112.01 -3.15 -30.78
C ARG D 288 -111.61 -2.84 -29.35
N ASP D 289 -111.69 -3.82 -28.46
CA ASP D 289 -111.43 -3.57 -27.05
C ASP D 289 -109.97 -3.16 -26.82
N THR D 290 -109.04 -3.90 -27.43
CA THR D 290 -107.63 -3.57 -27.21
C THR D 290 -107.25 -2.26 -27.90
N ALA D 291 -107.91 -1.93 -29.00
CA ALA D 291 -107.65 -0.65 -29.64
C ALA D 291 -108.08 0.51 -28.75
N VAL D 292 -109.25 0.42 -28.14
CA VAL D 292 -109.71 1.47 -27.25
C VAL D 292 -108.81 1.58 -26.04
N ARG D 293 -108.24 0.44 -25.62
CA ARG D 293 -107.32 0.41 -24.45
C ARG D 293 -105.98 1.06 -24.84
N LEU D 294 -105.49 0.79 -26.05
CA LEU D 294 -104.21 1.31 -26.49
C LEU D 294 -104.31 2.78 -26.86
N SER D 295 -105.42 3.19 -27.46
CA SER D 295 -105.56 4.57 -27.88
C SER D 295 -105.60 5.55 -26.71
N GLU D 296 -105.91 5.08 -25.51
CA GLU D 296 -105.95 5.98 -24.37
C GLU D 296 -104.59 6.53 -24.00
N LEU D 297 -103.55 6.21 -24.78
CA LEU D 297 -102.29 6.90 -24.68
C LEU D 297 -102.27 8.18 -25.50
N GLY D 298 -103.06 8.25 -26.56
CA GLY D 298 -103.13 9.48 -27.33
C GLY D 298 -103.88 10.56 -26.59
N TRP D 299 -105.04 10.24 -26.03
CA TRP D 299 -105.80 11.23 -25.28
C TRP D 299 -105.00 11.79 -24.13
N LEU D 300 -104.05 11.03 -23.59
CA LEU D 300 -103.12 11.58 -22.61
C LEU D 300 -102.04 12.43 -23.26
N HIS D 301 -101.81 12.22 -24.55
CA HIS D 301 -100.77 13.01 -25.29
C HIS D 301 -101.35 14.36 -25.72
N ASN D 302 -102.62 14.39 -26.12
CA ASN D 302 -103.28 15.65 -26.56
C ASN D 302 -103.36 16.64 -25.38
N LYS D 303 -103.73 16.17 -24.19
CA LYS D 303 -103.91 17.06 -23.02
C LYS D 303 -102.59 17.74 -22.61
N ILE D 304 -101.49 16.97 -22.53
CA ILE D 304 -100.18 17.56 -22.14
C ILE D 304 -99.70 18.54 -23.22
N ARG D 305 -99.91 18.19 -24.49
CA ARG D 305 -99.49 19.03 -25.64
C ARG D 305 -100.24 20.37 -25.61
N ARG D 306 -101.54 20.35 -25.28
CA ARG D 306 -102.35 21.60 -25.27
C ARG D 306 -101.82 22.58 -24.21
N TYR D 307 -101.47 22.08 -23.02
CA TYR D 307 -100.99 22.97 -21.93
C TYR D 307 -99.67 23.65 -22.32
N THR D 308 -98.72 22.89 -22.87
CA THR D 308 -97.41 23.46 -23.29
C THR D 308 -97.60 24.46 -24.44
N ASP D 309 -98.53 24.15 -25.35
CA ASP D 309 -98.79 25.01 -26.55
C ASP D 309 -99.57 26.27 -26.16
N GLN D 310 -100.72 26.12 -25.51
CA GLN D 310 -101.54 27.27 -25.15
C GLN D 310 -100.74 28.26 -24.31
N ARG D 311 -99.90 27.78 -23.42
CA ARG D 311 -99.10 28.64 -22.57
C ARG D 311 -97.76 29.04 -23.19
N SER D 312 -97.36 28.40 -24.28
CA SER D 312 -96.23 28.87 -25.06
C SER D 312 -96.61 29.98 -26.02
N LEU D 313 -97.82 30.53 -25.87
CA LEU D 313 -98.34 31.58 -26.74
C LEU D 313 -98.31 32.94 -26.04
N ASP D 314 -98.96 33.04 -24.88
CA ASP D 314 -98.98 34.30 -24.16
C ASP D 314 -97.63 34.54 -23.49
N ARG D 315 -97.24 35.81 -23.44
CA ARG D 315 -95.96 36.19 -22.86
C ARG D 315 -96.09 36.65 -21.42
N SER D 316 -97.20 36.35 -20.76
CA SER D 316 -97.44 36.73 -19.39
C SER D 316 -97.54 35.51 -18.48
N PHE D 317 -96.71 34.50 -18.74
CA PHE D 317 -96.68 33.32 -17.90
C PHE D 317 -95.49 33.31 -16.95
N GLY D 318 -94.53 34.19 -17.13
CA GLY D 318 -93.45 34.35 -16.18
C GLY D 318 -92.17 33.67 -16.63
N LEU D 319 -91.25 33.52 -15.68
CA LEU D 319 -89.94 32.86 -15.93
C LEU D 319 -90.03 31.40 -15.49
N VAL D 320 -90.55 31.16 -14.28
CA VAL D 320 -90.70 29.76 -13.76
C VAL D 320 -91.67 29.01 -14.68
N GLY D 321 -92.75 29.66 -15.10
CA GLY D 321 -93.75 29.01 -15.97
C GLY D 321 -93.13 28.55 -17.28
N GLN D 322 -92.26 29.37 -17.87
CA GLN D 322 -91.59 29.01 -19.16
C GLN D 322 -90.73 27.76 -18.93
N SER D 323 -90.02 27.70 -17.79
CA SER D 323 -89.16 26.53 -17.48
C SER D 323 -90.02 25.26 -17.38
N PHE D 324 -91.19 25.36 -16.73
CA PHE D 324 -92.08 24.19 -16.59
C PHE D 324 -92.54 23.72 -17.98
N CYS D 325 -92.89 24.67 -18.85
CA CYS D 325 -93.34 24.33 -20.22
C CYS D 325 -92.18 23.66 -20.96
N ALA D 326 -90.97 24.21 -20.81
CA ALA D 326 -89.76 23.64 -21.45
C ALA D 326 -89.49 22.26 -20.85
N ALA D 327 -89.66 22.12 -19.54
CA ALA D 327 -89.43 20.85 -18.83
C ALA D 327 -90.39 19.76 -19.35
N LEU D 328 -91.42 20.16 -20.08
CA LEU D 328 -92.37 19.18 -20.62
C LEU D 328 -92.05 18.82 -22.06
N HIS D 329 -90.97 19.36 -22.63
CA HIS D 329 -90.58 19.00 -23.98
C HIS D 329 -89.44 18.01 -24.02
N GLN D 330 -88.46 18.12 -23.12
CA GLN D 330 -87.45 17.08 -23.03
C GLN D 330 -88.04 15.75 -22.61
N GLU D 331 -89.18 15.76 -21.93
CA GLU D 331 -89.93 14.54 -21.64
C GLU D 331 -90.96 14.23 -22.71
N LEU D 332 -90.86 14.88 -23.86
CA LEU D 332 -91.67 14.54 -25.02
C LEU D 332 -90.86 14.15 -26.24
N ARG D 333 -89.66 14.68 -26.42
CA ARG D 333 -88.81 14.19 -27.49
C ARG D 333 -88.57 12.70 -27.33
N GLU D 334 -88.35 12.24 -26.09
CA GLU D 334 -88.18 10.81 -25.87
C GLU D 334 -89.43 10.04 -26.27
N TYR D 335 -90.60 10.58 -25.96
CA TYR D 335 -91.82 9.95 -26.44
C TYR D 335 -91.94 10.02 -27.95
N TYR D 336 -91.09 10.85 -28.56
CA TYR D 336 -91.02 11.01 -30.04
C TYR D 336 -90.02 9.99 -30.58
N ARG D 337 -89.07 9.56 -29.73
CA ARG D 337 -88.10 8.55 -30.14
C ARG D 337 -88.72 7.16 -30.09
N LEU D 338 -89.57 6.90 -29.11
CA LEU D 338 -90.24 5.60 -29.05
C LEU D 338 -91.14 5.41 -30.27
N LEU D 339 -91.92 6.43 -30.61
CA LEU D 339 -92.83 6.33 -31.78
C LEU D 339 -91.99 5.98 -33.01
N SER D 340 -90.77 6.51 -33.07
CA SER D 340 -89.84 6.28 -34.21
C SER D 340 -89.44 4.80 -34.31
N VAL D 341 -88.75 4.29 -33.28
CA VAL D 341 -88.27 2.87 -33.29
C VAL D 341 -89.45 1.91 -33.54
N LEU D 342 -90.57 2.13 -32.87
CA LEU D 342 -91.76 1.24 -33.00
C LEU D 342 -92.21 1.17 -34.47
N HIS D 343 -92.25 2.30 -35.17
CA HIS D 343 -92.71 2.33 -36.58
C HIS D 343 -91.79 1.47 -37.47
N SER D 344 -90.48 1.55 -37.25
CA SER D 344 -89.51 0.78 -38.06
C SER D 344 -89.90 -0.71 -38.05
N GLN D 345 -90.17 -1.26 -36.87
CA GLN D 345 -90.53 -2.69 -36.72
C GLN D 345 -91.75 -3.03 -37.60
N LEU D 346 -92.71 -2.09 -37.70
CA LEU D 346 -93.94 -2.33 -38.49
C LEU D 346 -93.60 -2.58 -39.96
N GLN D 347 -92.65 -1.83 -40.52
CA GLN D 347 -92.25 -1.99 -41.94
C GLN D 347 -91.92 -3.46 -42.22
N SER D 361 -91.96 -7.89 -37.24
CA SER D 361 -93.41 -7.72 -37.17
C SER D 361 -93.85 -7.52 -35.73
N LEU D 362 -94.83 -6.64 -35.54
CA LEU D 362 -95.43 -6.43 -34.23
C LEU D 362 -96.93 -6.44 -34.38
N THR D 363 -97.62 -6.89 -33.32
CA THR D 363 -99.11 -6.96 -33.30
C THR D 363 -99.63 -6.26 -32.03
N LEU D 364 -100.95 -6.25 -31.85
CA LEU D 364 -101.59 -5.60 -30.67
C LEU D 364 -101.13 -6.32 -29.38
N ARG D 365 -101.07 -7.65 -29.42
CA ARG D 365 -100.64 -8.45 -28.24
C ARG D 365 -99.16 -8.18 -27.95
N ARG D 366 -98.50 -7.43 -28.84
CA ARG D 366 -97.10 -7.08 -28.68
C ARG D 366 -96.91 -5.62 -28.33
N LEU D 367 -97.86 -4.76 -28.68
CA LEU D 367 -97.74 -3.36 -28.30
C LEU D 367 -97.93 -3.18 -26.80
N LEU D 368 -98.87 -3.93 -26.19
CA LEU D 368 -99.20 -3.73 -24.78
C LEU D 368 -97.96 -3.77 -23.91
N VAL D 369 -97.04 -4.68 -24.19
CA VAL D 369 -95.83 -4.73 -23.39
C VAL D 369 -94.87 -3.61 -23.79
N TRP D 370 -94.83 -3.24 -25.07
CA TRP D 370 -93.95 -2.15 -25.51
C TRP D 370 -94.35 -0.84 -24.86
N THR D 371 -95.65 -0.55 -24.83
CA THR D 371 -96.16 0.71 -24.34
C THR D 371 -96.84 0.59 -22.98
N TYR D 372 -96.35 -0.30 -22.12
CA TYR D 372 -96.87 -0.39 -20.77
C TYR D 372 -96.22 0.61 -19.83
N ASP D 373 -94.97 0.94 -20.07
CA ASP D 373 -94.31 1.95 -19.25
C ASP D 373 -94.68 3.37 -19.65
N PRO D 374 -94.71 3.73 -20.94
CA PRO D 374 -95.08 5.10 -21.28
C PRO D 374 -96.57 5.37 -21.19
N LYS D 375 -97.33 4.46 -20.59
CA LYS D 375 -98.67 4.77 -20.15
C LYS D 375 -98.70 5.31 -18.73
N ILE D 376 -97.57 5.26 -18.04
CA ILE D 376 -97.45 5.80 -16.69
C ILE D 376 -96.83 7.19 -16.71
N ARG D 377 -95.73 7.36 -17.43
CA ARG D 377 -95.15 8.69 -17.57
C ARG D 377 -96.12 9.64 -18.24
N LEU D 378 -96.92 9.14 -19.17
CA LEU D 378 -97.99 9.93 -19.76
C LEU D 378 -99.26 9.90 -18.91
N LYS D 379 -99.14 9.47 -17.65
CA LYS D 379 -100.23 9.56 -16.69
C LYS D 379 -99.85 10.38 -15.47
N THR D 380 -98.57 10.60 -15.23
CA THR D 380 -98.16 11.59 -14.25
C THR D 380 -98.11 12.97 -14.87
N LEU D 381 -97.51 13.08 -16.06
CA LEU D 381 -97.42 14.38 -16.72
C LEU D 381 -98.79 14.90 -17.13
N ALA D 382 -99.67 14.02 -17.61
CA ALA D 382 -101.01 14.46 -17.96
C ALA D 382 -101.88 14.75 -16.74
N ALA D 383 -101.41 14.42 -15.55
CA ALA D 383 -102.07 14.78 -14.31
C ALA D 383 -101.24 15.72 -13.46
N LEU D 384 -100.04 16.10 -13.92
CA LEU D 384 -99.25 17.14 -13.29
C LEU D 384 -99.56 18.52 -13.84
N VAL D 385 -100.07 18.60 -15.07
CA VAL D 385 -100.43 19.88 -15.67
C VAL D 385 -101.85 20.31 -15.33
N ASP D 386 -102.64 19.46 -14.68
CA ASP D 386 -103.95 19.88 -14.21
C ASP D 386 -103.92 20.34 -12.76
N HIS D 387 -103.04 19.76 -11.94
CA HIS D 387 -102.94 20.21 -10.55
C HIS D 387 -102.38 21.62 -10.45
N CYS D 388 -101.59 22.04 -11.43
CA CYS D 388 -101.03 23.39 -11.47
C CYS D 388 -101.52 24.06 -12.75
N GLN D 389 -102.71 24.64 -12.69
CA GLN D 389 -103.32 25.29 -13.85
C GLN D 389 -103.11 26.80 -13.83
N GLY D 390 -103.58 27.48 -12.79
CA GLY D 390 -103.46 28.91 -12.72
C GLY D 390 -102.27 29.41 -11.93
N ARG D 391 -101.30 28.55 -11.64
CA ARG D 391 -100.17 28.95 -10.82
C ARG D 391 -99.06 29.49 -11.71
N LYS D 392 -98.60 30.70 -11.40
CA LYS D 392 -97.49 31.30 -12.11
C LYS D 392 -96.43 31.74 -11.10
N GLY D 393 -95.21 31.89 -11.58
CA GLY D 393 -94.15 32.26 -10.67
C GLY D 393 -93.83 31.13 -9.69
N GLY D 394 -93.42 31.52 -8.49
CA GLY D 394 -93.00 30.53 -7.51
C GLY D 394 -94.13 29.63 -7.05
N GLU D 395 -95.36 30.12 -7.10
CA GLU D 395 -96.51 29.31 -6.69
C GLU D 395 -96.67 28.08 -7.56
N LEU D 396 -96.05 28.06 -8.74
CA LEU D 396 -96.04 26.86 -9.57
C LEU D 396 -94.92 25.92 -9.15
N ALA D 397 -93.76 26.47 -8.78
CA ALA D 397 -92.67 25.65 -8.26
C ALA D 397 -92.99 25.06 -6.90
N SER D 398 -94.09 25.49 -6.28
CA SER D 398 -94.56 24.93 -5.02
C SER D 398 -95.71 23.96 -5.20
N ALA D 399 -96.26 23.86 -6.41
CA ALA D 399 -97.33 22.94 -6.71
C ALA D 399 -96.87 21.77 -7.57
N VAL D 400 -95.65 21.82 -8.10
CA VAL D 400 -94.98 20.65 -8.65
C VAL D 400 -94.04 20.01 -7.65
N HIS D 401 -93.95 20.56 -6.44
CA HIS D 401 -93.27 19.92 -5.34
C HIS D 401 -94.21 19.14 -4.44
N ALA D 402 -95.50 19.43 -4.49
CA ALA D 402 -96.50 18.66 -3.77
C ALA D 402 -96.86 17.37 -4.49
N TYR D 403 -96.07 16.97 -5.48
CA TYR D 403 -96.21 15.66 -6.11
C TYR D 403 -95.02 14.76 -5.81
N THR D 404 -94.11 15.20 -4.94
CA THR D 404 -92.98 14.37 -4.54
C THR D 404 -93.31 13.51 -3.34
N LYS D 405 -94.28 13.91 -2.51
CA LYS D 405 -94.73 13.11 -1.39
C LYS D 405 -95.64 11.99 -1.91
N THR D 406 -95.03 11.04 -2.60
CA THR D 406 -95.79 9.97 -3.23
C THR D 406 -95.24 8.59 -2.93
N GLY D 407 -93.94 8.47 -2.76
CA GLY D 407 -93.35 7.20 -2.36
C GLY D 407 -93.06 6.23 -3.48
N ASP D 408 -93.93 6.20 -4.49
CA ASP D 408 -93.75 5.38 -5.68
C ASP D 408 -92.38 5.66 -6.28
N PRO D 409 -91.45 4.70 -6.25
CA PRO D 409 -90.07 5.01 -6.63
C PRO D 409 -89.91 5.40 -8.08
N TYR D 410 -90.90 5.13 -8.93
CA TYR D 410 -90.84 5.52 -10.32
C TYR D 410 -91.35 6.94 -10.56
N MET D 411 -92.33 7.38 -9.78
CA MET D 411 -92.82 8.74 -9.93
C MET D 411 -91.99 9.73 -9.12
N ARG D 412 -91.64 9.38 -7.88
CA ARG D 412 -90.85 10.28 -7.06
C ARG D 412 -89.47 10.54 -7.65
N SER D 413 -89.03 9.74 -8.61
CA SER D 413 -87.76 9.99 -9.28
C SER D 413 -87.94 10.60 -10.65
N LEU D 414 -89.17 10.83 -11.09
CA LEU D 414 -89.46 11.61 -12.27
C LEU D 414 -89.79 13.05 -11.93
N VAL D 415 -90.79 13.25 -11.06
CA VAL D 415 -91.16 14.59 -10.64
C VAL D 415 -90.02 15.28 -9.90
N GLN D 416 -89.24 14.53 -9.14
CA GLN D 416 -88.09 15.14 -8.48
C GLN D 416 -86.99 15.53 -9.44
N HIS D 417 -87.21 15.37 -10.74
CA HIS D 417 -86.33 15.93 -11.75
C HIS D 417 -86.91 17.18 -12.39
N ILE D 418 -88.22 17.19 -12.68
CA ILE D 418 -88.86 18.40 -13.16
C ILE D 418 -88.77 19.50 -12.13
N LEU D 419 -88.79 19.14 -10.84
CA LEU D 419 -88.56 20.15 -9.82
C LEU D 419 -87.16 20.73 -9.90
N SER D 420 -86.20 19.89 -10.28
CA SER D 420 -84.78 20.32 -10.41
C SER D 420 -84.68 21.30 -11.59
N LEU D 421 -85.58 21.18 -12.56
CA LEU D 421 -85.59 22.07 -13.75
C LEU D 421 -86.61 23.19 -13.52
N VAL D 422 -87.20 23.24 -12.33
CA VAL D 422 -88.20 24.29 -11.98
C VAL D 422 -87.68 25.10 -10.79
N SER D 423 -86.64 24.57 -10.12
CA SER D 423 -86.03 25.26 -8.95
C SER D 423 -84.88 26.15 -9.41
N HIS D 424 -84.32 25.85 -10.59
CA HIS D 424 -83.19 26.64 -11.16
C HIS D 424 -83.58 28.12 -11.23
N PRO D 425 -84.75 28.47 -11.81
CA PRO D 425 -85.18 29.87 -11.93
C PRO D 425 -85.41 30.50 -10.53
N VAL D 426 -86.04 29.75 -9.63
CA VAL D 426 -86.32 30.25 -8.25
C VAL D 426 -85.00 30.47 -7.52
N LEU D 427 -84.02 29.59 -7.74
CA LEU D 427 -82.69 29.71 -7.10
C LEU D 427 -81.92 30.87 -7.72
N SER D 428 -82.19 31.15 -9.00
CA SER D 428 -81.51 32.26 -9.72
C SER D 428 -81.75 33.58 -8.97
N PHE D 429 -83.00 34.01 -8.88
CA PHE D 429 -83.37 35.28 -8.19
C PHE D 429 -82.72 35.32 -6.81
N LEU D 430 -82.99 34.29 -6.00
CA LEU D 430 -82.49 34.20 -4.64
C LEU D 430 -81.00 34.48 -4.57
N TYR D 431 -80.23 33.84 -5.44
CA TYR D 431 -78.80 34.12 -5.46
C TYR D 431 -78.48 35.49 -6.01
N ARG D 432 -79.47 36.23 -6.49
CA ARG D 432 -79.31 37.61 -6.93
C ARG D 432 -79.71 38.60 -5.84
N TRP D 433 -80.82 38.31 -5.17
CA TRP D 433 -81.39 39.16 -4.09
C TRP D 433 -80.68 38.93 -2.75
N ILE D 434 -79.62 38.12 -2.73
CA ILE D 434 -78.86 37.86 -1.52
C ILE D 434 -77.45 38.44 -1.61
N TYR D 435 -76.78 38.25 -2.75
CA TYR D 435 -75.40 38.71 -2.88
C TYR D 435 -75.29 40.08 -3.52
N ASP D 436 -76.32 40.54 -4.24
CA ASP D 436 -76.29 41.84 -4.89
C ASP D 436 -77.47 42.73 -4.52
N GLY D 437 -78.56 42.17 -4.03
CA GLY D 437 -79.67 42.99 -3.60
C GLY D 437 -80.37 43.74 -4.70
N GLU D 438 -80.29 43.24 -5.94
CA GLU D 438 -80.92 43.87 -7.09
C GLU D 438 -81.97 42.93 -7.65
N LEU D 439 -83.17 42.98 -7.10
CA LEU D 439 -84.26 42.16 -7.61
C LEU D 439 -84.82 42.81 -8.86
N GLU D 440 -85.12 41.97 -9.86
CA GLU D 440 -85.64 42.46 -11.13
C GLU D 440 -86.55 41.39 -11.69
N ASP D 441 -87.86 41.65 -11.70
CA ASP D 441 -88.82 40.73 -12.28
C ASP D 441 -90.04 41.55 -12.68
N THR D 442 -90.14 41.85 -13.97
CA THR D 442 -91.30 42.59 -14.46
C THR D 442 -92.59 41.89 -14.09
N TYR D 443 -92.62 40.58 -14.23
CA TYR D 443 -93.71 39.77 -13.69
C TYR D 443 -93.42 39.48 -12.23
N HIS D 444 -94.47 39.52 -11.41
CA HIS D 444 -94.31 39.37 -9.97
C HIS D 444 -94.22 37.89 -9.64
N GLU D 445 -92.99 37.39 -9.46
CA GLU D 445 -92.74 36.00 -9.12
C GLU D 445 -92.06 35.85 -7.77
N PHE D 446 -90.94 36.54 -7.56
CA PHE D 446 -90.22 36.47 -6.31
C PHE D 446 -91.12 36.90 -5.16
N PHE D 447 -90.91 36.31 -4.00
CA PHE D 447 -91.74 36.60 -2.85
C PHE D 447 -91.34 37.89 -2.13
N VAL D 448 -90.35 38.59 -2.68
CA VAL D 448 -89.91 39.90 -2.14
C VAL D 448 -90.47 40.98 -3.07
N ALA D 449 -91.56 41.64 -2.65
CA ALA D 449 -92.20 42.67 -3.49
C ALA D 449 -91.70 44.06 -3.10
N SER D 450 -91.18 44.82 -4.06
CA SER D 450 -90.66 46.17 -3.80
C SER D 450 -91.77 47.21 -4.00
N ASP D 451 -91.60 48.40 -3.42
CA ASP D 451 -92.56 49.49 -3.54
C ASP D 451 -91.85 50.69 -4.14
N PRO D 452 -92.28 51.18 -5.30
CA PRO D 452 -91.65 52.33 -5.96
C PRO D 452 -91.65 53.60 -5.10
N LEU D 459 -86.08 53.52 4.71
CA LEU D 459 -85.77 52.44 3.72
C LEU D 459 -85.85 51.08 4.42
N TRP D 460 -86.31 51.07 5.67
CA TRP D 460 -86.43 49.83 6.44
C TRP D 460 -87.89 49.46 6.68
N HIS D 461 -88.71 50.44 7.08
CA HIS D 461 -90.07 50.13 7.47
C HIS D 461 -90.93 49.76 6.27
N ASP D 462 -90.66 50.39 5.13
CA ASP D 462 -91.46 50.15 3.90
C ASP D 462 -90.53 49.79 2.73
N LYS D 463 -91.15 49.50 1.57
CA LYS D 463 -90.56 49.13 0.24
C LYS D 463 -90.19 47.64 0.18
N TYR D 464 -90.39 46.89 1.27
CA TYR D 464 -90.12 45.43 1.29
C TYR D 464 -91.32 44.72 1.90
N THR D 465 -91.91 43.77 1.15
CA THR D 465 -93.08 43.01 1.65
C THR D 465 -92.87 41.51 1.44
N LEU D 466 -93.08 40.70 2.48
CA LEU D 466 -92.94 39.23 2.35
C LEU D 466 -94.23 38.70 1.71
N ARG D 467 -94.15 38.26 0.44
CA ARG D 467 -95.35 37.82 -0.25
C ARG D 467 -95.72 36.44 0.25
N LYS D 468 -96.82 36.35 0.99
CA LYS D 468 -97.23 35.07 1.56
C LYS D 468 -97.64 34.07 0.48
N SER D 469 -97.92 34.53 -0.73
CA SER D 469 -98.50 33.65 -1.74
C SER D 469 -97.45 32.95 -2.59
N MET D 470 -96.34 33.61 -2.89
CA MET D 470 -95.34 33.08 -3.80
C MET D 470 -94.11 32.56 -3.06
N ILE D 471 -94.31 31.96 -1.89
CA ILE D 471 -93.21 31.29 -1.20
C ILE D 471 -93.23 29.82 -1.60
N PRO D 472 -92.13 29.26 -2.08
CA PRO D 472 -92.12 27.84 -2.45
C PRO D 472 -92.30 26.97 -1.22
N SER D 473 -92.92 25.81 -1.43
CA SER D 473 -93.16 24.92 -0.29
C SER D 473 -91.86 24.43 0.32
N PHE D 474 -90.80 24.27 -0.48
CA PHE D 474 -89.57 23.74 0.05
C PHE D 474 -88.70 24.79 0.74
N MET D 475 -89.28 25.90 1.17
CA MET D 475 -88.60 26.83 2.06
C MET D 475 -89.52 27.15 3.23
N THR D 476 -89.07 26.86 4.44
CA THR D 476 -89.86 27.09 5.62
C THR D 476 -90.09 28.58 5.82
N MET D 477 -91.21 28.91 6.48
CA MET D 477 -91.62 30.30 6.62
C MET D 477 -90.60 31.14 7.36
N ASP D 478 -89.75 30.52 8.19
CA ASP D 478 -88.70 31.28 8.85
C ASP D 478 -87.53 31.57 7.93
N GLN D 479 -87.20 30.63 7.04
CA GLN D 479 -86.12 30.87 6.08
C GLN D 479 -86.46 32.01 5.14
N SER D 480 -87.74 32.24 4.89
CA SER D 480 -88.14 33.32 4.00
C SER D 480 -88.00 34.70 4.63
N ARG D 481 -87.78 34.77 5.94
CA ARG D 481 -87.53 36.05 6.60
C ARG D 481 -86.05 36.31 6.82
N LYS D 482 -85.19 35.35 6.48
CA LYS D 482 -83.76 35.59 6.49
C LYS D 482 -83.24 36.05 5.14
N VAL D 483 -83.98 35.81 4.06
CA VAL D 483 -83.57 36.35 2.77
C VAL D 483 -84.05 37.77 2.61
N LEU D 484 -85.27 38.07 3.10
CA LEU D 484 -85.87 39.42 3.01
C LEU D 484 -85.04 40.35 3.90
N LEU D 485 -84.30 39.76 4.85
CA LEU D 485 -83.43 40.55 5.71
C LEU D 485 -82.02 40.66 5.19
N ILE D 486 -81.54 39.70 4.39
CA ILE D 486 -80.23 39.84 3.79
C ILE D 486 -80.31 40.73 2.56
N GLY D 487 -81.40 40.65 1.81
CA GLY D 487 -81.57 41.54 0.68
C GLY D 487 -81.70 42.99 1.12
N LYS D 488 -82.51 43.22 2.15
CA LYS D 488 -82.74 44.57 2.69
C LYS D 488 -81.42 45.11 3.28
N SER D 489 -80.61 44.24 3.89
CA SER D 489 -79.38 44.68 4.52
C SER D 489 -78.35 45.15 3.50
N ILE D 490 -78.43 44.64 2.28
CA ILE D 490 -77.47 45.04 1.25
C ILE D 490 -78.01 46.20 0.41
N ASN D 491 -79.33 46.19 0.18
CA ASN D 491 -79.97 47.29 -0.59
C ASN D 491 -79.82 48.59 0.21
N PHE D 492 -79.99 48.51 1.54
CA PHE D 492 -79.87 49.68 2.40
C PHE D 492 -78.42 50.08 2.60
N LEU D 493 -77.49 49.12 2.50
CA LEU D 493 -76.09 49.44 2.64
C LEU D 493 -75.56 50.26 1.48
N HIS D 494 -76.21 50.20 0.32
CA HIS D 494 -75.75 50.91 -0.86
C HIS D 494 -76.32 52.33 -0.94
N GLN D 495 -77.64 52.45 -0.85
CA GLN D 495 -78.28 53.73 -1.11
C GLN D 495 -78.06 54.71 0.04
N VAL D 496 -78.57 54.37 1.23
CA VAL D 496 -78.58 55.33 2.33
C VAL D 496 -77.20 55.40 2.98
N CYS D 497 -76.61 54.27 3.32
CA CYS D 497 -75.30 54.28 3.97
C CYS D 497 -74.22 54.79 3.03
N HIS D 498 -74.47 54.83 1.73
CA HIS D 498 -73.53 55.35 0.73
C HIS D 498 -72.21 54.58 0.77
N ASP D 499 -72.30 53.30 0.43
CA ASP D 499 -71.13 52.43 0.39
C ASP D 499 -71.36 51.34 -0.64
N GLN D 500 -70.28 50.92 -1.29
CA GLN D 500 -70.34 49.85 -2.27
C GLN D 500 -69.21 48.87 -2.02
N THR D 501 -69.46 47.60 -2.34
CA THR D 501 -68.48 46.55 -2.14
C THR D 501 -67.75 46.23 -3.44
N GLU D 527 -82.45 20.61 1.34
CA GLU D 527 -81.00 20.50 1.36
C GLU D 527 -80.44 20.97 2.68
N ASN D 528 -79.16 20.67 2.92
CA ASN D 528 -78.46 21.18 4.10
C ASN D 528 -77.39 22.20 3.76
N ALA D 529 -76.71 22.04 2.62
CA ALA D 529 -75.78 23.08 2.17
C ALA D 529 -76.51 24.35 1.79
N PHE D 530 -77.80 24.26 1.45
CA PHE D 530 -78.58 25.46 1.15
C PHE D 530 -78.84 26.26 2.41
N GLN D 531 -79.22 25.58 3.51
CA GLN D 531 -79.43 26.29 4.77
C GLN D 531 -78.13 26.93 5.26
N GLY D 532 -77.00 26.26 5.05
CA GLY D 532 -75.72 26.85 5.42
C GLY D 532 -75.34 28.05 4.59
N LYS D 533 -75.90 28.18 3.38
CA LYS D 533 -75.60 29.34 2.56
C LYS D 533 -76.34 30.57 3.06
N ILE D 534 -77.59 30.42 3.49
CA ILE D 534 -78.34 31.55 4.03
C ILE D 534 -77.66 32.10 5.28
N ASP D 535 -77.27 31.21 6.19
CA ASP D 535 -76.63 31.65 7.42
C ASP D 535 -75.24 32.23 7.15
N ALA D 536 -74.53 31.70 6.15
CA ALA D 536 -73.25 32.29 5.80
C ALA D 536 -73.42 33.70 5.25
N ALA D 537 -74.48 33.92 4.47
CA ALA D 537 -74.77 35.26 3.97
C ALA D 537 -75.36 36.16 5.03
N TYR D 538 -75.73 35.61 6.18
CA TYR D 538 -76.29 36.40 7.28
C TYR D 538 -75.24 36.85 8.27
N PHE D 539 -74.42 35.92 8.76
CA PHE D 539 -73.42 36.22 9.76
C PHE D 539 -72.24 36.97 9.20
N GLU D 540 -72.31 37.40 7.95
CA GLU D 540 -71.27 38.23 7.34
C GLU D 540 -71.80 39.59 6.92
N THR D 541 -72.97 39.63 6.28
CA THR D 541 -73.52 40.91 5.84
C THR D 541 -73.91 41.78 7.03
N SER D 542 -74.66 41.20 7.97
CA SER D 542 -75.12 41.98 9.12
C SER D 542 -73.94 42.42 9.99
N LYS D 543 -72.98 41.53 10.22
CA LYS D 543 -71.80 41.90 11.01
C LYS D 543 -71.03 43.02 10.33
N TYR D 544 -71.11 43.12 9.01
CA TYR D 544 -70.46 44.22 8.31
C TYR D 544 -71.32 45.49 8.35
N LEU D 545 -72.64 45.35 8.42
CA LEU D 545 -73.49 46.54 8.47
C LEU D 545 -73.27 47.34 9.74
N LEU D 546 -72.96 46.67 10.86
CA LEU D 546 -72.69 47.40 12.09
C LEU D 546 -71.35 48.11 12.04
N ASP D 547 -70.35 47.48 11.41
CA ASP D 547 -69.03 48.09 11.34
C ASP D 547 -69.07 49.40 10.56
N VAL D 548 -69.77 49.41 9.43
CA VAL D 548 -69.89 50.64 8.66
C VAL D 548 -70.82 51.62 9.35
N LEU D 549 -71.65 51.16 10.28
CA LEU D 549 -72.56 52.03 11.00
C LEU D 549 -72.05 52.46 12.36
N ASN D 550 -70.87 51.97 12.75
CA ASN D 550 -70.21 52.43 13.98
C ASN D 550 -68.91 53.17 13.74
N LYS D 551 -68.27 52.98 12.58
CA LYS D 551 -67.05 53.70 12.25
C LYS D 551 -67.29 54.90 11.35
N LYS D 552 -68.23 54.80 10.41
CA LYS D 552 -68.54 55.91 9.53
C LYS D 552 -69.63 56.82 10.07
N TYR D 553 -70.39 56.37 11.07
CA TYR D 553 -71.44 57.19 11.64
C TYR D 553 -71.47 57.19 13.17
N SER D 554 -70.80 56.25 13.83
CA SER D 554 -70.74 56.19 15.28
C SER D 554 -72.15 56.17 15.88
N LEU D 555 -72.89 55.13 15.52
CA LEU D 555 -74.26 54.99 16.03
C LEU D 555 -74.27 54.86 17.55
N LEU D 556 -73.26 54.20 18.11
CA LEU D 556 -73.22 54.02 19.56
C LEU D 556 -72.84 55.31 20.27
N ASP D 557 -71.88 56.05 19.72
CA ASP D 557 -71.45 57.29 20.35
C ASP D 557 -72.53 58.35 20.42
N HIS D 558 -73.62 58.18 19.67
CA HIS D 558 -74.76 59.07 19.78
C HIS D 558 -75.75 58.63 20.86
N MET D 559 -75.92 57.32 21.06
CA MET D 559 -76.78 56.85 22.13
C MET D 559 -76.29 57.32 23.48
N GLN D 560 -74.98 57.20 23.73
CA GLN D 560 -74.43 57.69 24.98
C GLN D 560 -74.53 59.21 25.07
N ALA D 561 -74.25 59.92 23.99
CA ALA D 561 -74.32 61.36 24.01
C ALA D 561 -75.77 61.86 24.07
N MET D 562 -76.73 61.05 23.63
CA MET D 562 -78.13 61.45 23.70
C MET D 562 -78.73 61.18 25.06
N ARG D 563 -78.00 60.52 25.95
CA ARG D 563 -78.37 60.35 27.35
C ARG D 563 -77.78 61.45 28.22
N ARG D 564 -76.56 61.88 27.92
CA ARG D 564 -75.92 62.90 28.75
C ARG D 564 -76.67 64.21 28.68
N TYR D 565 -77.12 64.61 27.50
CA TYR D 565 -77.76 65.91 27.31
C TYR D 565 -79.29 65.82 27.32
N LEU D 566 -79.86 65.01 26.42
CA LEU D 566 -81.31 64.97 26.30
C LEU D 566 -81.98 64.31 27.50
N LEU D 567 -81.25 63.51 28.28
CA LEU D 567 -81.79 62.87 29.47
C LEU D 567 -81.15 63.39 30.74
N LEU D 568 -80.50 64.55 30.66
CA LEU D 568 -79.88 65.20 31.81
C LEU D 568 -78.80 64.35 32.48
N GLY D 569 -78.31 63.33 31.79
CA GLY D 569 -77.30 62.46 32.37
C GLY D 569 -75.96 63.11 32.61
N GLN D 570 -75.77 64.37 32.21
CA GLN D 570 -74.50 65.05 32.43
C GLN D 570 -74.45 65.71 33.80
N GLY D 571 -75.51 66.41 34.18
CA GLY D 571 -75.55 67.03 35.50
C GLY D 571 -74.69 68.27 35.66
N ASP D 572 -73.41 68.18 35.28
CA ASP D 572 -72.54 69.33 35.36
C ASP D 572 -72.96 70.42 34.37
N PHE D 573 -73.40 70.02 33.19
CA PHE D 573 -73.78 70.98 32.17
C PHE D 573 -75.16 71.56 32.43
N ILE D 574 -76.10 70.73 32.90
CA ILE D 574 -77.44 71.24 33.16
C ILE D 574 -77.48 72.15 34.38
N ARG D 575 -76.51 72.02 35.29
CA ARG D 575 -76.45 72.95 36.41
C ARG D 575 -76.21 74.37 35.93
N HIS D 576 -75.15 74.57 35.14
CA HIS D 576 -74.85 75.91 34.64
C HIS D 576 -75.96 76.41 33.71
N LEU D 577 -76.62 75.50 33.00
CA LEU D 577 -77.66 75.91 32.05
C LEU D 577 -78.92 76.37 32.77
N MET D 578 -79.15 75.93 34.01
CA MET D 578 -80.31 76.43 34.75
C MET D 578 -80.01 77.73 35.46
N ASP D 579 -78.74 78.09 35.62
CA ASP D 579 -78.39 79.37 36.23
C ASP D 579 -78.42 80.51 35.22
N LEU D 580 -78.23 80.20 33.93
CA LEU D 580 -78.22 81.24 32.92
C LEU D 580 -79.59 81.51 32.32
N LEU D 581 -80.45 80.51 32.25
CA LEU D 581 -81.80 80.72 31.75
C LEU D 581 -82.74 81.32 32.80
N LYS D 582 -82.28 81.47 34.04
CA LYS D 582 -83.15 82.04 35.07
C LYS D 582 -83.57 83.46 34.75
N PRO D 583 -82.68 84.39 34.39
CA PRO D 583 -83.14 85.76 34.09
C PRO D 583 -84.02 85.86 32.86
N GLU D 584 -84.06 84.84 32.01
CA GLU D 584 -84.82 84.94 30.76
C GLU D 584 -86.21 84.33 30.88
N LEU D 585 -86.29 83.09 31.34
CA LEU D 585 -87.56 82.36 31.33
C LEU D 585 -88.60 82.93 32.29
N VAL D 586 -88.20 83.79 33.23
CA VAL D 586 -89.17 84.37 34.15
C VAL D 586 -90.14 85.28 33.40
N ARG D 587 -89.71 85.84 32.27
CA ARG D 587 -90.59 86.67 31.47
C ARG D 587 -91.62 85.81 30.75
N PRO D 588 -92.74 86.39 30.33
CA PRO D 588 -93.74 85.63 29.56
C PRO D 588 -93.18 85.20 28.23
N ALA D 589 -93.85 84.22 27.63
CA ALA D 589 -93.36 83.60 26.39
C ALA D 589 -93.45 84.53 25.19
N THR D 590 -94.31 85.54 25.25
CA THR D 590 -94.51 86.41 24.08
C THR D 590 -93.26 87.20 23.75
N THR D 591 -92.46 87.57 24.75
CA THR D 591 -91.23 88.31 24.54
C THR D 591 -90.03 87.41 24.30
N LEU D 592 -90.25 86.10 24.17
CA LEU D 592 -89.18 85.13 24.00
C LEU D 592 -88.98 84.82 22.53
N TYR D 593 -87.74 84.87 22.09
CA TYR D 593 -87.40 84.55 20.71
C TYR D 593 -86.18 83.65 20.69
N GLN D 594 -86.23 82.62 19.82
CA GLN D 594 -85.24 81.55 19.88
C GLN D 594 -83.83 82.05 19.62
N HIS D 595 -83.68 83.07 18.76
CA HIS D 595 -82.35 83.51 18.36
C HIS D 595 -81.52 84.03 19.51
N ASN D 596 -82.12 84.33 20.66
CA ASN D 596 -81.38 84.83 21.80
C ASN D 596 -80.85 83.71 22.69
N LEU D 597 -81.61 82.64 22.84
CA LEU D 597 -81.23 81.58 23.78
C LEU D 597 -80.03 80.79 23.30
N THR D 598 -79.84 80.69 21.97
CA THR D 598 -78.76 79.87 21.44
C THR D 598 -77.40 80.37 21.92
N GLY D 599 -77.23 81.69 22.03
CA GLY D 599 -76.01 82.23 22.58
C GLY D 599 -75.79 81.82 24.02
N ILE D 600 -76.87 81.61 24.77
CA ILE D 600 -76.75 81.17 26.16
C ILE D 600 -76.39 79.70 26.23
N LEU D 601 -77.08 78.87 25.43
CA LEU D 601 -76.73 77.45 25.37
C LEU D 601 -75.29 77.26 24.95
N GLU D 602 -74.89 77.96 23.89
CA GLU D 602 -73.51 77.85 23.35
C GLU D 602 -72.50 78.19 24.46
N THR D 603 -72.70 79.32 25.14
CA THR D 603 -71.79 79.78 26.23
C THR D 603 -71.80 78.76 27.38
N ALA D 604 -72.97 78.23 27.73
CA ALA D 604 -73.11 77.27 28.84
C ALA D 604 -72.29 76.01 28.57
N VAL D 605 -72.31 75.50 27.33
CA VAL D 605 -71.58 74.26 26.96
C VAL D 605 -70.07 74.48 27.16
N ARG D 606 -69.57 75.65 26.75
CA ARG D 606 -68.12 75.98 26.87
C ARG D 606 -67.73 76.03 28.35
N ALA D 607 -68.58 76.64 29.18
CA ALA D 607 -68.30 76.81 30.63
C ALA D 607 -68.20 75.45 31.34
N THR D 608 -69.09 74.50 30.99
CA THR D 608 -69.10 73.16 31.65
C THR D 608 -68.12 72.21 30.97
N ASN D 609 -67.92 71.03 31.57
CA ASN D 609 -67.04 69.99 31.05
C ASN D 609 -67.49 69.45 29.69
N ALA D 610 -68.64 69.88 29.20
CA ALA D 610 -69.13 69.40 27.90
C ALA D 610 -68.34 69.95 26.73
N GLN D 611 -67.36 70.82 27.01
CA GLN D 611 -66.51 71.40 25.94
C GLN D 611 -65.66 70.27 25.31
N PHE D 612 -65.06 69.44 26.17
CA PHE D 612 -64.23 68.32 25.72
C PHE D 612 -65.16 67.22 25.21
N ASP D 613 -65.54 67.35 23.95
CA ASP D 613 -66.56 66.47 23.39
C ASP D 613 -66.41 66.44 21.87
N SER D 614 -66.93 65.38 21.27
CA SER D 614 -66.87 65.23 19.82
C SER D 614 -67.58 66.38 19.13
N PRO D 615 -66.91 67.08 18.20
CA PRO D 615 -67.55 68.23 17.55
C PRO D 615 -68.77 67.85 16.73
N GLU D 616 -68.84 66.62 16.25
CA GLU D 616 -69.96 66.21 15.40
C GLU D 616 -71.26 66.19 16.18
N ILE D 617 -71.27 65.51 17.33
CA ILE D 617 -72.51 65.43 18.11
C ILE D 617 -72.89 66.79 18.68
N LEU D 618 -71.93 67.68 18.90
CA LEU D 618 -72.25 69.03 19.34
C LEU D 618 -72.87 69.88 18.25
N ARG D 619 -72.77 69.45 16.99
CA ARG D 619 -73.38 70.21 15.91
C ARG D 619 -74.89 70.03 15.88
N ARG D 620 -75.39 68.91 16.40
CA ARG D 620 -76.82 68.63 16.35
C ARG D 620 -77.56 69.15 17.57
N LEU D 621 -76.89 69.35 18.69
CA LEU D 621 -77.55 69.78 19.92
C LEU D 621 -77.95 71.25 19.80
N ASP D 622 -79.25 71.51 19.80
CA ASP D 622 -79.74 72.88 19.74
C ASP D 622 -80.96 73.01 20.65
N VAL D 623 -81.68 74.10 20.48
CA VAL D 623 -82.86 74.41 21.28
C VAL D 623 -84.09 74.35 20.37
N ARG D 624 -85.24 74.15 20.99
CA ARG D 624 -86.51 74.28 20.29
C ARG D 624 -87.50 74.96 21.23
N LEU D 625 -88.52 75.59 20.66
CA LEU D 625 -89.52 76.31 21.42
C LEU D 625 -90.87 75.63 21.22
N LEU D 626 -91.35 74.97 22.28
CA LEU D 626 -92.64 74.31 22.21
C LEU D 626 -93.77 75.32 22.17
N GLU D 627 -94.82 74.98 21.46
CA GLU D 627 -96.00 75.85 21.40
C GLU D 627 -97.28 75.02 21.47
N ASP D 632 -98.68 81.56 29.36
CA ASP D 632 -97.54 80.67 29.52
C ASP D 632 -96.34 81.42 30.06
N THR D 633 -95.24 80.69 30.28
CA THR D 633 -94.03 81.28 30.82
C THR D 633 -92.83 80.58 30.19
N GLY D 634 -91.66 81.22 30.31
CA GLY D 634 -90.45 80.65 29.74
C GLY D 634 -90.09 79.28 30.28
N TRP D 635 -90.61 78.90 31.43
CA TRP D 635 -90.38 77.58 32.00
C TRP D 635 -91.39 76.56 31.51
N ASP D 636 -92.12 76.86 30.44
CA ASP D 636 -93.11 75.95 29.89
C ASP D 636 -92.92 75.70 28.39
N VAL D 637 -92.04 76.43 27.73
CA VAL D 637 -91.85 76.31 26.30
C VAL D 637 -90.40 76.04 25.91
N PHE D 638 -89.51 75.85 26.88
CA PHE D 638 -88.10 75.59 26.58
C PHE D 638 -87.82 74.09 26.67
N SER D 639 -87.04 73.59 25.71
CA SER D 639 -86.66 72.19 25.66
C SER D 639 -85.61 72.00 24.58
N LEU D 640 -84.69 71.06 24.81
CA LEU D 640 -83.68 70.72 23.83
C LEU D 640 -84.24 69.72 22.82
N ASP D 641 -83.62 69.66 21.65
CA ASP D 641 -84.13 68.83 20.56
C ASP D 641 -83.18 67.72 20.14
N TYR D 642 -81.93 68.06 19.81
CA TYR D 642 -80.96 67.09 19.27
C TYR D 642 -81.55 66.36 18.06
N HIS D 643 -81.79 67.13 16.99
CA HIS D 643 -82.30 66.56 15.77
C HIS D 643 -81.27 65.64 15.13
N VAL D 644 -81.75 64.57 14.49
CA VAL D 644 -80.88 63.59 13.84
C VAL D 644 -81.48 63.19 12.51
N ASP D 645 -80.70 63.34 11.44
CA ASP D 645 -81.11 62.98 10.09
C ASP D 645 -80.01 62.17 9.43
N GLY D 646 -80.40 61.33 8.48
CA GLY D 646 -79.47 60.51 7.76
C GLY D 646 -79.66 59.03 8.01
N PRO D 647 -78.58 58.26 7.95
CA PRO D 647 -78.69 56.82 8.27
C PRO D 647 -79.02 56.56 9.72
N ILE D 648 -78.45 57.33 10.65
CA ILE D 648 -78.75 57.16 12.05
C ILE D 648 -80.22 57.42 12.36
N ALA D 649 -80.92 58.12 11.47
CA ALA D 649 -82.33 58.40 11.67
C ALA D 649 -83.22 57.16 11.52
N THR D 650 -82.66 56.02 11.13
CA THR D 650 -83.43 54.80 11.05
C THR D 650 -83.51 54.06 12.38
N VAL D 651 -82.78 54.52 13.39
CA VAL D 651 -82.87 53.94 14.72
C VAL D 651 -83.86 54.72 15.59
N PHE D 652 -84.03 56.01 15.33
CA PHE D 652 -84.87 56.89 16.13
C PHE D 652 -86.24 57.13 15.51
N THR D 653 -86.31 57.28 14.19
CA THR D 653 -87.55 57.11 13.43
C THR D 653 -88.67 58.03 13.90
N ARG D 654 -88.32 59.24 14.35
CA ARG D 654 -89.30 60.28 14.57
C ARG D 654 -90.24 59.95 15.73
N GLU D 655 -90.13 58.74 16.27
CA GLU D 655 -90.92 58.34 17.43
C GLU D 655 -90.10 58.37 18.71
N CYS D 656 -88.82 58.03 18.64
CA CYS D 656 -87.95 58.21 19.79
C CYS D 656 -87.75 59.68 20.10
N MET D 657 -87.75 60.54 19.06
CA MET D 657 -87.70 61.97 19.29
C MET D 657 -89.02 62.54 19.75
N SER D 658 -90.13 61.84 19.52
CA SER D 658 -91.41 62.22 20.11
C SER D 658 -91.64 61.57 21.46
N HIS D 659 -90.72 60.72 21.91
CA HIS D 659 -90.77 60.14 23.25
C HIS D 659 -89.77 60.78 24.20
N TYR D 660 -88.57 61.10 23.72
CA TYR D 660 -87.59 61.78 24.56
C TYR D 660 -88.12 63.11 25.05
N LEU D 661 -88.71 63.90 24.16
CA LEU D 661 -89.30 65.16 24.58
C LEU D 661 -90.45 64.94 25.55
N ARG D 662 -91.18 63.83 25.39
CA ARG D 662 -92.21 63.48 26.36
C ARG D 662 -91.59 63.15 27.72
N VAL D 663 -90.34 62.69 27.73
CA VAL D 663 -89.63 62.43 28.98
C VAL D 663 -88.94 63.69 29.49
N PHE D 664 -88.36 64.48 28.59
CA PHE D 664 -87.53 65.61 29.00
C PHE D 664 -88.30 66.60 29.85
N ASN D 665 -89.61 66.72 29.65
CA ASN D 665 -90.40 67.62 30.48
C ASN D 665 -90.39 67.15 31.93
N PHE D 666 -90.60 65.86 32.16
CA PHE D 666 -90.64 65.36 33.53
C PHE D 666 -89.30 65.47 34.22
N LEU D 667 -88.21 65.39 33.47
CA LEU D 667 -86.89 65.59 34.07
C LEU D 667 -86.53 67.07 34.20
N TRP D 668 -87.17 67.94 33.42
CA TRP D 668 -86.94 69.37 33.59
C TRP D 668 -87.71 69.92 34.78
N ARG D 669 -88.96 69.49 34.96
CA ARG D 669 -89.75 69.93 36.10
C ARG D 669 -89.12 69.45 37.41
N ALA D 670 -88.83 68.16 37.50
CA ALA D 670 -88.20 67.62 38.70
C ALA D 670 -86.78 68.14 38.89
N LYS D 671 -86.28 68.99 38.00
CA LYS D 671 -84.99 69.62 38.19
C LYS D 671 -85.10 71.08 38.63
N ARG D 672 -86.15 71.79 38.21
CA ARG D 672 -86.37 73.14 38.72
C ARG D 672 -87.09 73.11 40.06
N MET D 673 -87.89 72.09 40.32
CA MET D 673 -88.49 71.93 41.64
C MET D 673 -87.46 71.59 42.70
N GLU D 674 -86.25 71.23 42.30
CA GLU D 674 -85.17 70.99 43.24
C GLU D 674 -84.27 72.21 43.42
N TYR D 675 -83.95 72.91 42.34
CA TYR D 675 -83.12 74.11 42.48
C TYR D 675 -83.90 75.26 43.09
N ILE D 676 -85.23 75.19 43.10
CA ILE D 676 -86.01 76.11 43.91
C ILE D 676 -85.84 75.78 45.38
N LEU D 677 -85.90 74.50 45.73
CA LEU D 677 -85.85 74.06 47.11
C LEU D 677 -84.44 74.09 47.70
N THR D 678 -83.41 74.20 46.88
CA THR D 678 -82.09 74.50 47.41
C THR D 678 -81.80 76.00 47.44
N ASP D 679 -82.65 76.80 46.80
CA ASP D 679 -82.55 78.25 46.95
C ASP D 679 -83.25 78.70 48.23
N ILE D 680 -84.43 78.14 48.51
CA ILE D 680 -85.09 78.43 49.78
C ILE D 680 -84.21 78.03 50.94
N ARG D 681 -83.65 76.81 50.89
CA ARG D 681 -82.72 76.39 51.92
C ARG D 681 -81.49 77.29 51.97
N LYS D 682 -81.14 77.93 50.86
CA LYS D 682 -80.05 78.90 50.88
C LYS D 682 -80.48 80.20 51.53
N GLY D 683 -81.75 80.57 51.38
CA GLY D 683 -82.25 81.77 52.04
C GLY D 683 -82.25 81.64 53.55
N HIS D 684 -82.72 80.51 54.07
CA HIS D 684 -82.73 80.30 55.51
C HIS D 684 -81.32 80.22 56.07
N MET D 685 -80.35 79.84 55.24
CA MET D 685 -78.96 79.81 55.67
C MET D 685 -78.35 81.20 55.71
N CYS D 686 -79.04 82.20 55.18
CA CYS D 686 -78.68 83.59 55.38
C CYS D 686 -79.70 84.37 56.20
N ASN D 687 -80.91 83.84 56.35
CA ASN D 687 -81.93 84.52 57.13
C ASN D 687 -81.51 84.63 58.60
N ALA D 688 -81.32 83.49 59.25
CA ALA D 688 -80.99 83.48 60.67
C ALA D 688 -79.65 84.15 60.97
N LYS D 689 -78.84 84.44 59.97
CA LYS D 689 -77.58 85.11 60.20
C LYS D 689 -77.71 86.64 60.25
N LEU D 690 -78.92 87.16 60.04
CA LEU D 690 -79.17 88.60 60.14
C LEU D 690 -80.12 88.94 61.28
N LEU D 691 -81.31 88.32 61.31
CA LEU D 691 -82.34 88.66 62.28
C LEU D 691 -82.36 87.72 63.47
N ARG D 692 -81.19 87.25 63.91
CA ARG D 692 -81.08 86.41 65.09
C ARG D 692 -81.22 87.21 66.38
N ASN D 693 -81.56 88.49 66.31
CA ASN D 693 -81.71 89.33 67.49
C ASN D 693 -83.16 89.64 67.84
N MET D 694 -84.12 89.09 67.09
CA MET D 694 -85.54 89.33 67.34
C MET D 694 -86.17 88.05 67.85
N PRO D 695 -86.16 87.79 69.16
CA PRO D 695 -86.67 86.51 69.68
C PRO D 695 -88.17 86.34 69.50
N GLU D 696 -88.91 87.40 69.19
CA GLU D 696 -90.34 87.31 68.97
C GLU D 696 -90.70 86.78 67.59
N PHE D 697 -89.72 86.68 66.69
CA PHE D 697 -89.98 86.22 65.34
C PHE D 697 -89.59 84.77 65.10
N SER D 698 -88.71 84.21 65.93
CA SER D 698 -88.27 82.84 65.73
C SER D 698 -89.37 81.83 65.98
N GLY D 699 -90.43 82.22 66.69
CA GLY D 699 -91.53 81.30 66.92
C GLY D 699 -92.26 80.94 65.63
N VAL D 700 -92.54 81.95 64.80
CA VAL D 700 -93.18 81.69 63.51
C VAL D 700 -92.16 81.36 62.43
N LEU D 701 -90.92 81.83 62.58
CA LEU D 701 -89.88 81.49 61.62
C LEU D 701 -89.56 80.00 61.66
N HIS D 702 -89.77 79.35 62.80
CA HIS D 702 -89.45 77.94 62.91
C HIS D 702 -90.31 77.09 61.99
N GLN D 703 -91.61 77.37 61.93
CA GLN D 703 -92.47 76.64 61.01
C GLN D 703 -92.06 76.83 59.57
N CYS D 704 -91.29 77.88 59.27
CA CYS D 704 -90.79 78.07 57.92
C CYS D 704 -89.64 77.12 57.61
N HIS D 705 -88.92 76.66 58.66
CA HIS D 705 -87.83 75.72 58.43
C HIS D 705 -88.34 74.29 58.32
N ILE D 706 -89.18 73.87 59.27
CA ILE D 706 -89.64 72.48 59.29
C ILE D 706 -90.41 72.15 58.02
N LEU D 707 -91.28 73.05 57.58
CA LEU D 707 -92.01 72.81 56.35
C LEU D 707 -91.08 72.69 55.16
N ALA D 708 -89.93 73.38 55.21
CA ALA D 708 -88.96 73.24 54.14
C ALA D 708 -88.30 71.86 54.17
N SER D 709 -87.75 71.48 55.33
CA SER D 709 -87.05 70.21 55.44
C SER D 709 -87.98 69.02 55.28
N GLU D 710 -89.28 69.18 55.55
CA GLU D 710 -90.23 68.14 55.23
C GLU D 710 -90.55 68.11 53.74
N MET D 711 -90.34 69.22 53.05
CA MET D 711 -90.61 69.29 51.62
C MET D 711 -89.41 68.89 50.79
N VAL D 712 -88.20 69.27 51.22
CA VAL D 712 -87.01 68.92 50.45
C VAL D 712 -86.74 67.43 50.50
N HIS D 713 -87.24 66.72 51.51
CA HIS D 713 -87.07 65.28 51.56
C HIS D 713 -87.86 64.60 50.44
N PHE D 714 -89.13 64.96 50.29
CA PHE D 714 -89.95 64.34 49.24
C PHE D 714 -89.38 64.55 47.86
N ILE D 715 -88.73 65.70 47.63
CA ILE D 715 -88.13 65.97 46.34
C ILE D 715 -86.75 65.33 46.22
N HIS D 716 -85.90 65.50 47.23
CA HIS D 716 -84.58 64.90 47.18
C HIS D 716 -84.60 63.39 47.23
N GLN D 717 -85.73 62.79 47.60
CA GLN D 717 -85.84 61.33 47.56
C GLN D 717 -86.35 60.84 46.22
N MET D 718 -87.43 61.44 45.70
CA MET D 718 -87.88 61.11 44.36
C MET D 718 -86.80 61.39 43.33
N GLN D 719 -85.92 62.35 43.60
CA GLN D 719 -84.81 62.61 42.69
C GLN D 719 -83.85 61.43 42.65
N TYR D 720 -83.83 60.61 43.70
CA TYR D 720 -82.99 59.42 43.68
C TYR D 720 -83.66 58.28 42.92
N TYR D 721 -84.97 58.12 43.10
CA TYR D 721 -85.70 57.11 42.35
C TYR D 721 -85.56 57.33 40.85
N ILE D 722 -85.31 58.56 40.42
CA ILE D 722 -85.11 58.83 39.01
C ILE D 722 -83.74 58.34 38.57
N THR D 723 -82.74 58.43 39.43
CA THR D 723 -81.40 58.05 39.04
C THR D 723 -81.21 56.53 39.00
N PHE D 724 -81.56 55.85 40.08
CA PHE D 724 -81.22 54.43 40.23
C PHE D 724 -82.28 53.50 39.67
N GLU D 725 -83.56 53.84 39.82
CA GLU D 725 -84.64 52.95 39.41
C GLU D 725 -85.07 53.14 37.97
N VAL D 726 -84.73 54.27 37.34
CA VAL D 726 -85.20 54.60 36.00
C VAL D 726 -84.04 54.77 35.04
N LEU D 727 -83.03 55.55 35.41
CA LEU D 727 -81.92 55.79 34.49
C LEU D 727 -80.85 54.71 34.60
N GLU D 728 -80.26 54.54 35.79
CA GLU D 728 -79.12 53.64 35.91
C GLU D 728 -79.51 52.17 35.78
N CYS D 729 -80.77 51.83 36.02
CA CYS D 729 -81.19 50.43 35.91
C CYS D 729 -81.72 50.08 34.53
N SER D 730 -82.60 50.93 33.97
CA SER D 730 -83.16 50.63 32.66
C SER D 730 -82.18 50.89 31.54
N TRP D 731 -81.12 51.66 31.77
CA TRP D 731 -80.08 51.81 30.78
C TRP D 731 -79.11 50.63 30.80
N ASP D 732 -78.96 49.98 31.94
CA ASP D 732 -78.04 48.84 32.01
C ASP D 732 -78.58 47.65 31.23
N GLU D 733 -79.90 47.50 31.19
CA GLU D 733 -80.50 46.46 30.36
C GLU D 733 -80.47 46.81 28.88
N LEU D 734 -79.97 47.98 28.51
CA LEU D 734 -79.78 48.38 27.12
C LEU D 734 -78.35 48.20 26.65
N TRP D 735 -77.39 48.68 27.42
CA TRP D 735 -75.99 48.47 27.07
C TRP D 735 -75.58 47.02 27.19
N ASN D 736 -76.38 46.19 27.84
CA ASN D 736 -76.12 44.76 27.89
C ASN D 736 -76.68 44.03 26.68
N LYS D 737 -77.79 44.51 26.12
CA LYS D 737 -78.39 43.92 24.92
C LYS D 737 -77.97 44.66 23.66
N VAL D 738 -76.82 45.32 23.68
CA VAL D 738 -76.25 45.96 22.51
C VAL D 738 -74.85 45.46 22.22
N GLN D 739 -74.01 45.34 23.25
CA GLN D 739 -72.69 44.76 23.07
C GLN D 739 -72.75 43.27 22.71
N GLN D 740 -73.93 42.66 22.77
CA GLN D 740 -74.10 41.27 22.36
C GLN D 740 -75.08 41.10 21.20
N ALA D 741 -75.84 42.13 20.86
CA ALA D 741 -76.76 42.05 19.74
C ALA D 741 -76.02 42.21 18.43
N GLN D 742 -76.76 42.17 17.33
CA GLN D 742 -76.19 42.32 15.99
C GLN D 742 -77.34 42.59 15.01
N ASP D 743 -77.01 42.58 13.73
CA ASP D 743 -77.94 42.69 12.60
C ASP D 743 -78.88 43.89 12.69
N LEU D 744 -78.59 44.84 13.56
CA LEU D 744 -79.29 46.12 13.61
C LEU D 744 -80.79 45.99 13.83
N ASP D 745 -81.28 44.77 13.97
CA ASP D 745 -82.68 44.55 14.28
C ASP D 745 -82.87 44.02 15.69
N HIS D 746 -81.79 43.59 16.34
CA HIS D 746 -81.77 43.41 17.79
C HIS D 746 -81.36 44.67 18.52
N ILE D 747 -80.87 45.68 17.79
CA ILE D 747 -80.56 46.98 18.39
C ILE D 747 -81.80 47.87 18.44
N ILE D 748 -82.56 47.92 17.35
CA ILE D 748 -83.80 48.70 17.35
C ILE D 748 -84.76 48.16 18.40
N ALA D 749 -84.93 46.84 18.45
CA ALA D 749 -85.86 46.25 19.41
C ALA D 749 -85.34 46.34 20.83
N ALA D 750 -84.03 46.57 21.02
CA ALA D 750 -83.50 46.79 22.37
C ALA D 750 -83.57 48.25 22.77
N HIS D 751 -83.49 49.16 21.81
CA HIS D 751 -83.65 50.58 22.09
C HIS D 751 -85.12 51.01 22.10
N GLU D 752 -86.01 50.25 21.48
CA GLU D 752 -87.42 50.61 21.49
C GLU D 752 -88.05 50.26 22.83
N VAL D 753 -87.69 49.11 23.41
CA VAL D 753 -88.21 48.76 24.72
C VAL D 753 -87.55 49.60 25.81
N PHE D 754 -86.36 50.16 25.54
CA PHE D 754 -85.73 51.07 26.48
C PHE D 754 -86.51 52.36 26.65
N LEU D 755 -87.38 52.68 25.69
CA LEU D 755 -88.28 53.82 25.80
C LEU D 755 -89.68 53.42 26.21
N ASP D 756 -89.93 52.15 26.46
CA ASP D 756 -91.22 51.73 26.98
C ASP D 756 -91.18 51.39 28.46
N THR D 757 -89.99 51.26 29.04
CA THR D 757 -89.88 51.12 30.49
C THR D 757 -89.70 52.47 31.16
N ILE D 758 -88.91 53.36 30.59
CA ILE D 758 -88.74 54.68 31.17
C ILE D 758 -90.06 55.44 31.19
N ILE D 759 -90.85 55.32 30.12
CA ILE D 759 -92.20 55.88 30.13
C ILE D 759 -93.05 55.19 31.19
N SER D 760 -92.82 53.89 31.42
CA SER D 760 -93.63 53.17 32.39
C SER D 760 -93.11 53.34 33.81
N ARG D 761 -91.80 53.36 34.01
CA ARG D 761 -91.28 53.52 35.36
C ARG D 761 -91.45 54.94 35.86
N CYS D 762 -91.30 55.93 34.98
CA CYS D 762 -91.86 57.24 35.25
C CYS D 762 -93.37 57.17 35.10
N LEU D 763 -94.05 58.19 35.60
CA LEU D 763 -95.51 58.16 35.65
C LEU D 763 -96.17 58.71 34.40
N LEU D 764 -95.47 58.72 33.26
CA LEU D 764 -95.98 59.29 32.03
C LEU D 764 -96.77 58.29 31.18
N ASP D 765 -97.31 57.24 31.79
CA ASP D 765 -98.09 56.27 31.04
C ASP D 765 -99.48 56.83 30.74
N SER D 766 -100.34 55.96 30.19
CA SER D 766 -101.69 56.34 29.85
C SER D 766 -102.68 55.97 30.96
N ASP D 767 -102.50 54.81 31.58
CA ASP D 767 -103.39 54.38 32.65
C ASP D 767 -102.94 54.84 34.03
N SER D 768 -101.76 55.45 34.14
CA SER D 768 -101.31 56.05 35.39
C SER D 768 -101.59 57.54 35.43
N ARG D 769 -102.63 58.00 34.73
CA ARG D 769 -102.92 59.42 34.65
C ARG D 769 -103.30 59.99 36.00
N ALA D 770 -104.08 59.23 36.79
CA ALA D 770 -104.48 59.70 38.10
C ALA D 770 -103.29 59.93 39.03
N LEU D 771 -102.14 59.33 38.73
CA LEU D 771 -100.98 59.48 39.59
C LEU D 771 -100.22 60.75 39.30
N LEU D 772 -99.98 61.05 38.02
CA LEU D 772 -99.17 62.21 37.68
C LEU D 772 -99.88 63.51 38.05
N ASN D 773 -101.17 63.62 37.74
CA ASN D 773 -101.92 64.80 38.13
C ASN D 773 -101.94 64.97 39.64
N GLN D 774 -101.82 63.87 40.38
CA GLN D 774 -101.69 63.97 41.82
C GLN D 774 -100.32 64.50 42.23
N LEU D 775 -99.27 64.15 41.47
CA LEU D 775 -97.94 64.65 41.78
C LEU D 775 -97.81 66.14 41.49
N ARG D 776 -98.51 66.62 40.46
CA ARG D 776 -98.40 68.03 40.08
C ARG D 776 -98.83 68.93 41.24
N ALA D 777 -99.87 68.54 41.98
CA ALA D 777 -100.30 69.34 43.12
C ALA D 777 -99.18 69.50 44.14
N VAL D 778 -98.42 68.43 44.38
CA VAL D 778 -97.27 68.54 45.28
C VAL D 778 -96.20 69.41 44.65
N PHE D 779 -96.05 69.35 43.32
CA PHE D 779 -95.13 70.24 42.66
C PHE D 779 -95.57 71.69 42.76
N ASP D 780 -96.88 71.93 42.89
CA ASP D 780 -97.37 73.29 43.02
C ASP D 780 -97.16 73.84 44.42
N GLN D 781 -97.35 73.00 45.44
CA GLN D 781 -97.20 73.48 46.82
C GLN D 781 -95.78 73.94 47.11
N ILE D 782 -94.79 73.51 46.33
CA ILE D 782 -93.44 74.01 46.51
C ILE D 782 -93.34 75.45 46.05
N ILE D 783 -94.08 75.81 44.99
CA ILE D 783 -94.03 77.19 44.50
C ILE D 783 -94.77 78.11 45.46
N GLU D 784 -95.92 77.68 45.97
CA GLU D 784 -96.68 78.52 46.89
C GLU D 784 -95.91 78.78 48.18
N LEU D 785 -95.02 77.87 48.56
CA LEU D 785 -94.16 78.15 49.71
C LEU D 785 -93.20 79.29 49.40
N GLN D 786 -92.59 79.28 48.22
CA GLN D 786 -91.65 80.34 47.85
C GLN D 786 -92.33 81.71 47.81
N ASN D 787 -93.61 81.77 47.47
CA ASN D 787 -94.34 83.02 47.47
C ASN D 787 -94.76 83.45 48.87
N ALA D 788 -95.14 82.49 49.71
CA ALA D 788 -95.51 82.78 51.08
C ALA D 788 -94.32 82.85 52.02
N GLN D 789 -93.09 82.81 51.49
CA GLN D 789 -91.90 82.87 52.32
C GLN D 789 -91.23 84.23 52.22
N ASP D 790 -90.93 84.68 51.00
CA ASP D 790 -90.29 85.98 50.83
C ASP D 790 -91.17 87.10 51.35
N ALA D 791 -92.49 86.92 51.32
CA ALA D 791 -93.37 87.89 51.95
C ALA D 791 -93.12 87.97 53.45
N ILE D 792 -93.00 86.81 54.10
CA ILE D 792 -92.68 86.80 55.53
C ILE D 792 -91.21 87.12 55.75
N TYR D 793 -90.36 86.88 54.74
CA TYR D 793 -88.95 87.22 54.86
C TYR D 793 -88.74 88.72 54.74
N ARG D 794 -89.32 89.33 53.71
CA ARG D 794 -89.08 90.76 53.47
C ARG D 794 -89.76 91.62 54.51
N ALA D 795 -90.96 91.23 54.96
CA ALA D 795 -91.66 92.00 55.97
C ALA D 795 -90.90 92.08 57.28
N ALA D 796 -89.99 91.13 57.53
CA ALA D 796 -89.15 91.19 58.71
C ALA D 796 -87.87 91.99 58.47
N LEU D 797 -87.42 92.12 57.23
CA LEU D 797 -86.25 92.93 56.94
C LEU D 797 -86.58 94.41 56.89
N GLU D 798 -87.79 94.77 56.46
CA GLU D 798 -88.19 96.17 56.49
C GLU D 798 -88.28 96.67 57.92
N GLU D 799 -89.00 95.94 58.77
CA GLU D 799 -89.12 96.31 60.17
C GLU D 799 -87.77 96.31 60.88
N LEU D 800 -86.85 95.47 60.42
CA LEU D 800 -85.51 95.48 60.99
C LEU D 800 -84.73 96.71 60.52
N GLN D 801 -84.89 97.07 59.24
CA GLN D 801 -84.16 98.21 58.70
C GLN D 801 -84.63 99.52 59.33
N ARG D 802 -85.94 99.68 59.49
CA ARG D 802 -86.46 100.87 60.16
C ARG D 802 -85.98 100.93 61.61
N ARG D 803 -85.99 99.78 62.29
CA ARG D 803 -85.49 99.73 63.67
C ARG D 803 -84.01 100.07 63.75
N LEU D 804 -83.26 99.86 62.66
CA LEU D 804 -81.86 100.25 62.66
C LEU D 804 -81.73 101.78 62.55
N GLN D 805 -82.40 102.38 61.56
CA GLN D 805 -82.30 103.82 61.36
C GLN D 805 -83.01 104.60 62.46
N PHE D 806 -84.01 104.01 63.12
CA PHE D 806 -84.74 104.71 64.17
C PHE D 806 -83.90 104.92 65.42
N GLU D 807 -82.70 104.34 65.50
CA GLU D 807 -81.84 104.48 66.66
C GLU D 807 -80.41 104.91 66.34
N GLU D 808 -79.96 104.77 65.10
CA GLU D 808 -78.58 105.15 64.78
C GLU D 808 -78.44 106.65 64.56
N LYS D 809 -79.48 107.31 64.06
CA LYS D 809 -79.39 108.75 63.83
C LYS D 809 -79.63 109.54 65.11
N LYS D 810 -80.38 108.97 66.06
CA LYS D 810 -80.68 109.66 67.30
C LYS D 810 -79.72 109.31 68.42
N LYS D 811 -78.94 108.23 68.27
CA LYS D 811 -77.99 107.82 69.30
C LYS D 811 -76.64 107.47 68.69
N GLU D 825 -91.94 111.07 69.73
CA GLU D 825 -91.02 110.27 68.93
C GLU D 825 -90.94 108.83 69.45
N GLU D 826 -90.64 108.70 70.74
CA GLU D 826 -90.52 107.37 71.35
C GLU D 826 -91.88 106.70 71.52
N GLU D 827 -92.96 107.47 71.55
CA GLU D 827 -94.29 106.90 71.75
C GLU D 827 -95.00 106.59 70.43
N GLU D 828 -94.70 107.35 69.38
CA GLU D 828 -95.35 107.12 68.09
C GLU D 828 -94.85 105.89 67.36
N GLU D 829 -93.74 105.31 67.81
CA GLU D 829 -93.22 104.09 67.21
C GLU D 829 -93.58 102.84 67.97
N ASN D 830 -93.78 102.93 69.28
CA ASN D 830 -94.19 101.77 70.05
C ASN D 830 -95.53 101.23 69.57
N LYS D 831 -96.39 102.10 69.02
CA LYS D 831 -97.60 101.61 68.39
C LYS D 831 -97.30 100.95 67.06
N ARG D 832 -96.25 101.40 66.36
CA ARG D 832 -95.83 100.72 65.14
C ARG D 832 -95.11 99.42 65.45
N ILE D 833 -94.25 99.42 66.47
CA ILE D 833 -93.64 98.18 66.91
C ILE D 833 -94.67 97.28 67.57
N GLY D 834 -95.62 97.87 68.31
CA GLY D 834 -96.64 97.08 68.96
C GLY D 834 -97.58 96.40 67.98
N GLU D 835 -97.97 97.11 66.91
CA GLU D 835 -98.82 96.50 65.90
C GLU D 835 -98.06 95.46 65.09
N PHE D 836 -96.75 95.64 64.93
CA PHE D 836 -95.96 94.68 64.17
C PHE D 836 -95.93 93.32 64.87
N LYS D 837 -95.93 93.32 66.20
CA LYS D 837 -96.06 92.06 66.93
C LYS D 837 -97.43 91.45 66.76
N GLU D 838 -98.45 92.29 66.53
CA GLU D 838 -99.82 91.78 66.39
C GLU D 838 -100.08 91.17 65.02
N SER D 839 -99.30 91.53 64.00
CA SER D 839 -99.45 90.91 62.70
C SER D 839 -98.77 89.55 62.62
N ILE D 840 -97.95 89.19 63.62
CA ILE D 840 -97.26 87.90 63.57
C ILE D 840 -98.23 86.73 63.65
N PRO D 841 -99.17 86.67 64.59
CA PRO D 841 -100.10 85.52 64.61
C PRO D 841 -100.93 85.39 63.36
N LYS D 842 -101.06 86.45 62.56
CA LYS D 842 -101.74 86.33 61.28
C LYS D 842 -100.90 85.47 60.32
N MET D 843 -99.60 85.75 60.23
CA MET D 843 -98.74 84.96 59.36
C MET D 843 -98.60 83.53 59.86
N CYS D 844 -98.65 83.32 61.18
CA CYS D 844 -98.57 81.97 61.71
C CYS D 844 -99.74 81.11 61.25
N SER D 845 -100.94 81.71 61.12
CA SER D 845 -102.08 80.97 60.61
C SER D 845 -101.95 80.63 59.14
N GLN D 846 -101.01 81.25 58.42
CA GLN D 846 -100.74 80.86 57.05
C GLN D 846 -99.91 79.57 57.00
N LEU D 847 -98.74 79.59 57.63
CA LEU D 847 -97.89 78.41 57.64
C LEU D 847 -98.49 77.26 58.44
N ARG D 848 -99.49 77.53 59.29
CA ARG D 848 -100.17 76.45 59.97
C ARG D 848 -101.25 75.82 59.09
N ILE D 849 -101.79 76.58 58.14
CA ILE D 849 -102.77 76.01 57.21
C ILE D 849 -102.14 75.56 55.90
N LEU D 850 -100.97 76.10 55.54
CA LEU D 850 -100.27 75.60 54.36
C LEU D 850 -99.66 74.23 54.62
N THR D 851 -99.10 74.04 55.82
CA THR D 851 -98.52 72.74 56.16
C THR D 851 -99.61 71.68 56.28
N HIS D 852 -100.69 71.99 57.00
CA HIS D 852 -101.74 71.00 57.21
C HIS D 852 -102.40 70.58 55.91
N PHE D 853 -102.23 71.35 54.83
CA PHE D 853 -102.71 70.94 53.52
C PHE D 853 -101.66 70.25 52.68
N TYR D 854 -100.38 70.57 52.92
CA TYR D 854 -99.31 69.86 52.23
C TYR D 854 -99.26 68.40 52.63
N GLN D 855 -99.42 68.13 53.93
CA GLN D 855 -99.43 66.75 54.41
C GLN D 855 -100.68 66.02 53.95
N GLY D 856 -101.77 66.74 53.68
CA GLY D 856 -102.98 66.10 53.18
C GLY D 856 -102.90 65.69 51.74
N ILE D 857 -101.93 66.20 50.99
CA ILE D 857 -101.77 65.84 49.60
C ILE D 857 -100.66 64.82 49.39
N VAL D 858 -99.77 64.65 50.37
CA VAL D 858 -98.74 63.61 50.30
C VAL D 858 -99.27 62.29 50.84
N GLN D 859 -99.91 62.32 52.01
CA GLN D 859 -100.53 61.12 52.55
C GLN D 859 -101.61 60.57 51.62
N GLN D 860 -102.16 61.43 50.76
CA GLN D 860 -103.03 60.95 49.69
C GLN D 860 -102.22 60.43 48.51
N PHE D 861 -101.05 61.01 48.27
CA PHE D 861 -100.20 60.55 47.16
C PHE D 861 -99.77 59.11 47.35
N LEU D 862 -99.36 58.74 48.57
CA LEU D 862 -98.88 57.38 48.82
C LEU D 862 -99.97 56.35 48.59
N VAL D 863 -101.21 56.67 48.97
CA VAL D 863 -102.31 55.74 48.82
C VAL D 863 -102.52 55.38 47.35
N LEU D 864 -102.20 56.31 46.44
CA LEU D 864 -102.37 56.04 45.02
C LEU D 864 -101.30 55.13 44.45
N LEU D 865 -100.15 54.99 45.12
CA LEU D 865 -99.11 54.10 44.61
C LEU D 865 -99.49 52.64 44.75
N THR D 866 -100.25 52.28 45.79
CA THR D 866 -100.70 50.91 45.94
C THR D 866 -101.80 50.66 44.92
N THR D 867 -101.38 50.46 43.68
CA THR D 867 -102.30 50.28 42.56
C THR D 867 -103.17 49.05 42.73
N ASP D 870 -95.98 48.81 37.17
CA ASP D 870 -96.96 48.58 38.23
C ASP D 870 -96.34 47.88 39.42
N GLU D 871 -95.06 47.54 39.29
CA GLU D 871 -94.31 46.90 40.37
C GLU D 871 -93.10 47.70 40.80
N SER D 872 -92.36 48.29 39.84
CA SER D 872 -91.20 49.08 40.19
C SER D 872 -91.56 50.29 41.04
N LEU D 873 -92.83 50.72 41.03
CA LEU D 873 -93.25 51.81 41.89
C LEU D 873 -93.16 51.45 43.37
N ARG D 874 -93.23 50.16 43.70
CA ARG D 874 -93.11 49.74 45.09
C ARG D 874 -91.78 50.17 45.68
N PHE D 875 -90.73 50.25 44.87
CA PHE D 875 -89.46 50.77 45.35
C PHE D 875 -89.53 52.26 45.65
N LEU D 876 -90.56 52.97 45.16
CA LEU D 876 -90.68 54.38 45.48
C LEU D 876 -91.39 54.59 46.81
N SER D 877 -92.41 53.78 47.09
CA SER D 877 -93.13 53.91 48.34
C SER D 877 -92.21 53.69 49.54
N PHE D 878 -91.16 52.90 49.37
CA PHE D 878 -90.19 52.72 50.45
C PHE D 878 -89.29 53.94 50.60
N ARG D 879 -88.93 54.58 49.48
CA ARG D 879 -88.05 55.74 49.55
C ARG D 879 -88.72 56.88 50.32
N LEU D 880 -90.00 57.13 50.05
CA LEU D 880 -90.70 58.24 50.67
C LEU D 880 -91.06 57.92 52.12
N ASP D 881 -91.53 56.71 52.38
CA ASP D 881 -92.04 56.31 53.67
C ASP D 881 -90.96 55.65 54.54
N PHE D 882 -89.69 55.99 54.32
CA PHE D 882 -88.61 55.46 55.14
C PHE D 882 -88.82 55.93 56.58
N ASN D 883 -88.44 55.08 57.52
CA ASN D 883 -88.64 55.23 58.97
C ASN D 883 -90.11 55.38 59.34
N GLU D 884 -91.02 55.19 58.39
CA GLU D 884 -92.46 55.20 58.62
C GLU D 884 -92.91 56.47 59.35
N HIS D 885 -92.46 57.62 58.88
CA HIS D 885 -92.94 58.86 59.46
C HIS D 885 -94.40 59.11 59.10
N TYR D 886 -94.80 58.72 57.89
CA TYR D 886 -96.20 58.67 57.55
C TYR D 886 -96.75 57.30 57.93
N LYS D 887 -97.97 57.00 57.50
CA LYS D 887 -98.65 55.75 57.88
C LYS D 887 -98.71 55.59 59.39
N ALA D 888 -98.75 56.71 60.11
CA ALA D 888 -98.80 56.73 61.57
C ALA D 888 -97.66 55.92 62.19
N LEU E 232 -97.36 10.69 -58.79
CA LEU E 232 -98.59 9.92 -58.59
C LEU E 232 -98.46 8.98 -57.40
N PRO E 233 -98.60 9.52 -56.18
CA PRO E 233 -98.48 8.68 -54.98
C PRO E 233 -99.68 7.79 -54.74
N GLY E 234 -100.82 8.05 -55.38
CA GLY E 234 -102.00 7.23 -55.13
C GLY E 234 -101.82 5.80 -55.58
N THR E 235 -100.96 5.57 -56.57
CA THR E 235 -100.68 4.23 -57.06
C THR E 235 -99.47 3.60 -56.38
N LEU E 236 -98.95 4.22 -55.32
CA LEU E 236 -97.80 3.68 -54.61
C LEU E 236 -98.21 3.17 -53.23
N PRO E 237 -97.61 2.07 -52.77
CA PRO E 237 -97.99 1.50 -51.47
C PRO E 237 -97.65 2.45 -50.32
N LEU E 238 -98.18 2.11 -49.16
CA LEU E 238 -97.99 2.96 -47.97
C LEU E 238 -96.55 2.89 -47.47
N ALA E 239 -96.05 1.68 -47.23
CA ALA E 239 -94.73 1.53 -46.62
C ALA E 239 -93.61 1.98 -47.55
N SER E 240 -93.86 2.11 -48.85
CA SER E 240 -92.81 2.50 -49.79
C SER E 240 -92.87 3.97 -50.19
N GLN E 241 -94.06 4.54 -50.36
CA GLN E 241 -94.16 5.95 -50.69
C GLN E 241 -93.58 6.84 -49.60
N GLU E 242 -93.54 6.34 -48.36
CA GLU E 242 -92.88 7.09 -47.29
C GLU E 242 -91.42 7.34 -47.61
N SER E 243 -90.78 6.40 -48.31
CA SER E 243 -89.38 6.60 -48.71
C SER E 243 -89.23 7.68 -49.77
N ALA E 244 -90.33 8.11 -50.39
CA ALA E 244 -90.27 9.19 -51.35
C ALA E 244 -90.42 10.55 -50.68
N VAL E 245 -91.22 10.63 -49.63
CA VAL E 245 -91.42 11.92 -48.96
C VAL E 245 -90.19 12.29 -48.15
N VAL E 246 -89.61 11.31 -47.44
CA VAL E 246 -88.49 11.63 -46.55
C VAL E 246 -87.30 12.16 -47.34
N GLU E 247 -87.06 11.63 -48.54
CA GLU E 247 -85.95 12.15 -49.35
C GLU E 247 -86.35 13.41 -50.10
N ASP E 248 -87.65 13.66 -50.23
CA ASP E 248 -88.10 14.94 -50.77
C ASP E 248 -88.12 16.02 -49.69
N LEU E 249 -88.59 15.62 -48.50
CA LEU E 249 -88.66 16.56 -47.35
C LEU E 249 -87.25 16.91 -46.86
N LEU E 250 -86.27 16.04 -47.13
CA LEU E 250 -84.89 16.30 -46.73
C LEU E 250 -84.25 17.40 -47.54
N TYR E 251 -84.94 17.93 -48.55
CA TYR E 251 -84.39 19.01 -49.36
C TYR E 251 -85.01 20.35 -48.99
N VAL E 252 -86.28 20.35 -48.60
CA VAL E 252 -86.97 21.59 -48.27
C VAL E 252 -86.31 22.28 -47.08
N LEU E 253 -85.76 21.50 -46.15
CA LEU E 253 -85.08 22.08 -45.00
C LEU E 253 -83.83 22.86 -45.39
N VAL E 254 -83.43 22.83 -46.66
CA VAL E 254 -82.21 23.52 -47.08
C VAL E 254 -82.58 24.85 -47.73
N GLY E 255 -83.74 24.89 -48.38
CA GLY E 255 -84.16 26.10 -49.05
C GLY E 255 -84.58 25.82 -50.48
N VAL E 256 -84.01 24.78 -51.07
CA VAL E 256 -84.43 24.37 -52.40
C VAL E 256 -85.84 23.80 -52.35
N ASP E 257 -86.61 24.06 -53.39
CA ASP E 257 -87.96 23.53 -53.50
C ASP E 257 -87.92 22.00 -53.54
N GLY E 258 -89.10 21.39 -53.49
CA GLY E 258 -89.20 19.95 -53.47
C GLY E 258 -90.03 19.36 -54.59
N ARG E 259 -90.25 18.05 -54.54
CA ARG E 259 -91.03 17.39 -55.58
C ARG E 259 -92.52 17.49 -55.31
N TYR E 260 -92.98 16.93 -54.18
CA TYR E 260 -94.39 16.99 -53.79
C TYR E 260 -94.66 18.11 -52.79
N VAL E 261 -93.92 18.16 -51.70
CA VAL E 261 -94.12 19.20 -50.69
C VAL E 261 -93.45 20.48 -51.17
N SER E 262 -94.20 21.30 -51.88
CA SER E 262 -93.66 22.50 -52.52
C SER E 262 -93.77 23.70 -51.59
N ALA E 263 -93.19 24.80 -52.05
CA ALA E 263 -93.29 26.09 -51.35
C ALA E 263 -94.15 27.04 -52.17
N GLN E 264 -94.69 28.05 -51.49
CA GLN E 264 -95.58 29.01 -52.10
C GLN E 264 -94.99 30.42 -52.03
N PRO E 265 -95.32 31.28 -52.99
CA PRO E 265 -94.73 32.62 -53.00
C PRO E 265 -95.11 33.42 -51.77
N LEU E 266 -94.25 34.37 -51.42
CA LEU E 266 -94.47 35.22 -50.26
C LEU E 266 -95.53 36.27 -50.54
N SER E 271 -92.77 33.36 -42.44
CA SER E 271 -94.11 33.61 -42.94
C SER E 271 -94.37 32.82 -44.22
N ARG E 272 -93.63 31.74 -44.41
CA ARG E 272 -93.78 30.95 -45.63
C ARG E 272 -94.92 29.95 -45.47
N THR E 273 -95.69 29.77 -46.55
CA THR E 273 -96.77 28.80 -46.59
C THR E 273 -96.39 27.68 -47.54
N PHE E 274 -96.82 26.46 -47.21
CA PHE E 274 -96.48 25.28 -47.98
C PHE E 274 -97.73 24.52 -48.41
N LEU E 275 -97.55 23.70 -49.44
CA LEU E 275 -98.60 22.86 -49.99
C LEU E 275 -98.06 21.45 -50.09
N VAL E 276 -98.87 20.47 -49.70
CA VAL E 276 -98.35 19.11 -49.63
C VAL E 276 -98.90 18.23 -50.76
N ASP E 277 -100.20 17.93 -50.71
CA ASP E 277 -100.73 16.94 -51.64
C ASP E 277 -102.24 16.90 -51.52
N PRO E 278 -102.98 16.83 -52.63
CA PRO E 278 -104.42 16.55 -52.53
C PRO E 278 -104.72 15.10 -52.16
N ASN E 279 -104.00 14.16 -52.76
CA ASN E 279 -104.21 12.74 -52.51
C ASN E 279 -102.97 12.16 -51.82
N LEU E 280 -103.01 12.30 -50.50
CA LEU E 280 -102.00 11.82 -49.53
C LEU E 280 -102.75 11.43 -48.25
N ASP E 281 -102.17 10.58 -47.42
CA ASP E 281 -102.90 10.18 -46.19
C ASP E 281 -103.15 11.44 -45.36
N LEU E 282 -104.38 11.62 -44.87
CA LEU E 282 -104.73 12.82 -44.08
C LEU E 282 -103.84 12.88 -42.84
N SER E 283 -103.67 11.74 -42.17
CA SER E 283 -102.81 11.64 -40.98
C SER E 283 -101.36 11.94 -41.40
N ILE E 284 -100.95 11.42 -42.56
CA ILE E 284 -99.57 11.62 -43.10
C ILE E 284 -99.37 13.13 -43.31
N ARG E 285 -100.36 13.81 -43.88
CA ARG E 285 -100.26 15.27 -44.15
C ARG E 285 -100.11 16.03 -42.82
N GLU E 286 -100.87 15.62 -41.80
CA GLU E 286 -100.80 16.30 -40.47
C GLU E 286 -99.39 16.12 -39.91
N LEU E 287 -98.83 14.92 -40.05
CA LEU E 287 -97.46 14.63 -39.55
C LEU E 287 -96.47 15.52 -40.30
N VAL E 288 -96.67 15.69 -41.61
CA VAL E 288 -95.76 16.53 -42.45
C VAL E 288 -95.83 17.98 -41.94
N HIS E 289 -97.04 18.45 -41.62
CA HIS E 289 -97.22 19.84 -41.13
C HIS E 289 -96.35 20.08 -39.88
N ARG E 290 -96.17 19.04 -39.06
CA ARG E 290 -95.36 19.17 -37.81
C ARG E 290 -93.90 19.54 -38.12
N ILE E 291 -93.40 19.11 -39.28
CA ILE E 291 -91.99 19.42 -39.71
C ILE E 291 -91.95 20.69 -40.57
N LEU E 292 -93.11 21.26 -40.92
CA LEU E 292 -93.15 22.49 -41.78
C LEU E 292 -92.52 23.71 -41.09
N PRO E 293 -92.74 23.95 -39.78
CA PRO E 293 -92.22 25.14 -39.09
C PRO E 293 -90.69 25.31 -39.07
N VAL E 294 -89.93 24.22 -38.88
CA VAL E 294 -88.44 24.38 -38.82
C VAL E 294 -87.94 24.95 -40.17
N ALA E 295 -88.48 24.47 -41.29
CA ALA E 295 -88.08 25.00 -42.61
C ALA E 295 -88.49 26.48 -42.69
N ALA E 296 -89.77 26.76 -42.45
CA ALA E 296 -90.30 28.11 -42.48
C ALA E 296 -89.54 29.02 -41.52
N SER E 297 -89.12 28.49 -40.37
CA SER E 297 -88.26 29.23 -39.47
C SER E 297 -86.84 29.33 -39.98
N TYR E 298 -86.50 28.62 -41.04
CA TYR E 298 -85.20 28.75 -41.69
C TYR E 298 -85.22 29.70 -42.87
N SER E 299 -86.30 29.72 -43.63
CA SER E 299 -86.41 30.65 -44.75
C SER E 299 -86.56 32.08 -44.32
N ALA E 300 -86.53 32.30 -43.01
CA ALA E 300 -86.63 33.68 -42.47
C ALA E 300 -85.21 34.15 -42.13
N VAL E 301 -84.45 33.32 -41.42
CA VAL E 301 -83.05 33.63 -41.01
C VAL E 301 -82.17 33.80 -42.25
N THR E 302 -82.33 32.92 -43.25
CA THR E 302 -81.47 32.99 -44.46
C THR E 302 -81.68 34.32 -45.19
N ARG E 303 -82.94 34.75 -45.36
CA ARG E 303 -83.22 36.04 -46.04
C ARG E 303 -82.65 37.18 -45.19
N PHE E 304 -82.78 37.07 -43.86
CA PHE E 304 -82.30 38.10 -42.91
C PHE E 304 -80.77 38.23 -42.99
N ILE E 305 -80.07 37.11 -43.12
CA ILE E 305 -78.57 37.13 -43.15
C ILE E 305 -78.07 37.92 -44.36
N GLU E 306 -78.67 37.73 -45.54
CA GLU E 306 -78.20 38.45 -46.75
C GLU E 306 -78.38 39.96 -46.59
N GLU E 307 -79.54 40.38 -46.07
CA GLU E 307 -79.86 41.82 -45.88
C GLU E 307 -78.94 42.50 -44.87
N LYS E 308 -78.64 41.81 -43.76
CA LYS E 308 -77.81 42.41 -42.66
C LYS E 308 -76.36 42.66 -43.09
N SER E 309 -76.02 42.44 -44.36
CA SER E 309 -74.63 42.70 -44.82
C SER E 309 -74.46 44.18 -45.22
N SER E 310 -75.53 44.96 -45.22
CA SER E 310 -75.45 46.40 -45.60
C SER E 310 -74.55 47.16 -44.61
N PHE E 311 -73.65 48.00 -45.14
CA PHE E 311 -72.70 48.80 -44.33
C PHE E 311 -73.43 49.84 -43.46
N GLU E 312 -74.50 50.43 -44.01
CA GLU E 312 -75.28 51.49 -43.31
C GLU E 312 -75.89 50.93 -42.02
N TYR E 313 -76.38 49.70 -42.05
CA TYR E 313 -77.04 49.04 -40.88
C TYR E 313 -76.20 49.17 -39.61
N GLY E 314 -74.96 49.67 -39.68
CA GLY E 314 -74.15 49.79 -38.48
C GLY E 314 -73.19 48.63 -38.34
N GLN E 315 -72.25 48.82 -37.41
CA GLN E 315 -71.23 47.82 -37.14
C GLN E 315 -71.70 46.76 -36.14
N VAL E 316 -72.96 46.77 -35.76
CA VAL E 316 -73.52 45.77 -34.86
C VAL E 316 -74.43 44.81 -35.62
N ASN E 317 -75.30 45.35 -36.48
CA ASN E 317 -76.20 44.49 -37.29
C ASN E 317 -75.34 43.66 -38.25
N HIS E 318 -74.03 43.90 -38.27
CA HIS E 318 -73.08 43.18 -39.15
C HIS E 318 -72.60 41.92 -38.43
N ALA E 319 -71.95 42.10 -37.27
CA ALA E 319 -71.40 41.01 -36.49
C ALA E 319 -72.51 40.16 -35.87
N LEU E 320 -73.73 40.71 -35.90
CA LEU E 320 -74.92 39.95 -35.43
C LEU E 320 -75.26 38.94 -36.55
N ALA E 321 -75.10 39.35 -37.81
CA ALA E 321 -75.39 38.47 -38.93
C ALA E 321 -74.27 37.49 -39.22
N ALA E 322 -73.04 37.79 -38.81
CA ALA E 322 -71.95 36.83 -38.99
C ALA E 322 -72.07 35.70 -37.98
N ALA E 323 -72.15 36.04 -36.70
CA ALA E 323 -72.30 35.00 -35.68
C ALA E 323 -73.61 34.24 -35.83
N MET E 324 -74.53 34.77 -36.64
CA MET E 324 -75.81 34.05 -36.88
C MET E 324 -75.64 33.16 -38.13
N ARG E 325 -74.44 33.17 -38.72
CA ARG E 325 -74.19 32.37 -39.90
C ARG E 325 -73.51 31.05 -39.60
N THR E 326 -72.65 31.02 -38.57
CA THR E 326 -72.01 29.77 -38.19
C THR E 326 -73.01 28.70 -37.83
N LEU E 327 -74.14 29.09 -37.22
CA LEU E 327 -75.18 28.10 -36.90
C LEU E 327 -75.85 27.59 -38.16
N VAL E 328 -76.02 28.44 -39.17
CA VAL E 328 -76.57 27.97 -40.44
C VAL E 328 -75.64 26.97 -41.07
N LYS E 329 -74.33 27.15 -40.91
CA LYS E 329 -73.38 26.17 -41.43
C LYS E 329 -73.57 24.82 -40.74
N GLU E 330 -73.68 24.83 -39.41
CA GLU E 330 -73.90 23.59 -38.68
C GLU E 330 -75.27 22.99 -38.92
N HIS E 331 -76.22 23.78 -39.42
CA HIS E 331 -77.50 23.21 -39.82
C HIS E 331 -77.42 22.56 -41.18
N LEU E 332 -76.50 23.00 -42.03
CA LEU E 332 -76.29 22.33 -43.31
C LEU E 332 -75.53 21.03 -43.18
N ILE E 333 -74.76 20.90 -42.09
CA ILE E 333 -73.99 19.67 -41.79
C ILE E 333 -74.98 18.61 -41.30
N LEU E 334 -76.01 19.03 -40.56
CA LEU E 334 -77.00 18.11 -40.02
C LEU E 334 -77.94 17.58 -41.10
N VAL E 335 -78.09 18.29 -42.21
CA VAL E 335 -78.86 17.74 -43.32
C VAL E 335 -78.01 16.83 -44.20
N SER E 336 -76.71 17.06 -44.27
CA SER E 336 -75.83 16.18 -45.02
C SER E 336 -75.76 14.80 -44.37
N GLN E 337 -75.57 14.79 -43.05
CA GLN E 337 -75.44 13.51 -42.28
C GLN E 337 -76.74 12.69 -42.38
N LEU E 338 -77.86 13.34 -42.70
CA LEU E 338 -79.11 12.61 -42.83
C LEU E 338 -79.24 11.95 -44.19
N GLU E 339 -78.85 12.63 -45.27
CA GLU E 339 -78.91 12.00 -46.58
C GLU E 339 -77.96 10.82 -46.70
N GLN E 340 -76.74 10.94 -46.19
CA GLN E 340 -75.82 9.82 -46.17
C GLN E 340 -76.35 8.67 -45.32
N LEU E 341 -77.12 8.99 -44.29
CA LEU E 341 -77.78 7.95 -43.52
C LEU E 341 -79.07 7.50 -44.17
N HIS E 342 -79.58 8.25 -45.15
CA HIS E 342 -80.77 7.85 -45.86
C HIS E 342 -80.50 6.80 -46.93
N ARG E 343 -79.27 6.74 -47.45
CA ARG E 343 -78.96 5.78 -48.50
C ARG E 343 -79.08 4.35 -47.99
N GLN E 344 -78.62 4.10 -46.78
CA GLN E 344 -78.79 2.76 -46.22
C GLN E 344 -80.22 2.47 -45.79
N GLY E 345 -81.18 3.35 -46.08
CA GLY E 345 -82.56 3.12 -45.72
C GLY E 345 -82.86 3.16 -44.23
N LEU E 346 -81.89 3.49 -43.39
CA LEU E 346 -82.07 3.50 -41.95
C LEU E 346 -82.86 4.70 -41.46
N LEU E 347 -83.42 5.51 -42.36
CA LEU E 347 -84.08 6.76 -42.01
C LEU E 347 -85.56 6.66 -42.31
N SER E 348 -86.36 6.34 -41.28
CA SER E 348 -87.84 6.27 -41.44
C SER E 348 -88.42 7.68 -41.33
N LEU E 349 -89.67 7.89 -41.71
CA LEU E 349 -90.29 9.24 -41.65
C LEU E 349 -90.32 9.72 -40.20
N GLN E 350 -90.68 8.83 -39.28
CA GLN E 350 -90.75 9.16 -37.82
C GLN E 350 -89.34 9.50 -37.32
N LYS E 351 -88.34 8.77 -37.80
CA LYS E 351 -86.92 8.95 -37.37
C LYS E 351 -86.47 10.38 -37.70
N LEU E 352 -86.86 10.89 -38.88
CA LEU E 352 -86.49 12.26 -39.32
C LEU E 352 -87.08 13.30 -38.35
N TRP E 353 -88.30 13.05 -37.88
CA TRP E 353 -89.03 13.98 -36.98
C TRP E 353 -88.27 14.19 -35.66
N PHE E 354 -87.62 13.14 -35.14
CA PHE E 354 -86.89 13.22 -33.85
C PHE E 354 -85.49 13.84 -34.03
N TYR E 355 -84.71 13.31 -34.98
CA TYR E 355 -83.33 13.72 -35.26
C TYR E 355 -83.19 15.24 -35.28
N ILE E 356 -84.17 15.90 -35.89
CA ILE E 356 -84.17 17.39 -36.13
C ILE E 356 -84.65 18.18 -34.91
N GLN E 357 -84.74 17.57 -33.73
CA GLN E 357 -85.20 18.32 -32.57
C GLN E 357 -84.21 19.38 -32.08
N PRO E 358 -82.91 19.14 -32.02
CA PRO E 358 -82.00 20.24 -31.71
C PRO E 358 -82.08 21.39 -32.72
N ALA E 359 -82.43 21.10 -33.96
CA ALA E 359 -82.55 22.14 -34.97
C ALA E 359 -83.90 22.86 -34.91
N MET E 360 -84.95 22.20 -34.43
CA MET E 360 -86.24 22.86 -34.31
C MET E 360 -86.27 23.85 -33.16
N ARG E 361 -85.37 23.72 -32.18
CA ARG E 361 -85.29 24.67 -31.08
C ARG E 361 -84.36 25.83 -31.38
N THR E 362 -83.23 25.58 -32.04
CA THR E 362 -82.31 26.66 -32.36
C THR E 362 -82.86 27.55 -33.47
N MET E 363 -83.21 26.95 -34.61
CA MET E 363 -83.79 27.74 -35.69
C MET E 363 -85.16 28.30 -35.34
N ASP E 364 -85.66 28.07 -34.14
CA ASP E 364 -86.82 28.77 -33.63
C ASP E 364 -86.44 29.98 -32.78
N ILE E 365 -85.23 30.01 -32.25
CA ILE E 365 -84.75 31.18 -31.52
C ILE E 365 -84.31 32.27 -32.49
N LEU E 366 -83.49 31.91 -33.47
CA LEU E 366 -82.98 32.89 -34.42
C LEU E 366 -84.07 33.45 -35.32
N ALA E 367 -85.06 32.64 -35.68
CA ALA E 367 -86.18 33.13 -36.45
C ALA E 367 -87.10 34.02 -35.63
N SER E 368 -86.82 34.19 -34.34
CA SER E 368 -87.53 35.15 -33.51
C SER E 368 -86.75 36.42 -33.26
N LEU E 369 -85.42 36.37 -33.23
CA LEU E 369 -84.64 37.59 -33.19
C LEU E 369 -84.63 38.29 -34.53
N ALA E 370 -84.48 37.50 -35.60
CA ALA E 370 -84.45 38.05 -36.98
C ALA E 370 -85.77 38.76 -37.33
N THR E 371 -86.85 38.42 -36.62
CA THR E 371 -88.14 39.05 -36.87
C THR E 371 -88.47 40.12 -35.85
N SER E 372 -87.68 40.27 -34.79
CA SER E 372 -87.90 41.29 -33.78
C SER E 372 -86.83 42.38 -33.82
N VAL E 373 -85.82 42.24 -34.68
CA VAL E 373 -84.82 43.28 -34.86
C VAL E 373 -85.23 44.12 -36.07
N ASP E 374 -85.99 43.51 -36.98
CA ASP E 374 -86.46 44.24 -38.16
C ASP E 374 -87.84 44.84 -37.97
N LYS E 375 -88.63 44.37 -37.01
CA LYS E 375 -89.94 44.97 -36.76
C LYS E 375 -89.79 46.44 -36.41
N GLY E 376 -89.16 46.73 -35.28
CA GLY E 376 -88.77 48.07 -34.94
C GLY E 376 -87.34 48.27 -35.38
N GLU E 377 -87.14 49.15 -36.36
CA GLU E 377 -85.84 49.32 -36.99
C GLU E 377 -84.77 49.62 -35.95
N CYS E 378 -83.86 48.68 -35.74
CA CYS E 378 -82.81 48.80 -34.74
C CYS E 378 -81.46 48.77 -35.44
N LEU E 379 -80.53 49.61 -34.97
CA LEU E 379 -79.16 49.60 -35.47
C LEU E 379 -78.28 50.23 -34.41
N GLY E 380 -77.21 49.57 -34.07
CA GLY E 380 -76.29 50.08 -33.06
C GLY E 380 -76.63 49.55 -31.66
N GLY E 381 -76.84 50.46 -30.71
CA GLY E 381 -77.09 50.05 -29.35
C GLY E 381 -78.44 49.40 -29.16
N SER E 382 -79.45 49.87 -29.89
CA SER E 382 -80.80 49.31 -29.74
C SER E 382 -80.91 47.90 -30.32
N THR E 383 -79.88 47.41 -31.01
CA THR E 383 -79.80 46.01 -31.40
C THR E 383 -78.97 45.21 -30.40
N LEU E 384 -78.23 45.89 -29.53
CA LEU E 384 -77.54 45.24 -28.44
C LEU E 384 -78.36 45.20 -27.16
N SER E 385 -79.41 46.00 -27.06
CA SER E 385 -80.33 45.87 -25.94
C SER E 385 -81.24 44.67 -26.11
N LEU E 386 -81.73 44.45 -27.33
CA LEU E 386 -82.69 43.37 -27.57
C LEU E 386 -82.06 42.02 -27.30
N LEU E 387 -80.76 41.86 -27.55
CA LEU E 387 -80.07 40.63 -27.24
C LEU E 387 -79.77 40.48 -25.76
N HIS E 388 -80.07 41.48 -24.95
CA HIS E 388 -79.88 41.39 -23.51
C HIS E 388 -81.18 41.19 -22.75
N ASP E 389 -82.33 41.45 -23.36
CA ASP E 389 -83.62 41.09 -22.79
C ASP E 389 -84.09 39.72 -23.26
N ARG E 390 -83.89 39.40 -24.55
CA ARG E 390 -84.19 38.06 -25.03
C ARG E 390 -83.26 37.01 -24.45
N SER E 391 -82.19 37.41 -23.78
CA SER E 391 -81.37 36.49 -23.00
C SER E 391 -81.82 36.40 -21.55
N PHE E 392 -82.64 37.33 -21.10
CA PHE E 392 -83.16 37.30 -19.74
C PHE E 392 -84.46 36.52 -19.64
N SER E 393 -85.25 36.47 -20.71
CA SER E 393 -86.48 35.69 -20.70
C SER E 393 -86.21 34.20 -20.57
N TYR E 394 -85.13 33.72 -21.18
CA TYR E 394 -84.78 32.30 -21.13
C TYR E 394 -83.87 32.01 -19.93
N THR E 395 -84.32 32.46 -18.75
CA THR E 395 -83.50 32.27 -17.51
C THR E 395 -83.58 30.82 -17.03
N GLY E 396 -84.55 30.04 -17.53
CA GLY E 396 -84.71 28.63 -17.08
C GLY E 396 -84.57 27.63 -18.22
N ASP E 397 -84.21 28.11 -19.41
CA ASP E 397 -84.05 27.23 -20.60
C ASP E 397 -82.69 26.53 -20.52
N SER E 398 -81.66 27.27 -20.12
CA SER E 398 -80.28 26.81 -19.96
C SER E 398 -79.72 26.22 -21.25
N GLN E 399 -80.53 26.16 -22.31
CA GLN E 399 -80.09 25.75 -23.62
C GLN E 399 -80.22 26.84 -24.67
N ALA E 400 -81.32 27.60 -24.65
CA ALA E 400 -81.43 28.81 -25.44
C ALA E 400 -80.91 30.03 -24.68
N GLN E 401 -80.32 29.82 -23.50
CA GLN E 401 -79.62 30.86 -22.79
C GLN E 401 -78.11 30.79 -22.97
N GLU E 402 -77.59 29.61 -23.33
CA GLU E 402 -76.24 29.53 -23.83
C GLU E 402 -76.10 30.10 -25.23
N LEU E 403 -77.14 29.97 -26.05
CA LEU E 403 -77.12 30.51 -27.40
C LEU E 403 -77.16 32.03 -27.40
N CYS E 404 -78.23 32.61 -26.84
CA CYS E 404 -78.36 34.06 -26.82
C CYS E 404 -77.27 34.74 -26.01
N LEU E 405 -76.40 33.98 -25.36
CA LEU E 405 -75.16 34.54 -24.83
C LEU E 405 -74.02 34.44 -25.81
N TYR E 406 -74.07 33.48 -26.73
CA TYR E 406 -73.06 33.37 -27.78
C TYR E 406 -73.23 34.44 -28.84
N LEU E 407 -74.48 34.87 -29.10
CA LEU E 407 -74.69 35.95 -30.06
C LEU E 407 -74.24 37.28 -29.48
N THR E 408 -74.75 37.64 -28.30
CA THR E 408 -74.44 38.95 -27.74
C THR E 408 -72.96 39.08 -27.39
N LYS E 409 -72.29 37.95 -27.16
CA LYS E 409 -70.85 38.01 -26.96
C LYS E 409 -70.11 38.33 -28.24
N ALA E 410 -70.69 38.03 -29.39
CA ALA E 410 -70.08 38.30 -30.69
C ALA E 410 -70.67 39.51 -31.40
N ALA E 411 -71.91 39.88 -31.09
CA ALA E 411 -72.53 41.06 -31.66
C ALA E 411 -72.19 42.33 -30.89
N SER E 412 -71.23 42.24 -29.97
CA SER E 412 -70.86 43.39 -29.16
C SER E 412 -69.38 43.73 -29.26
N ALA E 413 -68.57 42.88 -29.91
CA ALA E 413 -67.17 43.22 -30.10
C ALA E 413 -66.97 44.50 -30.89
N PRO E 414 -67.75 44.81 -31.93
CA PRO E 414 -67.53 46.11 -32.60
C PRO E 414 -67.89 47.29 -31.73
N TYR E 415 -68.97 47.19 -30.95
CA TYR E 415 -69.33 48.30 -30.08
C TYR E 415 -68.29 48.51 -28.99
N PHE E 416 -67.81 47.44 -28.38
CA PHE E 416 -66.82 47.58 -27.34
C PHE E 416 -65.42 47.84 -27.87
N GLU E 417 -65.27 48.05 -29.18
CA GLU E 417 -63.99 48.47 -29.72
C GLU E 417 -63.96 49.95 -30.07
N VAL E 418 -65.13 50.59 -30.16
CA VAL E 418 -65.16 52.04 -30.25
C VAL E 418 -65.19 52.66 -28.86
N LEU E 419 -65.56 51.88 -27.85
CA LEU E 419 -65.60 52.40 -26.49
C LEU E 419 -64.21 52.52 -25.90
N GLU E 420 -63.35 51.52 -26.13
CA GLU E 420 -61.99 51.59 -25.63
C GLU E 420 -61.17 52.66 -26.31
N LYS E 421 -61.73 53.34 -27.31
CA LYS E 421 -61.10 54.53 -27.88
C LYS E 421 -61.68 55.81 -27.32
N TRP E 422 -62.88 55.78 -26.77
CA TRP E 422 -63.52 56.96 -26.21
C TRP E 422 -63.23 57.15 -24.73
N ILE E 423 -62.74 56.11 -24.05
CA ILE E 423 -62.41 56.24 -22.64
C ILE E 423 -60.91 56.37 -22.43
N TYR E 424 -60.13 55.43 -22.95
CA TYR E 424 -58.68 55.50 -22.82
C TYR E 424 -58.08 56.58 -23.70
N ARG E 425 -58.86 57.15 -24.62
CA ARG E 425 -58.45 58.31 -25.39
C ARG E 425 -59.70 59.13 -25.66
N GLY E 426 -59.55 60.21 -26.41
CA GLY E 426 -60.68 61.06 -26.66
C GLY E 426 -61.33 60.93 -28.01
N ILE E 427 -60.80 60.09 -28.88
CA ILE E 427 -61.23 60.04 -30.28
C ILE E 427 -62.50 59.20 -30.40
N ILE E 428 -63.41 59.65 -31.25
CA ILE E 428 -64.68 58.98 -31.49
C ILE E 428 -64.76 58.68 -32.98
N HIS E 429 -64.67 57.40 -33.35
CA HIS E 429 -64.66 57.05 -34.77
C HIS E 429 -66.06 56.96 -35.35
N ASP E 430 -66.85 55.98 -34.92
CA ASP E 430 -68.28 55.85 -35.21
C ASP E 430 -68.65 56.27 -36.63
N PRO E 431 -68.21 55.54 -37.66
CA PRO E 431 -68.55 55.96 -39.03
C PRO E 431 -70.04 56.05 -39.29
N TYR E 432 -70.79 55.00 -38.96
CA TYR E 432 -72.24 55.10 -38.97
C TYR E 432 -72.71 55.67 -37.64
N SER E 433 -73.85 56.34 -37.64
CA SER E 433 -74.34 56.94 -36.42
C SER E 433 -74.92 55.88 -35.49
N GLU E 434 -74.09 55.28 -34.65
CA GLU E 434 -74.53 54.24 -33.73
C GLU E 434 -74.04 54.40 -32.31
N PHE E 435 -72.99 55.17 -32.06
CA PHE E 435 -72.41 55.23 -30.73
C PHE E 435 -73.29 56.07 -29.80
N MET E 436 -73.13 55.85 -28.50
CA MET E 436 -73.97 56.53 -27.52
C MET E 436 -73.54 57.97 -27.29
N VAL E 437 -72.37 58.36 -27.79
CA VAL E 437 -71.84 59.72 -27.60
C VAL E 437 -71.47 60.29 -28.95
N GLU E 438 -72.09 61.39 -29.32
CA GLU E 438 -71.82 62.06 -30.59
C GLU E 438 -71.23 63.44 -30.31
N GLU E 439 -70.40 63.93 -31.23
CA GLU E 439 -69.80 65.23 -31.05
C GLU E 439 -70.46 66.26 -31.95
N HIS E 440 -70.06 67.52 -31.78
CA HIS E 440 -70.63 68.63 -32.53
C HIS E 440 -69.50 69.56 -32.93
N GLU E 441 -69.87 70.78 -33.34
CA GLU E 441 -68.88 71.77 -33.71
C GLU E 441 -69.40 73.18 -33.46
N TYR E 455 -71.29 76.17 -25.02
CA TYR E 455 -69.92 76.34 -25.49
C TYR E 455 -69.10 75.09 -25.26
N TRP E 456 -69.44 74.33 -24.22
CA TRP E 456 -68.81 73.04 -23.97
C TRP E 456 -69.80 71.97 -23.55
N ASP E 457 -71.03 72.33 -23.21
CA ASP E 457 -72.06 71.34 -22.99
C ASP E 457 -72.77 70.94 -24.28
N GLN E 458 -72.50 71.63 -25.39
CA GLN E 458 -72.98 71.22 -26.70
C GLN E 458 -71.91 70.55 -27.55
N ARG E 459 -70.71 70.36 -27.01
CA ARG E 459 -69.67 69.67 -27.76
C ARG E 459 -69.99 68.19 -27.90
N TYR E 460 -70.09 67.48 -26.78
CA TYR E 460 -70.47 66.07 -26.75
C TYR E 460 -71.76 65.91 -25.97
N THR E 461 -72.73 65.23 -26.55
CA THR E 461 -74.03 65.04 -25.90
C THR E 461 -74.50 63.60 -26.07
N ILE E 462 -75.09 63.06 -25.01
CA ILE E 462 -75.58 61.68 -25.04
C ILE E 462 -76.75 61.58 -26.01
N VAL E 463 -76.75 60.53 -26.83
CA VAL E 463 -77.94 60.15 -27.57
C VAL E 463 -78.68 59.09 -26.76
N GLN E 464 -79.98 59.30 -26.55
CA GLN E 464 -80.70 58.50 -25.58
C GLN E 464 -81.08 57.13 -26.14
N GLN E 465 -81.43 57.06 -27.43
CA GLN E 465 -81.86 55.80 -28.00
C GLN E 465 -80.76 54.75 -27.93
N GLN E 466 -79.57 55.08 -28.45
CA GLN E 466 -78.50 54.11 -28.64
C GLN E 466 -77.73 53.88 -27.34
N ILE E 467 -78.44 53.41 -26.33
CA ILE E 467 -77.85 53.05 -25.04
C ILE E 467 -78.04 51.55 -24.84
N PRO E 468 -77.00 50.81 -24.48
CA PRO E 468 -77.11 49.34 -24.44
C PRO E 468 -78.09 48.80 -23.41
N SER E 469 -78.64 49.63 -22.53
CA SER E 469 -79.61 49.24 -21.51
C SER E 469 -79.04 48.24 -20.51
N PHE E 470 -77.77 47.92 -20.63
CA PHE E 470 -77.02 47.32 -19.53
C PHE E 470 -75.83 48.16 -19.12
N LEU E 471 -75.54 49.24 -19.86
CA LEU E 471 -74.68 50.32 -19.40
C LEU E 471 -75.48 51.54 -18.99
N GLN E 472 -76.82 51.45 -19.01
CA GLN E 472 -77.66 52.58 -18.64
C GLN E 472 -77.33 53.11 -17.24
N LYS E 473 -76.78 52.25 -16.38
CA LYS E 473 -76.38 52.69 -15.06
C LYS E 473 -75.26 53.73 -15.12
N MET E 474 -74.35 53.58 -16.07
CA MET E 474 -73.19 54.45 -16.19
C MET E 474 -73.22 55.25 -17.48
N ALA E 475 -74.39 55.73 -17.88
CA ALA E 475 -74.49 56.54 -19.08
C ALA E 475 -73.89 57.93 -18.91
N ASP E 476 -73.62 58.36 -17.68
CA ASP E 476 -73.08 59.69 -17.43
C ASP E 476 -71.59 59.68 -17.13
N LYS E 477 -71.07 58.57 -16.62
CA LYS E 477 -69.63 58.50 -16.37
C LYS E 477 -68.83 58.28 -17.65
N ILE E 478 -69.42 57.59 -18.63
CA ILE E 478 -68.75 57.43 -19.92
C ILE E 478 -68.60 58.78 -20.61
N LEU E 479 -69.72 59.51 -20.76
CA LEU E 479 -69.68 60.82 -21.39
C LEU E 479 -68.76 61.77 -20.63
N SER E 480 -68.70 61.64 -19.31
CA SER E 480 -67.83 62.49 -18.52
C SER E 480 -66.38 62.04 -18.54
N THR E 481 -66.10 60.81 -18.99
CA THR E 481 -64.73 60.32 -18.95
C THR E 481 -63.93 60.82 -20.14
N GLY E 482 -64.51 60.71 -21.33
CA GLY E 482 -63.82 61.20 -22.52
C GLY E 482 -63.80 62.71 -22.61
N LYS E 483 -64.85 63.36 -22.12
CA LYS E 483 -64.93 64.81 -22.18
C LYS E 483 -63.74 65.47 -21.48
N TYR E 484 -63.30 64.90 -20.35
CA TYR E 484 -62.14 65.45 -19.67
C TYR E 484 -60.86 65.20 -20.45
N LEU E 485 -60.82 64.13 -21.25
CA LEU E 485 -59.61 63.83 -22.01
C LEU E 485 -59.41 64.78 -23.18
N ASN E 486 -60.45 65.49 -23.61
CA ASN E 486 -60.30 66.34 -24.78
C ASN E 486 -59.90 67.75 -24.42
N VAL E 487 -60.29 68.25 -23.24
CA VAL E 487 -59.94 69.62 -22.86
C VAL E 487 -58.48 69.68 -22.46
N VAL E 488 -57.81 68.53 -22.44
CA VAL E 488 -56.38 68.46 -22.19
C VAL E 488 -55.62 68.07 -23.46
N ARG E 489 -56.21 67.21 -24.30
CA ARG E 489 -55.52 66.80 -25.51
C ARG E 489 -55.32 67.96 -26.47
N GLU E 490 -56.35 68.78 -26.67
CA GLU E 490 -56.20 69.92 -27.55
C GLU E 490 -55.36 71.04 -26.94
N CYS E 491 -54.99 70.93 -25.67
CA CYS E 491 -54.11 71.90 -25.04
C CYS E 491 -52.65 71.47 -25.06
N GLY E 492 -52.39 70.17 -24.94
CA GLY E 492 -51.03 69.67 -24.96
C GLY E 492 -50.59 69.07 -23.63
N GLU E 502 -58.80 46.71 -22.11
CA GLU E 502 -59.61 45.76 -22.86
C GLU E 502 -60.90 45.45 -22.11
N ILE E 503 -62.01 45.33 -22.86
CA ILE E 503 -63.33 45.11 -22.29
C ILE E 503 -63.99 43.94 -23.00
N ILE E 504 -64.60 43.04 -22.22
CA ILE E 504 -65.33 41.90 -22.76
C ILE E 504 -66.66 41.80 -22.02
N TYR E 505 -67.69 41.34 -22.74
CA TYR E 505 -69.03 41.25 -22.20
C TYR E 505 -69.23 39.92 -21.48
N THR E 506 -69.77 39.98 -20.27
CA THR E 506 -70.08 38.79 -19.49
C THR E 506 -71.44 38.97 -18.83
N LEU E 507 -72.14 37.87 -18.61
CA LEU E 507 -73.45 37.89 -17.98
C LEU E 507 -73.32 37.64 -16.48
N LYS E 508 -74.08 38.39 -15.70
CA LYS E 508 -74.10 38.32 -14.24
C LYS E 508 -72.74 38.62 -13.61
N GLU E 509 -71.78 39.06 -14.42
CA GLU E 509 -70.48 39.47 -13.93
C GLU E 509 -70.20 40.87 -14.45
N ARG E 510 -69.82 41.77 -13.55
CA ARG E 510 -69.68 43.19 -13.87
C ARG E 510 -68.23 43.58 -14.03
N ALA E 511 -67.41 42.73 -14.64
CA ALA E 511 -66.00 43.03 -14.84
C ALA E 511 -65.77 44.20 -15.78
N TYR E 512 -66.75 44.56 -16.61
CA TYR E 512 -66.63 45.74 -17.45
C TYR E 512 -67.21 46.99 -16.81
N VAL E 513 -68.25 46.85 -15.98
CA VAL E 513 -68.75 47.99 -15.23
C VAL E 513 -67.70 48.48 -14.25
N GLU E 514 -66.93 47.56 -13.68
CA GLU E 514 -65.84 47.97 -12.80
C GLU E 514 -64.66 48.51 -13.61
N GLN E 515 -64.49 48.03 -14.84
CA GLN E 515 -63.34 48.46 -15.63
C GLN E 515 -63.49 49.90 -16.10
N ILE E 516 -64.73 50.39 -16.22
CA ILE E 516 -64.94 51.77 -16.64
C ILE E 516 -64.63 52.73 -15.50
N GLU E 517 -65.04 52.37 -14.28
CA GLU E 517 -64.77 53.23 -13.13
C GLU E 517 -63.28 53.36 -12.86
N LYS E 518 -62.48 52.37 -13.25
CA LYS E 518 -61.05 52.44 -13.02
C LYS E 518 -60.36 53.41 -13.96
N ALA E 519 -61.02 53.81 -15.05
CA ALA E 519 -60.47 54.79 -15.96
C ALA E 519 -61.04 56.18 -15.76
N PHE E 520 -62.33 56.28 -15.42
CA PHE E 520 -62.91 57.57 -15.10
C PHE E 520 -62.30 58.14 -13.82
N ASN E 521 -61.90 57.27 -12.89
CA ASN E 521 -61.23 57.74 -11.69
C ASN E 521 -59.82 58.25 -11.98
N TYR E 522 -59.29 57.95 -13.15
CA TYR E 522 -58.03 58.56 -13.59
C TYR E 522 -58.24 59.69 -14.57
N ALA E 523 -59.33 59.66 -15.33
CA ALA E 523 -59.60 60.72 -16.30
C ALA E 523 -59.70 62.08 -15.64
N SER E 524 -60.23 62.14 -14.42
CA SER E 524 -60.34 63.41 -13.72
C SER E 524 -59.04 63.81 -13.03
N LYS E 525 -58.31 62.83 -12.50
CA LYS E 525 -57.09 63.13 -11.76
C LYS E 525 -55.97 63.67 -12.67
N VAL E 526 -56.17 63.60 -13.99
CA VAL E 526 -55.18 64.23 -14.88
C VAL E 526 -55.63 65.62 -15.27
N LEU E 527 -56.94 65.88 -15.29
CA LEU E 527 -57.42 67.21 -15.64
C LEU E 527 -57.51 68.11 -14.42
N LEU E 528 -58.07 67.60 -13.32
CA LEU E 528 -58.15 68.40 -12.11
C LEU E 528 -56.77 68.85 -11.65
N ASP E 529 -55.80 67.94 -11.70
CA ASP E 529 -54.42 68.34 -11.41
C ASP E 529 -53.89 69.29 -12.46
N PHE E 530 -54.41 69.21 -13.68
CA PHE E 530 -53.92 70.10 -14.74
C PHE E 530 -54.36 71.54 -14.52
N LEU E 531 -55.38 71.76 -13.69
CA LEU E 531 -55.83 73.12 -13.43
C LEU E 531 -55.39 73.65 -12.08
N MET E 532 -54.78 72.83 -11.23
CA MET E 532 -54.37 73.33 -9.92
C MET E 532 -52.88 73.66 -9.85
N GLU E 533 -52.03 72.90 -10.54
CA GLU E 533 -50.59 73.17 -10.51
C GLU E 533 -50.15 74.04 -11.68
N GLU E 534 -50.27 73.53 -12.89
CA GLU E 534 -50.04 74.35 -14.08
C GLU E 534 -51.33 75.08 -14.43
N LYS E 535 -51.18 76.29 -14.98
CA LYS E 535 -52.29 77.24 -15.16
C LYS E 535 -53.25 77.17 -13.98
N GLU E 536 -52.68 77.46 -12.81
CA GLU E 536 -53.37 77.30 -11.53
C GLU E 536 -54.68 78.06 -11.52
N LEU E 537 -55.65 77.51 -10.79
CA LEU E 537 -56.96 78.12 -10.62
C LEU E 537 -57.14 78.80 -9.28
N VAL E 538 -56.62 78.21 -8.20
CA VAL E 538 -56.81 78.82 -6.88
C VAL E 538 -55.98 80.07 -6.75
N ALA E 539 -54.77 80.08 -7.30
CA ALA E 539 -53.98 81.31 -7.34
C ALA E 539 -54.44 82.25 -8.44
N HIS E 540 -55.52 81.91 -9.12
CA HIS E 540 -56.11 82.73 -10.17
C HIS E 540 -57.38 83.42 -9.72
N LEU E 541 -58.05 82.88 -8.70
CA LEU E 541 -59.24 83.54 -8.17
C LEU E 541 -58.89 84.62 -7.16
N ARG E 542 -57.78 84.46 -6.43
CA ARG E 542 -57.33 85.51 -5.54
C ARG E 542 -56.97 86.78 -6.30
N SER E 543 -56.67 86.67 -7.59
CA SER E 543 -56.51 87.85 -8.42
C SER E 543 -57.83 88.46 -8.83
N ILE E 544 -58.95 87.84 -8.48
CA ILE E 544 -60.27 88.43 -8.70
C ILE E 544 -60.81 89.06 -7.43
N LYS E 545 -60.59 88.42 -6.28
CA LYS E 545 -61.00 89.02 -5.01
C LYS E 545 -60.26 90.33 -4.75
N ARG E 546 -59.06 90.48 -5.32
CA ARG E 546 -58.31 91.72 -5.15
C ARG E 546 -58.99 92.90 -5.83
N TYR E 547 -59.74 92.65 -6.89
CA TYR E 547 -60.33 93.73 -7.68
C TYR E 547 -61.85 93.73 -7.66
N PHE E 548 -62.48 92.57 -7.86
CA PHE E 548 -63.94 92.55 -7.95
C PHE E 548 -64.57 92.63 -6.56
N LEU E 549 -64.09 91.82 -5.63
CA LEU E 549 -64.66 91.80 -4.29
C LEU E 549 -64.07 92.87 -3.39
N MET E 550 -63.18 93.70 -3.90
CA MET E 550 -62.63 94.86 -3.19
C MET E 550 -61.97 94.47 -1.87
N ASP E 551 -60.99 93.55 -2.01
CA ASP E 551 -60.16 93.04 -0.88
C ASP E 551 -58.96 93.95 -0.70
N GLN E 552 -58.55 94.65 -1.78
CA GLN E 552 -57.39 95.58 -1.71
C GLN E 552 -57.95 97.00 -1.73
N GLY E 553 -57.79 97.75 -0.63
CA GLY E 553 -58.29 99.14 -0.56
C GLY E 553 -57.26 100.13 -1.06
N ASP E 554 -56.02 99.67 -1.28
CA ASP E 554 -54.93 100.57 -1.75
C ASP E 554 -55.28 101.10 -3.14
N PHE E 555 -55.75 100.23 -4.05
CA PHE E 555 -56.10 100.68 -5.43
C PHE E 555 -57.28 101.66 -5.38
N PHE E 556 -58.31 101.32 -4.60
CA PHE E 556 -59.53 102.17 -4.48
C PHE E 556 -59.19 103.52 -3.81
N VAL E 557 -58.36 103.49 -2.76
CA VAL E 557 -57.99 104.76 -2.06
C VAL E 557 -57.04 105.56 -2.94
N HIS E 558 -56.61 104.99 -4.07
CA HIS E 558 -55.72 105.67 -4.99
C HIS E 558 -56.28 105.79 -6.39
N PHE E 559 -57.34 105.05 -6.72
CA PHE E 559 -57.92 105.13 -8.05
C PHE E 559 -59.03 106.18 -8.11
N MET E 560 -60.00 106.10 -7.19
CA MET E 560 -61.02 107.15 -7.13
C MET E 560 -60.39 108.50 -6.85
N ASP E 561 -59.26 108.52 -6.15
CA ASP E 561 -58.56 109.78 -5.89
C ASP E 561 -58.06 110.40 -7.18
N LEU E 562 -57.89 109.60 -8.23
CA LEU E 562 -57.43 110.09 -9.53
C LEU E 562 -58.58 110.33 -10.49
N ALA E 563 -59.50 109.38 -10.63
CA ALA E 563 -60.55 109.44 -11.63
C ALA E 563 -61.88 109.86 -11.03
N GLU E 564 -61.88 110.79 -10.07
CA GLU E 564 -63.12 111.27 -9.50
C GLU E 564 -63.76 112.34 -10.37
N GLU E 565 -63.00 113.39 -10.68
CA GLU E 565 -63.54 114.48 -11.49
C GLU E 565 -63.95 113.99 -12.87
N GLU E 566 -63.21 113.03 -13.43
CA GLU E 566 -63.44 112.54 -14.77
C GLU E 566 -64.43 111.39 -14.82
N LEU E 567 -65.15 111.13 -13.73
CA LEU E 567 -66.28 110.22 -13.74
C LEU E 567 -67.61 110.90 -13.47
N ARG E 568 -67.61 112.04 -12.80
CA ARG E 568 -68.85 112.77 -12.57
C ARG E 568 -69.41 113.35 -13.85
N LYS E 569 -68.60 113.44 -14.90
CA LYS E 569 -69.12 113.84 -16.20
C LYS E 569 -70.15 112.83 -16.68
N PRO E 570 -71.15 113.27 -17.43
CA PRO E 570 -72.15 112.32 -17.95
C PRO E 570 -71.53 111.36 -18.96
N VAL E 571 -72.20 110.23 -19.13
CA VAL E 571 -71.72 109.22 -20.06
C VAL E 571 -71.81 109.76 -21.49
N GLU E 572 -71.16 109.04 -22.42
CA GLU E 572 -70.91 109.48 -23.81
C GLU E 572 -70.29 110.88 -23.84
N ASP E 573 -69.53 111.21 -22.80
CA ASP E 573 -68.73 112.42 -22.77
C ASP E 573 -67.31 112.18 -22.29
N ILE E 574 -67.00 111.00 -21.76
CA ILE E 574 -65.67 110.67 -21.26
C ILE E 574 -64.99 109.74 -22.25
N THR E 575 -63.67 109.90 -22.39
CA THR E 575 -62.91 109.11 -23.35
C THR E 575 -62.36 107.86 -22.67
N PRO E 576 -62.77 106.66 -23.09
CA PRO E 576 -62.28 105.44 -22.46
C PRO E 576 -60.77 105.29 -22.51
N PRO E 577 -60.08 105.80 -23.55
CA PRO E 577 -58.62 105.79 -23.49
C PRO E 577 -58.03 106.60 -22.35
N ARG E 578 -58.84 107.38 -21.64
CA ARG E 578 -58.36 108.11 -20.48
C ARG E 578 -58.51 107.31 -19.19
N LEU E 579 -59.60 106.55 -19.06
CA LEU E 579 -59.80 105.76 -17.85
C LEU E 579 -58.81 104.61 -17.79
N GLU E 580 -58.64 103.89 -18.90
CA GLU E 580 -57.65 102.82 -18.94
C GLU E 580 -56.26 103.33 -18.62
N ALA E 581 -55.96 104.56 -19.03
CA ALA E 581 -54.66 105.15 -18.69
C ALA E 581 -54.59 105.56 -17.23
N LEU E 582 -55.75 105.65 -16.56
CA LEU E 582 -55.74 105.93 -15.13
C LEU E 582 -55.77 104.66 -14.30
N LEU E 583 -56.51 103.64 -14.76
CA LEU E 583 -56.47 102.34 -14.11
C LEU E 583 -55.08 101.74 -14.18
N GLU E 584 -54.46 101.78 -15.36
CA GLU E 584 -53.14 101.18 -15.54
C GLU E 584 -52.11 101.82 -14.62
N LEU E 585 -52.33 103.09 -14.25
CA LEU E 585 -51.41 103.76 -13.34
C LEU E 585 -51.76 103.51 -11.88
N ALA E 586 -53.06 103.45 -11.54
CA ALA E 586 -53.44 103.29 -10.15
C ALA E 586 -52.94 101.97 -9.57
N LEU E 587 -52.76 100.97 -10.42
CA LEU E 587 -52.24 99.69 -9.95
C LEU E 587 -50.78 99.82 -9.51
N ARG E 588 -49.90 100.14 -10.45
CA ARG E 588 -48.47 100.04 -10.20
C ARG E 588 -48.01 101.01 -9.12
N MET E 589 -48.75 102.09 -8.91
CA MET E 589 -48.40 103.00 -7.82
C MET E 589 -48.79 102.43 -6.45
N SER E 590 -49.85 101.63 -6.39
CA SER E 590 -50.34 101.09 -5.13
C SER E 590 -49.57 99.82 -4.77
N THR E 591 -50.07 99.08 -3.79
CA THR E 591 -49.44 97.84 -3.37
C THR E 591 -49.88 96.63 -4.18
N ALA E 592 -50.76 96.82 -5.15
CA ALA E 592 -51.17 95.73 -6.03
C ALA E 592 -50.15 95.43 -7.09
N ASN E 593 -48.97 96.05 -7.01
CA ASN E 593 -47.94 95.85 -8.03
C ASN E 593 -47.43 94.42 -8.03
N THR E 594 -47.37 93.77 -6.86
CA THR E 594 -46.87 92.41 -6.76
C THR E 594 -47.99 91.42 -7.09
N ASP E 595 -48.27 91.33 -8.39
CA ASP E 595 -49.32 90.45 -8.90
C ASP E 595 -48.96 90.01 -10.31
N PRO E 596 -48.88 88.71 -10.56
CA PRO E 596 -48.55 88.26 -11.92
C PRO E 596 -49.62 88.55 -12.95
N PHE E 597 -50.89 88.66 -12.53
CA PHE E 597 -52.00 88.71 -13.46
C PHE E 597 -52.65 90.08 -13.53
N LYS E 598 -51.97 91.13 -13.10
CA LYS E 598 -52.60 92.45 -13.04
C LYS E 598 -52.88 93.03 -14.42
N ASP E 599 -52.32 92.45 -15.47
CA ASP E 599 -52.49 92.97 -16.82
C ASP E 599 -53.78 92.52 -17.47
N ASP E 600 -54.76 92.06 -16.70
CA ASP E 600 -55.99 91.53 -17.26
C ASP E 600 -57.22 92.30 -16.80
N LEU E 601 -57.05 93.56 -16.41
CA LEU E 601 -58.18 94.40 -15.98
C LEU E 601 -58.54 95.36 -17.11
N LYS E 602 -59.79 95.30 -17.55
CA LYS E 602 -60.28 96.18 -18.60
C LYS E 602 -61.51 96.92 -18.11
N ILE E 603 -61.65 98.16 -18.54
CA ILE E 603 -62.81 98.97 -18.19
C ILE E 603 -63.96 98.61 -19.13
N ASP E 604 -65.15 98.52 -18.58
CA ASP E 604 -66.34 98.15 -19.35
C ASP E 604 -67.51 98.99 -18.85
N LEU E 605 -67.82 100.06 -19.57
CA LEU E 605 -68.90 100.96 -19.19
C LEU E 605 -70.23 100.33 -19.60
N MET E 606 -70.97 99.84 -18.61
CA MET E 606 -72.22 99.15 -18.88
C MET E 606 -73.30 100.15 -19.31
N PRO E 607 -74.27 99.72 -20.10
CA PRO E 607 -75.34 100.65 -20.50
C PRO E 607 -76.30 100.97 -19.38
N HIS E 608 -76.77 99.98 -18.64
CA HIS E 608 -77.78 100.19 -17.63
C HIS E 608 -77.19 100.06 -16.23
N ASP E 609 -77.63 100.94 -15.33
CA ASP E 609 -77.11 100.94 -13.98
C ASP E 609 -77.65 99.74 -13.20
N LEU E 610 -77.32 99.68 -11.90
CA LEU E 610 -77.78 98.60 -11.04
C LEU E 610 -79.26 98.83 -10.76
N ILE E 611 -80.09 98.30 -11.65
CA ILE E 611 -81.53 98.49 -11.57
C ILE E 611 -82.10 97.96 -10.27
N SER E 639 -75.69 109.87 -15.99
CA SER E 639 -75.05 108.66 -15.52
C SER E 639 -73.58 108.91 -15.18
N GLY E 640 -72.69 108.42 -16.04
CA GLY E 640 -71.25 108.62 -15.84
C GLY E 640 -70.59 107.78 -14.79
N LEU E 641 -71.02 107.89 -13.54
CA LEU E 641 -70.39 107.17 -12.44
C LEU E 641 -71.07 105.83 -12.16
N GLU E 642 -72.39 105.78 -12.25
CA GLU E 642 -73.14 104.57 -11.98
C GLU E 642 -73.13 103.59 -13.14
N ALA E 643 -72.21 103.75 -14.08
CA ALA E 643 -72.06 102.85 -15.21
C ALA E 643 -70.60 102.50 -15.43
N PHE E 644 -69.88 102.18 -14.35
CA PHE E 644 -68.47 101.84 -14.40
C PHE E 644 -68.25 100.50 -13.70
N SER E 645 -67.50 99.60 -14.35
CA SER E 645 -67.25 98.29 -13.79
C SER E 645 -66.10 97.64 -14.55
N PHE E 646 -65.25 96.93 -13.81
CA PHE E 646 -64.10 96.27 -14.42
C PHE E 646 -64.56 95.11 -15.31
N ASP E 647 -63.65 94.65 -16.15
CA ASP E 647 -63.87 93.46 -16.97
C ASP E 647 -62.59 92.66 -17.02
N TYR E 648 -62.72 91.34 -17.11
CA TYR E 648 -61.59 90.44 -16.91
C TYR E 648 -61.61 89.39 -18.00
N ILE E 649 -60.45 89.08 -18.55
CA ILE E 649 -60.34 88.17 -19.69
C ILE E 649 -59.37 87.04 -19.36
N VAL E 650 -59.78 85.81 -19.68
CA VAL E 650 -59.00 84.62 -19.37
C VAL E 650 -58.89 83.73 -20.61
N LYS E 651 -57.90 82.84 -20.59
CA LYS E 651 -57.60 82.00 -21.73
C LYS E 651 -58.59 80.84 -21.79
N TRP E 652 -58.33 79.87 -22.68
CA TRP E 652 -59.27 78.76 -22.85
C TRP E 652 -59.36 77.87 -21.62
N PRO E 653 -58.29 77.28 -21.10
CA PRO E 653 -58.45 76.21 -20.11
C PRO E 653 -59.10 76.69 -18.82
N LEU E 654 -58.79 77.91 -18.40
CA LEU E 654 -59.40 78.48 -17.21
C LEU E 654 -60.76 79.09 -17.50
N SER E 655 -61.17 79.19 -18.77
CA SER E 655 -62.45 79.77 -19.09
C SER E 655 -63.62 78.87 -18.76
N LEU E 656 -63.41 77.55 -18.76
CA LEU E 656 -64.50 76.63 -18.45
C LEU E 656 -65.03 76.85 -17.04
N ILE E 657 -64.19 77.38 -16.14
CA ILE E 657 -64.62 77.60 -14.76
C ILE E 657 -65.25 78.98 -14.61
N ILE E 658 -64.53 80.02 -15.01
CA ILE E 658 -65.00 81.40 -14.91
C ILE E 658 -65.36 81.88 -16.31
N ASN E 659 -66.64 81.80 -16.65
CA ASN E 659 -67.12 82.16 -17.97
C ASN E 659 -68.00 83.39 -17.89
N ARG E 660 -68.52 83.82 -19.04
CA ARG E 660 -69.36 85.01 -19.07
C ARG E 660 -70.62 84.85 -18.25
N LYS E 661 -71.08 83.61 -18.06
CA LYS E 661 -72.27 83.41 -17.24
C LYS E 661 -71.95 83.63 -15.78
N ALA E 662 -70.75 83.28 -15.34
CA ALA E 662 -70.34 83.42 -13.94
C ALA E 662 -69.31 84.52 -13.74
N LEU E 663 -69.27 85.50 -14.65
CA LEU E 663 -68.45 86.69 -14.45
C LEU E 663 -69.27 87.96 -14.33
N THR E 664 -70.40 88.04 -15.04
CA THR E 664 -71.31 89.15 -14.78
C THR E 664 -71.83 89.12 -13.35
N ARG E 665 -71.90 87.95 -12.74
CA ARG E 665 -72.27 87.89 -11.33
C ARG E 665 -71.18 88.52 -10.47
N TYR E 666 -69.92 88.25 -10.78
CA TYR E 666 -68.83 89.01 -10.15
C TYR E 666 -68.96 90.49 -10.44
N GLN E 667 -69.57 90.84 -11.57
CA GLN E 667 -69.72 92.22 -11.98
C GLN E 667 -71.03 92.82 -11.49
N MET E 668 -71.95 92.01 -10.96
CA MET E 668 -73.14 92.54 -10.31
C MET E 668 -72.89 92.87 -8.85
N LEU E 669 -72.18 92.02 -8.13
CA LEU E 669 -71.88 92.26 -6.72
C LEU E 669 -70.61 93.08 -6.54
N PHE E 670 -70.07 93.66 -7.60
CA PHE E 670 -69.03 94.66 -7.45
C PHE E 670 -69.62 96.07 -7.45
N ARG E 671 -70.45 96.37 -8.45
CA ARG E 671 -71.07 97.69 -8.50
C ARG E 671 -71.89 97.97 -7.25
N HIS E 672 -72.52 96.93 -6.68
CA HIS E 672 -73.24 97.11 -5.43
C HIS E 672 -72.30 97.42 -4.28
N MET E 673 -71.02 97.13 -4.42
CA MET E 673 -70.03 97.48 -3.40
C MET E 673 -69.17 98.66 -3.80
N PHE E 674 -69.24 99.09 -5.06
CA PHE E 674 -68.65 100.37 -5.43
C PHE E 674 -69.58 101.53 -5.15
N TYR E 675 -70.89 101.27 -5.09
CA TYR E 675 -71.85 102.31 -4.79
C TYR E 675 -71.81 102.70 -3.32
N CYS E 676 -71.86 101.69 -2.44
CA CYS E 676 -71.70 101.98 -1.02
C CYS E 676 -70.32 102.51 -0.68
N LYS E 677 -69.29 102.11 -1.44
CA LYS E 677 -67.96 102.63 -1.19
C LYS E 677 -67.81 104.05 -1.70
N HIS E 678 -68.61 104.45 -2.67
CA HIS E 678 -68.49 105.80 -3.21
C HIS E 678 -69.19 106.82 -2.31
N VAL E 679 -70.37 106.48 -1.81
CA VAL E 679 -71.14 107.44 -1.02
C VAL E 679 -70.45 107.71 0.31
N GLU E 680 -69.95 106.67 0.96
CA GLU E 680 -69.33 106.94 2.26
C GLU E 680 -67.94 107.46 2.11
N ARG E 681 -67.44 107.56 0.88
CA ARG E 681 -66.16 108.23 0.66
C ARG E 681 -66.34 109.74 0.60
N GLN E 682 -67.51 110.16 0.13
CA GLN E 682 -67.86 111.60 0.02
C GLN E 682 -68.58 112.03 1.31
N LEU E 683 -69.53 111.21 1.78
CA LEU E 683 -70.25 111.55 3.00
C LEU E 683 -69.29 111.72 4.16
N CYS E 684 -68.16 111.02 4.11
CA CYS E 684 -67.08 111.26 5.05
C CYS E 684 -66.25 112.47 4.65
N SER E 685 -66.37 112.94 3.40
CA SER E 685 -65.58 114.08 2.96
C SER E 685 -66.20 115.40 3.41
N VAL E 686 -67.52 115.45 3.55
CA VAL E 686 -68.15 116.67 4.07
C VAL E 686 -67.77 116.90 5.52
N TRP E 687 -67.22 115.88 6.18
CA TRP E 687 -66.82 116.02 7.58
C TRP E 687 -65.68 117.00 7.75
N ILE E 688 -64.83 117.17 6.73
CA ILE E 688 -63.66 118.02 6.87
C ILE E 688 -64.00 119.44 6.41
N SER E 689 -65.05 119.57 5.60
CA SER E 689 -65.47 120.90 5.15
C SER E 689 -66.06 121.71 6.30
N ASN E 690 -66.84 121.05 7.18
CA ASN E 690 -67.47 121.78 8.27
C ASN E 690 -66.51 122.02 9.42
N LYS E 691 -65.45 121.21 9.52
CA LYS E 691 -64.46 121.41 10.58
C LYS E 691 -63.73 122.73 10.38
N THR E 692 -64.05 123.72 11.20
CA THR E 692 -63.46 125.04 11.07
C THR E 692 -61.98 125.05 11.43
N PHE E 704 -76.73 124.83 11.10
CA PHE E 704 -75.33 125.21 11.24
C PHE E 704 -74.65 124.35 12.30
N ALA E 705 -75.46 123.82 13.23
CA ALA E 705 -74.94 122.95 14.28
C ALA E 705 -75.86 121.77 14.57
N GLY E 706 -76.95 121.61 13.84
CA GLY E 706 -77.85 120.50 14.05
C GLY E 706 -77.82 119.50 12.91
N ALA E 707 -77.01 119.79 11.89
CA ALA E 707 -76.84 118.86 10.78
C ALA E 707 -75.80 117.79 11.07
N PHE E 708 -74.97 117.98 12.10
CA PHE E 708 -73.99 116.96 12.45
C PHE E 708 -74.66 115.71 13.03
N THR E 709 -75.70 115.90 13.84
CA THR E 709 -76.39 114.76 14.43
C THR E 709 -77.14 113.93 13.42
N LEU E 710 -77.37 114.45 12.22
CA LEU E 710 -77.91 113.64 11.13
C LEU E 710 -76.80 112.93 10.37
N ARG E 711 -75.68 113.61 10.15
CA ARG E 711 -74.55 112.97 9.48
C ARG E 711 -74.06 111.76 10.28
N GLN E 712 -74.10 111.86 11.62
CA GLN E 712 -73.78 110.72 12.46
C GLN E 712 -74.74 109.57 12.27
N ARG E 713 -76.00 109.85 11.97
CA ARG E 713 -76.99 108.81 11.73
C ARG E 713 -76.82 108.14 10.38
N MET E 714 -76.35 108.88 9.37
CA MET E 714 -76.15 108.30 8.05
C MET E 714 -74.83 107.57 7.94
N LEU E 715 -73.73 108.20 8.37
CA LEU E 715 -72.43 107.54 8.27
C LEU E 715 -72.39 106.26 9.07
N ASN E 716 -73.05 106.23 10.24
CA ASN E 716 -73.04 105.03 11.05
C ASN E 716 -73.98 103.96 10.51
N PHE E 717 -74.62 104.21 9.38
CA PHE E 717 -75.45 103.19 8.72
C PHE E 717 -74.71 102.54 7.56
N VAL E 718 -73.98 103.33 6.77
CA VAL E 718 -73.23 102.74 5.66
C VAL E 718 -71.98 102.04 6.17
N GLN E 719 -71.38 102.55 7.24
CA GLN E 719 -70.31 101.81 7.89
C GLN E 719 -70.80 100.52 8.53
N ASN E 720 -72.10 100.41 8.80
CA ASN E 720 -72.66 99.19 9.38
C ASN E 720 -73.22 98.26 8.33
N ILE E 721 -73.36 98.71 7.09
CA ILE E 721 -73.68 97.82 5.98
C ILE E 721 -72.43 97.19 5.41
N GLN E 722 -71.39 97.99 5.20
CA GLN E 722 -70.17 97.47 4.60
C GLN E 722 -69.50 96.44 5.52
N TYR E 723 -69.45 96.71 6.82
CA TYR E 723 -68.85 95.72 7.73
C TYR E 723 -69.65 94.44 7.73
N TYR E 724 -70.94 94.52 7.44
CA TYR E 724 -71.74 93.31 7.32
C TYR E 724 -71.54 92.65 5.96
N MET E 725 -71.23 93.45 4.94
CA MET E 725 -71.12 92.90 3.60
C MET E 725 -69.73 92.35 3.32
N MET E 726 -68.74 92.71 4.13
CA MET E 726 -67.35 92.23 3.87
C MET E 726 -66.91 91.20 4.90
N PHE E 727 -67.05 91.49 6.20
CA PHE E 727 -66.58 90.58 7.22
C PHE E 727 -67.64 89.60 7.69
N GLU E 728 -68.77 89.51 7.00
CA GLU E 728 -69.84 88.60 7.41
C GLU E 728 -70.39 87.74 6.28
N VAL E 729 -70.35 88.20 5.04
CA VAL E 729 -70.94 87.49 3.91
C VAL E 729 -69.87 87.02 2.92
N MET E 730 -68.97 87.93 2.54
CA MET E 730 -68.00 87.62 1.50
C MET E 730 -66.66 87.13 2.04
N GLU E 731 -66.36 87.38 3.31
CA GLU E 731 -65.18 86.79 3.90
C GLU E 731 -65.42 85.36 4.39
N PRO E 732 -66.53 85.06 5.08
CA PRO E 732 -66.76 83.67 5.47
C PRO E 732 -67.06 82.75 4.32
N THR E 733 -67.89 83.18 3.37
CA THR E 733 -68.27 82.31 2.26
C THR E 733 -67.07 82.02 1.36
N TRP E 734 -66.14 82.97 1.25
CA TRP E 734 -64.94 82.69 0.46
C TRP E 734 -64.06 81.66 1.15
N HIS E 735 -63.91 81.77 2.47
CA HIS E 735 -63.06 80.81 3.18
C HIS E 735 -63.59 79.39 3.03
N ILE E 736 -64.90 79.22 2.86
CA ILE E 736 -65.44 77.90 2.56
C ILE E 736 -64.95 77.43 1.20
N LEU E 737 -65.02 78.30 0.20
CA LEU E 737 -64.65 77.89 -1.16
C LEU E 737 -63.18 77.48 -1.23
N GLU E 738 -62.31 78.16 -0.49
CA GLU E 738 -60.91 77.80 -0.50
C GLU E 738 -60.72 76.38 0.02
N LYS E 739 -61.43 76.04 1.09
CA LYS E 739 -61.35 74.68 1.62
C LYS E 739 -62.16 73.70 0.77
N ASN E 740 -63.28 74.16 0.22
CA ASN E 740 -64.14 73.29 -0.57
C ASN E 740 -63.55 72.94 -1.92
N LEU E 741 -62.40 73.51 -2.28
CA LEU E 741 -61.72 73.16 -3.52
C LEU E 741 -60.58 72.18 -3.32
N LYS E 742 -60.15 71.96 -2.07
CA LYS E 742 -59.13 70.96 -1.81
C LYS E 742 -59.71 69.56 -1.79
N SER E 743 -61.00 69.42 -1.48
CA SER E 743 -61.68 68.13 -1.45
C SER E 743 -62.45 67.86 -2.74
N ALA E 744 -62.08 68.51 -3.83
CA ALA E 744 -62.74 68.25 -5.11
C ALA E 744 -62.15 67.02 -5.78
N SER E 745 -62.98 66.36 -6.57
CA SER E 745 -62.56 65.14 -7.27
C SER E 745 -62.61 65.26 -8.78
N ASN E 746 -63.31 66.26 -9.32
CA ASN E 746 -63.39 66.43 -10.76
C ASN E 746 -63.87 67.85 -11.07
N ILE E 747 -63.82 68.20 -12.36
CA ILE E 747 -64.23 69.55 -12.77
C ILE E 747 -65.72 69.73 -12.59
N ASP E 748 -66.50 68.67 -12.77
CA ASP E 748 -67.94 68.78 -12.53
C ASP E 748 -68.28 69.09 -11.08
N ASP E 749 -67.30 69.06 -10.18
CA ASP E 749 -67.50 69.49 -8.80
C ASP E 749 -66.98 70.90 -8.56
N VAL E 750 -65.81 71.24 -9.13
CA VAL E 750 -65.30 72.60 -9.04
C VAL E 750 -66.29 73.58 -9.65
N LEU E 751 -66.93 73.18 -10.74
CA LEU E 751 -68.03 73.98 -11.28
C LEU E 751 -69.23 74.02 -10.36
N GLY E 752 -69.28 73.16 -9.34
CA GLY E 752 -70.40 73.17 -8.42
C GLY E 752 -70.11 74.01 -7.20
N HIS E 753 -68.84 74.07 -6.80
CA HIS E 753 -68.44 74.87 -5.66
C HIS E 753 -68.18 76.32 -6.02
N HIS E 754 -68.13 76.67 -7.30
CA HIS E 754 -67.98 78.07 -7.69
C HIS E 754 -69.34 78.73 -7.85
N THR E 755 -70.17 78.22 -8.75
CA THR E 755 -71.53 78.75 -8.86
C THR E 755 -72.34 78.47 -7.61
N GLY E 756 -71.86 77.59 -6.73
CA GLY E 756 -72.43 77.47 -5.42
C GLY E 756 -71.97 78.51 -4.43
N PHE E 757 -70.88 79.22 -4.75
CA PHE E 757 -70.42 80.35 -3.96
C PHE E 757 -71.04 81.67 -4.40
N LEU E 758 -71.36 81.81 -5.68
CA LEU E 758 -71.94 83.06 -6.16
C LEU E 758 -73.42 83.16 -5.81
N ASP E 759 -74.19 82.10 -6.04
CA ASP E 759 -75.61 82.16 -5.71
C ASP E 759 -75.86 82.24 -4.21
N THR E 760 -74.81 82.10 -3.40
CA THR E 760 -74.94 82.28 -1.97
C THR E 760 -74.66 83.72 -1.56
N CYS E 761 -73.65 84.35 -2.17
CA CYS E 761 -73.37 85.75 -1.88
C CYS E 761 -74.52 86.64 -2.31
N LEU E 762 -75.05 86.43 -3.52
CA LEU E 762 -76.16 87.23 -4.00
C LEU E 762 -77.47 86.95 -3.26
N LYS E 763 -77.47 86.01 -2.32
CA LYS E 763 -78.63 85.77 -1.48
C LYS E 763 -78.50 86.45 -0.12
N ASP E 764 -77.35 86.31 0.54
CA ASP E 764 -77.16 86.98 1.82
C ASP E 764 -77.00 88.48 1.65
N CYS E 765 -76.53 88.92 0.48
CA CYS E 765 -76.58 90.33 0.15
C CYS E 765 -77.98 90.69 -0.29
N MET E 766 -78.26 91.99 -0.35
CA MET E 766 -79.60 92.46 -0.71
C MET E 766 -79.85 92.39 -2.21
N LEU E 767 -78.96 91.77 -2.98
CA LEU E 767 -79.07 91.80 -4.44
C LEU E 767 -80.27 91.04 -4.97
N THR E 768 -80.88 90.18 -4.17
CA THR E 768 -82.05 89.42 -4.63
C THR E 768 -83.16 89.43 -3.59
N LEU E 772 -88.61 94.06 -4.75
CA LEU E 772 -87.78 93.48 -3.71
C LEU E 772 -87.29 94.54 -2.74
N LEU E 773 -86.02 94.43 -2.34
CA LEU E 773 -85.40 95.42 -1.47
C LEU E 773 -84.86 96.59 -2.29
N LYS E 774 -85.72 97.18 -3.12
CA LYS E 774 -85.34 98.36 -3.87
C LYS E 774 -85.43 99.63 -3.04
N VAL E 775 -85.96 99.54 -1.82
CA VAL E 775 -85.97 100.71 -0.93
C VAL E 775 -84.56 101.08 -0.52
N PHE E 776 -83.61 100.14 -0.62
CA PHE E 776 -82.23 100.48 -0.35
C PHE E 776 -81.71 101.51 -1.35
N SER E 777 -82.09 101.36 -2.62
CA SER E 777 -81.65 102.32 -3.63
C SER E 777 -82.15 103.72 -3.32
N LYS E 778 -83.43 103.84 -2.93
CA LYS E 778 -83.97 105.15 -2.60
C LYS E 778 -83.41 105.67 -1.29
N LEU E 779 -83.06 104.79 -0.36
CA LEU E 779 -82.51 105.25 0.90
C LEU E 779 -81.14 105.90 0.71
N MET E 780 -80.35 105.36 -0.22
CA MET E 780 -79.01 105.93 -0.50
C MET E 780 -79.16 107.20 -1.33
N SER E 781 -80.32 107.37 -1.96
CA SER E 781 -80.59 108.57 -2.80
C SER E 781 -80.59 109.83 -1.93
N VAL E 782 -81.22 109.79 -0.75
CA VAL E 782 -81.25 110.97 0.16
C VAL E 782 -79.85 111.28 0.67
N CYS E 783 -79.03 110.26 0.94
CA CYS E 783 -77.67 110.45 1.49
C CYS E 783 -76.79 111.23 0.51
N VAL E 784 -76.81 110.88 -0.78
CA VAL E 784 -75.98 111.62 -1.78
C VAL E 784 -76.49 113.06 -1.89
N MET E 785 -77.81 113.24 -1.83
CA MET E 785 -78.45 114.59 -1.90
C MET E 785 -78.01 115.41 -0.69
N PHE E 786 -77.96 114.78 0.49
CA PHE E 786 -77.56 115.48 1.75
C PHE E 786 -76.13 115.99 1.61
N THR E 787 -75.23 115.17 1.04
CA THR E 787 -73.82 115.58 0.84
C THR E 787 -73.79 116.77 -0.13
N ASN E 788 -74.61 116.70 -1.18
CA ASN E 788 -74.69 117.79 -2.19
C ASN E 788 -75.06 119.11 -1.49
N CYS E 789 -76.16 119.10 -0.73
CA CYS E 789 -76.60 120.31 -0.04
C CYS E 789 -75.47 120.91 0.79
N MET E 790 -74.77 120.07 1.55
CA MET E 790 -73.64 120.56 2.35
C MET E 790 -72.45 120.94 1.49
N GLN E 791 -72.45 120.55 0.21
CA GLN E 791 -71.35 120.90 -0.68
C GLN E 791 -71.45 122.33 -1.21
N LYS E 792 -72.55 123.02 -0.96
CA LYS E 792 -72.74 124.37 -1.47
C LYS E 792 -72.32 125.45 -0.49
N PHE E 793 -71.55 125.09 0.54
CA PHE E 793 -71.19 126.04 1.58
C PHE E 793 -69.69 126.31 1.58
N PHE E 846 -81.82 126.36 3.98
CA PHE E 846 -80.87 125.36 4.47
C PHE E 846 -81.24 124.89 5.86
N GLU E 847 -81.46 125.85 6.77
CA GLU E 847 -81.83 125.51 8.13
C GLU E 847 -83.16 124.77 8.18
N ALA E 848 -84.01 124.92 7.17
CA ALA E 848 -85.32 124.30 7.14
C ALA E 848 -85.37 123.02 6.32
N THR E 849 -84.34 122.74 5.53
CA THR E 849 -84.33 121.53 4.71
C THR E 849 -83.58 120.37 5.37
N ILE E 850 -82.66 120.67 6.28
CA ILE E 850 -81.96 119.60 6.99
C ILE E 850 -82.94 118.77 7.80
N ASN E 851 -83.90 119.43 8.44
CA ASN E 851 -84.91 118.70 9.20
C ASN E 851 -85.86 117.92 8.30
N LYS E 852 -86.00 118.31 7.04
CA LYS E 852 -86.83 117.53 6.11
C LYS E 852 -86.15 116.22 5.78
N PHE E 853 -84.84 116.25 5.50
CA PHE E 853 -84.12 115.02 5.22
C PHE E 853 -84.20 114.04 6.39
N ASP E 854 -84.18 114.55 7.62
CA ASP E 854 -84.26 113.67 8.78
C ASP E 854 -85.57 112.91 8.80
N LYS E 855 -86.68 113.62 8.59
CA LYS E 855 -87.98 112.95 8.53
C LYS E 855 -88.10 112.06 7.30
N ASN E 856 -87.37 112.36 6.24
CA ASN E 856 -87.40 111.55 5.03
C ASN E 856 -86.51 110.32 5.15
N PHE E 857 -85.28 110.51 5.62
CA PHE E 857 -84.34 109.39 5.69
C PHE E 857 -84.69 108.43 6.82
N SER E 858 -85.11 108.95 7.97
CA SER E 858 -85.47 108.07 9.08
C SER E 858 -86.72 107.26 8.76
N ALA E 859 -87.55 107.73 7.84
CA ALA E 859 -88.74 106.97 7.47
C ALA E 859 -88.36 105.74 6.64
N HIS E 860 -87.38 105.88 5.75
CA HIS E 860 -86.94 104.75 4.95
C HIS E 860 -86.18 103.73 5.78
N LEU E 861 -85.45 104.18 6.80
CA LEU E 861 -84.67 103.26 7.62
C LEU E 861 -85.58 102.38 8.46
N LEU E 862 -86.65 102.95 9.02
CA LEU E 862 -87.62 102.13 9.74
C LEU E 862 -88.35 101.17 8.83
N ASP E 863 -88.30 101.38 7.51
CA ASP E 863 -88.81 100.40 6.57
C ASP E 863 -87.81 99.28 6.33
N LEU E 864 -86.52 99.63 6.25
CA LEU E 864 -85.49 98.62 6.05
C LEU E 864 -85.41 97.68 7.25
N LEU E 865 -85.39 98.24 8.46
CA LEU E 865 -85.35 97.40 9.66
C LEU E 865 -86.63 96.61 9.84
N ALA E 866 -87.73 97.04 9.20
CA ALA E 866 -88.98 96.29 9.32
C ALA E 866 -88.96 95.02 8.50
N ARG E 867 -88.65 95.12 7.20
CA ARG E 867 -88.63 93.96 6.34
C ARG E 867 -87.48 93.02 6.65
N LEU E 868 -86.37 93.55 7.17
CA LEU E 868 -85.24 92.70 7.50
C LEU E 868 -85.50 91.90 8.78
N SER E 869 -86.62 92.15 9.45
CA SER E 869 -86.96 91.38 10.64
C SER E 869 -87.79 90.15 10.31
N ILE E 870 -88.66 90.26 9.30
CA ILE E 870 -89.54 89.14 8.95
C ILE E 870 -88.76 88.12 8.11
N TYR E 871 -88.05 87.22 8.78
CA TYR E 871 -87.34 86.15 8.11
C TYR E 871 -87.21 84.97 9.06
N SER E 872 -86.86 83.81 8.52
CA SER E 872 -86.79 82.58 9.29
C SER E 872 -85.47 82.48 10.05
N GLY E 879 -76.24 85.87 8.38
CA GLY E 879 -77.60 85.52 7.98
C GLY E 879 -78.47 86.73 7.67
N MET E 880 -79.78 86.52 7.65
CA MET E 880 -80.71 87.61 7.39
C MET E 880 -81.32 88.18 8.67
N ALA E 881 -81.15 87.51 9.80
CA ALA E 881 -81.63 88.03 11.08
C ALA E 881 -80.56 88.73 11.88
N SER E 882 -79.29 88.38 11.68
CA SER E 882 -78.19 89.03 12.40
C SER E 882 -77.87 90.42 11.86
N VAL E 883 -78.54 90.85 10.78
CA VAL E 883 -78.27 92.19 10.26
C VAL E 883 -78.80 93.25 11.21
N ILE E 884 -79.91 92.98 11.91
CA ILE E 884 -80.46 93.96 12.83
C ILE E 884 -79.48 94.23 13.97
N SER E 885 -78.78 93.18 14.44
CA SER E 885 -77.75 93.37 15.44
C SER E 885 -76.54 94.10 14.87
N ARG E 886 -76.46 94.23 13.54
CA ARG E 886 -75.42 95.06 12.93
C ARG E 886 -75.88 96.49 12.68
N LEU E 887 -77.19 96.69 12.47
CA LEU E 887 -77.71 98.04 12.34
C LEU E 887 -77.87 98.69 13.71
N ASP E 888 -78.53 98.00 14.63
CA ASP E 888 -78.74 98.49 15.98
C ASP E 888 -77.82 97.75 16.93
N PHE E 889 -77.38 98.43 17.96
CA PHE E 889 -76.69 97.84 19.09
C PHE E 889 -77.25 98.30 20.42
N ASN E 890 -77.87 99.48 20.46
CA ASN E 890 -78.24 100.15 21.70
C ASN E 890 -79.72 99.99 22.03
N GLY E 891 -80.43 99.13 21.33
CA GLY E 891 -81.87 99.09 21.46
C GLY E 891 -82.58 100.22 20.77
N PHE E 892 -81.86 101.08 20.05
CA PHE E 892 -82.49 102.16 19.30
C PHE E 892 -83.36 101.59 18.19
N TYR E 893 -84.13 102.47 17.55
CA TYR E 893 -85.06 102.07 16.49
C TYR E 893 -86.01 100.99 16.98
N THR E 894 -86.29 101.00 18.28
CA THR E 894 -87.17 100.00 18.88
C THR E 894 -88.64 100.26 18.60
N GLU E 895 -88.96 101.27 17.80
CA GLU E 895 -90.34 101.58 17.48
C GLU E 895 -90.79 100.84 16.23
N ILE F 245 -81.46 11.91 -66.95
CA ILE F 245 -80.13 12.50 -66.59
C ILE F 245 -79.81 12.13 -65.14
N THR F 246 -78.72 11.39 -64.93
CA THR F 246 -78.29 10.95 -63.57
C THR F 246 -77.75 12.13 -62.76
N GLU F 247 -77.84 12.04 -61.43
CA GLU F 247 -77.35 13.09 -60.50
C GLU F 247 -75.83 13.25 -60.63
N ALA F 248 -75.12 12.14 -60.86
CA ALA F 248 -73.65 12.13 -61.01
C ALA F 248 -73.23 13.00 -62.20
N ALA F 249 -74.00 12.96 -63.30
CA ALA F 249 -73.70 13.76 -64.51
C ALA F 249 -73.72 15.25 -64.15
N LEU F 250 -74.69 15.67 -63.33
CA LEU F 250 -74.78 17.09 -62.90
C LEU F 250 -73.52 17.44 -62.09
N VAL F 251 -73.08 16.52 -61.23
CA VAL F 251 -71.86 16.76 -60.38
C VAL F 251 -70.62 16.87 -61.26
N ARG F 252 -70.69 16.33 -62.48
CA ARG F 252 -69.57 16.40 -63.42
C ARG F 252 -69.50 17.76 -64.08
N ASP F 253 -70.65 18.33 -64.47
CA ASP F 253 -70.65 19.62 -65.14
C ASP F 253 -70.47 20.75 -64.15
N ILE F 254 -71.06 20.65 -62.96
CA ILE F 254 -70.95 21.72 -61.99
C ILE F 254 -69.49 22.00 -61.64
N LEU F 255 -68.69 20.95 -61.52
CA LEU F 255 -67.27 21.16 -61.21
C LEU F 255 -66.54 21.94 -62.29
N TYR F 256 -67.17 22.14 -63.45
CA TYR F 256 -66.62 23.03 -64.47
C TYR F 256 -67.24 24.41 -64.43
N VAL F 257 -68.54 24.50 -64.15
CA VAL F 257 -69.20 25.80 -64.10
C VAL F 257 -68.61 26.65 -63.00
N PHE F 258 -67.95 26.04 -62.01
CA PHE F 258 -67.25 26.80 -60.98
C PHE F 258 -66.09 27.60 -61.55
N GLN F 259 -65.73 27.40 -62.81
CA GLN F 259 -64.62 28.08 -63.43
C GLN F 259 -65.01 29.01 -64.57
N GLY F 260 -66.13 28.76 -65.24
CA GLY F 260 -66.51 29.54 -66.40
C GLY F 260 -66.80 28.66 -67.58
N ILE F 261 -66.20 27.46 -67.60
CA ILE F 261 -66.40 26.52 -68.69
C ILE F 261 -67.71 25.79 -68.49
N ASP F 262 -68.64 25.97 -69.40
CA ASP F 262 -69.89 25.23 -69.35
C ASP F 262 -69.65 23.74 -69.54
N ASN F 265 -74.61 20.06 -69.88
CA ASN F 265 -76.00 20.46 -69.71
C ASN F 265 -76.11 21.92 -69.26
N ILE F 266 -75.27 22.29 -68.30
CA ILE F 266 -75.28 23.66 -67.79
C ILE F 266 -74.54 24.56 -68.74
N LYS F 267 -75.22 25.60 -69.24
CA LYS F 267 -74.63 26.53 -70.17
C LYS F 267 -74.83 27.95 -69.64
N MET F 268 -74.23 28.92 -70.34
CA MET F 268 -74.34 30.31 -69.93
C MET F 268 -75.74 30.84 -70.18
N ASN F 273 -78.06 36.66 -66.90
CA ASN F 273 -76.72 36.11 -67.06
C ASN F 273 -76.57 34.78 -66.34
N CYS F 274 -77.65 34.38 -65.66
CA CYS F 274 -77.69 33.12 -64.85
C CYS F 274 -77.37 31.89 -65.70
N TYR F 275 -76.69 30.90 -65.11
CA TYR F 275 -76.34 29.67 -65.80
C TYR F 275 -77.60 28.82 -65.93
N LYS F 276 -78.37 29.11 -66.97
CA LYS F 276 -79.62 28.41 -67.20
C LYS F 276 -79.33 26.97 -67.61
N VAL F 277 -79.88 26.02 -66.87
CA VAL F 277 -79.69 24.60 -67.14
C VAL F 277 -80.83 24.09 -68.00
N GLU F 278 -80.52 23.24 -68.96
CA GLU F 278 -81.53 22.67 -69.82
C GLU F 278 -81.31 21.17 -70.01
N ASN F 282 -86.37 15.44 -69.31
CA ASN F 282 -85.27 16.09 -68.63
C ASN F 282 -85.12 15.59 -67.20
N LEU F 283 -84.84 16.51 -66.28
CA LEU F 283 -84.58 16.18 -64.88
C LEU F 283 -85.67 16.74 -63.99
N SER F 284 -85.64 16.31 -62.72
CA SER F 284 -86.66 16.70 -61.77
C SER F 284 -86.40 18.10 -61.21
N ARG F 285 -87.47 18.76 -60.77
CA ARG F 285 -87.36 20.13 -60.31
C ARG F 285 -86.44 20.25 -59.11
N SER F 286 -86.39 19.22 -58.27
CA SER F 286 -85.53 19.29 -57.09
C SER F 286 -84.06 19.40 -57.44
N LEU F 287 -83.70 19.05 -58.68
CA LEU F 287 -82.29 19.08 -59.13
C LEU F 287 -81.96 20.43 -59.78
N ARG F 288 -82.84 20.93 -60.66
CA ARG F 288 -82.57 22.17 -61.38
C ARG F 288 -82.37 23.33 -60.42
N ASP F 289 -83.15 23.37 -59.33
CA ASP F 289 -83.08 24.50 -58.41
C ASP F 289 -81.72 24.57 -57.73
N THR F 290 -81.24 23.44 -57.22
CA THR F 290 -79.96 23.45 -56.52
C THR F 290 -78.80 23.70 -57.48
N ALA F 291 -78.93 23.25 -58.73
CA ALA F 291 -77.90 23.54 -59.72
C ALA F 291 -77.79 25.02 -59.99
N VAL F 292 -78.95 25.66 -60.20
CA VAL F 292 -79.00 27.13 -60.48
C VAL F 292 -78.48 27.88 -59.25
N ARG F 293 -78.78 27.36 -58.06
CA ARG F 293 -78.33 28.01 -56.79
C ARG F 293 -76.98 27.43 -56.38
N LEU F 294 -76.47 26.45 -57.14
CA LEU F 294 -75.17 25.81 -56.83
C LEU F 294 -74.12 26.30 -57.83
N SER F 295 -74.54 26.67 -59.03
CA SER F 295 -73.61 27.16 -60.08
C SER F 295 -73.54 28.70 -60.05
N GLU F 296 -73.31 29.26 -58.86
CA GLU F 296 -73.22 30.74 -58.71
C GLU F 296 -71.76 31.12 -58.50
N LEU F 297 -70.95 30.17 -58.01
CA LEU F 297 -69.50 30.41 -57.78
C LEU F 297 -68.82 30.70 -59.13
N GLY F 298 -69.21 29.95 -60.16
CA GLY F 298 -68.63 30.14 -61.52
C GLY F 298 -68.94 31.52 -62.06
N TRP F 299 -70.18 31.98 -61.89
CA TRP F 299 -70.58 33.33 -62.37
C TRP F 299 -69.75 34.38 -61.64
N LEU F 300 -69.60 34.22 -60.31
CA LEU F 300 -68.78 35.14 -59.48
C LEU F 300 -67.32 35.02 -59.93
N HIS F 301 -66.87 33.81 -60.22
CA HIS F 301 -65.48 33.54 -60.66
C HIS F 301 -65.22 34.26 -61.99
N ASN F 302 -66.19 34.22 -62.91
CA ASN F 302 -66.03 34.89 -64.23
C ASN F 302 -65.86 36.40 -64.00
N LYS F 303 -66.66 36.98 -63.09
CA LYS F 303 -66.61 38.43 -62.79
C LYS F 303 -65.26 38.80 -62.18
N ILE F 304 -64.73 37.97 -61.28
CA ILE F 304 -63.43 38.28 -60.61
C ILE F 304 -62.26 37.88 -61.54
N ARG F 305 -62.57 37.31 -62.71
CA ARG F 305 -61.50 36.95 -63.64
C ARG F 305 -61.36 37.95 -64.76
N ARG F 306 -62.46 38.54 -65.23
CA ARG F 306 -62.38 39.50 -66.32
C ARG F 306 -61.57 40.72 -65.92
N TYR F 307 -61.71 41.18 -64.68
CA TYR F 307 -60.96 42.35 -64.24
C TYR F 307 -59.47 42.05 -64.19
N THR F 308 -59.08 40.93 -63.59
CA THR F 308 -57.67 40.58 -63.50
C THR F 308 -57.10 40.08 -64.81
N ASP F 309 -57.86 40.20 -65.89
CA ASP F 309 -57.40 39.86 -67.23
C ASP F 309 -57.50 41.04 -68.19
N GLN F 310 -58.52 41.88 -68.04
CA GLN F 310 -58.63 43.07 -68.86
C GLN F 310 -57.60 44.12 -68.45
N ARG F 311 -57.36 44.25 -67.14
CA ARG F 311 -56.41 45.25 -66.66
C ARG F 311 -54.98 44.71 -66.57
N SER F 312 -54.78 43.41 -66.72
CA SER F 312 -53.44 42.85 -66.88
C SER F 312 -52.96 42.95 -68.32
N LEU F 313 -53.68 43.70 -69.15
CA LEU F 313 -53.34 43.87 -70.57
C LEU F 313 -52.73 45.23 -70.85
N ASP F 314 -53.43 46.30 -70.49
CA ASP F 314 -52.92 47.64 -70.71
C ASP F 314 -51.82 47.97 -69.71
N ARG F 315 -50.81 48.70 -70.16
CA ARG F 315 -49.68 49.06 -69.32
C ARG F 315 -49.83 50.43 -68.69
N SER F 316 -51.03 51.00 -68.70
CA SER F 316 -51.29 52.31 -68.12
C SER F 316 -52.22 52.22 -66.93
N PHE F 317 -52.05 51.19 -66.12
CA PHE F 317 -52.83 51.03 -64.89
C PHE F 317 -52.05 51.44 -63.65
N GLY F 318 -50.75 51.64 -63.75
CA GLY F 318 -49.99 52.17 -62.65
C GLY F 318 -49.22 51.10 -61.90
N LEU F 319 -48.72 51.50 -60.73
CA LEU F 319 -47.99 50.60 -59.84
C LEU F 319 -48.84 50.05 -58.72
N VAL F 320 -49.85 50.78 -58.26
CA VAL F 320 -50.78 50.25 -57.29
C VAL F 320 -51.75 49.29 -57.94
N GLY F 321 -52.26 49.66 -59.12
CA GLY F 321 -53.19 48.78 -59.84
C GLY F 321 -52.60 47.45 -60.25
N GLN F 322 -51.31 47.25 -60.05
CA GLN F 322 -50.70 45.94 -60.26
C GLN F 322 -50.70 45.12 -58.98
N SER F 323 -50.23 45.70 -57.89
CA SER F 323 -50.26 44.99 -56.62
C SER F 323 -51.67 44.65 -56.19
N PHE F 324 -52.68 45.32 -56.73
CA PHE F 324 -54.04 44.88 -56.53
C PHE F 324 -54.40 43.77 -57.50
N CYS F 325 -54.10 43.97 -58.79
CA CYS F 325 -54.40 42.94 -59.77
C CYS F 325 -53.49 41.72 -59.61
N ALA F 326 -52.40 41.85 -58.85
CA ALA F 326 -51.56 40.71 -58.50
C ALA F 326 -51.75 40.29 -57.05
N ALA F 327 -52.77 40.80 -56.37
CA ALA F 327 -53.22 40.24 -55.11
C ALA F 327 -54.61 39.63 -55.22
N LEU F 328 -55.28 39.79 -56.35
CA LEU F 328 -56.46 39.01 -56.66
C LEU F 328 -56.12 37.64 -57.23
N HIS F 329 -54.83 37.31 -57.33
CA HIS F 329 -54.43 35.99 -57.81
C HIS F 329 -54.04 35.05 -56.68
N GLN F 330 -53.35 35.55 -55.65
CA GLN F 330 -53.12 34.71 -54.49
C GLN F 330 -54.40 34.31 -53.80
N GLU F 331 -55.48 35.10 -53.96
CA GLU F 331 -56.80 34.72 -53.50
C GLU F 331 -57.59 33.99 -54.57
N LEU F 332 -56.92 33.54 -55.63
CA LEU F 332 -57.54 32.67 -56.62
C LEU F 332 -56.85 31.33 -56.76
N ARG F 333 -55.55 31.25 -56.53
CA ARG F 333 -54.90 29.94 -56.51
C ARG F 333 -55.55 29.04 -55.47
N GLU F 334 -55.87 29.61 -54.30
CA GLU F 334 -56.56 28.82 -53.29
C GLU F 334 -57.91 28.34 -53.79
N TYR F 335 -58.64 29.20 -54.50
CA TYR F 335 -59.88 28.74 -55.11
C TYR F 335 -59.63 27.70 -56.18
N TYR F 336 -58.40 27.60 -56.67
CA TYR F 336 -58.06 26.51 -57.59
C TYR F 336 -57.55 25.28 -56.86
N ARG F 337 -57.19 25.42 -55.58
CA ARG F 337 -56.87 24.24 -54.78
C ARG F 337 -58.13 23.54 -54.32
N LEU F 338 -59.17 24.31 -53.97
CA LEU F 338 -60.43 23.69 -53.59
C LEU F 338 -61.03 22.89 -54.75
N LEU F 339 -61.00 23.44 -55.95
CA LEU F 339 -61.51 22.70 -57.09
C LEU F 339 -60.70 21.45 -57.36
N SER F 340 -59.42 21.46 -56.99
CA SER F 340 -58.61 20.25 -57.09
C SER F 340 -59.17 19.15 -56.21
N VAL F 341 -59.34 19.45 -54.92
CA VAL F 341 -59.81 18.45 -53.96
C VAL F 341 -61.18 17.93 -54.36
N LEU F 342 -62.10 18.83 -54.72
CA LEU F 342 -63.45 18.40 -55.05
C LEU F 342 -63.46 17.44 -56.24
N HIS F 343 -62.51 17.57 -57.15
CA HIS F 343 -62.53 16.72 -58.33
C HIS F 343 -62.01 15.32 -58.03
N SER F 344 -61.15 15.17 -57.03
CA SER F 344 -60.59 13.86 -56.73
C SER F 344 -61.65 12.94 -56.14
N GLN F 345 -62.67 13.50 -55.51
CA GLN F 345 -63.71 12.69 -54.89
C GLN F 345 -64.86 12.37 -55.84
N LEU F 346 -64.91 13.00 -57.01
CA LEU F 346 -65.99 12.72 -57.94
C LEU F 346 -65.91 11.29 -58.49
N GLN F 347 -64.74 10.67 -58.44
CA GLN F 347 -64.55 9.32 -58.94
C GLN F 347 -65.51 8.32 -58.32
N SER F 361 -67.53 9.55 -52.43
CA SER F 361 -68.63 10.05 -53.23
C SER F 361 -69.17 11.34 -52.65
N LEU F 362 -69.53 12.27 -53.52
CA LEU F 362 -70.16 13.51 -53.10
C LEU F 362 -71.36 13.77 -53.99
N THR F 363 -72.38 14.41 -53.41
CA THR F 363 -73.65 14.72 -54.14
C THR F 363 -73.93 16.22 -54.07
N LEU F 364 -75.07 16.66 -54.63
CA LEU F 364 -75.46 18.09 -54.64
C LEU F 364 -75.57 18.61 -53.20
N ARG F 365 -76.40 17.96 -52.38
CA ARG F 365 -76.59 18.39 -50.99
C ARG F 365 -75.29 18.34 -50.20
N ARG F 366 -74.30 17.58 -50.66
CA ARG F 366 -73.00 17.57 -50.01
C ARG F 366 -72.12 18.71 -50.48
N LEU F 367 -72.36 19.23 -51.68
CA LEU F 367 -71.58 20.38 -52.14
C LEU F 367 -71.94 21.64 -51.36
N LEU F 368 -73.22 21.83 -51.05
CA LEU F 368 -73.66 23.07 -50.43
C LEU F 368 -72.86 23.38 -49.17
N VAL F 369 -72.53 22.36 -48.38
CA VAL F 369 -71.73 22.63 -47.19
C VAL F 369 -70.27 22.82 -47.56
N TRP F 370 -69.78 22.10 -48.57
CA TRP F 370 -68.39 22.25 -48.99
C TRP F 370 -68.12 23.66 -49.50
N THR F 371 -69.03 24.18 -50.32
CA THR F 371 -68.86 25.48 -50.97
C THR F 371 -69.76 26.55 -50.37
N TYR F 372 -70.00 26.50 -49.07
CA TYR F 372 -70.76 27.56 -48.41
C TYR F 372 -69.89 28.72 -48.00
N ASP F 373 -68.63 28.46 -47.69
CA ASP F 373 -67.71 29.54 -47.35
C ASP F 373 -67.15 30.23 -48.59
N PRO F 374 -66.71 29.52 -49.64
CA PRO F 374 -66.20 30.24 -50.80
C PRO F 374 -67.30 30.84 -51.68
N LYS F 375 -68.48 30.99 -51.07
CA LYS F 375 -69.63 31.68 -51.70
C LYS F 375 -69.64 33.10 -51.11
N ILE F 376 -68.80 33.33 -50.10
CA ILE F 376 -68.68 34.63 -49.46
C ILE F 376 -67.41 35.35 -49.90
N ARG F 377 -66.28 34.65 -49.88
CA ARG F 377 -65.06 35.25 -50.39
C ARG F 377 -65.19 35.62 -51.86
N LEU F 378 -65.88 34.73 -52.60
CA LEU F 378 -66.16 34.96 -54.04
C LEU F 378 -67.28 35.99 -54.18
N LYS F 379 -67.72 36.56 -53.05
CA LYS F 379 -68.79 37.58 -53.01
C LYS F 379 -68.14 38.94 -52.74
N THR F 380 -67.26 39.01 -51.72
CA THR F 380 -66.60 40.27 -51.41
C THR F 380 -65.67 40.68 -52.54
N LEU F 381 -64.89 39.73 -53.07
CA LEU F 381 -63.99 40.05 -54.15
C LEU F 381 -64.74 40.42 -55.42
N ALA F 382 -65.85 39.73 -55.67
CA ALA F 382 -66.68 40.01 -56.88
C ALA F 382 -67.35 41.39 -56.73
N ALA F 383 -67.43 41.90 -55.50
CA ALA F 383 -68.03 43.21 -55.26
C ALA F 383 -67.01 44.23 -54.78
N LEU F 384 -65.74 43.83 -54.65
CA LEU F 384 -64.66 44.76 -54.40
C LEU F 384 -64.06 45.31 -55.67
N VAL F 385 -64.17 44.58 -56.78
CA VAL F 385 -63.65 45.05 -58.06
C VAL F 385 -64.64 45.92 -58.82
N ASP F 386 -65.87 46.05 -58.35
CA ASP F 386 -66.81 46.98 -58.96
C ASP F 386 -66.83 48.33 -58.26
N HIS F 387 -66.55 48.33 -56.95
CA HIS F 387 -66.51 49.59 -56.17
C HIS F 387 -65.33 50.45 -56.63
N CYS F 388 -64.26 49.81 -57.11
CA CYS F 388 -63.07 50.51 -57.57
C CYS F 388 -62.84 50.11 -59.03
N GLN F 389 -63.52 50.81 -59.94
CA GLN F 389 -63.43 50.53 -61.37
C GLN F 389 -62.43 51.45 -62.07
N GLY F 390 -62.66 52.75 -62.02
CA GLY F 390 -61.78 53.69 -62.68
C GLY F 390 -60.71 54.29 -61.83
N ARG F 391 -60.45 53.73 -60.65
CA ARG F 391 -59.47 54.30 -59.74
C ARG F 391 -58.09 53.73 -60.03
N LYS F 392 -57.12 54.61 -60.25
CA LYS F 392 -55.74 54.20 -60.46
C LYS F 392 -54.86 54.95 -59.48
N GLY F 393 -53.68 54.40 -59.23
CA GLY F 393 -52.79 55.05 -58.29
C GLY F 393 -53.34 54.96 -56.87
N GLY F 394 -53.04 55.99 -56.08
CA GLY F 394 -53.43 55.98 -54.69
C GLY F 394 -54.94 56.02 -54.48
N GLU F 395 -55.67 56.60 -55.43
CA GLU F 395 -57.12 56.66 -55.33
C GLU F 395 -57.75 55.29 -55.31
N LEU F 396 -57.02 54.26 -55.73
CA LEU F 396 -57.50 52.89 -55.61
C LEU F 396 -57.18 52.32 -54.23
N ALA F 397 -56.02 52.65 -53.68
CA ALA F 397 -55.68 52.25 -52.32
C ALA F 397 -56.53 52.95 -51.28
N SER F 398 -57.39 53.86 -51.73
CA SER F 398 -58.30 54.61 -50.82
C SER F 398 -59.64 53.86 -50.70
N ALA F 399 -60.08 53.23 -51.79
CA ALA F 399 -61.36 52.48 -51.84
C ALA F 399 -61.35 51.30 -50.87
N VAL F 400 -60.22 50.59 -50.78
CA VAL F 400 -60.10 49.40 -49.88
C VAL F 400 -60.31 49.82 -48.43
N HIS F 401 -59.80 50.98 -48.03
CA HIS F 401 -59.93 51.50 -46.63
C HIS F 401 -61.41 51.67 -46.26
N ALA F 402 -62.23 52.13 -47.21
CA ALA F 402 -63.69 52.33 -47.00
C ALA F 402 -64.35 51.00 -46.67
N TYR F 403 -63.92 49.92 -47.35
CA TYR F 403 -64.46 48.54 -47.17
C TYR F 403 -64.19 48.01 -45.75
N THR F 404 -63.10 48.44 -45.12
CA THR F 404 -62.70 47.97 -43.77
C THR F 404 -63.82 48.30 -42.76
N LYS F 405 -64.45 49.48 -42.87
CA LYS F 405 -65.56 49.86 -41.96
C LYS F 405 -66.76 48.96 -42.24
N THR F 406 -66.69 47.68 -41.88
CA THR F 406 -67.76 46.72 -42.11
C THR F 406 -68.13 45.95 -40.86
N GLY F 407 -67.17 45.67 -40.00
CA GLY F 407 -67.45 45.02 -38.74
C GLY F 407 -67.52 43.50 -38.79
N ASP F 408 -68.04 42.97 -39.88
CA ASP F 408 -68.10 41.53 -40.11
C ASP F 408 -66.72 40.92 -39.94
N PRO F 409 -66.49 40.11 -38.90
CA PRO F 409 -65.12 39.69 -38.58
C PRO F 409 -64.49 38.84 -39.67
N TYR F 410 -65.26 38.29 -40.58
CA TYR F 410 -64.72 37.50 -41.68
C TYR F 410 -64.32 38.35 -42.87
N MET F 411 -65.04 39.44 -43.13
CA MET F 411 -64.67 40.33 -44.23
C MET F 411 -63.62 41.34 -43.80
N ARG F 412 -63.77 41.94 -42.63
CA ARG F 412 -62.79 42.92 -42.17
C ARG F 412 -61.41 42.32 -41.97
N SER F 413 -61.35 40.98 -41.97
CA SER F 413 -60.07 40.25 -41.79
C SER F 413 -59.49 39.87 -43.15
N LEU F 414 -60.33 39.91 -44.20
CA LEU F 414 -59.90 39.60 -45.56
C LEU F 414 -59.45 40.86 -46.30
N VAL F 415 -60.33 41.86 -46.36
CA VAL F 415 -59.98 43.11 -47.02
C VAL F 415 -58.84 43.81 -46.31
N GLN F 416 -58.76 43.69 -44.99
CA GLN F 416 -57.62 44.29 -44.30
C GLN F 416 -56.32 43.58 -44.56
N HIS F 417 -56.33 42.57 -45.43
CA HIS F 417 -55.11 41.96 -45.94
C HIS F 417 -54.77 42.44 -47.34
N ILE F 418 -55.77 42.54 -48.22
CA ILE F 418 -55.54 43.12 -49.54
C ILE F 418 -55.07 44.56 -49.42
N LEU F 419 -55.53 45.28 -48.39
CA LEU F 419 -55.01 46.62 -48.16
C LEU F 419 -53.53 46.58 -47.79
N SER F 420 -53.09 45.53 -47.11
CA SER F 420 -51.69 45.45 -46.72
C SER F 420 -50.77 45.14 -47.90
N LEU F 421 -51.32 44.73 -49.04
CA LEU F 421 -50.55 44.56 -50.26
C LEU F 421 -50.69 45.75 -51.19
N VAL F 422 -51.90 46.28 -51.34
CA VAL F 422 -52.12 47.42 -52.22
C VAL F 422 -51.41 48.66 -51.71
N SER F 423 -51.33 48.84 -50.39
CA SER F 423 -50.68 49.99 -49.81
C SER F 423 -49.19 49.79 -49.62
N HIS F 424 -48.60 48.78 -50.25
CA HIS F 424 -47.15 48.66 -50.18
C HIS F 424 -46.47 49.57 -51.20
N PRO F 425 -46.92 49.65 -52.46
CA PRO F 425 -46.32 50.64 -53.36
C PRO F 425 -46.48 52.07 -52.90
N VAL F 426 -47.64 52.41 -52.31
CA VAL F 426 -47.82 53.77 -51.80
C VAL F 426 -46.78 54.08 -50.73
N LEU F 427 -46.61 53.18 -49.79
CA LEU F 427 -45.55 53.40 -48.81
C LEU F 427 -44.18 53.15 -49.37
N SER F 428 -44.03 52.92 -50.68
CA SER F 428 -42.71 52.88 -51.28
C SER F 428 -42.30 54.24 -51.81
N PHE F 429 -43.23 54.99 -52.39
CA PHE F 429 -42.92 56.37 -52.75
C PHE F 429 -42.69 57.21 -51.50
N LEU F 430 -43.54 57.03 -50.49
CA LEU F 430 -43.47 57.85 -49.29
C LEU F 430 -42.12 57.71 -48.61
N TYR F 431 -41.65 56.48 -48.43
CA TYR F 431 -40.33 56.29 -47.84
C TYR F 431 -39.21 56.68 -48.79
N ARG F 432 -39.52 57.05 -50.02
CA ARG F 432 -38.55 57.56 -50.97
C ARG F 432 -38.54 59.09 -51.01
N TRP F 433 -39.75 59.67 -51.00
CA TRP F 433 -39.97 61.14 -51.07
C TRP F 433 -39.79 61.79 -49.70
N ILE F 434 -39.37 61.04 -48.68
CA ILE F 434 -39.13 61.58 -47.36
C ILE F 434 -37.65 61.52 -46.99
N TYR F 435 -36.98 60.41 -47.27
CA TYR F 435 -35.58 60.27 -46.88
C TYR F 435 -34.61 60.66 -47.99
N ASP F 436 -35.05 60.66 -49.25
CA ASP F 436 -34.20 61.00 -50.37
C ASP F 436 -34.74 62.13 -51.24
N GLY F 437 -36.03 62.41 -51.18
CA GLY F 437 -36.59 63.51 -51.94
C GLY F 437 -36.52 63.34 -53.44
N GLU F 438 -36.48 62.10 -53.92
CA GLU F 438 -36.41 61.81 -55.35
C GLU F 438 -37.68 61.06 -55.76
N LEU F 439 -38.74 61.80 -56.05
CA LEU F 439 -39.96 61.16 -56.51
C LEU F 439 -39.82 60.79 -57.97
N GLU F 440 -40.32 59.60 -58.32
CA GLU F 440 -40.22 59.12 -59.69
C GLU F 440 -41.43 58.24 -59.95
N ASP F 441 -42.36 58.72 -60.78
CA ASP F 441 -43.53 57.95 -61.16
C ASP F 441 -43.98 58.47 -62.52
N THR F 442 -43.66 57.74 -63.58
CA THR F 442 -44.09 58.13 -64.91
C THR F 442 -45.60 58.29 -64.96
N TYR F 443 -46.31 57.35 -64.35
CA TYR F 443 -47.74 57.50 -64.13
C TYR F 443 -47.97 58.31 -62.87
N HIS F 444 -48.95 59.20 -62.91
CA HIS F 444 -49.19 60.12 -61.81
C HIS F 444 -49.99 59.39 -60.73
N GLU F 445 -49.30 58.91 -59.71
CA GLU F 445 -49.92 58.22 -58.58
C GLU F 445 -49.72 58.94 -57.26
N PHE F 446 -48.48 59.26 -56.92
CA PHE F 446 -48.18 59.96 -55.69
C PHE F 446 -48.91 61.29 -55.65
N PHE F 447 -49.29 61.71 -54.46
CA PHE F 447 -50.05 62.95 -54.31
C PHE F 447 -49.16 64.19 -54.33
N VAL F 448 -47.87 64.00 -54.56
CA VAL F 448 -46.90 65.12 -54.69
C VAL F 448 -46.58 65.25 -56.18
N ALA F 449 -47.18 66.24 -56.85
CA ALA F 449 -46.98 66.43 -58.31
C ALA F 449 -45.90 67.49 -58.53
N SER F 450 -44.86 67.12 -59.31
CA SER F 450 -43.75 68.06 -59.61
C SER F 450 -44.05 68.85 -60.89
N ASP F 451 -43.39 69.99 -61.06
CA ASP F 451 -43.56 70.83 -62.25
C ASP F 451 -42.21 70.98 -62.92
N PRO F 452 -42.05 70.55 -64.18
CA PRO F 452 -40.78 70.64 -64.90
C PRO F 452 -40.27 72.08 -65.03
N LEU F 459 -37.73 77.83 -55.67
CA LEU F 459 -37.91 76.36 -55.60
C LEU F 459 -38.87 76.02 -54.44
N TRP F 460 -39.46 77.05 -53.82
CA TRP F 460 -40.39 76.86 -52.72
C TRP F 460 -41.82 77.16 -53.14
N HIS F 461 -42.03 78.27 -53.83
CA HIS F 461 -43.39 78.69 -54.12
C HIS F 461 -44.06 77.79 -55.15
N ASP F 462 -43.27 77.29 -56.10
CA ASP F 462 -43.79 76.44 -57.20
C ASP F 462 -43.00 75.13 -57.28
N LYS F 463 -43.44 74.25 -58.21
CA LYS F 463 -42.88 72.91 -58.57
C LYS F 463 -43.38 71.82 -57.61
N TYR F 464 -44.17 72.19 -56.58
CA TYR F 464 -44.73 71.19 -55.63
C TYR F 464 -46.23 71.48 -55.46
N THR F 465 -47.07 70.48 -55.74
CA THR F 465 -48.55 70.66 -55.59
C THR F 465 -49.14 69.49 -54.80
N LEU F 466 -49.95 69.78 -53.79
CA LEU F 466 -50.63 68.71 -53.00
C LEU F 466 -51.83 68.24 -53.82
N ARG F 467 -51.77 67.00 -54.34
CA ARG F 467 -52.84 66.51 -55.19
C ARG F 467 -54.00 66.08 -54.30
N LYS F 468 -55.09 66.83 -54.35
CA LYS F 468 -56.23 66.54 -53.49
C LYS F 468 -56.91 65.23 -53.86
N SER F 469 -56.63 64.68 -55.04
CA SER F 469 -57.37 63.53 -55.53
C SER F 469 -56.73 62.21 -55.14
N MET F 470 -55.41 62.13 -55.12
CA MET F 470 -54.70 60.88 -54.89
C MET F 470 -54.12 60.80 -53.48
N ILE F 471 -54.85 61.32 -52.49
CA ILE F 471 -54.46 61.13 -51.10
C ILE F 471 -55.20 59.91 -50.57
N PRO F 472 -54.51 58.94 -50.00
CA PRO F 472 -55.19 57.77 -49.46
C PRO F 472 -56.06 58.16 -48.28
N SER F 473 -57.16 57.41 -48.10
CA SER F 473 -58.07 57.74 -47.00
C SER F 473 -57.40 57.56 -45.64
N PHE F 474 -56.47 56.62 -45.53
CA PHE F 474 -55.85 56.36 -44.23
C PHE F 474 -54.73 57.33 -43.90
N MET F 475 -54.67 58.49 -44.54
CA MET F 475 -53.78 59.57 -44.12
C MET F 475 -54.61 60.84 -44.02
N THR F 476 -54.62 61.43 -42.82
CA THR F 476 -55.38 62.65 -42.60
C THR F 476 -54.81 63.80 -43.41
N MET F 477 -55.67 64.76 -43.76
CA MET F 477 -55.28 65.86 -44.64
C MET F 477 -54.13 66.68 -44.08
N ASP F 478 -53.95 66.68 -42.75
CA ASP F 478 -52.81 67.40 -42.18
C ASP F 478 -51.52 66.61 -42.33
N GLN F 479 -51.58 65.29 -42.22
CA GLN F 479 -50.38 64.47 -42.40
C GLN F 479 -49.84 64.59 -43.81
N SER F 480 -50.71 64.87 -44.78
CA SER F 480 -50.27 65.00 -46.16
C SER F 480 -49.53 66.31 -46.43
N ARG F 481 -49.57 67.26 -45.51
CA ARG F 481 -48.81 68.49 -45.64
C ARG F 481 -47.51 68.45 -44.87
N LYS F 482 -47.26 67.39 -44.11
CA LYS F 482 -45.96 67.21 -43.48
C LYS F 482 -45.02 66.37 -44.33
N VAL F 483 -45.54 65.61 -45.30
CA VAL F 483 -44.66 64.91 -46.22
C VAL F 483 -44.24 65.81 -47.36
N LEU F 484 -45.17 66.66 -47.83
CA LEU F 484 -44.90 67.60 -48.95
C LEU F 484 -43.90 68.64 -48.44
N LEU F 485 -43.80 68.77 -47.12
CA LEU F 485 -42.85 69.70 -46.53
C LEU F 485 -41.53 69.04 -46.19
N ILE F 486 -41.51 67.73 -45.92
CA ILE F 486 -40.23 67.06 -45.71
C ILE F 486 -39.57 66.74 -47.04
N GLY F 487 -40.36 66.41 -48.05
CA GLY F 487 -39.78 66.19 -49.37
C GLY F 487 -39.18 67.46 -49.95
N LYS F 488 -39.93 68.55 -49.82
CA LYS F 488 -39.48 69.88 -50.33
C LYS F 488 -38.24 70.33 -49.55
N SER F 489 -38.17 70.03 -48.25
CA SER F 489 -37.05 70.47 -47.43
C SER F 489 -35.76 69.75 -47.81
N ILE F 490 -35.85 68.56 -48.36
CA ILE F 490 -34.65 67.82 -48.76
C ILE F 490 -34.29 68.08 -50.21
N ASN F 491 -35.31 68.23 -51.05
CA ASN F 491 -35.09 68.52 -52.49
C ASN F 491 -34.42 69.89 -52.60
N PHE F 492 -34.87 70.86 -51.79
CA PHE F 492 -34.31 72.20 -51.82
C PHE F 492 -32.95 72.25 -51.13
N LEU F 493 -32.70 71.35 -50.19
CA LEU F 493 -31.41 71.30 -49.52
C LEU F 493 -30.30 70.84 -50.45
N HIS F 494 -30.63 70.11 -51.53
CA HIS F 494 -29.62 69.59 -52.44
C HIS F 494 -29.31 70.57 -53.55
N GLN F 495 -30.34 71.04 -54.26
CA GLN F 495 -30.10 71.83 -55.47
C GLN F 495 -29.63 73.23 -55.14
N VAL F 496 -30.47 74.01 -54.45
CA VAL F 496 -30.16 75.43 -54.26
C VAL F 496 -29.13 75.61 -53.16
N CYS F 497 -29.34 75.00 -52.00
CA CYS F 497 -28.40 75.16 -50.91
C CYS F 497 -27.04 74.54 -51.21
N HIS F 498 -26.97 73.66 -52.22
CA HIS F 498 -25.72 73.04 -52.66
C HIS F 498 -25.07 72.25 -51.52
N ASP F 499 -25.77 71.21 -51.09
CA ASP F 499 -25.29 70.35 -50.02
C ASP F 499 -25.87 68.96 -50.21
N GLN F 500 -25.08 67.94 -49.85
CA GLN F 500 -25.51 66.56 -49.93
C GLN F 500 -25.18 65.85 -48.63
N THR F 501 -26.01 64.87 -48.28
CA THR F 501 -25.83 64.11 -47.05
C THR F 501 -25.14 62.77 -47.33
N GLU F 527 -52.02 53.58 -37.94
CA GLU F 527 -50.91 53.17 -37.10
C GLU F 527 -50.45 54.31 -36.20
N ASN F 528 -49.63 53.99 -35.22
CA ASN F 528 -49.02 54.99 -34.36
C ASN F 528 -47.52 55.12 -34.57
N ALA F 529 -46.82 54.04 -34.87
CA ALA F 529 -45.41 54.13 -35.24
C ALA F 529 -45.23 54.84 -36.57
N PHE F 530 -46.26 54.84 -37.42
CA PHE F 530 -46.18 55.58 -38.67
C PHE F 530 -46.22 57.08 -38.43
N GLN F 531 -47.11 57.54 -37.55
CA GLN F 531 -47.16 58.96 -37.22
C GLN F 531 -45.86 59.42 -36.58
N GLY F 532 -45.25 58.56 -35.75
CA GLY F 532 -43.97 58.89 -35.16
C GLY F 532 -42.84 58.96 -36.16
N LYS F 533 -42.97 58.30 -37.30
CA LYS F 533 -41.94 58.36 -38.32
C LYS F 533 -41.96 59.69 -39.06
N ILE F 534 -43.16 60.21 -39.34
CA ILE F 534 -43.26 61.50 -40.02
C ILE F 534 -42.66 62.60 -39.14
N ASP F 535 -43.02 62.60 -37.86
CA ASP F 535 -42.49 63.64 -36.97
C ASP F 535 -40.99 63.47 -36.73
N ALA F 536 -40.50 62.23 -36.72
CA ALA F 536 -39.06 62.03 -36.58
C ALA F 536 -38.33 62.56 -37.81
N ALA F 537 -38.91 62.40 -38.99
CA ALA F 537 -38.32 62.94 -40.20
C ALA F 537 -38.53 64.44 -40.33
N TYR F 538 -39.35 65.03 -39.45
CA TYR F 538 -39.60 66.46 -39.49
C TYR F 538 -38.69 67.22 -38.52
N PHE F 539 -38.65 66.78 -37.28
CA PHE F 539 -37.86 67.47 -36.25
C PHE F 539 -36.38 67.24 -36.40
N GLU F 540 -35.95 66.62 -37.50
CA GLU F 540 -34.53 66.44 -37.80
C GLU F 540 -34.14 67.13 -39.09
N THR F 541 -34.93 66.98 -40.15
CA THR F 541 -34.60 67.61 -41.42
C THR F 541 -34.69 69.12 -41.33
N SER F 542 -35.80 69.63 -40.80
CA SER F 542 -35.97 71.08 -40.72
C SER F 542 -34.95 71.70 -39.77
N LYS F 543 -34.70 71.07 -38.63
CA LYS F 543 -33.71 71.59 -37.71
C LYS F 543 -32.32 71.63 -38.34
N TYR F 544 -32.07 70.74 -39.31
CA TYR F 544 -30.80 70.77 -40.03
C TYR F 544 -30.82 71.81 -41.14
N LEU F 545 -31.98 72.10 -41.72
CA LEU F 545 -32.05 73.09 -42.78
C LEU F 545 -31.68 74.48 -42.28
N LEU F 546 -32.02 74.80 -41.03
CA LEU F 546 -31.65 76.10 -40.48
C LEU F 546 -30.16 76.18 -40.19
N ASP F 547 -29.57 75.08 -39.73
CA ASP F 547 -28.14 75.09 -39.41
C ASP F 547 -27.31 75.37 -40.66
N VAL F 548 -27.64 74.72 -41.78
CA VAL F 548 -26.91 74.97 -43.00
C VAL F 548 -27.28 76.33 -43.59
N LEU F 549 -28.38 76.91 -43.16
CA LEU F 549 -28.81 78.21 -43.66
C LEU F 549 -28.42 79.35 -42.73
N ASN F 550 -27.80 79.05 -41.59
CA ASN F 550 -27.28 80.07 -40.70
C ASN F 550 -25.77 80.05 -40.58
N LYS F 551 -25.11 78.94 -40.89
CA LYS F 551 -23.66 78.84 -40.85
C LYS F 551 -23.03 79.01 -42.22
N LYS F 552 -23.65 78.49 -43.27
CA LYS F 552 -23.12 78.62 -44.62
C LYS F 552 -23.62 79.86 -45.33
N TYR F 553 -24.69 80.49 -44.84
CA TYR F 553 -25.21 81.69 -45.47
C TYR F 553 -25.55 82.81 -44.49
N SER F 554 -25.64 82.54 -43.20
CA SER F 554 -25.92 83.55 -42.19
C SER F 554 -27.19 84.33 -42.52
N LEU F 555 -28.30 83.58 -42.58
CA LEU F 555 -29.59 84.20 -42.90
C LEU F 555 -29.97 85.22 -41.85
N LEU F 556 -29.63 84.97 -40.58
CA LEU F 556 -29.98 85.90 -39.53
C LEU F 556 -29.11 87.16 -39.57
N ASP F 557 -27.81 86.99 -39.83
CA ASP F 557 -26.91 88.14 -39.87
C ASP F 557 -27.24 89.12 -40.97
N HIS F 558 -28.07 88.73 -41.94
CA HIS F 558 -28.53 89.66 -42.96
C HIS F 558 -29.78 90.40 -42.53
N MET F 559 -30.67 89.76 -41.78
CA MET F 559 -31.86 90.45 -41.28
C MET F 559 -31.46 91.63 -40.40
N GLN F 560 -30.51 91.42 -39.48
CA GLN F 560 -30.05 92.51 -38.65
C GLN F 560 -29.33 93.56 -39.46
N ALA F 561 -28.50 93.15 -40.41
CA ALA F 561 -27.77 94.11 -41.23
C ALA F 561 -28.68 94.82 -42.22
N MET F 562 -29.82 94.22 -42.58
CA MET F 562 -30.76 94.86 -43.48
C MET F 562 -31.68 95.84 -42.76
N ARG F 563 -31.61 95.89 -41.44
CA ARG F 563 -32.28 96.90 -40.63
C ARG F 563 -31.39 98.09 -40.35
N ARG F 564 -30.09 97.84 -40.14
CA ARG F 564 -29.18 98.93 -39.83
C ARG F 564 -29.08 99.91 -40.98
N TYR F 565 -28.98 99.41 -42.21
CA TYR F 565 -28.77 100.25 -43.38
C TYR F 565 -30.05 100.57 -44.13
N LEU F 566 -30.78 99.54 -44.56
CA LEU F 566 -31.96 99.78 -45.38
C LEU F 566 -33.10 100.40 -44.60
N LEU F 567 -33.10 100.29 -43.28
CA LEU F 567 -34.14 100.88 -42.44
C LEU F 567 -33.58 101.99 -41.55
N LEU F 568 -32.41 102.51 -41.89
CA LEU F 568 -31.77 103.62 -41.18
C LEU F 568 -31.50 103.30 -39.71
N GLY F 569 -31.51 102.03 -39.34
CA GLY F 569 -31.28 101.65 -37.97
C GLY F 569 -29.87 101.92 -37.45
N GLN F 570 -28.96 102.37 -38.31
CA GLN F 570 -27.60 102.66 -37.87
C GLN F 570 -27.47 104.06 -37.32
N GLY F 571 -28.03 105.04 -38.00
CA GLY F 571 -27.99 106.43 -37.51
C GLY F 571 -26.66 107.11 -37.62
N ASP F 572 -25.59 106.47 -37.16
CA ASP F 572 -24.26 107.06 -37.27
C ASP F 572 -23.81 107.12 -38.73
N PHE F 573 -24.16 106.10 -39.51
CA PHE F 573 -23.73 106.06 -40.91
C PHE F 573 -24.60 106.96 -41.78
N ILE F 574 -25.91 107.01 -41.51
CA ILE F 574 -26.79 107.85 -42.32
C ILE F 574 -26.55 109.32 -42.06
N ARG F 575 -26.01 109.68 -40.88
CA ARG F 575 -25.69 111.08 -40.62
C ARG F 575 -24.62 111.56 -41.60
N HIS F 576 -23.49 110.86 -41.66
CA HIS F 576 -22.42 111.26 -42.56
C HIS F 576 -22.86 111.17 -44.01
N LEU F 577 -23.75 110.23 -44.34
CA LEU F 577 -24.19 110.06 -45.72
C LEU F 577 -25.10 111.18 -46.17
N MET F 578 -25.78 111.86 -45.25
CA MET F 578 -26.59 113.00 -45.64
C MET F 578 -25.79 114.28 -45.74
N ASP F 579 -24.59 114.31 -45.16
CA ASP F 579 -23.74 115.49 -45.28
C ASP F 579 -22.94 115.48 -46.58
N LEU F 580 -22.69 114.31 -47.15
CA LEU F 580 -21.90 114.20 -48.37
C LEU F 580 -22.76 114.28 -49.63
N LEU F 581 -24.00 113.80 -49.57
CA LEU F 581 -24.88 113.91 -50.73
C LEU F 581 -25.53 115.28 -50.87
N LYS F 582 -25.34 116.17 -49.90
CA LYS F 582 -25.93 117.49 -50.00
C LYS F 582 -25.44 118.28 -51.21
N PRO F 583 -24.13 118.37 -51.49
CA PRO F 583 -23.70 119.14 -52.67
C PRO F 583 -24.12 118.52 -54.00
N GLU F 584 -24.53 117.26 -54.01
CA GLU F 584 -24.83 116.59 -55.27
C GLU F 584 -26.32 116.63 -55.60
N LEU F 585 -27.17 116.21 -54.66
CA LEU F 585 -28.59 116.05 -54.93
C LEU F 585 -29.32 117.37 -55.17
N VAL F 586 -28.72 118.49 -54.81
CA VAL F 586 -29.37 119.78 -55.05
C VAL F 586 -29.52 120.04 -56.55
N ARG F 587 -28.64 119.47 -57.37
CA ARG F 587 -28.74 119.62 -58.80
C ARG F 587 -29.91 118.80 -59.34
N PRO F 588 -30.41 119.14 -60.52
CA PRO F 588 -31.49 118.34 -61.12
C PRO F 588 -31.00 116.94 -61.46
N ALA F 589 -31.97 116.05 -61.68
CA ALA F 589 -31.65 114.63 -61.87
C ALA F 589 -30.98 114.37 -63.21
N THR F 590 -31.13 115.25 -64.19
CA THR F 590 -30.59 115.01 -65.51
C THR F 590 -29.08 114.96 -65.51
N THR F 591 -28.44 115.73 -64.64
CA THR F 591 -26.99 115.74 -64.54
C THR F 591 -26.45 114.69 -63.57
N LEU F 592 -27.32 113.83 -63.05
CA LEU F 592 -26.93 112.83 -62.07
C LEU F 592 -26.65 111.51 -62.76
N TYR F 593 -25.51 110.90 -62.41
CA TYR F 593 -25.12 109.61 -62.96
C TYR F 593 -24.63 108.72 -61.83
N GLN F 594 -25.06 107.45 -61.86
CA GLN F 594 -24.85 106.57 -60.72
C GLN F 594 -23.37 106.36 -60.42
N HIS F 595 -22.52 106.33 -61.45
CA HIS F 595 -21.13 105.99 -61.26
C HIS F 595 -20.39 106.96 -60.35
N ASN F 596 -20.96 108.15 -60.09
CA ASN F 596 -20.30 109.12 -59.23
C ASN F 596 -20.65 108.93 -57.77
N LEU F 597 -21.90 108.54 -57.47
CA LEU F 597 -22.34 108.47 -56.09
C LEU F 597 -21.70 107.32 -55.33
N THR F 598 -21.33 106.23 -56.04
CA THR F 598 -20.79 105.07 -55.36
C THR F 598 -19.52 105.41 -54.61
N GLY F 599 -18.68 106.28 -55.18
CA GLY F 599 -17.49 106.72 -54.47
C GLY F 599 -17.83 107.48 -53.19
N ILE F 600 -18.98 108.15 -53.17
CA ILE F 600 -19.39 108.85 -51.95
C ILE F 600 -19.91 107.88 -50.91
N LEU F 601 -20.77 106.94 -51.34
CA LEU F 601 -21.25 105.92 -50.42
C LEU F 601 -20.10 105.13 -49.83
N GLU F 602 -19.14 104.72 -50.67
CA GLU F 602 -17.98 103.99 -50.18
C GLU F 602 -17.18 104.82 -49.19
N THR F 603 -17.18 106.15 -49.35
CA THR F 603 -16.46 107.00 -48.40
C THR F 603 -17.16 107.01 -47.04
N ALA F 604 -18.50 107.03 -47.04
CA ALA F 604 -19.23 107.05 -45.78
C ALA F 604 -19.02 105.77 -44.99
N VAL F 605 -19.10 104.62 -45.67
CA VAL F 605 -18.94 103.33 -44.98
C VAL F 605 -17.54 103.21 -44.39
N ARG F 606 -16.59 103.98 -44.91
CA ARG F 606 -15.23 103.92 -44.38
C ARG F 606 -15.04 104.83 -43.18
N ALA F 607 -15.69 105.99 -43.18
CA ALA F 607 -15.49 106.97 -42.12
C ALA F 607 -16.29 106.64 -40.86
N THR F 608 -17.54 106.24 -41.02
CA THR F 608 -18.41 105.97 -39.87
C THR F 608 -18.02 104.65 -39.22
N ASN F 609 -18.81 104.22 -38.24
CA ASN F 609 -18.56 102.97 -37.55
C ASN F 609 -18.95 101.74 -38.36
N ALA F 610 -19.56 101.92 -39.53
CA ALA F 610 -19.94 100.80 -40.36
C ALA F 610 -18.76 100.09 -41.01
N GLN F 611 -17.55 100.58 -40.82
CA GLN F 611 -16.39 99.90 -41.40
C GLN F 611 -16.11 98.58 -40.70
N PHE F 612 -16.26 98.56 -39.37
CA PHE F 612 -16.10 97.31 -38.61
C PHE F 612 -17.36 96.47 -38.82
N ASP F 613 -17.35 95.72 -39.93
CA ASP F 613 -18.55 94.99 -40.33
C ASP F 613 -18.13 93.83 -41.23
N SER F 614 -19.02 92.84 -41.33
CA SER F 614 -18.76 91.67 -42.15
C SER F 614 -18.56 92.07 -43.61
N PRO F 615 -17.45 91.68 -44.23
CA PRO F 615 -17.21 92.09 -45.63
C PRO F 615 -18.24 91.53 -46.60
N GLU F 616 -18.88 90.41 -46.27
CA GLU F 616 -19.84 89.81 -47.18
C GLU F 616 -21.07 90.70 -47.35
N ILE F 617 -21.69 91.11 -46.24
CA ILE F 617 -22.89 91.93 -46.33
C ILE F 617 -22.58 93.29 -46.92
N LEU F 618 -21.36 93.79 -46.75
CA LEU F 618 -20.96 95.05 -47.36
C LEU F 618 -20.79 94.94 -48.87
N ARG F 619 -20.69 93.72 -49.40
CA ARG F 619 -20.57 93.56 -50.84
C ARG F 619 -21.88 93.79 -51.56
N ARG F 620 -23.01 93.58 -50.87
CA ARG F 620 -24.31 93.72 -51.50
C ARG F 620 -24.89 95.12 -51.38
N LEU F 621 -24.45 95.91 -50.41
CA LEU F 621 -25.00 97.25 -50.19
C LEU F 621 -24.50 98.18 -51.28
N ASP F 622 -25.41 98.67 -52.12
CA ASP F 622 -25.06 99.62 -53.16
C ASP F 622 -26.16 100.66 -53.28
N VAL F 623 -26.13 101.41 -54.38
CA VAL F 623 -27.08 102.47 -54.64
C VAL F 623 -27.92 102.08 -55.84
N ARG F 624 -29.10 102.68 -55.94
CA ARG F 624 -29.92 102.57 -57.14
C ARG F 624 -30.55 103.92 -57.41
N LEU F 625 -30.92 104.15 -58.67
CA LEU F 625 -31.49 105.42 -59.10
C LEU F 625 -32.92 105.17 -59.56
N LEU F 626 -33.89 105.64 -58.78
CA LEU F 626 -35.28 105.48 -59.12
C LEU F 626 -35.64 106.38 -60.30
N GLU F 627 -36.54 105.90 -61.14
CA GLU F 627 -37.02 106.67 -62.28
C GLU F 627 -38.53 106.52 -62.45
N ASP F 632 -37.69 116.80 -61.64
CA ASP F 632 -37.28 116.07 -60.44
C ASP F 632 -36.00 116.66 -59.86
N THR F 633 -35.54 116.09 -58.75
CA THR F 633 -34.34 116.56 -58.07
C THR F 633 -33.63 115.37 -57.47
N GLY F 634 -32.35 115.56 -57.13
CA GLY F 634 -31.56 114.50 -56.55
C GLY F 634 -32.11 113.93 -55.27
N TRP F 635 -32.98 114.67 -54.57
CA TRP F 635 -33.63 114.18 -53.37
C TRP F 635 -34.92 113.41 -53.65
N ASP F 636 -35.13 113.00 -54.90
CA ASP F 636 -36.31 112.26 -55.28
C ASP F 636 -36.00 110.97 -56.02
N VAL F 637 -34.75 110.73 -56.38
CA VAL F 637 -34.36 109.55 -57.15
C VAL F 637 -33.25 108.75 -56.50
N PHE F 638 -32.82 109.12 -55.29
CA PHE F 638 -31.77 108.39 -54.60
C PHE F 638 -32.37 107.43 -53.58
N SER F 639 -31.82 106.23 -53.52
CA SER F 639 -32.26 105.20 -52.58
C SER F 639 -31.29 104.03 -52.62
N LEU F 640 -31.10 103.39 -51.48
CA LEU F 640 -30.27 102.20 -51.40
C LEU F 640 -31.07 100.97 -51.80
N ASP F 641 -30.35 99.91 -52.20
CA ASP F 641 -31.01 98.72 -52.72
C ASP F 641 -30.75 97.48 -51.89
N TYR F 642 -29.48 97.14 -51.63
CA TYR F 642 -29.11 95.90 -50.95
C TYR F 642 -29.75 94.68 -51.64
N HIS F 643 -29.30 94.46 -52.87
CA HIS F 643 -29.79 93.31 -53.64
C HIS F 643 -29.32 92.01 -53.00
N VAL F 644 -30.16 90.98 -53.08
CA VAL F 644 -29.86 89.68 -52.51
C VAL F 644 -30.30 88.59 -53.49
N ASP F 645 -29.36 87.71 -53.84
CA ASP F 645 -29.62 86.60 -54.74
C ASP F 645 -29.04 85.32 -54.15
N GLY F 646 -29.62 84.19 -54.51
CA GLY F 646 -29.16 82.91 -54.04
C GLY F 646 -30.18 82.20 -53.16
N PRO F 647 -29.70 81.40 -52.21
CA PRO F 647 -30.63 80.75 -51.29
C PRO F 647 -31.34 81.72 -50.37
N ILE F 648 -30.64 82.75 -49.88
CA ILE F 648 -31.26 83.75 -49.04
C ILE F 648 -32.38 84.50 -49.76
N ALA F 649 -32.39 84.46 -51.09
CA ALA F 649 -33.43 85.14 -51.84
C ALA F 649 -34.79 84.46 -51.74
N THR F 650 -34.87 83.31 -51.07
CA THR F 650 -36.16 82.67 -50.86
C THR F 650 -36.89 83.18 -49.63
N VAL F 651 -36.25 84.05 -48.84
CA VAL F 651 -36.91 84.67 -47.71
C VAL F 651 -37.46 86.04 -48.09
N PHE F 652 -36.85 86.71 -49.06
CA PHE F 652 -37.22 88.06 -49.46
C PHE F 652 -38.08 88.10 -50.71
N THR F 653 -37.78 87.24 -51.69
CA THR F 653 -38.74 86.88 -52.74
C THR F 653 -39.24 88.09 -53.52
N ARG F 654 -38.38 89.09 -53.72
CA ARG F 654 -38.67 90.17 -54.66
C ARG F 654 -39.85 91.03 -54.21
N GLU F 655 -40.53 90.63 -53.15
CA GLU F 655 -41.61 91.42 -52.59
C GLU F 655 -41.20 92.18 -51.34
N CYS F 656 -40.32 91.59 -50.52
CA CYS F 656 -39.73 92.33 -49.42
C CYS F 656 -38.83 93.44 -49.93
N MET F 657 -38.17 93.24 -51.06
CA MET F 657 -37.38 94.30 -51.67
C MET F 657 -38.25 95.32 -52.38
N SER F 658 -39.49 94.97 -52.73
CA SER F 658 -40.44 95.96 -53.23
C SER F 658 -41.26 96.59 -52.12
N HIS F 659 -41.06 96.17 -50.87
CA HIS F 659 -41.69 96.78 -49.71
C HIS F 659 -40.71 97.64 -48.92
N TYR F 660 -39.46 97.20 -48.78
CA TYR F 660 -38.47 98.01 -48.08
C TYR F 660 -38.27 99.35 -48.78
N LEU F 661 -38.14 99.34 -50.10
CA LEU F 661 -38.02 100.60 -50.82
C LEU F 661 -39.27 101.45 -50.67
N ARG F 662 -40.43 100.80 -50.55
CA ARG F 662 -41.65 101.54 -50.27
C ARG F 662 -41.60 102.18 -48.88
N VAL F 663 -40.84 101.58 -47.97
CA VAL F 663 -40.65 102.15 -46.64
C VAL F 663 -39.51 103.17 -46.63
N PHE F 664 -38.42 102.86 -47.35
CA PHE F 664 -37.22 103.68 -47.25
C PHE F 664 -37.47 105.13 -47.66
N ASN F 665 -38.44 105.37 -48.54
CA ASN F 665 -38.75 106.75 -48.90
C ASN F 665 -39.29 107.51 -47.70
N PHE F 666 -40.21 106.90 -46.95
CA PHE F 666 -40.80 107.61 -45.81
C PHE F 666 -39.78 107.85 -44.72
N LEU F 667 -38.78 106.98 -44.59
CA LEU F 667 -37.72 107.23 -43.62
C LEU F 667 -36.66 108.17 -44.15
N TRP F 668 -36.55 108.32 -45.47
CA TRP F 668 -35.61 109.29 -46.02
C TRP F 668 -36.19 110.70 -45.95
N ARG F 669 -37.48 110.85 -46.26
CA ARG F 669 -38.09 112.18 -46.17
C ARG F 669 -38.10 112.66 -44.73
N ALA F 670 -38.60 111.84 -43.81
CA ALA F 670 -38.61 112.23 -42.40
C ALA F 670 -37.22 112.35 -41.82
N LYS F 671 -36.17 112.11 -42.59
CA LYS F 671 -34.81 112.35 -42.14
C LYS F 671 -34.20 113.61 -42.71
N ARG F 672 -34.58 114.02 -43.93
CA ARG F 672 -34.13 115.30 -44.44
C ARG F 672 -34.99 116.44 -43.94
N MET F 673 -36.26 116.18 -43.64
CA MET F 673 -37.10 117.19 -43.02
C MET F 673 -36.66 117.50 -41.59
N GLU F 674 -35.79 116.69 -41.01
CA GLU F 674 -35.22 116.95 -39.70
C GLU F 674 -33.87 117.64 -39.78
N TYR F 675 -33.00 117.22 -40.70
CA TYR F 675 -31.71 117.88 -40.82
C TYR F 675 -31.83 119.25 -41.48
N ILE F 676 -32.96 119.53 -42.13
CA ILE F 676 -33.26 120.91 -42.51
C ILE F 676 -33.59 121.73 -41.27
N LEU F 677 -34.42 121.18 -40.38
CA LEU F 677 -34.89 121.92 -39.22
C LEU F 677 -33.85 122.01 -38.12
N THR F 678 -32.77 121.23 -38.17
CA THR F 678 -31.64 121.49 -37.29
C THR F 678 -30.60 122.38 -37.94
N ASP F 679 -30.73 122.64 -39.24
CA ASP F 679 -29.89 123.64 -39.89
C ASP F 679 -30.47 125.04 -39.66
N ILE F 680 -31.79 125.18 -39.80
CA ILE F 680 -32.43 126.45 -39.49
C ILE F 680 -32.15 126.84 -38.04
N ARG F 681 -32.36 125.89 -37.12
CA ARG F 681 -32.02 126.15 -35.73
C ARG F 681 -30.55 126.45 -35.54
N LYS F 682 -29.69 125.96 -36.42
CA LYS F 682 -28.29 126.33 -36.36
C LYS F 682 -28.07 127.74 -36.87
N GLY F 683 -28.86 128.18 -37.85
CA GLY F 683 -28.75 129.53 -38.34
C GLY F 683 -29.11 130.56 -37.29
N HIS F 684 -30.23 130.33 -36.57
CA HIS F 684 -30.64 131.27 -35.54
C HIS F 684 -29.64 131.29 -34.39
N MET F 685 -28.90 130.19 -34.20
CA MET F 685 -27.87 130.15 -33.19
C MET F 685 -26.62 130.91 -33.58
N CYS F 686 -26.53 131.33 -34.84
CA CYS F 686 -25.51 132.27 -35.29
C CYS F 686 -26.09 133.62 -35.71
N ASN F 687 -27.40 133.68 -35.96
CA ASN F 687 -28.02 134.94 -36.36
C ASN F 687 -27.91 135.98 -35.26
N ALA F 688 -28.50 135.69 -34.10
CA ALA F 688 -28.52 136.64 -33.01
C ALA F 688 -27.13 136.96 -32.47
N LYS F 689 -26.11 136.20 -32.86
CA LYS F 689 -24.76 136.51 -32.41
C LYS F 689 -24.06 137.54 -33.28
N LEU F 690 -24.71 138.02 -34.34
CA LEU F 690 -24.14 139.06 -35.19
C LEU F 690 -24.97 140.34 -35.14
N LEU F 691 -26.27 140.26 -35.40
CA LEU F 691 -27.13 141.44 -35.51
C LEU F 691 -27.89 141.72 -34.21
N ARG F 692 -27.28 141.45 -33.06
CA ARG F 692 -27.89 141.77 -31.79
C ARG F 692 -27.83 143.25 -31.45
N ASN F 693 -27.40 144.10 -32.37
CA ASN F 693 -27.29 145.53 -32.14
C ASN F 693 -28.38 146.34 -32.86
N MET F 694 -29.31 145.68 -33.54
CA MET F 694 -30.39 146.35 -34.26
C MET F 694 -31.71 146.06 -33.57
N PRO F 695 -32.09 146.87 -32.56
CA PRO F 695 -33.31 146.55 -31.79
C PRO F 695 -34.58 146.69 -32.61
N GLU F 696 -34.55 147.31 -33.77
CA GLU F 696 -35.72 147.44 -34.62
C GLU F 696 -36.02 146.17 -35.42
N PHE F 697 -35.10 145.22 -35.44
CA PHE F 697 -35.29 143.99 -36.20
C PHE F 697 -35.72 142.80 -35.35
N SER F 698 -35.47 142.84 -34.05
CA SER F 698 -35.82 141.72 -33.18
C SER F 698 -37.32 141.53 -33.05
N GLY F 699 -38.11 142.55 -33.36
CA GLY F 699 -39.56 142.40 -33.29
C GLY F 699 -40.08 141.42 -34.32
N VAL F 700 -39.59 141.51 -35.56
CA VAL F 700 -40.01 140.57 -36.59
C VAL F 700 -39.13 139.31 -36.58
N LEU F 701 -37.89 139.41 -36.08
CA LEU F 701 -37.05 138.24 -35.97
C LEU F 701 -37.60 137.25 -34.96
N HIS F 702 -38.35 137.72 -33.98
CA HIS F 702 -38.88 136.83 -32.95
C HIS F 702 -39.85 135.82 -33.55
N GLN F 703 -40.75 136.27 -34.43
CA GLN F 703 -41.66 135.35 -35.08
C GLN F 703 -40.93 134.31 -35.90
N CYS F 704 -39.68 134.57 -36.28
CA CYS F 704 -38.89 133.58 -36.99
C CYS F 704 -38.42 132.48 -36.06
N HIS F 705 -38.29 132.77 -34.76
CA HIS F 705 -37.88 131.74 -33.81
C HIS F 705 -39.05 130.88 -33.37
N ILE F 706 -40.14 131.50 -32.96
CA ILE F 706 -41.28 130.75 -32.42
C ILE F 706 -41.83 129.79 -33.47
N LEU F 707 -41.97 130.26 -34.72
CA LEU F 707 -42.44 129.38 -35.78
C LEU F 707 -41.50 128.21 -35.99
N ALA F 708 -40.21 128.40 -35.73
CA ALA F 708 -39.27 127.28 -35.84
C ALA F 708 -39.49 126.28 -34.72
N SER F 709 -39.49 126.75 -33.46
CA SER F 709 -39.63 125.85 -32.33
C SER F 709 -41.01 125.21 -32.27
N GLU F 710 -42.03 125.83 -32.86
CA GLU F 710 -43.31 125.16 -33.01
C GLU F 710 -43.28 124.13 -34.13
N MET F 711 -42.37 124.28 -35.08
CA MET F 711 -42.27 123.34 -36.19
C MET F 711 -41.33 122.18 -35.87
N VAL F 712 -40.23 122.44 -35.16
CA VAL F 712 -39.30 121.37 -34.84
C VAL F 712 -39.90 120.39 -33.85
N HIS F 713 -40.90 120.81 -33.07
CA HIS F 713 -41.56 119.88 -32.16
C HIS F 713 -42.34 118.82 -32.93
N PHE F 714 -43.15 119.24 -33.90
CA PHE F 714 -43.95 118.30 -34.66
C PHE F 714 -43.08 117.28 -35.39
N ILE F 715 -41.89 117.68 -35.82
CA ILE F 715 -40.98 116.76 -36.49
C ILE F 715 -40.20 115.93 -35.50
N HIS F 716 -39.61 116.57 -34.49
CA HIS F 716 -38.84 115.83 -33.50
C HIS F 716 -39.71 114.92 -32.64
N GLN F 717 -41.03 115.08 -32.66
CA GLN F 717 -41.90 114.15 -31.96
C GLN F 717 -42.31 112.97 -32.84
N MET F 718 -42.75 113.24 -34.06
CA MET F 718 -43.04 112.17 -35.00
C MET F 718 -41.80 111.32 -35.26
N GLN F 719 -40.61 111.91 -35.13
CA GLN F 719 -39.38 111.14 -35.28
C GLN F 719 -39.24 110.12 -34.15
N TYR F 720 -39.88 110.37 -33.02
CA TYR F 720 -39.83 109.39 -31.93
C TYR F 720 -40.85 108.28 -32.16
N TYR F 721 -42.04 108.63 -32.64
CA TYR F 721 -43.04 107.60 -32.96
C TYR F 721 -42.50 106.61 -33.97
N ILE F 722 -41.54 107.04 -34.80
CA ILE F 722 -40.94 106.12 -35.77
C ILE F 722 -40.02 105.14 -35.06
N THR F 723 -39.33 105.60 -34.02
CA THR F 723 -38.35 104.74 -33.36
C THR F 723 -39.01 103.70 -32.46
N PHE F 724 -39.90 104.14 -31.56
CA PHE F 724 -40.42 103.26 -30.52
C PHE F 724 -41.68 102.51 -30.93
N GLU F 725 -42.57 103.15 -31.69
CA GLU F 725 -43.85 102.56 -32.03
C GLU F 725 -43.81 101.72 -33.31
N VAL F 726 -42.79 101.90 -34.15
CA VAL F 726 -42.72 101.25 -35.45
C VAL F 726 -41.49 100.36 -35.56
N LEU F 727 -40.31 100.88 -35.21
CA LEU F 727 -39.10 100.09 -35.36
C LEU F 727 -38.83 99.23 -34.14
N GLU F 728 -38.69 99.84 -32.96
CA GLU F 728 -38.28 99.09 -31.79
C GLU F 728 -39.36 98.15 -31.27
N CYS F 729 -40.63 98.41 -31.58
CA CYS F 729 -41.71 97.55 -31.12
C CYS F 729 -42.05 96.45 -32.11
N SER F 730 -42.19 96.79 -33.39
CA SER F 730 -42.54 95.79 -34.39
C SER F 730 -41.38 94.88 -34.73
N TRP F 731 -40.15 95.29 -34.45
CA TRP F 731 -39.02 94.40 -34.63
C TRP F 731 -38.88 93.42 -33.46
N ASP F 732 -39.34 93.81 -32.27
CA ASP F 732 -39.22 92.92 -31.13
C ASP F 732 -40.15 91.72 -31.27
N GLU F 733 -41.30 91.90 -31.90
CA GLU F 733 -42.18 90.78 -32.19
C GLU F 733 -41.68 89.92 -33.33
N LEU F 734 -40.55 90.28 -33.94
CA LEU F 734 -39.92 89.46 -34.97
C LEU F 734 -38.76 88.66 -34.42
N TRP F 735 -37.86 89.29 -33.68
CA TRP F 735 -36.77 88.55 -33.07
C TRP F 735 -37.24 87.61 -31.97
N ASN F 736 -38.48 87.77 -31.52
CA ASN F 736 -39.06 86.83 -30.57
C ASN F 736 -39.66 85.62 -31.24
N LYS F 737 -40.21 85.79 -32.45
CA LYS F 737 -40.76 84.68 -33.22
C LYS F 737 -39.77 84.12 -34.23
N VAL F 738 -38.47 84.27 -33.97
CA VAL F 738 -37.41 83.69 -34.79
C VAL F 738 -36.50 82.81 -33.96
N GLN F 739 -36.08 83.29 -32.79
CA GLN F 739 -35.30 82.47 -31.89
C GLN F 739 -36.07 81.28 -31.34
N GLN F 740 -37.38 81.21 -31.58
CA GLN F 740 -38.19 80.07 -31.19
C GLN F 740 -38.85 79.36 -32.36
N ALA F 741 -38.84 79.94 -33.54
CA ALA F 741 -39.42 79.29 -34.71
C ALA F 741 -38.47 78.25 -35.26
N GLN F 742 -38.86 77.61 -36.35
CA GLN F 742 -38.05 76.58 -37.01
C GLN F 742 -38.64 76.32 -38.38
N ASP F 743 -38.12 75.28 -39.05
CA ASP F 743 -38.59 74.76 -40.33
C ASP F 743 -38.73 75.82 -41.43
N LEU F 744 -38.14 77.00 -41.22
CA LEU F 744 -38.02 78.02 -42.27
C LEU F 744 -39.36 78.46 -42.83
N ASP F 745 -40.46 77.89 -42.34
CA ASP F 745 -41.77 78.34 -42.74
C ASP F 745 -42.50 79.07 -41.63
N HIS F 746 -41.98 79.02 -40.41
CA HIS F 746 -42.36 79.95 -39.37
C HIS F 746 -41.48 81.19 -39.37
N ILE F 747 -40.39 81.18 -40.14
CA ILE F 747 -39.55 82.37 -40.30
C ILE F 747 -40.08 83.27 -41.39
N ILE F 748 -40.46 82.69 -42.54
CA ILE F 748 -41.04 83.49 -43.61
C ILE F 748 -42.33 84.15 -43.14
N ALA F 749 -43.20 83.39 -42.48
CA ALA F 749 -44.46 83.94 -42.01
C ALA F 749 -44.28 84.92 -40.86
N ALA F 750 -43.13 84.88 -40.18
CA ALA F 750 -42.86 85.88 -39.15
C ALA F 750 -42.19 87.12 -39.72
N HIS F 751 -41.44 86.98 -40.81
CA HIS F 751 -40.86 88.11 -41.49
C HIS F 751 -41.81 88.76 -42.48
N GLU F 752 -42.82 88.04 -42.94
CA GLU F 752 -43.79 88.62 -43.87
C GLU F 752 -44.77 89.53 -43.15
N VAL F 753 -45.20 89.14 -41.95
CA VAL F 753 -46.08 90.01 -41.17
C VAL F 753 -45.31 91.18 -40.57
N PHE F 754 -43.98 91.04 -40.43
CA PHE F 754 -43.17 92.16 -39.98
C PHE F 754 -43.14 93.29 -41.00
N LEU F 755 -43.47 93.01 -42.25
CA LEU F 755 -43.60 94.03 -43.28
C LEU F 755 -45.04 94.42 -43.53
N ASP F 756 -45.99 93.86 -42.80
CA ASP F 756 -47.38 94.28 -42.92
C ASP F 756 -47.83 95.14 -41.74
N THR F 757 -47.04 95.19 -40.67
CA THR F 757 -47.32 96.14 -39.59
C THR F 757 -46.59 97.45 -39.80
N ILE F 758 -45.33 97.40 -40.24
CA ILE F 758 -44.59 98.62 -40.50
C ILE F 758 -45.26 99.44 -41.60
N ILE F 759 -45.75 98.77 -42.65
CA ILE F 759 -46.54 99.47 -43.64
C ILE F 759 -47.82 100.01 -43.03
N SER F 760 -48.39 99.31 -42.07
CA SER F 760 -49.63 99.74 -41.45
C SER F 760 -49.42 100.78 -40.35
N ARG F 761 -48.37 100.61 -39.54
CA ARG F 761 -48.13 101.57 -38.46
C ARG F 761 -47.60 102.89 -39.02
N CYS F 762 -46.76 102.83 -40.06
CA CYS F 762 -46.56 104.00 -40.88
C CYS F 762 -47.79 104.21 -41.75
N LEU F 763 -47.90 105.39 -42.34
CA LEU F 763 -49.11 105.76 -43.05
C LEU F 763 -49.08 105.37 -44.52
N LEU F 764 -48.29 104.36 -44.89
CA LEU F 764 -48.15 103.95 -46.28
C LEU F 764 -49.18 102.88 -46.69
N ASP F 765 -50.31 102.79 -46.01
CA ASP F 765 -51.32 101.82 -46.38
C ASP F 765 -52.08 102.29 -47.61
N SER F 766 -53.14 101.55 -47.94
CA SER F 766 -53.98 101.87 -49.08
C SER F 766 -55.20 102.69 -48.68
N ASP F 767 -55.81 102.37 -47.54
CA ASP F 767 -56.99 103.08 -47.08
C ASP F 767 -56.65 104.29 -46.20
N SER F 768 -55.37 104.46 -45.85
CA SER F 768 -54.93 105.65 -45.12
C SER F 768 -54.34 106.70 -46.06
N ARG F 769 -54.81 106.73 -47.31
CA ARG F 769 -54.26 107.64 -48.30
C ARG F 769 -54.54 109.09 -47.93
N ALA F 770 -55.73 109.37 -47.41
CA ALA F 770 -56.07 110.74 -47.03
C ALA F 770 -55.17 111.27 -45.93
N LEU F 771 -54.50 110.39 -45.19
CA LEU F 771 -53.64 110.83 -44.09
C LEU F 771 -52.26 111.23 -44.58
N LEU F 772 -51.65 110.43 -45.45
CA LEU F 772 -50.29 110.73 -45.88
C LEU F 772 -50.24 112.00 -46.72
N ASN F 773 -51.17 112.14 -47.66
CA ASN F 773 -51.21 113.37 -48.46
C ASN F 773 -51.44 114.59 -47.57
N GLN F 774 -52.09 114.41 -46.42
CA GLN F 774 -52.22 115.49 -45.46
C GLN F 774 -50.89 115.78 -44.78
N LEU F 775 -50.08 114.76 -44.53
CA LEU F 775 -48.78 114.97 -43.90
C LEU F 775 -47.81 115.68 -44.84
N ARG F 776 -47.91 115.40 -46.14
CA ARG F 776 -46.98 116.00 -47.09
C ARG F 776 -47.06 117.52 -47.07
N ALA F 777 -48.27 118.06 -46.91
CA ALA F 777 -48.42 119.51 -46.84
C ALA F 777 -47.63 120.08 -45.68
N VAL F 778 -47.64 119.40 -44.53
CA VAL F 778 -46.83 119.84 -43.40
C VAL F 778 -45.35 119.69 -43.73
N PHE F 779 -45.00 118.63 -44.48
CA PHE F 779 -43.62 118.48 -44.91
C PHE F 779 -43.22 119.60 -45.87
N ASP F 780 -44.18 120.15 -46.61
CA ASP F 780 -43.87 121.23 -47.53
C ASP F 780 -43.67 122.55 -46.80
N GLN F 781 -44.49 122.83 -45.78
CA GLN F 781 -44.39 124.09 -45.07
C GLN F 781 -43.04 124.26 -44.39
N ILE F 782 -42.32 123.16 -44.14
CA ILE F 782 -40.98 123.29 -43.58
C ILE F 782 -40.03 123.84 -44.62
N ILE F 783 -40.21 123.48 -45.89
CA ILE F 783 -39.33 123.98 -46.93
C ILE F 783 -39.61 125.44 -47.20
N GLU F 784 -40.89 125.84 -47.24
CA GLU F 784 -41.23 127.22 -47.51
C GLU F 784 -40.72 128.15 -46.41
N LEU F 785 -40.57 127.64 -45.19
CA LEU F 785 -39.95 128.44 -44.15
C LEU F 785 -38.48 128.71 -44.47
N GLN F 786 -37.75 127.67 -44.91
CA GLN F 786 -36.35 127.85 -45.23
C GLN F 786 -36.14 128.85 -46.36
N ASN F 787 -37.09 128.96 -47.29
CA ASN F 787 -36.99 129.94 -48.37
C ASN F 787 -37.39 131.33 -47.91
N ALA F 788 -38.39 131.44 -47.04
CA ALA F 788 -38.81 132.73 -46.50
C ALA F 788 -37.99 133.15 -45.29
N GLN F 789 -36.90 132.44 -44.98
CA GLN F 789 -36.06 132.80 -43.84
C GLN F 789 -34.75 133.42 -44.29
N ASP F 790 -34.02 132.74 -45.18
CA ASP F 790 -32.76 133.28 -45.66
C ASP F 790 -32.97 134.60 -46.41
N ALA F 791 -34.13 134.79 -47.02
CA ALA F 791 -34.46 136.08 -47.61
C ALA F 791 -34.51 137.16 -46.55
N ILE F 792 -35.17 136.88 -45.42
CA ILE F 792 -35.20 137.83 -44.33
C ILE F 792 -33.88 137.84 -43.58
N TYR F 793 -33.11 136.75 -43.65
CA TYR F 793 -31.81 136.71 -43.01
C TYR F 793 -30.79 137.52 -43.81
N ARG F 794 -30.72 137.29 -45.12
CA ARG F 794 -29.71 137.96 -45.93
C ARG F 794 -30.00 139.44 -46.08
N ALA F 795 -31.28 139.81 -46.21
CA ALA F 795 -31.64 141.22 -46.35
C ALA F 795 -31.23 142.04 -45.14
N ALA F 796 -31.07 141.40 -43.98
CA ALA F 796 -30.58 142.09 -42.79
C ALA F 796 -29.06 142.12 -42.71
N LEU F 797 -28.37 141.17 -43.36
CA LEU F 797 -26.91 141.20 -43.37
C LEU F 797 -26.36 142.19 -44.39
N GLU F 798 -27.06 142.38 -45.51
CA GLU F 798 -26.64 143.41 -46.46
C GLU F 798 -26.73 144.79 -45.84
N GLU F 799 -27.90 145.12 -45.28
CA GLU F 799 -28.07 146.42 -44.63
C GLU F 799 -27.11 146.59 -43.46
N LEU F 800 -26.72 145.51 -42.81
CA LEU F 800 -25.73 145.61 -41.75
C LEU F 800 -24.34 145.84 -42.32
N GLN F 801 -24.02 145.18 -43.43
CA GLN F 801 -22.69 145.33 -44.02
C GLN F 801 -22.49 146.73 -44.58
N ARG F 802 -23.51 147.28 -45.24
CA ARG F 802 -23.41 148.65 -45.73
C ARG F 802 -23.29 149.62 -44.57
N ARG F 803 -24.05 149.41 -43.51
CA ARG F 803 -23.95 150.25 -42.32
C ARG F 803 -22.57 150.17 -41.67
N LEU F 804 -21.86 149.06 -41.86
CA LEU F 804 -20.50 148.97 -41.36
C LEU F 804 -19.54 149.82 -42.19
N GLN F 805 -19.56 149.65 -43.51
CA GLN F 805 -18.67 150.40 -44.38
C GLN F 805 -19.03 151.87 -44.47
N PHE F 806 -20.30 152.22 -44.24
CA PHE F 806 -20.72 153.61 -44.32
C PHE F 806 -20.17 154.46 -43.18
N GLU F 807 -19.53 153.85 -42.19
CA GLU F 807 -18.99 154.59 -41.05
C GLU F 807 -17.53 154.27 -40.75
N GLU F 808 -16.98 153.15 -41.23
CA GLU F 808 -15.59 152.83 -40.93
C GLU F 808 -14.62 153.60 -41.81
N LYS F 809 -15.00 153.89 -43.05
CA LYS F 809 -14.10 154.62 -43.94
C LYS F 809 -14.12 156.12 -43.67
N LYS F 810 -15.24 156.63 -43.14
CA LYS F 810 -15.35 158.06 -42.86
C LYS F 810 -14.99 158.42 -41.43
N LYS F 811 -14.90 157.44 -40.53
CA LYS F 811 -14.57 157.70 -39.14
C LYS F 811 -13.52 156.70 -38.63
N GLU F 825 -24.24 163.48 -47.98
CA GLU F 825 -23.77 162.16 -47.58
C GLU F 825 -24.58 161.62 -46.40
N GLU F 826 -24.68 162.40 -45.33
CA GLU F 826 -25.43 161.98 -44.16
C GLU F 826 -26.94 162.00 -44.40
N GLU F 827 -27.41 162.78 -45.36
CA GLU F 827 -28.84 162.89 -45.62
C GLU F 827 -29.32 161.90 -46.68
N GLU F 828 -28.45 161.53 -47.63
CA GLU F 828 -28.85 160.61 -48.69
C GLU F 828 -28.96 159.17 -48.21
N GLU F 829 -28.46 158.85 -47.02
CA GLU F 829 -28.57 157.51 -46.48
C GLU F 829 -29.71 157.36 -45.48
N ASN F 830 -30.08 158.43 -44.79
CA ASN F 830 -31.21 158.36 -43.87
C ASN F 830 -32.49 157.98 -44.59
N LYS F 831 -32.61 158.35 -45.86
CA LYS F 831 -33.74 157.87 -46.66
C LYS F 831 -33.58 156.41 -47.00
N ARG F 832 -32.34 155.93 -47.14
CA ARG F 832 -32.13 154.50 -47.35
C ARG F 832 -32.31 153.73 -46.06
N ILE F 833 -31.82 154.26 -44.94
CA ILE F 833 -32.08 153.65 -43.65
C ILE F 833 -33.54 153.81 -43.27
N GLY F 834 -34.13 154.95 -43.62
CA GLY F 834 -35.54 155.17 -43.29
C GLY F 834 -36.47 154.25 -44.05
N GLU F 835 -36.19 154.03 -45.34
CA GLU F 835 -37.01 153.10 -46.11
C GLU F 835 -36.79 151.66 -45.67
N PHE F 836 -35.59 151.33 -45.19
CA PHE F 836 -35.32 149.97 -44.73
C PHE F 836 -36.18 149.62 -43.53
N LYS F 837 -36.45 150.59 -42.66
CA LYS F 837 -37.38 150.36 -41.56
C LYS F 837 -38.80 150.18 -42.07
N GLU F 838 -39.13 150.79 -43.20
CA GLU F 838 -40.48 150.70 -43.73
C GLU F 838 -40.76 149.37 -44.43
N SER F 839 -39.72 148.67 -44.89
CA SER F 839 -39.92 147.35 -45.47
C SER F 839 -40.10 146.27 -44.41
N ILE F 840 -39.82 146.57 -43.15
CA ILE F 840 -39.95 145.55 -42.10
C ILE F 840 -41.40 145.09 -41.92
N PRO F 841 -42.39 145.98 -41.77
CA PRO F 841 -43.76 145.49 -41.62
C PRO F 841 -44.27 144.70 -42.80
N LYS F 842 -43.63 144.81 -43.97
CA LYS F 842 -43.98 143.95 -45.09
C LYS F 842 -43.58 142.51 -44.81
N MET F 843 -42.36 142.31 -44.32
CA MET F 843 -41.91 140.95 -44.01
C MET F 843 -42.68 140.38 -42.83
N CYS F 844 -43.10 141.22 -41.89
CA CYS F 844 -43.87 140.73 -40.76
C CYS F 844 -45.20 140.13 -41.20
N SER F 845 -45.82 140.70 -42.24
CA SER F 845 -47.06 140.14 -42.77
C SER F 845 -46.84 138.82 -43.47
N GLN F 846 -45.59 138.46 -43.78
CA GLN F 846 -45.31 137.13 -44.32
C GLN F 846 -45.33 136.09 -43.21
N LEU F 847 -44.50 136.27 -42.19
CA LEU F 847 -44.44 135.32 -41.09
C LEU F 847 -45.72 135.33 -40.26
N ARG F 848 -46.55 136.36 -40.38
CA ARG F 848 -47.84 136.35 -39.70
C ARG F 848 -48.87 135.56 -40.50
N ILE F 849 -48.71 135.47 -41.82
CA ILE F 849 -49.63 134.68 -42.63
C ILE F 849 -49.10 133.28 -42.90
N LEU F 850 -47.78 133.07 -42.81
CA LEU F 850 -47.25 131.72 -42.94
C LEU F 850 -47.55 130.90 -41.70
N THR F 851 -47.44 131.51 -40.52
CA THR F 851 -47.74 130.80 -39.28
C THR F 851 -49.23 130.47 -39.19
N HIS F 852 -50.08 131.45 -39.46
CA HIS F 852 -51.52 131.24 -39.35
C HIS F 852 -52.03 130.18 -40.31
N PHE F 853 -51.26 129.84 -41.33
CA PHE F 853 -51.61 128.74 -42.22
C PHE F 853 -50.95 127.42 -41.83
N TYR F 854 -49.79 127.49 -41.18
CA TYR F 854 -49.16 126.26 -40.69
C TYR F 854 -50.00 125.63 -39.59
N GLN F 855 -50.54 126.45 -38.68
CA GLN F 855 -51.40 125.92 -37.62
C GLN F 855 -52.71 125.42 -38.18
N GLY F 856 -53.16 125.95 -39.33
CA GLY F 856 -54.39 125.48 -39.93
C GLY F 856 -54.27 124.15 -40.61
N ILE F 857 -53.04 123.68 -40.86
CA ILE F 857 -52.83 122.38 -41.48
C ILE F 857 -52.43 121.32 -40.47
N VAL F 858 -52.00 121.71 -39.27
CA VAL F 858 -51.72 120.75 -38.21
C VAL F 858 -52.97 120.44 -37.41
N GLN F 859 -53.71 121.47 -37.01
CA GLN F 859 -54.98 121.25 -36.32
C GLN F 859 -55.96 120.49 -37.19
N GLN F 860 -55.78 120.53 -38.51
CA GLN F 860 -56.53 119.66 -39.40
C GLN F 860 -55.93 118.27 -39.46
N PHE F 861 -54.60 118.17 -39.32
CA PHE F 861 -53.94 116.87 -39.34
C PHE F 861 -54.42 115.98 -38.20
N LEU F 862 -54.52 116.54 -36.99
CA LEU F 862 -54.92 115.75 -35.84
C LEU F 862 -56.33 115.18 -36.00
N VAL F 863 -57.23 115.98 -36.57
CA VAL F 863 -58.62 115.53 -36.74
C VAL F 863 -58.68 114.29 -37.62
N LEU F 864 -57.73 114.12 -38.54
CA LEU F 864 -57.74 112.96 -39.41
C LEU F 864 -57.24 111.70 -38.72
N LEU F 865 -56.52 111.82 -37.60
CA LEU F 865 -56.05 110.63 -36.90
C LEU F 865 -57.19 109.90 -36.21
N THR F 866 -58.20 110.61 -35.74
CA THR F 866 -59.36 109.97 -35.11
C THR F 866 -60.18 109.33 -36.23
N THR F 867 -59.70 108.18 -36.70
CA THR F 867 -60.31 107.48 -37.82
C THR F 867 -61.73 107.04 -37.49
N ASP F 870 -54.89 101.06 -37.19
CA ASP F 870 -56.02 101.93 -36.90
C ASP F 870 -56.14 102.20 -35.40
N GLU F 871 -55.26 101.57 -34.63
CA GLU F 871 -55.21 101.78 -33.19
C GLU F 871 -53.87 102.31 -32.71
N SER F 872 -52.76 101.80 -33.26
CA SER F 872 -51.45 102.27 -32.85
C SER F 872 -51.26 103.75 -33.16
N LEU F 873 -52.05 104.32 -34.06
CA LEU F 873 -51.98 105.75 -34.33
C LEU F 873 -52.39 106.58 -33.12
N ARG F 874 -53.22 106.02 -32.24
CA ARG F 874 -53.63 106.75 -31.04
C ARG F 874 -52.43 107.13 -30.19
N PHE F 875 -51.37 106.32 -30.21
CA PHE F 875 -50.15 106.69 -29.52
C PHE F 875 -49.45 107.89 -30.17
N LEU F 876 -49.80 108.22 -31.42
CA LEU F 876 -49.20 109.38 -32.05
C LEU F 876 -49.94 110.66 -31.67
N SER F 877 -51.27 110.60 -31.57
CA SER F 877 -52.04 111.78 -31.22
C SER F 877 -51.65 112.30 -29.84
N PHE F 878 -51.19 111.42 -28.96
CA PHE F 878 -50.71 111.86 -27.65
C PHE F 878 -49.34 112.51 -27.75
N ARG F 879 -48.47 112.01 -28.63
CA ARG F 879 -47.14 112.60 -28.77
C ARG F 879 -47.22 114.04 -29.23
N LEU F 880 -48.07 114.31 -30.23
CA LEU F 880 -48.16 115.65 -30.79
C LEU F 880 -48.92 116.60 -29.87
N ASP F 881 -50.02 116.13 -29.29
CA ASP F 881 -50.91 116.95 -28.48
C ASP F 881 -50.56 116.90 -27.00
N PHE F 882 -49.30 116.65 -26.66
CA PHE F 882 -48.87 116.65 -25.27
C PHE F 882 -49.07 118.04 -24.70
N ASN F 883 -49.41 118.11 -23.42
CA ASN F 883 -49.79 119.31 -22.66
C ASN F 883 -50.98 120.04 -23.28
N GLU F 884 -51.64 119.44 -24.27
CA GLU F 884 -52.85 119.98 -24.88
C GLU F 884 -52.67 121.42 -25.34
N HIS F 885 -51.57 121.70 -26.05
CA HIS F 885 -51.41 123.03 -26.61
C HIS F 885 -52.40 123.27 -27.74
N TYR F 886 -52.70 122.24 -28.51
CA TYR F 886 -53.80 122.29 -29.46
C TYR F 886 -55.06 121.84 -28.73
N LYS F 887 -56.13 121.64 -29.50
CA LYS F 887 -57.44 121.29 -28.93
C LYS F 887 -57.88 122.31 -27.89
N ALA F 888 -57.46 123.55 -28.06
CA ALA F 888 -57.78 124.65 -27.14
C ALA F 888 -57.41 124.31 -25.70
N LEU G 232 -59.11 8.24 -82.11
CA LEU G 232 -60.54 8.49 -82.29
C LEU G 232 -61.22 8.83 -80.98
N PRO G 233 -60.99 10.04 -80.47
CA PRO G 233 -61.57 10.42 -79.17
C PRO G 233 -63.06 10.66 -79.24
N GLY G 234 -63.65 10.73 -80.43
CA GLY G 234 -65.09 10.91 -80.52
C GLY G 234 -65.87 9.68 -80.09
N THR G 235 -65.41 8.50 -80.52
CA THR G 235 -66.04 7.24 -80.16
C THR G 235 -65.50 6.67 -78.86
N LEU G 236 -64.97 7.50 -77.98
CA LEU G 236 -64.32 7.12 -76.75
C LEU G 236 -65.05 7.73 -75.56
N PRO G 237 -65.10 7.03 -74.42
CA PRO G 237 -65.85 7.55 -73.26
C PRO G 237 -65.34 8.90 -72.78
N LEU G 238 -66.15 9.53 -71.93
CA LEU G 238 -65.87 10.90 -71.48
C LEU G 238 -64.83 10.94 -70.37
N ALA G 239 -65.11 10.27 -69.25
CA ALA G 239 -64.24 10.36 -68.09
C ALA G 239 -62.86 9.77 -68.34
N SER G 240 -62.70 8.95 -69.37
CA SER G 240 -61.42 8.33 -69.65
C SER G 240 -60.59 9.09 -70.68
N GLN G 241 -61.22 9.69 -71.68
CA GLN G 241 -60.45 10.44 -72.68
C GLN G 241 -59.75 11.64 -72.07
N GLU G 242 -60.24 12.16 -70.94
CA GLU G 242 -59.53 13.22 -70.25
C GLU G 242 -58.16 12.76 -69.77
N SER G 243 -58.04 11.49 -69.38
CA SER G 243 -56.74 10.97 -68.99
C SER G 243 -55.82 10.77 -70.18
N ALA G 244 -56.36 10.77 -71.39
CA ALA G 244 -55.52 10.69 -72.57
C ALA G 244 -55.00 12.06 -72.99
N VAL G 245 -55.79 13.11 -72.79
CA VAL G 245 -55.33 14.46 -73.10
C VAL G 245 -54.28 14.90 -72.10
N VAL G 246 -54.42 14.53 -70.84
CA VAL G 246 -53.48 14.98 -69.83
C VAL G 246 -52.11 14.35 -70.03
N GLU G 247 -52.04 13.20 -70.69
CA GLU G 247 -50.72 12.66 -71.04
C GLU G 247 -50.20 13.26 -72.33
N ASP G 248 -51.09 13.60 -73.25
CA ASP G 248 -50.68 14.32 -74.45
C ASP G 248 -50.21 15.72 -74.09
N LEU G 249 -51.04 16.44 -73.33
CA LEU G 249 -50.71 17.78 -72.88
C LEU G 249 -49.47 17.82 -71.99
N LEU G 250 -49.13 16.66 -71.43
CA LEU G 250 -48.00 16.50 -70.49
C LEU G 250 -46.69 16.39 -71.28
N TYR G 251 -46.76 16.61 -72.59
CA TYR G 251 -45.56 16.56 -73.46
C TYR G 251 -45.39 17.93 -74.11
N VAL G 252 -46.49 18.48 -74.66
CA VAL G 252 -46.45 19.80 -75.29
C VAL G 252 -45.82 20.83 -74.37
N LEU G 253 -45.93 20.64 -73.05
CA LEU G 253 -45.26 21.55 -72.14
C LEU G 253 -43.74 21.43 -72.22
N VAL G 254 -43.21 20.46 -72.97
CA VAL G 254 -41.77 20.26 -73.06
C VAL G 254 -41.27 20.78 -74.40
N GLY G 255 -42.16 20.74 -75.40
CA GLY G 255 -41.82 21.21 -76.76
C GLY G 255 -42.15 20.19 -77.83
N VAL G 256 -41.86 18.91 -77.57
CA VAL G 256 -42.09 17.82 -78.56
C VAL G 256 -43.58 17.76 -78.89
N ASP G 257 -43.91 17.48 -80.17
CA ASP G 257 -45.31 17.41 -80.66
C ASP G 257 -46.04 16.23 -80.01
N GLY G 258 -47.37 16.35 -79.87
CA GLY G 258 -48.16 15.33 -79.22
C GLY G 258 -49.06 14.56 -80.16
N ARG G 259 -49.90 13.68 -79.60
CA ARG G 259 -50.78 12.87 -80.44
C ARG G 259 -52.01 13.66 -80.88
N TYR G 260 -52.70 14.30 -79.95
CA TYR G 260 -53.87 15.11 -80.26
C TYR G 260 -53.57 16.59 -80.29
N VAL G 261 -52.96 17.12 -79.23
CA VAL G 261 -52.63 18.53 -79.17
C VAL G 261 -51.37 18.77 -80.00
N SER G 262 -51.54 19.09 -81.27
CA SER G 262 -50.42 19.27 -82.17
C SER G 262 -50.06 20.74 -82.29
N ALA G 263 -48.93 21.00 -82.94
CA ALA G 263 -48.44 22.34 -83.19
C ALA G 263 -48.58 22.68 -84.66
N GLN G 264 -48.66 23.97 -84.96
CA GLN G 264 -48.76 24.45 -86.33
C GLN G 264 -47.53 25.29 -86.67
N PRO G 265 -47.13 25.31 -87.95
CA PRO G 265 -45.95 26.09 -88.32
C PRO G 265 -46.12 27.56 -87.98
N LEU G 266 -45.02 28.18 -87.59
CA LEU G 266 -45.03 29.55 -87.09
C LEU G 266 -45.39 30.52 -88.22
N SER G 271 -45.89 33.23 -80.29
CA SER G 271 -46.76 33.41 -81.44
C SER G 271 -47.15 32.07 -82.05
N ARG G 272 -46.70 31.00 -81.40
CA ARG G 272 -47.05 29.65 -81.85
C ARG G 272 -48.54 29.41 -81.62
N THR G 273 -49.22 28.94 -82.66
CA THR G 273 -50.63 28.62 -82.56
C THR G 273 -50.85 27.11 -82.71
N PHE G 274 -51.66 26.56 -81.82
CA PHE G 274 -51.88 25.12 -81.74
C PHE G 274 -53.26 24.77 -82.27
N LEU G 275 -53.48 23.48 -82.49
CA LEU G 275 -54.81 22.94 -82.77
C LEU G 275 -54.99 21.70 -81.93
N VAL G 276 -56.21 21.48 -81.44
CA VAL G 276 -56.44 20.39 -80.51
C VAL G 276 -57.13 19.20 -81.19
N ASP G 277 -58.36 19.39 -81.68
CA ASP G 277 -59.14 18.42 -82.44
C ASP G 277 -60.49 19.00 -82.80
N PRO G 278 -61.08 18.56 -83.90
CA PRO G 278 -62.43 19.04 -84.24
C PRO G 278 -63.51 18.44 -83.37
N ASN G 279 -63.40 17.15 -83.08
CA ASN G 279 -64.45 16.43 -82.35
C ASN G 279 -63.92 16.04 -80.96
N LEU G 280 -64.07 16.98 -80.02
CA LEU G 280 -63.72 16.76 -78.63
C LEU G 280 -64.79 17.43 -77.78
N ASP G 281 -64.85 17.06 -76.51
CA ASP G 281 -65.89 17.62 -75.65
C ASP G 281 -65.67 19.11 -75.41
N LEU G 282 -66.79 19.86 -75.45
CA LEU G 282 -66.70 21.30 -75.30
C LEU G 282 -66.12 21.71 -73.95
N SER G 283 -66.44 20.96 -72.90
CA SER G 283 -65.95 21.27 -71.57
C SER G 283 -64.54 20.78 -71.34
N ILE G 284 -63.82 20.38 -72.38
CA ILE G 284 -62.40 20.04 -72.29
C ILE G 284 -61.55 21.04 -73.07
N ARG G 285 -61.88 21.24 -74.35
CA ARG G 285 -61.09 22.15 -75.18
C ARG G 285 -61.05 23.55 -74.59
N GLU G 286 -62.19 24.04 -74.11
CA GLU G 286 -62.19 25.34 -73.45
C GLU G 286 -61.36 25.34 -72.19
N LEU G 287 -61.05 24.17 -71.65
CA LEU G 287 -60.12 24.09 -70.53
C LEU G 287 -58.70 23.82 -70.98
N VAL G 288 -58.52 23.06 -72.06
CA VAL G 288 -57.16 22.82 -72.57
C VAL G 288 -56.55 24.13 -73.05
N HIS G 289 -57.31 24.89 -73.85
CA HIS G 289 -56.82 26.14 -74.40
C HIS G 289 -56.44 27.16 -73.33
N ARG G 290 -56.71 26.88 -72.07
CA ARG G 290 -56.26 27.74 -70.98
C ARG G 290 -54.86 27.40 -70.52
N ILE G 291 -54.37 26.19 -70.81
CA ILE G 291 -53.05 25.78 -70.38
C ILE G 291 -51.99 26.08 -71.43
N LEU G 292 -52.33 25.88 -72.70
CA LEU G 292 -51.42 26.05 -73.83
C LEU G 292 -50.66 27.38 -73.84
N PRO G 293 -51.21 28.48 -73.33
CA PRO G 293 -50.39 29.69 -73.19
C PRO G 293 -49.16 29.54 -72.33
N VAL G 294 -48.91 28.35 -71.78
CA VAL G 294 -47.60 28.05 -71.21
C VAL G 294 -46.74 27.26 -72.17
N ALA G 295 -47.32 26.68 -73.21
CA ALA G 295 -46.51 26.06 -74.26
C ALA G 295 -46.01 27.12 -75.24
N ALA G 296 -46.90 28.02 -75.67
CA ALA G 296 -46.48 29.07 -76.59
C ALA G 296 -45.47 30.00 -75.94
N SER G 297 -45.61 30.29 -74.67
CA SER G 297 -44.61 31.08 -73.96
C SER G 297 -43.36 30.28 -73.65
N TYR G 298 -43.27 29.04 -74.11
CA TYR G 298 -42.05 28.25 -74.03
C TYR G 298 -41.46 27.95 -75.40
N SER G 299 -42.28 27.83 -76.42
CA SER G 299 -41.77 27.76 -77.77
C SER G 299 -41.34 29.09 -78.28
N ALA G 300 -41.24 30.10 -77.41
CA ALA G 300 -40.71 31.40 -77.77
C ALA G 300 -39.64 31.89 -76.81
N VAL G 301 -39.29 31.10 -75.80
CA VAL G 301 -38.15 31.39 -74.95
C VAL G 301 -36.97 30.49 -75.27
N THR G 302 -37.24 29.21 -75.56
CA THR G 302 -36.18 28.32 -75.99
C THR G 302 -35.69 28.67 -77.38
N ARG G 303 -36.46 29.46 -78.14
CA ARG G 303 -35.98 29.99 -79.40
C ARG G 303 -35.18 31.27 -79.20
N PHE G 304 -35.18 31.81 -77.99
CA PHE G 304 -34.34 32.95 -77.65
C PHE G 304 -33.03 32.48 -77.04
N ILE G 305 -33.02 31.29 -76.44
CA ILE G 305 -31.77 30.74 -75.91
C ILE G 305 -30.92 30.18 -77.03
N GLU G 306 -31.54 29.38 -77.90
CA GLU G 306 -30.83 28.71 -79.03
C GLU G 306 -30.42 29.73 -80.10
N GLU G 307 -30.67 31.02 -79.87
CA GLU G 307 -30.33 32.05 -80.85
C GLU G 307 -29.43 33.15 -80.29
N LYS G 308 -29.78 33.72 -79.14
CA LYS G 308 -29.04 34.86 -78.61
C LYS G 308 -27.76 34.47 -77.93
N SER G 309 -27.26 33.25 -78.12
CA SER G 309 -25.99 32.84 -77.56
C SER G 309 -24.85 32.94 -78.56
N SER G 310 -25.10 33.48 -79.75
CA SER G 310 -24.07 33.63 -80.74
C SER G 310 -23.07 34.70 -80.32
N PHE G 311 -21.99 34.81 -81.08
CA PHE G 311 -20.93 35.74 -80.75
C PHE G 311 -21.14 37.14 -81.31
N GLU G 312 -22.17 37.30 -82.14
CA GLU G 312 -22.47 38.63 -82.72
C GLU G 312 -23.58 39.31 -81.89
N TYR G 313 -23.40 39.34 -80.56
CA TYR G 313 -24.40 39.95 -79.66
C TYR G 313 -23.72 40.62 -78.44
N GLY G 314 -22.47 40.26 -78.13
CA GLY G 314 -21.83 40.88 -76.99
C GLY G 314 -21.80 39.97 -75.78
N GLN G 315 -21.29 40.52 -74.70
CA GLN G 315 -21.11 39.78 -73.46
C GLN G 315 -22.27 39.96 -72.50
N VAL G 316 -23.36 40.59 -72.92
CA VAL G 316 -24.55 40.73 -72.09
C VAL G 316 -25.70 39.92 -72.65
N ASN G 317 -25.98 40.03 -73.94
CA ASN G 317 -26.94 39.11 -74.54
C ASN G 317 -26.50 37.66 -74.47
N HIS G 318 -25.33 37.37 -73.92
CA HIS G 318 -24.93 36.01 -73.59
C HIS G 318 -25.39 35.64 -72.19
N ALA G 319 -24.96 36.41 -71.19
CA ALA G 319 -25.33 36.09 -69.81
C ALA G 319 -26.83 36.17 -69.60
N LEU G 320 -27.51 37.09 -70.28
CA LEU G 320 -28.97 37.11 -70.23
C LEU G 320 -29.57 35.85 -70.85
N ALA G 321 -28.85 35.18 -71.75
CA ALA G 321 -29.33 33.94 -72.31
C ALA G 321 -28.85 32.71 -71.56
N ALA G 322 -27.90 32.85 -70.65
CA ALA G 322 -27.54 31.73 -69.80
C ALA G 322 -28.40 31.70 -68.55
N ALA G 323 -28.49 32.82 -67.84
CA ALA G 323 -29.35 32.91 -66.67
C ALA G 323 -30.82 32.73 -67.03
N MET G 324 -31.17 32.83 -68.31
CA MET G 324 -32.49 32.46 -68.79
C MET G 324 -32.54 31.02 -69.25
N ARG G 325 -31.46 30.27 -69.07
CA ARG G 325 -31.43 28.84 -69.38
C ARG G 325 -31.47 27.98 -68.13
N THR G 326 -30.98 28.49 -67.00
CA THR G 326 -31.17 27.78 -65.75
C THR G 326 -32.64 27.61 -65.43
N LEU G 327 -33.48 28.58 -65.80
CA LEU G 327 -34.91 28.47 -65.51
C LEU G 327 -35.55 27.38 -66.35
N VAL G 328 -35.23 27.31 -67.65
CA VAL G 328 -35.84 26.29 -68.49
C VAL G 328 -35.51 24.90 -67.98
N LYS G 329 -34.36 24.73 -67.33
CA LYS G 329 -34.08 23.45 -66.69
C LYS G 329 -35.06 23.19 -65.55
N GLU G 330 -35.29 24.20 -64.71
CA GLU G 330 -36.23 24.05 -63.61
C GLU G 330 -37.67 23.88 -64.09
N HIS G 331 -37.93 24.11 -65.37
CA HIS G 331 -39.22 23.78 -65.95
C HIS G 331 -39.23 22.38 -66.55
N LEU G 332 -38.06 21.87 -66.95
CA LEU G 332 -37.97 20.50 -67.41
C LEU G 332 -38.06 19.50 -66.27
N ILE G 333 -37.96 19.96 -65.03
CA ILE G 333 -38.16 19.09 -63.88
C ILE G 333 -39.61 19.10 -63.42
N LEU G 334 -40.24 20.28 -63.41
CA LEU G 334 -41.64 20.37 -63.03
C LEU G 334 -42.54 19.65 -64.02
N VAL G 335 -41.96 19.12 -65.09
CA VAL G 335 -42.78 18.28 -66.02
C VAL G 335 -42.59 16.82 -65.59
N SER G 336 -41.43 16.51 -65.01
CA SER G 336 -41.07 15.12 -64.61
C SER G 336 -41.87 14.65 -63.39
N GLN G 337 -42.03 15.50 -62.37
CA GLN G 337 -42.71 15.05 -61.12
C GLN G 337 -44.15 14.61 -61.43
N LEU G 338 -44.87 15.37 -62.24
CA LEU G 338 -46.27 15.02 -62.59
C LEU G 338 -46.29 13.70 -63.36
N GLU G 339 -45.32 13.50 -64.26
CA GLU G 339 -45.22 12.24 -65.04
C GLU G 339 -45.14 11.07 -64.07
N GLN G 340 -44.27 11.16 -63.05
CA GLN G 340 -44.11 10.07 -62.06
C GLN G 340 -45.44 9.87 -61.33
N LEU G 341 -46.09 10.98 -60.95
CA LEU G 341 -47.40 10.93 -60.24
C LEU G 341 -48.46 10.34 -61.19
N HIS G 342 -48.41 10.70 -62.47
CA HIS G 342 -49.39 10.19 -63.46
C HIS G 342 -49.28 8.66 -63.56
N ARG G 343 -48.06 8.12 -63.54
CA ARG G 343 -47.84 6.66 -63.63
C ARG G 343 -48.66 5.96 -62.55
N GLN G 344 -49.28 6.76 -61.67
CA GLN G 344 -50.13 6.25 -60.59
C GLN G 344 -51.58 6.69 -60.72
N GLY G 345 -51.95 7.39 -61.79
CA GLY G 345 -53.31 7.83 -61.99
C GLY G 345 -53.73 9.04 -61.20
N LEU G 346 -52.85 9.65 -60.42
CA LEU G 346 -53.21 10.71 -59.51
C LEU G 346 -53.27 12.09 -60.16
N LEU G 347 -53.30 12.18 -61.49
CA LEU G 347 -53.18 13.46 -62.17
C LEU G 347 -54.37 13.63 -63.12
N SER G 348 -55.46 14.17 -62.61
CA SER G 348 -56.59 14.50 -63.45
C SER G 348 -56.37 15.86 -64.09
N LEU G 349 -57.04 16.09 -65.22
CA LEU G 349 -56.85 17.34 -65.95
C LEU G 349 -57.12 18.55 -65.06
N GLN G 350 -58.17 18.47 -64.25
CA GLN G 350 -58.45 19.55 -63.32
C GLN G 350 -57.32 19.74 -62.31
N LYS G 351 -56.56 18.67 -62.05
CA LYS G 351 -55.43 18.78 -61.13
C LYS G 351 -54.24 19.43 -61.81
N LEU G 352 -54.12 19.30 -63.13
CA LEU G 352 -53.02 19.93 -63.84
C LEU G 352 -53.14 21.44 -63.80
N TRP G 353 -54.34 21.96 -64.07
CA TRP G 353 -54.61 23.39 -64.14
C TRP G 353 -54.28 24.11 -62.84
N PHE G 354 -53.97 23.39 -61.78
CA PHE G 354 -53.52 24.02 -60.54
C PHE G 354 -52.02 23.98 -60.38
N TYR G 355 -51.36 22.88 -60.76
CA TYR G 355 -49.94 22.74 -60.47
C TYR G 355 -49.09 23.66 -61.33
N ILE G 356 -49.52 23.92 -62.57
CA ILE G 356 -48.74 24.74 -63.49
C ILE G 356 -48.91 26.23 -63.25
N GLN G 357 -49.75 26.64 -62.31
CA GLN G 357 -49.99 28.06 -62.09
C GLN G 357 -48.72 28.87 -61.91
N PRO G 358 -47.72 28.44 -61.14
CA PRO G 358 -46.48 29.22 -61.09
C PRO G 358 -45.67 29.13 -62.36
N ALA G 359 -45.66 27.98 -63.03
CA ALA G 359 -44.90 27.86 -64.27
C ALA G 359 -45.59 28.55 -65.45
N MET G 360 -46.81 29.02 -65.27
CA MET G 360 -47.49 29.83 -66.27
C MET G 360 -47.22 31.31 -66.08
N ARG G 361 -46.79 31.72 -64.89
CA ARG G 361 -46.46 33.11 -64.62
C ARG G 361 -44.98 33.41 -64.81
N THR G 362 -44.09 32.45 -64.53
CA THR G 362 -42.68 32.67 -64.81
C THR G 362 -42.41 32.66 -66.30
N MET G 363 -42.90 31.66 -67.01
CA MET G 363 -42.74 31.63 -68.46
C MET G 363 -43.50 32.74 -69.16
N ASP G 364 -44.21 33.60 -68.44
CA ASP G 364 -44.84 34.77 -69.02
C ASP G 364 -44.05 36.05 -68.77
N ILE G 365 -43.00 35.98 -67.95
CA ILE G 365 -42.06 37.09 -67.86
C ILE G 365 -40.91 36.91 -68.84
N LEU G 366 -40.35 35.70 -68.92
CA LEU G 366 -39.26 35.45 -69.84
C LEU G 366 -39.71 35.55 -71.29
N ALA G 367 -41.00 35.37 -71.56
CA ALA G 367 -41.51 35.56 -72.92
C ALA G 367 -41.92 36.99 -73.19
N SER G 368 -41.70 37.90 -72.24
CA SER G 368 -41.89 39.33 -72.46
C SER G 368 -40.58 40.11 -72.51
N LEU G 369 -39.52 39.60 -71.88
CA LEU G 369 -38.20 40.18 -72.09
C LEU G 369 -37.61 39.72 -73.40
N ALA G 370 -37.83 38.47 -73.77
CA ALA G 370 -37.37 37.96 -75.05
C ALA G 370 -38.09 38.56 -76.24
N THR G 371 -39.09 39.40 -76.01
CA THR G 371 -39.74 40.14 -77.09
C THR G 371 -39.57 41.64 -76.95
N SER G 372 -39.07 42.13 -75.82
CA SER G 372 -38.72 43.52 -75.65
C SER G 372 -37.21 43.75 -75.75
N VAL G 373 -36.46 42.70 -76.07
CA VAL G 373 -35.03 42.82 -76.31
C VAL G 373 -34.81 42.75 -77.82
N ASP G 374 -35.74 42.11 -78.52
CA ASP G 374 -35.69 42.03 -79.97
C ASP G 374 -36.52 43.09 -80.68
N LYS G 375 -37.45 43.75 -79.97
CA LYS G 375 -38.20 44.83 -80.58
C LYS G 375 -37.27 45.97 -80.98
N GLY G 376 -36.61 46.57 -80.00
CA GLY G 376 -35.54 47.49 -80.26
C GLY G 376 -34.23 46.78 -80.01
N GLU G 377 -33.40 46.70 -81.06
CA GLU G 377 -32.17 45.94 -80.97
C GLU G 377 -31.29 46.45 -79.84
N CYS G 378 -31.13 45.65 -78.79
CA CYS G 378 -30.36 46.01 -77.62
C CYS G 378 -29.18 45.09 -77.47
N LEU G 379 -27.99 45.67 -77.29
CA LEU G 379 -26.80 44.91 -76.98
C LEU G 379 -25.86 45.83 -76.21
N GLY G 380 -25.30 45.32 -75.13
CA GLY G 380 -24.40 46.12 -74.31
C GLY G 380 -25.13 46.81 -73.16
N GLY G 381 -25.30 48.12 -73.27
CA GLY G 381 -25.90 48.87 -72.19
C GLY G 381 -27.40 48.97 -72.27
N SER G 382 -27.93 49.17 -73.49
CA SER G 382 -29.37 49.34 -73.63
C SER G 382 -30.13 48.06 -73.30
N THR G 383 -29.47 46.91 -73.38
CA THR G 383 -30.02 45.67 -72.87
C THR G 383 -29.72 45.48 -71.39
N LEU G 384 -29.28 46.53 -70.72
CA LEU G 384 -29.20 46.56 -69.28
C LEU G 384 -29.99 47.70 -68.69
N SER G 385 -30.37 48.69 -69.50
CA SER G 385 -31.35 49.67 -69.09
C SER G 385 -32.74 49.05 -69.02
N LEU G 386 -33.05 48.16 -69.98
CA LEU G 386 -34.36 47.53 -70.02
C LEU G 386 -34.57 46.66 -68.80
N LEU G 387 -33.54 45.94 -68.35
CA LEU G 387 -33.64 45.09 -67.19
C LEU G 387 -33.52 45.83 -65.88
N HIS G 388 -33.44 47.16 -65.90
CA HIS G 388 -33.57 47.97 -64.71
C HIS G 388 -34.89 48.72 -64.66
N ASP G 389 -35.62 48.78 -65.76
CA ASP G 389 -36.96 49.35 -65.81
C ASP G 389 -38.04 48.28 -65.75
N ARG G 390 -37.84 47.15 -66.43
CA ARG G 390 -38.75 46.02 -66.26
C ARG G 390 -38.65 45.41 -64.88
N SER G 391 -37.70 45.85 -64.06
CA SER G 391 -37.62 45.41 -62.68
C SER G 391 -38.17 46.44 -61.70
N PHE G 392 -38.38 47.67 -62.15
CA PHE G 392 -39.01 48.69 -61.32
C PHE G 392 -40.51 48.76 -61.56
N SER G 393 -40.96 48.37 -62.74
CA SER G 393 -42.40 48.31 -63.00
C SER G 393 -43.08 47.27 -62.13
N TYR G 394 -42.36 46.23 -61.72
CA TYR G 394 -42.87 45.24 -60.78
C TYR G 394 -42.40 45.56 -59.36
N THR G 395 -42.74 46.75 -58.87
CA THR G 395 -42.28 47.13 -57.54
C THR G 395 -43.16 46.64 -56.42
N GLY G 396 -44.23 45.92 -56.73
CA GLY G 396 -45.10 45.44 -55.68
C GLY G 396 -45.59 44.02 -55.90
N ASP G 397 -45.08 43.36 -56.93
CA ASP G 397 -45.52 41.99 -57.23
C ASP G 397 -44.81 41.00 -56.33
N SER G 398 -43.48 41.11 -56.21
CA SER G 398 -42.66 40.32 -55.29
C SER G 398 -42.59 38.85 -55.68
N GLN G 399 -43.32 38.46 -56.72
CA GLN G 399 -43.16 37.15 -57.34
C GLN G 399 -42.64 37.26 -58.76
N ALA G 400 -42.72 38.44 -59.36
CA ALA G 400 -42.08 38.74 -60.64
C ALA G 400 -41.06 39.86 -60.51
N GLN G 401 -40.71 40.24 -59.28
CA GLN G 401 -39.57 41.11 -59.04
C GLN G 401 -38.38 40.37 -58.46
N GLU G 402 -38.60 39.32 -57.68
CA GLU G 402 -37.52 38.44 -57.30
C GLU G 402 -36.97 37.69 -58.49
N LEU G 403 -37.68 37.69 -59.62
CA LEU G 403 -37.19 37.08 -60.85
C LEU G 403 -36.38 38.08 -61.67
N CYS G 404 -37.01 39.19 -62.08
CA CYS G 404 -36.31 40.19 -62.86
C CYS G 404 -35.14 40.82 -62.11
N LEU G 405 -35.02 40.55 -60.82
CA LEU G 405 -33.81 40.92 -60.09
C LEU G 405 -32.78 39.80 -60.08
N TYR G 406 -33.15 38.61 -60.53
CA TYR G 406 -32.16 37.55 -60.75
C TYR G 406 -31.56 37.63 -62.14
N LEU G 407 -32.31 38.15 -63.11
CA LEU G 407 -31.77 38.31 -64.45
C LEU G 407 -30.79 39.48 -64.51
N THR G 408 -31.18 40.63 -63.97
CA THR G 408 -30.30 41.79 -63.98
C THR G 408 -29.03 41.54 -63.19
N LYS G 409 -29.15 40.89 -62.03
CA LYS G 409 -27.98 40.59 -61.24
C LYS G 409 -27.04 39.59 -61.91
N ALA G 410 -27.50 38.93 -62.97
CA ALA G 410 -26.70 37.97 -63.71
C ALA G 410 -26.32 38.44 -65.10
N ALA G 411 -27.12 39.31 -65.71
CA ALA G 411 -26.82 39.86 -67.02
C ALA G 411 -26.04 41.15 -66.93
N SER G 412 -25.37 41.41 -65.81
CA SER G 412 -24.58 42.61 -65.64
C SER G 412 -23.21 42.33 -65.05
N ALA G 413 -22.90 41.09 -64.71
CA ALA G 413 -21.54 40.77 -64.29
C ALA G 413 -20.53 40.96 -65.41
N PRO G 414 -20.78 40.52 -66.65
CA PRO G 414 -19.76 40.76 -67.69
C PRO G 414 -19.56 42.23 -67.99
N TYR G 415 -20.63 43.03 -67.94
CA TYR G 415 -20.47 44.47 -68.10
C TYR G 415 -19.70 45.07 -66.94
N PHE G 416 -19.87 44.53 -65.74
CA PHE G 416 -19.19 45.06 -64.57
C PHE G 416 -17.78 44.51 -64.40
N GLU G 417 -17.35 43.56 -65.22
CA GLU G 417 -15.98 43.07 -65.12
C GLU G 417 -15.04 43.83 -66.02
N VAL G 418 -15.56 44.58 -67.00
CA VAL G 418 -14.72 45.53 -67.73
C VAL G 418 -14.70 46.88 -67.04
N LEU G 419 -15.77 47.23 -66.31
CA LEU G 419 -15.77 48.46 -65.54
C LEU G 419 -14.73 48.41 -64.43
N GLU G 420 -14.48 47.24 -63.87
CA GLU G 420 -13.43 47.07 -62.88
C GLU G 420 -12.03 47.08 -63.51
N LYS G 421 -11.95 47.13 -64.84
CA LYS G 421 -10.69 47.33 -65.53
C LYS G 421 -10.49 48.75 -66.00
N TRP G 422 -11.57 49.52 -66.11
CA TRP G 422 -11.48 50.90 -66.56
C TRP G 422 -11.38 51.91 -65.42
N ILE G 423 -11.79 51.53 -64.22
CA ILE G 423 -11.68 52.43 -63.08
C ILE G 423 -10.38 52.19 -62.31
N TYR G 424 -10.05 50.92 -62.05
CA TYR G 424 -8.84 50.60 -61.31
C TYR G 424 -7.61 50.56 -62.21
N ARG G 425 -7.80 50.56 -63.52
CA ARG G 425 -6.70 50.65 -64.48
C ARG G 425 -7.22 51.35 -65.72
N GLY G 426 -6.34 51.59 -66.67
CA GLY G 426 -6.74 52.31 -67.86
C GLY G 426 -7.12 51.46 -69.04
N ILE G 427 -6.94 50.16 -68.96
CA ILE G 427 -7.15 49.27 -70.10
C ILE G 427 -8.63 49.00 -70.31
N ILE G 428 -9.06 49.09 -71.56
CA ILE G 428 -10.44 48.83 -71.96
C ILE G 428 -10.41 47.69 -72.98
N HIS G 429 -10.91 46.52 -72.59
CA HIS G 429 -10.85 45.38 -73.50
C HIS G 429 -12.01 45.42 -74.49
N ASP G 430 -13.24 45.25 -74.00
CA ASP G 430 -14.48 45.40 -74.75
C ASP G 430 -14.38 44.97 -76.21
N PRO G 431 -14.15 43.69 -76.50
CA PRO G 431 -13.96 43.28 -77.90
C PRO G 431 -15.10 43.71 -78.80
N TYR G 432 -16.33 43.41 -78.43
CA TYR G 432 -17.49 43.92 -79.14
C TYR G 432 -17.76 45.34 -78.68
N SER G 433 -18.18 46.19 -79.61
CA SER G 433 -18.36 47.60 -79.28
C SER G 433 -19.61 47.80 -78.43
N GLU G 434 -19.49 47.62 -77.13
CA GLU G 434 -20.65 47.72 -76.24
C GLU G 434 -20.42 48.55 -74.98
N PHE G 435 -19.18 48.76 -74.56
CA PHE G 435 -18.95 49.51 -73.34
C PHE G 435 -19.32 50.98 -73.55
N MET G 436 -19.51 51.69 -72.43
CA MET G 436 -19.94 53.08 -72.52
C MET G 436 -18.83 53.98 -73.05
N VAL G 437 -17.57 53.61 -72.84
CA VAL G 437 -16.41 54.41 -73.23
C VAL G 437 -15.64 53.66 -74.30
N GLU G 438 -15.39 54.32 -75.42
CA GLU G 438 -14.59 53.75 -76.50
C GLU G 438 -13.37 54.64 -76.75
N GLU G 439 -12.25 54.01 -77.04
CA GLU G 439 -11.02 54.74 -77.32
C GLU G 439 -10.94 55.08 -78.80
N HIS G 440 -9.91 55.85 -79.16
CA HIS G 440 -9.70 56.27 -80.54
C HIS G 440 -8.21 56.24 -80.83
N GLU G 441 -7.84 56.74 -82.01
CA GLU G 441 -6.44 56.84 -82.39
C GLU G 441 -6.15 58.19 -83.02
N TYR G 455 -6.02 67.70 -77.84
CA TYR G 455 -5.23 66.56 -78.25
C TYR G 455 -5.68 65.29 -77.55
N TRP G 456 -6.37 65.45 -76.41
CA TRP G 456 -6.89 64.32 -75.67
C TRP G 456 -8.39 64.39 -75.44
N ASP G 457 -9.06 65.44 -75.90
CA ASP G 457 -10.52 65.45 -75.81
C ASP G 457 -11.19 64.59 -76.87
N GLN G 458 -10.42 63.96 -77.75
CA GLN G 458 -10.95 63.08 -78.78
C GLN G 458 -10.52 61.64 -78.60
N ARG G 459 -9.63 61.36 -77.65
CA ARG G 459 -9.14 59.99 -77.46
C ARG G 459 -10.26 59.08 -76.92
N TYR G 460 -10.78 59.38 -75.74
CA TYR G 460 -11.86 58.62 -75.14
C TYR G 460 -13.13 59.46 -75.13
N THR G 461 -14.20 58.93 -75.69
CA THR G 461 -15.45 59.66 -75.81
C THR G 461 -16.58 58.83 -75.20
N ILE G 462 -17.43 59.49 -74.42
CA ILE G 462 -18.60 58.83 -73.86
C ILE G 462 -19.57 58.51 -74.99
N VAL G 463 -19.98 57.25 -75.07
CA VAL G 463 -21.02 56.83 -76.01
C VAL G 463 -22.36 56.99 -75.32
N GLN G 464 -23.33 57.58 -76.02
CA GLN G 464 -24.58 57.95 -75.38
C GLN G 464 -25.55 56.78 -75.30
N GLN G 465 -25.57 55.93 -76.32
CA GLN G 465 -26.52 54.82 -76.33
C GLN G 465 -26.25 53.85 -75.20
N GLN G 466 -25.01 53.41 -75.06
CA GLN G 466 -24.67 52.35 -74.11
C GLN G 466 -24.37 52.91 -72.72
N ILE G 467 -25.39 53.54 -72.14
CA ILE G 467 -25.36 53.99 -70.75
C ILE G 467 -26.46 53.24 -70.01
N PRO G 468 -26.15 52.54 -68.91
CA PRO G 468 -27.13 51.63 -68.31
C PRO G 468 -28.34 52.31 -67.66
N SER G 469 -28.43 53.63 -67.68
CA SER G 469 -29.55 54.38 -67.14
C SER G 469 -29.72 54.20 -65.64
N PHE G 470 -28.81 53.48 -65.00
CA PHE G 470 -28.65 53.57 -63.56
C PHE G 470 -27.27 54.04 -63.17
N LEU G 471 -26.35 54.16 -64.13
CA LEU G 471 -25.11 54.90 -63.97
C LEU G 471 -25.19 56.28 -64.60
N GLN G 472 -26.39 56.70 -65.00
CA GLN G 472 -26.54 58.00 -65.66
C GLN G 472 -26.10 59.14 -64.76
N LYS G 473 -26.26 58.98 -63.45
CA LYS G 473 -25.84 60.04 -62.52
C LYS G 473 -24.32 60.21 -62.55
N MET G 474 -23.58 59.11 -62.67
CA MET G 474 -22.13 59.14 -62.66
C MET G 474 -21.55 58.78 -64.03
N ALA G 475 -22.24 59.19 -65.10
CA ALA G 475 -21.72 58.94 -66.44
C ALA G 475 -20.47 59.75 -66.75
N ASP G 476 -20.14 60.74 -65.92
CA ASP G 476 -18.98 61.59 -66.13
C ASP G 476 -17.78 61.18 -65.29
N LYS G 477 -17.99 60.85 -64.02
CA LYS G 477 -16.89 60.44 -63.17
C LYS G 477 -16.26 59.13 -63.62
N ILE G 478 -17.00 58.31 -64.37
CA ILE G 478 -16.41 57.09 -64.90
C ILE G 478 -15.35 57.43 -65.95
N LEU G 479 -15.71 58.23 -66.94
CA LEU G 479 -14.76 58.61 -67.97
C LEU G 479 -13.64 59.46 -67.40
N SER G 480 -13.96 60.39 -66.51
CA SER G 480 -12.95 61.23 -65.90
C SER G 480 -12.01 60.46 -64.98
N THR G 481 -12.30 59.20 -64.69
CA THR G 481 -11.46 58.42 -63.79
C THR G 481 -10.32 57.76 -64.55
N GLY G 482 -10.64 56.97 -65.57
CA GLY G 482 -9.61 56.26 -66.30
C GLY G 482 -8.72 57.18 -67.11
N LYS G 483 -9.28 58.26 -67.64
CA LYS G 483 -8.47 59.19 -68.41
C LYS G 483 -7.33 59.75 -67.58
N TYR G 484 -7.55 59.97 -66.29
CA TYR G 484 -6.45 60.37 -65.42
C TYR G 484 -5.43 59.25 -65.29
N LEU G 485 -5.88 58.00 -65.32
CA LEU G 485 -4.96 56.88 -65.18
C LEU G 485 -4.07 56.69 -66.39
N ASN G 486 -4.47 57.22 -67.55
CA ASN G 486 -3.67 56.98 -68.75
C ASN G 486 -2.58 58.03 -68.95
N VAL G 487 -2.79 59.25 -68.49
CA VAL G 487 -1.80 60.30 -68.69
C VAL G 487 -0.71 60.16 -67.62
N VAL G 488 -0.82 59.14 -66.78
CA VAL G 488 0.21 58.80 -65.81
C VAL G 488 0.87 57.47 -66.15
N ARG G 489 0.09 56.51 -66.66
CA ARG G 489 0.64 55.20 -66.96
C ARG G 489 1.65 55.27 -68.10
N GLU G 490 1.32 56.01 -69.16
CA GLU G 490 2.22 56.09 -70.31
C GLU G 490 3.46 56.94 -70.04
N CYS G 491 3.47 57.72 -68.95
CA CYS G 491 4.62 58.54 -68.60
C CYS G 491 5.49 57.89 -67.52
N GLY G 492 4.89 57.34 -66.47
CA GLY G 492 5.64 56.69 -65.42
C GLY G 492 4.90 56.61 -64.10
N GLU G 502 -13.74 45.51 -56.00
CA GLU G 502 -14.76 44.62 -56.54
C GLU G 502 -16.15 45.26 -56.47
N ILE G 503 -16.92 45.17 -57.55
CA ILE G 503 -18.21 45.84 -57.68
C ILE G 503 -19.28 44.81 -57.98
N ILE G 504 -20.40 44.90 -57.25
CA ILE G 504 -21.54 44.02 -57.42
C ILE G 504 -22.80 44.86 -57.58
N TYR G 505 -23.82 44.26 -58.17
CA TYR G 505 -25.09 44.95 -58.40
C TYR G 505 -26.06 44.67 -57.27
N THR G 506 -26.68 45.73 -56.74
CA THR G 506 -27.75 45.61 -55.77
C THR G 506 -28.82 46.65 -56.08
N LEU G 507 -30.07 46.30 -55.78
CA LEU G 507 -31.18 47.22 -55.91
C LEU G 507 -31.58 47.72 -54.53
N LYS G 508 -31.90 49.01 -54.45
CA LYS G 508 -32.21 49.73 -53.21
C LYS G 508 -31.01 49.84 -52.27
N GLU G 509 -29.83 49.38 -52.72
CA GLU G 509 -28.58 49.63 -52.01
C GLU G 509 -27.56 50.09 -53.03
N ARG G 510 -26.79 51.13 -52.69
CA ARG G 510 -25.85 51.76 -53.60
C ARG G 510 -24.42 51.34 -53.31
N ALA G 511 -24.22 50.07 -52.97
CA ALA G 511 -22.89 49.57 -52.65
C ALA G 511 -21.91 49.70 -53.80
N TYR G 512 -22.37 50.08 -54.99
CA TYR G 512 -21.48 50.37 -56.10
C TYR G 512 -21.33 51.86 -56.37
N VAL G 513 -22.38 52.66 -56.15
CA VAL G 513 -22.28 54.09 -56.38
C VAL G 513 -21.21 54.70 -55.49
N GLU G 514 -21.19 54.31 -54.22
CA GLU G 514 -20.12 54.77 -53.34
C GLU G 514 -18.77 54.20 -53.76
N GLN G 515 -18.76 53.01 -54.35
CA GLN G 515 -17.50 52.36 -54.70
C GLN G 515 -16.79 53.09 -55.83
N ILE G 516 -17.53 53.71 -56.73
CA ILE G 516 -16.91 54.45 -57.83
C ILE G 516 -16.22 55.70 -57.30
N GLU G 517 -16.82 56.36 -56.31
CA GLU G 517 -16.22 57.57 -55.77
C GLU G 517 -14.94 57.27 -55.00
N LYS G 518 -14.89 56.15 -54.28
CA LYS G 518 -13.69 55.82 -53.52
C LYS G 518 -12.50 55.53 -54.43
N ALA G 519 -12.74 55.30 -55.72
CA ALA G 519 -11.67 55.12 -56.69
C ALA G 519 -11.39 56.38 -57.49
N PHE G 520 -12.43 57.12 -57.89
CA PHE G 520 -12.21 58.38 -58.58
C PHE G 520 -11.46 59.36 -57.70
N ASN G 521 -11.73 59.34 -56.39
CA ASN G 521 -11.03 60.22 -55.47
C ASN G 521 -9.57 59.84 -55.30
N TYR G 522 -9.19 58.61 -55.65
CA TYR G 522 -7.79 58.26 -55.76
C TYR G 522 -7.25 58.40 -57.17
N ALA G 523 -8.11 58.21 -58.17
CA ALA G 523 -7.68 58.38 -59.54
C ALA G 523 -7.15 59.78 -59.80
N SER G 524 -7.72 60.77 -59.12
CA SER G 524 -7.27 62.15 -59.27
C SER G 524 -6.08 62.49 -58.40
N LYS G 525 -6.06 61.99 -57.16
CA LYS G 525 -5.00 62.35 -56.22
C LYS G 525 -3.64 61.87 -56.69
N VAL G 526 -3.58 60.86 -57.55
CA VAL G 526 -2.29 60.43 -58.06
C VAL G 526 -1.84 61.32 -59.22
N LEU G 527 -2.77 61.81 -60.03
CA LEU G 527 -2.39 62.65 -61.17
C LEU G 527 -2.09 64.07 -60.74
N LEU G 528 -2.94 64.66 -59.89
CA LEU G 528 -2.70 66.01 -59.43
C LEU G 528 -1.36 66.13 -58.72
N ASP G 529 -1.06 65.17 -57.84
CA ASP G 529 0.23 65.19 -57.17
C ASP G 529 1.36 64.89 -58.14
N PHE G 530 1.07 64.16 -59.23
CA PHE G 530 2.10 63.88 -60.22
C PHE G 530 2.57 65.16 -60.91
N LEU G 531 1.68 66.15 -60.98
CA LEU G 531 1.97 67.40 -61.73
C LEU G 531 2.36 68.55 -60.79
N MET G 532 2.64 68.25 -59.51
CA MET G 532 3.03 69.33 -58.57
C MET G 532 4.44 69.08 -58.04
N GLU G 533 4.78 67.83 -57.71
CA GLU G 533 6.10 67.49 -57.21
C GLU G 533 7.05 67.13 -58.34
N GLU G 534 6.73 66.10 -59.12
CA GLU G 534 7.48 65.79 -60.32
C GLU G 534 6.97 66.64 -61.47
N LYS G 535 7.91 67.17 -62.27
CA LYS G 535 7.65 68.11 -63.40
C LYS G 535 6.69 69.20 -62.91
N GLU G 536 7.10 69.92 -61.85
CA GLU G 536 6.22 70.88 -61.13
C GLU G 536 5.61 71.91 -62.07
N LEU G 537 4.27 71.98 -62.04
CA LEU G 537 3.46 72.96 -62.82
C LEU G 537 3.65 74.37 -62.24
N VAL G 538 3.52 74.48 -60.92
CA VAL G 538 3.63 75.77 -60.18
C VAL G 538 4.98 76.42 -60.50
N ALA G 539 6.08 75.69 -60.30
CA ALA G 539 7.43 76.24 -60.59
C ALA G 539 7.53 76.57 -62.08
N HIS G 540 7.00 75.69 -62.93
CA HIS G 540 7.02 75.92 -64.40
C HIS G 540 6.19 77.17 -64.73
N LEU G 541 5.05 77.34 -64.05
CA LEU G 541 4.17 78.51 -64.28
C LEU G 541 4.94 79.78 -63.90
N ARG G 542 5.69 79.73 -62.80
CA ARG G 542 6.48 80.90 -62.32
C ARG G 542 7.52 81.24 -63.39
N SER G 543 8.15 80.22 -63.98
CA SER G 543 9.18 80.43 -65.03
C SER G 543 8.52 81.11 -66.24
N ILE G 544 7.31 80.66 -66.61
CA ILE G 544 6.59 81.24 -67.78
C ILE G 544 6.29 82.71 -67.49
N LYS G 545 5.86 83.02 -66.26
CA LYS G 545 5.53 84.40 -65.85
C LYS G 545 6.78 85.28 -65.91
N ARG G 546 7.92 84.73 -65.46
CA ARG G 546 9.20 85.48 -65.42
C ARG G 546 9.49 86.21 -66.73
N TYR G 547 8.98 85.70 -67.86
CA TYR G 547 9.25 86.37 -69.16
C TYR G 547 7.93 86.89 -69.76
N PHE G 548 6.95 86.00 -69.94
CA PHE G 548 5.65 86.38 -70.55
C PHE G 548 5.01 87.54 -69.79
N LEU G 549 5.01 87.49 -68.46
CA LEU G 549 4.41 88.58 -67.63
C LEU G 549 5.48 89.64 -67.33
N MET G 550 6.74 89.37 -67.73
CA MET G 550 7.88 90.31 -67.53
C MET G 550 7.95 90.75 -66.06
N ASP G 551 7.85 89.81 -65.12
CA ASP G 551 7.96 90.14 -63.68
C ASP G 551 9.43 90.45 -63.38
N GLN G 552 10.27 90.31 -64.41
CA GLN G 552 11.72 90.54 -64.33
C GLN G 552 12.04 91.83 -65.07
N GLY G 553 12.58 92.80 -64.35
CA GLY G 553 12.91 94.08 -64.94
C GLY G 553 14.28 94.11 -65.54
N ASP G 554 15.23 93.43 -64.90
CA ASP G 554 16.66 93.40 -65.33
C ASP G 554 16.84 92.74 -66.70
N PHE G 555 15.81 92.07 -67.22
CA PHE G 555 15.91 91.41 -68.51
C PHE G 555 15.43 92.28 -69.66
N PHE G 556 14.45 93.15 -69.42
CA PHE G 556 13.92 93.97 -70.51
C PHE G 556 14.71 95.25 -70.70
N VAL G 557 15.13 95.90 -69.61
CA VAL G 557 15.91 97.12 -69.73
C VAL G 557 17.23 96.85 -70.42
N HIS G 558 17.64 95.57 -70.43
CA HIS G 558 18.93 95.16 -71.05
C HIS G 558 18.70 94.58 -72.45
N PHE G 559 17.46 94.13 -72.75
CA PHE G 559 17.18 93.56 -74.06
C PHE G 559 16.80 94.63 -75.07
N MET G 560 15.88 95.52 -74.70
CA MET G 560 15.50 96.60 -75.60
C MET G 560 16.67 97.56 -75.83
N ASP G 561 17.58 97.66 -74.86
CA ASP G 561 18.74 98.51 -75.04
C ASP G 561 19.68 97.95 -76.09
N LEU G 562 19.68 96.63 -76.29
CA LEU G 562 20.54 96.00 -77.27
C LEU G 562 19.85 95.80 -78.61
N ALA G 563 18.58 95.44 -78.60
CA ALA G 563 17.85 95.07 -79.82
C ALA G 563 16.86 96.15 -80.23
N GLU G 564 17.21 97.42 -80.08
CA GLU G 564 16.34 98.50 -80.52
C GLU G 564 16.60 98.87 -81.98
N GLU G 565 17.88 99.09 -82.32
CA GLU G 565 18.23 99.44 -83.69
C GLU G 565 17.79 98.36 -84.66
N GLU G 566 17.77 97.11 -84.21
CA GLU G 566 17.41 95.98 -85.05
C GLU G 566 15.92 95.65 -84.98
N LEU G 567 15.12 96.47 -84.30
CA LEU G 567 13.68 96.32 -84.31
C LEU G 567 12.95 97.42 -85.07
N ARG G 568 13.54 98.61 -85.17
CA ARG G 568 12.92 99.68 -85.95
C ARG G 568 12.93 99.40 -87.44
N LYS G 569 13.75 98.46 -87.89
CA LYS G 569 13.74 98.05 -89.28
C LYS G 569 12.38 97.40 -89.59
N PRO G 570 11.92 97.48 -90.84
CA PRO G 570 10.60 96.95 -91.17
C PRO G 570 10.56 95.43 -91.11
N VAL G 571 9.34 94.91 -91.18
CA VAL G 571 9.15 93.46 -91.19
C VAL G 571 9.72 92.89 -92.50
N GLU G 572 9.89 91.56 -92.51
CA GLU G 572 10.55 90.81 -93.60
C GLU G 572 11.86 91.48 -94.02
N ASP G 573 12.56 92.04 -93.04
CA ASP G 573 13.88 92.61 -93.26
C ASP G 573 14.89 92.21 -92.18
N ILE G 574 14.44 91.62 -91.08
CA ILE G 574 15.30 91.26 -89.95
C ILE G 574 15.46 89.75 -89.93
N THR G 575 16.70 89.31 -89.72
CA THR G 575 17.00 87.89 -89.69
C THR G 575 16.83 87.35 -88.27
N PRO G 576 15.94 86.38 -88.05
CA PRO G 576 15.78 85.81 -86.72
C PRO G 576 17.08 85.27 -86.13
N PRO G 577 18.03 84.78 -86.94
CA PRO G 577 19.34 84.45 -86.38
C PRO G 577 20.06 85.64 -85.74
N ARG G 578 19.59 86.86 -85.97
CA ARG G 578 20.19 88.03 -85.33
C ARG G 578 19.50 88.39 -84.03
N LEU G 579 18.19 88.18 -83.94
CA LEU G 579 17.47 88.49 -82.71
C LEU G 579 17.76 87.46 -81.64
N GLU G 580 17.61 86.18 -82.00
CA GLU G 580 17.83 85.02 -81.08
C GLU G 580 19.13 85.17 -80.30
N ALA G 581 20.24 85.43 -81.00
CA ALA G 581 21.56 85.56 -80.32
C ALA G 581 21.52 86.75 -79.35
N LEU G 582 20.94 87.87 -79.76
CA LEU G 582 20.85 89.07 -78.89
C LEU G 582 20.01 88.76 -77.65
N LEU G 583 18.88 88.05 -77.84
CA LEU G 583 17.96 87.70 -76.74
C LEU G 583 18.68 86.78 -75.73
N GLU G 584 19.43 85.80 -76.23
CA GLU G 584 20.16 84.82 -75.38
C GLU G 584 21.24 85.55 -74.58
N LEU G 585 22.04 86.40 -75.24
CA LEU G 585 23.15 87.14 -74.57
C LEU G 585 22.57 88.03 -73.48
N ALA G 586 21.43 88.69 -73.76
CA ALA G 586 20.79 89.59 -72.78
C ALA G 586 20.37 88.81 -71.53
N LEU G 587 19.80 87.61 -71.71
CA LEU G 587 19.34 86.78 -70.57
C LEU G 587 20.54 86.40 -69.68
N ARG G 588 21.66 85.99 -70.29
CA ARG G 588 22.87 85.60 -69.52
C ARG G 588 23.39 86.82 -68.76
N MET G 589 23.44 87.98 -69.43
CA MET G 589 23.92 89.25 -68.82
C MET G 589 23.00 89.66 -67.67
N SER G 590 21.69 89.50 -67.85
CA SER G 590 20.68 89.90 -66.84
C SER G 590 20.65 88.91 -65.66
N THR G 591 20.04 89.34 -64.55
CA THR G 591 19.89 88.55 -63.34
C THR G 591 18.89 87.41 -63.49
N ALA G 592 18.38 87.18 -64.69
CA ALA G 592 17.55 86.01 -64.97
C ALA G 592 18.37 84.76 -65.18
N ASN G 593 19.68 84.84 -64.88
CA ASN G 593 20.63 83.71 -65.06
C ASN G 593 20.28 82.53 -64.15
N THR G 594 19.55 82.80 -63.07
CA THR G 594 19.13 81.75 -62.12
C THR G 594 17.70 81.31 -62.44
N ASP G 595 17.57 80.66 -63.59
CA ASP G 595 16.28 80.18 -64.04
C ASP G 595 16.44 78.87 -64.80
N PRO G 596 16.03 77.75 -64.22
CA PRO G 596 16.23 76.45 -64.89
C PRO G 596 15.51 76.34 -66.22
N PHE G 597 14.37 76.99 -66.38
CA PHE G 597 13.54 76.85 -67.58
C PHE G 597 13.75 77.97 -68.58
N LYS G 598 14.83 78.74 -68.41
CA LYS G 598 15.16 79.90 -69.28
C LYS G 598 15.59 79.42 -70.66
N ASP G 599 15.52 78.11 -70.92
CA ASP G 599 15.94 77.55 -72.23
C ASP G 599 14.72 77.24 -73.10
N ASP G 600 13.57 77.85 -72.81
CA ASP G 600 12.37 77.59 -73.58
C ASP G 600 11.76 78.86 -74.16
N LEU G 601 12.52 79.94 -74.21
CA LEU G 601 12.06 81.19 -74.80
C LEU G 601 12.45 81.23 -76.27
N LYS G 602 11.46 81.42 -77.14
CA LYS G 602 11.69 81.51 -78.57
C LYS G 602 11.05 82.78 -79.11
N ILE G 603 11.67 83.34 -80.14
CA ILE G 603 11.15 84.53 -80.79
C ILE G 603 10.06 84.12 -81.78
N ASP G 604 8.95 84.86 -81.77
CA ASP G 604 7.83 84.57 -82.65
C ASP G 604 7.29 85.89 -83.17
N LEU G 605 7.53 86.20 -84.44
CA LEU G 605 7.09 87.44 -85.05
C LEU G 605 5.68 87.22 -85.60
N MET G 606 4.69 87.84 -84.96
CA MET G 606 3.32 87.68 -85.40
C MET G 606 3.12 88.37 -86.74
N PRO G 607 2.26 87.84 -87.61
CA PRO G 607 2.00 88.54 -88.88
C PRO G 607 1.14 89.78 -88.70
N HIS G 608 0.10 89.70 -87.89
CA HIS G 608 -0.79 90.82 -87.66
C HIS G 608 -0.37 91.60 -86.42
N ASP G 609 -0.69 92.89 -86.40
CA ASP G 609 -0.44 93.71 -85.23
C ASP G 609 -1.49 93.42 -84.17
N LEU G 610 -1.47 94.22 -83.10
CA LEU G 610 -2.48 94.11 -82.05
C LEU G 610 -3.73 94.83 -82.54
N ILE G 611 -4.49 94.13 -83.38
CA ILE G 611 -5.67 94.70 -84.01
C ILE G 611 -6.72 95.08 -82.98
N SER G 639 6.29 98.03 -89.80
CA SER G 639 6.13 97.09 -88.71
C SER G 639 7.42 96.96 -87.90
N GLY G 640 7.92 95.74 -87.79
CA GLY G 640 9.17 95.50 -87.06
C GLY G 640 9.08 95.46 -85.56
N LEU G 641 8.61 96.55 -84.95
CA LEU G 641 8.50 96.63 -83.50
C LEU G 641 7.18 96.09 -82.98
N GLU G 642 6.08 96.36 -83.68
CA GLU G 642 4.77 95.90 -83.28
C GLU G 642 4.50 94.46 -83.69
N ALA G 643 5.54 93.72 -84.10
CA ALA G 643 5.41 92.34 -84.52
C ALA G 643 6.45 91.48 -83.84
N PHE G 644 6.61 91.65 -82.53
CA PHE G 644 7.58 90.89 -81.74
C PHE G 644 6.91 90.38 -80.48
N SER G 645 7.08 89.09 -80.20
CA SER G 645 6.44 88.48 -79.04
C SER G 645 7.10 87.13 -78.77
N PHE G 646 7.30 86.85 -77.49
CA PHE G 646 7.93 85.59 -77.10
C PHE G 646 7.02 84.41 -77.40
N ASP G 647 7.64 83.24 -77.53
CA ASP G 647 6.93 81.98 -77.68
C ASP G 647 7.53 80.98 -76.71
N TYR G 648 6.69 80.14 -76.12
CA TYR G 648 7.11 79.19 -75.10
C TYR G 648 6.70 77.79 -75.52
N ILE G 649 7.67 76.87 -75.55
CA ILE G 649 7.42 75.48 -75.89
C ILE G 649 7.56 74.64 -74.63
N VAL G 650 6.58 73.76 -74.41
CA VAL G 650 6.54 72.93 -73.21
C VAL G 650 6.41 71.47 -73.64
N LYS G 651 6.72 70.59 -72.69
CA LYS G 651 6.74 69.15 -72.96
C LYS G 651 5.33 68.59 -72.95
N TRP G 652 5.20 67.25 -72.95
CA TRP G 652 3.87 66.66 -73.05
C TRP G 652 3.05 66.81 -71.78
N PRO G 653 3.46 66.30 -70.62
CA PRO G 653 2.52 66.20 -69.50
C PRO G 653 2.01 67.56 -69.03
N LEU G 654 2.83 68.59 -69.18
CA LEU G 654 2.43 69.96 -68.76
C LEU G 654 1.63 70.64 -69.88
N SER G 655 1.67 70.08 -71.10
CA SER G 655 0.90 70.65 -72.20
C SER G 655 -0.60 70.47 -72.03
N LEU G 656 -1.05 69.68 -71.05
CA LEU G 656 -2.47 69.61 -70.77
C LEU G 656 -2.97 70.90 -70.13
N ILE G 657 -2.12 71.52 -69.31
CA ILE G 657 -2.52 72.75 -68.58
C ILE G 657 -2.30 73.99 -69.47
N ILE G 658 -1.05 74.22 -69.88
CA ILE G 658 -0.66 75.38 -70.67
C ILE G 658 -0.46 74.92 -72.11
N ASN G 659 -1.47 75.17 -72.96
CA ASN G 659 -1.49 74.70 -74.32
C ASN G 659 -1.64 75.88 -75.27
N ARG G 660 -1.54 75.59 -76.57
CA ARG G 660 -1.59 76.64 -77.58
C ARG G 660 -2.88 77.45 -77.51
N LYS G 661 -3.96 76.83 -77.02
CA LYS G 661 -5.21 77.57 -76.88
C LYS G 661 -5.12 78.59 -75.74
N ALA G 662 -4.43 78.24 -74.67
CA ALA G 662 -4.30 79.12 -73.51
C ALA G 662 -2.89 79.64 -73.33
N LEU G 663 -2.09 79.68 -74.40
CA LEU G 663 -0.82 80.37 -74.38
C LEU G 663 -0.80 81.62 -75.25
N THR G 664 -1.54 81.62 -76.37
CA THR G 664 -1.69 82.84 -77.14
C THR G 664 -2.35 83.94 -76.33
N ARG G 665 -3.14 83.59 -75.31
CA ARG G 665 -3.66 84.61 -74.41
C ARG G 665 -2.55 85.24 -73.61
N TYR G 666 -1.59 84.44 -73.15
CA TYR G 666 -0.39 85.01 -72.55
C TYR G 666 0.34 85.89 -73.54
N GLN G 667 0.21 85.61 -74.84
CA GLN G 667 0.88 86.36 -75.88
C GLN G 667 0.04 87.54 -76.37
N MET G 668 -1.24 87.60 -76.01
CA MET G 668 -2.06 88.76 -76.33
C MET G 668 -1.91 89.87 -75.31
N LEU G 669 -1.82 89.53 -74.03
CA LEU G 669 -1.59 90.53 -73.00
C LEU G 669 -0.11 90.79 -72.78
N PHE G 670 0.76 90.23 -73.61
CA PHE G 670 2.16 90.61 -73.53
C PHE G 670 2.46 91.81 -74.42
N ARG G 671 2.05 91.75 -75.68
CA ARG G 671 2.31 92.86 -76.59
C ARG G 671 1.65 94.14 -76.10
N HIS G 672 0.48 94.04 -75.47
CA HIS G 672 -0.15 95.21 -74.90
C HIS G 672 0.68 95.81 -73.77
N MET G 673 1.57 95.03 -73.17
CA MET G 673 2.48 95.56 -72.16
C MET G 673 3.86 95.86 -72.70
N PHE G 674 4.23 95.30 -73.84
CA PHE G 674 5.48 95.67 -74.48
C PHE G 674 5.35 96.97 -75.23
N TYR G 675 4.14 97.34 -75.64
CA TYR G 675 3.92 98.64 -76.26
C TYR G 675 4.02 99.76 -75.23
N CYS G 676 3.27 99.63 -74.13
CA CYS G 676 3.29 100.64 -73.09
C CYS G 676 4.65 100.76 -72.42
N LYS G 677 5.45 99.70 -72.45
CA LYS G 677 6.81 99.79 -71.91
C LYS G 677 7.76 100.44 -72.90
N HIS G 678 7.44 100.41 -74.18
CA HIS G 678 8.34 100.97 -75.18
C HIS G 678 8.19 102.48 -75.28
N VAL G 679 6.95 102.98 -75.23
CA VAL G 679 6.71 104.41 -75.42
C VAL G 679 7.36 105.20 -74.30
N GLU G 680 7.03 104.88 -73.05
CA GLU G 680 7.61 105.64 -71.94
C GLU G 680 9.02 105.24 -71.66
N ARG G 681 9.60 104.38 -72.50
CA ARG G 681 11.04 104.16 -72.48
C ARG G 681 11.75 105.22 -73.30
N GLN G 682 11.17 105.62 -74.43
CA GLN G 682 11.76 106.67 -75.24
C GLN G 682 11.22 108.05 -74.89
N LEU G 683 9.97 108.13 -74.43
CA LEU G 683 9.46 109.40 -73.92
C LEU G 683 10.34 109.90 -72.78
N CYS G 684 10.77 108.99 -71.91
CA CYS G 684 11.72 109.34 -70.88
C CYS G 684 13.13 109.52 -71.43
N SER G 685 13.38 109.11 -72.67
CA SER G 685 14.71 109.31 -73.25
C SER G 685 14.89 110.73 -73.76
N VAL G 686 13.82 111.34 -74.27
CA VAL G 686 13.91 112.73 -74.71
C VAL G 686 14.05 113.67 -73.51
N TRP G 687 13.85 113.15 -72.30
CA TRP G 687 13.93 113.97 -71.10
C TRP G 687 15.32 114.56 -70.90
N ILE G 688 16.35 113.91 -71.43
CA ILE G 688 17.72 114.37 -71.20
C ILE G 688 18.20 115.20 -72.39
N SER G 689 17.68 114.90 -73.58
CA SER G 689 18.15 115.60 -74.78
C SER G 689 17.84 117.09 -74.71
N ASN G 690 16.64 117.45 -74.25
CA ASN G 690 16.30 118.86 -74.17
C ASN G 690 17.03 119.55 -73.02
N LYS G 691 17.20 118.85 -71.90
CA LYS G 691 17.88 119.41 -70.74
C LYS G 691 19.33 119.73 -71.09
N THR G 692 19.68 121.01 -71.14
CA THR G 692 21.02 121.44 -71.52
C THR G 692 22.06 121.01 -70.50
N PHE G 704 9.57 125.83 -77.50
CA PHE G 704 10.96 125.72 -77.05
C PHE G 704 11.02 125.50 -75.55
N ALA G 705 10.05 126.06 -74.83
CA ALA G 705 9.99 125.90 -73.38
C ALA G 705 8.57 125.70 -72.86
N GLY G 706 7.61 125.41 -73.73
CA GLY G 706 6.25 125.18 -73.30
C GLY G 706 5.82 123.73 -73.51
N ALA G 707 6.74 122.89 -73.97
CA ALA G 707 6.46 121.47 -74.15
C ALA G 707 6.73 120.65 -72.90
N PHE G 708 7.41 121.21 -71.91
CA PHE G 708 7.68 120.47 -70.68
C PHE G 708 6.39 120.20 -69.92
N THR G 709 5.44 121.14 -69.97
CA THR G 709 4.16 120.94 -69.31
C THR G 709 3.22 120.05 -70.11
N LEU G 710 3.56 119.70 -71.35
CA LEU G 710 2.80 118.71 -72.10
C LEU G 710 3.38 117.31 -71.92
N ARG G 711 4.70 117.20 -71.86
CA ARG G 711 5.31 115.91 -71.55
C ARG G 711 4.81 115.38 -70.22
N GLN G 712 4.59 116.27 -69.26
CA GLN G 712 3.98 115.92 -67.99
C GLN G 712 2.60 115.30 -68.16
N ARG G 713 1.88 115.66 -69.21
CA ARG G 713 0.53 115.15 -69.41
C ARG G 713 0.50 113.74 -69.97
N MET G 714 1.56 113.33 -70.66
CA MET G 714 1.61 111.97 -71.20
C MET G 714 2.40 111.02 -70.29
N LEU G 715 3.46 111.51 -69.67
CA LEU G 715 4.23 110.66 -68.76
C LEU G 715 3.41 110.29 -67.54
N ASN G 716 2.68 111.25 -66.97
CA ASN G 716 1.78 110.96 -65.87
C ASN G 716 0.54 110.20 -66.32
N PHE G 717 0.45 109.82 -67.58
CA PHE G 717 -0.63 108.97 -68.05
C PHE G 717 -0.18 107.52 -68.22
N VAL G 718 0.97 107.30 -68.86
CA VAL G 718 1.46 105.94 -69.02
C VAL G 718 2.01 105.39 -67.71
N GLN G 719 2.77 106.20 -66.97
CA GLN G 719 3.22 105.76 -65.65
C GLN G 719 2.12 105.83 -64.60
N ASN G 720 0.88 106.12 -64.99
CA ASN G 720 -0.27 105.91 -64.14
C ASN G 720 -1.17 104.79 -64.66
N ILE G 721 -0.93 104.33 -65.88
CA ILE G 721 -1.55 103.12 -66.37
C ILE G 721 -0.72 101.89 -66.02
N GLN G 722 0.60 102.01 -66.14
CA GLN G 722 1.47 100.87 -65.84
C GLN G 722 1.36 100.46 -64.38
N TYR G 723 1.27 101.43 -63.47
CA TYR G 723 1.14 101.08 -62.06
C TYR G 723 -0.15 100.34 -61.80
N TYR G 724 -1.25 100.80 -62.39
CA TYR G 724 -2.52 100.10 -62.22
C TYR G 724 -2.51 98.75 -62.94
N MET G 725 -1.74 98.65 -64.03
CA MET G 725 -1.75 97.42 -64.81
C MET G 725 -0.89 96.33 -64.19
N MET G 726 0.07 96.71 -63.34
CA MET G 726 1.02 95.70 -62.80
C MET G 726 0.73 95.33 -61.33
N PHE G 727 0.45 96.32 -60.47
CA PHE G 727 0.27 96.01 -59.03
C PHE G 727 -1.20 95.85 -58.60
N GLU G 728 -2.16 96.30 -59.42
CA GLU G 728 -3.54 96.20 -58.98
C GLU G 728 -4.46 95.44 -59.92
N VAL G 729 -3.88 94.79 -60.94
CA VAL G 729 -4.66 94.00 -61.91
C VAL G 729 -4.10 92.56 -61.98
N MET G 730 -2.96 92.40 -62.66
CA MET G 730 -2.30 91.07 -62.82
C MET G 730 -1.80 90.52 -61.47
N GLU G 731 -1.12 91.35 -60.68
CA GLU G 731 -0.55 90.91 -59.38
C GLU G 731 -1.66 90.28 -58.53
N PRO G 732 -2.75 91.01 -58.19
CA PRO G 732 -3.83 90.46 -57.37
C PRO G 732 -4.35 89.13 -57.92
N THR G 733 -4.68 89.08 -59.21
CA THR G 733 -5.20 87.84 -59.84
C THR G 733 -4.18 86.72 -59.66
N TRP G 734 -2.90 87.01 -59.90
CA TRP G 734 -1.85 85.97 -59.73
C TRP G 734 -1.77 85.56 -58.25
N HIS G 735 -1.80 86.54 -57.33
CA HIS G 735 -1.74 86.21 -55.88
C HIS G 735 -2.85 85.20 -55.54
N ILE G 736 -4.04 85.38 -56.12
CA ILE G 736 -5.15 84.47 -55.86
C ILE G 736 -4.86 83.11 -56.45
N LEU G 737 -4.37 83.07 -57.68
CA LEU G 737 -4.13 81.80 -58.35
C LEU G 737 -3.16 80.93 -57.57
N GLU G 738 -2.08 81.55 -57.09
CA GLU G 738 -1.04 80.86 -56.27
C GLU G 738 -1.74 80.11 -55.13
N LYS G 739 -2.54 80.83 -54.34
CA LYS G 739 -3.29 80.24 -53.25
C LYS G 739 -4.41 79.34 -53.76
N ASN G 740 -5.02 79.70 -54.90
CA ASN G 740 -6.12 78.91 -55.44
C ASN G 740 -5.67 77.59 -56.03
N LEU G 741 -4.36 77.35 -56.14
CA LEU G 741 -3.83 76.07 -56.59
C LEU G 741 -3.35 75.20 -55.44
N LYS G 742 -3.38 75.70 -54.21
CA LYS G 742 -3.06 74.85 -53.07
C LYS G 742 -4.25 74.01 -52.64
N SER G 743 -5.47 74.48 -52.93
CA SER G 743 -6.69 73.75 -52.60
C SER G 743 -7.29 73.05 -53.79
N ALA G 744 -6.48 72.74 -54.80
CA ALA G 744 -6.99 72.02 -55.97
C ALA G 744 -7.29 70.57 -55.60
N SER G 745 -8.18 69.95 -56.35
CA SER G 745 -8.58 68.57 -56.12
C SER G 745 -8.48 67.68 -57.34
N ASN G 746 -8.58 68.24 -58.54
CA ASN G 746 -8.50 67.46 -59.76
C ASN G 746 -8.09 68.37 -60.90
N ILE G 747 -7.54 67.76 -61.96
CA ILE G 747 -6.90 68.53 -63.02
C ILE G 747 -7.91 69.41 -63.73
N ASP G 748 -9.12 68.91 -63.96
CA ASP G 748 -10.14 69.73 -64.59
C ASP G 748 -10.60 70.87 -63.70
N ASP G 749 -10.03 71.01 -62.50
CA ASP G 749 -10.23 72.20 -61.68
C ASP G 749 -9.07 73.17 -61.86
N VAL G 750 -7.84 72.61 -61.90
CA VAL G 750 -6.63 73.43 -62.18
C VAL G 750 -6.89 74.11 -63.53
N LEU G 751 -7.37 73.33 -64.50
CA LEU G 751 -7.72 73.87 -65.81
C LEU G 751 -8.85 74.89 -65.74
N GLY G 752 -9.42 75.12 -64.56
CA GLY G 752 -10.44 76.13 -64.39
C GLY G 752 -9.88 77.34 -63.65
N HIS G 753 -9.01 77.08 -62.67
CA HIS G 753 -8.33 78.17 -61.98
C HIS G 753 -7.30 78.87 -62.85
N HIS G 754 -6.98 78.32 -64.02
CA HIS G 754 -6.04 78.95 -64.93
C HIS G 754 -6.76 79.81 -65.96
N THR G 755 -7.66 79.21 -66.74
CA THR G 755 -8.44 80.01 -67.67
C THR G 755 -9.35 80.99 -66.93
N GLY G 756 -9.68 80.70 -65.68
CA GLY G 756 -10.34 81.68 -64.84
C GLY G 756 -9.46 82.83 -64.42
N PHE G 757 -8.14 82.70 -64.60
CA PHE G 757 -7.19 83.77 -64.34
C PHE G 757 -6.85 84.56 -65.59
N LEU G 758 -6.86 83.93 -66.76
CA LEU G 758 -6.55 84.64 -67.99
C LEU G 758 -7.74 85.44 -68.51
N ASP G 759 -8.96 84.95 -68.31
CA ASP G 759 -10.12 85.71 -68.73
C ASP G 759 -10.38 86.90 -67.81
N THR G 760 -9.78 86.91 -66.62
CA THR G 760 -9.92 88.05 -65.73
C THR G 760 -8.89 89.13 -66.04
N CYS G 761 -7.64 88.73 -66.32
CA CYS G 761 -6.64 89.72 -66.70
C CYS G 761 -7.02 90.42 -68.00
N LEU G 762 -7.57 89.68 -68.96
CA LEU G 762 -8.00 90.30 -70.21
C LEU G 762 -9.27 91.13 -70.06
N LYS G 763 -9.98 90.99 -68.94
CA LYS G 763 -11.20 91.76 -68.71
C LYS G 763 -10.94 93.01 -67.89
N ASP G 764 -10.18 92.89 -66.79
CA ASP G 764 -9.85 94.06 -65.98
C ASP G 764 -8.98 95.04 -66.75
N CYS G 765 -8.09 94.54 -67.59
CA CYS G 765 -7.36 95.42 -68.50
C CYS G 765 -8.27 95.85 -69.65
N MET G 766 -7.79 96.80 -70.44
CA MET G 766 -8.57 97.32 -71.55
C MET G 766 -8.54 96.40 -72.76
N LEU G 767 -8.09 95.16 -72.61
CA LEU G 767 -7.94 94.26 -73.74
C LEU G 767 -9.28 93.75 -74.27
N THR G 768 -10.39 94.06 -73.60
CA THR G 768 -11.71 93.66 -74.08
C THR G 768 -12.72 94.78 -73.83
N LEU G 772 -14.50 98.24 -79.79
CA LEU G 772 -14.35 98.21 -78.34
C LEU G 772 -13.65 99.47 -77.83
N LEU G 773 -12.69 99.28 -76.93
CA LEU G 773 -11.93 100.39 -76.37
C LEU G 773 -10.71 100.70 -77.24
N LYS G 774 -10.94 100.86 -78.54
CA LYS G 774 -9.86 101.16 -79.47
C LYS G 774 -9.36 102.59 -79.35
N VAL G 775 -10.02 103.43 -78.55
CA VAL G 775 -9.56 104.80 -78.36
C VAL G 775 -8.19 104.82 -77.71
N PHE G 776 -7.84 103.78 -76.96
CA PHE G 776 -6.51 103.69 -76.39
C PHE G 776 -5.45 103.53 -77.47
N SER G 777 -5.76 102.73 -78.50
CA SER G 777 -4.80 102.51 -79.58
C SER G 777 -4.45 103.82 -80.28
N LYS G 778 -5.47 104.59 -80.65
CA LYS G 778 -5.21 105.88 -81.29
C LYS G 778 -4.67 106.90 -80.31
N LEU G 779 -4.97 106.74 -79.01
CA LEU G 779 -4.42 107.65 -78.02
C LEU G 779 -2.90 107.50 -77.92
N MET G 780 -2.39 106.29 -78.12
CA MET G 780 -0.96 106.06 -78.01
C MET G 780 -0.19 106.63 -79.19
N SER G 781 -0.86 106.83 -80.33
CA SER G 781 -0.17 107.32 -81.52
C SER G 781 0.36 108.72 -81.32
N VAL G 782 -0.43 109.61 -80.70
CA VAL G 782 0.02 110.97 -80.50
C VAL G 782 1.13 111.05 -79.45
N CYS G 783 1.22 110.06 -78.55
CA CYS G 783 2.30 110.06 -77.58
C CYS G 783 3.63 109.71 -78.25
N VAL G 784 3.65 108.60 -78.99
CA VAL G 784 4.89 108.15 -79.62
C VAL G 784 5.31 109.12 -80.72
N MET G 785 4.34 109.70 -81.44
CA MET G 785 4.69 110.63 -82.51
C MET G 785 5.25 111.93 -81.96
N PHE G 786 4.73 112.38 -80.80
CA PHE G 786 5.29 113.58 -80.17
C PHE G 786 6.75 113.38 -79.82
N THR G 787 7.15 112.14 -79.50
CA THR G 787 8.56 111.87 -79.26
C THR G 787 9.38 112.05 -80.53
N ASN G 788 8.79 111.79 -81.69
CA ASN G 788 9.52 111.95 -82.94
C ASN G 788 9.76 113.43 -83.25
N CYS G 789 8.75 114.27 -83.02
CA CYS G 789 8.91 115.71 -83.27
C CYS G 789 10.03 116.29 -82.42
N MET G 790 10.02 116.00 -81.11
CA MET G 790 11.08 116.46 -80.24
C MET G 790 12.43 115.84 -80.59
N GLN G 791 12.44 114.69 -81.26
CA GLN G 791 13.68 114.05 -81.66
C GLN G 791 14.30 114.67 -82.90
N LYS G 792 13.60 115.60 -83.55
CA LYS G 792 14.11 116.25 -84.75
C LYS G 792 14.89 117.52 -84.46
N PHE G 793 15.46 117.63 -83.27
CA PHE G 793 16.27 118.80 -82.93
C PHE G 793 17.73 118.42 -82.75
N PHE G 846 7.05 124.49 -85.71
CA PHE G 846 7.34 123.72 -84.50
C PHE G 846 6.50 124.23 -83.34
N GLU G 847 6.71 125.51 -82.99
CA GLU G 847 5.97 126.11 -81.89
C GLU G 847 4.46 126.07 -82.12
N ALA G 848 4.03 125.99 -83.37
CA ALA G 848 2.62 125.82 -83.70
C ALA G 848 2.20 124.35 -83.78
N THR G 849 3.14 123.43 -83.55
CA THR G 849 2.83 122.01 -83.56
C THR G 849 2.71 121.41 -82.17
N ILE G 850 3.48 121.93 -81.20
CA ILE G 850 3.35 121.46 -79.83
C ILE G 850 1.95 121.72 -79.31
N ASN G 851 1.45 122.94 -79.50
CA ASN G 851 0.08 123.25 -79.12
C ASN G 851 -0.93 122.48 -79.95
N LYS G 852 -0.54 122.00 -81.13
CA LYS G 852 -1.44 121.17 -81.93
C LYS G 852 -1.61 119.78 -81.33
N PHE G 853 -0.53 119.24 -80.75
CA PHE G 853 -0.64 117.95 -80.06
C PHE G 853 -1.48 118.07 -78.80
N ASP G 854 -1.44 119.22 -78.13
CA ASP G 854 -2.18 119.39 -76.88
C ASP G 854 -3.67 119.25 -77.10
N LYS G 855 -4.23 120.05 -78.00
CA LYS G 855 -5.66 119.97 -78.29
C LYS G 855 -6.07 118.62 -78.85
N ASN G 856 -5.13 117.86 -79.40
CA ASN G 856 -5.44 116.55 -79.96
C ASN G 856 -5.34 115.45 -78.93
N PHE G 857 -4.33 115.50 -78.06
CA PHE G 857 -4.17 114.47 -77.04
C PHE G 857 -5.14 114.65 -75.88
N SER G 858 -5.30 115.89 -75.40
CA SER G 858 -6.20 116.13 -74.30
C SER G 858 -7.64 115.79 -74.66
N ALA G 859 -8.02 115.99 -75.93
CA ALA G 859 -9.36 115.59 -76.36
C ALA G 859 -9.50 114.08 -76.37
N HIS G 860 -8.46 113.37 -76.79
CA HIS G 860 -8.52 111.91 -76.81
C HIS G 860 -8.56 111.34 -75.40
N LEU G 861 -7.87 111.96 -74.45
CA LEU G 861 -7.89 111.48 -73.07
C LEU G 861 -9.29 111.61 -72.46
N LEU G 862 -9.96 112.73 -72.72
CA LEU G 862 -11.29 112.93 -72.15
C LEU G 862 -12.31 111.96 -72.73
N ASP G 863 -12.08 111.42 -73.92
CA ASP G 863 -12.94 110.37 -74.43
C ASP G 863 -12.80 109.09 -73.62
N LEU G 864 -11.61 108.86 -73.05
CA LEU G 864 -11.37 107.64 -72.28
C LEU G 864 -12.15 107.67 -70.98
N LEU G 865 -11.91 108.69 -70.15
CA LEU G 865 -12.58 108.78 -68.85
C LEU G 865 -14.09 108.91 -68.99
N ALA G 866 -14.58 109.32 -70.15
CA ALA G 866 -16.02 109.35 -70.37
C ALA G 866 -16.59 107.94 -70.49
N ARG G 867 -15.87 107.04 -71.17
CA ARG G 867 -16.33 105.67 -71.32
C ARG G 867 -15.92 104.78 -70.16
N LEU G 868 -14.80 105.08 -69.52
CA LEU G 868 -14.39 104.31 -68.35
C LEU G 868 -15.31 104.54 -67.16
N SER G 869 -16.03 105.66 -67.13
CA SER G 869 -16.90 105.97 -66.00
C SER G 869 -18.28 105.34 -66.16
N ILE G 870 -18.78 105.24 -67.39
CA ILE G 870 -20.12 104.72 -67.61
C ILE G 870 -20.11 103.19 -67.53
N TYR G 871 -20.35 102.67 -66.34
CA TYR G 871 -20.41 101.23 -66.10
C TYR G 871 -21.32 100.98 -64.91
N SER G 872 -21.38 99.73 -64.48
CA SER G 872 -22.20 99.35 -63.33
C SER G 872 -21.62 99.91 -62.04
N GLY G 879 -10.50 97.11 -60.50
CA GLY G 879 -11.82 97.62 -60.79
C GLY G 879 -11.87 98.54 -62.00
N MET G 880 -13.03 98.62 -62.64
CA MET G 880 -13.22 99.47 -63.79
C MET G 880 -13.55 100.91 -63.43
N ALA G 881 -13.83 101.19 -62.15
CA ALA G 881 -14.10 102.55 -61.70
C ALA G 881 -12.92 103.17 -60.97
N SER G 882 -12.14 102.38 -60.24
CA SER G 882 -10.98 102.91 -59.53
C SER G 882 -9.88 103.37 -60.47
N VAL G 883 -9.97 103.08 -61.76
CA VAL G 883 -8.96 103.53 -62.70
C VAL G 883 -8.98 105.05 -62.82
N ILE G 884 -10.15 105.67 -62.72
CA ILE G 884 -10.24 107.12 -62.80
C ILE G 884 -9.47 107.76 -61.65
N SER G 885 -9.61 107.21 -60.45
CA SER G 885 -8.85 107.72 -59.32
C SER G 885 -7.35 107.59 -59.52
N ARG G 886 -6.92 106.71 -60.42
CA ARG G 886 -5.50 106.60 -60.76
C ARG G 886 -5.08 107.60 -61.83
N LEU G 887 -5.98 107.92 -62.77
CA LEU G 887 -5.64 108.85 -63.83
C LEU G 887 -5.50 110.26 -63.29
N ASP G 888 -6.53 110.76 -62.60
CA ASP G 888 -6.49 112.07 -61.96
C ASP G 888 -6.53 111.89 -60.46
N PHE G 889 -5.75 112.67 -59.76
CA PHE G 889 -5.66 112.65 -58.31
C PHE G 889 -5.87 114.02 -57.69
N ASN G 890 -5.64 115.08 -58.45
CA ASN G 890 -5.79 116.45 -57.98
C ASN G 890 -7.12 117.06 -58.36
N GLY G 891 -8.12 116.24 -58.67
CA GLY G 891 -9.36 116.75 -59.20
C GLY G 891 -9.26 117.33 -60.60
N PHE G 892 -8.08 117.23 -61.22
CA PHE G 892 -7.91 117.69 -62.59
C PHE G 892 -8.79 116.86 -63.53
N TYR G 893 -8.95 117.37 -64.75
CA TYR G 893 -9.83 116.76 -65.75
C TYR G 893 -11.25 116.63 -65.22
N THR G 894 -11.66 117.58 -64.39
CA THR G 894 -13.01 117.58 -63.86
C THR G 894 -14.05 118.05 -64.87
N GLU G 895 -13.64 118.42 -66.08
CA GLU G 895 -14.57 118.83 -67.11
C GLU G 895 -15.47 117.68 -67.51
N ILE H 245 -43.61 -3.03 -79.08
CA ILE H 245 -42.37 -2.33 -78.74
C ILE H 245 -42.58 -1.49 -77.50
N THR H 246 -42.25 -2.06 -76.34
CA THR H 246 -42.51 -1.39 -75.07
C THR H 246 -41.55 -0.24 -74.87
N GLU H 247 -41.78 0.48 -73.75
CA GLU H 247 -40.94 1.64 -73.35
C GLU H 247 -39.65 1.13 -72.71
N ALA H 248 -39.68 -0.07 -72.14
CA ALA H 248 -38.49 -0.65 -71.54
C ALA H 248 -37.47 -1.09 -72.58
N ALA H 249 -37.90 -1.33 -73.82
CA ALA H 249 -36.95 -1.71 -74.87
C ALA H 249 -36.17 -0.49 -75.35
N LEU H 250 -36.84 0.65 -75.54
CA LEU H 250 -36.14 1.84 -75.99
C LEU H 250 -35.10 2.27 -74.98
N VAL H 251 -35.41 2.19 -73.69
CA VAL H 251 -34.43 2.55 -72.67
C VAL H 251 -33.27 1.57 -72.69
N ARG H 252 -33.53 0.37 -73.22
CA ARG H 252 -32.49 -0.69 -73.32
C ARG H 252 -31.49 -0.31 -74.41
N ASP H 253 -31.98 0.24 -75.53
CA ASP H 253 -31.12 0.61 -76.65
C ASP H 253 -30.51 1.98 -76.46
N ILE H 254 -31.25 2.92 -75.87
CA ILE H 254 -30.72 4.27 -75.68
C ILE H 254 -29.46 4.23 -74.84
N LEU H 255 -29.43 3.40 -73.81
CA LEU H 255 -28.22 3.32 -72.97
C LEU H 255 -27.01 2.83 -73.74
N TYR H 256 -27.21 2.45 -75.01
CA TYR H 256 -26.07 2.02 -75.85
C TYR H 256 -25.79 3.06 -76.94
N VAL H 257 -26.83 3.81 -77.35
CA VAL H 257 -26.62 4.90 -78.31
C VAL H 257 -25.85 6.04 -77.67
N PHE H 258 -25.86 6.13 -76.34
CA PHE H 258 -25.04 7.12 -75.65
C PHE H 258 -23.55 6.89 -75.86
N GLN H 259 -23.16 5.76 -76.45
CA GLN H 259 -21.75 5.44 -76.66
C GLN H 259 -21.35 5.36 -78.12
N GLY H 260 -22.27 5.08 -79.02
CA GLY H 260 -21.93 4.89 -80.41
C GLY H 260 -22.45 3.58 -80.95
N ILE H 261 -22.65 2.61 -80.05
CA ILE H 261 -23.15 1.30 -80.43
C ILE H 261 -24.66 1.37 -80.59
N ASP H 262 -25.15 1.13 -81.80
CA ASP H 262 -26.58 1.08 -82.04
C ASP H 262 -27.20 -0.09 -81.28
N ASN H 265 -33.21 -1.20 -82.21
CA ASN H 265 -34.13 -0.39 -82.99
C ASN H 265 -33.46 0.90 -83.47
N ILE H 266 -32.75 1.56 -82.58
CA ILE H 266 -32.07 2.81 -82.91
C ILE H 266 -30.79 2.49 -83.65
N LYS H 267 -30.67 3.02 -84.87
CA LYS H 267 -29.48 2.80 -85.69
C LYS H 267 -28.93 4.15 -86.13
N MET H 268 -27.78 4.10 -86.79
CA MET H 268 -27.14 5.32 -87.27
C MET H 268 -27.92 5.92 -88.44
N ASN H 273 -27.05 12.69 -90.29
CA ASN H 273 -26.25 11.81 -89.43
C ASN H 273 -27.01 11.40 -88.19
N CYS H 274 -28.23 11.93 -88.04
CA CYS H 274 -29.01 11.68 -86.85
C CYS H 274 -29.27 10.19 -86.67
N TYR H 275 -29.55 9.80 -85.43
CA TYR H 275 -29.84 8.41 -85.10
C TYR H 275 -31.31 8.15 -85.41
N LYS H 276 -31.58 7.85 -86.68
CA LYS H 276 -32.95 7.62 -87.12
C LYS H 276 -33.46 6.31 -86.54
N VAL H 277 -34.58 6.37 -85.83
CA VAL H 277 -35.17 5.21 -85.19
C VAL H 277 -36.23 4.64 -86.11
N GLU H 278 -36.30 3.32 -86.19
CA GLU H 278 -37.29 2.65 -87.02
C GLU H 278 -37.94 1.48 -86.28
N ASN H 282 -45.39 -0.18 -85.49
CA ASN H 282 -44.24 0.39 -84.79
C ASN H 282 -44.67 1.01 -83.47
N LEU H 283 -44.08 2.16 -83.14
CA LEU H 283 -44.30 2.83 -81.88
C LEU H 283 -45.02 4.17 -82.09
N SER H 284 -45.46 4.75 -80.99
CA SER H 284 -46.23 5.99 -81.03
C SER H 284 -45.32 7.19 -81.22
N ARG H 285 -45.88 8.25 -81.80
CA ARG H 285 -45.08 9.43 -82.12
C ARG H 285 -44.49 10.08 -80.87
N SER H 286 -45.23 9.97 -79.76
CA SER H 286 -44.83 10.56 -78.46
C SER H 286 -43.60 9.84 -77.90
N LEU H 287 -43.06 8.88 -78.64
CA LEU H 287 -41.86 8.13 -78.18
C LEU H 287 -40.69 8.40 -79.14
N ARG H 288 -40.95 8.32 -80.45
CA ARG H 288 -39.90 8.54 -81.44
C ARG H 288 -39.24 9.91 -81.25
N ASP H 289 -40.04 10.93 -80.92
CA ASP H 289 -39.50 12.28 -80.82
C ASP H 289 -38.50 12.38 -79.68
N THR H 290 -38.84 11.85 -78.51
CA THR H 290 -37.92 11.96 -77.38
C THR H 290 -36.69 11.09 -77.58
N ALA H 291 -36.83 9.97 -78.29
CA ALA H 291 -35.66 9.15 -78.58
C ALA H 291 -34.68 9.89 -79.47
N VAL H 292 -35.20 10.51 -80.53
CA VAL H 292 -34.34 11.28 -81.48
C VAL H 292 -33.60 12.36 -80.69
N ARG H 293 -34.31 13.02 -79.77
CA ARG H 293 -33.74 14.10 -78.93
C ARG H 293 -32.67 13.53 -77.99
N LEU H 294 -32.96 12.42 -77.31
CA LEU H 294 -32.01 11.86 -76.36
C LEU H 294 -30.79 11.30 -77.06
N SER H 295 -30.97 10.70 -78.23
CA SER H 295 -29.85 10.09 -78.93
C SER H 295 -28.83 11.12 -79.40
N GLU H 296 -29.25 12.39 -79.46
CA GLU H 296 -28.33 13.48 -79.91
C GLU H 296 -27.07 13.49 -79.04
N LEU H 297 -27.11 12.86 -77.86
CA LEU H 297 -25.93 12.81 -77.01
C LEU H 297 -24.90 11.82 -77.53
N GLY H 298 -25.32 10.79 -78.26
CA GLY H 298 -24.37 9.87 -78.82
C GLY H 298 -23.59 10.48 -79.97
N TRP H 299 -24.30 11.13 -80.89
CA TRP H 299 -23.63 11.76 -82.01
C TRP H 299 -22.62 12.80 -81.55
N LEU H 300 -22.83 13.38 -80.37
CA LEU H 300 -21.81 14.24 -79.79
C LEU H 300 -20.68 13.44 -79.17
N HIS H 301 -20.96 12.18 -78.82
CA HIS H 301 -19.96 11.29 -78.16
C HIS H 301 -19.11 10.55 -79.20
N ASN H 302 -19.73 10.08 -80.29
CA ASN H 302 -18.95 9.36 -81.32
C ASN H 302 -17.91 10.31 -81.93
N LYS H 303 -18.31 11.55 -82.21
CA LYS H 303 -17.39 12.54 -82.85
C LYS H 303 -16.19 12.86 -81.94
N ILE H 304 -16.43 13.11 -80.65
CA ILE H 304 -15.30 13.45 -79.73
C ILE H 304 -14.34 12.26 -79.58
N ARG H 305 -14.89 11.05 -79.44
CA ARG H 305 -14.04 9.83 -79.27
C ARG H 305 -13.18 9.61 -80.51
N ARG H 306 -13.76 9.79 -81.70
CA ARG H 306 -12.99 9.57 -82.97
C ARG H 306 -11.84 10.57 -83.07
N TYR H 307 -12.09 11.85 -82.73
CA TYR H 307 -11.01 12.87 -82.80
C TYR H 307 -9.84 12.44 -81.93
N THR H 308 -10.11 12.08 -80.66
CA THR H 308 -9.01 11.69 -79.74
C THR H 308 -8.28 10.44 -80.29
N ASP H 309 -9.04 9.54 -80.90
CA ASP H 309 -8.48 8.28 -81.46
C ASP H 309 -7.64 8.55 -82.72
N GLN H 310 -8.18 9.27 -83.71
CA GLN H 310 -7.45 9.51 -84.94
C GLN H 310 -6.10 10.16 -84.65
N ARG H 311 -6.08 11.08 -83.69
CA ARG H 311 -4.86 11.83 -83.31
C ARG H 311 -3.96 10.98 -82.40
N SER H 312 -4.54 10.04 -81.66
CA SER H 312 -3.76 9.16 -80.81
C SER H 312 -3.07 8.07 -81.61
N LEU H 313 -3.06 8.20 -82.93
CA LEU H 313 -2.46 7.21 -83.83
C LEU H 313 -1.13 7.72 -84.39
N ASP H 314 -1.15 8.93 -84.94
CA ASP H 314 0.09 9.56 -85.48
C ASP H 314 0.77 10.34 -84.35
N ARG H 315 2.10 10.49 -84.43
CA ARG H 315 2.88 11.22 -83.39
C ARG H 315 3.16 12.65 -83.89
N SER H 316 2.60 12.99 -85.05
CA SER H 316 2.77 14.32 -85.71
C SER H 316 2.11 15.47 -84.93
N PHE H 317 1.12 15.16 -84.08
CA PHE H 317 0.38 16.22 -83.34
C PHE H 317 1.35 17.02 -82.47
N GLY H 318 2.29 16.36 -81.79
CA GLY H 318 3.27 17.08 -80.94
C GLY H 318 3.02 16.87 -79.45
N LEU H 319 3.78 17.57 -78.61
CA LEU H 319 3.65 17.46 -77.12
C LEU H 319 2.43 18.25 -76.64
N VAL H 320 2.26 19.48 -77.13
CA VAL H 320 1.10 20.33 -76.71
C VAL H 320 -0.21 19.68 -77.16
N GLY H 321 -0.28 19.26 -78.42
CA GLY H 321 -1.50 18.63 -78.95
C GLY H 321 -1.89 17.41 -78.12
N GLN H 322 -0.96 16.47 -77.96
CA GLN H 322 -1.23 15.21 -77.20
C GLN H 322 -1.82 15.55 -75.83
N SER H 323 -1.18 16.48 -75.10
CA SER H 323 -1.66 16.88 -73.75
C SER H 323 -3.15 17.23 -73.81
N PHE H 324 -3.55 18.03 -74.80
CA PHE H 324 -4.96 18.44 -74.98
C PHE H 324 -5.80 17.18 -75.25
N CYS H 325 -5.27 16.29 -76.11
CA CYS H 325 -5.99 15.04 -76.44
C CYS H 325 -6.15 14.19 -75.19
N ALA H 326 -5.08 14.11 -74.37
CA ALA H 326 -5.14 13.33 -73.11
C ALA H 326 -6.17 13.94 -72.18
N ALA H 327 -6.24 15.28 -72.13
CA ALA H 327 -7.21 15.98 -71.26
C ALA H 327 -8.65 15.62 -71.67
N LEU H 328 -8.84 15.09 -72.88
CA LEU H 328 -10.17 14.73 -73.30
C LEU H 328 -10.58 13.34 -72.83
N HIS H 329 -9.72 12.66 -72.08
CA HIS H 329 -10.07 11.35 -71.54
C HIS H 329 -10.48 11.41 -70.08
N GLN H 330 -9.84 12.24 -69.26
CA GLN H 330 -10.33 12.44 -67.91
C GLN H 330 -11.72 13.05 -67.90
N GLU H 331 -12.09 13.78 -68.95
CA GLU H 331 -13.46 14.26 -69.12
C GLU H 331 -14.31 13.29 -69.90
N LEU H 332 -13.85 12.05 -70.06
CA LEU H 332 -14.67 10.99 -70.63
C LEU H 332 -14.85 9.81 -69.69
N ARG H 333 -13.92 9.63 -68.76
CA ARG H 333 -14.06 8.58 -67.71
C ARG H 333 -15.32 8.95 -66.90
N GLU H 334 -15.47 10.26 -66.62
CA GLU H 334 -16.63 10.81 -65.88
C GLU H 334 -17.92 10.46 -66.63
N TYR H 335 -17.91 10.56 -67.96
CA TYR H 335 -19.05 10.22 -68.78
C TYR H 335 -19.25 8.71 -68.88
N TYR H 336 -18.21 7.94 -68.55
CA TYR H 336 -18.29 6.46 -68.61
C TYR H 336 -18.72 5.92 -67.24
N ARG H 337 -18.65 6.76 -66.20
CA ARG H 337 -19.07 6.36 -64.84
C ARG H 337 -20.58 6.57 -64.69
N LEU H 338 -21.05 7.76 -65.04
CA LEU H 338 -22.50 8.11 -64.95
C LEU H 338 -23.33 7.02 -65.62
N LEU H 339 -22.87 6.49 -66.75
CA LEU H 339 -23.62 5.44 -67.48
C LEU H 339 -23.75 4.20 -66.60
N SER H 340 -22.70 3.85 -65.85
CA SER H 340 -22.73 2.63 -64.98
C SER H 340 -23.84 2.76 -63.93
N VAL H 341 -23.96 3.91 -63.27
CA VAL H 341 -25.01 4.09 -62.23
C VAL H 341 -26.39 4.01 -62.90
N LEU H 342 -26.55 4.65 -64.06
CA LEU H 342 -27.83 4.63 -64.82
C LEU H 342 -28.14 3.20 -65.25
N HIS H 343 -27.10 2.46 -65.66
CA HIS H 343 -27.25 1.07 -66.14
C HIS H 343 -27.81 0.18 -65.02
N SER H 344 -27.38 0.41 -63.77
CA SER H 344 -27.83 -0.41 -62.63
C SER H 344 -29.32 -0.18 -62.31
N GLN H 345 -29.92 0.92 -62.78
CA GLN H 345 -31.33 1.15 -62.48
C GLN H 345 -32.25 0.64 -63.57
N LEU H 346 -31.73 0.24 -64.72
CA LEU H 346 -32.59 -0.27 -65.78
C LEU H 346 -33.24 -1.59 -65.40
N GLN H 347 -32.67 -2.32 -64.45
CA GLN H 347 -33.19 -3.60 -64.02
C GLN H 347 -34.65 -3.52 -63.57
N SER H 361 -36.61 2.00 -61.13
CA SER H 361 -37.06 2.10 -62.52
C SER H 361 -36.87 3.51 -63.04
N LEU H 362 -36.47 3.62 -64.30
CA LEU H 362 -36.35 4.91 -64.96
C LEU H 362 -37.01 4.83 -66.32
N THR H 363 -37.57 5.96 -66.72
CA THR H 363 -38.29 6.14 -68.03
C THR H 363 -37.63 7.26 -68.82
N LEU H 364 -38.16 7.56 -70.01
CA LEU H 364 -37.58 8.63 -70.87
C LEU H 364 -37.66 9.98 -70.14
N ARG H 365 -38.78 10.25 -69.47
CA ARG H 365 -38.95 11.53 -68.75
C ARG H 365 -37.90 11.62 -67.64
N ARG H 366 -37.67 10.52 -66.92
CA ARG H 366 -36.68 10.49 -65.82
C ARG H 366 -35.28 10.73 -66.41
N LEU H 367 -35.00 10.13 -67.57
CA LEU H 367 -33.68 10.24 -68.24
C LEU H 367 -33.38 11.71 -68.61
N LEU H 368 -34.41 12.45 -69.03
CA LEU H 368 -34.22 13.86 -69.45
C LEU H 368 -33.65 14.68 -68.28
N VAL H 369 -34.17 14.47 -67.06
CA VAL H 369 -33.66 15.25 -65.89
C VAL H 369 -32.33 14.68 -65.43
N TRP H 370 -31.94 13.52 -65.96
CA TRP H 370 -30.66 12.89 -65.62
C TRP H 370 -29.56 13.37 -66.55
N THR H 371 -29.84 13.41 -67.84
CA THR H 371 -28.85 13.74 -68.86
C THR H 371 -29.06 15.13 -69.45
N TYR H 372 -29.52 16.09 -68.64
CA TYR H 372 -29.64 17.46 -69.11
C TYR H 372 -28.34 18.22 -68.96
N ASP H 373 -27.54 17.89 -67.97
CA ASP H 373 -26.24 18.54 -67.81
C ASP H 373 -25.18 17.96 -68.74
N PRO H 374 -25.05 16.63 -68.89
CA PRO H 374 -24.03 16.12 -69.80
C PRO H 374 -24.41 16.25 -71.26
N LYS H 375 -25.46 17.00 -71.58
CA LYS H 375 -25.68 17.44 -72.94
C LYS H 375 -25.01 18.77 -73.22
N ILE H 376 -24.48 19.42 -72.20
CA ILE H 376 -23.75 20.67 -72.35
C ILE H 376 -22.25 20.43 -72.37
N ARG H 377 -21.74 19.65 -71.42
CA ARG H 377 -20.32 19.31 -71.46
C ARG H 377 -19.97 18.56 -72.73
N LEU H 378 -20.88 17.73 -73.21
CA LEU H 378 -20.72 17.09 -74.50
C LEU H 378 -21.15 17.98 -75.66
N LYS H 379 -21.32 19.28 -75.41
CA LYS H 379 -21.55 20.26 -76.45
C LYS H 379 -20.49 21.34 -76.48
N THR H 380 -19.72 21.50 -75.41
CA THR H 380 -18.52 22.32 -75.48
C THR H 380 -17.35 21.51 -76.01
N LEU H 381 -17.17 20.29 -75.49
CA LEU H 381 -16.06 19.46 -75.94
C LEU H 381 -16.23 19.04 -77.40
N ALA H 382 -17.46 18.72 -77.81
CA ALA H 382 -17.67 18.37 -79.21
C ALA H 382 -17.61 19.57 -80.13
N ALA H 383 -17.54 20.77 -79.59
CA ALA H 383 -17.31 21.97 -80.38
C ALA H 383 -16.00 22.65 -80.03
N LEU H 384 -15.23 22.09 -79.10
CA LEU H 384 -13.88 22.55 -78.84
C LEU H 384 -12.85 21.83 -79.69
N VAL H 385 -13.16 20.61 -80.15
CA VAL H 385 -12.25 19.86 -81.02
C VAL H 385 -12.42 20.20 -82.49
N ASP H 386 -13.42 20.99 -82.86
CA ASP H 386 -13.52 21.45 -84.23
C ASP H 386 -12.90 22.82 -84.44
N HIS H 387 -12.92 23.68 -83.42
CA HIS H 387 -12.29 24.99 -83.54
C HIS H 387 -10.77 24.86 -83.63
N CYS H 388 -10.20 23.80 -83.07
CA CYS H 388 -8.76 23.56 -83.14
C CYS H 388 -8.55 22.21 -83.83
N GLN H 389 -8.52 22.25 -85.16
CA GLN H 389 -8.37 21.04 -85.96
C GLN H 389 -6.92 20.84 -86.41
N GLY H 390 -6.37 21.79 -87.15
CA GLY H 390 -5.02 21.66 -87.64
C GLY H 390 -3.95 22.33 -86.80
N ARG H 391 -4.33 22.73 -85.57
CA ARG H 391 -3.39 23.44 -84.67
C ARG H 391 -2.43 22.44 -84.01
N LYS H 392 -1.15 22.50 -84.39
CA LYS H 392 -0.11 21.61 -83.82
C LYS H 392 0.90 22.50 -83.09
N GLY H 393 1.19 22.20 -81.82
CA GLY H 393 2.13 23.02 -81.04
C GLY H 393 1.40 24.10 -80.26
N GLY H 394 2.15 25.08 -79.74
CA GLY H 394 1.58 26.17 -78.97
C GLY H 394 0.37 26.79 -79.61
N GLU H 395 0.27 26.73 -80.94
CA GLU H 395 -0.87 27.29 -81.64
C GLU H 395 -2.17 26.60 -81.25
N LEU H 396 -2.06 25.44 -80.62
CA LEU H 396 -3.26 24.73 -80.12
C LEU H 396 -3.59 25.33 -78.75
N ALA H 397 -2.57 25.50 -77.91
CA ALA H 397 -2.77 26.09 -76.58
C ALA H 397 -3.23 27.53 -76.66
N SER H 398 -3.23 28.12 -77.84
CA SER H 398 -3.74 29.47 -78.06
C SER H 398 -5.12 29.47 -78.69
N ALA H 399 -5.61 28.31 -79.13
CA ALA H 399 -6.95 28.19 -79.69
C ALA H 399 -7.91 27.48 -78.76
N VAL H 400 -7.42 26.90 -77.66
CA VAL H 400 -8.27 26.48 -76.56
C VAL H 400 -8.30 27.53 -75.45
N HIS H 401 -7.61 28.64 -75.64
CA HIS H 401 -7.73 29.80 -74.76
C HIS H 401 -8.69 30.83 -75.30
N ALA H 402 -8.99 30.79 -76.61
CA ALA H 402 -10.01 31.64 -77.19
C ALA H 402 -11.41 31.13 -76.95
N TYR H 403 -11.59 30.17 -76.05
CA TYR H 403 -12.90 29.74 -75.61
C TYR H 403 -13.16 30.11 -74.16
N THR H 404 -12.26 30.86 -73.54
CA THR H 404 -12.47 31.33 -72.18
C THR H 404 -13.21 32.66 -72.14
N LYS H 405 -13.14 33.45 -73.20
CA LYS H 405 -13.90 34.70 -73.30
C LYS H 405 -15.35 34.38 -73.64
N THR H 406 -16.04 33.79 -72.66
CA THR H 406 -17.41 33.34 -72.89
C THR H 406 -18.38 33.82 -71.82
N GLY H 407 -17.91 33.95 -70.59
CA GLY H 407 -18.73 34.49 -69.52
C GLY H 407 -19.64 33.50 -68.84
N ASP H 408 -20.18 32.55 -69.59
CA ASP H 408 -21.00 31.47 -69.05
C ASP H 408 -20.27 30.78 -67.91
N PRO H 409 -20.73 30.92 -66.67
CA PRO H 409 -19.92 30.43 -65.53
C PRO H 409 -19.71 28.93 -65.52
N TYR H 410 -20.49 28.18 -66.30
CA TYR H 410 -20.31 26.73 -66.37
C TYR H 410 -19.30 26.33 -67.43
N MET H 411 -19.19 27.08 -68.52
CA MET H 411 -18.20 26.77 -69.54
C MET H 411 -16.85 27.40 -69.22
N ARG H 412 -16.85 28.66 -68.79
CA ARG H 412 -15.58 29.31 -68.47
C ARG H 412 -14.86 28.64 -67.31
N SER H 413 -15.52 27.79 -66.55
CA SER H 413 -14.87 27.04 -65.49
C SER H 413 -14.58 25.60 -65.88
N LEU H 414 -14.96 25.19 -67.08
CA LEU H 414 -14.56 23.92 -67.66
C LEU H 414 -13.36 24.07 -68.58
N VAL H 415 -13.47 24.95 -69.57
CA VAL H 415 -12.37 25.19 -70.49
C VAL H 415 -11.17 25.78 -69.77
N GLN H 416 -11.41 26.61 -68.75
CA GLN H 416 -10.28 27.13 -67.99
C GLN H 416 -9.60 26.08 -67.14
N HIS H 417 -10.02 24.83 -67.24
CA HIS H 417 -9.30 23.71 -66.66
C HIS H 417 -8.51 22.93 -67.70
N ILE H 418 -9.10 22.69 -68.88
CA ILE H 418 -8.35 22.08 -69.97
C ILE H 418 -7.18 22.94 -70.36
N LEU H 419 -7.32 24.27 -70.26
CA LEU H 419 -6.18 25.14 -70.51
C LEU H 419 -5.08 24.91 -69.48
N SER H 420 -5.45 24.58 -68.24
CA SER H 420 -4.43 24.37 -67.22
C SER H 420 -3.67 23.07 -67.41
N LEU H 421 -4.14 22.17 -68.26
CA LEU H 421 -3.40 20.98 -68.64
C LEU H 421 -2.67 21.13 -69.96
N VAL H 422 -3.32 21.75 -70.95
CA VAL H 422 -2.69 21.95 -72.25
C VAL H 422 -1.50 22.89 -72.17
N SER H 423 -1.57 23.89 -71.30
CA SER H 423 -0.49 24.84 -71.14
C SER H 423 0.56 24.39 -70.14
N HIS H 424 0.57 23.11 -69.77
CA HIS H 424 1.66 22.63 -68.93
C HIS H 424 2.90 22.31 -69.74
N PRO H 425 2.80 21.63 -70.89
CA PRO H 425 4.01 21.44 -71.69
C PRO H 425 4.61 22.75 -72.18
N VAL H 426 3.78 23.73 -72.54
CA VAL H 426 4.32 25.03 -72.97
C VAL H 426 5.14 25.65 -71.85
N LEU H 427 4.59 25.68 -70.65
CA LEU H 427 5.40 26.17 -69.55
C LEU H 427 6.45 25.19 -69.10
N SER H 428 6.67 24.10 -69.82
CA SER H 428 7.82 23.24 -69.54
C SER H 428 9.02 23.63 -70.39
N PHE H 429 8.80 23.99 -71.66
CA PHE H 429 9.89 24.55 -72.44
C PHE H 429 10.33 25.88 -71.88
N LEU H 430 9.38 26.74 -71.52
CA LEU H 430 9.70 28.08 -71.06
C LEU H 430 10.58 28.05 -69.83
N TYR H 431 10.22 27.24 -68.84
CA TYR H 431 11.07 27.13 -67.66
C TYR H 431 12.36 26.38 -67.93
N ARG H 432 12.53 25.85 -69.15
CA ARG H 432 13.77 25.22 -69.57
C ARG H 432 14.65 26.17 -70.36
N TRP H 433 14.01 26.93 -71.27
CA TRP H 433 14.68 27.89 -72.17
C TRP H 433 14.97 29.22 -71.46
N ILE H 434 14.69 29.31 -70.15
CA ILE H 434 14.96 30.51 -69.38
C ILE H 434 16.05 30.28 -68.34
N TYR H 435 16.01 29.16 -67.63
CA TYR H 435 16.98 28.91 -66.58
C TYR H 435 18.17 28.09 -67.04
N ASP H 436 18.04 27.35 -68.15
CA ASP H 436 19.12 26.53 -68.66
C ASP H 436 19.48 26.81 -70.11
N GLY H 437 18.58 27.43 -70.87
CA GLY H 437 18.91 27.79 -72.24
C GLY H 437 19.13 26.62 -73.16
N GLU H 438 18.54 25.46 -72.85
CA GLU H 438 18.68 24.26 -73.67
C GLU H 438 17.31 23.87 -74.21
N LEU H 439 16.93 24.47 -75.33
CA LEU H 439 15.66 24.12 -75.95
C LEU H 439 15.82 22.81 -76.71
N GLU H 440 14.82 21.95 -76.61
CA GLU H 440 14.85 20.65 -77.27
C GLU H 440 13.43 20.27 -77.61
N ASP H 441 13.11 20.30 -78.91
CA ASP H 441 11.79 19.88 -79.39
C ASP H 441 11.96 19.41 -80.83
N THR H 442 12.01 18.10 -81.02
CA THR H 442 12.11 17.55 -82.38
C THR H 442 10.99 18.07 -83.25
N TYR H 443 9.78 18.13 -82.72
CA TYR H 443 8.68 18.80 -83.38
C TYR H 443 8.75 20.28 -83.02
N HIS H 444 8.46 21.13 -84.01
CA HIS H 444 8.60 22.57 -83.83
C HIS H 444 7.35 23.10 -83.13
N GLU H 445 7.45 23.29 -81.82
CA GLU H 445 6.36 23.82 -81.00
C GLU H 445 6.70 25.14 -80.35
N PHE H 446 7.81 25.20 -79.64
CA PHE H 446 8.24 26.43 -78.98
C PHE H 446 8.41 27.54 -80.00
N PHE H 447 8.12 28.77 -79.58
CA PHE H 447 8.20 29.90 -80.48
C PHE H 447 9.62 30.42 -80.68
N VAL H 448 10.59 29.73 -80.09
CA VAL H 448 12.04 30.08 -80.24
C VAL H 448 12.63 29.02 -81.19
N ALA H 449 12.83 29.39 -82.46
CA ALA H 449 13.36 28.43 -83.47
C ALA H 449 14.87 28.62 -83.60
N SER H 450 15.63 27.53 -83.43
CA SER H 450 17.11 27.58 -83.54
C SER H 450 17.54 27.29 -84.98
N ASP H 451 18.76 27.71 -85.34
CA ASP H 451 19.30 27.48 -86.66
C ASP H 451 20.59 26.69 -86.52
N PRO H 452 20.69 25.47 -87.09
CA PRO H 452 21.90 24.64 -86.99
C PRO H 452 23.15 25.33 -87.55
N LEU H 459 26.81 34.80 -82.66
CA LEU H 459 25.82 33.96 -81.95
C LEU H 459 24.65 34.84 -81.48
N TRP H 460 24.66 36.12 -81.87
CA TRP H 460 23.61 37.05 -81.48
C TRP H 460 22.70 37.39 -82.64
N HIS H 461 23.29 37.69 -83.80
CA HIS H 461 22.49 38.18 -84.91
C HIS H 461 21.63 37.08 -85.51
N ASP H 462 22.14 35.86 -85.51
CA ASP H 462 21.43 34.69 -86.11
C ASP H 462 21.33 33.55 -85.10
N LYS H 463 20.64 32.47 -85.52
CA LYS H 463 20.38 31.18 -84.83
C LYS H 463 19.20 31.29 -83.86
N TYR H 464 18.60 32.48 -83.73
CA TYR H 464 17.40 32.68 -82.86
C TYR H 464 16.34 33.45 -83.64
N THR H 465 15.14 32.86 -83.77
CA THR H 465 14.04 33.54 -84.52
C THR H 465 12.76 33.50 -83.68
N LEU H 466 12.09 34.67 -83.53
CA LEU H 466 10.81 34.72 -82.80
C LEU H 466 9.72 34.20 -83.74
N ARG H 467 9.14 33.03 -83.45
CA ARG H 467 8.15 32.44 -84.33
C ARG H 467 6.82 33.15 -84.10
N LYS H 468 6.38 33.93 -85.07
CA LYS H 468 5.15 34.69 -84.91
C LYS H 468 3.92 33.79 -84.84
N SER H 469 4.05 32.53 -85.25
CA SER H 469 2.87 31.68 -85.39
C SER H 469 2.56 30.89 -84.12
N MET H 470 3.58 30.45 -83.39
CA MET H 470 3.40 29.59 -82.24
C MET H 470 3.56 30.33 -80.92
N ILE H 471 3.10 31.58 -80.86
CA ILE H 471 3.06 32.32 -79.61
C ILE H 471 1.68 32.13 -79.00
N PRO H 472 1.58 31.67 -77.75
CA PRO H 472 0.26 31.50 -77.14
C PRO H 472 -0.42 32.85 -76.96
N SER H 473 -1.76 32.84 -77.03
CA SER H 473 -2.49 34.09 -76.90
C SER H 473 -2.29 34.71 -75.52
N PHE H 474 -2.11 33.90 -74.48
CA PHE H 474 -1.99 34.45 -73.14
C PHE H 474 -0.58 34.95 -72.82
N MET H 475 0.23 35.25 -73.83
CA MET H 475 1.48 35.97 -73.63
C MET H 475 1.53 37.11 -74.62
N THR H 476 1.64 38.33 -74.10
CA THR H 476 1.69 39.52 -74.95
C THR H 476 2.95 39.51 -75.79
N MET H 477 2.86 40.16 -76.96
CA MET H 477 3.96 40.14 -77.93
C MET H 477 5.24 40.70 -77.37
N ASP H 478 5.17 41.58 -76.36
CA ASP H 478 6.38 42.08 -75.74
C ASP H 478 7.00 41.08 -74.78
N GLN H 479 6.18 40.32 -74.06
CA GLN H 479 6.72 39.30 -73.17
C GLN H 479 7.45 38.22 -73.93
N SER H 480 7.09 37.99 -75.20
CA SER H 480 7.76 36.98 -75.99
C SER H 480 9.14 37.40 -76.45
N ARG H 481 9.49 38.68 -76.32
CA ARG H 481 10.83 39.16 -76.64
C ARG H 481 11.71 39.27 -75.42
N LYS H 482 11.17 39.04 -74.23
CA LYS H 482 12.00 38.96 -73.04
C LYS H 482 12.43 37.53 -72.72
N VAL H 483 11.75 36.53 -73.28
CA VAL H 483 12.22 35.16 -73.10
C VAL H 483 13.27 34.82 -74.14
N LEU H 484 13.09 35.31 -75.37
CA LEU H 484 14.04 35.07 -76.49
C LEU H 484 15.34 35.79 -76.15
N LEU H 485 15.27 36.77 -75.25
CA LEU H 485 16.45 37.49 -74.81
C LEU H 485 17.08 36.90 -73.57
N ILE H 486 16.30 36.23 -72.72
CA ILE H 486 16.91 35.55 -71.57
C ILE H 486 17.49 34.22 -71.99
N GLY H 487 16.85 33.53 -72.95
CA GLY H 487 17.42 32.29 -73.44
C GLY H 487 18.73 32.53 -74.18
N LYS H 488 18.73 33.56 -75.04
CA LYS H 488 19.93 33.92 -75.83
C LYS H 488 21.05 34.37 -74.88
N SER H 489 20.69 35.07 -73.79
CA SER H 489 21.70 35.58 -72.86
C SER H 489 22.41 34.46 -72.11
N ILE H 490 21.75 33.32 -71.93
CA ILE H 490 22.36 32.20 -71.21
C ILE H 490 23.05 31.24 -72.17
N ASN H 491 22.46 31.08 -73.36
CA ASN H 491 23.07 30.18 -74.38
C ASN H 491 24.40 30.79 -74.82
N PHE H 492 24.45 32.12 -74.97
CA PHE H 492 25.67 32.81 -75.38
C PHE H 492 26.66 32.90 -74.24
N LEU H 493 26.18 32.89 -73.00
CA LEU H 493 27.08 32.92 -71.85
C LEU H 493 27.88 31.63 -71.70
N HIS H 494 27.38 30.53 -72.24
CA HIS H 494 28.05 29.24 -72.09
C HIS H 494 29.06 29.00 -73.20
N GLN H 495 28.63 29.12 -74.46
CA GLN H 495 29.47 28.72 -75.57
C GLN H 495 30.60 29.71 -75.81
N VAL H 496 30.25 30.95 -76.16
CA VAL H 496 31.26 31.91 -76.58
C VAL H 496 32.00 32.48 -75.39
N CYS H 497 31.28 32.96 -74.38
CA CYS H 497 31.93 33.54 -73.23
C CYS H 497 32.72 32.50 -72.43
N HIS H 498 32.46 31.22 -72.65
CA HIS H 498 33.18 30.12 -71.99
C HIS H 498 33.06 30.20 -70.47
N ASP H 499 31.82 30.04 -70.00
CA ASP H 499 31.53 30.09 -68.57
C ASP H 499 30.31 29.23 -68.30
N GLN H 500 30.29 28.59 -67.14
CA GLN H 500 29.18 27.76 -66.71
C GLN H 500 28.81 28.11 -65.28
N THR H 501 27.52 27.98 -64.97
CA THR H 501 27.02 28.28 -63.64
C THR H 501 26.86 27.01 -62.81
N GLU H 527 -1.61 35.86 -65.40
CA GLU H 527 -1.11 35.84 -64.04
C GLU H 527 -0.25 37.07 -63.76
N ASN H 528 0.06 37.29 -62.49
CA ASN H 528 0.98 38.35 -62.09
C ASN H 528 2.29 37.83 -61.54
N ALA H 529 2.28 36.71 -60.83
CA ALA H 529 3.53 36.08 -60.42
C ALA H 529 4.31 35.55 -61.61
N PHE H 530 3.64 35.28 -62.74
CA PHE H 530 4.35 34.86 -63.94
C PHE H 530 5.13 36.01 -64.55
N GLN H 531 4.52 37.18 -64.62
CA GLN H 531 5.23 38.36 -65.13
C GLN H 531 6.42 38.70 -64.26
N GLY H 532 6.28 38.53 -62.94
CA GLY H 532 7.39 38.76 -62.04
C GLY H 532 8.51 37.77 -62.17
N LYS H 533 8.22 36.58 -62.71
CA LYS H 533 9.27 35.59 -62.92
C LYS H 533 10.14 35.94 -64.12
N ILE H 534 9.53 36.45 -65.19
CA ILE H 534 10.30 36.85 -66.36
C ILE H 534 11.26 37.98 -66.00
N ASP H 535 10.75 39.00 -65.30
CA ASP H 535 11.60 40.12 -64.92
C ASP H 535 12.66 39.73 -63.92
N ALA H 536 12.35 38.78 -63.03
CA ALA H 536 13.37 38.30 -62.10
C ALA H 536 14.47 37.57 -62.83
N ALA H 537 14.12 36.81 -63.88
CA ALA H 537 15.12 36.13 -64.69
C ALA H 537 15.83 37.09 -65.64
N TYR H 538 15.36 38.32 -65.76
CA TYR H 538 15.98 39.31 -66.63
C TYR H 538 16.96 40.20 -65.88
N PHE H 539 16.53 40.77 -64.77
CA PHE H 539 17.38 41.69 -64.00
C PHE H 539 18.46 40.98 -63.24
N GLU H 540 18.64 39.68 -63.45
CA GLU H 540 19.73 38.93 -62.85
C GLU H 540 20.66 38.34 -63.90
N THR H 541 20.13 37.74 -64.96
CA THR H 541 20.98 37.17 -65.99
C THR H 541 21.75 38.23 -66.74
N SER H 542 21.06 39.28 -67.19
CA SER H 542 21.73 40.32 -67.96
C SER H 542 22.74 41.07 -67.10
N LYS H 543 22.38 41.40 -65.86
CA LYS H 543 23.32 42.07 -64.97
C LYS H 543 24.56 41.22 -64.72
N TYR H 544 24.42 39.89 -64.80
CA TYR H 544 25.58 39.02 -64.69
C TYR H 544 26.37 38.92 -65.98
N LEU H 545 25.69 39.07 -67.13
CA LEU H 545 26.40 38.99 -68.40
C LEU H 545 27.40 40.13 -68.56
N LEU H 546 27.09 41.31 -68.03
CA LEU H 546 28.02 42.42 -68.12
C LEU H 546 29.22 42.21 -67.20
N ASP H 547 28.98 41.64 -66.02
CA ASP H 547 30.08 41.44 -65.08
C ASP H 547 31.12 40.49 -65.65
N VAL H 548 30.68 39.39 -66.27
CA VAL H 548 31.63 38.47 -66.88
C VAL H 548 32.21 39.05 -68.15
N LEU H 549 31.58 40.07 -68.72
CA LEU H 549 32.07 40.69 -69.95
C LEU H 549 32.87 41.96 -69.67
N ASN H 550 32.99 42.38 -68.41
CA ASN H 550 33.83 43.49 -68.04
C ASN H 550 35.02 43.10 -67.17
N LYS H 551 34.97 41.96 -66.50
CA LYS H 551 36.06 41.48 -65.68
C LYS H 551 36.91 40.44 -66.38
N LYS H 552 36.29 39.56 -67.17
CA LYS H 552 37.03 38.54 -67.90
C LYS H 552 37.47 39.00 -69.28
N TYR H 553 36.88 40.09 -69.80
CA TYR H 553 37.26 40.59 -71.11
C TYR H 553 37.46 42.09 -71.18
N SER H 554 37.01 42.84 -70.19
CA SER H 554 37.18 44.29 -70.14
C SER H 554 36.65 44.94 -71.41
N LEU H 555 35.35 44.76 -71.64
CA LEU H 555 34.72 45.34 -72.83
C LEU H 555 34.82 46.86 -72.82
N LEU H 556 34.72 47.47 -71.65
CA LEU H 556 34.79 48.93 -71.56
C LEU H 556 36.21 49.44 -71.77
N ASP H 557 37.21 48.75 -71.21
CA ASP H 557 38.58 49.19 -71.35
C ASP H 557 39.07 49.15 -72.79
N HIS H 558 38.36 48.48 -73.69
CA HIS H 558 38.70 48.51 -75.10
C HIS H 558 38.04 49.68 -75.82
N MET H 559 36.83 50.06 -75.43
CA MET H 559 36.19 51.21 -76.04
C MET H 559 37.02 52.47 -75.81
N GLN H 560 37.50 52.68 -74.59
CA GLN H 560 38.35 53.83 -74.32
C GLN H 560 39.67 53.72 -75.06
N ALA H 561 40.27 52.53 -75.07
CA ALA H 561 41.53 52.36 -75.77
C ALA H 561 41.38 52.41 -77.28
N MET H 562 40.19 52.12 -77.80
CA MET H 562 39.96 52.19 -79.24
C MET H 562 39.66 53.61 -79.69
N ARG H 563 39.51 54.55 -78.77
CA ARG H 563 39.41 55.97 -79.07
C ARG H 563 40.75 56.66 -79.02
N ARG H 564 41.61 56.25 -78.08
CA ARG H 564 42.92 56.90 -77.95
C ARG H 564 43.76 56.69 -79.20
N TYR H 565 43.77 55.48 -79.75
CA TYR H 565 44.63 55.14 -80.87
C TYR H 565 43.90 55.22 -82.20
N LEU H 566 42.81 54.48 -82.37
CA LEU H 566 42.15 54.41 -83.66
C LEU H 566 41.44 55.72 -84.01
N LEU H 567 41.14 56.57 -83.04
CA LEU H 567 40.51 57.86 -83.28
C LEU H 567 41.43 59.02 -82.94
N LEU H 568 42.73 58.77 -82.84
CA LEU H 568 43.75 59.78 -82.58
C LEU H 568 43.53 60.52 -81.27
N GLY H 569 42.73 59.96 -80.37
CA GLY H 569 42.46 60.60 -79.11
C GLY H 569 43.64 60.71 -78.17
N GLN H 570 44.78 60.12 -78.52
CA GLN H 570 45.95 60.19 -77.66
C GLN H 570 46.77 61.45 -77.93
N GLY H 571 47.00 61.78 -79.20
CA GLY H 571 47.73 63.00 -79.52
C GLY H 571 49.21 62.95 -79.26
N ASP H 572 49.62 62.54 -78.06
CA ASP H 572 51.05 62.43 -77.76
C ASP H 572 51.69 61.32 -78.57
N PHE H 573 50.98 60.21 -78.78
CA PHE H 573 51.54 59.08 -79.52
C PHE H 573 51.51 59.33 -81.01
N ILE H 574 50.44 59.94 -81.52
CA ILE H 574 50.36 60.19 -82.96
C ILE H 574 51.35 61.26 -83.40
N ARG H 575 51.77 62.14 -82.49
CA ARG H 575 52.78 63.13 -82.86
C ARG H 575 54.09 62.45 -83.23
N HIS H 576 54.59 61.59 -82.34
CA HIS H 576 55.84 60.89 -82.62
C HIS H 576 55.70 59.96 -83.81
N LEU H 577 54.50 59.40 -84.01
CA LEU H 577 54.30 58.46 -85.11
C LEU H 577 54.29 59.15 -86.46
N MET H 578 53.97 60.44 -86.51
CA MET H 578 54.03 61.15 -87.78
C MET H 578 55.42 61.68 -88.08
N ASP H 579 56.30 61.72 -87.08
CA ASP H 579 57.68 62.13 -87.32
C ASP H 579 58.54 60.99 -87.81
N LEU H 580 58.16 59.75 -87.46
CA LEU H 580 58.97 58.56 -87.85
C LEU H 580 58.56 58.03 -89.23
N LEU H 581 57.27 58.14 -89.59
CA LEU H 581 56.82 57.66 -90.89
C LEU H 581 57.11 58.65 -92.01
N LYS H 582 57.60 59.84 -91.69
CA LYS H 582 57.90 60.82 -92.73
C LYS H 582 58.95 60.33 -93.72
N PRO H 583 60.11 59.80 -93.29
CA PRO H 583 61.10 59.34 -94.28
C PRO H 583 60.64 58.14 -95.10
N GLU H 584 59.59 57.44 -94.68
CA GLU H 584 59.19 56.22 -95.37
C GLU H 584 58.08 56.48 -96.38
N LEU H 585 56.99 57.12 -95.94
CA LEU H 585 55.81 57.25 -96.79
C LEU H 585 56.02 58.17 -97.99
N VAL H 586 57.09 58.96 -98.01
CA VAL H 586 57.33 59.83 -99.16
C VAL H 586 57.63 59.00 -100.40
N ARG H 587 58.15 57.79 -100.23
CA ARG H 587 58.41 56.92 -101.36
C ARG H 587 57.10 56.36 -101.91
N PRO H 588 57.10 55.92 -103.17
CA PRO H 588 55.88 55.31 -103.72
C PRO H 588 55.54 54.02 -103.00
N ALA H 589 54.28 53.58 -103.20
CA ALA H 589 53.77 52.43 -102.46
C ALA H 589 54.40 51.13 -102.91
N THR H 590 54.95 51.06 -104.12
CA THR H 590 55.48 49.81 -104.64
C THR H 590 56.67 49.31 -103.82
N THR H 591 57.46 50.22 -103.29
CA THR H 591 58.63 49.86 -102.48
C THR H 591 58.28 49.70 -101.01
N LEU H 592 57.00 49.76 -100.65
CA LEU H 592 56.57 49.69 -99.26
C LEU H 592 56.16 48.26 -98.92
N TYR H 593 56.66 47.76 -97.81
CA TYR H 593 56.34 46.43 -97.33
C TYR H 593 56.03 46.48 -95.85
N GLN H 594 54.97 45.77 -95.44
CA GLN H 594 54.42 45.93 -94.10
C GLN H 594 55.44 45.55 -93.02
N HIS H 595 56.26 44.54 -93.31
CA HIS H 595 57.25 43.99 -92.34
C HIS H 595 58.20 45.05 -91.79
N ASN H 596 58.34 46.19 -92.46
CA ASN H 596 59.27 47.22 -92.03
C ASN H 596 58.62 48.24 -91.09
N LEU H 597 57.35 48.57 -91.33
CA LEU H 597 56.71 49.63 -90.56
C LEU H 597 56.43 49.21 -89.12
N THR H 598 56.23 47.91 -88.88
CA THR H 598 55.88 47.45 -87.54
C THR H 598 56.97 47.81 -86.54
N GLY H 599 58.23 47.66 -86.95
CA GLY H 599 59.36 47.99 -86.07
C GLY H 599 59.23 49.40 -85.55
N ILE H 600 58.94 50.34 -86.46
CA ILE H 600 58.79 51.78 -86.10
C ILE H 600 57.59 51.93 -85.15
N LEU H 601 56.51 51.20 -85.42
CA LEU H 601 55.28 51.28 -84.59
C LEU H 601 55.58 50.85 -83.15
N GLU H 602 56.33 49.76 -82.98
CA GLU H 602 56.67 49.27 -81.60
C GLU H 602 57.50 50.32 -80.88
N THR H 603 58.48 50.90 -81.58
CA THR H 603 59.38 51.94 -81.00
C THR H 603 58.56 53.19 -80.63
N ALA H 604 57.59 53.55 -81.47
CA ALA H 604 56.78 54.77 -81.26
C ALA H 604 56.02 54.65 -79.93
N VAL H 605 55.47 53.48 -79.63
CA VAL H 605 54.69 53.30 -78.36
C VAL H 605 55.63 53.56 -77.17
N ARG H 606 56.86 53.01 -77.24
CA ARG H 606 57.87 53.18 -76.16
C ARG H 606 58.28 54.65 -76.05
N ALA H 607 58.46 55.32 -77.18
CA ALA H 607 58.93 56.72 -77.23
C ALA H 607 57.86 57.69 -76.71
N THR H 608 56.62 57.23 -76.50
CA THR H 608 55.57 58.11 -76.03
C THR H 608 55.02 57.60 -74.71
N ASN H 609 53.97 58.24 -74.21
CA ASN H 609 53.33 57.84 -72.96
C ASN H 609 52.46 56.59 -73.11
N ALA H 610 52.29 56.09 -74.33
CA ALA H 610 51.48 54.90 -74.53
C ALA H 610 52.14 53.62 -74.02
N GLN H 611 53.36 53.70 -73.51
CA GLN H 611 54.01 52.50 -72.99
C GLN H 611 53.35 52.06 -71.68
N PHE H 612 52.98 53.01 -70.82
CA PHE H 612 52.26 52.69 -69.59
C PHE H 612 50.82 52.37 -69.96
N ASP H 613 50.59 51.11 -70.34
CA ASP H 613 49.28 50.73 -70.86
C ASP H 613 49.12 49.23 -70.69
N SER H 614 47.85 48.79 -70.71
CA SER H 614 47.54 47.38 -70.55
C SER H 614 48.18 46.56 -71.66
N PRO H 615 48.96 45.52 -71.33
CA PRO H 615 49.62 44.74 -72.39
C PRO H 615 48.66 44.03 -73.31
N GLU H 616 47.44 43.73 -72.83
CA GLU H 616 46.50 43.00 -73.66
C GLU H 616 46.04 43.83 -74.85
N ILE H 617 45.59 45.05 -74.61
CA ILE H 617 45.12 45.89 -75.70
C ILE H 617 46.24 46.27 -76.65
N LEU H 618 47.48 46.34 -76.15
CA LEU H 618 48.62 46.60 -77.02
C LEU H 618 48.96 45.42 -77.91
N ARG H 619 48.44 44.23 -77.61
CA ARG H 619 48.71 43.09 -78.46
C ARG H 619 47.90 43.14 -79.76
N ARG H 620 46.76 43.83 -79.74
CA ARG H 620 45.91 43.88 -80.92
C ARG H 620 46.23 45.05 -81.85
N LEU H 621 46.85 46.11 -81.34
CA LEU H 621 47.14 47.29 -82.15
C LEU H 621 48.26 46.99 -83.13
N ASP H 622 47.95 46.99 -84.42
CA ASP H 622 48.96 46.77 -85.44
C ASP H 622 48.69 47.71 -86.62
N VAL H 623 49.34 47.42 -87.74
CA VAL H 623 49.24 48.20 -88.95
C VAL H 623 48.54 47.38 -90.02
N ARG H 624 47.95 48.05 -91.00
CA ARG H 624 47.45 47.39 -92.19
C ARG H 624 47.76 48.28 -93.38
N LEU H 625 47.82 47.66 -94.56
CA LEU H 625 48.15 48.36 -95.79
C LEU H 625 46.95 48.31 -96.71
N LEU H 626 46.31 49.46 -96.91
CA LEU H 626 45.15 49.55 -97.78
C LEU H 626 45.59 49.41 -99.24
N GLU H 627 44.74 48.79 -100.04
CA GLU H 627 45.00 48.65 -101.46
C GLU H 627 43.74 48.90 -102.28
N ASP H 632 50.12 55.86 -106.48
CA ASP H 632 49.82 56.10 -105.07
C ASP H 632 51.08 56.48 -104.31
N THR H 633 50.93 56.75 -103.02
CA THR H 633 52.04 57.16 -102.18
C THR H 633 51.83 56.59 -100.78
N GLY H 634 52.90 56.56 -99.99
CA GLY H 634 52.83 56.03 -98.64
C GLY H 634 51.83 56.74 -97.75
N TRP H 635 51.44 57.96 -98.09
CA TRP H 635 50.42 58.68 -97.33
C TRP H 635 49.01 58.39 -97.81
N ASP H 636 48.82 57.31 -98.58
CA ASP H 636 47.52 56.93 -99.07
C ASP H 636 47.16 55.49 -98.77
N VAL H 637 48.10 54.69 -98.26
CA VAL H 637 47.86 53.28 -98.00
C VAL H 637 48.18 52.87 -96.57
N PHE H 638 48.53 53.82 -95.70
CA PHE H 638 48.83 53.51 -94.31
C PHE H 638 47.62 53.78 -93.43
N SER H 639 47.37 52.87 -92.49
CA SER H 639 46.26 53.00 -91.54
C SER H 639 46.39 51.91 -90.49
N LEU H 640 45.96 52.24 -89.28
CA LEU H 640 45.95 51.27 -88.19
C LEU H 640 44.67 50.44 -88.25
N ASP H 641 44.72 49.26 -87.63
CA ASP H 641 43.60 48.32 -87.72
C ASP H 641 42.95 48.02 -86.38
N TYR H 642 43.73 47.59 -85.39
CA TYR H 642 43.20 47.15 -84.10
C TYR H 642 42.12 46.08 -84.29
N HIS H 643 42.56 44.94 -84.81
CA HIS H 643 41.65 43.81 -85.00
C HIS H 643 41.18 43.26 -83.67
N VAL H 644 39.93 42.80 -83.64
CA VAL H 644 39.32 42.26 -82.42
C VAL H 644 38.53 41.01 -82.77
N ASP H 645 38.83 39.91 -82.10
CA ASP H 645 38.15 38.64 -82.29
C ASP H 645 37.79 38.05 -80.93
N GLY H 646 36.74 37.25 -80.91
CA GLY H 646 36.30 36.60 -79.70
C GLY H 646 34.93 37.06 -79.26
N PRO H 647 34.69 37.07 -77.95
CA PRO H 647 33.40 37.58 -77.45
C PRO H 647 33.23 39.07 -77.67
N ILE H 648 34.29 39.85 -77.49
CA ILE H 648 34.20 41.29 -77.74
C ILE H 648 33.87 41.61 -79.18
N ALA H 649 34.07 40.66 -80.10
CA ALA H 649 33.75 40.89 -81.49
C ALA H 649 32.26 40.94 -81.77
N THR H 650 31.41 40.69 -80.77
CA THR H 650 29.97 40.82 -80.96
C THR H 650 29.47 42.24 -80.74
N VAL H 651 30.33 43.14 -80.29
CA VAL H 651 29.96 44.54 -80.16
C VAL H 651 30.37 45.33 -81.40
N PHE H 652 31.42 44.89 -82.10
CA PHE H 652 31.96 45.61 -83.25
C PHE H 652 31.52 45.01 -84.59
N THR H 653 31.44 43.69 -84.67
CA THR H 653 30.65 43.01 -85.71
C THR H 653 31.07 43.41 -87.13
N ARG H 654 32.36 43.65 -87.33
CA ARG H 654 32.92 43.78 -88.67
C ARG H 654 32.38 45.01 -89.41
N GLU H 655 31.42 45.71 -88.80
CA GLU H 655 30.90 46.94 -89.37
C GLU H 655 31.45 48.17 -88.68
N CYS H 656 31.68 48.10 -87.36
CA CYS H 656 32.37 49.17 -86.68
C CYS H 656 33.82 49.26 -87.13
N MET H 657 34.43 48.12 -87.47
CA MET H 657 35.77 48.15 -88.03
C MET H 657 35.79 48.59 -89.48
N SER H 658 34.66 48.49 -90.18
CA SER H 658 34.55 49.07 -91.51
C SER H 658 34.06 50.50 -91.48
N HIS H 659 33.75 51.04 -90.30
CA HIS H 659 33.40 52.44 -90.13
C HIS H 659 34.53 53.25 -89.51
N TYR H 660 35.25 52.68 -88.56
CA TYR H 660 36.39 53.39 -87.97
C TYR H 660 37.44 53.71 -89.03
N LEU H 661 37.77 52.74 -89.88
CA LEU H 661 38.71 53.01 -90.94
C LEU H 661 38.16 54.04 -91.92
N ARG H 662 36.84 54.07 -92.10
CA ARG H 662 36.23 55.12 -92.91
C ARG H 662 36.40 56.49 -92.24
N VAL H 663 36.51 56.51 -90.91
CA VAL H 663 36.75 57.75 -90.18
C VAL H 663 38.24 58.05 -90.11
N PHE H 664 39.07 57.03 -89.89
CA PHE H 664 40.48 57.25 -89.62
C PHE H 664 41.17 57.98 -90.77
N ASN H 665 40.70 57.82 -92.00
CA ASN H 665 41.29 58.56 -93.10
C ASN H 665 41.08 60.06 -92.94
N PHE H 666 39.86 60.47 -92.58
CA PHE H 666 39.59 61.90 -92.45
C PHE H 666 40.36 62.50 -91.28
N LEU H 667 40.64 61.73 -90.24
CA LEU H 667 41.46 62.24 -89.15
C LEU H 667 42.94 62.15 -89.45
N TRP H 668 43.35 61.30 -90.39
CA TRP H 668 44.74 61.25 -90.78
C TRP H 668 45.09 62.39 -91.74
N ARG H 669 44.19 62.67 -92.69
CA ARG H 669 44.43 63.77 -93.61
C ARG H 669 44.44 65.10 -92.87
N ALA H 670 43.42 65.36 -92.06
CA ALA H 670 43.38 66.60 -91.28
C ALA H 670 44.46 66.67 -90.23
N LYS H 671 45.31 65.64 -90.11
CA LYS H 671 46.45 65.69 -89.22
C LYS H 671 47.77 65.93 -89.95
N ARG H 672 47.90 65.45 -91.19
CA ARG H 672 49.09 65.79 -91.97
C ARG H 672 48.97 67.14 -92.63
N MET H 673 47.73 67.58 -92.94
CA MET H 673 47.53 68.93 -93.45
C MET H 673 47.81 69.98 -92.39
N GLU H 674 47.95 69.58 -91.13
CA GLU H 674 48.32 70.51 -90.07
C GLU H 674 49.81 70.49 -89.77
N TYR H 675 50.43 69.30 -89.75
CA TYR H 675 51.87 69.25 -89.52
C TYR H 675 52.66 69.71 -90.73
N ILE H 676 52.03 69.79 -91.89
CA ILE H 676 52.64 70.50 -93.02
C ILE H 676 52.63 72.01 -92.74
N LEU H 677 51.50 72.52 -92.27
CA LEU H 677 51.34 73.95 -92.06
C LEU H 677 52.03 74.46 -90.82
N THR H 678 52.45 73.60 -89.92
CA THR H 678 53.35 74.03 -88.86
C THR H 678 54.81 73.83 -89.22
N ASP H 679 55.09 73.13 -90.32
CA ASP H 679 56.45 73.07 -90.85
C ASP H 679 56.74 74.30 -91.69
N ILE H 680 55.79 74.71 -92.54
CA ILE H 680 55.94 75.95 -93.29
C ILE H 680 56.12 77.12 -92.35
N ARG H 681 55.26 77.21 -91.33
CA ARG H 681 55.43 78.25 -90.32
C ARG H 681 56.75 78.12 -89.59
N LYS H 682 57.31 76.92 -89.52
CA LYS H 682 58.65 76.77 -88.94
C LYS H 682 59.72 77.26 -89.90
N GLY H 683 59.49 77.11 -91.20
CA GLY H 683 60.45 77.61 -92.17
C GLY H 683 60.55 79.13 -92.15
N HIS H 684 59.41 79.81 -92.10
CA HIS H 684 59.43 81.27 -92.07
C HIS H 684 60.04 81.77 -90.77
N MET H 685 59.97 80.97 -89.71
CA MET H 685 60.59 81.34 -88.44
C MET H 685 62.10 81.17 -88.47
N CYS H 686 62.63 80.53 -89.51
CA CYS H 686 64.07 80.52 -89.79
C CYS H 686 64.44 81.27 -91.05
N ASN H 687 63.48 81.54 -91.92
CA ASN H 687 63.77 82.26 -93.16
C ASN H 687 64.25 83.68 -92.86
N ALA H 688 63.41 84.48 -92.21
CA ALA H 688 63.74 85.87 -91.95
C ALA H 688 64.94 86.02 -91.02
N LYS H 689 65.40 84.95 -90.39
CA LYS H 689 66.58 85.04 -89.54
C LYS H 689 67.88 84.89 -90.30
N LEU H 690 67.83 84.65 -91.62
CA LEU H 690 69.02 84.57 -92.45
C LEU H 690 69.08 85.68 -93.48
N LEU H 691 68.03 85.85 -94.29
CA LEU H 691 68.04 86.80 -95.39
C LEU H 691 67.36 88.11 -95.03
N ARG H 692 67.49 88.56 -93.78
CA ARG H 692 66.95 89.85 -93.36
C ARG H 692 67.79 91.02 -93.85
N ASN H 693 68.79 90.78 -94.70
CA ASN H 693 69.65 91.84 -95.21
C ASN H 693 69.36 92.19 -96.67
N MET H 694 68.36 91.58 -97.29
CA MET H 694 68.01 91.85 -98.68
C MET H 694 66.66 92.55 -98.73
N PRO H 695 66.63 93.88 -98.63
CA PRO H 695 65.34 94.59 -98.57
C PRO H 695 64.53 94.51 -99.85
N GLU H 696 65.13 94.08 -100.96
CA GLU H 696 64.40 93.93 -102.21
C GLU H 696 63.58 92.65 -102.28
N PHE H 697 63.78 91.74 -101.33
CA PHE H 697 63.06 90.48 -101.35
C PHE H 697 61.90 90.43 -100.37
N SER H 698 61.88 91.28 -99.36
CA SER H 698 60.81 91.26 -98.37
C SER H 698 59.48 91.70 -98.95
N GLY H 699 59.48 92.38 -100.10
CA GLY H 699 58.22 92.78 -100.71
C GLY H 699 57.43 91.58 -101.19
N VAL H 700 58.08 90.63 -101.84
CA VAL H 700 57.40 89.42 -102.29
C VAL H 700 57.39 88.36 -101.21
N LEU H 701 58.34 88.40 -100.28
CA LEU H 701 58.35 87.44 -99.17
C LEU H 701 57.15 87.68 -98.26
N HIS H 702 56.64 88.91 -98.21
CA HIS H 702 55.53 89.20 -97.31
C HIS H 702 54.28 88.43 -97.71
N GLN H 703 53.98 88.38 -99.01
CA GLN H 703 52.83 87.61 -99.47
C GLN H 703 52.96 86.13 -99.13
N CYS H 704 54.19 85.67 -98.89
CA CYS H 704 54.38 84.28 -98.47
C CYS H 704 53.96 84.07 -97.02
N HIS H 705 54.00 85.13 -96.20
CA HIS H 705 53.59 85.00 -94.81
C HIS H 705 52.07 85.10 -94.67
N ILE H 706 51.48 86.14 -95.27
CA ILE H 706 50.05 86.37 -95.10
C ILE H 706 49.24 85.19 -95.62
N LEU H 707 49.62 84.67 -96.80
CA LEU H 707 48.92 83.50 -97.32
C LEU H 707 49.04 82.31 -96.40
N ALA H 708 50.14 82.21 -95.66
CA ALA H 708 50.29 81.13 -94.69
C ALA H 708 49.33 81.33 -93.51
N SER H 709 49.39 82.50 -92.88
CA SER H 709 48.56 82.76 -91.71
C SER H 709 47.07 82.81 -92.05
N GLU H 710 46.71 83.12 -93.29
CA GLU H 710 45.34 82.97 -93.71
C GLU H 710 44.96 81.51 -93.96
N MET H 711 45.95 80.66 -94.23
CA MET H 711 45.69 79.25 -94.46
C MET H 711 45.73 78.44 -93.18
N VAL H 712 46.64 78.76 -92.26
CA VAL H 712 46.71 78.01 -91.02
C VAL H 712 45.49 78.25 -90.14
N HIS H 713 44.80 79.37 -90.33
CA HIS H 713 43.57 79.60 -89.56
C HIS H 713 42.48 78.62 -89.96
N PHE H 714 42.24 78.47 -91.26
CA PHE H 714 41.20 77.57 -91.72
C PHE H 714 41.44 76.14 -91.26
N ILE H 715 42.70 75.73 -91.15
CA ILE H 715 43.02 74.37 -90.70
C ILE H 715 43.00 74.30 -89.18
N HIS H 716 43.65 75.24 -88.50
CA HIS H 716 43.68 75.22 -87.05
C HIS H 716 42.31 75.48 -86.43
N GLN H 717 41.35 75.98 -87.20
CA GLN H 717 39.99 76.14 -86.69
C GLN H 717 39.15 74.89 -86.92
N MET H 718 39.18 74.35 -88.14
CA MET H 718 38.49 73.08 -88.38
C MET H 718 39.05 71.98 -87.50
N GLN H 719 40.32 72.09 -87.11
CA GLN H 719 40.89 71.10 -86.19
C GLN H 719 40.22 71.19 -84.83
N TYR H 720 39.65 72.34 -84.49
CA TYR H 720 38.94 72.44 -83.21
C TYR H 720 37.53 71.88 -83.33
N TYR H 721 36.86 72.13 -84.45
CA TYR H 721 35.53 71.55 -84.66
C TYR H 721 35.58 70.04 -84.60
N ILE H 722 36.73 69.44 -84.90
CA ILE H 722 36.85 67.99 -84.79
C ILE H 722 36.92 67.57 -83.33
N THR H 723 37.55 68.38 -82.48
CA THR H 723 37.72 67.98 -81.09
C THR H 723 36.44 68.13 -80.28
N PHE H 724 35.82 69.32 -80.33
CA PHE H 724 34.73 69.65 -79.43
C PHE H 724 33.36 69.26 -79.98
N GLU H 725 33.15 69.42 -81.29
CA GLU H 725 31.83 69.19 -81.88
C GLU H 725 31.63 67.74 -82.33
N VAL H 726 32.69 66.95 -82.47
CA VAL H 726 32.60 65.61 -83.01
C VAL H 726 33.09 64.57 -82.01
N LEU H 727 34.28 64.79 -81.43
CA LEU H 727 34.83 63.81 -80.51
C LEU H 727 34.33 64.02 -79.09
N GLU H 728 34.58 65.20 -78.52
CA GLU H 728 34.28 65.40 -77.10
C GLU H 728 32.78 65.48 -76.83
N CYS H 729 31.97 65.82 -77.82
CA CYS H 729 30.54 65.92 -77.61
C CYS H 729 29.81 64.63 -77.92
N SER H 730 30.11 64.00 -79.06
CA SER H 730 29.43 62.76 -79.42
C SER H 730 29.92 61.57 -78.61
N TRP H 731 31.09 61.66 -77.99
CA TRP H 731 31.52 60.60 -77.08
C TRP H 731 30.87 60.74 -75.71
N ASP H 732 30.51 61.96 -75.31
CA ASP H 732 29.89 62.15 -74.01
C ASP H 732 28.49 61.57 -73.98
N GLU H 733 27.78 61.59 -75.10
CA GLU H 733 26.49 60.94 -75.18
C GLU H 733 26.60 59.43 -75.28
N LEU H 734 27.82 58.89 -75.32
CA LEU H 734 28.04 57.45 -75.29
C LEU H 734 28.43 56.95 -73.90
N TRP H 735 29.37 57.62 -73.24
CA TRP H 735 29.71 57.23 -71.89
C TRP H 735 28.60 57.53 -70.90
N ASN H 736 27.62 58.32 -71.29
CA ASN H 736 26.46 58.56 -70.46
C ASN H 736 25.40 57.48 -70.62
N LYS H 737 25.27 56.92 -71.82
CA LYS H 737 24.33 55.84 -72.08
C LYS H 737 24.99 54.46 -72.00
N VAL H 738 26.06 54.35 -71.23
CA VAL H 738 26.72 53.08 -70.97
C VAL H 738 26.82 52.80 -69.47
N GLN H 739 27.21 53.80 -68.69
CA GLN H 739 27.22 53.65 -67.24
C GLN H 739 25.81 53.50 -66.66
N GLN H 740 24.77 53.69 -67.47
CA GLN H 740 23.40 53.48 -67.03
C GLN H 740 22.68 52.40 -67.81
N ALA H 741 23.22 51.94 -68.93
CA ALA H 741 22.60 50.90 -69.71
C ALA H 741 22.87 49.54 -69.07
N GLN H 742 22.37 48.49 -69.71
CA GLN H 742 22.55 47.12 -69.23
C GLN H 742 22.17 46.17 -70.36
N ASP H 743 22.11 44.87 -70.03
CA ASP H 743 21.68 43.78 -70.89
C ASP H 743 22.36 43.75 -72.26
N LEU H 744 23.46 44.47 -72.42
CA LEU H 744 24.32 44.37 -73.58
C LEU H 744 23.60 44.67 -74.90
N ASP H 745 22.32 44.98 -74.83
CA ASP H 745 21.58 45.39 -76.01
C ASP H 745 21.22 46.87 -75.98
N HIS H 746 21.39 47.53 -74.84
CA HIS H 746 21.44 48.97 -74.78
C HIS H 746 22.84 49.50 -74.96
N ILE H 747 23.85 48.64 -74.93
CA ILE H 747 25.22 49.03 -75.21
C ILE H 747 25.51 49.00 -76.70
N ILE H 748 25.08 47.95 -77.39
CA ILE H 748 25.25 47.90 -78.84
C ILE H 748 24.51 49.05 -79.51
N ALA H 749 23.27 49.28 -79.12
CA ALA H 749 22.49 50.36 -79.71
C ALA H 749 22.99 51.73 -79.31
N ALA H 750 23.77 51.83 -78.24
CA ALA H 750 24.37 53.11 -77.88
C ALA H 750 25.72 53.32 -78.57
N HIS H 751 26.43 52.23 -78.86
CA HIS H 751 27.67 52.31 -79.61
C HIS H 751 27.45 52.34 -81.11
N GLU H 752 26.30 51.85 -81.60
CA GLU H 752 26.02 51.89 -83.02
C GLU H 752 25.63 53.28 -83.48
N VAL H 753 24.84 53.99 -82.67
CA VAL H 753 24.50 55.37 -83.02
C VAL H 753 25.68 56.30 -82.80
N PHE H 754 26.64 55.91 -81.96
CA PHE H 754 27.86 56.69 -81.79
C PHE H 754 28.70 56.70 -83.06
N LEU H 755 28.50 55.75 -83.95
CA LEU H 755 29.15 55.74 -85.25
C LEU H 755 28.27 56.25 -86.37
N ASP H 756 27.06 56.69 -86.06
CA ASP H 756 26.21 57.32 -87.06
C ASP H 756 26.13 58.82 -86.91
N THR H 757 26.59 59.37 -85.79
CA THR H 757 26.72 60.81 -85.67
C THR H 757 28.10 61.29 -86.09
N ILE H 758 29.15 60.56 -85.73
CA ILE H 758 30.50 60.95 -86.16
C ILE H 758 30.61 60.92 -87.67
N ILE H 759 30.03 59.91 -88.31
CA ILE H 759 29.97 59.90 -89.76
C ILE H 759 29.14 61.07 -90.27
N SER H 760 28.11 61.47 -89.53
CA SER H 760 27.26 62.56 -89.96
C SER H 760 27.83 63.93 -89.61
N ARG H 761 28.42 64.07 -88.42
CA ARG H 761 28.98 65.36 -88.05
C ARG H 761 30.25 65.67 -88.82
N CYS H 762 31.07 64.65 -89.08
CA CYS H 762 32.05 64.77 -90.15
C CYS H 762 31.33 64.68 -91.49
N LEU H 763 32.02 65.06 -92.54
CA LEU H 763 31.39 65.18 -93.85
C LEU H 763 31.43 63.89 -94.66
N LEU H 764 31.57 62.74 -93.99
CA LEU H 764 31.68 61.45 -94.68
C LEU H 764 30.34 60.80 -94.95
N ASP H 765 29.26 61.57 -95.01
CA ASP H 765 27.95 60.98 -95.30
C ASP H 765 27.83 60.66 -96.78
N SER H 766 26.62 60.28 -97.18
CA SER H 766 26.33 59.95 -98.56
C SER H 766 25.74 61.13 -99.32
N ASP H 767 24.87 61.90 -98.68
CA ASP H 767 24.26 63.05 -99.33
C ASP H 767 25.05 64.34 -99.15
N SER H 768 26.12 64.32 -98.34
CA SER H 768 27.02 65.45 -98.21
C SER H 768 28.26 65.30 -99.09
N ARG H 769 28.11 64.58 -100.21
CA ARG H 769 29.26 64.32 -101.08
C ARG H 769 29.79 65.60 -101.69
N ALA H 770 28.90 66.51 -102.09
CA ALA H 770 29.35 67.76 -102.69
C ALA H 770 30.18 68.60 -101.73
N LEU H 771 30.08 68.34 -100.42
CA LEU H 771 30.83 69.13 -99.45
C LEU H 771 32.25 68.62 -99.29
N LEU H 772 32.44 67.31 -99.18
CA LEU H 772 33.77 66.79 -98.92
C LEU H 772 34.69 67.00 -100.12
N ASN H 773 34.20 66.73 -101.34
CA ASN H 773 34.99 66.98 -102.53
C ASN H 773 35.35 68.46 -102.65
N GLN H 774 34.52 69.34 -102.08
CA GLN H 774 34.87 70.75 -102.04
C GLN H 774 35.98 71.01 -101.03
N LEU H 775 36.00 70.27 -99.92
CA LEU H 775 37.05 70.45 -98.93
C LEU H 775 38.39 69.95 -99.44
N ARG H 776 38.39 68.89 -100.26
CA ARG H 776 39.64 68.34 -100.74
C ARG H 776 40.44 69.36 -101.54
N ALA H 777 39.76 70.20 -102.32
CA ALA H 777 40.45 71.22 -103.08
C ALA H 777 41.21 72.17 -102.16
N VAL H 778 40.60 72.53 -101.02
CA VAL H 778 41.31 73.35 -100.04
C VAL H 778 42.46 72.58 -99.43
N PHE H 779 42.28 71.26 -99.23
CA PHE H 779 43.37 70.43 -98.76
C PHE H 779 44.50 70.37 -99.78
N ASP H 780 44.17 70.50 -101.07
CA ASP H 780 45.21 70.46 -102.09
C ASP H 780 45.99 71.77 -102.16
N GLN H 781 45.30 72.90 -102.00
CA GLN H 781 45.98 74.19 -102.10
C GLN H 781 47.04 74.36 -101.01
N ILE H 782 46.95 73.60 -99.92
CA ILE H 782 48.00 73.67 -98.91
C ILE H 782 49.26 73.00 -99.42
N ILE H 783 49.12 71.94 -100.21
CA ILE H 783 50.31 71.26 -100.75
C ILE H 783 50.97 72.11 -101.82
N GLU H 784 50.17 72.73 -102.69
CA GLU H 784 50.73 73.55 -103.76
C GLU H 784 51.47 74.75 -103.20
N LEU H 785 51.09 75.23 -102.02
CA LEU H 785 51.87 76.28 -101.38
C LEU H 785 53.24 75.79 -101.00
N GLN H 786 53.32 74.59 -100.40
CA GLN H 786 54.61 74.05 -100.00
C GLN H 786 55.55 73.84 -101.19
N ASN H 787 55.01 73.55 -102.36
CA ASN H 787 55.83 73.40 -103.56
C ASN H 787 56.23 74.75 -104.14
N ALA H 788 55.34 75.73 -104.11
CA ALA H 788 55.64 77.07 -104.60
C ALA H 788 56.33 77.93 -103.56
N GLN H 789 56.74 77.36 -102.43
CA GLN H 789 57.41 78.13 -101.38
C GLN H 789 58.90 77.82 -101.34
N ASP H 790 59.25 76.53 -101.25
CA ASP H 790 60.66 76.15 -101.21
C ASP H 790 61.37 76.56 -102.50
N ALA H 791 60.66 76.60 -103.61
CA ALA H 791 61.24 77.13 -104.84
C ALA H 791 61.62 78.60 -104.68
N ILE H 792 60.74 79.39 -104.09
CA ILE H 792 61.06 80.79 -103.83
C ILE H 792 62.00 80.91 -102.63
N TYR H 793 62.00 79.91 -101.74
CA TYR H 793 62.91 79.92 -100.61
C TYR H 793 64.33 79.59 -101.05
N ARG H 794 64.48 78.51 -101.81
CA ARG H 794 65.82 78.06 -102.19
C ARG H 794 66.46 79.02 -103.19
N ALA H 795 65.67 79.55 -104.13
CA ALA H 795 66.21 80.48 -105.12
C ALA H 795 66.79 81.73 -104.48
N ALA H 796 66.35 82.07 -103.27
CA ALA H 796 66.93 83.19 -102.55
C ALA H 796 68.15 82.80 -101.72
N LEU H 797 68.28 81.53 -101.34
CA LEU H 797 69.47 81.09 -100.62
C LEU H 797 70.65 80.85 -101.55
N GLU H 798 70.39 80.42 -102.78
CA GLU H 798 71.48 80.27 -103.74
C GLU H 798 72.09 81.64 -104.06
N GLU H 799 71.25 82.60 -104.44
CA GLU H 799 71.74 83.94 -104.73
C GLU H 799 72.40 84.58 -103.52
N LEU H 800 71.98 84.21 -102.31
CA LEU H 800 72.63 84.71 -101.12
C LEU H 800 73.99 84.04 -100.91
N GLN H 801 74.06 82.74 -101.19
CA GLN H 801 75.32 82.02 -100.99
C GLN H 801 76.37 82.47 -101.99
N ARG H 802 75.99 82.67 -103.25
CA ARG H 802 76.93 83.19 -104.23
C ARG H 802 77.39 84.59 -103.86
N ARG H 803 76.46 85.44 -103.39
CA ARG H 803 76.81 86.78 -102.95
C ARG H 803 77.76 86.75 -101.76
N LEU H 804 77.73 85.68 -100.97
CA LEU H 804 78.69 85.56 -99.86
C LEU H 804 80.09 85.24 -100.38
N GLN H 805 80.20 84.20 -101.23
CA GLN H 805 81.51 83.81 -101.75
C GLN H 805 82.07 84.81 -102.74
N PHE H 806 81.21 85.58 -103.41
CA PHE H 806 81.68 86.56 -104.39
C PHE H 806 82.40 87.74 -103.74
N GLU H 807 82.39 87.84 -102.41
CA GLU H 807 83.04 88.94 -101.72
C GLU H 807 83.98 88.51 -100.60
N GLU H 808 83.88 87.27 -100.10
CA GLU H 808 84.75 86.85 -99.01
C GLU H 808 86.12 86.43 -99.51
N LYS H 809 86.20 85.88 -100.71
CA LYS H 809 87.49 85.45 -101.24
C LYS H 809 88.28 86.62 -101.82
N LYS H 810 87.60 87.66 -102.28
CA LYS H 810 88.26 88.81 -102.88
C LYS H 810 88.51 89.93 -101.88
N LYS H 811 87.85 89.89 -100.71
CA LYS H 811 88.03 90.93 -99.70
C LYS H 811 88.21 90.33 -98.31
N GLU H 825 85.12 91.48 -113.72
CA GLU H 825 84.68 90.76 -112.53
C GLU H 825 83.51 91.48 -111.86
N GLU H 826 83.69 92.76 -111.56
CA GLU H 826 82.64 93.53 -110.91
C GLU H 826 81.48 93.84 -111.85
N GLU H 827 81.72 93.83 -113.16
CA GLU H 827 80.68 94.15 -114.13
C GLU H 827 79.93 92.92 -114.61
N GLU H 828 80.57 91.75 -114.65
CA GLU H 828 79.92 90.54 -115.12
C GLU H 828 78.92 89.97 -114.11
N GLU H 829 78.94 90.44 -112.88
CA GLU H 829 77.98 89.99 -111.87
C GLU H 829 76.81 90.94 -111.69
N ASN H 830 77.00 92.23 -111.93
CA ASN H 830 75.89 93.16 -111.83
C ASN H 830 74.77 92.81 -112.81
N LYS H 831 75.12 92.20 -113.94
CA LYS H 831 74.08 91.69 -114.83
C LYS H 831 73.41 90.45 -114.24
N ARG H 832 74.17 89.66 -113.47
CA ARG H 832 73.57 88.52 -112.78
C ARG H 832 72.75 88.97 -111.58
N ILE H 833 73.25 89.95 -110.83
CA ILE H 833 72.46 90.54 -109.75
C ILE H 833 71.32 91.36 -110.32
N GLY H 834 71.54 92.04 -111.44
CA GLY H 834 70.50 92.83 -112.05
C GLY H 834 69.36 91.99 -112.59
N GLU H 835 69.68 90.86 -113.22
CA GLU H 835 68.63 89.98 -113.71
C GLU H 835 67.90 89.29 -112.56
N PHE H 836 68.59 89.04 -111.45
CA PHE H 836 67.96 88.40 -110.31
C PHE H 836 66.85 89.27 -109.73
N LYS H 837 67.04 90.60 -109.76
CA LYS H 837 65.97 91.49 -109.35
C LYS H 837 64.82 91.46 -110.35
N GLU H 838 65.10 91.17 -111.61
CA GLU H 838 64.05 91.15 -112.63
C GLU H 838 63.20 89.89 -112.58
N SER H 839 63.71 88.80 -112.01
CA SER H 839 62.90 87.61 -111.85
C SER H 839 61.96 87.69 -110.66
N ILE H 840 62.12 88.68 -109.79
CA ILE H 840 61.26 88.79 -108.61
C ILE H 840 59.80 89.06 -108.99
N PRO H 841 59.49 90.05 -109.85
CA PRO H 841 58.08 90.26 -110.20
C PRO H 841 57.43 89.07 -110.88
N LYS H 842 58.22 88.15 -111.42
CA LYS H 842 57.63 86.91 -111.94
C LYS H 842 57.09 86.04 -110.82
N MET H 843 57.87 85.88 -109.75
CA MET H 843 57.40 85.09 -108.62
C MET H 843 56.25 85.78 -107.89
N CYS H 844 56.22 87.11 -107.89
CA CYS H 844 55.12 87.82 -107.26
C CYS H 844 53.80 87.52 -107.95
N SER H 845 53.81 87.36 -109.27
CA SER H 845 52.59 87.01 -109.98
C SER H 845 52.13 85.59 -109.69
N GLN H 846 52.99 84.76 -109.10
CA GLN H 846 52.55 83.44 -108.64
C GLN H 846 51.74 83.54 -107.36
N LEU H 847 52.34 84.12 -106.31
CA LEU H 847 51.64 84.26 -105.04
C LEU H 847 50.48 85.22 -105.12
N ARG H 848 50.42 86.07 -106.15
CA ARG H 848 49.26 86.92 -106.34
C ARG H 848 48.13 86.19 -107.02
N ILE H 849 48.43 85.15 -107.81
CA ILE H 849 47.38 84.36 -108.44
C ILE H 849 47.06 83.09 -107.65
N LEU H 850 47.98 82.62 -106.81
CA LEU H 850 47.66 81.49 -105.95
C LEU H 850 46.73 81.92 -104.82
N THR H 851 46.97 83.10 -104.26
CA THR H 851 46.10 83.59 -103.19
C THR H 851 44.71 83.90 -103.72
N HIS H 852 44.62 84.62 -104.84
CA HIS H 852 43.33 85.00 -105.39
C HIS H 852 42.49 83.80 -105.79
N PHE H 853 43.09 82.63 -105.92
CA PHE H 853 42.34 81.41 -106.16
C PHE H 853 42.06 80.62 -104.90
N TYR H 854 42.90 80.75 -103.88
CA TYR H 854 42.62 80.12 -102.60
C TYR H 854 41.39 80.74 -101.95
N GLN H 855 41.27 82.07 -102.00
CA GLN H 855 40.10 82.72 -101.44
C GLN H 855 38.84 82.42 -102.26
N GLY H 856 39.00 82.10 -103.55
CA GLY H 856 37.85 81.74 -104.35
C GLY H 856 37.30 80.36 -104.08
N ILE H 857 38.07 79.52 -103.40
CA ILE H 857 37.61 78.18 -103.07
C ILE H 857 37.14 78.07 -101.62
N VAL H 858 37.49 79.03 -100.78
CA VAL H 858 36.99 79.06 -99.40
C VAL H 858 35.66 79.81 -99.33
N GLN H 859 35.59 80.98 -99.95
CA GLN H 859 34.33 81.70 -100.02
C GLN H 859 33.25 80.90 -100.74
N GLN H 860 33.66 79.95 -101.58
CA GLN H 860 32.70 79.00 -102.15
C GLN H 860 32.42 77.87 -101.17
N PHE H 861 33.39 77.51 -100.35
CA PHE H 861 33.19 76.44 -99.37
C PHE H 861 32.10 76.81 -98.37
N LEU H 862 32.12 78.05 -97.87
CA LEU H 862 31.14 78.46 -96.86
C LEU H 862 29.72 78.42 -97.41
N VAL H 863 29.55 78.80 -98.67
CA VAL H 863 28.22 78.82 -99.28
C VAL H 863 27.62 77.43 -99.28
N LEU H 864 28.45 76.39 -99.36
CA LEU H 864 27.93 75.03 -99.38
C LEU H 864 27.49 74.53 -98.01
N LEU H 865 27.95 75.17 -96.92
CA LEU H 865 27.51 74.75 -95.59
C LEU H 865 26.06 75.11 -95.32
N THR H 866 25.56 76.21 -95.87
CA THR H 866 24.17 76.57 -95.71
C THR H 866 23.34 75.64 -96.58
N THR H 867 23.16 74.42 -96.09
CA THR H 867 22.46 73.38 -96.83
C THR H 867 21.01 73.77 -97.09
N ASP H 870 23.04 68.00 -90.36
CA ASP H 870 22.57 69.11 -91.18
C ASP H 870 22.37 70.36 -90.33
N GLU H 871 22.58 70.23 -89.03
CA GLU H 871 22.48 71.36 -88.11
C GLU H 871 23.76 71.62 -87.35
N SER H 872 24.47 70.56 -86.92
CA SER H 872 25.72 70.76 -86.20
C SER H 872 26.78 71.44 -87.07
N LEU H 873 26.62 71.42 -88.39
CA LEU H 873 27.54 72.15 -89.25
C LEU H 873 27.47 73.65 -89.05
N ARG H 874 26.33 74.15 -88.58
CA ARG H 874 26.21 75.59 -88.32
C ARG H 874 27.24 76.06 -87.32
N PHE H 875 27.63 75.20 -86.38
CA PHE H 875 28.70 75.54 -85.46
C PHE H 875 30.05 75.64 -86.16
N LEU H 876 30.18 75.10 -87.37
CA LEU H 876 31.44 75.23 -88.09
C LEU H 876 31.51 76.55 -88.85
N SER H 877 30.40 76.98 -89.44
CA SER H 877 30.39 78.24 -90.17
C SER H 877 30.74 79.41 -89.28
N PHE H 878 30.46 79.32 -87.99
CA PHE H 878 30.86 80.36 -87.06
C PHE H 878 32.35 80.30 -86.75
N ARG H 879 32.92 79.10 -86.67
CA ARG H 879 34.34 78.97 -86.37
C ARG H 879 35.19 79.60 -87.48
N LEU H 880 34.83 79.34 -88.73
CA LEU H 880 35.62 79.85 -89.86
C LEU H 880 35.40 81.33 -90.07
N ASP H 881 34.14 81.77 -89.99
CA ASP H 881 33.75 83.14 -90.31
C ASP H 881 33.74 84.04 -89.08
N PHE H 882 34.55 83.72 -88.07
CA PHE H 882 34.65 84.56 -86.89
C PHE H 882 35.18 85.93 -87.30
N ASN H 883 34.71 86.97 -86.61
CA ASN H 883 34.97 88.39 -86.89
C ASN H 883 34.54 88.79 -88.29
N GLU H 884 33.85 87.91 -89.02
CA GLU H 884 33.28 88.20 -90.33
C GLU H 884 34.33 88.77 -91.30
N HIS H 885 35.50 88.11 -91.36
CA HIS H 885 36.48 88.54 -92.34
C HIS H 885 36.03 88.21 -93.75
N TYR H 886 35.35 87.08 -93.93
CA TYR H 886 34.66 86.81 -95.17
C TYR H 886 33.25 87.40 -95.08
N LYS H 887 32.41 87.07 -96.05
CA LYS H 887 31.06 87.64 -96.16
C LYS H 887 31.10 89.16 -96.17
N ALA H 888 32.19 89.72 -96.70
CA ALA H 888 32.40 91.16 -96.79
C ALA H 888 32.25 91.83 -95.42
N MET I 1 -19.97 -15.05 -65.02
CA MET I 1 -19.36 -14.51 -66.22
C MET I 1 -18.35 -13.43 -65.85
N ILE I 2 -18.60 -12.75 -64.72
CA ILE I 2 -17.69 -11.68 -64.24
C ILE I 2 -16.33 -12.31 -63.95
N HIS I 3 -16.28 -13.28 -63.04
CA HIS I 3 -15.03 -13.96 -62.74
C HIS I 3 -14.47 -14.67 -63.96
N GLU I 4 -15.33 -15.03 -64.91
CA GLU I 4 -14.85 -15.53 -66.19
C GLU I 4 -14.06 -14.47 -66.94
N LEU I 5 -14.59 -13.25 -67.00
CA LEU I 5 -13.91 -12.18 -67.71
C LEU I 5 -12.62 -11.79 -67.02
N LEU I 6 -12.67 -11.61 -65.70
CA LEU I 6 -11.49 -11.16 -64.96
C LEU I 6 -10.32 -12.13 -65.08
N LEU I 7 -10.56 -13.35 -65.54
CA LEU I 7 -9.45 -14.22 -65.92
C LEU I 7 -9.03 -14.00 -67.35
N ALA I 8 -9.99 -13.74 -68.25
CA ALA I 8 -9.65 -13.46 -69.63
C ALA I 8 -8.78 -12.22 -69.73
N LEU I 9 -9.03 -11.23 -68.88
CA LEU I 9 -8.17 -10.06 -68.82
C LEU I 9 -6.86 -10.32 -68.09
N SER I 10 -6.66 -11.53 -67.58
CA SER I 10 -5.43 -11.86 -66.88
C SER I 10 -4.44 -12.62 -67.75
N GLY I 11 -4.90 -13.28 -68.80
CA GLY I 11 -4.00 -14.02 -69.67
C GLY I 11 -4.43 -15.46 -69.88
N TYR I 12 -5.66 -15.78 -69.50
CA TYR I 12 -6.19 -17.14 -69.64
C TYR I 12 -7.42 -17.12 -70.52
N PRO I 13 -7.34 -17.59 -71.75
CA PRO I 13 -8.50 -17.60 -72.64
C PRO I 13 -9.30 -18.88 -72.55
N GLY I 14 -10.61 -18.73 -72.79
CA GLY I 14 -11.51 -19.87 -72.70
C GLY I 14 -12.52 -19.94 -73.83
N SER I 15 -13.60 -20.69 -73.61
CA SER I 15 -14.59 -20.89 -74.66
C SER I 15 -15.30 -19.59 -75.01
N ILE I 16 -15.68 -18.82 -74.00
CA ILE I 16 -16.41 -17.54 -74.25
C ILE I 16 -15.46 -16.55 -74.95
N PHE I 17 -14.19 -16.52 -74.54
CA PHE I 17 -13.21 -15.58 -75.05
C PHE I 17 -12.13 -16.38 -75.76
N THR I 18 -12.34 -16.68 -77.04
CA THR I 18 -11.37 -17.44 -77.80
C THR I 18 -10.10 -16.61 -78.03
N TRP I 19 -9.03 -17.31 -78.36
CA TRP I 19 -7.74 -16.70 -78.60
C TRP I 19 -7.27 -17.03 -80.02
N ASN I 20 -6.81 -16.00 -80.73
CA ASN I 20 -6.30 -16.15 -82.08
C ASN I 20 -4.87 -15.62 -82.13
N LYS I 21 -4.00 -16.35 -82.82
CA LYS I 21 -2.59 -16.02 -82.80
C LYS I 21 -2.27 -14.71 -83.52
N ARG I 22 -3.12 -14.29 -84.46
CA ARG I 22 -2.87 -13.08 -85.23
C ARG I 22 -3.67 -11.89 -84.72
N SER I 23 -4.99 -12.01 -84.67
CA SER I 23 -5.82 -10.88 -84.30
C SER I 23 -5.66 -10.52 -82.82
N GLY I 24 -6.01 -11.44 -81.94
CA GLY I 24 -5.95 -11.23 -80.51
C GLY I 24 -7.22 -11.70 -79.85
N LEU I 25 -7.37 -11.36 -78.58
CA LEU I 25 -8.56 -11.76 -77.82
C LEU I 25 -9.81 -11.13 -78.43
N GLN I 26 -10.89 -11.91 -78.46
CA GLN I 26 -12.15 -11.46 -79.03
C GLN I 26 -13.24 -12.44 -78.64
N VAL I 27 -14.48 -11.95 -78.63
CA VAL I 27 -15.62 -12.78 -78.28
C VAL I 27 -15.99 -13.66 -79.46
N SER I 28 -16.41 -14.89 -79.17
CA SER I 28 -16.65 -15.87 -80.22
C SER I 28 -17.83 -15.47 -81.11
N GLN I 29 -19.04 -15.44 -80.55
CA GLN I 29 -20.22 -15.00 -81.30
C GLN I 29 -21.30 -14.59 -80.32
N ASP I 30 -22.52 -14.40 -80.83
CA ASP I 30 -23.65 -13.99 -80.01
C ASP I 30 -23.97 -15.04 -78.95
N PHE I 31 -24.36 -14.57 -77.76
CA PHE I 31 -24.73 -15.45 -76.63
C PHE I 31 -26.16 -15.10 -76.20
N PRO I 32 -27.08 -16.08 -76.09
CA PRO I 32 -28.48 -15.80 -75.74
C PRO I 32 -28.73 -15.19 -74.35
N PHE I 33 -28.03 -15.69 -73.33
CA PHE I 33 -28.20 -15.20 -71.94
C PHE I 33 -27.90 -13.70 -71.85
N LEU I 34 -26.78 -13.26 -72.44
CA LEU I 34 -26.37 -11.83 -72.41
C LEU I 34 -27.09 -11.07 -73.53
N HIS I 35 -27.00 -9.74 -73.50
CA HIS I 35 -27.64 -8.88 -74.54
C HIS I 35 -26.76 -8.87 -75.79
N PRO I 36 -27.31 -8.51 -76.98
CA PRO I 36 -26.51 -8.49 -78.22
C PRO I 36 -25.77 -7.17 -78.42
N SER I 37 -25.96 -6.22 -77.48
CA SER I 37 -25.31 -4.89 -77.58
C SER I 37 -23.97 -4.90 -76.83
N GLU I 38 -23.80 -5.83 -75.87
CA GLU I 38 -22.56 -5.92 -75.07
C GLU I 38 -21.43 -6.50 -75.94
N THR I 39 -21.78 -7.30 -76.94
CA THR I 39 -20.79 -7.95 -77.84
C THR I 39 -19.79 -6.90 -78.38
N SER I 40 -20.06 -5.62 -78.16
CA SER I 40 -19.14 -4.58 -78.65
C SER I 40 -18.18 -4.14 -77.57
N VAL I 41 -18.70 -3.78 -76.39
CA VAL I 41 -17.86 -3.23 -75.33
C VAL I 41 -16.78 -4.23 -74.93
N LEU I 42 -17.15 -5.52 -74.90
CA LEU I 42 -16.14 -6.55 -74.61
C LEU I 42 -15.02 -6.50 -75.64
N ASN I 43 -15.38 -6.43 -76.92
CA ASN I 43 -14.35 -6.34 -77.96
C ASN I 43 -13.49 -5.10 -77.77
N ARG I 44 -14.11 -4.05 -77.21
CA ARG I 44 -13.37 -2.80 -76.89
C ARG I 44 -12.50 -3.09 -75.65
N LEU I 45 -12.99 -3.98 -74.77
CA LEU I 45 -12.28 -4.36 -73.52
C LEU I 45 -11.11 -5.30 -73.80
N CYS I 46 -11.26 -6.18 -74.81
CA CYS I 46 -10.21 -7.14 -75.16
C CYS I 46 -9.01 -6.48 -75.81
N ARG I 47 -9.24 -5.32 -76.44
CA ARG I 47 -8.13 -4.55 -77.08
C ARG I 47 -7.08 -4.26 -76.00
N LEU I 48 -7.45 -4.47 -74.73
CA LEU I 48 -6.54 -4.25 -73.58
C LEU I 48 -5.91 -5.60 -73.21
N GLY I 49 -6.73 -6.66 -73.18
CA GLY I 49 -6.19 -7.98 -72.86
C GLY I 49 -5.13 -8.43 -73.84
N THR I 50 -5.36 -8.18 -75.14
CA THR I 50 -4.38 -8.56 -76.15
C THR I 50 -3.02 -7.96 -75.85
N ASP I 51 -3.02 -6.74 -75.29
CA ASP I 51 -1.77 -6.03 -74.94
C ASP I 51 -1.02 -6.76 -73.82
N TYR I 52 -1.73 -7.15 -72.75
CA TYR I 52 -1.10 -7.82 -71.62
C TYR I 52 -0.57 -9.18 -72.00
N ILE I 53 -1.32 -9.92 -72.82
CA ILE I 53 -0.83 -11.23 -73.26
C ILE I 53 0.40 -11.07 -74.12
N ARG I 54 0.32 -10.26 -75.19
CA ARG I 54 1.48 -10.00 -76.01
C ARG I 54 2.61 -9.36 -75.22
N PHE I 55 2.29 -8.72 -74.10
CA PHE I 55 3.34 -8.25 -73.20
C PHE I 55 4.02 -9.42 -72.51
N THR I 56 3.26 -10.19 -71.73
CA THR I 56 3.85 -11.22 -70.88
C THR I 56 4.49 -12.32 -71.71
N GLU I 57 3.98 -12.59 -72.91
CA GLU I 57 4.63 -13.56 -73.78
C GLU I 57 6.02 -13.09 -74.17
N PHE I 58 6.15 -11.80 -74.50
CA PHE I 58 7.46 -11.25 -74.81
C PHE I 58 8.33 -11.17 -73.57
N ILE I 59 7.75 -10.82 -72.41
CA ILE I 59 8.52 -10.72 -71.19
C ILE I 59 9.17 -12.05 -70.86
N GLU I 60 8.40 -13.13 -70.96
CA GLU I 60 8.96 -14.45 -70.67
C GLU I 60 9.99 -14.85 -71.71
N GLN I 61 9.70 -14.59 -72.99
CA GLN I 61 10.57 -15.06 -74.06
C GLN I 61 11.94 -14.41 -74.01
N TYR I 62 12.05 -13.23 -73.40
CA TYR I 62 13.31 -12.48 -73.32
C TYR I 62 13.82 -12.05 -74.69
N THR I 63 13.04 -12.28 -75.75
CA THR I 63 13.48 -11.89 -77.09
C THR I 63 12.74 -10.66 -77.57
N LEU I 81 18.21 -11.55 -80.65
CA LEU I 81 18.33 -10.47 -79.67
C LEU I 81 18.81 -10.97 -78.31
N HIS I 82 19.68 -10.18 -77.69
CA HIS I 82 20.19 -10.47 -76.36
C HIS I 82 20.88 -9.21 -75.86
N GLY I 83 21.38 -9.29 -74.63
CA GLY I 83 22.04 -8.16 -74.02
C GLY I 83 21.40 -7.81 -72.70
N ILE I 84 22.21 -7.32 -71.76
CA ILE I 84 21.70 -6.98 -70.44
C ILE I 84 20.65 -5.89 -70.53
N TYR I 85 20.88 -4.89 -71.37
CA TYR I 85 19.94 -3.79 -71.50
C TYR I 85 18.58 -4.24 -72.01
N LEU I 86 18.52 -5.41 -72.65
CA LEU I 86 17.22 -5.99 -72.96
C LEU I 86 16.66 -6.76 -71.78
N ARG I 87 17.53 -7.44 -71.02
CA ARG I 87 17.07 -8.13 -69.82
C ARG I 87 16.48 -7.14 -68.83
N ALA I 88 17.19 -6.04 -68.58
CA ALA I 88 16.71 -5.08 -67.59
C ALA I 88 15.46 -4.36 -68.06
N PHE I 89 15.33 -4.13 -69.36
CA PHE I 89 14.13 -3.48 -69.88
C PHE I 89 12.88 -4.30 -69.54
N CYS I 90 12.95 -5.62 -69.78
CA CYS I 90 11.83 -6.47 -69.39
C CYS I 90 11.70 -6.54 -67.88
N THR I 91 12.83 -6.56 -67.15
CA THR I 91 12.77 -6.53 -65.71
C THR I 91 12.01 -5.31 -65.21
N GLY I 92 12.27 -4.15 -65.80
CA GLY I 92 11.51 -2.96 -65.45
C GLY I 92 10.11 -2.96 -66.03
N LEU I 93 9.93 -3.58 -67.21
CA LEU I 93 8.63 -3.54 -67.85
C LEU I 93 7.55 -4.20 -67.01
N ASP I 94 7.91 -5.11 -66.11
CA ASP I 94 6.92 -5.69 -65.22
C ASP I 94 6.53 -4.73 -64.11
N SER I 95 7.42 -3.80 -63.75
CA SER I 95 7.12 -2.88 -62.66
C SER I 95 6.02 -1.90 -63.04
N VAL I 96 6.11 -1.32 -64.24
CA VAL I 96 5.04 -0.42 -64.69
C VAL I 96 3.75 -1.20 -64.87
N LEU I 97 3.87 -2.50 -65.17
CA LEU I 97 2.68 -3.36 -65.39
C LEU I 97 2.10 -3.86 -64.06
N GLN I 98 2.71 -3.52 -62.92
CA GLN I 98 2.18 -3.98 -61.64
C GLN I 98 0.85 -3.35 -61.27
N PRO I 99 0.66 -2.03 -61.36
CA PRO I 99 -0.65 -1.47 -60.99
C PRO I 99 -1.80 -2.02 -61.81
N TYR I 100 -1.49 -2.57 -62.99
CA TYR I 100 -2.55 -3.16 -63.85
C TYR I 100 -3.09 -4.41 -63.14
N ARG I 101 -2.20 -5.31 -62.72
CA ARG I 101 -2.61 -6.52 -62.02
C ARG I 101 -3.33 -6.17 -60.72
N GLN I 102 -2.71 -5.32 -59.91
CA GLN I 102 -3.29 -4.98 -58.60
C GLN I 102 -4.67 -4.38 -58.76
N ALA I 103 -4.85 -3.51 -59.74
CA ALA I 103 -6.18 -2.96 -59.99
C ALA I 103 -7.14 -3.99 -60.54
N LEU I 104 -6.64 -5.14 -61.00
CA LEU I 104 -7.55 -6.17 -61.48
C LEU I 104 -8.01 -7.07 -60.34
N LEU I 105 -7.12 -7.36 -59.38
CA LEU I 105 -7.53 -8.11 -58.20
C LEU I 105 -8.66 -7.40 -57.46
N ASP I 106 -8.69 -6.08 -57.51
CA ASP I 106 -9.68 -5.33 -56.75
C ASP I 106 -11.09 -5.56 -57.27
N LEU I 107 -11.24 -5.55 -58.60
CA LEU I 107 -12.56 -5.73 -59.28
C LEU I 107 -13.34 -6.91 -58.68
N GLU I 108 -12.65 -8.03 -58.41
CA GLU I 108 -13.32 -9.22 -57.83
C GLU I 108 -13.91 -8.89 -56.45
N GLN I 109 -13.17 -8.12 -55.64
CA GLN I 109 -13.60 -7.77 -54.25
C GLN I 109 -14.90 -6.96 -54.30
N GLU I 110 -14.97 -5.97 -55.19
CA GLU I 110 -16.17 -5.10 -55.32
C GLU I 110 -17.36 -5.95 -55.77
N PHE I 111 -17.13 -6.92 -56.65
CA PHE I 111 -18.21 -7.79 -57.18
C PHE I 111 -18.62 -8.82 -56.12
N LEU I 112 -17.70 -9.13 -55.19
CA LEU I 112 -17.98 -10.11 -54.11
C LEU I 112 -18.95 -9.47 -53.11
N GLY I 113 -18.88 -8.14 -52.95
CA GLY I 113 -19.76 -7.41 -52.01
C GLY I 113 -21.19 -7.35 -52.50
N ASP I 114 -21.47 -6.48 -53.47
CA ASP I 114 -22.84 -6.33 -54.03
C ASP I 114 -22.93 -7.07 -55.37
N PRO I 115 -23.97 -7.90 -55.60
CA PRO I 115 -24.13 -8.63 -56.85
C PRO I 115 -25.05 -7.88 -57.83
N HIS I 116 -24.94 -6.55 -57.87
CA HIS I 116 -25.79 -5.72 -58.77
C HIS I 116 -24.91 -4.94 -59.74
N LEU I 117 -23.60 -5.20 -59.74
CA LEU I 117 -22.64 -4.48 -60.63
C LEU I 117 -22.63 -5.16 -62.01
N SER I 118 -22.74 -4.36 -63.08
CA SER I 118 -22.73 -4.86 -64.47
C SER I 118 -21.36 -4.61 -65.14
N ILE I 119 -21.21 -5.08 -66.39
CA ILE I 119 -19.96 -4.93 -67.14
C ILE I 119 -19.58 -3.47 -67.31
N SER I 120 -20.60 -2.61 -67.35
CA SER I 120 -20.40 -1.14 -67.49
C SER I 120 -19.39 -0.66 -66.44
N HIS I 121 -19.65 -0.97 -65.17
CA HIS I 121 -18.75 -0.57 -64.05
C HIS I 121 -17.37 -1.21 -64.23
N VAL I 122 -17.34 -2.50 -64.64
CA VAL I 122 -16.05 -3.22 -64.83
C VAL I 122 -15.25 -2.52 -65.93
N ASN I 123 -15.93 -2.15 -67.02
CA ASN I 123 -15.27 -1.45 -68.16
C ASN I 123 -14.76 -0.09 -67.66
N TYR I 124 -15.56 0.58 -66.83
CA TYR I 124 -15.23 1.91 -66.27
C TYR I 124 -13.98 1.83 -65.39
N PHE I 125 -13.82 0.76 -64.62
CA PHE I 125 -12.69 0.62 -63.68
C PHE I 125 -11.33 0.62 -64.38
N LEU I 126 -11.23 0.01 -65.57
CA LEU I 126 -9.93 -0.06 -66.30
C LEU I 126 -9.43 1.35 -66.65
N ASP I 127 -10.34 2.21 -67.10
CA ASP I 127 -10.13 3.64 -67.51
C ASP I 127 -8.68 3.99 -67.88
N GLN I 128 -7.80 4.09 -66.88
CA GLN I 128 -6.39 4.55 -67.06
C GLN I 128 -5.58 3.55 -67.90
N PHE I 129 -5.77 2.24 -67.68
CA PHE I 129 -5.01 1.20 -68.41
C PHE I 129 -5.35 1.23 -69.92
N GLN I 130 -6.61 1.57 -70.25
CA GLN I 130 -7.08 1.64 -71.66
C GLN I 130 -6.34 2.74 -72.45
N LEU I 131 -5.93 3.82 -71.79
CA LEU I 131 -5.24 4.93 -72.52
C LEU I 131 -3.72 4.88 -72.31
N LEU I 132 -3.22 3.85 -71.62
CA LEU I 132 -1.76 3.75 -71.36
C LEU I 132 -1.11 2.69 -72.25
N PHE I 133 -1.61 1.46 -72.20
CA PHE I 133 -1.05 0.31 -72.98
C PHE I 133 -0.83 0.69 -74.44
N PRO I 134 -1.83 1.24 -75.16
CA PRO I 134 -1.68 1.61 -76.59
C PRO I 134 -0.41 2.40 -76.91
N SER I 135 -0.07 3.40 -76.09
CA SER I 135 1.13 4.24 -76.31
C SER I 135 2.40 3.47 -75.93
N VAL I 136 2.29 2.49 -75.04
CA VAL I 136 3.47 1.70 -74.59
C VAL I 136 3.49 0.36 -75.34
N MET I 137 2.84 0.31 -76.50
CA MET I 137 2.79 -0.94 -77.31
C MET I 137 3.78 -0.81 -78.48
N VAL I 138 3.85 0.38 -79.08
CA VAL I 138 4.75 0.62 -80.22
C VAL I 138 6.19 0.71 -79.78
N VAL I 139 6.44 1.05 -78.51
CA VAL I 139 7.82 1.06 -78.01
C VAL I 139 8.39 -0.35 -78.06
N VAL I 140 7.58 -1.35 -77.74
CA VAL I 140 8.02 -2.73 -77.87
C VAL I 140 8.16 -3.11 -79.34
N GLU I 141 7.23 -2.65 -80.18
CA GLU I 141 7.24 -3.06 -81.57
C GLU I 141 8.46 -2.52 -82.29
N GLN I 142 8.91 -1.32 -81.95
CA GLN I 142 10.11 -0.78 -82.58
C GLN I 142 11.34 -1.62 -82.24
N ILE I 143 11.36 -2.24 -81.06
CA ILE I 143 12.51 -3.04 -80.68
C ILE I 143 12.55 -4.35 -81.47
N LYS I 144 11.46 -5.10 -81.45
CA LYS I 144 11.43 -6.40 -82.12
C LYS I 144 11.42 -6.29 -83.64
N SER I 145 11.26 -5.09 -84.20
CA SER I 145 11.21 -4.93 -85.63
C SER I 145 12.43 -4.22 -86.22
N GLN I 146 13.39 -3.81 -85.38
CA GLN I 146 14.57 -3.13 -85.86
C GLN I 146 15.85 -3.63 -85.22
N LYS I 147 15.78 -4.70 -84.41
CA LYS I 147 16.96 -5.31 -83.79
C LYS I 147 17.77 -4.27 -83.03
N ILE I 148 17.10 -3.56 -82.12
CA ILE I 148 17.76 -2.51 -81.35
C ILE I 148 18.63 -3.17 -80.28
N HIS I 149 19.91 -3.32 -80.60
CA HIS I 149 20.87 -4.02 -79.77
C HIS I 149 21.74 -3.01 -79.02
N GLY I 150 22.05 -3.33 -77.77
CA GLY I 150 22.99 -2.52 -77.01
C GLY I 150 22.38 -1.37 -76.26
N CYS I 151 23.21 -0.39 -75.91
CA CYS I 151 22.76 0.77 -75.14
C CYS I 151 21.86 1.69 -75.95
N GLN I 152 21.71 1.43 -77.25
CA GLN I 152 20.83 2.25 -78.08
C GLN I 152 19.38 2.23 -77.59
N ILE I 153 19.04 1.32 -76.69
CA ILE I 153 17.71 1.32 -76.10
C ILE I 153 17.51 2.55 -75.22
N LEU I 154 18.55 2.96 -74.51
CA LEU I 154 18.45 4.11 -73.61
C LEU I 154 18.18 5.42 -74.34
N GLU I 155 18.12 5.39 -75.67
CA GLU I 155 17.63 6.53 -76.44
C GLU I 155 16.27 6.25 -77.07
N THR I 156 16.08 5.06 -77.64
CA THR I 156 14.80 4.72 -78.23
C THR I 156 13.68 4.80 -77.21
N VAL I 157 13.96 4.47 -75.96
CA VAL I 157 12.96 4.68 -74.93
C VAL I 157 12.91 6.14 -74.52
N TYR I 158 14.04 6.86 -74.63
CA TYR I 158 14.05 8.25 -74.21
C TYR I 158 13.36 9.15 -75.23
N LYS I 159 13.54 8.87 -76.52
CA LYS I 159 12.86 9.65 -77.54
C LYS I 159 11.35 9.57 -77.43
N HIS I 160 10.83 8.52 -76.81
CA HIS I 160 9.41 8.40 -76.53
C HIS I 160 9.05 8.85 -75.12
N SER I 161 10.04 9.23 -74.31
CA SER I 161 9.76 9.71 -72.97
C SER I 161 9.32 11.16 -72.95
N CYS I 162 9.58 11.90 -74.03
CA CYS I 162 9.15 13.30 -74.15
C CYS I 162 7.75 13.43 -74.72
N GLY I 163 6.92 12.40 -74.52
CA GLY I 163 5.52 12.41 -74.99
C GLY I 163 4.65 13.34 -74.14
N GLY I 164 3.51 13.76 -74.69
CA GLY I 164 2.60 14.69 -73.98
C GLY I 164 1.78 14.02 -72.90
N LEU I 165 1.24 12.83 -73.19
CA LEU I 165 0.39 12.07 -72.23
C LEU I 165 1.07 12.00 -70.86
N PRO I 166 0.52 12.65 -69.81
CA PRO I 166 1.13 12.63 -68.47
C PRO I 166 1.36 11.20 -67.98
N PRO I 167 0.36 10.30 -68.04
CA PRO I 167 0.51 8.91 -67.56
C PRO I 167 1.73 8.23 -68.21
N VAL I 168 1.89 8.39 -69.53
CA VAL I 168 3.04 7.77 -70.25
C VAL I 168 4.33 8.43 -69.76
N ARG I 169 4.38 9.77 -69.78
CA ARG I 169 5.58 10.52 -69.33
C ARG I 169 5.99 10.04 -67.94
N SER I 170 5.04 9.48 -67.18
CA SER I 170 5.34 8.97 -65.85
C SER I 170 5.59 7.47 -65.83
N ALA I 171 5.37 6.79 -66.95
CA ALA I 171 5.62 5.35 -67.02
C ALA I 171 7.02 5.06 -67.54
N LEU I 172 7.33 5.54 -68.75
CA LEU I 172 8.63 5.27 -69.34
C LEU I 172 9.76 5.82 -68.48
N GLU I 173 9.53 6.96 -67.81
CA GLU I 173 10.55 7.49 -66.92
C GLU I 173 10.96 6.49 -65.86
N LYS I 174 10.02 5.67 -65.40
CA LYS I 174 10.37 4.60 -64.46
C LYS I 174 11.29 3.58 -65.12
N ILE I 175 10.96 3.16 -66.34
CA ILE I 175 11.78 2.18 -67.03
C ILE I 175 13.17 2.73 -67.29
N LEU I 176 13.25 3.99 -67.71
CA LEU I 176 14.56 4.63 -67.87
C LEU I 176 15.26 4.77 -66.53
N ALA I 177 14.51 4.82 -65.43
CA ALA I 177 15.12 4.97 -64.12
C ALA I 177 15.76 3.68 -63.64
N VAL I 178 15.32 2.53 -64.16
CA VAL I 178 15.91 1.26 -63.76
C VAL I 178 16.91 0.81 -64.82
N CYS I 179 16.63 1.14 -66.09
CA CYS I 179 17.58 0.81 -67.13
C CYS I 179 18.90 1.55 -66.94
N HIS I 180 18.86 2.75 -66.38
CA HIS I 180 20.09 3.44 -66.02
C HIS I 180 20.85 2.73 -64.93
N GLY I 181 20.16 1.93 -64.10
CA GLY I 181 20.84 1.20 -63.06
C GLY I 181 21.90 0.26 -63.61
N VAL I 182 21.71 -0.25 -64.82
CA VAL I 182 22.71 -1.11 -65.42
C VAL I 182 23.95 -0.31 -65.80
N MET I 183 23.76 0.75 -66.59
CA MET I 183 24.88 1.61 -66.94
C MET I 183 25.59 2.11 -65.68
N TYR I 184 24.82 2.59 -64.70
CA TYR I 184 25.42 3.04 -63.46
C TYR I 184 26.17 1.93 -62.75
N LYS I 185 25.74 0.68 -62.93
CA LYS I 185 26.52 -0.43 -62.39
C LYS I 185 27.83 -0.59 -63.16
N GLN I 186 27.74 -0.71 -64.48
CA GLN I 186 28.94 -0.89 -65.29
C GLN I 186 29.86 0.32 -65.20
N LEU I 187 29.29 1.52 -65.25
CA LEU I 187 30.12 2.72 -65.28
C LEU I 187 30.98 2.83 -64.03
N SER I 188 30.39 2.57 -62.87
CA SER I 188 31.16 2.61 -61.63
C SER I 188 32.14 1.46 -61.55
N ALA I 189 31.79 0.31 -62.14
CA ALA I 189 32.70 -0.82 -62.13
C ALA I 189 33.94 -0.55 -62.96
N TRP I 190 33.83 0.33 -63.97
CA TRP I 190 34.96 0.62 -64.81
C TRP I 190 35.78 1.80 -64.31
N MET I 191 35.12 2.86 -63.84
CA MET I 191 35.83 4.08 -63.48
C MET I 191 36.65 3.94 -62.19
N LEU I 192 36.57 2.80 -61.51
CA LEU I 192 37.37 2.60 -60.30
C LEU I 192 38.07 1.25 -60.24
N HIS I 193 37.75 0.31 -61.13
CA HIS I 193 38.40 -0.99 -61.14
C HIS I 193 39.09 -1.31 -62.46
N GLY I 194 39.14 -0.35 -63.40
CA GLY I 194 39.92 -0.49 -64.60
C GLY I 194 39.41 -1.51 -65.59
N LEU I 195 38.48 -2.39 -65.20
CA LEU I 195 37.95 -3.40 -66.10
C LEU I 195 36.50 -3.09 -66.42
N LEU I 196 36.05 -3.58 -67.58
CA LEU I 196 34.67 -3.41 -68.01
C LEU I 196 34.01 -4.77 -68.04
N LEU I 197 33.00 -4.95 -67.19
CA LEU I 197 32.24 -6.20 -67.15
C LEU I 197 31.29 -6.21 -68.34
N ASP I 198 31.70 -6.90 -69.41
CA ASP I 198 30.85 -7.01 -70.59
C ASP I 198 31.34 -8.18 -71.43
N GLN I 199 30.40 -8.86 -72.07
CA GLN I 199 30.72 -9.95 -72.97
C GLN I 199 29.86 -9.93 -74.23
N HIS I 200 29.18 -8.82 -74.51
CA HIS I 200 28.36 -8.72 -75.72
C HIS I 200 28.54 -7.39 -76.42
N GLU I 201 29.55 -6.60 -76.05
CA GLU I 201 29.80 -5.28 -76.60
C GLU I 201 28.56 -4.39 -76.43
N GLU I 202 28.22 -4.13 -75.17
CA GLU I 202 27.08 -3.31 -74.81
C GLU I 202 27.48 -1.90 -74.44
N PHE I 203 28.29 -1.77 -73.40
CA PHE I 203 28.79 -0.47 -72.99
C PHE I 203 29.53 0.18 -74.14
N PHE I 204 29.62 1.50 -74.13
CA PHE I 204 30.12 2.21 -75.30
C PHE I 204 31.65 2.29 -75.36
N ILE I 205 32.35 1.32 -74.79
CA ILE I 205 33.81 1.26 -74.82
C ILE I 205 34.23 -0.15 -75.19
N LYS I 206 35.11 -0.26 -76.18
CA LYS I 206 35.54 -1.56 -76.67
C LYS I 206 37.05 -1.65 -76.76
N GLN I 256 45.17 -0.79 -74.52
CA GLN I 256 44.79 0.29 -75.43
C GLN I 256 43.32 0.19 -75.83
N PHE I 257 42.48 0.95 -75.16
CA PHE I 257 41.05 0.95 -75.43
C PHE I 257 40.68 2.14 -76.31
N SER I 258 39.41 2.17 -76.72
CA SER I 258 38.91 3.19 -77.63
C SER I 258 37.55 3.66 -77.13
N LEU I 259 36.86 4.42 -77.96
CA LEU I 259 35.55 4.94 -77.66
C LEU I 259 34.60 4.54 -78.78
N ARG I 260 33.31 4.50 -78.47
CA ARG I 260 32.27 4.21 -79.46
C ARG I 260 31.33 5.39 -79.60
N VAL I 261 30.99 5.71 -80.84
CA VAL I 261 30.05 6.78 -81.12
C VAL I 261 28.76 6.27 -81.73
N GLU I 262 28.81 5.21 -82.55
CA GLU I 262 27.62 4.68 -83.20
C GLU I 262 26.66 4.00 -82.23
N ILE I 263 26.99 3.94 -80.95
CA ILE I 263 26.11 3.30 -79.98
C ILE I 263 25.93 4.22 -78.77
N LEU I 264 26.67 5.32 -78.76
CA LEU I 264 26.63 6.22 -77.62
C LEU I 264 25.23 6.84 -77.49
N PRO I 265 24.76 7.11 -76.29
CA PRO I 265 23.44 7.71 -76.11
C PRO I 265 23.32 9.06 -76.79
N SER I 266 22.09 9.57 -76.83
CA SER I 266 21.84 10.85 -77.49
C SER I 266 22.09 12.03 -76.55
N TYR I 267 21.39 12.06 -75.42
CA TYR I 267 21.48 13.21 -74.53
C TYR I 267 22.84 13.33 -73.85
N ILE I 268 23.69 12.32 -73.92
CA ILE I 268 25.02 12.40 -73.33
C ILE I 268 25.95 13.11 -74.30
N PRO I 269 26.60 14.18 -73.89
CA PRO I 269 27.54 14.87 -74.78
C PRO I 269 28.87 14.13 -74.89
N VAL I 270 29.56 14.36 -76.00
CA VAL I 270 30.83 13.69 -76.22
C VAL I 270 31.89 14.20 -75.26
N ARG I 271 31.74 15.42 -74.73
CA ARG I 271 32.73 15.97 -73.82
C ARG I 271 32.91 15.09 -72.60
N VAL I 272 31.81 14.71 -71.95
CA VAL I 272 31.92 13.82 -70.79
C VAL I 272 32.34 12.43 -71.23
N ALA I 273 31.92 12.01 -72.43
CA ALA I 273 32.36 10.71 -72.93
C ALA I 273 33.88 10.62 -73.00
N GLU I 274 34.52 11.68 -73.49
CA GLU I 274 35.98 11.73 -73.47
C GLU I 274 36.52 11.69 -72.05
N LYS I 275 35.83 12.37 -71.12
CA LYS I 275 36.27 12.37 -69.73
C LYS I 275 36.23 10.97 -69.15
N ILE I 276 35.23 10.18 -69.53
CA ILE I 276 35.15 8.81 -69.02
C ILE I 276 36.28 7.98 -69.59
N LEU I 277 36.55 8.10 -70.88
CA LEU I 277 37.57 7.27 -71.52
C LEU I 277 38.93 7.49 -70.90
N PHE I 278 39.21 8.69 -70.40
CA PHE I 278 40.52 8.96 -69.81
C PHE I 278 40.60 8.49 -68.37
N VAL I 279 39.53 8.71 -67.58
CA VAL I 279 39.61 8.37 -66.16
C VAL I 279 39.73 6.88 -65.94
N GLY I 280 39.34 6.07 -66.91
CA GLY I 280 39.44 4.63 -66.74
C GLY I 280 40.77 4.08 -67.22
N GLU I 281 41.14 4.42 -68.46
CA GLU I 281 42.44 3.98 -68.98
C GLU I 281 43.57 4.38 -68.06
N SER I 282 43.43 5.50 -67.35
CA SER I 282 44.44 5.90 -66.38
C SER I 282 44.48 4.99 -65.17
N VAL I 283 43.55 4.04 -65.06
CA VAL I 283 43.58 3.04 -63.99
C VAL I 283 44.06 1.68 -64.52
N GLN I 284 43.46 1.22 -65.62
CA GLN I 284 43.90 -0.03 -66.22
C GLN I 284 45.40 -0.03 -66.50
N MET I 285 45.91 1.08 -67.01
CA MET I 285 47.35 1.20 -67.19
C MET I 285 48.07 1.27 -65.85
N PHE I 286 47.48 1.98 -64.87
CA PHE I 286 48.14 2.17 -63.59
C PHE I 286 48.26 0.89 -62.80
N GLU I 287 47.50 -0.15 -63.16
CA GLU I 287 47.51 -1.45 -62.50
C GLU I 287 47.61 -1.37 -60.98
N LYS I 301 42.10 3.63 -50.53
CA LYS I 301 41.99 4.62 -49.47
C LYS I 301 40.56 5.15 -49.38
N ASN I 302 40.44 6.46 -49.14
CA ASN I 302 39.13 7.09 -49.05
C ASN I 302 38.58 7.49 -50.41
N GLN I 303 39.45 7.65 -51.41
CA GLN I 303 39.05 8.06 -52.75
C GLN I 303 38.38 6.96 -53.53
N GLU I 304 38.04 5.83 -52.90
CA GLU I 304 37.43 4.70 -53.59
C GLU I 304 36.00 4.47 -53.16
N ASP I 305 35.73 4.43 -51.85
CA ASP I 305 34.39 4.11 -51.38
C ASP I 305 33.45 5.30 -51.51
N THR I 306 33.93 6.50 -51.19
CA THR I 306 33.06 7.68 -51.21
C THR I 306 32.41 7.88 -52.57
N PHE I 307 33.17 7.68 -53.65
CA PHE I 307 32.58 7.81 -54.97
C PHE I 307 31.54 6.73 -55.24
N ALA I 308 31.74 5.54 -54.68
CA ALA I 308 30.74 4.49 -54.83
C ALA I 308 29.40 4.91 -54.24
N ALA I 309 29.45 5.65 -53.12
CA ALA I 309 28.22 6.20 -52.56
C ALA I 309 27.62 7.25 -53.48
N GLU I 310 28.46 8.03 -54.17
CA GLU I 310 27.94 9.03 -55.08
C GLU I 310 27.25 8.39 -56.27
N LEU I 311 27.90 7.41 -56.91
CA LEU I 311 27.28 6.72 -58.03
C LEU I 311 25.99 6.04 -57.61
N HIS I 312 26.00 5.33 -56.48
CA HIS I 312 24.79 4.69 -55.99
C HIS I 312 23.69 5.72 -55.76
N ARG I 313 24.05 6.90 -55.26
CA ARG I 313 23.06 7.95 -55.03
C ARG I 313 22.32 8.31 -56.31
N LEU I 314 23.05 8.45 -57.42
CA LEU I 314 22.39 8.77 -58.68
C LEU I 314 21.40 7.69 -59.09
N LYS I 315 21.66 6.44 -58.73
CA LYS I 315 20.74 5.37 -59.06
C LYS I 315 19.39 5.53 -58.36
N GLN I 316 19.35 6.30 -57.27
CA GLN I 316 18.09 6.54 -56.58
C GLN I 316 17.29 7.67 -57.20
N GLN I 317 17.94 8.57 -57.93
CA GLN I 317 17.27 9.70 -58.53
C GLN I 317 16.23 9.24 -59.55
N PRO I 318 14.97 9.64 -59.41
CA PRO I 318 13.95 9.24 -60.39
C PRO I 318 13.96 10.05 -61.67
N LEU I 319 14.99 10.85 -61.91
CA LEU I 319 15.07 11.65 -63.13
C LEU I 319 16.54 11.91 -63.44
N PHE I 320 16.97 11.55 -64.64
CA PHE I 320 18.37 11.69 -65.02
C PHE I 320 18.67 13.15 -65.31
N SER I 321 19.48 13.76 -64.45
CA SER I 321 19.84 15.17 -64.57
C SER I 321 21.28 15.28 -64.99
N LEU I 322 21.50 15.63 -66.26
CA LEU I 322 22.87 15.75 -66.77
C LEU I 322 23.65 16.83 -66.02
N VAL I 323 22.98 17.89 -65.58
CA VAL I 323 23.64 18.97 -64.86
C VAL I 323 24.31 18.47 -63.59
N ASP I 324 23.86 17.33 -63.05
CA ASP I 324 24.51 16.72 -61.90
C ASP I 324 25.44 15.59 -62.29
N PHE I 325 25.17 14.91 -63.41
CA PHE I 325 26.03 13.83 -63.87
C PHE I 325 27.47 14.29 -64.03
N GLU I 326 27.68 15.57 -64.35
CA GLU I 326 29.03 16.06 -64.58
C GLU I 326 29.73 16.46 -63.28
N GLN I 327 28.97 16.88 -62.26
CA GLN I 327 29.57 17.28 -61.00
C GLN I 327 30.16 16.12 -60.22
N VAL I 328 29.86 14.88 -60.61
CA VAL I 328 30.45 13.72 -59.95
C VAL I 328 31.57 13.17 -60.82
N VAL I 329 31.41 13.30 -62.13
CA VAL I 329 32.46 12.84 -63.05
C VAL I 329 33.67 13.75 -62.96
N ASP I 330 33.44 15.07 -63.00
CA ASP I 330 34.57 16.00 -63.03
C ASP I 330 35.38 15.94 -61.76
N ARG I 331 34.74 15.73 -60.61
CA ARG I 331 35.51 15.58 -59.38
C ARG I 331 36.35 14.31 -59.42
N ILE I 332 35.76 13.19 -59.84
CA ILE I 332 36.54 11.98 -60.02
C ILE I 332 37.66 12.21 -61.03
N ARG I 333 37.36 12.91 -62.12
CA ARG I 333 38.37 13.20 -63.13
C ARG I 333 39.50 14.02 -62.54
N SER I 334 39.17 15.10 -61.82
CA SER I 334 40.20 15.98 -61.31
C SER I 334 41.02 15.31 -60.22
N THR I 335 40.45 14.32 -59.53
CA THR I 335 41.20 13.66 -58.46
C THR I 335 42.23 12.71 -59.01
N VAL I 336 41.86 11.89 -59.99
CA VAL I 336 42.84 10.99 -60.60
C VAL I 336 43.89 11.78 -61.37
N ALA I 337 43.47 12.86 -62.04
CA ALA I 337 44.43 13.70 -62.73
C ALA I 337 45.40 14.34 -61.75
N GLU I 338 44.90 14.83 -60.62
CA GLU I 338 45.79 15.34 -59.59
C GLU I 338 46.70 14.24 -59.05
N HIS I 339 46.16 13.02 -58.94
CA HIS I 339 46.97 11.91 -58.46
C HIS I 339 47.98 11.47 -59.51
N LEU I 340 47.63 11.59 -60.78
CA LEU I 340 48.54 11.16 -61.83
C LEU I 340 49.68 12.17 -62.02
N TRP I 341 49.36 13.47 -61.97
CA TRP I 341 50.39 14.49 -62.07
C TRP I 341 51.43 14.31 -60.96
N LYS I 342 50.98 13.93 -59.77
CA LYS I 342 51.91 13.70 -58.67
C LYS I 342 52.98 12.68 -59.04
N LEU I 343 52.60 11.65 -59.80
CA LEU I 343 53.56 10.62 -60.18
C LEU I 343 54.31 10.98 -61.45
N MET I 344 53.66 11.63 -62.40
CA MET I 344 54.28 11.89 -63.70
C MET I 344 55.37 12.95 -63.62
N VAL I 345 55.49 13.65 -62.49
CA VAL I 345 56.47 14.72 -62.32
C VAL I 345 57.37 14.45 -61.13
N GLU I 346 56.79 14.15 -59.97
CA GLU I 346 57.56 14.03 -58.75
C GLU I 346 58.26 12.68 -58.65
N GLU I 347 57.48 11.60 -58.67
CA GLU I 347 58.08 10.27 -58.57
C GLU I 347 58.83 9.91 -59.84
N SER I 348 58.13 9.84 -60.97
CA SER I 348 58.76 9.65 -62.27
C SER I 348 59.09 11.03 -62.82
N ASP I 349 60.36 11.43 -62.69
CA ASP I 349 60.78 12.79 -63.03
C ASP I 349 60.67 13.00 -64.53
N LEU I 350 59.76 13.88 -64.94
CA LEU I 350 59.63 14.22 -66.35
C LEU I 350 60.68 15.24 -66.77
N LEU I 351 61.02 16.18 -65.89
CA LEU I 351 61.97 17.22 -66.24
C LEU I 351 63.30 16.63 -66.69
N GLY I 352 63.82 15.66 -65.94
CA GLY I 352 65.04 15.00 -66.36
C GLY I 352 64.90 14.35 -67.72
N GLN I 353 63.76 13.72 -67.99
CA GLN I 353 63.56 13.04 -69.26
C GLN I 353 63.43 14.04 -70.40
N LEU I 354 62.64 15.10 -70.20
CA LEU I 354 62.56 16.13 -71.23
C LEU I 354 63.93 16.76 -71.48
N LYS I 355 64.73 16.91 -70.42
CA LYS I 355 66.07 17.44 -70.60
C LYS I 355 66.91 16.53 -71.47
N ILE I 356 66.61 15.22 -71.48
CA ILE I 356 67.33 14.31 -72.36
C ILE I 356 66.87 14.47 -73.80
N ILE I 357 65.56 14.66 -74.00
CA ILE I 357 65.03 14.75 -75.36
C ILE I 357 65.51 16.02 -76.04
N LYS I 358 65.48 17.14 -75.32
CA LYS I 358 65.93 18.41 -75.91
C LYS I 358 67.39 18.33 -76.34
N ASP I 359 68.22 17.60 -75.59
CA ASP I 359 69.65 17.56 -75.90
C ASP I 359 69.92 16.78 -77.16
N PHE I 360 69.38 15.56 -77.26
CA PHE I 360 69.77 14.64 -78.33
C PHE I 360 68.84 14.71 -79.53
N TYR I 361 67.52 14.71 -79.33
CA TYR I 361 66.60 14.84 -80.45
C TYR I 361 66.73 16.20 -81.12
N LEU I 362 66.54 17.28 -80.35
CA LEU I 362 66.53 18.63 -80.90
C LEU I 362 67.92 19.23 -81.00
N LEU I 363 68.96 18.40 -81.04
CA LEU I 363 70.34 18.87 -81.17
C LEU I 363 70.72 19.84 -80.05
N GLY I 364 70.14 19.66 -78.87
CA GLY I 364 70.51 20.51 -77.75
C GLY I 364 71.97 20.42 -77.42
N ARG I 365 72.52 19.21 -77.42
CA ARG I 365 73.96 19.02 -77.23
C ARG I 365 74.62 18.92 -78.60
N GLY I 366 74.69 20.08 -79.27
CA GLY I 366 75.26 20.12 -80.60
C GLY I 366 76.74 19.80 -80.62
N GLU I 367 77.44 20.02 -79.51
N GLU I 367 77.44 20.02 -79.51
CA GLU I 367 78.86 19.73 -79.45
CA GLU I 367 78.86 19.73 -79.45
C GLU I 367 79.16 18.25 -79.59
C GLU I 367 79.16 18.25 -79.59
N LEU I 368 78.20 17.39 -79.29
CA LEU I 368 78.37 15.95 -79.51
C LEU I 368 78.27 15.60 -80.98
N PHE I 369 77.45 16.34 -81.72
CA PHE I 369 77.18 15.96 -83.11
C PHE I 369 78.27 16.45 -84.07
N GLN I 370 78.87 17.60 -83.80
CA GLN I 370 79.93 18.07 -84.70
C GLN I 370 81.11 17.12 -84.71
N ALA I 371 81.33 16.39 -83.60
CA ALA I 371 82.37 15.37 -83.60
C ALA I 371 81.88 14.10 -84.28
N PHE I 372 80.62 13.72 -84.02
CA PHE I 372 80.06 12.54 -84.67
C PHE I 372 79.99 12.73 -86.19
N ILE I 373 79.65 13.95 -86.62
CA ILE I 373 79.68 14.24 -88.05
C ILE I 373 81.12 14.22 -88.56
N ASP I 374 82.06 14.69 -87.74
CA ASP I 374 83.47 14.71 -88.14
C ASP I 374 83.98 13.30 -88.41
N THR I 375 83.53 12.33 -87.61
CA THR I 375 84.00 10.95 -87.76
C THR I 375 83.15 10.18 -88.77
N ALA I 376 81.85 10.08 -88.52
CA ALA I 376 80.97 9.28 -89.37
C ALA I 376 80.48 10.12 -90.55
N GLN I 377 81.41 10.43 -91.44
CA GLN I 377 81.11 11.21 -92.64
C GLN I 377 81.26 10.40 -93.91
N HIS I 378 82.43 9.78 -94.13
CA HIS I 378 82.66 9.03 -95.34
C HIS I 378 81.72 7.83 -95.45
N MET I 379 81.27 7.30 -94.32
CA MET I 379 80.45 6.10 -94.30
C MET I 379 78.97 6.41 -94.47
N LEU I 380 78.61 7.58 -94.96
CA LEU I 380 77.20 7.90 -95.22
C LEU I 380 76.94 8.55 -96.57
N LYS I 381 77.94 9.17 -97.19
CA LYS I 381 77.72 9.72 -98.54
C LYS I 381 77.51 8.61 -99.55
N THR I 382 78.10 7.44 -99.32
CA THR I 382 77.80 6.28 -100.14
C THR I 382 76.35 5.84 -99.87
N PRO I 383 75.71 5.21 -100.85
CA PRO I 383 74.36 4.70 -100.61
C PRO I 383 74.37 3.71 -99.48
N PRO I 384 73.26 3.59 -98.75
CA PRO I 384 73.21 2.71 -97.59
C PRO I 384 73.12 1.23 -97.98
N THR I 385 73.74 0.40 -97.15
CA THR I 385 73.69 -1.05 -97.33
C THR I 385 73.22 -1.70 -96.03
N ALA I 386 73.28 -3.02 -95.96
CA ALA I 386 72.81 -3.74 -94.78
C ALA I 386 73.79 -3.67 -93.62
N VAL I 387 74.99 -3.13 -93.82
CA VAL I 387 76.01 -3.13 -92.77
C VAL I 387 76.19 -1.77 -92.11
N THR I 388 75.75 -0.69 -92.76
CA THR I 388 76.00 0.65 -92.23
C THR I 388 75.27 0.91 -90.92
N GLU I 389 74.25 0.11 -90.58
CA GLU I 389 73.50 0.36 -89.36
C GLU I 389 74.38 0.21 -88.12
N HIS I 390 75.26 -0.79 -88.13
CA HIS I 390 76.19 -0.95 -87.02
C HIS I 390 77.43 -0.10 -87.16
N ASP I 391 77.78 0.31 -88.38
CA ASP I 391 78.96 1.12 -88.60
C ASP I 391 78.86 2.51 -88.01
N VAL I 392 77.67 2.92 -87.55
CA VAL I 392 77.47 4.25 -87.01
C VAL I 392 77.21 4.20 -85.50
N ASN I 393 76.51 3.18 -85.02
CA ASN I 393 76.27 3.04 -83.60
C ASN I 393 77.57 3.01 -82.82
N VAL I 394 78.62 2.43 -83.41
CA VAL I 394 79.93 2.46 -82.77
C VAL I 394 80.51 3.87 -82.83
N ALA I 395 80.44 4.52 -84.00
CA ALA I 395 80.97 5.87 -84.13
C ALA I 395 80.27 6.84 -83.18
N PHE I 396 78.95 6.70 -83.03
CA PHE I 396 78.25 7.50 -82.04
C PHE I 396 78.73 7.17 -80.63
N GLN I 397 79.03 5.90 -80.37
CA GLN I 397 79.55 5.54 -79.06
C GLN I 397 80.97 6.07 -78.87
N GLN I 398 81.79 6.03 -79.93
CA GLN I 398 83.08 6.70 -79.88
C GLN I 398 82.95 8.18 -79.62
N SER I 399 81.81 8.77 -79.97
CA SER I 399 81.63 10.21 -79.83
C SER I 399 81.38 10.61 -78.38
N ALA I 400 80.41 9.96 -77.74
CA ALA I 400 80.06 10.34 -76.36
C ALA I 400 81.27 10.25 -75.45
N HIS I 401 82.13 9.27 -75.66
CA HIS I 401 83.37 9.21 -74.91
C HIS I 401 84.36 10.27 -75.36
N LYS I 402 84.30 10.67 -76.63
CA LYS I 402 85.19 11.71 -77.13
C LYS I 402 84.86 13.08 -76.56
N VAL I 403 83.69 13.26 -75.96
CA VAL I 403 83.33 14.51 -75.31
C VAL I 403 83.26 14.29 -73.81
N LEU I 404 84.03 13.31 -73.33
CA LEU I 404 84.16 12.96 -71.91
C LEU I 404 82.82 12.79 -71.22
N LEU I 405 81.77 12.49 -71.98
CA LEU I 405 80.48 12.13 -71.42
C LEU I 405 80.51 10.65 -71.08
N ASP I 406 80.67 10.34 -69.79
CA ASP I 406 80.73 8.96 -69.32
C ASP I 406 79.50 8.69 -68.47
N ASP I 407 78.55 7.94 -69.04
CA ASP I 407 77.33 7.62 -68.33
C ASP I 407 76.74 6.36 -68.97
N ASP I 408 76.82 5.23 -68.26
CA ASP I 408 76.24 4.00 -68.78
C ASP I 408 74.72 4.09 -68.79
N ASN I 409 74.14 5.02 -68.04
CA ASN I 409 72.72 5.30 -68.16
C ASN I 409 72.48 6.17 -69.39
N LEU I 410 71.33 5.95 -70.02
CA LEU I 410 70.81 6.71 -71.17
C LEU I 410 71.74 6.64 -72.38
N LEU I 411 72.85 5.93 -72.26
CA LEU I 411 73.75 5.72 -73.40
C LEU I 411 73.27 4.59 -74.30
N PRO I 412 72.92 3.41 -73.77
CA PRO I 412 72.41 2.36 -74.65
C PRO I 412 70.96 2.56 -75.07
N LEU I 413 70.27 3.52 -74.46
CA LEU I 413 68.90 3.80 -74.84
C LEU I 413 68.81 4.56 -76.16
N LEU I 414 69.92 5.13 -76.63
CA LEU I 414 69.94 5.86 -77.88
C LEU I 414 70.49 4.96 -78.98
N HIS I 415 69.64 4.62 -79.94
CA HIS I 415 70.01 3.71 -81.02
C HIS I 415 69.64 4.36 -82.34
N LEU I 416 70.64 4.75 -83.12
CA LEU I 416 70.38 5.33 -84.43
C LEU I 416 69.82 4.29 -85.37
N THR I 417 68.86 4.68 -86.20
CA THR I 417 68.22 3.79 -87.14
C THR I 417 68.60 4.17 -88.57
N ILE I 418 68.63 3.17 -89.44
CA ILE I 418 68.93 3.36 -90.85
C ILE I 418 67.75 2.82 -91.65
N GLU I 419 66.97 3.73 -92.23
CA GLU I 419 65.86 3.31 -93.07
C GLU I 419 66.39 2.77 -94.38
N TYR I 420 66.64 1.47 -94.44
CA TYR I 420 67.22 0.82 -95.60
C TYR I 420 66.19 -0.06 -96.28
N HIS I 421 66.23 -0.09 -97.62
CA HIS I 421 65.38 -0.96 -98.43
C HIS I 421 63.90 -0.67 -98.18
N GLY I 422 63.53 0.57 -98.42
CA GLY I 422 62.15 1.01 -98.21
C GLY I 422 62.02 2.11 -97.17
N ALA I 447 70.48 7.19 -103.63
CA ALA I 447 69.98 7.49 -102.29
C ALA I 447 71.13 7.72 -101.31
N SER I 448 71.28 8.96 -100.86
CA SER I 448 72.33 9.28 -99.91
C SER I 448 71.97 8.74 -98.52
N GLY I 449 72.99 8.31 -97.78
CA GLY I 449 72.76 7.71 -96.49
C GLY I 449 72.13 8.66 -95.48
N TRP I 450 72.52 9.93 -95.51
CA TRP I 450 71.98 10.90 -94.56
C TRP I 450 70.47 11.01 -94.65
N ALA I 451 69.90 10.76 -95.83
CA ALA I 451 68.46 10.95 -96.02
C ALA I 451 67.64 9.97 -95.20
N ALA I 452 68.23 8.87 -94.73
CA ALA I 452 67.50 7.86 -93.99
C ALA I 452 67.87 7.83 -92.51
N LEU I 453 68.79 8.69 -92.07
CA LEU I 453 69.27 8.65 -90.70
C LEU I 453 68.16 9.08 -89.73
N GLY I 454 68.21 8.53 -88.52
CA GLY I 454 67.23 8.86 -87.51
C GLY I 454 67.67 8.33 -86.16
N LEU I 455 66.94 8.73 -85.14
CA LEU I 455 67.26 8.36 -83.76
C LEU I 455 65.97 7.98 -83.04
N SER I 456 65.89 6.72 -82.60
CA SER I 456 64.77 6.22 -81.84
C SER I 456 65.12 6.12 -80.37
N TYR I 457 64.10 6.10 -79.52
CA TYR I 457 64.28 6.21 -78.08
C TYR I 457 63.39 5.18 -77.39
N LYS I 458 64.01 4.26 -76.66
CA LYS I 458 63.27 3.23 -75.93
C LYS I 458 62.76 3.84 -74.63
N VAL I 459 61.50 4.26 -74.63
CA VAL I 459 60.94 4.93 -73.47
C VAL I 459 60.69 3.93 -72.35
N GLN I 460 60.77 4.40 -71.11
CA GLN I 460 60.56 3.56 -69.94
C GLN I 460 59.06 3.34 -69.73
N TRP I 461 58.68 2.76 -68.60
CA TRP I 461 57.29 2.38 -68.36
C TRP I 461 56.39 3.55 -67.96
N PRO I 462 56.77 4.41 -67.01
CA PRO I 462 55.80 5.44 -66.57
C PRO I 462 55.39 6.39 -67.69
N LEU I 463 56.35 6.92 -68.44
CA LEU I 463 56.05 7.85 -69.52
C LEU I 463 55.57 7.17 -70.78
N HIS I 464 55.27 5.87 -70.72
CA HIS I 464 54.80 5.16 -71.90
C HIS I 464 53.49 5.76 -72.41
N ILE I 465 52.72 6.39 -71.53
CA ILE I 465 51.46 7.00 -71.95
C ILE I 465 51.69 8.37 -72.57
N LEU I 466 52.71 9.11 -72.11
CA LEU I 466 52.94 10.46 -72.62
C LEU I 466 53.68 10.46 -73.95
N PHE I 467 54.51 9.45 -74.21
CA PHE I 467 55.31 9.39 -75.43
C PHE I 467 54.88 8.17 -76.23
N THR I 468 53.86 8.35 -77.07
CA THR I 468 53.41 7.33 -77.99
C THR I 468 54.28 7.30 -79.23
N PRO I 469 54.19 6.25 -80.05
CA PRO I 469 54.90 6.26 -81.33
C PRO I 469 54.51 7.40 -82.24
N ALA I 470 53.37 8.04 -82.00
CA ALA I 470 52.98 9.19 -82.82
C ALA I 470 53.82 10.42 -82.46
N VAL I 471 53.80 10.81 -81.18
CA VAL I 471 54.53 12.00 -80.77
C VAL I 471 56.03 11.79 -80.86
N LEU I 472 56.51 10.57 -80.58
CA LEU I 472 57.93 10.30 -80.73
C LEU I 472 58.36 10.24 -82.19
N GLU I 473 57.42 10.31 -83.13
N GLU I 473 57.42 10.32 -83.13
CA GLU I 473 57.78 10.35 -84.53
CA GLU I 473 57.75 10.35 -84.54
C GLU I 473 57.97 11.78 -85.04
C GLU I 473 57.96 11.77 -85.05
N LYS I 474 57.07 12.69 -84.69
CA LYS I 474 57.23 14.08 -85.08
C LYS I 474 58.53 14.65 -84.54
N TYR I 475 58.95 14.19 -83.35
CA TYR I 475 60.26 14.56 -82.84
C TYR I 475 61.37 14.15 -83.82
N ASN I 476 61.27 12.95 -84.37
CA ASN I 476 62.31 12.45 -85.27
C ASN I 476 62.44 13.32 -86.50
N VAL I 477 61.31 13.80 -87.05
CA VAL I 477 61.34 14.63 -88.24
C VAL I 477 62.13 15.92 -87.97
N VAL I 478 61.99 16.47 -86.77
CA VAL I 478 62.76 17.64 -86.41
C VAL I 478 64.25 17.31 -86.36
N PHE I 479 64.60 16.14 -85.84
CA PHE I 479 66.00 15.75 -85.78
C PHE I 479 66.58 15.53 -87.18
N LYS I 480 65.77 15.08 -88.13
CA LYS I 480 66.25 14.92 -89.49
C LYS I 480 66.60 16.26 -90.12
N TYR I 481 65.70 17.24 -89.98
CA TYR I 481 65.94 18.53 -90.60
C TYR I 481 67.03 19.30 -89.87
N LEU I 482 66.92 19.41 -88.55
CA LEU I 482 67.87 20.21 -87.80
C LEU I 482 69.30 19.68 -87.95
N LEU I 483 69.46 18.39 -88.16
CA LEU I 483 70.79 17.85 -88.42
C LEU I 483 71.31 18.31 -89.78
N SER I 484 70.43 18.35 -90.78
CA SER I 484 70.86 18.76 -92.12
C SER I 484 71.44 20.17 -92.11
N VAL I 485 70.69 21.12 -91.55
CA VAL I 485 71.19 22.49 -91.46
C VAL I 485 72.49 22.51 -90.67
N ARG I 486 72.59 21.68 -89.63
CA ARG I 486 73.85 21.57 -88.91
C ARG I 486 74.95 20.99 -89.78
N ARG I 487 74.60 20.04 -90.64
CA ARG I 487 75.60 19.42 -91.50
C ARG I 487 76.15 20.42 -92.50
N VAL I 488 75.27 21.19 -93.15
CA VAL I 488 75.74 22.13 -94.15
C VAL I 488 76.50 23.28 -93.52
N GLN I 489 76.09 23.72 -92.33
CA GLN I 489 76.78 24.81 -91.67
C GLN I 489 78.19 24.40 -91.27
N ALA I 490 78.32 23.26 -90.58
CA ALA I 490 79.64 22.76 -90.22
C ALA I 490 80.49 22.53 -91.46
N GLU I 491 79.88 22.07 -92.54
CA GLU I 491 80.61 21.90 -93.79
C GLU I 491 81.02 23.25 -94.37
N LEU I 492 80.09 24.21 -94.41
CA LEU I 492 80.36 25.50 -95.03
C LEU I 492 81.51 26.22 -94.34
N GLN I 493 81.53 26.22 -93.02
CA GLN I 493 82.53 26.99 -92.30
C GLN I 493 83.92 26.38 -92.44
N HIS I 494 84.01 25.06 -92.65
CA HIS I 494 85.31 24.46 -92.89
C HIS I 494 85.96 25.05 -94.13
N CYS I 495 85.16 25.32 -95.16
CA CYS I 495 85.69 26.01 -96.34
C CYS I 495 86.26 27.36 -95.97
N TRP I 496 85.55 28.11 -95.11
CA TRP I 496 86.09 29.37 -94.63
C TRP I 496 87.41 29.15 -93.91
N ALA I 497 87.52 28.06 -93.16
CA ALA I 497 88.78 27.73 -92.51
C ALA I 497 89.89 27.44 -93.51
N LEU I 498 89.56 27.32 -94.79
CA LEU I 498 90.55 27.10 -95.83
C LEU I 498 90.83 28.36 -96.64
N GLN I 499 89.81 29.15 -96.94
CA GLN I 499 90.03 30.40 -97.67
C GLN I 499 90.96 31.32 -96.88
N MET I 500 90.65 31.54 -95.60
CA MET I 500 91.57 32.29 -94.76
C MET I 500 92.91 31.59 -94.67
N GLN I 501 92.91 30.26 -94.58
CA GLN I 501 94.15 29.51 -94.58
C GLN I 501 94.93 29.67 -95.88
N ARG I 502 94.24 29.84 -97.01
CA ARG I 502 94.87 29.87 -98.31
C ARG I 502 95.54 31.20 -98.62
N LYS I 503 95.78 32.04 -97.61
CA LYS I 503 96.55 33.26 -97.83
C LYS I 503 98.01 32.91 -98.08
N HIS I 504 98.54 33.37 -99.20
CA HIS I 504 99.92 33.10 -99.55
C HIS I 504 100.87 34.03 -98.80
N GLN I 509 94.39 35.94 -108.28
CA GLN I 509 93.40 35.77 -109.33
C GLN I 509 92.25 36.74 -109.14
N THR I 510 91.98 37.55 -110.18
CA THR I 510 90.92 38.55 -110.08
C THR I 510 89.53 37.94 -110.07
N ASP I 511 89.40 36.66 -110.46
CA ASP I 511 88.10 36.01 -110.46
C ASP I 511 87.92 35.06 -109.27
N ALA I 512 89.01 34.58 -108.68
CA ALA I 512 88.88 33.70 -107.52
C ALA I 512 88.27 34.42 -106.34
N ILE I 513 88.40 35.74 -106.28
CA ILE I 513 87.79 36.51 -105.20
C ILE I 513 86.28 36.50 -105.24
N LYS I 514 85.69 36.03 -106.34
CA LYS I 514 84.24 35.84 -106.38
C LYS I 514 83.78 34.76 -105.41
N TRP I 515 84.69 33.92 -104.94
CA TRP I 515 84.31 32.86 -103.99
C TRP I 515 83.75 33.45 -102.72
N ARG I 516 84.57 34.21 -101.98
CA ARG I 516 84.12 34.76 -100.72
C ARG I 516 83.00 35.77 -100.91
N LEU I 517 82.99 36.47 -102.04
CA LEU I 517 81.85 37.32 -102.36
C LEU I 517 80.59 36.52 -102.62
N ARG I 518 80.71 35.21 -102.82
CA ARG I 518 79.54 34.34 -102.79
C ARG I 518 79.45 33.54 -101.50
N ASN I 519 80.59 33.16 -100.92
CA ASN I 519 80.59 32.37 -99.71
C ASN I 519 79.86 33.10 -98.58
N HIS I 520 80.22 34.36 -98.35
CA HIS I 520 79.59 35.12 -97.28
C HIS I 520 78.10 35.32 -97.55
N MET I 521 77.73 35.55 -98.80
CA MET I 521 76.32 35.59 -99.15
C MET I 521 75.63 34.29 -98.77
N ALA I 522 76.25 33.16 -99.09
CA ALA I 522 75.71 31.88 -98.67
C ALA I 522 75.87 31.63 -97.18
N PHE I 523 76.75 32.39 -96.52
CA PHE I 523 76.96 32.22 -95.09
C PHE I 523 75.88 32.92 -94.29
N LEU I 524 75.70 34.23 -94.52
CA LEU I 524 74.74 34.99 -93.74
C LEU I 524 73.34 34.42 -93.86
N VAL I 525 72.95 34.03 -95.07
CA VAL I 525 71.62 33.43 -95.25
C VAL I 525 71.51 32.15 -94.44
N ASP I 526 72.62 31.43 -94.27
CA ASP I 526 72.58 30.17 -93.53
C ASP I 526 72.78 30.37 -92.04
N ASN I 527 73.80 31.13 -91.64
CA ASN I 527 74.10 31.29 -90.23
C ASN I 527 72.93 31.91 -89.48
N LEU I 528 72.34 32.97 -90.04
CA LEU I 528 71.20 33.58 -89.38
C LEU I 528 69.93 32.75 -89.53
N GLN I 529 69.80 31.98 -90.61
CA GLN I 529 68.76 30.95 -90.64
C GLN I 529 68.98 29.95 -89.52
N TYR I 530 70.25 29.69 -89.17
CA TYR I 530 70.53 28.86 -88.01
C TYR I 530 70.28 29.61 -86.72
N TYR I 531 70.16 30.93 -86.77
CA TYR I 531 69.49 31.65 -85.72
C TYR I 531 67.99 31.65 -86.00
N LEU I 532 67.22 32.19 -85.05
CA LEU I 532 65.78 31.99 -84.94
C LEU I 532 65.51 30.56 -84.49
N GLN I 533 66.55 29.73 -84.47
CA GLN I 533 66.42 28.35 -84.00
C GLN I 533 66.72 28.25 -82.52
N VAL I 534 67.80 28.89 -82.07
CA VAL I 534 68.03 29.03 -80.64
C VAL I 534 67.01 29.95 -80.00
N ASP I 535 66.21 30.65 -80.82
CA ASP I 535 65.18 31.54 -80.31
C ASP I 535 63.77 31.11 -80.75
N VAL I 536 63.63 29.92 -81.33
CA VAL I 536 62.36 29.23 -81.35
C VAL I 536 62.39 28.00 -80.46
N LEU I 537 63.55 27.38 -80.26
CA LEU I 537 63.65 26.28 -79.32
C LEU I 537 63.65 26.79 -77.88
N GLU I 538 64.66 27.58 -77.52
CA GLU I 538 64.77 28.08 -76.16
C GLU I 538 63.62 29.00 -75.76
N SER I 539 62.75 29.38 -76.69
CA SER I 539 61.56 30.17 -76.35
C SER I 539 60.32 29.31 -76.21
N GLN I 540 60.07 28.42 -77.17
CA GLN I 540 58.95 27.50 -77.04
C GLN I 540 59.19 26.51 -75.89
N PHE I 541 60.43 26.07 -75.72
CA PHE I 541 60.73 25.16 -74.62
C PHE I 541 60.52 25.84 -73.28
N SER I 542 60.95 27.10 -73.16
CA SER I 542 60.80 27.81 -71.89
C SER I 542 59.34 28.04 -71.53
N GLN I 543 58.43 27.96 -72.51
CA GLN I 543 57.00 27.98 -72.19
C GLN I 543 56.51 26.59 -71.79
N LEU I 544 56.93 25.56 -72.52
CA LEU I 544 56.54 24.21 -72.20
C LEU I 544 56.92 23.84 -70.77
N LEU I 545 58.10 24.28 -70.33
CA LEU I 545 58.50 23.98 -68.96
C LEU I 545 57.74 24.85 -67.96
N HIS I 546 57.27 26.02 -68.38
CA HIS I 546 56.54 26.87 -67.46
C HIS I 546 55.10 26.42 -67.29
N GLN I 547 54.48 25.94 -68.37
CA GLN I 547 53.14 25.37 -68.27
C GLN I 547 53.12 24.11 -67.40
N ILE I 548 54.27 23.52 -67.14
CA ILE I 548 54.32 22.31 -66.33
C ILE I 548 54.25 22.66 -64.85
N ASN I 549 55.15 23.54 -64.39
CA ASN I 549 55.24 23.89 -62.98
C ASN I 549 54.11 24.81 -62.51
N SER I 550 53.13 25.09 -63.35
CA SER I 550 52.03 25.97 -62.99
C SER I 550 50.76 25.20 -62.61
N THR I 551 50.27 24.37 -63.52
CA THR I 551 49.00 23.67 -63.31
C THR I 551 49.25 22.35 -62.59
N ARG I 552 48.64 22.20 -61.41
CA ARG I 552 48.71 20.93 -60.71
C ARG I 552 48.03 19.80 -61.48
N ASP I 553 47.16 20.14 -62.42
CA ASP I 553 46.49 19.13 -63.22
C ASP I 553 47.47 18.49 -64.18
N PHE I 554 47.20 17.22 -64.52
CA PHE I 554 47.99 16.52 -65.52
C PHE I 554 47.42 16.68 -66.92
N GLU I 555 46.11 16.86 -67.05
CA GLU I 555 45.48 17.00 -68.36
C GLU I 555 46.12 18.14 -69.16
N SER I 556 46.59 19.18 -68.48
CA SER I 556 47.24 20.29 -69.17
C SER I 556 48.53 19.84 -69.83
N ILE I 557 49.31 18.99 -69.15
CA ILE I 557 50.59 18.56 -69.68
C ILE I 557 50.41 17.85 -71.02
N ARG I 558 49.41 16.98 -71.11
CA ARG I 558 49.16 16.29 -72.37
C ARG I 558 48.79 17.25 -73.49
N LEU I 559 48.29 18.44 -73.14
CA LEU I 559 47.95 19.45 -74.13
C LEU I 559 49.04 20.50 -74.30
N ALA I 560 49.64 20.95 -73.19
CA ALA I 560 50.74 21.90 -73.28
C ALA I 560 51.89 21.31 -74.09
N HIS I 561 52.27 20.06 -73.79
CA HIS I 561 53.33 19.41 -74.56
C HIS I 561 52.91 19.18 -76.00
N ASP I 562 51.63 18.86 -76.22
CA ASP I 562 51.17 18.63 -77.59
C ASP I 562 51.21 19.91 -78.40
N HIS I 563 50.81 21.03 -77.79
CA HIS I 563 50.87 22.31 -78.51
C HIS I 563 52.32 22.75 -78.71
N PHE I 564 53.18 22.48 -77.74
CA PHE I 564 54.61 22.75 -77.91
C PHE I 564 55.16 22.08 -79.15
N LEU I 565 54.80 20.81 -79.37
CA LEU I 565 55.32 20.08 -80.53
C LEU I 565 54.78 20.65 -81.83
N SER I 566 53.48 20.97 -81.87
CA SER I 566 52.90 21.50 -83.10
C SER I 566 53.50 22.84 -83.47
N ASN I 567 53.91 23.64 -82.48
CA ASN I 567 54.52 24.92 -82.78
C ASN I 567 55.85 24.76 -83.50
N LEU I 568 56.68 23.81 -83.06
CA LEU I 568 57.96 23.58 -83.70
C LEU I 568 57.77 23.21 -85.17
N LEU I 569 56.81 22.35 -85.48
CA LEU I 569 56.54 22.02 -86.87
C LEU I 569 56.00 23.23 -87.63
N ALA I 570 55.31 24.13 -86.95
CA ALA I 570 54.76 25.31 -87.61
C ALA I 570 55.75 26.46 -87.64
N GLN I 571 56.44 26.72 -86.53
CA GLN I 571 57.35 27.86 -86.48
C GLN I 571 58.57 27.63 -87.37
N SER I 572 59.17 26.45 -87.31
CA SER I 572 60.39 26.17 -88.05
C SER I 572 60.15 25.96 -89.54
N PHE I 573 58.96 26.27 -90.03
CA PHE I 573 58.65 26.26 -91.46
C PHE I 573 58.74 24.86 -92.07
N ILE I 574 58.73 23.82 -91.23
CA ILE I 574 58.80 22.47 -91.75
C ILE I 574 57.50 22.10 -92.45
N LEU I 575 56.37 22.60 -91.95
CA LEU I 575 55.10 22.30 -92.58
C LEU I 575 54.79 23.25 -93.74
N LEU I 576 55.30 24.46 -93.70
CA LEU I 576 55.04 25.45 -94.75
C LEU I 576 55.75 25.00 -96.02
N LYS I 577 55.00 24.44 -96.96
CA LYS I 577 55.60 23.83 -98.14
C LYS I 577 56.41 24.80 -99.01
N PRO I 578 55.90 25.99 -99.37
CA PRO I 578 56.67 26.83 -100.31
C PRO I 578 58.06 27.18 -99.79
N VAL I 579 58.15 27.70 -98.57
CA VAL I 579 59.46 28.05 -98.03
C VAL I 579 60.30 26.80 -97.82
N PHE I 580 59.69 25.70 -97.41
CA PHE I 580 60.47 24.48 -97.19
C PHE I 580 60.93 23.85 -98.49
N HIS I 581 60.28 24.16 -99.61
CA HIS I 581 60.75 23.68 -100.90
C HIS I 581 61.64 24.67 -101.62
N CYS I 582 61.86 25.85 -101.05
CA CYS I 582 62.81 26.81 -101.61
C CYS I 582 64.13 26.82 -100.86
N LEU I 583 64.09 26.91 -99.53
CA LEU I 583 65.32 26.83 -98.76
C LEU I 583 66.01 25.49 -98.94
N ASN I 584 65.23 24.43 -99.16
CA ASN I 584 65.82 23.13 -99.44
C ASN I 584 66.77 23.20 -100.61
N GLU I 585 66.42 23.95 -101.65
CA GLU I 585 67.32 24.17 -102.77
C GLU I 585 68.58 24.91 -102.32
N ILE I 586 68.46 25.79 -101.34
CA ILE I 586 69.66 26.45 -100.81
C ILE I 586 70.53 25.45 -100.06
N LEU I 587 69.92 24.44 -99.44
CA LEU I 587 70.69 23.49 -98.65
C LEU I 587 71.68 22.73 -99.51
N ASP I 588 71.18 21.93 -100.45
CA ASP I 588 72.07 21.16 -101.32
C ASP I 588 72.91 22.06 -102.22
N LEU I 589 72.54 23.34 -102.35
CA LEU I 589 73.33 24.25 -103.16
C LEU I 589 74.73 24.44 -102.56
N CYS I 590 74.81 24.59 -101.24
CA CYS I 590 76.11 24.80 -100.61
C CYS I 590 76.99 23.55 -100.70
N HIS I 591 76.36 22.36 -100.67
CA HIS I 591 77.13 21.13 -100.86
C HIS I 591 77.94 21.19 -102.14
N SER I 592 77.33 21.67 -103.22
CA SER I 592 78.04 21.79 -104.49
C SER I 592 79.17 22.80 -104.39
N PHE I 593 78.88 23.98 -103.84
CA PHE I 593 79.88 25.04 -103.78
C PHE I 593 81.04 24.65 -102.87
N CYS I 594 80.73 24.17 -101.66
CA CYS I 594 81.78 23.80 -100.72
C CYS I 594 82.66 22.69 -101.30
N SER I 595 82.05 21.72 -101.98
CA SER I 595 82.82 20.68 -102.64
C SER I 595 83.75 21.27 -103.70
N LEU I 596 83.22 22.22 -104.49
CA LEU I 596 84.00 22.82 -105.56
C LEU I 596 85.29 23.44 -105.03
N VAL I 597 85.22 24.09 -103.88
CA VAL I 597 86.42 24.70 -103.32
C VAL I 597 87.34 23.65 -102.71
N SER I 598 86.78 22.56 -102.19
CA SER I 598 87.59 21.53 -101.56
C SER I 598 88.13 20.50 -102.55
N GLN I 599 87.45 20.32 -103.68
CA GLN I 599 87.88 19.33 -104.66
C GLN I 599 89.12 19.76 -105.44
N ASN I 600 89.77 20.87 -105.06
CA ASN I 600 90.98 21.31 -105.73
C ASN I 600 91.75 22.21 -104.77
N LEU I 601 92.90 22.68 -105.25
CA LEU I 601 93.71 23.66 -104.52
C LEU I 601 94.22 24.78 -105.41
N GLY I 602 93.80 24.83 -106.67
CA GLY I 602 94.22 25.87 -107.57
C GLY I 602 93.07 26.80 -107.92
N PRO I 603 93.32 27.79 -108.76
CA PRO I 603 92.25 28.70 -109.17
C PRO I 603 91.21 28.00 -110.01
N LEU I 604 90.01 28.57 -110.03
CA LEU I 604 88.88 27.99 -110.77
C LEU I 604 89.07 28.29 -112.25
N ASP I 605 89.82 27.42 -112.92
CA ASP I 605 90.07 27.56 -114.35
C ASP I 605 89.56 26.38 -115.15
N GLU I 606 89.82 25.15 -114.71
CA GLU I 606 89.39 23.95 -115.43
C GLU I 606 87.89 23.77 -115.22
N ARG I 607 87.12 24.55 -115.97
CA ARG I 607 85.66 24.54 -116.01
C ARG I 607 85.03 24.70 -114.63
N GLY I 608 85.80 25.11 -113.62
CA GLY I 608 85.22 25.43 -112.33
C GLY I 608 84.50 26.76 -112.37
N ALA I 609 85.17 27.79 -112.90
CA ALA I 609 84.50 29.07 -113.11
C ALA I 609 83.29 28.92 -114.01
N ALA I 610 83.42 28.10 -115.06
CA ALA I 610 82.27 27.80 -115.90
C ALA I 610 81.14 27.17 -115.09
N GLN I 611 81.48 26.37 -114.08
CA GLN I 611 80.49 25.84 -113.16
C GLN I 611 80.15 26.81 -112.04
N LEU I 612 81.05 27.75 -111.74
CA LEU I 612 80.80 28.69 -110.65
C LEU I 612 79.64 29.63 -110.98
N SER I 613 79.70 30.26 -112.16
CA SER I 613 78.67 31.21 -112.54
C SER I 613 77.31 30.57 -112.76
N ILE I 614 77.23 29.23 -112.74
CA ILE I 614 75.94 28.56 -112.88
C ILE I 614 75.07 28.82 -111.66
N LEU I 615 75.63 28.65 -110.47
CA LEU I 615 74.82 28.69 -109.26
C LEU I 615 74.40 30.11 -108.89
N VAL I 616 75.30 31.08 -109.08
CA VAL I 616 74.98 32.46 -108.73
C VAL I 616 73.79 32.95 -109.53
N LYS I 617 73.67 32.51 -110.79
CA LYS I 617 72.47 32.84 -111.56
C LYS I 617 71.23 32.17 -110.99
N GLY I 618 71.39 31.09 -110.24
CA GLY I 618 70.27 30.44 -109.58
C GLY I 618 70.16 30.84 -108.12
N PHE I 619 71.31 30.92 -107.43
CA PHE I 619 71.29 31.29 -106.02
C PHE I 619 70.72 32.69 -105.82
N SER I 620 71.36 33.70 -106.44
CA SER I 620 70.84 35.06 -106.33
C SER I 620 69.40 35.14 -106.82
N ARG I 621 69.04 34.33 -107.82
CA ARG I 621 67.64 34.22 -108.18
C ARG I 621 66.83 33.57 -107.07
N GLN I 622 67.35 32.48 -106.49
CA GLN I 622 66.69 31.88 -105.33
C GLN I 622 66.72 32.80 -104.13
N SER I 623 67.74 33.64 -104.02
CA SER I 623 67.81 34.57 -102.90
C SER I 623 66.65 35.56 -102.92
N SER I 624 66.53 36.33 -103.99
CA SER I 624 65.44 37.31 -104.08
C SER I 624 64.09 36.63 -104.25
N LEU I 625 64.06 35.39 -104.76
CA LEU I 625 62.81 34.64 -104.80
C LEU I 625 62.25 34.46 -103.40
N LEU I 626 63.11 34.08 -102.46
CA LEU I 626 62.67 33.96 -101.06
C LEU I 626 62.20 35.31 -100.53
N PHE I 627 62.82 36.39 -100.99
CA PHE I 627 62.52 37.71 -100.44
C PHE I 627 61.06 38.08 -100.66
N LYS I 628 60.52 37.76 -101.83
CA LYS I 628 59.12 38.05 -102.10
C LYS I 628 58.20 37.18 -101.26
N ILE I 629 58.67 36.00 -100.85
CA ILE I 629 57.81 35.07 -100.12
C ILE I 629 57.44 35.65 -98.76
N LEU I 630 58.41 36.29 -98.10
CA LEU I 630 58.16 36.78 -96.75
C LEU I 630 57.48 38.15 -96.76
N SER I 631 57.60 38.91 -97.84
CA SER I 631 56.99 40.22 -97.92
C SER I 631 55.46 40.12 -97.94
N ASN I 639 53.11 36.88 -89.74
CA ASN I 639 52.68 36.04 -88.63
C ASN I 639 53.88 35.52 -87.85
N SER I 640 54.78 34.83 -88.55
CA SER I 640 55.97 34.27 -87.95
C SER I 640 57.26 34.69 -88.64
N ASP I 641 57.21 35.08 -89.91
CA ASP I 641 58.41 35.47 -90.63
C ASP I 641 58.99 36.78 -90.12
N LEU I 642 58.20 37.57 -89.39
CA LEU I 642 58.68 38.85 -88.90
C LEU I 642 59.90 38.68 -88.01
N ALA I 643 59.95 37.62 -87.22
CA ALA I 643 61.12 37.37 -86.38
C ALA I 643 62.32 36.97 -87.23
N GLN I 644 62.09 36.43 -88.43
CA GLN I 644 63.19 35.92 -89.23
C GLN I 644 63.71 36.97 -90.20
N LEU I 645 62.81 37.54 -91.00
CA LEU I 645 63.24 38.50 -92.03
C LEU I 645 63.90 39.72 -91.41
N LEU I 646 63.59 40.04 -90.15
CA LEU I 646 64.22 41.17 -89.50
C LEU I 646 65.72 40.98 -89.39
N LEU I 647 66.17 39.78 -89.04
CA LEU I 647 67.59 39.55 -88.88
C LEU I 647 68.34 39.69 -90.18
N ARG I 648 67.83 39.10 -91.27
CA ARG I 648 68.51 39.19 -92.55
C ARG I 648 68.52 40.62 -93.08
N LEU I 649 67.53 41.43 -92.70
CA LEU I 649 67.36 42.78 -93.23
C LEU I 649 67.89 43.85 -92.28
N ASP I 650 68.85 43.50 -91.42
CA ASP I 650 69.33 44.48 -90.44
C ASP I 650 70.03 45.65 -91.11
N TYR I 651 70.68 45.41 -92.24
CA TYR I 651 71.38 46.47 -92.96
C TYR I 651 70.67 46.86 -94.24
N ASN I 652 69.44 46.41 -94.44
CA ASN I 652 68.64 46.73 -95.62
C ASN I 652 69.34 46.34 -96.92
N LYS I 653 70.15 45.28 -96.87
CA LYS I 653 70.86 44.86 -98.07
C LYS I 653 69.90 44.28 -99.10
N TYR I 654 69.01 43.37 -98.68
CA TYR I 654 68.01 42.85 -99.60
C TYR I 654 67.08 43.94 -100.12
N TYR I 655 66.94 45.06 -99.40
CA TYR I 655 66.16 46.16 -99.94
C TYR I 655 66.76 46.67 -101.24
N THR I 656 68.08 46.59 -101.37
CA THR I 656 68.74 46.95 -102.61
C THR I 656 68.65 45.83 -103.65
N GLN I 657 68.35 44.60 -103.23
CA GLN I 657 68.16 43.51 -104.18
C GLN I 657 66.85 43.69 -104.95
N ASP J 260 -21.24 -35.81 -71.77
CA ASP J 260 -20.00 -36.03 -71.04
C ASP J 260 -20.18 -35.64 -69.57
N ASP J 261 -19.75 -36.51 -68.68
CA ASP J 261 -19.90 -36.29 -67.25
C ASP J 261 -18.68 -35.56 -66.69
N ARG J 262 -18.89 -34.87 -65.57
CA ARG J 262 -17.84 -34.11 -64.91
C ARG J 262 -18.05 -34.17 -63.41
N VAL J 263 -16.97 -33.94 -62.66
CA VAL J 263 -17.00 -34.16 -61.23
C VAL J 263 -17.61 -32.97 -60.49
N LEU J 264 -17.47 -31.76 -61.04
CA LEU J 264 -18.02 -30.53 -60.45
C LEU J 264 -17.45 -30.31 -59.04
N VAL J 265 -16.14 -30.12 -58.98
CA VAL J 265 -15.49 -29.85 -57.71
C VAL J 265 -15.84 -28.43 -57.27
N THR J 266 -15.73 -28.20 -55.95
CA THR J 266 -15.94 -26.86 -55.41
C THR J 266 -14.72 -26.00 -55.71
N GLU J 267 -14.71 -24.79 -55.16
CA GLU J 267 -13.69 -23.81 -55.50
C GLU J 267 -12.49 -23.88 -54.56
N THR J 268 -12.73 -23.82 -53.24
CA THR J 268 -11.62 -23.82 -52.29
C THR J 268 -10.81 -25.10 -52.38
N GLN J 269 -11.46 -26.21 -52.75
CA GLN J 269 -10.77 -27.52 -52.85
C GLN J 269 -9.59 -27.44 -53.84
N VAL J 270 -9.71 -26.59 -54.87
CA VAL J 270 -8.65 -26.50 -55.88
C VAL J 270 -7.39 -25.89 -55.29
N ILE J 271 -7.54 -24.83 -54.49
CA ILE J 271 -6.37 -24.16 -53.92
C ILE J 271 -5.60 -25.13 -53.03
N ARG J 272 -6.33 -25.89 -52.21
CA ARG J 272 -5.68 -26.88 -51.31
C ARG J 272 -4.89 -27.87 -52.18
N GLU J 273 -5.51 -28.35 -53.26
CA GLU J 273 -4.83 -29.30 -54.18
C GLU J 273 -3.60 -28.62 -54.79
N THR J 274 -3.75 -27.36 -55.20
CA THR J 274 -2.62 -26.62 -55.82
C THR J 274 -1.45 -26.53 -54.83
N LEU J 275 -1.76 -26.30 -53.55
CA LEU J 275 -0.71 -26.20 -52.50
C LEU J 275 0.03 -27.53 -52.41
N TRP J 276 -0.70 -28.64 -52.48
CA TRP J 276 -0.05 -29.99 -52.41
C TRP J 276 0.88 -30.16 -53.61
N LEU J 277 0.46 -29.69 -54.80
CA LEU J 277 1.32 -29.79 -56.01
C LEU J 277 2.61 -28.99 -55.77
N LEU J 278 2.48 -27.81 -55.14
CA LEU J 278 3.64 -26.93 -54.80
C LEU J 278 4.54 -27.67 -53.81
N SER J 279 3.94 -28.40 -52.86
CA SER J 279 4.66 -29.18 -51.81
C SER J 279 5.51 -30.29 -52.44
N GLY J 280 5.08 -30.86 -53.57
CA GLY J 280 5.83 -31.94 -54.23
C GLY J 280 5.24 -33.32 -53.94
N VAL J 281 4.09 -33.37 -53.30
CA VAL J 281 3.41 -34.67 -52.99
C VAL J 281 2.81 -35.24 -54.28
N LYS J 282 2.60 -36.57 -54.32
CA LYS J 282 2.08 -37.23 -55.50
C LYS J 282 0.74 -37.88 -55.15
N LYS J 283 0.13 -38.52 -56.16
CA LYS J 283 -1.16 -39.19 -56.01
C LYS J 283 -2.24 -38.21 -55.55
N LEU J 284 -2.50 -37.21 -56.40
CA LEU J 284 -3.51 -36.15 -56.10
C LEU J 284 -4.70 -36.31 -57.06
N PHE J 285 -5.92 -36.12 -56.54
CA PHE J 285 -7.14 -36.24 -57.34
C PHE J 285 -7.07 -35.36 -58.58
N ILE J 286 -6.27 -34.30 -58.54
CA ILE J 286 -6.01 -33.44 -59.67
C ILE J 286 -4.52 -33.55 -59.99
N PHE J 287 -4.17 -33.23 -61.23
CA PHE J 287 -2.78 -33.26 -61.69
C PHE J 287 -2.22 -34.68 -61.62
N GLN J 288 -2.97 -35.64 -62.16
CA GLN J 288 -2.55 -37.03 -62.09
C GLN J 288 -1.45 -37.27 -63.13
N LEU J 289 -0.22 -37.44 -62.65
CA LEU J 289 0.89 -37.72 -63.54
C LEU J 289 0.78 -39.13 -64.08
N ILE J 290 1.40 -39.35 -65.24
CA ILE J 290 1.37 -40.63 -65.93
C ILE J 290 2.77 -41.17 -66.20
N ASP J 291 3.65 -40.33 -66.72
CA ASP J 291 5.00 -40.73 -67.13
C ASP J 291 6.02 -39.73 -66.64
N GLY J 292 5.95 -39.37 -65.36
CA GLY J 292 6.82 -38.34 -64.85
C GLY J 292 6.47 -36.96 -65.35
N LYS J 293 5.23 -36.76 -65.81
CA LYS J 293 4.78 -35.50 -66.37
C LYS J 293 3.38 -35.21 -65.83
N VAL J 294 3.28 -34.27 -64.90
CA VAL J 294 1.99 -33.96 -64.30
C VAL J 294 1.04 -33.44 -65.37
N THR J 295 -0.23 -33.84 -65.28
CA THR J 295 -1.20 -33.50 -66.29
C THR J 295 -2.58 -33.37 -65.65
N VAL J 296 -3.30 -32.31 -66.04
CA VAL J 296 -4.62 -32.06 -65.48
C VAL J 296 -5.61 -33.13 -65.91
N ARG J 297 -6.57 -33.41 -65.05
CA ARG J 297 -7.65 -34.33 -65.38
C ARG J 297 -8.58 -33.69 -66.41
N ASN J 298 -9.65 -34.40 -66.77
CA ASN J 298 -10.53 -33.96 -67.84
C ASN J 298 -11.97 -33.72 -67.42
N ASN J 299 -12.36 -34.09 -66.20
CA ASN J 299 -13.74 -33.95 -65.76
C ASN J 299 -13.92 -32.87 -64.70
N ILE J 300 -12.93 -32.01 -64.52
CA ILE J 300 -12.96 -30.97 -63.49
C ILE J 300 -13.70 -29.77 -64.04
N ILE J 301 -14.62 -29.23 -63.24
CA ILE J 301 -15.41 -28.08 -63.65
C ILE J 301 -15.92 -27.38 -62.41
N VAL J 302 -15.99 -26.06 -62.47
CA VAL J 302 -16.56 -25.25 -61.41
C VAL J 302 -17.89 -24.69 -61.93
N THR J 303 -18.71 -24.17 -61.01
CA THR J 303 -19.96 -23.53 -61.41
C THR J 303 -19.73 -22.48 -62.47
N HIS J 304 -18.61 -21.77 -62.40
CA HIS J 304 -18.22 -20.76 -63.37
C HIS J 304 -17.00 -21.26 -64.16
N LEU J 305 -16.45 -20.37 -64.98
CA LEU J 305 -15.21 -20.59 -65.72
C LEU J 305 -15.35 -21.61 -66.85
N THR J 306 -16.58 -21.92 -67.25
CA THR J 306 -16.92 -22.61 -68.50
C THR J 306 -16.05 -23.81 -68.84
N HIS J 307 -15.46 -24.46 -67.84
CA HIS J 307 -14.86 -25.78 -67.97
C HIS J 307 -13.57 -25.77 -68.81
N SER J 308 -13.26 -24.65 -69.45
CA SER J 308 -12.09 -24.56 -70.30
C SER J 308 -11.02 -23.64 -69.75
N CYS J 309 -11.40 -22.47 -69.26
CA CYS J 309 -10.44 -21.61 -68.58
C CYS J 309 -9.79 -22.33 -67.41
N LEU J 310 -10.57 -23.17 -66.71
CA LEU J 310 -10.02 -23.98 -65.64
C LEU J 310 -8.93 -24.89 -66.18
N ARG J 311 -9.18 -25.53 -67.32
CA ARG J 311 -8.14 -26.32 -67.97
C ARG J 311 -6.97 -25.44 -68.40
N SER J 312 -7.22 -24.14 -68.57
CA SER J 312 -6.14 -23.23 -68.94
C SER J 312 -5.32 -22.84 -67.71
N VAL J 313 -5.99 -22.35 -66.67
CA VAL J 313 -5.26 -21.87 -65.49
C VAL J 313 -4.51 -23.01 -64.82
N LEU J 314 -5.14 -24.17 -64.72
CA LEU J 314 -4.45 -25.32 -64.12
C LEU J 314 -3.26 -25.75 -64.95
N GLU J 315 -3.36 -25.62 -66.27
CA GLU J 315 -2.27 -26.04 -67.15
C GLU J 315 -1.00 -25.26 -66.87
N GLN J 316 -1.14 -23.99 -66.48
CA GLN J 316 0.03 -23.20 -66.14
C GLN J 316 0.65 -23.67 -64.82
N ILE J 317 -0.17 -23.83 -63.79
CA ILE J 317 0.35 -24.30 -62.51
C ILE J 317 0.95 -25.68 -62.65
N ALA J 318 0.35 -26.51 -63.51
CA ALA J 318 0.93 -27.81 -63.80
C ALA J 318 2.37 -27.69 -64.28
N ALA J 319 2.63 -26.73 -65.18
CA ALA J 319 3.99 -26.50 -65.64
C ALA J 319 4.93 -26.24 -64.47
N TYR J 320 4.42 -25.63 -63.40
CA TYR J 320 5.25 -25.43 -62.23
C TYR J 320 5.40 -26.70 -61.42
N GLY J 321 4.37 -27.54 -61.38
CA GLY J 321 4.51 -28.82 -60.70
C GLY J 321 5.62 -29.67 -61.28
N GLN J 322 5.76 -29.64 -62.61
CA GLN J 322 6.85 -30.37 -63.26
C GLN J 322 8.21 -29.93 -62.71
N VAL J 323 8.38 -28.63 -62.48
CA VAL J 323 9.65 -28.13 -61.99
C VAL J 323 9.92 -28.65 -60.57
N VAL J 324 8.87 -28.79 -59.77
CA VAL J 324 9.06 -29.23 -58.39
C VAL J 324 8.95 -30.75 -58.25
N PHE J 325 8.23 -31.42 -59.15
CA PHE J 325 8.18 -32.87 -59.08
C PHE J 325 9.50 -33.50 -59.51
N ARG J 326 10.11 -32.96 -60.57
CA ARG J 326 11.38 -33.50 -61.03
C ARG J 326 12.47 -33.31 -59.99
N LEU J 327 12.51 -32.15 -59.34
CA LEU J 327 13.50 -31.93 -58.30
C LEU J 327 13.30 -32.89 -57.14
N GLN J 328 12.05 -33.13 -56.76
CA GLN J 328 11.78 -34.10 -55.70
C GLN J 328 12.19 -35.51 -56.12
N GLU J 329 12.04 -35.83 -57.40
CA GLU J 329 12.57 -37.11 -57.88
C GLU J 329 14.09 -37.15 -57.78
N PHE J 330 14.75 -36.02 -57.97
CA PHE J 330 16.20 -35.97 -57.87
C PHE J 330 16.65 -36.18 -56.44
N ILE J 331 16.03 -35.46 -55.49
CA ILE J 331 16.40 -35.62 -54.09
C ILE J 331 16.11 -37.03 -53.62
N ASP J 332 15.08 -37.67 -54.19
CA ASP J 332 14.76 -39.04 -53.79
C ASP J 332 15.87 -40.00 -54.20
N GLU J 333 16.43 -39.82 -55.40
CA GLU J 333 17.48 -40.71 -55.89
C GLU J 333 18.81 -40.48 -55.20
N VAL J 334 18.85 -39.66 -54.16
CA VAL J 334 20.05 -39.51 -53.36
C VAL J 334 19.87 -40.03 -51.94
N MET J 335 18.63 -40.13 -51.44
CA MET J 335 18.36 -40.63 -50.11
C MET J 335 17.91 -42.09 -50.12
N GLY J 336 16.86 -42.39 -50.88
CA GLY J 336 16.34 -43.74 -50.96
C GLY J 336 14.97 -43.90 -50.34
N PRO J 357 29.71 -42.33 -52.15
CA PRO J 357 30.21 -41.11 -51.53
C PRO J 357 30.65 -40.07 -52.55
N PHE J 358 29.68 -39.50 -53.27
CA PHE J 358 30.01 -38.53 -54.31
C PHE J 358 30.49 -37.22 -53.71
N ARG J 359 29.95 -36.82 -52.56
CA ARG J 359 30.38 -35.68 -51.78
C ARG J 359 30.17 -34.34 -52.49
N THR J 360 29.61 -34.34 -53.70
CA THR J 360 29.25 -33.10 -54.38
C THR J 360 27.76 -33.02 -54.68
N TYR J 361 27.21 -34.00 -55.43
CA TYR J 361 25.76 -34.08 -55.55
C TYR J 361 25.12 -34.15 -54.18
N GLN J 362 25.61 -35.05 -53.32
CA GLN J 362 25.10 -35.13 -51.96
C GLN J 362 25.22 -33.78 -51.25
N ALA J 363 26.31 -33.05 -51.52
CA ALA J 363 26.42 -31.70 -50.97
C ALA J 363 25.60 -30.69 -51.75
N PHE J 364 25.17 -31.03 -52.97
CA PHE J 364 24.38 -30.09 -53.75
C PHE J 364 22.91 -30.15 -53.36
N MET J 365 22.38 -31.36 -53.14
CA MET J 365 20.98 -31.48 -52.77
C MET J 365 20.71 -30.82 -51.43
N TRP J 366 21.65 -30.90 -50.50
CA TRP J 366 21.45 -30.27 -49.19
C TRP J 366 21.20 -28.78 -49.32
N ALA J 367 21.78 -28.14 -50.33
CA ALA J 367 21.42 -26.76 -50.62
C ALA J 367 20.02 -26.67 -51.22
N LEU J 368 19.73 -27.54 -52.19
CA LEU J 368 18.39 -27.55 -52.77
C LEU J 368 17.34 -27.87 -51.73
N TYR J 369 17.60 -28.92 -50.94
CA TYR J 369 16.68 -29.40 -49.88
C TYR J 369 16.41 -28.26 -48.89
N LYS J 370 17.45 -27.52 -48.51
CA LYS J 370 17.32 -26.40 -47.53
C LYS J 370 16.37 -25.34 -48.08
N TYR J 371 16.46 -25.04 -49.39
CA TYR J 371 15.59 -24.02 -50.03
C TYR J 371 14.12 -24.47 -49.96
N PHE J 372 13.86 -25.77 -50.19
CA PHE J 372 12.48 -26.31 -50.24
C PHE J 372 11.75 -26.15 -48.89
N ILE J 373 12.43 -26.47 -47.78
CA ILE J 373 11.83 -26.35 -46.42
C ILE J 373 11.27 -24.94 -46.23
N SER J 374 12.09 -23.91 -46.46
CA SER J 374 11.65 -22.50 -46.30
C SER J 374 10.51 -22.17 -47.28
N PHE J 375 10.63 -22.64 -48.53
CA PHE J 375 9.58 -22.40 -49.56
C PHE J 375 8.29 -23.09 -49.11
N LYS J 376 8.41 -24.29 -48.57
CA LYS J 376 7.25 -25.10 -48.10
C LYS J 376 6.53 -24.35 -46.97
N GLU J 377 7.28 -23.69 -46.09
CA GLU J 377 6.68 -22.96 -44.93
C GLU J 377 5.71 -21.89 -45.43
N GLU J 378 6.09 -21.15 -46.47
CA GLU J 378 5.19 -20.08 -47.00
C GLU J 378 3.89 -20.71 -47.52
N LEU J 379 4.01 -21.81 -48.27
CA LEU J 379 2.83 -22.52 -48.83
C LEU J 379 1.99 -23.09 -47.68
N ALA J 380 2.64 -23.69 -46.68
CA ALA J 380 1.95 -24.30 -45.53
C ALA J 380 1.20 -23.23 -44.74
N GLU J 381 1.83 -22.06 -44.55
CA GLU J 381 1.24 -20.93 -43.80
C GLU J 381 -0.09 -20.52 -44.45
N ILE J 382 -0.10 -20.42 -45.80
CA ILE J 382 -1.30 -20.00 -46.52
C ILE J 382 -2.47 -20.91 -46.18
N GLU J 383 -2.19 -22.21 -46.08
CA GLU J 383 -3.23 -23.23 -45.75
C GLU J 383 -3.89 -22.88 -44.42
N LYS J 384 -3.16 -22.25 -43.51
CA LYS J 384 -3.72 -21.85 -42.22
C LYS J 384 -4.84 -20.83 -42.43
N CYS J 385 -4.59 -19.79 -43.22
CA CYS J 385 -5.61 -18.78 -43.47
C CYS J 385 -6.76 -19.30 -44.32
N ILE J 386 -6.75 -20.57 -44.72
CA ILE J 386 -7.88 -21.13 -45.45
C ILE J 386 -8.90 -21.74 -44.52
N ILE J 387 -8.46 -22.41 -43.46
CA ILE J 387 -9.39 -23.06 -42.54
C ILE J 387 -9.95 -22.05 -41.55
N ASN J 388 -9.11 -21.15 -41.05
CA ASN J 388 -9.53 -20.18 -40.05
C ASN J 388 -10.19 -18.98 -40.71
N THR J 391 -11.48 -14.26 -43.82
CA THR J 391 -10.91 -13.66 -45.01
C THR J 391 -11.20 -14.51 -46.25
N THR J 392 -11.67 -13.87 -47.31
CA THR J 392 -11.92 -14.57 -48.55
C THR J 392 -10.62 -14.84 -49.30
N ILE J 393 -10.57 -15.98 -49.98
CA ILE J 393 -9.40 -16.41 -50.74
C ILE J 393 -9.89 -17.14 -51.98
N THR J 394 -9.37 -16.75 -53.14
CA THR J 394 -9.74 -17.40 -54.39
C THR J 394 -8.49 -17.60 -55.23
N LEU J 395 -8.68 -18.01 -56.49
CA LEU J 395 -7.55 -18.38 -57.34
C LEU J 395 -6.64 -17.19 -57.62
N ALA J 396 -7.19 -16.13 -58.21
CA ALA J 396 -6.38 -15.00 -58.66
C ALA J 396 -5.62 -14.32 -57.55
N ILE J 397 -5.87 -14.65 -56.29
CA ILE J 397 -5.19 -14.03 -55.17
C ILE J 397 -3.98 -14.86 -54.74
N VAL J 398 -4.12 -16.18 -54.68
CA VAL J 398 -3.00 -17.02 -54.24
C VAL J 398 -1.89 -17.01 -55.27
N VAL J 399 -2.22 -16.84 -56.54
CA VAL J 399 -1.18 -16.80 -57.57
C VAL J 399 -0.36 -15.54 -57.43
N ASP J 400 -1.01 -14.38 -57.43
CA ASP J 400 -0.27 -13.13 -57.31
C ASP J 400 0.46 -13.03 -55.97
N LYS J 401 -0.06 -13.70 -54.93
CA LYS J 401 0.68 -13.73 -53.67
C LYS J 401 1.97 -14.54 -53.81
N LEU J 402 2.01 -15.49 -54.75
CA LEU J 402 3.16 -16.36 -54.95
C LEU J 402 4.04 -15.92 -56.10
N ALA J 403 3.94 -14.66 -56.53
CA ALA J 403 4.77 -14.19 -57.63
C ALA J 403 6.25 -14.28 -57.33
N PRO J 404 6.78 -13.75 -56.21
CA PRO J 404 8.22 -13.82 -55.98
C PRO J 404 8.73 -15.22 -55.70
N ARG J 405 7.88 -16.24 -55.74
CA ARG J 405 8.32 -17.63 -55.64
C ARG J 405 8.28 -18.33 -56.99
N LEU J 406 7.17 -18.21 -57.71
CA LEU J 406 7.10 -18.77 -59.06
C LEU J 406 8.11 -18.11 -60.00
N SER J 407 8.67 -16.97 -59.61
CA SER J 407 9.79 -16.41 -60.35
C SER J 407 11.08 -17.13 -60.01
N GLN J 408 11.39 -17.23 -58.72
CA GLN J 408 12.61 -17.91 -58.29
C GLN J 408 12.62 -19.36 -58.73
N LEU J 409 11.45 -19.97 -58.87
CA LEU J 409 11.39 -21.37 -59.25
C LEU J 409 11.77 -21.58 -60.71
N LYS J 410 11.39 -20.63 -61.58
CA LYS J 410 11.70 -20.80 -63.00
C LYS J 410 13.19 -20.83 -63.25
N VAL J 411 13.97 -20.10 -62.44
CA VAL J 411 15.42 -20.13 -62.58
C VAL J 411 15.95 -21.55 -62.39
N LEU J 412 15.46 -22.25 -61.36
CA LEU J 412 15.97 -23.57 -61.06
C LEU J 412 15.69 -24.56 -62.19
N HIS J 413 14.59 -24.35 -62.93
CA HIS J 413 14.32 -25.23 -64.06
C HIS J 413 15.37 -25.10 -65.16
N LYS J 414 16.08 -23.97 -65.21
CA LYS J 414 17.15 -23.80 -66.17
C LYS J 414 18.53 -24.07 -65.59
N VAL J 415 18.74 -23.78 -64.31
CA VAL J 415 20.02 -24.11 -63.68
C VAL J 415 20.17 -25.62 -63.54
N PHE J 416 19.12 -26.30 -63.08
CA PHE J 416 19.16 -27.74 -62.92
C PHE J 416 19.13 -28.50 -64.23
N SER J 417 18.55 -27.91 -65.29
CA SER J 417 18.51 -28.58 -66.58
C SER J 417 19.92 -28.88 -67.09
N THR J 418 20.89 -28.06 -66.72
CA THR J 418 22.28 -28.31 -67.10
C THR J 418 22.99 -29.22 -66.12
N GLY J 419 22.40 -29.47 -64.95
CA GLY J 419 22.90 -30.45 -64.01
C GLY J 419 22.27 -31.81 -64.13
N VAL J 420 21.42 -32.03 -65.14
CA VAL J 420 20.78 -33.32 -65.34
C VAL J 420 21.04 -33.89 -66.73
N ALA J 421 21.31 -33.06 -67.74
CA ALA J 421 21.54 -33.54 -69.09
C ALA J 421 22.94 -34.12 -69.29
N GLU J 422 23.65 -34.40 -68.20
CA GLU J 422 25.00 -34.96 -68.24
C GLU J 422 25.95 -34.04 -68.99
N THR J 427 29.86 -39.19 -68.18
CA THR J 427 29.40 -40.28 -67.32
C THR J 427 30.37 -40.47 -66.17
N ARG J 428 31.64 -40.14 -66.39
CA ARG J 428 32.63 -40.22 -65.33
C ARG J 428 32.27 -39.26 -64.21
N ASN J 429 32.69 -39.61 -62.99
CA ASN J 429 32.31 -38.82 -61.82
C ASN J 429 33.01 -37.47 -61.77
N VAL J 430 34.05 -37.27 -62.57
CA VAL J 430 34.78 -36.01 -62.53
C VAL J 430 34.24 -34.99 -63.52
N VAL J 431 33.54 -35.44 -64.57
CA VAL J 431 32.96 -34.50 -65.51
C VAL J 431 31.53 -34.12 -65.11
N ARG J 432 30.83 -34.99 -64.38
CA ARG J 432 29.49 -34.65 -63.94
C ARG J 432 29.52 -33.65 -62.80
N ALA J 433 30.62 -33.60 -62.05
CA ALA J 433 30.73 -32.66 -60.94
C ALA J 433 31.43 -31.38 -61.34
N SER J 434 32.37 -31.45 -62.28
CA SER J 434 33.00 -30.23 -62.76
C SER J 434 32.03 -29.40 -63.59
N HIS J 435 31.34 -30.05 -64.54
CA HIS J 435 30.43 -29.32 -65.42
C HIS J 435 29.25 -28.74 -64.66
N LEU J 436 28.85 -29.37 -63.55
CA LEU J 436 27.80 -28.79 -62.73
C LEU J 436 28.29 -27.56 -62.01
N LEU J 437 29.38 -27.69 -61.26
CA LEU J 437 29.87 -26.58 -60.44
C LEU J 437 30.28 -25.40 -61.30
N ASN J 438 30.67 -25.64 -62.54
CA ASN J 438 31.04 -24.53 -63.42
C ASN J 438 29.83 -23.85 -64.01
N THR J 439 28.69 -24.54 -64.10
CA THR J 439 27.48 -23.93 -64.65
C THR J 439 26.96 -22.83 -63.74
N LEU J 440 27.08 -23.00 -62.42
CA LEU J 440 26.61 -21.99 -61.48
C LEU J 440 27.42 -20.70 -61.63
N TYR J 441 28.75 -20.81 -61.53
CA TYR J 441 29.59 -19.61 -61.63
C TYR J 441 29.41 -18.90 -62.96
N LYS J 442 29.00 -19.63 -63.99
CA LYS J 442 28.66 -18.97 -65.24
C LYS J 442 27.27 -18.34 -65.18
N ALA J 443 26.31 -19.04 -64.59
CA ALA J 443 24.95 -18.52 -64.54
C ALA J 443 24.80 -17.35 -63.60
N ILE J 444 25.73 -17.17 -62.66
CA ILE J 444 25.64 -16.01 -61.76
C ILE J 444 26.13 -14.76 -62.46
N LEU J 445 27.25 -14.86 -63.20
CA LEU J 445 27.75 -13.71 -63.94
C LEU J 445 26.74 -13.21 -64.96
N GLU J 446 25.79 -14.04 -65.37
CA GLU J 446 24.71 -13.57 -66.23
C GLU J 446 23.75 -12.68 -65.48
N TYR J 447 23.60 -12.88 -64.17
CA TYR J 447 22.64 -12.14 -63.36
C TYR J 447 23.31 -11.07 -62.50
N ASP J 448 24.35 -10.43 -63.01
CA ASP J 448 25.06 -9.42 -62.23
C ASP J 448 24.87 -8.02 -62.83
N GLU J 455 17.24 -6.79 -55.64
CA GLU J 455 17.85 -8.06 -56.00
C GLU J 455 17.45 -9.17 -55.05
N GLN J 456 16.92 -10.26 -55.59
CA GLN J 456 16.67 -11.44 -54.77
C GLN J 456 17.12 -12.70 -55.49
N THR J 457 17.12 -12.67 -56.82
CA THR J 457 17.54 -13.85 -57.57
C THR J 457 19.03 -14.12 -57.41
N VAL J 458 19.83 -13.08 -57.23
CA VAL J 458 21.25 -13.30 -57.02
C VAL J 458 21.52 -13.86 -55.63
N SER J 459 20.73 -13.46 -54.64
CA SER J 459 20.92 -13.99 -53.30
C SER J 459 20.64 -15.48 -53.25
N LEU J 460 19.73 -15.96 -54.09
CA LEU J 460 19.44 -17.39 -54.13
C LEU J 460 20.60 -18.17 -54.73
N LEU J 461 21.05 -17.78 -55.93
CA LEU J 461 22.12 -18.51 -56.59
C LEU J 461 23.40 -18.50 -55.76
N PHE J 462 23.69 -17.38 -55.11
CA PHE J 462 24.89 -17.30 -54.28
C PHE J 462 24.77 -18.24 -53.09
N SER J 463 23.67 -18.17 -52.35
CA SER J 463 23.44 -19.09 -51.25
C SER J 463 23.34 -20.52 -51.73
N LEU J 464 23.04 -20.74 -53.01
CA LEU J 464 23.06 -22.08 -53.58
C LEU J 464 24.46 -22.47 -54.02
N TRP J 465 25.32 -21.50 -54.28
CA TRP J 465 26.68 -21.77 -54.72
C TRP J 465 27.56 -22.26 -53.58
N VAL J 466 27.61 -21.50 -52.49
CA VAL J 466 28.53 -21.80 -51.40
C VAL J 466 28.32 -23.22 -50.88
N GLU J 467 27.07 -23.64 -50.75
CA GLU J 467 26.78 -24.97 -50.24
C GLU J 467 27.05 -26.07 -51.25
N THR J 468 27.57 -25.74 -52.43
CA THR J 468 27.94 -26.73 -53.42
C THR J 468 29.43 -26.75 -53.73
N VAL J 469 30.14 -25.66 -53.43
CA VAL J 469 31.58 -25.64 -53.55
C VAL J 469 32.26 -25.99 -52.24
N ARG J 470 31.47 -26.27 -51.19
CA ARG J 470 32.03 -26.69 -49.92
C ARG J 470 32.92 -27.93 -50.02
N PRO J 471 32.63 -28.94 -50.85
CA PRO J 471 33.56 -30.07 -50.95
C PRO J 471 34.96 -29.66 -51.41
N TYR J 472 35.08 -28.96 -52.54
CA TYR J 472 36.40 -28.61 -53.06
C TYR J 472 37.18 -27.76 -52.06
N LEU J 473 36.56 -26.72 -51.52
CA LEU J 473 37.24 -25.87 -50.55
C LEU J 473 37.74 -26.65 -49.35
N GLN J 474 37.12 -27.79 -49.05
CA GLN J 474 37.60 -28.62 -47.96
C GLN J 474 38.86 -29.38 -48.34
N THR J 475 38.80 -30.15 -49.44
CA THR J 475 39.96 -30.94 -49.85
C THR J 475 41.13 -30.04 -50.21
N VAL J 476 40.88 -28.90 -50.84
CA VAL J 476 41.95 -27.96 -51.15
C VAL J 476 42.68 -27.55 -49.89
N ASP J 477 41.93 -27.13 -48.87
CA ASP J 477 42.55 -26.82 -47.58
C ASP J 477 43.21 -28.06 -46.99
N GLU J 478 42.49 -29.19 -47.00
CA GLU J 478 43.02 -30.41 -46.43
C GLU J 478 44.32 -30.83 -47.11
N TRP J 479 44.39 -30.65 -48.43
CA TRP J 479 45.63 -30.93 -49.14
C TRP J 479 46.76 -30.00 -48.69
N ILE J 480 46.42 -28.74 -48.38
CA ILE J 480 47.46 -27.76 -48.06
C ILE J 480 48.04 -28.06 -46.67
N VAL J 481 47.20 -28.05 -45.65
CA VAL J 481 47.72 -28.12 -44.29
C VAL J 481 48.11 -29.53 -43.91
N HIS J 482 47.35 -30.53 -44.36
CA HIS J 482 47.65 -31.92 -44.02
C HIS J 482 48.53 -32.59 -45.05
N GLY J 483 48.99 -31.86 -46.06
CA GLY J 483 50.04 -32.33 -46.94
C GLY J 483 49.69 -33.53 -47.80
N HIS J 484 48.43 -33.98 -47.83
CA HIS J 484 48.06 -35.09 -48.68
C HIS J 484 46.67 -34.84 -49.26
N LEU J 485 46.46 -35.35 -50.46
CA LEU J 485 45.18 -35.21 -51.16
C LEU J 485 44.29 -36.40 -50.84
N TRP J 486 43.20 -36.15 -50.13
CA TRP J 486 42.30 -37.20 -49.65
C TRP J 486 41.00 -37.08 -50.44
N ASP J 487 40.94 -37.76 -51.57
CA ASP J 487 39.80 -37.71 -52.48
C ASP J 487 39.03 -39.03 -52.44
N GLY J 488 37.77 -38.95 -52.82
CA GLY J 488 36.93 -40.13 -52.91
C GLY J 488 36.35 -40.29 -54.30
N ALA J 489 36.46 -41.50 -54.86
CA ALA J 489 35.99 -41.79 -56.22
C ALA J 489 36.67 -40.91 -57.25
N ARG J 490 37.86 -40.41 -56.94
CA ARG J 490 38.61 -39.50 -57.81
C ARG J 490 37.74 -38.31 -58.21
N GLU J 491 37.05 -37.74 -57.23
CA GLU J 491 36.14 -36.63 -57.51
C GLU J 491 36.91 -35.39 -57.97
N PHE J 492 38.04 -35.09 -57.33
CA PHE J 492 38.84 -33.94 -57.70
C PHE J 492 39.33 -34.06 -59.13
N ILE J 493 39.65 -32.92 -59.74
CA ILE J 493 40.10 -32.90 -61.12
C ILE J 493 41.50 -33.47 -61.28
N ILE J 494 42.29 -33.51 -60.22
CA ILE J 494 43.68 -33.99 -60.29
C ILE J 494 43.64 -35.49 -60.01
N GLN J 495 43.44 -36.27 -61.07
CA GLN J 495 43.37 -37.73 -60.96
C GLN J 495 44.77 -38.28 -60.80
N ARG J 496 45.20 -38.40 -59.54
CA ARG J 496 46.54 -38.92 -59.24
C ARG J 496 46.58 -40.44 -59.35
N THR J 547 37.40 -30.02 -68.84
CA THR J 547 37.84 -30.93 -67.80
C THR J 547 38.39 -30.19 -66.60
N MET J 548 38.17 -28.88 -66.58
CA MET J 548 38.64 -28.04 -65.48
C MET J 548 37.66 -26.90 -65.29
N VAL J 549 37.36 -26.59 -64.02
CA VAL J 549 36.48 -25.49 -63.68
C VAL J 549 37.30 -24.21 -63.61
N SER J 550 36.89 -23.21 -64.38
CA SER J 550 37.61 -21.94 -64.38
C SER J 550 37.36 -21.12 -63.12
N PHE J 551 36.53 -21.62 -62.20
CA PHE J 551 36.31 -20.93 -60.93
C PHE J 551 37.63 -20.57 -60.26
N LEU J 552 38.51 -21.55 -60.09
CA LEU J 552 39.75 -21.36 -59.35
C LEU J 552 40.97 -21.34 -60.27
N LYS J 553 40.75 -21.25 -61.58
CA LYS J 553 41.86 -21.21 -62.53
C LYS J 553 42.84 -20.07 -62.27
N PRO J 554 42.41 -18.83 -62.02
CA PRO J 554 43.39 -17.74 -61.88
C PRO J 554 44.39 -17.91 -60.76
N VAL J 555 44.23 -18.91 -59.90
CA VAL J 555 45.18 -19.17 -58.81
C VAL J 555 45.59 -20.63 -58.74
N LEU J 556 45.13 -21.48 -59.66
CA LEU J 556 45.39 -22.91 -59.57
C LEU J 556 46.87 -23.22 -59.46
N LYS J 557 47.71 -22.48 -60.19
CA LYS J 557 49.14 -22.75 -60.18
C LYS J 557 49.71 -22.63 -58.77
N GLN J 558 49.20 -21.68 -57.99
CA GLN J 558 49.69 -21.51 -56.62
C GLN J 558 49.21 -22.62 -55.70
N ILE J 559 48.28 -23.46 -56.13
CA ILE J 559 47.79 -24.56 -55.31
C ILE J 559 48.70 -25.76 -55.48
N ILE J 560 48.81 -26.25 -56.72
CA ILE J 560 49.64 -27.42 -57.01
C ILE J 560 51.05 -27.21 -56.49
N MET J 561 51.63 -26.03 -56.77
CA MET J 561 52.97 -25.71 -56.31
C MET J 561 53.06 -25.63 -54.80
N ALA J 562 51.94 -25.57 -54.10
CA ALA J 562 51.90 -25.65 -52.64
C ALA J 562 51.57 -27.04 -52.14
N GLY J 563 50.71 -27.76 -52.85
CA GLY J 563 50.37 -29.11 -52.47
C GLY J 563 51.55 -30.04 -52.53
N LYS J 564 52.14 -30.17 -53.73
CA LYS J 564 53.28 -31.07 -53.89
C LYS J 564 54.45 -30.66 -53.01
N SER J 565 54.69 -29.35 -52.90
CA SER J 565 55.78 -28.89 -52.05
C SER J 565 55.54 -29.26 -50.59
N MET J 566 54.29 -29.33 -50.17
CA MET J 566 54.01 -29.70 -48.80
C MET J 566 54.27 -31.18 -48.55
N GLN J 567 53.98 -32.03 -49.54
CA GLN J 567 54.17 -33.46 -49.36
C GLN J 567 55.63 -33.81 -49.14
N LEU J 568 56.55 -33.06 -49.75
CA LEU J 568 57.97 -33.30 -49.55
C LEU J 568 58.48 -32.74 -48.23
N LEU J 569 57.62 -32.13 -47.43
CA LEU J 569 58.05 -31.61 -46.14
C LEU J 569 57.81 -32.60 -45.01
N LYS J 570 56.67 -33.30 -45.03
CA LYS J 570 56.37 -34.26 -43.97
C LYS J 570 57.33 -35.43 -43.98
N ASN J 571 57.89 -35.76 -45.14
CA ASN J 571 58.90 -36.82 -45.21
C ASN J 571 60.25 -36.39 -44.67
N LEU J 572 60.41 -35.12 -44.32
CA LEU J 572 61.69 -34.62 -43.84
C LEU J 572 61.56 -34.13 -42.40
N GLU J 637 40.34 -25.07 -42.48
CA GLU J 637 39.21 -24.20 -42.13
C GLU J 637 39.01 -23.12 -43.17
N LEU J 638 39.22 -23.47 -44.44
CA LEU J 638 39.14 -22.48 -45.51
C LEU J 638 37.70 -22.02 -45.73
N ASP J 639 36.77 -22.97 -45.83
CA ASP J 639 35.37 -22.60 -46.00
C ASP J 639 34.89 -21.73 -44.84
N ASP J 640 35.39 -21.98 -43.64
CA ASP J 640 35.09 -21.15 -42.48
C ASP J 640 35.88 -19.84 -42.48
N VAL J 641 36.56 -19.53 -43.57
CA VAL J 641 37.16 -18.22 -43.77
C VAL J 641 36.47 -17.45 -44.89
N HIS J 642 36.04 -18.16 -45.95
CA HIS J 642 35.32 -17.51 -47.02
C HIS J 642 33.98 -16.97 -46.54
N ASP J 643 33.28 -17.73 -45.71
CA ASP J 643 31.98 -17.27 -45.22
C ASP J 643 32.08 -16.02 -44.36
N PRO J 644 33.01 -15.89 -43.41
CA PRO J 644 33.14 -14.61 -42.70
C PRO J 644 33.49 -13.45 -43.60
N LEU J 645 34.16 -13.70 -44.73
CA LEU J 645 34.43 -12.62 -45.68
C LEU J 645 33.14 -11.98 -46.18
N LEU J 646 32.07 -12.77 -46.29
CA LEU J 646 30.79 -12.23 -46.71
C LEU J 646 30.22 -11.23 -45.70
N ALA J 647 30.63 -11.32 -44.44
CA ALA J 647 30.06 -10.45 -43.42
C ALA J 647 30.61 -9.04 -43.54
N ILE J 648 31.93 -8.88 -43.60
CA ILE J 648 32.54 -7.57 -43.68
C ILE J 648 32.27 -6.95 -45.04
N THR J 682 30.05 -5.82 -58.64
CA THR J 682 30.94 -5.95 -57.50
C THR J 682 30.67 -7.24 -56.75
N PHE J 683 30.01 -8.18 -57.41
CA PHE J 683 29.64 -9.45 -56.80
C PHE J 683 30.24 -10.60 -57.60
N GLU J 684 30.96 -11.48 -56.92
CA GLU J 684 31.47 -12.76 -57.41
C GLU J 684 32.57 -12.60 -58.47
N LEU J 685 32.89 -11.38 -58.88
CA LEU J 685 34.04 -11.15 -59.74
C LEU J 685 35.12 -10.36 -59.03
N THR J 686 34.77 -9.19 -58.50
CA THR J 686 35.67 -8.50 -57.58
C THR J 686 35.56 -9.05 -56.17
N LEU J 687 34.35 -9.45 -55.77
CA LEU J 687 34.17 -10.06 -54.46
C LEU J 687 34.97 -11.35 -54.34
N ARG J 688 34.94 -12.17 -55.39
CA ARG J 688 35.73 -13.40 -55.39
C ARG J 688 37.22 -13.10 -55.35
N SER J 689 37.62 -11.93 -55.84
CA SER J 689 39.04 -11.55 -55.83
C SER J 689 39.55 -11.22 -54.43
N CYS J 690 38.71 -11.34 -53.40
CA CYS J 690 39.16 -11.20 -52.02
C CYS J 690 39.27 -12.54 -51.31
N LEU J 691 38.84 -13.63 -51.94
CA LEU J 691 39.05 -14.96 -51.37
C LEU J 691 40.51 -15.38 -51.45
N TYR J 692 41.15 -15.11 -52.58
CA TYR J 692 42.51 -15.60 -52.80
C TYR J 692 43.53 -15.15 -51.75
N PRO J 693 43.44 -13.95 -51.17
CA PRO J 693 44.37 -13.62 -50.07
C PRO J 693 44.39 -14.65 -48.95
N HIS J 694 43.30 -15.40 -48.77
CA HIS J 694 43.33 -16.49 -47.80
C HIS J 694 44.10 -17.69 -48.33
N ILE J 695 44.02 -17.94 -49.64
CA ILE J 695 44.69 -19.08 -50.25
C ILE J 695 46.10 -18.76 -50.71
N ASP J 696 46.48 -17.49 -50.75
CA ASP J 696 47.79 -17.12 -51.27
C ASP J 696 48.81 -16.92 -50.14
N LYS J 697 48.41 -16.23 -49.07
CA LYS J 697 49.30 -16.08 -47.93
C LYS J 697 49.62 -17.43 -47.31
N GLN J 698 48.62 -18.31 -47.21
CA GLN J 698 48.87 -19.67 -46.76
C GLN J 698 49.89 -20.36 -47.64
N TYR J 699 49.77 -20.21 -48.95
CA TYR J 699 50.76 -20.77 -49.87
C TYR J 699 52.13 -20.19 -49.63
N LEU J 700 52.22 -18.86 -49.48
CA LEU J 700 53.51 -18.20 -49.33
C LEU J 700 54.29 -18.75 -48.14
N ASP J 701 53.60 -19.12 -47.06
CA ASP J 701 54.29 -19.72 -45.92
C ASP J 701 54.83 -21.10 -46.29
N CYS J 702 54.05 -21.91 -46.99
CA CYS J 702 54.46 -23.28 -47.27
C CYS J 702 55.69 -23.32 -48.18
N CYS J 703 55.64 -22.61 -49.31
CA CYS J 703 56.79 -22.58 -50.19
C CYS J 703 57.97 -21.90 -49.50
N GLY J 704 57.71 -20.83 -48.75
CA GLY J 704 58.75 -20.21 -47.97
C GLY J 704 59.28 -21.08 -46.85
N ASN J 705 58.50 -22.07 -46.42
CA ASN J 705 58.96 -23.00 -45.39
C ASN J 705 59.92 -24.03 -45.97
N LEU J 706 59.61 -24.57 -47.15
CA LEU J 706 60.45 -25.60 -47.75
C LEU J 706 61.83 -25.04 -48.07
N MET J 707 61.88 -23.90 -48.75
CA MET J 707 63.16 -23.27 -49.05
C MET J 707 63.92 -22.94 -47.77
N GLN J 708 63.20 -22.50 -46.74
CA GLN J 708 63.84 -22.18 -45.46
C GLN J 708 64.57 -23.39 -44.90
N THR J 709 63.87 -24.53 -44.79
CA THR J 709 64.51 -25.73 -44.27
C THR J 709 65.42 -26.41 -45.28
N LEU J 710 65.63 -25.81 -46.45
CA LEU J 710 66.50 -26.41 -47.45
C LEU J 710 67.84 -25.71 -47.56
N LYS J 711 68.03 -24.59 -46.86
CA LYS J 711 69.35 -23.96 -46.84
C LYS J 711 70.33 -24.79 -46.02
N LYS J 712 69.92 -25.20 -44.82
CA LYS J 712 70.54 -26.28 -44.07
C LYS J 712 69.68 -27.51 -44.22
N ASP J 713 70.01 -28.57 -43.46
CA ASP J 713 69.09 -29.70 -43.28
C ASP J 713 68.71 -30.31 -44.63
N TYR J 714 69.69 -31.02 -45.20
CA TYR J 714 69.74 -31.40 -46.61
C TYR J 714 70.07 -30.16 -47.44
N ARG J 715 71.10 -29.44 -46.99
CA ARG J 715 71.56 -28.18 -47.62
C ARG J 715 71.77 -28.36 -49.13
N LEU J 716 70.71 -28.20 -49.92
CA LEU J 716 70.78 -28.32 -51.40
C LEU J 716 71.65 -27.19 -51.96
N VAL J 717 71.48 -25.98 -51.43
CA VAL J 717 72.23 -24.77 -51.91
C VAL J 717 73.74 -24.95 -51.68
N GLU J 718 74.13 -25.47 -50.52
CA GLU J 718 75.57 -25.66 -50.19
C GLU J 718 76.19 -26.65 -51.19
N TYR J 719 75.45 -27.73 -51.51
CA TYR J 719 75.93 -28.77 -52.46
C TYR J 719 76.12 -28.14 -53.84
N LEU J 720 75.19 -27.26 -54.24
CA LEU J 720 75.22 -26.61 -55.58
C LEU J 720 76.48 -25.75 -55.73
N GLN J 721 76.86 -25.01 -54.68
CA GLN J 721 78.05 -24.12 -54.73
C GLN J 721 79.31 -24.96 -54.99
N ALA J 722 79.43 -26.10 -54.30
CA ALA J 722 80.59 -27.00 -54.45
C ALA J 722 80.64 -27.56 -55.88
N MET J 723 79.47 -27.91 -56.42
CA MET J 723 79.35 -28.50 -57.79
C MET J 723 80.14 -27.66 -58.80
N ARG J 724 79.75 -26.39 -59.01
CA ARG J 724 80.41 -25.55 -59.98
C ARG J 724 81.77 -25.09 -59.53
N ASN J 725 82.27 -25.58 -58.39
CA ASN J 725 83.58 -25.23 -57.88
C ASN J 725 84.62 -26.32 -58.13
N PHE J 726 84.27 -27.58 -57.87
CA PHE J 726 85.21 -28.68 -58.13
C PHE J 726 85.52 -28.85 -59.61
N PHE J 727 84.89 -28.07 -60.49
CA PHE J 727 85.41 -27.79 -61.81
C PHE J 727 85.06 -26.35 -62.16
N LEU J 728 85.32 -25.97 -63.40
CA LEU J 728 85.30 -24.57 -63.85
C LEU J 728 86.34 -23.73 -63.12
N ASP J 733 94.83 -23.34 -57.28
CA ASP J 733 93.59 -23.95 -56.82
C ASP J 733 93.76 -25.46 -56.68
N THR J 734 92.66 -26.18 -56.92
CA THR J 734 92.64 -27.64 -56.79
C THR J 734 92.77 -28.32 -58.15
N MET J 735 91.89 -27.99 -59.09
CA MET J 735 91.90 -28.65 -60.39
C MET J 735 93.10 -28.29 -61.24
N TYR J 736 93.99 -27.42 -60.76
CA TYR J 736 95.21 -27.14 -61.50
C TYR J 736 96.18 -28.31 -61.40
N ASP J 737 96.43 -28.79 -60.18
CA ASP J 737 97.33 -29.93 -60.00
C ASP J 737 96.77 -31.19 -60.66
N PHE J 738 95.45 -31.33 -60.73
CA PHE J 738 94.85 -32.54 -61.29
C PHE J 738 95.19 -32.69 -62.77
N TYR J 739 94.98 -31.62 -63.56
CA TYR J 739 95.22 -31.73 -64.99
C TYR J 739 96.70 -31.82 -65.32
N THR J 740 97.55 -31.12 -64.57
CA THR J 740 98.98 -31.13 -64.86
C THR J 740 99.55 -32.54 -64.81
N SER J 741 99.02 -33.39 -63.93
CA SER J 741 99.47 -34.78 -63.91
C SER J 741 99.07 -35.51 -65.18
N ILE J 742 97.95 -35.13 -65.79
CA ILE J 742 97.50 -35.80 -67.01
C ILE J 742 98.35 -35.40 -68.20
N PHE J 743 98.99 -34.24 -68.15
CA PHE J 743 99.82 -33.79 -69.27
C PHE J 743 100.95 -34.78 -69.53
N ASP J 744 101.71 -35.12 -68.49
CA ASP J 744 102.84 -36.03 -68.64
C ASP J 744 102.37 -37.47 -68.72
N GLN J 753 94.83 -43.11 -71.10
CA GLN J 753 95.57 -43.62 -69.95
C GLN J 753 94.75 -44.65 -69.18
N ASN J 754 95.04 -44.79 -67.89
CA ASN J 754 94.38 -45.77 -67.05
C ASN J 754 93.17 -45.14 -66.33
N VAL J 755 92.17 -45.98 -66.07
CA VAL J 755 90.93 -45.49 -65.47
C VAL J 755 90.99 -45.47 -63.94
N SER J 756 91.82 -46.32 -63.33
CA SER J 756 91.99 -46.29 -61.89
C SER J 756 93.10 -45.34 -61.47
N PHE J 757 94.11 -45.15 -62.32
CA PHE J 757 95.17 -44.19 -62.04
C PHE J 757 94.61 -42.81 -61.75
N LEU J 758 93.60 -42.39 -62.52
CA LEU J 758 93.05 -41.05 -62.35
C LEU J 758 92.37 -40.88 -61.01
N ASN J 759 91.69 -41.92 -60.53
CA ASN J 759 90.87 -41.78 -59.32
C ASN J 759 91.71 -41.39 -58.12
N VAL J 760 92.83 -42.10 -57.90
CA VAL J 760 93.70 -41.74 -56.80
C VAL J 760 94.28 -40.34 -57.01
N GLN J 761 94.52 -39.96 -58.27
CA GLN J 761 94.96 -38.60 -58.55
C GLN J 761 93.88 -37.60 -58.21
N LEU J 762 92.64 -37.88 -58.60
CA LEU J 762 91.54 -36.97 -58.31
C LEU J 762 91.30 -36.87 -56.81
N GLN J 763 91.28 -38.02 -56.12
CA GLN J 763 91.06 -38.02 -54.69
C GLN J 763 92.21 -37.41 -53.91
N GLU J 764 93.33 -37.14 -54.56
CA GLU J 764 94.49 -36.56 -53.89
C GLU J 764 94.22 -35.13 -53.43
N LEU J 796 91.09 -37.98 -77.50
CA LEU J 796 91.49 -36.70 -76.93
C LEU J 796 90.36 -36.07 -76.12
N ASP J 797 89.13 -36.44 -76.45
CA ASP J 797 87.94 -35.86 -75.83
C ASP J 797 87.16 -36.97 -75.12
N GLY J 798 87.52 -37.22 -73.86
CA GLY J 798 86.80 -38.18 -73.04
C GLY J 798 86.60 -37.69 -71.62
N LEU J 799 86.99 -38.50 -70.65
CA LEU J 799 86.99 -38.12 -69.24
C LEU J 799 85.60 -37.67 -68.78
N THR J 800 84.64 -38.60 -68.85
CA THR J 800 83.30 -38.32 -68.38
C THR J 800 83.30 -38.28 -66.85
N LEU J 801 82.87 -37.17 -66.28
CA LEU J 801 82.86 -36.97 -64.84
C LEU J 801 81.43 -36.97 -64.33
N SER J 802 81.21 -37.54 -63.14
CA SER J 802 79.90 -37.58 -62.53
C SER J 802 80.03 -37.23 -61.04
N TYR J 803 78.90 -37.31 -60.33
CA TYR J 803 78.89 -37.00 -58.88
C TYR J 803 77.72 -37.72 -58.20
N LYS J 804 77.69 -37.70 -56.87
CA LYS J 804 76.58 -38.34 -56.09
C LYS J 804 75.75 -37.25 -55.43
N VAL J 805 74.43 -37.26 -55.67
CA VAL J 805 73.51 -36.24 -55.09
C VAL J 805 72.44 -36.94 -54.26
N PRO J 806 72.15 -36.48 -53.02
CA PRO J 806 71.11 -37.09 -52.18
C PRO J 806 69.72 -36.78 -52.74
N TRP J 807 68.73 -37.65 -52.45
CA TRP J 807 67.37 -37.47 -52.96
C TRP J 807 66.82 -36.06 -52.77
N PRO J 808 67.00 -35.41 -51.60
CA PRO J 808 66.42 -34.06 -51.44
C PRO J 808 66.87 -33.05 -52.48
N VAL J 809 68.03 -33.27 -53.10
CA VAL J 809 68.50 -32.38 -54.16
C VAL J 809 68.53 -33.09 -55.52
N ASP J 810 68.20 -34.38 -55.56
CA ASP J 810 68.17 -35.11 -56.83
C ASP J 810 67.22 -34.45 -57.82
N ILE J 811 66.10 -33.91 -57.34
CA ILE J 811 65.12 -33.32 -58.24
C ILE J 811 65.66 -32.06 -58.90
N VAL J 812 66.60 -31.38 -58.24
CA VAL J 812 67.16 -30.16 -58.81
C VAL J 812 68.27 -30.49 -59.81
N ILE J 813 69.30 -31.19 -59.36
CA ILE J 813 70.42 -31.58 -60.23
C ILE J 813 70.04 -32.92 -60.84
N SER J 814 69.32 -32.87 -61.96
CA SER J 814 68.80 -34.08 -62.59
C SER J 814 69.92 -34.85 -63.26
N LEU J 815 69.54 -35.95 -63.91
CA LEU J 815 70.53 -36.77 -64.60
C LEU J 815 70.98 -36.12 -65.90
N GLU J 816 70.04 -35.61 -66.69
CA GLU J 816 70.43 -34.88 -67.90
C GLU J 816 71.07 -33.55 -67.57
N CYS J 817 71.15 -33.18 -66.29
CA CYS J 817 71.87 -31.99 -65.88
C CYS J 817 73.36 -32.27 -65.69
N GLN J 818 73.72 -33.51 -65.38
CA GLN J 818 75.12 -33.86 -65.20
C GLN J 818 75.89 -33.74 -66.51
N LYS J 819 75.26 -34.14 -67.62
CA LYS J 819 75.97 -34.15 -68.90
C LYS J 819 76.34 -32.74 -69.35
N ILE J 820 75.43 -31.78 -69.17
CA ILE J 820 75.73 -30.41 -69.56
C ILE J 820 76.89 -29.87 -68.74
N TYR J 821 76.84 -30.08 -67.42
CA TYR J 821 77.98 -29.72 -66.57
C TYR J 821 79.23 -30.44 -67.00
N ASN J 822 79.10 -31.67 -67.49
CA ASN J 822 80.24 -32.39 -68.03
C ASN J 822 80.65 -31.84 -69.39
N GLN J 823 79.69 -31.37 -70.19
CA GLN J 823 80.02 -30.84 -71.50
C GLN J 823 80.98 -29.66 -71.41
N VAL J 824 80.64 -28.67 -70.58
CA VAL J 824 81.50 -27.51 -70.47
C VAL J 824 82.84 -27.84 -69.83
N PHE J 825 82.89 -28.89 -69.00
CA PHE J 825 84.16 -29.25 -68.37
C PHE J 825 85.14 -29.81 -69.41
N LEU J 826 84.66 -30.66 -70.31
CA LEU J 826 85.52 -31.21 -71.34
C LEU J 826 86.16 -30.11 -72.17
N LEU J 827 85.33 -29.20 -72.71
CA LEU J 827 85.86 -28.14 -73.57
C LEU J 827 86.81 -27.23 -72.81
N LEU J 828 86.51 -26.97 -71.54
CA LEU J 828 87.37 -26.08 -70.76
C LEU J 828 88.78 -26.64 -70.64
N LEU J 829 88.90 -27.95 -70.43
CA LEU J 829 90.23 -28.54 -70.25
C LEU J 829 91.08 -28.38 -71.49
N GLN J 830 90.50 -28.58 -72.68
CA GLN J 830 91.25 -28.40 -73.91
C GLN J 830 91.81 -27.00 -74.01
N ILE J 831 91.13 -26.02 -73.43
CA ILE J 831 91.67 -24.67 -73.41
C ILE J 831 92.81 -24.56 -72.40
N LYS J 832 92.60 -25.10 -71.20
CA LYS J 832 93.70 -25.16 -70.23
C LYS J 832 94.87 -25.95 -70.78
N TRP J 833 94.60 -26.98 -71.58
CA TRP J 833 95.67 -27.76 -72.20
C TRP J 833 96.53 -26.89 -73.11
N ALA J 834 95.93 -26.32 -74.14
CA ALA J 834 96.69 -25.49 -75.08
C ALA J 834 97.33 -24.32 -74.37
N LYS J 835 96.64 -23.74 -73.39
CA LYS J 835 97.20 -22.61 -72.66
C LYS J 835 98.43 -23.02 -71.87
N TYR J 836 98.38 -24.19 -71.23
CA TYR J 836 99.51 -24.65 -70.44
C TYR J 836 100.61 -25.27 -71.31
N SER J 837 100.24 -25.92 -72.41
CA SER J 837 101.24 -26.54 -73.27
C SER J 837 102.17 -25.50 -73.87
N LEU J 838 101.62 -24.39 -74.33
CA LEU J 838 102.44 -23.30 -74.87
C LEU J 838 103.07 -22.44 -73.78
N ASP J 839 102.88 -22.79 -72.50
CA ASP J 839 103.37 -21.98 -71.41
C ASP J 839 104.46 -22.64 -70.59
N VAL J 840 104.47 -23.97 -70.50
CA VAL J 840 105.43 -24.64 -69.62
C VAL J 840 106.85 -24.50 -70.15
N LEU J 841 107.01 -24.43 -71.47
CA LEU J 841 108.33 -24.28 -72.05
C LEU J 841 108.83 -22.86 -71.88
N LEU J 842 110.07 -22.62 -72.29
CA LEU J 842 110.66 -21.29 -72.18
C LEU J 842 111.47 -20.96 -73.42
N GLN J 879 116.70 -17.69 -88.74
CA GLN J 879 115.31 -18.08 -88.52
C GLN J 879 115.18 -18.89 -87.23
N ILE J 880 116.22 -18.84 -86.40
CA ILE J 880 116.20 -19.59 -85.15
C ILE J 880 115.19 -18.98 -84.18
N HIS J 881 115.39 -17.71 -83.82
CA HIS J 881 114.45 -17.01 -82.96
C HIS J 881 113.12 -16.75 -83.62
N ARG J 882 113.02 -16.94 -84.95
CA ARG J 882 111.78 -16.71 -85.67
C ARG J 882 110.63 -17.52 -85.09
N MET J 883 110.91 -18.62 -84.41
CA MET J 883 109.85 -19.40 -83.78
C MET J 883 109.14 -18.62 -82.70
N PHE J 884 109.87 -17.77 -81.96
CA PHE J 884 109.26 -17.00 -80.89
C PHE J 884 108.21 -16.03 -81.41
N LEU J 885 108.42 -15.48 -82.60
CA LEU J 885 107.39 -14.64 -83.20
C LEU J 885 106.13 -15.43 -83.53
N LEU J 886 106.27 -16.71 -83.83
CA LEU J 886 105.10 -17.57 -83.97
C LEU J 886 104.50 -17.94 -82.62
N ARG J 887 105.26 -17.76 -81.54
CA ARG J 887 104.73 -18.02 -80.21
C ARG J 887 103.80 -16.91 -79.76
N VAL J 888 104.32 -15.67 -79.71
CA VAL J 888 103.51 -14.55 -79.26
C VAL J 888 102.32 -14.34 -80.18
N LYS J 889 102.50 -14.57 -81.47
CA LYS J 889 101.39 -14.48 -82.41
C LYS J 889 100.34 -15.54 -82.16
N LEU J 890 100.66 -16.56 -81.36
CA LEU J 890 99.73 -17.65 -81.06
C LEU J 890 99.43 -17.74 -79.57
N MET J 891 100.45 -17.70 -78.71
CA MET J 891 100.21 -17.75 -77.27
C MET J 891 99.27 -16.63 -76.84
N HIS J 892 99.27 -15.51 -77.56
CA HIS J 892 98.24 -14.49 -77.36
C HIS J 892 96.84 -15.02 -77.63
N PHE J 893 96.63 -15.59 -78.81
CA PHE J 893 95.28 -15.86 -79.30
C PHE J 893 94.55 -16.83 -78.41
N VAL J 894 95.20 -17.95 -78.06
CA VAL J 894 94.58 -18.90 -77.14
C VAL J 894 94.38 -18.26 -75.76
N ASN J 895 95.31 -17.39 -75.35
CA ASN J 895 95.17 -16.72 -74.07
C ASN J 895 93.99 -15.76 -74.07
N SER J 896 93.77 -15.06 -75.17
CA SER J 896 92.64 -14.14 -75.25
C SER J 896 91.32 -14.90 -75.17
N LEU J 897 91.21 -16.02 -75.89
CA LEU J 897 90.00 -16.82 -75.83
C LEU J 897 89.73 -17.31 -74.42
N HIS J 898 90.76 -17.82 -73.74
CA HIS J 898 90.58 -18.29 -72.36
C HIS J 898 90.11 -17.16 -71.46
N ASN J 899 90.63 -15.96 -71.65
CA ASN J 899 90.16 -14.82 -70.88
C ASN J 899 88.70 -14.51 -71.15
N TYR J 900 88.17 -14.94 -72.30
CA TYR J 900 86.79 -14.63 -72.66
C TYR J 900 85.80 -15.64 -72.08
N ILE J 901 86.09 -16.94 -72.20
CA ILE J 901 85.16 -17.95 -71.74
C ILE J 901 85.03 -17.91 -70.22
N MET J 902 86.15 -17.86 -69.51
CA MET J 902 86.11 -17.94 -68.06
C MET J 902 85.58 -16.65 -67.46
N THR J 903 86.25 -15.52 -67.72
CA THR J 903 85.90 -14.28 -67.05
C THR J 903 84.57 -13.73 -67.53
N ARG J 904 84.46 -13.46 -68.84
CA ARG J 904 83.29 -12.80 -69.39
C ARG J 904 82.03 -13.66 -69.38
N ILE J 905 82.17 -14.98 -69.28
CA ILE J 905 80.97 -15.83 -69.32
C ILE J 905 80.87 -16.68 -68.06
N LEU J 906 81.86 -17.52 -67.82
CA LEU J 906 81.82 -18.41 -66.66
C LEU J 906 81.95 -17.69 -65.33
N HIS J 907 82.08 -16.36 -65.34
CA HIS J 907 82.03 -15.58 -64.11
C HIS J 907 80.99 -14.48 -64.12
N SER J 908 80.53 -14.04 -65.28
CA SER J 908 79.45 -13.06 -65.32
C SER J 908 78.13 -13.68 -64.89
N THR J 909 77.68 -14.70 -65.62
CA THR J 909 76.42 -15.38 -65.27
C THR J 909 76.52 -16.04 -63.91
N GLY J 910 77.72 -16.48 -63.52
CA GLY J 910 77.90 -17.06 -62.20
C GLY J 910 77.66 -16.06 -61.09
N LEU J 911 78.14 -14.83 -61.26
CA LEU J 911 77.90 -13.81 -60.25
C LEU J 911 76.43 -13.44 -60.15
N GLU J 912 75.71 -13.49 -61.26
CA GLU J 912 74.28 -13.18 -61.25
C GLU J 912 73.47 -14.36 -60.71
N PHE J 913 73.90 -15.59 -60.99
CA PHE J 913 73.15 -16.76 -60.55
C PHE J 913 73.09 -16.85 -59.04
N GLN J 914 74.21 -16.60 -58.35
CA GLN J 914 74.22 -16.64 -56.90
C GLN J 914 73.31 -15.58 -56.31
N HIS J 915 73.35 -14.37 -56.87
CA HIS J 915 72.46 -13.31 -56.40
C HIS J 915 70.99 -13.64 -56.66
N GLN J 916 70.71 -14.62 -57.52
CA GLN J 916 69.34 -15.01 -57.79
C GLN J 916 68.87 -16.14 -56.89
N VAL J 917 69.71 -17.15 -56.66
CA VAL J 917 69.28 -18.30 -55.86
C VAL J 917 69.03 -17.90 -54.42
N GLU J 918 69.77 -16.91 -53.91
CA GLU J 918 69.57 -16.46 -52.54
C GLU J 918 68.19 -15.87 -52.31
N GLU J 919 67.42 -15.62 -53.37
CA GLU J 919 66.04 -15.16 -53.26
C GLU J 919 65.05 -16.24 -53.70
N ALA J 920 65.43 -17.50 -53.58
CA ALA J 920 64.53 -18.58 -53.96
C ALA J 920 63.31 -18.60 -53.07
N LYS J 921 62.12 -18.67 -53.68
CA LYS J 921 60.88 -18.63 -52.93
C LYS J 921 59.90 -19.70 -53.39
N ASP J 922 60.40 -20.80 -53.94
CA ASP J 922 59.51 -21.77 -54.57
C ASP J 922 60.27 -23.04 -54.90
N LEU J 923 59.55 -24.17 -54.89
CA LEU J 923 60.12 -25.42 -55.38
C LEU J 923 60.39 -25.35 -56.88
N ASP J 924 59.41 -24.89 -57.65
CA ASP J 924 59.54 -24.92 -59.10
C ASP J 924 60.55 -23.89 -59.60
N GLN J 925 60.34 -22.62 -59.27
CA GLN J 925 61.16 -21.56 -59.88
C GLN J 925 62.64 -21.76 -59.61
N LEU J 926 63.01 -22.47 -58.54
CA LEU J 926 64.41 -22.79 -58.33
C LEU J 926 64.95 -23.69 -59.44
N ILE J 927 64.09 -24.54 -60.01
CA ILE J 927 64.51 -25.28 -61.19
C ILE J 927 64.68 -24.34 -62.38
N LYS J 928 63.76 -23.40 -62.54
CA LYS J 928 63.79 -22.53 -63.71
C LYS J 928 65.00 -21.59 -63.67
N ILE J 929 65.23 -20.95 -62.53
CA ILE J 929 66.41 -20.09 -62.41
C ILE J 929 67.68 -20.90 -62.62
N HIS J 930 67.66 -22.18 -62.26
CA HIS J 930 68.82 -23.02 -62.51
C HIS J 930 68.88 -23.46 -63.97
N TYR J 931 67.75 -23.92 -64.51
CA TYR J 931 67.74 -24.34 -65.91
C TYR J 931 67.97 -23.17 -66.84
N ARG J 932 67.64 -21.95 -66.41
CA ARG J 932 67.99 -20.75 -67.15
C ARG J 932 69.42 -20.31 -66.90
N TYR J 933 70.25 -21.17 -66.31
CA TYR J 933 71.67 -20.91 -66.16
C TYR J 933 72.52 -21.81 -67.02
N LEU J 934 72.13 -23.06 -67.22
CA LEU J 934 72.86 -23.94 -68.12
C LEU J 934 72.52 -23.65 -69.58
N SER J 935 71.24 -23.69 -69.92
CA SER J 935 70.82 -23.50 -71.31
C SER J 935 71.23 -22.15 -71.86
N THR J 936 71.65 -21.22 -71.01
CA THR J 936 72.22 -19.96 -71.49
C THR J 936 73.74 -19.99 -71.53
N ILE J 937 74.37 -20.70 -70.59
CA ILE J 937 75.82 -20.79 -70.59
C ILE J 937 76.30 -21.75 -71.65
N HIS J 938 75.43 -22.65 -72.11
CA HIS J 938 75.73 -23.52 -73.24
C HIS J 938 75.54 -22.80 -74.57
N ASP J 939 74.92 -21.63 -74.56
CA ASP J 939 74.74 -20.83 -75.78
C ASP J 939 75.81 -19.77 -75.94
N ARG J 940 76.13 -19.03 -74.87
CA ARG J 940 77.20 -18.06 -74.93
C ARG J 940 78.52 -18.73 -75.29
N CYS J 941 78.91 -19.75 -74.52
CA CYS J 941 79.96 -20.66 -74.96
C CYS J 941 79.43 -21.45 -76.14
N LEU J 942 79.93 -21.18 -77.34
CA LEU J 942 79.32 -21.73 -78.54
C LEU J 942 79.59 -23.22 -78.65
N LEU J 943 78.65 -24.04 -78.18
CA LEU J 943 78.77 -25.48 -78.27
C LEU J 943 77.51 -26.18 -78.78
N ARG J 944 76.37 -25.49 -78.85
CA ARG J 944 75.12 -26.16 -79.19
C ARG J 944 74.91 -26.28 -80.70
N GLU J 945 74.89 -25.14 -81.39
CA GLU J 945 74.61 -25.12 -82.82
C GLU J 945 75.68 -24.26 -83.49
N LYS J 946 75.64 -24.22 -84.83
CA LYS J 946 76.65 -23.51 -85.62
C LYS J 946 78.05 -24.02 -85.30
N VAL J 947 78.14 -25.33 -85.06
CA VAL J 947 79.41 -25.94 -84.72
C VAL J 947 80.30 -26.07 -85.94
N SER J 948 79.82 -26.73 -86.98
CA SER J 948 80.59 -26.86 -88.22
C SER J 948 80.68 -25.55 -88.98
N PHE J 949 79.98 -24.51 -88.55
CA PHE J 949 80.07 -23.20 -89.17
C PHE J 949 81.03 -22.27 -88.47
N VAL J 950 81.10 -22.32 -87.14
CA VAL J 950 81.96 -21.43 -86.37
C VAL J 950 82.86 -22.23 -85.44
N LYS J 951 82.25 -23.11 -84.64
CA LYS J 951 82.98 -23.78 -83.58
C LYS J 951 84.13 -24.62 -84.12
N GLU J 952 83.94 -25.25 -85.29
CA GLU J 952 85.00 -26.07 -85.87
C GLU J 952 86.24 -25.24 -86.17
N ALA J 953 86.07 -23.96 -86.51
CA ALA J 953 87.22 -23.11 -86.80
C ALA J 953 88.13 -23.00 -85.58
N ILE J 954 87.55 -22.68 -84.42
CA ILE J 954 88.35 -22.67 -83.20
C ILE J 954 88.91 -24.05 -82.92
N MET J 955 88.18 -25.11 -83.30
CA MET J 955 88.65 -26.45 -83.03
C MET J 955 89.85 -26.81 -83.90
N LYS J 956 89.79 -26.48 -85.20
CA LYS J 956 90.89 -26.85 -86.08
C LYS J 956 92.15 -26.04 -85.80
N VAL J 957 92.00 -24.75 -85.47
CA VAL J 957 93.17 -23.96 -85.10
C VAL J 957 93.73 -24.41 -83.76
N LEU J 958 92.92 -25.07 -82.93
CA LEU J 958 93.45 -25.65 -81.71
C LEU J 958 94.43 -26.77 -82.01
N ASN J 959 94.29 -27.43 -83.17
CA ASN J 959 95.25 -28.42 -83.58
C ASN J 959 96.62 -27.80 -83.88
N LEU J 960 96.66 -26.52 -84.19
CA LEU J 960 97.95 -25.84 -84.33
C LEU J 960 98.65 -25.73 -82.99
N ALA J 961 97.88 -25.64 -81.90
CA ALA J 961 98.48 -25.63 -80.57
C ALA J 961 99.09 -26.98 -80.19
N LEU J 962 98.64 -28.06 -80.84
CA LEU J 962 99.20 -29.38 -80.59
C LEU J 962 100.42 -29.65 -81.47
N MET J 963 100.29 -29.39 -82.77
CA MET J 963 101.39 -29.65 -83.70
C MET J 963 102.62 -28.83 -83.34
N PHE J 964 102.44 -27.52 -83.17
CA PHE J 964 103.56 -26.64 -82.87
C PHE J 964 104.17 -26.94 -81.50
N ALA J 965 103.41 -27.55 -80.60
CA ALA J 965 103.95 -27.84 -79.27
C ALA J 965 104.97 -28.98 -79.32
N ASP J 966 104.67 -30.03 -80.09
CA ASP J 966 105.57 -31.18 -80.14
C ASP J 966 106.91 -30.79 -80.77
N GLY J 967 106.89 -30.22 -81.96
CA GLY J 967 108.10 -29.77 -82.60
C GLY J 967 108.81 -28.71 -81.78
N TRP J 968 109.94 -29.09 -81.19
CA TRP J 968 110.69 -28.17 -80.35
C TRP J 968 112.13 -28.66 -80.19
N SER J 979 109.01 -26.31 -93.19
CA SER J 979 107.74 -26.57 -92.52
C SER J 979 107.34 -25.39 -91.65
N ILE J 980 108.33 -24.69 -91.11
CA ILE J 980 108.06 -23.52 -90.27
C ILE J 980 107.38 -22.43 -91.08
N GLU J 981 107.86 -22.19 -92.30
CA GLU J 981 107.23 -21.20 -93.16
C GLU J 981 105.81 -21.61 -93.55
N LYS J 982 105.56 -22.90 -93.69
CA LYS J 982 104.24 -23.39 -94.07
C LYS J 982 103.25 -23.35 -92.93
N MET J 983 103.65 -22.90 -91.74
CA MET J 983 102.74 -22.74 -90.62
C MET J 983 102.03 -21.39 -90.65
N GLU J 984 102.79 -20.31 -90.88
CA GLU J 984 102.18 -18.98 -90.93
C GLU J 984 101.24 -18.85 -92.12
N SER J 985 101.56 -19.49 -93.24
CA SER J 985 100.62 -19.52 -94.37
C SER J 985 99.30 -20.14 -93.96
N ASP J 986 99.35 -21.16 -93.10
CA ASP J 986 98.15 -21.72 -92.53
C ASP J 986 97.59 -20.83 -91.42
N PHE J 987 98.47 -20.35 -90.54
CA PHE J 987 98.01 -19.60 -89.37
C PHE J 987 97.37 -18.28 -89.79
N LYS J 988 98.05 -17.50 -90.64
CA LYS J 988 97.48 -16.26 -91.12
C LYS J 988 96.22 -16.49 -91.93
N ASN J 989 96.00 -17.71 -92.44
CA ASN J 989 94.79 -18.00 -93.19
C ASN J 989 93.64 -18.36 -92.25
N CYS J 990 93.85 -19.32 -91.37
CA CYS J 990 92.77 -19.77 -90.48
C CYS J 990 92.35 -18.65 -89.52
N HIS J 991 93.32 -17.89 -89.01
CA HIS J 991 92.98 -16.78 -88.15
C HIS J 991 92.17 -15.73 -88.89
N MET J 992 92.57 -15.41 -90.13
CA MET J 992 91.75 -14.54 -90.96
C MET J 992 90.45 -15.24 -91.35
N PHE J 993 90.50 -16.55 -91.59
CA PHE J 993 89.27 -17.30 -91.76
C PHE J 993 88.38 -17.20 -90.54
N LEU J 994 88.98 -17.13 -89.35
CA LEU J 994 88.20 -17.05 -88.12
C LEU J 994 87.48 -15.72 -88.00
N VAL J 995 88.16 -14.61 -88.30
CA VAL J 995 87.54 -13.31 -88.16
C VAL J 995 86.59 -13.03 -89.31
N THR J 996 86.96 -13.41 -90.53
CA THR J 996 86.10 -13.21 -91.69
C THR J 996 84.87 -14.10 -91.66
N ILE J 997 84.79 -15.04 -90.72
CA ILE J 997 83.59 -15.85 -90.52
C ILE J 997 82.77 -15.33 -89.35
N LEU J 998 83.44 -15.07 -88.22
CA LEU J 998 82.77 -14.48 -87.06
C LEU J 998 82.29 -13.07 -87.30
N ASN J 999 82.74 -12.42 -88.38
CA ASN J 999 82.34 -11.05 -88.69
C ASN J 999 80.83 -10.88 -88.85
N LYS J 1000 80.08 -11.97 -88.98
CA LYS J 1000 78.64 -11.85 -89.17
C LYS J 1000 77.96 -11.19 -87.98
N ALA J 1001 78.58 -11.24 -86.80
CA ALA J 1001 78.03 -10.61 -85.61
C ALA J 1001 77.95 -9.10 -85.77
N PHE J 1007 74.10 -13.86 -80.01
CA PHE J 1007 74.50 -13.26 -81.27
C PHE J 1007 75.40 -12.02 -81.11
N PRO J 1008 74.97 -11.02 -80.32
CA PRO J 1008 75.78 -9.80 -80.23
C PRO J 1008 76.96 -9.90 -79.28
N HIS J 1009 76.91 -10.80 -78.28
CA HIS J 1009 77.98 -10.84 -77.29
C HIS J 1009 79.30 -11.35 -77.85
N LEU J 1010 79.32 -11.81 -79.10
CA LEU J 1010 80.56 -12.31 -79.69
C LEU J 1010 81.58 -11.20 -79.94
N GLU J 1011 81.13 -9.94 -79.97
CA GLU J 1011 82.04 -8.84 -80.26
C GLU J 1011 83.04 -8.58 -79.15
N SER J 1012 82.80 -9.12 -77.95
CA SER J 1012 83.74 -8.92 -76.86
C SER J 1012 85.10 -9.57 -77.14
N LEU J 1013 85.14 -10.55 -78.04
CA LEU J 1013 86.39 -11.16 -78.46
C LEU J 1013 86.76 -10.81 -79.88
N ALA J 1014 85.83 -10.28 -80.68
CA ALA J 1014 86.07 -10.03 -82.09
C ALA J 1014 87.22 -9.05 -82.31
N LEU J 1015 87.66 -8.34 -81.27
CA LEU J 1015 88.81 -7.45 -81.42
C LEU J 1015 90.06 -8.23 -81.79
N SER J 1016 90.17 -9.49 -81.35
CA SER J 1016 91.31 -10.34 -81.67
C SER J 1016 91.01 -11.80 -81.31
N MET K 1 -7.50 -38.77 -35.65
CA MET K 1 -6.31 -39.56 -35.95
C MET K 1 -5.05 -38.74 -35.76
N ILE K 2 -5.21 -37.50 -35.29
CA ILE K 2 -4.06 -36.66 -35.00
C ILE K 2 -3.23 -37.26 -33.88
N HIS K 3 -3.82 -37.41 -32.70
CA HIS K 3 -3.10 -38.03 -31.59
C HIS K 3 -2.77 -39.48 -31.92
N GLU K 4 -3.59 -40.15 -32.72
CA GLU K 4 -3.27 -41.49 -33.19
C GLU K 4 -1.94 -41.51 -33.92
N LEU K 5 -1.66 -40.44 -34.67
CA LEU K 5 -0.42 -40.40 -35.47
C LEU K 5 0.81 -40.28 -34.58
N LEU K 6 0.78 -39.35 -33.62
CA LEU K 6 1.94 -39.12 -32.77
C LEU K 6 2.35 -40.37 -32.00
N LEU K 7 1.37 -41.12 -31.48
CA LEU K 7 1.70 -42.38 -30.81
C LEU K 7 2.31 -43.39 -31.75
N ALA K 8 1.85 -43.46 -33.00
CA ALA K 8 2.47 -44.34 -33.97
C ALA K 8 3.91 -43.93 -34.25
N LEU K 9 4.19 -42.63 -34.19
CA LEU K 9 5.54 -42.13 -34.37
C LEU K 9 6.43 -42.38 -33.15
N SER K 10 5.87 -42.85 -32.05
CA SER K 10 6.66 -43.10 -30.85
C SER K 10 6.93 -44.58 -30.60
N GLY K 11 6.28 -45.47 -31.35
CA GLY K 11 6.56 -46.88 -31.21
C GLY K 11 5.35 -47.70 -30.80
N TYR K 12 4.16 -47.16 -31.00
CA TYR K 12 2.91 -47.83 -30.64
C TYR K 12 1.92 -47.74 -31.80
N PRO K 13 1.86 -48.76 -32.65
CA PRO K 13 0.91 -48.74 -33.76
C PRO K 13 -0.49 -49.15 -33.33
N GLY K 14 -1.45 -48.92 -34.22
CA GLY K 14 -2.83 -49.24 -33.94
C GLY K 14 -3.55 -49.96 -35.07
N SER K 15 -4.88 -49.83 -35.10
CA SER K 15 -5.65 -50.47 -36.17
C SER K 15 -5.55 -49.69 -37.47
N ILE K 16 -5.72 -48.36 -37.40
CA ILE K 16 -5.60 -47.54 -38.60
C ILE K 16 -4.16 -47.54 -39.10
N PHE K 17 -3.20 -47.68 -38.18
CA PHE K 17 -1.78 -47.70 -38.51
C PHE K 17 -1.25 -49.09 -38.17
N THR K 18 -1.37 -50.01 -39.12
CA THR K 18 -0.93 -51.38 -38.90
C THR K 18 0.60 -51.45 -38.84
N TRP K 19 1.10 -52.57 -38.35
CA TRP K 19 2.53 -52.81 -38.22
C TRP K 19 2.88 -54.13 -38.88
N ASN K 20 4.07 -54.18 -39.49
CA ASN K 20 4.59 -55.38 -40.13
C ASN K 20 6.06 -55.54 -39.78
N LYS K 21 6.46 -56.77 -39.47
CA LYS K 21 7.84 -57.04 -39.11
C LYS K 21 8.78 -57.02 -40.31
N ARG K 22 8.22 -57.04 -41.53
CA ARG K 22 9.04 -57.03 -42.74
C ARG K 22 9.09 -55.64 -43.37
N SER K 23 7.94 -55.06 -43.69
CA SER K 23 7.93 -53.77 -44.36
C SER K 23 8.14 -52.63 -43.36
N GLY K 24 7.21 -52.50 -42.41
CA GLY K 24 7.24 -51.41 -41.44
C GLY K 24 5.90 -50.70 -41.41
N LEU K 25 5.92 -49.48 -40.86
CA LEU K 25 4.70 -48.69 -40.75
C LEU K 25 4.14 -48.41 -42.14
N GLN K 26 2.81 -48.46 -42.24
CA GLN K 26 2.13 -48.23 -43.50
C GLN K 26 0.65 -48.05 -43.21
N VAL K 27 0.01 -47.22 -44.03
CA VAL K 27 -1.43 -47.04 -43.94
C VAL K 27 -2.11 -48.33 -44.39
N SER K 28 -3.17 -48.72 -43.66
CA SER K 28 -3.79 -50.01 -43.93
C SER K 28 -4.57 -49.98 -45.25
N GLN K 29 -5.59 -49.14 -45.33
CA GLN K 29 -6.46 -49.06 -46.50
C GLN K 29 -7.08 -47.67 -46.56
N ASP K 30 -8.12 -47.53 -47.37
CA ASP K 30 -8.80 -46.25 -47.50
C ASP K 30 -9.82 -46.05 -46.37
N PHE K 31 -9.83 -44.83 -45.82
CA PHE K 31 -10.80 -44.46 -44.75
C PHE K 31 -11.66 -43.30 -45.25
N PRO K 32 -12.95 -43.21 -44.87
CA PRO K 32 -13.82 -42.11 -45.32
C PRO K 32 -13.56 -40.78 -44.60
N PHE K 33 -12.80 -40.82 -43.50
CA PHE K 33 -12.50 -39.59 -42.71
C PHE K 33 -11.18 -38.96 -43.16
N LEU K 34 -10.60 -39.45 -44.25
CA LEU K 34 -9.31 -38.93 -44.77
C LEU K 34 -9.46 -38.56 -46.25
N HIS K 35 -8.64 -37.61 -46.72
CA HIS K 35 -8.68 -37.15 -48.14
C HIS K 35 -8.18 -38.27 -49.05
N PRO K 36 -8.82 -38.52 -50.21
CA PRO K 36 -8.40 -39.59 -51.13
C PRO K 36 -6.93 -39.50 -51.55
N SER K 37 -6.42 -38.28 -51.78
CA SER K 37 -5.00 -38.10 -52.21
C SER K 37 -4.18 -37.49 -51.07
N GLU K 38 -4.44 -37.91 -49.82
CA GLU K 38 -3.69 -37.39 -48.65
C GLU K 38 -2.85 -38.53 -48.06
N THR K 39 -3.34 -39.76 -48.20
CA THR K 39 -2.64 -40.97 -47.67
C THR K 39 -1.16 -40.95 -48.06
N SER K 40 -0.81 -40.25 -49.16
CA SER K 40 0.57 -40.19 -49.60
C SER K 40 1.49 -39.73 -48.47
N VAL K 41 1.23 -38.54 -47.93
CA VAL K 41 2.14 -37.94 -46.97
C VAL K 41 2.25 -38.80 -45.72
N LEU K 42 1.16 -39.46 -45.33
CA LEU K 42 1.20 -40.30 -44.14
C LEU K 42 2.14 -41.47 -44.32
N ASN K 43 2.11 -42.09 -45.50
CA ASN K 43 3.05 -43.18 -45.78
C ASN K 43 4.48 -42.66 -45.75
N ARG K 44 4.71 -41.47 -46.32
CA ARG K 44 6.04 -40.87 -46.24
C ARG K 44 6.40 -40.53 -44.80
N LEU K 45 5.43 -40.02 -44.04
CA LEU K 45 5.70 -39.73 -42.63
C LEU K 45 5.93 -41.02 -41.83
N CYS K 46 5.19 -42.08 -42.18
CA CYS K 46 5.38 -43.35 -41.49
C CYS K 46 6.78 -43.92 -41.70
N ARG K 47 7.39 -43.68 -42.85
CA ARG K 47 8.76 -44.13 -43.07
C ARG K 47 9.73 -43.52 -42.07
N LEU K 48 9.41 -42.33 -41.55
CA LEU K 48 10.20 -41.76 -40.47
C LEU K 48 10.05 -42.58 -39.20
N GLY K 49 8.84 -43.09 -38.94
CA GLY K 49 8.63 -43.88 -37.75
C GLY K 49 9.20 -45.28 -37.86
N THR K 50 9.11 -45.89 -39.04
CA THR K 50 9.63 -47.24 -39.22
C THR K 50 11.11 -47.33 -38.85
N ASP K 51 11.88 -46.29 -39.17
CA ASP K 51 13.27 -46.25 -38.73
C ASP K 51 13.35 -46.21 -37.22
N TYR K 52 12.46 -45.45 -36.58
CA TYR K 52 12.54 -45.26 -35.14
C TYR K 52 12.35 -46.56 -34.38
N ILE K 53 11.42 -47.40 -34.82
CA ILE K 53 11.17 -48.65 -34.10
C ILE K 53 12.35 -49.59 -34.23
N ARG K 54 12.86 -49.76 -35.46
CA ARG K 54 14.04 -50.61 -35.65
C ARG K 54 15.22 -50.14 -34.84
N PHE K 55 15.27 -48.85 -34.49
CA PHE K 55 16.25 -48.39 -33.51
C PHE K 55 16.02 -49.06 -32.17
N THR K 56 14.82 -48.89 -31.62
CA THR K 56 14.51 -49.43 -30.31
C THR K 56 14.59 -50.95 -30.28
N GLU K 57 14.10 -51.62 -31.33
CA GLU K 57 14.19 -53.08 -31.38
C GLU K 57 15.65 -53.52 -31.39
N PHE K 58 16.54 -52.70 -31.97
CA PHE K 58 17.96 -53.01 -31.90
C PHE K 58 18.54 -52.62 -30.55
N ILE K 59 18.10 -51.50 -29.99
CA ILE K 59 18.65 -51.03 -28.71
C ILE K 59 18.28 -51.99 -27.59
N GLU K 60 17.00 -52.36 -27.50
CA GLU K 60 16.56 -53.19 -26.40
C GLU K 60 17.23 -54.55 -26.41
N GLN K 61 17.43 -55.13 -27.60
CA GLN K 61 18.01 -56.46 -27.68
C GLN K 61 19.52 -56.44 -27.51
N TYR K 62 20.16 -55.28 -27.71
CA TYR K 62 21.60 -55.12 -27.62
C TYR K 62 22.33 -55.95 -28.67
N THR K 63 21.58 -56.52 -29.62
CA THR K 63 22.17 -57.33 -30.68
C THR K 63 21.97 -56.68 -32.04
N LEU K 81 27.12 -60.98 -31.81
CA LEU K 81 27.73 -59.69 -31.49
C LEU K 81 27.73 -59.43 -29.99
N HIS K 82 28.89 -59.09 -29.46
CA HIS K 82 29.04 -58.76 -28.05
C HIS K 82 30.35 -58.01 -27.88
N GLY K 83 30.41 -57.19 -26.85
CA GLY K 83 31.58 -56.37 -26.59
C GLY K 83 31.20 -55.02 -26.02
N ILE K 84 32.10 -54.46 -25.20
CA ILE K 84 31.81 -53.22 -24.51
C ILE K 84 31.66 -52.07 -25.50
N TYR K 85 32.55 -52.01 -26.49
CA TYR K 85 32.46 -50.96 -27.50
C TYR K 85 31.14 -50.99 -28.25
N LEU K 86 30.63 -52.17 -28.58
CA LEU K 86 29.30 -52.27 -29.17
C LEU K 86 28.22 -51.79 -28.22
N ARG K 87 28.27 -52.25 -26.97
CA ARG K 87 27.25 -51.87 -25.99
C ARG K 87 27.27 -50.37 -25.74
N ALA K 88 28.46 -49.80 -25.58
CA ALA K 88 28.56 -48.36 -25.38
C ALA K 88 28.18 -47.58 -26.62
N PHE K 89 28.31 -48.19 -27.80
CA PHE K 89 27.81 -47.54 -29.01
C PHE K 89 26.29 -47.45 -28.99
N CYS K 90 25.64 -48.40 -28.33
CA CYS K 90 24.19 -48.35 -28.20
C CYS K 90 23.75 -47.15 -27.38
N THR K 91 24.29 -46.99 -26.17
CA THR K 91 23.94 -45.84 -25.34
C THR K 91 24.31 -44.54 -26.05
N GLY K 92 25.40 -44.55 -26.82
CA GLY K 92 25.71 -43.40 -27.64
C GLY K 92 24.63 -43.12 -28.67
N LEU K 93 23.93 -44.16 -29.13
CA LEU K 93 22.83 -43.96 -30.06
C LEU K 93 21.58 -43.39 -29.37
N ASP K 94 21.49 -43.54 -28.05
CA ASP K 94 20.36 -42.98 -27.33
C ASP K 94 20.45 -41.47 -27.19
N SER K 95 21.65 -40.92 -27.23
CA SER K 95 21.80 -39.47 -27.05
C SER K 95 21.37 -38.72 -28.30
N VAL K 96 21.71 -39.25 -29.49
CA VAL K 96 21.40 -38.53 -30.72
C VAL K 96 19.90 -38.52 -30.99
N LEU K 97 19.18 -39.57 -30.59
CA LEU K 97 17.75 -39.63 -30.79
C LEU K 97 16.96 -38.74 -29.85
N GLN K 98 17.63 -38.05 -28.91
CA GLN K 98 16.91 -37.27 -27.92
C GLN K 98 16.15 -36.08 -28.51
N PRO K 99 16.75 -35.24 -29.36
CA PRO K 99 15.96 -34.15 -29.96
C PRO K 99 14.76 -34.65 -30.76
N TYR K 100 14.84 -35.85 -31.32
CA TYR K 100 13.67 -36.43 -31.96
C TYR K 100 12.55 -36.67 -30.94
N ARG K 101 12.92 -37.12 -29.74
CA ARG K 101 11.93 -37.25 -28.67
C ARG K 101 11.48 -35.88 -28.20
N GLN K 102 12.39 -34.91 -28.18
CA GLN K 102 12.03 -33.58 -27.69
C GLN K 102 11.12 -32.86 -28.66
N ALA K 103 11.51 -32.78 -29.92
CA ALA K 103 10.74 -32.04 -30.90
C ALA K 103 9.36 -32.63 -31.13
N LEU K 104 9.22 -33.96 -31.10
CA LEU K 104 7.90 -34.56 -31.27
C LEU K 104 6.98 -34.19 -30.12
N LEU K 105 7.51 -34.13 -28.89
CA LEU K 105 6.69 -33.77 -27.74
C LEU K 105 6.21 -32.33 -27.83
N ASP K 106 6.94 -31.49 -28.56
CA ASP K 106 6.54 -30.08 -28.69
C ASP K 106 5.17 -29.95 -29.35
N LEU K 107 4.86 -30.81 -30.31
CA LEU K 107 3.57 -30.72 -30.99
C LEU K 107 2.40 -30.90 -30.04
N GLU K 108 2.60 -31.66 -28.97
CA GLU K 108 1.51 -31.91 -28.02
C GLU K 108 0.96 -30.61 -27.45
N GLN K 109 1.84 -29.68 -27.10
CA GLN K 109 1.40 -28.41 -26.56
C GLN K 109 0.65 -27.60 -27.64
N GLU K 110 0.95 -27.87 -28.91
CA GLU K 110 0.35 -27.10 -29.98
C GLU K 110 -1.11 -27.49 -30.19
N PHE K 111 -1.38 -28.78 -30.39
CA PHE K 111 -2.73 -29.21 -30.74
C PHE K 111 -3.69 -29.07 -29.57
N LEU K 112 -3.21 -29.25 -28.34
CA LEU K 112 -4.05 -28.99 -27.18
C LEU K 112 -4.47 -27.53 -27.15
N GLY K 113 -3.61 -26.63 -27.62
CA GLY K 113 -3.95 -25.23 -27.74
C GLY K 113 -4.89 -24.98 -28.91
N ASP K 114 -4.45 -25.31 -30.12
CA ASP K 114 -5.33 -25.20 -31.27
C ASP K 114 -5.73 -26.58 -31.77
N PRO K 115 -7.01 -26.95 -31.68
CA PRO K 115 -7.44 -28.29 -32.08
C PRO K 115 -7.78 -28.45 -33.55
N HIS K 116 -7.66 -27.40 -34.36
CA HIS K 116 -8.06 -27.45 -35.75
C HIS K 116 -6.87 -27.55 -36.71
N LEU K 117 -5.66 -27.75 -36.22
CA LEU K 117 -4.49 -27.83 -37.09
C LEU K 117 -4.64 -28.99 -38.07
N SER K 118 -3.84 -28.94 -39.13
CA SER K 118 -3.93 -29.88 -40.23
C SER K 118 -2.73 -30.82 -40.21
N ILE K 119 -2.74 -31.78 -41.14
CA ILE K 119 -1.67 -32.78 -41.19
C ILE K 119 -0.46 -32.23 -41.91
N SER K 120 -0.62 -31.11 -42.62
CA SER K 120 0.50 -30.57 -43.39
C SER K 120 1.56 -29.94 -42.50
N HIS K 121 1.16 -29.38 -41.35
CA HIS K 121 2.11 -28.63 -40.54
C HIS K 121 3.20 -29.50 -39.97
N VAL K 122 2.88 -30.74 -39.57
CA VAL K 122 3.90 -31.58 -38.94
C VAL K 122 5.01 -31.92 -39.94
N ASN K 123 4.65 -32.10 -41.21
CA ASN K 123 5.67 -32.36 -42.22
C ASN K 123 6.60 -31.18 -42.37
N TYR K 124 6.05 -29.96 -42.27
CA TYR K 124 6.85 -28.72 -42.37
C TYR K 124 7.74 -28.59 -41.12
N PHE K 125 7.28 -29.12 -39.99
CA PHE K 125 8.05 -29.08 -38.75
C PHE K 125 9.08 -30.19 -38.69
N LEU K 126 8.77 -31.36 -39.24
CA LEU K 126 9.59 -32.56 -39.07
C LEU K 126 10.40 -32.88 -40.32
N ASP K 127 10.93 -31.87 -41.00
CA ASP K 127 11.73 -32.14 -42.19
C ASP K 127 13.17 -32.48 -41.83
N GLN K 128 13.70 -31.87 -40.76
CA GLN K 128 15.10 -32.07 -40.42
C GLN K 128 15.40 -33.53 -40.08
N PHE K 129 14.52 -34.20 -39.34
CA PHE K 129 14.75 -35.59 -39.01
C PHE K 129 14.52 -36.52 -40.19
N GLN K 130 13.81 -36.06 -41.23
CA GLN K 130 13.60 -36.86 -42.44
C GLN K 130 14.91 -37.26 -43.11
N LEU K 131 15.97 -36.47 -42.94
CA LEU K 131 17.23 -36.71 -43.62
C LEU K 131 18.28 -37.37 -42.76
N LEU K 132 18.25 -37.16 -41.44
CA LEU K 132 19.28 -37.67 -40.55
C LEU K 132 19.24 -39.19 -40.40
N PHE K 133 18.06 -39.76 -40.32
CA PHE K 133 17.92 -41.20 -40.10
C PHE K 133 18.50 -42.05 -41.23
N PRO K 134 18.10 -41.84 -42.50
CA PRO K 134 18.56 -42.75 -43.56
C PRO K 134 20.06 -42.84 -43.66
N SER K 135 20.79 -41.77 -43.32
CA SER K 135 22.24 -41.82 -43.31
C SER K 135 22.79 -42.59 -42.12
N VAL K 136 22.18 -42.42 -40.94
CA VAL K 136 22.64 -43.12 -39.75
C VAL K 136 22.04 -44.52 -39.66
N MET K 137 20.94 -44.80 -40.34
CA MET K 137 20.32 -46.12 -40.26
C MET K 137 21.20 -47.17 -40.93
N VAL K 138 21.75 -46.84 -42.10
CA VAL K 138 22.62 -47.78 -42.79
C VAL K 138 23.89 -48.07 -41.99
N VAL K 139 24.32 -47.14 -41.14
CA VAL K 139 25.46 -47.39 -40.26
C VAL K 139 25.17 -48.58 -39.36
N VAL K 140 23.91 -48.73 -38.94
CA VAL K 140 23.54 -49.91 -38.16
C VAL K 140 23.51 -51.15 -39.03
N GLU K 141 23.08 -50.99 -40.29
CA GLU K 141 22.98 -52.14 -41.18
C GLU K 141 24.34 -52.77 -41.45
N GLN K 142 25.36 -51.95 -41.64
CA GLN K 142 26.71 -52.49 -41.85
C GLN K 142 27.16 -53.34 -40.68
N ILE K 143 26.77 -52.96 -39.46
CA ILE K 143 27.19 -53.70 -38.28
C ILE K 143 26.47 -55.04 -38.21
N LYS K 144 25.16 -55.04 -38.48
CA LYS K 144 24.39 -56.27 -38.43
C LYS K 144 24.63 -57.18 -39.63
N SER K 145 25.32 -56.70 -40.66
CA SER K 145 25.54 -57.48 -41.87
C SER K 145 26.98 -57.93 -42.06
N GLN K 146 27.93 -57.33 -41.36
CA GLN K 146 29.33 -57.69 -41.51
C GLN K 146 29.97 -58.13 -40.20
N LYS K 147 29.21 -58.15 -39.10
CA LYS K 147 29.71 -58.56 -37.78
C LYS K 147 30.95 -57.74 -37.39
N ILE K 148 30.77 -56.42 -37.30
CA ILE K 148 31.87 -55.53 -36.96
C ILE K 148 32.10 -55.63 -35.46
N HIS K 149 33.05 -56.47 -35.06
CA HIS K 149 33.32 -56.76 -33.67
C HIS K 149 34.69 -56.20 -33.29
N GLY K 150 34.78 -55.63 -32.09
CA GLY K 150 36.03 -55.07 -31.62
C GLY K 150 36.10 -53.56 -31.73
N CYS K 151 37.32 -53.02 -31.74
CA CYS K 151 37.49 -51.57 -31.88
C CYS K 151 37.22 -51.08 -33.29
N GLN K 152 37.06 -51.97 -34.27
CA GLN K 152 36.80 -51.57 -35.64
C GLN K 152 35.56 -50.70 -35.76
N ILE K 153 34.67 -50.75 -34.76
CA ILE K 153 33.49 -49.88 -34.77
C ILE K 153 33.92 -48.42 -34.70
N LEU K 154 35.11 -48.15 -34.15
CA LEU K 154 35.63 -46.79 -34.11
C LEU K 154 35.95 -46.24 -35.48
N GLU K 155 36.16 -47.10 -36.48
CA GLU K 155 36.43 -46.66 -37.84
C GLU K 155 35.17 -46.57 -38.70
N THR K 156 34.26 -47.53 -38.55
CA THR K 156 33.01 -47.48 -39.32
C THR K 156 32.23 -46.23 -38.99
N VAL K 157 32.27 -45.79 -37.72
CA VAL K 157 31.64 -44.52 -37.38
C VAL K 157 32.45 -43.36 -37.93
N TYR K 158 33.78 -43.52 -38.02
CA TYR K 158 34.61 -42.43 -38.53
C TYR K 158 34.58 -42.37 -40.05
N LYS K 159 34.47 -43.53 -40.70
CA LYS K 159 34.42 -43.55 -42.16
C LYS K 159 33.21 -42.80 -42.69
N HIS K 160 32.08 -42.82 -41.98
CA HIS K 160 30.93 -42.01 -42.34
C HIS K 160 30.94 -40.64 -41.67
N SER K 161 31.92 -40.38 -40.80
CA SER K 161 32.01 -39.07 -40.16
C SER K 161 32.44 -37.99 -41.13
N CYS K 162 33.10 -38.35 -42.23
CA CYS K 162 33.47 -37.41 -43.26
C CYS K 162 32.32 -37.09 -44.21
N GLY K 163 31.10 -37.43 -43.83
CA GLY K 163 29.95 -37.13 -44.66
C GLY K 163 29.78 -35.64 -44.89
N GLY K 164 29.02 -35.33 -45.93
CA GLY K 164 28.85 -33.95 -46.35
C GLY K 164 27.82 -33.19 -45.55
N LEU K 165 26.74 -33.86 -45.19
CA LEU K 165 25.64 -33.20 -44.49
C LEU K 165 26.11 -32.67 -43.14
N PRO K 166 26.01 -31.38 -42.88
CA PRO K 166 26.42 -30.84 -41.58
C PRO K 166 25.69 -31.49 -40.42
N PRO K 167 24.35 -31.68 -40.48
CA PRO K 167 23.69 -32.33 -39.34
C PRO K 167 24.14 -33.77 -39.15
N VAL K 168 24.22 -34.55 -40.23
CA VAL K 168 24.67 -35.93 -40.10
C VAL K 168 26.08 -35.99 -39.54
N ARG K 169 26.93 -35.04 -39.95
CA ARG K 169 28.28 -34.99 -39.39
C ARG K 169 28.26 -34.69 -37.90
N SER K 170 27.46 -33.71 -37.49
CA SER K 170 27.40 -33.34 -36.08
C SER K 170 26.68 -34.37 -35.22
N ALA K 171 25.96 -35.32 -35.82
CA ALA K 171 25.30 -36.37 -35.06
C ALA K 171 26.28 -37.50 -34.73
N LEU K 172 26.86 -38.10 -35.76
CA LEU K 172 27.85 -39.15 -35.52
C LEU K 172 29.07 -38.62 -34.78
N GLU K 173 29.34 -37.32 -34.91
CA GLU K 173 30.36 -36.68 -34.08
C GLU K 173 30.10 -36.94 -32.60
N LYS K 174 28.83 -36.86 -32.18
CA LYS K 174 28.51 -37.07 -30.78
C LYS K 174 28.72 -38.51 -30.35
N ILE K 175 28.33 -39.46 -31.21
CA ILE K 175 28.54 -40.87 -30.89
C ILE K 175 30.03 -41.16 -30.72
N LEU K 176 30.85 -40.61 -31.61
CA LEU K 176 32.30 -40.76 -31.46
C LEU K 176 32.79 -40.17 -30.15
N ALA K 177 32.19 -39.05 -29.72
CA ALA K 177 32.60 -38.42 -28.48
C ALA K 177 32.26 -39.26 -27.26
N VAL K 178 31.37 -40.25 -27.42
CA VAL K 178 30.99 -41.12 -26.31
C VAL K 178 31.64 -42.48 -26.49
N CYS K 179 31.74 -42.94 -27.74
CA CYS K 179 32.36 -44.23 -28.00
C CYS K 179 33.82 -44.24 -27.56
N HIS K 180 34.53 -43.12 -27.74
CA HIS K 180 35.89 -43.02 -27.23
C HIS K 180 35.93 -43.04 -25.72
N GLY K 181 34.79 -42.82 -25.05
CA GLY K 181 34.76 -42.85 -23.60
C GLY K 181 35.14 -44.19 -23.04
N VAL K 182 35.02 -45.26 -23.83
CA VAL K 182 35.44 -46.57 -23.36
C VAL K 182 36.93 -46.77 -23.59
N MET K 183 37.40 -46.43 -24.80
CA MET K 183 38.81 -46.60 -25.13
C MET K 183 39.70 -45.84 -24.15
N TYR K 184 39.37 -44.56 -23.90
CA TYR K 184 40.17 -43.76 -22.98
C TYR K 184 40.27 -44.41 -21.61
N LYS K 185 39.20 -45.05 -21.15
CA LYS K 185 39.22 -45.67 -19.83
C LYS K 185 40.13 -46.88 -19.80
N GLN K 186 39.91 -47.82 -20.72
CA GLN K 186 40.79 -48.99 -20.78
C GLN K 186 42.23 -48.58 -21.10
N LEU K 187 42.41 -47.54 -21.90
CA LEU K 187 43.76 -47.04 -22.18
C LEU K 187 44.40 -46.49 -20.91
N SER K 188 43.61 -45.80 -20.08
CA SER K 188 44.15 -45.23 -18.85
C SER K 188 44.46 -46.30 -17.82
N ALA K 189 43.54 -47.25 -17.62
CA ALA K 189 43.77 -48.28 -16.62
C ALA K 189 44.89 -49.23 -17.03
N TRP K 190 45.31 -49.19 -18.29
CA TRP K 190 46.39 -50.05 -18.73
C TRP K 190 47.73 -49.33 -18.84
N MET K 191 47.74 -48.13 -19.41
CA MET K 191 48.98 -47.39 -19.54
C MET K 191 49.45 -46.77 -18.22
N LEU K 192 48.79 -47.08 -17.11
CA LEU K 192 49.18 -46.52 -15.82
C LEU K 192 49.30 -47.55 -14.71
N HIS K 193 48.71 -48.73 -14.84
CA HIS K 193 48.72 -49.71 -13.76
C HIS K 193 49.21 -51.09 -14.20
N GLY K 194 49.58 -51.28 -15.47
CA GLY K 194 50.18 -52.51 -15.91
C GLY K 194 49.25 -53.66 -16.17
N LEU K 195 47.94 -53.47 -16.05
CA LEU K 195 46.97 -54.53 -16.32
C LEU K 195 45.95 -54.05 -17.34
N LEU K 196 45.41 -55.00 -18.10
CA LEU K 196 44.40 -54.71 -19.12
C LEU K 196 43.06 -55.26 -18.67
N LEU K 197 42.00 -54.50 -18.92
CA LEU K 197 40.65 -54.91 -18.54
C LEU K 197 39.90 -55.35 -19.79
N ASP K 198 40.11 -56.61 -20.18
CA ASP K 198 39.48 -57.13 -21.39
C ASP K 198 39.24 -58.62 -21.23
N GLN K 199 38.10 -59.08 -21.71
CA GLN K 199 37.77 -60.49 -21.67
C GLN K 199 37.12 -60.99 -22.95
N HIS K 200 37.11 -60.18 -24.01
CA HIS K 200 36.45 -60.57 -25.25
C HIS K 200 37.27 -60.26 -26.49
N GLU K 201 38.59 -60.06 -26.35
CA GLU K 201 39.47 -59.64 -27.44
C GLU K 201 38.98 -58.32 -28.03
N GLU K 202 38.89 -57.31 -27.17
CA GLU K 202 38.42 -55.98 -27.52
C GLU K 202 39.55 -54.99 -27.73
N PHE K 203 40.39 -54.80 -26.71
CA PHE K 203 41.51 -53.87 -26.83
C PHE K 203 42.45 -54.34 -27.92
N PHE K 204 43.18 -53.39 -28.52
CA PHE K 204 44.09 -53.70 -29.62
C PHE K 204 45.46 -54.16 -29.13
N ILE K 205 45.55 -54.67 -27.90
CA ILE K 205 46.79 -55.16 -27.33
C ILE K 205 46.51 -56.51 -26.67
N LYS K 206 46.98 -57.58 -27.29
CA LYS K 206 46.74 -58.93 -26.76
C LYS K 206 47.98 -59.49 -26.08
N GLN K 256 54.78 -61.65 -22.20
CA GLN K 256 55.23 -61.03 -23.44
C GLN K 256 54.04 -60.64 -24.31
N PHE K 257 53.61 -59.39 -24.21
CA PHE K 257 52.51 -58.88 -24.99
C PHE K 257 52.95 -58.53 -26.41
N SER K 258 51.98 -58.23 -27.26
CA SER K 258 52.23 -57.95 -28.66
C SER K 258 51.41 -56.73 -29.06
N LEU K 259 51.32 -56.48 -30.36
CA LEU K 259 50.52 -55.40 -30.91
C LEU K 259 49.69 -55.92 -32.06
N ARG K 260 48.49 -55.36 -32.23
CA ARG K 260 47.57 -55.77 -33.28
C ARG K 260 47.43 -54.65 -34.30
N VAL K 261 47.50 -55.01 -35.58
CA VAL K 261 47.36 -54.05 -36.65
C VAL K 261 46.05 -54.22 -37.41
N GLU K 262 45.59 -55.46 -37.62
CA GLU K 262 44.36 -55.71 -38.36
C GLU K 262 43.11 -55.28 -37.61
N ILE K 263 43.26 -54.74 -36.40
CA ILE K 263 42.10 -54.28 -35.63
C ILE K 263 42.39 -52.87 -35.11
N LEU K 264 43.57 -52.36 -35.43
CA LEU K 264 43.94 -51.03 -35.00
C LEU K 264 43.09 -49.98 -35.71
N PRO K 265 42.78 -48.86 -35.08
CA PRO K 265 41.97 -47.83 -35.74
C PRO K 265 42.65 -47.28 -36.99
N SER K 266 41.89 -46.53 -37.78
CA SER K 266 42.39 -46.02 -39.04
C SER K 266 43.22 -44.76 -38.85
N TYR K 267 42.60 -43.70 -38.33
CA TYR K 267 43.27 -42.41 -38.24
C TYR K 267 44.45 -42.41 -37.28
N ILE K 268 44.51 -43.36 -36.33
CA ILE K 268 45.60 -43.41 -35.39
C ILE K 268 46.83 -43.97 -36.08
N PRO K 269 47.96 -43.28 -36.05
CA PRO K 269 49.16 -43.78 -36.73
C PRO K 269 49.82 -44.91 -35.98
N VAL K 270 50.50 -45.78 -36.74
CA VAL K 270 51.17 -46.92 -36.15
C VAL K 270 52.32 -46.48 -35.24
N ARG K 271 52.87 -45.29 -35.45
CA ARG K 271 53.96 -44.80 -34.62
C ARG K 271 53.54 -44.70 -33.15
N VAL K 272 52.43 -44.00 -32.89
CA VAL K 272 51.98 -43.83 -31.51
C VAL K 272 51.54 -45.15 -30.92
N ALA K 273 51.13 -46.10 -31.76
CA ALA K 273 50.80 -47.44 -31.27
C ALA K 273 52.04 -48.11 -30.68
N GLU K 274 53.21 -47.85 -31.27
CA GLU K 274 54.45 -48.39 -30.72
C GLU K 274 54.78 -47.73 -29.39
N LYS K 275 54.43 -46.45 -29.24
CA LYS K 275 54.67 -45.76 -27.98
C LYS K 275 53.83 -46.35 -26.86
N ILE K 276 52.55 -46.62 -27.13
CA ILE K 276 51.65 -47.11 -26.10
C ILE K 276 52.12 -48.46 -25.57
N LEU K 277 52.35 -49.42 -26.48
CA LEU K 277 52.73 -50.77 -26.06
C LEU K 277 53.98 -50.76 -25.20
N PHE K 278 54.89 -49.82 -25.43
CA PHE K 278 56.13 -49.79 -24.65
C PHE K 278 55.88 -49.35 -23.22
N VAL K 279 55.10 -48.28 -23.03
CA VAL K 279 54.85 -47.79 -21.68
C VAL K 279 54.07 -48.79 -20.84
N GLY K 280 53.23 -49.60 -21.48
CA GLY K 280 52.44 -50.59 -20.76
C GLY K 280 53.25 -51.80 -20.36
N GLU K 281 54.04 -52.33 -21.30
CA GLU K 281 54.89 -53.46 -20.99
C GLU K 281 55.96 -53.09 -19.97
N SER K 282 56.44 -51.84 -20.00
CA SER K 282 57.48 -51.42 -19.07
C SER K 282 56.98 -51.34 -17.63
N VAL K 283 55.67 -51.19 -17.41
CA VAL K 283 55.11 -51.17 -16.06
C VAL K 283 54.70 -52.57 -15.62
N GLN K 284 54.14 -53.36 -16.54
CA GLN K 284 53.82 -54.75 -16.23
C GLN K 284 55.06 -55.51 -15.78
N MET K 285 56.16 -55.40 -16.54
CA MET K 285 57.40 -56.05 -16.13
C MET K 285 57.94 -55.44 -14.85
N PHE K 286 57.68 -54.15 -14.62
CA PHE K 286 58.14 -53.50 -13.40
C PHE K 286 57.41 -54.02 -12.17
N GLU K 287 56.14 -54.38 -12.31
CA GLU K 287 55.32 -54.97 -11.25
C GLU K 287 55.53 -54.33 -9.87
N LYS K 301 54.84 -41.50 -7.13
CA LYS K 301 54.81 -40.23 -6.41
C LYS K 301 53.78 -39.29 -7.00
N ASN K 302 54.24 -38.29 -7.75
CA ASN K 302 53.33 -37.32 -8.37
C ASN K 302 52.99 -37.67 -9.80
N GLN K 303 53.69 -38.62 -10.41
CA GLN K 303 53.47 -38.95 -11.82
C GLN K 303 52.21 -39.77 -12.07
N GLU K 304 51.31 -39.94 -11.10
CA GLU K 304 50.14 -40.80 -11.28
C GLU K 304 48.85 -40.02 -11.42
N ASP K 305 48.56 -39.10 -10.49
CA ASP K 305 47.32 -38.36 -10.54
C ASP K 305 47.27 -37.41 -11.74
N THR K 306 48.39 -36.76 -12.05
CA THR K 306 48.43 -35.82 -13.17
C THR K 306 48.10 -36.52 -14.48
N PHE K 307 48.58 -37.76 -14.65
CA PHE K 307 48.26 -38.50 -15.86
C PHE K 307 46.79 -38.89 -15.91
N ALA K 308 46.17 -39.08 -14.74
CA ALA K 308 44.76 -39.45 -14.71
C ALA K 308 43.88 -38.31 -15.21
N ALA K 309 44.07 -37.11 -14.65
CA ALA K 309 43.23 -35.99 -15.03
C ALA K 309 43.37 -35.64 -16.50
N GLU K 310 44.58 -35.73 -17.05
CA GLU K 310 44.76 -35.48 -18.48
C GLU K 310 43.96 -36.47 -19.31
N LEU K 311 43.99 -37.75 -18.93
CA LEU K 311 43.20 -38.74 -19.63
C LEU K 311 41.71 -38.43 -19.55
N HIS K 312 41.26 -37.96 -18.39
CA HIS K 312 39.85 -37.64 -18.22
C HIS K 312 39.47 -36.38 -19.00
N ARG K 313 40.38 -35.40 -19.06
CA ARG K 313 40.07 -34.15 -19.75
C ARG K 313 39.78 -34.41 -21.22
N LEU K 314 40.47 -35.38 -21.82
CA LEU K 314 40.26 -35.65 -23.24
C LEU K 314 38.84 -36.12 -23.51
N LYS K 315 38.20 -36.79 -22.55
CA LYS K 315 36.86 -37.29 -22.77
C LYS K 315 35.83 -36.17 -22.88
N GLN K 316 36.13 -35.00 -22.30
CA GLN K 316 35.20 -33.87 -22.37
C GLN K 316 35.30 -33.11 -23.69
N GLN K 317 36.37 -33.29 -24.45
CA GLN K 317 36.51 -32.62 -25.73
C GLN K 317 35.55 -33.22 -26.75
N PRO K 318 34.61 -32.45 -27.30
CA PRO K 318 33.72 -32.97 -28.33
C PRO K 318 34.40 -33.27 -29.67
N LEU K 319 35.70 -33.08 -29.77
CA LEU K 319 36.44 -33.37 -31.00
C LEU K 319 37.75 -34.02 -30.64
N PHE K 320 37.95 -35.24 -31.12
CA PHE K 320 39.22 -35.96 -30.91
C PHE K 320 40.24 -35.41 -31.88
N SER K 321 41.19 -34.63 -31.38
CA SER K 321 42.24 -34.02 -32.19
C SER K 321 43.51 -34.84 -32.00
N LEU K 322 43.96 -35.51 -33.07
CA LEU K 322 45.12 -36.38 -32.98
C LEU K 322 46.37 -35.62 -32.56
N VAL K 323 46.45 -34.32 -32.88
CA VAL K 323 47.59 -33.52 -32.49
C VAL K 323 47.68 -33.39 -30.97
N ASP K 324 46.56 -33.52 -30.26
CA ASP K 324 46.57 -33.45 -28.80
C ASP K 324 46.67 -34.82 -28.14
N PHE K 325 46.17 -35.87 -28.79
CA PHE K 325 46.30 -37.21 -28.23
C PHE K 325 47.76 -37.58 -28.03
N GLU K 326 48.61 -37.27 -28.99
CA GLU K 326 50.04 -37.54 -28.85
C GLU K 326 50.69 -36.60 -27.85
N GLN K 327 50.16 -35.39 -27.69
CA GLN K 327 50.77 -34.39 -26.82
C GLN K 327 50.84 -34.83 -25.37
N VAL K 328 49.99 -35.76 -24.94
CA VAL K 328 49.99 -36.20 -23.56
C VAL K 328 50.69 -37.55 -23.44
N VAL K 329 50.59 -38.37 -24.48
CA VAL K 329 51.21 -39.69 -24.44
C VAL K 329 52.73 -39.57 -24.54
N ASP K 330 53.21 -38.62 -25.34
CA ASP K 330 54.65 -38.47 -25.52
C ASP K 330 55.34 -38.03 -24.23
N ARG K 331 54.61 -37.32 -23.36
CA ARG K 331 55.18 -36.99 -22.06
C ARG K 331 55.26 -38.22 -21.16
N ILE K 332 54.21 -39.04 -21.17
CA ILE K 332 54.19 -40.23 -20.34
C ILE K 332 55.29 -41.20 -20.76
N ARG K 333 55.45 -41.39 -22.07
CA ARG K 333 56.53 -42.25 -22.56
C ARG K 333 57.88 -41.71 -22.11
N SER K 334 58.12 -40.41 -22.29
CA SER K 334 59.39 -39.84 -21.87
C SER K 334 59.52 -39.82 -20.35
N THR K 335 58.41 -39.91 -19.62
CA THR K 335 58.48 -39.91 -18.17
C THR K 335 58.96 -41.25 -17.64
N VAL K 336 58.32 -42.34 -18.07
CA VAL K 336 58.72 -43.66 -17.59
C VAL K 336 60.07 -44.06 -18.16
N ALA K 337 60.42 -43.55 -19.34
CA ALA K 337 61.70 -43.87 -19.94
C ALA K 337 62.84 -43.20 -19.20
N GLU K 338 62.64 -41.96 -18.75
CA GLU K 338 63.68 -41.25 -18.03
C GLU K 338 64.01 -41.95 -16.72
N HIS K 339 62.99 -42.34 -15.96
CA HIS K 339 63.24 -43.04 -14.70
C HIS K 339 63.82 -44.43 -14.94
N LEU K 340 63.37 -45.10 -15.99
CA LEU K 340 63.93 -46.41 -16.31
C LEU K 340 65.39 -46.30 -16.70
N TRP K 341 65.75 -45.25 -17.45
CA TRP K 341 67.14 -45.04 -17.82
C TRP K 341 68.00 -44.84 -16.58
N LYS K 342 67.44 -44.23 -15.53
CA LYS K 342 68.15 -44.12 -14.27
C LYS K 342 68.47 -45.50 -13.71
N LEU K 343 67.45 -46.35 -13.60
CA LEU K 343 67.64 -47.69 -13.04
C LEU K 343 68.51 -48.56 -13.94
N MET K 344 68.52 -48.30 -15.25
CA MET K 344 69.28 -49.15 -16.16
C MET K 344 70.77 -48.83 -16.17
N VAL K 345 71.18 -47.69 -15.62
CA VAL K 345 72.57 -47.24 -15.66
C VAL K 345 73.13 -47.03 -14.26
N GLU K 346 72.54 -46.12 -13.48
CA GLU K 346 73.18 -45.65 -12.27
C GLU K 346 73.17 -46.72 -11.17
N GLU K 347 71.99 -47.20 -10.79
CA GLU K 347 71.93 -48.23 -9.76
C GLU K 347 72.37 -49.59 -10.31
N SER K 348 71.79 -49.99 -11.45
CA SER K 348 72.21 -51.21 -12.13
C SER K 348 73.25 -50.82 -13.19
N ASP K 349 74.51 -51.14 -12.88
CA ASP K 349 75.67 -50.78 -13.76
C ASP K 349 75.56 -51.47 -15.12
N LEU K 350 74.87 -50.84 -16.08
CA LEU K 350 74.73 -51.38 -17.45
C LEU K 350 76.11 -51.40 -18.11
N LEU K 351 76.91 -50.34 -17.89
CA LEU K 351 78.26 -50.19 -18.49
C LEU K 351 79.18 -51.32 -18.01
N GLY K 352 79.12 -51.66 -16.72
CA GLY K 352 79.98 -52.73 -16.18
C GLY K 352 79.69 -54.06 -16.84
N GLN K 353 78.41 -54.38 -17.02
CA GLN K 353 77.99 -55.66 -17.67
C GLN K 353 78.47 -55.65 -19.13
N LEU K 354 78.36 -54.50 -19.80
CA LEU K 354 78.77 -54.36 -21.22
C LEU K 354 80.27 -54.63 -21.33
N LYS K 355 81.06 -54.14 -20.37
CA LYS K 355 82.54 -54.36 -20.38
C LYS K 355 82.81 -55.87 -20.28
N ILE K 356 82.06 -56.56 -19.41
CA ILE K 356 82.22 -58.04 -19.24
C ILE K 356 81.87 -58.72 -20.55
N ILE K 357 80.81 -58.25 -21.22
CA ILE K 357 80.36 -58.82 -22.53
C ILE K 357 81.51 -58.69 -23.54
N LYS K 358 81.99 -57.46 -23.75
CA LYS K 358 83.08 -57.21 -24.69
C LYS K 358 84.29 -58.08 -24.39
N ASP K 359 84.49 -58.45 -23.13
CA ASP K 359 85.65 -59.26 -22.77
C ASP K 359 85.48 -60.70 -23.23
N PHE K 360 84.44 -61.39 -22.74
CA PHE K 360 84.31 -62.82 -22.94
C PHE K 360 83.59 -63.19 -24.23
N TYR K 361 82.57 -62.42 -24.62
CA TYR K 361 81.87 -62.71 -25.86
C TYR K 361 82.67 -62.27 -27.08
N LEU K 362 83.15 -61.03 -27.05
CA LEU K 362 83.91 -60.47 -28.17
C LEU K 362 85.40 -60.67 -28.04
N LEU K 363 85.84 -61.70 -27.30
CA LEU K 363 87.25 -62.02 -27.14
C LEU K 363 88.07 -60.83 -26.64
N GLY K 364 87.46 -59.98 -25.82
CA GLY K 364 88.19 -58.84 -25.29
C GLY K 364 89.38 -59.25 -24.45
N ARG K 365 89.21 -60.28 -23.63
CA ARG K 365 90.32 -60.82 -22.84
C ARG K 365 90.94 -61.98 -23.61
N GLY K 366 91.63 -61.62 -24.70
CA GLY K 366 92.13 -62.61 -25.62
C GLY K 366 93.19 -63.52 -25.02
N GLU K 367 93.96 -63.03 -24.05
N GLU K 367 93.96 -63.03 -24.05
CA GLU K 367 94.99 -63.83 -23.43
CA GLU K 367 94.99 -63.83 -23.43
C GLU K 367 94.41 -65.05 -22.72
C GLU K 367 94.41 -65.05 -22.72
N LEU K 368 93.19 -64.96 -22.21
CA LEU K 368 92.56 -66.09 -21.55
C LEU K 368 92.26 -67.21 -22.54
N PHE K 369 91.93 -66.86 -23.78
CA PHE K 369 91.46 -67.86 -24.72
C PHE K 369 92.61 -68.54 -25.47
N GLN K 370 93.82 -68.00 -25.42
CA GLN K 370 94.95 -68.71 -26.01
C GLN K 370 95.46 -69.80 -25.08
N ALA K 371 95.42 -69.57 -23.77
CA ALA K 371 95.75 -70.62 -22.82
C ALA K 371 94.61 -71.62 -22.70
N PHE K 372 93.37 -71.14 -22.87
CA PHE K 372 92.23 -72.05 -22.90
C PHE K 372 92.32 -73.01 -24.08
N ILE K 373 92.81 -72.53 -25.22
CA ILE K 373 92.99 -73.39 -26.37
C ILE K 373 94.15 -74.36 -26.13
N ASP K 374 95.23 -73.87 -25.53
CA ASP K 374 96.40 -74.73 -25.30
C ASP K 374 96.04 -75.94 -24.45
N THR K 375 95.14 -75.77 -23.48
CA THR K 375 94.72 -76.88 -22.65
C THR K 375 93.60 -77.68 -23.30
N ALA K 376 92.52 -77.00 -23.68
CA ALA K 376 91.37 -77.67 -24.28
C ALA K 376 91.57 -77.77 -25.80
N GLN K 377 92.60 -78.51 -26.18
CA GLN K 377 92.91 -78.75 -27.58
C GLN K 377 92.67 -80.20 -27.99
N HIS K 378 93.29 -81.15 -27.28
CA HIS K 378 93.11 -82.54 -27.63
C HIS K 378 91.72 -83.04 -27.28
N MET K 379 91.09 -82.45 -26.27
CA MET K 379 89.75 -82.86 -25.87
C MET K 379 88.66 -82.18 -26.68
N LEU K 380 89.00 -81.60 -27.83
CA LEU K 380 88.02 -81.01 -28.73
C LEU K 380 88.20 -81.38 -30.19
N LYS K 381 89.41 -81.79 -30.61
CA LYS K 381 89.60 -82.16 -32.00
C LYS K 381 88.82 -83.41 -32.36
N THR K 382 88.66 -84.33 -31.42
CA THR K 382 87.85 -85.50 -31.66
C THR K 382 86.37 -85.10 -31.74
N PRO K 383 85.54 -85.91 -32.40
CA PRO K 383 84.11 -85.61 -32.44
C PRO K 383 83.55 -85.51 -31.03
N PRO K 384 82.74 -84.50 -30.77
CA PRO K 384 82.23 -84.28 -29.41
C PRO K 384 81.21 -85.35 -29.01
N THR K 385 81.28 -85.73 -27.74
CA THR K 385 80.34 -86.70 -27.19
C THR K 385 79.68 -86.14 -25.94
N ALA K 386 78.95 -86.98 -25.21
CA ALA K 386 78.15 -86.52 -24.08
C ALA K 386 78.97 -86.14 -22.86
N VAL K 387 80.26 -86.49 -22.82
CA VAL K 387 81.07 -86.19 -21.64
C VAL K 387 81.95 -84.96 -21.82
N THR K 388 82.36 -84.64 -23.06
CA THR K 388 83.23 -83.49 -23.27
C THR K 388 82.58 -82.16 -22.91
N GLU K 389 81.27 -82.16 -22.63
CA GLU K 389 80.61 -80.93 -22.20
C GLU K 389 81.20 -80.43 -20.89
N HIS K 390 81.34 -81.32 -19.90
CA HIS K 390 81.91 -80.97 -18.62
C HIS K 390 83.43 -81.09 -18.59
N ASP K 391 84.01 -81.92 -19.47
CA ASP K 391 85.46 -82.06 -19.53
C ASP K 391 86.18 -80.77 -19.87
N VAL K 392 85.48 -79.79 -20.46
CA VAL K 392 86.09 -78.54 -20.86
C VAL K 392 85.77 -77.42 -19.87
N ASN K 393 84.62 -77.48 -19.21
CA ASN K 393 84.26 -76.45 -18.25
C ASN K 393 85.29 -76.35 -17.13
N VAL K 394 85.86 -77.49 -16.73
CA VAL K 394 86.90 -77.45 -15.70
C VAL K 394 88.19 -76.87 -16.28
N ALA K 395 88.40 -77.01 -17.59
CA ALA K 395 89.57 -76.40 -18.20
C ALA K 395 89.42 -74.89 -18.29
N PHE K 396 88.24 -74.42 -18.67
CA PHE K 396 88.01 -72.97 -18.75
C PHE K 396 88.09 -72.34 -17.37
N GLN K 397 87.46 -72.97 -16.37
CA GLN K 397 87.61 -72.48 -15.00
C GLN K 397 89.06 -72.48 -14.56
N GLN K 398 89.80 -73.53 -14.93
CA GLN K 398 91.23 -73.55 -14.64
C GLN K 398 91.98 -72.47 -15.41
N SER K 399 91.42 -72.00 -16.53
CA SER K 399 92.11 -70.99 -17.33
C SER K 399 92.04 -69.62 -16.67
N ALA K 400 90.87 -69.25 -16.16
CA ALA K 400 90.72 -67.96 -15.49
C ALA K 400 91.64 -67.88 -14.27
N HIS K 401 91.73 -68.97 -13.51
CA HIS K 401 92.66 -69.00 -12.39
C HIS K 401 94.10 -69.11 -12.86
N LYS K 402 94.32 -69.51 -14.12
CA LYS K 402 95.68 -69.63 -14.64
C LYS K 402 96.32 -68.29 -14.95
N VAL K 403 95.53 -67.23 -15.09
CA VAL K 403 96.07 -65.90 -15.36
C VAL K 403 95.72 -64.99 -14.18
N LEU K 404 95.64 -65.58 -12.99
CA LEU K 404 95.43 -64.87 -11.73
C LEU K 404 94.26 -63.88 -11.79
N LEU K 405 93.30 -64.13 -12.69
CA LEU K 405 92.04 -63.41 -12.70
C LEU K 405 91.06 -64.16 -11.81
N ASP K 406 90.84 -63.65 -10.60
CA ASP K 406 90.07 -64.35 -9.59
C ASP K 406 88.88 -63.50 -9.16
N ASP K 407 87.67 -64.03 -9.37
CA ASP K 407 86.45 -63.35 -8.93
C ASP K 407 85.35 -64.40 -8.87
N ASP K 408 84.82 -64.64 -7.66
CA ASP K 408 83.67 -65.53 -7.53
C ASP K 408 82.42 -64.92 -8.15
N ASN K 409 82.40 -63.61 -8.34
CA ASN K 409 81.35 -62.99 -9.15
C ASN K 409 81.68 -63.13 -10.63
N LEU K 410 80.63 -63.25 -11.43
CA LEU K 410 80.66 -63.24 -12.90
C LEU K 410 81.43 -64.42 -13.49
N LEU K 411 82.05 -65.23 -12.65
CA LEU K 411 82.70 -66.43 -13.16
C LEU K 411 81.70 -67.57 -13.34
N PRO K 412 80.86 -67.89 -12.35
CA PRO K 412 79.86 -68.95 -12.57
C PRO K 412 78.74 -68.56 -13.51
N LEU K 413 78.76 -67.34 -14.06
CA LEU K 413 77.74 -66.93 -15.02
C LEU K 413 78.06 -67.38 -16.43
N LEU K 414 79.27 -67.89 -16.67
CA LEU K 414 79.68 -68.36 -17.99
C LEU K 414 79.77 -69.87 -17.97
N HIS K 415 78.86 -70.53 -18.70
CA HIS K 415 78.81 -71.98 -18.76
C HIS K 415 78.84 -72.40 -20.22
N LEU K 416 79.96 -72.97 -20.65
CA LEU K 416 80.11 -73.39 -22.04
C LEU K 416 79.14 -74.51 -22.37
N THR K 417 78.50 -74.40 -23.53
CA THR K 417 77.55 -75.40 -24.00
C THR K 417 78.10 -76.11 -25.23
N ILE K 418 77.63 -77.33 -25.45
CA ILE K 418 78.00 -78.13 -26.61
C ILE K 418 76.72 -78.59 -27.28
N GLU K 419 76.48 -78.09 -28.49
CA GLU K 419 75.30 -78.50 -29.25
C GLU K 419 75.48 -79.95 -29.73
N TYR K 420 74.98 -80.89 -28.95
CA TYR K 420 75.20 -82.31 -29.19
C TYR K 420 73.89 -83.00 -29.55
N HIS K 421 73.96 -83.91 -30.53
CA HIS K 421 72.83 -84.74 -30.94
C HIS K 421 71.65 -83.87 -31.38
N GLY K 422 71.91 -83.05 -32.40
CA GLY K 422 70.88 -82.17 -32.93
C GLY K 422 71.36 -80.73 -33.08
N ALA K 447 82.02 -84.33 -37.57
CA ALA K 447 81.88 -83.01 -36.98
C ALA K 447 82.88 -82.81 -35.84
N SER K 448 83.63 -81.72 -35.92
CA SER K 448 84.58 -81.39 -34.86
C SER K 448 83.88 -80.66 -33.72
N GLY K 449 84.54 -80.64 -32.56
CA GLY K 449 83.95 -80.01 -31.40
C GLY K 449 83.78 -78.51 -31.54
N TRP K 450 84.69 -77.86 -32.26
CA TRP K 450 84.61 -76.40 -32.39
C TRP K 450 83.39 -75.98 -33.19
N ALA K 451 82.87 -76.86 -34.04
CA ALA K 451 81.70 -76.52 -34.84
C ALA K 451 80.43 -76.46 -34.02
N ALA K 452 80.45 -76.95 -32.79
CA ALA K 452 79.28 -76.93 -31.92
C ALA K 452 79.51 -76.20 -30.61
N LEU K 453 80.67 -75.56 -30.44
CA LEU K 453 80.96 -74.85 -29.21
C LEU K 453 80.12 -73.58 -29.10
N GLY K 454 79.71 -73.27 -27.88
CA GLY K 454 78.92 -72.07 -27.64
C GLY K 454 79.09 -71.63 -26.21
N LEU K 455 78.76 -70.35 -25.98
CA LEU K 455 78.91 -69.73 -24.67
C LEU K 455 77.63 -68.98 -24.34
N SER K 456 76.97 -69.39 -23.26
CA SER K 456 75.77 -68.75 -22.78
C SER K 456 76.06 -67.90 -21.55
N TYR K 457 75.21 -66.89 -21.33
CA TYR K 457 75.36 -65.95 -20.19
C TYR K 457 74.01 -65.78 -19.50
N LYS K 458 73.95 -66.08 -18.20
CA LYS K 458 72.72 -65.98 -17.43
C LYS K 458 72.53 -64.53 -17.04
N VAL K 459 71.64 -63.82 -17.76
CA VAL K 459 71.39 -62.42 -17.49
C VAL K 459 70.67 -62.27 -16.16
N GLN K 460 70.91 -61.16 -15.48
CA GLN K 460 70.24 -60.85 -14.23
C GLN K 460 68.81 -60.40 -14.54
N TRP K 461 68.07 -59.98 -13.52
CA TRP K 461 66.67 -59.59 -13.73
C TRP K 461 66.53 -58.23 -14.39
N PRO K 462 67.14 -57.16 -13.86
CA PRO K 462 66.86 -55.82 -14.45
C PRO K 462 67.27 -55.71 -15.91
N LEU K 463 68.34 -56.42 -16.28
CA LEU K 463 68.88 -56.36 -17.67
C LEU K 463 68.16 -57.36 -18.59
N HIS K 464 67.13 -58.06 -18.08
CA HIS K 464 66.43 -59.02 -18.93
C HIS K 464 65.62 -58.32 -20.01
N ILE K 465 65.20 -57.08 -19.76
CA ILE K 465 64.43 -56.34 -20.76
C ILE K 465 65.31 -55.98 -21.95
N LEU K 466 66.62 -55.83 -21.74
CA LEU K 466 67.52 -55.47 -22.84
C LEU K 466 68.22 -56.68 -23.44
N PHE K 467 68.33 -57.77 -22.68
CA PHE K 467 69.03 -58.97 -23.12
C PHE K 467 68.03 -60.11 -23.24
N THR K 468 67.40 -60.19 -24.41
CA THR K 468 66.56 -61.33 -24.74
C THR K 468 67.41 -62.45 -25.32
N PRO K 469 66.94 -63.70 -25.26
CA PRO K 469 67.68 -64.78 -25.94
C PRO K 469 67.94 -64.53 -27.41
N ALA K 470 67.22 -63.59 -28.04
CA ALA K 470 67.48 -63.28 -29.44
C ALA K 470 68.75 -62.46 -29.60
N VAL K 471 68.88 -61.37 -28.83
CA VAL K 471 70.08 -60.56 -28.93
C VAL K 471 71.28 -61.33 -28.41
N LEU K 472 71.09 -62.18 -27.41
CA LEU K 472 72.16 -63.06 -26.95
C LEU K 472 72.45 -64.19 -27.93
N GLU K 473 71.61 -64.37 -28.96
N GLU K 473 71.62 -64.36 -28.96
CA GLU K 473 71.88 -65.36 -29.98
CA GLU K 473 71.88 -65.36 -29.98
C GLU K 473 72.82 -64.83 -31.05
C GLU K 473 72.81 -64.84 -31.06
N LYS K 474 72.57 -63.61 -31.54
CA LYS K 474 73.47 -63.02 -32.53
C LYS K 474 74.85 -62.79 -31.93
N TYR K 475 74.92 -62.49 -30.63
CA TYR K 475 76.21 -62.44 -29.96
C TYR K 475 76.92 -63.79 -30.03
N ASN K 476 76.16 -64.88 -29.87
CA ASN K 476 76.76 -66.20 -29.85
C ASN K 476 77.35 -66.57 -31.20
N VAL K 477 76.70 -66.15 -32.29
CA VAL K 477 77.21 -66.45 -33.62
C VAL K 477 78.56 -65.77 -33.85
N VAL K 478 78.67 -64.51 -33.45
CA VAL K 478 79.93 -63.79 -33.60
C VAL K 478 81.04 -64.48 -32.81
N PHE K 479 80.70 -65.01 -31.64
CA PHE K 479 81.71 -65.64 -30.79
C PHE K 479 82.30 -66.89 -31.45
N LYS K 480 81.53 -67.57 -32.29
CA LYS K 480 82.05 -68.76 -32.97
C LYS K 480 83.02 -68.36 -34.07
N TYR K 481 82.68 -67.34 -34.86
CA TYR K 481 83.55 -66.95 -35.96
C TYR K 481 84.84 -66.33 -35.44
N LEU K 482 84.76 -65.46 -34.43
CA LEU K 482 85.96 -64.83 -33.91
C LEU K 482 86.88 -65.81 -33.22
N LEU K 483 86.31 -66.85 -32.59
CA LEU K 483 87.14 -67.87 -31.96
C LEU K 483 87.85 -68.72 -33.00
N SER K 484 87.22 -68.90 -34.16
CA SER K 484 87.83 -69.71 -35.22
C SER K 484 89.13 -69.10 -35.72
N VAL K 485 89.09 -67.82 -36.09
CA VAL K 485 90.28 -67.17 -36.64
C VAL K 485 91.34 -67.03 -35.55
N ARG K 486 90.93 -66.92 -34.29
CA ARG K 486 91.90 -66.86 -33.20
C ARG K 486 92.58 -68.21 -33.01
N ARG K 487 91.92 -69.29 -33.44
CA ARG K 487 92.52 -70.61 -33.30
C ARG K 487 93.54 -70.86 -34.40
N VAL K 488 93.23 -70.45 -35.64
CA VAL K 488 94.12 -70.75 -36.75
C VAL K 488 95.39 -69.91 -36.67
N GLN K 489 95.29 -68.67 -36.20
CA GLN K 489 96.49 -67.84 -36.07
C GLN K 489 97.43 -68.39 -35.01
N ALA K 490 96.87 -68.96 -33.94
CA ALA K 490 97.70 -69.50 -32.87
C ALA K 490 98.53 -70.68 -33.35
N GLU K 491 97.87 -71.72 -33.87
CA GLU K 491 98.61 -72.88 -34.36
C GLU K 491 99.53 -72.51 -35.52
N LEU K 492 99.17 -71.46 -36.27
CA LEU K 492 100.06 -71.01 -37.34
C LEU K 492 101.31 -70.37 -36.76
N GLN K 493 101.16 -69.55 -35.71
CA GLN K 493 102.34 -68.98 -35.06
C GLN K 493 103.24 -70.06 -34.49
N HIS K 494 102.66 -71.18 -34.05
CA HIS K 494 103.49 -72.28 -33.58
C HIS K 494 104.36 -72.84 -34.69
N CYS K 495 103.83 -72.87 -35.92
CA CYS K 495 104.63 -73.31 -37.05
C CYS K 495 105.81 -72.37 -37.29
N TRP K 496 105.58 -71.06 -37.13
CA TRP K 496 106.66 -70.10 -37.21
C TRP K 496 107.76 -70.44 -36.21
N ALA K 497 107.38 -70.80 -34.98
CA ALA K 497 108.36 -71.19 -33.99
C ALA K 497 108.99 -72.54 -34.28
N LEU K 498 108.41 -73.31 -35.20
CA LEU K 498 108.97 -74.61 -35.58
C LEU K 498 110.03 -74.48 -36.67
N GLN K 499 109.87 -73.52 -37.58
CA GLN K 499 110.93 -73.26 -38.55
C GLN K 499 112.13 -72.63 -37.87
N MET K 500 111.89 -71.63 -37.01
CA MET K 500 112.98 -70.97 -36.30
C MET K 500 113.74 -71.95 -35.43
N GLN K 501 113.02 -72.91 -34.83
CA GLN K 501 113.66 -73.94 -34.02
C GLN K 501 114.51 -74.88 -34.86
N ARG K 502 114.22 -75.02 -36.15
CA ARG K 502 114.91 -75.96 -37.02
C ARG K 502 116.06 -75.32 -37.77
N LYS K 503 116.66 -74.26 -37.23
CA LYS K 503 117.87 -73.71 -37.82
C LYS K 503 118.99 -74.74 -37.74
N HIS K 504 119.80 -74.80 -38.79
CA HIS K 504 120.93 -75.72 -38.82
C HIS K 504 122.06 -75.22 -37.94
N GLN K 509 117.87 -78.69 -46.59
CA GLN K 509 117.15 -79.10 -47.79
C GLN K 509 116.77 -77.89 -48.64
N THR K 510 116.94 -78.03 -49.96
CA THR K 510 116.61 -76.94 -50.86
C THR K 510 115.11 -76.65 -50.88
N ASP K 511 114.27 -77.69 -50.83
CA ASP K 511 112.82 -77.50 -50.79
C ASP K 511 112.33 -77.06 -49.43
N ALA K 512 113.19 -77.02 -48.42
CA ALA K 512 112.76 -76.64 -47.07
C ALA K 512 112.35 -75.17 -47.00
N ILE K 513 112.84 -74.34 -47.92
CA ILE K 513 112.49 -72.93 -47.91
C ILE K 513 111.09 -72.69 -48.45
N LYS K 514 110.57 -73.60 -49.28
CA LYS K 514 109.24 -73.43 -49.85
C LYS K 514 108.15 -73.34 -48.79
N TRP K 515 108.40 -73.89 -47.59
CA TRP K 515 107.43 -73.77 -46.50
C TRP K 515 107.23 -72.31 -46.12
N ARG K 516 108.29 -71.67 -45.63
CA ARG K 516 108.18 -70.31 -45.11
C ARG K 516 107.83 -69.32 -46.22
N LEU K 517 108.22 -69.62 -47.46
CA LEU K 517 107.79 -68.78 -48.57
C LEU K 517 106.28 -68.84 -48.78
N ARG K 518 105.64 -69.91 -48.30
CA ARG K 518 104.19 -70.00 -48.29
C ARG K 518 103.59 -69.76 -46.92
N ASN K 519 104.31 -70.13 -45.86
CA ASN K 519 103.83 -69.87 -44.50
C ASN K 519 103.71 -68.38 -44.24
N HIS K 520 104.83 -67.64 -44.41
CA HIS K 520 104.79 -66.20 -44.24
C HIS K 520 103.79 -65.56 -45.20
N MET K 521 103.62 -66.15 -46.38
CA MET K 521 102.57 -65.69 -47.29
C MET K 521 101.19 -65.91 -46.68
N ALA K 522 100.91 -67.15 -46.27
CA ALA K 522 99.62 -67.45 -45.67
C ALA K 522 99.46 -66.85 -44.27
N PHE K 523 100.53 -66.25 -43.73
CA PHE K 523 100.42 -65.60 -42.43
C PHE K 523 99.79 -64.22 -42.58
N LEU K 524 100.16 -63.49 -43.62
CA LEU K 524 99.65 -62.13 -43.79
C LEU K 524 98.18 -62.12 -44.19
N VAL K 525 97.72 -63.21 -44.81
CA VAL K 525 96.32 -63.24 -45.21
C VAL K 525 95.42 -63.40 -43.99
N ASP K 526 95.92 -64.02 -42.93
CA ASP K 526 95.13 -64.16 -41.70
C ASP K 526 95.41 -63.06 -40.69
N ASN K 527 96.67 -62.67 -40.51
CA ASN K 527 97.00 -61.65 -39.52
C ASN K 527 96.29 -60.33 -39.86
N LEU K 528 96.39 -59.88 -41.11
CA LEU K 528 95.66 -58.69 -41.50
C LEU K 528 94.16 -58.91 -41.48
N GLN K 529 93.69 -60.12 -41.80
CA GLN K 529 92.29 -60.44 -41.57
C GLN K 529 91.94 -60.34 -40.09
N TYR K 530 92.90 -60.63 -39.22
CA TYR K 530 92.67 -60.50 -37.78
C TYR K 530 92.86 -59.06 -37.31
N TYR K 531 93.55 -58.23 -38.09
CA TYR K 531 93.42 -56.80 -37.89
C TYR K 531 92.12 -56.32 -38.52
N LEU K 532 91.90 -55.00 -38.42
CA LEU K 532 90.64 -54.36 -38.82
C LEU K 532 89.54 -54.76 -37.84
N GLN K 533 89.84 -55.68 -36.94
CA GLN K 533 88.88 -56.13 -35.94
C GLN K 533 88.92 -55.27 -34.69
N VAL K 534 90.12 -54.90 -34.22
CA VAL K 534 90.23 -53.85 -33.23
C VAL K 534 89.83 -52.50 -33.79
N ASP K 535 89.89 -52.34 -35.11
CA ASP K 535 89.46 -51.11 -35.76
C ASP K 535 87.99 -51.15 -36.15
N VAL K 536 87.30 -52.26 -35.87
CA VAL K 536 85.85 -52.31 -35.97
C VAL K 536 85.19 -52.59 -34.63
N LEU K 537 85.88 -53.29 -33.71
CA LEU K 537 85.33 -53.51 -32.38
C LEU K 537 85.59 -52.30 -31.49
N GLU K 538 86.86 -51.97 -31.26
CA GLU K 538 87.19 -50.84 -30.39
C GLU K 538 86.76 -49.49 -30.95
N SER K 539 86.16 -49.47 -32.14
CA SER K 539 85.60 -48.25 -32.70
C SER K 539 84.09 -48.19 -32.55
N GLN K 540 83.37 -49.23 -32.99
CA GLN K 540 81.93 -49.29 -32.77
C GLN K 540 81.61 -49.28 -31.28
N PHE K 541 82.40 -49.99 -30.48
CA PHE K 541 82.19 -49.98 -29.04
C PHE K 541 82.41 -48.59 -28.46
N SER K 542 83.30 -47.81 -29.09
CA SER K 542 83.53 -46.44 -28.63
C SER K 542 82.33 -45.54 -28.90
N GLN K 543 81.52 -45.88 -29.90
CA GLN K 543 80.33 -45.07 -30.17
C GLN K 543 79.16 -45.48 -29.27
N LEU K 544 78.92 -46.77 -29.12
CA LEU K 544 77.85 -47.24 -28.25
C LEU K 544 78.07 -46.77 -26.82
N LEU K 545 79.32 -46.79 -26.36
CA LEU K 545 79.60 -46.28 -25.02
C LEU K 545 79.42 -44.77 -24.95
N HIS K 546 79.43 -44.09 -26.10
CA HIS K 546 79.17 -42.66 -26.13
C HIS K 546 77.69 -42.35 -26.18
N GLN K 547 76.92 -43.15 -26.93
CA GLN K 547 75.49 -42.88 -27.10
C GLN K 547 74.72 -42.94 -25.79
N ILE K 548 75.18 -43.72 -24.82
CA ILE K 548 74.48 -43.84 -23.55
C ILE K 548 74.76 -42.63 -22.67
N ASN K 549 76.02 -42.23 -22.58
CA ASN K 549 76.42 -41.12 -21.73
C ASN K 549 75.99 -39.76 -22.26
N SER K 550 75.19 -39.71 -23.33
CA SER K 550 74.73 -38.45 -23.90
C SER K 550 73.22 -38.27 -23.76
N THR K 551 72.44 -39.27 -24.15
CA THR K 551 70.98 -39.17 -24.12
C THR K 551 70.46 -39.72 -22.80
N ARG K 552 69.48 -39.01 -22.22
CA ARG K 552 68.84 -39.49 -21.00
C ARG K 552 67.70 -40.46 -21.27
N ASP K 553 67.25 -40.55 -22.52
CA ASP K 553 66.13 -41.43 -22.86
C ASP K 553 66.57 -42.89 -22.85
N PHE K 554 65.61 -43.77 -22.56
CA PHE K 554 65.84 -45.20 -22.62
C PHE K 554 65.67 -45.78 -24.01
N GLU K 555 64.75 -45.21 -24.81
CA GLU K 555 64.55 -45.71 -26.17
C GLU K 555 65.81 -45.59 -27.00
N SER K 556 66.63 -44.57 -26.74
CA SER K 556 67.88 -44.43 -27.47
C SER K 556 68.80 -45.62 -27.24
N ILE K 557 68.86 -46.12 -26.01
CA ILE K 557 69.70 -47.28 -25.72
C ILE K 557 69.21 -48.50 -26.49
N ARG K 558 67.89 -48.71 -26.52
CA ARG K 558 67.35 -49.90 -27.16
C ARG K 558 67.56 -49.88 -28.67
N LEU K 559 67.70 -48.71 -29.27
CA LEU K 559 67.96 -48.62 -30.71
C LEU K 559 69.44 -48.51 -31.03
N ALA K 560 70.22 -47.81 -30.20
CA ALA K 560 71.65 -47.70 -30.46
C ALA K 560 72.34 -49.04 -30.26
N HIS K 561 71.99 -49.75 -29.18
CA HIS K 561 72.56 -51.08 -28.97
C HIS K 561 72.12 -52.04 -30.06
N ASP K 562 70.85 -51.95 -30.47
CA ASP K 562 70.39 -52.78 -31.58
C ASP K 562 71.08 -52.38 -32.87
N HIS K 563 71.36 -51.09 -33.04
CA HIS K 563 72.14 -50.65 -34.20
C HIS K 563 73.61 -51.06 -34.05
N PHE K 564 74.13 -51.03 -32.82
CA PHE K 564 75.52 -51.38 -32.59
C PHE K 564 75.80 -52.82 -33.00
N LEU K 565 74.90 -53.74 -32.64
CA LEU K 565 75.13 -55.15 -32.95
C LEU K 565 74.96 -55.40 -34.44
N SER K 566 74.05 -54.68 -35.10
CA SER K 566 73.78 -54.92 -36.51
C SER K 566 75.00 -54.63 -37.36
N ASN K 567 75.84 -53.68 -36.94
CA ASN K 567 77.06 -53.39 -37.69
C ASN K 567 78.03 -54.56 -37.61
N LEU K 568 78.10 -55.23 -36.46
CA LEU K 568 79.04 -56.34 -36.30
C LEU K 568 78.74 -57.46 -37.27
N LEU K 569 77.46 -57.69 -37.57
CA LEU K 569 77.11 -58.70 -38.56
C LEU K 569 77.54 -58.29 -39.97
N ALA K 570 77.54 -56.99 -40.24
CA ALA K 570 77.88 -56.51 -41.58
C ALA K 570 79.35 -56.14 -41.73
N GLN K 571 79.89 -55.33 -40.81
CA GLN K 571 81.26 -54.87 -40.95
C GLN K 571 82.25 -56.02 -40.85
N SER K 572 81.95 -57.03 -40.04
CA SER K 572 82.83 -58.17 -39.88
C SER K 572 82.70 -59.17 -41.01
N PHE K 573 82.05 -58.80 -42.11
CA PHE K 573 82.01 -59.58 -43.34
C PHE K 573 81.34 -60.94 -43.15
N ILE K 574 80.42 -61.06 -42.19
CA ILE K 574 79.81 -62.34 -41.90
C ILE K 574 78.57 -62.55 -42.77
N LEU K 575 77.71 -61.54 -42.88
CA LEU K 575 76.48 -61.69 -43.63
C LEU K 575 76.72 -61.78 -45.13
N LEU K 576 77.72 -61.06 -45.64
CA LEU K 576 78.04 -61.09 -47.07
C LEU K 576 78.59 -62.46 -47.41
N LYS K 577 77.78 -63.27 -48.09
CA LYS K 577 78.17 -64.65 -48.41
C LYS K 577 79.51 -64.75 -49.14
N PRO K 578 79.79 -63.97 -50.21
CA PRO K 578 81.04 -64.21 -50.95
C PRO K 578 82.29 -64.08 -50.11
N VAL K 579 82.47 -62.96 -49.41
CA VAL K 579 83.63 -62.82 -48.54
C VAL K 579 83.58 -63.84 -47.41
N PHE K 580 82.37 -64.25 -47.00
CA PHE K 580 82.24 -65.28 -45.99
C PHE K 580 82.53 -66.67 -46.53
N HIS K 581 82.36 -66.88 -47.83
CA HIS K 581 82.60 -68.18 -48.44
C HIS K 581 84.01 -68.32 -48.99
N CYS K 582 84.74 -67.22 -49.17
CA CYS K 582 86.10 -67.27 -49.70
C CYS K 582 87.14 -67.47 -48.59
N LEU K 583 87.15 -66.60 -47.59
CA LEU K 583 88.11 -66.76 -46.50
C LEU K 583 87.79 -68.00 -45.68
N ASN K 584 86.56 -68.50 -45.76
CA ASN K 584 86.21 -69.75 -45.09
C ASN K 584 87.12 -70.89 -45.54
N GLU K 585 87.49 -70.88 -46.83
CA GLU K 585 88.37 -71.93 -47.34
C GLU K 585 89.80 -71.74 -46.86
N ILE K 586 90.21 -70.50 -46.59
CA ILE K 586 91.56 -70.27 -46.11
C ILE K 586 91.75 -70.89 -44.73
N LEU K 587 90.69 -70.96 -43.94
CA LEU K 587 90.79 -71.51 -42.59
C LEU K 587 91.20 -72.98 -42.62
N ASP K 588 90.35 -73.82 -43.18
CA ASP K 588 90.62 -75.26 -43.18
C ASP K 588 91.76 -75.66 -44.11
N LEU K 589 92.05 -74.86 -45.15
CA LEU K 589 93.24 -75.11 -45.95
C LEU K 589 94.50 -74.94 -45.12
N CYS K 590 94.52 -73.94 -44.24
CA CYS K 590 95.70 -73.73 -43.41
C CYS K 590 95.85 -74.82 -42.37
N HIS K 591 94.73 -75.38 -41.88
CA HIS K 591 94.81 -76.50 -40.95
C HIS K 591 95.66 -77.64 -41.50
N SER K 592 95.39 -78.04 -42.75
CA SER K 592 96.16 -79.11 -43.36
C SER K 592 97.64 -78.76 -43.43
N PHE K 593 97.95 -77.50 -43.71
CA PHE K 593 99.34 -77.09 -43.88
C PHE K 593 100.10 -77.16 -42.56
N CYS K 594 99.56 -76.53 -41.52
CA CYS K 594 100.26 -76.51 -40.24
C CYS K 594 100.34 -77.91 -39.64
N SER K 595 99.31 -78.72 -39.86
CA SER K 595 99.35 -80.10 -39.40
C SER K 595 100.41 -80.90 -40.14
N LEU K 596 100.47 -80.72 -41.48
CA LEU K 596 101.42 -81.48 -42.28
C LEU K 596 102.86 -81.23 -41.83
N VAL K 597 103.23 -79.98 -41.58
CA VAL K 597 104.59 -79.69 -41.19
C VAL K 597 104.87 -80.15 -39.76
N SER K 598 103.84 -80.20 -38.92
CA SER K 598 104.01 -80.68 -37.56
C SER K 598 103.89 -82.19 -37.44
N GLN K 599 103.27 -82.85 -38.42
CA GLN K 599 103.11 -84.30 -38.38
C GLN K 599 104.39 -85.05 -38.72
N ASN K 600 105.50 -84.35 -38.95
CA ASN K 600 106.76 -85.00 -39.25
C ASN K 600 107.87 -84.25 -38.52
N LEU K 601 109.01 -84.92 -38.35
CA LEU K 601 110.17 -84.33 -37.71
C LEU K 601 111.33 -84.11 -38.67
N GLY K 602 111.26 -84.66 -39.88
CA GLY K 602 112.26 -84.43 -40.89
C GLY K 602 111.68 -83.74 -42.10
N PRO K 603 112.44 -83.70 -43.19
CA PRO K 603 111.96 -83.02 -44.39
C PRO K 603 110.79 -83.76 -45.03
N LEU K 604 109.96 -83.01 -45.74
CA LEU K 604 108.80 -83.56 -46.44
C LEU K 604 109.29 -84.27 -47.68
N ASP K 605 109.55 -85.58 -47.54
CA ASP K 605 110.13 -86.40 -48.58
C ASP K 605 109.18 -87.47 -49.13
N GLU K 606 108.57 -88.28 -48.27
CA GLU K 606 107.65 -89.32 -48.71
C GLU K 606 106.31 -88.66 -49.04
N ARG K 607 106.21 -88.20 -50.29
CA ARG K 607 105.04 -87.55 -50.88
C ARG K 607 104.58 -86.32 -50.12
N GLY K 608 105.35 -85.87 -49.12
CA GLY K 608 104.98 -84.67 -48.40
C GLY K 608 105.12 -83.42 -49.25
N ALA K 609 106.29 -83.25 -49.87
CA ALA K 609 106.47 -82.17 -50.82
C ALA K 609 105.52 -82.32 -52.01
N ALA K 610 105.18 -83.57 -52.36
CA ALA K 610 104.17 -83.79 -53.39
C ALA K 610 102.79 -83.34 -52.94
N GLN K 611 102.58 -83.27 -51.62
CA GLN K 611 101.32 -82.79 -51.08
C GLN K 611 101.29 -81.29 -50.89
N LEU K 612 102.43 -80.68 -50.53
CA LEU K 612 102.48 -79.24 -50.34
C LEU K 612 102.19 -78.50 -51.65
N SER K 613 102.64 -79.06 -52.77
CA SER K 613 102.44 -78.44 -54.07
C SER K 613 100.98 -78.45 -54.51
N ILE K 614 100.08 -79.05 -53.74
CA ILE K 614 98.68 -79.08 -54.11
C ILE K 614 97.95 -77.87 -53.55
N LEU K 615 98.25 -77.50 -52.30
CA LEU K 615 97.56 -76.38 -51.68
C LEU K 615 97.96 -75.06 -52.33
N VAL K 616 99.25 -74.89 -52.64
CA VAL K 616 99.71 -73.64 -53.23
C VAL K 616 99.03 -73.39 -54.57
N LYS K 617 98.68 -74.46 -55.30
CA LYS K 617 97.94 -74.30 -56.54
C LYS K 617 96.51 -73.83 -56.30
N GLY K 618 95.98 -74.02 -55.10
CA GLY K 618 94.65 -73.56 -54.77
C GLY K 618 94.67 -72.26 -53.98
N PHE K 619 95.60 -72.14 -53.05
CA PHE K 619 95.67 -70.95 -52.20
C PHE K 619 96.07 -69.72 -53.02
N SER K 620 97.14 -69.83 -53.81
CA SER K 620 97.62 -68.69 -54.57
C SER K 620 96.56 -68.16 -55.52
N ARG K 621 95.67 -69.03 -56.01
CA ARG K 621 94.55 -68.57 -56.81
C ARG K 621 93.53 -67.83 -55.95
N GLN K 622 93.26 -68.36 -54.75
CA GLN K 622 92.34 -67.69 -53.84
C GLN K 622 92.87 -66.32 -53.42
N SER K 623 94.19 -66.14 -53.41
CA SER K 623 94.76 -64.84 -53.07
C SER K 623 94.36 -63.80 -54.12
N SER K 624 94.51 -64.14 -55.40
CA SER K 624 94.07 -63.23 -56.45
C SER K 624 92.55 -63.17 -56.54
N LEU K 625 91.87 -64.23 -56.12
CA LEU K 625 90.41 -64.24 -56.17
C LEU K 625 89.82 -63.20 -55.22
N LEU K 626 90.32 -63.15 -53.98
CA LEU K 626 89.87 -62.13 -53.05
C LEU K 626 90.27 -60.74 -53.52
N PHE K 627 91.42 -60.65 -54.20
CA PHE K 627 91.84 -59.37 -54.76
C PHE K 627 90.83 -58.85 -55.78
N LYS K 628 90.13 -59.76 -56.46
CA LYS K 628 89.10 -59.35 -57.40
C LYS K 628 87.79 -59.04 -56.69
N ILE K 629 87.54 -59.68 -55.56
CA ILE K 629 86.32 -59.40 -54.80
C ILE K 629 86.35 -57.97 -54.27
N LEU K 630 87.51 -57.52 -53.78
CA LEU K 630 87.63 -56.16 -53.26
C LEU K 630 87.51 -55.12 -54.37
N SER K 631 88.31 -55.25 -55.43
CA SER K 631 88.30 -54.28 -56.52
C SER K 631 87.03 -54.41 -57.36
N ASN K 639 82.25 -49.99 -49.60
CA ASN K 639 81.71 -49.32 -48.43
C ASN K 639 82.70 -49.35 -47.27
N SER K 640 83.24 -50.54 -46.99
CA SER K 640 84.21 -50.71 -45.92
C SER K 640 85.42 -51.54 -46.31
N ASP K 641 85.42 -52.18 -47.49
CA ASP K 641 86.54 -53.01 -47.89
C ASP K 641 87.82 -52.19 -48.11
N LEU K 642 87.71 -50.87 -48.25
CA LEU K 642 88.91 -50.05 -48.35
C LEU K 642 89.71 -50.09 -47.07
N ALA K 643 89.03 -50.12 -45.92
CA ALA K 643 89.74 -50.23 -44.65
C ALA K 643 90.48 -51.56 -44.54
N GLN K 644 90.10 -52.55 -45.34
CA GLN K 644 90.80 -53.82 -45.36
C GLN K 644 91.85 -53.85 -46.45
N LEU K 645 91.53 -53.29 -47.62
CA LEU K 645 92.45 -53.32 -48.74
C LEU K 645 93.62 -52.36 -48.55
N LEU K 646 93.38 -51.24 -47.86
CA LEU K 646 94.45 -50.30 -47.57
C LEU K 646 95.59 -50.96 -46.83
N LEU K 647 95.28 -51.77 -45.81
CA LEU K 647 96.32 -52.47 -45.08
C LEU K 647 96.94 -53.58 -45.92
N ARG K 648 96.15 -54.19 -46.80
CA ARG K 648 96.65 -55.32 -47.59
C ARG K 648 97.55 -54.86 -48.73
N LEU K 649 97.39 -53.63 -49.20
CA LEU K 649 98.09 -53.17 -50.40
C LEU K 649 98.88 -51.89 -50.15
N ASP K 650 99.13 -51.54 -48.89
CA ASP K 650 100.00 -50.40 -48.61
C ASP K 650 101.41 -50.65 -49.13
N TYR K 651 101.80 -51.91 -49.22
CA TYR K 651 103.10 -52.30 -49.76
C TYR K 651 103.05 -52.61 -51.24
N ASN K 652 101.88 -52.51 -51.86
CA ASN K 652 101.71 -52.60 -53.31
C ASN K 652 102.20 -53.93 -53.88
N LYS K 653 102.09 -55.00 -53.10
CA LYS K 653 102.53 -56.30 -53.61
C LYS K 653 101.44 -56.97 -54.44
N TYR K 654 100.18 -56.89 -53.99
CA TYR K 654 99.09 -57.53 -54.71
C TYR K 654 98.84 -56.89 -56.07
N TYR K 655 99.42 -55.71 -56.32
CA TYR K 655 99.30 -55.10 -57.64
C TYR K 655 99.96 -55.95 -58.71
N THR K 656 100.98 -56.73 -58.33
CA THR K 656 101.69 -57.58 -59.28
C THR K 656 100.90 -58.83 -59.64
N GLN K 657 100.13 -59.39 -58.70
CA GLN K 657 99.32 -60.58 -58.99
C GLN K 657 98.36 -60.35 -60.13
N GLU L 351 -8.58 -38.31 -16.54
CA GLU L 351 -7.30 -37.76 -16.94
C GLU L 351 -6.26 -38.85 -17.13
N LEU L 352 -6.50 -39.98 -16.47
CA LEU L 352 -5.77 -41.25 -16.60
C LEU L 352 -4.32 -41.14 -16.13
N VAL L 353 -3.81 -39.94 -15.85
CA VAL L 353 -2.41 -39.81 -15.46
C VAL L 353 -2.20 -40.29 -14.03
N LYS L 354 -3.16 -40.00 -13.13
CA LYS L 354 -3.08 -40.54 -11.79
C LYS L 354 -3.30 -42.04 -11.75
N ASP L 355 -3.76 -42.63 -12.86
CA ASP L 355 -3.86 -44.09 -12.93
C ASP L 355 -2.52 -44.71 -13.31
N VAL L 356 -1.91 -44.22 -14.39
CA VAL L 356 -0.64 -44.79 -14.84
C VAL L 356 0.46 -44.51 -13.82
N LEU L 357 0.45 -43.33 -13.22
CA LEU L 357 1.48 -42.99 -12.25
C LEU L 357 1.37 -43.84 -10.99
N ASN L 358 0.19 -44.36 -10.69
CA ASN L 358 -0.02 -45.20 -9.51
C ASN L 358 0.16 -46.67 -9.80
N VAL L 359 0.95 -47.02 -10.83
CA VAL L 359 1.25 -48.42 -11.11
C VAL L 359 2.70 -48.68 -10.71
N LEU L 360 3.55 -47.68 -10.87
CA LEU L 360 4.93 -47.81 -10.40
C LEU L 360 5.00 -47.96 -8.89
N ILE L 361 3.91 -47.67 -8.18
CA ILE L 361 3.91 -47.83 -6.74
C ILE L 361 3.47 -49.23 -6.33
N GLY L 362 2.62 -49.87 -7.13
CA GLY L 362 2.14 -51.21 -6.87
C GLY L 362 0.67 -51.30 -6.57
N VAL L 363 0.03 -50.20 -6.20
CA VAL L 363 -1.39 -50.22 -5.89
C VAL L 363 -2.19 -50.48 -7.16
N VAL L 364 -3.14 -51.42 -7.09
CA VAL L 364 -3.97 -51.73 -8.24
C VAL L 364 -4.87 -50.54 -8.56
N SER L 365 -5.42 -50.56 -9.77
CA SER L 365 -6.24 -49.45 -10.26
C SER L 365 -7.45 -50.03 -10.98
N ALA L 366 -8.23 -49.14 -11.62
CA ALA L 366 -9.44 -49.56 -12.31
C ALA L 366 -9.13 -50.40 -13.54
N THR L 367 -8.01 -50.11 -14.23
CA THR L 367 -7.63 -50.86 -15.41
C THR L 367 -6.39 -51.73 -15.18
N PHE L 368 -5.76 -51.64 -14.02
CA PHE L 368 -4.63 -52.48 -13.66
C PHE L 368 -5.09 -53.49 -12.62
N SER L 369 -5.23 -54.74 -13.03
CA SER L 369 -5.66 -55.81 -12.15
C SER L 369 -4.44 -56.63 -11.72
N LEU L 370 -4.69 -57.73 -11.01
CA LEU L 370 -3.61 -58.56 -10.49
C LEU L 370 -4.06 -60.01 -10.33
N PRO L 390 -8.57 -43.57 -28.99
CA PRO L 390 -8.58 -44.75 -29.88
C PRO L 390 -8.60 -46.07 -29.11
N GLU L 391 -7.85 -47.05 -29.61
CA GLU L 391 -7.74 -48.35 -28.96
C GLU L 391 -6.33 -48.88 -28.90
N SER L 392 -5.33 -48.17 -29.44
CA SER L 392 -3.95 -48.61 -29.40
C SER L 392 -3.25 -48.24 -28.09
N ILE L 393 -3.94 -47.53 -27.19
CA ILE L 393 -3.32 -47.12 -25.94
C ILE L 393 -2.88 -48.33 -25.13
N SER L 394 -3.57 -49.46 -25.30
CA SER L 394 -3.21 -50.67 -24.56
C SER L 394 -1.76 -51.07 -24.85
N SER L 395 -1.33 -50.96 -26.10
CA SER L 395 0.07 -51.23 -26.42
C SER L 395 0.97 -50.23 -25.72
N LEU L 396 0.63 -48.94 -25.79
CA LEU L 396 1.35 -47.95 -25.01
C LEU L 396 1.23 -48.19 -23.52
N LEU L 397 0.07 -48.65 -23.05
CA LEU L 397 -0.11 -48.90 -21.63
C LEU L 397 0.76 -50.06 -21.16
N SER L 398 0.88 -51.10 -21.99
CA SER L 398 1.67 -52.27 -21.61
C SER L 398 3.14 -51.93 -21.42
N GLU L 399 3.66 -50.94 -22.13
CA GLU L 399 5.08 -50.60 -22.02
C GLU L 399 5.40 -49.97 -20.68
N VAL L 400 4.42 -49.33 -20.04
CA VAL L 400 4.63 -48.75 -18.72
C VAL L 400 4.07 -49.73 -17.68
N ALA L 401 3.10 -50.55 -18.11
CA ALA L 401 2.55 -51.57 -17.22
C ALA L 401 3.62 -52.55 -16.79
N GLU L 402 4.24 -53.23 -17.75
CA GLU L 402 5.23 -54.25 -17.44
C GLU L 402 6.40 -53.71 -16.63
N TYR L 403 6.64 -52.39 -16.68
CA TYR L 403 7.59 -51.80 -15.75
C TYR L 403 7.14 -52.03 -14.32
N GLY L 404 5.85 -51.83 -14.04
CA GLY L 404 5.37 -52.01 -12.69
C GLY L 404 5.52 -53.42 -12.18
N THR L 405 5.39 -54.41 -13.07
CA THR L 405 5.41 -55.79 -12.63
C THR L 405 6.74 -56.22 -12.03
N CYS L 406 7.82 -55.50 -12.31
CA CYS L 406 9.10 -55.82 -11.67
C CYS L 406 9.27 -55.08 -10.36
N TYR L 407 8.70 -53.88 -10.23
CA TYR L 407 8.77 -53.17 -8.95
C TYR L 407 8.11 -53.98 -7.84
N THR L 408 6.91 -54.48 -8.08
CA THR L 408 6.28 -55.37 -7.12
C THR L 408 7.07 -56.66 -6.97
N ARG L 409 7.64 -57.16 -8.07
CA ARG L 409 8.44 -58.38 -8.03
C ARG L 409 9.76 -58.19 -7.29
N LEU L 410 10.04 -57.00 -6.76
CA LEU L 410 11.22 -56.78 -5.94
C LEU L 410 10.89 -56.76 -4.45
N SER L 411 9.84 -56.04 -4.06
CA SER L 411 9.43 -56.03 -2.66
C SER L 411 9.04 -57.42 -2.19
N HIS L 412 8.45 -58.22 -3.07
CA HIS L 412 8.21 -59.62 -2.75
C HIS L 412 9.50 -60.40 -2.56
N PHE L 413 10.62 -59.91 -3.10
CA PHE L 413 11.89 -60.63 -3.04
C PHE L 413 12.88 -60.04 -2.05
N SER L 414 12.77 -58.75 -1.73
CA SER L 414 13.73 -58.12 -0.83
C SER L 414 13.04 -57.46 0.35
N LEU L 415 12.12 -58.18 0.99
CA LEU L 415 11.37 -57.66 2.13
C LEU L 415 11.99 -58.04 3.47
N GLN L 416 12.58 -59.24 3.57
CA GLN L 416 13.14 -59.68 4.83
C GLN L 416 14.31 -58.77 5.24
N PRO L 417 14.57 -58.62 6.54
CA PRO L 417 15.69 -57.81 6.99
C PRO L 417 17.02 -58.53 6.78
N LYS L 425 19.93 -68.27 2.93
CA LYS L 425 20.33 -67.62 4.17
C LYS L 425 21.79 -67.16 4.10
N GLY L 426 22.06 -66.04 4.75
CA GLY L 426 23.41 -65.48 4.75
C GLY L 426 23.41 -64.04 5.21
N LEU L 427 24.52 -63.64 5.84
CA LEU L 427 24.66 -62.26 6.37
C LEU L 427 24.90 -61.28 5.22
N VAL L 428 25.77 -61.63 4.28
CA VAL L 428 26.07 -60.73 3.16
C VAL L 428 24.86 -60.58 2.25
N PHE L 429 24.01 -61.61 2.17
CA PHE L 429 22.79 -61.48 1.39
C PHE L 429 21.83 -60.48 2.02
N GLN L 430 21.85 -60.36 3.36
CA GLN L 430 20.99 -59.39 4.01
C GLN L 430 21.40 -57.97 3.69
N ALA L 431 22.70 -57.69 3.73
CA ALA L 431 23.18 -56.34 3.43
C ALA L 431 22.86 -55.96 2.00
N PHE L 432 23.12 -56.86 1.05
CA PHE L 432 22.70 -56.63 -0.33
C PHE L 432 21.20 -56.44 -0.42
N THR L 433 20.44 -57.20 0.38
CA THR L 433 19.01 -56.97 0.45
C THR L 433 18.70 -55.66 1.16
N SER L 434 19.54 -55.27 2.12
CA SER L 434 19.35 -53.98 2.77
C SER L 434 19.84 -52.82 1.92
N GLY L 435 20.77 -53.08 0.99
CA GLY L 435 21.18 -52.04 0.08
C GLY L 435 20.20 -51.77 -1.02
N LEU L 436 19.42 -52.79 -1.41
CA LEU L 436 18.48 -52.62 -2.50
C LEU L 436 17.36 -51.65 -2.12
N ARG L 437 16.81 -51.81 -0.92
CA ARG L 437 15.77 -50.90 -0.45
C ARG L 437 16.29 -49.48 -0.29
N ARG L 438 17.60 -49.29 -0.16
CA ARG L 438 18.18 -47.95 -0.17
C ARG L 438 18.05 -47.31 -1.55
N TYR L 439 17.76 -48.11 -2.58
CA TYR L 439 17.62 -47.61 -3.94
C TYR L 439 16.16 -47.44 -4.35
N LEU L 440 15.32 -48.42 -4.07
CA LEU L 440 13.92 -48.36 -4.50
C LEU L 440 13.23 -47.12 -3.97
N GLN L 441 13.53 -46.73 -2.73
CA GLN L 441 12.92 -45.52 -2.18
C GLN L 441 13.22 -44.31 -3.02
N TYR L 442 14.44 -44.23 -3.58
CA TYR L 442 14.75 -43.17 -4.52
C TYR L 442 13.84 -43.24 -5.74
N TYR L 443 13.62 -44.45 -6.25
CA TYR L 443 12.69 -44.64 -7.35
C TYR L 443 11.28 -44.25 -6.95
N ARG L 444 10.91 -44.49 -5.69
CA ARG L 444 9.65 -44.00 -5.17
C ARG L 444 9.73 -42.50 -4.87
N ALA L 445 10.93 -41.97 -4.65
CA ALA L 445 11.08 -40.55 -4.41
C ALA L 445 10.97 -39.74 -5.69
N CYS L 446 11.56 -40.24 -6.79
CA CYS L 446 11.50 -39.51 -8.06
C CYS L 446 10.05 -39.42 -8.55
N VAL L 447 9.32 -40.53 -8.48
CA VAL L 447 7.90 -40.49 -8.81
C VAL L 447 7.14 -39.74 -7.72
N LEU L 448 5.91 -39.35 -8.04
CA LEU L 448 5.06 -38.55 -7.15
C LEU L 448 5.70 -37.23 -6.76
N SER L 449 6.71 -36.79 -7.51
CA SER L 449 7.40 -35.55 -7.21
C SER L 449 7.24 -34.51 -8.31
N THR L 450 7.66 -34.82 -9.53
CA THR L 450 7.62 -33.84 -10.61
C THR L 450 6.20 -33.63 -11.15
N PRO L 451 5.52 -34.66 -11.66
CA PRO L 451 4.31 -34.41 -12.45
C PRO L 451 3.06 -34.36 -11.58
N PRO L 452 2.40 -33.21 -11.48
CA PRO L 452 1.02 -33.22 -11.00
C PRO L 452 0.10 -33.88 -12.01
N THR L 453 0.10 -33.33 -13.23
CA THR L 453 -0.74 -33.83 -14.31
C THR L 453 -0.06 -33.39 -15.62
N LEU L 454 0.66 -34.31 -16.25
CA LEU L 454 1.36 -34.03 -17.50
C LEU L 454 0.71 -34.80 -18.65
N SER L 455 1.23 -34.56 -19.85
CA SER L 455 0.71 -35.24 -21.02
C SER L 455 0.98 -36.74 -20.94
N LEU L 456 0.08 -37.52 -21.56
CA LEU L 456 0.22 -38.97 -21.50
C LEU L 456 1.52 -39.43 -22.15
N LEU L 457 1.86 -38.86 -23.31
CA LEU L 457 3.08 -39.27 -23.99
C LEU L 457 4.31 -38.86 -23.22
N THR L 458 4.22 -37.79 -22.42
CA THR L 458 5.37 -37.36 -21.63
C THR L 458 5.77 -38.44 -20.64
N ILE L 459 4.80 -39.16 -20.09
CA ILE L 459 5.09 -40.20 -19.11
C ILE L 459 5.95 -41.29 -19.75
N GLY L 460 5.54 -41.77 -20.92
CA GLY L 460 6.30 -42.85 -21.56
C GLY L 460 7.72 -42.45 -21.89
N PHE L 461 7.91 -41.22 -22.35
CA PHE L 461 9.27 -40.77 -22.71
C PHE L 461 10.10 -40.49 -21.47
N LEU L 462 9.49 -39.91 -20.43
CA LEU L 462 10.25 -39.58 -19.23
C LEU L 462 10.74 -40.84 -18.53
N PHE L 463 9.90 -41.88 -18.46
CA PHE L 463 10.25 -43.11 -17.77
C PHE L 463 10.84 -44.16 -18.71
N LYS L 464 11.51 -43.74 -19.78
CA LYS L 464 12.18 -44.68 -20.66
C LYS L 464 13.66 -44.84 -20.28
N LYS L 465 14.40 -43.73 -20.23
CA LYS L 465 15.80 -43.78 -19.85
C LYS L 465 15.99 -44.33 -18.44
N LEU L 466 14.93 -44.33 -17.63
CA LEU L 466 14.96 -44.89 -16.29
C LEU L 466 14.24 -46.22 -16.19
N GLY L 467 13.16 -46.40 -16.95
CA GLY L 467 12.39 -47.62 -16.84
C GLY L 467 13.16 -48.85 -17.29
N ARG L 468 13.86 -48.74 -18.43
CA ARG L 468 14.63 -49.88 -18.92
C ARG L 468 15.67 -50.32 -17.90
N GLN L 469 16.22 -49.40 -17.13
CA GLN L 469 17.16 -49.77 -16.08
C GLN L 469 16.49 -50.62 -15.02
N LEU L 470 15.20 -50.37 -14.75
CA LEU L 470 14.48 -51.18 -13.77
C LEU L 470 14.34 -52.61 -14.27
N ARG L 471 14.11 -52.79 -15.57
CA ARG L 471 14.00 -54.14 -16.11
C ARG L 471 15.35 -54.84 -16.12
N TYR L 472 16.45 -54.09 -16.16
CA TYR L 472 17.77 -54.70 -16.10
C TYR L 472 18.01 -55.34 -14.74
N LEU L 473 17.49 -54.72 -13.67
CA LEU L 473 17.65 -55.28 -12.34
C LEU L 473 16.95 -56.63 -12.18
N ALA L 474 16.07 -57.00 -13.10
CA ALA L 474 15.45 -58.32 -13.05
C ALA L 474 16.41 -59.39 -13.55
N GLU L 475 17.25 -59.07 -14.53
CA GLU L 475 18.26 -60.01 -14.97
C GLU L 475 19.28 -60.28 -13.87
N LEU L 476 19.55 -59.29 -13.02
CA LEU L 476 20.53 -59.47 -11.96
C LEU L 476 20.03 -60.47 -10.92
N CYS L 477 18.89 -60.19 -10.30
CA CYS L 477 18.31 -61.09 -9.32
C CYS L 477 17.56 -62.20 -10.05
N GLY L 478 16.79 -63.00 -9.31
CA GLY L 478 16.00 -64.05 -9.94
C GLY L 478 14.81 -63.48 -10.69
N VAL L 479 14.00 -62.68 -10.01
CA VAL L 479 12.82 -62.09 -10.62
C VAL L 479 13.22 -61.04 -11.66
N ALA L 494 20.48 -71.16 -8.23
CA ALA L 494 19.60 -70.09 -7.80
C ALA L 494 20.35 -68.77 -7.67
N PHE L 495 20.47 -68.28 -6.45
CA PHE L 495 21.17 -67.04 -6.17
C PHE L 495 22.31 -67.33 -5.19
N PRO L 496 23.55 -67.03 -5.53
CA PRO L 496 24.68 -67.38 -4.65
C PRO L 496 24.61 -66.64 -3.33
N THR L 497 25.48 -67.06 -2.41
CA THR L 497 25.58 -66.45 -1.09
C THR L 497 27.03 -66.49 -0.65
N GLY L 498 27.32 -65.77 0.44
CA GLY L 498 28.67 -65.72 0.94
C GLY L 498 29.61 -65.03 -0.03
N VAL L 499 30.85 -65.50 -0.05
CA VAL L 499 31.85 -64.95 -0.97
C VAL L 499 31.43 -65.18 -2.41
N LYS L 500 30.74 -66.31 -2.68
CA LYS L 500 30.31 -66.62 -4.04
C LYS L 500 29.42 -65.52 -4.61
N LEU L 501 28.69 -64.81 -3.75
CA LEU L 501 27.88 -63.69 -4.21
C LEU L 501 28.66 -62.39 -4.24
N LEU L 502 29.53 -62.16 -3.25
CA LEU L 502 30.33 -60.95 -3.24
C LEU L 502 31.31 -60.89 -4.39
N SER L 503 31.63 -62.03 -5.00
CA SER L 503 32.47 -62.04 -6.19
C SER L 503 31.65 -62.06 -7.48
N TYR L 504 30.49 -62.71 -7.46
CA TYR L 504 29.63 -62.70 -8.65
C TYR L 504 29.20 -61.28 -9.00
N LEU L 505 28.79 -60.50 -7.99
CA LEU L 505 28.41 -59.12 -8.25
C LEU L 505 29.59 -58.30 -8.76
N TYR L 506 30.80 -58.68 -8.39
CA TYR L 506 31.97 -57.95 -8.87
C TYR L 506 32.15 -58.13 -10.37
N GLN L 507 32.03 -59.37 -10.86
CA GLN L 507 32.17 -59.62 -12.29
C GLN L 507 31.07 -58.97 -13.11
N GLU L 508 29.99 -58.53 -12.47
CA GLU L 508 28.97 -57.73 -13.16
C GLU L 508 29.42 -56.29 -13.38
N ALA L 509 30.51 -55.86 -12.75
CA ALA L 509 30.99 -54.49 -12.95
C ALA L 509 31.80 -54.39 -14.24
N LEU L 510 32.89 -55.16 -14.34
CA LEU L 510 33.72 -55.12 -15.53
C LEU L 510 32.95 -55.52 -16.78
N HIS L 511 31.93 -56.37 -16.62
CA HIS L 511 31.13 -56.79 -17.76
C HIS L 511 30.35 -55.64 -18.36
N ASN L 512 29.92 -54.69 -17.53
CA ASN L 512 29.12 -53.56 -17.98
C ASN L 512 29.61 -52.27 -17.33
N CYS L 513 30.91 -52.00 -17.46
CA CYS L 513 31.52 -50.90 -16.69
C CYS L 513 31.11 -49.53 -17.23
N SER L 514 31.53 -49.22 -18.45
CA SER L 514 31.49 -47.82 -18.89
C SER L 514 30.06 -47.31 -19.08
N ASN L 515 29.10 -48.21 -19.20
CA ASN L 515 27.72 -47.81 -19.46
C ASN L 515 27.14 -47.10 -18.25
N GLU L 516 25.87 -46.70 -18.34
CA GLU L 516 25.21 -45.96 -17.26
C GLU L 516 24.88 -46.82 -16.06
N HIS L 517 25.20 -48.12 -16.09
CA HIS L 517 24.93 -49.01 -14.97
C HIS L 517 26.12 -49.12 -14.02
N TYR L 518 27.06 -48.19 -14.07
CA TYR L 518 28.23 -48.27 -13.21
C TYR L 518 27.93 -47.78 -11.80
N PRO L 519 27.30 -46.62 -11.60
CA PRO L 519 27.09 -46.16 -10.22
C PRO L 519 26.15 -47.05 -9.42
N VAL L 520 25.04 -47.48 -10.01
CA VAL L 520 24.04 -48.23 -9.26
C VAL L 520 24.60 -49.55 -8.78
N LEU L 521 25.30 -50.28 -9.67
CA LEU L 521 25.94 -51.52 -9.23
C LEU L 521 27.03 -51.24 -8.21
N LEU L 522 27.77 -50.14 -8.39
CA LEU L 522 28.83 -49.83 -7.44
C LEU L 522 28.28 -49.56 -6.05
N SER L 523 27.22 -48.73 -5.97
CA SER L 523 26.63 -48.43 -4.67
C SER L 523 26.09 -49.69 -3.99
N LEU L 524 25.71 -50.69 -4.78
CA LEU L 524 25.33 -51.97 -4.18
C LEU L 524 26.56 -52.71 -3.67
N LEU L 525 27.56 -52.90 -4.54
CA LEU L 525 28.78 -53.57 -4.12
C LEU L 525 29.46 -52.84 -2.97
N LYS L 526 29.37 -51.51 -2.94
CA LYS L 526 29.98 -50.75 -1.85
C LYS L 526 29.33 -51.04 -0.51
N THR L 527 28.06 -51.46 -0.50
CA THR L 527 27.39 -51.82 0.74
C THR L 527 27.12 -53.32 0.87
N SER L 528 27.18 -54.06 -0.24
CA SER L 528 27.04 -55.51 -0.16
C SER L 528 28.27 -56.19 0.41
N CYS L 529 29.38 -55.47 0.55
CA CYS L 529 30.58 -55.99 1.18
C CYS L 529 30.84 -55.40 2.55
N GLU L 530 29.92 -54.57 3.06
CA GLU L 530 30.14 -53.93 4.35
C GLU L 530 30.33 -54.93 5.49
N PRO L 531 29.47 -55.93 5.71
CA PRO L 531 29.71 -56.85 6.81
C PRO L 531 30.94 -57.73 6.59
N TYR L 532 31.24 -58.08 5.34
CA TYR L 532 32.38 -58.94 5.07
C TYR L 532 33.70 -58.27 5.45
N THR L 533 33.78 -56.94 5.36
CA THR L 533 34.98 -56.25 5.80
C THR L 533 35.16 -56.38 7.30
N ARG L 534 34.07 -56.42 8.06
CA ARG L 534 34.17 -56.52 9.51
C ARG L 534 34.87 -57.81 9.93
N PHE L 535 34.49 -58.90 9.26
CA PHE L 535 35.12 -60.23 9.49
C PHE L 535 36.63 -60.06 9.21
N ILE L 536 36.95 -59.44 8.06
CA ILE L 536 38.33 -59.17 7.71
C ILE L 536 38.93 -58.19 8.72
N HIS L 537 38.11 -57.35 9.33
CA HIS L 537 38.58 -56.39 10.32
C HIS L 537 38.79 -57.01 11.69
N ASP L 538 38.80 -58.35 11.75
CA ASP L 538 39.01 -59.08 13.03
C ASP L 538 40.46 -59.57 13.09
N TRP L 539 40.85 -60.42 12.14
CA TRP L 539 42.21 -60.95 12.11
C TRP L 539 43.26 -59.85 11.97
N VAL L 540 42.86 -58.63 11.65
CA VAL L 540 43.82 -57.56 11.47
C VAL L 540 43.99 -56.73 12.74
N TYR L 541 42.94 -56.59 13.54
CA TYR L 541 42.98 -55.75 14.72
C TYR L 541 42.83 -56.52 16.03
N SER L 542 41.84 -57.39 16.13
CA SER L 542 41.53 -58.07 17.39
C SER L 542 41.86 -59.55 17.39
N GLY L 543 41.66 -60.25 16.27
CA GLY L 543 41.98 -61.65 16.19
C GLY L 543 40.90 -62.59 16.67
N VAL L 544 39.75 -62.04 17.05
CA VAL L 544 38.60 -62.88 17.50
C VAL L 544 37.82 -63.28 16.25
N PHE L 545 38.07 -64.50 15.74
CA PHE L 545 37.38 -64.94 14.51
C PHE L 545 35.87 -64.96 14.77
N ARG L 546 35.09 -64.38 13.86
CA ARG L 546 33.62 -64.34 14.01
C ARG L 546 32.99 -65.09 12.83
N ASP L 547 32.15 -66.09 13.13
CA ASP L 547 31.47 -66.87 12.07
C ASP L 547 30.00 -67.01 12.45
N ALA L 548 29.12 -67.14 11.45
CA ALA L 548 27.67 -67.29 11.72
C ALA L 548 27.14 -68.50 10.95
N TYR L 549 27.20 -68.43 9.61
CA TYR L 549 26.69 -69.51 8.78
C TYR L 549 27.72 -70.06 7.80
N GLY L 550 28.91 -69.49 7.73
CA GLY L 550 29.94 -69.95 6.82
C GLY L 550 30.23 -69.03 5.64
N GLU L 551 29.72 -67.79 5.66
CA GLU L 551 30.00 -66.87 4.57
C GLU L 551 31.49 -66.62 4.43
N PHE L 552 32.22 -66.62 5.54
CA PHE L 552 33.67 -66.50 5.47
C PHE L 552 34.25 -67.66 4.68
N MET L 553 35.27 -67.37 3.88
CA MET L 553 35.95 -68.43 3.14
C MET L 553 36.78 -69.34 4.05
N ILE L 554 37.01 -68.92 5.29
CA ILE L 554 37.81 -69.67 6.25
C ILE L 554 36.95 -70.03 7.45
N GLN L 555 37.05 -71.28 7.89
CA GLN L 555 36.30 -71.78 9.03
C GLN L 555 37.26 -72.23 10.12
N VAL L 556 36.72 -72.81 11.17
CA VAL L 556 37.53 -73.33 12.27
C VAL L 556 36.90 -74.58 12.86
N LYS L 566 51.05 -78.54 20.01
CA LYS L 566 51.15 -79.60 19.01
C LYS L 566 51.20 -79.01 17.61
N LEU L 567 50.14 -79.23 16.83
CA LEU L 567 50.08 -78.69 15.48
C LEU L 567 49.33 -77.36 15.43
N TYR L 568 48.11 -77.30 15.97
CA TYR L 568 47.43 -76.05 16.25
C TYR L 568 47.14 -75.23 15.00
N TRP L 569 47.47 -75.75 13.83
CA TRP L 569 47.36 -74.98 12.60
C TRP L 569 46.41 -75.63 11.62
N THR L 570 45.21 -75.98 12.09
CA THR L 570 44.19 -76.65 11.29
C THR L 570 42.96 -75.77 11.07
N HIS L 571 43.18 -74.50 10.76
CA HIS L 571 42.09 -73.61 10.33
C HIS L 571 42.06 -73.66 8.81
N GLY L 572 41.26 -74.58 8.27
CA GLY L 572 41.24 -74.77 6.83
C GLY L 572 40.88 -73.49 6.09
N TYR L 573 41.51 -73.30 4.93
CA TYR L 573 41.40 -72.06 4.18
C TYR L 573 40.67 -72.25 2.86
N VAL L 574 41.12 -73.16 2.01
CA VAL L 574 40.51 -73.36 0.70
C VAL L 574 39.67 -74.62 0.69
N VAL L 586 37.83 -62.39 -8.87
CA VAL L 586 37.76 -62.23 -7.43
C VAL L 586 38.81 -61.24 -6.94
N PHE L 587 38.95 -61.14 -5.62
CA PHE L 587 39.94 -60.25 -5.05
C PHE L 587 41.35 -60.71 -5.40
N LEU L 588 42.29 -59.76 -5.38
CA LEU L 588 43.66 -60.06 -5.75
C LEU L 588 44.28 -61.07 -4.79
N LYS L 589 44.65 -62.23 -5.31
CA LYS L 589 45.26 -63.27 -4.51
C LYS L 589 46.57 -62.83 -3.86
N HIS L 590 47.14 -61.72 -4.29
CA HIS L 590 48.37 -61.22 -3.67
C HIS L 590 48.17 -60.90 -2.20
N ILE L 591 46.93 -60.69 -1.75
CA ILE L 591 46.65 -60.46 -0.35
C ILE L 591 45.79 -61.57 0.25
N ALA L 592 45.28 -62.51 -0.54
CA ALA L 592 44.39 -63.55 -0.02
C ALA L 592 45.12 -64.42 0.99
N HIS L 593 46.20 -65.09 0.57
CA HIS L 593 46.92 -65.98 1.46
C HIS L 593 47.56 -65.24 2.62
N ASP L 594 47.84 -63.94 2.46
CA ASP L 594 48.46 -63.18 3.53
C ASP L 594 47.52 -62.97 4.70
N ILE L 595 46.23 -62.77 4.43
CA ILE L 595 45.26 -62.60 5.52
C ILE L 595 45.17 -63.86 6.36
N TYR L 596 45.28 -65.02 5.71
CA TYR L 596 45.20 -66.28 6.44
C TYR L 596 46.31 -66.41 7.48
N VAL L 597 47.48 -65.87 7.20
CA VAL L 597 48.58 -65.95 8.17
C VAL L 597 48.63 -64.72 9.06
N CYS L 598 48.12 -63.58 8.59
CA CYS L 598 48.10 -62.38 9.42
C CYS L 598 47.20 -62.51 10.64
N GLY L 599 46.33 -63.53 10.66
CA GLY L 599 45.45 -63.74 11.80
C GLY L 599 45.97 -64.79 12.75
N LYS L 600 46.46 -65.91 12.21
CA LYS L 600 46.94 -67.00 13.06
C LYS L 600 48.07 -66.54 13.96
N THR L 601 48.85 -65.55 13.53
CA THR L 601 49.88 -64.99 14.38
C THR L 601 49.28 -64.33 15.61
N ILE L 602 48.22 -63.52 15.40
CA ILE L 602 47.56 -62.88 16.53
C ILE L 602 46.90 -63.91 17.43
N ASN L 603 46.25 -64.92 16.83
CA ASN L 603 45.64 -65.97 17.64
C ASN L 603 46.69 -66.82 18.35
N LEU L 604 47.93 -66.76 17.91
CA LEU L 604 49.01 -67.47 18.59
C LEU L 604 49.65 -66.65 19.70
N LEU L 605 49.73 -65.33 19.52
CA LEU L 605 50.23 -64.48 20.60
C LEU L 605 49.24 -64.35 21.74
N LYS L 606 47.95 -64.57 21.47
CA LYS L 606 46.95 -64.50 22.53
C LYS L 606 47.15 -65.60 23.57
N LEU L 607 47.72 -66.74 23.16
CA LEU L 607 48.03 -67.83 24.06
C LEU L 607 49.47 -67.79 24.56
N CYS L 608 50.08 -66.61 24.62
CA CYS L 608 51.45 -66.47 25.08
C CYS L 608 51.72 -65.06 25.60
N VAL L 1482 37.75 -48.28 -14.16
CA VAL L 1482 38.92 -48.83 -13.49
C VAL L 1482 38.51 -49.41 -12.14
N LEU L 1483 39.03 -50.59 -11.82
CA LEU L 1483 38.79 -51.25 -10.54
C LEU L 1483 40.13 -51.46 -9.85
N MET L 1484 40.59 -50.43 -9.14
CA MET L 1484 41.82 -50.49 -8.37
C MET L 1484 41.45 -50.60 -6.89
N LYS L 1485 41.66 -51.79 -6.31
CA LYS L 1485 41.32 -52.03 -4.91
C LYS L 1485 42.43 -51.45 -4.03
N ARG L 1486 42.33 -50.15 -3.79
CA ARG L 1486 43.27 -49.46 -2.92
C ARG L 1486 42.67 -49.08 -1.57
N SER L 1487 41.34 -48.95 -1.47
CA SER L 1487 40.73 -48.59 -0.20
C SER L 1487 40.80 -49.70 0.82
N ILE L 1488 41.12 -50.93 0.41
CA ILE L 1488 41.21 -52.07 1.32
C ILE L 1488 42.65 -52.36 1.69
N THR L 1489 43.52 -52.55 0.69
CA THR L 1489 44.88 -53.01 0.99
C THR L 1489 45.72 -51.92 1.63
N ALA L 1490 45.42 -50.65 1.33
CA ALA L 1490 46.24 -49.57 1.87
C ALA L 1490 46.15 -49.45 3.39
N PRO L 1491 44.97 -49.45 4.01
CA PRO L 1491 44.92 -49.52 5.47
C PRO L 1491 45.23 -50.90 6.02
N LEU L 1492 45.55 -51.87 5.16
CA LEU L 1492 45.79 -53.25 5.57
C LEU L 1492 47.27 -53.61 5.54
N ALA L 1493 47.94 -53.40 4.39
CA ALA L 1493 49.35 -53.75 4.30
C ALA L 1493 50.20 -52.97 5.29
N ALA L 1494 49.76 -51.77 5.66
CA ALA L 1494 50.50 -50.98 6.64
C ALA L 1494 50.52 -51.67 8.00
N HIS L 1495 49.54 -52.52 8.28
CA HIS L 1495 49.48 -53.22 9.56
C HIS L 1495 50.03 -54.64 9.49
N ILE L 1496 50.14 -55.22 8.29
CA ILE L 1496 50.65 -56.58 8.18
C ILE L 1496 52.14 -56.61 8.48
N SER L 1497 52.91 -55.67 7.93
CA SER L 1497 54.34 -55.66 8.15
C SER L 1497 54.69 -55.38 9.62
N LEU L 1498 53.85 -54.62 10.32
CA LEU L 1498 54.17 -54.33 11.71
C LEU L 1498 53.92 -55.54 12.61
N VAL L 1499 52.94 -56.38 12.27
CA VAL L 1499 52.68 -57.56 13.08
C VAL L 1499 53.78 -58.59 12.89
N ASN L 1500 54.12 -58.90 11.64
CA ASN L 1500 55.13 -59.92 11.36
C ASN L 1500 56.48 -59.52 11.94
N LYS L 1501 56.89 -58.27 11.71
CA LYS L 1501 58.16 -57.80 12.27
C LYS L 1501 58.14 -57.87 13.80
N ALA L 1502 56.99 -57.62 14.41
CA ALA L 1502 56.88 -57.78 15.86
C ALA L 1502 56.73 -59.24 16.27
N ALA L 1503 56.31 -60.11 15.35
CA ALA L 1503 56.21 -61.52 15.68
C ALA L 1503 57.59 -62.19 15.67
N VAL L 1504 58.39 -61.91 14.63
CA VAL L 1504 59.71 -62.50 14.54
C VAL L 1504 60.61 -61.95 15.65
N ASP L 1505 60.58 -60.63 15.85
CA ASP L 1505 61.37 -60.03 16.93
C ASP L 1505 61.02 -60.61 18.28
N TYR L 1506 59.75 -60.93 18.51
CA TYR L 1506 59.35 -61.54 19.78
C TYR L 1506 60.06 -62.86 20.02
N PHE L 1507 60.43 -63.58 18.95
CA PHE L 1507 61.07 -64.86 19.11
C PHE L 1507 62.51 -64.72 19.58
N PHE L 1508 63.27 -63.83 18.95
CA PHE L 1508 64.69 -63.74 19.25
C PHE L 1508 64.94 -63.09 20.60
N VAL L 1509 64.45 -61.87 20.80
CA VAL L 1509 64.81 -61.10 21.98
C VAL L 1509 64.11 -61.56 23.24
N GLU L 1510 63.18 -62.51 23.14
CA GLU L 1510 62.46 -62.97 24.33
C GLU L 1510 62.57 -64.46 24.56
N LEU L 1511 62.50 -65.28 23.52
CA LEU L 1511 62.50 -66.73 23.67
C LEU L 1511 63.78 -67.38 23.17
N HIS L 1512 64.74 -66.61 22.67
CA HIS L 1512 66.08 -67.10 22.33
C HIS L 1512 66.02 -68.21 21.28
N LEU L 1513 65.39 -67.91 20.15
CA LEU L 1513 65.40 -68.85 19.03
C LEU L 1513 66.81 -68.99 18.48
N GLU L 1514 67.58 -67.90 18.46
CA GLU L 1514 68.96 -67.97 17.99
C GLU L 1514 69.82 -68.82 18.91
N ALA L 1515 69.42 -69.01 20.16
CA ALA L 1515 70.20 -69.84 21.07
C ALA L 1515 69.94 -71.32 20.84
N HIS L 1516 68.67 -71.69 20.65
CA HIS L 1516 68.32 -73.11 20.51
C HIS L 1516 69.05 -73.75 19.35
N TYR L 1517 69.12 -73.08 18.20
CA TYR L 1517 69.84 -73.62 17.06
C TYR L 1517 71.32 -73.81 17.39
N GLU L 1518 71.98 -72.75 17.86
CA GLU L 1518 73.38 -72.84 18.22
C GLU L 1518 73.61 -73.65 19.50
N ALA L 1519 72.56 -74.25 20.06
CA ALA L 1519 72.70 -75.18 21.18
C ALA L 1519 72.46 -76.63 20.78
N LEU L 1520 71.43 -76.90 19.97
CA LEU L 1520 71.22 -78.26 19.50
C LEU L 1520 72.39 -78.75 18.67
N ARG L 1521 73.05 -77.84 17.95
CA ARG L 1521 74.24 -78.21 17.21
C ARG L 1521 75.37 -78.63 18.15
N HIS L 1522 75.43 -78.03 19.34
CA HIS L 1522 76.46 -78.40 20.31
C HIS L 1522 76.28 -79.84 20.80
N PHE L 1523 75.06 -80.37 20.75
CA PHE L 1523 74.76 -81.69 21.30
C PHE L 1523 74.44 -82.73 20.24
N LEU L 1524 73.56 -82.41 19.30
CA LEU L 1524 73.16 -83.41 18.30
C LEU L 1524 74.26 -83.60 17.26
N LEU L 1525 74.62 -82.55 16.55
CA LEU L 1525 75.63 -82.66 15.51
C LEU L 1525 77.05 -82.79 16.08
N MET L 1526 77.20 -82.96 17.39
CA MET L 1526 78.47 -83.26 18.02
C MET L 1526 79.52 -82.20 17.75
N GLU L 1527 79.10 -80.94 17.62
CA GLU L 1527 80.06 -79.88 17.37
C GLU L 1527 80.96 -79.63 18.56
N ASP L 1528 80.41 -79.70 19.77
CA ASP L 1528 81.18 -79.45 20.98
C ASP L 1528 81.99 -80.69 21.33
N GLY L 1529 83.31 -80.59 21.21
CA GLY L 1529 84.18 -81.67 21.62
C GLY L 1529 84.10 -81.93 23.12
N GLU L 1530 84.84 -82.95 23.58
CA GLU L 1530 84.83 -83.36 24.99
C GLU L 1530 83.45 -83.83 25.42
N PHE L 1531 82.49 -83.88 24.49
CA PHE L 1531 81.18 -84.44 24.74
C PHE L 1531 80.95 -85.71 23.92
N ALA L 1532 81.05 -85.62 22.60
CA ALA L 1532 81.02 -86.83 21.79
C ALA L 1532 82.24 -87.71 22.10
N GLN L 1533 83.40 -87.09 22.26
CA GLN L 1533 84.60 -87.80 22.67
C GLN L 1533 84.50 -88.32 24.09
N SER L 1534 83.42 -88.02 24.81
CA SER L 1534 83.17 -88.58 26.13
C SER L 1534 81.93 -89.46 26.17
N LEU L 1535 80.94 -89.20 25.30
CA LEU L 1535 79.78 -90.08 25.22
C LEU L 1535 80.12 -91.36 24.47
N SER L 1536 80.57 -91.23 23.22
CA SER L 1536 80.94 -92.41 22.44
C SER L 1536 82.05 -93.19 23.12
N ASP L 1537 82.98 -92.50 23.77
CA ASP L 1537 84.07 -93.19 24.45
C ASP L 1537 83.57 -94.05 25.59
N LEU L 1538 82.48 -93.64 26.26
CA LEU L 1538 81.94 -94.46 27.33
C LEU L 1538 81.20 -95.67 26.77
N LEU L 1539 80.30 -95.44 25.83
CA LEU L 1539 79.51 -96.55 25.27
C LEU L 1539 80.41 -97.61 24.65
N PHE L 1540 81.45 -97.19 23.93
CA PHE L 1540 82.32 -98.14 23.26
C PHE L 1540 83.17 -98.95 24.23
N GLU L 1541 83.26 -98.54 25.49
CA GLU L 1541 84.03 -99.32 26.45
C GLU L 1541 83.36 -100.65 26.75
N LYS L 1542 82.03 -100.72 26.66
CA LYS L 1542 81.33 -101.94 27.02
C LYS L 1542 81.52 -103.02 25.96
N LEU L 1543 81.08 -102.75 24.74
CA LEU L 1543 81.20 -103.73 23.66
C LEU L 1543 82.63 -103.79 23.14
N PRO L 1549 73.89 -106.53 24.58
CA PRO L 1549 72.79 -107.50 24.67
C PRO L 1549 71.76 -107.11 25.73
N GLY L 1550 71.62 -107.93 26.76
CA GLY L 1550 70.73 -107.59 27.86
C GLY L 1550 71.25 -106.41 28.66
N GLU L 1551 72.58 -106.32 28.80
CA GLU L 1551 73.19 -105.14 29.39
C GLU L 1551 73.20 -104.01 28.38
N LEU L 1552 73.60 -102.82 28.85
CA LEU L 1552 73.75 -101.65 28.00
C LEU L 1552 72.44 -101.26 27.31
N LEU L 1553 71.34 -101.84 27.80
CA LEU L 1553 70.01 -101.59 27.19
C LEU L 1553 68.98 -101.18 28.25
N ASN L 1554 69.26 -101.35 29.55
CA ASN L 1554 68.22 -100.95 30.47
C ASN L 1554 68.38 -99.47 30.82
N PRO L 1555 67.29 -98.80 31.20
CA PRO L 1555 67.37 -97.36 31.48
C PRO L 1555 68.24 -97.01 32.67
N LEU L 1556 68.92 -97.99 33.25
CA LEU L 1556 69.80 -97.73 34.39
C LEU L 1556 71.21 -97.34 33.98
N VAL L 1557 71.64 -97.66 32.77
CA VAL L 1557 72.99 -97.36 32.31
C VAL L 1557 72.98 -96.32 31.18
N LEU L 1558 72.14 -96.51 30.16
CA LEU L 1558 72.15 -95.59 29.04
C LEU L 1558 71.39 -94.30 29.33
N ASN L 1559 70.47 -94.37 30.29
CA ASN L 1559 69.69 -93.18 30.72
C ASN L 1559 70.52 -92.43 31.78
N SER L 1560 71.61 -93.04 32.25
CA SER L 1560 72.47 -92.42 33.24
C SER L 1560 73.83 -92.04 32.68
N VAL L 1561 74.27 -92.69 31.61
CA VAL L 1561 75.56 -92.34 31.00
C VAL L 1561 75.53 -90.92 30.46
N LEU L 1562 74.35 -90.44 30.07
CA LEU L 1562 74.23 -89.05 29.61
C LEU L 1562 74.44 -88.08 30.77
N SER L 1563 73.76 -88.31 31.89
CA SER L 1563 73.94 -87.45 33.05
C SER L 1563 75.37 -87.48 33.57
N LYS L 1564 76.13 -88.52 33.22
CA LYS L 1564 77.56 -88.52 33.50
C LYS L 1564 78.34 -87.86 32.37
N ALA L 1565 77.78 -87.82 31.17
CA ALA L 1565 78.49 -87.22 30.04
C ALA L 1565 78.48 -85.70 30.12
N LEU L 1566 77.33 -85.11 30.45
CA LEU L 1566 77.20 -83.65 30.45
C LEU L 1566 78.17 -83.01 31.45
N GLN L 1567 78.51 -83.71 32.53
CA GLN L 1567 79.45 -83.15 33.48
C GLN L 1567 80.84 -82.97 32.87
N CYS L 1568 81.22 -83.85 31.97
CA CYS L 1568 82.53 -83.78 31.31
C CYS L 1568 82.48 -82.94 30.04
N SER L 1569 81.43 -82.14 29.86
CA SER L 1569 81.30 -81.34 28.65
C SER L 1569 82.04 -80.02 28.74
N LEU L 1570 82.12 -79.43 29.93
CA LEU L 1570 82.67 -78.11 30.16
C LEU L 1570 81.98 -77.04 29.34
N HIS L 1571 80.80 -77.34 28.81
CA HIS L 1571 79.99 -76.38 28.07
C HIS L 1571 78.56 -76.88 28.09
N GLY L 1572 77.67 -76.15 28.74
CA GLY L 1572 76.30 -76.59 28.91
C GLY L 1572 75.82 -76.48 30.34
N ASP L 1573 75.10 -77.49 30.81
CA ASP L 1573 74.50 -77.50 32.14
C ASP L 1573 73.59 -76.29 32.35
N THR L 1574 72.91 -75.89 31.28
CA THR L 1574 71.94 -74.83 31.26
C THR L 1574 70.54 -75.40 31.10
N PRO L 1575 69.50 -74.59 31.28
CA PRO L 1575 68.15 -75.06 30.93
C PRO L 1575 68.07 -75.64 29.53
N HIS L 1576 68.87 -75.15 28.59
CA HIS L 1576 68.94 -75.78 27.28
C HIS L 1576 69.54 -77.18 27.37
N ALA L 1577 70.53 -77.36 28.23
CA ALA L 1577 71.28 -78.61 28.28
C ALA L 1577 70.42 -79.79 28.69
N SER L 1578 69.30 -79.55 29.36
CA SER L 1578 68.41 -80.65 29.73
C SER L 1578 67.62 -81.09 28.49
N ASN L 1579 66.64 -81.95 28.69
CA ASN L 1579 65.75 -82.42 27.62
C ASN L 1579 66.52 -83.21 26.56
N LEU L 1580 67.62 -83.85 26.95
CA LEU L 1580 68.37 -84.72 26.05
C LEU L 1580 68.00 -86.17 26.36
N SER L 1581 66.81 -86.56 25.93
CA SER L 1581 66.33 -87.96 26.11
C SER L 1581 67.21 -88.91 25.29
N LEU L 1582 68.14 -89.59 25.95
CA LEU L 1582 69.03 -90.56 25.25
C LEU L 1582 68.29 -91.91 25.18
N ALA L 1583 67.29 -92.00 24.30
CA ALA L 1583 66.45 -93.21 24.19
C ALA L 1583 66.96 -94.10 23.05
N LEU L 1584 66.28 -95.22 22.83
CA LEU L 1584 66.61 -96.21 21.77
C LEU L 1584 65.37 -96.47 20.93
N LYS L 1585 65.53 -97.20 19.83
CA LYS L 1585 64.43 -97.52 18.93
C LYS L 1585 64.48 -98.94 18.39
N TYR L 1586 65.33 -99.78 19.00
CA TYR L 1586 65.49 -101.19 18.56
C TYR L 1586 66.20 -102.00 19.65
N LEU L 1587 65.91 -103.31 19.71
CA LEU L 1587 66.53 -104.22 20.71
C LEU L 1587 67.53 -105.12 19.98
N PRO L 1588 68.85 -104.84 20.04
CA PRO L 1588 69.85 -105.66 19.34
C PRO L 1588 70.04 -107.05 19.98
N GLU L 1589 70.19 -108.08 19.14
CA GLU L 1589 70.39 -109.47 19.62
C GLU L 1589 71.87 -109.63 20.03
N VAL L 1590 72.78 -109.56 19.05
CA VAL L 1590 74.20 -109.69 19.33
C VAL L 1590 75.00 -108.72 18.47
N PRO L 1596 81.52 -107.12 15.42
CA PRO L 1596 82.38 -107.10 14.23
C PRO L 1596 81.83 -106.18 13.15
N ASP L 1597 80.55 -105.86 13.24
CA ASP L 1597 79.89 -104.99 12.28
C ASP L 1597 80.21 -103.54 12.61
N VAL L 1598 79.50 -102.61 11.96
CA VAL L 1598 79.72 -101.19 12.17
C VAL L 1598 78.41 -100.49 12.50
N LEU L 1599 77.47 -101.22 13.10
CA LEU L 1599 76.15 -100.69 13.40
C LEU L 1599 75.84 -100.81 14.89
N SER L 1600 75.35 -99.72 15.47
CA SER L 1600 74.82 -99.70 16.83
C SER L 1600 73.71 -98.65 16.85
N CYS L 1601 72.48 -99.10 16.63
CA CYS L 1601 71.36 -98.18 16.48
C CYS L 1601 70.98 -97.57 17.83
N LEU L 1602 70.88 -96.24 17.85
CA LEU L 1602 70.58 -95.49 19.06
C LEU L 1602 70.29 -94.05 18.66
N GLU L 1603 69.22 -93.50 19.22
CA GLU L 1603 68.79 -92.15 18.87
C GLU L 1603 69.19 -91.18 19.98
N LEU L 1604 68.95 -89.90 19.71
CA LEU L 1604 69.20 -88.86 20.69
C LEU L 1604 68.31 -87.67 20.32
N ARG L 1605 67.19 -87.53 21.02
CA ARG L 1605 66.15 -86.59 20.64
C ARG L 1605 66.15 -85.37 21.57
N TYR L 1606 66.11 -84.19 20.97
CA TYR L 1606 65.88 -82.97 21.73
C TYR L 1606 64.42 -82.88 22.13
N LYS L 1607 64.12 -81.94 23.02
CA LYS L 1607 62.75 -81.69 23.47
C LYS L 1607 62.54 -80.19 23.63
N VAL L 1608 61.36 -79.71 23.27
CA VAL L 1608 61.02 -78.31 23.32
C VAL L 1608 59.66 -78.14 24.00
N ASP L 1609 59.24 -76.89 24.15
CA ASP L 1609 57.97 -76.52 24.76
C ASP L 1609 57.11 -75.80 23.72
N TRP L 1610 55.96 -75.29 24.17
CA TRP L 1610 54.89 -74.87 23.28
C TRP L 1610 55.30 -73.78 22.29
N PRO L 1611 55.67 -72.56 22.74
CA PRO L 1611 55.88 -71.48 21.76
C PRO L 1611 57.05 -71.71 20.82
N LEU L 1612 57.90 -72.71 21.08
CA LEU L 1612 58.94 -73.09 20.13
C LEU L 1612 58.62 -74.36 19.34
N ASN L 1613 57.73 -75.21 19.85
CA ASN L 1613 57.41 -76.44 19.14
C ASN L 1613 56.71 -76.17 17.83
N ILE L 1614 56.09 -74.99 17.69
CA ILE L 1614 55.33 -74.68 16.48
C ILE L 1614 56.24 -74.37 15.30
N VAL L 1615 57.52 -74.10 15.56
CA VAL L 1615 58.46 -73.76 14.49
C VAL L 1615 59.35 -74.95 14.19
N ILE L 1616 60.09 -75.44 15.19
CA ILE L 1616 60.89 -76.63 15.02
C ILE L 1616 59.95 -77.81 14.88
N THR L 1617 59.83 -78.34 13.67
CA THR L 1617 58.85 -79.38 13.40
C THR L 1617 59.25 -80.69 14.06
N GLU L 1618 58.24 -81.47 14.45
CA GLU L 1618 58.48 -82.81 14.97
C GLU L 1618 58.95 -83.78 13.90
N GLY L 1619 59.11 -83.32 12.66
CA GLY L 1619 59.69 -84.13 11.62
C GLY L 1619 61.13 -83.75 11.36
N CYS L 1620 61.46 -82.47 11.57
CA CYS L 1620 62.83 -82.02 11.38
C CYS L 1620 63.77 -82.66 12.38
N VAL L 1621 63.39 -82.67 13.66
CA VAL L 1621 64.20 -83.35 14.67
C VAL L 1621 64.38 -84.82 14.32
N SER L 1622 63.38 -85.43 13.68
CA SER L 1622 63.50 -86.83 13.29
C SER L 1622 64.61 -87.02 12.26
N LYS L 1623 64.91 -86.00 11.47
CA LYS L 1623 65.98 -86.12 10.48
C LYS L 1623 67.36 -85.91 11.10
N TYR L 1624 67.45 -85.14 12.18
CA TYR L 1624 68.68 -85.09 12.96
C TYR L 1624 69.09 -86.49 13.40
N SER L 1625 68.12 -87.28 13.90
CA SER L 1625 68.40 -88.66 14.25
C SER L 1625 68.91 -89.45 13.06
N GLY L 1626 68.53 -89.05 11.84
CA GLY L 1626 69.07 -89.70 10.66
C GLY L 1626 70.55 -89.35 10.45
N VAL L 1627 70.89 -88.07 10.59
CA VAL L 1627 72.28 -87.66 10.42
C VAL L 1627 73.11 -87.94 11.65
N PHE L 1628 72.50 -88.18 12.80
CA PHE L 1628 73.27 -88.43 14.00
C PHE L 1628 73.88 -89.83 13.98
N SER L 1629 73.07 -90.85 13.71
CA SER L 1629 73.56 -92.21 13.75
C SER L 1629 74.73 -92.43 12.82
N PHE L 1630 74.85 -91.62 11.76
CA PHE L 1630 76.04 -91.68 10.92
C PHE L 1630 77.24 -91.09 11.65
N LEU L 1631 77.08 -89.88 12.21
CA LEU L 1631 78.22 -89.21 12.83
C LEU L 1631 78.77 -90.00 14.01
N LEU L 1632 77.89 -90.61 14.80
CA LEU L 1632 78.35 -91.47 15.88
C LEU L 1632 79.11 -92.67 15.33
N GLN L 1633 78.59 -93.28 14.27
CA GLN L 1633 79.27 -94.41 13.66
C GLN L 1633 80.68 -94.04 13.22
N LEU L 1634 80.90 -92.80 12.83
CA LEU L 1634 82.24 -92.37 12.47
C LEU L 1634 83.18 -92.40 13.66
N LYS L 1635 82.72 -91.95 14.83
CA LYS L 1635 83.55 -91.99 16.02
C LYS L 1635 84.01 -93.41 16.36
N LEU L 1636 83.21 -94.41 16.00
CA LEU L 1636 83.59 -95.78 16.29
C LEU L 1636 84.88 -96.16 15.61
N MET L 1637 85.21 -95.52 14.49
CA MET L 1637 86.48 -95.78 13.83
C MET L 1637 87.62 -95.12 14.60
N MET L 1638 87.56 -93.79 14.77
CA MET L 1638 88.66 -93.06 15.38
C MET L 1638 88.92 -93.45 16.83
N TRP L 1639 88.09 -94.31 17.42
CA TRP L 1639 88.39 -94.89 18.73
C TRP L 1639 88.95 -96.30 18.60
N ALA L 1640 88.28 -97.17 17.84
CA ALA L 1640 88.80 -98.51 17.62
C ALA L 1640 90.17 -98.44 16.93
N LEU L 1641 90.29 -97.61 15.92
CA LEU L 1641 91.60 -97.42 15.29
C LEU L 1641 92.60 -96.82 16.26
N LYS L 1642 92.15 -95.94 17.15
CA LYS L 1642 93.04 -95.45 18.19
C LYS L 1642 93.45 -96.56 19.13
N ASP L 1643 92.57 -97.55 19.34
CA ASP L 1643 92.90 -98.67 20.21
C ASP L 1643 94.08 -99.46 19.68
N VAL L 1644 94.02 -99.88 18.41
CA VAL L 1644 95.11 -100.66 17.85
C VAL L 1644 96.39 -99.83 17.78
N CYS L 1645 96.27 -98.53 17.59
CA CYS L 1645 97.45 -97.67 17.68
C CYS L 1645 97.99 -97.64 19.10
N PHE L 1646 97.11 -97.75 20.09
CA PHE L 1646 97.52 -97.83 21.49
C PHE L 1646 97.80 -99.26 21.92
N HIS L 1647 97.09 -100.23 21.35
CA HIS L 1647 97.32 -101.63 21.67
C HIS L 1647 98.70 -102.08 21.23
N LEU L 1648 99.18 -101.56 20.10
CA LEU L 1648 100.50 -101.91 19.59
C LEU L 1648 101.63 -101.24 20.36
N LYS L 1649 101.34 -100.13 21.04
CA LYS L 1649 102.39 -99.38 21.73
C LYS L 1649 103.04 -100.22 22.82
N ARG L 1650 102.25 -100.98 23.58
CA ARG L 1650 102.80 -101.80 24.65
C ARG L 1650 103.64 -102.95 24.13
N THR L 1651 103.55 -103.28 22.84
CA THR L 1651 104.34 -104.38 22.30
C THR L 1651 105.82 -104.02 22.26
N ALA L 1652 106.15 -102.73 22.21
CA ALA L 1652 107.54 -102.29 22.19
C ALA L 1652 108.14 -102.38 23.59
N MET L 1657 112.74 -103.38 21.20
CA MET L 1657 113.34 -104.71 21.12
C MET L 1657 112.79 -105.48 19.94
N ALA L 1658 111.46 -105.58 19.86
CA ALA L 1658 110.78 -106.33 18.80
C ALA L 1658 110.73 -105.46 17.54
N GLY L 1659 111.88 -105.39 16.86
CA GLY L 1659 111.97 -104.67 15.61
C GLY L 1659 112.41 -105.55 14.46
N SER L 1660 111.50 -105.81 13.53
CA SER L 1660 111.79 -106.65 12.37
C SER L 1660 110.87 -106.25 11.24
N VAL L 1661 111.10 -106.84 10.06
CA VAL L 1661 110.30 -106.51 8.89
C VAL L 1661 108.83 -106.77 9.12
N GLN L 1662 108.51 -107.82 9.88
CA GLN L 1662 107.11 -108.15 10.15
C GLN L 1662 106.44 -107.06 10.97
N PHE L 1663 107.19 -106.31 11.76
CA PHE L 1663 106.61 -105.30 12.63
C PHE L 1663 106.39 -103.99 11.89
N ARG L 1664 107.46 -103.42 11.34
CA ARG L 1664 107.35 -102.11 10.69
C ARG L 1664 106.38 -102.16 9.51
N GLN L 1665 106.45 -103.21 8.70
CA GLN L 1665 105.52 -103.36 7.58
C GLN L 1665 104.09 -103.47 8.05
N LEU L 1666 103.86 -103.91 9.29
CA LEU L 1666 102.51 -103.99 9.81
C LEU L 1666 101.97 -102.61 10.18
N GLN L 1667 102.78 -101.80 10.86
CA GLN L 1667 102.31 -100.52 11.34
C GLN L 1667 102.01 -99.55 10.21
N LEU L 1668 102.68 -99.70 9.06
CA LEU L 1668 102.40 -98.84 7.92
C LEU L 1668 100.97 -99.02 7.41
N PHE L 1669 100.35 -100.17 7.69
CA PHE L 1669 98.96 -100.36 7.31
C PHE L 1669 98.05 -99.41 8.07
N LYS L 1670 98.27 -99.28 9.39
CA LYS L 1670 97.44 -98.42 10.20
C LYS L 1670 97.52 -96.97 9.72
N HIS L 1671 98.74 -96.46 9.52
CA HIS L 1671 98.89 -95.11 9.00
C HIS L 1671 98.24 -94.97 7.62
N GLU L 1672 98.21 -96.04 6.85
CA GLU L 1672 97.57 -96.01 5.54
C GLU L 1672 96.05 -96.10 5.63
N MET L 1673 95.52 -96.75 6.66
CA MET L 1673 94.07 -96.84 6.83
C MET L 1673 93.52 -95.67 7.63
N GLN L 1674 94.29 -95.17 8.61
CA GLN L 1674 93.82 -94.06 9.42
C GLN L 1674 93.63 -92.80 8.58
N HIS L 1675 94.57 -92.53 7.69
CA HIS L 1675 94.51 -91.30 6.90
C HIS L 1675 93.23 -91.21 6.08
N PHE L 1676 92.68 -92.35 5.65
CA PHE L 1676 91.46 -92.32 4.86
C PHE L 1676 90.27 -91.92 5.73
N VAL L 1677 90.29 -92.31 7.01
CA VAL L 1677 89.21 -91.91 7.91
C VAL L 1677 89.38 -90.46 8.34
N LYS L 1678 90.61 -90.04 8.58
CA LYS L 1678 90.87 -88.67 8.99
C LYS L 1678 90.67 -87.66 7.87
N VAL L 1679 90.41 -88.09 6.64
CA VAL L 1679 90.11 -87.17 5.55
C VAL L 1679 88.62 -87.14 5.24
N ILE L 1680 87.95 -88.30 5.36
CA ILE L 1680 86.50 -88.29 5.19
C ILE L 1680 85.84 -87.57 6.34
N GLN L 1681 86.44 -87.62 7.53
CA GLN L 1681 85.92 -86.84 8.66
C GLN L 1681 86.16 -85.36 8.46
N GLY L 1682 87.35 -84.99 7.99
CA GLY L 1682 87.62 -83.60 7.70
C GLY L 1682 86.67 -83.01 6.67
N TYR L 1683 86.16 -83.85 5.76
CA TYR L 1683 85.13 -83.39 4.86
C TYR L 1683 83.84 -83.08 5.60
N ILE L 1684 83.37 -84.02 6.42
CA ILE L 1684 82.14 -83.83 7.17
C ILE L 1684 82.25 -82.59 8.05
N ALA L 1685 83.41 -82.39 8.68
CA ALA L 1685 83.63 -81.23 9.52
C ALA L 1685 83.73 -79.94 8.74
N ASN L 1686 83.56 -79.98 7.43
CA ASN L 1686 83.57 -78.77 6.61
C ASN L 1686 82.22 -78.46 5.99
N GLN L 1687 81.43 -79.47 5.62
CA GLN L 1687 80.16 -79.25 4.96
C GLN L 1687 78.99 -79.14 5.92
N ILE L 1688 78.86 -80.11 6.84
CA ILE L 1688 77.65 -80.20 7.67
C ILE L 1688 77.73 -79.33 8.91
N LEU L 1689 78.88 -78.73 9.20
CA LEU L 1689 79.03 -77.94 10.42
C LEU L 1689 79.49 -76.51 10.20
N HIS L 1690 80.12 -76.18 9.08
CA HIS L 1690 80.68 -74.84 8.89
C HIS L 1690 80.06 -74.09 7.72
N VAL L 1691 80.04 -74.66 6.52
CA VAL L 1691 79.52 -73.91 5.39
C VAL L 1691 78.00 -73.93 5.37
N THR L 1692 77.39 -75.08 5.67
CA THR L 1692 75.94 -75.11 5.79
C THR L 1692 75.46 -74.33 7.00
N TRP L 1693 76.36 -74.01 7.93
CA TRP L 1693 76.02 -73.15 9.04
C TRP L 1693 76.29 -71.68 8.75
N CYS L 1694 77.17 -71.37 7.79
CA CYS L 1694 77.30 -70.00 7.33
C CYS L 1694 75.97 -69.50 6.77
N GLU L 1695 75.41 -70.23 5.82
CA GLU L 1695 74.00 -70.06 5.51
C GLU L 1695 73.17 -70.43 6.73
N PHE L 1696 71.95 -69.90 6.78
CA PHE L 1696 71.00 -70.07 7.88
C PHE L 1696 71.45 -69.35 9.15
N ARG L 1697 72.63 -68.73 9.16
CA ARG L 1697 73.02 -67.84 10.24
C ARG L 1697 73.10 -66.40 9.78
N ALA L 1698 73.70 -66.15 8.62
CA ALA L 1698 73.59 -64.87 7.94
C ALA L 1698 72.38 -64.81 7.02
N ARG L 1699 71.54 -65.85 7.03
CA ARG L 1699 70.33 -65.90 6.23
C ARG L 1699 69.12 -65.36 6.98
N LEU L 1700 68.99 -65.71 8.26
CA LEU L 1700 67.86 -65.24 9.06
C LEU L 1700 67.85 -63.72 9.15
N ALA L 1701 68.90 -63.15 9.73
CA ALA L 1701 68.99 -61.70 9.89
C ALA L 1701 69.27 -61.03 8.54
N LEU L 1706 56.95 -64.86 9.56
CA LEU L 1706 57.07 -66.02 10.44
C LEU L 1706 57.09 -67.31 9.64
N GLU L 1707 56.45 -67.28 8.47
CA GLU L 1707 56.44 -68.45 7.61
C GLU L 1707 57.84 -68.80 7.12
N GLU L 1708 58.69 -67.79 6.93
CA GLU L 1708 60.04 -68.03 6.42
C GLU L 1708 60.86 -68.90 7.38
N ILE L 1709 60.64 -68.75 8.69
CA ILE L 1709 61.42 -69.51 9.66
C ILE L 1709 61.20 -71.01 9.45
N GLN L 1710 60.00 -71.41 9.06
CA GLN L 1710 59.73 -72.81 8.78
C GLN L 1710 60.52 -73.29 7.57
N ARG L 1711 60.53 -72.50 6.50
CA ARG L 1711 61.21 -72.91 5.28
C ARG L 1711 62.71 -72.78 5.39
N ALA L 1712 63.19 -71.70 6.00
CA ALA L 1712 64.63 -71.53 6.19
C ALA L 1712 65.22 -72.67 6.99
N HIS L 1713 64.52 -73.08 8.06
CA HIS L 1713 64.98 -74.25 8.81
C HIS L 1713 64.87 -75.51 7.98
N ALA L 1714 63.79 -75.66 7.22
CA ALA L 1714 63.65 -76.82 6.34
C ALA L 1714 64.69 -76.84 5.24
N GLU L 1715 65.37 -75.71 5.00
CA GLU L 1715 66.44 -75.67 4.03
C GLU L 1715 67.82 -75.82 4.65
N TYR L 1716 67.96 -75.48 5.93
CA TYR L 1716 69.25 -75.65 6.60
C TYR L 1716 69.55 -77.14 6.78
N LEU L 1717 68.66 -77.86 7.45
CA LEU L 1717 68.88 -79.29 7.67
C LEU L 1717 68.95 -80.05 6.35
N HIS L 1718 68.07 -79.71 5.40
CA HIS L 1718 68.03 -80.45 4.15
C HIS L 1718 69.35 -80.35 3.39
N LYS L 1719 70.05 -79.23 3.51
CA LYS L 1719 71.40 -79.16 2.95
C LYS L 1719 72.38 -79.97 3.78
N ALA L 1720 72.11 -80.15 5.07
CA ALA L 1720 73.01 -80.93 5.91
C ALA L 1720 72.90 -82.42 5.61
N VAL L 1721 71.71 -82.89 5.22
CA VAL L 1721 71.57 -84.29 4.83
C VAL L 1721 71.92 -84.49 3.37
N PHE L 1722 71.98 -83.42 2.57
CA PHE L 1722 72.36 -83.54 1.17
C PHE L 1722 73.88 -83.60 1.02
N ARG L 1723 74.59 -82.66 1.63
CA ARG L 1723 76.04 -82.69 1.64
C ARG L 1723 76.60 -83.83 2.48
N GLY L 1724 75.75 -84.55 3.21
CA GLY L 1724 76.18 -85.60 4.10
C GLY L 1724 76.20 -86.99 3.51
N LEU L 1725 75.98 -87.13 2.19
CA LEU L 1725 76.00 -88.42 1.52
C LEU L 1725 74.98 -89.40 2.10
N LEU L 1726 73.90 -88.87 2.68
CA LEU L 1726 72.79 -89.68 3.16
C LEU L 1726 71.62 -89.72 2.18
N THR L 1727 71.64 -88.88 1.16
CA THR L 1727 70.56 -88.86 0.19
C THR L 1727 70.60 -90.12 -0.67
N GLU L 1728 69.42 -90.64 -1.00
CA GLU L 1728 69.33 -91.85 -1.81
C GLU L 1728 69.87 -91.66 -3.22
N LYS L 1729 69.96 -90.42 -3.70
CA LYS L 1729 70.50 -90.18 -5.03
C LYS L 1729 71.95 -90.64 -5.13
N ALA L 1730 72.79 -90.18 -4.20
CA ALA L 1730 74.19 -90.61 -4.14
C ALA L 1730 74.40 -91.78 -3.19
N ALA L 1731 73.38 -92.61 -3.00
CA ALA L 1731 73.50 -93.73 -2.08
C ALA L 1731 74.62 -94.71 -2.44
N PRO L 1732 74.84 -95.09 -3.71
CA PRO L 1732 75.96 -96.01 -3.99
C PRO L 1732 77.29 -95.52 -3.47
N VAL L 1733 77.50 -94.22 -3.38
CA VAL L 1733 78.72 -93.71 -2.76
C VAL L 1733 78.77 -94.09 -1.28
N MET L 1734 77.61 -94.15 -0.63
CA MET L 1734 77.57 -94.50 0.79
C MET L 1734 77.74 -96.00 1.00
N ASN L 1735 77.20 -96.82 0.08
CA ASN L 1735 77.30 -98.27 0.24
C ASN L 1735 78.75 -98.72 0.28
N VAL L 1736 79.62 -98.08 -0.49
CA VAL L 1736 81.02 -98.45 -0.51
C VAL L 1736 81.72 -98.11 0.81
N ILE L 1737 81.22 -97.13 1.54
CA ILE L 1737 81.87 -96.72 2.79
C ILE L 1737 81.83 -97.85 3.79
N HIS L 1738 80.76 -98.64 3.79
CA HIS L 1738 80.66 -99.74 4.74
C HIS L 1738 81.74 -100.78 4.52
N SER L 1739 82.05 -101.08 3.26
CA SER L 1739 83.14 -102.01 2.97
C SER L 1739 84.45 -101.52 3.56
N ILE L 1740 84.67 -100.21 3.57
CA ILE L 1740 85.88 -99.66 4.20
C ILE L 1740 85.79 -99.79 5.71
N PHE L 1741 84.68 -99.33 6.29
CA PHE L 1741 84.55 -99.35 7.75
C PHE L 1741 84.58 -100.78 8.29
N SER L 1742 84.03 -101.74 7.54
CA SER L 1742 84.03 -103.11 8.01
C SER L 1742 85.44 -103.67 8.12
N LEU L 1743 86.27 -103.44 7.10
CA LEU L 1743 87.61 -104.00 7.10
C LEU L 1743 88.47 -103.43 8.22
N VAL L 1744 88.23 -102.18 8.61
CA VAL L 1744 88.99 -101.63 9.73
C VAL L 1744 88.59 -102.31 11.03
N LEU L 1745 87.31 -102.67 11.16
CA LEU L 1745 86.88 -103.39 12.36
C LEU L 1745 87.53 -104.76 12.44
N LYS L 1746 87.57 -105.49 11.33
CA LYS L 1746 88.29 -106.76 11.30
C LYS L 1746 89.76 -106.56 11.65
N PHE L 1747 90.35 -105.45 11.18
CA PHE L 1747 91.74 -105.14 11.53
C PHE L 1747 91.89 -104.95 13.03
N ARG L 1748 90.83 -104.54 13.72
CA ARG L 1748 90.90 -104.38 15.17
C ARG L 1748 90.81 -105.72 15.89
N SER L 1749 90.12 -106.70 15.29
CA SER L 1749 90.01 -108.01 15.91
C SER L 1749 91.37 -108.65 16.11
N GLN L 1750 92.18 -108.69 15.05
CA GLN L 1750 93.53 -109.23 15.11
C GLN L 1750 94.45 -108.19 15.76
N LEU L 1751 94.31 -108.06 17.08
CA LEU L 1751 95.09 -107.09 17.84
C LEU L 1751 96.58 -107.41 17.80
N HIS L 1767 103.42 -112.09 15.68
CA HIS L 1767 102.81 -112.31 14.37
C HIS L 1767 102.35 -113.75 14.21
N PRO L 1768 101.29 -114.13 14.92
CA PRO L 1768 100.76 -115.50 14.78
C PRO L 1768 99.86 -115.64 13.57
N ASN L 1769 99.22 -114.54 13.17
CA ASN L 1769 98.30 -114.53 12.03
C ASN L 1769 98.53 -113.29 11.19
N PHE L 1770 99.80 -112.98 10.89
CA PHE L 1770 100.12 -111.80 10.10
C PHE L 1770 99.50 -111.88 8.71
N ALA L 1771 99.70 -113.00 8.02
CA ALA L 1771 99.21 -113.14 6.65
C ALA L 1771 97.69 -112.99 6.59
N LEU L 1772 96.98 -113.44 7.62
CA LEU L 1772 95.54 -113.24 7.67
C LEU L 1772 95.19 -111.76 7.65
N MET L 1773 96.07 -110.91 8.20
CA MET L 1773 95.87 -109.48 8.16
C MET L 1773 96.40 -108.85 6.87
N GLN L 1774 97.45 -109.44 6.29
CA GLN L 1774 98.01 -108.89 5.06
C GLN L 1774 96.99 -108.97 3.92
N GLN L 1775 96.20 -110.05 3.89
CA GLN L 1775 95.13 -110.15 2.89
C GLN L 1775 94.06 -109.10 3.14
N SER L 1776 93.78 -108.79 4.40
CA SER L 1776 92.76 -107.80 4.72
C SER L 1776 93.13 -106.43 4.19
N TYR L 1777 94.38 -106.01 4.41
CA TYR L 1777 94.80 -104.70 3.94
C TYR L 1777 94.75 -104.60 2.43
N ASN L 1778 95.13 -105.68 1.73
CA ASN L 1778 95.07 -105.65 0.28
C ASN L 1778 93.64 -105.50 -0.23
N THR L 1779 92.66 -106.04 0.50
CA THR L 1779 91.28 -105.78 0.16
C THR L 1779 90.91 -104.32 0.41
N PHE L 1780 91.55 -103.69 1.40
CA PHE L 1780 91.28 -102.29 1.68
C PHE L 1780 91.81 -101.39 0.57
N LYS L 1781 93.03 -101.67 0.07
CA LYS L 1781 93.60 -100.84 -0.98
C LYS L 1781 92.83 -100.99 -2.28
N TYR L 1782 92.15 -102.12 -2.49
CA TYR L 1782 91.36 -102.28 -3.71
C TYR L 1782 90.08 -101.48 -3.64
N TYR L 1783 89.35 -101.58 -2.53
CA TYR L 1783 88.08 -100.87 -2.40
C TYR L 1783 88.29 -99.36 -2.45
N SER L 1784 89.32 -98.86 -1.77
CA SER L 1784 89.62 -97.44 -1.84
C SER L 1784 89.93 -97.01 -3.27
N HIS L 1785 90.68 -97.85 -3.99
CA HIS L 1785 90.98 -97.56 -5.39
C HIS L 1785 89.73 -97.64 -6.26
N PHE L 1786 88.70 -98.34 -5.81
CA PHE L 1786 87.44 -98.40 -6.54
C PHE L 1786 86.57 -97.19 -6.25
N LEU L 1787 86.68 -96.62 -5.05
CA LEU L 1787 85.89 -95.44 -4.71
C LEU L 1787 86.26 -94.26 -5.60
N PHE L 1788 87.56 -94.08 -5.86
CA PHE L 1788 88.01 -92.96 -6.66
C PHE L 1788 87.45 -92.99 -8.08
N LYS L 1789 87.07 -94.17 -8.57
CA LYS L 1789 86.47 -94.27 -9.90
C LYS L 1789 84.98 -94.06 -9.88
N VAL L 1790 84.28 -94.54 -8.85
CA VAL L 1790 82.82 -94.41 -8.82
C VAL L 1790 82.42 -92.97 -8.53
N VAL L 1791 83.25 -92.22 -7.80
CA VAL L 1791 82.94 -90.82 -7.57
C VAL L 1791 83.23 -90.00 -8.82
N THR L 1792 84.29 -90.34 -9.55
CA THR L 1792 84.61 -89.60 -10.77
C THR L 1792 83.53 -89.78 -11.82
N LYS L 1793 83.05 -91.02 -12.01
CA LYS L 1793 81.99 -91.26 -12.96
C LYS L 1793 80.70 -90.54 -12.59
N LEU L 1794 80.52 -90.20 -11.32
CA LEU L 1794 79.34 -89.49 -10.84
C LEU L 1794 79.53 -87.98 -10.82
N VAL L 1795 80.43 -87.44 -11.65
CA VAL L 1795 80.63 -86.01 -11.72
C VAL L 1795 79.88 -85.47 -12.94
N ASN L 1796 79.81 -86.29 -13.99
CA ASN L 1796 79.14 -85.85 -15.21
C ASN L 1796 77.65 -85.63 -14.98
N ARG L 1797 77.01 -86.51 -14.21
CA ARG L 1797 75.60 -86.39 -13.91
C ARG L 1797 75.30 -85.14 -13.10
N GLN L 1800 76.00 -82.03 -9.35
CA GLN L 1800 76.24 -82.10 -7.93
C GLN L 1800 77.57 -81.48 -7.53
N PRO L 1801 77.59 -80.16 -7.33
CA PRO L 1801 78.83 -79.49 -6.92
C PRO L 1801 79.27 -79.86 -5.52
N HIS L 1802 78.41 -80.46 -4.70
CA HIS L 1802 78.82 -80.85 -3.36
C HIS L 1802 79.86 -81.97 -3.41
N LEU L 1803 79.65 -82.95 -4.28
CA LEU L 1803 80.58 -84.07 -4.39
C LEU L 1803 81.91 -83.64 -5.00
N GLU L 1804 81.94 -82.48 -5.66
CA GLU L 1804 83.17 -82.02 -6.30
C GLU L 1804 84.31 -81.92 -5.30
N ASP L 1805 84.02 -81.42 -4.10
CA ASP L 1805 85.08 -81.26 -3.12
C ASP L 1805 85.56 -82.59 -2.55
N PHE L 1806 84.80 -83.66 -2.75
CA PHE L 1806 85.22 -84.96 -2.21
C PHE L 1806 86.44 -85.50 -2.97
N LEU L 1807 86.40 -85.46 -4.29
CA LEU L 1807 87.52 -85.98 -5.08
C LEU L 1807 88.80 -85.22 -4.77
N LEU L 1808 88.69 -83.91 -4.54
CA LEU L 1808 89.86 -83.13 -4.13
C LEU L 1808 90.35 -83.53 -2.75
N ARG L 1809 89.48 -84.11 -1.92
CA ARG L 1809 89.88 -84.59 -0.61
C ARG L 1809 90.49 -85.99 -0.69
N ILE L 1810 89.80 -86.92 -1.34
CA ILE L 1810 90.29 -88.30 -1.38
C ILE L 1810 91.54 -88.42 -2.25
N ASN L 1811 91.65 -87.60 -3.29
CA ASN L 1811 92.79 -87.65 -4.20
C ASN L 1811 93.61 -86.38 -4.04
N PHE L 1812 94.91 -86.55 -3.80
CA PHE L 1812 95.82 -85.41 -3.76
C PHE L 1812 97.22 -85.95 -4.01
N ASN L 1813 97.76 -85.68 -5.20
CA ASN L 1813 99.04 -86.24 -5.65
C ASN L 1813 98.98 -87.77 -5.72
N ASN L 1814 98.00 -88.28 -6.46
CA ASN L 1814 97.85 -89.72 -6.70
C ASN L 1814 96.83 -89.90 -7.82
N TYR L 1815 96.42 -91.14 -8.05
CA TYR L 1815 95.38 -91.44 -9.03
C TYR L 1815 94.50 -92.59 -8.55
N LEU M 232 -18.29 -46.81 15.85
CA LEU M 232 -18.77 -47.41 14.62
C LEU M 232 -17.89 -47.03 13.43
N PRO M 233 -16.70 -47.63 13.35
CA PRO M 233 -15.79 -47.27 12.25
C PRO M 233 -16.22 -47.80 10.90
N GLY M 234 -17.22 -48.67 10.84
CA GLY M 234 -17.69 -49.16 9.56
C GLY M 234 -18.44 -48.09 8.77
N THR M 235 -19.30 -47.32 9.45
CA THR M 235 -20.05 -46.25 8.82
C THR M 235 -19.30 -44.93 8.82
N LEU M 236 -17.98 -44.96 8.89
CA LEU M 236 -17.12 -43.81 9.02
C LEU M 236 -16.18 -43.72 7.82
N PRO M 237 -15.83 -42.52 7.36
CA PRO M 237 -14.98 -42.40 6.16
C PRO M 237 -13.63 -43.07 6.34
N LEU M 238 -12.93 -43.22 5.21
CA LEU M 238 -11.68 -43.97 5.18
C LEU M 238 -10.50 -43.14 5.68
N ALA M 239 -10.23 -42.00 5.01
CA ALA M 239 -9.05 -41.23 5.33
C ALA M 239 -9.08 -40.63 6.73
N SER M 240 -10.25 -40.57 7.36
CA SER M 240 -10.38 -39.99 8.69
C SER M 240 -10.32 -41.02 9.80
N GLN M 241 -10.87 -42.21 9.60
CA GLN M 241 -10.83 -43.23 10.63
C GLN M 241 -9.41 -43.67 10.94
N GLU M 242 -8.49 -43.52 10.00
CA GLU M 242 -7.09 -43.80 10.28
C GLU M 242 -6.54 -42.88 11.36
N SER M 243 -7.00 -41.64 11.41
CA SER M 243 -6.58 -40.74 12.48
C SER M 243 -7.20 -41.10 13.81
N ALA M 244 -8.25 -41.93 13.81
CA ALA M 244 -8.82 -42.39 15.07
C ALA M 244 -8.07 -43.60 15.61
N VAL M 245 -7.57 -44.47 14.72
CA VAL M 245 -6.79 -45.61 15.17
C VAL M 245 -5.43 -45.17 15.69
N VAL M 246 -4.83 -44.15 15.07
CA VAL M 246 -3.50 -43.72 15.49
C VAL M 246 -3.54 -43.08 16.86
N GLU M 247 -4.69 -42.55 17.29
CA GLU M 247 -4.78 -42.07 18.66
C GLU M 247 -5.12 -43.19 19.62
N ASP M 248 -5.89 -44.18 19.16
CA ASP M 248 -6.12 -45.38 19.96
C ASP M 248 -4.84 -46.17 20.13
N LEU M 249 -4.17 -46.45 19.03
CA LEU M 249 -2.90 -47.17 19.04
C LEU M 249 -1.82 -46.43 19.79
N LEU M 250 -2.01 -45.16 20.11
CA LEU M 250 -1.03 -44.40 20.85
C LEU M 250 -1.18 -44.57 22.36
N TYR M 251 -2.27 -45.17 22.82
CA TYR M 251 -2.40 -45.59 24.21
C TYR M 251 -1.84 -46.99 24.43
N VAL M 252 -2.19 -47.92 23.55
CA VAL M 252 -1.80 -49.31 23.75
C VAL M 252 -0.29 -49.46 23.85
N LEU M 253 0.47 -48.55 23.24
CA LEU M 253 1.91 -48.59 23.42
C LEU M 253 2.34 -48.25 24.84
N VAL M 254 1.41 -47.83 25.70
CA VAL M 254 1.73 -47.43 27.06
C VAL M 254 1.30 -48.54 28.02
N GLY M 255 0.26 -49.27 27.66
CA GLY M 255 -0.24 -50.34 28.49
C GLY M 255 -1.72 -50.24 28.72
N VAL M 256 -2.20 -49.01 28.91
CA VAL M 256 -3.63 -48.80 29.11
C VAL M 256 -4.40 -49.23 27.88
N ASP M 257 -5.55 -49.88 28.10
CA ASP M 257 -6.37 -50.35 27.00
C ASP M 257 -6.83 -49.17 26.13
N GLY M 258 -7.46 -49.50 25.02
CA GLY M 258 -7.92 -48.48 24.12
C GLY M 258 -9.38 -48.61 23.74
N ARG M 259 -9.83 -47.76 22.81
CA ARG M 259 -11.23 -47.79 22.41
C ARG M 259 -11.50 -48.91 21.42
N TYR M 260 -10.71 -49.01 20.36
CA TYR M 260 -10.86 -50.05 19.36
C TYR M 260 -9.84 -51.18 19.52
N VAL M 261 -8.57 -50.84 19.62
CA VAL M 261 -7.53 -51.85 19.79
C VAL M 261 -7.49 -52.27 21.25
N SER M 262 -8.26 -53.31 21.58
CA SER M 262 -8.37 -53.76 22.97
C SER M 262 -7.40 -54.91 23.23
N ALA M 263 -7.29 -55.26 24.51
CA ALA M 263 -6.46 -56.37 24.95
C ALA M 263 -7.33 -57.53 25.40
N GLN M 264 -6.76 -58.73 25.35
CA GLN M 264 -7.45 -59.92 25.78
C GLN M 264 -6.75 -60.55 26.97
N PRO M 265 -7.47 -61.24 27.85
CA PRO M 265 -6.83 -61.83 29.02
C PRO M 265 -5.74 -62.82 28.62
N LEU M 266 -4.68 -62.85 29.41
CA LEU M 266 -3.50 -63.64 29.10
C LEU M 266 -3.82 -65.12 29.15
N SER M 271 3.21 -62.66 25.28
CA SER M 271 2.21 -63.67 24.93
C SER M 271 0.82 -63.05 24.93
N ARG M 272 0.76 -61.75 25.15
CA ARG M 272 -0.51 -61.02 25.12
C ARG M 272 -1.04 -60.99 23.70
N THR M 273 -2.30 -61.37 23.53
CA THR M 273 -2.94 -61.35 22.22
C THR M 273 -4.04 -60.29 22.21
N PHE M 274 -4.06 -59.49 21.15
CA PHE M 274 -4.98 -58.37 21.02
C PHE M 274 -6.07 -58.68 20.00
N LEU M 275 -7.10 -57.84 19.99
CA LEU M 275 -8.11 -57.86 18.94
C LEU M 275 -8.35 -56.42 18.51
N VAL M 276 -8.59 -56.21 17.22
CA VAL M 276 -8.70 -54.85 16.72
C VAL M 276 -10.16 -54.46 16.46
N ASP M 277 -10.82 -55.14 15.53
CA ASP M 277 -12.23 -54.97 15.20
C ASP M 277 -12.62 -55.91 14.07
N PRO M 278 -13.87 -56.34 14.00
CA PRO M 278 -14.30 -57.18 12.89
C PRO M 278 -14.46 -56.41 11.59
N ASN M 279 -15.01 -55.21 11.66
CA ASN M 279 -15.33 -54.42 10.47
C ASN M 279 -14.40 -53.19 10.42
N LEU M 280 -13.23 -53.40 9.83
CA LEU M 280 -12.26 -52.33 9.60
C LEU M 280 -11.65 -52.58 8.24
N ASP M 281 -11.00 -51.55 7.69
CA ASP M 281 -10.44 -51.68 6.35
C ASP M 281 -9.28 -52.68 6.33
N LEU M 282 -9.23 -53.50 5.29
CA LEU M 282 -8.21 -54.52 5.19
C LEU M 282 -6.81 -53.93 5.14
N SER M 283 -6.66 -52.78 4.48
CA SER M 283 -5.35 -52.15 4.36
C SER M 283 -4.99 -51.34 5.59
N ILE M 284 -5.71 -51.50 6.70
CA ILE M 284 -5.34 -50.91 7.97
C ILE M 284 -4.96 -51.98 8.99
N ARG M 285 -5.83 -52.97 9.20
CA ARG M 285 -5.57 -54.01 10.19
C ARG M 285 -4.28 -54.74 9.88
N GLU M 286 -4.05 -55.07 8.61
CA GLU M 286 -2.80 -55.71 8.24
C GLU M 286 -1.61 -54.79 8.49
N LEU M 287 -1.85 -53.49 8.64
CA LEU M 287 -0.78 -52.58 9.04
C LEU M 287 -0.74 -52.36 10.54
N VAL M 288 -1.90 -52.36 11.20
CA VAL M 288 -1.91 -52.21 12.66
C VAL M 288 -1.22 -53.40 13.31
N HIS M 289 -1.58 -54.61 12.89
CA HIS M 289 -1.01 -55.82 13.46
C HIS M 289 0.50 -55.91 13.30
N ARG M 290 1.11 -55.00 12.55
CA ARG M 290 2.55 -54.95 12.46
C ARG M 290 3.18 -54.13 13.57
N ILE M 291 2.41 -53.26 14.23
CA ILE M 291 2.94 -52.42 15.28
C ILE M 291 2.78 -53.06 16.66
N LEU M 292 1.64 -53.72 16.88
CA LEU M 292 1.28 -54.33 18.15
C LEU M 292 2.37 -55.24 18.75
N PRO M 293 3.21 -55.90 17.95
CA PRO M 293 4.34 -56.61 18.56
C PRO M 293 5.31 -55.73 19.34
N VAL M 294 5.05 -54.43 19.43
CA VAL M 294 5.73 -53.60 20.42
C VAL M 294 4.88 -53.38 21.65
N ALA M 295 3.58 -53.65 21.59
CA ALA M 295 2.77 -53.63 22.80
C ALA M 295 2.92 -54.94 23.57
N ALA M 296 2.86 -56.06 22.87
CA ALA M 296 3.01 -57.35 23.54
C ALA M 296 4.40 -57.50 24.14
N SER M 297 5.43 -57.00 23.47
CA SER M 297 6.77 -57.00 24.03
C SER M 297 6.94 -55.94 25.10
N TYR M 298 5.89 -55.23 25.46
CA TYR M 298 5.89 -54.33 26.61
C TYR M 298 4.97 -54.78 27.72
N SER M 299 3.88 -55.45 27.40
CA SER M 299 3.08 -56.09 28.42
C SER M 299 3.71 -57.35 28.92
N ALA M 300 4.97 -57.59 28.58
CA ALA M 300 5.71 -58.72 29.10
C ALA M 300 7.08 -58.33 29.65
N VAL M 301 7.43 -57.05 29.62
CA VAL M 301 8.61 -56.55 30.29
C VAL M 301 8.26 -55.79 31.56
N THR M 302 7.16 -55.02 31.53
CA THR M 302 6.70 -54.36 32.74
C THR M 302 6.11 -55.36 33.73
N ARG M 303 5.80 -56.57 33.28
CA ARG M 303 5.42 -57.65 34.19
C ARG M 303 6.64 -58.37 34.74
N PHE M 304 7.82 -58.09 34.19
CA PHE M 304 9.06 -58.60 34.73
C PHE M 304 9.68 -57.62 35.72
N ILE M 305 9.37 -56.33 35.58
CA ILE M 305 9.86 -55.34 36.54
C ILE M 305 9.03 -55.38 37.81
N GLU M 306 7.70 -55.38 37.67
CA GLU M 306 6.81 -55.37 38.87
C GLU M 306 6.80 -56.75 39.56
N GLU M 307 7.65 -57.67 39.13
CA GLU M 307 7.73 -58.99 39.75
C GLU M 307 9.12 -59.33 40.26
N LYS M 308 10.16 -59.18 39.45
CA LYS M 308 11.50 -59.61 39.82
C LYS M 308 12.19 -58.65 40.73
N SER M 309 11.49 -57.71 41.36
CA SER M 309 12.10 -56.81 42.32
C SER M 309 11.86 -57.25 43.75
N SER M 310 11.28 -58.43 43.96
CA SER M 310 11.05 -58.91 45.30
C SER M 310 12.37 -59.31 45.95
N PHE M 311 12.30 -59.62 47.25
CA PHE M 311 13.53 -59.95 48.05
C PHE M 311 13.86 -61.44 48.02
N GLU M 312 13.05 -62.27 47.35
CA GLU M 312 13.32 -63.69 47.29
C GLU M 312 14.19 -64.07 46.11
N TYR M 313 14.90 -63.12 45.48
CA TYR M 313 15.61 -63.40 44.25
C TYR M 313 17.07 -63.00 44.23
N GLY M 314 17.55 -62.24 45.21
CA GLY M 314 19.00 -61.93 45.21
C GLY M 314 19.36 -60.68 44.41
N GLN M 315 20.24 -59.85 45.00
CA GLN M 315 20.71 -58.54 44.48
C GLN M 315 20.90 -58.49 42.95
N VAL M 316 21.07 -59.61 42.25
CA VAL M 316 21.30 -59.47 40.82
C VAL M 316 19.99 -59.39 40.05
N ASN M 317 19.06 -60.30 40.32
CA ASN M 317 17.72 -60.12 39.76
C ASN M 317 17.03 -58.85 40.24
N HIS M 318 17.72 -58.10 41.10
CA HIS M 318 17.20 -56.81 41.63
C HIS M 318 17.78 -55.66 40.80
N ALA M 319 19.07 -55.79 40.44
CA ALA M 319 19.75 -54.77 39.61
C ALA M 319 19.25 -54.91 38.17
N LEU M 320 19.24 -56.14 37.65
CA LEU M 320 18.76 -56.42 36.31
C LEU M 320 17.34 -55.92 36.11
N ALA M 321 16.56 -55.78 37.17
CA ALA M 321 15.22 -55.23 37.05
C ALA M 321 15.16 -53.74 37.27
N ALA M 322 16.27 -53.15 37.74
CA ALA M 322 16.37 -51.69 37.94
C ALA M 322 16.84 -51.06 36.62
N ALA M 323 17.97 -51.55 36.10
CA ALA M 323 18.52 -51.10 34.82
C ALA M 323 17.62 -51.46 33.65
N MET M 324 16.66 -52.36 33.84
CA MET M 324 15.63 -52.63 32.86
C MET M 324 14.39 -51.78 33.11
N ARG M 325 14.44 -50.88 34.08
CA ARG M 325 13.36 -49.94 34.34
C ARG M 325 13.67 -48.53 33.87
N THR M 326 14.96 -48.16 33.81
CA THR M 326 15.33 -46.91 33.19
C THR M 326 14.92 -46.88 31.72
N LEU M 327 14.95 -48.03 31.04
CA LEU M 327 14.56 -48.05 29.63
C LEU M 327 13.07 -47.82 29.46
N VAL M 328 12.25 -48.46 30.30
CA VAL M 328 10.80 -48.29 30.16
C VAL M 328 10.42 -46.84 30.34
N LYS M 329 11.18 -46.09 31.14
CA LYS M 329 10.94 -44.65 31.24
C LYS M 329 11.23 -43.97 29.91
N GLU M 330 12.35 -44.31 29.28
CA GLU M 330 12.68 -43.73 27.99
C GLU M 330 11.73 -44.16 26.89
N HIS M 331 10.88 -45.15 27.14
CA HIS M 331 9.80 -45.48 26.23
C HIS M 331 8.52 -44.75 26.58
N LEU M 332 8.35 -44.35 27.83
CA LEU M 332 7.21 -43.53 28.21
C LEU M 332 7.36 -42.10 27.74
N ILE M 333 8.54 -41.70 27.29
CA ILE M 333 8.73 -40.39 26.71
C ILE M 333 8.53 -40.41 25.20
N LEU M 334 9.05 -41.45 24.53
CA LEU M 334 8.86 -41.59 23.11
C LEU M 334 7.39 -41.77 22.74
N VAL M 335 6.54 -42.11 23.70
CA VAL M 335 5.11 -42.05 23.45
C VAL M 335 4.52 -40.73 23.92
N SER M 336 5.25 -39.96 24.72
CA SER M 336 4.78 -38.62 25.06
C SER M 336 5.02 -37.63 23.93
N GLN M 337 6.18 -37.73 23.27
CA GLN M 337 6.47 -36.83 22.15
C GLN M 337 5.50 -37.07 21.01
N LEU M 338 4.95 -38.26 20.89
CA LEU M 338 4.00 -38.54 19.82
C LEU M 338 2.60 -38.09 20.18
N GLU M 339 2.22 -38.15 21.46
CA GLU M 339 0.89 -37.66 21.83
C GLU M 339 0.80 -36.15 21.73
N GLN M 340 1.94 -35.45 21.72
CA GLN M 340 1.94 -34.01 21.50
C GLN M 340 2.06 -33.67 20.03
N LEU M 341 2.86 -34.41 19.28
CA LEU M 341 2.98 -34.18 17.85
C LEU M 341 1.75 -34.64 17.09
N HIS M 342 0.88 -35.41 17.72
CA HIS M 342 -0.37 -35.82 17.07
C HIS M 342 -1.46 -34.79 17.19
N ARG M 343 -1.42 -33.93 18.21
CA ARG M 343 -2.45 -32.90 18.36
C ARG M 343 -2.51 -32.02 17.13
N GLN M 344 -1.37 -31.64 16.60
CA GLN M 344 -1.24 -30.78 15.44
C GLN M 344 -1.59 -31.48 14.14
N GLY M 345 -2.03 -32.73 14.19
CA GLY M 345 -2.40 -33.47 12.99
C GLY M 345 -1.26 -34.03 12.19
N LEU M 346 -0.02 -33.87 12.64
CA LEU M 346 1.15 -34.24 11.85
C LEU M 346 1.52 -35.72 11.97
N LEU M 347 0.64 -36.58 12.48
CA LEU M 347 1.00 -37.96 12.76
C LEU M 347 0.01 -38.89 12.06
N SER M 348 0.31 -39.22 10.81
CA SER M 348 -0.48 -40.20 10.10
C SER M 348 0.00 -41.60 10.45
N LEU M 349 -0.89 -42.58 10.28
CA LEU M 349 -0.57 -43.95 10.66
C LEU M 349 0.69 -44.42 9.97
N GLN M 350 0.84 -44.09 8.69
CA GLN M 350 2.06 -44.44 7.97
C GLN M 350 3.28 -43.77 8.58
N LYS M 351 3.09 -42.63 9.24
CA LYS M 351 4.20 -41.96 9.89
C LYS M 351 4.56 -42.63 11.20
N LEU M 352 3.61 -43.28 11.85
CA LEU M 352 3.90 -43.97 13.10
C LEU M 352 4.81 -45.16 12.86
N TRP M 353 4.50 -45.96 11.84
CA TRP M 353 5.25 -47.17 11.51
C TRP M 353 6.72 -46.91 11.23
N PHE M 354 7.13 -45.66 11.14
CA PHE M 354 8.53 -45.32 11.00
C PHE M 354 9.18 -44.90 12.30
N TYR M 355 8.47 -44.14 13.13
CA TYR M 355 9.10 -43.57 14.32
C TYR M 355 9.37 -44.64 15.38
N ILE M 356 8.51 -45.65 15.46
CA ILE M 356 8.66 -46.68 16.49
C ILE M 356 9.68 -47.74 16.13
N GLN M 357 10.30 -47.67 14.95
CA GLN M 357 11.23 -48.70 14.54
C GLN M 357 12.32 -48.98 15.56
N PRO M 358 12.96 -47.99 16.19
CA PRO M 358 13.93 -48.33 17.24
C PRO M 358 13.27 -48.85 18.50
N ALA M 359 12.10 -48.33 18.87
CA ALA M 359 11.43 -48.83 20.07
C ALA M 359 10.79 -50.19 19.87
N MET M 360 10.76 -50.70 18.64
CA MET M 360 10.32 -52.06 18.37
C MET M 360 11.46 -53.06 18.44
N ARG M 361 12.70 -52.59 18.31
CA ARG M 361 13.88 -53.44 18.40
C ARG M 361 14.46 -53.50 19.81
N THR M 362 14.37 -52.42 20.57
CA THR M 362 14.83 -52.46 21.95
C THR M 362 13.89 -53.28 22.81
N MET M 363 12.59 -53.02 22.71
CA MET M 363 11.63 -53.82 23.45
C MET M 363 11.54 -55.26 22.97
N ASP M 364 12.32 -55.64 21.96
CA ASP M 364 12.41 -57.03 21.55
C ASP M 364 13.67 -57.71 22.05
N ILE M 365 14.57 -56.98 22.69
CA ILE M 365 15.66 -57.60 23.43
C ILE M 365 15.28 -57.81 24.88
N LEU M 366 14.69 -56.79 25.51
CA LEU M 366 14.27 -56.94 26.90
C LEU M 366 13.16 -57.95 27.07
N ALA M 367 12.39 -58.23 26.03
CA ALA M 367 11.38 -59.27 26.09
C ALA M 367 11.93 -60.64 25.72
N SER M 368 13.24 -60.75 25.47
CA SER M 368 13.90 -62.03 25.29
C SER M 368 14.82 -62.41 26.43
N LEU M 369 15.33 -61.44 27.18
CA LEU M 369 16.02 -61.74 28.42
C LEU M 369 15.03 -62.04 29.53
N ALA M 370 13.92 -61.33 29.57
CA ALA M 370 12.88 -61.59 30.55
C ALA M 370 12.16 -62.91 30.33
N THR M 371 12.48 -63.58 29.21
CA THR M 371 11.86 -64.88 28.86
C THR M 371 12.77 -66.00 29.38
N SER M 372 14.08 -65.87 29.13
CA SER M 372 15.07 -66.89 29.58
C SER M 372 15.06 -66.96 31.11
N VAL M 373 15.01 -65.80 31.77
CA VAL M 373 15.00 -65.74 33.27
C VAL M 373 13.74 -66.40 33.80
N ASP M 374 12.58 -66.15 33.17
CA ASP M 374 11.32 -66.78 33.64
C ASP M 374 11.36 -68.30 33.39
N LYS M 375 11.77 -68.71 32.19
CA LYS M 375 11.80 -70.15 31.81
C LYS M 375 12.87 -70.92 32.62
N GLY M 376 14.06 -70.35 32.78
CA GLY M 376 15.13 -71.04 33.52
C GLY M 376 15.48 -70.30 34.80
N GLU M 377 15.32 -70.97 35.95
CA GLU M 377 15.56 -70.32 37.27
C GLU M 377 17.02 -69.87 37.41
N CYS M 378 17.28 -68.58 37.17
CA CYS M 378 18.60 -68.02 37.36
C CYS M 378 18.56 -66.97 38.46
N LEU M 379 19.47 -67.09 39.41
CA LEU M 379 19.66 -66.08 40.44
C LEU M 379 21.10 -66.15 40.91
N GLY M 380 21.74 -65.01 41.02
CA GLY M 380 23.13 -64.97 41.45
C GLY M 380 24.10 -64.97 40.27
N GLY M 381 24.77 -66.09 40.05
CA GLY M 381 25.78 -66.17 39.01
C GLY M 381 25.23 -66.60 37.67
N SER M 382 24.31 -67.57 37.66
CA SER M 382 23.79 -68.08 36.40
C SER M 382 22.97 -67.03 35.67
N THR M 383 22.43 -66.05 36.39
CA THR M 383 21.82 -64.88 35.77
C THR M 383 22.84 -63.80 35.46
N LEU M 384 24.12 -64.13 35.51
CA LEU M 384 25.18 -63.29 34.99
C LEU M 384 26.01 -64.00 33.94
N SER M 385 25.92 -65.32 33.87
CA SER M 385 26.45 -66.05 32.73
C SER M 385 25.61 -65.80 31.48
N LEU M 386 24.29 -65.74 31.65
CA LEU M 386 23.40 -65.52 30.53
C LEU M 386 23.63 -64.15 29.90
N LEU M 387 23.87 -63.14 30.71
CA LEU M 387 24.12 -61.80 30.22
C LEU M 387 25.54 -61.58 29.74
N HIS M 388 26.37 -62.62 29.72
CA HIS M 388 27.65 -62.57 29.06
C HIS M 388 27.68 -63.39 27.79
N ASP M 389 26.68 -64.24 27.56
CA ASP M 389 26.52 -64.97 26.31
C ASP M 389 25.50 -64.32 25.38
N ARG M 390 24.40 -63.79 25.92
CA ARG M 390 23.49 -63.00 25.12
C ARG M 390 24.12 -61.69 24.69
N SER M 391 25.30 -61.35 25.18
CA SER M 391 26.03 -60.18 24.73
C SER M 391 27.14 -60.51 23.76
N PHE M 392 27.52 -61.78 23.66
CA PHE M 392 28.50 -62.22 22.68
C PHE M 392 27.83 -62.71 21.40
N SER M 393 26.60 -63.20 21.49
CA SER M 393 25.86 -63.58 20.30
C SER M 393 25.58 -62.39 19.40
N TYR M 394 25.49 -61.20 19.97
CA TYR M 394 25.34 -59.97 19.20
C TYR M 394 26.70 -59.28 19.02
N THR M 395 27.65 -60.03 18.45
CA THR M 395 29.04 -59.52 18.26
C THR M 395 29.16 -58.80 16.90
N GLY M 396 28.03 -58.51 16.25
CA GLY M 396 28.05 -57.83 14.94
C GLY M 396 26.82 -56.97 14.70
N ASP M 397 26.06 -56.67 15.76
CA ASP M 397 24.86 -55.86 15.59
C ASP M 397 25.12 -54.40 15.94
N SER M 398 25.76 -54.16 17.08
CA SER M 398 26.21 -52.84 17.53
C SER M 398 25.05 -51.91 17.86
N GLN M 399 23.83 -52.36 17.65
CA GLN M 399 22.64 -51.67 18.14
C GLN M 399 21.91 -52.49 19.19
N ALA M 400 22.19 -53.78 19.27
CA ALA M 400 21.72 -54.63 20.34
C ALA M 400 22.87 -55.23 21.13
N GLN M 401 24.08 -54.74 20.93
CA GLN M 401 25.20 -55.06 21.80
C GLN M 401 25.58 -53.90 22.71
N GLU M 402 25.40 -52.66 22.26
CA GLU M 402 25.51 -51.53 23.17
C GLU M 402 24.41 -51.53 24.21
N LEU M 403 23.37 -52.35 24.02
CA LEU M 403 22.32 -52.49 25.01
C LEU M 403 22.66 -53.60 26.00
N CYS M 404 22.82 -54.83 25.52
CA CYS M 404 23.15 -55.94 26.40
C CYS M 404 24.48 -55.76 27.10
N LEU M 405 25.27 -54.77 26.72
CA LEU M 405 26.44 -54.38 27.49
C LEU M 405 26.12 -53.30 28.51
N TYR M 406 24.94 -52.70 28.45
CA TYR M 406 24.49 -51.81 29.51
C TYR M 406 23.79 -52.57 30.62
N LEU M 407 23.16 -53.69 30.29
CA LEU M 407 22.52 -54.50 31.32
C LEU M 407 23.56 -55.25 32.15
N THR M 408 24.51 -55.91 31.48
CA THR M 408 25.54 -56.66 32.20
C THR M 408 26.39 -55.74 33.06
N LYS M 409 26.75 -54.58 32.52
CA LYS M 409 27.54 -53.64 33.30
C LYS M 409 26.79 -53.07 34.49
N ALA M 410 25.47 -53.27 34.56
CA ALA M 410 24.67 -52.79 35.67
C ALA M 410 24.12 -53.90 36.54
N ALA M 411 23.94 -55.10 35.99
CA ALA M 411 23.48 -56.24 36.75
C ALA M 411 24.63 -57.06 37.33
N SER M 412 25.81 -56.47 37.46
CA SER M 412 26.95 -57.15 38.02
C SER M 412 27.69 -56.31 39.05
N ALA M 413 27.28 -55.06 39.29
CA ALA M 413 27.86 -54.31 40.38
C ALA M 413 27.56 -54.91 41.75
N PRO M 414 26.34 -55.36 42.06
CA PRO M 414 26.13 -55.95 43.38
C PRO M 414 26.89 -57.24 43.57
N TYR M 415 27.04 -58.05 42.52
CA TYR M 415 27.88 -59.23 42.62
C TYR M 415 29.33 -58.87 42.81
N PHE M 416 29.77 -57.78 42.21
CA PHE M 416 31.17 -57.37 42.32
C PHE M 416 31.46 -56.55 43.57
N GLU M 417 30.45 -56.21 44.36
CA GLU M 417 30.71 -55.50 45.60
C GLU M 417 30.89 -56.44 46.78
N VAL M 418 30.49 -57.69 46.64
CA VAL M 418 30.87 -58.70 47.63
C VAL M 418 32.20 -59.35 47.27
N LEU M 419 32.53 -59.40 45.98
CA LEU M 419 33.83 -59.91 45.57
C LEU M 419 34.96 -59.02 46.06
N GLU M 420 34.71 -57.72 46.15
CA GLU M 420 35.68 -56.79 46.73
C GLU M 420 35.75 -56.90 48.24
N LYS M 421 34.88 -57.70 48.86
CA LYS M 421 34.98 -58.01 50.28
C LYS M 421 35.59 -59.37 50.54
N TRP M 422 35.61 -60.25 49.54
CA TRP M 422 36.18 -61.58 49.69
C TRP M 422 37.63 -61.66 49.26
N ILE M 423 38.10 -60.75 48.43
CA ILE M 423 39.49 -60.75 47.99
C ILE M 423 40.34 -59.85 48.88
N TYR M 424 39.86 -58.65 49.16
CA TYR M 424 40.62 -57.73 50.00
C TYR M 424 40.41 -57.97 51.48
N ARG M 425 39.42 -58.78 51.85
CA ARG M 425 39.21 -59.19 53.23
C ARG M 425 38.60 -60.59 53.21
N GLY M 426 38.39 -61.16 54.38
CA GLY M 426 37.86 -62.50 54.45
C GLY M 426 36.37 -62.62 54.64
N ILE M 427 35.68 -61.50 54.86
CA ILE M 427 34.28 -61.53 55.21
C ILE M 427 33.43 -61.73 53.97
N ILE M 428 32.44 -62.63 54.08
CA ILE M 428 31.51 -62.93 53.00
C ILE M 428 30.11 -62.64 53.53
N HIS M 429 29.48 -61.59 53.01
CA HIS M 429 28.15 -61.22 53.50
C HIS M 429 27.07 -62.07 52.86
N ASP M 430 26.84 -61.89 51.56
CA ASP M 430 25.97 -62.70 50.71
C ASP M 430 24.73 -63.20 51.43
N PRO M 431 23.82 -62.32 51.85
CA PRO M 431 22.66 -62.79 52.63
C PRO M 431 21.88 -63.89 51.93
N TYR M 432 21.58 -63.65 50.64
CA TYR M 432 20.90 -64.65 49.78
C TYR M 432 21.99 -65.60 49.25
N SER M 433 21.74 -66.91 49.26
CA SER M 433 22.78 -67.85 48.85
C SER M 433 23.03 -67.76 47.36
N GLU M 434 23.87 -66.83 46.94
CA GLU M 434 24.14 -66.60 45.52
C GLU M 434 25.61 -66.48 45.16
N PHE M 435 26.48 -66.14 46.10
CA PHE M 435 27.89 -65.97 45.77
C PHE M 435 28.52 -67.32 45.39
N MET M 436 29.65 -67.25 44.71
CA MET M 436 30.30 -68.47 44.26
C MET M 436 30.90 -69.27 45.41
N VAL M 437 31.26 -68.60 46.51
CA VAL M 437 31.90 -69.23 47.65
C VAL M 437 30.97 -69.11 48.85
N GLU M 438 30.69 -70.25 49.49
CA GLU M 438 29.88 -70.27 50.70
C GLU M 438 30.69 -70.88 51.83
N GLU M 439 30.51 -70.35 53.03
CA GLU M 439 31.21 -70.84 54.20
C GLU M 439 30.41 -71.96 54.86
N HIS M 440 31.01 -72.56 55.88
CA HIS M 440 30.39 -73.67 56.60
C HIS M 440 30.70 -73.52 58.07
N GLU M 441 30.33 -74.53 58.85
CA GLU M 441 30.63 -74.56 60.28
C GLU M 441 31.13 -75.93 60.70
N TYR M 455 40.67 -80.30 57.99
CA TYR M 455 39.95 -79.49 58.97
C TYR M 455 39.51 -78.16 58.36
N TRP M 456 40.14 -77.76 57.27
CA TRP M 456 39.77 -76.54 56.58
C TRP M 456 39.43 -76.75 55.11
N ASP M 457 39.51 -77.98 54.61
CA ASP M 457 39.06 -78.23 53.25
C ASP M 457 37.55 -78.31 53.13
N GLN M 458 36.82 -78.19 54.25
CA GLN M 458 35.37 -78.21 54.23
C GLN M 458 34.75 -76.89 54.66
N ARG M 459 35.57 -75.93 55.11
CA ARG M 459 35.03 -74.66 55.57
C ARG M 459 34.44 -73.85 54.41
N TYR M 460 35.26 -73.49 53.44
CA TYR M 460 34.81 -72.76 52.27
C TYR M 460 34.89 -73.65 51.05
N THR M 461 33.78 -73.79 50.34
CA THR M 461 33.70 -74.67 49.18
C THR M 461 33.20 -73.89 47.98
N ILE M 462 33.85 -74.11 46.83
CA ILE M 462 33.40 -73.51 45.59
C ILE M 462 32.06 -74.10 45.19
N VAL M 463 31.07 -73.25 44.94
CA VAL M 463 29.79 -73.68 44.41
C VAL M 463 29.88 -73.67 42.89
N GLN M 464 29.41 -74.74 42.25
CA GLN M 464 29.63 -74.90 40.82
C GLN M 464 28.62 -74.13 40.00
N GLN M 465 27.36 -74.07 40.46
CA GLN M 465 26.33 -73.39 39.68
C GLN M 465 26.63 -71.91 39.53
N GLN M 466 26.90 -71.23 40.64
CA GLN M 466 27.02 -69.78 40.65
C GLN M 466 28.45 -69.35 40.31
N ILE M 467 28.88 -69.69 39.11
CA ILE M 467 30.13 -69.21 38.54
C ILE M 467 29.79 -68.41 37.29
N PRO M 468 30.23 -67.16 37.18
CA PRO M 468 29.75 -66.27 36.11
C PRO M 468 30.17 -66.68 34.70
N SER M 469 30.95 -67.74 34.53
CA SER M 469 31.38 -68.23 33.23
C SER M 469 32.26 -67.23 32.47
N PHE M 470 32.58 -66.10 33.09
CA PHE M 470 33.70 -65.30 32.65
C PHE M 470 34.76 -65.17 33.71
N LEU M 471 34.50 -65.65 34.92
CA LEU M 471 35.52 -65.88 35.94
C LEU M 471 35.90 -67.35 36.02
N GLN M 472 35.45 -68.16 35.06
CA GLN M 472 35.73 -69.58 35.09
C GLN M 472 37.23 -69.86 35.05
N LYS M 473 38.00 -69.00 34.37
CA LYS M 473 39.44 -69.20 34.31
C LYS M 473 40.08 -69.04 35.67
N MET M 474 39.58 -68.12 36.48
CA MET M 474 40.13 -67.84 37.81
C MET M 474 39.17 -68.25 38.91
N ALA M 475 38.42 -69.34 38.69
CA ALA M 475 37.52 -69.83 39.73
C ALA M 475 38.26 -70.40 40.93
N ASP M 476 39.56 -70.61 40.82
CA ASP M 476 40.36 -71.17 41.89
C ASP M 476 41.13 -70.11 42.67
N LYS M 477 41.73 -69.15 41.99
CA LYS M 477 42.48 -68.11 42.69
C LYS M 477 41.58 -67.23 43.53
N ILE M 478 40.29 -67.17 43.23
CA ILE M 478 39.37 -66.42 44.08
C ILE M 478 39.25 -67.09 45.44
N LEU M 479 38.91 -68.38 45.44
CA LEU M 479 38.77 -69.09 46.71
C LEU M 479 40.10 -69.20 47.44
N SER M 480 41.17 -69.47 46.72
CA SER M 480 42.49 -69.56 47.33
C SER M 480 43.00 -68.24 47.86
N THR M 481 42.32 -67.13 47.56
CA THR M 481 42.76 -65.83 48.04
C THR M 481 42.24 -65.53 49.43
N GLY M 482 40.92 -65.57 49.61
CA GLY M 482 40.35 -65.25 50.90
C GLY M 482 40.67 -66.26 51.97
N LYS M 483 40.77 -67.54 51.59
CA LYS M 483 41.10 -68.55 52.57
C LYS M 483 42.44 -68.28 53.23
N TYR M 484 43.39 -67.73 52.49
CA TYR M 484 44.65 -67.32 53.11
C TYR M 484 44.42 -66.16 54.07
N LEU M 485 43.45 -65.29 53.77
CA LEU M 485 43.19 -64.14 54.63
C LEU M 485 42.56 -64.53 55.95
N ASN M 486 41.94 -65.71 56.03
CA ASN M 486 41.24 -66.07 57.25
C ASN M 486 42.13 -66.80 58.25
N VAL M 487 43.14 -67.52 57.77
CA VAL M 487 44.02 -68.26 58.67
C VAL M 487 45.06 -67.31 59.24
N VAL M 488 44.99 -66.04 58.87
CA VAL M 488 45.82 -65.00 59.46
C VAL M 488 45.01 -64.02 60.28
N ARG M 489 43.77 -63.73 59.85
CA ARG M 489 42.95 -62.77 60.58
C ARG M 489 42.57 -63.30 61.95
N GLU M 490 42.15 -64.57 62.04
CA GLU M 490 41.73 -65.13 63.31
C GLU M 490 42.90 -65.38 64.26
N CYS M 491 44.13 -65.36 63.78
CA CYS M 491 45.31 -65.55 64.62
C CYS M 491 45.97 -64.24 65.02
N GLY M 492 46.15 -63.32 64.10
CA GLY M 492 46.76 -62.04 64.39
C GLY M 492 47.35 -61.35 63.19
N GLU M 502 39.39 -51.58 43.76
CA GLU M 502 38.10 -51.40 43.11
C GLU M 502 38.04 -52.13 41.77
N ILE M 503 36.95 -52.85 41.53
CA ILE M 503 36.81 -53.71 40.36
C ILE M 503 35.58 -53.29 39.57
N ILE M 504 35.74 -53.16 38.25
CA ILE M 504 34.66 -52.80 37.34
C ILE M 504 34.62 -53.79 36.20
N TYR M 505 33.47 -53.88 35.55
CA TYR M 505 33.27 -54.81 34.45
C TYR M 505 33.54 -54.12 33.12
N THR M 506 34.33 -54.76 32.26
CA THR M 506 34.54 -54.30 30.90
C THR M 506 34.58 -55.50 29.97
N LEU M 507 34.13 -55.30 28.74
CA LEU M 507 34.20 -56.33 27.71
C LEU M 507 35.33 -55.98 26.74
N LYS M 508 36.07 -57.02 26.33
CA LYS M 508 37.26 -56.90 25.49
C LYS M 508 38.42 -56.19 26.20
N GLU M 509 38.26 -55.87 27.48
CA GLU M 509 39.35 -55.39 28.31
C GLU M 509 39.29 -56.16 29.63
N ARG M 510 40.45 -56.61 30.09
CA ARG M 510 40.54 -57.45 31.28
C ARG M 510 41.01 -56.67 32.50
N ALA M 511 40.54 -55.43 32.65
CA ALA M 511 40.94 -54.59 33.76
C ALA M 511 40.57 -55.19 35.12
N TYR M 512 39.80 -56.28 35.15
CA TYR M 512 39.53 -56.98 36.39
C TYR M 512 40.32 -58.27 36.53
N VAL M 513 40.58 -58.97 35.42
CA VAL M 513 41.34 -60.22 35.50
C VAL M 513 42.73 -59.96 36.06
N GLU M 514 43.39 -58.90 35.60
CA GLU M 514 44.66 -58.52 36.18
C GLU M 514 44.51 -58.05 37.62
N GLN M 515 43.36 -57.47 37.96
CA GLN M 515 43.19 -56.91 39.29
C GLN M 515 43.10 -58.01 40.35
N ILE M 516 42.57 -59.17 39.99
CA ILE M 516 42.49 -60.28 40.95
C ILE M 516 43.89 -60.81 41.27
N GLU M 517 44.77 -60.87 40.27
CA GLU M 517 46.11 -61.37 40.50
C GLU M 517 46.93 -60.43 41.37
N LYS M 518 46.75 -59.12 41.21
CA LYS M 518 47.51 -58.17 42.03
C LYS M 518 47.14 -58.24 43.49
N ALA M 519 46.00 -58.87 43.82
CA ALA M 519 45.60 -59.10 45.20
C ALA M 519 45.92 -60.49 45.69
N PHE M 520 45.72 -61.52 44.85
CA PHE M 520 46.10 -62.86 45.23
C PHE M 520 47.60 -62.96 45.48
N ASN M 521 48.40 -62.23 44.71
CA ASN M 521 49.84 -62.24 44.90
C ASN M 521 50.26 -61.55 46.19
N TYR M 522 49.38 -60.72 46.77
CA TYR M 522 49.61 -60.22 48.12
C TYR M 522 48.90 -61.07 49.17
N ALA M 523 47.77 -61.67 48.82
CA ALA M 523 47.07 -62.54 49.76
C ALA M 523 47.95 -63.68 50.23
N SER M 524 48.84 -64.17 49.36
CA SER M 524 49.73 -65.25 49.73
C SER M 524 50.99 -64.75 50.43
N LYS M 525 51.56 -63.63 49.98
CA LYS M 525 52.81 -63.16 50.54
C LYS M 525 52.69 -62.79 52.01
N VAL M 526 51.48 -62.49 52.49
CA VAL M 526 51.32 -62.20 53.91
C VAL M 526 51.23 -63.49 54.72
N LEU M 527 50.63 -64.53 54.16
CA LEU M 527 50.49 -65.78 54.91
C LEU M 527 51.79 -66.58 54.91
N LEU M 528 52.42 -66.71 53.74
CA LEU M 528 53.67 -67.46 53.66
C LEU M 528 54.72 -66.86 54.59
N ASP M 529 54.86 -65.53 54.58
CA ASP M 529 55.80 -64.89 55.48
C ASP M 529 55.35 -65.01 56.93
N PHE M 530 54.04 -65.13 57.16
CA PHE M 530 53.54 -65.29 58.52
C PHE M 530 54.02 -66.60 59.13
N LEU M 531 54.32 -67.61 58.31
CA LEU M 531 54.72 -68.91 58.80
C LEU M 531 56.23 -69.09 58.91
N MET M 532 57.01 -68.23 58.28
CA MET M 532 58.46 -68.41 58.29
C MET M 532 59.14 -67.61 59.39
N GLU M 533 58.70 -66.38 59.64
CA GLU M 533 59.32 -65.55 60.67
C GLU M 533 58.66 -65.75 62.03
N GLU M 534 57.37 -65.46 62.12
CA GLU M 534 56.60 -65.78 63.32
C GLU M 534 56.14 -67.23 63.26
N LYS M 535 56.12 -67.89 64.42
CA LYS M 535 55.91 -69.34 64.52
C LYS M 535 56.61 -70.06 63.37
N GLU M 536 57.94 -69.89 63.35
CA GLU M 536 58.76 -70.32 62.23
C GLU M 536 58.54 -71.79 61.90
N LEU M 537 58.74 -72.12 60.64
CA LEU M 537 58.53 -73.48 60.13
C LEU M 537 59.81 -74.22 59.83
N VAL M 538 60.79 -73.56 59.20
CA VAL M 538 62.03 -74.26 58.88
C VAL M 538 62.80 -74.58 60.16
N ALA M 539 62.78 -73.67 61.13
CA ALA M 539 63.35 -73.96 62.44
C ALA M 539 62.43 -74.82 63.28
N HIS M 540 61.33 -75.28 62.72
CA HIS M 540 60.40 -76.19 63.38
C HIS M 540 60.44 -77.60 62.82
N LEU M 541 60.82 -77.72 61.54
CA LEU M 541 60.92 -79.04 60.86
C LEU M 541 62.21 -79.74 61.29
N ARG M 542 63.26 -78.97 61.57
CA ARG M 542 64.58 -79.52 61.97
C ARG M 542 64.45 -80.30 63.28
N SER M 543 63.67 -79.78 64.23
CA SER M 543 63.50 -80.45 65.55
C SER M 543 62.85 -81.83 65.35
N ILE M 544 61.85 -81.91 64.47
CA ILE M 544 61.14 -83.20 64.19
C ILE M 544 62.15 -84.19 63.59
N LYS M 545 63.03 -83.71 62.71
CA LYS M 545 64.04 -84.54 62.02
C LYS M 545 65.02 -85.16 63.03
N ARG M 546 65.35 -84.43 64.10
CA ARG M 546 66.33 -84.92 65.10
C ARG M 546 65.85 -86.23 65.74
N TYR M 547 64.57 -86.33 66.10
CA TYR M 547 64.06 -87.55 66.77
C TYR M 547 63.43 -88.54 65.77
N PHE M 548 62.57 -88.05 64.87
CA PHE M 548 61.87 -88.94 63.91
C PHE M 548 62.86 -89.64 62.96
N LEU M 549 63.84 -88.89 62.43
CA LEU M 549 64.83 -89.47 61.50
C LEU M 549 66.07 -89.92 62.28
N MET M 550 66.05 -89.75 63.61
CA MET M 550 67.15 -90.13 64.52
C MET M 550 68.45 -89.43 64.10
N ASP M 551 68.38 -88.14 63.73
CA ASP M 551 69.58 -87.38 63.32
C ASP M 551 70.49 -87.23 64.55
N GLN M 552 69.91 -86.83 65.68
CA GLN M 552 70.63 -86.68 66.94
C GLN M 552 71.02 -88.05 67.44
N GLY M 553 72.33 -88.28 67.57
CA GLY M 553 72.82 -89.57 68.01
C GLY M 553 72.92 -89.69 69.51
N ASP M 554 73.31 -88.61 70.18
CA ASP M 554 73.48 -88.64 71.62
C ASP M 554 72.19 -88.93 72.37
N PHE M 555 71.04 -88.78 71.73
CA PHE M 555 69.77 -89.00 72.40
C PHE M 555 69.33 -90.45 72.36
N PHE M 556 69.68 -91.19 71.30
CA PHE M 556 69.23 -92.57 71.20
C PHE M 556 70.18 -93.52 71.90
N VAL M 557 71.48 -93.31 71.79
CA VAL M 557 72.43 -94.19 72.46
C VAL M 557 72.27 -94.11 73.97
N HIS M 558 71.66 -93.04 74.47
CA HIS M 558 71.41 -92.92 75.90
C HIS M 558 69.99 -93.31 76.28
N PHE M 559 69.05 -93.32 75.33
CA PHE M 559 67.68 -93.70 75.64
C PHE M 559 67.51 -95.21 75.63
N MET M 560 67.97 -95.87 74.57
CA MET M 560 67.87 -97.32 74.52
C MET M 560 68.73 -97.97 75.60
N ASP M 561 69.80 -97.31 76.02
CA ASP M 561 70.62 -97.84 77.10
C ASP M 561 69.88 -97.84 78.42
N LEU M 562 68.93 -96.92 78.59
CA LEU M 562 68.17 -96.83 79.83
C LEU M 562 66.86 -97.61 79.76
N ALA M 563 66.17 -97.57 78.63
CA ALA M 563 64.85 -98.14 78.48
C ALA M 563 64.85 -99.43 77.67
N GLU M 564 65.88 -100.26 77.83
CA GLU M 564 65.91 -101.54 77.13
C GLU M 564 65.23 -102.64 77.94
N GLU M 565 65.59 -102.77 79.22
CA GLU M 565 64.98 -103.78 80.07
C GLU M 565 63.47 -103.60 80.16
N GLU M 566 63.00 -102.35 80.04
CA GLU M 566 61.59 -102.04 80.14
C GLU M 566 60.90 -102.02 78.78
N LEU M 567 61.59 -102.42 77.71
CA LEU M 567 60.97 -102.60 76.41
C LEU M 567 60.85 -104.05 75.98
N ARG M 568 61.72 -104.94 76.46
CA ARG M 568 61.62 -106.34 76.13
C ARG M 568 60.40 -107.00 76.77
N LYS M 569 59.82 -106.36 77.78
CA LYS M 569 58.58 -106.88 78.35
C LYS M 569 57.48 -106.82 77.30
N PRO M 570 56.49 -107.71 77.39
CA PRO M 570 55.45 -107.75 76.35
C PRO M 570 54.55 -106.54 76.40
N VAL M 571 53.73 -106.41 75.37
CA VAL M 571 52.75 -105.33 75.30
C VAL M 571 51.70 -105.53 76.39
N GLU M 572 50.92 -104.47 76.65
CA GLU M 572 49.95 -104.39 77.76
C GLU M 572 50.54 -104.91 79.07
N ASP M 573 51.82 -104.62 79.27
CA ASP M 573 52.50 -104.93 80.51
C ASP M 573 53.36 -103.78 81.02
N ILE M 574 53.61 -102.76 80.21
CA ILE M 574 54.49 -101.65 80.56
C ILE M 574 53.63 -100.42 80.82
N THR M 575 53.95 -99.70 81.90
CA THR M 575 53.20 -98.50 82.26
C THR M 575 53.80 -97.30 81.56
N PRO M 576 53.04 -96.58 80.74
CA PRO M 576 53.55 -95.37 80.09
C PRO M 576 54.10 -94.34 81.08
N PRO M 577 53.57 -94.25 82.31
CA PRO M 577 54.25 -93.40 83.31
C PRO M 577 55.67 -93.82 83.60
N ARG M 578 56.11 -95.00 83.18
CA ARG M 578 57.49 -95.42 83.38
C ARG M 578 58.38 -95.06 82.19
N LEU M 579 57.83 -95.12 80.98
CA LEU M 579 58.62 -94.78 79.81
C LEU M 579 58.84 -93.27 79.71
N GLU M 580 57.77 -92.49 79.82
CA GLU M 580 57.89 -91.05 79.67
C GLU M 580 58.84 -90.45 80.69
N ALA M 581 58.91 -91.02 81.89
CA ALA M 581 59.89 -90.56 82.87
C ALA M 581 61.31 -90.80 82.40
N LEU M 582 61.52 -91.84 81.58
CA LEU M 582 62.85 -92.08 81.03
C LEU M 582 63.10 -91.22 79.80
N LEU M 583 62.07 -90.92 79.02
CA LEU M 583 62.24 -90.06 77.86
C LEU M 583 62.64 -88.66 78.28
N GLU M 584 61.93 -88.08 79.24
CA GLU M 584 62.30 -86.77 79.75
C GLU M 584 63.73 -86.76 80.26
N LEU M 585 64.11 -87.80 81.01
CA LEU M 585 65.48 -87.87 81.51
C LEU M 585 66.48 -88.16 80.40
N ALA M 586 66.04 -88.75 79.29
CA ALA M 586 66.96 -89.02 78.19
C ALA M 586 67.34 -87.73 77.46
N LEU M 587 66.38 -86.82 77.31
CA LEU M 587 66.63 -85.59 76.58
C LEU M 587 67.57 -84.66 77.34
N ARG M 588 67.29 -84.43 78.62
CA ARG M 588 68.04 -83.44 79.38
C ARG M 588 69.49 -83.86 79.58
N MET M 589 69.72 -85.13 79.89
CA MET M 589 71.08 -85.60 80.10
C MET M 589 71.89 -85.60 78.82
N SER M 590 71.23 -85.71 77.67
CA SER M 590 71.93 -85.77 76.39
C SER M 590 72.34 -84.37 75.96
N THR M 591 72.74 -84.22 74.69
CA THR M 591 73.06 -82.92 74.14
C THR M 591 71.88 -82.32 73.38
N ALA M 592 70.72 -82.94 73.42
CA ALA M 592 69.51 -82.35 72.86
C ALA M 592 68.87 -81.33 73.79
N ASN M 593 69.57 -80.97 74.86
CA ASN M 593 69.04 -80.01 75.82
C ASN M 593 68.80 -78.64 75.18
N THR M 594 69.56 -78.32 74.15
CA THR M 594 69.43 -77.03 73.46
C THR M 594 68.41 -77.15 72.32
N ASP M 595 67.16 -77.34 72.71
CA ASP M 595 66.07 -77.50 71.77
C ASP M 595 64.80 -76.89 72.33
N PRO M 596 64.36 -75.75 71.79
CA PRO M 596 63.18 -75.10 72.34
C PRO M 596 61.90 -75.92 72.24
N PHE M 597 61.79 -76.76 71.21
CA PHE M 597 60.57 -77.51 70.96
C PHE M 597 60.63 -78.95 71.46
N LYS M 598 61.61 -79.26 72.32
CA LYS M 598 61.75 -80.64 72.79
C LYS M 598 60.56 -81.10 73.61
N ASP M 599 59.77 -80.18 74.15
CA ASP M 599 58.67 -80.53 75.04
C ASP M 599 57.43 -81.01 74.31
N ASP M 600 57.55 -81.37 73.03
CA ASP M 600 56.41 -81.86 72.27
C ASP M 600 56.57 -83.32 71.85
N LEU M 601 57.47 -84.05 72.49
CA LEU M 601 57.68 -85.47 72.21
C LEU M 601 56.80 -86.29 73.17
N LYS M 602 55.96 -87.14 72.59
CA LYS M 602 55.10 -88.01 73.38
C LYS M 602 55.27 -89.45 72.93
N ILE M 603 55.12 -90.38 73.86
CA ILE M 603 55.22 -91.79 73.56
C ILE M 603 53.89 -92.28 73.01
N ASP M 604 53.95 -93.06 71.94
CA ASP M 604 52.74 -93.58 71.30
C ASP M 604 53.01 -95.03 70.91
N LEU M 605 52.40 -95.97 71.63
CA LEU M 605 52.58 -97.39 71.38
C LEU M 605 51.54 -97.83 70.34
N MET M 606 52.01 -98.13 69.13
CA MET M 606 51.11 -98.54 68.08
C MET M 606 50.53 -99.92 68.39
N PRO M 607 49.28 -100.17 68.00
CA PRO M 607 48.73 -101.53 68.22
C PRO M 607 49.31 -102.56 67.28
N HIS M 608 49.46 -102.23 66.00
CA HIS M 608 49.99 -103.15 65.01
C HIS M 608 51.50 -102.95 64.84
N ASP M 609 52.18 -104.01 64.43
CA ASP M 609 53.59 -103.91 64.13
C ASP M 609 53.78 -103.27 62.76
N LEU M 610 55.02 -103.24 62.28
CA LEU M 610 55.32 -102.74 60.95
C LEU M 610 54.97 -103.85 59.96
N ILE M 611 53.68 -103.94 59.65
CA ILE M 611 53.15 -105.00 58.79
C ILE M 611 53.74 -104.89 57.39
N SER M 639 55.51 -108.64 71.79
CA SER M 639 55.64 -107.29 71.26
C SER M 639 56.58 -106.47 72.12
N GLY M 640 56.09 -105.34 72.63
CA GLY M 640 56.90 -104.48 73.49
C GLY M 640 57.90 -103.58 72.81
N LEU M 641 58.83 -104.17 72.04
CA LEU M 641 59.84 -103.38 71.35
C LEU M 641 59.39 -102.92 69.97
N GLU M 642 58.68 -103.77 69.24
CA GLU M 642 58.19 -103.44 67.91
C GLU M 642 56.92 -102.61 67.95
N ALA M 643 56.56 -102.06 69.11
CA ALA M 643 55.36 -101.25 69.27
C ALA M 643 55.69 -99.96 70.01
N PHE M 644 56.77 -99.29 69.61
CA PHE M 644 57.19 -98.05 70.22
C PHE M 644 57.52 -97.03 69.14
N SER M 645 56.97 -95.83 69.28
CA SER M 645 57.18 -94.80 68.27
C SER M 645 56.77 -93.45 68.86
N PHE M 646 57.56 -92.43 68.56
CA PHE M 646 57.30 -91.09 69.06
C PHE M 646 56.02 -90.52 68.44
N ASP M 647 55.43 -89.57 69.14
CA ASP M 647 54.30 -88.80 68.64
C ASP M 647 54.56 -87.33 68.89
N TYR M 648 54.15 -86.49 67.94
CA TYR M 648 54.43 -85.07 67.98
C TYR M 648 53.12 -84.29 67.88
N ILE M 649 52.89 -83.41 68.84
CA ILE M 649 51.70 -82.57 68.87
C ILE M 649 52.11 -81.14 68.53
N VAL M 650 51.37 -80.51 67.62
CA VAL M 650 51.66 -79.17 67.16
C VAL M 650 50.43 -78.30 67.33
N LYS M 651 50.65 -76.99 67.28
CA LYS M 651 49.59 -76.02 67.53
C LYS M 651 48.74 -75.85 66.27
N TRP M 652 47.87 -74.84 66.26
CA TRP M 652 46.94 -74.68 65.14
C TRP M 652 47.63 -74.22 63.86
N PRO M 653 48.27 -73.05 63.81
CA PRO M 653 48.65 -72.51 62.49
C PRO M 653 49.62 -73.39 61.73
N LEU M 654 50.52 -74.08 62.44
CA LEU M 654 51.42 -75.02 61.79
C LEU M 654 50.75 -76.34 61.45
N SER M 655 49.62 -76.65 62.07
CA SER M 655 48.94 -77.90 61.78
C SER M 655 48.40 -77.96 60.36
N LEU M 656 48.43 -76.86 59.62
CA LEU M 656 48.06 -76.92 58.21
C LEU M 656 49.12 -77.65 57.40
N ILE M 657 50.39 -77.50 57.79
CA ILE M 657 51.47 -78.13 57.05
C ILE M 657 51.69 -79.56 57.53
N ILE M 658 52.05 -79.71 58.80
CA ILE M 658 52.35 -81.01 59.39
C ILE M 658 51.13 -81.47 60.18
N ASN M 659 50.34 -82.35 59.60
CA ASN M 659 49.08 -82.80 60.17
C ASN M 659 49.10 -84.31 60.33
N ARG M 660 48.04 -84.83 60.96
CA ARG M 660 47.98 -86.27 61.25
C ARG M 660 48.05 -87.10 59.98
N LYS M 661 47.62 -86.56 58.85
CA LYS M 661 47.73 -87.29 57.60
C LYS M 661 49.18 -87.40 57.15
N ALA M 662 49.97 -86.35 57.36
CA ALA M 662 51.37 -86.33 56.94
C ALA M 662 52.33 -86.36 58.12
N LEU M 663 51.89 -86.86 59.27
CA LEU M 663 52.80 -87.14 60.38
C LEU M 663 52.96 -88.63 60.65
N THR M 664 51.92 -89.43 60.44
CA THR M 664 52.07 -90.87 60.52
C THR M 664 53.08 -91.39 59.51
N ARG M 665 53.28 -90.67 58.40
CA ARG M 665 54.35 -91.03 57.48
C ARG M 665 55.71 -90.84 58.12
N TYR M 666 55.89 -89.75 58.86
CA TYR M 666 57.09 -89.61 59.68
C TYR M 666 57.20 -90.74 60.69
N GLN M 667 56.08 -91.30 61.10
CA GLN M 667 56.06 -92.38 62.07
C GLN M 667 56.14 -93.75 61.43
N MET M 668 55.97 -93.84 60.11
CA MET M 668 56.16 -95.10 59.41
C MET M 668 57.62 -95.33 59.05
N LEU M 669 58.33 -94.30 58.63
CA LEU M 669 59.75 -94.43 58.35
C LEU M 669 60.60 -94.21 59.58
N PHE M 670 59.99 -94.09 60.76
CA PHE M 670 60.78 -94.06 61.98
C PHE M 670 61.02 -95.45 62.52
N ARG M 671 59.95 -96.25 62.66
CA ARG M 671 60.10 -97.60 63.18
C ARG M 671 61.00 -98.43 62.29
N HIS M 672 60.94 -98.21 60.98
CA HIS M 672 61.85 -98.92 60.08
C HIS M 672 63.29 -98.56 60.34
N MET M 673 63.55 -97.43 60.96
CA MET M 673 64.91 -97.07 61.34
C MET M 673 65.23 -97.34 62.79
N PHE M 674 64.22 -97.50 63.63
CA PHE M 674 64.46 -97.91 65.00
C PHE M 674 64.68 -99.42 65.10
N TYR M 675 64.19 -100.18 64.13
CA TYR M 675 64.47 -101.60 64.07
C TYR M 675 65.92 -101.85 63.67
N CYS M 676 66.35 -101.26 62.55
CA CYS M 676 67.71 -101.43 62.08
C CYS M 676 68.73 -100.85 63.03
N LYS M 677 68.35 -99.88 63.86
CA LYS M 677 69.27 -99.36 64.85
C LYS M 677 69.33 -100.26 66.08
N HIS M 678 68.30 -101.06 66.31
CA HIS M 678 68.28 -101.92 67.49
C HIS M 678 69.09 -103.19 67.27
N VAL M 679 68.98 -103.79 66.10
CA VAL M 679 69.65 -105.07 65.85
C VAL M 679 71.16 -104.91 65.93
N GLU M 680 71.70 -103.98 65.14
CA GLU M 680 73.16 -103.80 65.16
C GLU M 680 73.62 -103.05 66.37
N ARG M 681 72.71 -102.75 67.29
CA ARG M 681 73.12 -102.28 68.61
C ARG M 681 73.45 -103.45 69.51
N GLN M 682 72.70 -104.54 69.42
CA GLN M 682 73.00 -105.73 70.21
C GLN M 682 73.89 -106.71 69.47
N LEU M 683 73.81 -106.77 68.14
CA LEU M 683 74.77 -107.55 67.37
C LEU M 683 76.19 -107.09 67.66
N CYS M 684 76.39 -105.79 67.78
CA CYS M 684 77.67 -105.26 68.19
C CYS M 684 77.92 -105.45 69.69
N SER M 685 76.89 -105.81 70.45
CA SER M 685 77.08 -106.04 71.88
C SER M 685 77.66 -107.41 72.14
N VAL M 686 77.30 -108.42 71.33
CA VAL M 686 77.89 -109.74 71.49
C VAL M 686 79.35 -109.74 71.07
N TRP M 687 79.80 -108.65 70.42
CA TRP M 687 81.18 -108.57 69.95
C TRP M 687 82.18 -108.65 71.08
N ILE M 688 81.79 -108.24 72.30
CA ILE M 688 82.73 -108.19 73.42
C ILE M 688 82.58 -109.44 74.28
N SER M 689 81.38 -110.01 74.31
CA SER M 689 81.15 -111.18 75.16
C SER M 689 82.00 -112.36 74.74
N ASN M 690 82.11 -112.62 73.44
CA ASN M 690 82.91 -113.75 72.98
C ASN M 690 84.41 -113.46 73.14
N LYS M 691 84.82 -112.22 72.88
CA LYS M 691 86.22 -111.84 73.00
C LYS M 691 86.71 -112.00 74.43
N THR M 692 87.58 -112.97 74.67
CA THR M 692 88.06 -113.26 76.01
C THR M 692 88.89 -112.12 76.58
N PHE M 704 82.47 -122.50 67.69
CA PHE M 704 83.21 -121.87 68.78
C PHE M 704 84.14 -120.80 68.25
N ALA M 705 84.64 -121.01 67.02
CA ALA M 705 85.54 -120.04 66.39
C ALA M 705 85.26 -119.85 64.91
N GLY M 706 84.12 -120.34 64.41
CA GLY M 706 83.78 -120.17 63.01
C GLY M 706 82.59 -119.24 62.80
N ALA M 707 82.08 -118.67 63.90
CA ALA M 707 80.98 -117.73 63.82
C ALA M 707 81.43 -116.30 63.61
N PHE M 708 82.73 -116.02 63.80
CA PHE M 708 83.22 -114.66 63.60
C PHE M 708 83.12 -114.25 62.13
N THR M 709 83.32 -115.21 61.22
CA THR M 709 83.20 -114.91 59.80
C THR M 709 81.75 -114.88 59.33
N LEU M 710 80.80 -115.27 60.18
CA LEU M 710 79.38 -115.09 59.87
C LEU M 710 78.84 -113.77 60.42
N ARG M 711 79.30 -113.38 61.61
CA ARG M 711 78.93 -112.08 62.14
C ARG M 711 79.36 -110.96 61.19
N GLN M 712 80.51 -111.15 60.53
CA GLN M 712 80.95 -110.25 59.48
C GLN M 712 79.96 -110.13 58.34
N ARG M 713 79.17 -111.17 58.08
CA ARG M 713 78.23 -111.17 56.97
C ARG M 713 76.96 -110.40 57.28
N MET M 714 76.60 -110.27 58.56
CA MET M 714 75.41 -109.51 58.93
C MET M 714 75.74 -108.08 59.34
N LEU M 715 76.87 -107.88 60.02
CA LEU M 715 77.26 -106.54 60.42
C LEU M 715 77.58 -105.69 59.20
N ASN M 716 78.30 -106.25 58.24
CA ASN M 716 78.57 -105.55 56.98
C ASN M 716 77.34 -105.47 56.09
N PHE M 717 76.18 -105.93 56.56
CA PHE M 717 74.94 -105.75 55.83
C PHE M 717 74.09 -104.63 56.42
N VAL M 718 73.93 -104.61 57.75
CA VAL M 718 73.15 -103.54 58.36
C VAL M 718 73.93 -102.23 58.36
N GLN M 719 75.22 -102.27 58.69
CA GLN M 719 76.03 -101.06 58.60
C GLN M 719 76.41 -100.72 57.17
N ASN M 720 75.86 -101.42 56.18
CA ASN M 720 75.91 -100.98 54.80
C ASN M 720 74.53 -100.59 54.27
N ILE M 721 73.49 -100.91 55.02
CA ILE M 721 72.16 -100.37 54.74
C ILE M 721 71.96 -99.03 55.45
N GLN M 722 72.42 -98.93 56.70
CA GLN M 722 72.25 -97.69 57.45
C GLN M 722 72.97 -96.53 56.78
N TYR M 723 74.18 -96.77 56.26
CA TYR M 723 74.90 -95.69 55.60
C TYR M 723 74.16 -95.22 54.36
N TYR M 724 73.62 -96.14 53.58
CA TYR M 724 72.84 -95.74 52.40
C TYR M 724 71.51 -95.12 52.80
N MET M 725 70.97 -95.52 53.95
CA MET M 725 69.67 -95.02 54.36
C MET M 725 69.74 -93.63 54.97
N MET M 726 70.92 -93.24 55.47
CA MET M 726 71.03 -91.95 56.20
C MET M 726 71.70 -90.85 55.36
N PHE M 727 72.81 -91.15 54.67
CA PHE M 727 73.56 -90.09 53.96
C PHE M 727 73.23 -90.03 52.46
N GLU M 728 72.59 -91.05 51.88
CA GLU M 728 72.33 -90.99 50.45
C GLU M 728 70.87 -91.13 50.06
N VAL M 729 69.97 -91.12 51.05
CA VAL M 729 68.51 -91.25 50.77
C VAL M 729 67.77 -90.04 51.35
N MET M 730 67.54 -90.05 52.66
CA MET M 730 66.81 -88.95 53.37
C MET M 730 67.62 -87.64 53.34
N GLU M 731 68.93 -87.71 53.61
CA GLU M 731 69.79 -86.50 53.61
C GLU M 731 69.63 -85.73 52.30
N PRO M 732 69.92 -86.33 51.13
CA PRO M 732 69.78 -85.64 49.84
C PRO M 732 68.39 -85.00 49.68
N THR M 733 67.34 -85.75 50.02
CA THR M 733 65.95 -85.24 49.90
C THR M 733 65.77 -84.05 50.86
N TRP M 734 66.27 -84.19 52.09
CA TRP M 734 66.17 -83.09 53.09
C TRP M 734 66.95 -81.88 52.57
N HIS M 735 68.17 -82.10 52.06
CA HIS M 735 69.01 -80.99 51.56
C HIS M 735 68.24 -80.22 50.48
N ILE M 736 67.46 -80.93 49.66
CA ILE M 736 66.68 -80.29 48.60
C ILE M 736 65.53 -79.50 49.20
N LEU M 737 64.82 -80.10 50.16
CA LEU M 737 63.66 -79.46 50.75
C LEU M 737 64.02 -78.11 51.37
N GLU M 738 65.12 -78.07 52.12
CA GLU M 738 65.55 -76.83 52.75
C GLU M 738 65.73 -75.72 51.72
N LYS M 739 66.44 -76.03 50.63
CA LYS M 739 66.56 -75.06 49.54
C LYS M 739 65.23 -74.89 48.81
N ASN M 740 64.44 -75.96 48.69
CA ASN M 740 63.18 -75.88 47.96
C ASN M 740 62.11 -75.10 48.72
N LEU M 741 62.37 -74.72 49.96
CA LEU M 741 61.46 -73.87 50.73
C LEU M 741 61.89 -72.42 50.77
N LYS M 742 63.06 -72.09 50.20
CA LYS M 742 63.45 -70.69 50.09
C LYS M 742 62.79 -70.02 48.89
N SER M 743 62.43 -70.79 47.87
CA SER M 743 61.78 -70.27 46.68
C SER M 743 60.29 -70.54 46.67
N ALA M 744 59.69 -70.74 47.84
CA ALA M 744 58.25 -70.96 47.90
C ALA M 744 57.50 -69.67 47.59
N SER M 745 56.27 -69.81 47.13
CA SER M 745 55.44 -68.67 46.78
C SER M 745 54.07 -68.68 47.43
N ASN M 746 53.53 -69.84 47.79
CA ASN M 746 52.24 -69.93 48.42
C ASN M 746 52.15 -71.24 49.19
N ILE M 747 51.23 -71.27 50.17
CA ILE M 747 51.20 -72.38 51.11
C ILE M 747 50.87 -73.69 50.42
N ASP M 748 49.97 -73.66 49.44
CA ASP M 748 49.67 -74.88 48.70
C ASP M 748 50.83 -75.35 47.85
N ASP M 749 51.96 -74.64 47.87
CA ASP M 749 53.19 -75.11 47.27
C ASP M 749 54.09 -75.76 48.32
N VAL M 750 54.23 -75.10 49.48
CA VAL M 750 54.94 -75.72 50.59
C VAL M 750 54.29 -77.05 50.95
N LEU M 751 52.96 -77.10 50.92
CA LEU M 751 52.25 -78.36 51.09
C LEU M 751 52.53 -79.34 49.97
N GLY M 752 53.27 -78.95 48.95
CA GLY M 752 53.66 -79.84 47.88
C GLY M 752 55.12 -80.24 47.99
N HIS M 753 55.96 -79.29 48.41
CA HIS M 753 57.36 -79.59 48.66
C HIS M 753 57.56 -80.44 49.90
N HIS M 754 56.52 -80.65 50.71
CA HIS M 754 56.62 -81.49 51.89
C HIS M 754 56.16 -82.91 51.59
N THR M 755 54.93 -83.08 51.14
CA THR M 755 54.49 -84.41 50.73
C THR M 755 55.28 -84.92 49.54
N GLY M 756 55.86 -84.02 48.74
CA GLY M 756 56.81 -84.43 47.73
C GLY M 756 58.13 -84.91 48.28
N PHE M 757 58.40 -84.64 49.55
CA PHE M 757 59.59 -85.14 50.23
C PHE M 757 59.33 -86.42 51.00
N LEU M 758 58.12 -86.63 51.51
CA LEU M 758 57.82 -87.85 52.25
C LEU M 758 57.51 -89.01 51.31
N ASP M 759 56.90 -88.75 50.15
CA ASP M 759 56.66 -89.83 49.21
C ASP M 759 57.94 -90.27 48.51
N THR M 760 58.99 -89.45 48.57
CA THR M 760 60.28 -89.85 48.00
C THR M 760 61.10 -90.67 48.97
N CYS M 761 61.10 -90.29 50.26
CA CYS M 761 61.81 -91.08 51.25
C CYS M 761 61.21 -92.47 51.38
N LEU M 762 59.88 -92.57 51.33
CA LEU M 762 59.24 -93.88 51.40
C LEU M 762 59.40 -94.68 50.12
N LYS M 763 59.83 -94.07 49.03
CA LYS M 763 60.02 -94.77 47.77
C LYS M 763 61.47 -95.20 47.57
N ASP M 764 62.43 -94.32 47.83
CA ASP M 764 63.83 -94.70 47.71
C ASP M 764 64.22 -95.74 48.74
N CYS M 765 63.64 -95.68 49.94
CA CYS M 765 63.82 -96.75 50.90
C CYS M 765 62.96 -97.94 50.51
N MET M 766 63.17 -99.06 51.19
CA MET M 766 62.43 -100.27 50.90
C MET M 766 61.02 -100.26 51.48
N LEU M 767 60.52 -99.11 51.92
CA LEU M 767 59.23 -99.05 52.59
C LEU M 767 58.07 -99.23 51.62
N THR M 768 58.32 -99.29 50.32
CA THR M 768 57.27 -99.53 49.34
C THR M 768 57.75 -100.45 48.23
N LEU M 772 55.10 -107.04 48.78
CA LEU M 772 56.14 -106.13 48.33
C LEU M 772 57.52 -106.67 48.66
N LEU M 773 58.39 -105.80 49.18
CA LEU M 773 59.74 -106.20 49.56
C LEU M 773 59.77 -106.70 51.01
N LYS M 774 58.88 -107.65 51.31
CA LYS M 774 58.81 -108.21 52.65
C LYS M 774 59.95 -109.16 52.95
N VAL M 775 60.79 -109.46 51.96
CA VAL M 775 61.93 -110.34 52.20
C VAL M 775 62.90 -109.70 53.18
N PHE M 776 62.90 -108.37 53.28
CA PHE M 776 63.74 -107.71 54.26
C PHE M 776 63.25 -108.01 55.67
N SER M 777 61.94 -108.05 55.87
CA SER M 777 61.39 -108.33 57.20
C SER M 777 61.84 -109.69 57.70
N LYS M 778 61.69 -110.72 56.87
CA LYS M 778 62.13 -112.06 57.27
C LYS M 778 63.65 -112.17 57.28
N LEU M 779 64.34 -111.34 56.49
CA LEU M 779 65.80 -111.35 56.53
C LEU M 779 66.32 -110.87 57.87
N MET M 780 65.61 -109.94 58.52
CA MET M 780 66.07 -109.42 59.79
C MET M 780 65.88 -110.41 60.93
N SER M 781 64.97 -111.37 60.77
CA SER M 781 64.69 -112.31 61.83
C SER M 781 65.89 -113.19 62.14
N VAL M 782 66.58 -113.68 61.10
CA VAL M 782 67.73 -114.54 61.33
C VAL M 782 68.91 -113.75 61.90
N CYS M 783 68.96 -112.44 61.70
CA CYS M 783 70.03 -111.65 62.29
C CYS M 783 69.81 -111.50 63.79
N VAL M 784 68.62 -111.07 64.20
CA VAL M 784 68.36 -110.85 65.62
C VAL M 784 68.35 -112.17 66.37
N MET M 785 67.86 -113.23 65.74
CA MET M 785 67.81 -114.53 66.42
C MET M 785 69.20 -115.10 66.61
N PHE M 786 70.10 -114.88 65.64
CA PHE M 786 71.47 -115.34 65.80
C PHE M 786 72.13 -114.68 67.00
N THR M 787 71.73 -113.45 67.33
CA THR M 787 72.25 -112.82 68.53
C THR M 787 71.76 -113.53 69.78
N ASN M 788 70.58 -114.13 69.74
CA ASN M 788 70.07 -114.86 70.90
C ASN M 788 70.85 -116.14 71.13
N CYS M 789 71.18 -116.87 70.06
CA CYS M 789 71.94 -118.10 70.20
C CYS M 789 73.30 -117.83 70.83
N MET M 790 74.02 -116.85 70.31
CA MET M 790 75.31 -116.48 70.89
C MET M 790 75.17 -115.94 72.30
N GLN M 791 73.99 -115.43 72.66
CA GLN M 791 73.77 -114.91 74.01
C GLN M 791 73.50 -116.01 75.03
N LYS M 792 73.37 -117.27 74.59
CA LYS M 792 73.12 -118.38 75.49
C LYS M 792 74.40 -119.04 75.99
N PHE M 793 75.50 -118.31 76.02
CA PHE M 793 76.76 -118.87 76.53
C PHE M 793 77.17 -118.17 77.82
N PHE M 846 74.99 -126.80 68.83
CA PHE M 846 75.46 -125.43 68.65
C PHE M 846 76.28 -125.30 67.39
N GLU M 847 77.39 -126.05 67.33
CA GLU M 847 78.27 -126.02 66.17
C GLU M 847 77.54 -126.42 64.90
N ALA M 848 76.45 -127.19 65.01
CA ALA M 848 75.61 -127.53 63.88
C ALA M 848 74.50 -126.51 63.65
N THR M 849 74.42 -125.47 64.47
CA THR M 849 73.42 -124.42 64.30
C THR M 849 73.99 -123.16 63.68
N ILE M 850 75.26 -122.84 63.94
CA ILE M 850 75.89 -121.69 63.31
C ILE M 850 75.89 -121.86 61.79
N ASN M 851 76.33 -123.02 61.33
CA ASN M 851 76.29 -123.32 59.90
C ASN M 851 74.87 -123.40 59.37
N LYS M 852 73.88 -123.64 60.25
CA LYS M 852 72.50 -123.66 59.82
C LYS M 852 72.01 -122.24 59.53
N PHE M 853 72.47 -121.26 60.30
CA PHE M 853 72.11 -119.87 60.03
C PHE M 853 72.76 -119.38 58.74
N ASP M 854 73.95 -119.88 58.42
CA ASP M 854 74.66 -119.42 57.22
C ASP M 854 73.87 -119.74 55.96
N LYS M 855 73.53 -121.02 55.77
CA LYS M 855 72.78 -121.41 54.58
C LYS M 855 71.40 -120.76 54.54
N ASN M 856 70.89 -120.30 55.68
CA ASN M 856 69.57 -119.66 55.72
C ASN M 856 69.64 -118.17 55.47
N PHE M 857 70.65 -117.50 56.03
CA PHE M 857 70.78 -116.06 55.85
C PHE M 857 71.35 -115.72 54.48
N SER M 858 72.39 -116.44 54.05
CA SER M 858 72.99 -116.15 52.75
C SER M 858 72.00 -116.39 51.62
N ALA M 859 71.10 -117.36 51.78
CA ALA M 859 70.08 -117.57 50.76
C ALA M 859 69.07 -116.43 50.75
N HIS M 860 68.72 -115.91 51.92
CA HIS M 860 67.80 -114.79 51.98
C HIS M 860 68.40 -113.51 51.41
N LEU M 861 69.70 -113.31 51.60
CA LEU M 861 70.35 -112.12 51.07
C LEU M 861 70.36 -112.14 49.55
N LEU M 862 70.63 -113.30 48.95
CA LEU M 862 70.67 -113.40 47.49
C LEU M 862 69.30 -113.18 46.86
N ASP M 863 68.22 -113.40 47.60
CA ASP M 863 66.89 -113.05 47.10
C ASP M 863 66.73 -111.55 47.00
N LEU M 864 67.40 -110.81 47.87
CA LEU M 864 67.28 -109.35 47.87
C LEU M 864 67.93 -108.74 46.62
N LEU M 865 69.22 -109.01 46.43
CA LEU M 865 69.94 -108.45 45.29
C LEU M 865 69.38 -108.94 43.96
N ALA M 866 68.64 -110.03 43.95
CA ALA M 866 67.98 -110.48 42.72
C ALA M 866 66.83 -109.56 42.36
N ARG M 867 66.06 -109.11 43.35
CA ARG M 867 64.93 -108.22 43.11
C ARG M 867 65.34 -106.76 43.07
N LEU M 868 66.38 -106.37 43.82
CA LEU M 868 66.88 -105.01 43.76
C LEU M 868 67.51 -104.68 42.42
N SER M 869 67.96 -105.68 41.68
CA SER M 869 68.63 -105.42 40.41
C SER M 869 67.63 -105.31 39.27
N ILE M 870 66.52 -106.04 39.32
CA ILE M 870 65.56 -106.03 38.23
C ILE M 870 64.67 -104.80 38.31
N TYR M 871 65.11 -103.72 37.65
CA TYR M 871 64.36 -102.48 37.61
C TYR M 871 64.71 -101.76 36.31
N SER M 872 64.21 -100.53 36.17
CA SER M 872 64.48 -99.73 34.99
C SER M 872 65.94 -99.28 34.95
N GLY M 879 69.31 -93.98 44.66
CA GLY M 879 68.95 -94.81 43.53
C GLY M 879 68.65 -96.25 43.92
N MET M 880 67.84 -96.92 43.11
CA MET M 880 67.48 -98.31 43.35
C MET M 880 68.51 -99.28 42.79
N ALA M 881 69.47 -98.80 42.00
CA ALA M 881 70.53 -99.65 41.47
C ALA M 881 71.85 -99.49 42.19
N SER M 882 72.15 -98.28 42.67
CA SER M 882 73.40 -98.04 43.39
C SER M 882 73.43 -98.74 44.75
N VAL M 883 72.30 -99.29 45.20
CA VAL M 883 72.30 -100.00 46.48
C VAL M 883 73.15 -101.25 46.40
N ILE M 884 73.17 -101.92 45.24
CA ILE M 884 73.98 -103.13 45.08
C ILE M 884 75.46 -102.79 45.26
N SER M 885 75.90 -101.68 44.70
CA SER M 885 77.29 -101.26 44.88
C SER M 885 77.61 -100.98 46.35
N ARG M 886 76.59 -100.74 47.18
CA ARG M 886 76.80 -100.57 48.61
C ARG M 886 76.82 -101.89 49.35
N LEU M 887 76.04 -102.87 48.90
CA LEU M 887 76.00 -104.17 49.56
C LEU M 887 77.30 -104.93 49.36
N ASP M 888 77.72 -105.12 48.11
CA ASP M 888 78.98 -105.75 47.79
C ASP M 888 79.91 -104.73 47.15
N PHE M 889 81.16 -104.77 47.52
CA PHE M 889 82.20 -103.88 47.02
C PHE M 889 83.39 -104.64 46.47
N ASN M 890 83.61 -105.88 46.91
CA ASN M 890 84.73 -106.70 46.48
C ASN M 890 84.35 -107.66 45.37
N GLY M 891 83.27 -107.40 44.64
CA GLY M 891 82.77 -108.36 43.70
C GLY M 891 82.18 -109.61 44.32
N PHE M 892 82.12 -109.67 45.64
CA PHE M 892 81.50 -110.80 46.32
C PHE M 892 80.02 -110.89 45.96
N TYR M 893 79.42 -112.03 46.28
CA TYR M 893 78.03 -112.32 45.93
C TYR M 893 77.79 -112.20 44.43
N THR M 894 78.82 -112.53 43.65
CA THR M 894 78.70 -112.48 42.20
C THR M 894 77.91 -113.66 41.62
N GLU M 895 77.44 -114.57 42.47
CA GLU M 895 76.64 -115.69 42.01
C GLU M 895 75.32 -115.20 41.44
N UNK N 1 -110.83 -64.42 0.86
CA UNK N 1 -110.16 -64.87 2.10
C UNK N 1 -108.68 -64.49 2.06
N UNK N 2 -108.23 -63.88 0.95
CA UNK N 2 -106.83 -63.46 0.77
C UNK N 2 -106.50 -62.39 1.82
N UNK N 3 -107.44 -61.48 2.09
CA UNK N 3 -107.25 -60.39 3.07
C UNK N 3 -107.03 -60.99 4.47
N UNK N 4 -107.76 -62.05 4.80
CA UNK N 4 -107.64 -62.70 6.12
C UNK N 4 -106.21 -63.23 6.30
N UNK N 5 -105.65 -63.83 5.26
CA UNK N 5 -104.27 -64.38 5.32
C UNK N 5 -103.29 -63.23 5.56
N UNK N 6 -103.50 -62.10 4.88
CA UNK N 6 -102.63 -60.90 5.02
C UNK N 6 -102.74 -60.36 6.46
N UNK N 7 -103.95 -60.38 7.01
CA UNK N 7 -104.21 -59.85 8.38
C UNK N 7 -103.39 -60.64 9.40
N UNK N 8 -103.32 -61.97 9.26
CA UNK N 8 -102.56 -62.80 10.22
C UNK N 8 -101.08 -62.40 10.18
N UNK N 9 -100.53 -62.20 8.98
CA UNK N 9 -99.11 -61.81 8.82
C UNK N 9 -98.88 -60.43 9.45
N UNK N 10 -99.83 -59.50 9.24
CA UNK N 10 -99.73 -58.13 9.78
C UNK N 10 -99.72 -58.16 11.31
N UNK N 11 -100.59 -58.99 11.91
CA UNK N 11 -100.68 -59.09 13.39
C UNK N 11 -99.33 -59.58 13.96
N UNK N 12 -98.73 -60.59 13.33
CA UNK N 12 -97.43 -61.13 13.78
C UNK N 12 -96.36 -60.03 13.64
N UNK N 13 -96.40 -59.28 12.54
CA UNK N 13 -95.45 -58.19 12.27
C UNK N 13 -95.57 -57.11 13.35
N UNK N 14 -96.81 -56.80 13.75
CA UNK N 14 -97.07 -55.77 14.78
C UNK N 14 -96.41 -56.17 16.11
N UNK N 15 -96.52 -57.45 16.48
CA UNK N 15 -95.92 -57.95 17.75
C UNK N 15 -94.44 -57.55 17.81
N UNK N 16 -96.67 -48.76 14.82
CA UNK N 16 -97.33 -48.14 13.67
C UNK N 16 -96.48 -48.31 12.43
N UNK N 17 -96.93 -49.16 11.53
CA UNK N 17 -96.18 -49.49 10.32
C UNK N 17 -96.95 -49.05 9.09
N UNK N 18 -96.29 -48.90 7.94
CA UNK N 18 -97.02 -48.54 6.72
C UNK N 18 -98.06 -49.58 6.36
N UNK N 19 -99.16 -49.10 5.75
CA UNK N 19 -100.29 -49.98 5.35
C UNK N 19 -100.93 -49.45 4.06
N UNK N 20 -101.33 -50.36 3.17
CA UNK N 20 -101.96 -50.00 1.87
C UNK N 20 -103.39 -49.51 2.07
N UNK N 21 -103.90 -48.73 1.11
CA UNK N 21 -105.28 -48.17 1.16
C UNK N 21 -106.33 -49.26 0.93
N UNK N 22 -107.56 -49.02 1.41
CA UNK N 22 -108.67 -50.00 1.27
C UNK N 22 -109.06 -50.18 -0.20
N UNK N 23 -108.83 -49.17 -1.04
CA UNK N 23 -109.16 -49.27 -2.46
C UNK N 23 -108.10 -50.03 -3.24
N UNK N 24 -106.89 -50.12 -2.68
CA UNK N 24 -105.78 -50.85 -3.33
C UNK N 24 -106.20 -52.30 -3.55
N UNK N 25 -106.92 -52.88 -2.58
CA UNK N 25 -107.34 -54.27 -2.65
C UNK N 25 -108.75 -54.35 -3.22
N UNK N 26 -109.02 -55.42 -3.96
CA UNK N 26 -110.32 -55.66 -4.58
C UNK N 26 -110.73 -54.49 -5.49
N UNK N 27 -109.91 -54.29 -6.52
CA UNK N 27 -110.13 -53.26 -7.56
C UNK N 27 -109.92 -53.91 -8.94
N UNK N 28 -110.97 -53.96 -9.76
CA UNK N 28 -110.91 -54.59 -11.09
C UNK N 28 -109.90 -53.89 -11.99
N UNK N 29 -109.89 -52.56 -11.97
CA UNK N 29 -108.93 -51.77 -12.79
C UNK N 29 -107.50 -52.15 -12.42
N UNK N 30 -107.21 -52.19 -11.12
CA UNK N 30 -105.85 -52.47 -10.61
C UNK N 30 -105.35 -53.84 -11.11
N UNK N 31 -106.21 -54.85 -11.11
CA UNK N 31 -105.83 -56.21 -11.53
C UNK N 31 -105.41 -56.23 -13.00
N UNK N 32 -104.34 -56.97 -13.32
CA UNK N 32 -103.83 -57.10 -14.70
C UNK N 32 -104.46 -58.33 -15.35
N UNK N 33 -105.20 -59.12 -14.55
CA UNK N 33 -105.90 -60.31 -15.00
C UNK N 33 -107.18 -59.95 -15.73
N UNK N 34 -107.77 -60.96 -16.36
CA UNK N 34 -108.99 -60.77 -17.15
C UNK N 34 -110.10 -60.17 -16.31
N UNK N 35 -110.88 -59.28 -16.93
CA UNK N 35 -112.04 -58.72 -16.26
C UNK N 35 -113.13 -59.78 -16.14
N UNK O 1 -116.56 2.81 -7.31
CA UNK O 1 -117.28 3.88 -8.06
C UNK O 1 -117.65 5.01 -7.10
N UNK O 2 -118.96 5.30 -6.97
CA UNK O 2 -119.44 6.37 -6.07
C UNK O 2 -119.07 6.02 -4.63
N UNK O 3 -119.22 4.74 -4.26
CA UNK O 3 -118.89 4.29 -2.88
C UNK O 3 -117.40 4.52 -2.62
N UNK O 4 -116.56 4.19 -3.61
CA UNK O 4 -115.08 4.35 -3.48
C UNK O 4 -114.74 5.84 -3.32
N UNK O 5 -115.41 6.70 -4.09
CA UNK O 5 -115.17 8.17 -4.04
C UNK O 5 -115.49 8.70 -2.65
N UNK O 6 -116.59 8.24 -2.06
CA UNK O 6 -117.01 8.70 -0.70
C UNK O 6 -115.94 8.29 0.31
N UNK O 7 -115.41 7.07 0.19
CA UNK O 7 -114.38 6.56 1.13
C UNK O 7 -113.11 7.42 1.02
N UNK O 8 -112.71 7.76 -0.21
CA UNK O 8 -111.50 8.60 -0.44
C UNK O 8 -111.72 10.00 0.16
N UNK O 9 -112.92 10.55 0.00
CA UNK O 9 -113.23 11.92 0.51
C UNK O 9 -113.08 11.95 2.03
N UNK O 10 -113.58 10.92 2.72
CA UNK O 10 -113.49 10.87 4.20
C UNK O 10 -112.02 10.82 4.62
N UNK O 11 -111.21 10.02 3.90
CA UNK O 11 -109.76 9.88 4.20
C UNK O 11 -109.06 11.22 3.98
N UNK O 12 -109.42 11.93 2.91
CA UNK O 12 -108.79 13.23 2.56
C UNK O 12 -109.07 14.26 3.66
N UNK O 13 -110.29 14.29 4.19
CA UNK O 13 -110.67 15.27 5.24
C UNK O 13 -109.83 15.07 6.51
N UNK O 14 -109.60 13.82 6.91
CA UNK O 14 -108.81 13.53 8.13
C UNK O 14 -107.37 14.03 7.93
N UNK O 15 -106.80 13.80 6.75
CA UNK O 15 -105.42 14.23 6.44
C UNK O 15 -105.32 15.77 6.46
N UNK O 16 -106.32 16.45 5.93
CA UNK O 16 -106.31 17.94 5.85
C UNK O 16 -106.28 18.55 7.25
N UNK O 17 -107.06 17.99 8.19
CA UNK O 17 -107.11 18.52 9.58
C UNK O 17 -105.71 18.40 10.21
N UNK O 18 -105.04 17.27 9.98
CA UNK O 18 -103.68 17.04 10.55
C UNK O 18 -102.71 18.07 9.98
N UNK O 19 -102.81 18.37 8.67
CA UNK O 19 -101.92 19.35 8.00
C UNK O 19 -102.01 20.70 8.74
N UNK O 20 -101.17 22.31 1.70
CA UNK O 20 -101.62 21.82 0.38
C UNK O 20 -101.07 20.39 0.16
N UNK O 21 -101.97 19.45 -0.13
CA UNK O 21 -101.60 18.03 -0.36
C UNK O 21 -101.93 17.68 -1.82
N UNK O 22 -101.01 17.00 -2.51
CA UNK O 22 -101.22 16.65 -3.93
C UNK O 22 -102.47 15.77 -4.07
N UNK O 23 -103.32 16.08 -5.06
CA UNK O 23 -104.57 15.33 -5.33
C UNK O 23 -104.63 14.98 -6.81
N UNK O 24 -105.06 13.74 -7.13
CA UNK O 24 -105.15 13.29 -8.54
C UNK O 24 -106.29 14.02 -9.27
N UNK O 25 -106.15 14.18 -10.59
CA UNK O 25 -107.16 14.89 -11.42
C UNK O 25 -108.45 14.09 -11.52
N UNK O 26 -109.56 14.79 -11.77
CA UNK O 26 -110.93 14.21 -11.90
C UNK O 26 -110.97 13.25 -13.09
N UNK O 27 -110.27 13.59 -14.17
CA UNK O 27 -110.25 12.79 -15.42
C UNK O 27 -109.72 11.37 -15.15
N UNK O 28 -108.72 11.23 -14.27
CA UNK O 28 -108.13 9.89 -13.99
C UNK O 28 -109.21 8.96 -13.44
N UNK O 29 -110.04 9.45 -12.52
CA UNK O 29 -111.14 8.64 -11.94
C UNK O 29 -112.30 8.54 -12.94
N UNK O 30 -113.13 7.50 -12.80
CA UNK O 30 -114.30 7.27 -13.66
C UNK O 30 -113.92 7.17 -15.14
N UNK O 31 -112.81 6.48 -15.45
CA UNK O 31 -112.34 6.32 -16.84
C UNK O 31 -112.26 4.83 -17.19
N UNK O 32 -113.19 4.35 -18.01
CA UNK O 32 -113.23 2.92 -18.43
C UNK O 32 -111.97 2.58 -19.25
N UNK O 33 -111.56 3.49 -20.13
CA UNK O 33 -110.38 3.28 -21.00
C UNK O 33 -109.12 3.11 -20.14
N UNK O 34 -109.00 3.90 -19.07
CA UNK O 34 -107.82 3.84 -18.17
C UNK O 34 -107.74 2.45 -17.52
N UNK O 35 -108.88 1.90 -17.11
CA UNK O 35 -108.92 0.56 -16.46
C UNK O 35 -108.47 -0.52 -17.45
N UNK O 36 -107.64 -1.46 -16.98
CA UNK O 36 -107.12 -2.57 -17.81
C UNK O 36 -108.04 -3.79 -17.68
N UNK O 37 -109.11 -3.67 -16.88
CA UNK O 37 -110.07 -4.76 -16.66
C UNK O 37 -111.05 -4.87 -17.84
N UNK O 38 -111.79 -5.98 -17.90
CA UNK O 38 -112.76 -6.21 -19.00
C UNK O 38 -113.67 -5.00 -19.19
N UNK O 39 -113.50 -4.29 -20.32
CA UNK O 39 -114.30 -3.09 -20.67
C UNK O 39 -115.74 -3.46 -21.02
N UNK O 40 -116.70 -2.73 -20.44
CA UNK O 40 -118.12 -2.89 -20.70
C UNK O 40 -118.87 -1.61 -20.35
N UNK P 1 -88.74 44.16 -51.42
CA UNK P 1 -88.84 44.57 -52.85
C UNK P 1 -88.35 46.01 -52.99
N UNK P 2 -89.17 46.86 -53.64
CA UNK P 2 -88.85 48.29 -53.85
C UNK P 2 -88.73 49.00 -52.50
N UNK P 3 -89.60 48.64 -51.55
CA UNK P 3 -89.62 49.27 -50.21
C UNK P 3 -88.28 49.04 -49.50
N UNK P 4 -87.70 47.83 -49.64
CA UNK P 4 -86.41 47.51 -48.99
C UNK P 4 -85.33 48.45 -49.53
N UNK P 5 -85.34 48.70 -50.84
CA UNK P 5 -84.34 49.59 -51.49
C UNK P 5 -84.47 51.03 -50.95
N UNK P 6 -85.71 51.50 -50.78
CA UNK P 6 -85.97 52.87 -50.28
C UNK P 6 -85.42 53.05 -48.86
N UNK P 7 -85.59 52.03 -48.01
CA UNK P 7 -85.13 52.11 -46.60
C UNK P 7 -83.60 52.29 -46.56
N UNK P 8 -82.87 51.57 -47.41
CA UNK P 8 -81.39 51.66 -47.42
C UNK P 8 -80.95 53.08 -47.80
N UNK P 9 -81.62 53.68 -48.80
CA UNK P 9 -81.26 55.04 -49.28
C UNK P 9 -81.46 56.07 -48.16
N UNK P 10 -82.57 55.97 -47.42
CA UNK P 10 -82.86 56.94 -46.33
C UNK P 10 -81.77 56.85 -45.26
N UNK P 11 -81.38 55.63 -44.89
CA UNK P 11 -80.34 55.41 -43.86
C UNK P 11 -79.00 56.00 -44.35
N UNK P 12 -78.70 55.80 -45.64
CA UNK P 12 -77.43 56.29 -46.24
C UNK P 12 -77.36 57.82 -46.17
N UNK P 13 -78.49 58.50 -46.44
CA UNK P 13 -78.52 59.98 -46.46
C UNK P 13 -78.17 60.54 -45.08
N UNK P 14 -78.71 59.97 -44.00
CA UNK P 14 -78.44 60.45 -42.64
C UNK P 14 -76.95 60.29 -42.30
N UNK P 15 -76.38 59.13 -42.66
CA UNK P 15 -74.95 58.84 -42.41
C UNK P 15 -74.06 59.79 -43.22
N UNK P 16 -74.46 60.08 -44.47
CA UNK P 16 -73.68 60.94 -45.39
C UNK P 16 -73.56 62.37 -44.84
N UNK P 17 -74.64 62.91 -44.26
CA UNK P 17 -74.62 64.30 -43.74
C UNK P 17 -73.57 64.42 -42.62
N UNK P 18 -73.48 63.44 -41.73
CA UNK P 18 -72.50 63.47 -40.62
C UNK P 18 -71.22 62.74 -41.04
N UNK P 19 -66.14 59.66 -47.50
CA UNK P 19 -67.19 58.92 -48.25
C UNK P 19 -67.28 57.48 -47.74
N UNK P 20 -68.44 57.10 -47.20
CA UNK P 20 -68.65 55.74 -46.66
C UNK P 20 -68.72 54.73 -47.81
N UNK P 21 -68.30 53.49 -47.54
CA UNK P 21 -68.28 52.40 -48.56
C UNK P 21 -69.72 52.05 -48.98
N UNK P 22 -69.94 51.89 -50.29
CA UNK P 22 -71.28 51.55 -50.81
C UNK P 22 -71.19 50.26 -51.63
N UNK P 23 -72.10 49.30 -51.38
CA UNK P 23 -72.10 48.01 -52.10
C UNK P 23 -72.54 48.22 -53.56
N UNK P 24 -72.09 47.34 -54.46
CA UNK P 24 -72.41 47.45 -55.90
C UNK P 24 -73.89 47.13 -56.16
N UNK P 25 -74.44 47.68 -57.24
CA UNK P 25 -75.86 47.49 -57.64
C UNK P 25 -76.15 46.01 -57.94
N UNK P 26 -75.18 45.30 -58.51
CA UNK P 26 -75.32 43.87 -58.88
C UNK P 26 -75.61 43.00 -57.65
N UNK P 27 -75.02 43.34 -56.49
CA UNK P 27 -75.20 42.52 -55.27
C UNK P 27 -76.69 42.48 -54.91
N UNK P 28 -77.36 43.63 -54.98
CA UNK P 28 -78.82 43.70 -54.68
C UNK P 28 -79.61 43.25 -55.91
N UNK P 29 -80.88 42.89 -55.72
CA UNK P 29 -81.80 42.48 -56.82
C UNK P 29 -81.24 41.29 -57.61
N UNK P 30 -80.65 40.31 -56.92
CA UNK P 30 -80.09 39.11 -57.58
C UNK P 30 -80.72 37.85 -57.00
N UNK P 31 -81.56 37.17 -57.78
CA UNK P 31 -82.25 35.94 -57.33
C UNK P 31 -81.22 34.84 -57.05
N UNK P 32 -80.22 34.71 -57.93
CA UNK P 32 -79.16 33.70 -57.75
C UNK P 32 -78.43 33.93 -56.43
N UNK P 33 -78.06 35.19 -56.16
CA UNK P 33 -77.32 35.55 -54.93
C UNK P 33 -78.11 35.07 -53.71
N UNK P 34 -79.40 35.44 -53.63
CA UNK P 34 -80.27 35.04 -52.50
C UNK P 34 -80.42 33.52 -52.47
N UNK P 35 -80.34 32.93 -51.27
CA UNK P 35 -80.46 31.46 -51.10
C UNK P 35 -81.94 31.07 -50.91
N UNK P 36 -82.82 32.07 -50.83
CA UNK P 36 -84.27 31.85 -50.63
C UNK P 36 -84.89 31.23 -51.89
N UNK P 37 -85.95 30.42 -51.71
CA UNK P 37 -86.64 29.75 -52.84
C UNK P 37 -86.95 30.78 -53.94
N UNK P 38 -86.43 30.56 -55.14
CA UNK P 38 -86.65 31.49 -56.28
C UNK P 38 -87.89 31.06 -57.07
N UNK Q 1 -34.13 29.70 -90.20
CA UNK Q 1 -32.82 29.86 -89.55
C UNK Q 1 -31.87 30.66 -90.46
N UNK Q 2 -32.25 30.81 -91.74
CA UNK Q 2 -31.43 31.56 -92.72
C UNK Q 2 -31.34 33.04 -92.28
N UNK Q 3 -32.45 33.60 -91.81
CA UNK Q 3 -32.50 35.01 -91.36
C UNK Q 3 -31.59 35.19 -90.14
N UNK Q 4 -31.62 34.24 -89.21
CA UNK Q 4 -30.79 34.30 -87.98
C UNK Q 4 -29.32 34.48 -88.37
N UNK Q 5 -28.82 33.61 -89.26
CA UNK Q 5 -27.40 33.65 -89.71
C UNK Q 5 -27.09 34.97 -90.43
N UNK Q 6 -28.03 35.44 -91.26
CA UNK Q 6 -27.81 36.70 -92.03
C UNK Q 6 -27.62 37.88 -91.08
N UNK Q 7 -28.43 37.96 -90.02
CA UNK Q 7 -28.34 39.06 -89.03
C UNK Q 7 -26.96 39.01 -88.35
N UNK Q 8 -26.50 37.82 -88.01
CA UNK Q 8 -25.21 37.61 -87.31
C UNK Q 8 -24.04 38.08 -88.20
N UNK Q 9 -24.11 37.80 -89.51
CA UNK Q 9 -23.00 38.16 -90.42
C UNK Q 9 -22.76 39.67 -90.42
N UNK Q 10 -23.83 40.48 -90.44
CA UNK Q 10 -23.66 41.95 -90.43
C UNK Q 10 -23.00 42.39 -89.11
N UNK Q 11 -23.46 41.84 -87.99
CA UNK Q 11 -22.92 42.19 -86.65
C UNK Q 11 -21.46 41.75 -86.53
N UNK Q 12 -21.14 40.55 -87.03
CA UNK Q 12 -19.78 39.98 -86.96
C UNK Q 12 -18.73 40.95 -87.52
N UNK Q 13 -18.96 41.43 -88.76
CA UNK Q 13 -18.02 42.33 -89.45
C UNK Q 13 -17.65 43.51 -88.53
N UNK Q 14 -18.63 44.05 -87.80
CA UNK Q 14 -18.38 45.19 -86.88
C UNK Q 14 -17.41 44.78 -85.76
N UNK Q 15 -17.58 43.58 -85.21
CA UNK Q 15 -16.72 43.08 -84.11
C UNK Q 15 -15.28 42.86 -84.61
N UNK Q 16 -15.13 42.02 -85.63
CA UNK Q 16 -13.81 41.68 -86.24
C UNK Q 16 -12.97 42.94 -86.45
N UNK Q 17 -13.59 44.03 -86.91
CA UNK Q 17 -12.86 45.31 -87.16
C UNK Q 17 -12.06 45.71 -85.91
N UNK Q 18 -5.37 38.76 -83.67
CA UNK Q 18 -6.24 38.09 -82.67
C UNK Q 18 -7.62 37.83 -83.32
N UNK Q 19 -8.07 36.58 -83.31
CA UNK Q 19 -9.38 36.20 -83.90
C UNK Q 19 -10.34 35.81 -82.77
N UNK Q 20 -11.53 36.42 -82.75
CA UNK Q 20 -12.55 36.13 -81.70
C UNK Q 20 -13.09 34.70 -81.87
N UNK Q 21 -13.46 34.00 -80.78
CA UNK Q 21 -13.94 32.63 -80.91
C UNK Q 21 -15.24 32.53 -81.74
N UNK Q 22 -15.35 31.49 -82.57
CA UNK Q 22 -16.57 31.26 -83.41
C UNK Q 22 -17.05 29.82 -83.15
N UNK Q 23 -18.36 29.64 -82.92
CA UNK Q 23 -18.92 28.29 -82.65
C UNK Q 23 -18.88 27.42 -83.91
N UNK Q 24 -18.81 26.09 -83.79
CA UNK Q 24 -18.75 25.22 -84.97
C UNK Q 24 -20.06 25.24 -85.77
N UNK Q 25 -19.98 24.96 -87.07
CA UNK Q 25 -21.14 24.95 -88.00
C UNK Q 25 -22.17 23.88 -87.59
N UNK Q 26 -21.69 22.76 -87.06
CA UNK Q 26 -22.54 21.60 -86.62
C UNK Q 26 -23.50 22.01 -85.50
N UNK Q 27 -23.11 22.94 -84.63
CA UNK Q 27 -23.98 23.36 -83.49
C UNK Q 27 -25.30 23.89 -84.07
N UNK Q 28 -25.23 24.72 -85.11
CA UNK Q 28 -26.45 25.26 -85.76
C UNK Q 28 -26.98 24.21 -86.75
N UNK Q 29 -28.28 24.28 -87.08
CA UNK Q 29 -28.98 23.40 -88.05
C UNK Q 29 -29.15 21.96 -87.53
N UNK Q 30 -29.00 21.76 -86.22
CA UNK Q 30 -29.18 20.42 -85.60
C UNK Q 30 -30.54 20.37 -84.90
N UNK Q 31 -31.54 19.76 -85.55
CA UNK Q 31 -32.92 19.67 -85.00
C UNK Q 31 -32.92 18.86 -83.70
N UNK Q 32 -32.19 17.75 -83.66
CA UNK Q 32 -32.14 16.89 -82.46
C UNK Q 32 -31.52 17.67 -81.30
N UNK Q 33 -30.45 18.42 -81.58
CA UNK Q 33 -29.75 19.22 -80.55
C UNK Q 33 -30.68 20.29 -79.98
N UNK Q 34 -31.47 20.93 -80.84
CA UNK Q 34 -32.38 22.02 -80.41
C UNK Q 34 -33.41 21.50 -79.39
N UNK Q 35 -33.62 22.24 -78.30
CA UNK Q 35 -34.62 21.85 -77.28
C UNK Q 35 -36.02 22.10 -77.86
N UNK Q 36 -36.09 22.85 -78.96
CA UNK Q 36 -37.36 23.17 -79.65
C UNK Q 36 -37.85 21.96 -80.45
N UNK Q 37 -39.15 21.93 -80.79
CA UNK Q 37 -39.74 20.82 -81.56
C UNK Q 37 -39.08 20.74 -82.94
N UNK Q 38 -38.77 19.52 -83.39
CA UNK Q 38 -38.13 19.30 -84.71
C UNK Q 38 -39.08 18.48 -85.60
N UNK Q 39 -39.33 18.96 -86.82
CA UNK Q 39 -40.22 18.26 -87.77
C UNK Q 39 -39.40 17.70 -88.94
N UNK R 1 0.58 -65.71 39.61
CA UNK R 1 -0.54 -65.65 40.59
C UNK R 1 -0.28 -66.63 41.74
N UNK R 2 -1.19 -67.59 41.92
CA UNK R 2 -1.05 -68.62 42.99
C UNK R 2 0.20 -69.45 42.73
N UNK R 3 0.45 -69.81 41.47
CA UNK R 3 1.64 -70.61 41.10
C UNK R 3 2.91 -69.82 41.45
N UNK R 4 2.92 -68.51 41.14
CA UNK R 4 4.08 -67.64 41.42
C UNK R 4 4.32 -67.56 42.94
N UNK R 5 3.23 -67.44 43.71
CA UNK R 5 3.33 -67.34 45.20
C UNK R 5 3.95 -68.61 45.76
N UNK R 6 3.56 -69.78 45.24
CA UNK R 6 4.11 -71.07 45.72
C UNK R 6 5.62 -71.12 45.45
N UNK R 7 6.03 -70.65 44.26
CA UNK R 7 7.48 -70.66 43.88
C UNK R 7 8.27 -69.77 44.83
N UNK R 8 7.73 -68.58 45.15
CA UNK R 8 8.40 -67.62 46.06
C UNK R 8 8.52 -68.24 47.45
N UNK R 9 7.47 -68.92 47.91
CA UNK R 9 7.46 -69.53 49.27
C UNK R 9 8.58 -70.58 49.38
N UNK R 10 8.75 -71.41 48.34
CA UNK R 10 9.80 -72.46 48.36
C UNK R 10 11.18 -71.79 48.44
N UNK R 11 11.38 -70.71 47.68
CA UNK R 11 12.66 -69.98 47.66
C UNK R 11 12.93 -69.36 49.04
N UNK R 12 11.88 -68.81 49.67
CA UNK R 12 12.01 -68.15 51.00
C UNK R 12 12.45 -69.19 52.06
N UNK R 13 11.89 -70.39 52.01
CA UNK R 13 12.22 -71.45 53.01
C UNK R 13 13.70 -71.83 52.93
N UNK R 14 14.23 -71.97 51.71
CA UNK R 14 15.66 -72.35 51.53
C UNK R 14 16.56 -71.27 52.13
N UNK R 15 16.22 -70.00 51.90
CA UNK R 15 17.01 -68.85 52.42
C UNK R 15 16.98 -68.83 53.95
N UNK R 16 15.80 -69.11 54.54
CA UNK R 16 15.64 -69.08 56.02
C UNK R 16 16.54 -70.12 56.68
N UNK R 17 16.63 -71.33 56.11
CA UNK R 17 17.46 -72.40 56.70
C UNK R 17 18.93 -71.95 56.71
N UNK R 18 19.39 -71.32 55.62
CA UNK R 18 20.79 -70.83 55.53
C UNK R 18 21.05 -69.77 56.60
N UNK R 19 20.08 -68.88 56.83
CA UNK R 19 20.22 -67.80 57.84
C UNK R 19 20.53 -68.43 59.20
N UNK R 20 17.32 -62.78 60.03
CA UNK R 20 16.06 -62.04 59.77
C UNK R 20 16.12 -61.39 58.39
N UNK R 21 15.21 -61.79 57.49
CA UNK R 21 15.16 -61.23 56.12
C UNK R 21 13.84 -60.48 55.91
N UNK R 22 13.90 -59.24 55.44
CA UNK R 22 12.69 -58.43 55.20
C UNK R 22 11.84 -59.08 54.11
N UNK R 23 10.52 -59.07 54.29
CA UNK R 23 9.56 -59.65 53.32
C UNK R 23 8.61 -58.56 52.84
N UNK R 24 8.31 -58.53 51.53
CA UNK R 24 7.39 -57.52 50.95
C UNK R 24 5.97 -57.67 51.51
N UNK R 25 5.22 -56.58 51.58
CA UNK R 25 3.85 -56.64 52.18
C UNK R 25 2.89 -57.41 51.28
N UNK R 26 1.84 -57.98 51.89
CA UNK R 26 0.79 -58.76 51.20
C UNK R 26 0.05 -57.88 50.19
N UNK R 27 -0.17 -56.61 50.54
CA UNK R 27 -0.91 -55.64 49.69
C UNK R 27 -0.22 -55.47 48.33
N UNK R 28 1.12 -55.47 48.30
CA UNK R 28 1.85 -55.27 47.03
C UNK R 28 1.49 -56.37 46.03
N UNK R 29 1.43 -57.62 46.50
CA UNK R 29 1.07 -58.77 45.64
C UNK R 29 -0.45 -58.78 45.41
N UNK R 30 -0.88 -59.41 44.31
CA UNK R 30 -2.32 -59.54 43.96
C UNK R 30 -3.00 -58.18 43.83
N UNK R 31 -2.31 -57.21 43.22
CA UNK R 31 -2.87 -55.84 43.03
C UNK R 31 -2.90 -55.49 41.54
N UNK R 32 -4.10 -55.51 40.93
CA UNK R 32 -4.26 -55.19 39.49
C UNK R 32 -3.85 -53.74 39.21
N UNK R 33 -4.23 -52.83 40.11
CA UNK R 33 -3.91 -51.39 39.94
C UNK R 33 -2.39 -51.19 39.95
N UNK R 34 -1.70 -51.90 40.85
CA UNK R 34 -0.22 -51.80 40.98
C UNK R 34 0.44 -52.27 39.68
N UNK R 35 -0.08 -53.33 39.07
CA UNK R 35 0.49 -53.89 37.82
C UNK R 35 0.40 -52.86 36.69
N UNK R 36 1.47 -52.76 35.89
CA UNK R 36 1.56 -51.82 34.74
C UNK R 36 1.05 -52.51 33.47
N UNK R 37 0.64 -53.78 33.58
CA UNK R 37 0.11 -54.56 32.45
C UNK R 37 -1.35 -54.17 32.18
N UNK R 38 -1.90 -54.58 31.02
CA UNK R 38 -3.29 -54.21 30.67
C UNK R 38 -4.22 -54.69 31.79
N UNK R 39 -5.14 -53.81 32.22
CA UNK R 39 -6.06 -54.11 33.34
C UNK R 39 -7.34 -54.79 32.84
N UNK R 40 -7.73 -55.87 33.53
CA UNK R 40 -8.95 -56.61 33.25
C UNK R 40 -9.38 -57.39 34.48
N ILE S 245 -19.05 -37.01 30.13
CA ILE S 245 -17.95 -37.05 31.09
C ILE S 245 -16.62 -36.88 30.36
N THR S 246 -16.09 -35.66 30.40
CA THR S 246 -14.89 -35.36 29.64
C THR S 246 -13.66 -35.94 30.31
N GLU S 247 -12.53 -35.83 29.62
CA GLU S 247 -11.26 -36.28 30.18
C GLU S 247 -10.72 -35.28 31.20
N ALA S 248 -11.02 -33.99 31.04
CA ALA S 248 -10.57 -33.00 32.01
C ALA S 248 -11.26 -33.17 33.36
N ALA S 249 -12.41 -33.84 33.41
CA ALA S 249 -13.08 -34.08 34.67
C ALA S 249 -12.37 -35.17 35.47
N LEU S 250 -11.99 -36.26 34.81
CA LEU S 250 -11.25 -37.31 35.51
C LEU S 250 -9.94 -36.79 36.06
N VAL S 251 -9.25 -35.94 35.31
CA VAL S 251 -7.99 -35.39 35.79
C VAL S 251 -8.24 -34.49 37.00
N ARG S 252 -9.43 -33.91 37.10
CA ARG S 252 -9.75 -33.11 38.27
C ARG S 252 -9.94 -33.98 39.50
N ASP S 253 -10.61 -35.13 39.34
CA ASP S 253 -10.85 -36.00 40.48
C ASP S 253 -9.62 -36.81 40.84
N ILE S 254 -8.86 -37.26 39.84
CA ILE S 254 -7.65 -38.05 40.12
C ILE S 254 -6.70 -37.25 40.99
N LEU S 255 -6.55 -35.95 40.73
CA LEU S 255 -5.65 -35.14 41.52
C LEU S 255 -6.07 -35.05 42.98
N TYR S 256 -7.25 -35.53 43.34
CA TYR S 256 -7.67 -35.65 44.73
C TYR S 256 -7.50 -37.06 45.26
N VAL S 257 -7.76 -38.07 44.43
CA VAL S 257 -7.62 -39.45 44.87
C VAL S 257 -6.18 -39.76 45.26
N PHE S 258 -5.23 -38.96 44.79
CA PHE S 258 -3.83 -39.13 45.18
C PHE S 258 -3.60 -38.88 46.66
N GLN S 259 -4.58 -38.35 47.38
CA GLN S 259 -4.43 -38.09 48.80
C GLN S 259 -5.39 -38.87 49.68
N GLY S 260 -6.50 -39.37 49.14
CA GLY S 260 -7.51 -40.09 49.90
C GLY S 260 -8.90 -39.53 49.74
N ILE S 261 -9.01 -38.26 49.37
CA ILE S 261 -10.30 -37.62 49.17
C ILE S 261 -10.86 -38.03 47.82
N ASP S 262 -11.99 -38.71 47.82
CA ASP S 262 -12.66 -39.07 46.58
C ASP S 262 -13.14 -37.83 45.85
N ASN S 265 -16.38 -38.55 40.64
CA ASN S 265 -16.73 -39.82 40.01
C ASN S 265 -15.99 -40.98 40.66
N ILE S 266 -14.73 -40.78 40.96
CA ILE S 266 -13.91 -41.82 41.59
C ILE S 266 -14.23 -41.86 43.07
N LYS S 267 -14.53 -43.05 43.58
CA LYS S 267 -14.87 -43.22 45.00
C LYS S 267 -14.14 -44.45 45.52
N MET S 268 -14.21 -44.63 46.84
CA MET S 268 -13.56 -45.76 47.49
C MET S 268 -14.24 -47.07 47.11
N ASN S 273 -10.60 -53.14 47.86
CA ASN S 273 -10.37 -51.79 48.40
C ASN S 273 -10.05 -50.80 47.29
N CYS S 274 -9.99 -51.31 46.06
CA CYS S 274 -9.63 -50.47 44.92
C CYS S 274 -10.59 -49.30 44.77
N TYR S 275 -10.11 -48.25 44.12
CA TYR S 275 -10.92 -47.05 43.87
C TYR S 275 -11.78 -47.30 42.64
N LYS S 276 -12.91 -47.96 42.87
CA LYS S 276 -13.82 -48.28 41.78
C LYS S 276 -14.45 -47.01 41.24
N VAL S 277 -14.31 -46.79 39.93
CA VAL S 277 -14.84 -45.61 39.27
C VAL S 277 -16.18 -45.96 38.66
N GLU S 278 -17.13 -45.04 38.75
CA GLU S 278 -18.46 -45.25 38.18
C GLU S 278 -18.93 -44.01 37.44
N ASN S 282 -21.95 -43.44 30.43
CA ASN S 282 -20.71 -43.26 31.18
C ASN S 282 -19.54 -42.93 30.26
N LEU S 283 -18.36 -43.46 30.59
CA LEU S 283 -17.14 -43.18 29.86
C LEU S 283 -16.66 -44.42 29.12
N SER S 284 -15.66 -44.21 28.27
CA SER S 284 -15.11 -45.27 27.44
C SER S 284 -14.15 -46.14 28.24
N ARG S 285 -14.01 -47.40 27.79
CA ARG S 285 -13.16 -48.35 28.52
C ARG S 285 -11.72 -47.90 28.55
N SER S 286 -11.25 -47.20 27.52
CA SER S 286 -9.87 -46.75 27.49
C SER S 286 -9.54 -45.77 28.61
N LEU S 287 -10.55 -45.18 29.24
CA LEU S 287 -10.33 -44.25 30.35
C LEU S 287 -10.44 -44.91 31.71
N ARG S 288 -11.43 -45.77 31.91
CA ARG S 288 -11.58 -46.44 33.20
C ARG S 288 -10.34 -47.26 33.54
N ASP S 289 -9.73 -47.88 32.54
CA ASP S 289 -8.57 -48.72 32.80
C ASP S 289 -7.41 -47.92 33.37
N THR S 290 -7.11 -46.76 32.78
CA THR S 290 -5.99 -45.98 33.25
C THR S 290 -6.30 -45.27 34.56
N ALA S 291 -7.56 -44.91 34.79
CA ALA S 291 -7.94 -44.30 36.06
C ALA S 291 -7.72 -45.26 37.22
N VAL S 292 -8.13 -46.51 37.05
CA VAL S 292 -7.94 -47.49 38.12
C VAL S 292 -6.45 -47.75 38.35
N ARG S 293 -5.64 -47.66 37.29
CA ARG S 293 -4.20 -47.85 37.47
C ARG S 293 -3.58 -46.66 38.16
N LEU S 294 -4.02 -45.44 37.82
CA LEU S 294 -3.45 -44.25 38.43
C LEU S 294 -3.90 -44.10 39.88
N SER S 295 -5.15 -44.45 40.18
CA SER S 295 -5.65 -44.28 41.53
C SER S 295 -4.97 -45.20 42.53
N GLU S 296 -4.35 -46.28 42.09
CA GLU S 296 -3.69 -47.19 43.02
C GLU S 296 -2.48 -46.55 43.69
N LEU S 297 -2.20 -45.28 43.43
CA LEU S 297 -1.22 -44.54 44.21
C LEU S 297 -1.86 -43.86 45.41
N GLY S 298 -3.17 -43.64 45.37
CA GLY S 298 -3.87 -43.09 46.52
C GLY S 298 -4.03 -44.13 47.60
N TRP S 299 -4.46 -45.33 47.20
CA TRP S 299 -4.59 -46.42 48.18
C TRP S 299 -3.28 -46.71 48.88
N LEU S 300 -2.15 -46.44 48.22
CA LEU S 300 -0.88 -46.52 48.90
C LEU S 300 -0.62 -45.34 49.81
N HIS S 301 -1.27 -44.20 49.55
CA HIS S 301 -1.10 -43.04 50.41
C HIS S 301 -1.95 -43.12 51.67
N ASN S 302 -3.03 -43.90 51.65
CA ASN S 302 -3.82 -44.08 52.86
C ASN S 302 -3.09 -44.97 53.85
N LYS S 303 -2.59 -46.12 53.39
CA LYS S 303 -1.94 -47.07 54.29
C LYS S 303 -0.73 -46.46 54.97
N ILE S 304 -0.01 -45.58 54.27
CA ILE S 304 1.12 -44.90 54.90
C ILE S 304 0.67 -43.77 55.80
N ARG S 305 -0.53 -43.23 55.59
CA ARG S 305 -1.04 -42.16 56.43
C ARG S 305 -1.72 -42.67 57.69
N ARG S 306 -2.40 -43.81 57.62
CA ARG S 306 -3.05 -44.35 58.81
C ARG S 306 -2.02 -44.70 59.88
N TYR S 307 -0.87 -45.23 59.49
CA TYR S 307 0.14 -45.57 60.47
C TYR S 307 0.71 -44.33 61.13
N THR S 308 1.05 -43.32 60.35
CA THR S 308 1.61 -42.11 60.94
C THR S 308 0.59 -41.26 61.60
N ASP S 309 -0.64 -41.73 61.72
CA ASP S 309 -1.71 -41.04 62.42
C ASP S 309 -2.27 -41.86 63.57
N GLN S 310 -2.34 -43.17 63.41
CA GLN S 310 -2.81 -44.03 64.50
C GLN S 310 -1.74 -44.15 65.59
N ARG S 311 -0.48 -44.29 65.19
CA ARG S 311 0.62 -44.42 66.14
C ARG S 311 1.14 -43.09 66.64
N SER S 312 0.75 -41.98 66.02
CA SER S 312 1.04 -40.66 66.55
C SER S 312 0.03 -40.23 67.61
N LEU S 313 -0.83 -41.15 68.05
CA LEU S 313 -1.86 -40.86 69.04
C LEU S 313 -1.46 -41.37 70.42
N ASP S 314 -1.14 -42.66 70.53
CA ASP S 314 -0.77 -43.23 71.82
C ASP S 314 0.64 -42.81 72.20
N ARG S 315 0.83 -42.54 73.48
CA ARG S 315 2.11 -42.06 74.00
C ARG S 315 3.00 -43.18 74.51
N SER S 316 2.67 -44.43 74.19
CA SER S 316 3.46 -45.59 74.63
C SER S 316 4.08 -46.32 73.45
N PHE S 317 4.53 -45.56 72.45
CA PHE S 317 5.18 -46.14 71.29
C PHE S 317 6.70 -45.97 71.34
N GLY S 318 7.22 -45.20 72.28
CA GLY S 318 8.64 -45.16 72.52
C GLY S 318 9.31 -43.93 71.95
N LEU S 319 10.65 -43.96 71.98
CA LEU S 319 11.49 -42.90 71.46
C LEU S 319 12.03 -43.19 70.07
N VAL S 320 12.28 -44.46 69.76
CA VAL S 320 12.67 -44.81 68.40
C VAL S 320 11.47 -44.76 67.47
N GLY S 321 10.33 -45.24 67.94
CA GLY S 321 9.10 -45.21 67.17
C GLY S 321 8.57 -43.81 66.87
N GLN S 322 9.19 -42.78 67.44
CA GLN S 322 8.85 -41.42 67.04
C GLN S 322 9.72 -40.93 65.91
N SER S 323 11.04 -41.11 66.03
CA SER S 323 11.94 -40.76 64.95
C SER S 323 11.62 -41.51 63.67
N PHE S 324 10.91 -42.63 63.76
CA PHE S 324 10.43 -43.28 62.54
C PHE S 324 9.12 -42.65 62.08
N CYS S 325 8.17 -42.50 63.00
CA CYS S 325 6.90 -41.88 62.63
C CYS S 325 7.05 -40.41 62.31
N ALA S 326 8.17 -39.79 62.69
CA ALA S 326 8.48 -38.42 62.30
C ALA S 326 9.53 -38.37 61.21
N ALA S 327 9.89 -39.52 60.63
CA ALA S 327 10.65 -39.57 59.40
C ALA S 327 9.82 -40.05 58.21
N LEU S 328 8.62 -40.54 58.46
CA LEU S 328 7.67 -40.79 57.39
C LEU S 328 6.92 -39.52 56.98
N HIS S 329 7.25 -38.38 57.57
CA HIS S 329 6.63 -37.12 57.20
C HIS S 329 7.50 -36.27 56.31
N GLN S 330 8.82 -36.29 56.49
CA GLN S 330 9.69 -35.62 55.54
C GLN S 330 9.62 -36.29 54.17
N GLU S 331 9.26 -37.57 54.12
CA GLU S 331 9.00 -38.26 52.86
C GLU S 331 7.55 -38.19 52.43
N LEU S 332 6.78 -37.28 53.02
CA LEU S 332 5.44 -36.95 52.55
C LEU S 332 5.26 -35.49 52.18
N ARG S 333 5.97 -34.57 52.84
CA ARG S 333 5.91 -33.18 52.39
C ARG S 333 6.35 -33.08 50.94
N GLU S 334 7.39 -33.82 50.56
CA GLU S 334 7.80 -33.83 49.16
C GLU S 334 6.69 -34.38 48.28
N TYR S 335 6.01 -35.44 48.72
CA TYR S 335 4.87 -35.93 47.96
C TYR S 335 3.73 -34.93 47.96
N TYR S 336 3.73 -33.97 48.88
CA TYR S 336 2.77 -32.89 48.83
C TYR S 336 3.25 -31.73 47.98
N ARG S 337 4.55 -31.67 47.69
CA ARG S 337 5.04 -30.68 46.74
C ARG S 337 4.73 -31.09 45.32
N LEU S 338 4.82 -32.40 45.02
CA LEU S 338 4.48 -32.88 43.69
C LEU S 338 3.02 -32.61 43.37
N LEU S 339 2.12 -32.84 44.34
CA LEU S 339 0.72 -32.57 44.10
C LEU S 339 0.47 -31.08 43.91
N SER S 340 1.31 -30.24 44.49
CA SER S 340 1.19 -28.80 44.26
C SER S 340 1.45 -28.47 42.80
N VAL S 341 2.59 -28.92 42.28
CA VAL S 341 2.96 -28.63 40.90
C VAL S 341 1.92 -29.18 39.93
N LEU S 342 1.50 -30.42 40.15
CA LEU S 342 0.55 -31.05 39.23
C LEU S 342 -0.77 -30.28 39.17
N HIS S 343 -1.13 -29.59 40.25
CA HIS S 343 -2.41 -28.88 40.25
C HIS S 343 -2.33 -27.56 39.51
N SER S 344 -1.15 -26.94 39.45
CA SER S 344 -1.04 -25.65 38.79
C SER S 344 -1.21 -25.79 37.28
N GLN S 345 -0.90 -26.95 36.72
CA GLN S 345 -1.01 -27.17 35.29
C GLN S 345 -2.38 -27.65 34.86
N LEU S 346 -3.25 -28.02 35.80
CA LEU S 346 -4.57 -28.49 35.43
C LEU S 346 -5.42 -27.38 34.81
N GLN S 347 -5.08 -26.12 35.08
CA GLN S 347 -5.83 -24.99 34.55
C GLN S 347 -5.91 -25.01 33.03
N SER S 361 -1.23 -27.86 29.81
CA SER S 361 -2.25 -28.90 29.86
C SER S 361 -1.62 -30.26 30.11
N LEU S 362 -2.31 -31.10 30.87
CA LEU S 362 -1.87 -32.46 31.11
C LEU S 362 -3.07 -33.40 31.00
N THR S 363 -2.80 -34.62 30.57
CA THR S 363 -3.83 -35.62 30.36
C THR S 363 -3.39 -36.93 30.99
N LEU S 364 -4.29 -37.92 30.96
CA LEU S 364 -4.03 -39.18 31.63
C LEU S 364 -2.73 -39.81 31.14
N ARG S 365 -2.65 -40.11 29.84
CA ARG S 365 -1.44 -40.67 29.26
C ARG S 365 -0.21 -39.81 29.51
N ARG S 366 -0.39 -38.56 29.91
CA ARG S 366 0.72 -37.71 30.33
C ARG S 366 1.02 -37.85 31.82
N LEU S 367 0.01 -38.22 32.62
CA LEU S 367 0.24 -38.37 34.05
C LEU S 367 1.13 -39.56 34.35
N LEU S 368 1.00 -40.63 33.55
CA LEU S 368 1.72 -41.87 33.83
C LEU S 368 3.22 -41.64 33.96
N VAL S 369 3.78 -40.79 33.10
CA VAL S 369 5.22 -40.55 33.19
C VAL S 369 5.54 -39.63 34.35
N TRP S 370 4.66 -38.68 34.67
CA TRP S 370 4.89 -37.78 35.80
C TRP S 370 4.95 -38.56 37.10
N THR S 371 4.01 -39.48 37.30
CA THR S 371 3.85 -40.20 38.54
C THR S 371 4.30 -41.66 38.42
N TYR S 372 5.33 -41.92 37.62
CA TYR S 372 5.88 -43.26 37.53
C TYR S 372 6.91 -43.53 38.61
N ASP S 373 7.63 -42.51 39.05
CA ASP S 373 8.59 -42.68 40.12
C ASP S 373 7.93 -42.68 41.50
N PRO S 374 6.99 -41.78 41.80
CA PRO S 374 6.37 -41.82 43.13
C PRO S 374 5.37 -42.94 43.28
N LYS S 375 5.30 -43.86 42.32
CA LYS S 375 4.62 -45.13 42.53
C LYS S 375 5.53 -46.18 43.11
N ILE S 376 6.82 -45.90 43.21
CA ILE S 376 7.79 -46.80 43.80
C ILE S 376 8.10 -46.41 45.23
N ARG S 377 8.40 -45.12 45.46
CA ARG S 377 8.61 -44.67 46.84
C ARG S 377 7.36 -44.88 47.68
N LEU S 378 6.19 -44.71 47.09
CA LEU S 378 4.95 -45.03 47.76
C LEU S 378 4.62 -46.52 47.67
N LYS S 379 5.58 -47.35 47.28
CA LYS S 379 5.45 -48.80 47.32
C LYS S 379 6.50 -49.46 48.19
N THR S 380 7.58 -48.76 48.52
CA THR S 380 8.49 -49.21 49.56
C THR S 380 8.01 -48.77 50.94
N LEU S 381 7.62 -47.50 51.06
CA LEU S 381 7.14 -46.99 52.33
C LEU S 381 5.82 -47.64 52.73
N ALA S 382 4.94 -47.86 51.77
CA ALA S 382 3.68 -48.52 52.08
C ALA S 382 3.85 -50.01 52.35
N ALA S 383 5.04 -50.56 52.11
CA ALA S 383 5.37 -51.92 52.47
C ALA S 383 6.48 -51.99 53.50
N LEU S 384 6.99 -50.85 53.95
CA LEU S 384 7.93 -50.80 55.07
C LEU S 384 7.22 -50.67 56.41
N VAL S 385 5.99 -50.14 56.42
CA VAL S 385 5.24 -50.00 57.66
C VAL S 385 4.46 -51.26 58.02
N ASP S 386 4.33 -52.21 57.09
CA ASP S 386 3.67 -53.47 57.43
C ASP S 386 4.67 -54.50 57.95
N HIS S 387 5.90 -54.48 57.46
CA HIS S 387 6.90 -55.41 57.96
C HIS S 387 7.27 -55.13 59.41
N CYS S 388 7.15 -53.88 59.85
CA CYS S 388 7.41 -53.51 61.22
C CYS S 388 6.12 -52.90 61.80
N GLN S 389 5.24 -53.77 62.27
CA GLN S 389 3.97 -53.36 62.83
C GLN S 389 3.99 -53.32 64.35
N GLY S 390 4.31 -54.42 65.01
CA GLY S 390 4.33 -54.45 66.45
C GLY S 390 5.66 -54.17 67.09
N ARG S 391 6.69 -53.83 66.32
CA ARG S 391 8.00 -53.59 66.89
C ARG S 391 8.09 -52.19 67.46
N LYS S 392 8.59 -52.10 68.70
CA LYS S 392 8.83 -50.83 69.35
C LYS S 392 10.23 -50.82 69.91
N GLY S 393 10.76 -49.62 70.16
CA GLY S 393 12.11 -49.55 70.65
C GLY S 393 13.13 -49.99 69.60
N GLY S 394 14.22 -50.57 70.08
CA GLY S 394 15.30 -50.96 69.18
C GLY S 394 14.90 -52.04 68.21
N GLU S 395 13.93 -52.88 68.58
CA GLU S 395 13.47 -53.94 67.69
C GLU S 395 12.87 -53.39 66.41
N LEU S 396 12.46 -52.12 66.41
CA LEU S 396 12.00 -51.49 65.18
C LEU S 396 13.16 -51.01 64.33
N ALA S 397 14.21 -50.50 64.96
CA ALA S 397 15.43 -50.12 64.25
C ALA S 397 16.18 -51.32 63.70
N SER S 398 15.74 -52.52 64.06
CA SER S 398 16.30 -53.75 63.53
C SER S 398 15.43 -54.37 62.44
N ALA S 399 14.21 -53.87 62.27
CA ALA S 399 13.30 -54.34 61.23
C ALA S 399 13.22 -53.39 60.05
N VAL S 400 13.73 -52.16 60.19
CA VAL S 400 13.93 -51.27 59.06
C VAL S 400 15.35 -51.33 58.54
N HIS S 401 16.19 -52.18 59.15
CA HIS S 401 17.50 -52.51 58.61
C HIS S 401 17.48 -53.77 57.76
N ALA S 402 16.46 -54.62 57.95
CA ALA S 402 16.38 -55.87 57.15
C ALA S 402 16.04 -55.57 55.69
N TYR S 403 15.58 -54.34 55.39
CA TYR S 403 15.17 -53.99 54.00
C TYR S 403 16.20 -53.07 53.33
N THR S 404 17.20 -52.59 54.07
CA THR S 404 18.25 -51.69 53.52
C THR S 404 18.85 -52.32 52.24
N LYS S 405 19.09 -53.63 52.24
CA LYS S 405 19.69 -54.32 51.06
C LYS S 405 18.58 -54.69 50.07
N THR S 406 17.95 -53.70 49.45
CA THR S 406 16.85 -53.93 48.48
C THR S 406 17.41 -54.53 47.18
N GLY S 407 18.72 -54.38 46.95
CA GLY S 407 19.35 -54.90 45.72
C GLY S 407 19.48 -53.82 44.67
N ASP S 408 18.44 -53.01 44.50
CA ASP S 408 18.44 -51.90 43.50
C ASP S 408 18.99 -50.63 44.18
N PRO S 409 19.64 -49.71 43.43
CA PRO S 409 20.18 -48.49 44.07
C PRO S 409 19.11 -47.42 44.32
N TYR S 410 17.92 -47.60 43.76
CA TYR S 410 16.80 -46.62 43.93
C TYR S 410 16.16 -46.81 45.31
N MET S 411 16.32 -47.99 45.90
CA MET S 411 15.74 -48.30 47.23
C MET S 411 16.86 -48.40 48.28
N ARG S 412 17.89 -49.19 47.99
CA ARG S 412 19.03 -49.37 48.94
C ARG S 412 19.56 -47.99 49.36
N SER S 413 19.11 -46.93 48.68
CA SER S 413 19.54 -45.57 48.99
C SER S 413 18.41 -44.72 49.55
N LEU S 414 17.21 -45.27 49.67
CA LEU S 414 16.11 -44.63 50.38
C LEU S 414 16.00 -45.16 51.80
N VAL S 415 15.88 -46.47 51.96
CA VAL S 415 15.77 -47.07 53.28
C VAL S 415 17.03 -46.82 54.08
N GLN S 416 18.19 -46.81 53.42
CA GLN S 416 19.43 -46.52 54.14
C GLN S 416 19.52 -45.08 54.58
N HIS S 417 18.49 -44.28 54.35
CA HIS S 417 18.37 -42.95 54.94
C HIS S 417 17.42 -42.92 56.11
N ILE S 418 16.28 -43.61 56.02
CA ILE S 418 15.39 -43.74 57.16
C ILE S 418 16.08 -44.45 58.31
N LEU S 419 16.98 -45.39 57.99
CA LEU S 419 17.77 -46.00 59.04
C LEU S 419 18.67 -44.99 59.72
N SER S 420 19.16 -44.00 58.99
CA SER S 420 20.03 -43.00 59.60
C SER S 420 19.29 -42.04 60.50
N LEU S 421 17.96 -42.02 60.46
CA LEU S 421 17.15 -41.26 61.40
C LEU S 421 16.60 -42.13 62.53
N VAL S 422 16.15 -43.33 62.20
CA VAL S 422 15.60 -44.22 63.22
C VAL S 422 16.68 -44.66 64.19
N SER S 423 17.91 -44.84 63.72
CA SER S 423 18.99 -45.28 64.58
C SER S 423 19.71 -44.12 65.26
N HIS S 424 19.11 -42.93 65.27
CA HIS S 424 19.71 -41.84 66.03
C HIS S 424 19.35 -41.92 67.51
N PRO S 425 18.09 -42.18 67.89
CA PRO S 425 17.82 -42.36 69.32
C PRO S 425 18.54 -43.55 69.92
N VAL S 426 18.70 -44.64 69.17
CA VAL S 426 19.43 -45.79 69.70
C VAL S 426 20.87 -45.40 70.02
N LEU S 427 21.53 -44.74 69.08
CA LEU S 427 22.88 -44.24 69.36
C LEU S 427 22.88 -43.06 70.31
N SER S 428 21.74 -42.67 70.87
CA SER S 428 21.72 -41.67 71.92
C SER S 428 21.82 -42.31 73.29
N PHE S 429 21.12 -43.43 73.52
CA PHE S 429 21.32 -44.17 74.75
C PHE S 429 22.74 -44.73 74.83
N LEU S 430 23.23 -45.26 73.71
CA LEU S 430 24.54 -45.91 73.70
C LEU S 430 25.64 -44.93 74.11
N TYR S 431 25.66 -43.76 73.50
CA TYR S 431 26.65 -42.77 73.88
C TYR S 431 26.39 -42.17 75.25
N ARG S 432 25.28 -42.54 75.88
CA ARG S 432 24.97 -42.14 77.25
C ARG S 432 25.33 -43.21 78.26
N TRP S 433 25.04 -44.47 77.93
CA TRP S 433 25.33 -45.62 78.79
C TRP S 433 26.79 -46.05 78.72
N ILE S 434 27.60 -45.41 77.90
CA ILE S 434 29.01 -45.76 77.74
C ILE S 434 29.92 -44.74 78.42
N TYR S 435 29.65 -43.46 78.25
CA TYR S 435 30.50 -42.42 78.81
C TYR S 435 30.02 -41.92 80.16
N ASP S 436 28.74 -42.11 80.49
CA ASP S 436 28.19 -41.65 81.76
C ASP S 436 27.54 -42.74 82.59
N GLY S 437 27.15 -43.86 81.98
CA GLY S 437 26.60 -44.95 82.75
C GLY S 437 25.26 -44.66 83.39
N GLU S 438 24.49 -43.73 82.83
CA GLU S 438 23.19 -43.37 83.37
C GLU S 438 22.13 -43.65 82.30
N LEU S 439 21.56 -44.84 82.33
CA LEU S 439 20.50 -45.18 81.41
C LEU S 439 19.17 -44.70 81.95
N GLU S 440 18.34 -44.15 81.06
CA GLU S 440 17.03 -43.62 81.45
C GLU S 440 16.09 -43.83 80.28
N ASP S 441 15.14 -44.73 80.45
CA ASP S 441 14.12 -44.97 79.42
C ASP S 441 12.89 -45.54 80.13
N THR S 442 11.89 -44.69 80.34
CA THR S 442 10.66 -45.15 80.97
C THR S 442 10.05 -46.30 80.18
N TYR S 443 10.09 -46.21 78.87
CA TYR S 443 9.73 -47.33 78.01
C TYR S 443 10.97 -48.18 77.78
N HIS S 444 10.81 -49.49 77.86
CA HIS S 444 11.94 -50.40 77.76
C HIS S 444 12.35 -50.53 76.31
N GLU S 445 13.39 -49.80 75.91
CA GLU S 445 13.91 -49.84 74.55
C GLU S 445 15.35 -50.32 74.50
N PHE S 446 16.23 -49.71 75.28
CA PHE S 446 17.63 -50.10 75.32
C PHE S 446 17.75 -51.56 75.72
N PHE S 447 18.75 -52.25 75.17
CA PHE S 447 18.92 -53.67 75.43
C PHE S 447 19.60 -53.95 76.77
N VAL S 448 19.91 -52.92 77.55
CA VAL S 448 20.44 -53.08 78.90
C VAL S 448 19.31 -52.78 79.87
N ALA S 449 18.84 -53.80 80.59
CA ALA S 449 17.68 -53.68 81.47
C ALA S 449 18.15 -53.73 82.92
N SER S 450 17.93 -52.65 83.65
CA SER S 450 18.33 -52.59 85.04
C SER S 450 17.29 -53.25 85.94
N ASP S 451 17.66 -53.44 87.21
CA ASP S 451 16.78 -54.06 88.20
C ASP S 451 16.78 -53.17 89.44
N PRO S 452 15.64 -52.63 89.85
CA PRO S 452 15.54 -51.77 91.04
C PRO S 452 16.01 -52.44 92.32
N LEU S 459 25.99 -56.16 92.98
CA LEU S 459 25.84 -55.22 91.87
C LEU S 459 26.33 -55.83 90.56
N TRP S 460 27.49 -56.46 90.60
CA TRP S 460 28.04 -57.09 89.40
C TRP S 460 27.18 -58.25 88.94
N HIS S 461 26.80 -59.12 89.85
CA HIS S 461 26.10 -60.34 89.45
C HIS S 461 24.69 -60.06 88.98
N ASP S 462 24.04 -59.04 89.51
CA ASP S 462 22.65 -58.76 89.20
C ASP S 462 22.52 -57.35 88.61
N LYS S 463 21.28 -56.92 88.42
CA LYS S 463 20.93 -55.52 88.14
C LYS S 463 21.28 -55.07 86.73
N TYR S 464 21.97 -55.91 85.95
CA TYR S 464 22.32 -55.53 84.58
C TYR S 464 22.32 -56.79 83.73
N THR S 465 21.23 -57.02 83.02
CA THR S 465 21.07 -58.21 82.20
C THR S 465 20.78 -57.79 80.77
N LEU S 466 21.51 -58.39 79.82
CA LEU S 466 21.31 -58.09 78.42
C LEU S 466 19.91 -58.50 78.00
N ARG S 467 19.36 -57.79 77.01
CA ARG S 467 18.05 -58.08 76.46
C ARG S 467 18.22 -58.67 75.07
N LYS S 468 17.94 -59.96 74.94
CA LYS S 468 18.12 -60.63 73.66
C LYS S 468 17.15 -60.14 72.59
N SER S 469 16.10 -59.43 72.97
CA SER S 469 15.05 -59.07 72.02
C SER S 469 15.24 -57.71 71.39
N MET S 470 15.86 -56.76 72.10
CA MET S 470 15.97 -55.39 71.62
C MET S 470 17.39 -55.06 71.17
N ILE S 471 18.13 -56.03 70.67
CA ILE S 471 19.45 -55.74 70.09
C ILE S 471 19.26 -55.43 68.61
N PRO S 472 19.77 -54.30 68.12
CA PRO S 472 19.62 -53.99 66.70
C PRO S 472 20.39 -54.99 65.84
N SER S 473 19.91 -55.20 64.62
CA SER S 473 20.56 -56.16 63.74
C SER S 473 21.95 -55.71 63.35
N PHE S 474 22.19 -54.41 63.22
CA PHE S 474 23.49 -53.92 62.80
C PHE S 474 24.50 -53.89 63.92
N MET S 475 24.27 -54.64 64.99
CA MET S 475 25.19 -54.75 66.11
C MET S 475 25.37 -56.22 66.43
N THR S 476 26.59 -56.72 66.25
CA THR S 476 26.85 -58.14 66.45
C THR S 476 26.69 -58.51 67.91
N MET S 477 26.37 -59.80 68.15
CA MET S 477 26.04 -60.25 69.49
C MET S 477 27.22 -60.09 70.45
N ASP S 478 28.45 -60.08 69.93
CA ASP S 478 29.60 -59.88 70.81
C ASP S 478 29.79 -58.40 71.16
N GLN S 479 29.48 -57.50 70.23
CA GLN S 479 29.59 -56.08 70.54
C GLN S 479 28.60 -55.66 71.62
N SER S 480 27.49 -56.38 71.73
CA SER S 480 26.49 -56.06 72.74
C SER S 480 26.91 -56.47 74.14
N ARG S 481 28.01 -57.20 74.29
CA ARG S 481 28.54 -57.55 75.59
C ARG S 481 29.74 -56.69 75.98
N LYS S 482 30.21 -55.83 75.07
CA LYS S 482 31.23 -54.86 75.44
C LYS S 482 30.63 -53.54 75.91
N VAL S 483 29.37 -53.26 75.57
CA VAL S 483 28.72 -52.08 76.09
C VAL S 483 28.15 -52.36 77.48
N LEU S 484 27.48 -53.50 77.64
CA LEU S 484 26.97 -53.87 78.96
C LEU S 484 28.08 -54.03 79.97
N LEU S 485 29.30 -54.28 79.51
CA LEU S 485 30.46 -54.32 80.40
C LEU S 485 31.10 -52.96 80.57
N ILE S 486 30.93 -52.05 79.61
CA ILE S 486 31.47 -50.70 79.76
C ILE S 486 30.55 -49.86 80.62
N GLY S 487 29.24 -50.02 80.47
CA GLY S 487 28.31 -49.30 81.32
C GLY S 487 28.41 -49.74 82.76
N LYS S 488 28.43 -51.06 82.98
CA LYS S 488 28.56 -51.58 84.34
C LYS S 488 29.88 -51.18 84.97
N SER S 489 30.94 -51.06 84.18
CA SER S 489 32.23 -50.66 84.73
C SER S 489 32.22 -49.23 85.25
N ILE S 490 31.34 -48.38 84.72
CA ILE S 490 31.27 -47.00 85.17
C ILE S 490 30.22 -46.82 86.25
N ASN S 491 29.10 -47.56 86.17
CA ASN S 491 28.11 -47.47 87.23
C ASN S 491 28.65 -48.03 88.54
N PHE S 492 29.46 -49.09 88.46
CA PHE S 492 30.07 -49.64 89.66
C PHE S 492 31.22 -48.80 90.15
N LEU S 493 31.86 -48.04 89.26
CA LEU S 493 32.96 -47.17 89.67
C LEU S 493 32.45 -45.99 90.49
N HIS S 494 31.19 -45.61 90.32
CA HIS S 494 30.64 -44.46 91.03
C HIS S 494 30.05 -44.84 92.38
N GLN S 495 29.12 -45.80 92.40
CA GLN S 495 28.39 -46.09 93.62
C GLN S 495 29.25 -46.79 94.65
N VAL S 496 29.73 -47.99 94.32
CA VAL S 496 30.41 -48.81 95.33
C VAL S 496 31.84 -48.33 95.54
N CYS S 497 32.61 -48.17 94.46
CA CYS S 497 34.00 -47.75 94.60
C CYS S 497 34.11 -46.34 95.16
N HIS S 498 33.03 -45.56 95.13
CA HIS S 498 32.99 -44.20 95.69
C HIS S 498 34.05 -43.31 95.04
N ASP S 499 33.90 -43.10 93.74
CA ASP S 499 34.80 -42.26 92.97
C ASP S 499 34.01 -41.67 91.81
N GLN S 500 34.35 -40.43 91.44
CA GLN S 500 33.65 -39.73 90.37
C GLN S 500 34.67 -38.98 89.53
N THR S 501 34.36 -38.86 88.24
CA THR S 501 35.25 -38.17 87.31
C THR S 501 34.72 -36.78 86.97
N GLU S 527 29.82 -49.88 60.40
CA GLU S 527 30.89 -48.88 60.41
C GLU S 527 32.16 -49.46 61.00
N ASN S 528 33.26 -48.75 60.80
CA ASN S 528 34.53 -49.11 61.42
C ASN S 528 35.00 -48.13 62.48
N ALA S 529 34.67 -46.84 62.34
CA ALA S 529 34.95 -45.89 63.41
C ALA S 529 34.07 -46.16 64.62
N PHE S 530 32.91 -46.80 64.42
CA PHE S 530 32.05 -47.16 65.53
C PHE S 530 32.65 -48.30 66.35
N GLN S 531 33.19 -49.31 65.68
CA GLN S 531 33.86 -50.40 66.40
C GLN S 531 35.07 -49.88 67.16
N GLY S 532 35.80 -48.93 66.58
CA GLY S 532 36.92 -48.34 67.27
C GLY S 532 36.54 -47.51 68.48
N LYS S 533 35.30 -47.02 68.52
CA LYS S 533 34.86 -46.25 69.67
C LYS S 533 34.58 -47.15 70.87
N ILE S 534 34.00 -48.33 70.63
CA ILE S 534 33.74 -49.26 71.73
C ILE S 534 35.05 -49.72 72.36
N ASP S 535 36.03 -50.08 71.53
CA ASP S 535 37.30 -50.53 72.06
C ASP S 535 38.06 -49.41 72.73
N ALA S 536 37.93 -48.18 72.22
CA ALA S 536 38.59 -47.05 72.87
C ALA S 536 38.01 -46.80 74.24
N ALA S 537 36.71 -46.99 74.42
CA ALA S 537 36.10 -46.85 75.74
C ALA S 537 36.33 -48.06 76.62
N TYR S 538 36.75 -49.19 76.03
CA TYR S 538 37.01 -50.38 76.83
C TYR S 538 38.42 -50.37 77.40
N PHE S 539 39.41 -50.13 76.55
CA PHE S 539 40.81 -50.16 76.98
C PHE S 539 41.20 -48.95 77.79
N GLU S 540 40.25 -48.11 78.17
CA GLU S 540 40.51 -46.97 79.04
C GLU S 540 39.73 -47.07 80.35
N THR S 541 38.45 -47.41 80.29
CA THR S 541 37.64 -47.50 81.50
C THR S 541 38.11 -48.67 82.37
N SER S 542 38.29 -49.84 81.77
CA SER S 542 38.70 -51.01 82.55
C SER S 542 40.10 -50.84 83.12
N LYS S 543 41.03 -50.32 82.31
CA LYS S 543 42.38 -50.08 82.81
C LYS S 543 42.38 -49.08 83.96
N TYR S 544 41.40 -48.18 84.01
CA TYR S 544 41.30 -47.27 85.13
C TYR S 544 40.61 -47.91 86.32
N LEU S 545 39.72 -48.88 86.09
CA LEU S 545 39.04 -49.53 87.20
C LEU S 545 40.02 -50.32 88.06
N LEU S 546 41.06 -50.90 87.45
CA LEU S 546 42.05 -51.63 88.24
C LEU S 546 42.93 -50.69 89.04
N ASP S 547 43.25 -49.53 88.48
CA ASP S 547 44.11 -48.59 89.18
C ASP S 547 43.46 -48.10 90.47
N VAL S 548 42.16 -47.78 90.41
CA VAL S 548 41.47 -47.37 91.61
C VAL S 548 41.21 -48.53 92.54
N LEU S 549 41.24 -49.77 92.03
CA LEU S 549 41.03 -50.95 92.85
C LEU S 549 42.33 -51.53 93.37
N ASN S 550 43.48 -50.96 93.02
CA ASN S 550 44.76 -51.39 93.55
C ASN S 550 45.45 -50.32 94.38
N LYS S 551 45.11 -49.05 94.20
CA LYS S 551 45.69 -47.97 94.97
C LYS S 551 44.79 -47.52 96.12
N LYS S 552 43.48 -47.51 95.92
CA LYS S 552 42.55 -47.11 96.96
C LYS S 552 42.08 -48.28 97.82
N TYR S 553 42.24 -49.50 97.34
CA TYR S 553 41.82 -50.67 98.11
C TYR S 553 42.84 -51.80 98.14
N SER S 554 43.85 -51.79 97.28
CA SER S 554 44.90 -52.80 97.26
C SER S 554 44.31 -54.20 97.16
N LEU S 555 43.60 -54.44 96.06
CA LEU S 555 43.00 -55.75 95.83
C LEU S 555 44.05 -56.84 95.76
N LEU S 556 45.21 -56.54 95.19
CA LEU S 556 46.26 -57.54 95.08
C LEU S 556 46.91 -57.82 96.43
N ASP S 557 47.16 -56.77 97.22
CA ASP S 557 47.80 -56.96 98.51
C ASP S 557 46.95 -57.76 99.48
N HIS S 558 45.69 -58.02 99.16
CA HIS S 558 44.87 -58.91 99.97
C HIS S 558 44.97 -60.36 99.52
N MET S 559 45.11 -60.60 98.22
CA MET S 559 45.26 -61.97 97.74
C MET S 559 46.54 -62.60 98.30
N GLN S 560 47.64 -61.85 98.27
CA GLN S 560 48.88 -62.38 98.85
C GLN S 560 48.75 -62.55 100.36
N ALA S 561 48.11 -61.60 101.03
CA ALA S 561 47.95 -61.70 102.46
C ALA S 561 46.92 -62.74 102.87
N MET S 562 46.02 -63.11 101.97
CA MET S 562 45.03 -64.14 102.28
C MET S 562 45.58 -65.53 102.02
N ARG S 563 46.74 -65.64 101.38
CA ARG S 563 47.45 -66.91 101.27
C ARG S 563 48.36 -67.17 102.44
N ARG S 564 48.99 -66.10 102.98
CA ARG S 564 49.93 -66.29 104.07
C ARG S 564 49.23 -66.80 105.33
N TYR S 565 48.06 -66.27 105.64
CA TYR S 565 47.36 -66.61 106.88
C TYR S 565 46.28 -67.67 106.66
N LEU S 566 45.31 -67.39 105.79
CA LEU S 566 44.19 -68.30 105.63
C LEU S 566 44.59 -69.61 104.97
N LEU S 567 45.73 -69.66 104.27
CA LEU S 567 46.21 -70.87 103.64
C LEU S 567 47.52 -71.37 104.25
N LEU S 568 47.84 -70.90 105.46
CA LEU S 568 49.02 -71.32 106.21
C LEU S 568 50.32 -71.04 105.46
N GLY S 569 50.30 -70.15 104.48
CA GLY S 569 51.49 -69.85 103.72
C GLY S 569 52.57 -69.12 104.47
N GLN S 570 52.35 -68.79 105.74
CA GLN S 570 53.37 -68.09 106.53
C GLN S 570 54.32 -69.05 107.23
N GLY S 571 53.80 -70.10 107.85
CA GLY S 571 54.64 -71.08 108.50
C GLY S 571 55.21 -70.60 109.82
N ASP S 572 55.84 -69.43 109.81
CA ASP S 572 56.43 -68.88 111.03
C ASP S 572 55.34 -68.52 112.03
N PHE S 573 54.23 -67.94 111.54
CA PHE S 573 53.17 -67.51 112.43
C PHE S 573 52.30 -68.67 112.89
N ILE S 574 52.01 -69.62 112.00
CA ILE S 574 51.15 -70.74 112.37
C ILE S 574 51.88 -71.68 113.32
N ARG S 575 53.21 -71.70 113.28
CA ARG S 575 53.95 -72.53 114.23
C ARG S 575 53.74 -72.05 115.66
N HIS S 576 53.94 -70.75 115.90
CA HIS S 576 53.74 -70.21 117.24
C HIS S 576 52.28 -70.28 117.65
N LEU S 577 51.36 -70.24 116.68
CA LEU S 577 49.93 -70.26 117.01
C LEU S 577 49.47 -71.64 117.43
N MET S 578 50.18 -72.69 117.01
CA MET S 578 49.80 -74.04 117.43
C MET S 578 50.39 -74.38 118.80
N ASP S 579 51.39 -73.63 119.26
CA ASP S 579 51.94 -73.87 120.59
C ASP S 579 51.13 -73.18 121.67
N LEU S 580 50.45 -72.08 121.33
CA LEU S 580 49.67 -71.35 122.33
C LEU S 580 48.26 -71.89 122.47
N LEU S 581 47.67 -72.39 121.39
CA LEU S 581 46.33 -72.98 121.47
C LEU S 581 46.34 -74.40 122.00
N LYS S 582 47.51 -74.98 122.27
CA LYS S 582 47.55 -76.34 122.78
C LYS S 582 46.89 -76.47 124.14
N PRO S 583 47.18 -75.65 125.15
CA PRO S 583 46.52 -75.82 126.45
C PRO S 583 45.03 -75.51 126.43
N GLU S 584 44.53 -74.84 125.40
CA GLU S 584 43.13 -74.43 125.38
C GLU S 584 42.24 -75.46 124.69
N LEU S 585 42.62 -75.87 123.47
CA LEU S 585 41.74 -76.70 122.65
C LEU S 585 41.60 -78.12 123.18
N VAL S 586 42.47 -78.55 124.09
CA VAL S 586 42.35 -79.90 124.64
C VAL S 586 41.08 -80.05 125.44
N ARG S 587 40.55 -78.96 125.99
CA ARG S 587 39.30 -78.99 126.72
C ARG S 587 38.14 -79.17 125.76
N PRO S 588 37.00 -79.65 126.25
CA PRO S 588 35.82 -79.77 125.38
C PRO S 588 35.33 -78.39 124.93
N ALA S 589 34.51 -78.40 123.88
CA ALA S 589 34.07 -77.16 123.26
C ALA S 589 33.10 -76.37 124.13
N THR S 590 32.43 -77.02 125.07
CA THR S 590 31.42 -76.34 125.88
C THR S 590 32.03 -75.25 126.75
N THR S 591 33.27 -75.46 127.22
CA THR S 591 33.95 -74.48 128.05
C THR S 591 34.75 -73.46 127.23
N LEU S 592 34.57 -73.45 125.92
CA LEU S 592 35.32 -72.58 125.03
C LEU S 592 34.45 -71.40 124.62
N TYR S 593 34.99 -70.19 124.78
CA TYR S 593 34.30 -68.96 124.41
C TYR S 593 35.24 -68.09 123.60
N GLN S 594 34.69 -67.47 122.55
CA GLN S 594 35.53 -66.81 121.55
C GLN S 594 36.33 -65.66 122.14
N HIS S 595 35.76 -64.94 123.11
CA HIS S 595 36.41 -63.72 123.61
C HIS S 595 37.76 -63.99 124.27
N ASN S 596 38.06 -65.25 124.59
CA ASN S 596 39.34 -65.58 125.22
C ASN S 596 40.43 -65.84 124.20
N LEU S 597 40.09 -66.45 123.06
CA LEU S 597 41.12 -66.84 122.10
C LEU S 597 41.72 -65.64 121.38
N THR S 598 40.96 -64.55 121.25
CA THR S 598 41.45 -63.40 120.49
C THR S 598 42.72 -62.83 121.11
N GLY S 599 42.80 -62.83 122.44
CA GLY S 599 44.01 -62.39 123.09
C GLY S 599 45.21 -63.25 122.76
N ILE S 600 44.98 -64.53 122.49
CA ILE S 600 46.06 -65.43 122.11
C ILE S 600 46.51 -65.17 120.68
N LEU S 601 45.54 -65.06 119.76
CA LEU S 601 45.87 -64.75 118.38
C LEU S 601 46.63 -63.43 118.29
N GLU S 602 46.16 -62.39 118.98
CA GLU S 602 46.85 -61.11 118.97
C GLU S 602 48.26 -61.24 119.52
N THR S 603 48.48 -62.14 120.47
CA THR S 603 49.81 -62.33 121.02
C THR S 603 50.75 -62.93 119.98
N ALA S 604 50.25 -63.88 119.19
CA ALA S 604 51.09 -64.53 118.19
C ALA S 604 51.53 -63.54 117.11
N VAL S 605 50.60 -62.70 116.64
CA VAL S 605 50.94 -61.74 115.60
C VAL S 605 51.99 -60.75 116.09
N ARG S 606 52.07 -60.54 117.40
CA ARG S 606 53.07 -59.63 117.93
C ARG S 606 54.42 -60.32 118.12
N ALA S 607 54.42 -61.65 118.30
CA ALA S 607 55.65 -62.38 118.57
C ALA S 607 56.37 -62.79 117.29
N THR S 608 55.64 -63.35 116.33
CA THR S 608 56.23 -63.86 115.10
C THR S 608 56.58 -62.71 114.17
N ASN S 609 56.98 -63.03 112.95
CA ASN S 609 57.33 -62.02 111.96
C ASN S 609 56.11 -61.35 111.33
N ALA S 610 54.90 -61.80 111.66
CA ALA S 610 53.71 -61.19 111.10
C ALA S 610 53.42 -59.80 111.63
N GLN S 611 54.21 -59.31 112.59
CA GLN S 611 53.99 -57.96 113.10
C GLN S 611 54.34 -56.90 112.07
N PHE S 612 55.43 -57.11 111.34
CA PHE S 612 55.82 -56.19 110.26
C PHE S 612 54.89 -56.43 109.08
N ASP S 613 53.73 -55.78 109.13
CA ASP S 613 52.69 -56.06 108.16
C ASP S 613 51.75 -54.85 108.10
N SER S 614 51.03 -54.74 106.99
CA SER S 614 50.11 -53.64 106.80
C SER S 614 49.03 -53.66 107.86
N PRO S 615 48.78 -52.53 108.56
CA PRO S 615 47.76 -52.55 109.62
C PRO S 615 46.36 -52.81 109.10
N GLU S 616 46.09 -52.49 107.83
CA GLU S 616 44.73 -52.64 107.31
C GLU S 616 44.35 -54.12 107.22
N ILE S 617 45.19 -54.94 106.60
CA ILE S 617 44.88 -56.36 106.47
C ILE S 617 44.86 -57.08 107.80
N LEU S 618 45.56 -56.56 108.81
CA LEU S 618 45.52 -57.13 110.14
C LEU S 618 44.24 -56.77 110.90
N ARG S 619 43.50 -55.77 110.42
CA ARG S 619 42.25 -55.43 111.06
C ARG S 619 41.16 -56.46 110.76
N ARG S 620 41.27 -57.17 109.65
CA ARG S 620 40.25 -58.13 109.27
C ARG S 620 40.55 -59.55 109.73
N LEU S 621 41.81 -59.85 110.07
CA LEU S 621 42.19 -61.19 110.48
C LEU S 621 41.67 -61.46 111.88
N ASP S 622 40.66 -62.32 112.00
CA ASP S 622 40.12 -62.65 113.31
C ASP S 622 39.85 -64.14 113.43
N VAL S 623 39.10 -64.53 114.45
CA VAL S 623 38.77 -65.92 114.72
C VAL S 623 37.26 -66.11 114.51
N ARG S 624 36.87 -67.35 114.30
CA ARG S 624 35.47 -67.73 114.30
C ARG S 624 35.36 -69.16 114.81
N LEU S 625 34.23 -69.46 115.44
CA LEU S 625 34.00 -70.75 116.07
C LEU S 625 32.93 -71.51 115.27
N LEU S 626 33.32 -72.63 114.69
CA LEU S 626 32.40 -73.45 113.91
C LEU S 626 31.49 -74.24 114.85
N GLU S 627 30.25 -74.41 114.44
CA GLU S 627 29.29 -75.20 115.20
C GLU S 627 28.58 -76.21 114.30
N ASP S 632 32.48 -83.02 120.95
CA ASP S 632 33.45 -82.26 120.17
C ASP S 632 34.64 -81.85 121.03
N THR S 633 35.63 -81.22 120.40
CA THR S 633 36.84 -80.78 121.08
C THR S 633 37.30 -79.48 120.44
N GLY S 634 38.17 -78.76 121.16
CA GLY S 634 38.69 -77.50 120.66
C GLY S 634 39.43 -77.60 119.34
N TRP S 635 39.92 -78.79 119.00
CA TRP S 635 40.58 -79.01 117.71
C TRP S 635 39.59 -79.34 116.60
N ASP S 636 38.30 -79.14 116.82
CA ASP S 636 37.29 -79.40 115.81
C ASP S 636 36.45 -78.17 115.48
N VAL S 637 36.54 -77.10 116.27
CA VAL S 637 35.71 -75.92 116.07
C VAL S 637 36.51 -74.64 115.87
N PHE S 638 37.84 -74.70 115.90
CA PHE S 638 38.65 -73.51 115.71
C PHE S 638 39.01 -73.32 114.24
N SER S 639 38.98 -72.07 113.79
CA SER S 639 39.31 -71.73 112.42
C SER S 639 39.36 -70.22 112.29
N LEU S 640 40.19 -69.74 111.36
CA LEU S 640 40.29 -68.32 111.06
C LEU S 640 39.29 -67.96 109.97
N ASP S 641 38.92 -66.68 109.92
CA ASP S 641 37.87 -66.23 109.01
C ASP S 641 38.37 -65.23 107.97
N TYR S 642 39.01 -64.15 108.40
CA TYR S 642 39.41 -63.06 107.52
C TYR S 642 38.21 -62.54 106.72
N HIS S 643 37.25 -61.97 107.43
CA HIS S 643 36.07 -61.42 106.79
C HIS S 643 36.43 -60.20 105.96
N VAL S 644 35.79 -60.05 104.80
CA VAL S 644 36.04 -58.96 103.88
C VAL S 644 34.72 -58.40 103.38
N ASP S 645 34.55 -57.09 103.51
CA ASP S 645 33.34 -56.40 103.07
C ASP S 645 33.75 -55.14 102.33
N GLY S 646 32.89 -54.72 101.40
CA GLY S 646 33.11 -53.51 100.64
C GLY S 646 33.29 -53.76 99.16
N PRO S 647 34.09 -52.92 98.50
CA PRO S 647 34.34 -53.15 97.07
C PRO S 647 35.14 -54.41 96.80
N ILE S 648 36.03 -54.78 97.72
CA ILE S 648 36.82 -55.99 97.54
C ILE S 648 35.95 -57.23 97.64
N ALA S 649 34.73 -57.09 98.16
CA ALA S 649 33.85 -58.24 98.33
C ALA S 649 33.26 -58.74 97.02
N THR S 650 33.44 -58.03 95.91
CA THR S 650 32.95 -58.52 94.64
C THR S 650 33.89 -59.52 93.99
N VAL S 651 35.07 -59.74 94.57
CA VAL S 651 35.99 -60.74 94.06
C VAL S 651 35.82 -62.07 94.79
N PHE S 652 35.40 -62.03 96.05
CA PHE S 652 35.27 -63.23 96.88
C PHE S 652 33.83 -63.72 97.00
N THR S 653 32.87 -62.81 97.10
CA THR S 653 31.46 -63.09 96.81
C THR S 653 30.90 -64.23 97.66
N ARG S 654 31.35 -64.33 98.91
CA ARG S 654 30.72 -65.20 99.89
C ARG S 654 30.89 -66.68 99.54
N GLU S 655 31.46 -66.96 98.37
CA GLU S 655 31.75 -68.34 97.97
C GLU S 655 33.23 -68.68 98.12
N CYS S 656 34.11 -67.73 97.81
CA CYS S 656 35.53 -67.94 98.09
C CYS S 656 35.78 -68.02 99.59
N MET S 657 34.95 -67.35 100.40
CA MET S 657 35.04 -67.49 101.84
C MET S 657 34.35 -68.75 102.35
N SER S 658 33.53 -69.40 101.52
CA SER S 658 32.98 -70.71 101.86
C SER S 658 33.80 -71.85 101.28
N HIS S 659 34.80 -71.55 100.46
CA HIS S 659 35.73 -72.55 99.96
C HIS S 659 37.03 -72.56 100.76
N TYR S 660 37.50 -71.37 101.16
CA TYR S 660 38.74 -71.31 101.94
C TYR S 660 38.60 -72.06 103.25
N LEU S 661 37.50 -71.85 103.97
CA LEU S 661 37.27 -72.61 105.19
C LEU S 661 37.08 -74.09 104.89
N ARG S 662 36.57 -74.43 103.71
CA ARG S 662 36.52 -75.82 103.30
C ARG S 662 37.92 -76.36 103.06
N VAL S 663 38.87 -75.49 102.71
CA VAL S 663 40.26 -75.91 102.55
C VAL S 663 41.00 -75.83 103.88
N PHE S 664 40.76 -74.78 104.66
CA PHE S 664 41.53 -74.56 105.87
C PHE S 664 41.41 -75.73 106.84
N ASN S 665 40.30 -76.45 106.81
CA ASN S 665 40.18 -77.62 107.68
C ASN S 665 41.19 -78.70 107.31
N PHE S 666 41.39 -78.91 106.01
CA PHE S 666 42.34 -79.94 105.59
C PHE S 666 43.79 -79.53 105.87
N LEU S 667 44.10 -78.24 105.80
CA LEU S 667 45.44 -77.80 106.11
C LEU S 667 45.68 -77.69 107.61
N TRP S 668 44.62 -77.58 108.40
CA TRP S 668 44.79 -77.57 109.85
C TRP S 668 45.00 -78.98 110.38
N ARG S 669 44.24 -79.95 109.88
CA ARG S 669 44.43 -81.33 110.31
C ARG S 669 45.81 -81.84 109.93
N ALA S 670 46.19 -81.66 108.67
CA ALA S 670 47.51 -82.09 108.23
C ALA S 670 48.64 -81.28 108.84
N LYS S 671 48.32 -80.31 109.70
CA LYS S 671 49.34 -79.57 110.44
C LYS S 671 49.45 -80.01 111.89
N ARG S 672 48.35 -80.44 112.51
CA ARG S 672 48.44 -80.99 113.86
C ARG S 672 48.86 -82.45 113.82
N MET S 673 48.55 -83.17 112.75
CA MET S 673 49.05 -84.53 112.60
C MET S 673 50.55 -84.58 112.37
N GLU S 674 51.18 -83.43 112.11
CA GLU S 674 52.63 -83.36 111.99
C GLU S 674 53.30 -82.89 113.27
N TYR S 675 52.73 -81.89 113.95
CA TYR S 675 53.32 -81.44 115.21
C TYR S 675 53.13 -82.46 116.32
N ILE S 676 52.22 -83.40 116.15
CA ILE S 676 52.17 -84.56 117.04
C ILE S 676 53.37 -85.46 116.78
N LEU S 677 53.66 -85.74 115.51
CA LEU S 677 54.71 -86.67 115.14
C LEU S 677 56.11 -86.08 115.30
N THR S 678 56.24 -84.78 115.50
CA THR S 678 57.52 -84.23 115.91
C THR S 678 57.61 -84.06 117.42
N ASP S 679 56.49 -84.23 118.13
CA ASP S 679 56.53 -84.30 119.59
C ASP S 679 56.93 -85.69 120.04
N ILE S 680 56.35 -86.72 119.44
CA ILE S 680 56.77 -88.09 119.71
C ILE S 680 58.24 -88.26 119.39
N ARG S 681 58.64 -87.85 118.18
CA ARG S 681 60.05 -87.95 117.79
C ARG S 681 60.95 -87.10 118.68
N LYS S 682 60.39 -86.12 119.40
CA LYS S 682 61.17 -85.41 120.41
C LYS S 682 61.22 -86.17 121.71
N GLY S 683 60.13 -86.86 122.07
CA GLY S 683 60.15 -87.65 123.29
C GLY S 683 61.20 -88.75 123.26
N HIS S 684 61.34 -89.41 122.11
CA HIS S 684 62.28 -90.51 122.00
C HIS S 684 63.73 -90.06 122.11
N MET S 685 64.03 -88.81 121.79
CA MET S 685 65.40 -88.33 121.94
C MET S 685 65.73 -88.03 123.40
N CYS S 686 64.71 -87.75 124.22
CA CYS S 686 64.91 -87.63 125.66
C CYS S 686 64.50 -88.90 126.40
N ASN S 687 63.81 -89.81 125.75
CA ASN S 687 63.47 -91.09 126.37
C ASN S 687 64.72 -91.93 126.58
N ALA S 688 65.40 -92.29 125.50
CA ALA S 688 66.56 -93.16 125.58
C ALA S 688 67.70 -92.56 126.39
N LYS S 689 67.66 -91.28 126.70
CA LYS S 689 68.69 -90.68 127.55
C LYS S 689 68.48 -90.96 129.03
N LEU S 690 67.40 -91.66 129.40
CA LEU S 690 67.11 -92.00 130.79
C LEU S 690 67.17 -93.50 131.03
N LEU S 691 66.39 -94.29 130.28
CA LEU S 691 66.25 -95.71 130.51
C LEU S 691 67.15 -96.54 129.60
N ARG S 692 68.34 -96.02 129.27
CA ARG S 692 69.30 -96.78 128.49
C ARG S 692 70.04 -97.82 129.30
N ASN S 693 69.65 -98.04 130.56
CA ASN S 693 70.30 -99.02 131.42
C ASN S 693 69.47 -100.29 131.62
N MET S 694 68.34 -100.42 130.95
CA MET S 694 67.47 -101.59 131.08
C MET S 694 67.49 -102.38 129.78
N PRO S 695 68.44 -103.31 129.61
CA PRO S 695 68.56 -104.03 128.34
C PRO S 695 67.40 -104.96 128.03
N GLU S 696 66.49 -105.18 128.98
CA GLU S 696 65.32 -106.01 128.74
C GLU S 696 64.14 -105.24 128.16
N PHE S 697 64.22 -103.91 128.12
CA PHE S 697 63.14 -103.09 127.62
C PHE S 697 63.36 -102.59 126.21
N SER S 698 64.60 -102.56 125.74
CA SER S 698 64.89 -102.06 124.39
C SER S 698 64.36 -102.99 123.32
N GLY S 699 64.07 -104.25 123.66
CA GLY S 699 63.51 -105.15 122.66
C GLY S 699 62.13 -104.72 122.20
N VAL S 700 61.30 -104.25 123.13
CA VAL S 700 59.98 -103.75 122.78
C VAL S 700 59.97 -102.26 122.51
N LEU S 701 60.93 -101.51 123.09
CA LEU S 701 61.03 -100.09 122.78
C LEU S 701 61.41 -99.87 121.33
N HIS S 702 62.08 -100.84 120.71
CA HIS S 702 62.53 -100.68 119.33
C HIS S 702 61.34 -100.62 118.38
N GLN S 703 60.35 -101.50 118.56
CA GLN S 703 59.17 -101.45 117.72
C GLN S 703 58.43 -100.13 117.85
N CYS S 704 58.66 -99.39 118.93
CA CYS S 704 58.09 -98.06 119.07
C CYS S 704 58.80 -97.03 118.19
N HIS S 705 60.06 -97.27 117.87
CA HIS S 705 60.80 -96.34 117.02
C HIS S 705 60.50 -96.58 115.54
N ILE S 706 60.56 -97.84 115.11
CA ILE S 706 60.35 -98.15 113.70
C ILE S 706 58.97 -97.72 113.25
N LEU S 707 57.95 -97.99 114.08
CA LEU S 707 56.60 -97.57 113.72
C LEU S 707 56.50 -96.05 113.64
N ALA S 708 57.31 -95.33 114.40
CA ALA S 708 57.33 -93.87 114.30
C ALA S 708 57.95 -93.43 112.98
N SER S 709 59.17 -93.88 112.71
CA SER S 709 59.87 -93.47 111.49
C SER S 709 59.19 -93.97 110.23
N GLU S 710 58.34 -95.00 110.33
CA GLU S 710 57.52 -95.40 109.21
C GLU S 710 56.25 -94.55 109.11
N MET S 711 55.80 -93.95 110.21
CA MET S 711 54.61 -93.13 110.18
C MET S 711 54.92 -91.67 109.85
N VAL S 712 56.08 -91.17 110.31
CA VAL S 712 56.42 -89.78 110.02
C VAL S 712 56.75 -89.59 108.55
N HIS S 713 57.18 -90.65 107.86
CA HIS S 713 57.43 -90.54 106.43
C HIS S 713 56.14 -90.25 105.66
N PHE S 714 55.08 -91.01 105.94
CA PHE S 714 53.83 -90.81 105.23
C PHE S 714 53.28 -89.41 105.42
N ILE S 715 53.53 -88.80 106.58
CA ILE S 715 53.04 -87.46 106.85
C ILE S 715 54.01 -86.41 106.33
N HIS S 716 55.30 -86.57 106.63
CA HIS S 716 56.28 -85.59 106.18
C HIS S 716 56.45 -85.58 104.66
N GLN S 717 55.95 -86.59 103.96
CA GLN S 717 55.92 -86.58 102.50
C GLN S 717 54.67 -85.92 101.96
N MET S 718 53.51 -86.20 102.57
CA MET S 718 52.29 -85.54 102.14
C MET S 718 52.36 -84.03 102.32
N GLN S 719 53.16 -83.57 103.27
CA GLN S 719 53.36 -82.14 103.44
C GLN S 719 54.00 -81.53 102.20
N TYR S 720 54.92 -82.26 101.57
CA TYR S 720 55.59 -81.72 100.39
C TYR S 720 54.64 -81.66 99.21
N TYR S 721 53.82 -82.69 99.02
CA TYR S 721 52.83 -82.65 97.94
C TYR S 721 51.86 -81.50 98.15
N ILE S 722 51.62 -81.11 99.40
CA ILE S 722 50.77 -79.97 99.67
C ILE S 722 51.48 -78.67 99.29
N THR S 723 52.79 -78.60 99.53
CA THR S 723 53.51 -77.36 99.28
C THR S 723 53.81 -77.17 97.80
N PHE S 724 54.41 -78.18 97.16
CA PHE S 724 54.94 -78.01 95.82
C PHE S 724 53.92 -78.27 94.72
N GLU S 725 53.08 -79.29 94.88
CA GLU S 725 52.20 -79.72 93.81
C GLU S 725 50.77 -79.21 93.97
N VAL S 726 50.46 -78.50 95.05
CA VAL S 726 49.13 -77.95 95.28
C VAL S 726 49.18 -76.43 95.49
N LEU S 727 50.06 -75.96 96.37
CA LEU S 727 50.13 -74.53 96.64
C LEU S 727 51.07 -73.81 95.68
N GLU S 728 52.35 -74.20 95.65
CA GLU S 728 53.31 -73.45 94.85
C GLU S 728 53.08 -73.59 93.35
N CYS S 729 52.37 -74.63 92.92
CA CYS S 729 52.11 -74.84 91.50
C CYS S 729 50.79 -74.23 91.04
N SER S 730 49.73 -74.38 91.83
CA SER S 730 48.44 -73.81 91.43
C SER S 730 48.36 -72.31 91.72
N TRP S 731 49.20 -71.78 92.61
CA TRP S 731 49.26 -70.34 92.79
C TRP S 731 50.06 -69.66 91.70
N ASP S 732 51.00 -70.38 91.09
CA ASP S 732 51.80 -69.78 90.03
C ASP S 732 50.96 -69.52 88.79
N GLU S 733 50.01 -70.40 88.50
CA GLU S 733 49.09 -70.16 87.39
C GLU S 733 48.07 -69.07 87.70
N LEU S 734 48.06 -68.54 88.92
CA LEU S 734 47.18 -67.42 89.26
C LEU S 734 47.92 -66.09 89.17
N TRP S 735 49.11 -66.00 89.75
CA TRP S 735 49.87 -64.77 89.64
C TRP S 735 50.38 -64.53 88.23
N ASN S 736 50.30 -65.53 87.35
CA ASN S 736 50.64 -65.34 85.95
C ASN S 736 49.48 -64.84 85.13
N LYS S 737 48.24 -65.20 85.50
CA LYS S 737 47.05 -64.74 84.83
C LYS S 737 46.41 -63.55 85.55
N VAL S 738 47.21 -62.79 86.29
CA VAL S 738 46.77 -61.57 86.95
C VAL S 738 47.61 -60.38 86.55
N GLN S 739 48.94 -60.55 86.54
CA GLN S 739 49.82 -59.49 86.06
C GLN S 739 49.66 -59.23 84.57
N GLN S 740 48.91 -60.05 83.85
CA GLN S 740 48.63 -59.83 82.45
C GLN S 740 47.14 -59.66 82.15
N ALA S 741 46.26 -59.98 83.09
CA ALA S 741 44.83 -59.83 82.88
C ALA S 741 44.44 -58.36 83.06
N GLN S 742 43.15 -58.09 82.92
CA GLN S 742 42.61 -56.74 83.08
C GLN S 742 41.10 -56.84 83.20
N ASP S 743 40.45 -55.67 83.14
CA ASP S 743 38.99 -55.48 83.14
C ASP S 743 38.28 -56.22 84.28
N LEU S 744 39.03 -56.67 85.29
CA LEU S 744 38.47 -57.21 86.53
C LEU S 744 37.56 -58.41 86.29
N ASP S 745 37.40 -58.82 85.04
CA ASP S 745 36.63 -60.01 84.73
C ASP S 745 37.50 -61.15 84.23
N HIS S 746 38.76 -60.89 83.94
CA HIS S 746 39.77 -61.92 83.82
C HIS S 746 40.48 -62.17 85.15
N ILE S 747 40.23 -61.33 86.15
CA ILE S 747 40.78 -61.58 87.48
C ILE S 747 39.84 -62.50 88.26
N ILE S 748 38.54 -62.25 88.21
CA ILE S 748 37.58 -63.12 88.89
C ILE S 748 37.66 -64.52 88.32
N ALA S 749 37.72 -64.64 86.99
CA ALA S 749 37.77 -65.96 86.37
C ALA S 749 39.11 -66.65 86.60
N ALA S 750 40.16 -65.88 86.87
CA ALA S 750 41.44 -66.49 87.22
C ALA S 750 41.53 -66.86 88.68
N HIS S 751 40.81 -66.15 89.54
CA HIS S 751 40.76 -66.50 90.96
C HIS S 751 39.69 -67.53 91.27
N GLU S 752 38.66 -67.66 90.43
CA GLU S 752 37.64 -68.66 90.67
C GLU S 752 38.13 -70.05 90.30
N VAL S 753 38.89 -70.18 89.22
CA VAL S 753 39.46 -71.47 88.88
C VAL S 753 40.61 -71.83 89.79
N PHE S 754 41.24 -70.84 90.43
CA PHE S 754 42.27 -71.12 91.41
C PHE S 754 41.72 -71.82 92.65
N LEU S 755 40.41 -71.72 92.88
CA LEU S 755 39.77 -72.47 93.95
C LEU S 755 39.10 -73.75 93.47
N ASP S 756 39.09 -73.99 92.16
CA ASP S 756 38.55 -75.25 91.66
C ASP S 756 39.63 -76.30 91.45
N THR S 757 40.90 -75.90 91.40
CA THR S 757 41.98 -76.87 91.32
C THR S 757 42.45 -77.31 92.70
N ILE S 758 42.55 -76.38 93.65
CA ILE S 758 42.96 -76.75 95.00
C ILE S 758 41.96 -77.70 95.63
N ILE S 759 40.66 -77.45 95.42
CA ILE S 759 39.66 -78.40 95.87
C ILE S 759 39.80 -79.73 95.14
N SER S 760 40.28 -79.70 93.89
CA SER S 760 40.46 -80.93 93.14
C SER S 760 41.80 -81.59 93.41
N ARG S 761 42.87 -80.80 93.54
CA ARG S 761 44.18 -81.38 93.81
C ARG S 761 44.26 -81.94 95.21
N CYS S 762 43.73 -81.22 96.19
CA CYS S 762 43.43 -81.83 97.47
C CYS S 762 42.23 -82.76 97.29
N LEU S 763 42.03 -83.65 98.26
CA LEU S 763 41.03 -84.69 98.12
C LEU S 763 39.65 -84.26 98.60
N LEU S 764 39.37 -82.96 98.58
CA LEU S 764 38.09 -82.41 99.04
C LEU S 764 37.06 -82.34 97.92
N ASP S 765 37.19 -83.16 96.88
CA ASP S 765 36.24 -83.13 95.79
C ASP S 765 34.93 -83.80 96.20
N SER S 766 34.01 -83.92 95.25
CA SER S 766 32.74 -84.56 95.49
C SER S 766 32.76 -86.04 95.13
N ASP S 767 33.44 -86.40 94.04
CA ASP S 767 33.53 -87.80 93.61
C ASP S 767 34.75 -88.52 94.18
N SER S 768 35.64 -87.81 94.86
CA SER S 768 36.79 -88.43 95.53
C SER S 768 36.50 -88.69 96.99
N ARG S 769 35.23 -88.93 97.34
CA ARG S 769 34.87 -89.11 98.74
C ARG S 769 35.49 -90.36 99.32
N ALA S 770 35.52 -91.45 98.55
CA ALA S 770 36.11 -92.69 99.04
C ALA S 770 37.59 -92.55 99.38
N LEU S 771 38.26 -91.55 98.81
CA LEU S 771 39.68 -91.36 99.08
C LEU S 771 39.93 -90.63 100.38
N LEU S 772 39.15 -89.60 100.69
CA LEU S 772 39.41 -88.81 101.89
C LEU S 772 39.06 -89.59 103.14
N ASN S 773 37.90 -90.26 103.15
CA ASN S 773 37.54 -91.09 104.30
C ASN S 773 38.55 -92.20 104.51
N GLN S 774 39.22 -92.64 103.45
CA GLN S 774 40.31 -93.59 103.60
C GLN S 774 41.53 -92.95 104.24
N LEU S 775 41.79 -91.67 103.95
CA LEU S 775 42.91 -90.99 104.56
C LEU S 775 42.68 -90.73 106.03
N ARG S 776 41.44 -90.48 106.43
CA ARG S 776 41.15 -90.16 107.83
C ARG S 776 41.56 -91.31 108.74
N ALA S 777 41.36 -92.55 108.30
CA ALA S 777 41.77 -93.69 109.10
C ALA S 777 43.27 -93.66 109.40
N VAL S 778 44.08 -93.24 108.42
CA VAL S 778 45.50 -93.10 108.66
C VAL S 778 45.77 -91.95 109.62
N PHE S 779 44.98 -90.87 109.51
CA PHE S 779 45.10 -89.79 110.49
C PHE S 779 44.75 -90.25 111.89
N ASP S 780 43.86 -91.23 112.01
CA ASP S 780 43.47 -91.72 113.33
C ASP S 780 44.55 -92.61 113.94
N GLN S 781 45.19 -93.44 113.12
CA GLN S 781 46.21 -94.34 113.64
C GLN S 781 47.39 -93.59 114.24
N ILE S 782 47.61 -92.33 113.84
CA ILE S 782 48.67 -91.55 114.45
C ILE S 782 48.31 -91.19 115.88
N ILE S 783 47.03 -90.96 116.14
CA ILE S 783 46.62 -90.61 117.50
C ILE S 783 46.68 -91.83 118.40
N GLU S 784 46.22 -92.99 117.91
CA GLU S 784 46.22 -94.20 118.73
C GLU S 784 47.63 -94.61 119.12
N LEU S 785 48.62 -94.35 118.25
CA LEU S 785 50.01 -94.58 118.64
C LEU S 785 50.40 -93.64 119.78
N GLN S 786 50.03 -92.37 119.67
CA GLN S 786 50.39 -91.40 120.70
C GLN S 786 49.70 -91.68 122.03
N ASN S 787 48.62 -92.48 122.02
CA ASN S 787 47.99 -92.93 123.25
C ASN S 787 48.59 -94.22 123.77
N ALA S 788 48.94 -95.14 122.88
CA ALA S 788 49.56 -96.39 123.28
C ALA S 788 51.06 -96.26 123.49
N GLN S 789 51.62 -95.05 123.34
CA GLN S 789 53.05 -94.87 123.55
C GLN S 789 53.34 -94.42 124.98
N ASP S 790 52.73 -93.31 125.39
CA ASP S 790 52.96 -92.80 126.75
C ASP S 790 52.51 -93.80 127.82
N ALA S 791 51.53 -94.66 127.50
CA ALA S 791 51.19 -95.73 128.43
C ALA S 791 52.35 -96.69 128.60
N ILE S 792 53.01 -97.06 127.50
CA ILE S 792 54.19 -97.91 127.60
C ILE S 792 55.39 -97.09 128.06
N TYR S 793 55.39 -95.78 127.79
CA TYR S 793 56.50 -94.94 128.22
C TYR S 793 56.46 -94.71 129.73
N ARG S 794 55.31 -94.28 130.24
CA ARG S 794 55.22 -93.97 131.67
C ARG S 794 55.35 -95.21 132.53
N ALA S 795 54.82 -96.34 132.07
CA ALA S 795 54.91 -97.58 132.84
C ALA S 795 56.36 -98.01 133.05
N ALA S 796 57.27 -97.56 132.20
CA ALA S 796 58.69 -97.85 132.39
C ALA S 796 59.39 -96.82 133.27
N LEU S 797 58.85 -95.61 133.38
CA LEU S 797 59.44 -94.61 134.25
C LEU S 797 59.05 -94.84 135.71
N GLU S 798 57.85 -95.36 135.96
CA GLU S 798 57.48 -95.70 137.33
C GLU S 798 58.36 -96.81 137.87
N GLU S 799 58.50 -97.90 137.11
CA GLU S 799 59.35 -99.01 137.54
C GLU S 799 60.81 -98.57 137.66
N LEU S 800 61.22 -97.58 136.87
CA LEU S 800 62.57 -97.06 137.01
C LEU S 800 62.70 -96.19 138.26
N GLN S 801 61.69 -95.38 138.55
CA GLN S 801 61.75 -94.51 139.72
C GLN S 801 61.73 -95.30 141.01
N ARG S 802 60.89 -96.35 141.07
CA ARG S 802 60.90 -97.22 142.25
C ARG S 802 62.24 -97.91 142.40
N ARG S 803 62.82 -98.37 141.30
CA ARG S 803 64.13 -99.00 141.34
C ARG S 803 65.22 -98.03 141.77
N LEU S 804 65.01 -96.73 141.60
CA LEU S 804 65.97 -95.75 142.09
C LEU S 804 65.89 -95.60 143.60
N GLN S 805 64.68 -95.47 144.15
CA GLN S 805 64.50 -95.30 145.58
C GLN S 805 64.66 -96.60 146.36
N PHE S 806 64.42 -97.74 145.72
CA PHE S 806 64.55 -99.03 146.39
C PHE S 806 65.99 -99.38 146.73
N GLU S 807 66.96 -98.61 146.23
CA GLU S 807 68.37 -98.87 146.49
C GLU S 807 69.16 -97.68 147.00
N GLU S 808 68.66 -96.45 146.84
CA GLU S 808 69.41 -95.29 147.29
C GLU S 808 69.26 -95.07 148.80
N LYS S 809 68.12 -95.43 149.38
CA LYS S 809 67.93 -95.26 150.81
C LYS S 809 68.59 -96.37 151.61
N LYS S 810 68.68 -97.57 151.05
CA LYS S 810 69.27 -98.69 151.75
C LYS S 810 70.76 -98.84 151.48
N LYS S 811 71.27 -98.22 150.43
CA LYS S 811 72.69 -98.31 150.10
C LYS S 811 73.27 -96.92 149.80
N GLU S 825 62.69 -108.26 152.35
CA GLU S 825 62.88 -107.04 151.59
C GLU S 825 63.42 -107.33 150.20
N GLU S 826 64.53 -108.07 150.13
CA GLU S 826 65.13 -108.39 148.85
C GLU S 826 64.33 -109.43 148.09
N GLU S 827 63.51 -110.23 148.78
CA GLU S 827 62.73 -111.27 148.13
C GLU S 827 61.34 -110.81 147.72
N GLU S 828 60.77 -109.83 148.43
CA GLU S 828 59.44 -109.35 148.11
C GLU S 828 59.42 -108.44 146.87
N GLU S 829 60.57 -107.97 146.42
CA GLU S 829 60.65 -107.14 145.22
C GLU S 829 61.00 -107.92 143.98
N ASN S 830 61.75 -109.02 144.11
CA ASN S 830 62.07 -109.82 142.94
C ASN S 830 60.82 -110.37 142.27
N LYS S 831 59.75 -110.59 143.05
CA LYS S 831 58.48 -110.96 142.44
C LYS S 831 57.84 -109.77 141.75
N ARG S 832 58.06 -108.55 142.27
CA ARG S 832 57.59 -107.36 141.58
C ARG S 832 58.43 -107.06 140.35
N ILE S 833 59.75 -107.22 140.45
CA ILE S 833 60.60 -107.10 139.28
C ILE S 833 60.38 -108.26 138.34
N GLY S 834 60.12 -109.45 138.88
CA GLY S 834 59.88 -110.60 138.03
C GLY S 834 58.59 -110.50 137.25
N GLU S 835 57.53 -110.01 137.89
CA GLU S 835 56.26 -109.84 137.17
C GLU S 835 56.35 -108.71 136.16
N PHE S 836 57.19 -107.70 136.43
CA PHE S 836 57.32 -106.58 135.49
C PHE S 836 57.92 -107.05 134.18
N LYS S 837 58.85 -108.00 134.22
CA LYS S 837 59.37 -108.58 132.99
C LYS S 837 58.30 -109.39 132.27
N GLU S 838 57.35 -109.96 133.02
CA GLU S 838 56.31 -110.78 132.41
C GLU S 838 55.23 -109.96 131.73
N SER S 839 55.06 -108.69 132.10
CA SER S 839 54.11 -107.81 131.43
C SER S 839 54.66 -107.24 130.13
N ILE S 840 55.97 -107.38 129.89
CA ILE S 840 56.54 -106.84 128.65
C ILE S 840 55.99 -107.53 127.41
N PRO S 841 55.97 -108.87 127.31
CA PRO S 841 55.41 -109.49 126.10
C PRO S 841 53.95 -109.15 125.86
N LYS S 842 53.23 -108.69 126.88
CA LYS S 842 51.86 -108.23 126.66
C LYS S 842 51.86 -106.94 125.84
N MET S 843 52.72 -105.99 126.21
CA MET S 843 52.80 -104.74 125.45
C MET S 843 53.35 -104.97 124.06
N CYS S 844 54.25 -105.94 123.90
CA CYS S 844 54.78 -106.24 122.57
C CYS S 844 53.69 -106.70 121.61
N SER S 845 52.70 -107.42 122.12
CA SER S 845 51.59 -107.84 121.28
C SER S 845 50.69 -106.68 120.87
N GLN S 846 50.81 -105.53 121.54
CA GLN S 846 50.08 -104.33 121.10
C GLN S 846 50.76 -103.71 119.89
N LEU S 847 52.04 -103.37 120.03
CA LEU S 847 52.76 -102.75 118.92
C LEU S 847 52.97 -103.71 117.76
N ARG S 848 52.81 -105.01 117.98
CA ARG S 848 52.88 -105.96 116.88
C ARG S 848 51.56 -106.04 116.11
N ILE S 849 50.44 -105.77 116.79
CA ILE S 849 49.15 -105.75 116.10
C ILE S 849 48.75 -104.34 115.66
N LEU S 850 49.29 -103.30 116.28
CA LEU S 850 49.02 -101.95 115.81
C LEU S 850 49.76 -101.68 114.52
N THR S 851 51.01 -102.14 114.40
CA THR S 851 51.77 -101.96 113.17
C THR S 851 51.17 -102.76 112.03
N HIS S 852 50.85 -104.03 112.28
CA HIS S 852 50.32 -104.88 111.23
C HIS S 852 48.98 -104.38 110.71
N PHE S 853 48.29 -103.51 111.45
CA PHE S 853 47.07 -102.90 110.95
C PHE S 853 47.32 -101.55 110.32
N TYR S 854 48.38 -100.85 110.73
CA TYR S 854 48.74 -99.59 110.08
C TYR S 854 49.18 -99.83 108.65
N GLN S 855 49.98 -100.86 108.42
CA GLN S 855 50.41 -101.19 107.06
C GLN S 855 49.25 -101.71 106.21
N GLY S 856 48.22 -102.28 106.82
CA GLY S 856 47.07 -102.72 106.07
C GLY S 856 46.14 -101.63 105.62
N ILE S 857 46.29 -100.43 106.20
CA ILE S 857 45.46 -99.30 105.80
C ILE S 857 46.20 -98.35 104.86
N VAL S 858 47.53 -98.44 104.79
CA VAL S 858 48.31 -97.65 103.83
C VAL S 858 48.41 -98.37 102.50
N GLN S 859 48.75 -99.66 102.53
CA GLN S 859 48.78 -100.45 101.30
C GLN S 859 47.40 -100.52 100.65
N GLN S 860 46.34 -100.28 101.42
CA GLN S 860 45.01 -100.10 100.83
C GLN S 860 44.82 -98.67 100.34
N PHE S 861 45.47 -97.71 100.99
CA PHE S 861 45.34 -96.32 100.56
C PHE S 861 45.91 -96.12 99.16
N LEU S 862 47.07 -96.72 98.87
CA LEU S 862 47.70 -96.52 97.58
C LEU S 862 46.85 -97.08 96.45
N VAL S 863 46.19 -98.22 96.68
CA VAL S 863 45.37 -98.83 95.64
C VAL S 863 44.24 -97.89 95.22
N LEU S 864 43.77 -97.04 96.13
CA LEU S 864 42.68 -96.13 95.80
C LEU S 864 43.14 -94.95 94.95
N LEU S 865 44.44 -94.64 94.96
CA LEU S 865 44.91 -93.53 94.12
C LEU S 865 44.86 -93.86 92.63
N THR S 866 45.02 -95.13 92.27
CA THR S 866 44.91 -95.53 90.87
C THR S 866 43.44 -95.53 90.49
N THR S 867 42.91 -94.33 90.28
CA THR S 867 41.49 -94.16 89.98
C THR S 867 41.12 -94.82 88.66
N ASP S 870 42.57 -85.80 88.77
CA ASP S 870 42.59 -87.24 88.52
C ASP S 870 43.92 -87.65 87.91
N GLU S 871 44.75 -86.66 87.57
CA GLU S 871 46.08 -86.91 87.04
C GLU S 871 47.17 -86.42 87.98
N SER S 872 47.01 -85.24 88.57
CA SER S 872 48.01 -84.73 89.50
C SER S 872 48.15 -85.60 90.74
N LEU S 873 47.19 -86.48 91.00
CA LEU S 873 47.32 -87.40 92.13
C LEU S 873 48.42 -88.43 91.89
N ARG S 874 48.75 -88.71 90.63
CA ARG S 874 49.82 -89.65 90.33
C ARG S 874 51.15 -89.18 90.91
N PHE S 875 51.37 -87.87 90.96
CA PHE S 875 52.59 -87.36 91.57
C PHE S 875 52.64 -87.61 93.07
N LEU S 876 51.51 -87.99 93.68
CA LEU S 876 51.52 -88.35 95.09
C LEU S 876 51.94 -89.80 95.29
N SER S 877 51.51 -90.69 94.39
CA SER S 877 51.87 -92.10 94.53
C SER S 877 53.38 -92.30 94.48
N PHE S 878 54.09 -91.44 93.75
CA PHE S 878 55.55 -91.55 93.70
C PHE S 878 56.18 -91.02 94.98
N ARG S 879 55.60 -89.99 95.59
CA ARG S 879 56.17 -89.45 96.82
C ARG S 879 56.15 -90.49 97.93
N LEU S 880 55.06 -91.23 98.06
CA LEU S 880 54.93 -92.22 99.12
C LEU S 880 55.74 -93.47 98.81
N ASP S 881 55.72 -93.92 97.56
CA ASP S 881 56.30 -95.18 97.16
C ASP S 881 57.75 -95.03 96.69
N PHE S 882 58.45 -93.99 97.13
CA PHE S 882 59.86 -93.86 96.80
C PHE S 882 60.62 -95.05 97.37
N ASN S 883 61.61 -95.53 96.61
CA ASN S 883 62.42 -96.71 96.90
C ASN S 883 61.60 -97.97 97.02
N GLU S 884 60.30 -97.91 96.73
CA GLU S 884 59.40 -99.06 96.73
C GLU S 884 59.44 -99.79 98.06
N HIS S 885 59.33 -99.03 99.15
CA HIS S 885 59.25 -99.64 100.47
C HIS S 885 57.99 -100.50 100.59
N TYR S 886 56.92 -100.11 99.90
CA TYR S 886 55.74 -100.91 99.70
C TYR S 886 55.77 -101.51 98.30
N LYS S 887 54.66 -102.13 97.89
CA LYS S 887 54.55 -102.80 96.60
C LYS S 887 55.58 -103.89 96.43
N ALA S 888 56.00 -104.49 97.55
CA ALA S 888 56.97 -105.59 97.56
C ALA S 888 58.24 -105.25 96.80
N ASP T 1 -67.03 -22.41 3.65
CA ASP T 1 -65.56 -22.53 3.90
C ASP T 1 -65.19 -23.94 4.31
N GLU T 2 -64.08 -24.44 3.75
CA GLU T 2 -63.62 -25.79 4.06
C GLU T 2 -62.74 -25.80 5.30
N GLU T 3 -61.94 -24.75 5.47
CA GLU T 3 -61.04 -24.65 6.61
C GLU T 3 -61.69 -24.12 7.88
N VAL T 4 -61.31 -24.71 9.00
CA VAL T 4 -61.81 -24.27 10.29
C VAL T 4 -61.06 -22.97 10.55
N ALA T 5 -61.50 -22.21 11.54
CA ALA T 5 -60.84 -20.96 11.86
C ALA T 5 -59.45 -21.23 12.44
N ALA T 6 -58.48 -20.40 12.08
CA ALA T 6 -57.13 -20.53 12.63
C ALA T 6 -57.09 -19.60 13.83
N LEU T 7 -56.29 -19.95 14.83
CA LEU T 7 -56.17 -19.14 16.04
C LEU T 7 -54.92 -18.27 15.99
N VAL T 8 -55.00 -17.11 16.60
CA VAL T 8 -53.85 -16.20 16.67
C VAL T 8 -53.66 -15.92 18.15
N VAL T 9 -52.50 -16.27 18.67
CA VAL T 9 -52.22 -16.07 20.09
C VAL T 9 -50.95 -15.25 20.29
N ASP T 10 -51.11 -14.02 20.81
CA ASP T 10 -49.98 -13.13 21.07
C ASP T 10 -49.60 -13.27 22.53
N ASN T 11 -48.43 -13.84 22.77
CA ASN T 11 -47.92 -14.07 24.12
C ASN T 11 -47.19 -12.82 24.61
N GLY T 12 -47.83 -12.06 25.50
CA GLY T 12 -47.23 -10.84 26.02
C GLY T 12 -46.67 -10.96 27.41
N SER T 13 -45.65 -10.15 27.70
CA SER T 13 -45.00 -10.17 29.01
C SER T 13 -45.98 -9.81 30.12
N GLY T 14 -46.98 -9.01 29.79
CA GLY T 14 -47.98 -8.62 30.78
C GLY T 14 -49.39 -9.06 30.44
N MET T 15 -49.74 -8.97 29.15
CA MET T 15 -51.08 -9.33 28.70
C MET T 15 -51.03 -10.21 27.44
N CYS T 16 -51.83 -11.27 27.43
CA CYS T 16 -51.89 -12.13 26.26
C CYS T 16 -53.12 -11.71 25.45
N LYS T 17 -53.01 -11.77 24.13
CA LYS T 17 -54.12 -11.40 23.26
C LYS T 17 -54.42 -12.62 22.41
N ALA T 18 -55.69 -13.04 22.38
CA ALA T 18 -56.05 -14.22 21.63
C ALA T 18 -57.30 -14.01 20.80
N GLY T 19 -57.40 -14.70 19.67
CA GLY T 19 -58.56 -14.55 18.83
C GLY T 19 -58.51 -15.44 17.62
N PHE T 20 -59.30 -15.10 16.63
CA PHE T 20 -59.38 -15.88 15.40
C PHE T 20 -58.85 -15.12 14.19
N ALA T 21 -58.06 -15.81 13.37
CA ALA T 21 -57.48 -15.21 12.18
C ALA T 21 -58.64 -14.72 11.31
N GLY T 22 -58.48 -13.53 10.73
CA GLY T 22 -59.53 -12.97 9.90
C GLY T 22 -60.27 -11.86 10.63
N ASP T 23 -60.33 -11.94 11.95
CA ASP T 23 -60.99 -10.92 12.76
C ASP T 23 -60.13 -9.66 12.80
N ASP T 24 -60.77 -8.53 13.06
CA ASP T 24 -60.09 -7.23 13.12
C ASP T 24 -59.45 -6.96 14.47
N ALA T 25 -59.86 -7.71 15.50
CA ALA T 25 -59.32 -7.52 16.83
C ALA T 25 -59.35 -8.82 17.63
N PRO T 26 -58.52 -8.91 18.67
CA PRO T 26 -58.51 -10.14 19.47
C PRO T 26 -59.85 -10.30 20.18
N ARG T 27 -60.25 -11.54 20.41
CA ARG T 27 -61.51 -11.81 21.07
C ARG T 27 -61.32 -11.74 22.59
N ALA T 28 -60.09 -11.94 23.04
CA ALA T 28 -59.79 -11.92 24.47
C ALA T 28 -58.40 -11.42 24.80
N VAL T 29 -58.29 -10.74 25.94
CA VAL T 29 -57.03 -10.22 26.41
C VAL T 29 -57.03 -10.48 27.92
N PHE T 30 -55.95 -11.05 28.43
CA PHE T 30 -55.88 -11.35 29.85
C PHE T 30 -54.46 -11.32 30.37
N PRO T 31 -54.28 -11.11 31.69
CA PRO T 31 -52.97 -11.06 32.32
C PRO T 31 -52.20 -12.37 32.19
N SER T 32 -50.91 -12.26 31.87
CA SER T 32 -50.04 -13.42 31.71
C SER T 32 -49.58 -13.89 33.07
N ILE T 33 -50.54 -14.30 33.89
CA ILE T 33 -50.27 -14.75 35.24
C ILE T 33 -50.97 -16.05 35.59
N VAL T 34 -50.32 -16.83 36.44
CA VAL T 34 -50.84 -18.09 36.93
C VAL T 34 -50.67 -18.03 38.43
N GLY T 35 -51.72 -18.38 39.17
CA GLY T 35 -51.63 -18.34 40.61
C GLY T 35 -52.09 -19.61 41.28
N ARG T 36 -51.47 -19.92 42.41
CA ARG T 36 -51.82 -21.10 43.19
C ARG T 36 -52.02 -20.66 44.64
N PRO T 37 -52.91 -21.35 45.37
CA PRO T 37 -53.20 -21.03 46.77
C PRO T 37 -51.96 -20.87 47.64
N ARG T 38 -51.98 -19.89 48.55
CA ARG T 38 -50.85 -19.67 49.44
C ARG T 38 -50.81 -20.79 50.48
N LYS T 49 -60.57 -26.06 42.49
CA LYS T 49 -59.73 -25.29 41.56
C LYS T 49 -58.33 -25.11 42.16
N ASP T 50 -57.33 -25.71 41.52
CA ASP T 50 -55.95 -25.64 42.00
C ASP T 50 -55.09 -24.55 41.35
N SER T 51 -55.33 -24.27 40.07
CA SER T 51 -54.58 -23.23 39.36
C SER T 51 -55.51 -22.14 38.85
N TYR T 52 -55.08 -20.89 39.00
CA TYR T 52 -55.86 -19.74 38.52
C TYR T 52 -55.05 -19.05 37.45
N VAL T 53 -55.70 -18.68 36.35
CA VAL T 53 -55.01 -18.01 35.25
C VAL T 53 -55.77 -16.80 34.77
N GLY T 54 -55.03 -15.76 34.34
CA GLY T 54 -55.68 -14.57 33.83
C GLY T 54 -56.29 -13.65 34.87
N ASP T 55 -57.40 -13.01 34.49
CA ASP T 55 -58.10 -12.09 35.37
C ASP T 55 -58.47 -12.66 36.73
N GLU T 56 -58.86 -13.92 36.75
CA GLU T 56 -59.25 -14.58 38.00
C GLU T 56 -58.08 -14.65 38.97
N ALA T 57 -56.89 -14.96 38.45
CA ALA T 57 -55.71 -15.04 39.29
C ALA T 57 -55.46 -13.67 39.89
N GLN T 58 -55.68 -12.63 39.07
CA GLN T 58 -55.50 -11.26 39.52
C GLN T 58 -56.56 -10.86 40.54
N SER T 59 -57.80 -11.24 40.27
CA SER T 59 -58.92 -10.93 41.17
C SER T 59 -58.73 -11.56 42.54
N LYS T 60 -58.27 -12.81 42.55
CA LYS T 60 -58.07 -13.53 43.80
C LYS T 60 -56.61 -13.60 44.24
N ARG T 61 -55.81 -12.61 43.81
CA ARG T 61 -54.39 -12.61 44.16
C ARG T 61 -54.17 -12.60 45.67
N GLY T 62 -55.17 -12.12 46.41
CA GLY T 62 -55.06 -12.07 47.86
C GLY T 62 -54.84 -13.42 48.50
N ILE T 63 -55.41 -14.47 47.92
CA ILE T 63 -55.27 -15.81 48.47
C ILE T 63 -54.36 -16.69 47.60
N LEU T 64 -53.59 -16.07 46.72
CA LEU T 64 -52.71 -16.82 45.82
C LEU T 64 -51.30 -16.28 45.79
N THR T 65 -50.41 -17.11 45.24
CA THR T 65 -49.02 -16.74 45.03
C THR T 65 -48.95 -16.68 43.51
N LEU T 66 -48.70 -15.49 42.98
CA LEU T 66 -48.66 -15.29 41.53
C LEU T 66 -47.32 -15.58 40.86
N LYS T 67 -47.40 -16.09 39.64
CA LYS T 67 -46.22 -16.39 38.84
C LYS T 67 -46.37 -15.70 37.49
N TYR T 68 -45.27 -15.18 36.97
CA TYR T 68 -45.24 -14.50 35.69
C TYR T 68 -44.24 -15.27 34.83
N PRO T 69 -44.71 -16.30 34.11
CA PRO T 69 -43.91 -17.16 33.24
C PRO T 69 -43.28 -16.56 31.99
N ILE T 70 -43.66 -15.34 31.64
CA ILE T 70 -43.10 -14.68 30.46
C ILE T 70 -42.91 -13.21 30.82
N GLU T 71 -42.46 -12.99 32.05
CA GLU T 71 -42.24 -11.66 32.60
C GLU T 71 -41.58 -10.61 31.71
N HIS T 72 -40.52 -11.00 30.98
CA HIS T 72 -39.84 -10.05 30.12
C HIS T 72 -39.89 -10.41 28.64
N GLY T 73 -40.97 -11.09 28.24
CA GLY T 73 -41.14 -11.45 26.84
C GLY T 73 -40.68 -12.85 26.49
N ILE T 74 -39.75 -13.39 27.29
CA ILE T 74 -39.22 -14.74 27.06
C ILE T 74 -39.81 -15.70 28.10
N VAL T 75 -40.26 -16.86 27.64
CA VAL T 75 -40.85 -17.85 28.54
C VAL T 75 -39.77 -18.43 29.44
N THR T 76 -39.99 -18.35 30.76
CA THR T 76 -39.02 -18.86 31.73
C THR T 76 -39.52 -20.11 32.46
N ASN T 77 -40.84 -20.30 32.51
CA ASN T 77 -41.40 -21.48 33.15
C ASN T 77 -42.42 -22.07 32.21
N TRP T 78 -42.06 -23.20 31.61
CA TRP T 78 -42.93 -23.85 30.64
C TRP T 78 -44.14 -24.55 31.26
N ASP T 79 -44.05 -24.91 32.53
CA ASP T 79 -45.18 -25.57 33.17
C ASP T 79 -46.33 -24.56 33.27
N ASP T 80 -46.02 -23.34 33.70
CA ASP T 80 -47.06 -22.33 33.80
C ASP T 80 -47.43 -21.74 32.44
N MET T 81 -46.50 -21.75 31.48
CA MET T 81 -46.83 -21.22 30.17
C MET T 81 -47.85 -22.18 29.54
N GLU T 82 -47.67 -23.48 29.79
CA GLU T 82 -48.59 -24.47 29.25
C GLU T 82 -49.99 -24.22 29.81
N LYS T 83 -50.05 -23.82 31.08
CA LYS T 83 -51.32 -23.54 31.74
C LYS T 83 -51.96 -22.28 31.15
N ILE T 84 -51.14 -21.32 30.75
CA ILE T 84 -51.68 -20.11 30.14
C ILE T 84 -52.28 -20.47 28.78
N TRP T 85 -51.60 -21.34 28.04
CA TRP T 85 -52.12 -21.75 26.74
C TRP T 85 -53.39 -22.58 26.92
N HIS T 86 -53.42 -23.46 27.92
CA HIS T 86 -54.60 -24.28 28.18
C HIS T 86 -55.77 -23.33 28.44
N HIS T 87 -55.51 -22.34 29.29
CA HIS T 87 -56.52 -21.33 29.63
C HIS T 87 -57.00 -20.62 28.38
N THR T 88 -56.06 -20.24 27.53
CA THR T 88 -56.38 -19.53 26.31
C THR T 88 -57.39 -20.29 25.43
N PHE T 89 -57.12 -21.57 25.21
CA PHE T 89 -58.01 -22.37 24.36
C PHE T 89 -59.36 -22.70 24.97
N TYR T 90 -59.33 -23.36 26.13
CA TYR T 90 -60.55 -23.81 26.79
C TYR T 90 -61.40 -22.78 27.53
N ASN T 91 -60.75 -21.78 28.13
CA ASN T 91 -61.49 -20.78 28.89
C ASN T 91 -61.82 -19.50 28.11
N GLU T 92 -60.79 -18.89 27.52
CA GLU T 92 -60.97 -17.63 26.78
C GLU T 92 -61.63 -17.77 25.40
N LEU T 93 -61.08 -18.65 24.57
CA LEU T 93 -61.62 -18.83 23.22
C LEU T 93 -62.67 -19.92 23.09
N ARG T 94 -62.72 -20.80 24.08
CA ARG T 94 -63.66 -21.92 24.09
C ARG T 94 -63.61 -22.76 22.82
N VAL T 95 -62.41 -23.20 22.48
CA VAL T 95 -62.19 -24.05 21.31
C VAL T 95 -61.28 -25.19 21.75
N ALA T 96 -61.19 -26.23 20.91
CA ALA T 96 -60.32 -27.37 21.18
C ALA T 96 -59.12 -27.14 20.27
N PRO T 97 -57.92 -26.98 20.83
CA PRO T 97 -56.72 -26.75 20.01
C PRO T 97 -56.42 -27.81 18.96
N GLU T 98 -56.82 -29.05 19.22
CA GLU T 98 -56.58 -30.13 18.28
C GLU T 98 -57.44 -29.95 17.02
N GLU T 99 -58.35 -28.99 17.06
CA GLU T 99 -59.24 -28.72 15.93
C GLU T 99 -58.94 -27.45 15.13
N HIS T 100 -57.90 -26.72 15.51
CA HIS T 100 -57.57 -25.47 14.82
C HIS T 100 -56.07 -25.20 14.68
N PRO T 101 -55.64 -24.68 13.53
CA PRO T 101 -54.22 -24.37 13.37
C PRO T 101 -53.96 -23.21 14.36
N VAL T 102 -52.74 -23.07 14.86
CA VAL T 102 -52.46 -22.00 15.80
C VAL T 102 -51.21 -21.20 15.46
N LEU T 103 -51.38 -19.89 15.31
CA LEU T 103 -50.26 -19.01 15.03
C LEU T 103 -49.90 -18.35 16.36
N LEU T 104 -48.65 -18.54 16.79
CA LEU T 104 -48.16 -18.00 18.05
C LEU T 104 -47.12 -16.92 17.77
N THR T 105 -46.97 -15.99 18.71
CA THR T 105 -45.99 -14.91 18.56
C THR T 105 -44.84 -15.14 19.54
N GLU T 106 -43.68 -14.61 19.21
CA GLU T 106 -42.52 -14.74 20.08
C GLU T 106 -41.76 -13.43 20.12
N ALA T 107 -40.97 -13.25 21.17
CA ALA T 107 -40.19 -12.04 21.32
C ALA T 107 -39.01 -12.03 20.37
N PRO T 108 -38.44 -10.84 20.12
CA PRO T 108 -37.27 -10.76 19.24
C PRO T 108 -36.14 -11.45 20.01
N LEU T 109 -35.18 -12.00 19.29
CA LEU T 109 -34.05 -12.69 19.92
C LEU T 109 -34.45 -13.83 20.85
N ASN T 110 -35.51 -14.55 20.49
CA ASN T 110 -35.98 -15.67 21.29
C ASN T 110 -35.02 -16.86 21.06
N PRO T 111 -34.46 -17.42 22.14
CA PRO T 111 -33.54 -18.55 22.01
C PRO T 111 -34.11 -19.68 21.13
N LYS T 112 -33.26 -20.25 20.27
CA LYS T 112 -33.68 -21.31 19.37
C LYS T 112 -34.35 -22.47 20.10
N ALA T 113 -33.79 -22.86 21.25
CA ALA T 113 -34.35 -23.95 22.03
C ALA T 113 -35.79 -23.67 22.45
N ASN T 114 -36.08 -22.40 22.72
CA ASN T 114 -37.44 -22.04 23.12
C ASN T 114 -38.42 -22.24 21.97
N ARG T 115 -37.98 -21.94 20.76
CA ARG T 115 -38.82 -22.11 19.58
C ARG T 115 -39.19 -23.57 19.42
N GLU T 116 -38.24 -24.47 19.66
CA GLU T 116 -38.49 -25.90 19.53
C GLU T 116 -39.45 -26.38 20.62
N LYS T 117 -39.30 -25.82 21.81
CA LYS T 117 -40.14 -26.18 22.95
C LYS T 117 -41.59 -25.81 22.67
N MET T 118 -41.80 -24.60 22.17
CA MET T 118 -43.14 -24.14 21.86
C MET T 118 -43.77 -25.06 20.81
N THR T 119 -42.97 -25.41 19.80
CA THR T 119 -43.44 -26.28 18.74
C THR T 119 -43.84 -27.66 19.29
N GLN T 120 -42.94 -28.26 20.06
CA GLN T 120 -43.22 -29.57 20.65
C GLN T 120 -44.47 -29.57 21.52
N ILE T 121 -44.64 -28.51 22.33
CA ILE T 121 -45.82 -28.42 23.19
C ILE T 121 -47.12 -28.32 22.40
N MET T 122 -47.13 -27.54 21.33
CA MET T 122 -48.33 -27.40 20.52
C MET T 122 -48.75 -28.73 19.88
N PHE T 123 -47.80 -29.43 19.28
CA PHE T 123 -48.10 -30.70 18.63
C PHE T 123 -48.27 -31.89 19.55
N GLU T 124 -47.44 -31.99 20.59
CA GLU T 124 -47.52 -33.12 21.50
C GLU T 124 -48.46 -32.98 22.69
N THR T 125 -48.56 -31.79 23.24
CA THR T 125 -49.44 -31.56 24.38
C THR T 125 -50.84 -31.15 23.95
N PHE T 126 -50.94 -30.23 23.00
CA PHE T 126 -52.24 -29.76 22.53
C PHE T 126 -52.72 -30.42 21.23
N ASN T 127 -51.85 -31.22 20.62
CA ASN T 127 -52.19 -31.92 19.38
C ASN T 127 -52.74 -30.99 18.29
N THR T 128 -52.14 -29.82 18.13
CA THR T 128 -52.61 -28.89 17.10
C THR T 128 -52.41 -29.51 15.72
N PRO T 129 -53.37 -29.30 14.81
CA PRO T 129 -53.26 -29.87 13.46
C PRO T 129 -52.19 -29.14 12.66
N ALA T 130 -51.90 -27.91 13.08
CA ALA T 130 -50.89 -27.09 12.43
C ALA T 130 -50.54 -25.91 13.31
N MET T 131 -49.34 -25.36 13.11
CA MET T 131 -48.92 -24.22 13.89
C MET T 131 -47.80 -23.45 13.21
N TYR T 132 -47.52 -22.27 13.73
CA TYR T 132 -46.49 -21.42 13.19
C TYR T 132 -46.15 -20.40 14.27
N VAL T 133 -44.91 -19.89 14.23
CA VAL T 133 -44.50 -18.90 15.20
C VAL T 133 -43.84 -17.73 14.46
N ALA T 134 -44.28 -16.52 14.78
CA ALA T 134 -43.75 -15.33 14.14
C ALA T 134 -43.30 -14.30 15.18
N ILE T 135 -42.28 -13.53 14.82
CA ILE T 135 -41.75 -12.50 15.71
C ILE T 135 -42.76 -11.38 15.84
N GLN T 136 -43.02 -10.95 17.07
CA GLN T 136 -43.98 -9.89 17.33
C GLN T 136 -43.76 -8.62 16.51
N ALA T 137 -42.56 -8.09 16.54
CA ALA T 137 -42.25 -6.88 15.79
C ALA T 137 -42.55 -7.01 14.29
N VAL T 138 -42.26 -8.18 13.73
CA VAL T 138 -42.52 -8.41 12.31
C VAL T 138 -44.01 -8.33 12.00
N LEU T 139 -44.84 -8.92 12.87
CA LEU T 139 -46.29 -8.86 12.68
C LEU T 139 -46.80 -7.43 12.73
N SER T 140 -46.27 -6.62 13.65
CA SER T 140 -46.70 -5.23 13.74
C SER T 140 -46.35 -4.49 12.44
N LEU T 141 -45.18 -4.77 11.88
CA LEU T 141 -44.78 -4.12 10.64
C LEU T 141 -45.76 -4.52 9.54
N TYR T 142 -46.13 -5.79 9.49
CA TYR T 142 -47.07 -6.28 8.48
C TYR T 142 -48.39 -5.54 8.60
N ALA T 143 -48.85 -5.36 9.83
CA ALA T 143 -50.11 -4.67 10.09
C ALA T 143 -50.08 -3.23 9.54
N SER T 144 -48.89 -2.64 9.44
CA SER T 144 -48.79 -1.28 8.92
C SER T 144 -48.68 -1.27 7.39
N GLY T 145 -48.74 -2.45 6.79
CA GLY T 145 -48.66 -2.57 5.34
C GLY T 145 -47.26 -2.50 4.77
N ARG T 146 -46.26 -2.87 5.59
CA ARG T 146 -44.86 -2.83 5.17
C ARG T 146 -44.15 -4.15 5.43
N THR T 147 -43.05 -4.37 4.73
CA THR T 147 -42.22 -5.55 4.91
C THR T 147 -40.81 -5.10 5.30
N THR T 148 -40.57 -3.80 5.19
CA THR T 148 -39.27 -3.21 5.55
C THR T 148 -39.47 -1.99 6.46
N GLY T 149 -38.65 -1.91 7.50
CA GLY T 149 -38.74 -0.80 8.43
C GLY T 149 -38.18 -1.18 9.79
N ILE T 150 -38.14 -0.24 10.72
CA ILE T 150 -37.66 -0.56 12.05
C ILE T 150 -38.83 -0.37 13.02
N VAL T 151 -39.06 -1.37 13.86
CA VAL T 151 -40.15 -1.30 14.81
C VAL T 151 -39.66 -1.08 16.23
N LEU T 152 -40.25 -0.10 16.91
CA LEU T 152 -39.95 0.15 18.31
C LEU T 152 -41.13 -0.44 19.04
N ASP T 153 -40.95 -1.60 19.67
CA ASP T 153 -42.03 -2.27 20.39
C ASP T 153 -41.81 -2.09 21.89
N SER T 154 -42.70 -1.34 22.54
CA SER T 154 -42.59 -1.11 23.98
C SER T 154 -43.85 -1.64 24.63
N GLY T 155 -43.71 -2.68 25.43
CA GLY T 155 -44.85 -3.29 26.10
C GLY T 155 -44.90 -3.07 27.60
N ASP T 156 -45.11 -4.16 28.33
CA ASP T 156 -45.22 -4.09 29.78
C ASP T 156 -43.89 -4.37 30.48
N GLY T 157 -43.25 -5.48 30.14
CA GLY T 157 -41.99 -5.83 30.77
C GLY T 157 -40.74 -5.69 29.94
N VAL T 158 -40.86 -5.24 28.70
CA VAL T 158 -39.69 -5.11 27.85
C VAL T 158 -39.97 -4.27 26.61
N SER T 159 -38.91 -3.69 26.05
CA SER T 159 -39.00 -2.89 24.83
C SER T 159 -37.90 -3.37 23.90
N HIS T 160 -38.16 -3.30 22.59
CA HIS T 160 -37.18 -3.71 21.59
C HIS T 160 -37.22 -2.77 20.38
N THR T 161 -36.07 -2.62 19.73
CA THR T 161 -35.98 -1.87 18.49
C THR T 161 -35.57 -2.98 17.53
N VAL T 162 -36.44 -3.25 16.56
CA VAL T 162 -36.22 -4.34 15.62
C VAL T 162 -36.19 -3.94 14.14
N PRO T 163 -34.99 -3.89 13.55
CA PRO T 163 -34.89 -3.54 12.13
C PRO T 163 -35.34 -4.76 11.33
N ILE T 164 -36.19 -4.53 10.32
CA ILE T 164 -36.73 -5.59 9.49
C ILE T 164 -36.56 -5.23 8.03
N TYR T 165 -36.01 -6.15 7.24
CA TYR T 165 -35.81 -5.89 5.82
C TYR T 165 -36.41 -7.02 4.99
N GLU T 166 -37.37 -6.69 4.15
CA GLU T 166 -38.03 -7.67 3.29
C GLU T 166 -38.68 -8.79 4.08
N GLY T 167 -39.26 -8.46 5.22
CA GLY T 167 -39.92 -9.44 6.05
C GLY T 167 -39.03 -10.17 7.05
N TYR T 168 -37.73 -9.97 6.95
CA TYR T 168 -36.81 -10.63 7.87
C TYR T 168 -36.20 -9.71 8.91
N ALA T 169 -36.36 -10.06 10.16
CA ALA T 169 -35.79 -9.28 11.25
C ALA T 169 -34.27 -9.48 11.17
N LEU T 170 -33.51 -8.46 11.51
CA LEU T 170 -32.05 -8.55 11.47
C LEU T 170 -31.55 -8.68 12.90
N PRO T 171 -31.40 -9.93 13.39
CA PRO T 171 -30.94 -10.21 14.75
C PRO T 171 -29.70 -9.47 15.25
N HIS T 172 -28.74 -9.25 14.36
CA HIS T 172 -27.51 -8.55 14.78
C HIS T 172 -27.74 -7.09 15.17
N ALA T 173 -28.79 -6.49 14.62
CA ALA T 173 -29.11 -5.09 14.88
C ALA T 173 -30.24 -4.86 15.88
N ILE T 174 -30.82 -5.94 16.38
CA ILE T 174 -31.91 -5.82 17.35
C ILE T 174 -31.37 -5.42 18.72
N LEU T 175 -32.04 -4.47 19.37
CA LEU T 175 -31.62 -4.04 20.69
C LEU T 175 -32.77 -4.22 21.69
N ARG T 176 -32.42 -4.65 22.90
CA ARG T 176 -33.40 -4.86 23.94
C ARG T 176 -33.22 -3.82 25.04
N LEU T 177 -34.33 -3.25 25.47
CA LEU T 177 -34.31 -2.23 26.51
C LEU T 177 -35.19 -2.72 27.65
N ASP T 178 -34.58 -2.99 28.80
CA ASP T 178 -35.33 -3.46 29.95
C ASP T 178 -35.97 -2.28 30.66
N LEU T 179 -36.81 -1.57 29.91
CA LEU T 179 -37.54 -0.41 30.40
C LEU T 179 -38.83 -0.38 29.61
N ALA T 180 -39.95 -0.54 30.31
CA ALA T 180 -41.24 -0.52 29.65
C ALA T 180 -42.37 -0.06 30.57
N GLY T 181 -43.60 -0.36 30.18
CA GLY T 181 -44.76 0.04 30.94
C GLY T 181 -44.74 -0.18 32.44
N ARG T 182 -44.25 -1.34 32.88
CA ARG T 182 -44.18 -1.65 34.31
C ARG T 182 -43.33 -0.64 35.06
N ASP T 183 -42.16 -0.32 34.51
CA ASP T 183 -41.25 0.63 35.13
C ASP T 183 -41.87 2.02 35.19
N LEU T 184 -42.60 2.40 34.15
CA LEU T 184 -43.23 3.70 34.10
C LEU T 184 -44.33 3.81 35.15
N THR T 185 -45.08 2.73 35.34
CA THR T 185 -46.15 2.73 36.34
C THR T 185 -45.54 2.95 37.74
N ASP T 186 -44.49 2.19 38.07
CA ASP T 186 -43.85 2.32 39.36
C ASP T 186 -43.23 3.70 39.56
N TYR T 187 -42.69 4.28 38.49
CA TYR T 187 -42.09 5.60 38.57
C TYR T 187 -43.18 6.64 38.85
N LEU T 188 -44.35 6.47 38.26
CA LEU T 188 -45.44 7.41 38.48
C LEU T 188 -45.90 7.31 39.94
N MET T 189 -45.94 6.09 40.48
CA MET T 189 -46.34 5.91 41.88
C MET T 189 -45.35 6.69 42.75
N LYS T 190 -44.07 6.58 42.41
CA LYS T 190 -43.01 7.25 43.17
C LYS T 190 -43.10 8.78 43.15
N ILE T 191 -43.30 9.38 41.98
CA ILE T 191 -43.38 10.84 41.92
C ILE T 191 -44.70 11.40 42.43
N LEU T 192 -45.77 10.62 42.35
CA LEU T 192 -47.05 11.10 42.88
C LEU T 192 -46.94 11.08 44.41
N THR T 193 -46.19 10.11 44.94
CA THR T 193 -45.98 10.00 46.37
C THR T 193 -45.11 11.17 46.83
N GLU T 194 -44.12 11.52 46.03
CA GLU T 194 -43.25 12.63 46.36
C GLU T 194 -44.02 13.94 46.32
N ARG T 195 -45.11 13.97 45.55
CA ARG T 195 -45.96 15.14 45.44
C ARG T 195 -46.72 15.37 46.75
N GLY T 196 -46.95 14.30 47.51
CA GLY T 196 -47.67 14.46 48.76
C GLY T 196 -48.75 13.41 48.94
N TYR T 197 -48.99 12.62 47.92
CA TYR T 197 -49.99 11.57 48.00
C TYR T 197 -49.23 10.34 48.49
N SER T 198 -49.84 9.17 48.34
CA SER T 198 -49.18 7.95 48.76
C SER T 198 -49.70 6.75 47.98
N PHE T 199 -48.96 6.36 46.95
CA PHE T 199 -49.32 5.21 46.13
C PHE T 199 -48.15 4.24 46.25
N THR T 200 -48.34 3.18 47.03
CA THR T 200 -47.29 2.22 47.28
C THR T 200 -47.71 0.75 47.23
N THR T 201 -48.98 0.49 47.54
CA THR T 201 -49.47 -0.89 47.57
C THR T 201 -49.82 -1.46 46.19
N THR T 202 -49.97 -2.78 46.12
CA THR T 202 -50.30 -3.43 44.86
C THR T 202 -51.65 -2.92 44.33
N GLU T 203 -52.58 -2.63 45.23
CA GLU T 203 -53.88 -2.14 44.82
C GLU T 203 -53.68 -0.75 44.22
N GLU T 204 -52.86 0.04 44.89
CA GLU T 204 -52.57 1.40 44.44
C GLU T 204 -51.78 1.41 43.13
N ARG T 205 -51.05 0.34 42.85
CA ARG T 205 -50.29 0.25 41.62
C ARG T 205 -51.26 0.16 40.43
N GLU T 206 -52.37 -0.56 40.65
CA GLU T 206 -53.39 -0.69 39.61
C GLU T 206 -54.06 0.63 39.32
N ILE T 207 -54.29 1.43 40.36
CA ILE T 207 -54.92 2.73 40.20
C ILE T 207 -54.00 3.66 39.41
N VAL T 208 -52.72 3.69 39.78
CA VAL T 208 -51.75 4.54 39.10
C VAL T 208 -51.56 4.10 37.65
N ARG T 209 -51.66 2.80 37.41
CA ARG T 209 -51.51 2.30 36.04
C ARG T 209 -52.63 2.93 35.21
N ASP T 210 -53.81 3.06 35.82
CA ASP T 210 -54.95 3.66 35.13
C ASP T 210 -54.69 5.14 34.90
N ILE T 211 -54.19 5.84 35.92
CA ILE T 211 -53.90 7.27 35.79
C ILE T 211 -52.90 7.45 34.65
N LYS T 212 -51.90 6.58 34.62
CA LYS T 212 -50.87 6.62 33.60
C LYS T 212 -51.45 6.50 32.20
N GLU T 213 -52.27 5.48 31.99
CA GLU T 213 -52.86 5.24 30.68
C GLU T 213 -53.86 6.31 30.26
N LYS T 214 -54.43 7.03 31.21
CA LYS T 214 -55.43 8.04 30.87
C LYS T 214 -54.98 9.50 30.81
N LEU T 215 -54.06 9.89 31.68
CA LEU T 215 -53.65 11.30 31.73
C LEU T 215 -52.21 11.66 31.37
N CYS T 216 -51.35 10.67 31.16
CA CYS T 216 -49.95 10.95 30.82
C CYS T 216 -49.78 11.30 29.35
N TYR T 217 -48.67 11.98 29.05
CA TYR T 217 -48.34 12.35 27.68
C TYR T 217 -46.86 12.67 27.57
N VAL T 218 -46.34 12.63 26.35
CA VAL T 218 -44.93 12.92 26.13
C VAL T 218 -44.82 14.37 25.68
N ALA T 219 -44.10 15.17 26.45
CA ALA T 219 -43.91 16.57 26.14
C ALA T 219 -42.96 16.69 24.95
N LEU T 220 -43.19 17.68 24.10
CA LEU T 220 -42.34 17.90 22.93
C LEU T 220 -40.99 18.43 23.42
N ASP T 221 -41.03 19.22 24.49
CA ASP T 221 -39.81 19.75 25.08
C ASP T 221 -39.96 19.71 26.59
N PHE T 222 -39.21 18.81 27.22
CA PHE T 222 -39.26 18.61 28.66
C PHE T 222 -39.11 19.88 29.49
N GLU T 223 -38.04 20.62 29.29
CA GLU T 223 -37.82 21.82 30.09
C GLU T 223 -38.93 22.85 29.96
N GLN T 224 -39.36 23.14 28.73
CA GLN T 224 -40.42 24.11 28.52
C GLN T 224 -41.70 23.66 29.24
N GLU T 225 -41.98 22.36 29.15
CA GLU T 225 -43.17 21.82 29.79
C GLU T 225 -43.05 21.94 31.31
N MET T 226 -41.86 21.71 31.85
CA MET T 226 -41.64 21.83 33.29
C MET T 226 -41.84 23.27 33.73
N ALA T 227 -41.39 24.21 32.91
CA ALA T 227 -41.53 25.64 33.24
C ALA T 227 -43.00 26.05 33.26
N THR T 228 -43.77 25.56 32.29
CA THR T 228 -45.19 25.86 32.21
C THR T 228 -45.92 25.33 33.44
N ALA T 229 -45.64 24.08 33.81
CA ALA T 229 -46.28 23.47 34.97
C ALA T 229 -45.87 24.15 36.29
N ALA T 230 -44.68 24.71 36.35
CA ALA T 230 -44.19 25.37 37.56
C ALA T 230 -44.78 26.75 37.78
N SER T 231 -45.20 27.41 36.70
CA SER T 231 -45.74 28.76 36.79
C SER T 231 -47.23 28.90 36.55
N SER T 232 -47.93 27.78 36.37
CA SER T 232 -49.37 27.84 36.13
C SER T 232 -50.01 26.47 36.38
N SER T 233 -51.34 26.44 36.33
CA SER T 233 -52.08 25.19 36.53
C SER T 233 -52.69 24.69 35.23
N SER T 234 -52.25 25.27 34.12
CA SER T 234 -52.77 24.91 32.80
C SER T 234 -52.57 23.46 32.36
N LEU T 235 -51.62 22.75 32.96
CA LEU T 235 -51.38 21.36 32.56
C LEU T 235 -51.95 20.36 33.56
N GLU T 236 -52.55 20.86 34.63
CA GLU T 236 -53.12 20.00 35.64
C GLU T 236 -54.43 19.34 35.22
N LYS T 237 -54.59 18.08 35.65
CA LYS T 237 -55.79 17.31 35.34
C LYS T 237 -56.24 16.65 36.64
N SER T 238 -57.55 16.50 36.80
CA SER T 238 -58.10 15.87 37.98
C SER T 238 -58.39 14.41 37.72
N TYR T 239 -58.26 13.60 38.77
CA TYR T 239 -58.52 12.16 38.68
C TYR T 239 -59.29 11.77 39.94
N GLU T 240 -60.42 11.09 39.77
CA GLU T 240 -61.23 10.69 40.91
C GLU T 240 -61.00 9.23 41.31
N LEU T 241 -60.70 9.02 42.58
CA LEU T 241 -60.49 7.68 43.11
C LEU T 241 -61.86 7.05 43.36
N LYS T 242 -61.90 5.74 43.50
CA LYS T 242 -63.17 5.05 43.72
C LYS T 242 -63.95 5.54 44.95
N ASP T 243 -63.23 6.03 45.95
CA ASP T 243 -63.87 6.51 47.16
C ASP T 243 -64.34 7.96 47.05
N GLY T 244 -64.22 8.53 45.85
CA GLY T 244 -64.67 9.90 45.65
C GLY T 244 -63.62 10.99 45.72
N GLN T 245 -62.49 10.73 46.37
CA GLN T 245 -61.44 11.73 46.47
C GLN T 245 -60.90 12.11 45.09
N VAL T 246 -60.85 13.41 44.81
CA VAL T 246 -60.33 13.88 43.54
C VAL T 246 -58.92 14.41 43.76
N ILE T 247 -57.96 13.84 43.05
CA ILE T 247 -56.58 14.27 43.18
C ILE T 247 -56.14 15.02 41.94
N THR T 248 -55.01 15.72 42.05
CA THR T 248 -54.48 16.50 40.94
C THR T 248 -53.16 15.97 40.41
N ILE T 249 -53.06 15.82 39.10
CA ILE T 249 -51.82 15.36 38.49
C ILE T 249 -51.27 16.49 37.62
N GLY T 250 -50.07 16.97 37.97
CA GLY T 250 -49.47 18.06 37.23
C GLY T 250 -48.33 17.66 36.30
N ASN T 251 -47.11 18.09 36.59
CA ASN T 251 -45.99 17.75 35.72
C ASN T 251 -45.73 16.25 35.69
N GLU T 252 -46.36 15.50 36.59
CA GLU T 252 -46.18 14.05 36.61
C GLU T 252 -46.74 13.44 35.32
N ARG T 253 -47.69 14.14 34.70
CA ARG T 253 -48.31 13.66 33.46
C ARG T 253 -47.28 13.36 32.38
N PHE T 254 -46.30 14.26 32.22
CA PHE T 254 -45.29 14.07 31.20
C PHE T 254 -43.93 13.63 31.77
N ARG T 255 -43.72 13.83 33.07
CA ARG T 255 -42.46 13.42 33.68
C ARG T 255 -42.36 11.88 33.67
N CYS T 256 -43.50 11.22 33.83
CA CYS T 256 -43.53 9.77 33.84
C CYS T 256 -42.99 9.16 32.55
N PRO T 257 -43.62 9.46 31.39
CA PRO T 257 -43.11 8.88 30.14
C PRO T 257 -41.78 9.45 29.68
N GLU T 258 -41.35 10.56 30.28
CA GLU T 258 -40.07 11.16 29.89
C GLU T 258 -38.93 10.18 30.15
N ALA T 259 -39.17 9.25 31.07
CA ALA T 259 -38.17 8.25 31.42
C ALA T 259 -37.79 7.38 30.22
N LEU T 260 -38.68 7.28 29.24
CA LEU T 260 -38.41 6.49 28.04
C LEU T 260 -37.28 7.15 27.25
N PHE T 261 -37.22 8.47 27.33
CA PHE T 261 -36.19 9.23 26.62
C PHE T 261 -34.97 9.49 27.49
N GLN T 262 -35.15 9.49 28.81
CA GLN T 262 -34.05 9.73 29.74
C GLN T 262 -34.17 8.72 30.88
N PRO T 263 -33.67 7.48 30.66
CA PRO T 263 -33.74 6.43 31.67
C PRO T 263 -33.04 6.75 32.99
N SER T 264 -32.17 7.75 33.00
CA SER T 264 -31.48 8.12 34.25
C SER T 264 -32.48 8.51 35.31
N PHE T 265 -33.65 8.99 34.91
CA PHE T 265 -34.67 9.36 35.88
C PHE T 265 -35.01 8.15 36.74
N LEU T 266 -34.73 6.96 36.20
CA LEU T 266 -34.99 5.70 36.88
C LEU T 266 -33.71 5.04 37.40
N GLY T 267 -32.60 5.74 37.30
CA GLY T 267 -31.33 5.19 37.77
C GLY T 267 -30.72 4.23 36.78
N MET T 268 -31.24 4.24 35.54
CA MET T 268 -30.74 3.36 34.49
C MET T 268 -29.78 4.12 33.59
N GLU T 269 -28.67 3.49 33.23
CA GLU T 269 -27.67 4.11 32.37
C GLU T 269 -28.00 3.90 30.90
N ALA T 270 -28.99 3.06 30.63
CA ALA T 270 -29.40 2.75 29.26
C ALA T 270 -29.79 3.97 28.42
N CYS T 271 -29.64 3.84 27.10
CA CYS T 271 -29.98 4.89 26.15
C CYS T 271 -31.49 4.99 26.08
N GLY T 272 -32.02 6.16 25.76
CA GLY T 272 -33.46 6.32 25.65
C GLY T 272 -33.95 5.61 24.41
N ILE T 273 -35.27 5.59 24.19
CA ILE T 273 -35.81 4.89 23.03
C ILE T 273 -35.40 5.49 21.69
N HIS T 274 -35.22 6.80 21.64
CA HIS T 274 -34.80 7.47 20.40
C HIS T 274 -33.37 7.06 20.07
N GLU T 275 -32.50 7.08 21.08
CA GLU T 275 -31.10 6.71 20.86
C GLU T 275 -30.96 5.23 20.54
N THR T 276 -31.78 4.39 21.16
CA THR T 276 -31.74 2.96 20.93
C THR T 276 -32.16 2.66 19.49
N THR T 277 -33.21 3.35 19.03
CA THR T 277 -33.70 3.19 17.67
C THR T 277 -32.60 3.57 16.69
N TYR T 278 -31.94 4.69 16.97
CA TYR T 278 -30.86 5.18 16.13
C TYR T 278 -29.70 4.17 16.10
N ASN T 279 -29.32 3.66 17.27
CA ASN T 279 -28.23 2.70 17.34
C ASN T 279 -28.53 1.42 16.56
N SER T 280 -29.77 0.96 16.58
CA SER T 280 -30.15 -0.24 15.83
C SER T 280 -29.98 0.01 14.34
N ILE T 281 -30.45 1.16 13.88
CA ILE T 281 -30.35 1.52 12.48
C ILE T 281 -28.88 1.57 12.06
N MET T 282 -28.05 2.15 12.91
CA MET T 282 -26.62 2.27 12.61
C MET T 282 -25.91 0.92 12.57
N LYS T 283 -26.53 -0.12 13.14
CA LYS T 283 -25.93 -1.45 13.13
C LYS T 283 -26.27 -2.20 11.84
N CYS T 284 -27.17 -1.63 11.04
CA CYS T 284 -27.60 -2.25 9.79
C CYS T 284 -26.75 -1.79 8.62
N ASP T 285 -26.81 -2.54 7.53
CA ASP T 285 -26.06 -2.20 6.33
C ASP T 285 -26.45 -0.78 5.92
N VAL T 286 -25.45 0.03 5.61
CA VAL T 286 -25.69 1.42 5.21
C VAL T 286 -26.71 1.56 4.08
N ASP T 287 -26.80 0.55 3.23
CA ASP T 287 -27.73 0.62 2.08
C ASP T 287 -29.22 0.56 2.42
N ILE T 288 -29.56 0.11 3.63
CA ILE T 288 -30.97 0.03 4.01
C ILE T 288 -31.34 0.99 5.13
N ARG T 289 -30.38 1.74 5.64
CA ARG T 289 -30.65 2.67 6.73
C ARG T 289 -31.69 3.74 6.40
N LYS T 290 -31.69 4.24 5.17
CA LYS T 290 -32.65 5.25 4.79
C LYS T 290 -34.06 4.67 4.77
N ASP T 291 -34.18 3.39 4.43
CA ASP T 291 -35.49 2.76 4.42
C ASP T 291 -36.01 2.67 5.85
N LEU T 292 -35.10 2.41 6.79
CA LEU T 292 -35.49 2.30 8.20
C LEU T 292 -35.89 3.66 8.75
N TYR T 293 -35.10 4.70 8.45
CA TYR T 293 -35.38 6.06 8.92
C TYR T 293 -36.74 6.54 8.43
N ALA T 294 -37.06 6.17 7.19
CA ALA T 294 -38.33 6.57 6.57
C ALA T 294 -39.49 5.67 6.96
N ASN T 295 -39.20 4.61 7.71
CA ASN T 295 -40.23 3.66 8.13
C ASN T 295 -40.05 3.17 9.56
N THR T 296 -40.04 4.10 10.50
CA THR T 296 -39.89 3.78 11.91
C THR T 296 -41.32 3.68 12.45
N VAL T 297 -41.71 2.45 12.78
CA VAL T 297 -43.05 2.16 13.27
C VAL T 297 -43.13 1.88 14.77
N LEU T 298 -44.10 2.51 15.43
CA LEU T 298 -44.28 2.33 16.86
C LEU T 298 -45.34 1.27 17.12
N SER T 299 -45.12 0.43 18.14
CA SER T 299 -46.09 -0.59 18.51
C SER T 299 -46.03 -0.86 20.01
N GLY T 300 -47.09 -1.45 20.57
CA GLY T 300 -47.11 -1.74 21.99
C GLY T 300 -47.84 -0.70 22.82
N GLY T 301 -48.38 -1.14 23.95
CA GLY T 301 -49.13 -0.24 24.82
C GLY T 301 -48.37 0.98 25.32
N THR T 302 -47.07 0.81 25.56
CA THR T 302 -46.26 1.90 26.07
C THR T 302 -45.93 2.98 25.03
N THR T 303 -46.32 2.75 23.78
CA THR T 303 -46.10 3.75 22.74
C THR T 303 -47.40 4.52 22.52
N MET T 304 -48.39 4.28 23.37
CA MET T 304 -49.68 4.94 23.23
C MET T 304 -49.76 6.37 23.76
N TYR T 305 -48.74 6.81 24.48
CA TYR T 305 -48.75 8.17 25.03
C TYR T 305 -48.98 9.25 23.99
N PRO T 306 -49.91 10.16 24.25
CA PRO T 306 -50.12 11.23 23.25
C PRO T 306 -48.80 12.00 23.13
N GLY T 307 -48.48 12.47 21.93
CA GLY T 307 -47.26 13.23 21.72
C GLY T 307 -45.97 12.45 21.49
N ILE T 308 -46.01 11.14 21.64
CA ILE T 308 -44.80 10.34 21.47
C ILE T 308 -44.25 10.31 20.04
N ALA T 309 -45.14 10.32 19.04
CA ALA T 309 -44.69 10.29 17.65
C ALA T 309 -43.91 11.54 17.28
N ASP T 310 -44.43 12.71 17.64
CA ASP T 310 -43.76 13.97 17.34
C ASP T 310 -42.44 14.11 18.11
N ARG T 311 -42.41 13.58 19.32
CA ARG T 311 -41.18 13.66 20.12
C ARG T 311 -40.10 12.79 19.48
N MET T 312 -40.48 11.59 19.03
CA MET T 312 -39.55 10.68 18.38
C MET T 312 -39.00 11.31 17.10
N GLN T 313 -39.89 11.94 16.34
CA GLN T 313 -39.52 12.60 15.09
C GLN T 313 -38.45 13.65 15.37
N LYS T 314 -38.69 14.47 16.39
CA LYS T 314 -37.75 15.52 16.77
C LYS T 314 -36.40 14.95 17.23
N GLU T 315 -36.45 13.95 18.13
CA GLU T 315 -35.22 13.37 18.65
C GLU T 315 -34.40 12.61 17.62
N ILE T 316 -35.05 11.84 16.76
CA ILE T 316 -34.32 11.09 15.74
C ILE T 316 -33.69 12.05 14.74
N THR T 317 -34.42 13.09 14.38
CA THR T 317 -33.93 14.09 13.44
C THR T 317 -32.64 14.71 13.96
N ALA T 318 -32.55 14.87 15.28
CA ALA T 318 -31.37 15.46 15.90
C ALA T 318 -30.16 14.52 15.86
N LEU T 319 -30.42 13.22 15.85
CA LEU T 319 -29.37 12.21 15.82
C LEU T 319 -28.90 11.84 14.41
N ALA T 320 -29.82 11.87 13.45
CA ALA T 320 -29.52 11.50 12.08
C ALA T 320 -28.96 12.63 11.22
N PRO T 321 -28.32 12.27 10.08
CA PRO T 321 -27.75 13.28 9.18
C PRO T 321 -28.85 14.26 8.77
N SER T 322 -28.47 15.52 8.61
CA SER T 322 -29.43 16.57 8.24
C SER T 322 -30.12 16.29 6.91
N THR T 323 -29.51 15.48 6.07
CA THR T 323 -30.06 15.16 4.76
C THR T 323 -30.97 13.94 4.77
N MET T 324 -31.14 13.33 5.95
CA MET T 324 -31.97 12.15 6.08
C MET T 324 -33.46 12.46 6.20
N LYS T 325 -34.28 11.67 5.52
CA LYS T 325 -35.73 11.83 5.57
C LYS T 325 -36.22 10.93 6.71
N ILE T 326 -36.79 11.56 7.74
CA ILE T 326 -37.27 10.83 8.91
C ILE T 326 -38.79 10.78 8.97
N LYS T 327 -39.33 9.58 9.20
CA LYS T 327 -40.79 9.43 9.30
C LYS T 327 -41.17 8.42 10.37
N ILE T 328 -41.95 8.89 11.34
CA ILE T 328 -42.41 8.02 12.43
C ILE T 328 -43.86 7.64 12.15
N ILE T 329 -44.14 6.34 12.12
CA ILE T 329 -45.50 5.87 11.87
C ILE T 329 -46.08 5.38 13.20
N ALA T 330 -47.20 5.97 13.60
CA ALA T 330 -47.85 5.59 14.84
C ALA T 330 -49.31 5.23 14.60
N PRO T 331 -49.56 3.99 14.16
CA PRO T 331 -50.93 3.52 13.89
C PRO T 331 -51.85 3.67 15.10
N PRO T 332 -53.07 4.17 14.89
CA PRO T 332 -54.01 4.34 16.00
C PRO T 332 -54.28 3.02 16.73
N GLU T 333 -54.16 1.92 16.00
CA GLU T 333 -54.42 0.60 16.56
C GLU T 333 -53.14 -0.15 16.96
N ARG T 334 -52.04 0.58 17.11
CA ARG T 334 -50.75 -0.04 17.46
C ARG T 334 -50.69 -0.82 18.76
N LYS T 335 -51.64 -0.63 19.67
CA LYS T 335 -51.62 -1.37 20.92
C LYS T 335 -51.82 -2.87 20.65
N TYR T 336 -52.54 -3.17 19.57
CA TYR T 336 -52.80 -4.56 19.22
C TYR T 336 -52.29 -4.92 17.82
N SER T 337 -51.37 -4.12 17.29
CA SER T 337 -50.83 -4.36 15.96
C SER T 337 -50.14 -5.72 15.82
N VAL T 338 -49.61 -6.26 16.91
CA VAL T 338 -48.95 -7.57 16.84
C VAL T 338 -50.02 -8.60 16.51
N TRP T 339 -51.08 -8.61 17.31
CA TRP T 339 -52.16 -9.55 17.10
C TRP T 339 -52.79 -9.36 15.71
N ILE T 340 -53.07 -8.11 15.36
CA ILE T 340 -53.68 -7.81 14.07
C ILE T 340 -52.79 -8.28 12.92
N GLY T 341 -51.48 -8.13 13.08
CA GLY T 341 -50.57 -8.57 12.03
C GLY T 341 -50.65 -10.09 11.89
N GLY T 342 -50.85 -10.77 13.01
CA GLY T 342 -50.97 -12.22 12.99
C GLY T 342 -52.26 -12.63 12.31
N SER T 343 -53.32 -11.88 12.55
CA SER T 343 -54.61 -12.17 11.94
C SER T 343 -54.51 -12.02 10.43
N ILE T 344 -53.79 -10.99 10.00
CA ILE T 344 -53.59 -10.73 8.58
C ILE T 344 -52.76 -11.83 7.92
N LEU T 345 -51.63 -12.16 8.54
CA LEU T 345 -50.73 -13.19 8.03
C LEU T 345 -51.40 -14.55 7.89
N ALA T 346 -52.02 -15.01 8.97
CA ALA T 346 -52.69 -16.31 8.97
C ALA T 346 -53.83 -16.39 7.96
N SER T 347 -54.32 -15.23 7.50
CA SER T 347 -55.40 -15.17 6.53
C SER T 347 -54.92 -15.10 5.08
N LEU T 348 -53.62 -14.93 4.88
CA LEU T 348 -53.06 -14.81 3.53
C LEU T 348 -53.04 -16.13 2.76
N SER T 349 -53.46 -16.06 1.50
CA SER T 349 -53.46 -17.24 0.65
C SER T 349 -52.08 -17.90 0.58
N THR T 350 -51.06 -17.09 0.37
CA THR T 350 -49.71 -17.60 0.25
C THR T 350 -49.13 -18.12 1.57
N PHE T 351 -49.77 -17.81 2.68
CA PHE T 351 -49.27 -18.27 3.98
C PHE T 351 -49.74 -19.69 4.32
N GLN T 352 -50.81 -20.15 3.69
CA GLN T 352 -51.32 -21.48 4.00
C GLN T 352 -50.30 -22.60 3.80
N GLN T 353 -49.41 -22.45 2.81
CA GLN T 353 -48.40 -23.45 2.54
C GLN T 353 -47.27 -23.37 3.56
N MET T 354 -47.26 -22.29 4.33
CA MET T 354 -46.21 -22.07 5.32
C MET T 354 -46.44 -22.70 6.69
N TRP T 355 -47.68 -23.04 7.01
CA TRP T 355 -47.99 -23.67 8.31
C TRP T 355 -47.16 -24.93 8.47
N ILE T 356 -46.79 -25.25 9.71
CA ILE T 356 -46.11 -26.51 9.97
C ILE T 356 -47.28 -27.45 10.26
N SER T 357 -47.43 -28.50 9.45
CA SER T 357 -48.53 -29.44 9.66
C SER T 357 -48.11 -30.54 10.63
N LYS T 358 -49.10 -31.22 11.21
CA LYS T 358 -48.81 -32.31 12.14
C LYS T 358 -47.98 -33.35 11.38
N GLN T 359 -48.27 -33.50 10.09
CA GLN T 359 -47.54 -34.46 9.26
C GLN T 359 -46.06 -34.09 9.21
N GLU T 360 -45.78 -32.82 8.94
CA GLU T 360 -44.41 -32.35 8.87
C GLU T 360 -43.70 -32.50 10.21
N TYR T 361 -44.44 -32.25 11.30
CA TYR T 361 -43.86 -32.38 12.64
C TYR T 361 -43.49 -33.84 12.89
N ASP T 362 -44.38 -34.75 12.52
CA ASP T 362 -44.13 -36.18 12.71
C ASP T 362 -42.93 -36.62 11.87
N GLU T 363 -42.76 -35.99 10.71
CA GLU T 363 -41.67 -36.32 9.80
C GLU T 363 -40.31 -35.80 10.24
N SER T 364 -40.25 -34.55 10.70
CA SER T 364 -38.98 -33.93 11.08
C SER T 364 -38.72 -33.58 12.54
N GLY T 365 -39.77 -33.57 13.37
CA GLY T 365 -39.57 -33.22 14.76
C GLY T 365 -39.56 -31.73 15.02
N PRO T 366 -39.39 -31.30 16.29
CA PRO T 366 -39.38 -29.91 16.74
C PRO T 366 -38.43 -28.96 15.98
N SER T 367 -37.25 -29.45 15.61
CA SER T 367 -36.27 -28.61 14.92
C SER T 367 -36.73 -28.11 13.56
N ILE T 368 -37.84 -28.62 13.04
CA ILE T 368 -38.33 -28.16 11.75
C ILE T 368 -38.70 -26.68 11.81
N VAL T 369 -39.01 -26.20 13.01
CA VAL T 369 -39.40 -24.81 13.21
C VAL T 369 -38.35 -23.81 12.70
N HIS T 370 -37.08 -24.17 12.76
CA HIS T 370 -36.03 -23.26 12.30
C HIS T 370 -36.09 -23.06 10.79
N ARG T 371 -36.44 -24.10 10.06
CA ARG T 371 -36.54 -24.04 8.61
C ARG T 371 -37.88 -23.45 8.15
N LYS T 372 -38.95 -23.89 8.79
CA LYS T 372 -40.30 -23.44 8.45
C LYS T 372 -40.63 -22.03 8.93
N CYS T 373 -40.06 -21.64 10.07
CA CYS T 373 -40.32 -20.32 10.63
C CYS T 373 -39.03 -19.51 10.75
N PHE T 374 -38.39 -19.26 9.61
CA PHE T 374 -37.14 -18.49 9.57
C PHE T 374 -37.40 -17.01 9.78
N UNK U 1 63.06 -90.92 26.67
CA UNK U 1 61.61 -90.68 26.85
C UNK U 1 61.00 -91.80 27.70
N UNK U 2 61.14 -93.04 27.26
CA UNK U 2 60.45 -94.19 27.89
C UNK U 2 60.78 -94.23 29.39
N UNK U 3 62.07 -94.10 29.73
CA UNK U 3 62.55 -94.29 31.12
C UNK U 3 62.04 -93.17 32.01
N UNK U 4 62.00 -91.94 31.48
CA UNK U 4 61.48 -90.77 32.23
C UNK U 4 59.97 -90.92 32.42
N UNK U 5 59.28 -91.50 31.44
CA UNK U 5 57.83 -91.81 31.55
C UNK U 5 57.61 -92.90 32.60
N UNK U 6 58.56 -93.84 32.71
CA UNK U 6 58.51 -94.88 33.76
C UNK U 6 58.74 -94.23 35.14
N UNK U 7 59.58 -93.19 35.20
CA UNK U 7 59.77 -92.41 36.44
C UNK U 7 58.48 -91.66 36.78
N UNK U 8 57.76 -91.19 35.75
CA UNK U 8 56.42 -90.56 35.95
C UNK U 8 55.44 -91.60 36.48
N UNK U 9 55.54 -92.85 36.02
CA UNK U 9 54.68 -93.95 36.50
C UNK U 9 55.05 -94.33 37.94
N UNK U 10 56.32 -94.12 38.32
CA UNK U 10 56.79 -94.39 39.70
C UNK U 10 56.45 -93.20 40.61
N UNK U 11 56.12 -92.05 40.00
CA UNK U 11 55.39 -90.96 40.72
C UNK U 11 53.93 -91.35 40.89
N UNK U 12 53.36 -92.05 39.89
CA UNK U 12 51.98 -92.57 39.96
C UNK U 12 51.90 -93.75 40.95
N UNK U 13 52.98 -94.51 41.07
CA UNK U 13 53.08 -95.59 42.08
C UNK U 13 53.05 -94.97 43.50
N UNK U 14 53.78 -93.87 43.68
CA UNK U 14 53.69 -93.09 44.94
C UNK U 14 52.25 -92.63 45.17
N UNK U 15 51.59 -92.14 44.11
CA UNK U 15 50.18 -91.71 44.19
C UNK U 15 49.30 -92.86 44.67
N UNK U 16 49.53 -94.08 44.14
CA UNK U 16 48.68 -95.25 44.45
C UNK U 16 48.98 -95.75 45.87
N UNK U 17 50.23 -95.54 46.34
CA UNK U 17 50.59 -95.80 47.75
C UNK U 17 49.81 -94.84 48.66
N UNK U 18 49.70 -93.57 48.25
CA UNK U 18 48.84 -92.60 48.96
C UNK U 18 47.39 -93.06 48.93
N UNK U 19 46.93 -93.62 47.81
CA UNK U 19 45.55 -94.13 47.67
C UNK U 19 45.33 -95.32 48.62
N UNK U 20 46.35 -96.14 48.83
CA UNK U 20 46.29 -97.30 49.75
C UNK U 20 46.29 -96.82 51.20
N UNK U 21 47.01 -95.71 51.46
CA UNK U 21 46.89 -95.01 52.77
C UNK U 21 45.45 -94.54 52.98
N UNK U 22 44.83 -94.01 51.91
CA UNK U 22 43.41 -93.58 51.96
C UNK U 22 42.49 -94.79 52.20
N UNK U 23 42.84 -95.96 51.66
CA UNK U 23 42.06 -97.19 51.86
C UNK U 23 42.22 -97.68 53.31
N UNK U 24 43.39 -97.46 53.89
CA UNK U 24 43.63 -97.73 55.33
C UNK U 24 42.79 -96.76 56.18
N UNK U 25 42.64 -95.52 55.70
CA UNK U 25 41.74 -94.54 56.36
C UNK U 25 40.29 -95.00 56.25
N UNK U 26 39.94 -95.65 55.14
CA UNK U 26 38.57 -96.17 54.92
C UNK U 26 38.29 -97.28 55.93
N UNK U 27 39.28 -98.15 56.17
CA UNK U 27 39.13 -99.27 57.12
C UNK U 27 38.98 -98.71 58.54
N UNK U 28 39.70 -97.61 58.83
CA UNK U 28 39.63 -96.97 60.17
C UNK U 28 38.25 -96.33 60.36
N UNK U 29 37.66 -95.83 59.26
CA UNK U 29 36.32 -95.20 59.31
C UNK U 29 35.24 -96.28 59.37
N UNK U 30 35.58 -97.49 58.93
CA UNK U 30 34.62 -98.62 58.93
C UNK U 30 34.89 -99.51 60.15
N UNK U 31 35.61 -98.98 61.14
CA UNK U 31 35.94 -99.74 62.37
C UNK U 31 34.92 -99.40 63.47
N UNK U 32 58.75 -105.58 22.69
CA UNK U 32 59.00 -106.92 23.26
C UNK U 32 59.05 -106.84 24.79
N UNK U 33 60.25 -106.74 25.36
CA UNK U 33 60.42 -106.50 26.82
C UNK U 33 60.01 -105.06 27.15
N UNK U 34 60.22 -104.13 26.21
CA UNK U 34 59.67 -102.76 26.32
C UNK U 34 58.13 -102.83 26.32
N UNK U 35 57.55 -103.71 25.50
CA UNK U 35 56.09 -103.93 25.50
C UNK U 35 55.65 -104.54 26.84
N UNK U 36 56.49 -105.40 27.44
CA UNK U 36 56.24 -105.95 28.79
C UNK U 36 56.22 -104.80 29.82
N UNK U 37 57.17 -103.86 29.69
CA UNK U 37 57.18 -102.65 30.54
C UNK U 37 55.88 -101.86 30.35
N UNK U 38 55.43 -101.72 29.10
CA UNK U 38 54.16 -101.03 28.80
C UNK U 38 53.00 -101.74 29.51
N UNK U 39 52.99 -103.07 29.48
CA UNK U 39 51.93 -103.87 30.11
C UNK U 39 51.97 -103.70 31.64
N UNK U 40 53.18 -103.59 32.20
CA UNK U 40 53.35 -103.31 33.65
C UNK U 40 52.77 -101.94 33.98
N UNK U 41 53.04 -100.94 33.13
CA UNK U 41 52.43 -99.60 33.26
C UNK U 41 50.89 -99.73 33.25
N UNK U 42 50.36 -100.53 32.32
CA UNK U 42 48.90 -100.72 32.20
C UNK U 42 48.35 -101.35 33.49
N UNK U 43 49.08 -102.31 34.06
CA UNK U 43 48.72 -102.95 35.35
C UNK U 43 48.67 -101.89 36.46
N UNK U 44 49.71 -101.05 36.55
CA UNK U 44 49.69 -99.90 37.48
C UNK U 44 48.39 -99.10 37.28
N UNK U 45 48.10 -98.72 36.04
CA UNK U 45 46.92 -97.88 35.72
C UNK U 45 45.64 -98.56 36.22
N UNK U 46 45.51 -99.86 35.99
CA UNK U 46 44.28 -100.61 36.33
C UNK U 46 44.15 -100.70 37.86
N UNK U 47 45.28 -100.93 38.55
CA UNK U 47 45.33 -100.82 40.03
C UNK U 47 44.76 -99.47 40.46
N UNK U 48 45.31 -98.37 39.91
CA UNK U 48 44.82 -97.01 40.22
C UNK U 48 43.30 -96.96 40.04
N UNK U 49 42.80 -97.42 38.88
CA UNK U 49 41.37 -97.28 38.53
C UNK U 49 40.51 -98.05 39.54
N UNK U 50 40.96 -99.24 39.94
CA UNK U 50 40.19 -100.10 40.88
C UNK U 50 40.20 -99.46 42.28
N UNK U 51 41.33 -98.86 42.66
CA UNK U 51 41.42 -98.07 43.90
C UNK U 51 40.39 -96.92 43.85
N UNK U 52 40.29 -96.25 42.71
CA UNK U 52 39.29 -95.17 42.51
C UNK U 52 37.88 -95.74 42.68
N UNK U 53 37.61 -96.91 42.10
CA UNK U 53 36.31 -97.60 42.26
C UNK U 53 36.02 -97.81 43.76
N UNK U 54 37.01 -98.32 44.50
CA UNK U 54 36.84 -98.63 45.94
C UNK U 54 36.56 -97.33 46.71
N UNK U 55 37.24 -96.24 46.33
CA UNK U 55 37.08 -94.94 47.01
C UNK U 55 35.67 -94.39 46.73
N UNK U 56 35.16 -94.61 45.52
CA UNK U 56 33.78 -94.23 45.16
C UNK U 56 32.79 -95.07 45.97
N UNK U 57 33.10 -96.35 46.20
CA UNK U 57 32.30 -97.22 47.07
C UNK U 57 32.30 -96.66 48.51
N UNK U 58 33.45 -96.15 48.95
CA UNK U 58 33.56 -95.55 50.31
C UNK U 58 32.75 -94.25 50.37
N UNK U 59 32.68 -93.52 49.25
CA UNK U 59 31.85 -92.30 49.16
C UNK U 59 30.36 -92.69 49.21
N UNK U 60 30.01 -93.83 48.61
CA UNK U 60 28.65 -94.39 48.73
C UNK U 60 28.36 -94.76 50.19
N UNK U 61 29.38 -95.29 50.89
CA UNK U 61 29.26 -95.60 52.34
C UNK U 61 29.02 -94.30 53.12
N UNK U 62 29.70 -93.22 52.72
CA UNK U 62 29.59 -91.91 53.41
C UNK U 62 28.17 -91.34 53.21
N UNK V 1 24.60 -75.82 31.39
CA UNK V 1 23.31 -76.41 30.95
C UNK V 1 23.17 -76.26 29.44
N UNK V 2 23.07 -75.01 28.96
CA UNK V 2 22.92 -74.73 27.51
C UNK V 2 24.17 -75.23 26.78
N UNK V 3 25.35 -74.99 27.36
CA UNK V 3 26.62 -75.45 26.76
C UNK V 3 26.62 -76.98 26.69
N UNK V 4 26.14 -77.63 27.74
CA UNK V 4 26.08 -79.11 27.79
C UNK V 4 25.14 -79.60 26.67
N UNK V 5 24.01 -78.92 26.49
CA UNK V 5 23.03 -79.30 25.43
C UNK V 5 23.68 -79.15 24.06
N UNK V 6 24.44 -78.07 23.85
CA UNK V 6 25.12 -77.84 22.56
C UNK V 6 26.13 -78.96 22.32
N UNK V 7 26.86 -79.36 23.37
CA UNK V 7 27.87 -80.43 23.28
C UNK V 7 27.16 -81.74 22.91
N UNK V 8 25.99 -81.99 23.51
CA UNK V 8 25.20 -83.21 23.25
C UNK V 8 24.77 -83.21 21.78
N UNK V 9 24.33 -82.05 21.27
CA UNK V 9 23.90 -81.95 19.86
C UNK V 9 25.09 -82.25 18.94
N UNK V 10 26.27 -81.71 19.28
CA UNK V 10 27.48 -81.95 18.47
C UNK V 10 27.81 -83.45 18.48
N UNK V 11 27.68 -84.09 19.64
CA UNK V 11 27.96 -85.53 19.79
C UNK V 11 26.98 -86.33 18.92
N UNK V 12 25.71 -85.93 18.92
CA UNK V 12 24.67 -86.61 18.11
C UNK V 12 25.03 -86.48 16.62
N UNK V 13 25.48 -85.29 16.21
CA UNK V 13 25.86 -85.06 14.81
C UNK V 13 27.04 -85.96 14.45
N UNK V 14 28.01 -86.07 15.36
CA UNK V 14 29.20 -86.93 15.14
C UNK V 14 28.76 -88.39 15.00
N UNK V 15 27.82 -88.82 15.84
CA UNK V 15 27.31 -90.22 15.81
C UNK V 15 26.62 -90.46 14.46
N UNK V 16 25.84 -89.48 13.98
CA UNK V 16 25.13 -89.61 12.70
C UNK V 16 26.17 -89.74 11.57
N UNK V 17 27.23 -88.93 11.64
CA UNK V 17 28.29 -88.97 10.61
C UNK V 17 28.95 -90.36 10.63
N UNK V 18 29.20 -90.90 11.82
CA UNK V 18 29.83 -92.23 11.98
C UNK V 18 28.93 -93.31 11.38
N UNK V 19 27.61 -93.19 11.60
CA UNK V 19 26.64 -94.17 11.08
C UNK V 19 26.85 -94.36 9.57
N UNK V 20 16.89 -87.70 7.33
CA UNK V 20 16.56 -87.35 8.73
C UNK V 20 17.86 -87.12 9.52
N UNK V 21 18.70 -88.16 9.62
CA UNK V 21 19.98 -88.06 10.35
C UNK V 21 20.87 -87.00 9.68
N UNK V 22 20.90 -86.99 8.35
CA UNK V 22 21.72 -86.00 7.60
C UNK V 22 21.19 -84.59 7.90
N UNK V 23 19.87 -84.43 7.93
CA UNK V 23 19.25 -83.11 8.21
C UNK V 23 19.65 -82.67 9.62
N UNK V 24 19.62 -83.61 10.58
CA UNK V 24 19.99 -83.30 11.98
C UNK V 24 21.46 -82.86 12.03
N UNK V 25 22.32 -83.55 11.27
CA UNK V 25 23.77 -83.21 11.23
C UNK V 25 23.93 -81.80 10.67
N UNK V 26 23.17 -81.47 9.61
CA UNK V 26 23.24 -80.14 8.98
C UNK V 26 22.81 -79.07 10.01
N UNK V 27 21.75 -79.38 10.76
CA UNK V 27 21.23 -78.44 11.80
C UNK V 27 22.32 -78.23 12.85
N UNK V 28 23.00 -79.30 13.26
CA UNK V 28 24.07 -79.22 14.27
C UNK V 28 25.21 -78.34 13.73
N UNK V 29 25.55 -78.51 12.45
CA UNK V 29 26.62 -77.72 11.81
C UNK V 29 26.22 -76.24 11.82
N UNK V 30 24.95 -75.96 11.51
CA UNK V 30 24.43 -74.58 11.49
C UNK V 30 24.55 -73.98 12.89
N UNK V 31 24.21 -74.78 13.91
CA UNK V 31 24.28 -74.32 15.32
C UNK V 31 25.73 -74.01 15.70
N UNK V 32 26.66 -74.86 15.25
CA UNK V 32 28.10 -74.67 15.54
C UNK V 32 28.56 -73.32 15.00
N UNK V 33 19.13 -69.78 30.10
CA UNK V 33 19.88 -71.01 29.74
C UNK V 33 18.88 -72.15 29.50
N UNK V 34 18.11 -72.52 30.52
CA UNK V 34 17.13 -73.62 30.39
C UNK V 34 16.11 -73.26 29.30
N UNK V 35 15.84 -71.95 29.14
CA UNK V 35 14.89 -71.48 28.11
C UNK V 35 15.47 -71.80 26.72
N UNK V 36 16.77 -71.60 26.55
CA UNK V 36 17.44 -71.87 25.26
C UNK V 36 17.30 -73.36 24.95
N UNK V 37 17.51 -74.23 25.95
CA UNK V 37 17.40 -75.69 25.76
C UNK V 37 15.97 -76.04 25.35
N UNK V 38 14.98 -75.42 26.00
CA UNK V 38 13.55 -75.66 25.68
C UNK V 38 13.29 -75.22 24.24
N UNK V 39 13.86 -74.08 23.84
CA UNK V 39 13.68 -73.55 22.46
C UNK V 39 14.45 -74.42 21.47
N UNK V 40 15.75 -74.63 21.71
CA UNK V 40 16.59 -75.46 20.83
C UNK V 40 15.92 -76.81 20.62
N UNK V 41 15.35 -77.38 21.69
CA UNK V 41 14.66 -78.69 21.63
C UNK V 41 13.44 -78.56 20.71
N UNK V 42 12.70 -77.46 20.81
CA UNK V 42 11.51 -77.24 19.95
C UNK V 42 11.97 -77.16 18.49
N UNK V 43 13.08 -76.47 18.25
CA UNK V 43 13.62 -76.32 16.87
C UNK V 43 14.00 -77.71 16.34
N UNK V 44 14.62 -78.53 17.19
CA UNK V 44 15.05 -79.90 16.82
C UNK V 44 13.81 -80.74 16.47
N UNK V 45 12.74 -80.59 17.26
CA UNK V 45 11.48 -81.33 17.01
C UNK V 45 10.91 -80.91 15.66
N UNK V 46 10.95 -79.60 15.36
CA UNK V 46 10.44 -79.09 14.07
C UNK V 46 11.27 -79.69 12.93
N UNK V 47 12.59 -79.75 13.12
CA UNK V 47 13.51 -80.31 12.10
C UNK V 47 13.17 -81.79 11.87
N UNK V 48 12.91 -82.52 12.96
CA UNK V 48 12.56 -83.96 12.88
C UNK V 48 11.25 -84.11 12.09
N UNK V 49 10.29 -83.23 12.36
CA UNK V 49 8.99 -83.27 11.66
C UNK V 49 9.22 -83.03 10.17
N UNK V 50 10.09 -82.07 9.84
CA UNK V 50 10.41 -81.75 8.43
C UNK V 50 11.05 -82.98 7.76
N UNK V 51 11.95 -83.65 8.48
CA UNK V 51 12.64 -84.85 7.96
C UNK V 51 11.61 -85.96 7.69
N UNK V 52 10.65 -86.11 8.60
CA UNK V 52 9.59 -87.14 8.45
C UNK V 52 8.37 -86.54 7.75
N UNK V 53 14.44 -85.38 36.94
CA UNK V 53 13.18 -85.08 36.22
C UNK V 53 13.50 -84.26 34.95
N UNK V 54 14.06 -83.06 35.13
CA UNK V 54 14.41 -82.19 33.99
C UNK V 54 15.46 -82.90 33.13
N UNK V 55 16.44 -83.54 33.77
CA UNK V 55 17.50 -84.27 33.04
C UNK V 55 16.88 -85.41 32.25
N UNK V 56 15.91 -86.12 32.85
CA UNK V 56 15.22 -87.24 32.18
C UNK V 56 14.47 -86.71 30.96
N UNK V 57 13.82 -85.55 31.11
CA UNK V 57 13.06 -84.93 30.00
C UNK V 57 14.03 -84.57 28.87
N UNK V 58 15.20 -84.03 29.22
CA UNK V 58 16.22 -83.65 28.22
C UNK V 58 16.67 -84.91 27.48
N UNK V 59 16.88 -86.00 28.21
CA UNK V 59 17.32 -87.28 27.61
C UNK V 59 16.24 -87.78 26.64
N UNK V 60 14.97 -87.67 27.03
CA UNK V 60 13.84 -88.09 26.18
C UNK V 60 13.83 -87.25 24.90
N UNK V 61 14.07 -85.94 25.03
CA UNK V 61 14.09 -85.03 23.87
C UNK V 61 15.24 -85.45 22.94
N UNK V 62 16.39 -85.79 23.52
CA UNK V 62 17.56 -86.22 22.71
C UNK V 62 17.22 -87.50 21.97
N UNK V 63 16.52 -88.43 22.64
CA UNK V 63 16.13 -89.72 22.02
C UNK V 63 15.17 -89.43 20.85
N UNK V 64 14.24 -88.49 21.04
CA UNK V 64 13.27 -88.12 19.98
C UNK V 64 14.03 -87.54 18.79
N UNK V 65 15.04 -86.70 19.06
CA UNK V 65 15.85 -86.07 17.99
C UNK V 65 16.59 -87.18 17.22
N UNK V 66 17.13 -88.16 17.95
CA UNK V 66 17.86 -89.30 17.34
C UNK V 66 16.90 -90.09 16.44
N UNK V 67 15.66 -90.30 16.91
CA UNK V 67 14.64 -91.05 16.14
C UNK V 67 14.27 -90.25 14.88
N UNK V 68 8.27 -110.21 32.35
CA UNK V 68 8.55 -108.76 32.59
C UNK V 68 10.07 -108.52 32.56
N UNK V 69 10.80 -109.18 33.46
CA UNK V 69 12.28 -109.02 33.53
C UNK V 69 12.90 -109.51 32.22
N UNK V 70 12.40 -110.63 31.69
CA UNK V 70 12.91 -111.20 30.42
C UNK V 70 12.65 -110.20 29.28
N UNK V 71 11.45 -109.60 29.28
CA UNK V 71 11.09 -108.61 28.23
C UNK V 71 12.03 -107.40 28.33
N UNK V 72 12.33 -106.96 29.56
CA UNK V 72 13.24 -105.82 29.78
C UNK V 72 14.63 -106.17 29.25
N UNK V 73 15.08 -107.40 29.51
CA UNK V 73 16.42 -107.85 29.04
C UNK V 73 16.45 -107.85 27.51
N UNK V 74 15.36 -108.32 26.88
CA UNK V 74 15.28 -108.36 25.40
C UNK V 74 15.34 -106.91 24.87
N UNK V 75 14.64 -105.99 25.53
CA UNK V 75 14.63 -104.57 25.11
C UNK V 75 16.04 -104.01 25.21
N UNK V 76 16.75 -104.35 26.30
CA UNK V 76 18.13 -103.86 26.51
C UNK V 76 19.04 -104.40 25.39
N UNK V 77 18.86 -105.67 25.04
CA UNK V 77 19.67 -106.29 23.96
C UNK V 77 19.39 -105.56 22.64
N UNK V 78 18.12 -105.26 22.36
CA UNK V 78 17.74 -104.55 21.12
C UNK V 78 18.39 -103.17 21.11
N UNK V 79 18.40 -102.49 22.27
CA UNK V 79 18.99 -101.15 22.40
C UNK V 79 20.50 -101.23 22.12
N UNK V 80 21.15 -102.27 22.65
CA UNK V 80 22.61 -102.46 22.45
C UNK V 80 22.88 -102.68 20.95
N UNK V 81 22.03 -103.47 20.30
CA UNK V 81 22.19 -103.73 18.84
C UNK V 81 22.04 -102.42 18.08
N UNK V 82 21.06 -101.60 18.47
CA UNK V 82 20.81 -100.30 17.81
C UNK V 82 22.04 -99.40 17.98
N UNK V 83 22.63 -99.40 19.20
CA UNK V 83 23.83 -98.58 19.49
C UNK V 83 24.98 -99.05 18.61
N UNK V 84 25.13 -100.36 18.46
CA UNK V 84 26.21 -100.93 17.62
C UNK V 84 26.01 -100.49 16.17
N UNK V 85 24.75 -100.51 15.70
CA UNK V 85 24.43 -100.09 14.31
C UNK V 85 24.79 -98.61 14.14
N UNK V 86 24.47 -97.79 15.15
CA UNK V 86 24.76 -96.34 15.10
C UNK V 86 26.28 -96.14 15.02
N UNK V 87 27.03 -96.91 15.81
CA UNK V 87 28.51 -96.83 15.82
C UNK V 87 29.04 -97.19 14.43
N UNK V 88 28.46 -98.23 13.82
CA UNK V 88 28.88 -98.68 12.47
C UNK V 88 28.09 -97.90 11.40
N UNK V 89 18.47 -99.74 29.46
CA UNK V 89 19.87 -99.92 29.00
C UNK V 89 20.30 -98.72 28.16
N UNK V 90 19.63 -98.50 27.03
CA UNK V 90 19.97 -97.36 26.13
C UNK V 90 19.76 -96.05 26.89
N UNK V 91 18.67 -95.94 27.65
CA UNK V 91 18.37 -94.72 28.43
C UNK V 91 19.49 -94.49 29.45
N UNK V 92 19.93 -95.57 30.11
CA UNK V 92 21.02 -95.46 31.13
C UNK V 92 22.30 -94.98 30.44
N UNK V 93 22.59 -95.53 29.26
CA UNK V 93 23.80 -95.13 28.51
C UNK V 93 23.71 -93.64 28.16
N UNK V 94 22.53 -93.20 27.73
CA UNK V 94 22.31 -91.77 27.36
C UNK V 94 22.54 -90.90 28.59
N UNK V 95 22.04 -91.34 29.75
CA UNK V 95 22.20 -90.57 31.02
C UNK V 95 23.69 -90.47 31.36
N UNK V 96 24.43 -91.58 31.19
CA UNK V 96 25.87 -91.60 31.48
C UNK V 96 26.59 -90.62 30.55
N UNK V 97 26.19 -90.60 29.27
CA UNK V 97 26.81 -89.69 28.28
C UNK V 97 26.54 -88.25 28.68
N UNK V 98 25.30 -87.96 29.13
CA UNK V 98 24.92 -86.60 29.55
C UNK V 98 25.77 -86.19 30.75
N UNK V 99 25.97 -87.12 31.70
CA UNK V 99 26.78 -86.83 32.91
C UNK V 99 28.22 -86.52 32.47
N UNK V 100 28.74 -87.29 31.51
CA UNK V 100 30.11 -87.07 31.01
C UNK V 100 30.21 -85.69 30.37
N UNK V 101 29.19 -85.31 29.60
CA UNK V 101 29.16 -83.99 28.92
C UNK V 101 29.15 -82.89 29.99
N UNK V 102 28.37 -83.07 31.05
CA UNK V 102 28.28 -82.08 32.15
C UNK V 102 29.65 -81.94 32.81
N UNK V 103 30.34 -83.07 33.02
CA UNK V 103 31.67 -83.08 33.65
C UNK V 103 32.65 -82.31 32.75
N UNK V 104 32.56 -82.53 31.43
CA UNK V 104 33.44 -81.86 30.45
C UNK V 104 33.16 -80.35 30.45
N UNK V 105 37.06 -82.93 44.03
CA UNK V 105 38.14 -83.41 43.14
C UNK V 105 38.15 -84.94 43.12
N UNK V 106 38.42 -85.55 44.28
CA UNK V 106 38.47 -87.03 44.40
C UNK V 106 37.09 -87.60 44.04
N UNK V 107 36.03 -86.95 44.54
CA UNK V 107 34.64 -87.41 44.28
C UNK V 107 34.38 -87.32 42.77
N UNK V 108 34.82 -86.24 42.12
CA UNK V 108 34.62 -86.05 40.66
C UNK V 108 35.36 -87.16 39.91
N UNK V 109 36.59 -87.47 40.34
CA UNK V 109 37.39 -88.53 39.69
C UNK V 109 36.65 -89.88 39.83
N UNK V 110 36.09 -90.13 41.02
CA UNK V 110 35.35 -91.38 41.28
C UNK V 110 34.13 -91.45 40.35
N UNK V 111 33.43 -90.32 40.18
CA UNK V 111 32.23 -90.27 39.31
C UNK V 111 32.65 -90.57 37.87
N UNK V 112 33.78 -90.00 37.42
CA UNK V 112 34.28 -90.23 36.05
C UNK V 112 34.60 -91.71 35.87
N UNK V 113 35.24 -92.31 36.87
CA UNK V 113 35.62 -93.76 36.81
C UNK V 113 34.34 -94.59 36.72
N UNK V 114 33.32 -94.23 37.50
CA UNK V 114 32.04 -94.97 37.52
C UNK V 114 31.38 -94.87 36.14
N UNK V 115 31.43 -93.68 35.53
CA UNK V 115 30.84 -93.47 34.19
C UNK V 115 31.58 -94.35 33.17
N UNK V 116 32.91 -94.40 33.27
CA UNK V 116 33.72 -95.23 32.34
C UNK V 116 33.33 -96.70 32.51
N UNK V 117 33.17 -97.13 33.77
CA UNK V 117 32.80 -98.55 34.07
C UNK V 117 31.42 -98.84 33.46
N UNK V 118 30.48 -97.90 33.59
CA UNK V 118 29.12 -98.08 33.05
C UNK V 118 29.20 -98.19 31.53
N UNK V 119 30.03 -97.36 30.89
CA UNK V 119 30.19 -97.40 29.42
C UNK V 119 30.74 -98.76 29.01
N UNK V 120 31.73 -99.26 29.77
CA UNK V 120 32.34 -100.58 29.48
C UNK V 120 31.27 -101.68 29.59
N UNK V 121 30.43 -101.58 30.63
CA UNK V 121 29.36 -102.59 30.85
C UNK V 121 28.38 -102.54 29.67
N UNK V 122 28.03 -101.34 29.21
CA UNK V 122 27.10 -101.17 28.07
C UNK V 122 27.72 -101.80 26.82
N UNK V 123 29.02 -101.58 26.61
CA UNK V 123 29.73 -102.15 25.44
C UNK V 123 29.70 -103.67 25.52
N UNK V 124 29.91 -104.22 26.72
CA UNK V 124 29.91 -105.68 26.94
C UNK V 124 28.51 -106.23 26.61
N UNK V 125 27.47 -105.51 27.04
CA UNK V 125 26.07 -105.94 26.80
C UNK V 125 25.87 -106.24 25.32
N UNK V 126 34.36 -106.77 16.47
CA UNK V 126 33.31 -105.96 15.83
C UNK V 126 32.62 -105.07 16.87
N UNK V 127 31.98 -105.70 17.87
CA UNK V 127 31.28 -104.94 18.94
C UNK V 127 32.31 -104.11 19.71
N UNK V 128 33.48 -104.68 20.00
CA UNK V 128 34.55 -103.97 20.74
C UNK V 128 35.01 -102.77 19.90
N UNK V 129 35.15 -102.97 18.59
CA UNK V 129 35.58 -101.87 17.68
C UNK V 129 34.53 -100.75 17.70
N UNK V 130 33.24 -101.14 17.68
CA UNK V 130 32.15 -100.15 17.71
C UNK V 130 32.20 -99.36 19.03
N UNK V 131 32.46 -100.07 20.14
CA UNK V 131 32.55 -99.41 21.46
C UNK V 131 33.73 -98.42 21.47
N UNK V 132 34.86 -98.81 20.88
CA UNK V 132 36.05 -97.94 20.82
C UNK V 132 35.71 -96.69 20.00
N UNK V 133 34.99 -96.88 18.89
CA UNK V 133 34.60 -95.74 18.01
C UNK V 133 33.69 -94.80 18.81
N UNK V 134 32.75 -95.36 19.58
CA UNK V 134 31.82 -94.56 20.41
C UNK V 134 32.62 -93.76 21.44
N UNK V 135 33.61 -94.40 22.06
CA UNK V 135 34.45 -93.72 23.07
C UNK V 135 35.20 -92.56 22.41
N UNK V 136 35.72 -92.78 21.20
CA UNK V 136 36.47 -91.73 20.46
C UNK V 136 35.51 -90.56 20.17
N UNK V 137 34.28 -90.87 19.76
CA UNK V 137 33.27 -89.84 19.45
C UNK V 137 32.97 -89.03 20.72
N UNK V 138 32.85 -89.72 21.86
CA UNK V 138 32.56 -89.06 23.15
C UNK V 138 33.72 -88.12 23.50
N UNK V 139 34.96 -88.58 23.28
CA UNK V 139 36.16 -87.77 23.56
C UNK V 139 36.15 -86.52 22.67
N UNK V 140 35.78 -86.69 21.40
CA UNK V 140 35.72 -85.55 20.45
C UNK V 140 34.67 -84.55 20.93
N UNK V 141 33.52 -85.06 21.40
CA UNK V 141 32.43 -84.19 21.90
C UNK V 141 32.92 -83.41 23.13
N UNK V 142 33.66 -84.09 24.01
CA UNK V 142 34.20 -83.44 25.23
C UNK V 142 34.97 -82.16 24.86
N UNK V 143 42.13 -102.06 29.14
CA UNK V 143 43.17 -101.47 28.25
C UNK V 143 42.55 -100.32 27.45
N UNK V 144 41.57 -100.64 26.61
CA UNK V 144 40.90 -99.60 25.77
C UNK V 144 40.20 -98.59 26.70
N UNK V 145 39.56 -99.09 27.76
CA UNK V 145 38.86 -98.21 28.73
C UNK V 145 39.89 -97.30 29.41
N UNK V 146 41.05 -97.85 29.77
CA UNK V 146 42.12 -97.06 30.42
C UNK V 146 42.60 -95.97 29.45
N UNK V 147 42.75 -96.32 28.17
CA UNK V 147 43.20 -95.34 27.14
C UNK V 147 42.16 -94.23 27.02
N UNK V 148 40.87 -94.60 27.04
CA UNK V 148 39.77 -93.62 26.93
C UNK V 148 39.83 -92.67 28.14
N UNK V 149 40.08 -93.23 29.33
CA UNK V 149 40.16 -92.43 30.56
C UNK V 149 41.33 -91.45 30.45
N UNK V 150 42.46 -91.92 29.92
CA UNK V 150 43.66 -91.07 29.75
C UNK V 150 43.33 -89.93 28.79
N UNK V 151 42.61 -90.24 27.70
CA UNK V 151 42.23 -89.23 26.70
C UNK V 151 41.32 -88.18 27.36
N UNK V 152 40.38 -88.64 28.20
CA UNK V 152 39.45 -87.74 28.91
C UNK V 152 40.24 -86.82 29.84
N UNK V 153 41.24 -87.39 30.54
CA UNK V 153 42.09 -86.60 31.46
C UNK V 153 42.85 -85.53 30.66
N UNK V 154 43.37 -85.91 29.48
CA UNK V 154 44.11 -84.98 28.61
C UNK V 154 43.18 -83.85 28.18
N UNK V 155 41.94 -84.18 27.83
CA UNK V 155 40.94 -83.17 27.39
C UNK V 155 40.16 -82.65 28.60
N UNK W 1 -73.72 -9.80 3.43
CA UNK W 1 -73.15 -8.43 3.31
C UNK W 1 -71.84 -8.35 4.10
N UNK W 2 -71.90 -8.60 5.40
CA UNK W 2 -70.70 -8.55 6.26
C UNK W 2 -69.69 -9.62 5.81
N UNK W 3 -70.20 -10.81 5.48
CA UNK W 3 -69.32 -11.93 5.02
C UNK W 3 -68.64 -11.52 3.70
N UNK W 4 -69.39 -10.88 2.80
CA UNK W 4 -68.85 -10.44 1.49
C UNK W 4 -67.73 -9.42 1.72
N UNK W 5 -67.94 -8.49 2.67
CA UNK W 5 -66.92 -7.46 2.98
C UNK W 5 -65.65 -8.12 3.49
N UNK W 6 -65.79 -9.13 4.35
CA UNK W 6 -64.62 -9.86 4.90
C UNK W 6 -63.85 -10.53 3.77
N UNK W 7 -64.57 -11.15 2.82
CA UNK W 7 -63.94 -11.84 1.68
C UNK W 7 -63.17 -10.82 0.84
N UNK W 8 -63.75 -9.65 0.61
CA UNK W 8 -63.10 -8.58 -0.19
C UNK W 8 -61.81 -8.13 0.51
N UNK W 9 -61.87 -7.98 1.84
CA UNK W 9 -60.68 -7.55 2.62
C UNK W 9 -59.58 -8.60 2.49
N UNK W 10 -59.94 -9.88 2.55
CA UNK W 10 -58.96 -10.98 2.43
C UNK W 10 -58.30 -10.93 1.05
N UNK W 11 -59.10 -10.68 0.00
CA UNK W 11 -58.57 -10.60 -1.38
C UNK W 11 -57.59 -9.43 -1.49
N UNK W 12 -57.95 -8.28 -0.89
CA UNK W 12 -57.09 -7.08 -0.93
C UNK W 12 -55.77 -7.37 -0.21
N UNK W 13 -55.83 -8.05 0.93
CA UNK W 13 -54.61 -8.37 1.71
C UNK W 13 -53.71 -9.30 0.88
N UNK W 14 -54.31 -10.28 0.20
CA UNK W 14 -53.55 -11.24 -0.63
C UNK W 14 -52.87 -10.47 -1.78
N UNK W 15 -53.59 -9.54 -2.40
CA UNK W 15 -53.04 -8.75 -3.52
C UNK W 15 -51.84 -7.92 -3.03
N UNK W 16 -51.96 -7.32 -1.85
CA UNK W 16 -50.87 -6.49 -1.28
C UNK W 16 -49.64 -7.37 -1.03
N UNK W 17 -49.85 -8.58 -0.51
CA UNK W 17 -48.74 -9.51 -0.22
C UNK W 17 -48.04 -9.91 -1.53
N UNK W 18 -48.83 -10.14 -2.59
CA UNK W 18 -48.26 -10.53 -3.90
C UNK W 18 -47.37 -9.40 -4.43
N UNK W 19 -47.82 -8.15 -4.29
CA UNK W 19 -47.04 -6.98 -4.76
C UNK W 19 -45.72 -6.91 -4.00
N UNK W 20 -45.76 -7.16 -2.69
CA UNK W 20 -44.55 -7.13 -1.84
C UNK W 20 -43.63 -8.31 -2.21
N UNK W 21 -56.81 4.82 11.47
CA UNK W 21 -55.47 4.21 11.30
C UNK W 21 -55.35 3.63 9.89
N UNK W 22 -54.18 3.09 9.54
CA UNK W 22 -53.94 2.51 8.20
C UNK W 22 -54.87 1.32 7.98
N UNK W 23 -55.03 0.47 9.01
CA UNK W 23 -55.91 -0.71 8.92
C UNK W 23 -57.36 -0.25 8.68
N UNK W 24 -57.79 0.79 9.40
CA UNK W 24 -59.16 1.32 9.27
C UNK W 24 -59.36 1.86 7.85
N UNK W 25 -58.35 2.57 7.32
CA UNK W 25 -58.43 3.16 5.97
C UNK W 25 -58.59 2.05 4.93
N UNK W 26 -57.85 0.94 5.08
CA UNK W 26 -57.94 -0.17 4.12
C UNK W 26 -59.35 -0.76 4.13
N UNK W 27 -59.94 -0.90 5.33
CA UNK W 27 -61.31 -1.45 5.46
C UNK W 27 -62.31 -0.51 4.77
N UNK W 28 -62.13 0.80 4.95
CA UNK W 28 -63.03 1.81 4.34
C UNK W 28 -62.95 1.72 2.81
N UNK W 29 -61.75 1.56 2.28
CA UNK W 29 -61.55 1.47 0.81
C UNK W 29 -62.28 0.23 0.27
N UNK W 30 -62.19 -0.89 1.00
CA UNK W 30 -62.84 -2.15 0.58
C UNK W 30 -64.37 -1.96 0.56
N UNK W 31 -64.90 -1.26 1.56
CA UNK W 31 -66.36 -1.00 1.65
C UNK W 31 -66.82 -0.19 0.44
N UNK W 32 -66.05 0.84 0.06
CA UNK W 32 -66.41 1.70 -1.08
C UNK W 32 -66.44 0.87 -2.37
N UNK W 33 -65.46 -0.01 -2.55
CA UNK W 33 -65.38 -0.87 -3.76
C UNK W 33 -66.60 -1.80 -3.81
N UNK W 34 -66.98 -2.36 -2.65
CA UNK W 34 -68.15 -3.27 -2.56
C UNK W 34 -69.42 -2.52 -2.97
N UNK W 35 -44.47 0.94 -3.47
CA UNK W 35 -45.60 1.27 -2.57
C UNK W 35 -46.80 1.73 -3.39
N UNK W 36 -46.64 2.81 -4.16
CA UNK W 36 -47.73 3.36 -4.99
C UNK W 36 -48.15 2.31 -6.04
N UNK W 37 -47.16 1.64 -6.65
CA UNK W 37 -47.44 0.62 -7.67
C UNK W 37 -48.24 -0.53 -7.05
N UNK W 38 -47.87 -0.93 -5.83
CA UNK W 38 -48.55 -2.03 -5.11
C UNK W 38 -50.01 -1.64 -4.85
N UNK W 39 -50.25 -0.39 -4.45
CA UNK W 39 -51.61 0.10 -4.15
C UNK W 39 -52.46 0.02 -5.43
N UNK W 40 -51.88 0.39 -6.57
CA UNK W 40 -52.61 0.37 -7.86
C UNK W 40 -53.02 -1.07 -8.18
N UNK W 41 -52.13 -2.04 -7.94
CA UNK W 41 -52.41 -3.46 -8.21
C UNK W 41 -53.58 -3.93 -7.32
N UNK W 42 -53.58 -3.50 -6.05
CA UNK W 42 -54.65 -3.89 -5.10
C UNK W 42 -56.00 -3.35 -5.59
N UNK W 43 -56.02 -2.10 -6.07
CA UNK W 43 -57.27 -1.47 -6.55
C UNK W 43 -57.79 -2.26 -7.75
N UNK W 44 -56.90 -2.66 -8.66
CA UNK W 44 -57.29 -3.43 -9.87
C UNK W 44 -57.89 -4.78 -9.44
N UNK W 45 -57.25 -5.43 -8.45
CA UNK W 45 -57.71 -6.74 -7.94
C UNK W 45 -59.12 -6.59 -7.34
N UNK W 46 -59.34 -5.52 -6.58
CA UNK W 46 -60.65 -5.27 -5.93
C UNK W 46 -61.73 -5.09 -7.02
N UNK W 47 -61.40 -4.36 -8.09
CA UNK W 47 -62.37 -4.14 -9.19
C UNK W 47 -62.72 -5.49 -9.83
N UNK W 48 -61.72 -6.35 -10.03
CA UNK W 48 -61.93 -7.68 -10.63
C UNK W 48 -62.85 -8.51 -9.71
N UNK W 49 -62.61 -8.43 -8.40
CA UNK W 49 -63.42 -9.19 -7.41
C UNK W 49 -64.86 -8.70 -7.47
N UNK W 50 -65.05 -7.38 -7.57
CA UNK W 50 -66.42 -6.78 -7.63
C UNK W 50 -67.12 -7.30 -8.89
N UNK W 51 -66.40 -7.37 -10.01
CA UNK W 51 -66.98 -7.84 -11.29
C UNK W 51 -67.49 -9.28 -11.12
N UNK W 52 -66.18 7.55 -6.60
CA UNK W 52 -64.96 7.90 -7.37
C UNK W 52 -64.15 8.94 -6.59
N UNK W 53 -64.76 10.10 -6.32
CA UNK W 53 -64.06 11.18 -5.58
C UNK W 53 -63.73 10.69 -4.17
N UNK W 54 -64.66 9.98 -3.53
CA UNK W 54 -64.45 9.44 -2.16
C UNK W 54 -63.29 8.44 -2.19
N UNK W 55 -63.26 7.59 -3.22
CA UNK W 55 -62.19 6.57 -3.35
C UNK W 55 -60.84 7.27 -3.51
N UNK W 56 -60.80 8.34 -4.31
CA UNK W 56 -59.55 9.11 -4.54
C UNK W 56 -59.07 9.70 -3.23
N UNK W 57 -59.99 10.25 -2.43
CA UNK W 57 -59.62 10.87 -1.13
C UNK W 57 -59.04 9.79 -0.21
N UNK W 58 -59.66 8.61 -0.18
CA UNK W 58 -59.18 7.49 0.67
C UNK W 58 -57.79 7.06 0.18
N UNK W 59 -57.61 6.98 -1.13
CA UNK W 59 -56.32 6.58 -1.75
C UNK W 59 -55.24 7.61 -1.40
N UNK W 60 -55.59 8.89 -1.45
CA UNK W 60 -54.64 9.98 -1.15
C UNK W 60 -54.18 9.87 0.31
N UNK W 61 -55.12 9.59 1.22
CA UNK W 61 -54.79 9.45 2.66
C UNK W 61 -53.83 8.26 2.85
N UNK W 62 -54.11 7.15 2.16
CA UNK W 62 -53.25 5.94 2.26
C UNK W 62 -51.85 6.27 1.74
N UNK W 63 -51.77 7.02 0.63
CA UNK W 63 -50.47 7.40 0.03
C UNK W 63 -49.70 8.27 1.03
N UNK W 64 -50.40 9.21 1.68
CA UNK W 64 -49.78 10.11 2.67
C UNK W 64 -49.24 9.27 3.84
N UNK W 65 -50.01 8.28 4.27
CA UNK W 65 -49.59 7.39 5.39
C UNK W 65 -48.38 6.55 4.95
N UNK W 66 -47.21 13.65 -2.71
CA UNK W 66 -47.96 14.14 -3.88
C UNK W 66 -47.49 13.41 -5.14
N UNK W 67 -46.17 13.34 -5.26
CA UNK W 67 -45.50 12.69 -6.40
C UNK W 67 -45.96 11.23 -6.49
N UNK W 68 -45.93 10.57 -5.33
CA UNK W 68 -46.32 9.16 -5.20
C UNK W 68 -47.76 8.97 -5.69
N UNK W 69 -48.61 9.86 -5.23
CA UNK W 69 -50.04 9.86 -5.56
C UNK W 69 -50.22 9.95 -7.07
N UNK W 70 -49.47 10.89 -7.65
CA UNK W 70 -49.48 11.15 -9.09
C UNK W 70 -49.11 9.88 -9.86
N UNK W 71 -48.05 9.26 -9.39
CA UNK W 71 -47.51 8.03 -9.97
C UNK W 71 -48.59 6.93 -9.97
N UNK W 72 -49.22 6.81 -8.82
CA UNK W 72 -50.31 5.83 -8.60
C UNK W 72 -51.43 6.05 -9.62
N UNK W 73 -51.79 7.31 -9.75
CA UNK W 73 -52.85 7.74 -10.67
C UNK W 73 -52.51 7.31 -12.10
N UNK W 74 -51.27 7.60 -12.45
CA UNK W 74 -50.73 7.28 -13.79
C UNK W 74 -50.85 5.78 -14.05
N UNK W 75 -50.44 5.02 -13.05
CA UNK W 75 -50.46 3.55 -13.10
C UNK W 75 -51.88 3.06 -13.36
N UNK W 76 -52.80 3.64 -12.60
CA UNK W 76 -54.23 3.32 -12.68
C UNK W 76 -54.74 3.56 -14.10
N UNK W 77 -54.37 4.71 -14.63
CA UNK W 77 -54.75 5.14 -15.98
C UNK W 77 -54.26 4.12 -17.01
N UNK W 78 -56.39 21.95 -3.75
CA UNK W 78 -55.35 20.91 -3.89
C UNK W 78 -56.00 19.58 -4.26
N UNK W 79 -56.89 19.08 -3.39
CA UNK W 79 -57.59 17.80 -3.62
C UNK W 79 -58.44 17.90 -4.89
N UNK W 80 -59.12 19.04 -5.08
CA UNK W 80 -59.98 19.24 -6.26
C UNK W 80 -59.13 19.18 -7.55
N UNK W 81 -57.94 19.78 -7.51
CA UNK W 81 -57.04 19.79 -8.69
C UNK W 81 -56.64 18.34 -9.02
N UNK W 82 -56.33 17.54 -8.00
CA UNK W 82 -55.92 16.14 -8.19
C UNK W 82 -57.07 15.36 -8.84
N UNK W 83 -58.31 15.62 -8.40
CA UNK W 83 -59.49 14.92 -8.94
C UNK W 83 -59.63 15.21 -10.44
N UNK W 84 -59.42 16.46 -10.85
CA UNK W 84 -59.53 16.84 -12.28
C UNK W 84 -58.48 16.07 -13.10
N UNK W 85 -57.26 15.97 -12.58
CA UNK W 85 -56.16 15.25 -13.28
C UNK W 85 -56.53 13.76 -13.41
N UNK W 86 -57.10 13.19 -12.35
CA UNK W 86 -57.50 11.76 -12.34
C UNK W 86 -58.57 11.52 -13.41
N UNK W 87 -59.53 12.44 -13.53
CA UNK W 87 -60.63 12.30 -14.52
C UNK W 87 -60.05 12.27 -15.95
N UNK W 88 -59.09 13.14 -16.23
CA UNK W 88 -58.47 13.20 -17.58
C UNK W 88 -57.76 11.87 -17.88
N UNK W 89 -57.03 11.34 -16.90
CA UNK W 89 -56.29 10.06 -17.06
C UNK W 89 -57.27 8.92 -17.34
N UNK W 90 -58.40 8.89 -16.61
CA UNK W 90 -59.41 7.82 -16.77
C UNK W 90 -60.25 8.10 -18.02
N UNK W 91 -58.35 16.93 -28.39
CA UNK W 91 -57.23 16.04 -28.01
C UNK W 91 -56.04 16.90 -27.55
N UNK W 92 -55.53 17.75 -28.45
CA UNK W 92 -54.36 18.61 -28.14
C UNK W 92 -54.73 19.57 -26.99
N UNK W 93 -55.94 20.13 -27.02
CA UNK W 93 -56.40 21.08 -25.98
C UNK W 93 -56.44 20.35 -24.62
N UNK W 94 -56.95 19.12 -24.62
CA UNK W 94 -57.05 18.32 -23.38
C UNK W 94 -55.65 18.05 -22.83
N UNK W 95 -54.70 17.73 -23.71
CA UNK W 95 -53.31 17.44 -23.31
C UNK W 95 -52.69 18.69 -22.65
N UNK W 96 -52.96 19.87 -23.22
CA UNK W 96 -52.42 21.14 -22.68
C UNK W 96 -52.96 21.36 -21.26
N UNK W 97 -54.24 21.09 -21.05
CA UNK W 97 -54.88 21.26 -19.72
C UNK W 97 -54.22 20.32 -18.71
N UNK W 98 -53.95 19.08 -19.11
CA UNK W 98 -53.33 18.09 -18.20
C UNK W 98 -51.93 18.57 -17.79
N UNK W 99 -51.17 19.11 -18.74
CA UNK W 99 -49.81 19.61 -18.45
C UNK W 99 -49.90 20.78 -17.45
N UNK W 100 -50.87 21.67 -17.65
CA UNK W 100 -51.06 22.84 -16.76
C UNK W 100 -51.41 22.37 -15.35
N UNK W 101 -52.28 21.36 -15.23
CA UNK W 101 -52.68 20.84 -13.90
C UNK W 101 -51.47 20.26 -13.18
N UNK W 102 -50.62 19.52 -13.89
CA UNK W 102 -49.42 18.90 -13.29
C UNK W 102 -48.48 20.00 -12.78
N UNK W 103 -48.32 21.07 -13.56
CA UNK W 103 -47.44 22.20 -13.17
C UNK W 103 -47.97 22.86 -11.89
N UNK W 104 -49.30 23.03 -11.80
CA UNK W 104 -49.93 23.65 -10.62
C UNK W 104 -49.67 22.80 -9.37
N UNK W 105 -49.79 21.48 -9.51
CA UNK W 105 -49.57 20.56 -8.36
C UNK W 105 -48.12 20.68 -7.88
N UNK W 106 -47.16 20.77 -8.81
CA UNK W 106 -45.73 20.89 -8.46
C UNK W 106 -45.48 22.26 -7.83
N UNK W 107 -41.47 10.25 -12.65
CA UNK W 107 -42.86 10.59 -12.31
C UNK W 107 -43.37 11.68 -13.27
N UNK W 108 -42.74 12.87 -13.24
CA UNK W 108 -43.14 13.98 -14.12
C UNK W 108 -42.94 13.57 -15.58
N UNK W 109 -41.82 12.88 -15.86
CA UNK W 109 -41.50 12.43 -17.23
C UNK W 109 -42.58 11.45 -17.71
N UNK W 110 -43.04 10.57 -16.82
CA UNK W 110 -44.08 9.59 -17.18
C UNK W 110 -45.36 10.32 -17.59
N UNK W 111 -45.72 11.37 -16.84
CA UNK W 111 -46.92 12.17 -17.15
C UNK W 111 -46.77 12.82 -18.53
N UNK W 112 -45.57 13.34 -18.82
CA UNK W 112 -45.29 14.00 -20.12
C UNK W 112 -45.45 12.99 -21.25
N UNK W 113 -44.97 11.75 -21.05
CA UNK W 113 -45.06 10.70 -22.08
C UNK W 113 -46.54 10.43 -22.39
N UNK W 114 -47.37 10.36 -21.35
CA UNK W 114 -48.82 10.12 -21.52
C UNK W 114 -49.43 11.28 -22.32
N UNK W 115 -49.00 12.50 -22.01
CA UNK W 115 -49.51 13.73 -22.70
C UNK W 115 -49.15 13.66 -24.18
N UNK W 116 -47.93 13.21 -24.51
CA UNK W 116 -47.49 13.14 -25.92
C UNK W 116 -48.39 12.17 -26.68
N UNK W 117 -48.75 11.03 -26.07
CA UNK W 117 -49.62 10.04 -26.73
C UNK W 117 -50.99 10.67 -26.99
N UNK W 118 -51.51 11.44 -26.03
CA UNK W 118 -52.81 12.12 -26.16
C UNK W 118 -52.75 13.13 -27.31
N UNK W 119 -51.64 13.87 -27.41
CA UNK W 119 -51.47 14.89 -28.46
C UNK W 119 -51.47 14.23 -29.84
N UNK W 120 -50.79 13.08 -29.97
CA UNK W 120 -50.73 12.35 -31.25
C UNK W 120 -52.13 11.92 -31.66
N UNK W 121 -52.93 11.45 -30.69
CA UNK W 121 -54.32 11.00 -30.96
C UNK W 121 -55.19 12.20 -31.30
N UNK W 122 -33.91 19.40 -18.46
CA UNK W 122 -34.05 18.05 -19.04
C UNK W 122 -35.53 17.73 -19.26
N UNK W 123 -36.32 17.69 -18.18
CA UNK W 123 -37.76 17.38 -18.27
C UNK W 123 -38.46 18.45 -19.12
N UNK W 124 -38.10 19.72 -18.91
CA UNK W 124 -38.71 20.84 -19.67
C UNK W 124 -38.38 20.67 -21.16
N UNK W 125 -37.14 20.30 -21.46
CA UNK W 125 -36.71 20.10 -22.86
C UNK W 125 -37.52 18.95 -23.47
N UNK W 126 -37.71 17.87 -22.71
CA UNK W 126 -38.48 16.70 -23.19
C UNK W 126 -39.92 17.13 -23.48
N UNK W 127 -40.50 17.96 -22.59
CA UNK W 127 -41.89 18.45 -22.78
C UNK W 127 -41.97 19.28 -24.06
N UNK W 128 -40.97 20.14 -24.29
CA UNK W 128 -40.94 20.99 -25.50
C UNK W 128 -40.88 20.09 -26.74
N UNK W 129 -40.04 19.05 -26.68
CA UNK W 129 -39.88 18.10 -27.82
C UNK W 129 -41.23 17.41 -28.08
N UNK W 130 -41.92 17.00 -27.02
CA UNK W 130 -43.22 16.31 -27.15
C UNK W 130 -44.22 17.27 -27.81
N UNK W 131 -44.22 18.55 -27.40
CA UNK W 131 -45.15 19.54 -27.97
C UNK W 131 -44.84 19.71 -29.47
N UNK W 132 -43.55 19.77 -29.82
CA UNK W 132 -43.15 19.94 -31.24
C UNK W 132 -43.62 18.71 -32.04
N UNK W 133 -43.46 17.52 -31.48
CA UNK W 133 -43.88 16.27 -32.17
C UNK W 133 -45.40 16.30 -32.39
N UNK W 134 -46.14 16.75 -31.37
CA UNK W 134 -47.62 16.82 -31.46
C UNK W 134 -48.01 17.80 -32.57
N UNK W 135 -47.30 18.94 -32.65
CA UNK W 135 -47.56 19.96 -33.68
C UNK W 135 -47.50 19.31 -35.07
N UNK W 136 -43.82 3.47 -27.42
CA UNK W 136 -42.54 3.13 -28.09
C UNK W 136 -41.92 4.40 -28.67
N UNK W 137 -42.68 5.13 -29.49
CA UNK W 137 -42.17 6.37 -30.13
C UNK W 137 -41.81 7.40 -29.04
N UNK W 138 -42.65 7.53 -28.01
CA UNK W 138 -42.39 8.49 -26.92
C UNK W 138 -41.08 8.11 -26.20
N UNK W 139 -40.90 6.82 -25.94
CA UNK W 139 -39.68 6.33 -25.25
C UNK W 139 -38.46 6.64 -26.12
N UNK W 140 -38.58 6.42 -27.43
CA UNK W 140 -37.47 6.69 -28.37
C UNK W 140 -37.12 8.18 -28.34
N UNK W 141 -38.15 9.03 -28.32
CA UNK W 141 -37.94 10.51 -28.29
C UNK W 141 -37.22 10.88 -27.00
N UNK W 142 -37.62 10.29 -25.87
CA UNK W 142 -36.98 10.60 -24.57
C UNK W 142 -35.52 10.18 -24.62
N UNK W 143 -35.24 9.00 -25.20
CA UNK W 143 -33.85 8.50 -25.30
C UNK W 143 -33.03 9.45 -26.16
N UNK W 144 -33.62 9.94 -27.27
CA UNK W 144 -32.91 10.86 -28.18
C UNK W 144 -32.60 12.16 -27.43
N UNK W 145 -33.55 12.67 -26.64
CA UNK W 145 -33.34 13.91 -25.89
C UNK W 145 -32.19 13.70 -24.88
N UNK W 146 -32.19 12.54 -24.23
CA UNK W 146 -31.13 12.23 -23.24
C UNK W 146 -29.76 12.19 -23.94
N UNK W 147 -29.70 11.58 -25.12
CA UNK W 147 -28.43 11.48 -25.88
C UNK W 147 -27.96 12.88 -26.28
N UNK W 148 -28.90 13.73 -26.70
CA UNK W 148 -28.61 15.13 -27.12
C UNK W 148 -28.05 15.92 -25.93
N UNK W 149 -28.61 15.70 -24.74
CA UNK W 149 -28.18 16.44 -23.52
C UNK W 149 -26.92 15.82 -22.91
N UNK W 150 -43.55 15.77 -40.63
CA UNK W 150 -43.05 14.78 -39.65
C UNK W 150 -41.52 14.83 -39.61
N UNK W 151 -40.88 14.52 -40.75
CA UNK W 151 -39.39 14.53 -40.83
C UNK W 151 -38.88 15.95 -40.57
N UNK W 152 -39.56 16.96 -41.13
CA UNK W 152 -39.16 18.37 -40.94
C UNK W 152 -39.26 18.74 -39.46
N UNK W 153 -40.32 18.30 -38.78
CA UNK W 153 -40.54 18.60 -37.36
C UNK W 153 -39.41 17.99 -36.51
N UNK W 154 -39.00 16.76 -36.84
CA UNK W 154 -37.92 16.08 -36.09
C UNK W 154 -36.61 16.86 -36.24
N UNK W 155 -36.34 17.36 -37.45
CA UNK W 155 -35.11 18.13 -37.71
C UNK W 155 -35.10 19.41 -36.86
N UNK W 156 -36.25 20.08 -36.76
CA UNK W 156 -36.35 21.33 -35.98
C UNK W 156 -36.06 21.04 -34.50
N UNK W 157 -36.61 19.94 -33.97
CA UNK W 157 -36.40 19.57 -32.55
C UNK W 157 -34.91 19.29 -32.31
N UNK W 158 -34.26 18.59 -33.23
CA UNK W 158 -32.82 18.26 -33.10
C UNK W 158 -31.99 19.55 -33.07
N UNK W 159 -32.32 20.50 -33.95
CA UNK W 159 -31.59 21.79 -34.03
C UNK W 159 -31.76 22.56 -32.71
N UNK W 160 -32.97 22.57 -32.17
CA UNK W 160 -33.26 23.29 -30.89
C UNK W 160 -32.47 22.65 -29.75
N UNK W 161 -32.42 21.32 -29.71
CA UNK W 161 -31.68 20.60 -28.63
C UNK W 161 -30.19 20.95 -28.72
N UNK W 162 -29.64 21.01 -29.94
CA UNK W 162 -28.21 21.33 -30.14
C UNK W 162 -27.94 22.74 -29.61
N UNK W 163 -28.86 23.68 -29.90
CA UNK W 163 -28.70 25.08 -29.45
C UNK W 163 -28.70 25.14 -27.92
N UNK W 164 -29.59 24.36 -27.29
CA UNK W 164 -29.69 24.32 -25.80
C UNK W 164 -28.39 23.79 -25.21
N UNK W 165 -27.81 22.75 -25.84
CA UNK W 165 -26.55 22.15 -25.34
C UNK W 165 -25.43 23.19 -25.41
N UNK W 166 -25.38 23.97 -26.50
CA UNK W 166 -24.35 25.01 -26.67
C UNK W 166 -24.47 26.04 -25.54
N UNK W 167 -22.51 9.87 -32.32
CA UNK W 167 -22.94 10.15 -33.71
C UNK W 167 -23.70 8.94 -34.27
N UNK W 168 -23.06 7.78 -34.31
CA UNK W 168 -23.70 6.55 -34.84
C UNK W 168 -24.90 6.19 -33.97
N UNK W 169 -24.76 6.28 -32.65
CA UNK W 169 -25.87 5.95 -31.73
C UNK W 169 -27.04 6.93 -31.96
N UNK W 170 -26.73 8.21 -32.13
CA UNK W 170 -27.76 9.25 -32.38
C UNK W 170 -28.46 8.96 -33.71
N UNK W 171 -27.68 8.56 -34.72
CA UNK W 171 -28.23 8.24 -36.06
C UNK W 171 -29.20 7.05 -35.96
N UNK W 172 -28.84 6.04 -35.17
CA UNK W 172 -29.69 4.84 -35.02
C UNK W 172 -31.04 5.24 -34.40
N UNK W 173 -31.01 6.10 -33.38
CA UNK W 173 -32.26 6.55 -32.73
C UNK W 173 -33.12 7.33 -33.72
N UNK W 174 -32.48 8.20 -34.50
CA UNK W 174 -33.19 9.03 -35.52
C UNK W 174 -33.81 8.13 -36.59
N UNK W 175 -33.07 7.11 -37.03
CA UNK W 175 -33.57 6.20 -38.09
C UNK W 175 -34.82 5.46 -37.59
N UNK W 176 -34.80 4.99 -36.34
CA UNK W 176 -35.95 4.25 -35.78
C UNK W 176 -37.17 5.19 -35.72
N UNK W 177 -36.97 6.42 -35.28
CA UNK W 177 -38.07 7.41 -35.19
C UNK W 177 -38.62 7.72 -36.58
N UNK W 178 -37.72 7.87 -37.56
CA UNK W 178 -38.12 8.18 -38.95
C UNK W 178 -38.97 7.04 -39.52
N UNK W 179 -38.58 5.80 -39.24
CA UNK W 179 -39.32 4.61 -39.75
C UNK W 179 -40.75 4.61 -39.20
N UNK W 180 -40.91 4.94 -37.91
CA UNK W 180 -42.25 4.97 -37.28
C UNK W 180 -43.14 6.01 -37.97
N UNK W 181 -42.59 7.19 -38.26
CA UNK W 181 -43.35 8.28 -38.91
C UNK W 181 -42.38 9.35 -39.43
N UNK W 182 -30.66 -18.57 -38.26
CA UNK W 182 -30.18 -18.44 -39.66
C UNK W 182 -30.80 -17.21 -40.32
N UNK W 183 -32.12 -17.22 -40.48
CA UNK W 183 -32.85 -16.08 -41.10
C UNK W 183 -32.66 -14.83 -40.24
N UNK W 184 -32.73 -14.99 -38.92
CA UNK W 184 -32.56 -13.85 -37.99
C UNK W 184 -31.15 -13.28 -38.14
N UNK W 185 -30.14 -14.16 -38.27
CA UNK W 185 -28.74 -13.71 -38.42
C UNK W 185 -28.59 -12.91 -39.71
N UNK W 186 -29.24 -13.36 -40.79
CA UNK W 186 -29.17 -12.67 -42.09
C UNK W 186 -29.79 -11.27 -41.95
N UNK W 187 -30.92 -11.17 -41.23
CA UNK W 187 -31.60 -9.88 -41.02
C UNK W 187 -30.68 -8.93 -40.25
N UNK W 188 -29.98 -9.45 -39.23
CA UNK W 188 -29.06 -8.63 -38.42
C UNK W 188 -27.93 -8.10 -39.29
N UNK W 189 -27.40 -8.95 -40.18
CA UNK W 189 -26.29 -8.53 -41.08
C UNK W 189 -26.77 -7.41 -42.01
N UNK W 190 -28.00 -7.55 -42.54
CA UNK W 190 -28.56 -6.53 -43.46
C UNK W 190 -28.71 -5.20 -42.72
N UNK W 191 -29.20 -5.24 -41.48
CA UNK W 191 -29.39 -4.00 -40.69
C UNK W 191 -28.04 -3.32 -40.45
N UNK W 192 -27.01 -4.12 -40.13
CA UNK W 192 -25.66 -3.57 -39.87
C UNK W 192 -25.12 -2.91 -41.15
N UNK W 193 -25.31 -3.56 -42.29
CA UNK W 193 -24.83 -3.03 -43.59
C UNK W 193 -25.54 -1.71 -43.90
N UNK W 194 -26.86 -1.66 -43.68
CA UNK W 194 -27.65 -0.44 -43.96
C UNK W 194 -27.17 0.70 -43.06
N UNK W 195 -26.89 0.41 -41.79
CA UNK W 195 -26.43 1.44 -40.84
C UNK W 195 -25.08 2.01 -41.29
N UNK W 196 -24.18 1.13 -41.75
CA UNK W 196 -22.84 1.58 -42.20
C UNK W 196 -22.99 2.51 -43.41
N UNK W 197 -23.86 2.16 -44.36
CA UNK W 197 -24.08 2.97 -45.57
C UNK W 197 -24.65 4.34 -45.17
N UNK W 198 -25.60 4.36 -44.23
CA UNK W 198 -26.23 5.61 -43.77
C UNK W 198 -25.17 6.51 -43.11
N UNK W 199 -24.28 5.91 -42.32
CA UNK W 199 -23.22 6.68 -41.62
C UNK W 199 -22.30 7.35 -42.66
N UNK W 200 -21.96 6.63 -43.73
CA UNK W 200 -21.07 7.19 -44.79
C UNK W 200 -21.76 8.39 -45.43
N UNK W 201 -23.06 8.28 -45.70
CA UNK W 201 -23.83 9.38 -46.33
C UNK W 201 -23.83 10.60 -45.40
N UNK W 202 -24.01 10.36 -44.09
CA UNK W 202 -24.02 11.45 -43.08
C UNK W 202 -22.67 12.16 -43.07
N UNK W 203 -21.58 11.39 -43.14
CA UNK W 203 -20.21 11.96 -43.10
C UNK W 203 -19.99 12.87 -44.32
N UNK W 204 -20.45 12.43 -45.50
CA UNK W 204 -20.30 13.23 -46.74
C UNK W 204 -21.05 14.55 -46.61
N UNK W 205 -22.28 14.51 -46.06
CA UNK W 205 -23.12 15.73 -45.90
C UNK W 205 -22.83 16.42 -44.57
N UNK W 206 -21.99 15.82 -43.71
CA UNK W 206 -21.68 16.41 -42.39
C UNK W 206 -21.17 17.85 -42.57
N UNK W 207 -40.72 11.83 -54.86
CA UNK W 207 -40.39 12.30 -53.49
C UNK W 207 -38.92 12.00 -53.21
N UNK W 208 -38.55 10.72 -53.19
CA UNK W 208 -37.15 10.31 -52.90
C UNK W 208 -36.22 10.89 -53.99
N UNK W 209 -36.67 10.82 -55.25
CA UNK W 209 -35.85 11.35 -56.37
C UNK W 209 -35.67 12.86 -56.19
N UNK W 210 -36.74 13.56 -55.80
CA UNK W 210 -36.66 15.02 -55.61
C UNK W 210 -35.67 15.33 -54.47
N UNK W 211 -35.73 14.54 -53.40
CA UNK W 211 -34.81 14.75 -52.25
C UNK W 211 -33.37 14.54 -52.70
N UNK W 212 -33.12 13.51 -53.51
CA UNK W 212 -31.76 13.22 -54.01
C UNK W 212 -31.27 14.38 -54.87
N UNK W 213 -32.15 14.91 -55.74
CA UNK W 213 -31.79 16.05 -56.62
C UNK W 213 -31.44 17.25 -55.76
N UNK W 214 -32.23 17.49 -54.70
CA UNK W 214 -31.99 18.65 -53.80
C UNK W 214 -30.63 18.48 -53.12
N UNK W 215 -30.31 17.25 -52.68
CA UNK W 215 -29.02 16.98 -52.01
C UNK W 215 -27.87 17.25 -53.00
N UNK W 216 -28.03 16.82 -54.26
CA UNK W 216 -26.99 17.04 -55.28
C UNK W 216 -26.80 18.55 -55.50
N UNK W 217 -27.91 19.30 -55.55
CA UNK W 217 -27.84 20.77 -55.75
C UNK W 217 -27.13 21.42 -54.57
N UNK W 218 -27.41 20.96 -53.35
CA UNK W 218 -26.77 21.51 -52.14
C UNK W 218 -25.26 21.23 -52.20
N UNK W 219 -24.90 20.03 -52.66
CA UNK W 219 -23.47 19.65 -52.79
C UNK W 219 -22.82 20.58 -53.81
N UNK W 220 -23.52 20.87 -54.91
CA UNK W 220 -22.99 21.77 -55.98
C UNK W 220 -22.76 23.16 -55.39
N UNK W 221 -23.70 23.65 -54.58
CA UNK W 221 -23.54 24.99 -53.95
C UNK W 221 -22.32 24.97 -53.05
N UNK W 222 -22.14 23.88 -52.29
CA UNK W 222 -20.99 23.74 -51.37
C UNK W 222 -19.68 23.74 -52.16
N UNK W 223 -19.66 23.06 -53.31
CA UNK W 223 -18.44 22.97 -54.16
C UNK W 223 -17.95 24.39 -54.50
N UNK W 224 -16.02 18.40 -53.94
CA UNK W 224 -17.44 18.78 -54.06
C UNK W 224 -18.11 17.93 -55.14
N UNK W 225 -17.68 18.09 -56.40
CA UNK W 225 -18.25 17.33 -57.53
C UNK W 225 -18.01 15.83 -57.33
N UNK W 226 -16.81 15.47 -56.87
CA UNK W 226 -16.46 14.04 -56.63
C UNK W 226 -17.37 13.46 -55.55
N UNK W 227 -17.64 14.23 -54.49
CA UNK W 227 -18.50 13.78 -53.38
C UNK W 227 -19.91 13.51 -53.90
N UNK W 228 -20.40 14.36 -54.81
CA UNK W 228 -21.77 14.19 -55.36
C UNK W 228 -21.86 12.84 -56.11
N UNK W 229 -20.82 12.49 -56.87
CA UNK W 229 -20.81 11.21 -57.60
C UNK W 229 -20.86 10.06 -56.61
N UNK W 230 -20.10 10.17 -55.51
CA UNK W 230 -20.05 9.13 -54.45
C UNK W 230 -21.44 8.99 -53.81
N UNK W 231 -22.12 10.11 -53.59
CA UNK W 231 -23.46 10.11 -52.95
C UNK W 231 -24.45 9.32 -53.83
N UNK W 232 -24.37 9.50 -55.15
CA UNK W 232 -25.29 8.78 -56.06
C UNK W 232 -25.06 7.27 -55.94
N UNK W 233 -23.79 6.85 -55.87
CA UNK W 233 -23.46 5.42 -55.72
C UNK W 233 -23.97 4.90 -54.39
N UNK W 234 -23.82 5.69 -53.32
CA UNK W 234 -24.25 5.31 -51.96
C UNK W 234 -25.78 5.13 -51.93
N UNK W 235 -26.51 6.03 -52.59
CA UNK W 235 -27.99 5.95 -52.61
C UNK W 235 -28.44 4.63 -53.25
N UNK W 236 -27.78 4.24 -54.35
CA UNK W 236 -28.12 2.99 -55.05
C UNK W 236 -27.88 1.79 -54.11
N UNK W 237 -26.78 1.83 -53.35
CA UNK W 237 -26.42 0.74 -52.42
C UNK W 237 -27.50 0.58 -51.35
N UNK W 238 -28.02 1.70 -50.83
CA UNK W 238 -29.06 1.65 -49.77
C UNK W 238 -30.31 0.96 -50.31
N UNK W 239 -30.69 1.27 -51.55
CA UNK W 239 -31.88 0.66 -52.18
C UNK W 239 -31.66 -0.85 -52.34
N UNK W 240 -30.45 -1.25 -52.74
CA UNK W 240 -30.11 -2.67 -52.95
C UNK W 240 -30.24 -3.48 -51.66
N UNK W 241 -29.81 -2.91 -50.52
CA UNK W 241 -29.88 -3.61 -49.21
C UNK W 241 -31.25 -3.41 -48.57
N UNK W 242 -40.30 5.98 -46.23
CA UNK W 242 -39.29 5.46 -45.28
C UNK W 242 -37.90 6.00 -45.65
N UNK W 243 -37.39 5.62 -46.82
CA UNK W 243 -36.06 6.06 -47.28
C UNK W 243 -36.06 7.58 -47.47
N UNK W 244 -37.14 8.13 -48.03
CA UNK W 244 -37.24 9.59 -48.27
C UNK W 244 -37.18 10.37 -46.95
N UNK W 245 -37.85 9.87 -45.92
CA UNK W 245 -37.88 10.56 -44.61
C UNK W 245 -36.46 10.64 -44.02
N UNK W 246 -35.71 9.55 -44.10
CA UNK W 246 -34.33 9.52 -43.55
C UNK W 246 -33.45 10.52 -44.30
N UNK W 247 -33.57 10.57 -45.63
CA UNK W 247 -32.76 11.48 -46.47
C UNK W 247 -33.07 12.94 -46.15
N UNK W 248 -34.36 13.26 -45.95
CA UNK W 248 -34.78 14.65 -45.66
C UNK W 248 -34.15 15.14 -44.35
N UNK W 249 -34.13 14.28 -43.33
CA UNK W 249 -33.55 14.67 -42.02
C UNK W 249 -32.06 14.97 -42.20
N UNK W 250 -31.36 14.13 -42.97
CA UNK W 250 -29.91 14.31 -43.21
C UNK W 250 -29.68 15.63 -43.96
N UNK W 251 -30.52 15.93 -44.95
CA UNK W 251 -30.40 17.17 -45.76
C UNK W 251 -30.58 18.39 -44.85
N UNK W 252 -31.54 18.33 -43.93
CA UNK W 252 -31.83 19.47 -43.02
C UNK W 252 -30.59 19.77 -42.16
N UNK W 253 -29.91 18.73 -41.68
CA UNK W 253 -28.70 18.92 -40.84
C UNK W 253 -27.63 19.65 -41.65
N UNK W 254 -27.47 19.26 -42.93
CA UNK W 254 -26.48 19.89 -43.83
C UNK W 254 -25.12 19.99 -43.13
N UNK X 1 -66.93 24.73 -27.49
CA UNK X 1 -67.18 26.19 -27.59
C UNK X 1 -67.61 26.55 -29.02
N UNK X 2 -68.84 27.03 -29.18
CA UNK X 2 -69.37 27.40 -30.51
C UNK X 2 -68.54 28.56 -31.08
N UNK X 3 -68.17 29.53 -30.25
CA UNK X 3 -67.39 30.70 -30.69
C UNK X 3 -66.02 30.27 -31.23
N UNK X 4 -65.35 29.33 -30.55
CA UNK X 4 -64.01 28.86 -30.98
C UNK X 4 -64.10 28.17 -32.35
N UNK X 5 -65.14 27.37 -32.57
CA UNK X 5 -65.31 26.59 -33.81
C UNK X 5 -65.46 27.47 -35.05
N UNK X 6 -66.22 28.58 -34.97
CA UNK X 6 -66.47 29.42 -36.15
C UNK X 6 -65.54 30.64 -36.21
N UNK X 7 -64.80 30.78 -37.32
CA UNK X 7 -63.89 31.91 -37.55
C UNK X 7 -64.69 33.22 -37.66
N UNK X 8 -65.84 33.17 -38.34
CA UNK X 8 -66.70 34.36 -38.54
C UNK X 8 -67.19 34.89 -37.19
N UNK X 9 -67.58 33.98 -36.28
CA UNK X 9 -68.07 34.36 -34.94
C UNK X 9 -66.97 35.08 -34.16
N UNK X 10 -65.73 34.61 -34.31
CA UNK X 10 -64.53 35.15 -33.61
C UNK X 10 -64.09 36.49 -34.20
N UNK X 11 -63.11 37.13 -33.55
CA UNK X 11 -62.56 38.45 -33.98
C UNK X 11 -61.60 38.32 -35.17
N UNK X 12 -61.08 39.45 -35.65
CA UNK X 12 -60.18 39.47 -36.82
C UNK X 12 -58.94 38.62 -36.56
N UNK X 13 -58.56 37.80 -37.54
CA UNK X 13 -57.39 36.90 -37.47
C UNK X 13 -56.71 36.85 -38.85
N UNK X 14 -55.46 36.40 -38.92
CA UNK X 14 -54.77 36.35 -40.23
C UNK X 14 -55.57 35.46 -41.19
N UNK X 15 -55.78 35.93 -42.42
CA UNK X 15 -56.55 35.17 -43.44
C UNK X 15 -55.97 33.76 -43.59
N UNK X 16 -56.81 32.74 -43.39
CA UNK X 16 -56.35 31.34 -43.50
C UNK X 16 -56.92 30.71 -44.78
N UNK X 17 -57.52 31.53 -45.64
CA UNK X 17 -58.16 31.07 -46.90
C UNK X 17 -59.21 30.01 -46.56
N UNK X 18 -59.17 28.86 -47.24
CA UNK X 18 -60.14 27.78 -46.94
C UNK X 18 -59.43 26.70 -46.13
N UNK X 19 -59.93 26.40 -44.93
CA UNK X 19 -59.29 25.39 -44.05
C UNK X 19 -59.36 24.01 -44.72
N UNK X 20 -60.51 23.67 -45.30
CA UNK X 20 -60.74 22.38 -46.00
C UNK X 20 -60.37 21.19 -45.09
N UNK X 21 -60.78 21.25 -43.82
CA UNK X 21 -60.50 20.18 -42.82
C UNK X 21 -61.39 20.40 -41.60
N UNK X 22 -61.59 21.67 -41.21
CA UNK X 22 -62.45 22.01 -40.05
C UNK X 22 -63.87 21.54 -40.35
N UNK X 23 -64.36 21.81 -41.56
CA UNK X 23 -65.73 21.42 -41.97
C UNK X 23 -65.90 19.91 -41.85
N UNK X 24 -64.98 19.15 -42.45
CA UNK X 24 -65.04 17.67 -42.42
C UNK X 24 -64.92 17.18 -40.97
N UNK X 25 -64.02 17.78 -40.19
CA UNK X 25 -63.82 17.38 -38.78
C UNK X 25 -65.10 17.66 -37.99
N UNK X 26 -65.68 18.85 -38.17
CA UNK X 26 -66.93 19.25 -37.46
C UNK X 26 -68.06 18.30 -37.86
N UNK X 27 -68.20 18.01 -39.16
CA UNK X 27 -69.26 17.12 -39.68
C UNK X 27 -69.08 15.72 -39.09
N UNK X 28 -67.83 15.23 -38.99
CA UNK X 28 -67.56 13.88 -38.46
C UNK X 28 -68.04 13.77 -37.01
N UNK X 29 -67.78 14.79 -36.19
CA UNK X 29 -68.22 14.77 -34.77
C UNK X 29 -69.75 14.73 -34.71
N UNK X 30 -70.41 15.54 -35.55
CA UNK X 30 -71.89 15.59 -35.63
C UNK X 30 -72.41 14.24 -36.14
N UNK X 31 -71.69 13.65 -37.11
CA UNK X 31 -72.06 12.35 -37.72
C UNK X 31 -72.05 11.25 -36.66
N UNK X 32 -71.09 11.31 -35.73
CA UNK X 32 -70.95 10.31 -34.65
C UNK X 32 -72.21 10.30 -33.78
N UNK X 33 -72.78 11.48 -33.50
CA UNK X 33 -74.00 11.58 -32.68
C UNK X 33 -75.14 10.80 -33.34
N UNK X 34 -75.28 10.93 -34.67
CA UNK X 34 -76.33 10.18 -35.41
C UNK X 34 -76.10 8.68 -35.19
N UNK X 35 -74.93 8.18 -35.61
CA UNK X 35 -74.52 6.77 -35.42
C UNK X 35 -74.81 6.32 -33.99
N UNK X 36 -74.52 7.18 -33.00
CA UNK X 36 -74.75 6.84 -31.58
C UNK X 36 -76.24 6.59 -31.32
N UNK X 37 -77.10 7.45 -31.86
CA UNK X 37 -78.56 7.32 -31.66
C UNK X 37 -79.06 6.00 -32.27
N UNK X 38 -78.58 5.66 -33.47
CA UNK X 38 -78.98 4.41 -34.16
C UNK X 38 -78.53 3.19 -33.34
N UNK X 39 -77.30 3.22 -32.81
CA UNK X 39 -76.75 2.10 -32.02
C UNK X 39 -77.58 1.90 -30.74
N UNK X 40 -77.95 3.00 -30.08
CA UNK X 40 -78.73 2.92 -28.83
C UNK X 40 -80.10 2.30 -29.12
N UNK X 41 -80.74 2.70 -30.22
CA UNK X 41 -82.06 2.17 -30.59
C UNK X 41 -81.96 0.66 -30.85
N UNK X 42 -80.90 0.23 -31.54
CA UNK X 42 -80.71 -1.21 -31.86
C UNK X 42 -80.52 -2.00 -30.56
N UNK X 43 -79.69 -1.47 -29.64
CA UNK X 43 -79.39 -2.15 -28.35
C UNK X 43 -80.65 -2.28 -27.50
N UNK X 44 -81.34 -1.16 -27.25
CA UNK X 44 -82.56 -1.18 -26.41
C UNK X 44 -83.64 -2.06 -27.06
N UNK X 45 -83.80 -1.95 -28.38
CA UNK X 45 -84.81 -2.76 -29.11
C UNK X 45 -84.47 -4.25 -29.00
N UNK X 46 -83.18 -4.60 -29.11
CA UNK X 46 -82.75 -6.01 -29.05
C UNK X 46 -83.06 -6.61 -27.66
N UNK X 47 -82.81 -5.85 -26.59
CA UNK X 47 -83.06 -6.36 -25.22
C UNK X 47 -84.55 -6.66 -25.05
N UNK X 48 -85.41 -5.74 -25.48
CA UNK X 48 -86.88 -5.94 -25.38
C UNK X 48 -87.28 -7.13 -26.26
N UNK X 49 -86.73 -7.18 -27.48
CA UNK X 49 -87.03 -8.26 -28.46
C UNK X 49 -86.56 -9.61 -27.91
N UNK X 50 -85.37 -9.64 -27.31
CA UNK X 50 -84.80 -10.90 -26.77
C UNK X 50 -85.73 -11.44 -25.68
N UNK X 51 -86.21 -10.57 -24.79
CA UNK X 51 -87.14 -10.99 -23.72
C UNK X 51 -88.47 -11.44 -24.35
N UNK X 52 -88.94 -10.70 -25.35
CA UNK X 52 -90.24 -10.97 -26.01
C UNK X 52 -90.25 -12.34 -26.71
N UNK X 53 -89.19 -12.69 -27.44
CA UNK X 53 -89.17 -14.00 -28.13
C UNK X 53 -88.21 -14.96 -27.43
N UNK X 54 -88.76 -15.93 -26.71
CA UNK X 54 -87.97 -16.92 -25.95
C UNK X 54 -88.85 -18.13 -25.60
N UNK X 55 -88.25 -19.20 -25.07
CA UNK X 55 -89.03 -20.39 -24.67
C UNK X 55 -90.03 -19.97 -23.60
N UNK X 56 -91.26 -20.48 -23.66
CA UNK X 56 -92.32 -20.10 -22.70
C UNK X 56 -92.15 -20.90 -21.41
N UNK X 57 -91.16 -20.54 -20.60
CA UNK X 57 -90.87 -21.22 -19.31
C UNK X 57 -90.75 -20.16 -18.21
N ARG Y 3 -51.38 -63.16 65.79
CA ARG Y 3 -50.45 -63.85 66.67
C ARG Y 3 -49.09 -63.19 66.57
N GLU Y 4 -48.29 -63.31 67.64
CA GLU Y 4 -46.97 -62.69 67.70
C GLU Y 4 -45.98 -63.66 68.33
N ILE Y 5 -44.69 -63.37 68.18
CA ILE Y 5 -43.63 -64.17 68.77
C ILE Y 5 -42.58 -63.25 69.35
N ILE Y 6 -42.29 -63.40 70.64
CA ILE Y 6 -41.26 -62.62 71.32
C ILE Y 6 -40.01 -63.49 71.45
N THR Y 7 -38.88 -62.96 70.99
CA THR Y 7 -37.62 -63.70 71.00
C THR Y 7 -36.77 -63.27 72.19
N LEU Y 8 -36.11 -64.24 72.81
CA LEU Y 8 -35.22 -64.00 73.93
C LEU Y 8 -33.81 -64.43 73.58
N GLN Y 9 -32.83 -63.60 73.90
CA GLN Y 9 -31.44 -63.87 73.58
C GLN Y 9 -30.64 -63.88 74.86
N LEU Y 10 -29.97 -64.99 75.14
CA LEU Y 10 -29.23 -65.17 76.37
C LEU Y 10 -27.78 -65.50 76.06
N GLY Y 11 -26.87 -64.95 76.87
CA GLY Y 11 -25.47 -65.24 76.73
C GLY Y 11 -24.83 -64.58 75.52
N GLN Y 12 -23.50 -64.67 75.41
CA GLN Y 12 -22.79 -64.06 74.29
C GLN Y 12 -23.22 -64.69 72.97
N CYS Y 13 -23.42 -66.00 72.96
CA CYS Y 13 -23.82 -66.68 71.74
C CYS Y 13 -25.20 -66.22 71.28
N GLY Y 14 -26.13 -66.05 72.22
CA GLY Y 14 -27.47 -65.65 71.84
C GLY Y 14 -27.50 -64.28 71.20
N ASN Y 15 -26.86 -63.30 71.85
CA ASN Y 15 -26.96 -61.92 71.36
C ASN Y 15 -26.38 -61.79 69.95
N GLN Y 16 -25.25 -62.43 69.69
CA GLN Y 16 -24.62 -62.31 68.38
C GLN Y 16 -25.47 -62.98 67.31
N ILE Y 17 -25.77 -64.28 67.48
CA ILE Y 17 -26.56 -64.96 66.47
C ILE Y 17 -27.97 -64.39 66.43
N GLY Y 18 -28.41 -63.75 67.51
CA GLY Y 18 -29.66 -63.02 67.45
C GLY Y 18 -29.53 -61.71 66.69
N PHE Y 19 -28.43 -60.99 66.93
CA PHE Y 19 -28.21 -59.74 66.21
C PHE Y 19 -28.01 -59.99 64.72
N GLU Y 20 -27.30 -61.06 64.38
CA GLU Y 20 -27.18 -61.42 62.96
C GLU Y 20 -28.50 -61.91 62.40
N PHE Y 21 -29.37 -62.44 63.25
CA PHE Y 21 -30.70 -62.85 62.78
C PHE Y 21 -31.54 -61.64 62.43
N TRP Y 22 -31.49 -60.59 63.23
CA TRP Y 22 -32.28 -59.40 62.96
C TRP Y 22 -31.71 -58.62 61.78
N LYS Y 23 -30.39 -58.63 61.63
CA LYS Y 23 -29.77 -57.94 60.51
C LYS Y 23 -30.19 -58.56 59.18
N GLN Y 24 -30.27 -59.89 59.14
CA GLN Y 24 -30.68 -60.57 57.92
C GLN Y 24 -32.16 -60.33 57.64
N LEU Y 25 -32.98 -60.26 58.68
CA LEU Y 25 -34.41 -60.10 58.48
C LEU Y 25 -34.76 -58.65 58.13
N CYS Y 26 -34.11 -57.69 58.80
CA CYS Y 26 -34.36 -56.28 58.48
C CYS Y 26 -34.00 -55.96 57.04
N ALA Y 27 -33.07 -56.70 56.45
CA ALA Y 27 -32.73 -56.46 55.05
C ALA Y 27 -33.70 -57.18 54.12
N GLU Y 28 -34.15 -58.36 54.54
CA GLU Y 28 -35.15 -59.13 53.75
C GLU Y 28 -36.35 -58.22 53.52
N HIS Y 29 -36.79 -57.52 54.56
CA HIS Y 29 -37.88 -56.58 54.46
C HIS Y 29 -37.33 -55.21 54.08
N GLY Y 30 -38.22 -54.29 53.74
CA GLY Y 30 -37.79 -52.95 53.38
C GLY Y 30 -37.64 -52.05 54.59
N ILE Y 31 -36.83 -52.46 55.56
CA ILE Y 31 -36.67 -51.74 56.81
C ILE Y 31 -35.21 -51.34 56.95
N SER Y 32 -34.97 -50.03 56.98
CA SER Y 32 -33.61 -49.52 57.12
C SER Y 32 -33.09 -49.76 58.53
N PRO Y 33 -31.77 -49.81 58.70
CA PRO Y 33 -31.19 -50.07 60.03
C PRO Y 33 -31.65 -49.13 61.12
N GLU Y 34 -32.13 -47.93 60.76
CA GLU Y 34 -32.65 -47.01 61.77
C GLU Y 34 -34.14 -47.22 62.03
N ALA Y 35 -34.67 -48.40 61.71
CA ALA Y 35 -36.06 -48.78 61.99
C ALA Y 35 -37.04 -47.86 61.28
N ILE Y 36 -36.73 -47.46 60.05
CA ILE Y 36 -37.62 -46.68 59.20
C ILE Y 36 -37.85 -47.46 57.92
N VAL Y 37 -39.10 -47.53 57.48
CA VAL Y 37 -39.39 -48.26 56.25
C VAL Y 37 -38.89 -47.46 55.06
N GLU Y 38 -38.16 -48.14 54.17
CA GLU Y 38 -37.67 -47.53 52.95
C GLU Y 38 -38.69 -47.72 51.83
N GLU Y 39 -38.62 -46.84 50.84
CA GLU Y 39 -39.60 -46.89 49.76
C GLU Y 39 -39.40 -48.11 48.88
N PHE Y 40 -38.26 -48.20 48.21
CA PHE Y 40 -37.99 -49.25 47.23
C PHE Y 40 -39.14 -49.42 46.24
N THR Y 45 -46.18 -56.58 51.06
CA THR Y 45 -46.88 -57.83 50.79
C THR Y 45 -46.39 -58.92 51.74
N ASP Y 46 -45.20 -58.72 52.30
CA ASP Y 46 -44.58 -59.69 53.25
C ASP Y 46 -45.11 -59.40 54.66
N ARG Y 47 -45.62 -60.44 55.34
CA ARG Y 47 -46.16 -60.28 56.69
C ARG Y 47 -45.03 -59.98 57.66
N LYS Y 48 -45.05 -58.79 58.25
CA LYS Y 48 -44.01 -58.38 59.18
C LYS Y 48 -44.56 -58.02 60.55
N ASP Y 49 -45.82 -58.35 60.83
CA ASP Y 49 -46.40 -58.02 62.13
C ASP Y 49 -46.08 -59.08 63.18
N VAL Y 50 -45.69 -60.29 62.77
CA VAL Y 50 -45.41 -61.34 63.74
C VAL Y 50 -44.16 -61.00 64.55
N PHE Y 51 -43.12 -60.53 63.88
CA PHE Y 51 -41.85 -60.26 64.56
C PHE Y 51 -41.66 -58.78 64.88
N PHE Y 52 -42.23 -57.87 64.10
CA PHE Y 52 -42.02 -56.44 64.30
C PHE Y 52 -43.30 -55.81 64.83
N TYR Y 53 -43.13 -54.85 65.72
CA TYR Y 53 -44.23 -54.13 66.36
C TYR Y 53 -44.33 -52.74 65.78
N GLN Y 54 -45.51 -52.40 65.25
CA GLN Y 54 -45.70 -51.09 64.64
C GLN Y 54 -45.75 -49.97 65.67
N TYR Y 60 -41.40 -49.41 62.81
CA TYR Y 60 -41.32 -50.82 63.14
C TYR Y 60 -40.20 -51.08 64.14
N ILE Y 61 -40.47 -51.93 65.12
CA ILE Y 61 -39.50 -52.26 66.16
C ILE Y 61 -39.51 -53.77 66.41
N PRO Y 62 -38.35 -54.41 66.49
CA PRO Y 62 -38.34 -55.86 66.74
C PRO Y 62 -38.77 -56.18 68.16
N ARG Y 63 -39.50 -57.29 68.29
CA ARG Y 63 -39.93 -57.78 69.60
C ARG Y 63 -38.83 -58.63 70.20
N ALA Y 64 -37.79 -57.96 70.68
CA ALA Y 64 -36.60 -58.63 71.20
C ALA Y 64 -36.41 -58.28 72.67
N VAL Y 65 -35.79 -59.21 73.40
CA VAL Y 65 -35.44 -59.02 74.81
C VAL Y 65 -34.01 -59.49 74.97
N LEU Y 66 -33.06 -58.56 74.91
CA LEU Y 66 -31.65 -58.91 75.01
C LEU Y 66 -31.25 -59.08 76.46
N LEU Y 67 -30.37 -60.05 76.72
CA LEU Y 67 -29.86 -60.28 78.06
C LEU Y 67 -28.40 -60.68 78.04
N ARG Y 72 -21.69 -56.68 78.61
CA ARG Y 72 -20.50 -56.29 77.87
C ARG Y 72 -20.72 -56.32 76.36
N VAL Y 73 -21.22 -57.44 75.86
CA VAL Y 73 -21.49 -57.56 74.43
C VAL Y 73 -22.58 -56.60 74.00
N ILE Y 74 -23.43 -56.16 74.94
CA ILE Y 74 -24.50 -55.22 74.61
C ILE Y 74 -23.92 -53.91 74.10
N HIS Y 75 -22.75 -53.52 74.59
CA HIS Y 75 -22.15 -52.26 74.17
C HIS Y 75 -21.73 -52.31 72.71
N SER Y 76 -21.29 -53.49 72.24
CA SER Y 76 -20.96 -53.63 70.83
C SER Y 76 -22.18 -53.42 69.95
N ILE Y 77 -23.36 -53.78 70.45
CA ILE Y 77 -24.59 -53.59 69.70
C ILE Y 77 -25.00 -52.12 69.74
N LEU Y 78 -24.81 -51.46 70.88
CA LEU Y 78 -25.21 -50.06 71.01
C LEU Y 78 -24.31 -49.13 70.22
N ASN Y 79 -23.07 -49.52 69.95
CA ASN Y 79 -22.17 -48.68 69.16
C ASN Y 79 -22.30 -48.93 67.66
N SER Y 80 -22.86 -50.07 67.26
CA SER Y 80 -23.02 -50.39 65.85
C SER Y 80 -24.05 -49.44 65.22
N PRO Y 81 -24.12 -49.41 63.88
CA PRO Y 81 -25.15 -48.58 63.24
C PRO Y 81 -26.57 -49.01 63.54
N TYR Y 82 -26.78 -50.14 64.21
CA TYR Y 82 -28.11 -50.64 64.53
C TYR Y 82 -28.56 -50.24 65.92
N ALA Y 83 -28.14 -49.07 66.42
CA ALA Y 83 -28.52 -48.66 67.76
C ALA Y 83 -29.97 -48.20 67.81
N LYS Y 84 -30.55 -47.84 66.67
CA LYS Y 84 -31.91 -47.33 66.63
C LYS Y 84 -32.95 -48.43 66.47
N LEU Y 85 -32.62 -49.67 66.83
CA LEU Y 85 -33.48 -50.81 66.56
C LEU Y 85 -34.03 -51.44 67.84
N TYR Y 86 -33.86 -50.80 69.00
CA TYR Y 86 -34.37 -51.35 70.25
C TYR Y 86 -34.93 -50.26 71.17
N GLY Y 101 -20.41 -65.85 85.82
CA GLY Y 101 -19.23 -66.71 85.79
C GLY Y 101 -19.30 -67.73 84.67
N ASN Y 102 -18.68 -68.89 84.88
CA ASN Y 102 -18.73 -69.97 83.90
C ASN Y 102 -19.26 -71.26 84.50
N ASN Y 103 -19.80 -71.22 85.72
CA ASN Y 103 -20.44 -72.36 86.34
C ASN Y 103 -21.95 -72.28 86.13
N TRP Y 104 -22.56 -73.44 85.86
CA TRP Y 104 -24.00 -73.46 85.65
C TRP Y 104 -24.75 -73.04 86.91
N ALA Y 105 -24.17 -73.32 88.07
CA ALA Y 105 -24.82 -72.92 89.33
C ALA Y 105 -24.86 -71.41 89.46
N SER Y 106 -23.79 -70.72 89.06
CA SER Y 106 -23.79 -69.26 89.11
C SER Y 106 -24.83 -68.69 88.15
N GLY Y 107 -25.02 -69.34 87.00
CA GLY Y 107 -26.05 -68.87 86.08
C GLY Y 107 -27.45 -69.10 86.61
N PHE Y 108 -27.65 -70.21 87.32
CA PHE Y 108 -28.97 -70.49 87.89
C PHE Y 108 -29.23 -69.61 89.11
N SER Y 109 -28.19 -69.30 89.86
CA SER Y 109 -28.37 -68.51 91.08
C SER Y 109 -28.73 -67.07 90.76
N GLN Y 110 -27.98 -66.46 89.84
CA GLN Y 110 -28.20 -65.04 89.56
C GLN Y 110 -29.58 -64.79 88.95
N GLY Y 111 -30.11 -65.76 88.21
CA GLY Y 111 -31.46 -65.61 87.70
C GLY Y 111 -32.50 -65.60 88.80
N GLU Y 112 -32.25 -66.32 89.88
CA GLU Y 112 -33.17 -66.33 91.02
C GLU Y 112 -33.24 -64.98 91.70
N LYS Y 113 -32.15 -64.20 91.65
CA LYS Y 113 -32.09 -62.93 92.37
C LYS Y 113 -32.80 -61.81 91.62
N ILE Y 114 -32.86 -61.90 90.29
CA ILE Y 114 -33.46 -60.84 89.48
C ILE Y 114 -34.74 -61.37 88.85
N HIS Y 115 -35.39 -62.31 89.53
CA HIS Y 115 -36.58 -62.96 88.99
C HIS Y 115 -37.66 -61.94 88.65
N GLU Y 116 -37.92 -61.00 89.56
CA GLU Y 116 -39.00 -60.04 89.33
C GLU Y 116 -38.56 -58.95 88.38
N ASP Y 117 -37.27 -58.67 88.29
CA ASP Y 117 -36.80 -57.58 87.43
C ASP Y 117 -36.95 -57.95 85.96
N ILE Y 118 -36.38 -59.08 85.54
CA ILE Y 118 -36.42 -59.42 84.12
C ILE Y 118 -37.80 -59.89 83.70
N PHE Y 119 -38.60 -60.32 84.68
CA PHE Y 119 -39.98 -60.82 84.42
C PHE Y 119 -40.95 -59.64 84.34
N ASP Y 120 -40.44 -58.41 84.51
CA ASP Y 120 -41.29 -57.20 84.45
C ASP Y 120 -41.25 -56.62 83.02
N ILE Y 121 -40.16 -56.90 82.29
CA ILE Y 121 -40.00 -56.40 80.90
C ILE Y 121 -40.69 -57.38 79.94
N ILE Y 122 -40.82 -58.64 80.36
CA ILE Y 122 -41.46 -59.71 79.52
C ILE Y 122 -42.98 -59.61 79.69
N ASP Y 123 -43.44 -59.48 80.94
CA ASP Y 123 -44.90 -59.36 81.24
C ASP Y 123 -45.52 -58.27 80.36
N ARG Y 124 -44.93 -57.07 80.36
CA ARG Y 124 -45.46 -55.94 79.54
C ARG Y 124 -45.31 -56.30 78.06
N GLU Y 125 -44.22 -57.01 77.71
CA GLU Y 125 -43.96 -57.41 76.30
C GLU Y 125 -45.01 -58.45 75.87
N ALA Y 126 -45.45 -59.29 76.80
CA ALA Y 126 -46.46 -60.33 76.52
C ALA Y 126 -47.86 -59.70 76.53
N ASP Y 127 -48.17 -58.92 77.56
CA ASP Y 127 -49.49 -58.26 77.69
C ASP Y 127 -49.69 -57.29 76.52
N GLY Y 128 -48.80 -56.31 76.39
CA GLY Y 128 -48.89 -55.32 75.32
C GLY Y 128 -49.09 -55.94 73.96
N SER Y 129 -48.75 -57.21 73.82
CA SER Y 129 -48.93 -57.91 72.56
C SER Y 129 -50.40 -58.20 72.30
N ASP Y 130 -50.75 -58.27 71.02
CA ASP Y 130 -52.14 -58.51 70.64
C ASP Y 130 -52.64 -59.86 71.16
N SER Y 131 -52.02 -60.95 70.67
CA SER Y 131 -52.36 -62.29 71.12
C SER Y 131 -51.08 -63.13 71.03
N LEU Y 132 -50.37 -63.24 72.14
CA LEU Y 132 -49.08 -63.91 72.15
C LEU Y 132 -49.22 -65.36 71.70
N GLU Y 133 -48.19 -65.86 71.02
CA GLU Y 133 -48.18 -67.22 70.53
C GLU Y 133 -47.00 -68.03 71.06
N GLY Y 134 -45.81 -67.46 71.08
CA GLY Y 134 -44.66 -68.27 71.46
C GLY Y 134 -43.51 -67.53 72.11
N PHE Y 135 -42.40 -68.24 72.34
CA PHE Y 135 -41.21 -67.65 73.00
C PHE Y 135 -39.93 -68.23 72.40
N VAL Y 136 -39.50 -67.71 71.25
CA VAL Y 136 -38.29 -68.19 70.60
C VAL Y 136 -37.08 -67.86 71.48
N LEU Y 137 -36.22 -68.85 71.69
CA LEU Y 137 -35.08 -68.71 72.58
C LEU Y 137 -33.81 -69.06 71.83
N CYS Y 138 -32.82 -68.17 71.87
CA CYS Y 138 -31.56 -68.34 71.14
C CYS Y 138 -30.42 -68.35 72.15
N HIS Y 139 -29.83 -69.53 72.38
CA HIS Y 139 -28.79 -69.66 73.37
C HIS Y 139 -27.96 -70.90 73.07
N SER Y 140 -26.78 -70.97 73.71
CA SER Y 140 -25.89 -72.11 73.59
C SER Y 140 -25.79 -72.79 74.94
N ILE Y 141 -25.79 -74.13 74.94
CA ILE Y 141 -25.82 -74.89 76.19
C ILE Y 141 -24.45 -75.02 76.84
N ALA Y 142 -23.41 -74.49 76.22
CA ALA Y 142 -22.07 -74.58 76.81
C ALA Y 142 -21.84 -73.47 77.84
N GLY Y 144 -21.38 -69.63 79.44
CA GLY Y 144 -21.65 -70.34 80.67
C GLY Y 144 -22.92 -69.87 81.37
N THR Y 145 -23.13 -68.55 81.40
CA THR Y 145 -24.31 -68.01 82.05
C THR Y 145 -25.57 -68.29 81.25
N GLY Y 146 -25.51 -68.22 79.93
CA GLY Y 146 -26.67 -68.55 79.13
C GLY Y 146 -27.11 -69.99 79.32
N SER Y 147 -26.19 -70.85 79.75
CA SER Y 147 -26.54 -72.22 80.09
C SER Y 147 -27.41 -72.27 81.34
N GLY Y 148 -27.00 -71.55 82.38
CA GLY Y 148 -27.76 -71.56 83.62
C GLY Y 148 -28.98 -70.66 83.57
N LEU Y 149 -28.77 -69.37 83.32
CA LEU Y 149 -29.89 -68.44 83.23
C LEU Y 149 -30.89 -68.90 82.18
N GLY Y 150 -30.43 -69.62 81.16
CA GLY Y 150 -31.35 -70.18 80.19
C GLY Y 150 -32.20 -71.30 80.78
N SER Y 151 -31.58 -72.16 81.59
CA SER Y 151 -32.33 -73.23 82.22
C SER Y 151 -33.33 -72.69 83.24
N TYR Y 152 -32.99 -71.55 83.84
CA TYR Y 152 -33.87 -70.97 84.85
C TYR Y 152 -35.14 -70.39 84.21
N LEU Y 153 -34.98 -69.60 83.16
CA LEU Y 153 -36.15 -69.02 82.50
C LEU Y 153 -37.03 -70.09 81.89
N LEU Y 154 -36.44 -71.21 81.48
CA LEU Y 154 -37.23 -72.26 80.84
C LEU Y 154 -38.20 -72.90 81.83
N GLU Y 155 -37.84 -72.93 83.11
CA GLU Y 155 -38.75 -73.48 84.11
C GLU Y 155 -39.82 -72.48 84.49
N ARG Y 156 -39.44 -71.20 84.60
CA ARG Y 156 -40.41 -70.18 84.99
C ARG Y 156 -41.46 -69.93 83.92
N LEU Y 157 -41.01 -69.95 82.66
CA LEU Y 157 -41.89 -69.69 81.49
C LEU Y 157 -43.06 -70.67 81.46
N ASN Y 158 -42.77 -71.97 81.53
CA ASN Y 158 -43.84 -73.01 81.49
C ASN Y 158 -44.77 -72.83 82.69
N ASP Y 159 -44.21 -72.56 83.87
CA ASP Y 159 -45.07 -72.38 85.08
C ASP Y 159 -45.97 -71.15 84.91
N ARG Y 160 -45.41 -70.02 84.44
CA ARG Y 160 -46.23 -68.79 84.26
C ARG Y 160 -47.28 -68.98 83.16
N TYR Y 161 -46.89 -69.54 82.01
CA TYR Y 161 -47.85 -69.77 80.89
C TYR Y 161 -47.74 -71.21 80.38
N PRO Y 162 -48.80 -72.04 80.47
CA PRO Y 162 -48.77 -73.42 79.97
C PRO Y 162 -49.25 -73.56 78.53
N LYS Y 163 -49.85 -72.50 77.97
CA LYS Y 163 -50.41 -72.54 76.59
C LYS Y 163 -49.46 -71.87 75.59
N LYS Y 164 -48.27 -71.44 76.05
CA LYS Y 164 -47.32 -70.74 75.14
C LYS Y 164 -46.18 -71.67 74.71
N LEU Y 165 -46.02 -71.86 73.40
CA LEU Y 165 -44.95 -72.68 72.85
C LEU Y 165 -43.60 -72.01 73.10
N VAL Y 166 -42.59 -72.84 73.39
CA VAL Y 166 -41.24 -72.37 73.66
C VAL Y 166 -40.31 -73.13 72.72
N GLN Y 167 -39.93 -72.50 71.62
CA GLN Y 167 -38.99 -73.06 70.66
C GLN Y 167 -37.61 -72.49 70.92
N THR Y 168 -36.61 -73.37 71.02
CA THR Y 168 -35.28 -72.97 71.42
C THR Y 168 -34.28 -73.36 70.35
N TYR Y 169 -33.57 -72.36 69.82
CA TYR Y 169 -32.52 -72.59 68.83
C TYR Y 169 -31.18 -72.84 69.55
N SER Y 170 -31.12 -73.94 70.29
CA SER Y 170 -29.91 -74.24 71.05
C SER Y 170 -28.75 -74.54 70.10
N VAL Y 171 -27.54 -74.36 70.62
CA VAL Y 171 -26.31 -74.54 69.86
C VAL Y 171 -25.35 -75.40 70.67
N PHE Y 172 -24.96 -76.54 70.11
CA PHE Y 172 -24.09 -77.43 70.87
C PHE Y 172 -22.62 -77.07 70.66
N PRO Y 173 -21.78 -77.31 71.66
CA PRO Y 173 -20.35 -77.02 71.57
C PRO Y 173 -19.60 -78.02 70.70
N VAL Y 183 -15.42 -78.55 82.95
CA VAL Y 183 -16.74 -78.29 83.50
C VAL Y 183 -17.75 -78.19 82.36
N GLN Y 184 -17.24 -78.26 81.13
CA GLN Y 184 -18.12 -78.18 79.97
C GLN Y 184 -19.06 -79.37 79.86
N PRO Y 185 -18.64 -80.62 80.10
CA PRO Y 185 -19.62 -81.72 80.03
C PRO Y 185 -20.75 -81.59 81.03
N TYR Y 186 -20.48 -81.05 82.22
CA TYR Y 186 -21.52 -80.92 83.23
C TYR Y 186 -22.62 -79.99 82.76
N ASN Y 187 -22.26 -78.75 82.40
CA ASN Y 187 -23.25 -77.75 82.04
C ASN Y 187 -23.99 -78.13 80.77
N SER Y 188 -23.38 -78.99 79.94
CA SER Y 188 -24.03 -79.36 78.69
C SER Y 188 -25.23 -80.26 78.93
N LEU Y 189 -25.12 -81.18 79.90
CA LEU Y 189 -26.23 -82.10 80.12
C LEU Y 189 -27.25 -81.53 81.11
N LEU Y 190 -26.82 -80.62 81.99
CA LEU Y 190 -27.77 -80.03 82.93
C LEU Y 190 -28.91 -79.33 82.22
N THR Y 191 -28.59 -78.50 81.23
CA THR Y 191 -29.65 -77.86 80.47
C THR Y 191 -30.41 -78.88 79.65
N LEU Y 192 -29.75 -79.98 79.27
CA LEU Y 192 -30.45 -81.04 78.55
C LEU Y 192 -31.60 -81.59 79.40
N LYS Y 193 -31.43 -81.62 80.71
CA LYS Y 193 -32.53 -82.04 81.57
C LYS Y 193 -33.73 -81.10 81.45
N ARG Y 194 -33.47 -79.79 81.39
CA ARG Y 194 -34.55 -78.83 81.26
C ARG Y 194 -35.13 -78.78 79.86
N LEU Y 195 -34.31 -79.03 78.83
CA LEU Y 195 -34.78 -78.97 77.46
C LEU Y 195 -35.61 -80.19 77.06
N THR Y 196 -35.63 -81.24 77.89
CA THR Y 196 -36.40 -82.43 77.54
C THR Y 196 -37.78 -82.47 78.18
N GLN Y 197 -38.14 -81.50 79.01
CA GLN Y 197 -39.47 -81.50 79.60
C GLN Y 197 -40.14 -80.14 79.48
N ASN Y 198 -39.35 -79.08 79.37
CA ASN Y 198 -39.90 -77.73 79.29
C ASN Y 198 -40.12 -77.28 77.85
N ALA Y 199 -39.05 -77.30 77.04
CA ALA Y 199 -39.13 -76.81 75.67
C ALA Y 199 -40.08 -77.67 74.85
N ASP Y 200 -41.00 -77.01 74.14
CA ASP Y 200 -41.95 -77.73 73.30
C ASP Y 200 -41.40 -78.08 71.93
N CYS Y 201 -40.27 -77.50 71.56
CA CYS Y 201 -39.54 -77.90 70.36
C CYS Y 201 -38.10 -77.48 70.56
N LEU Y 202 -37.22 -77.98 69.69
CA LEU Y 202 -35.80 -77.67 69.85
C LEU Y 202 -35.07 -77.99 68.57
N VAL Y 203 -34.37 -77.00 68.03
CA VAL Y 203 -33.60 -77.12 66.80
C VAL Y 203 -32.13 -77.03 67.17
N VAL Y 204 -31.41 -78.13 67.00
CA VAL Y 204 -30.00 -78.16 67.37
C VAL Y 204 -29.16 -77.64 66.21
N LEU Y 205 -28.10 -76.91 66.55
CA LEU Y 205 -27.11 -76.48 65.58
C LEU Y 205 -25.75 -76.64 66.26
N ASP Y 206 -25.02 -77.68 65.88
CA ASP Y 206 -23.78 -78.04 66.56
C ASP Y 206 -22.58 -77.39 65.87
N ASN Y 207 -21.70 -76.79 66.68
CA ASN Y 207 -20.54 -76.08 66.15
C ASN Y 207 -19.55 -77.00 65.46
N THR Y 208 -19.53 -78.29 65.83
CA THR Y 208 -18.61 -79.22 65.18
C THR Y 208 -18.93 -79.34 63.69
N ALA Y 209 -20.20 -79.57 63.35
CA ALA Y 209 -20.60 -79.59 61.96
C ALA Y 209 -20.49 -78.21 61.33
N LEU Y 210 -20.48 -77.16 62.16
CA LEU Y 210 -20.24 -75.82 61.63
C LEU Y 210 -18.78 -75.62 61.28
N ASN Y 211 -17.87 -76.16 62.10
CA ASN Y 211 -16.45 -76.03 61.80
C ASN Y 211 -16.07 -76.85 60.57
N ARG Y 212 -16.63 -78.06 60.44
CA ARG Y 212 -16.28 -78.91 59.30
C ARG Y 212 -16.72 -78.29 57.98
N ILE Y 213 -17.95 -77.77 57.94
CA ILE Y 213 -18.44 -77.14 56.72
C ILE Y 213 -17.67 -75.85 56.45
N ALA Y 214 -17.23 -75.17 57.51
CA ALA Y 214 -16.46 -73.95 57.32
C ALA Y 214 -15.14 -74.21 56.62
N THR Y 215 -14.40 -75.22 57.07
CA THR Y 215 -13.10 -75.50 56.47
C THR Y 215 -13.22 -76.21 55.14
N ASP Y 216 -14.37 -76.85 54.87
CA ASP Y 216 -14.51 -77.66 53.66
C ASP Y 216 -14.73 -76.79 52.44
N ARG Y 217 -15.82 -76.02 52.44
CA ARG Y 217 -16.23 -75.28 51.26
C ARG Y 217 -16.25 -73.77 51.46
N LEU Y 218 -15.80 -73.28 52.62
CA LEU Y 218 -15.70 -71.85 52.87
C LEU Y 218 -14.28 -71.37 53.16
N HIS Y 219 -13.37 -72.26 53.57
CA HIS Y 219 -11.96 -71.95 53.73
C HIS Y 219 -11.74 -70.81 54.74
N ILE Y 220 -12.11 -71.09 55.99
CA ILE Y 220 -11.90 -70.11 57.04
C ILE Y 220 -10.54 -70.24 57.72
N GLN Y 221 -9.85 -71.37 57.54
CA GLN Y 221 -8.55 -71.58 58.16
C GLN Y 221 -7.77 -72.67 57.42
N SER Y 224 -13.20 -68.71 63.38
CA SER Y 224 -13.68 -67.34 63.39
C SER Y 224 -15.17 -67.28 63.66
N PHE Y 225 -15.56 -66.61 64.74
CA PHE Y 225 -16.96 -66.60 65.15
C PHE Y 225 -17.81 -65.81 64.17
N SER Y 226 -17.31 -64.68 63.70
CA SER Y 226 -18.09 -63.82 62.82
C SER Y 226 -18.33 -64.42 61.44
N GLN Y 227 -17.68 -65.54 61.11
CA GLN Y 227 -17.86 -66.19 59.82
C GLN Y 227 -18.81 -67.37 59.87
N ILE Y 228 -18.84 -68.09 61.00
CA ILE Y 228 -19.80 -69.17 61.15
C ILE Y 228 -21.20 -68.62 61.41
N ASN Y 229 -21.29 -67.45 62.04
CA ASN Y 229 -22.61 -66.86 62.31
C ASN Y 229 -23.35 -66.51 61.04
N GLN Y 230 -22.63 -66.24 59.95
CA GLN Y 230 -23.28 -65.97 58.67
C GLN Y 230 -24.00 -67.21 58.17
N LEU Y 231 -23.60 -68.39 58.64
CA LEU Y 231 -24.21 -69.62 58.16
C LEU Y 231 -25.42 -70.02 58.99
N VAL Y 232 -25.37 -69.79 60.30
CA VAL Y 232 -26.50 -70.15 61.15
C VAL Y 232 -27.66 -69.20 60.91
N SER Y 233 -27.39 -67.90 60.84
CA SER Y 233 -28.44 -66.93 60.59
C SER Y 233 -29.13 -67.16 59.25
N THR Y 234 -28.41 -67.75 58.28
CA THR Y 234 -29.05 -68.09 57.02
C THR Y 234 -30.08 -69.20 57.22
N ILE Y 235 -29.87 -70.05 58.23
CA ILE Y 235 -30.83 -71.12 58.51
C ILE Y 235 -32.02 -70.60 59.29
N MET Y 236 -31.76 -69.74 60.29
CA MET Y 236 -32.84 -69.19 61.10
C MET Y 236 -33.82 -68.38 60.27
N SER Y 237 -33.31 -67.43 59.49
CA SER Y 237 -34.19 -66.64 58.62
C SER Y 237 -34.91 -67.53 57.62
N ALA Y 238 -34.35 -68.70 57.34
CA ALA Y 238 -35.03 -69.63 56.45
C ALA Y 238 -35.93 -70.60 57.20
N SER Y 239 -35.74 -70.75 58.51
CA SER Y 239 -36.59 -71.66 59.26
C SER Y 239 -38.01 -71.15 59.38
N THR Y 240 -38.17 -69.83 59.56
CA THR Y 240 -39.48 -69.20 59.69
C THR Y 240 -39.86 -68.44 58.43
N THR Y 241 -39.59 -69.05 57.27
CA THR Y 241 -39.92 -68.42 55.96
C THR Y 241 -41.38 -68.69 55.63
N THR Y 242 -42.07 -69.45 56.49
CA THR Y 242 -43.51 -69.77 56.27
C THR Y 242 -44.36 -69.02 57.31
N LEU Y 243 -43.78 -68.00 57.96
CA LEU Y 243 -44.51 -67.21 58.98
C LEU Y 243 -44.37 -65.71 58.64
N ARG Y 244 -43.61 -65.40 57.59
CA ARG Y 244 -43.41 -63.99 57.15
C ARG Y 244 -44.12 -63.75 55.82
N TYR Y 245 -44.62 -64.82 55.20
CA TYR Y 245 -45.34 -64.72 53.90
C TYR Y 245 -46.65 -65.51 53.99
N PRO Y 246 -47.82 -64.90 53.68
CA PRO Y 246 -49.10 -65.61 53.75
C PRO Y 246 -49.13 -66.79 52.78
N GLY Y 247 -49.03 -68.02 53.31
CA GLY Y 247 -49.03 -69.23 52.47
C GLY Y 247 -50.32 -70.01 52.59
N TYR Y 248 -50.42 -71.12 51.86
CA TYR Y 248 -51.63 -72.00 51.85
C TYR Y 248 -51.72 -72.71 53.20
N MET Y 249 -50.61 -73.33 53.61
CA MET Y 249 -50.54 -74.09 54.88
C MET Y 249 -49.30 -73.67 55.67
N ASN Y 250 -49.27 -73.99 56.97
CA ASN Y 250 -48.16 -73.65 57.92
C ASN Y 250 -48.14 -72.13 58.14
N ASN Y 251 -49.29 -71.55 58.47
CA ASN Y 251 -49.40 -70.09 58.71
C ASN Y 251 -49.25 -69.79 60.20
N ASP Y 252 -49.13 -70.84 61.04
CA ASP Y 252 -48.97 -70.64 62.50
C ASP Y 252 -47.77 -71.42 63.01
N LEU Y 253 -47.18 -70.99 64.14
CA LEU Y 253 -45.98 -71.66 64.70
C LEU Y 253 -46.33 -73.08 65.18
N ILE Y 254 -47.58 -73.30 65.60
CA ILE Y 254 -48.01 -74.62 66.03
C ILE Y 254 -48.23 -75.53 64.83
N GLY Y 255 -48.22 -74.97 63.62
CA GLY Y 255 -48.32 -75.80 62.43
C GLY Y 255 -47.01 -76.44 62.05
N LEU Y 256 -45.90 -75.74 62.23
CA LEU Y 256 -44.58 -76.32 61.96
C LEU Y 256 -44.19 -77.35 63.01
N ILE Y 257 -44.66 -77.16 64.24
CA ILE Y 257 -44.22 -78.03 65.33
C ILE Y 257 -45.00 -79.34 65.32
N ALA Y 258 -46.32 -79.27 65.38
CA ALA Y 258 -47.13 -80.48 65.54
C ALA Y 258 -47.00 -81.43 64.36
N SER Y 259 -46.50 -80.95 63.22
CA SER Y 259 -46.34 -81.84 62.07
C SER Y 259 -45.19 -82.81 62.30
N LEU Y 260 -44.06 -82.31 62.80
CA LEU Y 260 -42.87 -83.15 62.93
C LEU Y 260 -42.90 -83.96 64.21
N ILE Y 261 -43.12 -83.31 65.34
CA ILE Y 261 -43.02 -83.94 66.66
C ILE Y 261 -44.20 -84.88 66.89
N PRO Y 262 -44.00 -86.19 66.88
CA PRO Y 262 -45.12 -87.11 67.10
C PRO Y 262 -45.47 -87.29 68.56
N THR Y 263 -44.46 -87.23 69.42
CA THR Y 263 -44.60 -87.47 70.85
C THR Y 263 -43.76 -86.45 71.62
N PRO Y 264 -44.33 -85.84 72.67
CA PRO Y 264 -43.66 -84.70 73.32
C PRO Y 264 -42.26 -84.99 73.82
N ARG Y 265 -41.82 -86.25 73.89
CA ARG Y 265 -40.45 -86.51 74.30
C ARG Y 265 -39.47 -86.38 73.13
N LEU Y 266 -39.90 -86.74 71.93
CA LEU Y 266 -39.02 -86.74 70.75
C LEU Y 266 -39.13 -85.40 70.04
N HIS Y 267 -38.55 -84.37 70.66
CA HIS Y 267 -38.66 -83.00 70.17
C HIS Y 267 -37.28 -82.39 69.88
N PHE Y 268 -36.45 -83.11 69.15
CA PHE Y 268 -35.18 -82.60 68.69
C PHE Y 268 -35.11 -82.73 67.17
N LEU Y 269 -34.85 -81.61 66.49
CA LEU Y 269 -34.82 -81.58 65.03
C LEU Y 269 -33.47 -81.11 64.54
N MET Y 270 -33.16 -81.46 63.29
CA MET Y 270 -31.92 -81.05 62.64
C MET Y 270 -32.25 -80.34 61.34
N THR Y 271 -31.24 -79.65 60.80
CA THR Y 271 -31.42 -78.79 59.64
C THR Y 271 -30.53 -79.24 58.48
N GLY Y 272 -30.97 -78.92 57.27
CA GLY Y 272 -30.21 -79.18 56.07
C GLY Y 272 -30.38 -78.06 55.05
N TYR Y 273 -29.28 -77.56 54.49
CA TYR Y 273 -29.31 -76.37 53.63
C TYR Y 273 -28.26 -76.54 52.55
N THR Y 274 -28.69 -76.79 51.31
CA THR Y 274 -27.76 -77.19 50.27
C THR Y 274 -26.98 -76.04 49.61
N PRO Y 275 -27.63 -75.02 49.00
CA PRO Y 275 -26.87 -74.12 48.13
C PRO Y 275 -26.01 -73.15 48.95
N LEU Y 276 -24.71 -73.41 48.97
CA LEU Y 276 -23.77 -72.60 49.73
C LEU Y 276 -22.80 -71.86 48.82
N THR Y 288 -32.03 -75.52 37.32
CA THR Y 288 -32.05 -76.52 38.38
C THR Y 288 -33.48 -76.87 38.75
N THR Y 289 -33.76 -78.17 38.88
CA THR Y 289 -35.09 -78.65 39.23
C THR Y 289 -35.13 -79.06 40.70
N VAL Y 290 -36.34 -79.25 41.20
CA VAL Y 290 -36.52 -79.60 42.60
C VAL Y 290 -35.93 -80.97 42.91
N LEU Y 291 -35.74 -81.82 41.89
CA LEU Y 291 -35.14 -83.12 42.12
C LEU Y 291 -33.68 -82.98 42.54
N ASP Y 292 -32.98 -82.00 41.96
CA ASP Y 292 -31.59 -81.78 42.34
C ASP Y 292 -31.48 -81.33 43.79
N VAL Y 293 -32.35 -80.41 44.22
CA VAL Y 293 -32.30 -79.93 45.59
C VAL Y 293 -32.74 -81.03 46.55
N MET Y 294 -33.80 -81.75 46.21
CA MET Y 294 -34.30 -82.79 47.10
C MET Y 294 -33.30 -83.92 47.28
N ARG Y 295 -32.44 -84.15 46.27
CA ARG Y 295 -31.44 -85.20 46.42
C ARG Y 295 -30.22 -84.71 47.20
N ARG Y 296 -29.81 -83.46 46.98
CA ARG Y 296 -28.65 -82.93 47.68
C ARG Y 296 -28.90 -82.73 49.17
N LEU Y 297 -30.16 -82.63 49.59
CA LEU Y 297 -30.46 -82.40 51.00
C LEU Y 297 -30.30 -83.68 51.81
N LEU Y 298 -30.53 -84.83 51.17
CA LEU Y 298 -30.37 -86.10 51.86
C LEU Y 298 -28.93 -86.56 51.92
N GLN Y 299 -27.99 -85.78 51.42
CA GLN Y 299 -26.59 -86.15 51.54
C GLN Y 299 -26.08 -85.81 52.94
N PRO Y 300 -25.46 -86.77 53.63
CA PRO Y 300 -24.91 -86.49 54.97
C PRO Y 300 -23.80 -85.46 54.98
N LYS Y 301 -23.28 -85.05 53.81
CA LYS Y 301 -22.29 -83.99 53.77
C LYS Y 301 -22.89 -82.63 54.08
N ASN Y 302 -24.22 -82.49 53.99
CA ASN Y 302 -24.89 -81.23 54.26
C ASN Y 302 -25.63 -81.19 55.59
N VAL Y 303 -26.05 -82.34 56.12
CA VAL Y 303 -26.78 -82.36 57.38
C VAL Y 303 -25.88 -81.85 58.49
N MET Y 304 -26.35 -80.83 59.22
CA MET Y 304 -25.56 -80.19 60.26
C MET Y 304 -25.65 -80.98 61.57
N VAL Y 305 -25.21 -82.23 61.50
CA VAL Y 305 -25.16 -83.11 62.67
C VAL Y 305 -23.93 -83.99 62.53
N SER Y 306 -23.09 -84.01 63.57
CA SER Y 306 -21.90 -84.84 63.58
C SER Y 306 -22.27 -86.32 63.68
N ASN Y 314 -31.98 -99.78 63.93
CA ASN Y 314 -31.00 -98.97 63.21
C ASN Y 314 -31.28 -97.48 63.38
N HIS Y 315 -31.39 -96.77 62.27
CA HIS Y 315 -31.68 -95.34 62.31
C HIS Y 315 -32.55 -94.98 61.11
N CYS Y 316 -33.49 -94.07 61.34
CA CYS Y 316 -34.48 -93.72 60.34
C CYS Y 316 -35.12 -92.39 60.74
N TYR Y 317 -35.84 -91.80 59.79
CA TYR Y 317 -36.52 -90.54 60.00
C TYR Y 317 -37.90 -90.78 60.60
N ILE Y 318 -38.48 -89.72 61.17
CA ILE Y 318 -39.85 -89.75 61.66
C ILE Y 318 -40.77 -88.86 60.83
N ALA Y 319 -40.26 -87.72 60.37
CA ALA Y 319 -40.98 -86.84 59.47
C ALA Y 319 -40.01 -85.78 58.97
N ILE Y 320 -40.13 -85.43 57.69
CA ILE Y 320 -39.27 -84.45 57.06
C ILE Y 320 -40.11 -83.31 56.53
N LEU Y 321 -39.59 -82.08 56.66
CA LEU Y 321 -40.20 -80.90 56.07
C LEU Y 321 -39.18 -80.23 55.18
N ASN Y 322 -39.51 -80.07 53.90
CA ASN Y 322 -38.65 -79.42 52.93
C ASN Y 322 -39.18 -78.04 52.60
N ILE Y 323 -38.30 -77.05 52.64
CA ILE Y 323 -38.65 -75.67 52.34
C ILE Y 323 -37.91 -75.26 51.07
N ILE Y 324 -38.68 -74.93 50.04
CA ILE Y 324 -38.13 -74.49 48.75
C ILE Y 324 -38.46 -73.01 48.60
N GLN Y 325 -37.43 -72.17 48.65
CA GLN Y 325 -37.61 -70.73 48.59
C GLN Y 325 -37.41 -70.14 47.21
N GLY Y 326 -37.63 -70.93 46.15
CA GLY Y 326 -37.37 -70.46 44.81
C GLY Y 326 -38.64 -70.22 44.01
N GLU Y 327 -38.44 -70.01 42.71
CA GLU Y 327 -39.50 -69.85 41.74
C GLU Y 327 -39.76 -71.12 40.95
N VAL Y 328 -39.60 -72.28 41.60
CA VAL Y 328 -39.61 -73.54 40.89
C VAL Y 328 -41.00 -73.87 40.37
N ASP Y 329 -41.07 -74.85 39.49
CA ASP Y 329 -42.30 -75.21 38.81
C ASP Y 329 -43.20 -75.96 39.79
N PRO Y 330 -44.45 -75.55 39.99
CA PRO Y 330 -45.30 -76.17 41.00
C PRO Y 330 -45.89 -77.52 40.62
N THR Y 331 -45.74 -77.98 39.38
CA THR Y 331 -46.27 -79.29 39.03
C THR Y 331 -45.25 -80.41 39.11
N GLN Y 332 -43.96 -80.09 39.02
CA GLN Y 332 -42.92 -81.10 39.05
C GLN Y 332 -42.59 -81.58 40.45
N VAL Y 333 -43.22 -80.99 41.48
CA VAL Y 333 -42.90 -81.37 42.85
C VAL Y 333 -43.35 -82.81 43.12
N HIS Y 334 -44.52 -83.19 42.62
CA HIS Y 334 -44.97 -84.57 42.83
C HIS Y 334 -44.11 -85.55 42.04
N LYS Y 335 -43.52 -85.10 40.94
CA LYS Y 335 -42.69 -85.99 40.14
C LYS Y 335 -41.40 -86.33 40.88
N SER Y 336 -40.84 -85.35 41.62
CA SER Y 336 -39.61 -85.60 42.35
C SER Y 336 -39.86 -86.57 43.51
N LEU Y 337 -40.95 -86.35 44.26
CA LEU Y 337 -41.27 -87.25 45.36
C LEU Y 337 -41.46 -88.68 44.87
N GLN Y 338 -41.99 -88.85 43.65
CA GLN Y 338 -42.20 -90.18 43.11
C GLN Y 338 -40.87 -90.91 42.91
N ARG Y 339 -39.88 -90.21 42.34
CA ARG Y 339 -38.59 -90.85 42.14
C ARG Y 339 -37.85 -91.06 43.45
N ILE Y 340 -38.16 -90.27 44.48
CA ILE Y 340 -37.58 -90.53 45.79
C ILE Y 340 -38.08 -91.85 46.35
N ARG Y 341 -39.36 -92.16 46.13
CA ARG Y 341 -39.92 -93.40 46.64
C ARG Y 341 -39.34 -94.61 45.93
N GLU Y 342 -38.99 -94.46 44.64
CA GLU Y 342 -38.47 -95.58 43.89
C GLU Y 342 -37.02 -95.89 44.29
N ARG Y 343 -36.14 -94.89 44.20
CA ARG Y 343 -34.75 -95.11 44.55
C ARG Y 343 -34.55 -95.42 46.03
N LYS Y 344 -35.49 -95.03 46.88
CA LYS Y 344 -35.45 -95.32 48.31
C LYS Y 344 -34.19 -94.70 48.94
N LEU Y 345 -34.13 -93.38 48.90
CA LEU Y 345 -33.02 -92.64 49.50
C LEU Y 345 -33.22 -92.37 50.98
N ALA Y 346 -34.43 -92.53 51.50
CA ALA Y 346 -34.71 -92.25 52.90
C ALA Y 346 -35.58 -93.34 53.49
N ASN Y 347 -35.26 -93.74 54.71
CA ASN Y 347 -36.03 -94.73 55.45
C ASN Y 347 -36.66 -94.10 56.68
N PHE Y 348 -37.85 -94.57 57.02
CA PHE Y 348 -38.65 -93.99 58.09
C PHE Y 348 -38.99 -95.04 59.13
N ILE Y 349 -39.74 -94.60 60.13
CA ILE Y 349 -40.19 -95.45 61.23
C ILE Y 349 -41.10 -96.56 60.68
N PRO Y 350 -41.07 -97.75 61.27
CA PRO Y 350 -41.93 -98.83 60.79
C PRO Y 350 -43.31 -98.83 61.44
N TRP Y 351 -43.45 -98.21 62.62
CA TRP Y 351 -44.69 -98.34 63.36
C TRP Y 351 -45.79 -97.42 62.82
N GLY Y 352 -45.56 -96.11 62.82
CA GLY Y 352 -46.57 -95.17 62.39
C GLY Y 352 -46.39 -94.72 60.96
N PRO Y 353 -47.49 -94.36 60.30
CA PRO Y 353 -47.39 -93.89 58.91
C PRO Y 353 -46.77 -92.51 58.85
N ALA Y 354 -45.57 -92.41 58.29
CA ALA Y 354 -44.84 -91.17 58.21
C ALA Y 354 -44.67 -90.78 56.75
N SER Y 355 -44.76 -89.49 56.47
CA SER Y 355 -44.63 -88.96 55.12
C SER Y 355 -43.62 -87.82 55.14
N ILE Y 356 -43.31 -87.31 53.95
CA ILE Y 356 -42.41 -86.17 53.79
C ILE Y 356 -43.21 -85.01 53.25
N GLN Y 357 -42.97 -83.82 53.79
CA GLN Y 357 -43.70 -82.62 53.41
C GLN Y 357 -42.76 -81.62 52.76
N VAL Y 358 -43.23 -81.01 51.68
CA VAL Y 358 -42.47 -79.99 50.96
C VAL Y 358 -43.36 -78.78 50.75
N ALA Y 359 -42.82 -77.61 51.06
CA ALA Y 359 -43.57 -76.37 50.95
C ALA Y 359 -42.76 -75.34 50.19
N LEU Y 360 -43.43 -74.60 49.31
CA LEU Y 360 -42.83 -73.56 48.52
C LEU Y 360 -42.98 -72.22 49.24
N SER Y 361 -42.21 -71.23 48.78
CA SER Y 361 -42.25 -69.87 49.39
C SER Y 361 -41.86 -68.81 48.36
N ARG Y 362 -41.97 -67.53 48.72
CA ARG Y 362 -41.64 -66.42 47.79
C ARG Y 362 -40.58 -65.52 48.44
N LYS Y 363 -39.44 -65.34 47.77
CA LYS Y 363 -38.33 -64.48 48.28
C LYS Y 363 -38.76 -63.01 48.25
N SER Y 364 -38.27 -62.20 49.19
CA SER Y 364 -38.62 -60.76 49.24
C SER Y 364 -38.09 -60.05 47.99
N PRO Y 365 -38.88 -59.17 47.34
CA PRO Y 365 -38.44 -58.45 46.15
C PRO Y 365 -37.25 -57.50 46.43
N TYR Y 366 -37.29 -56.83 47.59
CA TYR Y 366 -36.23 -55.87 48.00
C TYR Y 366 -34.90 -56.60 48.15
N LEU Y 367 -34.92 -57.80 48.73
CA LEU Y 367 -33.67 -58.59 48.94
C LEU Y 367 -33.37 -59.46 47.70
N ARG Y 372 -32.21 -67.79 41.03
CA ARG Y 372 -31.76 -68.31 42.32
C ARG Y 372 -32.79 -69.25 42.91
N VAL Y 373 -32.34 -70.41 43.39
CA VAL Y 373 -33.21 -71.38 44.05
C VAL Y 373 -32.47 -71.92 45.26
N SER Y 374 -33.12 -71.89 46.42
CA SER Y 374 -32.55 -72.41 47.65
C SER Y 374 -33.41 -73.56 48.16
N GLY Y 375 -33.06 -74.08 49.32
CA GLY Y 375 -33.81 -75.15 49.91
C GLY Y 375 -33.37 -75.51 51.32
N LEU Y 376 -34.33 -75.71 52.22
CA LEU Y 376 -34.02 -76.10 53.59
C LEU Y 376 -34.83 -77.34 53.96
N MET Y 377 -34.27 -78.15 54.85
CA MET Y 377 -34.88 -79.39 55.27
C MET Y 377 -34.99 -79.41 56.79
N MET Y 378 -36.20 -79.63 57.29
CA MET Y 378 -36.45 -79.82 58.71
C MET Y 378 -36.95 -81.24 58.92
N ALA Y 379 -36.20 -82.03 59.68
CA ALA Y 379 -36.53 -83.42 59.88
C ALA Y 379 -36.26 -83.84 61.32
N ASN Y 380 -36.95 -84.89 61.75
CA ASN Y 380 -36.86 -85.42 63.11
C ASN Y 380 -36.19 -86.80 63.02
N HIS Y 381 -34.86 -86.81 63.09
CA HIS Y 381 -34.08 -88.01 62.86
C HIS Y 381 -33.69 -88.65 64.19
N THR Y 382 -33.85 -89.97 64.27
CA THR Y 382 -33.47 -90.71 65.47
C THR Y 382 -31.98 -90.74 65.71
N SER Y 383 -31.16 -90.40 64.71
CA SER Y 383 -29.72 -90.38 64.90
C SER Y 383 -29.28 -89.31 65.88
N ILE Y 384 -30.17 -88.40 66.26
CA ILE Y 384 -29.80 -87.34 67.18
C ILE Y 384 -29.47 -87.90 68.55
N SER Y 385 -29.88 -89.14 68.83
CA SER Y 385 -29.54 -89.76 70.11
C SER Y 385 -28.04 -89.94 70.25
N SER Y 386 -27.32 -90.09 69.13
CA SER Y 386 -25.88 -90.29 69.18
C SER Y 386 -25.19 -89.10 69.85
N LEU Y 387 -25.65 -87.90 69.57
CA LEU Y 387 -25.05 -86.71 70.17
C LEU Y 387 -25.16 -86.75 71.69
N PHE Y 388 -26.27 -87.29 72.20
CA PHE Y 388 -26.49 -87.30 73.64
C PHE Y 388 -25.54 -88.26 74.34
N GLU Y 389 -25.27 -89.41 73.71
CA GLU Y 389 -24.35 -90.37 74.31
C GLU Y 389 -22.97 -89.77 74.46
N ARG Y 390 -22.55 -88.95 73.49
CA ARG Y 390 -21.25 -88.27 73.59
C ARG Y 390 -21.20 -87.37 74.81
N THR Y 391 -22.28 -86.62 75.05
CA THR Y 391 -22.35 -85.79 76.25
C THR Y 391 -22.51 -86.66 77.50
N CYS Y 392 -23.28 -87.74 77.38
CA CYS Y 392 -23.51 -88.61 78.53
C CYS Y 392 -22.23 -89.35 78.92
N ARG Y 393 -21.53 -89.90 77.93
CA ARG Y 393 -20.33 -90.69 78.21
C ARG Y 393 -19.24 -89.85 78.86
N GLN Y 394 -19.05 -88.62 78.37
CA GLN Y 394 -18.01 -87.75 78.92
C GLN Y 394 -18.29 -87.40 80.37
N TYR Y 395 -19.57 -87.37 80.76
CA TYR Y 395 -19.90 -87.04 82.14
C TYR Y 395 -19.42 -88.11 83.11
N ASP Y 396 -19.70 -89.37 82.80
CA ASP Y 396 -19.32 -90.46 83.70
C ASP Y 396 -17.81 -90.52 83.87
N LYS Y 397 -17.06 -90.19 82.81
CA LYS Y 397 -15.62 -90.15 82.93
C LYS Y 397 -15.17 -89.03 83.86
N LEU Y 398 -15.92 -87.92 83.91
CA LEU Y 398 -15.63 -86.84 84.83
C LEU Y 398 -16.15 -87.10 86.23
N ARG Y 399 -17.17 -87.95 86.36
CA ARG Y 399 -17.74 -88.24 87.68
C ARG Y 399 -16.82 -89.09 88.53
N LYS Y 400 -15.86 -89.78 87.91
CA LYS Y 400 -14.88 -90.60 88.64
C LYS Y 400 -13.55 -89.87 88.75
N ARG Y 401 -13.43 -88.68 88.16
CA ARG Y 401 -12.22 -87.89 88.21
C ARG Y 401 -12.35 -86.60 88.99
N GLU Y 402 -13.55 -86.23 89.44
CA GLU Y 402 -13.78 -84.99 90.17
C GLU Y 402 -13.36 -83.77 89.36
N ASP Y 416 -23.94 -78.59 98.00
CA ASP Y 416 -24.03 -79.19 99.32
C ASP Y 416 -24.22 -80.70 99.24
N ASN Y 417 -25.15 -81.14 98.40
CA ASN Y 417 -25.48 -82.55 98.25
C ASN Y 417 -25.10 -83.14 96.91
N PHE Y 418 -25.01 -82.33 95.86
CA PHE Y 418 -24.63 -82.78 94.52
C PHE Y 418 -25.59 -83.84 93.99
N ASP Y 419 -26.86 -83.77 94.40
CA ASP Y 419 -27.86 -84.71 93.93
C ASP Y 419 -28.65 -84.21 92.73
N GLU Y 420 -28.50 -82.94 92.36
CA GLU Y 420 -29.21 -82.43 91.20
C GLU Y 420 -28.63 -83.00 89.91
N MET Y 421 -27.37 -83.41 89.93
CA MET Y 421 -26.73 -83.88 88.71
C MET Y 421 -27.23 -85.26 88.30
N ASP Y 422 -27.25 -86.21 89.24
CA ASP Y 422 -27.64 -87.57 88.88
C ASP Y 422 -29.11 -87.64 88.48
N THR Y 423 -29.95 -86.77 89.06
CA THR Y 423 -31.33 -86.68 88.60
C THR Y 423 -31.37 -86.24 87.14
N SER Y 424 -30.56 -85.25 86.78
CA SER Y 424 -30.43 -84.87 85.38
C SER Y 424 -29.84 -86.01 84.55
N ARG Y 425 -28.82 -86.68 85.11
CA ARG Y 425 -28.23 -87.83 84.42
C ARG Y 425 -29.26 -88.94 84.25
N GLU Y 426 -30.18 -89.08 85.20
CA GLU Y 426 -31.18 -90.13 85.10
C GLU Y 426 -32.19 -89.84 84.00
N ILE Y 427 -32.65 -88.59 83.93
CA ILE Y 427 -33.73 -88.27 82.99
C ILE Y 427 -33.23 -88.24 81.55
N VAL Y 428 -31.96 -87.88 81.34
CA VAL Y 428 -31.44 -87.85 79.98
C VAL Y 428 -31.26 -89.25 79.44
N GLN Y 429 -30.94 -90.21 80.30
CA GLN Y 429 -30.82 -91.59 79.86
C GLN Y 429 -32.16 -92.15 79.43
N GLN Y 430 -33.24 -91.65 80.01
CA GLN Y 430 -34.57 -92.10 79.61
C GLN Y 430 -34.87 -91.69 78.18
N LEU Y 431 -34.47 -90.48 77.79
CA LEU Y 431 -34.68 -90.04 76.41
C LEU Y 431 -33.88 -90.88 75.44
N ILE Y 432 -32.63 -91.20 75.79
CA ILE Y 432 -31.80 -91.99 74.88
C ILE Y 432 -32.42 -93.36 74.64
N ASP Y 433 -32.86 -94.03 75.71
CA ASP Y 433 -33.57 -95.28 75.54
C ASP Y 433 -34.88 -95.07 74.82
N GLU Y 434 -35.52 -93.92 75.02
CA GLU Y 434 -36.74 -93.60 74.30
C GLU Y 434 -36.48 -93.53 72.80
N TYR Y 435 -35.33 -92.99 72.39
CA TYR Y 435 -35.00 -92.93 70.97
C TYR Y 435 -34.70 -94.31 70.41
N HIS Y 436 -33.84 -95.07 71.08
CA HIS Y 436 -33.47 -96.38 70.56
C HIS Y 436 -34.65 -97.33 70.49
N ALA Y 437 -35.66 -97.13 71.33
CA ALA Y 437 -36.87 -97.92 71.25
C ALA Y 437 -37.84 -97.39 70.21
N ALA Y 438 -37.59 -96.19 69.67
CA ALA Y 438 -38.48 -95.62 68.67
C ALA Y 438 -38.26 -96.25 67.30
N THR Y 439 -37.07 -96.80 67.05
CA THR Y 439 -36.75 -97.41 65.77
C THR Y 439 -37.08 -98.90 65.72
N ARG Y 440 -37.92 -99.38 66.62
CA ARG Y 440 -38.34 -100.78 66.62
C ARG Y 440 -39.76 -100.90 66.12
N PRO Y 441 -40.11 -102.02 65.46
CA PRO Y 441 -41.47 -102.17 64.95
C PRO Y 441 -42.54 -102.23 66.03
N ASP Y 442 -42.16 -102.23 67.31
CA ASP Y 442 -43.15 -102.23 68.39
C ASP Y 442 -42.82 -101.16 69.41
N TYR Y 443 -42.58 -99.93 68.94
CA TYR Y 443 -42.25 -98.84 69.86
C TYR Y 443 -43.39 -98.56 70.83
N ILE Y 444 -44.63 -98.83 70.42
CA ILE Y 444 -45.77 -98.59 71.30
C ILE Y 444 -45.63 -99.44 72.55
N SER Y 445 -45.69 -98.79 73.71
CA SER Y 445 -45.51 -99.44 75.01
C SER Y 445 -44.19 -100.20 75.08
N ARG Z 3 -67.73 -16.78 75.36
CA ARG Z 3 -67.06 -17.28 76.55
C ARG Z 3 -65.54 -17.22 76.39
N GLU Z 4 -64.84 -17.01 77.50
CA GLU Z 4 -63.39 -16.91 77.49
C GLU Z 4 -62.82 -17.76 78.62
N ILE Z 5 -61.53 -18.09 78.51
CA ILE Z 5 -60.83 -18.91 79.48
C ILE Z 5 -59.50 -18.23 79.81
N ILE Z 6 -59.34 -17.83 81.06
CA ILE Z 6 -58.12 -17.19 81.54
C ILE Z 6 -57.18 -18.26 82.04
N THR Z 7 -55.91 -18.18 81.62
CA THR Z 7 -54.90 -19.14 82.01
C THR Z 7 -53.96 -18.54 83.04
N LEU Z 8 -53.48 -19.37 83.94
CA LEU Z 8 -52.53 -18.97 84.97
C LEU Z 8 -51.30 -19.86 84.86
N GLN Z 9 -50.14 -19.29 85.17
CA GLN Z 9 -48.88 -20.02 85.08
C GLN Z 9 -48.11 -19.82 86.36
N LEU Z 10 -47.91 -20.89 87.12
CA LEU Z 10 -47.29 -20.81 88.43
C LEU Z 10 -45.99 -21.61 88.45
N GLY Z 11 -45.01 -21.09 89.18
CA GLY Z 11 -43.74 -21.78 89.32
C GLY Z 11 -42.92 -21.84 88.06
N GLN Z 12 -41.77 -22.50 88.12
CA GLN Z 12 -40.89 -22.59 86.96
C GLN Z 12 -41.54 -23.42 85.86
N CYS Z 13 -42.22 -24.49 86.23
CA CYS Z 13 -42.82 -25.37 85.24
C CYS Z 13 -43.99 -24.69 84.52
N GLY Z 14 -44.88 -24.06 85.29
CA GLY Z 14 -46.04 -23.43 84.69
C GLY Z 14 -45.66 -22.37 83.67
N ASN Z 15 -44.65 -21.56 83.99
CA ASN Z 15 -44.21 -20.53 83.06
C ASN Z 15 -43.62 -21.15 81.80
N GLN Z 16 -42.83 -22.21 81.95
CA GLN Z 16 -42.18 -22.81 80.79
C GLN Z 16 -43.19 -23.51 79.89
N ILE Z 17 -44.01 -24.38 80.46
CA ILE Z 17 -44.97 -25.11 79.63
C ILE Z 17 -46.07 -24.19 79.14
N GLY Z 18 -46.35 -23.12 79.88
CA GLY Z 18 -47.31 -22.13 79.39
C GLY Z 18 -46.73 -21.28 78.27
N PHE Z 19 -45.47 -20.87 78.41
CA PHE Z 19 -44.82 -20.13 77.35
C PHE Z 19 -44.70 -20.96 76.08
N GLU Z 20 -44.40 -22.26 76.23
CA GLU Z 20 -44.38 -23.14 75.06
C GLU Z 20 -45.78 -23.43 74.55
N PHE Z 21 -46.78 -23.36 75.42
CA PHE Z 21 -48.15 -23.52 74.97
C PHE Z 21 -48.58 -22.34 74.11
N TRP Z 22 -48.13 -21.13 74.46
CA TRP Z 22 -48.55 -19.96 73.72
C TRP Z 22 -47.79 -19.82 72.41
N LYS Z 23 -46.50 -20.19 72.41
CA LYS Z 23 -45.76 -20.23 71.16
C LYS Z 23 -46.43 -21.15 70.15
N GLN Z 24 -46.72 -22.38 70.56
CA GLN Z 24 -47.38 -23.33 69.69
C GLN Z 24 -48.76 -22.82 69.28
N LEU Z 25 -49.45 -22.13 70.19
CA LEU Z 25 -50.79 -21.66 69.87
C LEU Z 25 -50.75 -20.42 69.00
N CYS Z 26 -49.69 -19.60 69.13
CA CYS Z 26 -49.52 -18.49 68.21
C CYS Z 26 -49.15 -18.97 66.81
N ALA Z 27 -48.23 -19.93 66.71
CA ALA Z 27 -47.85 -20.44 65.40
C ALA Z 27 -48.98 -21.22 64.75
N GLU Z 28 -49.76 -21.93 65.55
CA GLU Z 28 -50.94 -22.63 65.02
C GLU Z 28 -51.90 -21.64 64.37
N HIS Z 29 -51.99 -20.44 64.92
CA HIS Z 29 -52.79 -19.38 64.31
C HIS Z 29 -51.89 -18.49 63.47
N GLY Z 30 -52.48 -17.45 62.88
CA GLY Z 30 -51.73 -16.49 62.12
C GLY Z 30 -51.34 -15.26 62.93
N ILE Z 31 -50.50 -15.45 63.94
CA ILE Z 31 -50.13 -14.39 64.87
C ILE Z 31 -48.61 -14.29 64.90
N SER Z 32 -48.09 -13.14 64.49
CA SER Z 32 -46.66 -12.90 64.52
C SER Z 32 -46.16 -12.81 65.95
N PRO Z 33 -44.87 -13.11 66.18
CA PRO Z 33 -44.30 -12.98 67.53
C PRO Z 33 -44.51 -11.60 68.15
N GLU Z 34 -44.70 -10.58 67.31
CA GLU Z 34 -45.00 -9.24 67.78
C GLU Z 34 -46.46 -9.06 68.14
N ALA Z 35 -47.20 -10.16 68.31
CA ALA Z 35 -48.61 -10.14 68.66
C ALA Z 35 -49.44 -9.36 67.65
N ILE Z 36 -49.01 -9.36 66.39
CA ILE Z 36 -49.71 -8.68 65.32
C ILE Z 36 -50.14 -9.73 64.29
N VAL Z 37 -51.35 -9.58 63.77
CA VAL Z 37 -51.88 -10.57 62.84
C VAL Z 37 -51.24 -10.39 61.47
N GLU Z 38 -50.72 -11.49 60.93
CA GLU Z 38 -50.14 -11.48 59.59
C GLU Z 38 -51.22 -11.77 58.56
N GLU Z 39 -50.92 -11.44 57.30
CA GLU Z 39 -51.90 -11.63 56.24
C GLU Z 39 -52.10 -13.10 55.92
N PHE Z 40 -51.05 -13.77 55.44
CA PHE Z 40 -51.09 -15.18 55.07
C PHE Z 40 -52.30 -15.52 54.19
N THR Z 45 -61.28 -17.93 59.94
CA THR Z 45 -62.12 -19.11 60.17
C THR Z 45 -61.91 -19.66 61.57
N ASP Z 46 -60.66 -19.74 61.99
CA ASP Z 46 -60.34 -20.26 63.31
C ASP Z 46 -60.77 -19.27 64.40
N ARG Z 47 -61.79 -19.65 65.16
CA ARG Z 47 -62.27 -18.82 66.26
C ARG Z 47 -61.19 -18.70 67.32
N LYS Z 48 -60.64 -17.50 67.48
CA LYS Z 48 -59.55 -17.25 68.41
C LYS Z 48 -59.90 -16.24 69.49
N ASP Z 49 -61.19 -15.95 69.69
CA ASP Z 49 -61.57 -14.99 70.71
C ASP Z 49 -61.53 -15.59 72.11
N VAL Z 50 -61.53 -16.92 72.21
CA VAL Z 50 -61.57 -17.55 73.53
C VAL Z 50 -60.24 -17.37 74.25
N PHE Z 51 -59.14 -17.60 73.54
CA PHE Z 51 -57.83 -17.58 74.16
C PHE Z 51 -57.03 -16.32 73.86
N PHE Z 52 -57.51 -15.47 72.95
CA PHE Z 52 -56.83 -14.23 72.63
C PHE Z 52 -57.79 -13.06 72.76
N TYR Z 53 -57.26 -11.92 73.21
CA TYR Z 53 -58.06 -10.73 73.45
C TYR Z 53 -57.66 -9.64 72.46
N GLN Z 54 -58.65 -8.99 71.87
CA GLN Z 54 -58.40 -7.93 70.90
C GLN Z 54 -58.12 -6.59 71.59
N TYR Z 60 -53.47 -8.68 69.05
CA TYR Z 60 -54.14 -9.62 69.93
C TYR Z 60 -53.34 -9.87 71.19
N ILE Z 61 -54.03 -9.99 72.32
CA ILE Z 61 -53.37 -10.13 73.63
C ILE Z 61 -53.77 -11.44 74.27
N PRO Z 62 -52.82 -12.24 74.72
CA PRO Z 62 -53.16 -13.46 75.47
C PRO Z 62 -53.71 -13.12 76.84
N ARG Z 63 -54.64 -13.97 77.30
CA ARG Z 63 -55.24 -13.78 78.62
C ARG Z 63 -54.46 -14.61 79.65
N ALA Z 64 -53.20 -14.24 79.81
CA ALA Z 64 -52.30 -14.94 80.72
C ALA Z 64 -52.10 -14.12 81.98
N VAL Z 65 -51.77 -14.81 83.07
CA VAL Z 65 -51.41 -14.17 84.33
C VAL Z 65 -50.16 -14.89 84.83
N LEU Z 66 -49.00 -14.38 84.46
CA LEU Z 66 -47.74 -15.02 84.85
C LEU Z 66 -47.42 -14.70 86.29
N LEU Z 67 -46.81 -15.66 86.99
CA LEU Z 67 -46.47 -15.46 88.39
C LEU Z 67 -45.09 -16.04 88.70
N ARG Z 72 -37.25 -14.60 88.05
CA ARG Z 72 -36.08 -14.91 87.23
C ARG Z 72 -36.48 -15.42 85.85
N VAL Z 73 -37.36 -16.41 85.82
CA VAL Z 73 -37.80 -16.98 84.55
C VAL Z 73 -38.56 -15.95 83.72
N ILE Z 74 -39.21 -14.99 84.39
CA ILE Z 74 -39.95 -13.97 83.66
C ILE Z 74 -39.00 -13.12 82.82
N HIS Z 75 -37.80 -12.87 83.33
CA HIS Z 75 -36.83 -12.06 82.59
C HIS Z 75 -36.41 -12.74 81.29
N SER Z 76 -36.10 -14.03 81.35
CA SER Z 76 -35.72 -14.76 80.15
C SER Z 76 -36.87 -14.81 79.15
N ILE Z 77 -38.11 -14.73 79.65
CA ILE Z 77 -39.25 -14.59 78.75
C ILE Z 77 -39.27 -13.21 78.13
N LEU Z 78 -38.97 -12.18 78.92
CA LEU Z 78 -38.99 -10.81 78.41
C LEU Z 78 -37.82 -10.52 77.50
N ASN Z 79 -36.71 -11.24 77.63
CA ASN Z 79 -35.60 -11.10 76.69
C ASN Z 79 -35.82 -11.92 75.43
N SER Z 80 -36.90 -12.72 75.38
CA SER Z 80 -37.18 -13.54 74.23
C SER Z 80 -37.78 -12.69 73.09
N PRO Z 81 -37.81 -13.21 71.87
CA PRO Z 81 -38.50 -12.51 70.78
C PRO Z 81 -40.00 -12.37 71.00
N TYR Z 82 -40.55 -12.94 72.07
CA TYR Z 82 -41.97 -12.84 72.36
C TYR Z 82 -42.26 -11.89 73.52
N ALA Z 83 -41.42 -10.86 73.70
CA ALA Z 83 -41.65 -9.90 74.76
C ALA Z 83 -42.91 -9.08 74.55
N LYS Z 84 -43.32 -8.88 73.30
CA LYS Z 84 -44.49 -8.07 72.99
C LYS Z 84 -45.79 -8.86 73.07
N LEU Z 85 -45.79 -10.00 73.76
CA LEU Z 85 -46.96 -10.87 73.83
C LEU Z 85 -47.71 -10.76 75.15
N TYR Z 86 -47.44 -9.74 75.96
CA TYR Z 86 -48.15 -9.57 77.22
C TYR Z 86 -48.39 -8.09 77.54
N GLY Z 101 -38.53 -20.33 98.63
CA GLY Z 101 -37.74 -21.50 99.05
C GLY Z 101 -38.15 -22.76 98.29
N ASN Z 102 -38.62 -23.78 99.02
CA ASN Z 102 -39.03 -25.04 98.42
C ASN Z 102 -40.01 -25.82 99.29
N ASN Z 103 -40.63 -25.18 100.28
CA ASN Z 103 -41.63 -25.81 101.13
C ASN Z 103 -43.03 -25.44 100.64
N TRP Z 104 -44.00 -26.22 101.10
CA TRP Z 104 -45.39 -25.90 100.77
C TRP Z 104 -45.94 -24.81 101.68
N ALA Z 105 -45.53 -24.82 102.94
CA ALA Z 105 -45.97 -23.77 103.87
C ALA Z 105 -45.37 -22.42 103.49
N SER Z 106 -44.11 -22.42 103.05
CA SER Z 106 -43.50 -21.17 102.59
C SER Z 106 -44.19 -20.64 101.34
N GLY Z 107 -44.68 -21.56 100.51
CA GLY Z 107 -45.40 -21.19 99.28
C GLY Z 107 -46.83 -20.80 99.57
N PHE Z 108 -47.36 -21.21 100.72
CA PHE Z 108 -48.74 -20.86 101.10
C PHE Z 108 -48.79 -19.51 101.77
N SER Z 109 -47.81 -19.20 102.63
CA SER Z 109 -47.87 -17.96 103.40
C SER Z 109 -47.63 -16.75 102.50
N GLN Z 110 -46.62 -16.81 101.64
CA GLN Z 110 -46.29 -15.66 100.81
C GLN Z 110 -47.45 -15.29 99.88
N GLY Z 111 -48.27 -16.26 99.50
CA GLY Z 111 -49.48 -15.95 98.76
C GLY Z 111 -50.52 -15.23 99.60
N GLU Z 112 -50.50 -15.46 100.91
CA GLU Z 112 -51.44 -14.78 101.79
C GLU Z 112 -51.08 -13.30 101.96
N LYS Z 113 -49.80 -12.98 101.94
CA LYS Z 113 -49.38 -11.60 102.14
C LYS Z 113 -49.57 -10.76 100.89
N ILE Z 114 -49.68 -11.39 99.72
CA ILE Z 114 -49.93 -10.67 98.47
C ILE Z 114 -51.28 -11.10 97.93
N HIS Z 115 -52.20 -11.48 98.84
CA HIS Z 115 -53.53 -11.89 98.46
C HIS Z 115 -54.23 -10.83 97.61
N GLU Z 116 -54.24 -9.59 98.08
CA GLU Z 116 -54.93 -8.54 97.35
C GLU Z 116 -54.22 -8.20 96.05
N ASP Z 117 -52.89 -8.36 96.02
CA ASP Z 117 -52.10 -7.88 94.89
C ASP Z 117 -52.50 -8.60 93.60
N ILE Z 118 -52.33 -9.93 93.56
CA ILE Z 118 -52.47 -10.64 92.29
C ILE Z 118 -53.93 -10.70 91.83
N PHE Z 119 -54.89 -10.59 92.76
CA PHE Z 119 -56.29 -10.64 92.36
C PHE Z 119 -56.72 -9.42 91.58
N ASP Z 120 -56.13 -8.25 91.86
CA ASP Z 120 -56.47 -7.06 91.07
C ASP Z 120 -56.20 -7.30 89.59
N ILE Z 121 -55.15 -8.06 89.29
CA ILE Z 121 -54.89 -8.44 87.90
C ILE Z 121 -55.98 -9.35 87.39
N ILE Z 122 -56.46 -10.26 88.23
CA ILE Z 122 -57.49 -11.19 87.81
C ILE Z 122 -58.86 -10.51 87.81
N ASP Z 123 -59.12 -9.66 88.80
CA ASP Z 123 -60.43 -9.01 88.88
C ASP Z 123 -60.67 -8.10 87.69
N ARG Z 124 -59.64 -7.41 87.20
CA ARG Z 124 -59.81 -6.57 86.03
C ARG Z 124 -59.94 -7.40 84.76
N GLU Z 125 -59.24 -8.53 84.70
CA GLU Z 125 -59.32 -9.38 83.52
C GLU Z 125 -60.64 -10.13 83.46
N ALA Z 126 -61.22 -10.45 84.62
CA ALA Z 126 -62.51 -11.12 84.65
C ALA Z 126 -63.62 -10.18 84.21
N ASP Z 127 -63.71 -9.01 84.85
CA ASP Z 127 -64.74 -8.05 84.48
C ASP Z 127 -64.47 -7.42 83.12
N GLY Z 128 -63.20 -7.29 82.72
CA GLY Z 128 -62.91 -6.87 81.36
C GLY Z 128 -63.28 -7.91 80.33
N SER Z 129 -63.48 -9.16 80.76
CA SER Z 129 -63.89 -10.23 79.88
C SER Z 129 -65.40 -10.19 79.65
N ASP Z 130 -65.82 -10.66 78.47
CA ASP Z 130 -67.24 -10.62 78.12
C ASP Z 130 -68.04 -11.54 79.05
N SER Z 131 -67.76 -12.84 79.01
CA SER Z 131 -68.45 -13.81 79.85
C SER Z 131 -67.45 -14.91 80.21
N LEU Z 132 -66.90 -14.83 81.42
CA LEU Z 132 -65.88 -15.78 81.83
C LEU Z 132 -66.46 -17.18 81.97
N GLU Z 133 -65.64 -18.17 81.66
CA GLU Z 133 -66.05 -19.58 81.74
C GLU Z 133 -65.22 -20.38 82.72
N GLY Z 134 -63.89 -20.27 82.66
CA GLY Z 134 -63.06 -21.11 83.50
C GLY Z 134 -61.68 -20.56 83.79
N PHE Z 135 -60.86 -21.37 84.46
CA PHE Z 135 -59.51 -20.98 84.88
C PHE Z 135 -58.58 -22.17 84.62
N VAL Z 136 -57.80 -22.08 83.55
CA VAL Z 136 -56.78 -23.09 83.29
C VAL Z 136 -55.57 -22.80 84.16
N LEU Z 137 -55.08 -23.83 84.86
CA LEU Z 137 -53.91 -23.71 85.72
C LEU Z 137 -52.83 -24.67 85.24
N CYS Z 138 -51.64 -24.13 84.98
CA CYS Z 138 -50.49 -24.94 84.59
C CYS Z 138 -49.46 -24.82 85.70
N HIS Z 139 -49.20 -25.91 86.41
CA HIS Z 139 -48.29 -25.88 87.53
C HIS Z 139 -47.77 -27.29 87.81
N SER Z 140 -46.64 -27.36 88.49
CA SER Z 140 -46.05 -28.63 88.91
C SER Z 140 -46.22 -28.80 90.40
N ILE Z 141 -46.73 -29.97 90.81
CA ILE Z 141 -47.02 -30.20 92.23
C ILE Z 141 -45.82 -30.68 93.02
N ALA Z 142 -44.64 -30.70 92.43
CA ALA Z 142 -43.44 -31.12 93.15
C ALA Z 142 -42.69 -29.92 93.72
N GLY Z 144 -40.66 -25.51 95.18
CA GLY Z 144 -41.99 -25.90 95.69
C GLY Z 144 -42.85 -24.69 96.00
N THR Z 145 -42.31 -23.49 95.78
CA THR Z 145 -43.06 -22.23 96.04
C THR Z 145 -44.30 -22.17 95.14
N GLY Z 146 -44.14 -22.57 93.87
CA GLY Z 146 -45.26 -22.56 92.91
C GLY Z 146 -46.37 -23.49 93.34
N SER Z 147 -46.02 -24.69 93.81
CA SER Z 147 -47.04 -25.68 94.26
C SER Z 147 -47.80 -25.10 95.47
N GLY Z 148 -47.08 -24.49 96.41
CA GLY Z 148 -47.70 -23.88 97.61
C GLY Z 148 -48.61 -22.72 97.22
N LEU Z 149 -48.15 -21.88 96.29
CA LEU Z 149 -48.94 -20.71 95.83
C LEU Z 149 -50.22 -21.22 95.15
N GLY Z 150 -50.09 -22.29 94.35
CA GLY Z 150 -51.22 -22.89 93.64
C GLY Z 150 -52.31 -23.33 94.60
N SER Z 151 -51.94 -24.08 95.64
CA SER Z 151 -52.91 -24.56 96.62
C SER Z 151 -53.65 -23.40 97.27
N TYR Z 152 -52.95 -22.29 97.51
CA TYR Z 152 -53.60 -21.12 98.08
C TYR Z 152 -54.62 -20.53 97.11
N LEU Z 153 -54.21 -20.35 95.86
CA LEU Z 153 -55.09 -19.69 94.89
C LEU Z 153 -56.29 -20.55 94.55
N LEU Z 154 -56.12 -21.88 94.58
CA LEU Z 154 -57.23 -22.77 94.25
C LEU Z 154 -58.36 -22.65 95.26
N GLU Z 155 -58.04 -22.35 96.51
CA GLU Z 155 -59.07 -22.21 97.52
C GLU Z 155 -59.80 -20.88 97.39
N ARG Z 156 -59.05 -19.79 97.18
CA ARG Z 156 -59.67 -18.47 97.12
C ARG Z 156 -60.60 -18.35 95.91
N LEU Z 157 -60.26 -18.97 94.79
CA LEU Z 157 -61.15 -18.93 93.63
C LEU Z 157 -62.49 -19.56 93.95
N ASN Z 158 -62.51 -20.56 94.83
CA ASN Z 158 -63.77 -21.11 95.29
C ASN Z 158 -64.52 -20.11 96.16
N ASP Z 159 -63.81 -19.25 96.88
CA ASP Z 159 -64.46 -18.26 97.72
C ASP Z 159 -65.15 -17.20 96.87
N ARG Z 160 -64.40 -16.56 95.97
CA ARG Z 160 -64.93 -15.44 95.20
C ARG Z 160 -65.89 -15.92 94.12
N TYR Z 161 -65.39 -16.71 93.17
CA TYR Z 161 -66.19 -17.12 92.02
C TYR Z 161 -66.73 -18.53 92.26
N PRO Z 162 -68.02 -18.69 92.50
CA PRO Z 162 -68.55 -20.05 92.72
C PRO Z 162 -68.95 -20.75 91.44
N LYS Z 163 -69.17 -20.00 90.36
CA LYS Z 163 -69.74 -20.53 89.14
C LYS Z 163 -68.74 -20.60 87.99
N LYS Z 164 -67.46 -20.76 88.29
CA LYS Z 164 -66.41 -20.82 87.27
C LYS Z 164 -65.63 -22.12 87.42
N LEU Z 165 -65.54 -22.87 86.32
CA LEU Z 165 -64.75 -24.10 86.33
C LEU Z 165 -63.28 -23.79 86.53
N VAL Z 166 -62.56 -24.73 87.14
CA VAL Z 166 -61.12 -24.61 87.36
C VAL Z 166 -60.49 -25.92 86.91
N GLN Z 167 -59.90 -25.93 85.73
CA GLN Z 167 -59.17 -27.08 85.21
C GLN Z 167 -57.68 -26.86 85.38
N THR Z 168 -56.98 -27.91 85.83
CA THR Z 168 -55.58 -27.79 86.19
C THR Z 168 -54.76 -28.79 85.41
N TYR Z 169 -53.78 -28.30 84.67
CA TYR Z 169 -52.87 -29.17 83.91
C TYR Z 169 -51.65 -29.52 84.76
N SER Z 170 -51.92 -30.13 85.90
CA SER Z 170 -50.87 -30.43 86.88
C SER Z 170 -49.83 -31.38 86.29
N VAL Z 171 -48.63 -31.33 86.86
CA VAL Z 171 -47.52 -32.16 86.42
C VAL Z 171 -46.89 -32.80 87.64
N PHE Z 172 -46.81 -34.15 87.63
CA PHE Z 172 -46.29 -34.93 88.74
C PHE Z 172 -44.77 -35.08 88.62
N PRO Z 173 -44.06 -35.37 89.72
CA PRO Z 173 -42.61 -35.55 89.64
C PRO Z 173 -42.21 -36.88 89.03
N VAL Z 183 -38.33 -34.14 100.32
CA VAL Z 183 -39.51 -33.43 100.78
C VAL Z 183 -40.53 -33.35 99.66
N GLN Z 184 -40.19 -33.92 98.52
CA GLN Z 184 -41.15 -34.01 97.41
C GLN Z 184 -42.40 -34.79 97.77
N PRO Z 185 -42.34 -35.90 98.53
CA PRO Z 185 -43.60 -36.56 98.90
C PRO Z 185 -44.52 -35.68 99.73
N TYR Z 186 -43.98 -34.87 100.65
CA TYR Z 186 -44.82 -34.00 101.45
C TYR Z 186 -45.63 -33.05 100.57
N ASN Z 187 -44.94 -32.26 99.75
CA ASN Z 187 -45.60 -31.23 98.97
C ASN Z 187 -46.61 -31.83 97.99
N SER Z 188 -46.33 -33.04 97.50
CA SER Z 188 -47.20 -33.64 96.49
C SER Z 188 -48.55 -34.00 97.07
N LEU Z 189 -48.58 -34.52 98.30
CA LEU Z 189 -49.85 -34.94 98.87
C LEU Z 189 -50.65 -33.76 99.39
N LEU Z 190 -49.97 -32.71 99.88
CA LEU Z 190 -50.70 -31.55 100.38
C LEU Z 190 -51.53 -30.90 99.28
N THR Z 191 -50.91 -30.63 98.13
CA THR Z 191 -51.65 -30.06 97.02
C THR Z 191 -52.72 -31.03 96.53
N LEU Z 192 -52.52 -32.32 96.74
CA LEU Z 192 -53.56 -33.29 96.39
C LEU Z 192 -54.79 -33.10 97.24
N LYS Z 193 -54.63 -32.66 98.49
CA LYS Z 193 -55.78 -32.41 99.34
C LYS Z 193 -56.67 -31.30 98.78
N ARG Z 194 -56.06 -30.32 98.12
CA ARG Z 194 -56.82 -29.25 97.51
C ARG Z 194 -57.33 -29.63 96.12
N LEU Z 195 -56.54 -30.38 95.35
CA LEU Z 195 -56.94 -30.76 94.01
C LEU Z 195 -58.09 -31.76 93.98
N THR Z 196 -58.42 -32.35 95.12
CA THR Z 196 -59.51 -33.33 95.14
C THR Z 196 -60.86 -32.73 95.49
N GLN Z 197 -60.90 -31.48 95.95
CA GLN Z 197 -62.16 -30.88 96.36
C GLN Z 197 -62.30 -29.44 95.85
N ASN Z 198 -61.24 -28.89 95.28
CA ASN Z 198 -61.31 -27.53 94.74
C ASN Z 198 -61.33 -27.54 93.21
N ALA Z 199 -60.32 -28.13 92.58
CA ALA Z 199 -60.22 -28.12 91.14
C ALA Z 199 -61.35 -28.94 90.51
N ASP Z 200 -62.07 -28.33 89.58
CA ASP Z 200 -63.23 -28.97 88.98
C ASP Z 200 -62.86 -30.08 88.01
N CYS Z 201 -61.66 -30.06 87.46
CA CYS Z 201 -61.17 -31.12 86.59
C CYS Z 201 -59.66 -31.16 86.73
N LEU Z 202 -59.05 -32.21 86.19
CA LEU Z 202 -57.61 -32.33 86.35
C LEU Z 202 -57.07 -33.29 85.32
N VAL Z 203 -55.96 -32.91 84.69
CA VAL Z 203 -55.31 -33.71 83.66
C VAL Z 203 -53.90 -33.98 84.14
N VAL Z 204 -53.57 -35.24 84.33
CA VAL Z 204 -52.31 -35.61 84.95
C VAL Z 204 -51.25 -35.78 83.87
N LEU Z 205 -50.04 -35.30 84.16
CA LEU Z 205 -48.89 -35.46 83.27
C LEU Z 205 -47.67 -35.68 84.14
N ASP Z 206 -47.20 -36.91 84.24
CA ASP Z 206 -46.08 -37.26 85.10
C ASP Z 206 -44.79 -37.31 84.31
N ASN Z 207 -43.71 -36.78 84.91
CA ASN Z 207 -42.42 -36.71 84.22
C ASN Z 207 -41.83 -38.08 83.97
N THR Z 208 -42.12 -39.07 84.80
CA THR Z 208 -41.53 -40.38 84.64
C THR Z 208 -42.00 -41.05 83.35
N ALA Z 209 -43.24 -40.77 82.94
CA ALA Z 209 -43.74 -41.31 81.68
C ALA Z 209 -43.25 -40.49 80.49
N LEU Z 210 -43.07 -39.18 80.68
CA LEU Z 210 -42.58 -38.33 79.59
C LEU Z 210 -41.08 -38.54 79.37
N ASN Z 211 -40.32 -38.66 80.45
CA ASN Z 211 -38.88 -38.86 80.32
C ASN Z 211 -38.56 -40.18 79.64
N ARG Z 212 -39.31 -41.23 79.94
CA ARG Z 212 -39.09 -42.52 79.28
C ARG Z 212 -39.36 -42.42 77.79
N ILE Z 213 -40.33 -41.60 77.39
CA ILE Z 213 -40.62 -41.45 75.97
C ILE Z 213 -39.48 -40.74 75.25
N ALA Z 214 -38.91 -39.72 75.88
CA ALA Z 214 -37.83 -38.97 75.24
C ALA Z 214 -36.61 -39.85 75.01
N THR Z 215 -36.34 -40.77 75.93
CA THR Z 215 -35.19 -41.66 75.73
C THR Z 215 -35.56 -42.83 74.81
N ASP Z 216 -36.84 -43.16 74.71
CA ASP Z 216 -37.23 -44.32 73.91
C ASP Z 216 -37.37 -43.96 72.44
N ARG Z 217 -38.20 -42.97 72.12
CA ARG Z 217 -38.49 -42.60 70.74
C ARG Z 217 -37.88 -41.28 70.31
N LEU Z 218 -37.15 -40.59 71.19
CA LEU Z 218 -36.46 -39.37 70.82
C LEU Z 218 -34.96 -39.42 71.07
N HIS Z 219 -34.49 -40.25 72.01
CA HIS Z 219 -33.06 -40.49 72.24
C HIS Z 219 -32.34 -39.19 72.60
N ILE Z 220 -32.73 -38.62 73.74
CA ILE Z 220 -32.09 -37.40 74.24
C ILE Z 220 -30.80 -37.68 75.01
N GLN Z 221 -30.51 -38.95 75.30
CA GLN Z 221 -29.29 -39.29 76.03
C GLN Z 221 -28.89 -40.73 75.77
N SER Z 224 -33.61 -33.15 78.30
CA SER Z 224 -33.61 -31.76 78.76
C SER Z 224 -35.02 -31.25 78.97
N PHE Z 225 -35.16 -30.25 79.85
CA PHE Z 225 -36.49 -29.71 80.15
C PHE Z 225 -37.11 -29.09 78.91
N SER Z 226 -36.33 -28.34 78.13
CA SER Z 226 -36.86 -27.74 76.92
C SER Z 226 -37.18 -28.76 75.84
N GLN Z 227 -36.82 -30.02 76.04
CA GLN Z 227 -37.10 -31.07 75.07
C GLN Z 227 -38.38 -31.82 75.37
N ILE Z 228 -38.61 -32.20 76.63
CA ILE Z 228 -39.85 -32.89 76.96
C ILE Z 228 -41.04 -31.94 76.92
N ASN Z 229 -40.79 -30.65 77.13
CA ASN Z 229 -41.88 -29.66 77.05
C ASN Z 229 -42.45 -29.58 75.65
N GLN Z 230 -41.67 -30.00 74.64
CA GLN Z 230 -42.21 -30.09 73.29
C GLN Z 230 -43.41 -31.03 73.23
N LEU Z 231 -43.33 -32.14 73.96
CA LEU Z 231 -44.44 -33.08 73.99
C LEU Z 231 -45.60 -32.56 74.83
N VAL Z 232 -45.28 -31.91 75.96
CA VAL Z 232 -46.33 -31.36 76.81
C VAL Z 232 -47.11 -30.29 76.07
N SER Z 233 -46.41 -29.48 75.28
CA SER Z 233 -47.07 -28.44 74.50
C SER Z 233 -48.01 -29.03 73.46
N THR Z 234 -47.63 -30.16 72.86
CA THR Z 234 -48.47 -30.76 71.83
C THR Z 234 -49.75 -31.33 72.42
N ILE Z 235 -49.67 -31.87 73.64
CA ILE Z 235 -50.86 -32.40 74.29
C ILE Z 235 -51.77 -31.28 74.75
N MET Z 236 -51.19 -30.22 75.31
CA MET Z 236 -52.00 -29.09 75.76
C MET Z 236 -52.66 -28.39 74.58
N SER Z 237 -51.89 -28.11 73.53
CA SER Z 237 -52.46 -27.47 72.35
C SER Z 237 -53.54 -28.34 71.71
N ALA Z 238 -53.36 -29.66 71.76
CA ALA Z 238 -54.35 -30.56 71.18
C ALA Z 238 -55.57 -30.74 72.08
N SER Z 239 -55.44 -30.47 73.38
CA SER Z 239 -56.56 -30.70 74.28
C SER Z 239 -57.72 -29.75 73.99
N THR Z 240 -57.42 -28.49 73.69
CA THR Z 240 -58.43 -27.48 73.42
C THR Z 240 -58.61 -27.23 71.92
N THR Z 241 -58.49 -28.29 71.11
CA THR Z 241 -58.60 -28.11 69.67
C THR Z 241 -60.04 -27.86 69.26
N THR Z 242 -60.98 -28.61 69.83
CA THR Z 242 -62.39 -28.43 69.46
C THR Z 242 -62.96 -27.13 69.97
N LEU Z 243 -62.22 -26.38 70.78
CA LEU Z 243 -62.70 -25.07 71.23
C LEU Z 243 -62.37 -23.97 70.24
N ARG Z 244 -61.22 -24.05 69.57
CA ARG Z 244 -60.80 -22.98 68.68
C ARG Z 244 -61.31 -23.17 67.26
N TYR Z 245 -61.49 -24.40 66.80
CA TYR Z 245 -62.09 -24.67 65.50
C TYR Z 245 -63.51 -25.15 65.72
N PRO Z 246 -64.52 -24.30 65.54
CA PRO Z 246 -65.88 -24.69 65.93
C PRO Z 246 -66.44 -25.78 65.04
N GLY Z 247 -67.19 -26.68 65.66
CA GLY Z 247 -67.88 -27.74 64.93
C GLY Z 247 -69.32 -27.84 65.38
N TYR Z 248 -69.98 -28.95 65.06
CA TYR Z 248 -71.37 -29.12 65.46
C TYR Z 248 -71.49 -29.33 66.96
N MET Z 249 -70.46 -29.86 67.60
CA MET Z 249 -70.47 -30.16 69.02
C MET Z 249 -69.21 -29.62 69.68
N ASN Z 250 -69.20 -29.67 71.01
CA ASN Z 250 -68.03 -29.34 71.81
C ASN Z 250 -67.54 -27.92 71.54
N ASN Z 251 -68.44 -26.96 71.76
CA ASN Z 251 -68.13 -25.55 71.60
C ASN Z 251 -67.92 -24.85 72.93
N ASP Z 252 -67.68 -25.60 74.00
CA ASP Z 252 -67.51 -25.03 75.32
C ASP Z 252 -66.78 -26.03 76.20
N LEU Z 253 -66.03 -25.50 77.16
CA LEU Z 253 -65.15 -26.36 77.97
C LEU Z 253 -65.94 -27.39 78.76
N ILE Z 254 -67.15 -27.06 79.19
CA ILE Z 254 -67.95 -28.01 79.95
C ILE Z 254 -68.45 -29.13 79.06
N GLY Z 255 -68.51 -28.90 77.75
CA GLY Z 255 -68.97 -29.94 76.84
C GLY Z 255 -68.05 -31.14 76.79
N LEU Z 256 -66.74 -30.91 76.96
CA LEU Z 256 -65.79 -32.02 76.96
C LEU Z 256 -65.77 -32.73 78.30
N ILE Z 257 -66.01 -31.99 79.38
CA ILE Z 257 -65.83 -32.55 80.72
C ILE Z 257 -67.09 -33.24 81.20
N ALA Z 258 -68.25 -32.75 80.76
CA ALA Z 258 -69.51 -33.30 81.24
C ALA Z 258 -69.70 -34.76 80.86
N SER Z 259 -68.95 -35.26 79.89
CA SER Z 259 -69.13 -36.65 79.46
C SER Z 259 -68.22 -37.59 80.24
N LEU Z 260 -66.99 -37.18 80.50
CA LEU Z 260 -66.01 -38.07 81.12
C LEU Z 260 -66.25 -38.22 82.62
N ILE Z 261 -66.19 -37.12 83.35
CA ILE Z 261 -66.28 -37.13 84.81
C ILE Z 261 -67.68 -37.52 85.27
N PRO Z 262 -67.86 -38.72 85.83
CA PRO Z 262 -69.23 -39.15 86.18
C PRO Z 262 -69.74 -38.53 87.47
N THR Z 263 -68.89 -38.40 88.48
CA THR Z 263 -69.23 -37.78 89.75
C THR Z 263 -68.14 -36.80 90.14
N PRO Z 264 -68.47 -35.77 90.92
CA PRO Z 264 -67.47 -34.73 91.24
C PRO Z 264 -66.23 -35.26 91.91
N ARG Z 265 -66.25 -36.45 92.49
CA ARG Z 265 -65.06 -36.99 93.13
C ARG Z 265 -64.05 -37.54 92.12
N LEU Z 266 -64.53 -38.27 91.11
CA LEU Z 266 -63.65 -38.93 90.14
C LEU Z 266 -63.35 -37.98 89.00
N HIS Z 267 -62.52 -36.97 89.30
CA HIS Z 267 -62.20 -35.93 88.34
C HIS Z 267 -60.72 -35.92 88.00
N PHE Z 268 -60.16 -37.08 87.68
CA PHE Z 268 -58.78 -37.21 87.25
C PHE Z 268 -58.77 -37.87 85.88
N LEU Z 269 -57.93 -37.35 84.97
CA LEU Z 269 -57.86 -37.85 83.61
C LEU Z 269 -56.42 -38.10 83.20
N MET Z 270 -56.25 -38.98 82.22
CA MET Z 270 -54.95 -39.29 81.63
C MET Z 270 -55.04 -39.13 80.11
N THR Z 271 -53.87 -39.02 79.48
CA THR Z 271 -53.78 -38.67 78.08
C THR Z 271 -53.08 -39.75 77.27
N GLY Z 272 -53.23 -39.66 75.95
CA GLY Z 272 -52.55 -40.55 75.03
C GLY Z 272 -52.36 -39.92 73.66
N TYR Z 273 -51.14 -39.94 73.14
CA TYR Z 273 -50.80 -39.24 71.89
C TYR Z 273 -50.01 -40.19 71.00
N THR Z 274 -50.61 -40.63 69.89
CA THR Z 274 -50.01 -41.73 69.13
C THR Z 274 -48.88 -41.37 68.17
N PRO Z 275 -49.01 -40.38 67.27
CA PRO Z 275 -47.96 -40.21 66.25
C PRO Z 275 -46.76 -39.48 66.83
N LEU Z 276 -45.68 -40.23 67.07
CA LEU Z 276 -44.49 -39.68 67.71
C LEU Z 276 -43.26 -39.81 66.82
N THR Z 288 -53.56 -42.54 56.45
CA THR Z 288 -53.76 -43.32 57.68
C THR Z 288 -55.23 -43.36 58.06
N THR Z 289 -55.80 -44.56 58.16
CA THR Z 289 -57.21 -44.74 58.47
C THR Z 289 -57.47 -44.42 59.93
N VAL Z 290 -58.75 -44.18 60.24
CA VAL Z 290 -59.12 -43.86 61.61
C VAL Z 290 -59.07 -45.10 62.48
N LEU Z 291 -59.26 -46.29 61.90
CA LEU Z 291 -59.16 -47.51 62.68
C LEU Z 291 -57.75 -47.73 63.19
N ASP Z 292 -56.76 -47.22 62.45
CA ASP Z 292 -55.37 -47.36 62.89
C ASP Z 292 -55.09 -46.49 64.10
N VAL Z 293 -55.64 -45.28 64.13
CA VAL Z 293 -55.34 -44.36 65.22
C VAL Z 293 -56.00 -44.83 66.50
N MET Z 294 -57.22 -45.34 66.40
CA MET Z 294 -57.90 -45.83 67.60
C MET Z 294 -57.15 -47.02 68.21
N ARG Z 295 -56.66 -47.94 67.38
CA ARG Z 295 -56.01 -49.12 67.90
C ARG Z 295 -54.65 -48.79 68.52
N ARG Z 296 -53.99 -47.75 68.03
CA ARG Z 296 -52.70 -47.36 68.58
C ARG Z 296 -52.83 -46.56 69.87
N LEU Z 297 -53.99 -45.96 70.11
CA LEU Z 297 -54.17 -45.19 71.33
C LEU Z 297 -54.46 -46.11 72.51
N LEU Z 298 -55.15 -47.21 72.26
CA LEU Z 298 -55.49 -48.15 73.32
C LEU Z 298 -54.34 -49.08 73.70
N GLN Z 299 -53.15 -48.86 73.16
CA GLN Z 299 -52.00 -49.65 73.59
C GLN Z 299 -51.33 -49.02 74.81
N PRO Z 300 -50.80 -49.81 75.74
CA PRO Z 300 -50.19 -49.23 76.94
C PRO Z 300 -48.90 -48.48 76.67
N LYS Z 301 -48.25 -48.69 75.52
CA LYS Z 301 -46.97 -48.05 75.27
C LYS Z 301 -47.09 -46.55 75.06
N ASN Z 302 -48.29 -46.05 74.72
CA ASN Z 302 -48.46 -44.65 74.38
C ASN Z 302 -48.99 -43.80 75.52
N VAL Z 303 -49.64 -44.38 76.53
CA VAL Z 303 -50.25 -43.59 77.58
C VAL Z 303 -49.17 -42.90 78.41
N MET Z 304 -49.47 -41.69 78.88
CA MET Z 304 -48.53 -40.92 79.69
C MET Z 304 -48.79 -41.15 81.18
N VAL Z 305 -48.79 -42.42 81.57
CA VAL Z 305 -49.02 -42.83 82.95
C VAL Z 305 -48.16 -44.05 83.22
N SER Z 306 -47.39 -44.01 84.30
CA SER Z 306 -46.56 -45.14 84.69
C SER Z 306 -47.42 -46.28 85.22
N ASN Z 314 -59.23 -55.60 89.90
CA ASN Z 314 -58.79 -55.22 88.57
C ASN Z 314 -58.98 -53.72 88.34
N HIS Z 315 -59.10 -53.34 87.07
CA HIS Z 315 -59.32 -51.95 86.70
C HIS Z 315 -60.08 -51.91 85.39
N CYS Z 316 -60.74 -50.78 85.14
CA CYS Z 316 -61.58 -50.66 83.95
C CYS Z 316 -61.76 -49.18 83.64
N TYR Z 317 -62.16 -48.90 82.40
CA TYR Z 317 -62.37 -47.55 81.90
C TYR Z 317 -63.74 -47.04 82.31
N ILE Z 318 -63.84 -45.71 82.47
CA ILE Z 318 -65.08 -45.05 82.81
C ILE Z 318 -65.64 -44.27 81.62
N ALA Z 319 -64.78 -43.60 80.86
CA ALA Z 319 -65.19 -42.88 79.66
C ALA Z 319 -63.94 -42.50 78.86
N ILE Z 320 -64.07 -42.49 77.55
CA ILE Z 320 -62.96 -42.22 76.64
C ILE Z 320 -63.37 -41.15 75.65
N LEU Z 321 -62.45 -40.23 75.35
CA LEU Z 321 -62.66 -39.21 74.34
C LEU Z 321 -61.46 -39.22 73.39
N ASN Z 322 -61.74 -39.30 72.09
CA ASN Z 322 -60.70 -39.36 71.07
C ASN Z 322 -60.75 -38.11 70.22
N ILE Z 323 -59.59 -37.49 70.01
CA ILE Z 323 -59.46 -36.31 69.18
C ILE Z 323 -58.62 -36.68 67.96
N ILE Z 324 -59.25 -36.73 66.79
CA ILE Z 324 -58.57 -37.00 65.54
C ILE Z 324 -58.46 -35.68 64.78
N GLN Z 325 -57.24 -35.20 64.60
CA GLN Z 325 -57.02 -33.86 64.07
C GLN Z 325 -56.68 -33.84 62.59
N GLY Z 326 -56.77 -34.96 61.90
CA GLY Z 326 -56.31 -35.03 60.53
C GLY Z 326 -57.37 -34.62 59.52
N GLU Z 327 -57.03 -34.82 58.25
CA GLU Z 327 -57.96 -34.67 57.14
C GLU Z 327 -58.64 -35.97 56.78
N VAL Z 328 -58.86 -36.84 57.76
CA VAL Z 328 -59.39 -38.17 57.51
C VAL Z 328 -60.78 -38.10 56.91
N ASP Z 329 -61.19 -39.20 56.31
CA ASP Z 329 -62.52 -39.29 55.73
C ASP Z 329 -63.53 -39.35 56.86
N PRO Z 330 -64.43 -38.37 56.99
CA PRO Z 330 -65.39 -38.38 58.11
C PRO Z 330 -66.57 -39.30 57.92
N THR Z 331 -66.62 -40.08 56.85
CA THR Z 331 -67.70 -41.05 56.68
C THR Z 331 -67.37 -42.41 57.26
N GLN Z 332 -66.09 -42.76 57.35
CA GLN Z 332 -65.68 -44.04 57.90
C GLN Z 332 -65.45 -43.99 59.41
N VAL Z 333 -65.71 -42.85 60.05
CA VAL Z 333 -65.49 -42.76 61.49
C VAL Z 333 -66.55 -43.56 62.23
N HIS Z 334 -67.78 -43.58 61.74
CA HIS Z 334 -68.82 -44.35 62.40
C HIS Z 334 -68.64 -45.84 62.17
N LYS Z 335 -67.98 -46.22 61.08
CA LYS Z 335 -67.68 -47.63 60.85
C LYS Z 335 -66.71 -48.16 61.90
N SER Z 336 -65.64 -47.42 62.17
CA SER Z 336 -64.59 -47.93 63.04
C SER Z 336 -65.11 -48.19 64.44
N LEU Z 337 -66.02 -47.35 64.93
CA LEU Z 337 -66.56 -47.57 66.26
C LEU Z 337 -67.44 -48.81 66.30
N GLN Z 338 -67.88 -49.30 65.14
CA GLN Z 338 -68.64 -50.55 65.12
C GLN Z 338 -67.72 -51.74 65.32
N ARG Z 339 -66.50 -51.67 64.79
CA ARG Z 339 -65.60 -52.82 64.84
C ARG Z 339 -64.74 -52.83 66.09
N ILE Z 340 -64.34 -51.66 66.59
CA ILE Z 340 -63.59 -51.62 67.85
C ILE Z 340 -64.39 -52.23 68.98
N ARG Z 341 -65.72 -52.09 68.92
CA ARG Z 341 -66.55 -52.71 69.95
C ARG Z 341 -66.49 -54.23 69.89
N GLU Z 342 -66.28 -54.79 68.71
CA GLU Z 342 -66.35 -56.23 68.54
C GLU Z 342 -65.12 -56.92 69.12
N ARG Z 343 -63.94 -56.36 68.87
CA ARG Z 343 -62.73 -56.94 69.41
C ARG Z 343 -62.63 -56.79 70.93
N LYS Z 344 -63.40 -55.87 71.53
CA LYS Z 344 -63.40 -55.67 72.98
C LYS Z 344 -62.01 -55.32 73.51
N LEU Z 345 -61.44 -54.26 72.93
CA LEU Z 345 -60.11 -53.82 73.30
C LEU Z 345 -60.05 -53.12 74.66
N ALA Z 346 -61.19 -52.72 75.21
CA ALA Z 346 -61.21 -52.04 76.49
C ALA Z 346 -62.38 -52.55 77.32
N ASN Z 347 -62.14 -52.70 78.62
CA ASN Z 347 -63.15 -53.14 79.56
C ASN Z 347 -63.74 -51.96 80.32
N PHE Z 348 -65.06 -51.94 80.42
CA PHE Z 348 -65.77 -50.79 80.93
C PHE Z 348 -66.47 -51.13 82.25
N ILE Z 349 -66.97 -50.08 82.89
CA ILE Z 349 -67.62 -50.16 84.19
C ILE Z 349 -68.86 -51.04 84.11
N PRO Z 350 -69.14 -51.86 85.14
CA PRO Z 350 -70.34 -52.70 85.09
C PRO Z 350 -71.58 -52.05 85.65
N TRP Z 351 -71.44 -51.02 86.49
CA TRP Z 351 -72.61 -50.45 87.15
C TRP Z 351 -73.43 -49.58 86.21
N GLY Z 352 -72.81 -48.56 85.62
CA GLY Z 352 -73.50 -47.66 84.74
C GLY Z 352 -73.03 -47.78 83.31
N PRO Z 353 -73.80 -47.25 82.37
CA PRO Z 353 -73.41 -47.35 80.96
C PRO Z 353 -72.28 -46.38 80.63
N ALA Z 354 -71.35 -46.83 79.79
CA ALA Z 354 -70.23 -46.03 79.33
C ALA Z 354 -69.93 -46.39 77.89
N SER Z 355 -69.34 -45.44 77.16
CA SER Z 355 -69.01 -45.64 75.76
C SER Z 355 -67.73 -44.90 75.43
N ILE Z 356 -67.37 -44.93 74.15
CA ILE Z 356 -66.16 -44.26 73.65
C ILE Z 356 -66.59 -43.15 72.70
N GLN Z 357 -65.87 -42.03 72.74
CA GLN Z 357 -66.22 -40.85 71.99
C GLN Z 357 -65.09 -40.45 71.05
N VAL Z 358 -65.45 -40.17 69.80
CA VAL Z 358 -64.50 -39.74 68.79
C VAL Z 358 -64.95 -38.39 68.24
N ALA Z 359 -64.04 -37.42 68.22
CA ALA Z 359 -64.34 -36.09 67.72
C ALA Z 359 -63.25 -35.65 66.77
N LEU Z 360 -63.66 -35.13 65.62
CA LEU Z 360 -62.75 -34.68 64.59
C LEU Z 360 -62.50 -33.18 64.72
N SER Z 361 -61.52 -32.69 63.96
CA SER Z 361 -61.20 -31.28 63.92
C SER Z 361 -60.38 -31.03 62.66
N ARG Z 362 -59.77 -29.86 62.57
CA ARG Z 362 -58.95 -29.52 61.42
C ARG Z 362 -57.61 -29.00 61.89
N LYS Z 363 -56.53 -29.50 61.29
CA LYS Z 363 -55.21 -29.03 61.62
C LYS Z 363 -55.02 -27.61 61.08
N SER Z 364 -54.05 -26.92 61.65
CA SER Z 364 -53.75 -25.55 61.23
C SER Z 364 -53.08 -25.55 59.87
N PRO Z 365 -53.69 -24.95 58.84
CA PRO Z 365 -53.05 -24.96 57.52
C PRO Z 365 -51.77 -24.15 57.46
N TYR Z 366 -51.62 -23.14 58.32
CA TYR Z 366 -50.43 -22.30 58.27
C TYR Z 366 -49.18 -23.04 58.71
N LEU Z 367 -49.32 -24.20 59.33
CA LEU Z 367 -48.16 -24.97 59.75
C LEU Z 367 -47.71 -25.93 58.66
N ARG Z 372 -51.50 -35.83 56.57
CA ARG Z 372 -51.03 -35.86 57.95
C ARG Z 372 -52.19 -36.08 58.90
N VAL Z 373 -52.05 -37.04 59.81
CA VAL Z 373 -53.10 -37.37 60.77
C VAL Z 373 -52.46 -37.57 62.13
N SER Z 374 -53.10 -37.03 63.17
CA SER Z 374 -52.66 -37.19 64.54
C SER Z 374 -53.81 -37.73 65.38
N GLY Z 375 -53.60 -37.77 66.69
CA GLY Z 375 -54.65 -38.28 67.57
C GLY Z 375 -54.34 -38.10 69.05
N LEU Z 376 -55.35 -37.76 69.83
CA LEU Z 376 -55.21 -37.63 71.28
C LEU Z 376 -56.39 -38.31 71.95
N MET Z 377 -56.10 -38.94 73.09
CA MET Z 377 -57.09 -39.72 73.80
C MET Z 377 -57.12 -39.31 75.27
N MET Z 378 -58.25 -38.76 75.70
CA MET Z 378 -58.49 -38.41 77.09
C MET Z 378 -59.35 -39.50 77.71
N ALA Z 379 -58.81 -40.19 78.70
CA ALA Z 379 -59.50 -41.31 79.32
C ALA Z 379 -59.60 -41.11 80.82
N ASN Z 380 -60.50 -41.85 81.43
CA ASN Z 380 -60.69 -41.87 82.88
C ASN Z 380 -60.55 -43.31 83.35
N HIS Z 381 -59.34 -43.72 83.68
CA HIS Z 381 -59.03 -45.08 84.09
C HIS Z 381 -58.81 -45.13 85.59
N THR Z 382 -59.44 -46.09 86.26
CA THR Z 382 -59.26 -46.25 87.69
C THR Z 382 -57.86 -46.71 88.05
N SER Z 383 -57.03 -47.08 87.07
CA SER Z 383 -55.64 -47.40 87.36
C SER Z 383 -54.84 -46.17 87.77
N ILE Z 384 -55.45 -44.98 87.72
CA ILE Z 384 -54.76 -43.78 88.18
C ILE Z 384 -54.63 -43.79 89.70
N SER Z 385 -55.38 -44.67 90.38
CA SER Z 385 -55.28 -44.74 91.83
C SER Z 385 -53.90 -45.16 92.28
N SER Z 386 -53.16 -45.87 91.42
CA SER Z 386 -51.84 -46.35 91.80
C SER Z 386 -50.87 -45.20 92.03
N LEU Z 387 -51.00 -44.12 91.25
CA LEU Z 387 -50.09 -43.00 91.39
C LEU Z 387 -50.19 -42.37 92.76
N PHE Z 388 -51.42 -42.21 93.26
CA PHE Z 388 -51.61 -41.67 94.60
C PHE Z 388 -51.03 -42.61 95.65
N GLU Z 389 -51.14 -43.92 95.39
CA GLU Z 389 -50.62 -44.90 96.34
C GLU Z 389 -49.13 -44.74 96.54
N ARG Z 390 -48.39 -44.48 95.47
CA ARG Z 390 -46.95 -44.29 95.57
C ARG Z 390 -46.62 -43.08 96.45
N THR Z 391 -47.30 -41.97 96.22
CA THR Z 391 -47.11 -40.80 97.07
C THR Z 391 -47.56 -41.07 98.49
N CYS Z 392 -48.67 -41.81 98.64
CA CYS Z 392 -49.17 -42.16 99.96
C CYS Z 392 -48.15 -43.00 100.72
N ARG Z 393 -47.70 -44.11 100.11
CA ARG Z 393 -46.75 -44.98 100.77
C ARG Z 393 -45.42 -44.27 101.04
N GLN Z 394 -45.01 -43.40 100.11
CA GLN Z 394 -43.78 -42.65 100.32
C GLN Z 394 -43.92 -41.69 101.50
N TYR Z 395 -45.13 -41.22 101.76
CA TYR Z 395 -45.34 -40.30 102.89
C TYR Z 395 -45.19 -41.02 104.22
N ASP Z 396 -45.78 -42.22 104.32
CA ASP Z 396 -45.77 -42.94 105.59
C ASP Z 396 -44.34 -43.29 106.01
N LYS Z 397 -43.50 -43.65 105.06
CA LYS Z 397 -42.12 -44.00 105.39
C LYS Z 397 -41.36 -42.81 105.96
N LEU Z 398 -41.66 -41.61 105.48
CA LEU Z 398 -41.00 -40.41 106.02
C LEU Z 398 -41.64 -39.95 107.32
N ARG Z 399 -42.90 -40.30 107.55
CA ARG Z 399 -43.59 -39.88 108.76
C ARG Z 399 -43.06 -40.57 110.01
N LYS Z 400 -42.48 -41.76 109.86
CA LYS Z 400 -41.91 -42.51 110.97
C LYS Z 400 -40.40 -42.36 111.04
N ARG Z 401 -39.84 -41.39 110.32
CA ARG Z 401 -38.40 -41.20 110.26
C ARG Z 401 -37.94 -39.77 110.48
N GLU Z 402 -38.82 -38.78 110.30
CA GLU Z 402 -38.47 -37.37 110.47
C GLU Z 402 -37.30 -36.97 109.58
N ASP Z 416 -47.14 -25.78 113.86
CA ASP Z 416 -47.20 -25.84 115.32
C ASP Z 416 -47.94 -27.07 115.80
N ASN Z 417 -48.76 -27.66 114.93
CA ASN Z 417 -49.55 -28.85 115.26
C ASN Z 417 -49.27 -30.04 114.36
N PHE Z 418 -48.92 -29.79 113.09
CA PHE Z 418 -48.81 -30.85 112.08
C PHE Z 418 -50.11 -31.64 111.94
N ASP Z 419 -51.24 -30.94 112.01
CA ASP Z 419 -52.55 -31.56 111.85
C ASP Z 419 -53.07 -31.46 110.42
N GLU Z 420 -52.61 -30.47 109.64
CA GLU Z 420 -53.06 -30.38 108.25
C GLU Z 420 -52.58 -31.58 107.45
N MET Z 421 -51.37 -32.06 107.71
CA MET Z 421 -50.89 -33.26 107.03
C MET Z 421 -51.78 -34.45 107.36
N ASP Z 422 -52.33 -34.49 108.57
CA ASP Z 422 -53.20 -35.60 108.95
C ASP Z 422 -54.50 -35.57 108.16
N THR Z 423 -55.10 -34.38 108.00
CA THR Z 423 -56.35 -34.29 107.26
C THR Z 423 -56.13 -34.59 105.77
N SER Z 424 -55.03 -34.07 105.20
CA SER Z 424 -54.73 -34.33 103.81
C SER Z 424 -54.50 -35.83 103.57
N ARG Z 425 -53.74 -36.46 104.46
CA ARG Z 425 -53.52 -37.90 104.37
C ARG Z 425 -54.83 -38.66 104.44
N GLU Z 426 -55.79 -38.15 105.20
CA GLU Z 426 -57.06 -38.85 105.37
C GLU Z 426 -57.97 -38.69 104.16
N ILE Z 427 -58.05 -37.47 103.62
CA ILE Z 427 -58.99 -37.21 102.54
C ILE Z 427 -58.57 -37.91 101.25
N VAL Z 428 -57.26 -38.01 101.00
CA VAL Z 428 -56.81 -38.72 99.81
C VAL Z 428 -57.06 -40.21 99.96
N GLN Z 429 -57.14 -40.70 101.21
CA GLN Z 429 -57.47 -42.09 101.43
C GLN Z 429 -58.90 -42.39 100.99
N GLN Z 430 -59.79 -41.41 101.11
CA GLN Z 430 -61.15 -41.59 100.65
C GLN Z 430 -61.23 -41.59 99.12
N LEU Z 431 -60.40 -40.75 98.49
CA LEU Z 431 -60.37 -40.74 97.03
C LEU Z 431 -59.91 -42.07 96.47
N ILE Z 432 -58.81 -42.61 97.01
CA ILE Z 432 -58.35 -43.93 96.61
C ILE Z 432 -59.42 -44.97 96.91
N ASP Z 433 -60.11 -44.83 98.04
CA ASP Z 433 -61.16 -45.79 98.39
C ASP Z 433 -62.34 -45.70 97.43
N GLU Z 434 -62.54 -44.53 96.83
CA GLU Z 434 -63.60 -44.40 95.83
C GLU Z 434 -63.26 -45.18 94.56
N TYR Z 435 -62.01 -45.05 94.11
CA TYR Z 435 -61.59 -45.71 92.87
C TYR Z 435 -61.71 -47.23 92.97
N HIS Z 436 -61.08 -47.82 93.97
CA HIS Z 436 -61.13 -49.27 94.12
C HIS Z 436 -62.56 -49.78 94.26
N ALA Z 437 -63.45 -48.96 94.83
CA ALA Z 437 -64.86 -49.32 94.89
C ALA Z 437 -65.63 -48.84 93.67
N ALA Z 438 -64.99 -48.11 92.76
CA ALA Z 438 -65.66 -47.67 91.55
C ALA Z 438 -65.67 -48.76 90.50
N THR Z 439 -64.94 -49.85 90.71
CA THR Z 439 -64.84 -50.94 89.76
C THR Z 439 -65.70 -52.14 90.14
N ARG Z 440 -66.62 -51.98 91.08
CA ARG Z 440 -67.43 -53.09 91.54
C ARG Z 440 -68.84 -52.99 90.98
N PRO Z 441 -69.56 -54.10 90.85
CA PRO Z 441 -70.94 -54.04 90.36
C PRO Z 441 -71.89 -53.32 91.28
N ASP Z 442 -71.45 -52.91 92.47
CA ASP Z 442 -72.33 -52.20 93.39
C ASP Z 442 -71.70 -50.90 93.85
N TYR Z 443 -71.14 -50.14 92.92
CA TYR Z 443 -70.65 -48.80 93.26
C TYR Z 443 -71.79 -47.88 93.66
N ILE Z 444 -73.01 -48.20 93.22
CA ILE Z 444 -74.18 -47.47 93.68
C ILE Z 444 -74.28 -47.60 95.19
N SER Z 445 -74.27 -46.46 95.88
CA SER Z 445 -74.19 -46.41 97.34
C SER Z 445 -72.93 -47.13 97.84
N ARG AA 3 -73.97 35.29 65.60
CA ARG AA 3 -73.62 35.16 67.00
C ARG AA 3 -72.11 35.01 67.16
N GLU AA 4 -71.50 35.95 67.87
CA GLU AA 4 -70.05 35.99 68.03
C GLU AA 4 -69.69 35.64 69.47
N ILE AA 5 -68.50 35.08 69.65
CA ILE AA 5 -67.99 34.69 70.97
C ILE AA 5 -66.71 35.46 71.24
N ILE AA 6 -66.75 36.37 72.20
CA ILE AA 6 -65.59 37.13 72.62
C ILE AA 6 -64.91 36.40 73.77
N THR AA 7 -63.63 36.09 73.60
CA THR AA 7 -62.90 35.29 74.56
C THR AA 7 -62.04 36.18 75.44
N LEU AA 8 -61.72 35.67 76.63
CA LEU AA 8 -60.88 36.36 77.60
C LEU AA 8 -59.72 35.47 77.99
N GLN AA 9 -58.60 36.09 78.35
CA GLN AA 9 -57.40 35.38 78.78
C GLN AA 9 -56.84 36.09 80.00
N LEU AA 10 -56.74 35.37 81.11
CA LEU AA 10 -56.23 35.92 82.35
C LEU AA 10 -55.06 35.10 82.85
N GLY AA 11 -54.08 35.78 83.45
CA GLY AA 11 -52.94 35.11 84.04
C GLY AA 11 -51.99 34.48 83.05
N GLN AA 12 -50.83 34.05 83.53
CA GLN AA 12 -49.83 33.46 82.65
C GLN AA 12 -50.37 32.23 81.95
N CYS AA 13 -51.17 31.43 82.65
CA CYS AA 13 -51.76 30.24 82.05
C CYS AA 13 -52.72 30.62 80.93
N GLY AA 14 -53.71 31.44 81.23
CA GLY AA 14 -54.71 31.78 80.23
C GLY AA 14 -54.10 32.42 79.00
N ASN AA 15 -53.06 33.22 79.17
CA ASN AA 15 -52.38 33.80 78.03
C ASN AA 15 -51.70 32.74 77.19
N GLN AA 16 -50.98 31.81 77.83
CA GLN AA 16 -50.20 30.84 77.09
C GLN AA 16 -51.10 29.85 76.35
N ILE AA 17 -52.16 29.38 77.00
CA ILE AA 17 -53.06 28.46 76.31
C ILE AA 17 -53.82 29.20 75.22
N GLY AA 18 -54.27 30.43 75.49
CA GLY AA 18 -54.98 31.18 74.47
C GLY AA 18 -54.09 31.57 73.31
N PHE AA 19 -52.86 32.00 73.60
CA PHE AA 19 -51.93 32.33 72.53
C PHE AA 19 -51.64 31.12 71.66
N GLU AA 20 -51.61 29.92 72.26
CA GLU AA 20 -51.41 28.72 71.46
C GLU AA 20 -52.74 28.16 70.96
N PHE AA 21 -53.87 28.61 71.53
CA PHE AA 21 -55.16 28.26 70.94
C PHE AA 21 -55.37 29.02 69.64
N TRP AA 22 -55.03 30.30 69.62
CA TRP AA 22 -55.19 31.11 68.41
C TRP AA 22 -54.26 30.61 67.31
N LYS AA 23 -53.04 30.23 67.67
CA LYS AA 23 -52.09 29.74 66.68
C LYS AA 23 -52.59 28.46 66.03
N GLN AA 24 -53.28 27.62 66.79
CA GLN AA 24 -53.88 26.43 66.21
C GLN AA 24 -55.05 26.79 65.31
N LEU AA 25 -55.76 27.86 65.63
CA LEU AA 25 -56.89 28.27 64.80
C LEU AA 25 -56.42 29.05 63.57
N CYS AA 26 -55.44 29.94 63.75
CA CYS AA 26 -54.96 30.73 62.61
C CYS AA 26 -54.40 29.85 61.51
N ALA AA 27 -53.81 28.70 61.86
CA ALA AA 27 -53.30 27.80 60.85
C ALA AA 27 -54.39 26.92 60.28
N GLU AA 28 -55.37 26.55 61.11
CA GLU AA 28 -56.46 25.69 60.65
C GLU AA 28 -57.31 26.42 59.61
N HIS AA 29 -57.25 27.75 59.60
CA HIS AA 29 -57.78 28.55 58.51
C HIS AA 29 -56.62 29.07 57.66
N GLY AA 30 -56.96 29.59 56.48
CA GLY AA 30 -55.94 30.13 55.61
C GLY AA 30 -55.57 31.56 55.97
N ILE AA 31 -55.09 31.75 57.19
CA ILE AA 31 -54.79 33.08 57.72
C ILE AA 31 -53.31 33.11 58.09
N SER AA 32 -52.58 34.07 57.52
CA SER AA 32 -51.19 34.24 57.88
C SER AA 32 -51.07 34.91 59.24
N PRO AA 33 -49.97 34.66 59.95
CA PRO AA 33 -49.78 35.30 61.27
C PRO AA 33 -49.81 36.82 61.19
N GLU AA 34 -49.68 37.37 60.00
CA GLU AA 34 -49.79 38.81 59.79
C GLU AA 34 -51.23 39.30 59.75
N ALA AA 35 -52.18 38.48 60.17
CA ALA AA 35 -53.61 38.80 60.13
C ALA AA 35 -54.09 39.06 58.71
N ILE AA 36 -53.48 38.39 57.74
CA ILE AA 36 -53.83 38.54 56.33
C ILE AA 36 -54.22 37.18 55.79
N VAL AA 37 -55.34 37.11 55.07
CA VAL AA 37 -55.81 35.85 54.54
C VAL AA 37 -54.90 35.39 53.40
N GLU AA 38 -54.55 34.11 53.41
CA GLU AA 38 -53.77 33.49 52.35
C GLU AA 38 -54.69 32.81 51.36
N GLU AA 39 -54.34 32.88 50.08
CA GLU AA 39 -55.20 32.31 49.05
C GLU AA 39 -55.19 30.78 49.11
N PHE AA 40 -54.02 30.18 49.27
CA PHE AA 40 -53.86 28.73 49.30
C PHE AA 40 -54.61 28.03 48.18
N THR AA 45 -65.36 28.52 52.78
CA THR AA 45 -66.31 27.47 53.11
C THR AA 45 -66.40 27.27 54.62
N ASP AA 46 -65.29 27.47 55.32
CA ASP AA 46 -65.26 27.34 56.77
C ASP AA 46 -65.76 28.63 57.40
N ARG AA 47 -66.81 28.52 58.21
CA ARG AA 47 -67.36 29.67 58.92
C ARG AA 47 -66.32 30.20 59.90
N LYS AA 48 -65.90 31.46 59.71
CA LYS AA 48 -64.85 32.05 60.52
C LYS AA 48 -65.29 33.35 61.18
N ASP AA 49 -66.58 33.65 61.13
CA ASP AA 49 -67.12 34.94 61.66
C ASP AA 49 -67.43 34.88 63.17
N VAL AA 50 -67.36 33.69 63.78
CA VAL AA 50 -67.66 33.57 65.21
C VAL AA 50 -66.50 34.10 66.03
N PHE AA 51 -65.29 33.65 65.73
CA PHE AA 51 -64.12 34.05 66.51
C PHE AA 51 -63.36 35.23 65.92
N PHE AA 52 -63.52 35.50 64.63
CA PHE AA 52 -62.76 36.53 63.95
C PHE AA 52 -63.69 37.62 63.44
N TYR AA 53 -63.19 38.86 63.46
CA TYR AA 53 -63.95 40.02 63.05
C TYR AA 53 -63.31 40.62 61.80
N GLN AA 54 -64.10 40.75 60.74
CA GLN AA 54 -63.60 41.27 59.47
C GLN AA 54 -63.39 42.78 59.52
N TYR AA 60 -58.84 40.12 59.08
CA TYR AA 60 -59.40 39.30 60.16
C TYR AA 60 -58.69 39.59 61.47
N ILE AA 61 -59.47 39.83 62.52
CA ILE AA 61 -58.94 40.12 63.84
C ILE AA 61 -59.64 39.24 64.88
N PRO AA 62 -58.91 38.55 65.74
CA PRO AA 62 -59.56 37.74 66.78
C PRO AA 62 -60.17 38.60 67.86
N ARG AA 63 -61.32 38.17 68.36
CA ARG AA 63 -62.03 38.88 69.43
C ARG AA 63 -61.51 38.39 70.78
N ALA AA 64 -60.36 38.91 71.16
CA ALA AA 64 -59.72 38.54 72.42
C ALA AA 64 -59.43 39.78 73.25
N VAL AA 65 -59.56 39.63 74.57
CA VAL AA 65 -59.29 40.70 75.53
C VAL AA 65 -58.33 40.12 76.56
N LEU AA 66 -57.03 40.26 76.31
CA LEU AA 66 -56.03 39.72 77.23
C LEU AA 66 -55.91 40.60 78.45
N LEU AA 67 -55.30 40.06 79.50
CA LEU AA 67 -55.04 40.82 80.72
C LEU AA 67 -53.81 40.28 81.45
N ARG AA 72 -46.24 40.15 82.25
CA ARG AA 72 -45.01 40.33 81.50
C ARG AA 72 -44.88 39.28 80.40
N VAL AA 73 -45.83 38.35 80.39
CA VAL AA 73 -45.95 37.42 79.27
C VAL AA 73 -46.52 38.13 78.05
N ILE AA 74 -47.24 39.24 78.27
CA ILE AA 74 -47.78 40.01 77.15
C ILE AA 74 -46.66 40.50 76.24
N HIS AA 75 -45.54 40.90 76.82
CA HIS AA 75 -44.39 41.32 76.01
C HIS AA 75 -43.85 40.16 75.18
N SER AA 76 -43.93 38.94 75.71
CA SER AA 76 -43.48 37.78 74.96
C SER AA 76 -44.33 37.56 73.71
N ILE AA 77 -45.60 37.97 73.76
CA ILE AA 77 -46.46 37.86 72.59
C ILE AA 77 -46.16 38.99 71.61
N LEU AA 78 -45.91 40.20 72.13
CA LEU AA 78 -45.64 41.35 71.27
C LEU AA 78 -44.32 41.21 70.51
N ASN AA 79 -43.39 40.39 71.00
CA ASN AA 79 -42.18 40.12 70.24
C ASN AA 79 -42.31 38.91 69.32
N SER AA 80 -43.27 38.03 69.59
CA SER AA 80 -43.49 36.88 68.73
C SER AA 80 -43.95 37.35 67.35
N PRO AA 81 -43.78 36.51 66.32
CA PRO AA 81 -44.19 36.91 64.96
C PRO AA 81 -45.67 37.23 64.83
N TYR AA 82 -46.47 37.00 65.87
CA TYR AA 82 -47.91 37.25 65.84
C TYR AA 82 -48.27 38.60 66.45
N ALA AA 83 -47.36 39.57 66.37
CA ALA AA 83 -47.59 40.85 67.02
C ALA AA 83 -48.68 41.67 66.34
N LYS AA 84 -48.93 41.43 65.06
CA LYS AA 84 -49.95 42.17 64.32
C LYS AA 84 -51.30 41.46 64.30
N LEU AA 85 -51.62 40.68 65.33
CA LEU AA 85 -52.90 39.98 65.41
C LEU AA 85 -53.82 40.57 66.46
N TYR AA 86 -53.39 41.58 67.20
CA TYR AA 86 -54.22 42.15 68.26
C TYR AA 86 -54.30 43.67 68.17
N GLY AA 101 -50.30 39.57 93.62
CA GLY AA 101 -49.19 38.65 93.76
C GLY AA 101 -49.59 37.20 93.57
N ASN AA 102 -49.52 36.43 94.65
CA ASN AA 102 -49.93 35.03 94.63
C ASN AA 102 -51.11 34.77 95.56
N ASN AA 103 -51.70 35.81 96.11
CA ASN AA 103 -52.86 35.69 97.00
C ASN AA 103 -54.13 35.88 96.20
N TRP AA 104 -55.15 35.08 96.54
CA TRP AA 104 -56.46 35.26 95.93
C TRP AA 104 -57.03 36.63 96.26
N ALA AA 105 -56.69 37.16 97.43
CA ALA AA 105 -57.17 38.49 97.80
C ALA AA 105 -56.51 39.56 96.95
N SER AA 106 -55.25 39.35 96.56
CA SER AA 106 -54.59 40.32 95.69
C SER AA 106 -55.26 40.35 94.32
N GLY AA 107 -55.77 39.21 93.86
CA GLY AA 107 -56.46 39.18 92.59
C GLY AA 107 -57.83 39.83 92.65
N PHE AA 108 -58.56 39.62 93.75
CA PHE AA 108 -59.89 40.22 93.86
C PHE AA 108 -59.81 41.69 94.23
N SER AA 109 -58.76 42.09 94.94
CA SER AA 109 -58.63 43.50 95.32
C SER AA 109 -58.27 44.35 94.12
N GLN AA 110 -57.17 44.03 93.45
CA GLN AA 110 -56.73 44.82 92.30
C GLN AA 110 -57.79 44.83 91.20
N GLY AA 111 -58.52 43.73 91.05
CA GLY AA 111 -59.59 43.71 90.07
C GLY AA 111 -60.69 44.72 90.35
N GLU AA 112 -60.86 45.09 91.61
CA GLU AA 112 -61.83 46.13 91.95
C GLU AA 112 -61.29 47.53 91.66
N LYS AA 113 -59.96 47.69 91.69
CA LYS AA 113 -59.38 49.01 91.44
C LYS AA 113 -59.45 49.40 89.97
N ILE AA 114 -59.54 48.42 89.07
CA ILE AA 114 -59.59 48.69 87.63
C ILE AA 114 -60.94 48.25 87.09
N HIS AA 115 -61.98 48.36 87.92
CA HIS AA 115 -63.32 47.95 87.52
C HIS AA 115 -63.76 48.68 86.25
N GLU AA 116 -63.46 49.98 86.16
CA GLU AA 116 -63.92 50.75 85.01
C GLU AA 116 -62.97 50.59 83.82
N ASP AA 117 -61.71 50.27 84.08
CA ASP AA 117 -60.73 50.20 83.00
C ASP AA 117 -60.99 49.01 82.08
N ILE AA 118 -61.02 47.80 82.65
CA ILE AA 118 -61.16 46.62 81.82
C ILE AA 118 -62.60 46.43 81.35
N PHE AA 119 -63.57 47.06 82.02
CA PHE AA 119 -64.93 47.02 81.53
C PHE AA 119 -65.20 48.02 80.43
N ASP AA 120 -64.35 49.03 80.28
CA ASP AA 120 -64.44 49.89 79.11
C ASP AA 120 -64.14 49.08 77.85
N ILE AA 121 -63.13 48.22 77.91
CA ILE AA 121 -62.73 47.44 76.74
C ILE AA 121 -63.80 46.42 76.38
N ILE AA 122 -64.27 45.67 77.39
CA ILE AA 122 -65.25 44.62 77.13
C ILE AA 122 -66.55 45.22 76.59
N ASP AA 123 -66.95 46.37 77.13
CA ASP AA 123 -68.18 47.00 76.66
C ASP AA 123 -68.04 47.52 75.24
N ARG AA 124 -66.93 48.18 74.93
CA ARG AA 124 -66.72 48.68 73.57
C ARG AA 124 -66.55 47.54 72.59
N GLU AA 125 -66.14 46.37 73.07
CA GLU AA 125 -66.04 45.20 72.20
C GLU AA 125 -67.37 44.48 72.11
N ALA AA 126 -68.28 44.74 73.04
CA ALA AA 126 -69.58 44.06 73.02
C ALA AA 126 -70.52 44.69 72.00
N ASP AA 127 -70.74 46.00 72.11
CA ASP AA 127 -71.69 46.66 71.22
C ASP AA 127 -71.21 46.69 69.78
N GLY AA 128 -69.91 46.73 69.54
CA GLY AA 128 -69.41 46.68 68.18
C GLY AA 128 -69.73 45.39 67.48
N SER AA 129 -69.94 44.32 68.23
CA SER AA 129 -70.36 43.05 67.66
C SER AA 129 -71.85 43.05 67.37
N ASP AA 130 -72.25 42.24 66.40
CA ASP AA 130 -73.66 42.20 66.00
C ASP AA 130 -74.54 41.74 67.15
N SER AA 131 -74.36 40.49 67.59
CA SER AA 131 -75.18 39.90 68.65
C SER AA 131 -74.28 39.00 69.47
N LEU AA 132 -73.93 39.44 70.67
CA LEU AA 132 -73.05 38.67 71.53
C LEU AA 132 -73.71 37.38 71.98
N GLU AA 133 -72.91 36.32 72.08
CA GLU AA 133 -73.42 35.01 72.43
C GLU AA 133 -72.83 34.46 73.72
N GLY AA 134 -71.51 34.54 73.89
CA GLY AA 134 -70.89 33.97 75.06
C GLY AA 134 -69.60 34.65 75.48
N PHE AA 135 -68.97 34.14 76.52
CA PHE AA 135 -67.68 34.66 77.01
C PHE AA 135 -66.81 33.46 77.37
N VAL AA 136 -66.10 32.92 76.39
CA VAL AA 136 -65.19 31.82 76.68
C VAL AA 136 -63.98 32.36 77.41
N LEU AA 137 -63.86 32.00 78.69
CA LEU AA 137 -62.85 32.56 79.57
C LEU AA 137 -61.82 31.49 79.91
N CYS AA 138 -60.55 31.76 79.63
CA CYS AA 138 -59.47 30.80 79.84
C CYS AA 138 -58.61 31.29 80.99
N HIS AA 139 -58.66 30.58 82.12
CA HIS AA 139 -57.88 30.93 83.29
C HIS AA 139 -57.60 29.68 84.10
N SER AA 140 -56.50 29.71 84.84
CA SER AA 140 -56.14 28.62 85.74
C SER AA 140 -56.45 29.01 87.17
N ILE AA 141 -57.10 28.10 87.91
CA ILE AA 141 -57.50 28.39 89.29
C ILE AA 141 -56.37 28.24 90.28
N ALA AA 142 -55.18 27.85 89.85
CA ALA AA 142 -54.05 27.68 90.75
C ALA AA 142 -53.37 29.03 91.02
N GLY AA 144 -51.81 32.57 90.03
CA GLY AA 144 -52.01 33.46 91.15
C GLY AA 144 -53.09 34.49 90.92
N THR AA 145 -52.75 35.55 90.18
CA THR AA 145 -53.70 36.63 89.94
C THR AA 145 -54.85 36.21 89.04
N GLY AA 146 -54.64 35.23 88.17
CA GLY AA 146 -55.74 34.73 87.35
C GLY AA 146 -56.86 34.15 88.18
N SER AA 147 -56.53 33.65 89.38
CA SER AA 147 -57.54 33.10 90.26
C SER AA 147 -58.41 34.20 90.87
N GLY AA 148 -57.76 35.22 91.44
CA GLY AA 148 -58.50 36.28 92.10
C GLY AA 148 -59.20 37.20 91.11
N LEU AA 149 -58.58 37.46 89.97
CA LEU AA 149 -59.21 38.32 88.97
C LEU AA 149 -60.38 37.60 88.30
N GLY AA 150 -60.19 36.34 87.94
CA GLY AA 150 -61.28 35.58 87.33
C GLY AA 150 -62.47 35.44 88.24
N SER AA 151 -62.23 35.31 89.54
CA SER AA 151 -63.31 35.29 90.51
C SER AA 151 -64.07 36.61 90.50
N TYR AA 152 -63.35 37.70 90.22
CA TYR AA 152 -64.00 39.01 90.18
C TYR AA 152 -64.83 39.18 88.91
N LEU AA 153 -64.30 38.71 87.78
CA LEU AA 153 -65.02 38.89 86.52
C LEU AA 153 -66.30 38.08 86.49
N LEU AA 154 -66.22 36.79 86.83
CA LEU AA 154 -67.40 35.92 86.75
C LEU AA 154 -68.52 36.44 87.64
N GLU AA 155 -68.17 37.21 88.67
CA GLU AA 155 -69.20 37.85 89.49
C GLU AA 155 -69.78 39.06 88.78
N ARG AA 156 -68.92 39.88 88.18
CA ARG AA 156 -69.37 41.15 87.62
C ARG AA 156 -70.12 40.96 86.30
N LEU AA 157 -69.82 39.88 85.56
CA LEU AA 157 -70.50 39.66 84.30
C LEU AA 157 -71.98 39.36 84.50
N ASN AA 158 -72.31 38.61 85.56
CA ASN AA 158 -73.70 38.23 85.79
C ASN AA 158 -74.53 39.44 86.20
N ASP AA 159 -73.89 40.50 86.68
CA ASP AA 159 -74.63 41.71 87.04
C ASP AA 159 -75.10 42.45 85.79
N ARG AA 160 -74.17 42.82 84.92
CA ARG AA 160 -74.51 43.63 83.76
C ARG AA 160 -75.10 42.79 82.63
N TYR AA 161 -74.45 41.67 82.32
CA TYR AA 161 -74.90 40.80 81.22
C TYR AA 161 -75.61 39.59 81.82
N PRO AA 162 -76.95 39.58 81.87
CA PRO AA 162 -77.65 38.47 82.53
C PRO AA 162 -78.09 37.40 81.55
N LYS AA 163 -77.91 37.63 80.25
CA LYS AA 163 -78.39 36.70 79.23
C LYS AA 163 -77.25 36.14 78.38
N LYS AA 164 -76.01 36.26 78.85
CA LYS AA 164 -74.84 35.82 78.09
C LYS AA 164 -74.24 34.60 78.77
N LEU AA 165 -74.12 33.50 78.03
CA LEU AA 165 -73.45 32.32 78.53
C LEU AA 165 -71.98 32.65 78.81
N VAL AA 166 -71.43 31.99 79.84
CA VAL AA 166 -70.05 32.20 80.24
C VAL AA 166 -69.40 30.83 80.42
N GLN AA 167 -68.78 30.33 79.35
CA GLN AA 167 -68.04 29.09 79.40
C GLN AA 167 -66.59 29.38 79.81
N THR AA 168 -66.00 28.45 80.55
CA THR AA 168 -64.65 28.63 81.07
C THR AA 168 -63.84 27.37 80.83
N TYR AA 169 -62.64 27.52 80.28
CA TYR AA 169 -61.70 26.42 80.16
C TYR AA 169 -60.69 26.45 81.30
N SER AA 170 -61.20 26.24 82.51
CA SER AA 170 -60.36 26.31 83.69
C SER AA 170 -59.38 25.14 83.74
N VAL AA 171 -58.20 25.39 84.30
CA VAL AA 171 -57.12 24.43 84.38
C VAL AA 171 -56.83 24.15 85.84
N PHE AA 172 -56.82 22.85 86.22
CA PHE AA 172 -56.56 22.43 87.60
C PHE AA 172 -55.09 22.09 87.79
N PRO AA 173 -54.53 22.39 88.96
CA PRO AA 173 -53.11 22.11 89.26
C PRO AA 173 -52.87 20.65 89.61
N VAL AA 183 -50.83 27.52 100.32
CA VAL AA 183 -51.83 28.52 99.98
C VAL AA 183 -52.59 28.06 98.74
N GLN AA 184 -51.95 27.18 97.97
CA GLN AA 184 -52.56 26.67 96.74
C GLN AA 184 -53.92 26.04 96.98
N PRO AA 185 -54.17 25.26 98.04
CA PRO AA 185 -55.53 24.78 98.26
C PRO AA 185 -56.54 25.89 98.49
N TYR AA 186 -56.11 27.01 99.07
CA TYR AA 186 -57.03 28.12 99.33
C TYR AA 186 -57.48 28.78 98.03
N ASN AA 187 -56.52 29.27 97.25
CA ASN AA 187 -56.87 29.97 96.02
C ASN AA 187 -57.65 29.08 95.07
N SER AA 188 -57.42 27.77 95.11
CA SER AA 188 -58.11 26.86 94.22
C SER AA 188 -59.59 26.78 94.56
N LEU AA 189 -59.91 26.49 95.83
CA LEU AA 189 -61.31 26.27 96.18
C LEU AA 189 -62.11 27.57 96.12
N LEU AA 190 -61.48 28.70 96.41
CA LEU AA 190 -62.21 29.96 96.43
C LEU AA 190 -62.79 30.28 95.05
N THR AA 191 -62.05 29.96 93.99
CA THR AA 191 -62.59 30.13 92.65
C THR AA 191 -63.75 29.17 92.40
N LEU AA 192 -63.71 27.99 93.04
CA LEU AA 192 -64.77 27.02 92.85
C LEU AA 192 -66.09 27.53 93.42
N LYS AA 193 -66.04 28.43 94.40
CA LYS AA 193 -67.27 29.02 94.89
C LYS AA 193 -67.98 29.81 93.81
N ARG AA 194 -67.22 30.57 93.02
CA ARG AA 194 -67.79 31.34 91.93
C ARG AA 194 -68.11 30.48 90.72
N LEU AA 195 -67.28 29.48 90.43
CA LEU AA 195 -67.47 28.65 89.25
C LEU AA 195 -68.64 27.69 89.38
N THR AA 196 -69.24 27.57 90.56
CA THR AA 196 -70.39 26.69 90.73
C THR AA 196 -71.72 27.42 90.72
N GLN AA 197 -71.72 28.75 90.62
CA GLN AA 197 -72.98 29.47 90.59
C GLN AA 197 -73.02 30.55 89.52
N ASN AA 198 -71.87 30.87 88.92
CA ASN AA 198 -71.83 31.88 87.87
C ASN AA 198 -71.60 31.29 86.49
N ALA AA 199 -70.55 30.50 86.34
CA ALA AA 199 -70.19 29.95 85.04
C ALA AA 199 -71.23 28.94 84.58
N ASP AA 200 -71.87 29.21 83.45
CA ASP AA 200 -72.89 28.32 82.90
C ASP AA 200 -72.32 27.04 82.31
N CYS AA 201 -71.00 26.90 82.30
CA CYS AA 201 -70.36 25.66 81.88
C CYS AA 201 -68.93 25.69 82.43
N LEU AA 202 -68.27 24.54 82.36
CA LEU AA 202 -66.89 24.47 82.79
C LEU AA 202 -66.26 23.20 82.24
N VAL AA 203 -65.07 23.34 81.69
CA VAL AA 203 -64.32 22.22 81.12
C VAL AA 203 -63.04 22.09 81.94
N VAL AA 204 -62.88 20.97 82.61
CA VAL AA 204 -61.74 20.78 83.49
C VAL AA 204 -60.59 20.20 82.70
N LEU AA 205 -59.38 20.67 83.02
CA LEU AA 205 -58.14 20.18 82.42
C LEU AA 205 -57.06 20.27 83.48
N ASP AA 206 -56.82 19.17 84.18
CA ASP AA 206 -55.87 19.16 85.28
C ASP AA 206 -54.47 18.89 84.75
N ASN AA 207 -53.48 19.60 85.29
CA ASN AA 207 -52.10 19.42 84.86
C ASN AA 207 -51.54 18.07 85.30
N THR AA 208 -52.09 17.46 86.34
CA THR AA 208 -51.56 16.20 86.83
C THR AA 208 -51.78 15.07 85.81
N ALA AA 209 -53.04 14.86 85.42
CA ALA AA 209 -53.33 13.82 84.44
C ALA AA 209 -52.70 14.13 83.09
N LEU AA 210 -52.58 15.41 82.75
CA LEU AA 210 -51.88 15.79 81.52
C LEU AA 210 -50.40 15.43 81.61
N ASN AA 211 -49.80 15.62 82.79
CA ASN AA 211 -48.37 15.32 82.93
C ASN AA 211 -48.09 13.84 82.74
N ARG AA 212 -49.04 12.98 83.13
CA ARG AA 212 -48.88 11.56 82.88
C ARG AA 212 -48.84 11.27 81.39
N ILE AA 213 -49.83 11.77 80.65
CA ILE AA 213 -49.85 11.58 79.20
C ILE AA 213 -48.63 12.23 78.57
N ALA AA 214 -48.11 13.28 79.20
CA ALA AA 214 -46.84 13.85 78.75
C ALA AA 214 -45.70 12.86 79.00
N THR AA 215 -45.78 12.07 80.07
CA THR AA 215 -44.72 11.12 80.38
C THR AA 215 -44.96 9.77 79.71
N ASP AA 216 -46.20 9.30 79.68
CA ASP AA 216 -46.48 7.95 79.17
C ASP AA 216 -46.20 7.85 77.68
N ARG AA 217 -46.90 8.66 76.87
CA ARG AA 217 -46.85 8.52 75.42
C ARG AA 217 -46.05 9.62 74.73
N LEU AA 218 -45.45 10.53 75.50
CA LEU AA 218 -44.58 11.55 74.93
C LEU AA 218 -43.18 11.58 75.51
N HIS AA 219 -42.98 11.04 76.72
CA HIS AA 219 -41.66 10.88 77.32
C HIS AA 219 -40.91 12.21 77.41
N ILE AA 220 -41.49 13.14 78.17
CA ILE AA 220 -40.88 14.45 78.32
C ILE AA 220 -39.84 14.50 79.44
N GLN AA 221 -39.90 13.58 80.39
CA GLN AA 221 -38.97 13.57 81.51
C GLN AA 221 -38.85 12.18 82.13
N SER AA 224 -42.55 19.77 80.91
CA SER AA 224 -42.36 21.13 80.42
C SER AA 224 -43.70 21.75 80.00
N PHE AA 225 -43.89 23.02 80.33
CA PHE AA 225 -45.14 23.69 80.00
C PHE AA 225 -45.30 23.85 78.50
N SER AA 226 -44.20 24.10 77.80
CA SER AA 226 -44.25 24.29 76.35
C SER AA 226 -44.68 23.05 75.60
N GLN AA 227 -44.80 21.90 76.26
CA GLN AA 227 -45.25 20.68 75.62
C GLN AA 227 -46.67 20.28 76.01
N ILE AA 228 -47.01 20.37 77.29
CA ILE AA 228 -48.35 19.98 77.72
C ILE AA 228 -49.39 20.93 77.14
N ASN AA 229 -49.03 22.20 76.94
CA ASN AA 229 -49.98 23.13 76.34
C ASN AA 229 -50.29 22.76 74.90
N GLN AA 230 -49.38 22.07 74.23
CA GLN AA 230 -49.67 21.59 72.88
C GLN AA 230 -50.85 20.63 72.89
N LEU AA 231 -50.98 19.86 73.97
CA LEU AA 231 -52.14 18.99 74.11
C LEU AA 231 -53.38 19.79 74.50
N VAL AA 232 -53.21 20.81 75.34
CA VAL AA 232 -54.33 21.66 75.73
C VAL AA 232 -54.88 22.39 74.51
N SER AA 233 -53.98 22.95 73.68
CA SER AA 233 -54.43 23.63 72.47
C SER AA 233 -55.12 22.67 71.51
N THR AA 234 -54.79 21.38 71.57
CA THR AA 234 -55.48 20.40 70.74
C THR AA 234 -56.89 20.16 71.27
N ILE AA 235 -57.08 20.29 72.58
CA ILE AA 235 -58.41 20.06 73.15
C ILE AA 235 -59.29 21.28 72.98
N MET AA 236 -58.73 22.48 73.17
CA MET AA 236 -59.53 23.70 73.02
C MET AA 236 -59.98 23.91 71.59
N SER AA 237 -59.07 23.73 70.64
CA SER AA 237 -59.43 23.92 69.24
C SER AA 237 -60.47 22.91 68.77
N ALA AA 238 -60.25 21.64 69.08
CA ALA AA 238 -61.18 20.60 68.64
C ALA AA 238 -62.50 20.67 69.39
N SER AA 239 -62.59 21.49 70.45
CA SER AA 239 -63.86 21.61 71.16
C SER AA 239 -64.89 22.37 70.35
N THR AA 240 -64.48 23.47 69.70
CA THR AA 240 -65.37 24.30 68.90
C THR AA 240 -65.23 24.01 67.42
N THR AA 241 -65.04 22.74 67.06
CA THR AA 241 -64.92 22.40 65.65
C THR AA 241 -66.28 22.41 64.97
N THR AA 242 -67.36 22.23 65.75
CA THR AA 242 -68.69 22.22 65.16
C THR AA 242 -69.23 23.62 64.95
N LEU AA 243 -68.71 24.62 65.67
CA LEU AA 243 -69.14 26.00 65.43
C LEU AA 243 -68.53 26.56 64.17
N ARG AA 244 -67.24 26.29 63.93
CA ARG AA 244 -66.54 26.85 62.78
C ARG AA 244 -66.83 26.10 61.50
N TYR AA 245 -67.18 24.81 61.58
CA TYR AA 245 -67.57 24.04 60.42
C TYR AA 245 -69.05 23.69 60.55
N PRO AA 246 -69.94 24.40 59.85
CA PRO AA 246 -71.37 24.18 60.06
C PRO AA 246 -71.84 22.86 59.47
N GLY AA 247 -72.64 22.14 60.25
CA GLY AA 247 -73.20 20.88 59.81
C GLY AA 247 -74.70 20.83 60.01
N TYR AA 248 -75.25 19.63 60.16
CA TYR AA 248 -76.72 19.49 60.34
C TYR AA 248 -77.19 20.20 61.62
N MET AA 249 -76.48 19.97 62.73
CA MET AA 249 -76.83 20.55 64.02
C MET AA 249 -75.61 21.22 64.65
N ASN AA 250 -75.83 21.77 65.85
CA ASN AA 250 -74.77 22.34 66.68
C ASN AA 250 -74.10 23.53 65.98
N ASN AA 251 -74.92 24.50 65.60
CA ASN AA 251 -74.44 25.72 64.97
C ASN AA 251 -74.41 26.89 65.93
N ASP AA 252 -74.46 26.64 67.22
CA ASP AA 252 -74.45 27.69 68.23
C ASP AA 252 -74.00 27.10 69.55
N LEU AA 253 -73.36 27.94 70.38
CA LEU AA 253 -72.78 27.44 71.62
C LEU AA 253 -73.84 26.86 72.54
N ILE AA 254 -75.03 27.45 72.57
CA ILE AA 254 -76.09 26.98 73.47
C ILE AA 254 -76.61 25.62 73.01
N GLY AA 255 -76.23 25.19 71.82
CA GLY AA 255 -76.60 23.84 71.39
C GLY AA 255 -75.70 22.77 71.98
N LEU AA 256 -74.43 23.10 72.22
CA LEU AA 256 -73.52 22.15 72.84
C LEU AA 256 -73.70 22.11 74.36
N ILE AA 257 -74.22 23.18 74.94
CA ILE AA 257 -74.31 23.27 76.39
C ILE AA 257 -75.55 22.55 76.90
N ALA AA 258 -76.73 22.96 76.43
CA ALA AA 258 -77.97 22.45 76.99
C ALA AA 258 -78.14 20.95 76.79
N SER AA 259 -77.39 20.35 75.85
CA SER AA 259 -77.53 18.91 75.65
C SER AA 259 -76.90 18.12 76.78
N LEU AA 260 -75.72 18.54 77.23
CA LEU AA 260 -75.00 17.78 78.25
C LEU AA 260 -75.48 18.14 79.64
N ILE AA 261 -75.44 19.42 79.99
CA ILE AA 261 -75.78 19.90 81.32
C ILE AA 261 -77.29 19.82 81.55
N PRO AA 262 -77.79 18.88 82.35
CA PRO AA 262 -79.23 18.76 82.54
C PRO AA 262 -79.79 19.77 83.53
N THR AA 263 -79.04 20.05 84.59
CA THR AA 263 -79.46 20.93 85.66
C THR AA 263 -78.39 21.98 85.92
N PRO AA 264 -78.77 23.16 86.40
CA PRO AA 264 -77.79 24.26 86.53
C PRO AA 264 -76.58 23.94 87.38
N ARG AA 265 -76.64 22.91 88.23
CA ARG AA 265 -75.53 22.63 89.13
C ARG AA 265 -74.51 21.67 88.54
N LEU AA 266 -74.96 20.55 87.97
CA LEU AA 266 -74.05 19.55 87.41
C LEU AA 266 -73.52 20.03 86.05
N HIS AA 267 -72.69 21.06 86.10
CA HIS AA 267 -72.18 21.71 84.91
C HIS AA 267 -70.67 21.63 84.82
N PHE AA 268 -70.12 20.44 85.00
CA PHE AA 268 -68.68 20.20 84.87
C PHE AA 268 -68.46 19.10 83.85
N LEU AA 269 -67.58 19.34 82.88
CA LEU AA 269 -67.34 18.41 81.80
C LEU AA 269 -65.87 18.04 81.71
N MET AA 270 -65.61 16.80 81.32
CA MET AA 270 -64.27 16.30 81.06
C MET AA 270 -64.16 15.85 79.62
N THR AA 271 -62.93 15.79 79.12
CA THR AA 271 -62.67 15.56 77.71
C THR AA 271 -61.94 14.25 77.49
N GLY AA 272 -61.96 13.78 76.25
CA GLY AA 272 -61.26 12.58 75.83
C GLY AA 272 -60.83 12.64 74.38
N TYR AA 273 -59.55 12.40 74.10
CA TYR AA 273 -58.97 12.62 72.77
C TYR AA 273 -58.05 11.45 72.46
N THR AA 274 -58.47 10.58 71.54
CA THR AA 274 -57.71 9.36 71.30
C THR AA 274 -56.46 9.49 70.43
N PRO AA 275 -56.42 10.30 69.34
CA PRO AA 275 -55.27 10.20 68.43
C PRO AA 275 -54.05 10.89 69.01
N LEU AA 276 -53.09 10.07 69.47
CA LEU AA 276 -51.87 10.60 70.06
C LEU AA 276 -50.62 9.95 69.44
N THR AA 288 -59.04 2.08 60.07
CA THR AA 288 -59.61 2.67 61.27
C THR AA 288 -61.05 3.09 61.04
N THR AA 289 -61.99 2.41 61.69
CA THR AA 289 -63.40 2.72 61.57
C THR AA 289 -63.88 3.48 62.80
N VAL AA 290 -65.15 3.88 62.76
CA VAL AA 290 -65.73 4.61 63.89
C VAL AA 290 -65.73 3.75 65.15
N LEU AA 291 -65.78 2.42 64.99
CA LEU AA 291 -65.76 1.55 66.16
C LEU AA 291 -64.39 1.58 66.82
N ASP AA 292 -63.33 1.76 66.04
CA ASP AA 292 -62.00 1.85 66.61
C ASP AA 292 -61.86 3.10 67.48
N VAL AA 293 -62.44 4.21 67.04
CA VAL AA 293 -62.32 5.46 67.79
C VAL AA 293 -63.23 5.45 69.02
N MET AA 294 -64.46 4.98 68.84
CA MET AA 294 -65.41 5.02 69.95
C MET AA 294 -64.96 4.13 71.11
N ARG AA 295 -64.30 3.01 70.81
CA ARG AA 295 -63.86 2.14 71.89
C ARG AA 295 -62.70 2.73 72.68
N ARG AA 296 -61.85 3.52 72.01
CA ARG AA 296 -60.70 4.09 72.69
C ARG AA 296 -61.06 5.28 73.58
N LEU AA 297 -62.14 5.99 73.27
CA LEU AA 297 -62.50 7.17 74.06
C LEU AA 297 -62.98 6.77 75.46
N LEU AA 298 -63.60 5.60 75.57
CA LEU AA 298 -64.16 5.16 76.84
C LEU AA 298 -63.14 4.51 77.75
N GLN AA 299 -61.92 4.27 77.29
CA GLN AA 299 -60.90 3.71 78.17
C GLN AA 299 -60.40 4.77 79.14
N PRO AA 300 -60.24 4.42 80.42
CA PRO AA 300 -59.76 5.40 81.40
C PRO AA 300 -58.35 5.89 81.14
N LYS AA 301 -57.62 5.27 80.22
CA LYS AA 301 -56.27 5.71 79.91
C LYS AA 301 -56.24 7.02 79.14
N ASN AA 302 -57.34 7.36 78.45
CA ASN AA 302 -57.36 8.54 77.59
C ASN AA 302 -57.96 9.77 78.22
N VAL AA 303 -58.83 9.62 79.23
CA VAL AA 303 -59.49 10.76 79.84
C VAL AA 303 -58.47 11.62 80.57
N MET AA 304 -58.64 12.94 80.48
CA MET AA 304 -57.77 13.89 81.17
C MET AA 304 -58.25 14.12 82.60
N VAL AA 305 -58.43 13.03 83.33
CA VAL AA 305 -58.86 13.06 84.73
C VAL AA 305 -58.06 12.02 85.49
N SER AA 306 -57.58 12.40 86.68
CA SER AA 306 -56.84 11.48 87.53
C SER AA 306 -57.76 10.46 88.18
N ASN AA 314 -72.69 4.47 92.84
CA ASN AA 314 -71.37 4.29 92.26
C ASN AA 314 -70.99 5.49 91.38
N HIS AA 315 -70.62 5.21 90.14
CA HIS AA 315 -70.24 6.26 89.20
C HIS AA 315 -70.76 5.92 87.82
N CYS AA 316 -71.21 6.95 87.10
CA CYS AA 316 -71.84 6.75 85.80
C CYS AA 316 -71.81 8.08 85.04
N TYR AA 317 -72.06 7.99 83.74
CA TYR AA 317 -72.10 9.15 82.86
C TYR AA 317 -73.47 9.82 82.95
N ILE AA 318 -73.55 11.03 82.42
CA ILE AA 318 -74.81 11.76 82.32
C ILE AA 318 -75.16 12.08 80.87
N ALA AA 319 -74.18 12.49 80.07
CA ALA AA 319 -74.40 12.74 78.66
C ALA AA 319 -73.06 12.74 77.96
N ILE AA 320 -73.01 12.11 76.79
CA ILE AA 320 -71.77 11.97 76.01
C ILE AA 320 -72.00 12.54 74.62
N LEU AA 321 -71.04 13.33 74.15
CA LEU AA 321 -71.04 13.86 72.79
C LEU AA 321 -69.72 13.51 72.13
N ASN AA 322 -69.78 12.82 71.00
CA ASN AA 322 -68.60 12.38 70.27
C ASN AA 322 -68.39 13.25 69.05
N ILE AA 323 -67.17 13.72 68.87
CA ILE AA 323 -66.77 14.53 67.72
C ILE AA 323 -65.83 13.70 66.87
N ILE AA 324 -66.28 13.36 65.66
CA ILE AA 324 -65.47 12.58 64.72
C ILE AA 324 -65.09 13.50 63.56
N GLN AA 325 -63.83 13.90 63.53
CA GLN AA 325 -63.33 14.83 62.52
C GLN AA 325 -62.79 14.14 61.29
N GLY AA 326 -63.14 12.87 61.07
CA GLY AA 326 -62.62 12.13 59.93
C GLY AA 326 -63.53 12.24 58.72
N GLU AA 327 -63.08 11.60 57.64
CA GLU AA 327 -63.86 11.45 56.41
C GLU AA 327 -64.61 10.13 56.36
N VAL AA 328 -64.78 9.51 57.53
CA VAL AA 328 -65.46 8.19 57.67
C VAL AA 328 -66.88 8.26 57.11
N ASP AA 329 -67.31 7.20 56.42
CA ASP AA 329 -68.67 7.13 55.83
C ASP AA 329 -69.71 7.16 56.97
N PRO AA 330 -70.81 7.94 56.85
CA PRO AA 330 -71.82 8.03 57.90
C PRO AA 330 -72.92 6.97 57.76
N THR AA 331 -72.53 5.70 57.61
CA THR AA 331 -73.51 4.58 57.48
C THR AA 331 -73.25 3.54 58.57
N GLN AA 332 -71.98 3.42 59.00
CA GLN AA 332 -71.58 2.47 60.07
C GLN AA 332 -71.61 3.18 61.43
N VAL AA 333 -71.97 4.47 61.42
CA VAL AA 333 -72.05 5.28 62.67
C VAL AA 333 -73.06 4.63 63.63
N HIS AA 334 -74.29 4.41 63.15
CA HIS AA 334 -75.33 3.81 63.98
C HIS AA 334 -74.95 2.39 64.36
N LYS AA 335 -74.14 1.73 63.56
CA LYS AA 335 -73.73 0.37 63.87
C LYS AA 335 -72.83 0.33 65.10
N SER AA 336 -71.91 1.29 65.21
CA SER AA 336 -71.04 1.33 66.37
C SER AA 336 -71.81 1.68 67.64
N LEU AA 337 -72.68 2.68 67.55
CA LEU AA 337 -73.54 3.00 68.69
C LEU AA 337 -74.38 1.79 69.09
N GLN AA 338 -74.85 1.02 68.12
CA GLN AA 338 -75.55 -0.21 68.43
C GLN AA 338 -74.65 -1.18 69.17
N ARG AA 339 -73.38 -1.26 68.76
CA ARG AA 339 -72.45 -2.19 69.40
C ARG AA 339 -72.07 -1.73 70.80
N ILE AA 340 -71.90 -0.41 71.00
CA ILE AA 340 -71.51 0.09 72.31
C ILE AA 340 -72.59 -0.23 73.35
N ARG AA 341 -73.85 -0.24 72.92
CA ARG AA 341 -74.92 -0.61 73.83
C ARG AA 341 -74.85 -2.08 74.22
N GLU AA 342 -74.43 -2.93 73.28
CA GLU AA 342 -74.44 -4.38 73.54
C GLU AA 342 -73.34 -4.77 74.51
N ARG AA 343 -72.10 -4.42 74.22
CA ARG AA 343 -71.00 -4.80 75.09
C ARG AA 343 -71.00 -4.02 76.41
N LYS AA 344 -71.77 -2.94 76.50
CA LYS AA 344 -71.90 -2.16 77.74
C LYS AA 344 -70.54 -1.66 78.20
N LEU AA 345 -69.95 -0.78 77.40
CA LEU AA 345 -68.68 -0.16 77.73
C LEU AA 345 -68.84 1.07 78.62
N ALA AA 346 -70.05 1.56 78.81
CA ALA AA 346 -70.30 2.71 79.67
C ALA AA 346 -71.71 2.64 80.23
N ASN AA 347 -71.87 3.11 81.45
CA ASN AA 347 -73.16 3.17 82.12
C ASN AA 347 -73.52 4.62 82.42
N PHE AA 348 -74.82 4.87 82.53
CA PHE AA 348 -75.34 6.22 82.74
C PHE AA 348 -76.21 6.26 83.99
N ILE AA 349 -76.90 7.39 84.15
CA ILE AA 349 -77.80 7.62 85.28
C ILE AA 349 -79.02 6.71 85.15
N PRO AA 350 -79.57 6.21 86.25
CA PRO AA 350 -80.74 5.34 86.17
C PRO AA 350 -82.06 6.08 86.19
N TRP AA 351 -82.06 7.30 86.71
CA TRP AA 351 -83.32 8.02 86.92
C TRP AA 351 -83.87 8.60 85.63
N GLY AA 352 -83.07 9.41 84.94
CA GLY AA 352 -83.51 10.05 83.73
C GLY AA 352 -83.00 9.36 82.48
N PRO AA 353 -83.68 9.56 81.36
CA PRO AA 353 -83.23 8.96 80.10
C PRO AA 353 -81.96 9.64 79.59
N ALA AA 354 -80.84 8.93 79.64
CA ALA AA 354 -79.56 9.44 79.19
C ALA AA 354 -79.15 8.70 77.94
N SER AA 355 -78.81 9.44 76.89
CA SER AA 355 -78.40 8.87 75.62
C SER AA 355 -77.04 9.43 75.23
N ILE AA 356 -76.40 8.76 74.27
CA ILE AA 356 -75.09 9.16 73.78
C ILE AA 356 -75.27 9.73 72.38
N GLN AA 357 -74.60 10.85 72.11
CA GLN AA 357 -74.71 11.54 70.84
C GLN AA 357 -73.35 11.59 70.15
N VAL AA 358 -73.36 11.44 68.83
CA VAL AA 358 -72.15 11.46 68.03
C VAL AA 358 -72.32 12.49 66.93
N ALA AA 359 -71.26 13.25 66.67
CA ALA AA 359 -71.30 14.31 65.67
C ALA AA 359 -70.06 14.23 64.80
N LEU AA 360 -70.27 14.42 63.50
CA LEU AA 360 -69.19 14.41 62.52
C LEU AA 360 -68.86 15.84 62.10
N SER AA 361 -67.71 15.99 61.47
CA SER AA 361 -67.27 17.29 60.98
C SER AA 361 -66.27 17.05 59.85
N ARG AA 362 -65.67 18.12 59.35
CA ARG AA 362 -64.75 18.04 58.23
C ARG AA 362 -63.42 18.69 58.60
N LYS AA 363 -62.34 17.95 58.41
CA LYS AA 363 -61.01 18.47 58.71
C LYS AA 363 -60.63 19.58 57.73
N SER AA 364 -59.79 20.49 58.20
CA SER AA 364 -59.35 21.60 57.38
C SER AA 364 -58.44 21.10 56.26
N PRO AA 365 -58.75 21.38 54.99
CA PRO AA 365 -57.86 20.93 53.91
C PRO AA 365 -56.51 21.61 53.92
N TYR AA 366 -56.39 22.79 54.54
CA TYR AA 366 -55.11 23.50 54.55
C TYR AA 366 -54.11 22.88 55.51
N LEU AA 367 -54.54 21.98 56.39
CA LEU AA 367 -53.65 21.36 57.35
C LEU AA 367 -53.17 20.00 56.85
N ARG AA 372 -56.86 10.02 57.66
CA ARG AA 372 -56.63 10.62 58.97
C ARG AA 372 -57.95 10.83 59.71
N VAL AA 373 -58.13 10.10 60.79
CA VAL AA 373 -59.34 10.19 61.61
C VAL AA 373 -58.95 10.52 63.04
N SER AA 374 -59.62 11.51 63.62
CA SER AA 374 -59.40 11.92 64.99
C SER AA 374 -60.69 11.71 65.77
N GLY AA 375 -60.71 12.18 67.01
CA GLY AA 375 -61.90 12.03 67.82
C GLY AA 375 -61.81 12.72 69.17
N LEU AA 376 -62.85 13.46 69.53
CA LEU AA 376 -62.94 14.10 70.84
C LEU AA 376 -64.31 13.79 71.44
N MET AA 377 -64.32 13.67 72.77
CA MET AA 377 -65.54 13.32 73.48
C MET AA 377 -65.76 14.29 74.63
N MET AA 378 -66.93 14.92 74.64
CA MET AA 378 -67.35 15.79 75.73
C MET AA 378 -68.16 14.94 76.70
N ALA AA 379 -67.66 14.82 77.93
CA ALA AA 379 -68.25 13.91 78.91
C ALA AA 379 -68.71 14.67 80.14
N ASN AA 380 -69.84 14.22 80.69
CA ASN AA 380 -70.37 14.74 81.96
C ASN AA 380 -70.39 13.57 82.93
N HIS AA 381 -69.25 13.32 83.58
CA HIS AA 381 -69.07 12.15 84.41
C HIS AA 381 -69.14 12.53 85.88
N THR AA 382 -69.79 11.68 86.67
CA THR AA 382 -69.89 11.92 88.11
C THR AA 382 -68.55 11.77 88.81
N SER AA 383 -67.60 11.03 88.23
CA SER AA 383 -66.31 10.84 88.85
C SER AA 383 -65.48 12.12 88.92
N ILE AA 384 -66.00 13.23 88.38
CA ILE AA 384 -65.30 14.50 88.53
C ILE AA 384 -65.38 14.98 89.97
N SER AA 385 -66.29 14.41 90.76
CA SER AA 385 -66.41 14.79 92.17
C SER AA 385 -65.14 14.45 92.94
N SER AA 386 -64.34 13.51 92.42
CA SER AA 386 -63.12 13.13 93.11
C SER AA 386 -62.12 14.27 93.16
N LEU AA 387 -62.02 15.04 92.08
CA LEU AA 387 -61.05 16.15 92.05
C LEU AA 387 -61.36 17.19 93.12
N PHE AA 388 -62.64 17.42 93.39
CA PHE AA 388 -63.02 18.36 94.45
C PHE AA 388 -62.55 17.86 95.80
N GLU AA 389 -62.82 16.60 96.12
CA GLU AA 389 -62.51 16.06 97.44
C GLU AA 389 -61.02 16.24 97.76
N ARG AA 390 -60.17 16.12 96.75
CA ARG AA 390 -58.75 16.38 96.95
C ARG AA 390 -58.50 17.83 97.37
N THR AA 391 -59.25 18.76 96.79
CA THR AA 391 -59.17 20.15 97.23
C THR AA 391 -59.82 20.32 98.60
N CYS AA 392 -61.00 19.74 98.78
CA CYS AA 392 -61.70 19.85 100.06
C CYS AA 392 -60.89 19.28 101.20
N ARG AA 393 -60.21 18.15 100.96
CA ARG AA 393 -59.44 17.50 102.01
C ARG AA 393 -58.28 18.37 102.48
N GLN AA 394 -57.46 18.84 101.54
CA GLN AA 394 -56.26 19.59 101.92
C GLN AA 394 -56.61 20.93 102.56
N TYR AA 395 -57.84 21.40 102.35
CA TYR AA 395 -58.26 22.67 102.94
C TYR AA 395 -58.39 22.55 104.45
N ASP AA 396 -59.07 21.49 104.91
CA ASP AA 396 -59.25 21.30 106.35
C ASP AA 396 -57.92 21.09 107.05
N LYS AA 397 -56.99 20.38 106.40
CA LYS AA 397 -55.66 20.23 106.95
C LYS AA 397 -54.98 21.59 107.13
N LEU AA 398 -55.08 22.45 106.12
CA LEU AA 398 -54.58 23.81 106.26
C LEU AA 398 -55.45 24.66 107.17
N ARG AA 399 -56.68 24.23 107.44
CA ARG AA 399 -57.54 24.94 108.38
C ARG AA 399 -57.19 24.62 109.83
N LYS AA 400 -56.44 23.54 110.06
CA LYS AA 400 -55.98 23.17 111.40
C LYS AA 400 -54.47 23.30 111.53
N ARG AA 401 -53.83 24.09 110.67
CA ARG AA 401 -52.40 24.30 110.72
C ARG AA 401 -51.99 25.76 110.62
N GLU AA 402 -52.87 26.65 110.17
CA GLU AA 402 -52.58 28.07 110.00
C GLU AA 402 -51.37 28.30 109.10
N ASP AA 416 -61.15 40.36 107.43
CA ASP AA 416 -61.31 40.72 108.84
C ASP AA 416 -62.23 39.75 109.56
N ASN AA 417 -62.88 38.87 108.79
CA ASN AA 417 -63.84 37.92 109.33
C ASN AA 417 -63.48 36.47 109.03
N PHE AA 418 -62.78 36.20 107.93
CA PHE AA 418 -62.47 34.85 107.49
C PHE AA 418 -63.74 34.02 107.32
N ASP AA 419 -64.83 34.67 106.92
CA ASP AA 419 -66.10 34.00 106.71
C ASP AA 419 -66.33 33.59 105.25
N GLU AA 420 -65.72 34.30 104.30
CA GLU AA 420 -65.87 33.93 102.90
C GLU AA 420 -65.37 32.52 102.63
N MET AA 421 -64.25 32.15 103.27
CA MET AA 421 -63.72 30.80 103.07
C MET AA 421 -64.68 29.75 103.62
N ASP AA 422 -65.25 30.01 104.80
CA ASP AA 422 -66.18 29.04 105.37
C ASP AA 422 -67.50 29.01 104.61
N THR AA 423 -67.95 30.16 104.13
CA THR AA 423 -69.15 30.19 103.30
C THR AA 423 -68.92 29.48 101.98
N SER AA 424 -67.74 29.67 101.38
CA SER AA 424 -67.37 28.90 100.20
C SER AA 424 -67.24 27.42 100.54
N ARG AA 425 -66.78 27.12 101.76
CA ARG AA 425 -66.63 25.74 102.18
C ARG AA 425 -67.97 25.01 102.18
N GLU AA 426 -69.04 25.71 102.59
CA GLU AA 426 -70.35 25.07 102.68
C GLU AA 426 -70.90 24.74 101.30
N ILE AA 427 -70.75 25.67 100.35
CA ILE AA 427 -71.39 25.49 99.05
C ILE AA 427 -70.69 24.41 98.24
N VAL AA 428 -69.38 24.23 98.44
CA VAL AA 428 -68.70 23.12 97.77
C VAL AA 428 -69.21 21.80 98.32
N GLN AA 429 -69.54 21.75 99.61
CA GLN AA 429 -70.10 20.52 100.18
C GLN AA 429 -71.49 20.24 99.62
N GLN AA 430 -72.25 21.29 99.30
CA GLN AA 430 -73.55 21.09 98.68
C GLN AA 430 -73.38 20.51 97.28
N LEU AA 431 -72.32 20.92 96.58
CA LEU AA 431 -72.10 20.43 95.22
C LEU AA 431 -71.72 18.95 95.22
N ILE AA 432 -70.74 18.56 96.04
CA ILE AA 432 -70.30 17.18 96.06
C ILE AA 432 -71.44 16.25 96.44
N ASP AA 433 -72.27 16.67 97.40
CA ASP AA 433 -73.44 15.87 97.75
C ASP AA 433 -74.38 15.71 96.56
N GLU AA 434 -74.48 16.75 95.72
CA GLU AA 434 -75.38 16.67 94.57
C GLU AA 434 -74.87 15.68 93.54
N TYR AA 435 -73.55 15.56 93.39
CA TYR AA 435 -73.01 14.54 92.50
C TYR AA 435 -73.30 13.14 93.02
N HIS AA 436 -72.93 12.86 94.26
CA HIS AA 436 -73.14 11.52 94.81
C HIS AA 436 -74.62 11.20 94.96
N ALA AA 437 -75.48 12.22 94.93
CA ALA AA 437 -76.91 11.98 94.84
C ALA AA 437 -77.37 11.77 93.41
N ALA AA 438 -76.54 12.13 92.42
CA ALA AA 438 -76.94 11.98 91.03
C ALA AA 438 -76.88 10.52 90.58
N THR AA 439 -76.10 9.70 91.27
CA THR AA 439 -75.98 8.29 90.94
C THR AA 439 -76.99 7.42 91.68
N ARG AA 440 -78.01 8.02 92.28
CA ARG AA 440 -79.02 7.28 93.01
C ARG AA 440 -80.29 7.17 92.19
N PRO AA 441 -80.97 6.02 92.23
CA PRO AA 441 -82.22 5.87 91.46
C PRO AA 441 -83.33 6.79 91.92
N ASP AA 442 -83.10 7.61 92.95
CA ASP AA 442 -84.12 8.54 93.41
C ASP AA 442 -83.51 9.93 93.53
N TYR AA 443 -82.77 10.35 92.50
CA TYR AA 443 -82.12 11.65 92.55
C TYR AA 443 -83.15 12.77 92.59
N ILE AA 444 -84.33 12.54 92.01
CA ILE AA 444 -85.41 13.51 92.14
C ILE AA 444 -85.79 13.64 93.60
N SER AA 445 -85.98 14.87 94.05
CA SER AA 445 -86.28 15.17 95.45
C SER AA 445 -85.24 14.58 96.39
N ARG BA 3 -69.01 77.26 39.16
CA ARG BA 3 -68.85 77.59 40.57
C ARG BA 3 -67.49 77.11 41.07
N GLU BA 4 -66.94 77.84 42.03
CA GLU BA 4 -65.64 77.51 42.61
C GLU BA 4 -65.70 77.59 44.12
N ILE BA 5 -64.74 76.94 44.78
CA ILE BA 5 -64.66 76.89 46.24
C ILE BA 5 -63.24 77.22 46.66
N ILE BA 6 -63.08 78.31 47.38
CA ILE BA 6 -61.78 78.76 47.87
C ILE BA 6 -61.55 78.15 49.24
N THR BA 7 -60.37 77.57 49.45
CA THR BA 7 -60.01 76.93 50.70
C THR BA 7 -59.05 77.81 51.48
N LEU BA 8 -59.16 77.75 52.80
CA LEU BA 8 -58.30 78.48 53.71
C LEU BA 8 -57.64 77.49 54.65
N GLN BA 9 -56.41 77.77 55.06
CA GLN BA 9 -55.67 76.89 55.95
C GLN BA 9 -55.08 77.72 57.07
N LEU BA 10 -55.53 77.48 58.29
CA LEU BA 10 -55.14 78.29 59.44
C LEU BA 10 -54.42 77.43 60.46
N GLY BA 11 -53.42 78.01 61.11
CA GLY BA 11 -52.69 77.33 62.14
C GLY BA 11 -51.83 76.18 61.64
N GLN BA 12 -51.17 75.48 62.57
CA GLN BA 12 -50.30 74.37 62.17
C GLN BA 12 -51.11 73.22 61.59
N CYS BA 13 -52.28 72.95 62.18
CA CYS BA 13 -53.09 71.84 61.71
C CYS BA 13 -53.66 72.11 60.33
N GLY BA 14 -54.23 73.29 60.13
CA GLY BA 14 -54.83 73.59 58.84
C GLY BA 14 -53.86 73.49 57.69
N ASN BA 15 -52.63 73.99 57.89
CA ASN BA 15 -51.63 73.90 56.84
C ASN BA 15 -51.25 72.45 56.56
N GLN BA 16 -51.10 71.64 57.61
CA GLN BA 16 -50.68 70.26 57.42
C GLN BA 16 -51.76 69.43 56.75
N ILE BA 17 -53.00 69.48 57.28
CA ILE BA 17 -54.05 68.66 56.70
C ILE BA 17 -54.49 69.23 55.36
N GLY BA 18 -54.30 70.53 55.15
CA GLY BA 18 -54.58 71.10 53.84
C GLY BA 18 -53.51 70.72 52.82
N PHE BA 19 -52.25 70.76 53.23
CA PHE BA 19 -51.17 70.34 52.34
C PHE BA 19 -51.31 68.87 51.98
N GLU BA 20 -51.71 68.03 52.95
CA GLU BA 20 -51.95 66.63 52.63
C GLU BA 20 -53.23 66.44 51.84
N PHE BA 21 -54.19 67.36 51.97
CA PHE BA 21 -55.39 67.30 51.16
C PHE BA 21 -55.07 67.60 49.70
N TRP BA 22 -54.13 68.53 49.46
CA TRP BA 22 -53.82 68.91 48.08
C TRP BA 22 -52.91 67.87 47.42
N LYS BA 23 -51.99 67.28 48.18
CA LYS BA 23 -51.19 66.18 47.65
C LYS BA 23 -52.09 65.06 47.18
N GLN BA 24 -53.00 64.60 48.04
CA GLN BA 24 -53.91 63.54 47.67
C GLN BA 24 -54.79 63.96 46.50
N LEU BA 25 -55.18 65.23 46.46
CA LEU BA 25 -56.05 65.68 45.39
C LEU BA 25 -55.29 65.89 44.08
N CYS BA 26 -54.01 66.23 44.18
CA CYS BA 26 -53.18 66.28 42.97
C CYS BA 26 -52.91 64.89 42.42
N ALA BA 27 -52.58 63.93 43.30
CA ALA BA 27 -52.32 62.58 42.83
C ALA BA 27 -53.58 61.91 42.33
N GLU BA 28 -54.73 62.21 42.95
CA GLU BA 28 -56.00 61.69 42.47
C GLU BA 28 -56.26 62.15 41.04
N HIS BA 29 -55.82 63.35 40.69
CA HIS BA 29 -55.91 63.84 39.33
C HIS BA 29 -54.59 63.59 38.61
N GLY BA 30 -54.51 64.04 37.37
CA GLY BA 30 -53.28 63.94 36.61
C GLY BA 30 -52.47 65.21 36.65
N ILE BA 31 -51.97 65.57 37.84
CA ILE BA 31 -51.26 66.82 38.04
C ILE BA 31 -49.90 66.51 38.67
N SER BA 32 -48.84 66.85 37.94
CA SER BA 32 -47.49 66.64 38.45
C SER BA 32 -47.21 67.58 39.63
N PRO BA 33 -46.28 67.20 40.50
CA PRO BA 33 -45.90 68.08 41.63
C PRO BA 33 -45.49 69.48 41.19
N GLU BA 34 -45.05 69.61 39.94
CA GLU BA 34 -44.71 70.91 39.38
C GLU BA 34 -45.93 71.68 38.90
N ALA BA 35 -47.13 71.26 39.33
CA ALA BA 35 -48.38 71.90 38.95
C ALA BA 35 -48.58 71.92 37.44
N ILE BA 36 -48.04 70.94 36.74
CA ILE BA 36 -48.17 70.82 35.30
C ILE BA 36 -48.91 69.52 35.00
N VAL BA 37 -49.80 69.57 34.01
CA VAL BA 37 -50.62 68.41 33.70
C VAL BA 37 -49.80 67.40 32.92
N GLU BA 38 -49.81 66.15 33.38
CA GLU BA 38 -49.13 65.07 32.69
C GLU BA 38 -50.05 64.45 31.66
N GLU BA 39 -49.47 63.70 30.73
CA GLU BA 39 -50.27 63.10 29.66
C GLU BA 39 -51.12 61.95 30.18
N PHE BA 40 -50.46 60.89 30.66
CA PHE BA 40 -51.14 59.70 31.19
C PHE BA 40 -52.24 59.18 30.25
N THR BA 45 -61.93 64.00 31.78
CA THR BA 45 -63.26 63.60 32.24
C THR BA 45 -63.54 64.15 33.62
N ASP BA 46 -62.55 64.07 34.51
CA ASP BA 46 -62.71 64.56 35.87
C ASP BA 46 -62.75 66.09 35.88
N ARG BA 47 -63.91 66.65 36.18
CA ARG BA 47 -64.08 68.09 36.29
C ARG BA 47 -63.23 68.62 37.43
N LYS BA 48 -62.19 69.39 37.09
CA LYS BA 48 -61.25 69.91 38.08
C LYS BA 48 -61.22 71.43 38.11
N ASP BA 49 -62.20 72.10 37.53
CA ASP BA 49 -62.20 73.56 37.54
C ASP BA 49 -62.64 74.13 38.87
N VAL BA 50 -63.32 73.33 39.71
CA VAL BA 50 -63.84 73.84 40.97
C VAL BA 50 -62.70 74.10 41.94
N PHE BA 51 -61.77 73.15 42.06
CA PHE BA 51 -60.71 73.25 43.05
C PHE BA 51 -59.37 73.66 42.47
N PHE BA 52 -59.24 73.73 41.15
CA PHE BA 52 -58.00 74.14 40.50
C PHE BA 52 -58.28 75.26 39.52
N TYR BA 53 -57.34 76.20 39.42
CA TYR BA 53 -57.47 77.36 38.57
C TYR BA 53 -56.46 77.30 37.43
N GLN BA 54 -56.91 77.57 36.21
CA GLN BA 54 -56.06 77.53 35.04
C GLN BA 54 -55.25 78.82 34.90
N TYR BA 60 -51.91 74.42 36.29
CA TYR BA 60 -53.08 74.60 37.15
C TYR BA 60 -52.67 75.11 38.53
N ILE BA 61 -53.48 75.99 39.09
CA ILE BA 61 -53.15 76.65 40.36
C ILE BA 61 -54.24 76.33 41.40
N PRO BA 62 -53.86 75.85 42.58
CA PRO BA 62 -54.85 75.66 43.64
C PRO BA 62 -55.35 76.99 44.18
N ARG BA 63 -56.62 77.00 44.58
CA ARG BA 63 -57.24 78.20 45.14
C ARG BA 63 -57.10 78.18 46.66
N ALA BA 64 -55.86 78.20 47.11
CA ALA BA 64 -55.54 78.13 48.53
C ALA BA 64 -55.14 79.50 49.04
N VAL BA 65 -55.34 79.71 50.35
CA VAL BA 65 -54.90 80.93 51.02
C VAL BA 65 -54.24 80.47 52.32
N LEU BA 66 -52.94 80.23 52.28
CA LEU BA 66 -52.22 79.74 53.46
C LEU BA 66 -51.98 80.89 54.42
N LEU BA 67 -52.02 80.58 55.71
CA LEU BA 67 -51.81 81.59 56.74
C LEU BA 67 -50.95 81.07 57.87
N ARG BA 72 -43.40 79.47 60.00
CA ARG BA 72 -42.44 78.38 60.09
C ARG BA 72 -42.84 77.18 59.24
N VAL BA 73 -44.09 76.73 59.41
CA VAL BA 73 -44.57 75.60 58.64
C VAL BA 73 -44.61 75.90 57.16
N ILE BA 74 -44.80 77.17 56.79
CA ILE BA 74 -44.83 77.54 55.38
C ILE BA 74 -43.48 77.27 54.72
N HIS BA 75 -42.39 77.47 55.46
CA HIS BA 75 -41.06 77.23 54.90
C HIS BA 75 -40.86 75.77 54.56
N SER BA 76 -41.23 74.86 55.47
CA SER BA 76 -41.09 73.43 55.20
C SER BA 76 -41.98 73.01 54.02
N ILE BA 77 -43.07 73.74 53.80
CA ILE BA 77 -43.86 73.50 52.60
C ILE BA 77 -43.13 74.00 51.36
N LEU BA 78 -42.47 75.15 51.47
CA LEU BA 78 -41.75 75.71 50.33
C LEU BA 78 -40.47 74.94 50.02
N ASN BA 79 -39.88 74.28 51.00
CA ASN BA 79 -38.73 73.41 50.74
C ASN BA 79 -39.16 72.04 50.23
N SER BA 80 -40.46 71.76 50.19
CA SER BA 80 -40.95 70.48 49.71
C SER BA 80 -40.89 70.43 48.19
N PRO BA 81 -41.01 69.22 47.62
CA PRO BA 81 -41.12 69.11 46.15
C PRO BA 81 -42.38 69.76 45.58
N TYR BA 82 -43.27 70.28 46.41
CA TYR BA 82 -44.49 70.93 45.94
C TYR BA 82 -44.43 72.45 46.08
N ALA BA 83 -43.23 73.03 45.99
CA ALA BA 83 -43.10 74.47 46.10
C ALA BA 83 -43.76 75.20 44.94
N LYS BA 84 -43.84 74.58 43.77
CA LYS BA 84 -44.41 75.20 42.60
C LYS BA 84 -45.93 75.08 42.53
N LEU BA 85 -46.58 74.79 43.66
CA LEU BA 85 -48.02 74.59 43.70
C LEU BA 85 -48.79 75.78 44.25
N TYR BA 86 -48.16 76.95 44.35
CA TYR BA 86 -48.87 78.13 44.83
C TYR BA 86 -48.41 79.40 44.11
N GLY BA 101 -48.89 83.53 70.10
CA GLY BA 101 -48.75 82.76 71.36
C GLY BA 101 -49.62 81.51 71.35
N ASN BA 102 -50.55 81.42 72.30
CA ASN BA 102 -51.45 80.27 72.41
C ASN BA 102 -52.79 80.63 73.05
N ASN BA 103 -53.15 81.91 73.11
CA ASN BA 103 -54.43 82.34 73.63
C ASN BA 103 -55.39 82.62 72.48
N TRP BA 104 -56.68 82.69 72.81
CA TRP BA 104 -57.67 83.03 71.80
C TRP BA 104 -57.73 84.53 71.59
N ALA BA 105 -57.55 85.32 72.66
CA ALA BA 105 -57.54 86.77 72.52
C ALA BA 105 -56.32 87.23 71.75
N SER BA 106 -55.18 86.59 71.98
CA SER BA 106 -53.98 86.94 71.22
C SER BA 106 -54.14 86.61 69.74
N GLY BA 107 -54.90 85.54 69.47
CA GLY BA 107 -55.17 85.12 68.08
C GLY BA 107 -56.25 85.97 67.44
N PHE BA 108 -57.08 86.64 68.26
CA PHE BA 108 -58.14 87.50 67.74
C PHE BA 108 -57.61 88.89 67.42
N SER BA 109 -56.74 89.42 68.26
CA SER BA 109 -56.28 90.80 68.08
C SER BA 109 -55.36 90.92 66.86
N GLN BA 110 -54.39 90.00 66.74
CA GLN BA 110 -53.44 90.09 65.63
C GLN BA 110 -54.14 90.01 64.28
N GLY BA 111 -55.27 89.31 64.22
CA GLY BA 111 -56.06 89.31 62.99
C GLY BA 111 -56.71 90.66 62.72
N GLU BA 112 -56.99 91.42 63.78
CA GLU BA 112 -57.59 92.75 63.60
C GLU BA 112 -56.58 93.74 63.05
N LYS BA 113 -55.31 93.60 63.40
CA LYS BA 113 -54.30 94.55 62.95
C LYS BA 113 -53.89 94.28 61.50
N ILE BA 114 -54.13 93.07 61.00
CA ILE BA 114 -53.83 92.74 59.61
C ILE BA 114 -55.13 92.44 58.88
N HIS BA 115 -56.21 93.07 59.34
CA HIS BA 115 -57.53 92.88 58.73
C HIS BA 115 -57.50 93.17 57.24
N GLU BA 116 -56.95 94.33 56.86
CA GLU BA 116 -56.95 94.70 55.45
C GLU BA 116 -55.99 93.83 54.66
N ASP BA 117 -54.91 93.35 55.29
CA ASP BA 117 -53.85 92.66 54.57
C ASP BA 117 -54.37 91.39 53.90
N ILE BA 118 -54.87 90.43 54.69
CA ILE BA 118 -55.17 89.12 54.14
C ILE BA 118 -56.39 89.15 53.23
N PHE BA 119 -57.29 90.12 53.41
CA PHE BA 119 -58.46 90.17 52.55
C PHE BA 119 -58.13 90.56 51.12
N ASP BA 120 -57.08 91.37 50.91
CA ASP BA 120 -56.69 91.70 49.54
C ASP BA 120 -56.38 90.43 48.76
N ILE BA 121 -55.81 89.43 49.43
CA ILE BA 121 -55.58 88.14 48.78
C ILE BA 121 -56.90 87.47 48.45
N ILE BA 122 -57.87 87.58 49.36
CA ILE BA 122 -59.16 86.95 49.15
C ILE BA 122 -60.00 87.76 48.17
N ASP BA 123 -59.95 89.09 48.27
CA ASP BA 123 -60.76 89.93 47.40
C ASP BA 123 -60.37 89.76 45.93
N ARG BA 124 -59.07 89.60 45.65
CA ARG BA 124 -58.65 89.39 44.27
C ARG BA 124 -58.99 87.99 43.80
N GLU BA 125 -58.94 87.00 44.71
CA GLU BA 125 -59.26 85.64 44.33
C GLU BA 125 -60.76 85.45 44.13
N ALA BA 126 -61.57 86.20 44.88
CA ALA BA 126 -63.02 86.12 44.73
C ALA BA 126 -63.46 86.73 43.40
N ASP BA 127 -63.04 87.98 43.15
CA ASP BA 127 -63.40 88.64 41.90
C ASP BA 127 -62.69 88.03 40.70
N GLY BA 128 -61.49 87.50 40.90
CA GLY BA 128 -60.83 86.75 39.83
C GLY BA 128 -61.52 85.43 39.55
N SER BA 129 -62.36 84.97 40.46
CA SER BA 129 -63.13 83.74 40.27
C SER BA 129 -64.38 84.01 39.44
N ASP BA 130 -64.80 83.00 38.70
CA ASP BA 130 -65.96 83.14 37.83
C ASP BA 130 -67.22 83.40 38.63
N SER BA 131 -67.61 82.44 39.48
CA SER BA 131 -68.80 82.57 40.32
C SER BA 131 -68.52 81.83 41.62
N LEU BA 132 -68.17 82.57 42.66
CA LEU BA 132 -67.81 81.95 43.94
C LEU BA 132 -69.02 81.28 44.57
N GLU BA 133 -68.75 80.18 45.28
CA GLU BA 133 -69.80 79.42 45.94
C GLU BA 133 -69.60 79.35 47.45
N GLY BA 134 -68.40 79.02 47.92
CA GLY BA 134 -68.21 78.84 49.34
C GLY BA 134 -66.80 79.04 49.83
N PHE BA 135 -66.57 78.76 51.12
CA PHE BA 135 -65.27 78.94 51.77
C PHE BA 135 -65.02 77.73 52.66
N VAL BA 136 -64.15 76.83 52.19
CA VAL BA 136 -63.74 75.71 53.03
C VAL BA 136 -62.67 76.18 54.00
N LEU BA 137 -62.84 75.87 55.28
CA LEU BA 137 -61.90 76.23 56.32
C LEU BA 137 -61.38 74.97 56.99
N CYS BA 138 -60.06 74.83 57.03
CA CYS BA 138 -59.40 73.73 57.71
C CYS BA 138 -58.60 74.30 58.86
N HIS BA 139 -59.02 73.99 60.09
CA HIS BA 139 -58.36 74.56 61.26
C HIS BA 139 -58.65 73.69 62.47
N SER BA 140 -57.79 73.81 63.48
CA SER BA 140 -57.96 73.10 64.74
C SER BA 140 -58.39 74.09 65.82
N ILE BA 141 -59.45 73.73 66.55
CA ILE BA 141 -60.02 74.64 67.54
C ILE BA 141 -59.32 74.56 68.89
N ALA BA 142 -58.24 73.82 68.99
CA ALA BA 142 -57.50 73.73 70.26
C ALA BA 142 -56.35 74.72 70.29
N GLY BA 144 -52.66 78.19 69.71
CA GLY BA 144 -54.07 78.65 69.73
C GLY BA 144 -54.28 79.88 68.88
N THR BA 145 -53.20 80.37 68.24
CA THR BA 145 -53.28 81.57 67.38
C THR BA 145 -54.22 81.29 66.20
N GLY BA 146 -54.12 80.09 65.62
CA GLY BA 146 -54.96 79.71 64.47
C GLY BA 146 -56.43 79.70 64.83
N SER BA 147 -56.77 79.16 66.01
CA SER BA 147 -58.19 79.11 66.46
C SER BA 147 -58.71 80.55 66.63
N GLY BA 148 -57.90 81.41 67.24
CA GLY BA 148 -58.29 82.83 67.45
C GLY BA 148 -58.44 83.55 66.11
N LEU BA 149 -57.49 83.33 65.20
CA LEU BA 149 -57.52 83.96 63.85
C LEU BA 149 -58.78 83.48 63.11
N GLY BA 150 -59.08 82.18 63.23
CA GLY BA 150 -60.27 81.59 62.57
C GLY BA 150 -61.55 82.26 63.03
N SER BA 151 -61.72 82.41 64.34
CA SER BA 151 -62.92 83.03 64.89
C SER BA 151 -63.09 84.45 64.36
N TYR BA 152 -61.98 85.16 64.21
CA TYR BA 152 -62.04 86.52 63.66
C TYR BA 152 -62.50 86.50 62.22
N LEU BA 153 -61.90 85.63 61.39
CA LEU BA 153 -62.20 85.63 59.97
C LEU BA 153 -63.61 85.14 59.71
N LEU BA 154 -64.11 84.23 60.55
CA LEU BA 154 -65.45 83.71 60.35
C LEU BA 154 -66.51 84.79 60.49
N GLU BA 155 -66.25 85.78 61.34
CA GLU BA 155 -67.22 86.85 61.52
C GLU BA 155 -67.17 87.84 60.37
N ARG BA 156 -65.97 88.22 59.93
CA ARG BA 156 -65.85 89.21 58.86
C ARG BA 156 -66.43 88.71 57.55
N LEU BA 157 -66.28 87.40 57.27
CA LEU BA 157 -66.87 86.86 56.04
C LEU BA 157 -68.38 87.02 56.05
N ASN BA 158 -69.00 86.97 57.23
CA ASN BA 158 -70.43 87.28 57.31
C ASN BA 158 -70.71 88.75 57.03
N ASP BA 159 -69.76 89.63 57.35
CA ASP BA 159 -69.96 91.05 57.10
C ASP BA 159 -69.92 91.34 55.60
N ARG BA 160 -68.84 90.93 54.94
CA ARG BA 160 -68.66 91.28 53.53
C ARG BA 160 -69.56 90.46 52.63
N TYR BA 161 -69.39 89.14 52.63
CA TYR BA 161 -70.12 88.28 51.71
C TYR BA 161 -71.30 87.66 52.44
N PRO BA 162 -72.53 88.05 52.15
CA PRO BA 162 -73.67 87.46 52.84
C PRO BA 162 -74.20 86.20 52.16
N LYS BA 163 -73.86 86.00 50.89
CA LYS BA 163 -74.46 84.94 50.09
C LYS BA 163 -73.46 83.83 49.76
N LYS BA 164 -72.47 83.59 50.61
CA LYS BA 164 -71.47 82.55 50.37
C LYS BA 164 -71.46 81.60 51.55
N LEU BA 165 -71.59 80.30 51.25
CA LEU BA 165 -71.52 79.29 52.29
C LEU BA 165 -70.12 79.23 52.89
N VAL BA 166 -70.05 78.86 54.17
CA VAL BA 166 -68.78 78.69 54.87
C VAL BA 166 -68.82 77.35 55.57
N GLN BA 167 -68.14 76.36 55.00
CA GLN BA 167 -68.02 75.04 55.60
C GLN BA 167 -66.64 74.91 56.25
N THR BA 168 -66.62 74.35 57.45
CA THR BA 168 -65.39 74.31 58.24
C THR BA 168 -65.08 72.87 58.62
N TYR BA 169 -63.88 72.41 58.25
CA TYR BA 169 -63.42 71.07 58.59
C TYR BA 169 -62.66 71.11 59.92
N SER BA 170 -63.35 71.57 60.95
CA SER BA 170 -62.72 71.78 62.25
C SER BA 170 -62.20 70.46 62.83
N VAL BA 171 -61.23 70.57 63.72
CA VAL BA 171 -60.61 69.41 64.36
C VAL BA 171 -60.56 69.67 65.86
N PHE BA 172 -61.14 68.75 66.64
CA PHE BA 172 -61.21 68.88 68.09
C PHE BA 172 -59.98 68.28 68.75
N PRO BA 173 -59.65 68.68 69.99
CA PRO BA 173 -58.48 68.11 70.67
C PRO BA 173 -58.70 66.70 71.16
N VAL BA 183 -55.55 75.38 79.21
CA VAL BA 183 -56.28 76.49 78.60
C VAL BA 183 -56.97 76.03 77.33
N GLN BA 184 -56.80 74.75 77.02
CA GLN BA 184 -57.52 74.17 75.88
C GLN BA 184 -59.03 74.24 76.03
N PRO BA 185 -59.62 74.02 77.20
CA PRO BA 185 -61.08 74.18 77.31
C PRO BA 185 -61.56 75.59 77.00
N TYR BA 186 -60.82 76.61 77.40
CA TYR BA 186 -61.22 77.99 77.12
C TYR BA 186 -61.35 78.22 75.62
N ASN BA 187 -60.25 77.98 74.88
CA ASN BA 187 -60.22 78.29 73.47
C ASN BA 187 -61.25 77.49 72.69
N SER BA 188 -61.52 76.26 73.14
CA SER BA 188 -62.42 75.39 72.40
C SER BA 188 -63.85 75.91 72.43
N LEU BA 189 -64.28 76.44 73.58
CA LEU BA 189 -65.67 76.90 73.67
C LEU BA 189 -65.86 78.25 73.02
N LEU BA 190 -64.83 79.11 73.05
CA LEU BA 190 -64.95 80.43 72.44
C LEU BA 190 -65.20 80.31 70.95
N THR BA 191 -64.38 79.51 70.26
CA THR BA 191 -64.59 79.32 68.83
C THR BA 191 -65.92 78.62 68.56
N LEU BA 192 -66.41 77.86 69.54
CA LEU BA 192 -67.71 77.24 69.39
C LEU BA 192 -68.82 78.30 69.34
N LYS BA 193 -68.62 79.41 70.04
CA LYS BA 193 -69.61 80.49 70.01
C LYS BA 193 -69.75 81.05 68.60
N ARG BA 194 -68.66 81.08 67.84
CA ARG BA 194 -68.72 81.57 66.47
C ARG BA 194 -69.15 80.48 65.50
N LEU BA 195 -68.73 79.25 65.73
CA LEU BA 195 -69.08 78.15 64.82
C LEU BA 195 -70.55 77.79 64.87
N THR BA 196 -71.30 78.27 65.87
CA THR BA 196 -72.71 77.92 65.96
C THR BA 196 -73.62 78.93 65.29
N GLN BA 197 -73.10 80.09 64.88
CA GLN BA 197 -73.95 81.10 64.29
C GLN BA 197 -73.31 81.74 63.05
N ASN BA 198 -72.04 81.44 62.80
CA ASN BA 198 -71.37 81.98 61.62
C ASN BA 198 -71.18 80.91 60.54
N ALA BA 199 -70.52 79.81 60.87
CA ALA BA 199 -70.22 78.77 59.89
C ALA BA 199 -71.51 78.10 59.44
N ASP BA 200 -71.71 78.04 58.12
CA ASP BA 200 -72.95 77.50 57.57
C ASP BA 200 -73.03 75.98 57.67
N CYS BA 201 -71.92 75.29 57.79
CA CYS BA 201 -71.90 73.85 58.00
C CYS BA 201 -70.63 73.53 58.77
N LEU BA 202 -70.54 72.29 59.25
CA LEU BA 202 -69.39 71.94 60.06
C LEU BA 202 -69.25 70.43 60.11
N VAL BA 203 -68.03 69.95 59.92
CA VAL BA 203 -67.71 68.53 59.94
C VAL BA 203 -66.69 68.30 61.04
N VAL BA 204 -67.05 67.53 62.03
CA VAL BA 204 -66.23 67.37 63.22
C VAL BA 204 -65.25 66.22 63.01
N LEU BA 205 -64.02 66.43 63.47
CA LEU BA 205 -62.98 65.39 63.42
C LEU BA 205 -62.16 65.52 64.69
N ASP BA 206 -62.37 64.65 65.65
CA ASP BA 206 -61.69 64.73 66.94
C ASP BA 206 -60.49 63.80 66.97
N ASN BA 207 -59.39 64.27 67.55
CA ASN BA 207 -58.15 63.51 67.60
C ASN BA 207 -58.26 62.25 68.45
N THR BA 208 -59.13 62.27 69.47
CA THR BA 208 -59.23 61.11 70.36
C THR BA 208 -59.79 59.91 69.62
N ALA BA 209 -60.66 60.13 68.64
CA ALA BA 209 -61.18 59.02 67.85
C ALA BA 209 -60.19 58.61 66.76
N LEU BA 210 -59.43 59.56 66.24
CA LEU BA 210 -58.44 59.22 65.20
C LEU BA 210 -57.23 58.54 65.80
N ASN BA 211 -56.78 59.00 66.97
CA ASN BA 211 -55.61 58.40 67.61
C ASN BA 211 -55.89 56.96 68.02
N ARG BA 212 -57.10 56.69 68.50
CA ARG BA 212 -57.44 55.31 68.86
C ARG BA 212 -57.43 54.39 67.64
N ILE BA 213 -57.80 54.92 66.47
CA ILE BA 213 -57.79 54.11 65.26
C ILE BA 213 -56.37 53.77 64.85
N ALA BA 214 -55.46 54.74 64.96
CA ALA BA 214 -54.07 54.51 64.56
C ALA BA 214 -53.42 53.43 65.41
N THR BA 215 -53.76 53.39 66.70
CA THR BA 215 -53.19 52.35 67.56
C THR BA 215 -53.94 51.04 67.42
N ASP BA 216 -55.20 51.08 66.99
CA ASP BA 216 -55.99 49.85 66.91
C ASP BA 216 -55.74 49.11 65.61
N ARG BA 217 -55.93 49.76 64.47
CA ARG BA 217 -55.81 49.11 63.17
C ARG BA 217 -54.57 49.54 62.38
N LEU BA 218 -53.74 50.41 62.92
CA LEU BA 218 -52.49 50.78 62.27
C LEU BA 218 -51.25 50.52 63.12
N HIS BA 219 -51.38 50.50 64.46
CA HIS BA 219 -50.31 50.13 65.36
C HIS BA 219 -49.09 51.05 65.20
N ILE BA 220 -49.30 52.33 65.50
CA ILE BA 220 -48.22 53.31 65.45
C ILE BA 220 -47.36 53.32 66.70
N GLN BA 221 -47.77 52.62 67.75
CA GLN BA 221 -46.99 52.57 68.98
C GLN BA 221 -47.30 51.32 69.78
N SER BA 224 -48.02 59.38 65.23
CA SER BA 224 -47.40 60.62 64.76
C SER BA 224 -48.39 61.48 64.02
N PHE BA 225 -48.14 62.80 64.00
CA PHE BA 225 -49.05 63.72 63.33
C PHE BA 225 -49.12 63.43 61.84
N SER BA 226 -47.98 63.18 61.21
CA SER BA 226 -47.97 62.87 59.79
C SER BA 226 -48.60 61.52 59.47
N GLN BA 227 -48.94 60.73 60.49
CA GLN BA 227 -49.56 59.43 60.28
C GLN BA 227 -51.08 59.48 60.35
N ILE BA 228 -51.62 60.16 61.35
CA ILE BA 228 -53.08 60.27 61.45
C ILE BA 228 -53.62 61.18 60.37
N ASN BA 229 -52.82 62.14 59.89
CA ASN BA 229 -53.27 63.01 58.81
C ASN BA 229 -53.53 62.24 57.53
N GLN BA 230 -52.93 61.05 57.39
CA GLN BA 230 -53.25 60.19 56.26
C GLN BA 230 -54.72 59.85 56.24
N LEU BA 231 -55.31 59.61 57.42
CA LEU BA 231 -56.73 59.29 57.49
C LEU BA 231 -57.58 60.54 57.28
N VAL BA 232 -57.15 61.66 57.84
CA VAL BA 232 -57.90 62.91 57.68
C VAL BA 232 -57.94 63.31 56.21
N SER BA 233 -56.84 63.11 55.50
CA SER BA 233 -56.80 63.43 54.08
C SER BA 233 -57.75 62.56 53.28
N THR BA 234 -57.89 61.29 53.66
CA THR BA 234 -58.77 60.39 52.92
C THR BA 234 -60.24 60.77 53.11
N ILE BA 235 -60.60 61.24 54.31
CA ILE BA 235 -61.98 61.66 54.54
C ILE BA 235 -62.27 62.98 53.83
N MET BA 236 -61.33 63.91 53.88
CA MET BA 236 -61.53 65.20 53.20
C MET BA 236 -61.60 65.01 51.69
N SER BA 237 -60.65 64.25 51.13
CA SER BA 237 -60.68 64.00 49.69
C SER BA 237 -61.94 63.27 49.28
N ALA BA 238 -62.45 62.38 50.14
CA ALA BA 238 -63.66 61.64 49.80
C ALA BA 238 -64.92 62.47 50.01
N SER BA 239 -64.85 63.53 50.83
CA SER BA 239 -66.05 64.31 51.11
C SER BA 239 -66.54 65.03 49.87
N THR BA 240 -65.62 65.58 49.07
CA THR BA 240 -65.96 66.33 47.87
C THR BA 240 -65.80 65.50 46.61
N THR BA 241 -66.09 64.20 46.68
CA THR BA 241 -65.92 63.33 45.52
C THR BA 241 -66.98 63.59 44.47
N THR BA 242 -68.23 63.76 44.89
CA THR BA 242 -69.30 63.98 43.93
C THR BA 242 -69.23 65.35 43.29
N LEU BA 243 -68.33 66.22 43.76
CA LEU BA 243 -68.17 67.53 43.13
C LEU BA 243 -67.22 67.48 41.95
N ARG BA 244 -66.17 66.66 42.02
CA ARG BA 244 -65.17 66.63 40.98
C ARG BA 244 -65.51 65.65 39.86
N TYR BA 245 -66.20 64.56 40.16
CA TYR BA 245 -66.67 63.64 39.14
C TYR BA 245 -68.17 63.85 38.95
N PRO BA 246 -68.59 64.55 37.92
CA PRO BA 246 -70.01 64.93 37.82
C PRO BA 246 -70.90 63.73 37.57
N GLY BA 247 -72.08 63.76 38.19
CA GLY BA 247 -73.08 62.75 37.99
C GLY BA 247 -74.44 63.37 37.73
N TYR BA 248 -75.50 62.58 37.86
CA TYR BA 248 -76.84 63.13 37.63
C TYR BA 248 -77.26 64.06 38.75
N MET BA 249 -76.71 63.87 39.94
CA MET BA 249 -77.06 64.69 41.10
C MET BA 249 -75.79 65.16 41.81
N ASN BA 250 -75.99 66.06 42.78
CA ASN BA 250 -74.93 66.52 43.65
C ASN BA 250 -73.77 67.15 42.87
N ASN BA 251 -74.12 68.18 42.09
CA ASN BA 251 -73.14 68.92 41.32
C ASN BA 251 -72.79 70.26 41.94
N ASP BA 252 -73.11 70.45 43.22
CA ASP BA 252 -72.85 71.70 43.91
C ASP BA 252 -72.83 71.45 45.41
N LEU BA 253 -72.06 72.28 46.11
CA LEU BA 253 -71.82 72.05 47.53
C LEU BA 253 -73.12 72.13 48.33
N ILE BA 254 -74.06 72.97 47.91
CA ILE BA 254 -75.32 73.08 48.65
C ILE BA 254 -76.17 71.84 48.44
N GLY BA 255 -75.94 71.10 47.37
CA GLY BA 255 -76.72 69.90 47.12
C GLY BA 255 -76.50 68.81 48.15
N LEU BA 256 -75.30 68.74 48.72
CA LEU BA 256 -75.01 67.76 49.75
C LEU BA 256 -75.52 68.21 51.10
N ILE BA 257 -75.51 69.52 51.35
CA ILE BA 257 -75.80 70.05 52.67
C ILE BA 257 -77.29 70.25 52.86
N ALA BA 258 -78.00 70.59 51.77
CA ALA BA 258 -79.42 70.89 51.88
C ALA BA 258 -80.25 69.71 52.35
N SER BA 259 -79.71 68.49 52.28
CA SER BA 259 -80.49 67.32 52.69
C SER BA 259 -80.28 66.99 54.16
N LEU BA 260 -79.05 67.13 54.64
CA LEU BA 260 -78.72 66.70 56.00
C LEU BA 260 -79.21 67.72 57.04
N ILE BA 261 -78.72 68.95 56.95
CA ILE BA 261 -78.99 69.98 57.95
C ILE BA 261 -80.45 70.41 57.89
N PRO BA 262 -81.28 70.06 58.88
CA PRO BA 262 -82.71 70.38 58.79
C PRO BA 262 -83.03 71.83 59.12
N THR BA 263 -82.36 72.40 60.12
CA THR BA 263 -82.52 73.78 60.51
C THR BA 263 -81.16 74.42 60.69
N PRO BA 264 -81.05 75.74 60.51
CA PRO BA 264 -79.72 76.38 60.58
C PRO BA 264 -79.00 76.18 61.89
N ARG BA 265 -79.68 75.79 62.97
CA ARG BA 265 -79.00 75.56 64.23
C ARG BA 265 -78.26 74.23 64.27
N LEU BA 266 -78.89 73.16 63.77
CA LEU BA 266 -78.34 71.82 63.85
C LEU BA 266 -77.44 71.57 62.64
N HIS BA 267 -76.29 72.22 62.63
CA HIS BA 267 -75.37 72.16 61.50
C HIS BA 267 -74.04 71.55 61.90
N PHE BA 268 -74.09 70.40 62.57
CA PHE BA 268 -72.90 69.64 62.93
C PHE BA 268 -73.02 68.24 62.36
N LEU BA 269 -71.93 67.73 61.79
CA LEU BA 269 -71.93 66.43 61.14
C LEU BA 269 -70.75 65.59 61.63
N MET BA 270 -70.90 64.28 61.50
CA MET BA 270 -69.85 63.32 61.82
C MET BA 270 -69.64 62.39 60.64
N THR BA 271 -68.50 61.70 60.64
CA THR BA 271 -68.06 60.93 59.49
C THR BA 271 -67.88 59.46 59.83
N GLY BA 272 -67.78 58.63 58.79
CA GLY BA 272 -67.51 57.22 58.94
C GLY BA 272 -66.85 56.63 57.71
N TYR BA 273 -65.73 55.93 57.88
CA TYR BA 273 -64.94 55.43 56.75
C TYR BA 273 -64.60 53.97 57.02
N THR BA 274 -65.18 53.05 56.23
CA THR BA 274 -65.09 51.64 56.57
C THR BA 274 -63.82 50.90 56.17
N PRO BA 275 -63.31 50.97 54.93
CA PRO BA 275 -62.19 50.09 54.57
C PRO BA 275 -60.88 50.65 55.09
N LEU BA 276 -60.36 50.04 56.15
CA LEU BA 276 -59.14 50.53 56.80
C LEU BA 276 -58.03 49.50 56.77
N THR BA 288 -66.83 43.18 46.60
CA THR BA 288 -67.55 43.56 47.81
C THR BA 288 -68.89 44.20 47.46
N THR BA 289 -69.97 43.63 47.97
CA THR BA 289 -71.32 44.10 47.68
C THR BA 289 -71.59 45.41 48.41
N VAL BA 290 -72.61 46.12 47.95
CA VAL BA 290 -72.96 47.39 48.57
C VAL BA 290 -73.64 47.15 49.91
N LEU BA 291 -74.27 45.98 50.06
CA LEU BA 291 -74.97 45.61 51.32
C LEU BA 291 -73.94 45.42 52.43
N ASP BA 292 -72.68 45.15 52.07
CA ASP BA 292 -71.59 44.93 53.05
C ASP BA 292 -71.05 46.28 53.52
N VAL BA 293 -71.00 47.29 52.64
CA VAL BA 293 -70.44 48.58 53.02
C VAL BA 293 -71.42 49.34 53.90
N MET BA 294 -72.70 49.25 53.59
CA MET BA 294 -73.69 49.94 54.42
C MET BA 294 -73.70 49.38 55.84
N ARG BA 295 -73.64 48.05 55.96
CA ARG BA 295 -73.70 47.36 57.27
C ARG BA 295 -72.46 47.65 58.12
N ARG BA 296 -71.31 47.93 57.48
CA ARG BA 296 -70.09 48.23 58.22
C ARG BA 296 -69.99 49.70 58.60
N LEU BA 297 -70.72 50.57 57.93
CA LEU BA 297 -70.67 51.99 58.28
C LEU BA 297 -71.53 52.29 59.50
N LEU BA 298 -72.62 51.56 59.66
CA LEU BA 298 -73.53 51.76 60.78
C LEU BA 298 -73.04 51.11 62.07
N GLN BA 299 -71.83 50.57 62.09
CA GLN BA 299 -71.29 50.03 63.33
C GLN BA 299 -70.57 51.13 64.11
N PRO BA 300 -70.62 51.10 65.44
CA PRO BA 300 -69.98 52.16 66.23
C PRO BA 300 -68.46 52.14 66.17
N LYS BA 301 -67.85 51.02 65.77
CA LYS BA 301 -66.40 50.93 65.77
C LYS BA 301 -65.74 51.81 64.72
N ASN BA 302 -66.48 52.22 63.69
CA ASN BA 302 -65.90 52.96 62.58
C ASN BA 302 -66.09 54.47 62.67
N VAL BA 303 -67.07 54.95 63.43
CA VAL BA 303 -67.36 56.39 63.45
C VAL BA 303 -66.20 57.12 64.11
N MET BA 304 -65.93 58.33 63.63
CA MET BA 304 -64.86 59.17 64.17
C MET BA 304 -65.39 60.12 65.24
N VAL BA 305 -66.07 59.55 66.21
CA VAL BA 305 -66.65 60.30 67.32
C VAL BA 305 -66.55 59.45 68.58
N SER BA 306 -66.01 60.04 69.64
CA SER BA 306 -65.90 59.35 70.92
C SER BA 306 -67.27 59.18 71.56
N ASN BA 314 -82.65 59.41 75.03
CA ASN BA 314 -81.88 58.62 74.07
C ASN BA 314 -81.29 59.50 72.98
N HIS BA 315 -81.04 58.90 71.82
CA HIS BA 315 -80.50 59.62 70.68
C HIS BA 315 -80.96 58.93 69.40
N CYS BA 316 -80.94 59.68 68.31
CA CYS BA 316 -81.44 59.16 67.03
C CYS BA 316 -80.83 59.97 65.90
N TYR BA 317 -80.86 59.39 64.70
CA TYR BA 317 -80.32 60.00 63.50
C TYR BA 317 -81.30 60.99 62.89
N ILE BA 318 -80.76 62.01 62.22
CA ILE BA 318 -81.56 63.01 61.54
C ILE BA 318 -81.50 62.85 60.02
N ALA BA 319 -80.32 62.53 59.49
CA ALA BA 319 -80.16 62.28 58.06
C ALA BA 319 -78.80 61.64 57.83
N ILE BA 320 -78.73 60.75 56.84
CA ILE BA 320 -77.51 60.02 56.54
C ILE BA 320 -77.21 60.14 55.05
N LEU BA 321 -75.93 60.30 54.72
CA LEU BA 321 -75.46 60.31 53.33
C LEU BA 321 -74.32 59.33 53.19
N ASN BA 322 -74.41 58.44 52.21
CA ASN BA 322 -73.42 57.41 51.98
C ASN BA 322 -72.73 57.65 50.64
N ILE BA 323 -71.40 57.61 50.65
CA ILE BA 323 -70.60 57.78 49.45
C ILE BA 323 -69.89 56.46 49.18
N ILE BA 324 -70.30 55.78 48.11
CA ILE BA 324 -69.67 54.54 47.67
C ILE BA 324 -68.83 54.86 46.45
N GLN BA 325 -67.52 54.73 46.58
CA GLN BA 325 -66.59 55.19 45.54
C GLN BA 325 -66.10 54.08 44.63
N GLY BA 326 -66.63 52.87 44.74
CA GLY BA 326 -66.09 51.74 44.02
C GLY BA 326 -66.66 51.60 42.62
N GLU BA 327 -66.29 50.48 42.00
CA GLU BA 327 -66.86 50.05 40.73
C GLU BA 327 -68.03 49.11 40.92
N VAL BA 328 -68.80 49.29 42.00
CA VAL BA 328 -69.86 48.36 42.35
C VAL BA 328 -70.94 48.36 41.28
N ASP BA 329 -71.75 47.33 41.32
CA ASP BA 329 -72.86 47.21 40.38
C ASP BA 329 -73.93 48.23 40.77
N PRO BA 330 -74.23 49.21 39.93
CA PRO BA 330 -75.21 50.24 40.29
C PRO BA 330 -76.66 49.82 40.18
N THR BA 331 -76.94 48.55 39.84
CA THR BA 331 -78.31 48.08 39.81
C THR BA 331 -78.77 47.51 41.13
N GLN BA 332 -77.86 46.99 41.95
CA GLN BA 332 -78.21 46.42 43.24
C GLN BA 332 -78.18 47.44 44.36
N VAL BA 333 -77.94 48.72 44.05
CA VAL BA 333 -77.90 49.73 45.11
C VAL BA 333 -79.30 50.00 45.63
N HIS BA 334 -80.31 49.97 44.75
CA HIS BA 334 -81.67 50.20 45.21
C HIS BA 334 -82.21 49.00 45.97
N LYS BA 335 -81.68 47.81 45.71
CA LYS BA 335 -82.08 46.63 46.47
C LYS BA 335 -81.64 46.76 47.92
N SER BA 336 -80.39 47.15 48.15
CA SER BA 336 -79.86 47.14 49.51
C SER BA 336 -80.63 48.08 50.42
N LEU BA 337 -81.06 49.23 49.90
CA LEU BA 337 -81.83 50.15 50.72
C LEU BA 337 -83.20 49.60 51.08
N GLN BA 338 -83.66 48.58 50.34
CA GLN BA 338 -84.91 47.94 50.71
C GLN BA 338 -84.73 47.04 51.92
N ARG BA 339 -83.59 46.35 51.98
CA ARG BA 339 -83.29 45.38 53.07
C ARG BA 339 -82.87 46.13 54.34
N ILE BA 340 -81.95 47.09 54.22
CA ILE BA 340 -81.45 47.79 55.41
C ILE BA 340 -82.60 48.39 56.21
N ARG BA 341 -83.67 48.79 55.53
CA ARG BA 341 -84.83 49.34 56.22
C ARG BA 341 -85.51 48.26 57.07
N GLU BA 342 -85.44 47.00 56.64
CA GLU BA 342 -86.19 45.95 57.31
C GLU BA 342 -85.54 45.57 58.65
N ARG BA 343 -84.22 45.46 58.66
CA ARG BA 343 -83.52 45.13 59.90
C ARG BA 343 -83.57 46.26 60.92
N LYS BA 344 -83.86 47.49 60.49
CA LYS BA 344 -83.97 48.65 61.38
C LYS BA 344 -82.68 48.87 62.16
N LEU BA 345 -81.59 49.03 61.40
CA LEU BA 345 -80.27 49.22 62.00
C LEU BA 345 -80.06 50.61 62.57
N ALA BA 346 -80.93 51.57 62.24
CA ALA BA 346 -80.79 52.93 62.73
C ALA BA 346 -82.15 53.48 63.11
N ASN BA 347 -82.20 54.23 64.21
CA ASN BA 347 -83.41 54.85 64.70
C ASN BA 347 -83.43 56.32 64.30
N PHE BA 348 -84.58 56.76 63.78
CA PHE BA 348 -84.70 58.08 63.18
C PHE BA 348 -85.65 58.95 63.99
N ILE BA 349 -85.66 60.23 63.64
CA ILE BA 349 -86.44 61.26 64.32
C ILE BA 349 -87.92 60.95 64.23
N PRO BA 350 -88.70 61.20 65.28
CA PRO BA 350 -90.14 60.92 65.22
C PRO BA 350 -90.97 62.09 64.70
N TRP BA 351 -90.46 63.32 64.76
CA TRP BA 351 -91.28 64.47 64.40
C TRP BA 351 -91.43 64.60 62.89
N GLY BA 352 -90.31 64.69 62.17
CA GLY BA 352 -90.35 64.87 60.74
C GLY BA 352 -89.81 63.65 60.01
N PRO BA 353 -90.09 63.56 58.73
CA PRO BA 353 -89.61 62.41 57.96
C PRO BA 353 -88.12 62.52 57.66
N ALA BA 354 -87.44 61.38 57.74
CA ALA BA 354 -86.01 61.29 57.44
C ALA BA 354 -85.73 59.98 56.76
N SER BA 355 -84.66 59.93 55.96
CA SER BA 355 -84.28 58.74 55.23
C SER BA 355 -82.77 58.66 55.14
N ILE BA 356 -82.29 57.65 54.41
CA ILE BA 356 -80.87 57.42 54.21
C ILE BA 356 -80.56 57.61 52.73
N GLN BA 357 -79.40 58.18 52.43
CA GLN BA 357 -79.02 58.54 51.08
C GLN BA 357 -77.73 57.85 50.68
N VAL BA 358 -77.73 57.25 49.49
CA VAL BA 358 -76.55 56.58 48.94
C VAL BA 358 -76.22 57.21 47.60
N ALA BA 359 -74.96 57.58 47.44
CA ALA BA 359 -74.50 58.21 46.21
C ALA BA 359 -73.20 57.54 45.75
N LEU BA 360 -73.16 57.19 44.47
CA LEU BA 360 -72.01 56.53 43.89
C LEU BA 360 -71.09 57.55 43.25
N SER BA 361 -69.90 57.08 42.86
CA SER BA 361 -68.92 57.90 42.17
C SER BA 361 -67.93 56.96 41.50
N ARG BA 362 -66.81 57.52 41.03
CA ARG BA 362 -65.78 56.72 40.38
C ARG BA 362 -64.43 57.05 41.00
N LYS BA 363 -63.68 56.01 41.33
CA LYS BA 363 -62.35 56.20 41.86
C LYS BA 363 -61.41 56.71 40.76
N SER BA 364 -60.31 57.31 41.19
CA SER BA 364 -59.34 57.85 40.25
C SER BA 364 -58.58 56.71 39.58
N PRO BA 365 -58.67 56.55 38.26
CA PRO BA 365 -57.94 55.46 37.61
C PRO BA 365 -56.43 55.61 37.67
N TYR BA 366 -55.93 56.84 37.76
CA TYR BA 366 -54.49 57.05 37.76
C TYR BA 366 -53.82 56.54 39.03
N LEU BA 367 -54.60 56.23 40.06
CA LEU BA 367 -54.03 55.70 41.30
C LEU BA 367 -53.97 54.19 41.26
N ARG BA 372 -61.80 47.17 43.76
CA ARG BA 372 -61.58 47.98 44.96
C ARG BA 372 -62.82 48.82 45.25
N VAL BA 373 -63.29 48.77 46.49
CA VAL BA 373 -64.49 49.51 46.90
C VAL BA 373 -64.23 50.15 48.25
N SER BA 374 -64.65 51.41 48.40
CA SER BA 374 -64.52 52.14 49.64
C SER BA 374 -65.90 52.67 50.03
N GLY BA 375 -65.93 53.51 51.07
CA GLY BA 375 -67.18 54.08 51.52
C GLY BA 375 -67.04 55.13 52.59
N LEU BA 376 -67.85 56.19 52.51
CA LEU BA 376 -67.87 57.24 53.50
C LEU BA 376 -69.30 57.58 53.87
N MET BA 377 -69.51 57.87 55.14
CA MET BA 377 -70.85 58.12 55.66
C MET BA 377 -70.88 59.43 56.44
N MET BA 378 -71.64 60.40 55.94
CA MET BA 378 -71.86 61.67 56.60
C MET BA 378 -73.22 61.60 57.29
N ALA BA 379 -73.23 61.70 58.61
CA ALA BA 379 -74.44 61.57 59.38
C ALA BA 379 -74.63 62.77 60.29
N ASN BA 380 -75.87 62.95 60.75
CA ASN BA 380 -76.23 64.01 61.69
C ASN BA 380 -76.89 63.34 62.89
N HIS BA 381 -76.07 62.97 63.88
CA HIS BA 381 -76.53 62.28 65.07
C HIS BA 381 -76.57 63.23 66.25
N THR BA 382 -77.67 63.22 66.99
CA THR BA 382 -77.79 64.07 68.16
C THR BA 382 -76.85 63.65 69.28
N SER BA 383 -76.20 62.50 69.16
CA SER BA 383 -75.19 62.13 70.15
C SER BA 383 -73.96 63.02 70.08
N ILE BA 384 -73.90 63.93 69.12
CA ILE BA 384 -72.77 64.86 69.05
C ILE BA 384 -72.87 65.88 70.18
N SER BA 385 -74.04 65.98 70.83
CA SER BA 385 -74.19 66.91 71.94
C SER BA 385 -73.26 66.58 73.09
N SER BA 386 -72.86 65.31 73.21
CA SER BA 386 -72.01 64.91 74.31
C SER BA 386 -70.63 65.58 74.24
N LEU BA 387 -70.12 65.77 73.02
CA LEU BA 387 -68.80 66.37 72.88
C LEU BA 387 -68.77 67.79 73.44
N PHE BA 388 -69.82 68.56 73.17
CA PHE BA 388 -69.90 69.92 73.72
C PHE BA 388 -70.01 69.87 75.24
N GLU BA 389 -70.69 68.85 75.76
CA GLU BA 389 -70.87 68.72 77.20
C GLU BA 389 -69.52 68.58 77.90
N ARG BA 390 -68.61 67.80 77.32
CA ARG BA 390 -67.30 67.62 77.91
C ARG BA 390 -66.54 68.94 77.98
N THR BA 391 -66.55 69.71 76.88
CA THR BA 391 -65.93 71.02 76.90
C THR BA 391 -66.64 71.95 77.86
N CYS BA 392 -67.97 71.86 77.90
CA CYS BA 392 -68.76 72.68 78.82
C CYS BA 392 -68.39 72.39 80.26
N ARG BA 393 -68.47 71.11 80.65
CA ARG BA 393 -68.16 70.74 82.03
C ARG BA 393 -66.72 71.05 82.38
N GLN BA 394 -65.80 70.86 81.42
CA GLN BA 394 -64.40 71.18 81.67
C GLN BA 394 -64.21 72.67 81.90
N TYR BA 395 -65.06 73.50 81.29
CA TYR BA 395 -64.94 74.95 81.47
C TYR BA 395 -65.36 75.36 82.88
N ASP BA 396 -66.46 74.79 83.38
CA ASP BA 396 -66.98 75.21 84.68
C ASP BA 396 -65.99 74.89 85.79
N LYS BA 397 -65.29 73.75 85.69
CA LYS BA 397 -64.33 73.39 86.71
C LYS BA 397 -63.17 74.37 86.77
N LEU BA 398 -62.76 74.91 85.62
CA LEU BA 398 -61.69 75.90 85.61
C LEU BA 398 -62.19 77.30 85.98
N ARG BA 399 -63.48 77.57 85.80
CA ARG BA 399 -64.03 78.87 86.11
C ARG BA 399 -64.09 79.14 87.61
N LYS BA 400 -64.14 78.09 88.43
CA LYS BA 400 -64.16 78.22 89.88
C LYS BA 400 -62.80 77.97 90.50
N ARG BA 401 -61.75 77.96 89.68
CA ARG BA 401 -60.41 77.66 90.15
C ARG BA 401 -59.34 78.64 89.69
N GLU BA 402 -59.59 79.41 88.64
CA GLU BA 402 -58.63 80.37 88.09
C GLU BA 402 -57.29 79.70 87.75
N ASP BA 416 -60.90 92.73 80.17
CA ASP BA 416 -61.17 93.73 81.19
C ASP BA 416 -62.48 93.45 81.92
N ASN BA 417 -63.36 92.67 81.27
CA ASN BA 417 -64.66 92.32 81.84
C ASN BA 417 -64.88 90.83 82.00
N PHE BA 418 -64.29 90.01 81.13
CA PHE BA 418 -64.57 88.57 81.07
C PHE BA 418 -66.05 88.30 80.85
N ASP BA 419 -66.70 89.12 80.01
CA ASP BA 419 -68.10 88.93 79.69
C ASP BA 419 -68.31 88.15 78.41
N GLU BA 420 -67.33 88.13 77.51
CA GLU BA 420 -67.48 87.34 76.29
C GLU BA 420 -67.55 85.85 76.60
N MET BA 421 -66.77 85.39 77.58
CA MET BA 421 -66.85 83.99 78.00
C MET BA 421 -68.25 83.67 78.51
N ASP BA 422 -68.91 84.64 79.15
CA ASP BA 422 -70.24 84.40 79.67
C ASP BA 422 -71.24 84.21 78.53
N THR BA 423 -71.17 85.05 77.50
CA THR BA 423 -72.09 84.93 76.37
C THR BA 423 -71.84 83.63 75.60
N SER BA 424 -70.57 83.28 75.38
CA SER BA 424 -70.26 82.05 74.68
C SER BA 424 -70.75 80.83 75.45
N ARG BA 425 -70.53 80.83 76.77
CA ARG BA 425 -71.02 79.75 77.61
C ARG BA 425 -72.54 79.65 77.53
N GLU BA 426 -73.22 80.78 77.35
CA GLU BA 426 -74.68 80.77 77.34
C GLU BA 426 -75.20 80.27 75.99
N ILE BA 427 -74.60 80.72 74.89
CA ILE BA 427 -75.15 80.39 73.58
C ILE BA 427 -74.96 78.91 73.25
N VAL BA 428 -73.84 78.32 73.70
CA VAL BA 428 -73.65 76.89 73.46
C VAL BA 428 -74.61 76.08 74.31
N GLN BA 429 -75.08 76.65 75.42
CA GLN BA 429 -76.08 75.96 76.23
C GLN BA 429 -77.40 75.84 75.47
N GLN BA 430 -77.70 76.82 74.62
CA GLN BA 430 -78.91 76.73 73.80
C GLN BA 430 -78.76 75.69 72.71
N LEU BA 431 -77.56 75.57 72.13
CA LEU BA 431 -77.32 74.56 71.11
C LEU BA 431 -77.50 73.16 71.68
N ILE BA 432 -76.88 72.90 72.83
CA ILE BA 432 -77.09 71.61 73.50
C ILE BA 432 -78.55 71.42 73.84
N ASP BA 433 -79.24 72.48 74.26
CA ASP BA 433 -80.65 72.37 74.59
C ASP BA 433 -81.50 72.07 73.36
N GLU BA 434 -81.03 72.49 72.18
CA GLU BA 434 -81.74 72.14 70.95
C GLU BA 434 -81.64 70.66 70.64
N TYR BA 435 -80.44 70.09 70.80
CA TYR BA 435 -80.23 68.68 70.49
C TYR BA 435 -81.10 67.78 71.37
N HIS BA 436 -80.98 67.92 72.69
CA HIS BA 436 -81.76 67.06 73.58
C HIS BA 436 -83.25 67.21 73.35
N ALA BA 437 -83.70 68.38 72.90
CA ALA BA 437 -85.09 68.57 72.54
C ALA BA 437 -85.36 68.23 71.07
N ALA BA 438 -84.32 67.92 70.30
CA ALA BA 438 -84.53 67.54 68.91
C ALA BA 438 -84.93 66.08 68.78
N THR BA 439 -84.85 65.32 69.88
CA THR BA 439 -85.18 63.90 69.87
C THR BA 439 -86.56 63.59 70.44
N ARG BA 440 -87.39 64.61 70.62
CA ARG BA 440 -88.70 64.41 71.21
C ARG BA 440 -89.79 64.47 70.16
N PRO BA 441 -90.93 63.82 70.38
CA PRO BA 441 -92.03 63.87 69.41
C PRO BA 441 -92.62 65.26 69.23
N ASP BA 442 -92.20 66.24 70.04
CA ASP BA 442 -92.74 67.59 69.90
C ASP BA 442 -91.63 68.62 69.75
N TYR BA 443 -90.64 68.32 68.91
CA TYR BA 443 -89.61 69.31 68.61
C TYR BA 443 -90.19 70.51 67.87
N ILE BA 444 -91.34 70.32 67.22
CA ILE BA 444 -92.05 71.43 66.62
C ILE BA 444 -92.42 72.43 67.71
N SER BA 445 -91.95 73.66 67.56
CA SER BA 445 -92.05 74.69 68.59
C SER BA 445 -91.39 74.23 69.88
N ARG CA 3 -51.88 108.71 -0.91
CA ARG CA 3 -51.92 109.60 0.25
C ARG CA 3 -50.71 109.35 1.13
N GLU CA 4 -50.30 110.36 1.89
CA GLU CA 4 -49.14 110.27 2.76
C GLU CA 4 -49.44 110.94 4.08
N ILE CA 5 -48.59 110.68 5.08
CA ILE CA 5 -48.72 111.29 6.40
C ILE CA 5 -47.34 111.69 6.90
N ILE CA 6 -47.17 112.96 7.23
CA ILE CA 6 -45.93 113.49 7.76
C ILE CA 6 -46.07 113.64 9.27
N THR CA 7 -45.14 113.06 10.02
CA THR CA 7 -45.19 113.07 11.47
C THR CA 7 -44.26 114.14 12.03
N LEU CA 8 -44.71 114.82 13.07
CA LEU CA 8 -43.95 115.86 13.74
C LEU CA 8 -43.71 115.46 15.18
N GLN CA 9 -42.48 115.62 15.64
CA GLN CA 9 -42.11 115.24 17.00
C GLN CA 9 -41.57 116.48 17.71
N LEU CA 10 -42.19 116.84 18.82
CA LEU CA 10 -41.84 118.03 19.57
C LEU CA 10 -41.49 117.67 21.00
N GLY CA 11 -40.47 118.35 21.54
CA GLY CA 11 -40.07 118.15 22.91
C GLY CA 11 -39.36 116.84 23.16
N GLN CA 12 -38.83 116.66 24.37
CA GLN CA 12 -38.10 115.44 24.70
C GLN CA 12 -39.03 114.23 24.62
N CYS CA 13 -40.27 114.38 25.06
CA CYS CA 13 -41.21 113.26 25.04
C CYS CA 13 -41.51 112.84 23.61
N GLY CA 14 -41.69 113.81 22.72
CA GLY CA 14 -42.02 113.47 21.34
C GLY CA 14 -40.91 112.70 20.65
N ASN CA 15 -39.67 113.18 20.75
CA ASN CA 15 -38.58 112.55 20.02
C ASN CA 15 -38.38 111.10 20.45
N GLN CA 16 -38.43 110.84 21.76
CA GLN CA 16 -38.20 109.49 22.25
C GLN CA 16 -39.33 108.55 21.82
N ILE CA 17 -40.58 108.89 22.16
CA ILE CA 17 -41.68 108.02 21.80
C ILE CA 17 -41.86 108.00 20.28
N GLY CA 18 -41.35 109.02 19.60
CA GLY CA 18 -41.32 108.96 18.15
C GLY CA 18 -40.21 108.05 17.64
N PHE CA 19 -39.03 108.14 18.27
CA PHE CA 19 -37.93 107.28 17.87
C PHE CA 19 -38.24 105.82 18.15
N GLU CA 20 -38.89 105.55 19.28
CA GLU CA 20 -39.32 104.18 19.56
C GLU CA 20 -40.45 103.76 18.64
N PHE CA 21 -41.21 104.72 18.12
CA PHE CA 21 -42.26 104.39 17.15
C PHE CA 21 -41.65 103.95 15.83
N TRP CA 22 -40.60 104.64 15.38
CA TRP CA 22 -39.98 104.27 14.12
C TRP CA 22 -39.18 102.98 14.24
N LYS CA 23 -38.58 102.75 15.41
CA LYS CA 23 -37.83 101.51 15.62
C LYS CA 23 -38.74 100.29 15.54
N GLN CA 24 -39.94 100.41 16.11
CA GLN CA 24 -40.89 99.31 16.06
C GLN CA 24 -41.41 99.09 14.65
N LEU CA 25 -41.59 100.18 13.90
CA LEU CA 25 -42.16 100.05 12.56
C LEU CA 25 -41.11 99.56 11.57
N CYS CA 26 -39.88 100.06 11.68
CA CYS CA 26 -38.81 99.61 10.79
C CYS CA 26 -38.54 98.12 10.95
N ALA CA 27 -38.83 97.56 12.13
CA ALA CA 27 -38.64 96.13 12.31
C ALA CA 27 -39.83 95.34 11.79
N GLU CA 28 -41.03 95.93 11.96
CA GLU CA 28 -42.28 95.29 11.45
C GLU CA 28 -42.07 95.02 9.95
N HIS CA 29 -41.53 96.02 9.24
CA HIS CA 29 -41.24 95.88 7.82
C HIS CA 29 -39.84 95.31 7.66
N GLY CA 30 -39.49 94.93 6.43
CA GLY CA 30 -38.17 94.40 6.19
C GLY CA 30 -37.16 95.49 5.89
N ILE CA 31 -37.00 96.44 6.80
CA ILE CA 31 -36.14 97.59 6.60
C ILE CA 31 -35.09 97.59 7.69
N SER CA 32 -33.83 97.46 7.29
CA SER CA 32 -32.72 97.46 8.24
C SER CA 32 -32.51 98.85 8.81
N PRO CA 33 -31.90 98.93 10.00
CA PRO CA 33 -31.69 100.24 10.64
C PRO CA 33 -30.94 101.25 9.79
N GLU CA 34 -30.17 100.79 8.80
CA GLU CA 34 -29.49 101.72 7.91
C GLU CA 34 -30.34 102.10 6.70
N ALA CA 35 -31.65 101.95 6.80
CA ALA CA 35 -32.59 102.34 5.75
C ALA CA 35 -32.35 101.60 4.44
N ILE CA 36 -32.02 100.32 4.53
CA ILE CA 36 -31.87 99.45 3.37
C ILE CA 36 -32.81 98.29 3.54
N VAL CA 37 -33.52 97.92 2.47
CA VAL CA 37 -34.45 96.82 2.55
C VAL CA 37 -33.68 95.51 2.62
N GLU CA 38 -34.04 94.67 3.57
CA GLU CA 38 -33.43 93.35 3.71
C GLU CA 38 -34.22 92.33 2.91
N GLU CA 39 -33.56 91.24 2.55
CA GLU CA 39 -34.19 90.23 1.71
C GLU CA 39 -35.29 89.49 2.46
N PHE CA 40 -34.91 88.77 3.51
CA PHE CA 40 -35.82 87.89 4.24
C PHE CA 40 -36.64 86.99 3.30
N THR CA 45 -45.58 93.03 0.51
CA THR CA 45 -47.04 92.96 0.49
C THR CA 45 -47.64 93.98 1.44
N ASP CA 46 -46.82 94.45 2.40
CA ASP CA 46 -47.24 95.46 3.40
C ASP CA 46 -47.07 96.86 2.82
N ARG CA 47 -48.14 97.68 2.85
CA ARG CA 47 -48.08 99.03 2.31
C ARG CA 47 -47.15 99.89 3.17
N LYS CA 48 -46.05 100.35 2.57
CA LYS CA 48 -45.08 101.15 3.29
C LYS CA 48 -44.85 102.51 2.65
N ASP CA 49 -45.69 102.90 1.69
CA ASP CA 49 -45.52 104.19 1.04
C ASP CA 49 -46.15 105.33 1.82
N VAL CA 50 -47.07 105.03 2.74
CA VAL CA 50 -47.74 106.10 3.48
C VAL CA 50 -46.75 106.78 4.42
N PHE CA 51 -45.93 106.00 5.12
CA PHE CA 51 -45.02 106.56 6.10
C PHE CA 51 -43.59 106.70 5.58
N PHE CA 52 -43.17 105.86 4.64
CA PHE CA 52 -41.80 105.88 4.14
C PHE CA 52 -41.78 106.42 2.72
N TYR CA 53 -40.74 107.18 2.41
CA TYR CA 53 -40.56 107.80 1.11
C TYR CA 53 -39.46 107.08 0.35
N GLN CA 54 -39.78 106.59 -0.84
CA GLN CA 54 -38.81 105.84 -1.65
C GLN CA 54 -37.73 106.75 -2.21
N TYR CA 60 -35.56 103.57 1.34
CA TYR CA 60 -36.71 104.06 2.08
C TYR CA 60 -36.29 105.00 3.20
N ILE CA 61 -37.04 106.09 3.36
CA ILE CA 61 -36.72 107.10 4.38
C ILE CA 61 -38.01 107.51 5.08
N PRO CA 62 -38.02 107.60 6.41
CA PRO CA 62 -39.23 108.00 7.11
C PRO CA 62 -39.54 109.47 6.88
N ARG CA 63 -40.83 109.77 6.77
CA ARG CA 63 -41.29 111.15 6.62
C ARG CA 63 -41.45 111.78 8.01
N ALA CA 64 -40.31 112.12 8.60
CA ALA CA 64 -40.27 112.63 9.96
C ALA CA 64 -39.68 114.04 9.98
N VAL CA 65 -40.10 114.83 10.96
CA VAL CA 65 -39.60 116.17 11.17
C VAL CA 65 -39.30 116.30 12.66
N LEU CA 66 -38.06 116.08 13.05
CA LEU CA 66 -37.70 116.13 14.46
C LEU CA 66 -37.46 117.56 14.90
N LEU CA 67 -37.86 117.87 16.13
CA LEU CA 67 -37.65 119.20 16.70
C LEU CA 67 -37.31 119.12 18.18
N ARG CA 72 -30.59 118.81 22.18
CA ARG CA 72 -29.78 117.97 23.04
C ARG CA 72 -30.10 116.49 22.85
N VAL CA 73 -31.39 116.14 22.95
CA VAL CA 73 -31.80 114.75 22.76
C VAL CA 73 -31.53 114.29 21.33
N ILE CA 74 -31.43 115.23 20.40
CA ILE CA 74 -31.16 114.87 19.01
C ILE CA 74 -29.80 114.17 18.89
N HIS CA 75 -28.85 114.55 19.75
CA HIS CA 75 -27.53 113.94 19.65
C HIS CA 75 -27.57 112.47 20.06
N SER CA 76 -28.44 112.11 21.00
CA SER CA 76 -28.59 110.71 21.36
C SER CA 76 -29.10 109.89 20.18
N ILE CA 77 -29.91 110.50 19.32
CA ILE CA 77 -30.40 109.80 18.14
C ILE CA 77 -29.31 109.71 17.08
N LEU CA 78 -28.50 110.75 16.94
CA LEU CA 78 -27.45 110.75 15.92
C LEU CA 78 -26.31 109.81 16.28
N ASN CA 79 -26.10 109.50 17.54
CA ASN CA 79 -25.06 108.57 17.94
C ASN CA 79 -25.52 107.12 17.94
N SER CA 80 -26.83 106.89 18.00
CA SER CA 80 -27.37 105.54 17.99
C SER CA 80 -27.11 104.87 16.64
N PRO CA 81 -27.28 103.55 16.56
CA PRO CA 81 -27.13 102.87 15.26
C PRO CA 81 -28.13 103.31 14.20
N TYR CA 82 -29.13 104.13 14.56
CA TYR CA 82 -30.15 104.58 13.63
C TYR CA 82 -29.84 105.95 13.04
N ALA CA 83 -28.56 106.28 12.87
CA ALA CA 83 -28.21 107.58 12.33
C ALA CA 83 -28.47 107.67 10.84
N LYS CA 84 -28.58 106.54 10.15
CA LYS CA 84 -28.79 106.52 8.72
C LYS CA 84 -30.26 106.56 8.33
N LEU CA 85 -31.14 107.03 9.21
CA LEU CA 85 -32.57 106.96 8.98
C LEU CA 85 -33.21 108.32 8.80
N TYR CA 86 -32.42 109.39 8.66
CA TYR CA 86 -32.98 110.73 8.48
C TYR CA 86 -32.18 111.55 7.47
N GLY CA 101 -37.05 126.92 27.68
CA GLY CA 101 -37.27 126.91 29.12
C GLY CA 101 -38.32 125.91 29.54
N ASN CA 102 -39.01 126.21 30.64
CA ASN CA 102 -40.12 125.37 31.10
C ASN CA 102 -41.42 126.15 31.25
N ASN CA 103 -41.47 127.38 30.76
CA ASN CA 103 -42.70 128.17 30.74
C ASN CA 103 -43.36 128.05 29.37
N TRP CA 104 -44.69 127.95 29.38
CA TRP CA 104 -45.42 127.84 28.13
C TRP CA 104 -45.24 129.08 27.27
N ALA CA 105 -45.06 130.24 27.91
CA ALA CA 105 -44.85 131.47 27.15
C ALA CA 105 -43.54 131.43 26.40
N SER CA 106 -42.48 130.89 27.02
CA SER CA 106 -41.21 130.77 26.32
C SER CA 106 -41.32 129.83 25.14
N GLY CA 107 -42.12 128.77 25.27
CA GLY CA 107 -42.32 127.87 24.15
C GLY CA 107 -43.12 128.51 23.03
N PHE CA 108 -44.08 129.35 23.37
CA PHE CA 108 -44.88 130.03 22.35
C PHE CA 108 -44.08 131.16 21.70
N SER CA 109 -43.21 131.81 22.47
CA SER CA 109 -42.45 132.94 21.93
C SER CA 109 -41.40 132.48 20.94
N GLN CA 110 -40.63 131.45 21.31
CA GLN CA 110 -39.53 131.02 20.45
C GLN CA 110 -40.04 130.48 19.12
N GLY CA 111 -41.24 129.89 19.14
CA GLY CA 111 -41.85 129.31 17.93
C GLY CA 111 -42.12 130.37 16.87
N GLU CA 112 -42.42 131.60 17.29
CA GLU CA 112 -42.71 132.71 16.35
C GLU CA 112 -41.40 133.22 15.73
N LYS CA 113 -40.35 133.34 16.55
CA LYS CA 113 -39.03 133.83 16.07
C LYS CA 113 -38.60 133.05 14.83
N ILE CA 114 -38.42 131.74 14.97
CA ILE CA 114 -38.01 130.86 13.84
C ILE CA 114 -39.27 130.31 13.16
N HIS CA 115 -40.09 131.20 12.61
CA HIS CA 115 -41.35 130.80 11.93
C HIS CA 115 -41.04 130.13 10.58
N GLU CA 116 -40.69 130.91 9.57
CA GLU CA 116 -40.38 130.40 8.21
C GLU CA 116 -39.23 129.40 8.27
N ASP CA 117 -38.20 129.69 9.08
CA ASP CA 117 -36.99 128.83 9.22
C ASP CA 117 -37.40 127.36 9.42
N ILE CA 118 -38.28 127.10 10.39
CA ILE CA 118 -38.73 125.70 10.69
C ILE CA 118 -39.89 125.32 9.77
N PHE CA 119 -40.60 126.31 9.21
CA PHE CA 119 -41.75 126.03 8.31
C PHE CA 119 -41.24 125.58 6.95
N ASP CA 120 -40.23 126.26 6.42
CA ASP CA 120 -39.56 126.01 5.11
C ASP CA 120 -39.43 124.51 4.91
N ILE CA 121 -39.02 123.79 5.95
CA ILE CA 121 -38.85 122.30 5.89
C ILE CA 121 -40.23 121.67 5.64
N ILE CA 122 -41.26 122.14 6.35
CA ILE CA 122 -42.63 121.58 6.22
C ILE CA 122 -43.18 121.91 4.82
N ASP CA 123 -42.77 123.06 4.26
CA ASP CA 123 -43.26 123.49 2.93
C ASP CA 123 -42.66 122.60 1.83
N ARG CA 124 -41.35 122.39 1.84
CA ARG CA 124 -40.67 121.57 0.80
C ARG CA 124 -41.20 120.12 0.86
N GLU CA 125 -41.37 119.58 2.08
CA GLU CA 125 -41.89 118.20 2.24
C GLU CA 125 -43.32 118.14 1.70
N ALA CA 126 -44.15 119.13 2.02
CA ALA CA 126 -45.55 119.18 1.54
C ALA CA 126 -45.57 119.32 0.02
N ASP CA 127 -44.68 120.14 -0.54
CA ASP CA 127 -44.62 120.35 -2.01
C ASP CA 127 -43.91 119.16 -2.67
N GLY CA 128 -43.30 118.29 -1.87
CA GLY CA 128 -42.62 117.13 -2.42
C GLY CA 128 -43.43 115.86 -2.31
N SER CA 129 -44.40 115.83 -1.39
CA SER CA 129 -45.26 114.68 -1.22
C SER CA 129 -46.23 114.55 -2.39
N ASP CA 130 -46.64 113.30 -2.65
CA ASP CA 130 -47.54 113.04 -3.77
C ASP CA 130 -48.88 113.74 -3.56
N SER CA 131 -49.60 113.34 -2.52
CA SER CA 131 -50.89 113.96 -2.17
C SER CA 131 -51.03 113.88 -0.65
N LEU CA 132 -50.65 114.96 0.04
CA LEU CA 132 -50.62 114.95 1.49
C LEU CA 132 -52.01 114.69 2.06
N GLU CA 133 -52.04 114.00 3.19
CA GLU CA 133 -53.30 113.66 3.85
C GLU CA 133 -53.38 114.20 5.27
N GLY CA 134 -52.33 114.09 6.06
CA GLY CA 134 -52.44 114.48 7.45
C GLY CA 134 -51.17 114.99 8.11
N PHE CA 135 -51.25 115.22 9.42
CA PHE CA 135 -50.08 115.72 10.19
C PHE CA 135 -50.08 115.10 11.60
N VAL CA 136 -49.54 113.89 11.72
CA VAL CA 136 -49.48 113.22 13.02
C VAL CA 136 -48.51 113.98 13.91
N LEU CA 137 -48.94 114.24 15.15
CA LEU CA 137 -48.16 115.04 16.09
C LEU CA 137 -47.98 114.25 17.37
N CYS CA 138 -46.73 114.13 17.82
CA CYS CA 138 -46.38 113.35 19.01
C CYS CA 138 -45.72 114.27 20.02
N HIS CA 139 -46.44 114.59 21.10
CA HIS CA 139 -45.94 115.54 22.09
C HIS CA 139 -46.67 115.32 23.40
N SER CA 140 -46.09 115.88 24.46
CA SER CA 140 -46.68 115.84 25.80
C SER CA 140 -47.06 117.26 26.21
N ILE CA 141 -48.23 117.40 26.85
CA ILE CA 141 -48.74 118.73 27.18
C ILE CA 141 -48.13 119.30 28.44
N ALA CA 142 -47.24 118.56 29.12
CA ALA CA 142 -46.62 119.06 30.34
C ALA CA 142 -45.42 119.96 30.01
N GLY CA 144 -41.65 121.08 28.61
CA GLY CA 144 -42.24 122.40 28.70
C GLY CA 144 -42.32 123.12 27.37
N THR CA 145 -41.27 123.01 26.56
CA THR CA 145 -41.27 123.67 25.26
C THR CA 145 -42.22 123.00 24.28
N GLY CA 146 -42.28 121.66 24.29
CA GLY CA 146 -43.24 120.98 23.43
C GLY CA 146 -44.67 121.37 23.72
N SER CA 147 -44.93 121.83 24.95
CA SER CA 147 -46.25 122.34 25.29
C SER CA 147 -46.53 123.64 24.55
N GLY CA 148 -45.57 124.57 24.57
CA GLY CA 148 -45.78 125.85 23.91
C GLY CA 148 -45.58 125.78 22.41
N LEU CA 149 -44.39 125.37 21.98
CA LEU CA 149 -44.12 125.24 20.55
C LEU CA 149 -45.13 124.32 19.88
N GLY CA 150 -45.66 123.35 20.63
CA GLY CA 150 -46.72 122.52 20.08
C GLY CA 150 -48.01 123.28 19.88
N SER CA 151 -48.36 124.14 20.83
CA SER CA 151 -49.58 124.94 20.68
C SER CA 151 -49.44 125.94 19.55
N TYR CA 152 -48.19 126.39 19.33
CA TYR CA 152 -47.90 127.39 18.27
C TYR CA 152 -48.13 126.78 16.88
N LEU CA 153 -47.54 125.61 16.62
CA LEU CA 153 -47.66 124.98 15.32
C LEU CA 153 -49.09 124.55 15.05
N LEU CA 154 -49.84 124.23 16.10
CA LEU CA 154 -51.21 123.76 15.90
C LEU CA 154 -52.10 124.88 15.36
N GLU CA 155 -51.79 126.12 15.69
CA GLU CA 155 -52.58 127.23 15.15
C GLU CA 155 -52.15 127.57 13.73
N ARG CA 156 -50.84 127.51 13.48
CA ARG CA 156 -50.27 127.85 12.14
C ARG CA 156 -50.72 126.82 11.09
N LEU CA 157 -50.78 125.54 11.48
CA LEU CA 157 -51.16 124.44 10.56
C LEU CA 157 -52.57 124.69 10.04
N ASN CA 158 -53.52 124.97 10.95
CA ASN CA 158 -54.93 125.23 10.57
C ASN CA 158 -54.98 126.49 9.71
N ASP CA 159 -54.19 127.51 10.07
CA ASP CA 159 -54.13 128.78 9.31
C ASP CA 159 -53.51 128.53 7.93
N ARG CA 160 -52.55 127.60 7.85
CA ARG CA 160 -51.89 127.27 6.56
C ARG CA 160 -52.81 126.38 5.73
N TYR CA 161 -52.64 125.05 5.85
CA TYR CA 161 -53.48 124.07 5.09
C TYR CA 161 -54.79 123.85 5.85
N PRO CA 162 -55.95 124.29 5.31
CA PRO CA 162 -57.24 124.12 5.97
C PRO CA 162 -57.89 122.78 5.61
N LYS CA 163 -57.25 122.02 4.71
CA LYS CA 163 -57.78 120.70 4.27
C LYS CA 163 -56.78 119.60 4.62
N LYS CA 164 -56.27 119.60 5.86
CA LYS CA 164 -55.29 118.57 6.31
C LYS CA 164 -55.59 118.17 7.75
N LEU CA 165 -55.95 116.90 7.96
CA LEU CA 165 -56.24 116.38 9.29
C LEU CA 165 -55.00 116.47 10.16
N VAL CA 166 -55.21 116.79 11.44
CA VAL CA 166 -54.13 116.90 12.42
C VAL CA 166 -54.47 116.01 13.58
N GLN CA 167 -53.88 114.81 13.61
CA GLN CA 167 -54.06 113.88 14.71
C GLN CA 167 -52.87 113.98 15.66
N THR CA 168 -53.17 114.11 16.95
CA THR CA 168 -52.14 114.39 17.93
C THR CA 168 -52.13 113.30 18.99
N TYR CA 169 -51.00 112.62 19.15
CA TYR CA 169 -50.83 111.60 20.19
C TYR CA 169 -50.34 112.24 21.49
N SER CA 170 -51.16 113.10 22.06
CA SER CA 170 -50.77 113.81 23.26
C SER CA 170 -50.59 112.84 24.43
N VAL CA 171 -49.80 113.26 25.40
CA VAL CA 171 -49.48 112.44 26.57
C VAL CA 171 -49.68 113.28 27.82
N PHE CA 172 -50.56 112.84 28.71
CA PHE CA 172 -50.83 113.63 29.90
C PHE CA 172 -49.86 113.29 31.02
N PRO CA 173 -49.54 114.26 31.88
CA PRO CA 173 -48.62 114.04 33.00
C PRO CA 173 -49.25 113.24 34.13
N VAL CA 183 -46.17 125.19 38.10
CA VAL CA 183 -46.49 125.79 36.80
C VAL CA 183 -47.02 124.71 35.86
N GLN CA 184 -47.01 123.47 36.35
CA GLN CA 184 -47.50 122.36 35.53
C GLN CA 184 -49.00 122.45 35.26
N PRO CA 185 -49.86 122.79 36.22
CA PRO CA 185 -51.29 122.91 35.89
C PRO CA 185 -51.58 123.96 34.84
N TYR CA 186 -50.83 125.07 34.83
CA TYR CA 186 -51.07 126.12 33.84
C TYR CA 186 -50.84 125.61 32.42
N ASN CA 187 -49.63 125.10 32.16
CA ASN CA 187 -49.28 124.69 30.81
C ASN CA 187 -50.11 123.51 30.35
N SER CA 188 -50.69 122.75 31.28
CA SER CA 188 -51.47 121.60 30.89
C SER CA 188 -52.80 122.02 30.26
N LEU CA 189 -53.42 123.07 30.79
CA LEU CA 189 -54.71 123.47 30.24
C LEU CA 189 -54.57 124.45 29.09
N LEU CA 190 -53.46 125.19 29.03
CA LEU CA 190 -53.27 126.12 27.93
C LEU CA 190 -53.29 125.40 26.58
N THR CA 191 -52.54 124.31 26.47
CA THR CA 191 -52.58 123.54 25.23
C THR CA 191 -53.94 122.89 25.05
N LEU CA 192 -54.64 122.60 26.14
CA LEU CA 192 -55.98 122.06 26.02
C LEU CA 192 -56.89 123.02 25.28
N LYS CA 193 -56.66 124.33 25.45
CA LYS CA 193 -57.44 125.30 24.68
C LYS CA 193 -57.20 125.15 23.19
N ARG CA 194 -55.95 124.92 22.79
CA ARG CA 194 -55.63 124.75 21.38
C ARG CA 194 -56.05 123.39 20.84
N LEU CA 195 -56.01 122.36 21.67
CA LEU CA 195 -56.36 121.01 21.25
C LEU CA 195 -57.86 120.81 21.08
N THR CA 196 -58.68 121.74 21.56
CA THR CA 196 -60.11 121.59 21.45
C THR CA 196 -60.73 122.31 20.25
N GLN CA 197 -59.94 123.05 19.49
CA GLN CA 197 -60.49 123.72 18.31
C GLN CA 197 -59.64 123.49 17.07
N ASN CA 198 -58.35 123.21 17.27
CA ASN CA 198 -57.44 123.01 16.14
C ASN CA 198 -57.35 121.54 15.74
N ALA CA 199 -56.97 120.69 16.68
CA ALA CA 199 -56.74 119.27 16.38
C ALA CA 199 -58.05 118.62 15.95
N ASP CA 200 -58.00 117.90 14.82
CA ASP CA 200 -59.19 117.21 14.32
C ASP CA 200 -59.40 115.85 14.97
N CYS CA 201 -58.42 115.34 15.69
CA CYS CA 201 -58.57 114.15 16.52
C CYS CA 201 -57.51 114.22 17.60
N LEU CA 202 -57.64 113.35 18.60
CA LEU CA 202 -56.68 113.38 19.70
C LEU CA 202 -56.78 112.10 20.49
N VAL CA 203 -55.65 111.41 20.64
CA VAL CA 203 -55.56 110.16 21.37
C VAL CA 203 -54.75 110.42 22.63
N VAL CA 204 -55.39 110.33 23.78
CA VAL CA 204 -54.70 110.61 25.04
C VAL CA 204 -54.01 109.35 25.53
N LEU CA 205 -52.83 109.54 26.12
CA LEU CA 205 -52.10 108.46 26.78
C LEU CA 205 -51.52 109.07 28.05
N ASP CA 206 -52.14 108.77 29.19
CA ASP CA 206 -51.77 109.40 30.45
C ASP CA 206 -50.73 108.57 31.20
N ASN CA 207 -49.69 109.25 31.69
CA ASN CA 207 -48.60 108.57 32.36
C ASN CA 207 -49.03 107.93 33.68
N THR CA 208 -50.09 108.44 34.31
CA THR CA 208 -50.56 107.83 35.55
C THR CA 208 -51.00 106.40 35.33
N ALA CA 209 -51.84 106.17 34.32
CA ALA CA 209 -52.23 104.81 33.97
C ALA CA 209 -51.05 104.03 33.42
N LEU CA 210 -50.02 104.73 32.93
CA LEU CA 210 -48.80 104.05 32.50
C LEU CA 210 -47.99 103.58 33.70
N ASN CA 211 -47.93 104.39 34.75
CA ASN CA 211 -47.18 103.99 35.94
C ASN CA 211 -47.88 102.85 36.66
N ARG CA 212 -49.22 102.89 36.74
CA ARG CA 212 -49.95 101.84 37.45
C ARG CA 212 -49.78 100.49 36.77
N ILE CA 213 -49.91 100.46 35.43
CA ILE CA 213 -49.75 99.21 34.71
C ILE CA 213 -48.30 98.74 34.76
N ALA CA 214 -47.36 99.69 34.84
CA ALA CA 214 -45.95 99.32 34.93
C ALA CA 214 -45.65 98.57 36.22
N THR CA 215 -46.14 99.08 37.35
CA THR CA 215 -45.84 98.44 38.63
C THR CA 215 -46.69 97.20 38.85
N ASP CA 216 -47.82 97.09 38.14
CA ASP CA 216 -48.75 95.99 38.41
C ASP CA 216 -48.25 94.68 37.79
N ARG CA 217 -48.09 94.66 36.47
CA ARG CA 217 -47.79 93.43 35.74
C ARG CA 217 -46.46 93.48 35.01
N LEU CA 218 -45.67 94.54 35.18
CA LEU CA 218 -44.34 94.62 34.59
C LEU CA 218 -43.22 94.76 35.62
N HIS CA 219 -43.52 95.21 36.84
CA HIS CA 219 -42.56 95.25 37.94
C HIS CA 219 -41.33 96.10 37.59
N ILE CA 220 -41.58 97.40 37.40
CA ILE CA 220 -40.49 98.33 37.13
C ILE CA 220 -39.88 98.92 38.39
N GLN CA 221 -40.57 98.83 39.52
CA GLN CA 221 -40.06 99.38 40.78
C GLN CA 221 -40.73 98.73 41.97
N SER CA 224 -39.07 104.53 35.33
CA SER CA 224 -38.08 104.42 34.26
C SER CA 224 -38.71 104.77 32.91
N PHE CA 225 -38.16 105.80 32.26
CA PHE CA 225 -38.76 106.28 31.02
C PHE CA 225 -38.60 105.27 29.89
N SER CA 226 -37.43 104.65 29.79
CA SER CA 226 -37.17 103.73 28.70
C SER CA 226 -37.98 102.45 28.78
N GLN CA 227 -38.69 102.21 29.87
CA GLN CA 227 -39.51 101.01 30.02
C GLN CA 227 -40.99 101.26 29.75
N ILE CA 228 -41.48 102.46 30.06
CA ILE CA 228 -42.86 102.79 29.73
C ILE CA 228 -43.01 103.07 28.24
N ASN CA 229 -41.95 103.57 27.59
CA ASN CA 229 -42.01 103.86 26.17
C ASN CA 229 -42.22 102.61 25.35
N GLN CA 230 -41.79 101.45 25.85
CA GLN CA 230 -42.03 100.20 25.14
C GLN CA 230 -43.51 99.87 25.09
N LEU CA 231 -44.29 100.46 26.01
CA LEU CA 231 -45.72 100.15 26.06
C LEU CA 231 -46.52 101.10 25.18
N VAL CA 232 -46.13 102.38 25.12
CA VAL CA 232 -46.86 103.33 24.30
C VAL CA 232 -46.62 103.06 22.82
N SER CA 233 -45.36 102.81 22.45
CA SER CA 233 -45.04 102.53 21.05
C SER CA 233 -45.74 101.26 20.57
N THR CA 234 -46.05 100.34 21.46
CA THR CA 234 -46.80 99.16 21.07
C THR CA 234 -48.23 99.55 20.69
N ILE CA 235 -48.74 100.63 21.27
CA ILE CA 235 -50.09 101.08 20.95
C ILE CA 235 -50.09 101.88 19.65
N MET CA 236 -49.09 102.75 19.47
CA MET CA 236 -49.02 103.57 18.26
C MET CA 236 -48.89 102.72 17.02
N SER CA 237 -47.91 101.80 17.01
CA SER CA 237 -47.75 100.91 15.87
C SER CA 237 -48.98 100.06 15.64
N ALA CA 238 -49.79 99.87 16.69
CA ALA CA 238 -51.04 99.14 16.54
C ALA CA 238 -52.20 100.05 16.21
N SER CA 239 -52.08 101.35 16.44
CA SER CA 239 -53.18 102.26 16.14
C SER CA 239 -53.38 102.41 14.64
N THR CA 240 -52.29 102.44 13.87
CA THR CA 240 -52.34 102.58 12.42
C THR CA 240 -52.01 101.27 11.72
N THR CA 241 -52.54 100.17 12.26
CA THR CA 241 -52.30 98.84 11.64
C THR CA 241 -53.17 98.71 10.38
N THR CA 242 -54.31 99.39 10.37
CA THR CA 242 -55.24 99.37 9.21
C THR CA 242 -54.58 100.00 7.99
N LEU CA 243 -53.83 101.10 8.19
CA LEU CA 243 -53.13 101.78 7.07
C LEU CA 243 -52.01 100.90 6.50
N ARG CA 244 -51.20 100.31 7.38
CA ARG CA 244 -50.03 99.46 6.99
C ARG CA 244 -50.50 98.29 6.11
N TYR CA 245 -51.42 97.47 6.62
CA TYR CA 245 -51.95 96.31 5.86
C TYR CA 245 -53.20 96.73 5.10
N PRO CA 246 -53.30 96.48 3.78
CA PRO CA 246 -54.48 96.86 3.00
C PRO CA 246 -55.71 96.12 3.52
N GLY CA 247 -56.83 96.83 3.66
CA GLY CA 247 -58.08 96.23 4.15
C GLY CA 247 -59.30 96.72 3.37
N TYR CA 248 -60.38 95.93 3.39
CA TYR CA 248 -61.63 96.30 2.67
C TYR CA 248 -62.05 97.71 3.09
N MET CA 249 -61.98 98.01 4.39
CA MET CA 249 -62.40 99.33 4.92
C MET CA 249 -61.29 99.96 5.78
N ASN CA 250 -61.44 101.24 6.12
CA ASN CA 250 -60.48 102.01 6.95
C ASN CA 250 -59.10 102.07 6.29
N ASN CA 251 -59.07 102.32 4.97
CA ASN CA 251 -57.79 102.39 4.21
C ASN CA 251 -57.29 103.84 4.18
N ASP CA 252 -58.05 104.76 4.80
CA ASP CA 252 -57.66 106.20 4.82
C ASP CA 252 -57.68 106.72 6.26
N LEU CA 253 -56.90 107.78 6.53
CA LEU CA 253 -56.83 108.38 7.90
C LEU CA 253 -58.16 109.03 8.26
N ILE CA 254 -58.95 109.43 7.26
CA ILE CA 254 -60.26 110.03 7.50
C ILE CA 254 -61.31 108.95 7.74
N GLY CA 255 -60.97 107.69 7.48
CA GLY CA 255 -61.89 106.61 7.78
C GLY CA 255 -61.90 106.21 9.24
N LEU CA 256 -60.73 106.25 9.89
CA LEU CA 256 -60.65 105.97 11.31
C LEU CA 256 -61.23 107.10 12.15
N ILE CA 257 -61.14 108.33 11.66
CA ILE CA 257 -61.54 109.48 12.45
C ILE CA 257 -63.05 109.66 12.40
N ALA CA 258 -63.61 109.80 11.19
CA ALA CA 258 -65.02 110.15 11.06
C ALA CA 258 -65.94 109.07 11.62
N SER CA 259 -65.44 107.86 11.82
CA SER CA 259 -66.28 106.81 12.39
C SER CA 259 -66.56 107.06 13.86
N LEU CA 260 -65.53 107.44 14.62
CA LEU CA 260 -65.68 107.58 16.06
C LEU CA 260 -66.25 108.96 16.43
N ILE CA 261 -65.62 110.02 15.93
CA ILE CA 261 -65.97 111.38 16.31
C ILE CA 261 -67.31 111.80 15.72
N PRO CA 262 -68.36 111.92 16.52
CA PRO CA 262 -69.67 112.31 15.98
C PRO CA 262 -69.80 113.80 15.76
N THR CA 263 -69.16 114.59 16.62
CA THR CA 263 -69.24 116.04 16.62
C THR CA 263 -67.86 116.63 16.86
N PRO CA 264 -67.47 117.64 16.08
CA PRO CA 264 -66.08 118.11 16.13
C PRO CA 264 -65.59 118.56 17.50
N ARG CA 265 -66.48 118.74 18.49
CA ARG CA 265 -66.02 119.09 19.82
C ARG CA 265 -65.59 117.85 20.61
N LEU CA 266 -66.25 116.72 20.40
CA LEU CA 266 -66.00 115.51 21.18
C LEU CA 266 -64.97 114.65 20.44
N HIS CA 267 -63.72 115.12 20.47
CA HIS CA 267 -62.64 114.49 19.72
C HIS CA 267 -61.50 114.05 20.64
N PHE CA 268 -61.83 113.34 21.72
CA PHE CA 268 -60.83 112.74 22.60
C PHE CA 268 -61.11 111.25 22.69
N LEU CA 269 -60.11 110.44 22.40
CA LEU CA 269 -60.27 109.00 22.41
C LEU CA 269 -59.28 108.36 23.38
N MET CA 270 -59.60 107.14 23.81
CA MET CA 270 -58.74 106.37 24.71
C MET CA 270 -58.44 105.02 24.07
N THR CA 271 -57.43 104.35 24.64
CA THR CA 271 -56.91 103.11 24.07
C THR CA 271 -57.04 101.96 25.06
N GLY CA 272 -57.13 100.75 24.52
CA GLY CA 272 -57.15 99.53 25.31
C GLY CA 272 -56.39 98.41 24.63
N TYR CA 273 -55.51 97.74 25.35
CA TYR CA 273 -54.60 96.75 24.76
C TYR CA 273 -54.37 95.63 25.77
N THR CA 274 -54.96 94.45 25.50
CA THR CA 274 -55.00 93.40 26.51
C THR CA 274 -53.73 92.57 26.65
N PRO CA 275 -53.22 91.89 25.60
CA PRO CA 275 -52.18 90.89 25.84
C PRO CA 275 -50.83 91.53 26.13
N LEU CA 276 -50.45 91.50 27.40
CA LEU CA 276 -49.19 92.11 27.84
C LEU CA 276 -48.21 91.05 28.34
N THR CA 288 -57.24 80.65 21.93
CA THR CA 288 -57.98 81.81 22.39
C THR CA 288 -58.92 82.32 21.29
N THR CA 289 -60.16 82.60 21.67
CA THR CA 289 -61.16 83.09 20.73
C THR CA 289 -61.34 84.60 20.89
N VAL CA 290 -62.03 85.20 19.91
CA VAL CA 290 -62.23 86.63 19.93
C VAL CA 290 -63.11 87.05 21.10
N LEU CA 291 -63.86 86.08 21.64
CA LEU CA 291 -64.75 86.35 22.80
C LEU CA 291 -63.87 86.73 24.00
N ASP CA 292 -62.74 86.04 24.18
CA ASP CA 292 -61.84 86.30 25.29
C ASP CA 292 -61.21 87.69 25.18
N VAL CA 293 -60.76 88.06 23.99
CA VAL CA 293 -60.14 89.36 23.79
C VAL CA 293 -61.17 90.46 23.94
N MET CA 294 -62.35 90.27 23.35
CA MET CA 294 -63.38 91.31 23.40
C MET CA 294 -63.87 91.55 24.82
N ARG CA 295 -63.81 90.54 25.68
CA ARG CA 295 -64.22 90.72 27.06
C ARG CA 295 -63.13 91.37 27.90
N ARG CA 296 -61.88 90.98 27.67
CA ARG CA 296 -60.78 91.55 28.43
C ARG CA 296 -60.52 93.02 28.13
N LEU CA 297 -60.97 93.49 26.97
CA LEU CA 297 -60.72 94.89 26.60
C LEU CA 297 -61.67 95.82 27.36
N LEU CA 298 -62.87 95.34 27.69
CA LEU CA 298 -63.81 96.16 28.44
C LEU CA 298 -63.53 96.18 29.93
N GLN CA 299 -62.47 95.52 30.39
CA GLN CA 299 -62.11 95.60 31.80
C GLN CA 299 -61.40 96.92 32.08
N PRO CA 300 -61.86 97.68 33.09
CA PRO CA 300 -61.18 98.94 33.44
C PRO CA 300 -59.76 98.75 33.93
N LYS CA 301 -59.31 97.52 34.20
CA LYS CA 301 -57.92 97.29 34.56
C LYS CA 301 -56.97 97.49 33.39
N ASN CA 302 -57.49 97.47 32.15
CA ASN CA 302 -56.67 97.64 30.96
C ASN CA 302 -56.81 98.99 30.29
N VAL CA 303 -57.94 99.68 30.47
CA VAL CA 303 -58.14 100.98 29.84
C VAL CA 303 -57.13 101.98 30.39
N MET CA 304 -56.37 102.60 29.49
CA MET CA 304 -55.30 103.52 29.88
C MET CA 304 -55.86 104.90 30.19
N VAL CA 305 -56.77 104.95 31.17
CA VAL CA 305 -57.35 106.20 31.64
C VAL CA 305 -57.56 106.09 33.14
N SER CA 306 -57.05 107.07 33.89
CA SER CA 306 -57.21 107.09 35.33
C SER CA 306 -58.66 107.39 35.71
N ASN CA 314 -74.95 109.76 33.55
CA ASN CA 314 -73.88 108.91 34.03
C ASN CA 314 -72.69 108.93 33.07
N HIS CA 315 -72.25 107.75 32.63
CA HIS CA 315 -71.14 107.64 31.71
C HIS CA 315 -71.39 106.47 30.76
N CYS CA 316 -71.01 106.65 29.50
CA CYS CA 316 -71.29 105.68 28.46
C CYS CA 316 -70.40 105.96 27.28
N TYR CA 317 -70.33 105.00 26.35
CA TYR CA 317 -69.52 105.11 25.15
C TYR CA 317 -70.31 105.82 24.06
N ILE CA 318 -69.59 106.30 23.05
CA ILE CA 318 -70.19 106.89 21.86
C ILE CA 318 -69.95 106.02 20.63
N ALA CA 319 -68.77 105.41 20.53
CA ALA CA 319 -68.47 104.45 19.47
C ALA CA 319 -67.15 103.77 19.82
N ILE CA 320 -67.07 102.48 19.55
CA ILE CA 320 -65.88 101.69 19.85
C ILE CA 320 -65.35 101.08 18.56
N LEU CA 321 -64.03 101.05 18.43
CA LEU CA 321 -63.36 100.37 17.33
C LEU CA 321 -62.40 99.33 17.91
N ASN CA 322 -62.58 98.08 17.53
CA ASN CA 322 -61.74 96.99 17.99
C ASN CA 322 -60.83 96.54 16.86
N ILE CA 323 -59.54 96.41 17.17
CA ILE CA 323 -58.54 95.98 16.21
C ILE CA 323 -58.00 94.63 16.66
N ILE CA 324 -58.20 93.61 15.83
CA ILE CA 324 -57.73 92.25 16.09
C ILE CA 324 -56.61 91.95 15.11
N GLN CA 325 -55.40 91.83 15.61
CA GLN CA 325 -54.23 91.65 14.76
C GLN CA 325 -53.79 90.19 14.66
N GLY CA 326 -54.72 89.25 14.85
CA GLY CA 326 -54.36 87.84 14.84
C GLY CA 326 -54.85 87.10 13.61
N GLU CA 327 -54.74 85.78 13.69
CA GLU CA 327 -55.22 84.85 12.66
C GLU CA 327 -56.56 84.24 13.05
N VAL CA 328 -57.41 85.00 13.73
CA VAL CA 328 -58.62 84.44 14.33
C VAL CA 328 -59.61 84.05 13.24
N ASP CA 329 -60.62 83.29 13.67
CA ASP CA 329 -61.60 82.74 12.75
C ASP CA 329 -62.55 83.85 12.32
N PRO CA 330 -62.74 84.08 11.02
CA PRO CA 330 -63.56 85.21 10.57
C PRO CA 330 -65.07 85.03 10.68
N THR CA 331 -65.56 83.85 11.04
CA THR CA 331 -67.00 83.68 11.19
C THR CA 331 -67.49 83.81 12.62
N GLN CA 332 -66.62 83.61 13.60
CA GLN CA 332 -67.01 83.68 15.00
C GLN CA 332 -67.08 85.11 15.51
N VAL CA 333 -66.73 86.10 14.68
CA VAL CA 333 -66.74 87.49 15.14
C VAL CA 333 -68.17 87.94 15.44
N HIS CA 334 -69.13 87.56 14.59
CA HIS CA 334 -70.50 87.94 14.85
C HIS CA 334 -71.07 87.23 16.07
N LYS CA 335 -70.53 86.04 16.37
CA LYS CA 335 -71.02 85.31 17.53
C LYS CA 335 -70.61 85.98 18.82
N SER CA 336 -69.42 86.57 18.85
CA SER CA 336 -68.95 87.26 20.05
C SER CA 336 -69.76 88.53 20.30
N LEU CA 337 -69.99 89.31 19.24
CA LEU CA 337 -70.78 90.52 19.38
C LEU CA 337 -72.18 90.21 19.89
N GLN CA 338 -72.73 89.05 19.51
CA GLN CA 338 -74.07 88.69 19.96
C GLN CA 338 -74.11 88.48 21.46
N ARG CA 339 -73.08 87.79 21.97
CA ARG CA 339 -72.96 87.52 23.43
C ARG CA 339 -72.75 88.82 24.19
N ILE CA 340 -72.07 89.79 23.56
CA ILE CA 340 -71.85 91.09 24.19
C ILE CA 340 -73.17 91.83 24.38
N ARG CA 341 -74.07 91.72 23.39
CA ARG CA 341 -75.35 92.41 23.49
C ARG CA 341 -76.22 91.80 24.57
N GLU CA 342 -76.09 90.49 24.80
CA GLU CA 342 -76.93 89.83 25.80
C GLU CA 342 -76.47 90.17 27.21
N ARG CA 343 -75.19 89.91 27.52
CA ARG CA 343 -74.68 90.19 28.86
C ARG CA 343 -74.66 91.68 29.18
N LYS CA 344 -74.67 92.54 28.17
CA LYS CA 344 -74.70 93.99 28.35
C LYS CA 344 -73.50 94.47 29.16
N LEU CA 345 -72.31 94.28 28.59
CA LEU CA 345 -71.08 94.72 29.21
C LEU CA 345 -70.74 96.17 28.91
N ALA CA 346 -71.39 96.79 27.92
CA ALA CA 346 -71.08 98.15 27.56
C ALA CA 346 -72.37 98.92 27.29
N ASN CA 347 -72.41 100.16 27.77
CA ASN CA 347 -73.54 101.04 27.57
C ASN CA 347 -73.12 102.23 26.72
N PHE CA 348 -74.05 102.70 25.90
CA PHE CA 348 -73.79 103.74 24.92
C PHE CA 348 -74.73 104.92 25.11
N ILE CA 349 -74.57 105.91 24.25
CA ILE CA 349 -75.39 107.12 24.26
C ILE CA 349 -76.84 106.77 23.99
N PRO CA 350 -77.79 107.48 24.58
CA PRO CA 350 -79.21 107.17 24.33
C PRO CA 350 -79.78 107.91 23.12
N TRP CA 351 -79.14 109.01 22.70
CA TRP CA 351 -79.74 109.85 21.67
C TRP CA 351 -79.53 109.27 20.27
N GLY CA 352 -78.28 109.10 19.85
CA GLY CA 352 -77.98 108.64 18.52
C GLY CA 352 -77.69 107.15 18.45
N PRO CA 353 -77.99 106.53 17.32
CA PRO CA 353 -77.71 105.10 17.17
C PRO CA 353 -76.22 104.84 17.07
N ALA CA 354 -75.65 104.21 18.08
CA ALA CA 354 -74.22 103.94 18.13
C ALA CA 354 -73.99 102.44 18.09
N SER CA 355 -72.94 102.01 17.40
CA SER CA 355 -72.59 100.61 17.27
C SER CA 355 -71.12 100.43 17.61
N ILE CA 356 -70.68 99.18 17.64
CA ILE CA 356 -69.29 98.84 17.89
C ILE CA 356 -68.72 98.22 16.62
N GLN CA 357 -67.49 98.61 16.28
CA GLN CA 357 -66.84 98.15 15.06
C GLN CA 357 -65.62 97.33 15.41
N VAL CA 358 -65.44 96.21 14.71
CA VAL CA 358 -64.29 95.34 14.90
C VAL CA 358 -63.67 95.06 13.53
N ALA CA 359 -62.36 95.19 13.45
CA ALA CA 359 -61.64 94.99 12.20
C ALA CA 359 -60.45 94.07 12.43
N LEU CA 360 -60.25 93.15 11.49
CA LEU CA 360 -59.15 92.21 11.51
C LEU CA 360 -57.97 92.79 10.75
N SER CA 361 -56.80 92.17 10.95
CA SER CA 361 -55.55 92.61 10.29
C SER CA 361 -54.54 91.44 10.24
N ARG CA 362 -53.53 91.54 9.38
CA ARG CA 362 -52.52 90.46 9.22
C ARG CA 362 -51.17 90.89 9.82
N LYS CA 363 -50.68 90.11 10.79
CA LYS CA 363 -49.36 90.39 11.45
C LYS CA 363 -48.25 90.20 10.41
N SER CA 364 -47.22 91.05 10.47
CA SER CA 364 -46.07 90.95 9.53
C SER CA 364 -45.35 89.61 9.75
N PRO CA 365 -44.94 88.90 8.67
CA PRO CA 365 -44.26 87.61 8.81
C PRO CA 365 -42.91 87.75 9.55
N TYR CA 366 -42.17 88.82 9.25
CA TYR CA 366 -40.85 89.06 9.89
C TYR CA 366 -41.03 89.24 11.40
N LEU CA 367 -42.08 89.97 11.79
CA LEU CA 367 -42.38 90.22 13.23
C LEU CA 367 -42.43 88.88 13.97
N ARG CA 372 -50.09 83.47 18.11
CA ARG CA 372 -50.16 84.77 18.76
C ARG CA 372 -51.39 85.53 18.29
N VAL CA 373 -52.13 86.10 19.24
CA VAL CA 373 -53.30 86.93 18.94
C VAL CA 373 -53.27 88.14 19.85
N SER CA 374 -53.40 89.33 19.27
CA SER CA 374 -53.43 90.57 20.02
C SER CA 374 -54.77 91.25 19.80
N GLY CA 375 -54.90 92.45 20.36
CA GLY CA 375 -56.12 93.21 20.22
C GLY CA 375 -56.05 94.61 20.77
N LEU CA 376 -56.55 95.60 20.03
CA LEU CA 376 -56.57 96.97 20.49
C LEU CA 376 -57.99 97.53 20.36
N MET CA 377 -58.31 98.47 21.25
CA MET CA 377 -59.63 99.07 21.30
C MET CA 377 -59.51 100.58 21.22
N MET CA 378 -60.19 101.17 20.26
CA MET CA 378 -60.30 102.62 20.12
C MET CA 378 -61.75 103.02 20.36
N ALA CA 379 -61.98 103.82 21.41
CA ALA CA 379 -63.34 104.21 21.78
C ALA CA 379 -63.39 105.66 22.21
N ASN CA 380 -64.57 106.25 22.10
CA ASN CA 380 -64.82 107.64 22.44
C ASN CA 380 -65.72 107.67 23.67
N HIS CA 381 -65.10 107.65 24.85
CA HIS CA 381 -65.80 107.51 26.11
C HIS CA 381 -66.00 108.87 26.76
N THR CA 382 -67.22 109.11 27.26
CA THR CA 382 -67.54 110.36 27.93
C THR CA 382 -66.83 110.51 29.27
N SER CA 383 -66.28 109.43 29.82
CA SER CA 383 -65.56 109.53 31.09
C SER CA 383 -64.29 110.35 30.96
N ILE CA 384 -63.86 110.68 29.75
CA ILE CA 384 -62.64 111.45 29.56
C ILE CA 384 -62.80 112.86 30.13
N SER CA 385 -64.04 113.29 30.35
CA SER CA 385 -64.25 114.60 30.96
C SER CA 385 -63.68 114.67 32.36
N SER CA 386 -63.64 113.53 33.06
CA SER CA 386 -63.11 113.51 34.42
C SER CA 386 -61.68 114.01 34.47
N LEU CA 387 -60.87 113.62 33.48
CA LEU CA 387 -59.47 114.04 33.45
C LEU CA 387 -59.36 115.56 33.37
N PHE CA 388 -60.29 116.19 32.66
CA PHE CA 388 -60.21 117.64 32.48
C PHE CA 388 -60.53 118.38 33.78
N GLU CA 389 -61.48 117.87 34.56
CA GLU CA 389 -61.80 118.51 35.82
C GLU CA 389 -60.61 118.51 36.76
N ARG CA 390 -59.83 117.44 36.74
CA ARG CA 390 -58.61 117.38 37.55
C ARG CA 390 -57.64 118.48 37.17
N THR CA 391 -57.46 118.70 35.87
CA THR CA 391 -56.62 119.80 35.41
C THR CA 391 -57.28 121.14 35.69
N CYS CA 392 -58.60 121.20 35.51
CA CYS CA 392 -59.32 122.45 35.73
C CYS CA 392 -59.32 122.84 37.21
N ARG CA 393 -59.59 121.88 38.09
CA ARG CA 393 -59.69 122.18 39.51
C ARG CA 393 -58.36 122.65 40.08
N GLN CA 394 -57.26 122.01 39.66
CA GLN CA 394 -55.94 122.39 40.17
C GLN CA 394 -55.58 123.81 39.75
N TYR CA 395 -56.11 124.27 38.62
CA TYR CA 395 -55.79 125.63 38.16
C TYR CA 395 -56.38 126.66 39.10
N ASP CA 396 -57.65 126.52 39.45
CA ASP CA 396 -58.31 127.51 40.30
C ASP CA 396 -57.62 127.60 41.67
N LYS CA 397 -57.13 126.46 42.17
CA LYS CA 397 -56.38 126.48 43.42
C LYS CA 397 -55.08 127.26 43.28
N LEU CA 398 -54.46 127.22 42.10
CA LEU CA 398 -53.26 127.99 41.84
C LEU CA 398 -53.56 129.45 41.51
N ARG CA 399 -54.76 129.75 41.01
CA ARG CA 399 -55.11 131.11 40.65
C ARG CA 399 -55.31 132.00 41.87
N LYS CA 400 -55.54 131.41 43.05
CA LYS CA 400 -55.70 132.15 44.29
C LYS CA 400 -54.41 132.09 45.13
N ARG CA 401 -53.41 131.37 44.65
CA ARG CA 401 -52.14 131.25 45.36
C ARG CA 401 -50.96 131.89 44.63
N GLU CA 402 -51.15 132.37 43.40
CA GLU CA 402 -50.09 132.97 42.60
C GLU CA 402 -48.93 132.00 42.39
N ASP CA 416 -48.27 140.65 30.65
CA ASP CA 416 -48.67 142.03 30.85
C ASP CA 416 -50.09 142.14 31.40
N ASN CA 417 -51.01 141.41 30.78
CA ASN CA 417 -52.41 141.45 31.16
C ASN CA 417 -52.93 140.16 31.78
N PHE CA 418 -52.31 139.02 31.48
CA PHE CA 418 -52.71 137.71 32.01
C PHE CA 418 -54.15 137.37 31.66
N ASP CA 419 -54.63 137.85 30.52
CA ASP CA 419 -55.99 137.56 30.09
C ASP CA 419 -56.07 136.35 29.16
N GLU CA 420 -54.94 135.84 28.67
CA GLU CA 420 -54.98 134.68 27.81
C GLU CA 420 -55.37 133.43 28.59
N MET CA 421 -55.13 133.42 29.90
CA MET CA 421 -55.40 132.21 30.68
C MET CA 421 -56.89 131.99 30.89
N ASP CA 422 -57.61 133.03 31.33
CA ASP CA 422 -59.03 132.86 31.62
C ASP CA 422 -59.83 132.56 30.36
N THR CA 423 -59.40 133.10 29.22
CA THR CA 423 -60.02 132.70 27.96
C THR CA 423 -59.85 131.22 27.70
N SER CA 424 -58.65 130.70 27.96
CA SER CA 424 -58.45 129.25 27.88
C SER CA 424 -59.26 128.53 28.94
N ARG CA 425 -59.29 129.09 30.16
CA ARG CA 425 -60.11 128.50 31.22
C ARG CA 425 -61.59 128.52 30.85
N GLU CA 426 -62.01 129.54 30.10
CA GLU CA 426 -63.42 129.62 29.72
C GLU CA 426 -63.77 128.56 28.69
N ILE CA 427 -62.91 128.38 27.69
CA ILE CA 427 -63.26 127.48 26.59
C ILE CA 427 -63.19 126.02 27.01
N VAL CA 428 -62.30 125.69 27.96
CA VAL CA 428 -62.20 124.29 28.40
C VAL CA 428 -63.42 123.92 29.22
N GLN CA 429 -63.99 124.86 29.96
CA GLN CA 429 -65.20 124.57 30.73
C GLN CA 429 -66.37 124.29 29.80
N GLN CA 430 -66.37 124.88 28.61
CA GLN CA 430 -67.44 124.62 27.65
C GLN CA 430 -67.42 123.16 27.20
N LEU CA 431 -66.21 122.62 26.97
CA LEU CA 431 -66.10 121.22 26.57
C LEU CA 431 -66.59 120.30 27.68
N ILE CA 432 -66.23 120.59 28.93
CA ILE CA 432 -66.65 119.74 30.03
C ILE CA 432 -68.17 119.69 30.12
N ASP CA 433 -68.82 120.85 30.08
CA ASP CA 433 -70.28 120.87 30.05
C ASP CA 433 -70.81 120.22 28.78
N GLU CA 434 -70.06 120.33 27.68
CA GLU CA 434 -70.45 119.65 26.45
C GLU CA 434 -70.47 118.13 26.64
N TYR CA 435 -69.50 117.60 27.40
CA TYR CA 435 -69.47 116.17 27.66
C TYR CA 435 -70.61 115.75 28.57
N HIS CA 436 -70.80 116.44 29.69
CA HIS CA 436 -71.82 116.04 30.65
C HIS CA 436 -73.22 116.16 30.05
N ALA CA 437 -73.41 117.04 29.07
CA ALA CA 437 -74.69 117.12 28.38
C ALA CA 437 -74.80 116.09 27.26
N ALA CA 438 -73.71 115.40 26.92
CA ALA CA 438 -73.78 114.41 25.86
C ALA CA 438 -74.39 113.10 26.36
N THR CA 439 -74.35 112.86 27.66
CA THR CA 439 -74.89 111.63 28.23
C THR CA 439 -76.34 111.77 28.65
N ARG CA 440 -77.06 112.77 28.13
CA ARG CA 440 -78.46 112.95 28.43
C ARG CA 440 -79.31 112.55 27.23
N PRO CA 441 -80.53 112.05 27.46
CA PRO CA 441 -81.38 111.65 26.33
C PRO CA 441 -81.78 112.79 25.41
N ASP CA 442 -81.44 114.04 25.75
CA ASP CA 442 -81.77 115.16 24.88
C ASP CA 442 -80.54 116.04 24.67
N TYR CA 443 -79.42 115.43 24.30
CA TYR CA 443 -78.20 116.19 24.06
C TYR CA 443 -78.37 117.19 22.95
N ILE CA 444 -79.23 116.90 21.98
CA ILE CA 444 -79.44 117.81 20.86
C ILE CA 444 -79.96 119.14 21.39
N SER CA 445 -79.27 120.22 21.04
CA SER CA 445 -79.59 121.57 21.49
C SER CA 445 -79.63 121.64 23.02
N ARG DA 3 -17.84 114.00 -37.29
CA ARG DA 3 -17.81 115.21 -36.46
C ARG DA 3 -17.06 114.95 -35.16
N GLU DA 4 -16.40 115.97 -34.63
CA GLU DA 4 -15.64 115.87 -33.40
C GLU DA 4 -15.96 117.04 -32.49
N ILE DA 5 -15.66 116.88 -31.21
CA ILE DA 5 -15.92 117.90 -30.20
C ILE DA 5 -14.66 118.06 -29.35
N ILE DA 6 -14.08 119.25 -29.39
CA ILE DA 6 -12.88 119.58 -28.63
C ILE DA 6 -13.29 120.13 -27.28
N THR DA 7 -12.69 119.62 -26.22
CA THR DA 7 -13.01 120.06 -24.87
C THR DA 7 -11.90 120.95 -24.32
N LEU DA 8 -12.29 121.91 -23.49
CA LEU DA 8 -11.36 122.83 -22.86
C LEU DA 8 -11.56 122.73 -21.35
N GLN DA 9 -10.49 122.90 -20.59
CA GLN DA 9 -10.55 122.82 -19.14
C GLN DA 9 -9.84 124.02 -18.55
N LEU DA 10 -10.58 124.88 -17.86
CA LEU DA 10 -10.05 126.13 -17.36
C LEU DA 10 -10.13 126.15 -15.84
N GLY DA 11 -9.12 126.75 -15.21
CA GLY DA 11 -9.12 126.90 -13.77
C GLY DA 11 -8.95 125.60 -13.02
N GLN DA 12 -8.96 125.66 -11.69
CA GLN DA 12 -8.78 124.46 -10.89
C GLN DA 12 -9.96 123.51 -11.06
N CYS DA 13 -11.17 124.04 -11.15
CA CYS DA 13 -12.35 123.19 -11.26
C CYS DA 13 -12.39 122.49 -12.61
N GLY DA 14 -12.17 123.24 -13.70
CA GLY DA 14 -12.23 122.64 -15.02
C GLY DA 14 -11.26 121.48 -15.18
N ASN DA 15 -10.03 121.65 -14.69
CA ASN DA 15 -9.05 120.58 -14.80
C ASN DA 15 -9.48 119.36 -13.99
N GLN DA 16 -10.00 119.58 -12.78
CA GLN DA 16 -10.38 118.45 -11.93
C GLN DA 16 -11.59 117.71 -12.48
N ILE DA 17 -12.67 118.43 -12.80
CA ILE DA 17 -13.85 117.74 -13.28
C ILE DA 17 -13.62 117.22 -14.70
N GLY DA 18 -12.73 117.84 -15.46
CA GLY DA 18 -12.38 117.31 -16.76
C GLY DA 18 -11.51 116.07 -16.67
N PHE DA 19 -10.54 116.09 -15.74
CA PHE DA 19 -9.72 114.91 -15.52
C PHE DA 19 -10.56 113.74 -15.03
N GLU DA 20 -11.54 114.01 -14.15
CA GLU DA 20 -12.43 112.95 -13.72
C GLU DA 20 -13.42 112.57 -14.81
N PHE DA 21 -13.72 113.48 -15.72
CA PHE DA 21 -14.57 113.14 -16.86
C PHE DA 21 -13.85 112.18 -17.80
N TRP DA 22 -12.53 112.37 -17.98
CA TRP DA 22 -11.79 111.52 -18.91
C TRP DA 22 -11.49 110.16 -18.30
N LYS DA 23 -11.21 110.12 -16.99
CA LYS DA 23 -11.06 108.83 -16.32
C LYS DA 23 -12.31 107.99 -16.48
N GLN DA 24 -13.47 108.55 -16.15
CA GLN DA 24 -14.72 107.84 -16.29
C GLN DA 24 -14.97 107.46 -17.74
N LEU DA 25 -14.57 108.33 -18.67
CA LEU DA 25 -14.84 108.04 -20.07
C LEU DA 25 -13.85 107.03 -20.63
N CYS DA 26 -12.62 107.01 -20.08
CA CYS DA 26 -11.69 105.96 -20.47
C CYS DA 26 -12.11 104.60 -19.92
N ALA DA 27 -12.54 104.55 -18.65
CA ALA DA 27 -12.97 103.28 -18.08
C ALA DA 27 -14.27 102.80 -18.70
N GLU DA 28 -15.15 103.73 -19.06
CA GLU DA 28 -16.37 103.36 -19.75
C GLU DA 28 -16.05 102.67 -21.07
N HIS DA 29 -14.98 103.07 -21.72
CA HIS DA 29 -14.51 102.41 -22.92
C HIS DA 29 -13.41 101.41 -22.57
N GLY DA 30 -12.86 100.75 -23.58
CA GLY DA 30 -11.76 99.83 -23.38
C GLY DA 30 -10.41 100.47 -23.61
N ILE DA 31 -10.05 101.44 -22.77
CA ILE DA 31 -8.83 102.22 -22.95
C ILE DA 31 -8.03 102.15 -21.66
N SER DA 32 -6.83 101.57 -21.75
CA SER DA 32 -5.94 101.48 -20.61
C SER DA 32 -5.45 102.87 -20.20
N PRO DA 33 -5.06 103.04 -18.93
CA PRO DA 33 -4.51 104.33 -18.49
C PRO DA 33 -3.32 104.80 -19.32
N GLU DA 34 -2.64 103.87 -19.98
CA GLU DA 34 -1.54 104.21 -20.88
C GLU DA 34 -2.02 104.64 -22.25
N ALA DA 35 -3.32 104.97 -22.37
CA ALA DA 35 -3.91 105.41 -23.63
C ALA DA 35 -3.75 104.37 -24.72
N ILE DA 36 -3.71 103.09 -24.35
CA ILE DA 36 -3.59 101.99 -25.30
C ILE DA 36 -4.84 101.13 -25.18
N VAL DA 37 -5.34 100.66 -26.31
CA VAL DA 37 -6.58 99.89 -26.31
C VAL DA 37 -6.30 98.48 -25.83
N GLU DA 38 -7.08 98.02 -24.86
CA GLU DA 38 -6.98 96.67 -24.35
C GLU DA 38 -7.87 95.73 -25.17
N GLU DA 39 -7.60 94.44 -25.06
CA GLU DA 39 -8.36 93.47 -25.85
C GLU DA 39 -9.79 93.33 -25.32
N PHE DA 40 -9.94 92.86 -24.08
CA PHE DA 40 -11.24 92.65 -23.45
C PHE DA 40 -12.22 91.90 -24.36
N THR DA 45 -17.81 98.44 -31.09
CA THR DA 45 -19.19 98.85 -31.28
C THR DA 45 -19.40 100.28 -30.83
N ASP DA 46 -18.82 100.64 -29.69
CA ASP DA 46 -18.95 101.98 -29.16
C ASP DA 46 -18.15 102.97 -30.00
N ARG DA 47 -18.86 103.84 -30.73
CA ARG DA 47 -18.22 104.88 -31.54
C ARG DA 47 -17.47 105.85 -30.63
N LYS DA 48 -16.14 105.83 -30.72
CA LYS DA 48 -15.29 106.65 -29.88
C LYS DA 48 -14.44 107.63 -30.67
N ASP DA 49 -14.76 107.88 -31.94
CA ASP DA 49 -13.98 108.80 -32.73
C ASP DA 49 -14.30 110.25 -32.40
N VAL DA 50 -15.45 110.52 -31.78
CA VAL DA 50 -15.85 111.89 -31.51
C VAL DA 50 -14.97 112.50 -30.42
N PHE DA 51 -14.76 111.75 -29.34
CA PHE DA 51 -14.04 112.28 -28.19
C PHE DA 51 -12.60 111.79 -28.09
N PHE DA 52 -12.19 110.82 -28.91
CA PHE DA 52 -10.83 110.32 -28.91
C PHE DA 52 -10.25 110.38 -30.31
N TYR DA 53 -8.96 110.67 -30.39
CA TYR DA 53 -8.26 110.82 -31.66
C TYR DA 53 -7.25 109.69 -31.82
N GLN DA 54 -7.22 109.10 -33.01
CA GLN DA 54 -6.30 108.00 -33.29
C GLN DA 54 -4.91 108.52 -33.67
N TYR DA 60 -4.87 105.93 -28.60
CA TYR DA 60 -5.90 106.95 -28.74
C TYR DA 60 -5.56 108.18 -27.91
N ILE DA 61 -5.86 109.36 -28.46
CA ILE DA 61 -5.49 110.63 -27.82
C ILE DA 61 -6.75 111.45 -27.55
N PRO DA 62 -6.95 111.92 -26.31
CA PRO DA 62 -8.06 112.82 -26.04
C PRO DA 62 -7.86 114.18 -26.68
N ARG DA 63 -8.97 114.78 -27.10
CA ARG DA 63 -8.93 116.11 -27.71
C ARG DA 63 -9.14 117.18 -26.64
N ALA DA 64 -8.21 117.22 -25.69
CA ALA DA 64 -8.28 118.14 -24.58
C ALA DA 64 -7.30 119.29 -24.77
N VAL DA 65 -7.60 120.42 -24.16
CA VAL DA 65 -6.72 121.58 -24.14
C VAL DA 65 -6.70 122.07 -22.70
N LEU DA 66 -5.75 121.58 -21.92
CA LEU DA 66 -5.68 121.96 -20.52
C LEU DA 66 -5.05 123.33 -20.37
N LEU DA 67 -5.51 124.09 -19.38
CA LEU DA 67 -5.00 125.44 -19.17
C LEU DA 67 -4.81 125.73 -17.69
N ARG DA 72 0.05 124.42 -11.46
CA ARG DA 72 0.22 123.56 -10.29
C ARG DA 72 -0.59 122.28 -10.41
N VAL DA 73 -1.88 122.42 -10.71
CA VAL DA 73 -2.74 121.26 -10.83
C VAL DA 73 -2.31 120.36 -11.99
N ILE DA 74 -1.69 120.95 -13.02
CA ILE DA 74 -1.25 120.16 -14.16
C ILE DA 74 -0.17 119.18 -13.73
N HIS DA 75 0.69 119.58 -12.78
CA HIS DA 75 1.75 118.69 -12.32
C HIS DA 75 1.18 117.45 -11.63
N SER DA 76 0.21 117.64 -10.74
CA SER DA 76 -0.40 116.50 -10.07
C SER DA 76 -1.11 115.59 -11.06
N ILE DA 77 -1.56 116.15 -12.18
CA ILE DA 77 -2.10 115.32 -13.25
C ILE DA 77 -0.98 114.56 -13.93
N LEU DA 78 0.17 115.20 -14.15
CA LEU DA 78 1.28 114.54 -14.82
C LEU DA 78 1.98 113.52 -13.93
N ASN DA 79 1.89 113.68 -12.61
CA ASN DA 79 2.40 112.65 -11.71
C ASN DA 79 1.42 111.51 -11.51
N SER DA 80 0.22 111.62 -12.07
CA SER DA 80 -0.79 110.58 -11.95
C SER DA 80 -0.47 109.41 -12.88
N PRO DA 81 -1.10 108.25 -12.65
CA PRO DA 81 -0.96 107.14 -13.59
C PRO DA 81 -1.51 107.43 -14.98
N TYR DA 82 -2.13 108.60 -15.19
CA TYR DA 82 -2.67 108.96 -16.49
C TYR DA 82 -1.82 110.02 -17.20
N ALA DA 83 -0.51 110.03 -16.95
CA ALA DA 83 0.37 110.99 -17.60
C ALA DA 83 0.46 110.76 -19.10
N LYS DA 84 0.28 109.53 -19.56
CA LYS DA 84 0.39 109.21 -20.98
C LYS DA 84 -0.89 109.46 -21.75
N LEU DA 85 -1.81 110.26 -21.20
CA LEU DA 85 -3.10 110.51 -21.81
C LEU DA 85 -3.19 111.86 -22.52
N TYR DA 86 -2.06 112.51 -22.77
CA TYR DA 86 -2.09 113.80 -23.48
C TYR DA 86 -0.87 113.96 -24.38
N GLY DA 101 -4.22 135.70 -9.93
CA GLY DA 101 -4.79 136.13 -8.65
C GLY DA 101 -6.18 135.54 -8.42
N ASN DA 102 -7.19 136.42 -8.29
CA ASN DA 102 -8.56 135.99 -8.06
C ASN DA 102 -9.59 137.00 -8.56
N ASN DA 103 -9.20 137.95 -9.40
CA ASN DA 103 -10.11 138.92 -9.98
C ASN DA 103 -10.51 138.49 -11.38
N TRP DA 104 -11.59 139.10 -11.87
CA TRP DA 104 -12.01 138.82 -13.25
C TRP DA 104 -11.20 139.63 -14.24
N ALA DA 105 -10.85 140.86 -13.87
CA ALA DA 105 -10.01 141.68 -14.76
C ALA DA 105 -8.61 141.11 -14.87
N SER DA 106 -8.06 140.59 -13.77
CA SER DA 106 -6.75 139.97 -13.82
C SER DA 106 -6.78 138.72 -14.69
N GLY DA 107 -7.92 138.03 -14.67
CA GLY DA 107 -8.09 136.81 -15.49
C GLY DA 107 -8.38 137.14 -16.94
N PHE DA 108 -8.85 138.37 -17.21
CA PHE DA 108 -9.14 138.78 -18.57
C PHE DA 108 -7.89 139.31 -19.28
N SER DA 109 -7.06 140.06 -18.55
CA SER DA 109 -5.90 140.68 -19.18
C SER DA 109 -4.85 139.65 -19.56
N GLN DA 110 -4.53 138.74 -18.63
CA GLN DA 110 -3.48 137.75 -18.90
C GLN DA 110 -3.83 136.88 -20.09
N GLY DA 111 -5.11 136.67 -20.35
CA GLY DA 111 -5.51 135.97 -21.57
C GLY DA 111 -5.25 136.78 -22.81
N GLU DA 112 -5.28 138.11 -22.70
CA GLU DA 112 -5.01 138.96 -23.85
C GLU DA 112 -3.54 138.94 -24.23
N LYS DA 113 -2.65 138.80 -23.24
CA LYS DA 113 -1.22 138.82 -23.54
C LYS DA 113 -0.74 137.50 -24.11
N ILE DA 114 -1.49 136.42 -23.90
CA ILE DA 114 -1.14 135.12 -24.47
C ILE DA 114 -2.23 134.71 -25.46
N HIS DA 115 -2.86 135.72 -26.08
CA HIS DA 115 -3.91 135.46 -27.07
C HIS DA 115 -3.42 134.55 -28.18
N GLU DA 116 -2.28 134.87 -28.77
CA GLU DA 116 -1.79 134.08 -29.89
C GLU DA 116 -1.32 132.70 -29.41
N ASP DA 117 -0.83 132.61 -28.18
CA ASP DA 117 -0.20 131.38 -27.71
C ASP DA 117 -1.18 130.21 -27.72
N ILE DA 118 -2.26 130.31 -26.95
CA ILE DA 118 -3.11 129.14 -26.74
C ILE DA 118 -3.90 128.79 -27.99
N PHE DA 119 -4.15 129.75 -28.88
CA PHE DA 119 -4.90 129.45 -30.09
C PHE DA 119 -4.13 128.56 -31.06
N ASP DA 120 -2.81 128.67 -31.09
CA ASP DA 120 -2.03 127.78 -31.95
C ASP DA 120 -2.30 126.33 -31.61
N ILE DA 121 -2.52 126.04 -30.32
CA ILE DA 121 -2.89 124.70 -29.91
C ILE DA 121 -4.27 124.35 -30.45
N ILE DA 122 -5.18 125.32 -30.44
CA ILE DA 122 -6.54 125.08 -30.91
C ILE DA 122 -6.59 125.09 -32.43
N ASP DA 123 -5.84 125.99 -33.06
CA ASP DA 123 -5.87 126.08 -34.53
C ASP DA 123 -5.35 124.80 -35.17
N ARG DA 124 -4.32 124.18 -34.59
CA ARG DA 124 -3.82 122.93 -35.15
C ARG DA 124 -4.76 121.78 -34.87
N GLU DA 125 -5.43 121.81 -33.71
CA GLU DA 125 -6.36 120.73 -33.38
C GLU DA 125 -7.65 120.84 -34.19
N ALA DA 126 -8.05 122.06 -34.54
CA ALA DA 126 -9.24 122.25 -35.36
C ALA DA 126 -9.00 121.79 -36.79
N ASP DA 127 -7.94 122.28 -37.42
CA ASP DA 127 -7.62 121.88 -38.78
C ASP DA 127 -7.13 120.44 -38.85
N GLY DA 128 -6.48 119.95 -37.79
CA GLY DA 128 -6.15 118.54 -37.73
C GLY DA 128 -7.36 117.66 -37.56
N SER DA 129 -8.49 118.23 -37.15
CA SER DA 129 -9.73 117.50 -37.01
C SER DA 129 -10.43 117.37 -38.36
N ASP DA 130 -11.19 116.28 -38.52
CA ASP DA 130 -11.88 116.02 -39.78
C ASP DA 130 -12.93 117.09 -40.04
N SER DA 131 -13.93 117.19 -39.18
CA SER DA 131 -14.99 118.18 -39.32
C SER DA 131 -15.44 118.59 -37.93
N LEU DA 132 -14.97 119.74 -37.47
CA LEU DA 132 -15.26 120.19 -36.11
C LEU DA 132 -16.73 120.53 -35.96
N GLU DA 133 -17.26 120.28 -34.77
CA GLU DA 133 -18.66 120.54 -34.47
C GLU DA 133 -18.84 121.55 -33.35
N GLY DA 134 -18.13 121.39 -32.23
CA GLY DA 134 -18.37 122.28 -31.11
C GLY DA 134 -17.21 122.42 -30.15
N PHE DA 135 -17.44 123.12 -29.05
CA PHE DA 135 -16.40 123.40 -28.04
C PHE DA 135 -17.04 123.22 -26.66
N VAL DA 136 -16.73 122.09 -26.02
CA VAL DA 136 -17.17 121.89 -24.64
C VAL DA 136 -16.23 122.65 -23.70
N LEU DA 137 -16.81 123.42 -22.79
CA LEU DA 137 -16.05 124.19 -21.81
C LEU DA 137 -16.43 123.74 -20.42
N CYS DA 138 -15.45 123.36 -19.62
CA CYS DA 138 -15.66 123.00 -18.22
C CYS DA 138 -14.92 124.02 -17.37
N HIS DA 139 -15.66 124.82 -16.62
CA HIS DA 139 -15.06 125.88 -15.83
C HIS DA 139 -16.01 126.28 -14.71
N SER DA 140 -15.45 126.88 -13.67
CA SER DA 140 -16.23 127.40 -12.55
C SER DA 140 -16.27 128.92 -12.61
N ILE DA 141 -17.47 129.49 -12.51
CA ILE DA 141 -17.63 130.94 -12.66
C ILE DA 141 -17.38 131.70 -11.37
N ALA DA 142 -16.93 131.04 -10.31
CA ALA DA 142 -16.63 131.73 -9.07
C ALA DA 142 -15.15 132.10 -8.98
N GLY DA 144 -10.15 132.97 -9.31
CA GLY DA 144 -11.05 133.61 -10.28
C GLY DA 144 -10.38 133.83 -11.61
N THR DA 145 -9.10 133.42 -11.73
CA THR DA 145 -8.33 133.58 -12.99
C THR DA 145 -8.99 132.75 -14.09
N GLY DA 146 -9.45 131.53 -13.77
CA GLY DA 146 -10.10 130.66 -14.75
C GLY DA 146 -11.38 131.27 -15.29
N SER DA 147 -12.19 131.86 -14.41
CA SER DA 147 -13.46 132.50 -14.84
C SER DA 147 -13.15 133.66 -15.78
N GLY DA 148 -12.15 134.47 -15.43
CA GLY DA 148 -11.75 135.63 -16.27
C GLY DA 148 -11.21 135.16 -17.61
N LEU DA 149 -10.38 134.11 -17.60
CA LEU DA 149 -9.79 133.55 -18.85
C LEU DA 149 -10.92 133.01 -19.73
N GLY DA 150 -11.89 132.34 -19.10
CA GLY DA 150 -13.04 131.77 -19.83
C GLY DA 150 -13.82 132.85 -20.57
N SER DA 151 -14.16 133.94 -19.88
CA SER DA 151 -14.90 135.03 -20.50
C SER DA 151 -14.16 135.59 -21.70
N TYR DA 152 -12.83 135.65 -21.61
CA TYR DA 152 -12.04 136.13 -22.74
C TYR DA 152 -12.12 135.17 -23.92
N LEU DA 153 -11.94 133.88 -23.66
CA LEU DA 153 -11.90 132.91 -24.74
C LEU DA 153 -13.27 132.75 -25.39
N LEU DA 154 -14.35 132.91 -24.61
CA LEU DA 154 -15.68 132.74 -25.16
C LEU DA 154 -15.98 133.81 -26.21
N GLU DA 155 -15.39 134.99 -26.07
CA GLU DA 155 -15.65 136.05 -27.05
C GLU DA 155 -14.84 135.81 -28.32
N ARG DA 156 -13.56 135.44 -28.17
CA ARG DA 156 -12.71 135.26 -29.34
C ARG DA 156 -13.19 134.12 -30.22
N LEU DA 157 -13.73 133.05 -29.63
CA LEU DA 157 -14.25 131.96 -30.43
C LEU DA 157 -15.40 132.42 -31.31
N ASN DA 158 -16.17 133.41 -30.85
CA ASN DA 158 -17.18 134.01 -31.71
C ASN DA 158 -16.55 134.82 -32.84
N ASP DA 159 -15.37 135.38 -32.61
CA ASP DA 159 -14.70 136.14 -33.67
C ASP DA 159 -14.21 135.22 -34.78
N ARG DA 160 -13.42 134.21 -34.42
CA ARG DA 160 -12.79 133.36 -35.43
C ARG DA 160 -13.79 132.39 -36.05
N TYR DA 161 -14.38 131.51 -35.23
CA TYR DA 161 -15.26 130.47 -35.74
C TYR DA 161 -16.71 130.90 -35.55
N PRO DA 162 -17.43 131.24 -36.60
CA PRO DA 162 -18.83 131.65 -36.42
C PRO DA 162 -19.80 130.48 -36.46
N LYS DA 163 -19.37 129.33 -36.99
CA LYS DA 163 -20.28 128.22 -37.24
C LYS DA 163 -20.01 127.03 -36.34
N LYS DA 164 -19.51 127.26 -35.13
CA LYS DA 164 -19.20 126.19 -34.19
C LYS DA 164 -19.96 126.44 -32.89
N LEU DA 165 -20.71 125.43 -32.44
CA LEU DA 165 -21.41 125.52 -31.17
C LEU DA 165 -20.42 125.60 -30.02
N VAL DA 166 -20.82 126.26 -28.94
CA VAL DA 166 -20.01 126.37 -27.73
C VAL DA 166 -20.92 126.04 -26.55
N GLN DA 167 -20.80 124.82 -26.03
CA GLN DA 167 -21.54 124.40 -24.85
C GLN DA 167 -20.62 124.44 -23.63
N THR DA 168 -21.14 124.97 -22.53
CA THR DA 168 -20.32 125.23 -21.35
C THR DA 168 -20.93 124.51 -20.16
N TYR DA 169 -20.13 123.66 -19.52
CA TYR DA 169 -20.55 122.95 -18.31
C TYR DA 169 -20.17 123.75 -17.07
N SER DA 170 -20.69 124.97 -17.01
CA SER DA 170 -20.34 125.90 -15.96
C SER DA 170 -20.74 125.36 -14.58
N VAL DA 171 -20.07 125.84 -13.55
CA VAL DA 171 -20.31 125.42 -12.17
C VAL DA 171 -20.43 126.68 -11.31
N PHE DA 172 -21.58 126.81 -10.60
CA PHE DA 172 -21.86 127.97 -9.77
C PHE DA 172 -21.30 127.77 -8.36
N PRO DA 173 -21.08 128.85 -7.61
CA PRO DA 173 -20.55 128.69 -6.24
C PRO DA 173 -21.61 128.21 -5.25
N VAL DA 183 -15.93 138.86 -3.12
CA VAL DA 183 -15.81 139.30 -4.50
C VAL DA 183 -16.36 138.24 -5.44
N GLN DA 184 -16.86 137.16 -4.86
CA GLN DA 184 -17.52 136.14 -5.66
C GLN DA 184 -18.75 136.66 -6.40
N PRO DA 185 -19.59 137.53 -5.82
CA PRO DA 185 -20.71 138.05 -6.62
C PRO DA 185 -20.27 138.84 -7.84
N TYR DA 186 -19.19 139.62 -7.75
CA TYR DA 186 -18.72 140.37 -8.90
C TYR DA 186 -18.38 139.44 -10.06
N ASN DA 187 -17.48 138.49 -9.83
CA ASN DA 187 -16.99 137.65 -10.91
C ASN DA 187 -18.11 136.82 -11.50
N SER DA 188 -19.10 136.44 -10.69
CA SER DA 188 -20.16 135.55 -11.17
C SER DA 188 -21.03 136.27 -12.19
N LEU DA 189 -21.34 137.55 -11.96
CA LEU DA 189 -22.24 138.23 -12.87
C LEU DA 189 -21.52 138.67 -14.14
N LEU DA 190 -20.22 138.99 -14.05
CA LEU DA 190 -19.48 139.41 -15.24
C LEU DA 190 -19.45 138.30 -16.27
N THR DA 191 -19.08 137.08 -15.85
CA THR DA 191 -19.06 135.97 -16.79
C THR DA 191 -20.47 135.66 -17.27
N LEU DA 192 -21.48 136.00 -16.47
CA LEU DA 192 -22.86 135.82 -16.93
C LEU DA 192 -23.17 136.73 -18.12
N LYS DA 193 -22.55 137.90 -18.17
CA LYS DA 193 -22.76 138.80 -19.30
C LYS DA 193 -22.28 138.17 -20.61
N ARG DA 194 -21.22 137.37 -20.54
CA ARG DA 194 -20.73 136.68 -21.72
C ARG DA 194 -21.48 135.38 -21.99
N LEU DA 195 -21.87 134.65 -20.94
CA LEU DA 195 -22.55 133.39 -21.12
C LEU DA 195 -23.97 133.56 -21.66
N THR DA 196 -24.51 134.76 -21.67
CA THR DA 196 -25.87 134.96 -22.16
C THR DA 196 -25.93 135.33 -23.63
N GLN DA 197 -24.79 135.64 -24.26
CA GLN DA 197 -24.81 136.06 -25.65
C GLN DA 197 -23.70 135.41 -26.45
N ASN DA 198 -22.78 134.72 -25.78
CA ASN DA 198 -21.70 134.03 -26.49
C ASN DA 198 -21.91 132.52 -26.52
N ALA DA 199 -22.03 131.91 -25.35
CA ALA DA 199 -22.16 130.45 -25.27
C ALA DA 199 -23.48 130.00 -25.87
N ASP DA 200 -23.42 129.06 -26.80
CA ASP DA 200 -24.60 128.60 -27.51
C ASP DA 200 -25.53 127.74 -26.67
N CYS DA 201 -25.01 127.11 -25.62
CA CYS DA 201 -25.82 126.34 -24.68
C CYS DA 201 -25.12 126.39 -23.33
N LEU DA 202 -25.82 125.94 -22.30
CA LEU DA 202 -25.23 126.02 -20.98
C LEU DA 202 -25.95 125.07 -20.05
N VAL DA 203 -25.17 124.33 -19.26
CA VAL DA 203 -25.70 123.36 -18.30
C VAL DA 203 -25.21 123.77 -16.93
N VAL DA 204 -26.13 124.09 -16.04
CA VAL DA 204 -25.78 124.67 -14.75
C VAL DA 204 -25.56 123.55 -13.75
N LEU DA 205 -24.55 123.71 -12.91
CA LEU DA 205 -24.26 122.77 -11.83
C LEU DA 205 -23.76 123.58 -10.65
N ASP DA 206 -24.61 123.78 -9.65
CA ASP DA 206 -24.27 124.61 -8.50
C ASP DA 206 -23.81 123.74 -7.33
N ASN DA 207 -22.76 124.21 -6.64
CA ASN DA 207 -22.18 123.44 -5.53
C ASN DA 207 -23.14 123.31 -4.35
N THR DA 208 -24.04 124.27 -4.15
CA THR DA 208 -24.92 124.21 -3.01
C THR DA 208 -25.89 123.04 -3.10
N ALA DA 209 -26.27 122.68 -4.33
CA ALA DA 209 -27.14 121.52 -4.52
C ALA DA 209 -26.35 120.22 -4.47
N LEU DA 210 -25.10 120.25 -4.93
CA LEU DA 210 -24.28 119.04 -4.91
C LEU DA 210 -23.78 118.75 -3.50
N ASN DA 211 -23.39 119.79 -2.76
CA ASN DA 211 -22.90 119.59 -1.40
C ASN DA 211 -23.99 119.04 -0.50
N ARG DA 212 -25.23 119.51 -0.66
CA ARG DA 212 -26.33 118.99 0.14
C ARG DA 212 -26.56 117.52 -0.14
N ILE DA 213 -26.35 117.08 -1.38
CA ILE DA 213 -26.54 115.68 -1.72
C ILE DA 213 -25.48 114.81 -1.06
N ALA DA 214 -24.23 115.28 -1.03
CA ALA DA 214 -23.16 114.51 -0.44
C ALA DA 214 -23.38 114.29 1.05
N THR DA 215 -23.94 115.29 1.73
CA THR DA 215 -24.20 115.12 3.16
C THR DA 215 -25.51 114.36 3.38
N ASP DA 216 -26.42 114.38 2.42
CA ASP DA 216 -27.71 113.74 2.62
C ASP DA 216 -27.65 112.25 2.33
N ARG DA 217 -27.22 111.88 1.12
CA ARG DA 217 -27.22 110.49 0.70
C ARG DA 217 -25.83 109.88 0.60
N LEU DA 218 -24.78 110.63 0.92
CA LEU DA 218 -23.43 110.08 0.95
C LEU DA 218 -22.74 110.23 2.29
N HIS DA 219 -23.12 111.22 3.10
CA HIS DA 219 -22.62 111.40 4.46
C HIS DA 219 -21.10 111.56 4.49
N ILE DA 220 -20.64 112.65 3.88
CA ILE DA 220 -19.22 112.97 3.87
C ILE DA 220 -18.76 113.68 5.14
N GLN DA 221 -19.68 114.10 6.00
CA GLN DA 221 -19.32 114.79 7.23
C GLN DA 221 -20.43 114.66 8.26
N SER DA 224 -15.70 116.61 0.51
CA SER DA 224 -14.43 116.92 -0.14
C SER DA 224 -14.62 117.16 -1.63
N PHE DA 225 -13.70 117.91 -2.22
CA PHE DA 225 -13.80 118.23 -3.64
C PHE DA 225 -13.72 116.98 -4.50
N SER DA 226 -12.80 116.08 -4.16
CA SER DA 226 -12.68 114.83 -4.91
C SER DA 226 -13.86 113.90 -4.71
N GLN DA 227 -14.77 114.22 -3.79
CA GLN DA 227 -15.94 113.39 -3.55
C GLN DA 227 -17.16 113.86 -4.33
N ILE DA 228 -17.44 115.16 -4.34
CA ILE DA 228 -18.58 115.66 -5.10
C ILE DA 228 -18.31 115.57 -6.59
N ASN DA 229 -17.04 115.63 -7.00
CA ASN DA 229 -16.71 115.51 -8.42
C ASN DA 229 -17.08 114.13 -8.96
N GLN DA 230 -17.22 113.14 -8.08
CA GLN DA 230 -17.72 111.84 -8.52
C GLN DA 230 -19.11 111.97 -9.13
N LEU DA 231 -19.95 112.82 -8.52
CA LEU DA 231 -21.28 113.01 -9.06
C LEU DA 231 -21.27 113.87 -10.32
N VAL DA 232 -20.41 114.89 -10.34
CA VAL DA 232 -20.31 115.74 -11.53
C VAL DA 232 -19.84 114.93 -12.73
N SER DA 233 -18.91 114.01 -12.49
CA SER DA 233 -18.41 113.17 -13.58
C SER DA 233 -19.50 112.26 -14.12
N THR DA 234 -20.39 111.77 -13.26
CA THR DA 234 -21.45 110.87 -13.70
C THR DA 234 -22.46 111.61 -14.57
N ILE DA 235 -22.74 112.86 -14.23
CA ILE DA 235 -23.68 113.65 -15.03
C ILE DA 235 -23.07 114.03 -16.36
N MET DA 236 -21.79 114.43 -16.36
CA MET DA 236 -21.13 114.79 -17.60
C MET DA 236 -20.99 113.59 -18.52
N SER DA 237 -20.52 112.47 -17.98
CA SER DA 237 -20.38 111.27 -18.79
C SER DA 237 -21.73 110.80 -19.32
N ALA DA 238 -22.79 110.99 -18.54
CA ALA DA 238 -24.11 110.58 -18.98
C ALA DA 238 -24.73 111.56 -19.97
N SER DA 239 -24.27 112.81 -19.98
CA SER DA 239 -24.87 113.81 -20.85
C SER DA 239 -24.63 113.48 -22.33
N THR DA 240 -23.43 113.02 -22.66
CA THR DA 240 -23.05 112.70 -24.03
C THR DA 240 -23.12 111.20 -24.30
N THR DA 241 -24.08 110.51 -23.70
CA THR DA 241 -24.16 109.07 -23.89
C THR DA 241 -24.69 108.72 -25.28
N THR DA 242 -25.70 109.44 -25.75
CA THR DA 242 -26.25 109.13 -27.06
C THR DA 242 -25.32 109.53 -28.19
N LEU DA 243 -24.21 110.20 -27.90
CA LEU DA 243 -23.24 110.53 -28.93
C LEU DA 243 -22.25 109.40 -29.18
N ARG DA 244 -21.86 108.69 -28.13
CA ARG DA 244 -20.85 107.65 -28.25
C ARG DA 244 -21.44 106.29 -28.64
N TYR DA 245 -22.66 105.99 -28.20
CA TYR DA 245 -23.34 104.76 -28.61
C TYR DA 245 -24.41 105.12 -29.63
N PRO DA 246 -24.16 104.92 -30.92
CA PRO DA 246 -25.09 105.43 -31.94
C PRO DA 246 -26.42 104.71 -31.91
N GLY DA 247 -27.48 105.47 -32.14
CA GLY DA 247 -28.81 104.92 -32.24
C GLY DA 247 -29.53 105.46 -33.46
N TYR DA 248 -30.86 105.31 -33.51
CA TYR DA 248 -31.59 105.81 -34.66
C TYR DA 248 -31.65 107.33 -34.66
N MET DA 249 -31.55 107.96 -33.50
CA MET DA 249 -31.63 109.40 -33.37
C MET DA 249 -30.48 109.91 -32.51
N ASN DA 250 -30.34 111.24 -32.47
CA ASN DA 250 -29.40 111.92 -31.59
C ASN DA 250 -27.97 111.46 -31.85
N ASN DA 251 -27.53 111.63 -33.09
CA ASN DA 251 -26.17 111.29 -33.48
C ASN DA 251 -25.29 112.52 -33.64
N ASP DA 252 -25.69 113.65 -33.07
CA ASP DA 252 -24.94 114.89 -33.17
C ASP DA 252 -25.35 115.82 -32.06
N LEU DA 253 -24.42 116.68 -31.65
CA LEU DA 253 -24.64 117.52 -30.47
C LEU DA 253 -25.81 118.46 -30.66
N ILE DA 254 -26.04 118.93 -31.90
CA ILE DA 254 -27.15 119.84 -32.14
C ILE DA 254 -28.48 119.12 -32.05
N GLY DA 255 -28.48 117.80 -32.22
CA GLY DA 255 -29.71 117.04 -32.13
C GLY DA 255 -30.34 117.06 -30.75
N LEU DA 256 -29.50 117.13 -29.71
CA LEU DA 256 -30.02 117.18 -28.35
C LEU DA 256 -30.46 118.60 -27.99
N ILE DA 257 -29.79 119.60 -28.54
CA ILE DA 257 -30.00 120.97 -28.12
C ILE DA 257 -31.15 121.61 -28.90
N ALA DA 258 -31.33 121.20 -30.15
CA ALA DA 258 -32.34 121.81 -31.00
C ALA DA 258 -33.75 121.62 -30.48
N SER DA 259 -33.96 120.66 -29.57
CA SER DA 259 -35.31 120.40 -29.08
C SER DA 259 -35.61 121.22 -27.83
N LEU DA 260 -34.62 121.36 -26.94
CA LEU DA 260 -34.88 122.01 -25.66
C LEU DA 260 -34.92 123.53 -25.79
N ILE DA 261 -33.84 124.13 -26.27
CA ILE DA 261 -33.70 125.58 -26.33
C ILE DA 261 -34.64 126.17 -27.38
N PRO DA 262 -35.71 126.87 -26.97
CA PRO DA 262 -36.67 127.36 -27.96
C PRO DA 262 -36.21 128.60 -28.71
N THR DA 263 -35.56 129.53 -28.02
CA THR DA 263 -35.01 130.74 -28.61
C THR DA 263 -33.60 130.94 -28.11
N PRO DA 264 -32.75 131.62 -28.90
CA PRO DA 264 -31.34 131.76 -28.51
C PRO DA 264 -31.12 132.41 -27.16
N ARG DA 265 -32.10 133.11 -26.61
CA ARG DA 265 -31.93 133.73 -25.31
C ARG DA 265 -32.06 132.73 -24.16
N LEU DA 266 -33.05 131.85 -24.23
CA LEU DA 266 -33.34 130.91 -23.15
C LEU DA 266 -32.51 129.64 -23.33
N HIS DA 267 -31.22 129.78 -23.09
CA HIS DA 267 -30.27 128.68 -23.31
C HIS DA 267 -29.61 128.26 -22.01
N PHE DA 268 -30.40 128.04 -20.97
CA PHE DA 268 -29.93 127.53 -19.69
C PHE DA 268 -30.67 126.24 -19.37
N LEU DA 269 -29.94 125.23 -18.88
CA LEU DA 269 -30.52 123.94 -18.59
C LEU DA 269 -30.12 123.47 -17.19
N MET DA 270 -30.92 122.59 -16.64
CA MET DA 270 -30.66 121.96 -15.35
C MET DA 270 -30.75 120.44 -15.50
N THR DA 271 -30.20 119.73 -14.53
CA THR DA 271 -30.03 118.29 -14.62
C THR DA 271 -30.75 117.56 -13.49
N GLY DA 272 -30.92 116.25 -13.66
CA GLY DA 272 -31.50 115.40 -12.65
C GLY DA 272 -31.03 113.96 -12.78
N TYR DA 273 -30.53 113.36 -11.70
CA TYR DA 273 -29.93 112.03 -11.74
C TYR DA 273 -30.51 111.20 -10.59
N THR DA 274 -31.31 110.18 -10.91
CA THR DA 274 -32.09 109.52 -9.87
C THR DA 274 -31.36 108.45 -9.05
N PRO DA 275 -30.67 107.46 -9.63
CA PRO DA 275 -30.17 106.36 -8.79
C PRO DA 275 -28.89 106.79 -8.07
N LEU DA 276 -29.01 107.04 -6.77
CA LEU DA 276 -27.89 107.53 -5.98
C LEU DA 276 -27.53 106.58 -4.84
N THR DA 288 -36.10 97.27 -12.63
CA THR DA 288 -36.72 98.57 -12.44
C THR DA 288 -37.40 99.05 -13.72
N THR DA 289 -38.69 99.33 -13.64
CA THR DA 289 -39.47 99.74 -14.80
C THR DA 289 -39.13 101.17 -15.18
N VAL DA 290 -39.48 101.53 -16.42
CA VAL DA 290 -39.20 102.88 -16.89
C VAL DA 290 -40.15 103.88 -16.25
N LEU DA 291 -41.36 103.45 -15.86
CA LEU DA 291 -42.27 104.36 -15.19
C LEU DA 291 -41.73 104.79 -13.84
N ASP DA 292 -40.91 103.94 -13.21
CA ASP DA 292 -40.33 104.31 -11.93
C ASP DA 292 -39.28 105.39 -12.09
N VAL DA 293 -38.48 105.32 -13.15
CA VAL DA 293 -37.39 106.28 -13.32
C VAL DA 293 -37.95 107.64 -13.67
N MET DA 294 -38.98 107.69 -14.51
CA MET DA 294 -39.58 108.97 -14.86
C MET DA 294 -40.18 109.66 -13.64
N ARG DA 295 -40.85 108.90 -12.78
CA ARG DA 295 -41.52 109.53 -11.64
C ARG DA 295 -40.52 110.00 -10.60
N ARG DA 296 -39.35 109.35 -10.52
CA ARG DA 296 -38.34 109.78 -9.56
C ARG DA 296 -37.54 110.98 -10.05
N LEU DA 297 -37.52 111.22 -11.37
CA LEU DA 297 -36.77 112.36 -11.88
C LEU DA 297 -37.56 113.65 -11.70
N LEU DA 298 -38.89 113.57 -11.78
CA LEU DA 298 -39.73 114.75 -11.63
C LEU DA 298 -39.94 115.15 -10.19
N GLN DA 299 -39.26 114.53 -9.23
CA GLN DA 299 -39.37 114.96 -7.85
C GLN DA 299 -38.34 116.05 -7.56
N PRO DA 300 -38.66 117.03 -6.71
CA PRO DA 300 -37.71 118.12 -6.43
C PRO DA 300 -36.49 117.69 -5.66
N LYS DA 301 -36.51 116.53 -5.00
CA LYS DA 301 -35.38 116.13 -4.18
C LYS DA 301 -34.16 115.76 -5.00
N ASN DA 302 -34.33 115.45 -6.28
CA ASN DA 302 -33.23 114.96 -7.11
C ASN DA 302 -32.57 116.03 -7.98
N VAL DA 303 -33.27 117.13 -8.26
CA VAL DA 303 -32.73 118.12 -9.18
C VAL DA 303 -31.52 118.81 -8.54
N MET DA 304 -30.54 119.15 -9.38
CA MET DA 304 -29.32 119.81 -8.92
C MET DA 304 -29.45 121.33 -9.03
N VAL DA 305 -30.51 121.85 -8.43
CA VAL DA 305 -30.80 123.28 -8.44
C VAL DA 305 -31.43 123.64 -7.10
N SER DA 306 -30.89 124.65 -6.44
CA SER DA 306 -31.42 125.12 -5.18
C SER DA 306 -32.76 125.83 -5.39
N ASN DA 314 -45.85 132.26 -11.35
CA ASN DA 314 -45.48 130.88 -11.14
C ASN DA 314 -44.29 130.49 -12.02
N HIS DA 315 -44.18 129.20 -12.31
CA HIS DA 315 -43.12 128.69 -13.17
C HIS DA 315 -43.61 127.43 -13.86
N CYS DA 316 -42.97 127.09 -14.98
CA CYS DA 316 -43.40 125.95 -15.78
C CYS DA 316 -42.24 125.49 -16.65
N TYR DA 317 -42.34 124.25 -17.13
CA TYR DA 317 -41.33 123.62 -17.95
C TYR DA 317 -41.47 124.06 -19.40
N ILE DA 318 -40.34 124.07 -20.11
CA ILE DA 318 -40.30 124.41 -21.53
C ILE DA 318 -40.04 123.19 -22.39
N ALA DA 319 -39.14 122.30 -21.94
CA ALA DA 319 -38.87 121.05 -22.65
C ALA DA 319 -38.05 120.15 -21.74
N ILE DA 320 -38.28 118.85 -21.86
CA ILE DA 320 -37.63 117.85 -21.01
C ILE DA 320 -37.02 116.77 -21.89
N LEU DA 321 -35.83 116.31 -21.51
CA LEU DA 321 -35.16 115.20 -22.18
C LEU DA 321 -34.73 114.18 -21.13
N ASN DA 322 -35.10 112.93 -21.33
CA ASN DA 322 -34.79 111.86 -20.40
C ASN DA 322 -33.83 110.86 -21.04
N ILE DA 323 -32.78 110.53 -20.31
CA ILE DA 323 -31.79 109.55 -20.76
C ILE DA 323 -31.88 108.34 -19.84
N ILE DA 324 -32.37 107.23 -20.38
CA ILE DA 324 -32.45 105.97 -19.65
C ILE DA 324 -31.34 105.06 -20.18
N GLN DA 325 -30.36 104.76 -19.33
CA GLN DA 325 -29.16 104.06 -19.77
C GLN DA 325 -29.18 102.57 -19.49
N GLY DA 326 -30.29 102.01 -19.05
CA GLY DA 326 -30.32 100.64 -18.61
C GLY DA 326 -30.58 99.66 -19.74
N GLU DA 327 -30.76 98.40 -19.35
CA GLU DA 327 -31.21 97.34 -20.23
C GLU DA 327 -32.71 97.17 -20.22
N VAL DA 328 -33.45 98.26 -20.01
CA VAL DA 328 -34.89 98.19 -19.83
C VAL DA 328 -35.56 97.67 -21.10
N ASP DA 329 -36.79 97.23 -20.93
CA ASP DA 329 -37.57 96.75 -22.06
C ASP DA 329 -37.97 97.94 -22.92
N PRO DA 330 -37.51 98.02 -24.18
CA PRO DA 330 -37.81 99.18 -25.02
C PRO DA 330 -39.20 99.18 -25.62
N THR DA 331 -40.05 98.20 -25.29
CA THR DA 331 -41.42 98.22 -25.79
C THR DA 331 -42.38 98.93 -24.85
N GLN DA 332 -42.07 98.97 -23.56
CA GLN DA 332 -42.93 99.64 -22.58
C GLN DA 332 -42.58 101.11 -22.40
N VAL DA 333 -41.62 101.63 -23.16
CA VAL DA 333 -41.26 103.03 -23.02
C VAL DA 333 -42.36 103.94 -23.57
N HIS DA 334 -43.01 103.52 -24.64
CA HIS DA 334 -44.09 104.33 -25.20
C HIS DA 334 -45.33 104.26 -24.33
N LYS DA 335 -45.49 103.18 -23.57
CA LYS DA 335 -46.61 103.09 -22.64
C LYS DA 335 -46.49 104.13 -21.53
N SER DA 336 -45.30 104.24 -20.94
CA SER DA 336 -45.13 105.10 -19.77
C SER DA 336 -45.44 106.55 -20.09
N LEU DA 337 -45.06 107.00 -21.29
CA LEU DA 337 -45.35 108.38 -21.68
C LEU DA 337 -46.84 108.61 -21.85
N GLN DA 338 -47.62 107.55 -22.01
CA GLN DA 338 -49.07 107.71 -22.08
C GLN DA 338 -49.66 107.99 -20.71
N ARG DA 339 -49.08 107.38 -19.67
CA ARG DA 339 -49.66 107.50 -18.33
C ARG DA 339 -49.09 108.68 -17.57
N ILE DA 340 -47.82 109.03 -17.78
CA ILE DA 340 -47.27 110.21 -17.12
C ILE DA 340 -48.04 111.46 -17.54
N ARG DA 341 -48.56 111.48 -18.77
CA ARG DA 341 -49.35 112.62 -19.22
C ARG DA 341 -50.65 112.73 -18.43
N GLU DA 342 -51.20 111.60 -17.98
CA GLU DA 342 -52.51 111.61 -17.37
C GLU DA 342 -52.45 112.17 -15.95
N ARG DA 343 -51.44 111.79 -15.19
CA ARG DA 343 -51.31 112.32 -13.84
C ARG DA 343 -50.94 113.80 -13.82
N LYS DA 344 -50.42 114.34 -14.92
CA LYS DA 344 -50.05 115.75 -15.04
C LYS DA 344 -49.03 116.14 -13.97
N LEU DA 345 -47.91 115.43 -13.98
CA LEU DA 345 -46.85 115.67 -13.01
C LEU DA 345 -46.04 116.92 -13.28
N ALA DA 346 -46.16 117.50 -14.47
CA ALA DA 346 -45.40 118.69 -14.82
C ALA DA 346 -46.29 119.65 -15.60
N ASN DA 347 -46.14 120.93 -15.31
CA ASN DA 347 -46.88 121.98 -15.98
C ASN DA 347 -46.03 122.64 -17.07
N PHE DA 348 -46.62 122.81 -18.23
CA PHE DA 348 -45.88 123.24 -19.41
C PHE DA 348 -46.34 124.62 -19.87
N ILE DA 349 -45.58 125.18 -20.80
CA ILE DA 349 -45.78 126.53 -21.33
C ILE DA 349 -47.15 126.62 -22.00
N PRO DA 350 -47.86 127.74 -21.86
CA PRO DA 350 -49.17 127.88 -22.51
C PRO DA 350 -49.10 128.43 -23.92
N TRP DA 351 -48.03 129.14 -24.27
CA TRP DA 351 -48.00 129.80 -25.58
C TRP DA 351 -47.75 128.82 -26.72
N GLY DA 352 -46.64 128.08 -26.65
CA GLY DA 352 -46.29 127.15 -27.69
C GLY DA 352 -46.37 125.71 -27.22
N PRO DA 353 -46.39 124.78 -28.15
CA PRO DA 353 -46.46 123.37 -27.77
C PRO DA 353 -45.14 122.85 -27.23
N ALA DA 354 -45.21 122.02 -26.20
CA ALA DA 354 -44.04 121.40 -25.60
C ALA DA 354 -44.39 119.99 -25.16
N SER DA 355 -43.38 119.13 -25.10
CA SER DA 355 -43.58 117.73 -24.72
C SER DA 355 -42.37 117.24 -23.94
N ILE DA 356 -42.39 115.95 -23.61
CA ILE DA 356 -41.31 115.31 -22.87
C ILE DA 356 -40.67 114.28 -23.77
N GLN DA 357 -39.35 114.14 -23.67
CA GLN DA 357 -38.57 113.29 -24.55
C GLN DA 357 -37.82 112.24 -23.75
N VAL DA 358 -37.90 110.98 -24.19
CA VAL DA 358 -37.20 109.87 -23.56
C VAL DA 358 -36.31 109.21 -24.60
N ALA DA 359 -35.04 109.02 -24.25
CA ALA DA 359 -34.09 108.40 -25.16
C ALA DA 359 -33.30 107.34 -24.40
N LEU DA 360 -33.20 106.16 -25.01
CA LEU DA 360 -32.50 105.03 -24.43
C LEU DA 360 -31.06 104.98 -24.93
N SER DA 361 -30.29 104.11 -24.30
CA SER DA 361 -28.89 103.89 -24.68
C SER DA 361 -28.46 102.56 -24.08
N ARG DA 362 -27.17 102.30 -24.10
CA ARG DA 362 -26.62 101.06 -23.54
C ARG DA 362 -25.48 101.39 -22.61
N LYS DA 363 -25.50 100.78 -21.43
CA LYS DA 363 -24.41 100.97 -20.49
C LYS DA 363 -23.16 100.27 -20.99
N SER DA 364 -22.02 100.69 -20.46
CA SER DA 364 -20.75 100.10 -20.85
C SER DA 364 -20.60 98.70 -20.27
N PRO DA 365 -20.50 97.66 -21.09
CA PRO DA 365 -20.37 96.31 -20.53
C PRO DA 365 -19.07 96.09 -19.77
N TYR DA 366 -18.01 96.80 -20.13
CA TYR DA 366 -16.72 96.59 -19.49
C TYR DA 366 -16.71 97.04 -18.03
N LEU DA 367 -17.72 97.77 -17.59
CA LEU DA 367 -17.79 98.22 -16.21
C LEU DA 367 -18.58 97.21 -15.36
N ARG DA 372 -29.26 96.50 -14.02
CA ARG DA 372 -28.89 97.83 -13.57
C ARG DA 372 -29.50 98.88 -14.49
N VAL DA 373 -30.15 99.89 -13.91
CA VAL DA 373 -30.82 100.93 -14.67
C VAL DA 373 -30.51 102.27 -14.01
N SER DA 374 -30.21 103.27 -14.83
CA SER DA 374 -29.95 104.62 -14.36
C SER DA 374 -30.86 105.59 -15.11
N GLY DA 375 -30.64 106.88 -14.91
CA GLY DA 375 -31.45 107.88 -15.59
C GLY DA 375 -30.96 109.30 -15.40
N LEU DA 376 -31.04 110.11 -16.46
CA LEU DA 376 -30.67 111.51 -16.39
C LEU DA 376 -31.73 112.34 -17.10
N MET DA 377 -32.01 113.53 -16.54
CA MET DA 377 -33.07 114.38 -17.04
C MET DA 377 -32.53 115.79 -17.26
N MET DA 378 -32.53 116.22 -18.51
CA MET DA 378 -32.15 117.57 -18.90
C MET DA 378 -33.43 118.36 -19.13
N ALA DA 379 -33.64 119.40 -18.33
CA ALA DA 379 -34.87 120.18 -18.39
C ALA DA 379 -34.54 121.65 -18.57
N ASN DA 380 -35.54 122.40 -19.01
CA ASN DA 380 -35.45 123.85 -19.17
C ASN DA 380 -36.59 124.46 -18.37
N HIS DA 381 -36.32 124.76 -17.09
CA HIS DA 381 -37.32 125.30 -16.18
C HIS DA 381 -37.06 126.78 -15.95
N THR DA 382 -38.12 127.58 -16.05
CA THR DA 382 -37.98 129.02 -15.81
C THR DA 382 -37.68 129.34 -14.36
N SER DA 383 -37.74 128.36 -13.47
CA SER DA 383 -37.32 128.59 -12.09
C SER DA 383 -35.83 128.82 -11.98
N ILE DA 384 -35.08 128.67 -13.07
CA ILE DA 384 -33.65 128.95 -13.03
C ILE DA 384 -33.40 130.44 -12.91
N SER DA 385 -34.43 131.26 -13.14
CA SER DA 385 -34.26 132.70 -13.02
C SER DA 385 -33.92 133.10 -11.60
N SER DA 386 -34.31 132.29 -10.62
CA SER DA 386 -34.05 132.64 -9.23
C SER DA 386 -32.56 132.67 -8.91
N LEU DA 387 -31.79 131.79 -9.55
CA LEU DA 387 -30.36 131.74 -9.28
C LEU DA 387 -29.67 133.04 -9.68
N PHE DA 388 -30.05 133.60 -10.83
CA PHE DA 388 -29.49 134.87 -11.24
C PHE DA 388 -29.91 135.98 -10.29
N GLU DA 389 -31.13 135.88 -9.76
CA GLU DA 389 -31.63 136.90 -8.84
C GLU DA 389 -30.75 136.99 -7.60
N ARG DA 390 -30.32 135.84 -7.08
CA ARG DA 390 -29.46 135.84 -5.90
C ARG DA 390 -28.15 136.55 -6.17
N THR DA 391 -27.52 136.24 -7.30
CA THR DA 391 -26.29 136.94 -7.69
C THR DA 391 -26.57 138.40 -7.96
N CYS DA 392 -27.71 138.70 -8.58
CA CYS DA 392 -28.08 140.09 -8.85
C CYS DA 392 -28.24 140.87 -7.55
N ARG DA 393 -29.07 140.36 -6.64
CA ARG DA 393 -29.30 141.05 -5.37
C ARG DA 393 -28.02 141.16 -4.56
N GLN DA 394 -27.18 140.12 -4.60
CA GLN DA 394 -25.92 140.15 -3.88
C GLN DA 394 -25.00 141.23 -4.45
N TYR DA 395 -25.12 141.52 -5.73
CA TYR DA 395 -24.28 142.54 -6.36
C TYR DA 395 -24.67 143.93 -5.88
N ASP DA 396 -25.97 144.21 -5.83
CA ASP DA 396 -26.44 145.54 -5.48
C ASP DA 396 -26.02 145.91 -4.06
N LYS DA 397 -26.06 144.95 -3.14
CA LYS DA 397 -25.68 145.23 -1.77
C LYS DA 397 -24.21 145.61 -1.65
N LEU DA 398 -23.35 145.02 -2.49
CA LEU DA 398 -21.94 145.38 -2.48
C LEU DA 398 -21.66 146.66 -3.26
N ARG DA 399 -22.53 147.01 -4.21
CA ARG DA 399 -22.33 148.21 -5.01
C ARG DA 399 -22.53 149.49 -4.21
N LYS DA 400 -23.31 149.43 -3.13
CA LYS DA 400 -23.55 150.59 -2.27
C LYS DA 400 -22.69 150.54 -1.01
N ARG DA 401 -21.68 149.69 -0.98
CA ARG DA 401 -20.85 149.51 0.20
C ARG DA 401 -19.35 149.53 -0.08
N GLU DA 402 -18.92 149.31 -1.32
CA GLU DA 402 -17.51 149.29 -1.69
C GLU DA 402 -16.72 148.29 -0.85
N ASP DA 416 -11.03 151.90 -14.81
CA ASP DA 416 -10.92 153.35 -14.83
C ASP DA 416 -12.29 154.02 -14.90
N ASN DA 417 -13.30 153.27 -15.34
CA ASN DA 417 -14.66 153.78 -15.46
C ASN DA 417 -15.69 153.00 -14.67
N PHE DA 418 -15.47 151.70 -14.47
CA PHE DA 418 -16.47 150.81 -13.88
C PHE DA 418 -17.79 150.84 -14.65
N ASP DA 419 -17.70 150.90 -15.98
CA ASP DA 419 -18.88 150.89 -16.83
C ASP DA 419 -19.23 149.50 -17.35
N GLU DA 420 -18.25 148.59 -17.41
CA GLU DA 420 -18.55 147.23 -17.85
C GLU DA 420 -19.48 146.53 -16.86
N MET DA 421 -19.29 146.77 -15.57
CA MET DA 421 -20.21 146.21 -14.58
C MET DA 421 -21.62 146.72 -14.80
N ASP DA 422 -21.77 147.96 -15.26
CA ASP DA 422 -23.09 148.52 -15.49
C ASP DA 422 -23.77 147.80 -16.65
N THR DA 423 -23.05 147.56 -17.74
CA THR DA 423 -23.64 146.89 -18.89
C THR DA 423 -23.99 145.44 -18.56
N SER DA 424 -23.10 144.75 -17.85
CA SER DA 424 -23.37 143.36 -17.46
C SER DA 424 -24.59 143.28 -16.55
N ARG DA 425 -24.68 144.20 -15.58
CA ARG DA 425 -25.84 144.24 -14.70
C ARG DA 425 -27.11 144.50 -15.49
N GLU DA 426 -27.02 145.25 -16.58
CA GLU DA 426 -28.21 145.58 -17.36
C GLU DA 426 -28.64 144.41 -18.23
N ILE DA 427 -27.68 143.75 -18.88
CA ILE DA 427 -28.05 142.70 -19.85
C ILE DA 427 -28.62 141.48 -19.14
N VAL DA 428 -28.13 141.16 -17.94
CA VAL DA 428 -28.69 140.03 -17.21
C VAL DA 428 -30.10 140.37 -16.73
N GLN DA 429 -30.39 141.66 -16.55
CA GLN DA 429 -31.74 142.05 -16.19
C GLN DA 429 -32.73 141.75 -17.30
N GLN DA 430 -32.27 141.82 -18.55
CA GLN DA 430 -33.14 141.46 -19.67
C GLN DA 430 -33.36 139.96 -19.74
N LEU DA 431 -32.33 139.18 -19.41
CA LEU DA 431 -32.49 137.73 -19.39
C LEU DA 431 -33.50 137.30 -18.35
N ILE DA 432 -33.38 137.82 -17.14
CA ILE DA 432 -34.38 137.55 -16.10
C ILE DA 432 -35.76 138.02 -16.55
N ASP DA 433 -35.81 139.17 -17.23
CA ASP DA 433 -37.09 139.69 -17.69
C ASP DA 433 -37.69 138.81 -18.77
N GLU DA 434 -36.85 138.08 -19.51
CA GLU DA 434 -37.37 137.15 -20.50
C GLU DA 434 -38.04 135.97 -19.83
N TYR DA 435 -37.41 135.42 -18.79
CA TYR DA 435 -37.94 134.24 -18.11
C TYR DA 435 -39.30 134.52 -17.50
N HIS DA 436 -39.40 135.55 -16.66
CA HIS DA 436 -40.68 135.85 -16.02
C HIS DA 436 -41.76 136.14 -17.04
N ALA DA 437 -41.40 136.67 -18.21
CA ALA DA 437 -42.37 136.85 -19.28
C ALA DA 437 -42.47 135.64 -20.19
N ALA DA 438 -41.64 134.62 -19.97
CA ALA DA 438 -41.74 133.41 -20.77
C ALA DA 438 -42.84 132.49 -20.27
N THR DA 439 -43.41 132.79 -19.10
CA THR DA 439 -44.44 131.95 -18.50
C THR DA 439 -45.84 132.52 -18.69
N ARG DA 440 -46.01 133.49 -19.56
CA ARG DA 440 -47.30 134.13 -19.76
C ARG DA 440 -47.95 133.65 -21.05
N PRO DA 441 -49.28 133.69 -21.15
CA PRO DA 441 -49.94 133.28 -22.39
C PRO DA 441 -49.63 134.18 -23.58
N ASP DA 442 -48.92 135.28 -23.38
CA ASP DA 442 -48.59 136.17 -24.48
C ASP DA 442 -47.10 136.44 -24.56
N TYR DA 443 -46.28 135.39 -24.42
CA TYR DA 443 -44.85 135.55 -24.61
C TYR DA 443 -44.54 135.91 -26.06
N ILE DA 444 -45.44 135.60 -26.98
CA ILE DA 444 -45.30 136.04 -28.36
C ILE DA 444 -45.26 137.56 -28.39
N SER DA 445 -44.17 138.12 -28.91
CA SER DA 445 -43.91 139.55 -28.86
C SER DA 445 -43.88 140.04 -27.41
N ARG EA 3 23.41 98.85 -67.53
CA ARG EA 3 23.66 100.24 -67.14
C ARG EA 3 24.26 100.32 -65.75
N GLU EA 4 25.51 100.76 -65.68
CA GLU EA 4 26.23 100.84 -64.39
C GLU EA 4 26.27 102.31 -63.93
N ILE EA 5 26.41 102.50 -62.62
CA ILE EA 5 26.48 103.89 -62.05
C ILE EA 5 27.85 104.06 -61.38
N ILE EA 6 28.58 105.11 -61.75
CA ILE EA 6 29.91 105.37 -61.12
C ILE EA 6 29.67 106.41 -60.02
N THR EA 7 29.99 106.05 -58.77
CA THR EA 7 29.77 106.99 -57.64
C THR EA 7 31.07 107.72 -57.30
N LEU EA 8 30.94 108.98 -56.88
CA LEU EA 8 32.06 109.81 -56.48
C LEU EA 8 31.89 110.22 -55.03
N GLN EA 9 33.00 110.43 -54.34
CA GLN EA 9 32.99 110.87 -52.96
C GLN EA 9 34.03 111.96 -52.79
N LEU EA 10 33.59 113.14 -52.36
CA LEU EA 10 34.48 114.28 -52.17
C LEU EA 10 34.38 114.78 -50.74
N GLY EA 11 35.51 115.24 -50.20
CA GLY EA 11 35.54 115.84 -48.89
C GLY EA 11 35.31 114.86 -47.76
N GLN EA 12 35.54 115.32 -46.52
CA GLN EA 12 35.39 114.44 -45.37
C GLN EA 12 33.95 113.93 -45.25
N CYS EA 13 32.98 114.76 -45.59
CA CYS EA 13 31.58 114.33 -45.53
C CYS EA 13 31.32 113.24 -46.56
N GLY EA 14 31.61 113.51 -47.83
CA GLY EA 14 31.31 112.53 -48.87
C GLY EA 14 31.99 111.21 -48.64
N ASN EA 15 33.21 111.23 -48.10
CA ASN EA 15 33.89 109.98 -47.78
C ASN EA 15 33.18 109.23 -46.67
N GLN EA 16 32.79 109.93 -45.61
CA GLN EA 16 32.20 109.25 -44.46
C GLN EA 16 30.82 108.69 -44.78
N ILE EA 17 29.99 109.45 -45.49
CA ILE EA 17 28.68 108.92 -45.85
C ILE EA 17 28.82 107.81 -46.88
N GLY EA 18 29.72 107.96 -47.84
CA GLY EA 18 29.91 106.92 -48.83
C GLY EA 18 30.52 105.66 -48.24
N PHE EA 19 31.51 105.82 -47.35
CA PHE EA 19 32.10 104.67 -46.69
C PHE EA 19 31.06 103.93 -45.87
N GLU EA 20 30.11 104.66 -45.28
CA GLU EA 20 29.05 103.99 -44.54
C GLU EA 20 27.88 103.63 -45.44
N PHE EA 21 27.82 104.22 -46.64
CA PHE EA 21 26.83 103.75 -47.61
C PHE EA 21 27.22 102.39 -48.16
N TRP EA 22 28.50 102.23 -48.47
CA TRP EA 22 29.01 100.93 -49.01
C TRP EA 22 28.84 99.84 -47.96
N LYS EA 23 29.12 100.16 -46.70
CA LYS EA 23 29.01 99.17 -45.62
C LYS EA 23 27.57 98.70 -45.46
N GLN EA 24 26.62 99.60 -45.67
CA GLN EA 24 25.21 99.20 -45.64
C GLN EA 24 24.86 98.33 -46.82
N LEU EA 25 25.51 98.57 -47.96
CA LEU EA 25 25.23 97.77 -49.15
C LEU EA 25 25.96 96.44 -49.11
N CYS EA 26 27.22 96.44 -48.68
CA CYS EA 26 27.99 95.21 -48.63
C CYS EA 26 27.34 94.17 -47.72
N ALA EA 27 26.68 94.62 -46.66
CA ALA EA 27 26.00 93.68 -45.78
C ALA EA 27 24.64 93.28 -46.33
N GLU EA 28 23.96 94.23 -47.01
CA GLU EA 28 22.64 93.92 -47.56
C GLU EA 28 22.74 92.86 -48.65
N HIS EA 29 23.92 92.71 -49.23
CA HIS EA 29 24.23 91.56 -50.08
C HIS EA 29 25.11 90.58 -49.31
N GLY EA 30 25.27 89.38 -49.86
CA GLY EA 30 26.10 88.39 -49.23
C GLY EA 30 27.57 88.57 -49.57
N ILE EA 31 28.13 89.73 -49.25
CA ILE EA 31 29.49 90.08 -49.60
C ILE EA 31 30.27 90.34 -48.31
N SER EA 32 31.37 89.63 -48.13
CA SER EA 32 32.23 89.87 -46.98
C SER EA 32 33.03 91.15 -47.19
N PRO EA 33 33.42 91.82 -46.10
CA PRO EA 33 34.25 93.02 -46.24
C PRO EA 33 35.55 92.79 -46.99
N GLU EA 34 35.89 91.51 -47.16
CA GLU EA 34 37.12 91.07 -47.87
C GLU EA 34 36.84 91.04 -49.38
N ALA EA 35 35.76 91.71 -49.81
CA ALA EA 35 35.34 91.77 -51.23
C ALA EA 35 35.20 90.36 -51.81
N ILE EA 36 34.75 89.42 -50.98
CA ILE EA 36 34.53 88.03 -51.35
C ILE EA 36 33.08 87.67 -51.05
N VAL EA 37 32.42 87.03 -52.00
CA VAL EA 37 31.02 86.68 -51.83
C VAL EA 37 30.90 85.55 -50.81
N GLU EA 38 29.94 85.68 -49.89
CA GLU EA 38 29.65 84.65 -48.92
C GLU EA 38 28.48 83.80 -49.40
N GLU EA 39 28.55 82.49 -49.13
CA GLU EA 39 27.51 81.59 -49.61
C GLU EA 39 26.19 81.83 -48.89
N PHE EA 40 26.24 81.98 -47.57
CA PHE EA 40 25.04 82.17 -46.74
C PHE EA 40 23.94 81.18 -47.07
N THR EA 45 19.90 86.36 -56.74
CA THR EA 45 18.58 86.87 -57.08
C THR EA 45 18.56 88.40 -57.08
N ASP EA 46 19.35 89.00 -56.19
CA ASP EA 46 19.44 90.44 -56.10
C ASP EA 46 20.41 90.96 -57.15
N ARG EA 47 19.90 91.82 -58.04
CA ARG EA 47 20.73 92.40 -59.14
C ARG EA 47 21.76 93.37 -58.55
N LYS EA 48 22.91 92.84 -58.13
CA LYS EA 48 23.99 93.68 -57.53
C LYS EA 48 25.04 94.03 -58.60
N ASP EA 49 24.87 93.50 -59.82
CA ASP EA 49 25.86 93.76 -60.90
C ASP EA 49 25.94 95.26 -61.20
N VAL EA 50 24.82 95.98 -61.04
CA VAL EA 50 24.80 97.45 -61.31
C VAL EA 50 25.71 98.19 -60.32
N PHE EA 51 25.66 97.83 -59.03
CA PHE EA 51 26.48 98.53 -58.02
C PHE EA 51 27.77 97.76 -57.67
N PHE EA 52 27.86 96.49 -58.06
CA PHE EA 52 29.09 95.72 -57.75
C PHE EA 52 29.69 95.12 -59.02
N TYR EA 53 30.98 95.38 -59.25
CA TYR EA 53 31.69 94.84 -60.44
C TYR EA 53 32.38 93.53 -60.04
N GLN EA 54 31.79 92.39 -60.40
CA GLN EA 54 32.39 91.07 -60.04
C GLN EA 54 33.83 91.02 -60.54
N TYR EA 60 32.97 91.52 -53.88
CA TYR EA 60 33.12 92.22 -55.18
C TYR EA 60 33.74 93.61 -54.95
N ILE EA 61 34.03 94.33 -56.03
CA ILE EA 61 34.64 95.68 -55.91
C ILE EA 61 33.60 96.74 -56.33
N PRO EA 62 32.91 97.40 -55.37
CA PRO EA 62 31.92 98.42 -55.72
C PRO EA 62 32.66 99.59 -56.40
N ARG EA 63 32.08 100.14 -57.47
CA ARG EA 63 32.72 101.28 -58.18
C ARG EA 63 32.67 102.51 -57.26
N ALA EA 64 33.82 103.17 -57.06
CA ALA EA 64 33.90 104.35 -56.19
C ALA EA 64 35.23 105.10 -56.43
N VAL EA 65 35.14 106.35 -56.88
CA VAL EA 65 36.33 107.17 -57.14
C VAL EA 65 36.41 108.19 -56.02
N LEU EA 66 37.11 107.85 -54.94
CA LEU EA 66 37.23 108.75 -53.81
C LEU EA 66 38.22 109.87 -54.12
N LEU EA 67 38.17 110.93 -53.32
CA LEU EA 67 39.11 112.04 -53.45
C LEU EA 67 39.31 112.73 -52.11
N ARG EA 72 42.86 113.07 -45.38
CA ARG EA 72 43.50 112.22 -44.39
C ARG EA 72 42.50 111.25 -43.78
N VAL EA 73 41.23 111.39 -44.17
CA VAL EA 73 40.23 110.40 -43.84
C VAL EA 73 40.42 109.15 -44.68
N ILE EA 74 41.08 109.28 -45.84
CA ILE EA 74 41.35 108.11 -46.68
C ILE EA 74 42.18 107.09 -45.93
N HIS EA 75 43.14 107.56 -45.13
CA HIS EA 75 43.94 106.63 -44.32
C HIS EA 75 43.07 105.91 -43.30
N SER EA 76 42.04 106.57 -42.79
CA SER EA 76 41.15 105.92 -41.84
C SER EA 76 40.40 104.77 -42.49
N ILE EA 77 40.16 104.85 -43.80
CA ILE EA 77 39.51 103.76 -44.51
C ILE EA 77 40.51 102.65 -44.79
N LEU EA 78 41.75 103.00 -45.13
CA LEU EA 78 42.77 102.00 -45.45
C LEU EA 78 43.17 101.18 -44.23
N ASN EA 79 42.95 101.69 -43.02
CA ASN EA 79 43.19 100.90 -41.81
C ASN EA 79 41.95 100.14 -41.35
N SER EA 80 40.77 100.56 -41.78
CA SER EA 80 39.54 99.86 -41.45
C SER EA 80 39.56 98.46 -42.07
N PRO EA 81 38.77 97.53 -41.52
CA PRO EA 81 38.76 96.17 -42.07
C PRO EA 81 38.32 96.09 -43.53
N TYR EA 82 37.85 97.22 -44.07
CA TYR EA 82 37.37 97.29 -45.48
C TYR EA 82 38.49 97.75 -46.40
N ALA EA 83 39.74 97.66 -45.94
CA ALA EA 83 40.90 98.07 -46.75
C ALA EA 83 40.97 97.21 -48.02
N LYS EA 84 40.74 95.90 -47.88
CA LYS EA 84 40.77 94.97 -49.04
C LYS EA 84 39.67 95.35 -50.03
N LEU EA 85 38.50 95.77 -49.53
CA LEU EA 85 37.35 96.15 -50.39
C LEU EA 85 37.76 97.32 -51.30
N TYR EA 86 38.49 98.28 -50.73
CA TYR EA 86 38.97 99.47 -51.50
C TYR EA 86 40.40 99.22 -51.99
N GLY EA 101 41.91 124.67 -48.66
CA GLY EA 101 41.65 124.83 -47.24
C GLY EA 101 40.17 124.83 -46.91
N ASN EA 102 39.67 125.99 -46.47
CA ASN EA 102 38.25 126.15 -46.17
C ASN EA 102 37.59 127.17 -47.08
N ASN EA 103 38.29 127.65 -48.10
CA ASN EA 103 37.75 128.61 -49.05
C ASN EA 103 37.22 127.88 -50.28
N TRP EA 104 36.09 128.37 -50.78
CA TRP EA 104 35.54 127.83 -52.01
C TRP EA 104 36.51 128.04 -53.17
N ALA EA 105 37.29 129.13 -53.13
CA ALA EA 105 38.28 129.36 -54.17
C ALA EA 105 39.41 128.36 -54.11
N SER EA 106 39.77 127.91 -52.90
CA SER EA 106 40.81 126.89 -52.78
C SER EA 106 40.35 125.58 -53.39
N GLY EA 107 39.05 125.28 -53.30
CA GLY EA 107 38.54 124.08 -53.89
C GLY EA 107 38.48 124.14 -55.41
N PHE EA 108 38.09 125.30 -55.95
CA PHE EA 108 37.99 125.43 -57.40
C PHE EA 108 39.37 125.63 -58.03
N SER EA 109 40.30 126.23 -57.30
CA SER EA 109 41.64 126.43 -57.85
C SER EA 109 42.40 125.13 -57.94
N GLN EA 110 42.56 124.42 -56.81
CA GLN EA 110 43.30 123.17 -56.81
C GLN EA 110 42.67 122.15 -57.74
N GLY EA 111 41.35 122.16 -57.88
CA GLY EA 111 40.69 121.26 -58.81
C GLY EA 111 41.10 121.49 -60.24
N GLU EA 112 41.51 122.72 -60.58
CA GLU EA 112 42.00 123.00 -61.92
C GLU EA 112 43.43 122.52 -62.11
N LYS EA 113 44.21 122.44 -61.01
CA LYS EA 113 45.59 122.01 -61.14
C LYS EA 113 45.71 120.52 -61.38
N ILE EA 114 44.70 119.73 -61.00
CA ILE EA 114 44.73 118.29 -61.18
C ILE EA 114 43.64 117.88 -62.15
N HIS EA 115 43.35 118.76 -63.11
CA HIS EA 115 42.32 118.49 -64.11
C HIS EA 115 42.58 117.18 -64.85
N GLU EA 116 43.85 116.93 -65.19
CA GLU EA 116 44.15 115.72 -65.96
C GLU EA 116 44.30 114.51 -65.06
N ASP EA 117 44.66 114.72 -63.79
CA ASP EA 117 44.92 113.59 -62.91
C ASP EA 117 43.63 112.84 -62.56
N ILE EA 118 42.63 113.54 -62.03
CA ILE EA 118 41.42 112.85 -61.59
C ILE EA 118 40.53 112.50 -62.77
N PHE EA 119 40.71 113.15 -63.91
CA PHE EA 119 39.96 112.76 -65.10
C PHE EA 119 40.57 111.57 -65.81
N ASP EA 120 41.84 111.26 -65.55
CA ASP EA 120 42.40 110.00 -66.03
C ASP EA 120 41.66 108.83 -65.39
N ILE EA 121 41.39 108.92 -64.09
CA ILE EA 121 40.75 107.82 -63.37
C ILE EA 121 39.31 107.65 -63.82
N ILE EA 122 38.56 108.76 -63.88
CA ILE EA 122 37.16 108.67 -64.25
C ILE EA 122 37.00 108.17 -65.67
N ASP EA 123 37.89 108.59 -66.57
CA ASP EA 123 37.79 108.14 -67.95
C ASP EA 123 38.13 106.67 -68.08
N ARG EA 124 39.20 106.21 -67.42
CA ARG EA 124 39.55 104.79 -67.48
C ARG EA 124 38.50 103.93 -66.79
N GLU EA 125 37.75 104.52 -65.86
CA GLU EA 125 36.66 103.78 -65.22
C GLU EA 125 35.39 103.85 -66.06
N ALA EA 126 35.30 104.81 -66.98
CA ALA EA 126 34.10 104.95 -67.79
C ALA EA 126 34.07 103.92 -68.92
N ASP EA 127 35.13 103.90 -69.74
CA ASP EA 127 35.15 103.00 -70.89
C ASP EA 127 35.21 101.54 -70.50
N GLY EA 128 35.84 101.25 -69.35
CA GLY EA 128 35.97 99.87 -68.87
C GLY EA 128 34.60 99.27 -68.55
N SER EA 129 33.65 100.13 -68.15
CA SER EA 129 32.28 99.64 -67.83
C SER EA 129 31.54 99.33 -69.13
N ASP EA 130 30.56 98.42 -69.08
CA ASP EA 130 29.81 98.05 -70.30
C ASP EA 130 29.05 99.28 -70.80
N SER EA 131 28.41 100.02 -69.89
CA SER EA 131 27.64 101.24 -70.24
C SER EA 131 27.70 102.24 -69.08
N LEU EA 132 27.67 103.54 -69.39
CA LEU EA 132 27.69 104.60 -68.35
C LEU EA 132 26.29 105.20 -68.24
N GLU EA 133 25.65 105.10 -67.07
CA GLU EA 133 24.31 105.63 -66.89
C GLU EA 133 24.28 106.93 -66.10
N GLY EA 134 24.99 107.00 -64.98
CA GLY EA 134 24.94 108.19 -64.16
C GLY EA 134 26.19 108.44 -63.35
N PHE EA 135 26.18 109.50 -62.54
CA PHE EA 135 27.29 109.84 -61.66
C PHE EA 135 26.71 110.28 -60.32
N VAL EA 136 26.44 109.32 -59.44
CA VAL EA 136 25.95 109.67 -58.12
C VAL EA 136 27.09 110.27 -57.31
N LEU EA 137 26.99 111.56 -57.03
CA LEU EA 137 28.07 112.32 -56.40
C LEU EA 137 27.66 112.70 -54.99
N CYS EA 138 28.46 112.31 -54.00
CA CYS EA 138 28.16 112.56 -52.59
C CYS EA 138 29.14 113.60 -52.07
N HIS EA 139 28.64 114.81 -51.78
CA HIS EA 139 29.48 115.87 -51.25
C HIS EA 139 28.62 116.79 -50.41
N SER EA 140 29.25 117.46 -49.45
CA SER EA 140 28.59 118.45 -48.62
C SER EA 140 28.97 119.85 -49.07
N ILE EA 141 27.97 120.72 -49.21
CA ILE EA 141 28.21 122.08 -49.70
C ILE EA 141 28.74 123.02 -48.63
N ALA EA 142 28.89 122.54 -47.40
CA ALA EA 142 29.40 123.39 -46.33
C ALA EA 142 30.93 123.46 -46.36
N GLY EA 144 34.62 121.98 -46.67
CA GLY EA 144 35.46 123.01 -47.26
C GLY EA 144 35.81 122.73 -48.71
N THR EA 145 36.81 121.86 -48.91
CA THR EA 145 37.27 121.56 -50.26
C THR EA 145 36.25 120.79 -51.08
N GLY EA 146 35.37 120.01 -50.43
CA GLY EA 146 34.33 119.33 -51.15
C GLY EA 146 33.39 120.30 -51.87
N SER EA 147 33.27 121.52 -51.34
CA SER EA 147 32.42 122.52 -51.96
C SER EA 147 33.05 123.05 -53.24
N GLY EA 148 34.32 123.46 -53.15
CA GLY EA 148 34.98 124.04 -54.32
C GLY EA 148 35.34 123.00 -55.37
N LEU EA 149 35.70 121.80 -54.95
CA LEU EA 149 36.02 120.75 -55.91
C LEU EA 149 34.77 120.23 -56.60
N GLY EA 150 33.70 120.01 -55.83
CA GLY EA 150 32.46 119.57 -56.44
C GLY EA 150 31.89 120.56 -57.42
N SER EA 151 32.05 121.85 -57.13
CA SER EA 151 31.65 122.88 -58.08
C SER EA 151 32.44 122.76 -59.37
N TYR EA 152 33.70 122.33 -59.26
CA TYR EA 152 34.54 122.18 -60.45
C TYR EA 152 34.13 120.96 -61.27
N LEU EA 153 33.82 119.85 -60.58
CA LEU EA 153 33.47 118.63 -61.30
C LEU EA 153 32.16 118.77 -62.05
N LEU EA 154 31.12 119.25 -61.36
CA LEU EA 154 29.80 119.34 -61.99
C LEU EA 154 29.84 120.24 -63.22
N GLU EA 155 30.80 121.16 -63.28
CA GLU EA 155 30.98 121.96 -64.48
C GLU EA 155 31.68 121.15 -65.57
N ARG EA 156 32.72 120.41 -65.20
CA ARG EA 156 33.54 119.74 -66.21
C ARG EA 156 32.86 118.50 -66.77
N LEU EA 157 31.97 117.87 -66.00
CA LEU EA 157 31.28 116.68 -66.50
C LEU EA 157 30.35 117.01 -67.65
N ASN EA 158 29.67 118.17 -67.59
CA ASN EA 158 28.72 118.53 -68.63
C ASN EA 158 29.44 118.85 -69.93
N ASP EA 159 30.72 119.16 -69.88
CA ASP EA 159 31.48 119.43 -71.10
C ASP EA 159 31.75 118.15 -71.87
N ARG EA 160 32.40 117.18 -71.23
CA ARG EA 160 32.80 115.95 -71.91
C ARG EA 160 31.63 114.97 -72.02
N TYR EA 161 30.92 114.74 -70.93
CA TYR EA 161 29.82 113.79 -70.91
C TYR EA 161 28.50 114.56 -70.97
N PRO EA 162 27.87 114.70 -72.14
CA PRO EA 162 26.65 115.51 -72.23
C PRO EA 162 25.38 114.69 -72.11
N LYS EA 163 25.49 113.37 -72.07
CA LYS EA 163 24.34 112.48 -72.04
C LYS EA 163 24.27 111.64 -70.78
N LYS EA 164 25.01 112.01 -69.74
CA LYS EA 164 25.09 111.24 -68.51
C LYS EA 164 24.39 112.02 -67.40
N LEU EA 165 23.39 111.39 -66.78
CA LEU EA 165 22.75 111.98 -65.62
C LEU EA 165 23.75 112.14 -64.49
N VAL EA 166 23.58 113.19 -63.69
CA VAL EA 166 24.46 113.48 -62.56
C VAL EA 166 23.59 113.75 -61.36
N GLN EA 167 23.31 112.72 -60.57
CA GLN EA 167 22.59 112.87 -59.32
C GLN EA 167 23.57 113.15 -58.20
N THR EA 168 23.13 113.95 -57.23
CA THR EA 168 23.99 114.36 -56.12
C THR EA 168 23.24 114.21 -54.81
N TYR EA 169 23.86 113.58 -53.83
CA TYR EA 169 23.33 113.51 -52.48
C TYR EA 169 23.98 114.58 -51.60
N SER EA 170 23.72 115.84 -51.95
CA SER EA 170 24.33 116.95 -51.23
C SER EA 170 23.77 117.06 -49.82
N VAL EA 171 24.62 117.52 -48.90
CA VAL EA 171 24.28 117.63 -47.49
C VAL EA 171 24.38 119.11 -47.09
N PHE EA 172 23.29 119.63 -46.48
CA PHE EA 172 23.22 121.01 -46.04
C PHE EA 172 23.64 121.15 -44.58
N PRO EA 173 24.34 122.25 -44.23
CA PRO EA 173 24.78 122.48 -42.86
C PRO EA 173 23.66 122.99 -41.95
N VAL EA 183 32.01 132.69 -43.39
CA VAL EA 183 32.36 132.31 -44.74
C VAL EA 183 31.44 131.18 -45.20
N GLN EA 184 30.89 130.47 -44.22
CA GLN EA 184 29.99 129.36 -44.52
C GLN EA 184 28.83 129.74 -45.41
N PRO EA 185 28.18 130.90 -45.26
CA PRO EA 185 27.13 131.26 -46.23
C PRO EA 185 27.66 131.42 -47.65
N TYR EA 186 28.92 131.85 -47.80
CA TYR EA 186 29.49 132.04 -49.13
C TYR EA 186 29.69 130.70 -49.84
N ASN EA 187 30.47 129.81 -49.24
CA ASN EA 187 30.76 128.54 -49.87
C ASN EA 187 29.48 127.74 -50.14
N SER EA 188 28.46 127.92 -49.31
CA SER EA 188 27.22 127.18 -49.50
C SER EA 188 26.50 127.63 -50.76
N LEU EA 189 26.26 128.92 -50.90
CA LEU EA 189 25.45 129.40 -52.02
C LEU EA 189 26.19 129.25 -53.35
N LEU EA 190 27.53 129.36 -53.32
CA LEU EA 190 28.29 129.29 -54.57
C LEU EA 190 28.11 127.92 -55.23
N THR EA 191 28.03 126.87 -54.43
CA THR EA 191 27.76 125.54 -55.00
C THR EA 191 26.35 125.48 -55.55
N LEU EA 192 25.42 126.24 -54.96
CA LEU EA 192 24.05 126.23 -55.44
C LEU EA 192 23.94 126.82 -56.84
N LYS EA 193 24.88 127.68 -57.22
CA LYS EA 193 24.89 128.19 -58.59
C LYS EA 193 25.10 127.06 -59.58
N ARG EA 194 26.02 126.15 -59.27
CA ARG EA 194 26.29 125.02 -60.15
C ARG EA 194 25.23 123.93 -60.02
N LEU EA 195 24.71 123.70 -58.81
CA LEU EA 195 23.73 122.65 -58.58
C LEU EA 195 22.36 122.96 -59.16
N THR EA 196 22.13 124.17 -59.63
CA THR EA 196 20.85 124.52 -60.23
C THR EA 196 20.86 124.51 -61.75
N GLN EA 197 22.00 124.26 -62.38
CA GLN EA 197 22.03 124.24 -63.84
C GLN EA 197 22.82 123.05 -64.38
N ASN EA 198 23.56 122.35 -63.52
CA ASN EA 198 24.33 121.19 -63.97
C ASN EA 198 23.74 119.87 -63.49
N ALA EA 199 23.52 119.75 -62.18
CA ALA EA 199 23.05 118.49 -61.62
C ALA EA 199 21.61 118.22 -62.05
N ASP EA 200 21.40 117.10 -62.74
CA ASP EA 200 20.07 116.74 -63.22
C ASP EA 200 19.15 116.26 -62.11
N CYS EA 201 19.65 116.17 -60.88
CA CYS EA 201 18.82 115.86 -59.73
C CYS EA 201 19.58 116.30 -58.49
N LEU EA 202 18.87 116.33 -57.37
CA LEU EA 202 19.54 116.67 -56.11
C LEU EA 202 18.65 116.24 -54.96
N VAL EA 203 19.25 115.59 -53.98
CA VAL EA 203 18.57 115.11 -52.78
C VAL EA 203 19.15 115.85 -51.59
N VAL EA 204 18.33 116.64 -50.93
CA VAL EA 204 18.81 117.47 -49.83
C VAL EA 204 18.75 116.67 -48.53
N LEU EA 205 19.76 116.85 -47.70
CA LEU EA 205 19.84 116.23 -46.39
C LEU EA 205 20.57 117.21 -45.47
N ASP EA 206 19.82 118.02 -44.73
CA ASP EA 206 20.40 119.05 -43.88
C ASP EA 206 20.75 118.46 -42.53
N ASN EA 207 21.91 118.86 -41.99
CA ASN EA 207 22.33 118.36 -40.69
C ASN EA 207 21.48 118.90 -39.55
N THR EA 208 20.83 120.05 -39.75
CA THR EA 208 20.03 120.64 -38.68
C THR EA 208 18.82 119.78 -38.35
N ALA EA 209 17.99 119.49 -39.37
CA ALA EA 209 16.82 118.65 -39.13
C ALA EA 209 17.21 117.25 -38.71
N LEU EA 210 18.34 116.75 -39.22
CA LEU EA 210 18.84 115.45 -38.78
C LEU EA 210 19.23 115.48 -37.31
N ASN EA 211 19.83 116.59 -36.86
CA ASN EA 211 20.27 116.67 -35.47
C ASN EA 211 19.08 116.64 -34.52
N ARG EA 212 17.94 117.18 -34.95
CA ARG EA 212 16.73 117.08 -34.13
C ARG EA 212 16.31 115.63 -33.96
N ILE EA 213 16.18 114.90 -35.08
CA ILE EA 213 15.82 113.49 -35.00
C ILE EA 213 16.89 112.72 -34.23
N ALA EA 214 18.13 113.18 -34.28
CA ALA EA 214 19.16 112.61 -33.43
C ALA EA 214 18.87 112.88 -31.96
N THR EA 215 18.28 114.04 -31.66
CA THR EA 215 17.99 114.39 -30.27
C THR EA 215 16.62 113.89 -29.84
N ASP EA 216 15.62 113.99 -30.72
CA ASP EA 216 14.25 113.65 -30.32
C ASP EA 216 14.09 112.17 -30.03
N ARG EA 217 14.36 111.32 -31.03
CA ARG EA 217 14.08 109.89 -30.92
C ARG EA 217 15.32 109.04 -30.74
N LEU EA 218 16.51 109.66 -30.64
CA LEU EA 218 17.73 108.92 -30.37
C LEU EA 218 18.49 109.41 -29.15
N HIS EA 219 18.27 110.65 -28.71
CA HIS EA 219 18.82 111.19 -27.47
C HIS EA 219 20.35 111.07 -27.44
N ILE EA 220 20.99 111.76 -28.39
CA ILE EA 220 22.44 111.72 -28.47
C ILE EA 220 23.11 112.77 -27.58
N GLN EA 221 22.40 113.82 -27.18
CA GLN EA 221 22.98 114.87 -26.37
C GLN EA 221 21.91 115.63 -25.60
N SER EA 224 26.63 113.81 -32.46
CA SER EA 224 27.85 113.16 -32.94
C SER EA 224 27.70 112.74 -34.41
N PHE EA 225 28.76 112.95 -35.19
CA PHE EA 225 28.72 112.62 -36.60
C PHE EA 225 28.59 111.12 -36.82
N SER EA 226 29.23 110.33 -35.97
CA SER EA 226 29.19 108.87 -36.12
C SER EA 226 27.80 108.29 -35.90
N GLN EA 227 26.83 109.09 -35.46
CA GLN EA 227 25.47 108.62 -35.28
C GLN EA 227 24.51 109.14 -36.34
N ILE EA 228 24.58 110.42 -36.68
CA ILE EA 228 23.67 110.98 -37.68
C ILE EA 228 23.94 110.36 -39.04
N ASN EA 229 25.19 110.00 -39.33
CA ASN EA 229 25.48 109.35 -40.61
C ASN EA 229 24.83 107.99 -40.72
N GLN EA 230 24.56 107.34 -39.58
CA GLN EA 230 23.83 106.08 -39.62
C GLN EA 230 22.44 106.28 -40.19
N LEU EA 231 21.84 107.44 -39.94
CA LEU EA 231 20.56 107.75 -40.56
C LEU EA 231 20.73 108.13 -42.02
N VAL EA 232 21.82 108.83 -42.35
CA VAL EA 232 22.08 109.19 -43.74
C VAL EA 232 22.30 107.93 -44.57
N SER EA 233 23.09 107.00 -44.05
CA SER EA 233 23.32 105.75 -44.76
C SER EA 233 22.03 104.95 -44.93
N THR EA 234 21.08 105.13 -44.01
CA THR EA 234 19.78 104.46 -44.16
C THR EA 234 18.98 105.10 -45.29
N ILE EA 235 19.17 106.39 -45.52
CA ILE EA 235 18.43 107.08 -46.57
C ILE EA 235 19.06 106.83 -47.94
N MET EA 236 20.39 106.83 -48.01
CA MET EA 236 21.06 106.61 -49.28
C MET EA 236 20.84 105.19 -49.79
N SER EA 237 20.98 104.21 -48.91
CA SER EA 237 20.81 102.83 -49.32
C SER EA 237 19.38 102.55 -49.75
N ALA EA 238 18.41 102.97 -48.95
CA ALA EA 238 17.01 102.72 -49.29
C ALA EA 238 16.55 103.54 -50.48
N SER EA 239 17.35 104.49 -50.94
CA SER EA 239 16.95 105.27 -52.11
C SER EA 239 17.03 104.44 -53.39
N THR EA 240 18.10 103.66 -53.54
CA THR EA 240 18.30 102.82 -54.72
C THR EA 240 17.91 101.37 -54.47
N THR EA 241 16.86 101.15 -53.69
CA THR EA 241 16.43 99.78 -53.44
C THR EA 241 15.71 99.20 -54.64
N THR EA 242 15.15 100.06 -55.50
CA THR EA 242 14.44 99.55 -56.67
C THR EA 242 15.38 99.22 -57.82
N LEU EA 243 16.59 99.79 -57.83
CA LEU EA 243 17.55 99.43 -58.86
C LEU EA 243 18.18 98.08 -58.59
N ARG EA 244 18.52 97.79 -57.33
CA ARG EA 244 19.19 96.55 -56.98
C ARG EA 244 18.23 95.37 -56.88
N TYR EA 245 16.96 95.63 -56.57
CA TYR EA 245 15.94 94.58 -56.57
C TYR EA 245 14.96 94.83 -57.69
N PRO EA 246 15.07 94.12 -58.82
CA PRO EA 246 14.23 94.45 -59.98
C PRO EA 246 12.78 94.04 -59.76
N GLY EA 247 11.87 94.94 -60.12
CA GLY EA 247 10.46 94.69 -60.00
C GLY EA 247 9.74 94.98 -61.31
N TYR EA 248 8.45 95.32 -61.22
CA TYR EA 248 7.65 95.60 -62.44
C TYR EA 248 8.20 96.82 -63.19
N MET EA 249 8.49 97.90 -62.46
CA MET EA 249 9.01 99.13 -63.04
C MET EA 249 10.24 99.60 -62.29
N ASN EA 250 10.78 100.74 -62.74
CA ASN EA 250 11.88 101.43 -62.08
C ASN EA 250 13.15 100.57 -62.05
N ASN EA 251 13.55 100.13 -63.24
CA ASN EA 251 14.76 99.34 -63.40
C ASN EA 251 15.93 100.16 -63.92
N ASP EA 252 15.85 101.48 -63.84
CA ASP EA 252 16.91 102.35 -64.33
C ASP EA 252 16.76 103.69 -63.64
N LEU EA 253 17.91 104.38 -63.48
CA LEU EA 253 17.90 105.63 -62.73
C LEU EA 253 17.02 106.69 -63.39
N ILE EA 254 16.99 106.70 -64.72
CA ILE EA 254 16.19 107.72 -65.42
C ILE EA 254 14.70 107.47 -65.23
N GLY EA 255 14.34 106.30 -64.70
CA GLY EA 255 12.94 106.06 -64.39
C GLY EA 255 12.50 106.70 -63.08
N LEU EA 256 13.42 106.82 -62.13
CA LEU EA 256 13.09 107.49 -60.87
C LEU EA 256 13.17 109.00 -61.00
N ILE EA 257 13.94 109.49 -61.97
CA ILE EA 257 14.16 110.93 -62.09
C ILE EA 257 13.01 111.59 -62.84
N ALA EA 258 12.76 111.15 -64.07
CA ALA EA 258 11.80 111.85 -64.92
C ALA EA 258 10.39 111.83 -64.35
N SER EA 259 10.09 110.93 -63.41
CA SER EA 259 8.75 110.89 -62.86
C SER EA 259 8.50 112.06 -61.92
N LEU EA 260 9.47 112.38 -61.08
CA LEU EA 260 9.29 113.43 -60.08
C LEU EA 260 9.55 114.81 -60.67
N ILE EA 261 10.73 115.01 -61.25
CA ILE EA 261 11.17 116.30 -61.77
C ILE EA 261 10.41 116.62 -63.06
N PRO EA 262 9.46 117.56 -63.04
CA PRO EA 262 8.70 117.85 -64.27
C PRO EA 262 9.45 118.76 -65.24
N THR EA 263 10.18 119.72 -64.70
CA THR EA 263 10.90 120.72 -65.49
C THR EA 263 12.35 120.78 -65.04
N PRO EA 264 13.27 121.16 -65.93
CA PRO EA 264 14.70 121.09 -65.60
C PRO EA 264 15.09 121.90 -64.38
N ARG EA 265 14.28 122.86 -63.94
CA ARG EA 265 14.68 123.71 -62.83
C ARG EA 265 14.24 123.17 -61.48
N LEU EA 266 12.98 122.77 -61.34
CA LEU EA 266 12.46 122.27 -60.07
C LEU EA 266 12.95 120.83 -59.84
N HIS EA 267 14.24 120.72 -59.59
CA HIS EA 267 14.90 119.42 -59.46
C HIS EA 267 15.54 119.25 -58.08
N PHE EA 268 14.77 119.53 -57.03
CA PHE EA 268 15.23 119.33 -55.67
C PHE EA 268 14.24 118.43 -54.94
N LEU EA 269 14.74 117.39 -54.29
CA LEU EA 269 13.90 116.40 -53.64
C LEU EA 269 14.26 116.27 -52.17
N MET EA 270 13.24 116.00 -51.35
CA MET EA 270 13.41 115.72 -49.94
C MET EA 270 12.88 114.32 -49.63
N THR EA 271 13.33 113.77 -48.52
CA THR EA 271 13.08 112.38 -48.18
C THR EA 271 12.24 112.26 -46.92
N GLY EA 272 11.67 111.07 -46.72
CA GLY EA 272 10.90 110.76 -45.52
C GLY EA 272 10.98 109.28 -45.19
N TYR EA 273 11.32 108.96 -43.95
CA TYR EA 273 11.61 107.58 -43.54
C TYR EA 273 10.98 107.33 -42.17
N THR EA 274 9.91 106.54 -42.13
CA THR EA 274 9.16 106.40 -40.89
C THR EA 274 9.76 105.44 -39.85
N PRO EA 275 10.34 104.27 -40.20
CA PRO EA 275 10.67 103.30 -39.14
C PRO EA 275 11.93 103.72 -38.39
N LEU EA 276 11.73 104.21 -37.16
CA LEU EA 276 12.84 104.66 -36.33
C LEU EA 276 12.78 104.04 -34.94
N THR EA 288 0.74 96.16 -38.63
CA THR EA 288 1.14 97.33 -39.40
C THR EA 288 0.80 97.14 -40.87
N THR EA 289 -0.15 97.93 -41.37
CA THR EA 289 -0.56 97.87 -42.76
C THR EA 289 0.05 99.02 -43.55
N VAL EA 290 -0.21 99.03 -44.86
CA VAL EA 290 0.31 100.10 -45.70
C VAL EA 290 -0.30 101.44 -45.30
N LEU EA 291 -1.50 101.44 -44.72
CA LEU EA 291 -2.10 102.69 -44.27
C LEU EA 291 -1.35 103.27 -43.08
N ASP EA 292 -0.79 102.39 -42.24
CA ASP EA 292 0.00 102.86 -41.11
C ASP EA 292 1.26 103.58 -41.58
N VAL EA 293 1.89 103.06 -42.62
CA VAL EA 293 3.14 103.65 -43.10
C VAL EA 293 2.87 104.93 -43.89
N MET EA 294 1.85 104.89 -44.76
CA MET EA 294 1.58 106.04 -45.61
C MET EA 294 1.18 107.26 -44.79
N ARG EA 295 0.46 107.06 -43.67
CA ARG EA 295 0.04 108.19 -42.87
C ARG EA 295 1.22 108.83 -42.14
N ARG EA 296 2.21 108.03 -41.76
CA ARG EA 296 3.34 108.57 -41.01
C ARG EA 296 4.32 109.34 -41.89
N LEU EA 297 4.40 109.01 -43.19
CA LEU EA 297 5.36 109.70 -44.06
C LEU EA 297 4.96 111.14 -44.29
N LEU EA 298 3.67 111.43 -44.28
CA LEU EA 298 3.18 112.78 -44.57
C LEU EA 298 3.22 113.70 -43.35
N GLN EA 299 3.52 113.18 -42.16
CA GLN EA 299 3.63 114.05 -41.00
C GLN EA 299 4.91 114.87 -41.07
N PRO EA 300 4.84 116.16 -40.75
CA PRO EA 300 6.05 116.99 -40.79
C PRO EA 300 7.11 116.59 -39.78
N LYS EA 301 6.80 115.69 -38.85
CA LYS EA 301 7.78 115.26 -37.86
C LYS EA 301 8.83 114.34 -38.46
N ASN EA 302 8.53 113.69 -39.59
CA ASN EA 302 9.43 112.70 -40.17
C ASN EA 302 10.30 113.23 -41.29
N VAL EA 303 9.89 114.31 -41.97
CA VAL EA 303 10.66 114.82 -43.10
C VAL EA 303 11.98 115.39 -42.61
N MET EA 304 13.04 115.16 -43.39
CA MET EA 304 14.37 115.68 -43.07
C MET EA 304 14.54 117.11 -43.61
N VAL EA 305 13.59 117.97 -43.23
CA VAL EA 305 13.60 119.37 -43.62
C VAL EA 305 13.17 120.20 -42.42
N SER EA 306 13.87 121.31 -42.18
CA SER EA 306 13.53 122.20 -41.09
C SER EA 306 12.29 123.03 -41.41
N ASN EA 314 0.65 129.26 -51.70
CA ASN EA 314 1.03 128.62 -50.45
C ASN EA 314 2.13 127.59 -50.69
N HIS EA 315 1.91 126.36 -50.24
CA HIS EA 315 2.88 125.30 -50.40
C HIS EA 315 2.16 124.00 -50.71
N CYS EA 316 2.75 123.19 -51.58
CA CYS EA 316 2.12 121.97 -52.05
C CYS EA 316 3.19 121.07 -52.65
N TYR EA 317 2.84 119.80 -52.83
CA TYR EA 317 3.71 118.80 -53.43
C TYR EA 317 3.66 118.90 -54.95
N ILE EA 318 4.61 118.24 -55.60
CA ILE EA 318 4.65 118.15 -57.05
C ILE EA 318 4.57 116.69 -57.52
N ALA EA 319 5.30 115.79 -56.86
CA ALA EA 319 5.22 114.37 -57.17
C ALA EA 319 5.77 113.59 -55.98
N ILE EA 320 5.09 112.50 -55.65
CA ILE EA 320 5.44 111.67 -54.49
C ILE EA 320 5.65 110.24 -54.97
N LEU EA 321 6.73 109.62 -54.48
CA LEU EA 321 7.01 108.22 -54.75
C LEU EA 321 7.25 107.52 -53.43
N ASN EA 322 6.47 106.48 -53.16
CA ASN EA 322 6.54 105.73 -51.91
C ASN EA 322 7.26 104.40 -52.15
N ILE EA 323 8.22 104.09 -51.29
CA ILE EA 323 8.96 102.84 -51.33
C ILE EA 323 8.56 102.03 -50.11
N ILE EA 324 7.90 100.89 -50.34
CA ILE EA 324 7.48 100.01 -49.27
C ILE EA 324 8.31 98.73 -49.36
N GLN EA 325 9.25 98.57 -48.44
CA GLN EA 325 10.17 97.44 -48.45
C GLN EA 325 9.66 96.25 -47.64
N GLY EA 326 8.36 96.21 -47.35
CA GLY EA 326 7.80 95.13 -46.56
C GLY EA 326 7.33 93.97 -47.41
N GLU EA 327 6.83 92.94 -46.71
CA GLU EA 327 6.18 91.79 -47.32
C GLU EA 327 4.67 91.93 -47.35
N VAL EA 328 4.20 93.17 -47.19
CA VAL EA 328 2.74 93.49 -47.17
C VAL EA 328 2.07 92.96 -48.44
N ASP EA 329 0.91 92.31 -48.28
CA ASP EA 329 0.15 91.75 -49.43
C ASP EA 329 -0.31 92.91 -50.33
N PRO EA 330 0.04 92.92 -51.63
CA PRO EA 330 -0.36 94.00 -52.53
C PRO EA 330 -1.81 93.85 -53.01
N THR EA 331 -2.77 94.07 -52.10
CA THR EA 331 -4.21 93.97 -52.42
C THR EA 331 -4.96 95.14 -51.75
N GLN EA 332 -4.41 95.64 -50.64
CA GLN EA 332 -5.01 96.76 -49.88
C GLN EA 332 -4.25 98.06 -50.22
N VAL EA 333 -3.22 97.96 -51.07
CA VAL EA 333 -2.40 99.13 -51.49
C VAL EA 333 -3.32 100.22 -52.04
N HIS EA 334 -4.00 99.92 -53.16
CA HIS EA 334 -4.91 100.89 -53.78
C HIS EA 334 -5.93 101.41 -52.77
N LYS EA 335 -6.21 100.61 -51.73
CA LYS EA 335 -7.18 101.06 -50.73
C LYS EA 335 -6.63 102.23 -49.93
N SER EA 336 -5.34 102.17 -49.57
CA SER EA 336 -4.75 103.26 -48.81
C SER EA 336 -4.65 104.53 -49.66
N LEU EA 337 -4.19 104.39 -50.90
CA LEU EA 337 -4.17 105.53 -51.81
C LEU EA 337 -5.56 106.12 -51.96
N GLN EA 338 -6.58 105.27 -52.02
CA GLN EA 338 -7.95 105.77 -52.05
C GLN EA 338 -8.28 106.54 -50.79
N ARG EA 339 -7.80 106.08 -49.65
CA ARG EA 339 -8.09 106.76 -48.39
C ARG EA 339 -7.32 108.07 -48.27
N ILE EA 340 -6.07 108.10 -48.73
CA ILE EA 340 -5.28 109.33 -48.63
C ILE EA 340 -5.93 110.45 -49.43
N ARG EA 341 -6.59 110.11 -50.54
CA ARG EA 341 -7.31 111.12 -51.30
C ARG EA 341 -8.51 111.67 -50.53
N GLU EA 342 -9.18 110.81 -49.76
CA GLU EA 342 -10.41 111.22 -49.09
C GLU EA 342 -10.11 112.18 -47.93
N ARG EA 343 -9.25 111.75 -47.00
CA ARG EA 343 -8.95 112.60 -45.85
C ARG EA 343 -8.10 113.81 -46.22
N LYS EA 344 -7.51 113.84 -47.41
CA LYS EA 344 -6.73 114.99 -47.89
C LYS EA 344 -5.59 115.31 -46.93
N LEU EA 345 -4.66 114.36 -46.84
CA LEU EA 345 -3.47 114.55 -46.01
C LEU EA 345 -2.35 115.30 -46.72
N ALA EA 346 -2.47 115.52 -48.03
CA ALA EA 346 -1.47 116.25 -48.79
C ALA EA 346 -2.13 116.89 -49.99
N ASN EA 347 -1.63 118.07 -50.35
CA ASN EA 347 -2.10 118.81 -51.52
C ASN EA 347 -0.97 118.95 -52.52
N PHE EA 348 -1.34 119.13 -53.78
CA PHE EA 348 -0.38 119.22 -54.88
C PHE EA 348 -0.59 120.51 -55.67
N ILE EA 349 0.08 120.58 -56.81
CA ILE EA 349 0.01 121.73 -57.71
C ILE EA 349 -1.38 121.78 -58.36
N PRO EA 350 -1.92 122.97 -58.61
CA PRO EA 350 -3.25 123.06 -59.21
C PRO EA 350 -3.23 123.07 -60.73
N TRP EA 351 -2.09 123.46 -61.31
CA TRP EA 351 -2.02 123.67 -62.75
C TRP EA 351 -1.94 122.35 -63.51
N GLY EA 352 -0.95 121.53 -63.19
CA GLY EA 352 -0.76 120.28 -63.90
C GLY EA 352 -1.28 119.09 -63.12
N PRO EA 353 -1.57 118.00 -63.82
CA PRO EA 353 -2.04 116.79 -63.14
C PRO EA 353 -0.93 116.13 -62.35
N ALA EA 354 -1.02 116.18 -61.03
CA ALA EA 354 -0.01 115.60 -60.15
C ALA EA 354 -0.64 114.41 -59.42
N SER EA 355 0.04 113.27 -59.47
CA SER EA 355 -0.43 112.05 -58.86
C SER EA 355 0.65 111.51 -57.92
N ILE EA 356 0.25 110.60 -57.05
CA ILE EA 356 1.15 109.98 -56.09
C ILE EA 356 1.38 108.54 -56.52
N GLN EA 357 2.64 108.11 -56.46
CA GLN EA 357 3.02 106.77 -56.89
C GLN EA 357 3.61 106.00 -55.71
N VAL EA 358 3.30 104.71 -55.66
CA VAL EA 358 3.78 103.84 -54.60
C VAL EA 358 4.47 102.63 -55.24
N ALA EA 359 5.59 102.23 -54.67
CA ALA EA 359 6.38 101.12 -55.20
C ALA EA 359 6.76 100.18 -54.08
N LEU EA 360 6.67 98.89 -54.35
CA LEU EA 360 7.05 97.85 -53.41
C LEU EA 360 8.39 97.26 -53.80
N SER EA 361 8.99 96.54 -52.86
CA SER EA 361 10.27 95.88 -53.08
C SER EA 361 10.38 94.72 -52.10
N ARG EA 362 11.54 94.07 -52.07
CA ARG EA 362 11.76 92.91 -51.23
C ARG EA 362 12.99 93.12 -50.37
N LYS EA 363 12.83 92.94 -49.07
CA LYS EA 363 13.95 93.10 -48.15
C LYS EA 363 14.96 91.98 -48.34
N SER EA 364 16.21 92.29 -48.03
CA SER EA 364 17.29 91.32 -48.16
C SER EA 364 17.14 90.22 -47.13
N PRO EA 365 17.07 88.95 -47.54
CA PRO EA 365 16.96 87.87 -46.55
C PRO EA 365 18.18 87.71 -45.68
N TYR EA 366 19.35 88.17 -46.13
CA TYR EA 366 20.57 88.03 -45.34
C TYR EA 366 20.63 89.00 -44.17
N LEU EA 367 19.74 90.00 -44.13
CA LEU EA 367 19.76 90.96 -43.04
C LEU EA 367 18.73 90.59 -41.97
N ARG EA 372 8.38 92.75 -40.48
CA ARG EA 372 9.19 93.96 -40.57
C ARG EA 372 8.84 94.75 -41.82
N VAL EA 373 8.26 95.94 -41.64
CA VAL EA 373 7.88 96.79 -42.74
C VAL EA 373 8.54 98.16 -42.55
N SER EA 374 9.16 98.66 -43.61
CA SER EA 374 9.80 99.97 -43.61
C SER EA 374 9.10 100.84 -44.64
N GLY EA 375 9.66 102.02 -44.88
CA GLY EA 375 9.08 102.92 -45.85
C GLY EA 375 9.90 104.17 -46.10
N LEU EA 376 10.09 104.52 -47.37
CA LEU EA 376 10.78 105.74 -47.74
C LEU EA 376 9.96 106.46 -48.79
N MET EA 377 10.00 107.78 -48.75
CA MET EA 377 9.22 108.61 -49.65
C MET EA 377 10.11 109.66 -50.31
N MET EA 378 10.12 109.67 -51.64
CA MET EA 378 10.82 110.68 -52.41
C MET EA 378 9.82 111.79 -52.72
N ALA EA 379 10.10 113.00 -52.23
CA ALA EA 379 9.17 114.10 -52.30
C ALA EA 379 9.77 115.26 -53.07
N ASN EA 380 8.93 115.93 -53.85
CA ASN EA 380 9.29 117.16 -54.55
C ASN EA 380 8.38 118.26 -54.02
N HIS EA 381 8.78 118.86 -52.90
CA HIS EA 381 7.96 119.81 -52.18
C HIS EA 381 8.44 121.23 -52.42
N THR EA 382 7.50 122.15 -52.59
CA THR EA 382 7.85 123.55 -52.78
C THR EA 382 8.44 124.18 -51.54
N SER EA 383 8.17 123.62 -50.35
CA SER EA 383 8.68 124.18 -49.11
C SER EA 383 10.20 124.05 -49.00
N ILE EA 384 10.85 123.43 -49.97
CA ILE EA 384 12.31 123.39 -49.97
C ILE EA 384 12.88 124.77 -50.26
N SER EA 385 12.05 125.67 -50.79
CA SER EA 385 12.52 127.02 -51.08
C SER EA 385 12.91 127.75 -49.80
N SER EA 386 12.41 127.29 -48.66
CA SER EA 386 12.73 127.94 -47.39
C SER EA 386 14.21 127.81 -47.04
N LEU EA 387 14.79 126.64 -47.32
CA LEU EA 387 16.20 126.42 -47.01
C LEU EA 387 17.10 127.38 -47.76
N PHE EA 388 16.74 127.72 -49.00
CA PHE EA 388 17.52 128.68 -49.77
C PHE EA 388 17.49 130.05 -49.13
N GLU EA 389 16.29 130.52 -48.77
CA GLU EA 389 16.14 131.87 -48.22
C GLU EA 389 17.03 132.07 -47.01
N ARG EA 390 17.20 131.03 -46.20
CA ARG EA 390 18.12 131.10 -45.08
C ARG EA 390 19.55 131.35 -45.54
N THR EA 391 19.95 130.71 -46.65
CA THR EA 391 21.25 130.99 -47.23
C THR EA 391 21.28 132.37 -47.89
N CYS EA 392 20.22 132.69 -48.65
CA CYS EA 392 20.16 133.99 -49.32
C CYS EA 392 20.20 135.14 -48.32
N ARG EA 393 19.50 134.98 -47.19
CA ARG EA 393 19.43 136.05 -46.20
C ARG EA 393 20.80 136.34 -45.60
N GLN EA 394 21.47 135.31 -45.10
CA GLN EA 394 22.73 135.51 -44.40
C GLN EA 394 23.81 136.03 -45.34
N TYR EA 395 23.64 135.83 -46.65
CA TYR EA 395 24.62 136.32 -47.61
C TYR EA 395 24.64 137.84 -47.67
N ASP EA 396 23.47 138.46 -47.76
CA ASP EA 396 23.39 139.91 -47.84
C ASP EA 396 23.93 140.55 -46.56
N LYS EA 397 23.66 139.92 -45.41
CA LYS EA 397 24.24 140.41 -44.16
C LYS EA 397 25.75 140.38 -44.20
N LEU EA 398 26.34 139.29 -44.71
CA LEU EA 398 27.78 139.24 -44.92
C LEU EA 398 28.23 140.11 -46.09
N ARG EA 399 27.30 140.50 -46.97
CA ARG EA 399 27.64 141.41 -48.04
C ARG EA 399 27.71 142.86 -47.58
N LYS EA 400 27.15 143.16 -46.41
CA LYS EA 400 27.22 144.50 -45.84
C LYS EA 400 28.06 144.52 -44.57
N ARG EA 401 28.94 143.54 -44.38
CA ARG EA 401 29.80 143.47 -43.21
C ARG EA 401 31.26 143.18 -43.55
N GLU EA 402 31.56 142.69 -44.75
CA GLU EA 402 32.92 142.35 -45.17
C GLU EA 402 33.57 141.36 -44.22
N ASP EA 416 39.28 138.95 -58.55
CA ASP EA 416 39.70 140.32 -58.85
C ASP EA 416 38.51 141.20 -59.21
N ASN EA 417 37.35 140.58 -59.37
CA ASN EA 417 36.13 141.28 -59.74
C ASN EA 417 35.00 141.13 -58.75
N PHE EA 418 34.95 140.01 -58.01
CA PHE EA 418 33.85 139.71 -57.09
C PHE EA 418 32.51 139.72 -57.81
N ASP EA 419 32.52 139.31 -59.09
CA ASP EA 419 31.30 139.26 -59.89
C ASP EA 419 30.65 137.89 -59.89
N GLU EA 420 31.43 136.83 -59.69
CA GLU EA 420 30.86 135.48 -59.67
C GLU EA 420 29.84 135.34 -58.55
N MET EA 421 30.11 135.94 -57.39
CA MET EA 421 29.16 135.88 -56.28
C MET EA 421 27.87 136.59 -56.62
N ASP EA 422 27.97 137.77 -57.25
CA ASP EA 422 26.77 138.51 -57.61
C ASP EA 422 26.02 137.84 -58.75
N THR EA 423 26.76 137.26 -59.70
CA THR EA 423 26.10 136.52 -60.77
C THR EA 423 25.42 135.27 -60.23
N SER EA 424 26.07 134.59 -59.29
CA SER EA 424 25.42 133.47 -58.60
C SER EA 424 24.23 133.97 -57.79
N ARG EA 425 24.34 135.18 -57.23
CA ARG EA 425 23.25 135.74 -56.45
C ARG EA 425 21.99 135.91 -57.28
N GLU EA 426 22.16 136.30 -58.55
CA GLU EA 426 20.99 136.55 -59.40
C GLU EA 426 20.27 135.26 -59.73
N ILE EA 427 21.03 134.20 -60.05
CA ILE EA 427 20.41 132.97 -60.52
C ILE EA 427 19.69 132.23 -59.40
N VAL EA 428 20.16 132.38 -58.15
CA VAL EA 428 19.43 131.80 -57.04
C VAL EA 428 18.11 132.52 -56.84
N GLN EA 429 18.07 133.83 -57.12
CA GLN EA 429 16.82 134.56 -57.02
C GLN EA 429 15.85 134.13 -58.11
N GLN EA 430 16.36 133.75 -59.28
CA GLN EA 430 15.50 133.23 -60.34
C GLN EA 430 14.89 131.90 -59.92
N LEU EA 431 15.65 131.09 -59.17
CA LEU EA 431 15.15 129.79 -58.75
C LEU EA 431 14.05 129.93 -57.72
N ILE EA 432 14.28 130.73 -56.67
CA ILE EA 432 13.28 130.88 -55.62
C ILE EA 432 11.97 131.43 -56.19
N ASP EA 433 12.07 132.38 -57.12
CA ASP EA 433 10.86 132.89 -57.76
C ASP EA 433 10.14 131.78 -58.51
N GLU EA 434 10.89 130.85 -59.09
CA GLU EA 434 10.25 129.77 -59.85
C GLU EA 434 9.48 128.83 -58.94
N TYR EA 435 9.98 128.61 -57.72
CA TYR EA 435 9.24 127.81 -56.76
C TYR EA 435 7.93 128.50 -56.36
N HIS EA 436 8.03 129.75 -55.90
CA HIS EA 436 6.84 130.45 -55.44
C HIS EA 436 5.88 130.72 -56.59
N ALA EA 437 6.36 130.63 -57.83
CA ALA EA 437 5.46 130.66 -58.97
C ALA EA 437 4.88 129.29 -59.29
N ALA EA 438 5.46 128.23 -58.73
CA ALA EA 438 4.95 126.89 -59.01
C ALA EA 438 3.66 126.60 -58.26
N THR EA 439 3.39 127.33 -57.19
CA THR EA 439 2.17 127.15 -56.40
C THR EA 439 1.04 128.05 -56.88
N ARG EA 440 1.16 128.64 -58.07
CA ARG EA 440 0.14 129.52 -58.61
C ARG EA 440 -0.67 128.80 -59.68
N PRO EA 441 -1.98 129.01 -59.72
CA PRO EA 441 -2.80 128.34 -60.76
C PRO EA 441 -2.47 128.76 -62.17
N ASP EA 442 -1.50 129.67 -62.36
CA ASP EA 442 -1.11 130.09 -63.70
C ASP EA 442 0.40 130.01 -63.82
N TYR EA 443 0.98 128.90 -63.37
CA TYR EA 443 2.44 128.76 -63.42
C TYR EA 443 2.93 128.73 -64.86
N ILE EA 444 2.11 128.27 -65.78
CA ILE EA 444 2.45 128.35 -67.19
C ILE EA 444 2.58 129.81 -67.59
N SER EA 445 3.62 130.14 -68.34
CA SER EA 445 3.92 131.50 -68.73
C SER EA 445 4.02 132.44 -67.54
N ARG FA 3 60.16 64.95 -77.99
CA ARG FA 3 60.72 66.29 -78.01
C ARG FA 3 60.94 66.81 -76.60
N GLU FA 4 61.97 67.63 -76.42
CA GLU FA 4 62.29 68.18 -75.12
C GLU FA 4 62.56 69.68 -75.24
N ILE FA 5 62.47 70.38 -74.12
CA ILE FA 5 62.67 71.82 -74.06
C ILE FA 5 63.62 72.14 -72.91
N ILE FA 6 64.78 72.69 -73.25
CA ILE FA 6 65.79 73.07 -72.26
C ILE FA 6 65.53 74.50 -71.82
N THR FA 7 65.54 74.73 -70.52
CA THR FA 7 65.29 76.05 -69.95
C THR FA 7 66.60 76.67 -69.47
N LEU FA 8 66.68 77.98 -69.58
CA LEU FA 8 67.84 78.74 -69.12
C LEU FA 8 67.35 79.79 -68.13
N GLN FA 9 68.18 80.10 -67.14
CA GLN FA 9 67.83 81.07 -66.11
C GLN FA 9 68.99 82.04 -65.95
N LEU FA 10 68.76 83.31 -66.29
CA LEU FA 10 69.80 84.32 -66.31
C LEU FA 10 69.49 85.41 -65.30
N GLY FA 11 70.53 85.93 -64.65
CA GLY FA 11 70.36 87.02 -63.73
C GLY FA 11 69.62 86.65 -62.46
N GLN FA 12 69.41 87.63 -61.59
CA GLN FA 12 68.74 87.36 -60.32
C GLN FA 12 67.28 86.98 -60.55
N CYS FA 13 66.62 87.64 -61.51
CA CYS FA 13 65.21 87.36 -61.77
C CYS FA 13 65.02 85.98 -62.37
N GLY FA 14 65.81 85.64 -63.38
CA GLY FA 14 65.64 84.35 -64.03
C GLY FA 14 65.80 83.20 -63.07
N ASN FA 15 66.79 83.27 -62.18
CA ASN FA 15 66.99 82.20 -61.20
C ASN FA 15 65.81 82.11 -60.24
N GLN FA 16 65.30 83.25 -59.79
CA GLN FA 16 64.20 83.23 -58.82
C GLN FA 16 62.91 82.74 -59.45
N ILE FA 17 62.51 83.31 -60.59
CA ILE FA 17 61.25 82.88 -61.19
C ILE FA 17 61.39 81.50 -61.79
N GLY FA 18 62.60 81.09 -62.16
CA GLY FA 18 62.80 79.73 -62.63
C GLY FA 18 62.78 78.74 -61.49
N PHE FA 19 63.40 79.09 -60.36
CA PHE FA 19 63.35 78.23 -59.18
C PHE FA 19 61.92 78.07 -58.68
N GLU FA 20 61.14 79.15 -58.71
CA GLU FA 20 59.73 79.05 -58.34
C GLU FA 20 58.92 78.34 -59.40
N PHE FA 21 59.36 78.39 -60.65
CA PHE FA 21 58.69 77.63 -61.70
C PHE FA 21 58.88 76.14 -61.50
N TRP FA 22 60.07 75.73 -61.05
CA TRP FA 22 60.35 74.31 -60.89
C TRP FA 22 59.71 73.76 -59.63
N LYS FA 23 59.68 74.55 -58.55
CA LYS FA 23 58.96 74.15 -57.36
C LYS FA 23 57.50 73.87 -57.68
N GLN FA 24 56.84 74.83 -58.32
CA GLN FA 24 55.44 74.64 -58.70
C GLN FA 24 55.28 73.46 -59.65
N LEU FA 25 56.25 73.26 -60.53
CA LEU FA 25 56.13 72.18 -61.50
C LEU FA 25 56.45 70.83 -60.86
N CYS FA 26 57.32 70.81 -59.84
CA CYS FA 26 57.54 69.59 -59.10
C CYS FA 26 56.33 69.22 -58.24
N ALA FA 27 55.73 70.21 -57.56
CA ALA FA 27 54.56 69.92 -56.74
C ALA FA 27 53.36 69.56 -57.60
N GLU FA 28 53.24 70.19 -58.76
CA GLU FA 28 52.17 69.83 -59.69
C GLU FA 28 52.26 68.37 -60.08
N HIS FA 29 53.47 67.84 -60.20
CA HIS FA 29 53.68 66.44 -60.46
C HIS FA 29 53.93 65.71 -59.13
N GLY FA 30 54.18 64.40 -59.23
CA GLY FA 30 54.49 63.61 -58.06
C GLY FA 30 55.98 63.45 -57.85
N ILE FA 31 56.69 64.55 -57.59
CA ILE FA 31 58.14 64.55 -57.48
C ILE FA 31 58.52 65.16 -56.13
N SER FA 32 59.17 64.36 -55.29
CA SER FA 32 59.62 64.83 -54.00
C SER FA 32 60.74 65.86 -54.16
N PRO FA 33 60.92 66.74 -53.17
CA PRO FA 33 62.02 67.71 -53.23
C PRO FA 33 63.39 67.06 -53.43
N GLU FA 34 63.52 65.80 -53.07
CA GLU FA 34 64.74 65.05 -53.30
C GLU FA 34 64.85 64.53 -54.73
N ALA FA 35 64.03 65.05 -55.64
CA ALA FA 35 64.02 64.64 -57.04
C ALA FA 35 63.75 63.15 -57.19
N ILE FA 36 63.00 62.57 -56.27
CA ILE FA 36 62.63 61.17 -56.29
C ILE FA 36 61.12 61.08 -56.42
N VAL FA 37 60.64 60.13 -57.24
CA VAL FA 37 59.21 60.02 -57.48
C VAL FA 37 58.54 59.35 -56.28
N GLU FA 38 57.48 59.97 -55.78
CA GLU FA 38 56.71 59.41 -54.69
C GLU FA 38 55.61 58.52 -55.25
N GLU FA 39 55.05 57.67 -54.37
CA GLU FA 39 54.03 56.73 -54.82
C GLU FA 39 52.71 57.44 -55.11
N PHE FA 40 52.11 58.05 -54.09
CA PHE FA 40 50.83 58.75 -54.21
C PHE FA 40 49.78 57.95 -54.97
N THR FA 45 50.22 59.18 -65.81
CA THR FA 45 49.37 59.75 -66.85
C THR FA 45 49.95 61.04 -67.38
N ASP FA 46 50.42 61.89 -66.47
CA ASP FA 46 50.97 63.18 -66.84
C ASP FA 46 52.33 62.99 -67.53
N ARG FA 47 52.38 63.27 -68.83
CA ARG FA 47 53.62 63.16 -69.59
C ARG FA 47 54.62 64.19 -69.07
N LYS FA 48 55.69 63.71 -68.44
CA LYS FA 48 56.70 64.58 -67.84
C LYS FA 48 58.08 64.40 -68.45
N ASP FA 49 58.18 63.77 -69.62
CA ASP FA 49 59.49 63.58 -70.23
C ASP FA 49 60.00 64.84 -70.89
N VAL FA 50 59.11 65.80 -71.19
CA VAL FA 50 59.53 67.00 -71.90
C VAL FA 50 60.39 67.88 -71.00
N PHE FA 51 59.95 68.08 -69.76
CA PHE FA 51 60.62 69.01 -68.86
C PHE FA 51 61.48 68.32 -67.81
N PHE FA 52 61.40 66.99 -67.69
CA PHE FA 52 62.20 66.26 -66.73
C PHE FA 52 62.95 65.14 -67.44
N TYR FA 53 64.17 64.88 -66.97
CA TYR FA 53 65.03 63.87 -67.57
C TYR FA 53 65.24 62.72 -66.60
N GLN FA 54 65.12 61.50 -67.10
CA GLN FA 54 65.29 60.31 -66.28
C GLN FA 54 66.76 59.96 -66.09
N TYR FA 60 64.42 61.81 -61.25
CA TYR FA 60 64.21 62.69 -62.38
C TYR FA 60 65.03 63.96 -62.27
N ILE FA 61 65.57 64.42 -63.39
CA ILE FA 61 66.47 65.58 -63.39
C ILE FA 61 65.88 66.69 -64.27
N PRO FA 62 65.77 67.91 -63.75
CA PRO FA 62 65.34 69.03 -64.59
C PRO FA 62 66.39 69.40 -65.62
N ARG FA 63 65.93 69.85 -66.78
CA ARG FA 63 66.82 70.26 -67.86
C ARG FA 63 67.07 71.77 -67.76
N ALA FA 64 67.67 72.16 -66.65
CA ALA FA 64 67.94 73.57 -66.37
C ALA FA 64 69.41 73.86 -66.59
N VAL FA 65 69.71 75.12 -66.89
CA VAL FA 65 71.08 75.61 -67.01
C VAL FA 65 71.13 76.93 -66.25
N LEU FA 66 71.47 76.87 -64.97
CA LEU FA 66 71.49 78.07 -64.15
C LEU FA 66 72.76 78.86 -64.43
N LEU FA 67 72.64 80.19 -64.36
CA LEU FA 67 73.79 81.05 -64.63
C LEU FA 67 73.83 82.21 -63.65
N ARG FA 72 75.88 84.22 -56.18
CA ARG FA 72 75.34 84.43 -54.85
C ARG FA 72 73.97 83.77 -54.69
N VAL FA 73 73.07 84.04 -55.62
CA VAL FA 73 71.74 83.47 -55.56
C VAL FA 73 71.79 81.96 -55.70
N ILE FA 74 72.79 81.43 -56.39
CA ILE FA 74 72.90 79.98 -56.56
C ILE FA 74 73.14 79.31 -55.21
N HIS FA 75 73.87 79.97 -54.32
CA HIS FA 75 74.15 79.39 -53.00
C HIS FA 75 72.86 79.25 -52.19
N SER FA 76 72.03 80.29 -52.17
CA SER FA 76 70.77 80.21 -51.43
C SER FA 76 69.86 79.15 -52.02
N ILE FA 77 70.01 78.86 -53.32
CA ILE FA 77 69.30 77.73 -53.92
C ILE FA 77 69.88 76.42 -53.43
N LEU FA 78 71.21 76.35 -53.32
CA LEU FA 78 71.84 75.11 -52.88
C LEU FA 78 71.66 74.85 -51.39
N ASN FA 79 71.45 75.90 -50.59
CA ASN FA 79 71.12 75.71 -49.19
C ASN FA 79 69.64 75.40 -48.98
N SER FA 80 68.83 75.46 -50.04
CA SER FA 80 67.41 75.18 -49.94
C SER FA 80 67.16 73.69 -49.83
N PRO FA 81 65.96 73.28 -49.41
CA PRO FA 81 65.61 71.85 -49.43
C PRO FA 81 65.58 71.25 -50.83
N TYR FA 82 65.79 72.04 -51.88
CA TYR FA 82 65.78 71.54 -53.25
C TYR FA 82 67.19 71.47 -53.84
N ALA FA 83 68.20 71.25 -52.99
CA ALA FA 83 69.57 71.15 -53.49
C ALA FA 83 69.78 69.93 -54.36
N LYS FA 84 69.02 68.87 -54.15
CA LYS FA 84 69.17 67.63 -54.92
C LYS FA 84 68.41 67.66 -56.23
N LEU FA 85 68.05 68.84 -56.73
CA LEU FA 85 67.26 68.96 -57.94
C LEU FA 85 68.09 69.37 -59.16
N TYR FA 86 69.41 69.28 -59.09
CA TYR FA 86 70.24 69.62 -60.24
C TYR FA 86 71.47 68.72 -60.33
N GLY FA 101 78.60 93.90 -62.90
CA GLY FA 101 78.19 95.29 -62.58
C GLY FA 101 76.70 95.50 -62.85
N ASN FA 102 76.37 96.42 -63.75
CA ASN FA 102 74.98 96.73 -64.08
C ASN FA 102 74.82 97.36 -65.46
N ASN FA 103 75.83 97.26 -66.32
CA ASN FA 103 75.75 97.77 -67.68
C ASN FA 103 75.43 96.63 -68.63
N TRP FA 104 74.99 97.00 -69.83
CA TRP FA 104 74.74 96.00 -70.87
C TRP FA 104 76.04 95.58 -71.56
N ALA FA 105 76.95 96.53 -71.74
CA ALA FA 105 78.25 96.18 -72.35
C ALA FA 105 79.07 95.31 -71.42
N SER FA 106 79.02 95.58 -70.11
CA SER FA 106 79.72 94.73 -69.15
C SER FA 106 79.14 93.32 -69.14
N GLY FA 107 77.83 93.23 -69.36
CA GLY FA 107 77.14 91.93 -69.41
C GLY FA 107 77.35 91.22 -70.73
N PHE FA 108 77.72 91.97 -71.78
CA PHE FA 108 77.96 91.38 -73.08
C PHE FA 108 79.39 90.85 -73.19
N SER FA 109 80.36 91.58 -72.65
CA SER FA 109 81.75 91.19 -72.80
C SER FA 109 82.08 89.93 -72.00
N GLN FA 110 81.65 89.89 -70.73
CA GLN FA 110 81.97 88.75 -69.89
C GLN FA 110 81.41 87.45 -70.45
N GLY FA 111 80.30 87.53 -71.19
CA GLY FA 111 79.81 86.35 -71.88
C GLY FA 111 80.69 85.92 -73.02
N GLU FA 112 81.41 86.88 -73.63
CA GLU FA 112 82.31 86.54 -74.72
C GLU FA 112 83.55 85.82 -74.22
N LYS FA 113 84.00 86.13 -73.01
CA LYS FA 113 85.22 85.51 -72.49
C LYS FA 113 84.95 84.11 -71.97
N ILE FA 114 83.70 83.78 -71.66
CA ILE FA 114 83.33 82.44 -71.23
C ILE FA 114 82.41 81.81 -72.26
N HIS FA 115 82.57 82.23 -73.52
CA HIS FA 115 81.77 81.70 -74.62
C HIS FA 115 81.83 80.18 -74.67
N GLU FA 116 83.04 79.62 -74.67
CA GLU FA 116 83.19 78.18 -74.79
C GLU FA 116 82.69 77.47 -73.53
N ASP FA 117 82.81 78.14 -72.37
CA ASP FA 117 82.53 77.47 -71.11
C ASP FA 117 81.08 76.99 -71.02
N ILE FA 118 80.14 77.93 -71.09
CA ILE FA 118 78.75 77.58 -70.79
C ILE FA 118 78.13 76.72 -71.89
N PHE FA 119 78.64 76.81 -73.11
CA PHE FA 119 78.07 76.00 -74.18
C PHE FA 119 78.37 74.51 -74.02
N ASP FA 120 79.50 74.15 -73.41
CA ASP FA 120 79.76 72.74 -73.16
C ASP FA 120 78.65 72.12 -72.33
N ILE FA 121 78.08 72.90 -71.40
CA ILE FA 121 76.94 72.43 -70.63
C ILE FA 121 75.74 72.25 -71.54
N ILE FA 122 75.56 73.18 -72.48
CA ILE FA 122 74.41 73.10 -73.38
C ILE FA 122 74.64 72.07 -74.47
N ASP FA 123 75.87 71.97 -74.98
CA ASP FA 123 76.16 71.02 -76.05
C ASP FA 123 75.97 69.58 -75.59
N ARG FA 124 76.34 69.28 -74.35
CA ARG FA 124 76.12 67.92 -73.84
C ARG FA 124 74.65 67.66 -73.55
N GLU FA 125 73.92 68.69 -73.11
CA GLU FA 125 72.51 68.51 -72.82
C GLU FA 125 71.68 68.41 -74.08
N ALA FA 126 72.12 69.08 -75.15
CA ALA FA 126 71.41 68.99 -76.43
C ALA FA 126 71.60 67.62 -77.06
N ASP FA 127 72.85 67.17 -77.21
CA ASP FA 127 73.10 65.87 -77.79
C ASP FA 127 72.70 64.74 -76.85
N GLY FA 128 72.74 64.96 -75.53
CA GLY FA 128 72.20 63.98 -74.62
C GLY FA 128 70.69 63.90 -74.67
N SER FA 129 70.05 64.91 -75.26
CA SER FA 129 68.61 64.91 -75.43
C SER FA 129 68.20 64.11 -76.65
N ASP FA 130 67.01 63.52 -76.59
CA ASP FA 130 66.53 62.69 -77.69
C ASP FA 130 66.34 63.52 -78.95
N SER FA 131 65.44 64.49 -78.92
CA SER FA 131 65.18 65.36 -80.07
C SER FA 131 64.81 66.74 -79.53
N LEU FA 132 65.77 67.65 -79.55
CA LEU FA 132 65.54 68.98 -78.99
C LEU FA 132 64.53 69.75 -79.81
N GLU FA 133 63.76 70.59 -79.12
CA GLU FA 133 62.73 71.40 -79.76
C GLU FA 133 62.96 72.89 -79.59
N GLY FA 134 63.25 73.35 -78.38
CA GLY FA 134 63.36 74.77 -78.17
C GLY FA 134 64.21 75.18 -76.97
N PHE FA 135 64.22 76.48 -76.68
CA PHE FA 135 65.04 77.04 -75.59
C PHE FA 135 64.18 78.07 -74.86
N VAL FA 136 63.67 77.70 -73.70
CA VAL FA 136 62.96 78.67 -72.86
C VAL FA 136 63.98 79.52 -72.11
N LEU FA 137 63.79 80.84 -72.17
CA LEU FA 137 64.68 81.79 -71.49
C LEU FA 137 63.86 82.60 -70.50
N CYS FA 138 64.29 82.60 -69.24
CA CYS FA 138 63.67 83.40 -68.19
C CYS FA 138 64.69 84.43 -67.74
N HIS FA 139 64.43 85.70 -68.01
CA HIS FA 139 65.37 86.76 -67.68
C HIS FA 139 64.63 88.09 -67.59
N SER FA 140 65.25 89.03 -66.89
CA SER FA 140 64.73 90.38 -66.77
C SER FA 140 65.57 91.33 -67.61
N ILE FA 141 64.91 92.14 -68.44
CA ILE FA 141 65.63 93.02 -69.35
C ILE FA 141 66.05 94.34 -68.72
N ALA FA 142 65.85 94.51 -67.42
CA ALA FA 142 66.26 95.74 -66.75
C ALA FA 142 67.64 95.59 -66.13
N GLY FA 144 72.18 94.39 -64.19
CA GLY FA 144 72.00 94.40 -65.64
C GLY FA 144 72.91 93.40 -66.34
N THR FA 145 73.72 92.68 -65.56
CA THR FA 145 74.66 91.68 -66.11
C THR FA 145 73.87 90.57 -66.80
N GLY FA 146 72.77 90.13 -66.19
CA GLY FA 146 71.92 89.06 -66.76
C GLY FA 146 71.33 89.47 -68.10
N SER FA 147 70.85 90.71 -68.20
CA SER FA 147 70.26 91.21 -69.47
C SER FA 147 71.33 91.23 -70.56
N GLY FA 148 72.54 91.70 -70.22
CA GLY FA 148 73.66 91.74 -71.18
C GLY FA 148 74.06 90.34 -71.62
N LEU FA 149 74.14 89.41 -70.66
CA LEU FA 149 74.51 88.00 -70.95
C LEU FA 149 73.46 87.39 -71.87
N GLY FA 150 72.18 87.68 -71.60
CA GLY FA 150 71.06 87.16 -72.41
C GLY FA 150 71.19 87.58 -73.86
N SER FA 151 71.42 88.87 -74.11
CA SER FA 151 71.55 89.37 -75.47
C SER FA 151 72.67 88.66 -76.21
N TYR FA 152 73.76 88.37 -75.51
CA TYR FA 152 74.86 87.64 -76.12
C TYR FA 152 74.46 86.23 -76.49
N LEU FA 153 73.81 85.51 -75.56
CA LEU FA 153 73.49 84.12 -75.81
C LEU FA 153 72.41 83.98 -76.88
N LEU FA 154 71.51 84.95 -76.97
CA LEU FA 154 70.44 84.88 -77.95
C LEU FA 154 70.99 84.93 -79.37
N GLU FA 155 72.10 85.61 -79.57
CA GLU FA 155 72.68 85.69 -80.91
C GLU FA 155 73.42 84.40 -81.26
N ARG FA 156 74.20 83.87 -80.32
CA ARG FA 156 75.00 82.67 -80.60
C ARG FA 156 74.11 81.47 -80.89
N LEU FA 157 72.98 81.36 -80.20
CA LEU FA 157 72.06 80.25 -80.48
C LEU FA 157 71.56 80.29 -81.91
N ASN FA 158 71.43 81.50 -82.49
CA ASN FA 158 71.12 81.59 -83.91
C ASN FA 158 72.28 81.13 -84.77
N ASP FA 159 73.51 81.29 -84.30
CA ASP FA 159 74.66 80.84 -85.07
C ASP FA 159 74.72 79.32 -85.13
N ARG FA 160 74.72 78.68 -83.97
CA ARG FA 160 74.92 77.24 -83.91
C ARG FA 160 73.67 76.47 -84.36
N TYR FA 161 72.56 76.65 -83.65
CA TYR FA 161 71.35 75.90 -83.93
C TYR FA 161 70.39 76.76 -84.75
N PRO FA 162 70.19 76.46 -86.02
CA PRO FA 162 69.27 77.28 -86.83
C PRO FA 162 67.84 76.80 -86.75
N LYS FA 163 67.61 75.55 -86.34
CA LYS FA 163 66.30 74.93 -86.41
C LYS FA 163 65.68 74.71 -85.04
N LYS FA 164 66.00 75.55 -84.05
CA LYS FA 164 65.47 75.42 -82.71
C LYS FA 164 64.77 76.71 -82.31
N LEU FA 165 63.51 76.61 -81.88
CA LEU FA 165 62.78 77.77 -81.41
C LEU FA 165 63.42 78.31 -80.12
N VAL FA 166 63.28 79.62 -79.93
CA VAL FA 166 63.78 80.29 -78.73
C VAL FA 166 62.66 81.17 -78.21
N GLN FA 167 61.97 80.71 -77.17
CA GLN FA 167 60.93 81.48 -76.51
C GLN FA 167 61.47 82.09 -75.22
N THR FA 168 61.15 83.35 -74.99
CA THR FA 168 61.75 84.10 -73.88
C THR FA 168 60.65 84.64 -72.99
N TYR FA 169 60.69 84.29 -71.71
CA TYR FA 169 59.73 84.81 -70.74
C TYR FA 169 60.27 86.07 -70.09
N SER FA 170 60.55 87.06 -70.93
CA SER FA 170 61.18 88.30 -70.48
C SER FA 170 60.29 89.02 -69.47
N VAL FA 171 60.93 89.85 -68.64
CA VAL FA 171 60.26 90.63 -67.61
C VAL FA 171 60.72 92.07 -67.70
N PHE FA 172 59.76 93.00 -67.87
CA PHE FA 172 60.05 94.42 -68.02
C PHE FA 172 60.13 95.10 -66.65
N PRO FA 173 60.79 96.26 -66.56
CA PRO FA 173 60.88 96.96 -65.26
C PRO FA 173 59.59 97.66 -64.88
N VAL FA 183 69.83 104.29 -65.87
CA VAL FA 183 70.43 103.58 -66.99
C VAL FA 183 69.55 102.41 -67.39
N GLN FA 184 68.43 102.26 -66.70
CA GLN FA 184 67.45 101.24 -67.08
C GLN FA 184 66.90 101.44 -68.47
N PRO FA 185 66.61 102.67 -68.95
CA PRO FA 185 66.16 102.80 -70.34
C PRO FA 185 67.17 102.32 -71.35
N TYR FA 186 68.46 102.56 -71.13
CA TYR FA 186 69.48 102.10 -72.07
C TYR FA 186 69.42 100.58 -72.24
N ASN FA 187 69.57 99.85 -71.14
CA ASN FA 187 69.66 98.40 -71.21
C ASN FA 187 68.39 97.78 -71.77
N SER FA 188 67.24 98.41 -71.52
CA SER FA 188 65.98 97.84 -71.95
C SER FA 188 65.86 97.85 -73.47
N LEU FA 189 66.31 98.93 -74.12
CA LEU FA 189 66.14 99.02 -75.56
C LEU FA 189 67.19 98.20 -76.29
N LEU FA 190 68.39 98.07 -75.72
CA LEU FA 190 69.44 97.29 -76.38
C LEU FA 190 69.02 95.83 -76.51
N THR FA 191 68.55 95.22 -75.43
CA THR FA 191 68.08 93.85 -75.50
C THR FA 191 66.86 93.73 -76.40
N LEU FA 192 66.11 94.83 -76.55
CA LEU FA 192 64.98 94.82 -77.47
C LEU FA 192 65.46 94.67 -78.91
N LYS FA 193 66.64 95.20 -79.22
CA LYS FA 193 67.17 95.06 -80.57
C LYS FA 193 67.43 93.60 -80.91
N ARG FA 194 67.81 92.80 -79.92
CA ARG FA 194 68.02 91.38 -80.14
C ARG FA 194 66.73 90.58 -80.06
N LEU FA 195 65.83 90.95 -79.15
CA LEU FA 195 64.57 90.23 -78.99
C LEU FA 195 63.63 90.38 -80.17
N THR FA 196 63.89 91.33 -81.06
CA THR FA 196 63.00 91.54 -82.21
C THR FA 196 63.42 90.76 -83.43
N GLN FA 197 64.62 90.18 -83.46
CA GLN FA 197 65.10 89.49 -84.64
C GLN FA 197 65.75 88.16 -84.30
N ASN FA 198 65.99 87.89 -83.01
CA ASN FA 198 66.58 86.62 -82.61
C ASN FA 198 65.55 85.70 -81.97
N ALA FA 199 64.89 86.15 -80.90
CA ALA FA 199 63.95 85.31 -80.18
C ALA FA 199 62.74 85.00 -81.05
N ASP FA 200 62.42 83.72 -81.19
CA ASP FA 200 61.33 83.30 -82.06
C ASP FA 200 59.95 83.61 -81.51
N CYS FA 201 59.82 83.78 -80.20
CA CYS FA 201 58.57 84.18 -79.58
C CYS FA 201 58.91 84.93 -78.30
N LEU FA 202 57.91 85.58 -77.72
CA LEU FA 202 58.20 86.37 -76.54
C LEU FA 202 56.91 86.62 -75.78
N VAL FA 203 56.98 86.46 -74.45
CA VAL FA 203 55.84 86.67 -73.57
C VAL FA 203 56.23 87.73 -72.58
N VAL FA 204 55.51 88.84 -72.60
CA VAL FA 204 55.89 90.01 -71.81
C VAL FA 204 55.25 89.92 -70.44
N LEU FA 205 56.01 90.29 -69.41
CA LEU FA 205 55.52 90.35 -68.04
C LEU FA 205 56.17 91.56 -67.37
N ASP FA 206 55.43 92.63 -67.22
CA ASP FA 206 55.96 93.87 -66.67
C ASP FA 206 55.64 93.98 -65.18
N ASN FA 207 56.62 94.44 -64.40
CA ASN FA 207 56.45 94.55 -62.95
C ASN FA 207 55.40 95.57 -62.55
N THR FA 208 55.19 96.60 -63.36
CA THR FA 208 54.25 97.65 -62.99
C THR FA 208 52.83 97.11 -62.95
N ALA FA 209 52.52 96.14 -63.82
CA ALA FA 209 51.20 95.53 -63.82
C ALA FA 209 51.09 94.48 -62.72
N LEU FA 210 52.19 93.79 -62.41
CA LEU FA 210 52.16 92.78 -61.36
C LEU FA 210 52.14 93.42 -59.98
N ASN FA 211 52.91 94.48 -59.80
CA ASN FA 211 52.96 95.15 -58.50
C ASN FA 211 51.61 95.76 -58.15
N ARG FA 212 50.91 96.33 -59.14
CA ARG FA 212 49.59 96.89 -58.88
C ARG FA 212 48.60 95.81 -58.45
N ILE FA 213 48.79 94.61 -58.98
CA ILE FA 213 47.93 93.43 -58.66
C ILE FA 213 48.23 93.00 -57.22
N ALA FA 214 49.49 93.19 -56.78
CA ALA FA 214 49.91 92.82 -55.41
C ALA FA 214 49.41 93.87 -54.42
N THR FA 215 49.16 95.09 -54.90
CA THR FA 215 48.66 96.20 -54.05
C THR FA 215 47.17 96.38 -54.29
N ASP FA 216 46.47 95.30 -54.64
CA ASP FA 216 45.00 95.36 -54.91
C ASP FA 216 44.30 94.17 -54.24
N ARG FA 217 44.47 92.98 -54.81
CA ARG FA 217 43.82 91.74 -54.26
C ARG FA 217 44.79 91.00 -53.34
N LEU FA 218 46.10 91.20 -53.53
CA LEU FA 218 47.12 90.54 -52.67
C LEU FA 218 47.30 91.34 -51.38
N HIS FA 219 47.28 92.67 -51.47
CA HIS FA 219 47.43 93.58 -50.29
C HIS FA 219 48.75 93.28 -49.56
N ILE FA 220 49.87 93.66 -50.18
CA ILE FA 220 51.20 93.42 -49.60
C ILE FA 220 51.75 94.61 -48.85
N GLN FA 221 51.09 95.78 -48.94
CA GLN FA 221 51.56 96.97 -48.25
C GLN FA 221 50.42 97.95 -48.03
N SER FA 224 56.70 92.35 -51.98
CA SER FA 224 58.00 91.70 -51.93
C SER FA 224 58.25 90.87 -53.19
N PHE FA 225 59.52 90.67 -53.51
CA PHE FA 225 59.88 89.93 -54.71
C PHE FA 225 59.37 88.49 -54.62
N SER FA 226 59.54 87.86 -53.47
CA SER FA 226 59.07 86.49 -53.30
C SER FA 226 57.55 86.39 -53.29
N GLN FA 227 56.83 87.52 -53.28
CA GLN FA 227 55.38 87.51 -53.29
C GLN FA 227 54.80 87.64 -54.69
N ILE FA 228 55.32 88.56 -55.50
CA ILE FA 228 54.83 88.70 -56.87
C ILE FA 228 55.26 87.52 -57.71
N ASN FA 229 56.38 86.88 -57.37
CA ASN FA 229 56.82 85.72 -58.13
C ASN FA 229 55.84 84.57 -58.01
N GLN FA 230 55.01 84.57 -56.97
CA GLN FA 230 53.94 83.58 -56.87
C GLN FA 230 53.01 83.67 -58.06
N LEU FA 231 52.71 84.89 -58.51
CA LEU FA 231 51.84 85.06 -59.66
C LEU FA 231 52.57 84.72 -60.96
N VAL FA 232 53.85 85.10 -61.06
CA VAL FA 232 54.62 84.80 -62.26
C VAL FA 232 54.75 83.30 -62.44
N SER FA 233 54.93 82.57 -61.34
CA SER FA 233 55.04 81.12 -61.41
C SER FA 233 53.75 80.49 -61.89
N THR FA 234 52.60 81.05 -61.48
CA THR FA 234 51.32 80.48 -61.88
C THR FA 234 51.07 80.66 -63.37
N ILE FA 235 51.52 81.80 -63.93
CA ILE FA 235 51.34 82.04 -65.35
C ILE FA 235 52.29 81.16 -66.16
N MET FA 236 53.54 81.04 -65.71
CA MET FA 236 54.50 80.21 -66.42
C MET FA 236 54.08 78.73 -66.37
N SER FA 237 53.72 78.25 -65.19
CA SER FA 237 53.30 76.86 -65.07
C SER FA 237 52.04 76.60 -65.90
N ALA FA 238 51.16 77.59 -65.99
CA ALA FA 238 49.94 77.42 -66.77
C ALA FA 238 50.18 77.55 -68.27
N SER FA 239 51.26 78.22 -68.67
CA SER FA 239 51.51 78.44 -70.09
C SER FA 239 51.77 77.13 -70.82
N THR FA 240 52.53 76.23 -70.20
CA THR FA 240 52.90 74.95 -70.80
C THR FA 240 52.04 73.81 -70.27
N THR FA 241 50.76 74.08 -70.00
CA THR FA 241 49.91 73.03 -69.44
C THR FA 241 49.53 72.01 -70.49
N THR FA 242 49.21 72.45 -71.70
CA THR FA 242 48.82 71.51 -72.75
C THR FA 242 50.00 70.69 -73.26
N LEU FA 243 51.21 70.99 -72.81
CA LEU FA 243 52.36 70.18 -73.21
C LEU FA 243 52.56 68.98 -72.30
N ARG FA 244 52.27 69.13 -71.01
CA ARG FA 244 52.52 68.05 -70.05
C ARG FA 244 51.34 67.09 -69.93
N TYR FA 245 50.12 67.57 -70.10
CA TYR FA 245 48.94 66.71 -70.11
C TYR FA 245 48.47 66.56 -71.56
N PRO FA 246 48.78 65.45 -72.22
CA PRO FA 246 48.52 65.35 -73.66
C PRO FA 246 47.02 65.31 -73.95
N GLY FA 247 46.64 65.98 -75.04
CA GLY FA 247 45.28 65.95 -75.52
C GLY FA 247 45.23 65.67 -77.00
N TYR FA 248 44.09 65.94 -77.64
CA TYR FA 248 43.98 65.70 -79.08
C TYR FA 248 44.81 66.69 -79.87
N MET FA 249 45.04 67.87 -79.33
CA MET FA 249 45.78 68.93 -80.01
C MET FA 249 46.84 69.50 -79.09
N ASN FA 250 47.70 70.35 -79.66
CA ASN FA 250 48.69 71.12 -78.91
C ASN FA 250 49.62 70.21 -78.12
N ASN FA 251 50.29 69.31 -78.84
CA ASN FA 251 51.26 68.40 -78.25
C ASN FA 251 52.69 68.82 -78.52
N ASP FA 252 52.91 70.07 -78.92
CA ASP FA 252 54.24 70.56 -79.23
C ASP FA 252 54.24 72.08 -79.14
N LEU FA 253 55.41 72.63 -78.80
CA LEU FA 253 55.50 74.07 -78.53
C LEU FA 253 55.13 74.89 -79.74
N ILE FA 254 55.43 74.40 -80.94
CA ILE FA 254 55.11 75.17 -82.14
C ILE FA 254 53.61 75.18 -82.40
N GLY FA 255 52.89 74.20 -81.84
CA GLY FA 255 51.46 74.15 -82.04
C GLY FA 255 50.72 75.32 -81.41
N LEU FA 256 51.24 75.83 -80.29
CA LEU FA 256 50.62 76.98 -79.64
C LEU FA 256 51.02 78.28 -80.33
N ILE FA 257 52.22 78.34 -80.87
CA ILE FA 257 52.76 79.59 -81.39
C ILE FA 257 52.34 79.80 -82.84
N ALA FA 258 52.18 78.71 -83.59
CA ALA FA 258 51.87 78.84 -85.01
C ALA FA 258 50.53 79.50 -85.27
N SER FA 259 49.66 79.58 -84.26
CA SER FA 259 48.35 80.17 -84.49
C SER FA 259 48.36 81.66 -84.18
N LEU FA 260 49.06 82.07 -83.13
CA LEU FA 260 49.01 83.47 -82.70
C LEU FA 260 49.85 84.37 -83.58
N ILE FA 261 51.15 84.09 -83.67
CA ILE FA 261 52.11 84.95 -84.37
C ILE FA 261 51.86 84.89 -85.87
N PRO FA 262 51.35 85.95 -86.49
CA PRO FA 262 51.01 85.88 -87.92
C PRO FA 262 52.22 86.01 -88.83
N THR FA 263 53.16 86.90 -88.49
CA THR FA 263 54.39 87.11 -89.23
C THR FA 263 55.56 87.15 -88.27
N PRO FA 264 56.76 86.78 -88.72
CA PRO FA 264 57.90 86.70 -87.79
C PRO FA 264 58.21 88.00 -87.08
N ARG FA 265 57.73 89.15 -87.55
CA ARG FA 265 58.00 90.41 -86.87
C ARG FA 265 57.11 90.59 -85.64
N LEU FA 266 55.83 90.27 -85.75
CA LEU FA 266 54.87 90.51 -84.67
C LEU FA 266 54.84 89.30 -83.74
N HIS FA 267 55.92 89.16 -82.97
CA HIS FA 267 56.09 88.02 -82.08
C HIS FA 267 56.15 88.44 -80.62
N PHE FA 268 55.20 89.27 -80.21
CA PHE FA 268 55.07 89.69 -78.81
C PHE FA 268 53.69 89.31 -78.31
N LEU FA 269 53.61 88.76 -77.11
CA LEU FA 269 52.35 88.31 -76.53
C LEU FA 269 52.17 88.86 -75.13
N MET FA 270 50.91 88.92 -74.70
CA MET FA 270 50.53 89.33 -73.35
C MET FA 270 49.62 88.28 -72.75
N THR FA 271 49.49 88.33 -71.42
CA THR FA 271 48.82 87.28 -70.67
C THR FA 271 47.63 87.82 -69.89
N GLY FA 272 46.78 86.90 -69.41
CA GLY FA 272 45.60 87.27 -68.63
C GLY FA 272 45.17 86.18 -67.67
N TYR FA 273 45.13 86.47 -66.37
CA TYR FA 273 44.73 85.48 -65.33
C TYR FA 273 43.36 85.88 -64.77
N THR FA 274 42.36 85.02 -64.96
CA THR FA 274 40.96 85.28 -64.50
C THR FA 274 40.88 85.38 -62.97
N PRO FA 275 41.56 84.48 -62.21
CA PRO FA 275 41.49 84.50 -60.74
C PRO FA 275 42.74 85.07 -60.06
N LEU FA 276 42.54 86.05 -59.17
CA LEU FA 276 43.67 86.69 -58.43
C LEU FA 276 43.22 86.96 -56.99
N THR FA 288 31.61 76.91 -61.77
CA THR FA 288 31.82 78.09 -62.62
C THR FA 288 31.78 77.71 -64.09
N THR FA 289 30.89 78.34 -64.83
CA THR FA 289 30.70 78.04 -66.25
C THR FA 289 31.86 78.59 -67.07
N VAL FA 290 32.00 78.08 -68.28
CA VAL FA 290 33.08 78.53 -69.15
C VAL FA 290 32.78 79.92 -69.70
N LEU FA 291 31.48 80.25 -69.77
CA LEU FA 291 31.02 81.57 -70.27
C LEU FA 291 31.46 82.67 -69.28
N ASP FA 292 31.66 82.31 -68.01
CA ASP FA 292 32.10 83.26 -67.01
C ASP FA 292 33.60 83.53 -67.13
N VAL FA 293 34.36 82.46 -67.37
CA VAL FA 293 35.85 82.55 -67.48
C VAL FA 293 36.22 83.45 -68.66
N MET FA 294 35.58 83.23 -69.82
CA MET FA 294 35.89 84.00 -71.01
C MET FA 294 35.58 85.48 -70.82
N ARG FA 295 34.44 85.77 -70.19
CA ARG FA 295 34.04 87.18 -69.92
C ARG FA 295 34.86 87.71 -68.73
N ARG FA 296 35.62 86.86 -68.04
CA ARG FA 296 36.43 87.39 -66.90
C ARG FA 296 37.90 87.51 -67.31
N LEU FA 297 38.20 87.19 -68.57
CA LEU FA 297 39.59 87.26 -69.07
C LEU FA 297 39.70 88.40 -70.10
N LEU FA 298 38.63 88.63 -70.86
CA LEU FA 298 38.65 89.66 -71.93
C LEU FA 298 38.66 91.05 -71.28
N GLN FA 299 38.34 91.12 -69.99
CA GLN FA 299 38.31 92.41 -69.25
C GLN FA 299 39.71 93.01 -69.22
N PRO FA 300 39.87 94.35 -69.31
CA PRO FA 300 41.17 95.01 -69.29
C PRO FA 300 41.74 95.20 -67.87
N LYS FA 301 40.96 94.83 -66.86
CA LYS FA 301 41.39 94.96 -65.44
C LYS FA 301 41.92 93.61 -64.93
N ASN FA 302 42.38 92.75 -65.85
CA ASN FA 302 42.92 91.42 -65.49
C ASN FA 302 44.18 91.14 -66.31
N VAL FA 303 44.44 91.96 -67.34
CA VAL FA 303 45.61 91.80 -68.19
C VAL FA 303 46.85 92.30 -67.48
N MET FA 304 47.98 91.65 -67.73
CA MET FA 304 49.26 92.02 -67.12
C MET FA 304 50.04 92.96 -68.03
N VAL FA 305 49.38 94.04 -68.42
CA VAL FA 305 49.97 95.06 -69.30
C VAL FA 305 49.42 96.42 -68.87
N SER FA 306 50.33 97.37 -68.65
CA SER FA 306 49.94 98.72 -68.29
C SER FA 306 49.30 99.43 -69.48
N ASN FA 314 43.52 103.46 -83.58
CA ASN FA 314 43.00 102.58 -82.53
C ASN FA 314 43.87 101.37 -82.34
N HIS FA 315 43.28 100.29 -81.83
CA HIS FA 315 44.00 99.03 -81.63
C HIS FA 315 43.01 97.88 -81.73
N CYS FA 316 43.52 96.70 -82.00
CA CYS FA 316 42.67 95.54 -82.21
C CYS FA 316 43.49 94.27 -81.97
N TYR FA 317 42.79 93.17 -81.73
CA TYR FA 317 43.39 91.88 -81.47
C TYR FA 317 43.78 91.18 -82.77
N ILE FA 318 44.82 90.35 -82.70
CA ILE FA 318 45.29 89.57 -83.82
C ILE FA 318 44.96 88.08 -83.66
N ALA FA 319 45.09 87.55 -82.45
CA ALA FA 319 44.72 86.17 -82.17
C ALA FA 319 44.70 85.97 -80.66
N ILE FA 320 43.79 85.11 -80.20
CA ILE FA 320 43.60 84.87 -78.78
C ILE FA 320 43.63 83.36 -78.53
N LEU FA 321 44.26 82.96 -77.43
CA LEU FA 321 44.28 81.58 -76.98
C LEU FA 321 43.86 81.53 -75.53
N ASN FA 322 42.88 80.67 -75.22
CA ASN FA 322 42.35 80.54 -73.87
C ASN FA 322 42.67 79.16 -73.33
N ILE FA 323 43.19 79.12 -72.10
CA ILE FA 323 43.50 77.88 -71.42
C ILE FA 323 42.59 77.76 -70.22
N ILE FA 324 41.65 76.82 -70.27
CA ILE FA 324 40.74 76.53 -69.17
C ILE FA 324 41.21 75.24 -68.52
N GLN FA 325 41.67 75.33 -67.28
CA GLN FA 325 42.31 74.21 -66.62
C GLN FA 325 41.40 73.44 -65.67
N GLY FA 326 40.11 73.73 -65.65
CA GLY FA 326 39.23 73.15 -64.67
C GLY FA 326 38.66 71.81 -65.09
N GLU FA 327 37.73 71.33 -64.28
CA GLU FA 327 36.92 70.16 -64.58
C GLU FA 327 35.61 70.53 -65.25
N VAL FA 328 35.61 71.60 -66.03
CA VAL FA 328 34.38 72.12 -66.61
C VAL FA 328 33.77 71.10 -67.58
N ASP FA 329 32.50 71.31 -67.87
CA ASP FA 329 31.80 70.45 -68.81
C ASP FA 329 32.32 70.75 -70.21
N PRO FA 330 32.96 69.78 -70.88
CA PRO FA 330 33.52 70.04 -72.21
C PRO FA 330 32.50 70.04 -73.35
N THR FA 331 31.21 69.90 -73.06
CA THR FA 331 30.21 69.99 -74.11
C THR FA 331 29.67 71.39 -74.30
N GLN FA 332 29.72 72.23 -73.28
CA GLN FA 332 29.24 73.60 -73.37
C GLN FA 332 30.33 74.57 -73.81
N VAL FA 333 31.53 74.09 -74.12
CA VAL FA 333 32.60 74.99 -74.54
C VAL FA 333 32.33 75.52 -75.94
N HIS FA 334 31.75 74.70 -76.81
CA HIS FA 334 31.45 75.17 -78.16
C HIS FA 334 30.26 76.11 -78.16
N LYS FA 335 29.38 76.00 -77.16
CA LYS FA 335 28.26 76.93 -77.05
C LYS FA 335 28.77 78.34 -76.74
N SER FA 336 29.68 78.46 -75.78
CA SER FA 336 30.09 79.78 -75.31
C SER FA 336 30.73 80.59 -76.43
N LEU FA 337 31.50 79.93 -77.29
CA LEU FA 337 32.13 80.64 -78.40
C LEU FA 337 31.10 81.13 -79.41
N GLN FA 338 29.89 80.56 -79.33
CA GLN FA 338 28.78 80.95 -80.24
C GLN FA 338 28.17 82.26 -79.73
N ARG FA 339 28.16 82.46 -78.41
CA ARG FA 339 27.56 83.66 -77.78
C ARG FA 339 28.59 84.81 -77.72
N ILE FA 340 29.82 84.54 -77.30
CA ILE FA 340 30.83 85.59 -77.15
C ILE FA 340 30.99 86.34 -78.46
N ARG FA 341 30.81 85.66 -79.59
CA ARG FA 341 30.90 86.33 -80.88
C ARG FA 341 29.78 87.34 -81.07
N GLU FA 342 28.63 87.09 -80.47
CA GLU FA 342 27.45 87.93 -80.71
C GLU FA 342 27.58 89.27 -79.99
N ARG FA 343 28.11 89.23 -78.76
CA ARG FA 343 28.27 90.45 -77.93
C ARG FA 343 29.40 91.33 -78.47
N LYS FA 344 30.27 90.76 -79.33
CA LYS FA 344 31.38 91.48 -79.93
C LYS FA 344 32.24 92.17 -78.87
N LEU FA 345 32.73 91.36 -77.93
CA LEU FA 345 33.54 91.87 -76.83
C LEU FA 345 34.96 92.23 -77.25
N ALA FA 346 35.41 91.81 -78.42
CA ALA FA 346 36.74 92.11 -78.88
C ALA FA 346 36.72 92.45 -80.36
N ASN FA 347 37.53 93.45 -80.73
CA ASN FA 347 37.65 93.88 -82.12
C ASN FA 347 38.89 93.30 -82.76
N PHE FA 348 38.73 92.77 -83.97
CA PHE FA 348 39.78 92.00 -84.62
C PHE FA 348 40.27 92.72 -85.87
N ILE FA 349 41.37 92.19 -86.41
CA ILE FA 349 42.06 92.76 -87.56
C ILE FA 349 41.14 92.77 -88.77
N PRO FA 350 41.19 93.81 -89.61
CA PRO FA 350 40.33 93.85 -90.79
C PRO FA 350 40.94 93.21 -92.03
N TRP FA 351 42.27 93.08 -92.08
CA TRP FA 351 42.91 92.60 -93.30
C TRP FA 351 42.75 91.09 -93.47
N GLY FA 352 43.19 90.32 -92.48
CA GLY FA 352 43.13 88.88 -92.56
C GLY FA 352 42.17 88.30 -91.54
N PRO FA 353 41.78 87.06 -91.72
CA PRO FA 353 40.85 86.43 -90.79
C PRO FA 353 41.52 86.06 -89.47
N ALA FA 354 40.82 86.27 -88.37
CA ALA FA 354 41.30 85.93 -87.05
C ALA FA 354 40.14 85.42 -86.21
N SER FA 355 40.44 84.60 -85.21
CA SER FA 355 39.42 84.03 -84.35
C SER FA 355 39.97 83.88 -82.94
N ILE FA 356 39.17 83.29 -82.07
CA ILE FA 356 39.53 83.05 -80.67
C ILE FA 356 39.62 81.55 -80.44
N GLN FA 357 40.59 81.13 -79.63
CA GLN FA 357 40.86 79.72 -79.41
C GLN FA 357 40.73 79.38 -77.93
N VAL FA 358 40.03 78.28 -77.65
CA VAL FA 358 39.84 77.79 -76.30
C VAL FA 358 40.36 76.36 -76.23
N ALA FA 359 41.21 76.10 -75.24
CA ALA FA 359 41.78 74.77 -75.07
C ALA FA 359 41.67 74.36 -73.60
N LEU FA 360 41.20 73.15 -73.38
CA LEU FA 360 41.00 72.60 -72.04
C LEU FA 360 42.22 71.79 -71.63
N SER FA 361 42.24 71.42 -70.35
CA SER FA 361 43.29 70.58 -69.80
C SER FA 361 42.77 70.02 -68.48
N ARG FA 362 43.67 69.43 -67.70
CA ARG FA 362 43.30 68.85 -66.42
C ARG FA 362 44.25 69.37 -65.34
N LYS FA 363 43.68 69.80 -64.22
CA LYS FA 363 44.49 70.24 -63.11
C LYS FA 363 45.19 69.06 -62.46
N SER FA 364 46.24 69.35 -61.72
CA SER FA 364 47.01 68.31 -61.05
C SER FA 364 46.21 67.77 -59.86
N PRO FA 365 45.85 66.49 -59.86
CA PRO FA 365 45.08 65.97 -58.71
C PRO FA 365 45.86 65.95 -57.42
N TYR FA 366 47.18 65.83 -57.47
CA TYR FA 366 47.98 65.76 -56.25
C TYR FA 366 47.99 67.05 -55.47
N LEU FA 367 47.52 68.15 -56.06
CA LEU FA 367 47.47 69.42 -55.36
C LEU FA 367 46.13 69.60 -54.66
N ARG FA 372 36.91 73.36 -58.83
CA ARG FA 372 37.89 74.41 -59.01
C ARG FA 372 38.16 74.64 -60.49
N VAL FA 373 38.10 75.89 -60.93
CA VAL FA 373 38.31 76.25 -62.33
C VAL FA 373 39.19 77.48 -62.39
N SER FA 374 40.19 77.43 -63.29
CA SER FA 374 41.15 78.55 -63.50
C SER FA 374 41.25 78.85 -65.02
N GLY FA 375 41.84 79.99 -65.38
CA GLY FA 375 41.97 80.35 -66.80
C GLY FA 375 43.27 81.05 -67.13
N LEU FA 376 43.67 81.03 -68.41
CA LEU FA 376 44.91 81.68 -68.90
C LEU FA 376 44.65 82.16 -70.33
N MET FA 377 44.86 83.46 -70.60
CA MET FA 377 44.59 83.99 -71.93
C MET FA 377 45.86 84.58 -72.52
N MET FA 378 46.33 83.98 -73.61
CA MET FA 378 47.47 84.49 -74.36
C MET FA 378 46.94 85.22 -75.57
N ALA FA 379 47.21 86.51 -75.66
CA ALA FA 379 46.69 87.35 -76.72
C ALA FA 379 47.82 88.09 -77.42
N ASN FA 380 47.53 88.56 -78.62
CA ASN FA 380 48.45 89.36 -79.42
C ASN FA 380 47.74 90.67 -79.75
N HIS FA 381 47.90 91.67 -78.89
CA HIS FA 381 47.25 92.96 -79.04
C HIS FA 381 48.27 94.00 -79.49
N THR FA 382 47.89 94.78 -80.51
CA THR FA 382 48.77 95.82 -81.00
C THR FA 382 48.95 96.96 -80.00
N SER FA 383 48.17 96.96 -78.91
CA SER FA 383 48.39 97.95 -77.86
C SER FA 383 49.70 97.72 -77.13
N ILE FA 384 50.42 96.63 -77.43
CA ILE FA 384 51.71 96.40 -76.82
C ILE FA 384 52.74 97.37 -77.35
N SER FA 385 52.43 98.05 -78.46
CA SER FA 385 53.36 99.01 -79.02
C SER FA 385 53.62 100.17 -78.06
N SER FA 386 52.67 100.44 -77.16
CA SER FA 386 52.83 101.56 -76.25
C SER FA 386 53.99 101.33 -75.28
N LEU FA 387 54.22 100.09 -74.88
CA LEU FA 387 55.29 99.81 -73.93
C LEU FA 387 56.65 100.17 -74.51
N PHE FA 388 56.86 99.84 -75.79
CA PHE FA 388 58.12 100.20 -76.44
C PHE FA 388 58.25 101.71 -76.56
N GLU FA 389 57.12 102.39 -76.76
CA GLU FA 389 57.14 103.85 -76.89
C GLU FA 389 57.67 104.50 -75.62
N ARG FA 390 57.26 104.00 -74.46
CA ARG FA 390 57.75 104.56 -73.20
C ARG FA 390 59.26 104.41 -73.08
N THR FA 391 59.79 103.22 -73.38
CA THR FA 391 61.24 103.03 -73.38
C THR FA 391 61.90 103.89 -74.45
N CYS FA 392 61.26 104.00 -75.61
CA CYS FA 392 61.79 104.82 -76.68
C CYS FA 392 61.88 106.28 -76.27
N ARG FA 393 60.77 106.84 -75.80
CA ARG FA 393 60.76 108.24 -75.39
C ARG FA 393 61.71 108.48 -74.22
N GLN FA 394 61.78 107.53 -73.29
CA GLN FA 394 62.69 107.67 -72.16
C GLN FA 394 64.14 107.68 -72.63
N TYR FA 395 64.44 107.00 -73.74
CA TYR FA 395 65.80 106.98 -74.24
C TYR FA 395 66.21 108.33 -74.82
N ASP FA 396 65.31 108.95 -75.60
CA ASP FA 396 65.64 110.20 -76.27
C ASP FA 396 65.93 111.30 -75.26
N LYS FA 397 65.18 111.33 -74.15
CA LYS FA 397 65.41 112.35 -73.14
C LYS FA 397 66.79 112.23 -72.50
N LEU FA 398 67.29 111.00 -72.34
CA LEU FA 398 68.62 110.80 -71.80
C LEU FA 398 69.71 111.01 -72.84
N ARG FA 399 69.38 110.83 -74.12
CA ARG FA 399 70.37 110.99 -75.19
C ARG FA 399 70.79 112.43 -75.38
N LYS FA 400 69.95 113.40 -75.00
CA LYS FA 400 70.26 114.81 -75.12
C LYS FA 400 70.71 115.40 -73.78
N ARG FA 401 71.02 114.56 -72.80
CA ARG FA 401 71.38 115.01 -71.47
C ARG FA 401 72.64 114.38 -70.92
N GLU FA 402 73.08 113.23 -71.43
CA GLU FA 402 74.27 112.53 -70.95
C GLU FA 402 74.18 112.22 -69.47
N ASP FA 416 83.26 103.07 -78.07
CA ASP FA 416 84.18 103.96 -78.76
C ASP FA 416 83.48 104.77 -79.85
N ASN FA 417 82.33 104.29 -80.30
CA ASN FA 417 81.55 104.94 -81.33
C ASN FA 417 80.14 105.31 -80.91
N PHE FA 418 79.53 104.54 -80.01
CA PHE FA 418 78.11 104.68 -79.66
C PHE FA 418 77.21 104.57 -80.89
N ASP FA 419 77.56 103.66 -81.80
CA ASP FA 419 76.75 103.42 -82.98
C ASP FA 419 75.78 102.26 -82.81
N GLU FA 420 76.04 101.33 -81.90
CA GLU FA 420 75.10 100.24 -81.67
C GLU FA 420 73.79 100.76 -81.11
N MET FA 421 73.85 101.76 -80.23
CA MET FA 421 72.62 102.36 -79.73
C MET FA 421 71.82 102.98 -80.87
N ASP FA 422 72.49 103.50 -81.88
CA ASP FA 422 71.78 104.11 -83.01
C ASP FA 422 71.03 103.05 -83.80
N THR FA 423 71.67 101.90 -84.07
CA THR FA 423 71.02 100.85 -84.82
C THR FA 423 69.85 100.25 -84.05
N SER FA 424 70.04 100.03 -82.74
CA SER FA 424 68.97 99.49 -81.91
C SER FA 424 67.78 100.45 -81.87
N ARG FA 425 68.06 101.73 -81.69
CA ARG FA 425 67.00 102.74 -81.70
C ARG FA 425 66.26 102.74 -83.03
N GLU FA 426 66.96 102.43 -84.13
CA GLU FA 426 66.33 102.48 -85.44
C GLU FA 426 65.47 101.24 -85.68
N ILE FA 427 65.98 100.07 -85.30
CA ILE FA 427 65.25 98.83 -85.63
C ILE FA 427 63.97 98.71 -84.81
N VAL FA 428 63.98 99.18 -83.57
CA VAL FA 428 62.75 99.13 -82.78
C VAL FA 428 61.74 100.12 -83.33
N GLN FA 429 62.20 101.16 -84.02
CA GLN FA 429 61.27 102.10 -84.65
C GLN FA 429 60.51 101.42 -85.78
N GLN FA 430 61.13 100.46 -86.45
CA GLN FA 430 60.43 99.71 -87.49
C GLN FA 430 59.42 98.76 -86.89
N LEU FA 431 59.73 98.16 -85.74
CA LEU FA 431 58.79 97.28 -85.08
C LEU FA 431 57.54 98.05 -84.65
N ILE FA 432 57.71 99.20 -84.02
CA ILE FA 432 56.58 100.04 -83.67
C ILE FA 432 55.83 100.46 -84.92
N ASP FA 433 56.56 100.75 -86.00
CA ASP FA 433 55.91 101.16 -87.24
C ASP FA 433 55.11 100.02 -87.85
N GLU FA 434 55.50 98.78 -87.57
CA GLU FA 434 54.73 97.63 -88.05
C GLU FA 434 53.40 97.53 -87.33
N TYR FA 435 53.41 97.71 -86.01
CA TYR FA 435 52.19 97.59 -85.21
C TYR FA 435 51.14 98.62 -85.64
N HIS FA 436 51.51 99.90 -85.62
CA HIS FA 436 50.54 100.94 -85.97
C HIS FA 436 50.01 100.75 -87.39
N ALA FA 437 50.81 100.16 -88.28
CA ALA FA 437 50.34 99.83 -89.62
C ALA FA 437 49.71 98.45 -89.68
N ALA FA 438 49.77 97.68 -88.59
CA ALA FA 438 49.14 96.37 -88.59
C ALA FA 438 47.64 96.46 -88.33
N THR FA 439 47.15 97.64 -87.97
CA THR FA 439 45.74 97.83 -87.65
C THR FA 439 44.97 98.49 -88.79
N ARG FA 440 45.55 98.57 -89.98
CA ARG FA 440 44.91 99.25 -91.09
C ARG FA 440 44.35 98.23 -92.08
N PRO FA 441 43.31 98.60 -92.85
CA PRO FA 441 42.77 97.66 -93.84
C PRO FA 441 43.74 97.33 -94.96
N ASP FA 442 44.91 97.96 -95.01
CA ASP FA 442 45.86 97.67 -96.07
C ASP FA 442 47.23 97.33 -95.48
N TYR FA 443 47.26 96.50 -94.44
CA TYR FA 443 48.54 96.03 -93.93
C TYR FA 443 49.26 95.15 -94.96
N ILE FA 444 48.51 94.58 -95.90
CA ILE FA 444 49.13 93.86 -97.00
C ILE FA 444 50.02 94.82 -97.77
N SER FA 445 51.31 94.48 -97.86
CA SER FA 445 52.33 95.37 -98.41
C SER FA 445 52.38 96.69 -97.65
N ARG GA 3 87.84 18.64 -79.93
CA ARG GA 3 88.72 19.67 -80.46
C ARG GA 3 89.24 20.56 -79.34
N GLU GA 4 90.52 20.40 -79.02
CA GLU GA 4 91.15 21.08 -77.91
C GLU GA 4 91.93 22.28 -78.41
N ILE GA 5 92.05 23.31 -77.56
CA ILE GA 5 92.79 24.52 -77.87
C ILE GA 5 93.79 24.77 -76.75
N ILE GA 6 95.06 24.91 -77.12
CA ILE GA 6 96.14 25.12 -76.17
C ILE GA 6 96.47 26.60 -76.14
N THR GA 7 96.89 27.10 -74.98
CA THR GA 7 97.24 28.49 -74.80
C THR GA 7 98.75 28.66 -74.71
N LEU GA 8 99.22 29.84 -75.08
CA LEU GA 8 100.64 30.17 -75.06
C LEU GA 8 100.82 31.53 -74.40
N GLN GA 9 101.71 31.59 -73.42
CA GLN GA 9 101.90 32.79 -72.61
C GLN GA 9 103.36 33.22 -72.71
N LEU GA 10 103.58 34.48 -73.08
CA LEU GA 10 104.91 35.03 -73.23
C LEU GA 10 105.05 36.31 -72.44
N GLY GA 11 106.28 36.69 -72.13
CA GLY GA 11 106.55 37.97 -71.50
C GLY GA 11 105.97 38.12 -70.11
N GLN GA 12 106.15 39.30 -69.51
CA GLN GA 12 105.61 39.54 -68.18
C GLN GA 12 104.09 39.64 -68.22
N CYS GA 13 103.56 40.48 -69.11
CA CYS GA 13 102.11 40.69 -69.18
C CYS GA 13 101.38 39.38 -69.48
N GLY GA 14 101.84 38.65 -70.49
CA GLY GA 14 101.15 37.42 -70.87
C GLY GA 14 101.11 36.41 -69.73
N ASN GA 15 102.25 36.17 -69.10
CA ASN GA 15 102.31 35.17 -68.05
C ASN GA 15 101.49 35.60 -66.83
N GLN GA 16 101.40 36.91 -66.59
CA GLN GA 16 100.66 37.38 -65.42
C GLN GA 16 99.16 37.26 -65.64
N ILE GA 17 98.67 37.65 -66.82
CA ILE GA 17 97.24 37.60 -67.05
C ILE GA 17 96.78 36.17 -67.30
N GLY GA 18 97.61 35.36 -67.96
CA GLY GA 18 97.22 33.98 -68.22
C GLY GA 18 97.08 33.18 -66.93
N PHE GA 19 98.02 33.36 -66.00
CA PHE GA 19 97.90 32.76 -64.69
C PHE GA 19 96.59 33.19 -64.02
N GLU GA 20 96.27 34.48 -64.09
CA GLU GA 20 94.99 34.94 -63.56
C GLU GA 20 93.84 34.48 -64.44
N PHE GA 21 94.06 34.38 -65.76
CA PHE GA 21 93.04 33.84 -66.64
C PHE GA 21 92.64 32.43 -66.21
N TRP GA 22 93.62 31.62 -65.83
CA TRP GA 22 93.30 30.30 -65.30
C TRP GA 22 92.63 30.40 -63.93
N LYS GA 23 93.12 31.30 -63.08
CA LYS GA 23 92.53 31.49 -61.77
C LYS GA 23 91.03 31.71 -61.87
N GLN GA 24 90.62 32.62 -62.74
CA GLN GA 24 89.19 32.82 -62.96
C GLN GA 24 88.57 31.59 -63.59
N LEU GA 25 89.32 30.87 -64.43
CA LEU GA 25 88.75 29.72 -65.11
C LEU GA 25 88.61 28.52 -64.18
N CYS GA 26 89.67 28.20 -63.43
CA CYS GA 26 89.58 27.06 -62.53
C CYS GA 26 88.55 27.29 -61.43
N ALA GA 27 88.45 28.52 -60.94
CA ALA GA 27 87.43 28.83 -59.94
C ALA GA 27 86.04 28.79 -60.56
N GLU GA 28 85.93 29.09 -61.85
CA GLU GA 28 84.63 28.99 -62.51
C GLU GA 28 84.11 27.57 -62.47
N HIS GA 29 85.01 26.60 -62.60
CA HIS GA 29 84.65 25.21 -62.39
C HIS GA 29 84.94 24.82 -60.94
N GLY GA 30 84.66 23.56 -60.59
CA GLY GA 30 84.91 23.09 -59.25
C GLY GA 30 86.28 22.46 -59.09
N ILE GA 31 87.32 23.16 -59.52
CA ILE GA 31 88.68 22.62 -59.53
C ILE GA 31 89.49 23.42 -58.51
N SER GA 32 89.91 22.74 -57.44
CA SER GA 32 90.70 23.38 -56.41
C SER GA 32 92.08 23.77 -56.95
N PRO GA 33 92.76 24.73 -56.29
CA PRO GA 33 94.07 25.18 -56.77
C PRO GA 33 95.09 24.07 -56.95
N GLU GA 34 94.95 22.97 -56.24
CA GLU GA 34 95.87 21.85 -56.37
C GLU GA 34 95.55 20.95 -57.55
N ALA GA 35 94.75 21.44 -58.50
CA ALA GA 35 94.43 20.73 -59.73
C ALA GA 35 93.68 19.44 -59.47
N ILE GA 36 92.57 19.52 -58.74
CA ILE GA 36 91.69 18.38 -58.54
C ILE GA 36 90.26 18.88 -58.42
N VAL GA 37 89.31 18.06 -58.87
CA VAL GA 37 87.91 18.45 -58.84
C VAL GA 37 87.40 18.43 -57.39
N GLU GA 38 86.68 19.47 -57.02
CA GLU GA 38 85.98 19.51 -55.74
C GLU GA 38 84.56 18.98 -55.92
N GLU GA 39 84.00 18.45 -54.83
CA GLU GA 39 82.74 17.72 -54.93
C GLU GA 39 81.59 18.64 -55.32
N PHE GA 40 81.28 19.63 -54.49
CA PHE GA 40 80.22 20.59 -54.74
C PHE GA 40 78.95 20.00 -55.35
N THR GA 45 77.89 18.56 -66.53
CA THR GA 45 77.22 19.81 -66.90
C THR GA 45 78.14 20.68 -67.73
N ASP GA 46 79.19 21.22 -67.10
CA ASP GA 46 80.13 22.09 -67.79
C ASP GA 46 81.17 21.26 -68.52
N ARG GA 47 81.09 21.23 -69.84
CA ARG GA 47 82.05 20.49 -70.66
C ARG GA 47 83.42 21.14 -70.58
N LYS GA 48 84.39 20.43 -70.03
CA LYS GA 48 85.70 21.00 -69.74
C LYS GA 48 86.80 20.44 -70.64
N ASP GA 49 86.44 19.84 -71.78
CA ASP GA 49 87.44 19.20 -72.62
C ASP GA 49 88.34 20.20 -73.36
N VAL GA 50 87.84 21.40 -73.64
CA VAL GA 50 88.57 22.29 -74.53
C VAL GA 50 89.83 22.83 -73.87
N PHE GA 51 89.75 23.10 -72.56
CA PHE GA 51 90.85 23.78 -71.89
C PHE GA 51 91.54 22.92 -70.83
N PHE GA 52 91.11 21.68 -70.62
CA PHE GA 52 91.70 20.84 -69.60
C PHE GA 52 91.88 19.42 -70.13
N TYR GA 53 92.94 18.78 -69.65
CA TYR GA 53 93.22 17.38 -69.97
C TYR GA 53 93.18 16.56 -68.70
N GLN GA 54 92.86 15.28 -68.82
CA GLN GA 54 92.69 14.41 -67.67
C GLN GA 54 93.88 13.50 -67.43
N TYR GA 60 92.77 16.61 -63.30
CA TYR GA 60 92.72 17.49 -64.46
C TYR GA 60 93.99 18.32 -64.59
N ILE GA 61 94.33 18.69 -65.81
CA ILE GA 61 95.53 19.49 -66.07
C ILE GA 61 95.24 20.47 -67.20
N PRO GA 62 95.62 21.74 -67.07
CA PRO GA 62 95.39 22.69 -68.16
C PRO GA 62 96.46 22.55 -69.24
N ARG GA 63 96.04 22.78 -70.48
CA ARG GA 63 96.94 22.74 -71.62
C ARG GA 63 97.59 24.11 -71.81
N ALA GA 64 98.55 24.39 -70.94
CA ALA GA 64 99.28 25.65 -70.98
C ALA GA 64 100.72 25.39 -71.40
N VAL GA 65 101.34 26.40 -72.00
CA VAL GA 65 102.74 26.35 -72.39
C VAL GA 65 103.33 27.71 -72.01
N LEU GA 66 104.03 27.76 -70.88
CA LEU GA 66 104.51 29.03 -70.36
C LEU GA 66 105.98 29.23 -70.68
N LEU GA 67 106.37 30.49 -70.89
CA LEU GA 67 107.76 30.82 -71.17
C LEU GA 67 108.16 32.13 -70.50
N ARG GA 72 112.09 34.64 -64.25
CA ARG GA 72 111.93 35.33 -62.97
C ARG GA 72 110.51 35.16 -62.42
N VAL GA 73 109.53 35.50 -63.25
CA VAL GA 73 108.13 35.49 -62.80
C VAL GA 73 107.65 34.07 -62.53
N ILE GA 74 108.23 33.06 -63.18
CA ILE GA 74 107.81 31.69 -62.95
C ILE GA 74 108.06 31.31 -61.50
N HIS GA 75 109.08 31.90 -60.88
CA HIS GA 75 109.28 31.71 -59.44
C HIS GA 75 108.05 32.16 -58.66
N SER GA 76 107.52 33.33 -59.00
CA SER GA 76 106.32 33.82 -58.31
C SER GA 76 105.15 32.87 -58.50
N ILE GA 77 105.03 32.27 -59.68
CA ILE GA 77 103.95 31.34 -59.94
C ILE GA 77 104.19 30.02 -59.22
N LEU GA 78 105.43 29.53 -59.26
CA LEU GA 78 105.75 28.29 -58.54
C LEU GA 78 105.65 28.47 -57.03
N ASN GA 79 105.73 29.70 -56.52
CA ASN GA 79 105.53 29.94 -55.11
C ASN GA 79 104.06 30.14 -54.75
N SER GA 80 103.20 30.34 -55.74
CA SER GA 80 101.78 30.43 -55.49
C SER GA 80 101.23 29.08 -55.04
N PRO GA 81 100.04 29.06 -54.45
CA PRO GA 81 99.41 27.77 -54.11
C PRO GA 81 99.09 26.90 -55.32
N TYR GA 82 99.36 27.38 -56.54
CA TYR GA 82 99.06 26.65 -57.76
C TYR GA 82 100.27 25.91 -58.30
N ALA GA 83 101.15 25.43 -57.42
CA ALA GA 83 102.35 24.72 -57.87
C ALA GA 83 102.01 23.41 -58.57
N LYS GA 84 100.81 22.88 -58.38
CA LYS GA 84 100.43 21.59 -58.96
C LYS GA 84 99.55 21.73 -60.20
N LEU GA 85 99.49 22.90 -60.82
CA LEU GA 85 98.59 23.14 -61.94
C LEU GA 85 99.28 23.04 -63.29
N TYR GA 86 100.42 22.35 -63.38
CA TYR GA 86 101.15 22.26 -64.64
C TYR GA 86 101.79 20.89 -64.82
N GLY GA 101 116.58 40.67 -72.94
CA GLY GA 101 116.66 41.90 -73.71
C GLY GA 101 115.34 42.65 -73.77
N ASN GA 102 115.36 43.83 -74.38
CA ASN GA 102 114.16 44.65 -74.51
C ASN GA 102 113.91 45.09 -75.95
N ASN GA 103 114.88 44.89 -76.84
CA ASN GA 103 114.71 45.21 -78.25
C ASN GA 103 114.13 43.99 -78.97
N TRP GA 104 113.36 44.27 -80.03
CA TRP GA 104 112.79 43.19 -80.83
C TRP GA 104 113.88 42.29 -81.39
N ALA GA 105 115.05 42.86 -81.70
CA ALA GA 105 116.16 42.04 -82.18
C ALA GA 105 116.69 41.14 -81.08
N SER GA 106 116.76 41.65 -79.84
CA SER GA 106 117.22 40.83 -78.73
C SER GA 106 116.29 39.65 -78.50
N GLY GA 107 114.99 39.86 -78.69
CA GLY GA 107 114.04 38.78 -78.49
C GLY GA 107 114.05 37.78 -79.62
N PHE GA 108 114.05 38.26 -80.86
CA PHE GA 108 114.02 37.36 -82.01
C PHE GA 108 115.27 36.50 -82.08
N SER GA 109 116.42 37.06 -81.68
CA SER GA 109 117.67 36.32 -81.78
C SER GA 109 117.66 35.08 -80.89
N GLN GA 110 117.25 35.23 -79.63
CA GLN GA 110 117.26 34.11 -78.71
C GLN GA 110 116.24 33.05 -79.10
N GLY GA 111 115.12 33.47 -79.68
CA GLY GA 111 114.09 32.51 -80.05
C GLY GA 111 114.52 31.54 -81.13
N GLU GA 112 115.31 32.02 -82.10
CA GLU GA 112 115.83 31.13 -83.13
C GLU GA 112 116.79 30.11 -82.54
N LYS GA 113 117.58 30.50 -81.54
CA LYS GA 113 118.57 29.60 -80.95
C LYS GA 113 117.91 28.39 -80.28
N ILE GA 114 116.80 28.61 -79.58
CA ILE GA 114 116.17 27.54 -78.82
C ILE GA 114 114.91 27.09 -79.54
N HIS GA 115 114.90 27.25 -80.86
CA HIS GA 115 113.75 26.86 -81.67
C HIS GA 115 113.34 25.41 -81.38
N GLU GA 116 114.26 24.47 -81.59
CA GLU GA 116 113.92 23.06 -81.43
C GLU GA 116 113.61 22.73 -79.99
N ASP GA 117 114.10 23.54 -79.05
CA ASP GA 117 113.86 23.26 -77.63
C ASP GA 117 112.38 23.40 -77.29
N ILE GA 118 111.77 24.53 -77.68
CA ILE GA 118 110.38 24.77 -77.31
C ILE GA 118 109.41 24.00 -78.20
N PHE GA 119 109.74 23.83 -79.48
CA PHE GA 119 108.85 23.13 -80.38
C PHE GA 119 108.71 21.65 -80.03
N ASP GA 120 109.60 21.12 -79.18
CA ASP GA 120 109.35 19.81 -78.61
C ASP GA 120 108.10 19.85 -77.73
N ILE GA 121 107.95 20.91 -76.93
CA ILE GA 121 106.80 21.03 -76.04
C ILE GA 121 105.52 21.09 -76.84
N ILE GA 122 105.50 21.89 -77.91
CA ILE GA 122 104.29 22.02 -78.71
C ILE GA 122 103.97 20.70 -79.38
N ASP GA 123 104.97 20.02 -79.93
CA ASP GA 123 104.73 18.76 -80.62
C ASP GA 123 104.18 17.71 -79.67
N ARG GA 124 104.83 17.52 -78.51
CA ARG GA 124 104.37 16.53 -77.56
C ARG GA 124 102.97 16.86 -77.04
N GLU GA 125 102.61 18.14 -77.03
CA GLU GA 125 101.27 18.51 -76.60
C GLU GA 125 100.27 18.36 -77.72
N ALA GA 126 100.73 18.36 -78.97
CA ALA GA 126 99.82 18.22 -80.11
C ALA GA 126 99.29 16.80 -80.22
N ASP GA 127 100.18 15.82 -80.41
CA ASP GA 127 99.76 14.45 -80.54
C ASP GA 127 99.10 13.93 -79.27
N GLY GA 128 99.49 14.45 -78.11
CA GLY GA 128 98.79 14.10 -76.88
C GLY GA 128 97.35 14.57 -76.87
N SER GA 129 97.04 15.57 -77.69
CA SER GA 129 95.67 16.02 -77.85
C SER GA 129 94.97 15.22 -78.94
N ASP GA 130 93.65 15.05 -78.78
CA ASP GA 130 92.88 14.29 -79.75
C ASP GA 130 92.91 14.96 -81.11
N SER GA 131 92.36 16.17 -81.20
CA SER GA 131 92.32 16.93 -82.44
C SER GA 131 92.58 18.40 -82.11
N LEU GA 132 93.84 18.82 -82.25
CA LEU GA 132 94.19 20.20 -81.98
C LEU GA 132 93.54 21.13 -82.99
N GLU GA 133 93.06 22.27 -82.51
CA GLU GA 133 92.29 23.19 -83.33
C GLU GA 133 92.96 24.54 -83.49
N GLY GA 134 93.41 25.15 -82.39
CA GLY GA 134 93.96 26.50 -82.48
C GLY GA 134 95.11 26.76 -81.54
N PHE GA 135 95.59 28.01 -81.53
CA PHE GA 135 96.73 28.41 -80.70
C PHE GA 135 96.44 29.79 -80.14
N VAL GA 136 95.83 29.85 -78.96
CA VAL GA 136 95.67 31.11 -78.27
C VAL GA 136 97.03 31.61 -77.83
N LEU GA 137 97.28 32.90 -78.04
CA LEU GA 137 98.55 33.53 -77.66
C LEU GA 137 98.25 34.75 -76.82
N CYS GA 138 98.90 34.86 -75.67
CA CYS GA 138 98.69 35.97 -74.74
C CYS GA 138 100.03 36.66 -74.52
N HIS GA 139 100.16 37.87 -75.06
CA HIS GA 139 101.41 38.60 -74.94
C HIS GA 139 101.13 40.09 -75.11
N SER GA 140 102.07 40.90 -74.66
CA SER GA 140 102.04 42.35 -74.85
C SER GA 140 103.03 42.72 -75.95
N ILE GA 141 102.57 43.59 -76.86
CA ILE GA 141 103.36 44.03 -78.05
C ILE GA 141 104.46 45.04 -77.67
N ALA GA 142 104.64 45.33 -76.39
CA ALA GA 142 105.68 46.25 -75.98
C ALA GA 142 107.04 45.55 -75.92
N GLY GA 144 109.10 43.20 -73.25
CA GLY GA 144 109.57 43.39 -74.61
C GLY GA 144 109.89 42.09 -75.32
N THR GA 145 110.36 41.10 -74.55
CA THR GA 145 110.70 39.81 -75.13
C THR GA 145 109.50 39.14 -75.80
N GLY GA 146 108.30 39.33 -75.26
CA GLY GA 146 107.13 38.74 -75.88
C GLY GA 146 106.88 39.28 -77.27
N SER GA 147 107.27 40.53 -77.51
CA SER GA 147 107.07 41.14 -78.82
C SER GA 147 107.85 40.39 -79.89
N GLY GA 148 109.16 40.23 -79.69
CA GLY GA 148 109.98 39.57 -80.69
C GLY GA 148 109.75 38.08 -80.74
N LEU GA 149 109.75 37.41 -79.59
CA LEU GA 149 109.54 35.97 -79.56
C LEU GA 149 108.20 35.60 -80.19
N GLY GA 150 107.15 36.36 -79.89
CA GLY GA 150 105.88 36.13 -80.54
C GLY GA 150 105.97 36.31 -82.05
N SER GA 151 106.72 37.31 -82.49
CA SER GA 151 106.95 37.49 -83.92
C SER GA 151 107.65 36.26 -84.51
N TYR GA 152 108.66 35.75 -83.81
CA TYR GA 152 109.33 34.54 -84.27
C TYR GA 152 108.38 33.36 -84.29
N LEU GA 153 107.57 33.21 -83.24
CA LEU GA 153 106.67 32.07 -83.15
C LEU GA 153 105.67 32.05 -84.29
N LEU GA 154 104.96 33.17 -84.50
CA LEU GA 154 103.87 33.20 -85.46
C LEU GA 154 104.33 32.75 -86.84
N GLU GA 155 105.51 33.20 -87.27
CA GLU GA 155 106.06 32.76 -88.54
C GLU GA 155 106.30 31.25 -88.52
N ARG GA 156 107.07 30.78 -87.54
CA ARG GA 156 107.39 29.36 -87.46
C ARG GA 156 106.14 28.51 -87.25
N LEU GA 157 105.18 29.01 -86.47
CA LEU GA 157 103.95 28.26 -86.26
C LEU GA 157 103.20 28.06 -87.58
N ASN GA 158 103.16 29.09 -88.42
CA ASN GA 158 102.53 28.94 -89.73
C ASN GA 158 103.34 28.01 -90.62
N ASP GA 159 104.66 27.97 -90.43
CA ASP GA 159 105.51 27.14 -91.28
C ASP GA 159 105.24 25.65 -91.03
N ARG GA 160 105.37 25.22 -89.78
CA ARG GA 160 105.12 23.82 -89.46
C ARG GA 160 103.64 23.48 -89.57
N TYR GA 161 102.79 24.29 -88.96
CA TYR GA 161 101.35 24.03 -88.99
C TYR GA 161 100.67 25.05 -89.89
N PRO GA 162 100.19 24.66 -91.06
CA PRO GA 162 99.42 25.60 -91.89
C PRO GA 162 97.93 25.46 -91.70
N LYS GA 163 97.51 24.43 -90.95
CA LYS GA 163 96.10 24.06 -90.84
C LYS GA 163 95.49 24.46 -89.50
N LYS GA 164 96.14 25.32 -88.73
CA LYS GA 164 95.71 25.65 -87.38
C LYS GA 164 95.37 27.12 -87.28
N LEU GA 165 94.21 27.43 -86.72
CA LEU GA 165 93.85 28.80 -86.42
C LEU GA 165 94.81 29.36 -85.38
N VAL GA 166 95.03 30.67 -85.43
CA VAL GA 166 95.97 31.35 -84.54
C VAL GA 166 95.30 32.62 -84.02
N GLN GA 167 94.73 32.55 -82.83
CA GLN GA 167 94.16 33.71 -82.17
C GLN GA 167 95.12 34.23 -81.11
N THR GA 168 95.19 35.56 -80.99
CA THR GA 168 96.15 36.20 -80.11
C THR GA 168 95.46 37.27 -79.29
N TYR GA 169 95.77 37.31 -77.99
CA TYR GA 169 95.27 38.35 -77.11
C TYR GA 169 96.34 39.43 -76.89
N SER GA 170 96.67 40.12 -77.98
CA SER GA 170 97.72 41.12 -77.93
C SER GA 170 97.30 42.30 -77.07
N VAL GA 171 98.28 42.96 -76.47
CA VAL GA 171 98.06 44.09 -75.59
C VAL GA 171 98.86 45.28 -76.12
N PHE GA 172 98.24 46.45 -76.14
CA PHE GA 172 98.87 47.65 -76.62
C PHE GA 172 99.27 48.56 -75.47
N PRO GA 173 100.26 49.45 -75.67
CA PRO GA 173 100.66 50.39 -74.62
C PRO GA 173 99.59 51.45 -74.34
N VAL GA 183 111.87 54.12 -78.31
CA VAL GA 183 112.24 52.76 -78.67
C VAL GA 183 111.04 51.84 -78.56
N GLN GA 184 110.05 52.27 -77.78
CA GLN GA 184 108.79 51.49 -77.55
C GLN GA 184 108.04 51.34 -78.88
N PRO GA 185 107.90 52.42 -79.69
CA PRO GA 185 107.17 52.35 -80.97
C PRO GA 185 107.79 51.37 -81.98
N TYR GA 186 109.12 51.31 -82.03
CA TYR GA 186 109.83 50.41 -82.99
C TYR GA 186 109.45 48.95 -82.71
N ASN GA 187 109.39 48.57 -81.44
CA ASN GA 187 109.02 47.16 -81.09
C ASN GA 187 107.58 46.87 -81.54
N SER GA 188 106.66 47.82 -81.30
CA SER GA 188 105.22 47.66 -81.65
C SER GA 188 105.01 47.55 -83.16
N LEU GA 189 105.68 48.38 -83.96
CA LEU GA 189 105.49 48.35 -85.44
C LEU GA 189 105.97 47.02 -86.03
N LEU GA 190 107.09 46.48 -85.52
CA LEU GA 190 107.64 45.20 -86.03
C LEU GA 190 106.65 44.06 -85.82
N THR GA 191 106.00 44.03 -84.64
CA THR GA 191 105.02 42.95 -84.33
C THR GA 191 103.84 43.01 -85.31
N LEU GA 192 103.36 44.23 -85.61
CA LEU GA 192 102.22 44.41 -86.55
C LEU GA 192 102.50 43.67 -87.86
N LYS GA 193 103.67 43.89 -88.45
CA LYS GA 193 104.05 43.25 -89.70
C LYS GA 193 103.82 41.75 -89.66
N ARG GA 194 104.05 41.14 -88.50
CA ARG GA 194 103.76 39.72 -88.35
C ARG GA 194 102.28 39.47 -88.05
N LEU GA 195 101.66 40.29 -87.21
CA LEU GA 195 100.27 40.11 -86.84
C LEU GA 195 99.30 40.39 -87.98
N THR GA 196 99.72 41.13 -89.01
CA THR GA 196 98.81 41.48 -90.09
C THR GA 196 98.61 40.38 -91.11
N GLN GA 197 99.44 39.34 -91.11
CA GLN GA 197 99.35 38.34 -92.15
C GLN GA 197 99.38 36.92 -91.59
N ASN GA 198 99.87 36.77 -90.36
CA ASN GA 198 99.99 35.44 -89.76
C ASN GA 198 98.77 35.07 -88.93
N ALA GA 199 98.45 35.89 -87.93
CA ALA GA 199 97.35 35.59 -87.03
C ALA GA 199 96.02 35.68 -87.77
N ASP GA 200 95.35 34.54 -87.92
CA ASP GA 200 94.05 34.52 -88.60
C ASP GA 200 92.94 35.15 -87.77
N CYS GA 201 93.24 35.62 -86.57
CA CYS GA 201 92.28 36.34 -85.74
C CYS GA 201 93.07 37.12 -84.71
N LEU GA 202 92.37 38.00 -83.99
CA LEU GA 202 93.06 38.93 -83.11
C LEU GA 202 92.05 39.67 -82.26
N VAL GA 203 92.47 40.10 -81.08
CA VAL GA 203 91.70 40.98 -80.22
C VAL GA 203 92.65 42.05 -79.70
N VAL GA 204 92.13 43.23 -79.44
CA VAL GA 204 92.96 44.34 -78.96
C VAL GA 204 92.57 44.68 -77.53
N LEU GA 205 93.58 44.98 -76.72
CA LEU GA 205 93.38 45.42 -75.34
C LEU GA 205 94.40 46.52 -75.05
N ASP GA 206 93.94 47.76 -75.00
CA ASP GA 206 94.83 48.90 -74.79
C ASP GA 206 94.79 49.33 -73.33
N ASN GA 207 95.98 49.50 -72.74
CA ASN GA 207 96.07 49.86 -71.33
C ASN GA 207 95.60 51.28 -71.06
N THR GA 208 95.94 52.23 -71.94
CA THR GA 208 95.56 53.62 -71.71
C THR GA 208 94.05 53.76 -71.56
N ALA GA 209 93.29 53.08 -72.43
CA ALA GA 209 91.84 53.07 -72.26
C ALA GA 209 91.44 52.26 -71.04
N LEU GA 210 92.12 51.15 -70.79
CA LEU GA 210 91.82 50.35 -69.61
C LEU GA 210 92.14 51.11 -68.33
N ASN GA 211 93.24 51.85 -68.33
CA ASN GA 211 93.61 52.59 -67.13
C ASN GA 211 92.61 53.70 -66.83
N ARG GA 212 91.99 54.26 -67.87
CA ARG GA 212 90.98 55.30 -67.66
C ARG GA 212 89.75 54.73 -66.97
N ILE GA 213 89.40 53.48 -67.29
CA ILE GA 213 88.28 52.84 -66.61
C ILE GA 213 88.61 52.62 -65.15
N ALA GA 214 89.90 52.50 -64.83
CA ALA GA 214 90.30 52.27 -63.44
C ALA GA 214 90.06 53.50 -62.58
N THR GA 215 90.51 54.67 -63.04
CA THR GA 215 90.36 55.87 -62.22
C THR GA 215 88.91 56.32 -62.14
N ASP GA 216 88.07 55.93 -63.11
CA ASP GA 216 86.69 56.37 -63.12
C ASP GA 216 85.83 55.52 -62.20
N ARG GA 217 85.83 54.21 -62.41
CA ARG GA 217 84.92 53.31 -61.73
C ARG GA 217 85.61 52.44 -60.68
N LEU GA 218 86.93 52.47 -60.59
CA LEU GA 218 87.66 51.69 -59.61
C LEU GA 218 88.61 52.50 -58.74
N HIS GA 219 89.01 53.69 -59.19
CA HIS GA 219 89.75 54.65 -58.36
C HIS GA 219 91.06 54.05 -57.84
N ILE GA 220 91.95 53.74 -58.77
CA ILE GA 220 93.23 53.15 -58.41
C ILE GA 220 94.34 54.17 -58.24
N GLN GA 221 94.14 55.40 -58.69
CA GLN GA 221 95.17 56.44 -58.57
C GLN GA 221 94.55 57.83 -58.67
N SER GA 224 98.05 50.35 -60.95
CA SER GA 224 98.40 49.01 -60.48
C SER GA 224 98.08 47.95 -61.53
N PHE GA 225 99.08 47.19 -61.93
CA PHE GA 225 98.87 46.15 -62.93
C PHE GA 225 97.99 45.04 -62.39
N SER GA 226 98.26 44.58 -61.17
CA SER GA 226 97.49 43.50 -60.57
C SER GA 226 96.02 43.83 -60.41
N GLN GA 227 95.62 45.09 -60.56
CA GLN GA 227 94.23 45.49 -60.52
C GLN GA 227 93.62 45.64 -61.91
N ILE GA 228 94.34 46.30 -62.81
CA ILE GA 228 93.83 46.44 -64.18
C ILE GA 228 93.79 45.09 -64.87
N ASN GA 229 94.61 44.14 -64.43
CA ASN GA 229 94.57 42.81 -65.02
C ASN GA 229 93.28 42.07 -64.66
N GLN GA 230 92.66 42.42 -63.53
CA GLN GA 230 91.44 41.75 -63.11
C GLN GA 230 90.36 41.87 -64.17
N LEU GA 231 90.23 43.07 -64.76
CA LEU GA 231 89.24 43.25 -65.82
C LEU GA 231 89.57 42.38 -67.02
N VAL GA 232 90.85 42.21 -67.33
CA VAL GA 232 91.26 41.38 -68.46
C VAL GA 232 90.78 39.96 -68.27
N SER GA 233 90.99 39.40 -67.07
CA SER GA 233 90.49 38.07 -66.78
C SER GA 233 88.99 37.98 -66.98
N THR GA 234 88.24 38.95 -66.45
CA THR GA 234 86.81 38.99 -66.71
C THR GA 234 86.52 39.14 -68.20
N ILE GA 235 87.36 39.90 -68.90
CA ILE GA 235 87.19 40.04 -70.35
C ILE GA 235 87.53 38.74 -71.05
N MET GA 236 88.68 38.15 -70.71
CA MET GA 236 89.12 36.94 -71.40
C MET GA 236 88.17 35.78 -71.14
N SER GA 237 87.85 35.53 -69.86
CA SER GA 237 86.97 34.41 -69.54
C SER GA 237 85.63 34.55 -70.22
N ALA GA 238 85.01 35.72 -70.15
CA ALA GA 238 83.74 35.94 -70.82
C ALA GA 238 83.87 35.88 -72.33
N SER GA 239 85.08 36.07 -72.87
CA SER GA 239 85.26 36.03 -74.31
C SER GA 239 85.01 34.64 -74.87
N THR GA 240 85.24 33.60 -74.07
CA THR GA 240 85.12 32.22 -74.49
C THR GA 240 84.11 31.44 -73.66
N THR GA 241 82.98 32.06 -73.32
CA THR GA 241 82.02 31.38 -72.46
C THR GA 241 81.27 30.28 -73.20
N THR GA 242 80.89 30.53 -74.45
CA THR GA 242 80.08 29.56 -75.18
C THR GA 242 80.84 28.29 -75.53
N LEU GA 243 82.16 28.27 -75.35
CA LEU GA 243 82.93 27.08 -75.70
C LEU GA 243 82.88 26.02 -74.62
N ARG GA 244 82.82 26.43 -73.35
CA ARG GA 244 82.88 25.47 -72.26
C ARG GA 244 81.51 24.93 -71.87
N TYR GA 245 80.46 25.73 -72.03
CA TYR GA 245 79.11 25.27 -71.68
C TYR GA 245 78.44 24.69 -72.91
N PRO GA 246 77.91 23.47 -72.85
CA PRO GA 246 77.36 22.85 -74.05
C PRO GA 246 76.12 23.59 -74.54
N GLY GA 247 76.16 23.99 -75.81
CA GLY GA 247 75.05 24.71 -76.40
C GLY GA 247 74.64 24.22 -77.77
N TYR GA 248 73.70 24.91 -78.41
CA TYR GA 248 73.25 24.50 -79.73
C TYR GA 248 74.33 24.74 -80.78
N MET GA 249 74.88 25.95 -80.82
CA MET GA 249 75.94 26.31 -81.75
C MET GA 249 77.11 26.90 -80.98
N ASN GA 250 78.03 27.49 -81.74
CA ASN GA 250 79.23 28.13 -81.18
C ASN GA 250 80.00 27.13 -80.31
N ASN GA 251 80.19 25.95 -80.87
CA ASN GA 251 80.90 24.87 -80.18
C ASN GA 251 82.37 24.79 -80.59
N ASP GA 252 82.88 25.78 -81.30
CA ASP GA 252 84.26 25.79 -81.70
C ASP GA 252 84.70 27.22 -81.94
N LEU GA 253 86.01 27.46 -81.81
CA LEU GA 253 86.54 28.79 -82.09
C LEU GA 253 86.21 29.22 -83.51
N ILE GA 254 86.20 28.28 -84.46
CA ILE GA 254 85.79 28.61 -85.82
C ILE GA 254 84.33 29.05 -85.84
N GLY GA 255 83.52 28.53 -84.92
CA GLY GA 255 82.11 28.90 -84.90
C GLY GA 255 81.89 30.33 -84.43
N LEU GA 256 82.91 30.94 -83.83
CA LEU GA 256 82.76 32.32 -83.36
C LEU GA 256 83.34 33.32 -84.33
N ILE GA 257 84.60 33.16 -84.70
CA ILE GA 257 85.32 34.21 -85.42
C ILE GA 257 84.85 34.29 -86.87
N ALA GA 258 84.48 33.14 -87.45
CA ALA GA 258 84.13 33.11 -88.87
C ALA GA 258 83.00 34.08 -89.21
N SER GA 259 82.17 34.46 -88.24
CA SER GA 259 81.10 35.41 -88.54
C SER GA 259 81.65 36.82 -88.67
N LEU GA 260 82.65 37.18 -87.87
CA LEU GA 260 83.13 38.56 -87.84
C LEU GA 260 84.00 38.87 -89.04
N ILE GA 261 85.11 38.16 -89.20
CA ILE GA 261 86.09 38.45 -90.24
C ILE GA 261 85.54 38.11 -91.62
N PRO GA 262 85.21 39.09 -92.45
CA PRO GA 262 84.71 38.78 -93.79
C PRO GA 262 85.82 38.45 -94.77
N THR GA 263 86.96 39.12 -94.62
CA THR GA 263 88.10 38.97 -95.50
C THR GA 263 89.38 38.90 -94.69
N PRO GA 264 90.34 38.08 -95.11
CA PRO GA 264 91.53 37.85 -94.28
C PRO GA 264 92.34 39.11 -94.01
N ARG GA 265 92.02 40.23 -94.62
CA ARG GA 265 92.72 41.47 -94.31
C ARG GA 265 92.13 42.18 -93.11
N LEU GA 266 90.82 42.06 -92.90
CA LEU GA 266 90.14 42.71 -91.79
C LEU GA 266 89.93 41.70 -90.65
N HIS GA 267 91.01 41.46 -89.91
CA HIS GA 267 91.03 40.43 -88.88
C HIS GA 267 91.35 41.02 -87.52
N PHE GA 268 90.71 42.13 -87.17
CA PHE GA 268 90.92 42.79 -85.88
C PHE GA 268 89.58 43.02 -85.22
N LEU GA 269 89.55 42.91 -83.89
CA LEU GA 269 88.33 43.10 -83.13
C LEU GA 269 88.58 44.05 -81.96
N MET GA 270 87.48 44.53 -81.40
CA MET GA 270 87.50 45.26 -80.13
C MET GA 270 86.35 44.76 -79.26
N THR GA 271 86.47 45.00 -77.97
CA THR GA 271 85.61 44.36 -76.98
C THR GA 271 84.74 45.37 -76.25
N GLY GA 272 83.68 44.87 -75.63
CA GLY GA 272 82.77 45.67 -74.82
C GLY GA 272 82.14 44.85 -73.73
N TYR GA 273 81.96 45.43 -72.55
CA TYR GA 273 81.47 44.70 -71.37
C TYR GA 273 80.65 45.66 -70.52
N THR GA 274 79.35 45.37 -70.37
CA THR GA 274 78.47 46.28 -69.67
C THR GA 274 78.50 46.22 -68.13
N PRO GA 275 78.52 45.04 -67.48
CA PRO GA 275 78.29 45.03 -66.03
C PRO GA 275 79.56 45.41 -65.27
N LEU GA 276 79.55 46.60 -64.69
CA LEU GA 276 80.71 47.10 -63.97
C LEU GA 276 80.32 47.66 -62.61
N THR GA 288 66.60 44.40 -65.46
CA THR GA 288 67.79 44.21 -66.26
C THR GA 288 67.49 43.38 -67.49
N THR GA 289 66.66 43.92 -68.38
CA THR GA 289 66.24 43.23 -69.59
C THR GA 289 67.35 43.26 -70.64
N VAL GA 290 67.15 42.49 -71.70
CA VAL GA 290 68.13 42.45 -72.78
C VAL GA 290 68.32 43.82 -73.39
N LEU GA 291 67.22 44.57 -73.58
CA LEU GA 291 67.35 45.93 -74.11
C LEU GA 291 68.22 46.79 -73.22
N ASP GA 292 68.12 46.60 -71.90
CA ASP GA 292 69.00 47.31 -71.00
C ASP GA 292 70.45 46.99 -71.29
N VAL GA 293 70.74 45.73 -71.66
CA VAL GA 293 72.11 45.32 -71.91
C VAL GA 293 72.62 45.93 -73.22
N MET GA 294 71.95 45.61 -74.33
CA MET GA 294 72.43 46.03 -75.64
C MET GA 294 72.62 47.52 -75.73
N ARG GA 295 71.76 48.30 -75.08
CA ARG GA 295 71.94 49.75 -75.05
C ARG GA 295 73.25 50.11 -74.35
N ARG GA 296 73.50 49.54 -73.17
CA ARG GA 296 74.70 49.90 -72.41
C ARG GA 296 75.98 49.41 -73.06
N LEU GA 297 75.91 48.40 -73.93
CA LEU GA 297 77.12 47.95 -74.62
C LEU GA 297 77.61 49.01 -75.59
N LEU GA 298 76.73 49.48 -76.47
CA LEU GA 298 77.15 50.34 -77.56
C LEU GA 298 77.51 51.75 -77.10
N GLN GA 299 77.40 52.06 -75.82
CA GLN GA 299 77.83 53.37 -75.39
C GLN GA 299 79.35 53.47 -75.45
N PRO GA 300 79.90 54.56 -75.98
CA PRO GA 300 81.36 54.67 -76.14
C PRO GA 300 82.12 54.74 -74.82
N LYS GA 301 81.44 54.88 -73.69
CA LYS GA 301 82.14 54.95 -72.41
C LYS GA 301 82.56 53.58 -71.89
N ASN GA 302 81.97 52.50 -72.42
CA ASN GA 302 82.24 51.17 -71.92
C ASN GA 302 83.25 50.38 -72.75
N VAL GA 303 83.42 50.71 -74.02
CA VAL GA 303 84.30 49.92 -74.88
C VAL GA 303 85.75 50.14 -74.50
N MET GA 304 86.59 49.17 -74.81
CA MET GA 304 88.02 49.23 -74.49
C MET GA 304 88.84 49.68 -75.69
N VAL GA 305 88.59 50.91 -76.13
CA VAL GA 305 89.38 51.56 -77.16
C VAL GA 305 89.62 53.01 -76.75
N SER GA 306 90.67 53.63 -77.29
CA SER GA 306 90.95 55.02 -76.99
C SER GA 306 90.03 55.94 -77.78
N ASN GA 314 82.94 57.81 -93.15
CA ASN GA 314 83.46 58.05 -91.81
C ASN GA 314 83.92 56.75 -91.16
N HIS GA 315 83.15 56.26 -90.20
CA HIS GA 315 83.49 55.03 -89.51
C HIS GA 315 82.20 54.29 -89.17
N CYS GA 316 82.26 52.97 -89.26
CA CYS GA 316 81.09 52.14 -89.03
C CYS GA 316 81.55 50.72 -88.71
N TYR GA 317 80.62 49.94 -88.16
CA TYR GA 317 80.88 48.55 -87.79
C TYR GA 317 80.91 47.66 -89.02
N ILE GA 318 81.42 46.45 -88.84
CA ILE GA 318 81.36 45.40 -89.86
C ILE GA 318 80.52 44.23 -89.39
N ALA GA 319 80.64 43.86 -88.12
CA ALA GA 319 79.82 42.81 -87.53
C ALA GA 319 79.93 42.91 -86.02
N ILE GA 320 78.86 42.53 -85.33
CA ILE GA 320 78.79 42.64 -83.88
C ILE GA 320 78.34 41.31 -83.30
N LEU GA 321 78.99 40.89 -82.22
CA LEU GA 321 78.63 39.69 -81.48
C LEU GA 321 78.24 40.09 -80.07
N ASN GA 322 77.22 39.44 -79.52
CA ASN GA 322 76.77 39.72 -78.17
C ASN GA 322 76.77 38.43 -77.34
N ILE GA 323 77.44 38.49 -76.19
CA ILE GA 323 77.54 37.38 -75.26
C ILE GA 323 76.72 37.72 -74.03
N ILE GA 324 75.67 36.94 -73.78
CA ILE GA 324 74.80 37.13 -72.63
C ILE GA 324 75.01 35.96 -71.68
N GLN GA 325 75.56 36.25 -70.50
CA GLN GA 325 75.84 35.22 -69.51
C GLN GA 325 74.80 35.14 -68.41
N GLY GA 326 73.66 35.80 -68.55
CA GLY GA 326 72.64 35.78 -67.53
C GLY GA 326 71.59 34.70 -67.76
N GLU GA 327 70.54 34.77 -66.95
CA GLU GA 327 69.39 33.89 -67.07
C GLU GA 327 68.16 34.60 -67.63
N VAL GA 328 68.36 35.52 -68.57
CA VAL GA 328 67.27 36.35 -69.06
C VAL GA 328 66.26 35.51 -69.83
N ASP GA 329 65.02 35.98 -69.81
CA ASP GA 329 63.95 35.33 -70.56
C ASP GA 329 64.22 35.50 -72.05
N PRO GA 330 64.35 34.41 -72.82
CA PRO GA 330 64.74 34.52 -74.22
C PRO GA 330 63.62 34.83 -75.18
N THR GA 331 62.41 35.16 -74.71
CA THR GA 331 61.35 35.52 -75.64
C THR GA 331 61.45 36.96 -76.12
N GLN GA 332 62.02 37.86 -75.31
CA GLN GA 332 62.10 39.27 -75.64
C GLN GA 332 63.35 39.63 -76.42
N VAL GA 333 64.26 38.68 -76.64
CA VAL GA 333 65.54 39.03 -77.27
C VAL GA 333 65.32 39.52 -78.70
N HIS GA 334 64.41 38.88 -79.43
CA HIS GA 334 64.15 39.33 -80.79
C HIS GA 334 63.43 40.68 -80.79
N LYS GA 335 62.81 41.04 -79.66
CA LYS GA 335 62.16 42.33 -79.57
C LYS GA 335 63.17 43.45 -79.40
N SER GA 336 64.24 43.20 -78.62
CA SER GA 336 65.24 44.23 -78.39
C SER GA 336 65.93 44.62 -79.70
N LEU GA 337 66.27 43.62 -80.53
CA LEU GA 337 66.84 43.92 -81.83
C LEU GA 337 65.91 44.80 -82.66
N GLN GA 338 64.61 44.54 -82.58
CA GLN GA 338 63.64 45.34 -83.38
C GLN GA 338 63.76 46.81 -82.96
N ARG GA 339 63.57 47.06 -81.66
CA ARG GA 339 63.62 48.44 -81.12
C ARG GA 339 65.02 49.02 -81.37
N ILE GA 340 66.06 48.22 -81.14
CA ILE GA 340 67.46 48.71 -81.34
C ILE GA 340 67.68 49.08 -82.81
N ARG GA 341 67.21 48.23 -83.74
CA ARG GA 341 67.41 48.53 -85.18
C ARG GA 341 66.68 49.82 -85.53
N GLU GA 342 65.44 49.97 -85.02
CA GLU GA 342 64.64 51.19 -85.31
C GLU GA 342 65.38 52.42 -84.79
N ARG GA 343 65.91 52.35 -83.56
CA ARG GA 343 66.62 53.52 -82.96
C ARG GA 343 67.78 53.89 -83.88
N LYS GA 344 68.21 52.93 -84.70
CA LYS GA 344 69.33 53.12 -85.68
C LYS GA 344 70.50 53.71 -84.89
N LEU GA 345 70.72 53.17 -83.70
CA LEU GA 345 71.76 53.58 -82.76
C LEU GA 345 73.17 53.31 -83.27
N ALA GA 346 73.34 52.35 -84.17
CA ALA GA 346 74.66 52.02 -84.70
C ALA GA 346 74.60 51.92 -86.21
N ASN GA 347 75.65 52.40 -86.86
CA ASN GA 347 75.76 52.40 -88.31
C ASN GA 347 76.56 51.19 -88.78
N PHE GA 348 76.35 50.83 -90.05
CA PHE GA 348 76.96 49.63 -90.63
C PHE GA 348 77.39 49.90 -92.05
N ILE GA 349 78.15 48.95 -92.60
CA ILE GA 349 78.66 49.02 -93.96
C ILE GA 349 77.51 48.99 -94.94
N PRO GA 350 77.60 49.68 -96.08
CA PRO GA 350 76.52 49.62 -97.06
C PRO GA 350 76.76 48.58 -98.14
N TRP GA 351 77.95 47.99 -98.17
CA TRP GA 351 78.29 47.08 -99.26
C TRP GA 351 77.92 45.62 -98.92
N GLY GA 352 78.29 45.18 -97.72
CA GLY GA 352 78.11 43.79 -97.36
C GLY GA 352 76.93 43.56 -96.44
N PRO GA 353 76.12 42.56 -96.75
CA PRO GA 353 75.04 42.17 -95.84
C PRO GA 353 75.56 41.49 -94.59
N ALA GA 354 75.32 42.09 -93.44
CA ALA GA 354 75.66 41.47 -92.16
C ALA GA 354 74.62 41.89 -91.12
N SER GA 355 74.78 41.40 -89.90
CA SER GA 355 73.84 41.68 -88.83
C SER GA 355 74.58 41.75 -87.51
N ILE GA 356 73.81 41.71 -86.42
CA ILE GA 356 74.35 41.72 -85.07
C ILE GA 356 74.08 40.35 -84.45
N GLN GA 357 75.11 39.75 -83.88
CA GLN GA 357 75.04 38.41 -83.32
C GLN GA 357 74.80 38.50 -81.82
N VAL GA 358 73.88 37.68 -81.32
CA VAL GA 358 73.58 37.60 -79.90
C VAL GA 358 73.51 36.13 -79.51
N ALA GA 359 74.22 35.78 -78.44
CA ALA GA 359 74.29 34.40 -77.98
C ALA GA 359 74.18 34.37 -76.46
N LEU GA 360 73.45 33.37 -75.97
CA LEU GA 360 73.20 33.20 -74.55
C LEU GA 360 74.24 32.26 -73.95
N SER GA 361 74.23 32.19 -72.63
CA SER GA 361 75.10 31.27 -71.89
C SER GA 361 74.49 31.06 -70.52
N ARG GA 362 75.27 30.47 -69.61
CA ARG GA 362 74.86 30.28 -68.23
C ARG GA 362 76.02 30.61 -67.31
N LYS GA 363 75.73 31.35 -66.25
CA LYS GA 363 76.76 31.67 -65.28
C LYS GA 363 77.10 30.44 -64.43
N SER GA 364 78.33 30.43 -63.93
CA SER GA 364 78.79 29.32 -63.12
C SER GA 364 78.03 29.25 -61.81
N PRO GA 365 77.27 28.19 -61.55
CA PRO GA 365 76.52 28.13 -60.29
C PRO GA 365 77.41 28.04 -59.07
N TYR GA 366 78.66 27.59 -59.22
CA TYR GA 366 79.56 27.49 -58.08
C TYR GA 366 80.13 28.85 -57.67
N LEU GA 367 79.79 29.92 -58.40
CA LEU GA 367 80.30 31.24 -58.07
C LEU GA 367 79.60 31.83 -56.85
N ARG GA 372 71.04 38.43 -61.32
CA ARG GA 372 72.40 38.69 -61.76
C ARG GA 372 72.57 38.31 -63.23
N VAL GA 373 72.84 39.32 -64.06
CA VAL GA 373 72.98 39.13 -65.50
C VAL GA 373 74.13 39.98 -66.00
N SER GA 374 75.02 39.40 -66.79
CA SER GA 374 76.15 40.10 -67.37
C SER GA 374 75.97 40.17 -68.89
N GLY GA 375 76.97 40.73 -69.56
CA GLY GA 375 76.93 40.82 -71.00
C GLY GA 375 78.20 41.36 -71.61
N LEU GA 376 78.69 40.69 -72.66
CA LEU GA 376 79.89 41.11 -73.36
C LEU GA 376 79.61 41.16 -74.86
N MET GA 377 80.29 42.07 -75.53
CA MET GA 377 80.06 42.29 -76.96
C MET GA 377 81.39 42.29 -77.69
N MET GA 378 81.44 41.59 -78.81
CA MET GA 378 82.61 41.54 -79.68
C MET GA 378 82.34 42.42 -80.90
N ALA GA 379 83.28 43.31 -81.21
CA ALA GA 379 83.10 44.30 -82.25
C ALA GA 379 84.27 44.31 -83.21
N ASN GA 380 83.97 44.47 -84.48
CA ASN GA 380 84.97 44.68 -85.53
C ASN GA 380 84.68 46.05 -86.15
N HIS GA 381 85.25 47.08 -85.55
CA HIS GA 381 84.97 48.46 -85.93
C HIS GA 381 86.14 49.03 -86.72
N THR GA 382 85.81 49.73 -87.80
CA THR GA 382 86.84 50.34 -88.64
C THR GA 382 87.53 51.51 -87.95
N SER GA 383 87.08 51.91 -86.77
CA SER GA 383 87.74 53.00 -86.07
C SER GA 383 89.07 52.58 -85.46
N ILE GA 384 89.38 51.28 -85.47
CA ILE GA 384 90.63 50.80 -84.88
C ILE GA 384 91.82 51.23 -85.73
N SER GA 385 91.58 51.61 -86.98
CA SER GA 385 92.67 52.08 -87.83
C SER GA 385 93.30 53.34 -87.27
N SER GA 386 92.53 54.11 -86.50
CA SER GA 386 93.05 55.33 -85.88
C SER GA 386 94.23 55.01 -84.96
N LEU GA 387 94.12 53.94 -84.19
CA LEU GA 387 95.19 53.58 -83.26
C LEU GA 387 96.50 53.32 -83.98
N PHE GA 388 96.44 52.61 -85.10
CA PHE GA 388 97.65 52.31 -85.86
C PHE GA 388 98.34 53.60 -86.29
N GLU GA 389 97.56 54.59 -86.70
CA GLU GA 389 98.14 55.85 -87.18
C GLU GA 389 99.07 56.45 -86.14
N ARG GA 390 98.67 56.42 -84.87
CA ARG GA 390 99.47 57.01 -83.81
C ARG GA 390 100.87 56.40 -83.75
N THR GA 391 100.90 55.06 -83.85
CA THR GA 391 102.19 54.31 -83.85
C THR GA 391 103.01 54.76 -85.06
N CYS GA 392 102.40 54.72 -86.25
CA CYS GA 392 103.07 55.13 -87.48
C CYS GA 392 103.46 56.61 -87.43
N ARG GA 393 102.57 57.45 -86.89
CA ARG GA 393 102.89 58.86 -86.77
C ARG GA 393 104.08 59.10 -85.86
N GLN GA 394 104.12 58.38 -84.73
CA GLN GA 394 105.26 58.51 -83.83
C GLN GA 394 106.54 58.03 -84.48
N TYR GA 395 106.48 56.86 -85.13
CA TYR GA 395 107.66 56.29 -85.76
C TYR GA 395 108.28 57.26 -86.77
N ASP GA 396 107.45 57.90 -87.58
CA ASP GA 396 107.94 58.86 -88.56
C ASP GA 396 108.68 60.00 -87.86
N LYS GA 397 108.21 60.39 -86.67
CA LYS GA 397 108.96 61.34 -85.86
C LYS GA 397 110.29 60.77 -85.41
N LEU GA 398 110.32 59.48 -85.06
CA LEU GA 398 111.57 58.85 -84.65
C LEU GA 398 112.54 58.67 -85.81
N ARG GA 399 112.05 58.34 -87.00
CA ARG GA 399 112.91 58.18 -88.16
C ARG GA 399 113.67 59.45 -88.51
N LYS GA 400 113.21 60.61 -88.02
CA LYS GA 400 113.90 61.86 -88.22
C LYS GA 400 114.49 62.38 -86.92
N ARG GA 401 114.61 61.52 -85.91
CA ARG GA 401 115.21 61.89 -84.63
C ARG GA 401 116.26 60.92 -84.12
N GLU GA 402 116.36 59.72 -84.70
CA GLU GA 402 117.35 58.72 -84.30
C GLU GA 402 117.28 58.40 -82.81
N ASP GA 416 121.63 45.38 -89.72
CA ASP GA 416 122.80 45.79 -90.47
C ASP GA 416 122.41 46.59 -91.71
N ASN GA 417 121.11 46.66 -91.98
CA ASN GA 417 120.58 47.38 -93.13
C ASN GA 417 119.44 48.33 -92.78
N PHE GA 418 118.66 48.01 -91.76
CA PHE GA 418 117.50 48.82 -91.34
C PHE GA 418 116.43 48.89 -92.42
N ASP GA 419 116.27 47.80 -93.18
CA ASP GA 419 115.23 47.73 -94.20
C ASP GA 419 114.02 46.93 -93.77
N GLU GA 420 114.18 46.00 -92.84
CA GLU GA 420 113.03 45.24 -92.33
C GLU GA 420 111.99 46.17 -91.72
N MET GA 421 112.44 47.16 -90.95
CA MET GA 421 111.52 48.17 -90.43
C MET GA 421 110.86 48.93 -91.56
N ASP GA 422 111.58 49.15 -92.65
CA ASP GA 422 111.02 49.94 -93.76
C ASP GA 422 109.95 49.15 -94.50
N THR GA 423 110.17 47.85 -94.72
CA THR GA 423 109.15 47.03 -95.36
C THR GA 423 107.90 46.93 -94.51
N SER GA 424 108.08 46.72 -93.19
CA SER GA 424 106.93 46.68 -92.30
C SER GA 424 106.18 48.01 -92.32
N ARG GA 425 106.92 49.13 -92.32
CA ARG GA 425 106.29 50.43 -92.47
C ARG GA 425 105.36 50.47 -93.66
N GLU GA 426 105.73 49.81 -94.75
CA GLU GA 426 104.86 49.77 -95.92
C GLU GA 426 103.64 48.91 -95.68
N ILE GA 427 103.84 47.70 -95.14
CA ILE GA 427 102.73 46.75 -95.04
C ILE GA 427 101.71 47.21 -94.01
N VAL GA 428 102.14 47.92 -92.97
CA VAL GA 428 101.18 48.45 -92.00
C VAL GA 428 100.38 49.58 -92.62
N GLN GA 429 100.99 50.37 -93.50
CA GLN GA 429 100.25 51.43 -94.18
C GLN GA 429 99.15 50.86 -95.06
N GLN GA 430 99.38 49.68 -95.62
CA GLN GA 430 98.37 49.05 -96.45
C GLN GA 430 97.11 48.75 -95.66
N LEU GA 431 97.28 48.28 -94.42
CA LEU GA 431 96.12 47.93 -93.61
C LEU GA 431 95.28 49.16 -93.28
N ILE GA 432 95.95 50.30 -93.03
CA ILE GA 432 95.22 51.53 -92.76
C ILE GA 432 94.35 51.90 -93.96
N ASP GA 433 94.88 51.75 -95.16
CA ASP GA 433 94.08 52.04 -96.35
C ASP GA 433 92.91 51.07 -96.48
N GLU GA 434 93.13 49.79 -96.18
CA GLU GA 434 92.07 48.81 -96.36
C GLU GA 434 90.87 49.10 -95.46
N TYR GA 435 91.12 49.50 -94.21
CA TYR GA 435 90.03 49.95 -93.36
C TYR GA 435 89.37 51.21 -93.90
N HIS GA 436 90.18 52.22 -94.21
CA HIS GA 436 89.64 53.45 -94.78
C HIS GA 436 88.82 53.18 -96.03
N ALA GA 437 89.31 52.29 -96.90
CA ALA GA 437 88.54 51.94 -98.09
C ALA GA 437 87.30 51.11 -97.75
N ALA GA 438 87.26 50.49 -96.57
CA ALA GA 438 86.15 49.60 -96.26
C ALA GA 438 84.87 50.36 -95.92
N THR GA 439 84.99 51.61 -95.46
CA THR GA 439 83.84 52.41 -95.10
C THR GA 439 83.19 53.07 -96.30
N ARG GA 440 83.68 52.80 -97.50
CA ARG GA 440 83.14 53.36 -98.72
C ARG GA 440 81.98 52.51 -99.24
N PRO GA 441 81.04 53.12 -99.96
CA PRO GA 441 80.01 52.32 -100.64
C PRO GA 441 80.57 51.39 -101.68
N ASP GA 442 81.84 51.57 -102.08
CA ASP GA 442 82.45 50.73 -103.12
C ASP GA 442 83.79 50.20 -102.64
N TYR GA 443 83.83 49.64 -101.43
CA TYR GA 443 85.08 49.05 -100.95
C TYR GA 443 85.54 47.91 -101.84
N ILE GA 444 84.62 47.01 -102.21
CA ILE GA 444 84.99 45.88 -103.06
C ILE GA 444 85.54 46.41 -104.39
N SER GA 445 86.56 45.72 -104.90
CA SER GA 445 87.28 46.15 -106.10
C SER GA 445 87.75 47.60 -106.00
N ARG HA 3 102.98 -26.78 -55.54
CA ARG HA 3 104.17 -26.24 -56.18
C ARG HA 3 104.61 -24.96 -55.48
N GLU HA 4 105.75 -25.04 -54.79
CA GLU HA 4 106.18 -24.01 -53.86
C GLU HA 4 107.30 -23.17 -54.45
N ILE HA 5 107.52 -22.00 -53.86
CA ILE HA 5 108.61 -21.10 -54.24
C ILE HA 5 109.42 -20.79 -52.99
N ILE HA 6 110.74 -20.87 -53.10
CA ILE HA 6 111.65 -20.66 -51.99
C ILE HA 6 112.30 -19.29 -52.15
N THR HA 7 112.46 -18.58 -51.03
CA THR HA 7 113.03 -17.24 -51.03
C THR HA 7 114.45 -17.26 -50.48
N LEU HA 8 115.25 -16.31 -50.95
CA LEU HA 8 116.64 -16.16 -50.54
C LEU HA 8 116.96 -14.68 -50.40
N GLN HA 9 117.44 -14.30 -49.21
CA GLN HA 9 117.75 -12.91 -48.91
C GLN HA 9 119.25 -12.76 -48.76
N LEU HA 10 119.85 -11.87 -49.55
CA LEU HA 10 121.29 -11.75 -49.63
C LEU HA 10 121.73 -10.34 -49.20
N GLY HA 11 122.80 -10.29 -48.42
CA GLY HA 11 123.34 -9.02 -47.97
C GLY HA 11 122.43 -8.26 -47.04
N GLN HA 12 122.88 -7.10 -46.56
CA GLN HA 12 122.05 -6.28 -45.69
C GLN HA 12 120.74 -5.91 -46.38
N CYS HA 13 120.82 -5.51 -47.65
CA CYS HA 13 119.63 -5.10 -48.38
C CYS HA 13 118.62 -6.24 -48.47
N GLY HA 14 119.02 -7.36 -49.07
CA GLY HA 14 118.10 -8.46 -49.27
C GLY HA 14 117.48 -8.96 -47.99
N ASN HA 15 118.27 -9.03 -46.92
CA ASN HA 15 117.73 -9.45 -45.63
C ASN HA 15 116.76 -8.41 -45.08
N GLN HA 16 117.01 -7.13 -45.37
CA GLN HA 16 116.10 -6.08 -44.92
C GLN HA 16 114.77 -6.16 -45.67
N ILE HA 17 114.82 -6.19 -47.00
CA ILE HA 17 113.58 -6.14 -47.78
C ILE HA 17 112.77 -7.42 -47.59
N GLY HA 18 113.42 -8.56 -47.40
CA GLY HA 18 112.69 -9.80 -47.21
C GLY HA 18 111.99 -9.86 -45.87
N PHE HA 19 112.68 -9.44 -44.81
CA PHE HA 19 112.09 -9.48 -43.47
C PHE HA 19 110.83 -8.64 -43.40
N GLU HA 20 110.88 -7.39 -43.86
CA GLU HA 20 109.68 -6.57 -43.89
C GLU HA 20 108.60 -7.17 -44.76
N PHE HA 21 108.98 -7.77 -45.89
CA PHE HA 21 108.01 -8.48 -46.71
C PHE HA 21 107.42 -9.67 -45.96
N TRP HA 22 108.24 -10.36 -45.17
CA TRP HA 22 107.71 -11.45 -44.36
C TRP HA 22 106.86 -10.92 -43.21
N LYS HA 23 107.14 -9.70 -42.76
CA LYS HA 23 106.29 -9.07 -41.75
C LYS HA 23 104.88 -8.86 -42.28
N GLN HA 24 104.76 -8.14 -43.39
CA GLN HA 24 103.43 -7.83 -43.92
C GLN HA 24 102.73 -9.08 -44.42
N LEU HA 25 103.47 -10.01 -45.02
CA LEU HA 25 102.85 -11.25 -45.48
C LEU HA 25 102.28 -12.05 -44.31
N CYS HA 26 103.00 -12.10 -43.20
CA CYS HA 26 102.44 -12.71 -42.01
C CYS HA 26 101.35 -11.86 -41.41
N ALA HA 27 101.38 -10.54 -41.64
CA ALA HA 27 100.29 -9.68 -41.20
C ALA HA 27 99.04 -9.92 -42.02
N GLU HA 28 99.18 -10.08 -43.35
CA GLU HA 28 98.02 -10.34 -44.19
C GLU HA 28 97.39 -11.69 -43.85
N HIS HA 29 98.19 -12.74 -43.83
CA HIS HA 29 97.71 -14.05 -43.44
C HIS HA 29 97.31 -14.04 -41.97
N GLY HA 30 96.51 -15.04 -41.57
CA GLY HA 30 96.10 -15.14 -40.19
C GLY HA 30 97.10 -15.90 -39.36
N ILE HA 31 98.36 -15.49 -39.42
CA ILE HA 31 99.46 -16.15 -38.71
C ILE HA 31 100.07 -15.15 -37.76
N SER HA 32 99.99 -15.44 -36.47
CA SER HA 32 100.57 -14.58 -35.45
C SER HA 32 102.09 -14.51 -35.61
N PRO HA 33 102.73 -13.45 -35.08
CA PRO HA 33 104.19 -13.32 -35.21
C PRO HA 33 104.97 -14.51 -34.69
N GLU HA 34 104.39 -15.26 -33.75
CA GLU HA 34 105.05 -16.41 -33.17
C GLU HA 34 104.87 -17.68 -33.99
N ALA HA 35 104.56 -17.55 -35.28
CA ALA HA 35 104.42 -18.69 -36.19
C ALA HA 35 103.37 -19.68 -35.70
N ILE HA 36 102.37 -19.18 -34.98
CA ILE HA 36 101.26 -19.98 -34.48
C ILE HA 36 99.97 -19.44 -35.08
N VAL HA 37 99.12 -20.35 -35.58
CA VAL HA 37 97.91 -19.95 -36.27
C VAL HA 37 96.98 -19.22 -35.30
N GLU HA 38 96.34 -18.16 -35.80
CA GLU HA 38 95.34 -17.41 -35.04
C GLU HA 38 93.94 -17.86 -35.44
N GLU HA 39 93.05 -17.88 -34.44
CA GLU HA 39 91.70 -18.38 -34.68
C GLU HA 39 90.91 -17.44 -35.59
N PHE HA 40 90.70 -16.21 -35.15
CA PHE HA 40 89.92 -15.21 -35.88
C PHE HA 40 88.57 -15.76 -36.34
N THR HA 45 90.42 -20.60 -46.15
CA THR HA 45 90.05 -20.00 -47.42
C THR HA 45 91.29 -19.75 -48.28
N ASP HA 46 92.43 -19.68 -47.61
CA ASP HA 46 93.70 -19.40 -48.28
C ASP HA 46 94.57 -20.65 -48.34
N ARG HA 47 94.98 -21.03 -49.54
CA ARG HA 47 95.96 -22.09 -49.72
C ARG HA 47 97.36 -21.51 -49.50
N LYS HA 48 98.02 -21.93 -48.42
CA LYS HA 48 99.29 -21.34 -48.02
C LYS HA 48 100.44 -22.34 -48.04
N ASP HA 49 100.25 -23.52 -48.62
CA ASP HA 49 101.32 -24.50 -48.67
C ASP HA 49 102.44 -24.08 -49.61
N VAL HA 50 102.16 -23.21 -50.57
CA VAL HA 50 103.18 -22.77 -51.51
C VAL HA 50 104.22 -21.90 -50.79
N PHE HA 51 103.76 -21.03 -49.90
CA PHE HA 51 104.66 -20.10 -49.23
C PHE HA 51 104.87 -20.41 -47.75
N PHE HA 52 104.30 -21.49 -47.24
CA PHE HA 52 104.52 -21.88 -45.85
C PHE HA 52 104.60 -23.39 -45.73
N TYR HA 53 105.38 -23.84 -44.74
CA TYR HA 53 105.51 -25.24 -44.40
C TYR HA 53 104.94 -25.48 -43.02
N GLN HA 54 104.17 -26.55 -42.88
CA GLN HA 54 103.59 -26.89 -41.59
C GLN HA 54 104.56 -27.72 -40.75
N TYR HA 60 103.86 -23.40 -38.35
CA TYR HA 60 104.15 -22.86 -39.68
C TYR HA 60 105.50 -22.16 -39.74
N ILE HA 61 106.35 -22.59 -40.66
CA ILE HA 61 107.70 -22.02 -40.80
C ILE HA 61 107.92 -21.64 -42.27
N PRO HA 62 108.28 -20.39 -42.53
CA PRO HA 62 108.52 -19.98 -43.92
C PRO HA 62 109.74 -20.66 -44.51
N ARG HA 63 109.70 -20.87 -45.84
CA ARG HA 63 110.82 -21.47 -46.55
C ARG HA 63 111.82 -20.38 -46.92
N ALA HA 64 112.46 -19.84 -45.89
CA ALA HA 64 113.37 -18.71 -46.02
C ALA HA 64 114.81 -19.18 -45.91
N VAL HA 65 115.67 -18.57 -46.72
CA VAL HA 65 117.11 -18.83 -46.69
C VAL HA 65 117.80 -17.47 -46.55
N LEU HA 66 118.10 -17.07 -45.33
CA LEU HA 66 118.74 -15.80 -45.09
C LEU HA 66 120.25 -15.94 -45.18
N LEU HA 67 120.92 -14.87 -45.63
CA LEU HA 67 122.36 -14.87 -45.76
C LEU HA 67 122.95 -13.52 -45.35
N ARG HA 72 125.83 -9.84 -40.27
CA ARG HA 72 125.69 -8.73 -39.35
C ARG HA 72 124.23 -8.45 -39.03
N VAL HA 73 123.39 -8.43 -40.06
CA VAL HA 73 121.98 -8.15 -39.87
C VAL HA 73 121.25 -9.34 -39.23
N ILE HA 74 121.89 -10.50 -39.21
CA ILE HA 74 121.27 -11.69 -38.59
C ILE HA 74 120.91 -11.40 -37.15
N HIS HA 75 121.79 -10.69 -36.42
CA HIS HA 75 121.49 -10.29 -35.06
C HIS HA 75 120.24 -9.43 -35.00
N SER HA 76 120.08 -8.53 -35.97
CA SER HA 76 118.92 -7.64 -35.97
C SER HA 76 117.63 -8.42 -36.18
N ILE HA 77 117.67 -9.45 -37.02
CA ILE HA 77 116.48 -10.26 -37.26
C ILE HA 77 116.10 -11.02 -36.00
N LEU HA 78 117.07 -11.64 -35.33
CA LEU HA 78 116.80 -12.37 -34.11
C LEU HA 78 116.26 -11.47 -33.00
N ASN HA 79 116.77 -10.25 -32.89
CA ASN HA 79 116.30 -9.32 -31.87
C ASN HA 79 114.84 -8.92 -32.04
N SER HA 80 114.30 -9.04 -33.26
CA SER HA 80 112.90 -8.77 -33.48
C SER HA 80 112.06 -9.84 -32.78
N PRO HA 81 110.83 -9.51 -32.39
CA PRO HA 81 109.95 -10.50 -31.77
C PRO HA 81 109.54 -11.64 -32.71
N TYR HA 82 110.04 -11.66 -33.95
CA TYR HA 82 109.72 -12.70 -34.91
C TYR HA 82 110.74 -13.83 -34.92
N ALA HA 83 111.37 -14.09 -33.77
CA ALA HA 83 112.40 -15.13 -33.70
C ALA HA 83 111.84 -16.53 -33.89
N LYS HA 84 110.51 -16.68 -33.84
CA LYS HA 84 109.86 -17.98 -34.00
C LYS HA 84 109.51 -18.29 -35.46
N LEU HA 85 109.97 -17.47 -36.40
CA LEU HA 85 109.57 -17.58 -37.79
C LEU HA 85 110.63 -18.20 -38.69
N TYR HA 86 111.49 -19.07 -38.14
CA TYR HA 86 112.51 -19.72 -38.94
C TYR HA 86 112.82 -21.12 -38.44
N GLY HA 101 134.55 -7.31 -47.70
CA GLY HA 101 134.76 -5.97 -48.22
C GLY HA 101 133.56 -5.45 -49.00
N ASN HA 102 133.84 -4.70 -50.06
CA ASN HA 102 132.79 -4.15 -50.92
C ASN HA 102 133.06 -4.41 -52.39
N ASN HA 103 133.83 -5.43 -52.73
CA ASN HA 103 134.13 -5.77 -54.11
C ASN HA 103 133.26 -6.93 -54.59
N TRP HA 104 132.91 -6.90 -55.87
CA TRP HA 104 132.15 -8.01 -56.43
C TRP HA 104 132.97 -9.29 -56.45
N ALA HA 105 134.23 -9.19 -56.89
CA ALA HA 105 135.10 -10.37 -56.88
C ALA HA 105 135.29 -10.90 -55.48
N SER HA 106 135.18 -10.03 -54.47
CA SER HA 106 135.26 -10.49 -53.10
C SER HA 106 134.10 -11.43 -52.78
N GLY HA 107 132.89 -11.07 -53.20
CA GLY HA 107 131.75 -11.95 -52.98
C GLY HA 107 131.85 -13.25 -53.76
N PHE HA 108 132.41 -13.17 -54.97
CA PHE HA 108 132.54 -14.38 -55.80
C PHE HA 108 133.44 -15.41 -55.16
N SER HA 109 134.54 -14.96 -54.54
CA SER HA 109 135.46 -15.89 -53.91
C SER HA 109 134.85 -16.52 -52.67
N GLN HA 110 134.21 -15.70 -51.82
CA GLN HA 110 133.62 -16.21 -50.59
C GLN HA 110 132.50 -17.21 -50.87
N GLY HA 111 131.84 -17.10 -52.03
CA GLY HA 111 130.79 -18.03 -52.36
C GLY HA 111 131.30 -19.43 -52.65
N GLU HA 112 132.40 -19.54 -53.39
CA GLU HA 112 132.99 -20.85 -53.64
C GLU HA 112 133.51 -21.48 -52.34
N LYS HA 113 133.93 -20.65 -51.39
CA LYS HA 113 134.43 -21.17 -50.12
C LYS HA 113 133.37 -21.95 -49.36
N ILE HA 114 132.11 -21.53 -49.45
CA ILE HA 114 131.02 -22.16 -48.72
C ILE HA 114 130.03 -22.77 -49.71
N HIS HA 115 130.55 -23.21 -50.85
CA HIS HA 115 129.73 -23.84 -51.89
C HIS HA 115 128.81 -24.91 -51.32
N GLU HA 116 129.39 -25.95 -50.72
CA GLU HA 116 128.57 -27.03 -50.17
C GLU HA 116 127.96 -26.63 -48.83
N ASP HA 117 128.46 -25.57 -48.21
CA ASP HA 117 127.94 -25.15 -46.92
C ASP HA 117 126.50 -24.66 -47.04
N ILE HA 118 126.22 -23.85 -48.07
CA ILE HA 118 124.87 -23.31 -48.22
C ILE HA 118 124.00 -24.23 -49.06
N PHE HA 119 124.58 -24.93 -50.04
CA PHE HA 119 123.77 -25.76 -50.94
C PHE HA 119 123.19 -26.97 -50.24
N ASP HA 120 123.77 -27.38 -49.11
CA ASP HA 120 123.14 -28.43 -48.30
C ASP HA 120 121.84 -27.91 -47.69
N ILE HA 121 121.82 -26.64 -47.30
CA ILE HA 121 120.58 -26.04 -46.79
C ILE HA 121 119.54 -25.95 -47.89
N ILE HA 122 119.97 -25.64 -49.12
CA ILE HA 122 119.05 -25.64 -50.25
C ILE HA 122 118.57 -27.05 -50.55
N ASP HA 123 119.50 -28.01 -50.58
CA ASP HA 123 119.15 -29.38 -50.96
C ASP HA 123 118.28 -30.05 -49.90
N ARG HA 124 118.57 -29.79 -48.62
CA ARG HA 124 117.73 -30.36 -47.56
C ARG HA 124 116.32 -29.80 -47.64
N GLU HA 125 116.16 -28.62 -48.22
CA GLU HA 125 114.82 -28.04 -48.36
C GLU HA 125 114.24 -28.33 -49.74
N ALA HA 126 115.05 -28.29 -50.79
CA ALA HA 126 114.58 -28.62 -52.13
C ALA HA 126 114.04 -30.04 -52.18
N ASP HA 127 114.91 -31.01 -51.87
CA ASP HA 127 114.43 -32.36 -51.67
C ASP HA 127 113.50 -32.47 -50.47
N GLY HA 128 113.59 -31.52 -49.53
CA GLY HA 128 112.62 -31.47 -48.45
C GLY HA 128 111.28 -30.93 -48.90
N SER HA 129 111.26 -30.16 -49.98
CA SER HA 129 110.01 -29.73 -50.57
C SER HA 129 109.48 -30.82 -51.49
N ASP HA 130 108.16 -30.99 -51.48
CA ASP HA 130 107.54 -32.03 -52.30
C ASP HA 130 107.79 -31.79 -53.78
N SER HA 131 107.32 -30.65 -54.30
CA SER HA 131 107.49 -30.30 -55.70
C SER HA 131 107.84 -28.82 -55.77
N LEU HA 132 109.14 -28.52 -55.80
CA LEU HA 132 109.58 -27.14 -55.90
C LEU HA 132 109.25 -26.57 -57.28
N GLU HA 133 108.93 -25.28 -57.32
CA GLU HA 133 108.47 -24.65 -58.54
C GLU HA 133 109.34 -23.49 -58.98
N GLY HA 134 109.84 -22.68 -58.05
CA GLY HA 134 110.61 -21.52 -58.44
C GLY HA 134 111.69 -21.10 -57.48
N PHE HA 135 112.36 -19.99 -57.80
CA PHE HA 135 113.50 -19.48 -57.03
C PHE HA 135 113.43 -17.95 -57.08
N VAL HA 136 112.89 -17.35 -56.02
CA VAL HA 136 112.85 -15.89 -55.95
C VAL HA 136 114.06 -15.39 -55.17
N LEU HA 137 114.59 -14.26 -55.60
CA LEU HA 137 115.85 -13.72 -55.06
C LEU HA 137 115.68 -12.23 -54.79
N CYS HA 138 116.01 -11.81 -53.58
CA CYS HA 138 115.99 -10.41 -53.19
C CYS HA 138 117.42 -9.98 -52.90
N HIS HA 139 118.00 -9.18 -53.77
CA HIS HA 139 119.40 -8.77 -53.61
C HIS HA 139 119.62 -7.43 -54.27
N SER HA 140 120.59 -6.68 -53.73
CA SER HA 140 120.98 -5.38 -54.26
C SER HA 140 122.30 -5.51 -55.00
N ILE HA 141 122.31 -5.08 -56.28
CA ILE HA 141 123.53 -5.10 -57.06
C ILE HA 141 124.37 -3.85 -56.86
N ALA HA 142 124.01 -3.00 -55.91
CA ALA HA 142 124.78 -1.78 -55.63
C ALA HA 142 126.03 -2.11 -54.82
N GLY HA 144 126.93 -4.76 -51.87
CA GLY HA 144 128.21 -5.03 -52.47
C GLY HA 144 128.54 -6.51 -52.53
N THR HA 145 128.52 -7.17 -51.38
CA THR HA 145 128.79 -8.60 -51.33
C THR HA 145 127.63 -9.44 -51.83
N GLY HA 146 126.40 -9.01 -51.57
CA GLY HA 146 125.25 -9.75 -52.09
C GLY HA 146 125.24 -9.82 -53.60
N SER HA 147 125.77 -8.79 -54.26
CA SER HA 147 125.88 -8.81 -55.71
C SER HA 147 126.87 -9.87 -56.17
N GLY HA 148 127.96 -10.04 -55.43
CA GLY HA 148 128.92 -11.08 -55.75
C GLY HA 148 128.39 -12.47 -55.43
N LEU HA 149 127.83 -12.64 -54.23
CA LEU HA 149 127.22 -13.91 -53.88
C LEU HA 149 126.04 -14.23 -54.79
N GLY HA 150 125.22 -13.22 -55.10
CA GLY HA 150 124.13 -13.44 -56.03
C GLY HA 150 124.62 -13.88 -57.40
N SER HA 151 125.75 -13.35 -57.84
CA SER HA 151 126.36 -13.81 -59.09
C SER HA 151 126.75 -15.28 -58.98
N TYR HA 152 127.15 -15.72 -57.78
CA TYR HA 152 127.53 -17.11 -57.59
C TYR HA 152 126.33 -18.04 -57.66
N LEU HA 153 125.20 -17.63 -57.07
CA LEU HA 153 124.03 -18.50 -57.01
C LEU HA 153 123.47 -18.78 -58.41
N LEU HA 154 123.44 -17.75 -59.27
CA LEU HA 154 122.82 -17.91 -60.58
C LEU HA 154 123.52 -18.97 -61.42
N GLU HA 155 124.83 -18.84 -61.61
CA GLU HA 155 125.57 -19.83 -62.36
C GLU HA 155 125.45 -21.20 -61.70
N ARG HA 156 125.37 -21.23 -60.37
CA ARG HA 156 125.28 -22.51 -59.66
C ARG HA 156 123.89 -23.11 -59.77
N LEU HA 157 122.85 -22.29 -59.70
CA LEU HA 157 121.49 -22.82 -59.74
C LEU HA 157 121.16 -23.39 -61.11
N ASN HA 158 121.68 -22.76 -62.17
CA ASN HA 158 121.48 -23.31 -63.51
C ASN HA 158 122.24 -24.62 -63.69
N ASP HA 159 123.32 -24.81 -62.94
CA ASP HA 159 124.11 -26.03 -63.06
C ASP HA 159 123.31 -27.25 -62.61
N ARG HA 160 122.84 -27.23 -61.36
CA ARG HA 160 122.22 -28.42 -60.78
C ARG HA 160 120.76 -28.57 -61.20
N TYR HA 161 119.94 -27.54 -60.98
CA TYR HA 161 118.51 -27.61 -61.23
C TYR HA 161 118.20 -27.08 -62.63
N PRO HA 162 117.89 -27.94 -63.60
CA PRO HA 162 117.63 -27.45 -64.96
C PRO HA 162 116.16 -27.21 -65.23
N LYS HA 163 115.29 -27.63 -64.32
CA LYS HA 163 113.85 -27.53 -64.50
C LYS HA 163 113.20 -26.61 -63.47
N LYS HA 164 113.95 -25.66 -62.93
CA LYS HA 164 113.48 -24.80 -61.85
C LYS HA 164 113.52 -23.35 -62.29
N LEU HA 165 112.41 -22.65 -62.09
CA LEU HA 165 112.33 -21.24 -62.45
C LEU HA 165 113.17 -20.40 -61.50
N VAL HA 166 113.80 -19.37 -62.05
CA VAL HA 166 114.62 -18.44 -61.29
C VAL HA 166 114.16 -17.02 -61.61
N GLN HA 167 113.45 -16.40 -60.69
CA GLN HA 167 113.06 -15.01 -60.79
C GLN HA 167 113.81 -14.18 -59.75
N THR HA 168 114.27 -13.01 -60.16
CA THR HA 168 115.11 -12.18 -59.30
C THR HA 168 114.46 -10.81 -59.15
N TYR HA 169 114.21 -10.42 -57.90
CA TYR HA 169 113.71 -9.07 -57.59
C TYR HA 169 114.88 -8.14 -57.27
N SER HA 170 115.78 -8.02 -58.23
CA SER HA 170 116.99 -7.23 -58.03
C SER HA 170 116.65 -5.77 -57.77
N VAL HA 171 117.54 -5.10 -57.05
CA VAL HA 171 117.39 -3.69 -56.70
C VAL HA 171 118.55 -2.93 -57.31
N PHE HA 172 118.26 -1.82 -57.92
CA PHE HA 172 119.29 -1.01 -58.55
C PHE HA 172 119.54 0.26 -57.75
N PRO HA 173 120.57 1.06 -58.08
CA PRO HA 173 120.73 2.33 -57.37
C PRO HA 173 119.58 3.29 -57.63
N VAL HA 183 133.17 2.95 -58.01
CA VAL HA 183 133.42 1.56 -57.67
C VAL HA 183 132.13 0.75 -57.81
N GLN HA 184 131.00 1.43 -57.70
CA GLN HA 184 129.71 0.77 -57.87
C GLN HA 184 129.43 0.34 -59.30
N PRO HA 185 129.80 1.10 -60.35
CA PRO HA 185 129.56 0.60 -61.71
C PRO HA 185 130.10 -0.80 -61.97
N TYR HA 186 131.27 -1.12 -61.43
CA TYR HA 186 131.86 -2.44 -61.64
C TYR HA 186 130.95 -3.55 -61.13
N ASN HA 187 130.64 -3.50 -59.83
CA ASN HA 187 129.82 -4.56 -59.23
C ASN HA 187 128.47 -4.68 -59.91
N SER HA 188 127.91 -3.56 -60.37
CA SER HA 188 126.61 -3.60 -61.02
C SER HA 188 126.70 -4.32 -62.36
N LEU HA 189 127.62 -3.89 -63.22
CA LEU HA 189 127.65 -4.39 -64.60
C LEU HA 189 127.90 -5.89 -64.66
N LEU HA 190 128.69 -6.43 -63.72
CA LEU HA 190 128.93 -7.87 -63.70
C LEU HA 190 127.66 -8.64 -63.41
N THR HA 191 126.92 -8.23 -62.38
CA THR HA 191 125.67 -8.91 -62.06
C THR HA 191 124.72 -8.90 -63.25
N LEU HA 192 124.74 -7.84 -64.05
CA LEU HA 192 123.96 -7.82 -65.28
C LEU HA 192 124.39 -8.96 -66.21
N LYS HA 193 125.68 -9.08 -66.46
CA LYS HA 193 126.18 -10.15 -67.32
C LYS HA 193 125.69 -11.51 -66.86
N ARG HA 194 125.74 -11.75 -65.55
CA ARG HA 194 125.20 -12.99 -65.00
C ARG HA 194 123.68 -13.07 -65.14
N LEU HA 195 122.98 -11.97 -64.89
CA LEU HA 195 121.53 -11.95 -64.96
C LEU HA 195 120.99 -11.99 -66.38
N THR HA 196 121.83 -11.71 -67.37
CA THR HA 196 121.36 -11.65 -68.75
C THR HA 196 121.07 -13.01 -69.36
N GLN HA 197 121.61 -14.10 -68.80
CA GLN HA 197 121.45 -15.40 -69.43
C GLN HA 197 121.10 -16.49 -68.42
N ASN HA 198 121.22 -16.19 -67.14
CA ASN HA 198 120.96 -17.19 -66.10
C ASN HA 198 119.51 -17.14 -65.61
N ALA HA 199 119.06 -15.95 -65.21
CA ALA HA 199 117.73 -15.81 -64.61
C ALA HA 199 116.65 -16.00 -65.66
N ASP HA 200 115.56 -16.68 -65.26
CA ASP HA 200 114.42 -16.86 -66.14
C ASP HA 200 113.55 -15.62 -66.25
N CYS HA 201 113.69 -14.66 -65.34
CA CYS HA 201 112.91 -13.44 -65.35
C CYS HA 201 113.63 -12.41 -64.49
N LEU HA 202 113.12 -11.19 -64.51
CA LEU HA 202 113.76 -10.11 -63.76
C LEU HA 202 112.76 -8.98 -63.56
N VAL HA 203 112.77 -8.40 -62.37
CA VAL HA 203 111.93 -7.26 -62.04
C VAL HA 203 112.83 -6.16 -61.47
N VAL HA 204 112.91 -5.06 -62.18
CA VAL HA 204 113.78 -3.95 -61.79
C VAL HA 204 113.11 -3.19 -60.65
N LEU HA 205 113.94 -2.73 -59.70
CA LEU HA 205 113.49 -1.84 -58.64
C LEU HA 205 114.61 -0.84 -58.38
N ASP HA 206 114.52 0.33 -58.99
CA ASP HA 206 115.56 1.35 -58.87
C ASP HA 206 115.27 2.23 -57.66
N ASN HA 207 116.32 2.52 -56.88
CA ASN HA 207 116.15 3.33 -55.68
C ASN HA 207 115.85 4.78 -55.99
N THR HA 208 116.39 5.32 -57.09
CA THR HA 208 116.19 6.73 -57.41
C THR HA 208 114.72 7.03 -57.63
N ALA HA 209 114.05 6.27 -58.50
CA ALA HA 209 112.61 6.44 -58.67
C ALA HA 209 111.87 6.19 -57.36
N LEU HA 210 112.33 5.21 -56.57
CA LEU HA 210 111.74 4.98 -55.26
C LEU HA 210 112.04 6.15 -54.32
N ASN HA 211 113.22 6.74 -54.46
CA ASN HA 211 113.54 7.94 -53.68
C ASN HA 211 112.59 9.08 -54.03
N ARG HA 212 112.13 9.14 -55.28
CA ARG HA 212 111.21 10.19 -55.69
C ARG HA 212 109.87 10.06 -54.98
N ILE HA 213 109.32 8.83 -54.95
CA ILE HA 213 108.04 8.61 -54.28
C ILE HA 213 108.17 8.85 -52.79
N ALA HA 214 109.38 8.69 -52.25
CA ALA HA 214 109.60 8.90 -50.82
C ALA HA 214 109.28 10.33 -50.41
N THR HA 215 109.59 11.30 -51.28
CA THR HA 215 109.33 12.69 -50.93
C THR HA 215 107.97 13.17 -51.44
N ASP HA 216 107.58 12.75 -52.65
CA ASP HA 216 106.38 13.28 -53.28
C ASP HA 216 105.13 12.98 -52.46
N ARG HA 217 104.81 11.71 -52.26
CA ARG HA 217 103.57 11.31 -51.61
C ARG HA 217 103.77 10.86 -50.17
N LEU HA 218 104.97 11.02 -49.61
CA LEU HA 218 105.22 10.67 -48.22
C LEU HA 218 105.89 11.77 -47.41
N HIS HA 219 106.66 12.66 -48.06
CA HIS HA 219 107.28 13.80 -47.39
C HIS HA 219 108.23 13.35 -46.27
N ILE HA 220 109.27 12.61 -46.66
CA ILE HA 220 110.24 12.12 -45.69
C ILE HA 220 111.53 12.95 -45.66
N GLN HA 221 111.96 13.49 -46.78
CA GLN HA 221 113.21 14.23 -46.84
C GLN HA 221 113.13 15.40 -47.81
N SER HA 224 114.56 7.71 -46.06
CA SER HA 224 114.94 6.75 -45.03
C SER HA 224 114.84 5.32 -45.54
N PHE HA 225 115.84 4.50 -45.21
CA PHE HA 225 115.85 3.11 -45.68
C PHE HA 225 114.66 2.33 -45.12
N SER HA 226 114.37 2.51 -43.82
CA SER HA 226 113.28 1.77 -43.20
C SER HA 226 111.91 2.17 -43.71
N GLN HA 227 111.81 3.20 -44.54
CA GLN HA 227 110.53 3.67 -45.05
C GLN HA 227 110.31 3.34 -46.52
N ILE HA 228 111.35 3.41 -47.35
CA ILE HA 228 111.19 3.08 -48.75
C ILE HA 228 110.82 1.62 -48.92
N ASN HA 229 111.33 0.74 -48.06
CA ASN HA 229 111.03 -0.68 -48.20
C ASN HA 229 109.57 -0.97 -47.90
N GLN HA 230 108.89 -0.09 -47.16
CA GLN HA 230 107.47 -0.27 -46.89
C GLN HA 230 106.68 -0.38 -48.21
N LEU HA 231 107.10 0.36 -49.22
CA LEU HA 231 106.48 0.23 -50.54
C LEU HA 231 106.95 -1.04 -51.24
N VAL HA 232 108.22 -1.39 -51.06
CA VAL HA 232 108.78 -2.56 -51.74
C VAL HA 232 108.07 -3.82 -51.29
N SER HA 233 107.81 -3.95 -49.98
CA SER HA 233 107.04 -5.07 -49.49
C SER HA 233 105.64 -5.09 -50.08
N THR HA 234 104.99 -3.93 -50.17
CA THR HA 234 103.69 -3.85 -50.80
C THR HA 234 103.77 -4.26 -52.27
N ILE HA 235 104.85 -3.88 -52.94
CA ILE HA 235 105.05 -4.30 -54.33
C ILE HA 235 105.21 -5.81 -54.41
N MET HA 236 105.97 -6.39 -53.47
CA MET HA 236 106.21 -7.82 -53.50
C MET HA 236 104.96 -8.61 -53.14
N SER HA 237 104.30 -8.24 -52.03
CA SER HA 237 103.14 -8.99 -51.56
C SER HA 237 102.03 -8.99 -52.60
N ALA HA 238 101.67 -7.82 -53.12
CA ALA HA 238 100.61 -7.73 -54.10
C ALA HA 238 100.97 -8.41 -55.42
N SER HA 239 102.26 -8.65 -55.67
CA SER HA 239 102.67 -9.27 -56.92
C SER HA 239 102.22 -10.72 -57.00
N THR HA 240 102.24 -11.44 -55.88
CA THR HA 240 101.94 -12.86 -55.85
C THR HA 240 100.59 -13.14 -55.19
N THR HA 241 99.67 -12.19 -55.24
CA THR HA 241 98.38 -12.38 -54.57
C THR HA 241 97.56 -13.46 -55.25
N THR HA 242 97.65 -13.56 -56.58
CA THR HA 242 96.93 -14.60 -57.30
C THR HA 242 97.43 -16.00 -56.96
N LEU HA 243 98.64 -16.11 -56.42
CA LEU HA 243 99.16 -17.44 -56.08
C LEU HA 243 98.80 -17.84 -54.66
N ARG HA 244 98.72 -16.89 -53.73
CA ARG HA 244 98.38 -17.21 -52.36
C ARG HA 244 96.88 -17.31 -52.14
N TYR HA 245 96.08 -16.58 -52.92
CA TYR HA 245 94.63 -16.73 -52.90
C TYR HA 245 94.18 -17.33 -54.21
N PRO HA 246 93.82 -18.60 -54.26
CA PRO HA 246 93.54 -19.26 -55.54
C PRO HA 246 92.32 -18.66 -56.22
N GLY HA 247 92.42 -18.54 -57.54
CA GLY HA 247 91.30 -18.12 -58.35
C GLY HA 247 91.07 -19.07 -59.50
N TYR HA 248 90.50 -18.59 -60.60
CA TYR HA 248 90.31 -19.44 -61.76
C TYR HA 248 91.54 -19.46 -62.65
N MET HA 249 92.06 -18.29 -62.99
CA MET HA 249 93.23 -18.16 -63.84
C MET HA 249 94.48 -17.98 -62.97
N ASN HA 250 95.63 -18.24 -63.59
CA ASN HA 250 96.93 -17.92 -62.99
C ASN HA 250 97.11 -18.63 -61.64
N ASN HA 251 97.15 -19.95 -61.70
CA ASN HA 251 97.43 -20.77 -60.54
C ASN HA 251 98.88 -21.27 -60.50
N ASP HA 252 99.77 -20.67 -61.29
CA ASP HA 252 101.18 -20.97 -61.21
C ASP HA 252 101.97 -19.75 -61.68
N LEU HA 253 103.16 -19.58 -61.10
CA LEU HA 253 103.96 -18.41 -61.43
C LEU HA 253 104.38 -18.40 -62.90
N ILE HA 254 104.59 -19.59 -63.49
CA ILE HA 254 104.88 -19.64 -64.91
C ILE HA 254 103.68 -19.15 -65.72
N GLY HA 255 102.49 -19.19 -65.14
CA GLY HA 255 101.32 -18.70 -65.84
C GLY HA 255 101.29 -17.20 -66.00
N LEU HA 256 101.99 -16.48 -65.11
CA LEU HA 256 101.95 -15.02 -65.15
C LEU HA 256 103.03 -14.45 -66.05
N ILE HA 257 104.26 -14.94 -65.93
CA ILE HA 257 105.40 -14.26 -66.53
C ILE HA 257 105.45 -14.51 -68.03
N ALA HA 258 105.31 -15.76 -68.44
CA ALA HA 258 105.54 -16.11 -69.84
C ALA HA 258 104.56 -15.44 -70.78
N SER HA 259 103.47 -14.87 -70.27
CA SER HA 259 102.61 -14.06 -71.12
C SER HA 259 103.29 -12.76 -71.51
N LEU HA 260 104.18 -12.25 -70.65
CA LEU HA 260 104.88 -11.00 -70.94
C LEU HA 260 106.10 -11.24 -71.81
N ILE HA 261 107.02 -12.08 -71.34
CA ILE HA 261 108.31 -12.29 -71.99
C ILE HA 261 108.12 -12.88 -73.38
N PRO HA 262 108.49 -12.16 -74.43
CA PRO HA 262 108.34 -12.71 -75.78
C PRO HA 262 109.47 -13.65 -76.16
N THR HA 263 110.67 -13.36 -75.67
CA THR HA 263 111.87 -14.13 -75.94
C THR HA 263 112.79 -14.08 -74.72
N PRO HA 264 113.54 -15.17 -74.46
CA PRO HA 264 114.35 -15.23 -73.24
C PRO HA 264 115.37 -14.11 -73.11
N ARG HA 265 115.72 -13.42 -74.18
CA ARG HA 265 116.61 -12.28 -74.05
C ARG HA 265 115.92 -11.09 -73.41
N LEU HA 266 114.68 -10.79 -73.83
CA LEU HA 266 113.92 -9.69 -73.27
C LEU HA 266 113.10 -10.18 -72.08
N HIS HA 267 113.81 -10.40 -70.98
CA HIS HA 267 113.21 -10.91 -69.75
C HIS HA 267 113.37 -9.91 -68.62
N PHE HA 268 113.10 -8.64 -68.91
CA PHE HA 268 113.22 -7.57 -67.94
C PHE HA 268 111.87 -6.87 -67.81
N LEU HA 269 111.42 -6.68 -66.57
CA LEU HA 269 110.10 -6.15 -66.30
C LEU HA 269 110.17 -4.97 -65.35
N MET HA 270 109.16 -4.12 -65.41
CA MET HA 270 108.98 -3.02 -64.48
C MET HA 270 107.53 -2.99 -64.01
N THR HA 271 107.33 -2.48 -62.79
CA THR HA 271 106.04 -2.59 -62.12
C THR HA 271 105.38 -1.24 -61.96
N GLY HA 272 104.15 -1.27 -61.48
CA GLY HA 272 103.38 -0.06 -61.21
C GLY HA 272 102.37 -0.24 -60.11
N TYR HA 273 102.24 0.76 -59.23
CA TYR HA 273 101.32 0.69 -58.10
C TYR HA 273 100.85 2.11 -57.78
N THR HA 274 99.70 2.49 -58.35
CA THR HA 274 99.20 3.85 -58.15
C THR HA 274 98.47 4.07 -56.82
N PRO HA 275 97.64 3.12 -56.30
CA PRO HA 275 96.76 3.49 -55.18
C PRO HA 275 97.56 3.70 -53.90
N LEU HA 276 97.68 4.95 -53.49
CA LEU HA 276 98.51 5.31 -52.35
C LEU HA 276 97.80 6.31 -51.44
N THR HA 288 85.44 4.44 -57.41
CA THR HA 288 86.56 4.12 -58.30
C THR HA 288 86.29 2.83 -59.06
N THR HA 289 86.07 2.94 -60.36
CA THR HA 289 85.79 1.80 -61.22
C THR HA 289 87.07 1.28 -61.86
N VAL HA 290 86.95 0.17 -62.60
CA VAL HA 290 88.11 -0.47 -63.18
C VAL HA 290 88.80 0.45 -64.18
N LEU HA 291 88.06 1.35 -64.82
CA LEU HA 291 88.67 2.26 -65.77
C LEU HA 291 89.52 3.30 -65.06
N ASP HA 292 89.12 3.69 -63.85
CA ASP HA 292 89.89 4.68 -63.11
C ASP HA 292 91.26 4.14 -62.74
N VAL HA 293 91.36 2.84 -62.50
CA VAL HA 293 92.62 2.26 -62.04
C VAL HA 293 93.64 2.26 -63.16
N MET HA 294 93.35 1.57 -64.26
CA MET HA 294 94.33 1.39 -65.33
C MET HA 294 94.83 2.72 -65.88
N ARG HA 295 93.96 3.71 -66.00
CA ARG HA 295 94.40 5.01 -66.48
C ARG HA 295 95.38 5.66 -65.51
N ARG HA 296 95.17 5.47 -64.21
CA ARG HA 296 96.13 5.93 -63.23
C ARG HA 296 97.44 5.16 -63.29
N LEU HA 297 97.45 4.02 -63.98
CA LEU HA 297 98.63 3.16 -63.98
C LEU HA 297 99.60 3.54 -65.08
N LEU HA 298 99.08 4.01 -66.21
CA LEU HA 298 99.93 4.34 -67.34
C LEU HA 298 100.63 5.68 -67.21
N GLN HA 299 100.37 6.42 -66.14
CA GLN HA 299 101.07 7.69 -65.95
C GLN HA 299 102.51 7.44 -65.52
N PRO HA 300 103.49 8.02 -66.22
CA PRO HA 300 104.89 7.75 -65.88
C PRO HA 300 105.31 8.26 -64.51
N LYS HA 301 104.47 9.01 -63.82
CA LYS HA 301 104.80 9.44 -62.47
C LYS HA 301 104.84 8.28 -61.49
N ASN HA 302 104.14 7.19 -61.79
CA ASN HA 302 104.01 6.07 -60.88
C ASN HA 302 104.94 4.90 -61.18
N VAL HA 303 105.46 4.82 -62.40
CA VAL HA 303 106.29 3.68 -62.78
C VAL HA 303 107.61 3.73 -62.02
N MET HA 304 108.01 2.60 -61.45
CA MET HA 304 109.24 2.49 -60.67
C MET HA 304 110.45 2.29 -61.58
N VAL HA 305 110.62 3.22 -62.51
CA VAL HA 305 111.78 3.26 -63.39
C VAL HA 305 112.14 4.72 -63.63
N SER HA 306 113.41 5.06 -63.45
CA SER HA 306 113.87 6.42 -63.66
C SER HA 306 114.29 6.64 -65.10
N ASN HA 314 112.54 6.06 -80.46
CA ASN HA 314 111.22 5.97 -79.83
C ASN HA 314 111.17 4.84 -78.81
N HIS HA 315 110.00 4.63 -78.21
CA HIS HA 315 109.83 3.59 -77.22
C HIS HA 315 108.40 3.09 -77.26
N CYS HA 316 108.19 1.88 -76.74
CA CYS HA 316 106.87 1.26 -76.70
C CYS HA 316 106.92 0.12 -75.69
N TYR HA 317 105.74 -0.40 -75.35
CA TYR HA 317 105.61 -1.52 -74.43
C TYR HA 317 105.77 -2.84 -75.17
N ILE HA 318 105.73 -3.93 -74.41
CA ILE HA 318 105.66 -5.27 -74.97
C ILE HA 318 104.36 -5.97 -74.58
N ALA HA 319 103.97 -5.88 -73.31
CA ALA HA 319 102.73 -6.46 -72.83
C ALA HA 319 102.50 -5.96 -71.41
N ILE HA 320 101.23 -5.83 -71.03
CA ILE HA 320 100.85 -5.30 -69.73
C ILE HA 320 100.01 -6.33 -69.01
N LEU HA 321 100.35 -6.59 -67.75
CA LEU HA 321 99.57 -7.46 -66.87
C LEU HA 321 99.17 -6.65 -65.65
N ASN HA 322 97.89 -6.69 -65.31
CA ASN HA 322 97.33 -5.88 -64.24
C ASN HA 322 96.75 -6.78 -63.16
N ILE HA 323 96.82 -6.30 -61.91
CA ILE HA 323 96.27 -7.02 -60.78
C ILE HA 323 95.23 -6.12 -60.14
N ILE HA 324 94.01 -6.64 -59.98
CA ILE HA 324 92.92 -5.93 -59.32
C ILE HA 324 92.53 -6.74 -58.08
N GLN HA 325 92.62 -6.11 -56.92
CA GLN HA 325 92.39 -6.79 -55.66
C GLN HA 325 91.13 -6.34 -54.94
N GLY HA 326 90.44 -5.33 -55.47
CA GLY HA 326 89.24 -4.82 -54.83
C GLY HA 326 88.04 -5.72 -55.05
N GLU HA 327 86.87 -5.17 -54.72
CA GLU HA 327 85.59 -5.85 -54.93
C GLU HA 327 84.94 -5.46 -56.25
N VAL HA 328 85.74 -5.15 -57.27
CA VAL HA 328 85.21 -4.66 -58.54
C VAL HA 328 84.34 -5.74 -59.18
N ASP HA 329 83.50 -5.29 -60.10
CA ASP HA 329 82.58 -6.19 -60.79
C ASP HA 329 83.21 -6.65 -62.09
N PRO HA 330 83.14 -7.95 -62.42
CA PRO HA 330 83.66 -8.42 -63.70
C PRO HA 330 82.82 -8.02 -64.91
N THR HA 331 81.82 -7.17 -64.73
CA THR HA 331 80.99 -6.74 -65.85
C THR HA 331 81.62 -5.61 -66.65
N GLN HA 332 82.54 -4.86 -66.07
CA GLN HA 332 83.03 -3.62 -66.65
C GLN HA 332 84.48 -3.68 -67.09
N VAL HA 333 85.15 -4.82 -66.92
CA VAL HA 333 86.58 -4.86 -67.21
C VAL HA 333 86.83 -4.92 -68.73
N HIS HA 334 85.99 -5.66 -69.44
CA HIS HA 334 86.22 -5.82 -70.88
C HIS HA 334 85.95 -4.53 -71.63
N LYS HA 335 85.08 -3.68 -71.07
CA LYS HA 335 84.81 -2.39 -71.68
C LYS HA 335 85.92 -1.40 -71.38
N SER HA 336 86.55 -1.52 -70.21
CA SER HA 336 87.65 -0.64 -69.87
C SER HA 336 88.81 -0.80 -70.85
N LEU HA 337 89.10 -2.05 -71.24
CA LEU HA 337 90.14 -2.29 -72.23
C LEU HA 337 89.83 -1.56 -73.53
N GLN HA 338 88.56 -1.55 -73.93
CA GLN HA 338 88.17 -0.85 -75.16
C GLN HA 338 88.51 0.62 -75.09
N ARG HA 339 88.08 1.29 -74.02
CA ARG HA 339 88.39 2.71 -73.87
C ARG HA 339 89.89 2.95 -73.78
N ILE HA 340 90.65 1.96 -73.31
CA ILE HA 340 92.10 2.08 -73.36
C ILE HA 340 92.59 1.99 -74.79
N ARG HA 341 91.98 1.15 -75.61
CA ARG HA 341 92.41 1.03 -77.00
C ARG HA 341 91.94 2.21 -77.83
N GLU HA 342 90.67 2.61 -77.69
CA GLU HA 342 90.15 3.73 -78.47
C GLU HA 342 90.92 5.00 -78.15
N ARG HA 343 90.98 5.38 -76.87
CA ARG HA 343 91.77 6.54 -76.50
C ARG HA 343 93.26 6.33 -76.70
N LYS HA 344 93.72 5.08 -76.74
CA LYS HA 344 95.08 4.72 -77.14
C LYS HA 344 96.12 5.47 -76.30
N LEU HA 345 96.13 5.16 -75.00
CA LEU HA 345 97.10 5.76 -74.10
C LEU HA 345 98.45 5.08 -74.13
N ALA HA 346 98.61 4.01 -74.89
CA ALA HA 346 99.89 3.32 -74.99
C ALA HA 346 100.01 2.68 -76.37
N ASN HA 347 101.25 2.53 -76.80
CA ASN HA 347 101.58 1.86 -78.05
C ASN HA 347 102.33 0.58 -77.75
N PHE HA 348 102.31 -0.33 -78.71
CA PHE HA 348 102.98 -1.62 -78.57
C PHE HA 348 104.01 -1.79 -79.67
N ILE HA 349 104.59 -2.98 -79.71
CA ILE HA 349 105.52 -3.36 -80.78
C ILE HA 349 104.77 -3.30 -82.11
N PRO HA 350 105.42 -2.87 -83.18
CA PRO HA 350 104.75 -2.83 -84.48
C PRO HA 350 104.70 -4.21 -85.15
N TRP HA 351 105.55 -5.13 -84.69
CA TRP HA 351 105.61 -6.44 -85.33
C TRP HA 351 104.58 -7.40 -84.76
N GLY HA 352 104.63 -7.67 -83.46
CA GLY HA 352 103.78 -8.64 -82.84
C GLY HA 352 102.53 -8.03 -82.24
N PRO HA 353 101.39 -8.70 -82.43
CA PRO HA 353 100.14 -8.17 -81.86
C PRO HA 353 100.13 -8.33 -80.35
N ALA HA 354 100.31 -7.22 -79.65
CA ALA HA 354 100.49 -7.25 -78.22
C ALA HA 354 99.15 -7.09 -77.52
N SER HA 355 99.04 -7.64 -76.32
CA SER HA 355 97.79 -7.58 -75.56
C SER HA 355 98.05 -7.12 -74.14
N ILE HA 356 96.99 -6.62 -73.52
CA ILE HA 356 96.96 -6.23 -72.12
C ILE HA 356 96.14 -7.25 -71.36
N GLN HA 357 96.68 -7.73 -70.24
CA GLN HA 357 95.99 -8.69 -69.38
C GLN HA 357 95.74 -8.08 -68.01
N VAL HA 358 94.69 -8.54 -67.36
CA VAL HA 358 94.30 -8.06 -66.04
C VAL HA 358 93.62 -9.20 -65.31
N ALA HA 359 93.93 -9.33 -64.02
CA ALA HA 359 93.41 -10.44 -63.24
C ALA HA 359 92.72 -9.89 -61.99
N LEU HA 360 91.67 -10.59 -61.58
CA LEU HA 360 90.95 -10.28 -60.35
C LEU HA 360 91.44 -11.17 -59.22
N SER HA 361 91.37 -10.65 -58.01
CA SER HA 361 91.86 -11.38 -56.85
C SER HA 361 91.00 -11.01 -55.64
N ARG HA 362 91.42 -11.45 -54.47
CA ARG HA 362 90.70 -11.21 -53.22
C ARG HA 362 91.68 -10.69 -52.18
N LYS HA 363 91.37 -9.53 -51.61
CA LYS HA 363 92.22 -8.96 -50.58
C LYS HA 363 92.11 -9.78 -49.30
N SER HA 364 93.15 -9.70 -48.48
CA SER HA 364 93.20 -10.47 -47.24
C SER HA 364 92.11 -10.00 -46.29
N PRO HA 365 91.15 -10.85 -45.93
CA PRO HA 365 90.11 -10.43 -44.97
C PRO HA 365 90.68 -10.08 -43.60
N TYR HA 366 91.81 -10.68 -43.23
CA TYR HA 366 92.40 -10.40 -41.92
C TYR HA 366 93.01 -9.00 -41.85
N LEU HA 367 93.10 -8.30 -42.97
CA LEU HA 367 93.64 -6.94 -42.97
C LEU HA 367 92.72 -6.00 -42.21
N ARG HA 372 87.75 0.37 -50.50
CA ARG HA 372 89.18 0.11 -50.66
C ARG HA 372 89.44 -0.74 -51.90
N VAL HA 373 89.88 -0.09 -52.97
CA VAL HA 373 90.18 -0.77 -54.23
C VAL HA 373 91.61 -0.41 -54.64
N SER HA 374 92.45 -1.43 -54.80
CA SER HA 374 93.85 -1.24 -55.11
C SER HA 374 94.21 -2.04 -56.35
N GLY HA 375 95.42 -1.82 -56.86
CA GLY HA 375 95.85 -2.50 -58.07
C GLY HA 375 97.34 -2.40 -58.35
N LEU HA 376 97.88 -3.39 -59.04
CA LEU HA 376 99.28 -3.44 -59.41
C LEU HA 376 99.41 -3.68 -60.90
N MET HA 377 100.49 -3.15 -61.48
CA MET HA 377 100.74 -3.23 -62.91
C MET HA 377 102.13 -3.78 -63.13
N MET HA 378 102.25 -4.80 -63.99
CA MET HA 378 103.54 -5.31 -64.42
C MET HA 378 103.71 -4.96 -65.90
N ALA HA 379 104.89 -4.48 -66.26
CA ALA HA 379 105.15 -3.98 -67.59
C ALA HA 379 106.45 -4.53 -68.14
N ASN HA 380 106.51 -4.63 -69.45
CA ASN HA 380 107.74 -4.91 -70.19
C ASN HA 380 107.92 -3.74 -71.16
N HIS HA 381 108.63 -2.72 -70.72
CA HIS HA 381 108.80 -1.48 -71.47
C HIS HA 381 110.22 -1.38 -72.00
N THR HA 382 110.33 -1.07 -73.29
CA THR HA 382 111.65 -0.95 -73.91
C THR HA 382 112.41 0.28 -73.48
N SER HA 383 111.78 1.20 -72.74
CA SER HA 383 112.51 2.35 -72.22
C SER HA 383 113.49 1.98 -71.13
N ILE HA 384 113.52 0.70 -70.71
CA ILE HA 384 114.44 0.27 -69.68
C ILE HA 384 115.88 0.31 -70.19
N SER HA 385 116.05 0.41 -71.51
CA SER HA 385 117.39 0.44 -72.09
C SER HA 385 118.20 1.62 -71.56
N SER HA 386 117.53 2.76 -71.31
CA SER HA 386 118.23 3.95 -70.87
C SER HA 386 118.91 3.74 -69.52
N LEU HA 387 118.29 2.94 -68.65
CA LEU HA 387 118.87 2.69 -67.34
C LEU HA 387 120.23 2.00 -67.46
N PHE HA 388 120.33 1.04 -68.37
CA PHE HA 388 121.60 0.36 -68.59
C PHE HA 388 122.65 1.32 -69.14
N GLU HA 389 122.27 2.15 -70.10
CA GLU HA 389 123.24 3.00 -70.81
C GLU HA 389 123.91 3.98 -69.86
N ARG HA 390 123.26 4.32 -68.74
CA ARG HA 390 123.84 5.26 -67.79
C ARG HA 390 125.04 4.65 -67.08
N THR HA 391 124.83 3.51 -66.42
CA THR HA 391 125.95 2.80 -65.79
C THR HA 391 126.98 2.39 -66.84
N CYS HA 392 126.50 2.01 -68.03
CA CYS HA 392 127.40 1.71 -69.14
C CYS HA 392 128.32 2.88 -69.45
N ARG HA 393 127.74 4.07 -69.62
CA ARG HA 393 128.54 5.28 -69.77
C ARG HA 393 129.45 5.48 -68.56
N GLN HA 394 128.93 5.19 -67.36
CA GLN HA 394 129.73 5.33 -66.15
C GLN HA 394 130.91 4.36 -66.16
N TYR HA 395 130.73 3.19 -66.76
CA TYR HA 395 131.84 2.23 -66.86
C TYR HA 395 132.93 2.75 -67.79
N ASP HA 396 132.53 3.21 -68.99
CA ASP HA 396 133.50 3.80 -69.90
C ASP HA 396 134.17 5.01 -69.28
N LYS HA 397 133.48 5.65 -68.32
CA LYS HA 397 134.06 6.80 -67.65
C LYS HA 397 135.23 6.40 -66.77
N LEU HA 398 135.06 5.40 -65.91
CA LEU HA 398 136.14 5.02 -64.99
C LEU HA 398 137.14 4.05 -65.61
N ARG HA 399 136.80 3.43 -66.75
CA ARG HA 399 137.73 2.55 -67.43
C ARG HA 399 138.99 3.27 -67.89
N LYS HA 400 138.84 4.44 -68.51
CA LYS HA 400 139.98 5.26 -68.93
C LYS HA 400 140.28 6.35 -67.92
N ARG HA 401 139.89 6.16 -66.66
CA ARG HA 401 140.15 7.12 -65.60
C ARG HA 401 140.76 6.52 -64.34
N GLU HA 402 140.52 5.24 -64.06
CA GLU HA 402 141.11 4.55 -62.91
C GLU HA 402 140.87 5.30 -61.60
N ASP HA 416 144.17 -10.39 -61.84
CA ASP HA 416 145.45 -10.09 -62.46
C ASP HA 416 145.32 -9.98 -63.97
N ASN HA 417 144.18 -10.43 -64.49
CA ASN HA 417 143.92 -10.41 -65.93
C ASN HA 417 143.10 -9.22 -66.40
N PHE HA 418 142.08 -8.82 -65.63
CA PHE HA 418 141.19 -7.71 -65.99
C PHE HA 418 140.54 -7.93 -67.36
N ASP HA 419 140.37 -9.20 -67.75
CA ASP HA 419 139.79 -9.53 -69.05
C ASP HA 419 138.31 -9.87 -68.98
N GLU HA 420 137.83 -10.42 -67.85
CA GLU HA 420 136.42 -10.76 -67.73
C GLU HA 420 135.55 -9.52 -67.78
N MET HA 421 136.05 -8.39 -67.29
CA MET HA 421 135.28 -7.16 -67.30
C MET HA 421 134.95 -6.74 -68.73
N ASP HA 422 135.82 -7.07 -69.69
CA ASP HA 422 135.52 -6.76 -71.08
C ASP HA 422 134.48 -7.72 -71.64
N THR HA 423 134.49 -8.98 -71.20
CA THR HA 423 133.48 -9.93 -71.63
C THR HA 423 132.09 -9.52 -71.15
N SER HA 424 132.01 -9.00 -69.92
CA SER HA 424 130.73 -8.51 -69.41
C SER HA 424 130.26 -7.30 -70.22
N ARG HA 425 131.20 -6.45 -70.63
CA ARG HA 425 130.83 -5.26 -71.38
C ARG HA 425 130.33 -5.61 -72.77
N GLU HA 426 130.80 -6.71 -73.33
CA GLU HA 426 130.36 -7.11 -74.66
C GLU HA 426 128.92 -7.62 -74.63
N ILE HA 427 128.60 -8.49 -73.66
CA ILE HA 427 127.28 -9.11 -73.65
C ILE HA 427 126.20 -8.10 -73.32
N VAL HA 428 126.45 -7.19 -72.37
CA VAL HA 428 125.43 -6.20 -72.03
C VAL HA 428 125.24 -5.23 -73.19
N GLN HA 429 126.25 -5.09 -74.05
CA GLN HA 429 126.07 -4.29 -75.26
C GLN HA 429 125.09 -4.97 -76.21
N GLN HA 430 125.11 -6.30 -76.25
CA GLN HA 430 124.19 -7.04 -77.11
C GLN HA 430 122.74 -6.79 -76.71
N LEU HA 431 122.46 -6.93 -75.41
CA LEU HA 431 121.08 -6.79 -74.93
C LEU HA 431 120.53 -5.41 -75.24
N ILE HA 432 121.31 -4.37 -75.01
CA ILE HA 432 120.86 -3.00 -75.31
C ILE HA 432 120.61 -2.84 -76.80
N ASP HA 433 121.53 -3.34 -77.63
CA ASP HA 433 121.35 -3.23 -79.07
C ASP HA 433 120.14 -4.01 -79.56
N GLU HA 434 119.65 -4.95 -78.74
CA GLU HA 434 118.43 -5.67 -79.10
C GLU HA 434 117.19 -4.86 -78.70
N TYR HA 435 117.26 -4.15 -77.56
CA TYR HA 435 116.17 -3.27 -77.18
C TYR HA 435 115.84 -2.28 -78.29
N HIS HA 436 116.85 -1.55 -78.76
CA HIS HA 436 116.62 -0.52 -79.77
C HIS HA 436 116.05 -1.11 -81.05
N ALA HA 437 116.41 -2.34 -81.38
CA ALA HA 437 115.83 -3.00 -82.55
C ALA HA 437 114.51 -3.69 -82.23
N ALA HA 438 114.21 -3.92 -80.95
CA ALA HA 438 112.96 -4.59 -80.60
C ALA HA 438 111.76 -3.72 -80.90
N THR HA 439 111.92 -2.40 -80.91
CA THR HA 439 110.83 -1.47 -81.16
C THR HA 439 110.77 -1.00 -82.60
N ARG HA 440 111.24 -1.81 -83.54
CA ARG HA 440 111.20 -1.44 -84.95
C ARG HA 440 110.28 -2.36 -85.73
N PRO HA 441 109.66 -1.86 -86.80
CA PRO HA 441 108.76 -2.72 -87.60
C PRO HA 441 109.45 -3.89 -88.27
N ASP HA 442 110.76 -4.04 -88.13
CA ASP HA 442 111.48 -5.14 -88.74
C ASP HA 442 112.27 -5.93 -87.70
N TYR HA 443 111.63 -6.25 -86.56
CA TYR HA 443 112.33 -6.98 -85.52
C TYR HA 443 112.77 -8.35 -86.00
N ILE HA 444 112.07 -8.92 -86.99
CA ILE HA 444 112.54 -10.14 -87.63
C ILE HA 444 113.95 -9.94 -88.15
N SER HA 445 114.80 -10.95 -87.93
CA SER HA 445 116.22 -10.87 -88.25
C SER HA 445 116.86 -9.70 -87.51
N ARG IA 3 102.32 -67.85 -19.81
CA ARG IA 3 103.53 -67.79 -20.62
C ARG IA 3 104.42 -66.65 -20.18
N GLU IA 4 105.38 -66.97 -19.31
CA GLU IA 4 106.26 -65.99 -18.70
C GLU IA 4 107.59 -65.93 -19.45
N ILE IA 5 108.33 -64.85 -19.24
CA ILE IA 5 109.62 -64.64 -19.87
C ILE IA 5 110.66 -64.39 -18.79
N ILE IA 6 111.63 -65.30 -18.66
CA ILE IA 6 112.74 -65.17 -17.73
C ILE IA 6 113.78 -64.24 -18.34
N THR IA 7 114.18 -63.22 -17.60
CA THR IA 7 115.13 -62.24 -18.09
C THR IA 7 116.49 -62.46 -17.44
N LEU IA 8 117.54 -62.38 -18.26
CA LEU IA 8 118.91 -62.50 -17.81
C LEU IA 8 119.65 -61.21 -18.14
N GLN IA 9 120.62 -60.85 -17.31
CA GLN IA 9 121.41 -59.64 -17.51
C GLN IA 9 122.87 -59.97 -17.26
N LEU IA 10 123.72 -59.69 -18.25
CA LEU IA 10 125.14 -59.94 -18.16
C LEU IA 10 125.92 -58.66 -18.43
N GLY IA 11 127.17 -58.63 -17.98
CA GLY IA 11 128.02 -57.48 -18.20
C GLY IA 11 127.59 -56.24 -17.43
N GLN IA 12 128.51 -55.28 -17.31
CA GLN IA 12 128.21 -54.05 -16.59
C GLN IA 12 127.06 -53.29 -17.25
N CYS IA 13 127.15 -53.10 -18.58
CA CYS IA 13 126.11 -52.38 -19.30
C CYS IA 13 124.77 -53.08 -19.17
N GLY IA 14 124.77 -54.41 -19.26
CA GLY IA 14 123.53 -55.16 -19.18
C GLY IA 14 122.89 -55.09 -17.80
N ASN IA 15 123.71 -55.19 -16.76
CA ASN IA 15 123.17 -55.11 -15.41
C ASN IA 15 122.71 -53.70 -15.07
N GLN IA 16 123.28 -52.69 -15.74
CA GLN IA 16 122.92 -51.31 -15.46
C GLN IA 16 121.59 -50.96 -16.13
N ILE IA 17 121.43 -51.33 -17.39
CA ILE IA 17 120.19 -51.01 -18.10
C ILE IA 17 119.01 -51.78 -17.50
N GLY IA 18 119.25 -52.98 -16.99
CA GLY IA 18 118.16 -53.76 -16.44
C GLY IA 18 117.55 -53.14 -15.21
N PHE IA 19 118.39 -52.71 -14.27
CA PHE IA 19 117.88 -52.03 -13.08
C PHE IA 19 117.06 -50.81 -13.46
N GLU IA 20 117.54 -50.03 -14.44
CA GLU IA 20 116.78 -48.88 -14.91
C GLU IA 20 115.56 -49.32 -15.69
N PHE IA 21 115.60 -50.53 -16.27
CA PHE IA 21 114.40 -51.09 -16.86
C PHE IA 21 113.45 -51.62 -15.79
N TRP IA 22 114.01 -52.06 -14.66
CA TRP IA 22 113.16 -52.59 -13.59
C TRP IA 22 112.51 -51.47 -12.80
N LYS IA 23 113.28 -50.45 -12.42
CA LYS IA 23 112.71 -49.33 -11.68
C LYS IA 23 111.66 -48.61 -12.51
N GLN IA 24 111.77 -48.69 -13.83
CA GLN IA 24 110.76 -48.10 -14.71
C GLN IA 24 109.49 -48.95 -14.73
N LEU IA 25 109.64 -50.27 -14.84
CA LEU IA 25 108.47 -51.13 -14.96
C LEU IA 25 107.65 -51.14 -13.68
N CYS IA 26 108.29 -51.35 -12.53
CA CYS IA 26 107.55 -51.39 -11.28
C CYS IA 26 106.92 -50.03 -10.95
N ALA IA 27 107.46 -48.96 -11.52
CA ALA IA 27 106.84 -47.65 -11.32
C ALA IA 27 105.52 -47.53 -12.08
N GLU IA 28 105.47 -48.12 -13.28
CA GLU IA 28 104.24 -48.06 -14.07
C GLU IA 28 103.11 -48.80 -13.36
N HIS IA 29 103.43 -49.86 -12.64
CA HIS IA 29 102.45 -50.55 -11.81
C HIS IA 29 102.45 -49.96 -10.42
N GLY IA 30 101.53 -50.43 -9.58
CA GLY IA 30 101.49 -49.98 -8.21
C GLY IA 30 102.35 -50.81 -7.29
N ILE IA 31 103.64 -50.90 -7.61
CA ILE IA 31 104.57 -51.75 -6.88
C ILE IA 31 105.53 -50.85 -6.11
N SER IA 32 105.60 -51.05 -4.80
CA SER IA 32 106.53 -50.32 -3.97
C SER IA 32 107.95 -50.85 -4.20
N PRO IA 33 108.96 -50.01 -4.00
CA PRO IA 33 110.35 -50.48 -4.11
C PRO IA 33 110.66 -51.68 -3.22
N GLU IA 34 109.85 -51.88 -2.18
CA GLU IA 34 109.96 -53.07 -1.35
C GLU IA 34 109.28 -54.29 -1.97
N ALA IA 35 108.95 -54.21 -3.26
CA ALA IA 35 108.32 -55.31 -4.00
C ALA IA 35 106.98 -55.70 -3.38
N ILE IA 36 106.24 -54.73 -2.89
CA ILE IA 36 104.92 -54.93 -2.30
C ILE IA 36 103.93 -54.03 -3.01
N VAL IA 37 102.72 -54.54 -3.24
CA VAL IA 37 101.71 -53.78 -3.94
C VAL IA 37 101.21 -52.64 -3.04
N GLU IA 38 101.00 -51.48 -3.64
CA GLU IA 38 100.41 -50.34 -2.97
C GLU IA 38 98.95 -50.19 -3.41
N GLU IA 39 98.16 -49.50 -2.58
CA GLU IA 39 96.73 -49.40 -2.85
C GLU IA 39 96.45 -48.50 -4.05
N PHE IA 40 96.83 -47.23 -3.97
CA PHE IA 40 96.59 -46.23 -5.01
C PHE IA 40 95.21 -46.34 -5.66
N THR IA 45 93.50 -54.40 -13.22
CA THR IA 45 93.25 -54.69 -14.62
C THR IA 45 94.56 -54.96 -15.35
N ASP IA 46 95.61 -54.25 -14.94
CA ASP IA 46 96.91 -54.37 -15.57
C ASP IA 46 97.51 -55.74 -15.27
N ARG IA 47 97.60 -56.58 -16.30
CA ARG IA 47 98.14 -57.92 -16.17
C ARG IA 47 99.62 -57.84 -15.84
N LYS IA 48 100.01 -58.36 -14.68
CA LYS IA 48 101.37 -58.24 -14.19
C LYS IA 48 102.11 -59.58 -14.08
N ASP IA 49 101.58 -60.63 -14.70
CA ASP IA 49 102.17 -61.95 -14.53
C ASP IA 49 103.37 -62.20 -15.44
N VAL IA 50 103.50 -61.44 -16.53
CA VAL IA 50 104.49 -61.77 -17.55
C VAL IA 50 105.90 -61.55 -17.03
N PHE IA 51 106.08 -60.57 -16.13
CA PHE IA 51 107.41 -60.26 -15.63
C PHE IA 51 107.59 -60.51 -14.14
N PHE IA 52 106.53 -60.81 -13.39
CA PHE IA 52 106.62 -60.92 -11.95
C PHE IA 52 106.06 -62.25 -11.48
N TYR IA 53 106.67 -62.80 -10.44
CA TYR IA 53 106.30 -64.09 -9.88
C TYR IA 53 105.68 -63.88 -8.50
N GLN IA 54 104.66 -64.66 -8.19
CA GLN IA 54 103.93 -64.51 -6.94
C GLN IA 54 104.34 -65.56 -5.91
N TYR IA 60 105.60 -60.07 -4.54
CA TYR IA 60 105.90 -59.99 -5.96
C TYR IA 60 107.40 -59.91 -6.21
N ILE IA 61 107.91 -60.79 -7.07
CA ILE IA 61 109.34 -60.84 -7.37
C ILE IA 61 109.54 -60.86 -8.88
N PRO IA 62 110.47 -60.06 -9.41
CA PRO IA 62 110.77 -60.13 -10.84
C PRO IA 62 111.64 -61.32 -11.16
N ARG IA 63 111.34 -61.98 -12.28
CA ARG IA 63 112.07 -63.17 -12.70
C ARG IA 63 113.38 -62.77 -13.37
N ALA IA 64 114.31 -62.31 -12.54
CA ALA IA 64 115.60 -61.82 -13.00
C ALA IA 64 116.72 -62.73 -12.52
N VAL IA 65 117.83 -62.72 -13.25
CA VAL IA 65 119.05 -63.42 -12.86
C VAL IA 65 120.20 -62.48 -13.21
N LEU IA 66 120.75 -61.81 -12.20
CA LEU IA 66 121.80 -60.83 -12.44
C LEU IA 66 123.18 -61.47 -12.31
N LEU IA 67 124.04 -61.15 -13.27
CA LEU IA 67 125.40 -61.68 -13.28
C LEU IA 67 126.43 -60.57 -13.53
N ARG IA 72 131.14 -56.54 -8.92
CA ARG IA 72 131.38 -55.19 -8.44
C ARG IA 72 130.10 -54.35 -8.45
N VAL IA 73 129.40 -54.37 -9.58
CA VAL IA 73 128.21 -53.53 -9.75
C VAL IA 73 127.05 -54.04 -8.90
N ILE IA 74 127.07 -55.33 -8.53
CA ILE IA 74 126.00 -55.87 -7.70
C ILE IA 74 125.93 -55.14 -6.36
N HIS IA 75 127.10 -54.77 -5.83
CA HIS IA 75 127.13 -54.01 -4.59
C HIS IA 75 126.41 -52.68 -4.74
N SER IA 76 126.55 -52.04 -5.91
CA SER IA 76 125.88 -50.78 -6.15
C SER IA 76 124.36 -50.95 -6.19
N ILE IA 77 123.89 -52.14 -6.57
CA ILE IA 77 122.45 -52.36 -6.66
C ILE IA 77 121.87 -52.63 -5.27
N LEU IA 78 122.57 -53.40 -4.45
CA LEU IA 78 122.06 -53.72 -3.12
C LEU IA 78 122.10 -52.53 -2.17
N ASN IA 79 122.93 -51.52 -2.46
CA ASN IA 79 122.96 -50.31 -1.65
C ASN IA 79 121.79 -49.38 -1.96
N SER IA 80 121.20 -49.49 -3.14
CA SER IA 80 120.03 -48.69 -3.47
C SER IA 80 118.85 -49.11 -2.59
N PRO IA 81 117.90 -48.20 -2.37
CA PRO IA 81 116.69 -48.57 -1.61
C PRO IA 81 115.87 -49.68 -2.25
N TYR IA 82 116.27 -50.18 -3.42
CA TYR IA 82 115.62 -51.31 -4.07
C TYR IA 82 116.31 -52.63 -3.75
N ALA IA 83 116.89 -52.75 -2.55
CA ALA IA 83 117.67 -53.94 -2.22
C ALA IA 83 116.84 -55.21 -2.18
N LYS IA 84 115.59 -55.13 -1.70
CA LYS IA 84 114.74 -56.30 -1.59
C LYS IA 84 114.02 -56.62 -2.89
N LEU IA 85 114.51 -56.11 -4.02
CA LEU IA 85 113.86 -56.32 -5.30
C LEU IA 85 114.10 -57.72 -5.85
N TYR IA 86 115.05 -58.46 -5.29
CA TYR IA 86 115.36 -59.81 -5.75
C TYR IA 86 115.35 -60.80 -4.59
N GLY IA 101 139.20 -60.72 -18.30
CA GLY IA 101 139.46 -59.30 -18.16
C GLY IA 101 138.59 -58.46 -19.06
N ASN IA 102 139.10 -58.17 -20.27
CA ASN IA 102 138.37 -57.35 -21.27
C ASN IA 102 138.56 -58.00 -22.64
N ASN IA 103 139.10 -59.21 -22.67
CA ASN IA 103 139.38 -59.95 -23.93
C ASN IA 103 138.28 -61.01 -24.15
N TRP IA 104 137.97 -61.29 -25.41
CA TRP IA 104 136.92 -62.28 -25.78
C TRP IA 104 137.29 -63.67 -25.25
N ALA IA 105 138.56 -64.05 -25.41
CA ALA IA 105 139.05 -65.38 -24.97
C ALA IA 105 138.94 -65.51 -23.44
N SER IA 106 139.31 -64.45 -22.72
CA SER IA 106 139.28 -64.47 -21.23
C SER IA 106 137.85 -64.65 -20.71
N GLY IA 107 136.88 -63.96 -21.31
CA GLY IA 107 135.48 -64.05 -20.89
C GLY IA 107 134.90 -65.45 -21.07
N PHE IA 108 135.23 -66.09 -22.20
CA PHE IA 108 134.72 -67.44 -22.53
C PHE IA 108 135.28 -68.48 -21.57
N SER IA 109 136.60 -68.46 -21.34
CA SER IA 109 137.27 -69.44 -20.45
C SER IA 109 136.58 -69.46 -19.09
N GLN IA 110 136.22 -68.29 -18.56
CA GLN IA 110 135.54 -68.19 -17.24
C GLN IA 110 134.19 -68.89 -17.32
N GLY IA 111 133.47 -68.70 -18.43
CA GLY IA 111 132.14 -69.32 -18.64
C GLY IA 111 132.15 -70.82 -18.40
N GLU IA 112 133.02 -71.53 -19.12
CA GLU IA 112 133.10 -72.99 -19.00
C GLU IA 112 133.47 -73.42 -17.58
N LYS IA 113 134.05 -72.50 -16.79
CA LYS IA 113 134.46 -72.86 -15.44
C LYS IA 113 133.31 -72.74 -14.45
N ILE IA 114 132.32 -71.88 -14.74
CA ILE IA 114 131.14 -71.74 -13.88
C ILE IA 114 129.94 -72.28 -14.63
N HIS IA 115 130.19 -73.25 -15.53
CA HIS IA 115 129.13 -73.86 -16.32
C HIS IA 115 128.00 -74.42 -15.44
N GLU IA 116 128.34 -75.35 -14.55
CA GLU IA 116 127.32 -75.99 -13.73
C GLU IA 116 126.72 -75.02 -12.71
N ASP IA 117 127.50 -74.04 -12.27
CA ASP IA 117 127.08 -73.22 -11.13
C ASP IA 117 125.85 -72.38 -11.46
N ILE IA 118 125.80 -71.81 -12.66
CA ILE IA 118 124.73 -70.85 -12.96
C ILE IA 118 123.49 -71.55 -13.51
N PHE IA 119 123.65 -72.69 -14.18
CA PHE IA 119 122.50 -73.35 -14.79
C PHE IA 119 121.47 -73.83 -13.78
N ASP IA 120 121.89 -74.26 -12.59
CA ASP IA 120 120.92 -74.61 -11.56
C ASP IA 120 120.09 -73.40 -11.15
N ILE IA 121 120.67 -72.20 -11.23
CA ILE IA 121 119.90 -70.99 -11.03
C ILE IA 121 118.89 -70.81 -12.15
N ILE IA 122 119.33 -71.06 -13.39
CA ILE IA 122 118.44 -70.90 -14.55
C ILE IA 122 117.40 -72.02 -14.59
N ASP IA 123 117.83 -73.26 -14.38
CA ASP IA 123 116.92 -74.38 -14.49
C ASP IA 123 115.80 -74.30 -13.45
N ARG IA 124 116.13 -73.92 -12.22
CA ARG IA 124 115.12 -73.86 -11.18
C ARG IA 124 114.08 -72.79 -11.48
N GLU IA 125 114.48 -71.72 -12.17
CA GLU IA 125 113.53 -70.70 -12.55
C GLU IA 125 112.62 -71.17 -13.68
N ALA IA 126 113.11 -72.07 -14.53
CA ALA IA 126 112.31 -72.59 -15.63
C ALA IA 126 111.23 -73.54 -15.12
N ASP IA 127 111.62 -74.49 -14.26
CA ASP IA 127 110.65 -75.40 -13.67
C ASP IA 127 109.65 -74.66 -12.79
N GLY IA 128 110.07 -73.56 -12.17
CA GLY IA 128 109.14 -72.79 -11.36
C GLY IA 128 108.05 -72.13 -12.17
N SER IA 129 108.38 -71.65 -13.37
CA SER IA 129 107.38 -71.04 -14.22
C SER IA 129 106.41 -72.10 -14.75
N ASP IA 130 105.20 -71.64 -15.08
CA ASP IA 130 104.18 -72.56 -15.58
C ASP IA 130 104.53 -73.04 -16.99
N SER IA 131 104.60 -72.10 -17.94
CA SER IA 131 104.93 -72.43 -19.32
C SER IA 131 105.91 -71.37 -19.83
N LEU IA 132 107.19 -71.63 -19.64
CA LEU IA 132 108.22 -70.68 -20.08
C LEU IA 132 108.21 -70.55 -21.59
N GLU IA 133 108.31 -69.31 -22.06
CA GLU IA 133 108.20 -69.03 -23.49
C GLU IA 133 109.49 -68.49 -24.09
N GLY IA 134 110.13 -67.51 -23.47
CA GLY IA 134 111.31 -66.92 -24.07
C GLY IA 134 112.41 -66.60 -23.09
N PHE IA 135 113.42 -65.87 -23.55
CA PHE IA 135 114.60 -65.52 -22.73
C PHE IA 135 115.05 -64.13 -23.17
N VAL IA 136 114.72 -63.13 -22.36
CA VAL IA 136 115.21 -61.78 -22.62
C VAL IA 136 116.60 -61.63 -22.04
N LEU IA 137 117.53 -61.13 -22.85
CA LEU IA 137 118.93 -60.98 -22.46
C LEU IA 137 119.36 -59.55 -22.74
N CYS IA 138 120.07 -58.95 -21.79
CA CYS IA 138 120.63 -57.60 -21.93
C CYS IA 138 122.14 -57.71 -21.80
N HIS IA 139 122.86 -57.44 -22.89
CA HIS IA 139 124.35 -57.50 -22.86
C HIS IA 139 124.94 -56.62 -23.96
N SER IA 140 126.22 -56.26 -23.83
CA SER IA 140 126.91 -55.39 -24.80
C SER IA 140 128.08 -56.17 -25.45
N ILE IA 141 128.15 -56.17 -26.79
CA ILE IA 141 129.24 -56.88 -27.51
C ILE IA 141 130.59 -56.26 -27.14
N ALA IA 142 130.63 -54.92 -27.03
CA ALA IA 142 131.87 -54.20 -26.67
C ALA IA 142 132.31 -54.63 -25.26
N GLY IA 143 131.35 -54.76 -24.34
CA GLY IA 143 131.67 -55.18 -22.95
C GLY IA 143 132.39 -56.50 -22.93
N GLY IA 144 133.61 -56.53 -22.36
CA GLY IA 144 134.41 -57.77 -22.31
C GLY IA 144 133.62 -58.94 -21.75
N THR IA 145 133.11 -58.81 -20.53
CA THR IA 145 132.31 -59.89 -19.88
C THR IA 145 131.21 -60.35 -20.84
N GLY IA 146 130.55 -59.39 -21.50
CA GLY IA 146 129.48 -59.68 -22.48
C GLY IA 146 130.03 -60.43 -23.67
N SER IA 147 131.20 -60.02 -24.18
CA SER IA 147 131.82 -60.65 -25.36
C SER IA 147 132.35 -62.05 -25.02
N GLY IA 148 132.53 -62.34 -23.72
CA GLY IA 148 133.03 -63.65 -23.28
C GLY IA 148 131.93 -64.53 -22.70
N LEU IA 149 131.11 -63.99 -21.80
CA LEU IA 149 130.04 -64.80 -21.14
C LEU IA 149 128.73 -64.73 -21.92
N GLY IA 150 128.41 -63.62 -22.59
CA GLY IA 150 127.16 -63.60 -23.34
C GLY IA 150 127.18 -64.57 -24.50
N SER IA 151 128.32 -64.67 -25.17
CA SER IA 151 128.49 -65.55 -26.35
C SER IA 151 128.35 -67.02 -25.95
N TYR IA 152 128.88 -67.40 -24.79
CA TYR IA 152 128.88 -68.80 -24.36
C TYR IA 152 127.47 -69.29 -24.05
N LEU IA 153 126.64 -68.43 -23.44
CA LEU IA 153 125.29 -68.86 -23.07
C LEU IA 153 124.45 -69.19 -24.29
N LEU IA 154 124.59 -68.40 -25.36
CA LEU IA 154 123.72 -68.58 -26.52
C LEU IA 154 123.90 -69.94 -27.17
N GLU IA 155 125.11 -70.50 -27.07
CA GLU IA 155 125.33 -71.85 -27.59
C GLU IA 155 124.77 -72.90 -26.64
N ARG IA 156 124.96 -72.70 -25.33
CA ARG IA 156 124.40 -73.62 -24.36
C ARG IA 156 122.90 -73.54 -24.29
N LEU IA 157 122.33 -72.34 -24.44
CA LEU IA 157 120.88 -72.18 -24.38
C LEU IA 157 120.20 -72.91 -25.52
N ASN IA 158 120.82 -72.93 -26.69
CA ASN IA 158 120.26 -73.69 -27.81
C ASN IA 158 120.42 -75.19 -27.61
N ASP IA 159 121.42 -75.60 -26.83
CA ASP IA 159 121.67 -77.02 -26.63
C ASP IA 159 120.68 -77.60 -25.62
N ARG IA 160 120.57 -76.98 -24.45
CA ARG IA 160 119.72 -77.52 -23.40
C ARG IA 160 118.24 -77.39 -23.74
N TYR IA 161 117.77 -76.16 -23.94
CA TYR IA 161 116.36 -75.91 -24.25
C TYR IA 161 116.24 -75.57 -25.73
N PRO IA 162 115.74 -76.46 -26.57
CA PRO IA 162 115.76 -76.19 -28.01
C PRO IA 162 114.52 -75.47 -28.51
N LYS IA 163 113.45 -75.46 -27.72
CA LYS IA 163 112.16 -74.92 -28.15
C LYS IA 163 111.86 -73.58 -27.49
N LYS IA 164 112.88 -72.79 -27.16
CA LYS IA 164 112.70 -71.52 -26.49
C LYS IA 164 113.39 -70.43 -27.30
N LEU IA 165 112.65 -69.37 -27.63
CA LEU IA 165 113.24 -68.25 -28.33
C LEU IA 165 114.19 -67.48 -27.40
N VAL IA 166 115.28 -66.99 -27.97
CA VAL IA 166 116.30 -66.26 -27.22
C VAL IA 166 116.49 -64.91 -27.90
N GLN IA 167 115.83 -63.88 -27.36
CA GLN IA 167 115.89 -62.54 -27.91
C GLN IA 167 116.72 -61.65 -27.00
N THR IA 168 117.56 -60.81 -27.59
CA THR IA 168 118.54 -60.03 -26.84
C THR IA 168 118.39 -58.57 -27.19
N TYR IA 169 118.54 -57.70 -26.18
CA TYR IA 169 118.60 -56.26 -26.39
C TYR IA 169 120.06 -55.80 -26.45
N SER IA 170 120.81 -56.39 -27.37
CA SER IA 170 122.23 -56.09 -27.50
C SER IA 170 122.44 -54.65 -27.93
N VAL IA 171 123.59 -54.08 -27.54
CA VAL IA 171 123.89 -52.65 -27.87
C VAL IA 171 125.33 -52.53 -28.41
N PHE IA 172 125.46 -52.06 -29.66
CA PHE IA 172 126.78 -51.89 -30.31
C PHE IA 172 127.53 -50.70 -29.68
N PRO IA 173 128.87 -50.67 -29.72
CA PRO IA 173 129.64 -49.56 -29.14
C PRO IA 173 129.54 -48.30 -29.99
N VAL IA 183 141.12 -53.58 -30.16
CA VAL IA 183 140.49 -54.68 -29.46
C VAL IA 183 138.97 -54.57 -29.55
N GLN IA 184 138.48 -53.34 -29.68
CA GLN IA 184 137.04 -53.10 -29.72
C GLN IA 184 136.36 -53.77 -30.90
N PRO IA 185 136.88 -53.68 -32.14
CA PRO IA 185 136.22 -54.40 -33.24
C PRO IA 185 136.23 -55.91 -33.07
N TYR IA 186 137.26 -56.45 -32.43
CA TYR IA 186 137.36 -57.90 -32.27
C TYR IA 186 136.18 -58.44 -31.46
N ASN IA 187 135.97 -57.86 -30.28
CA ASN IA 187 134.87 -58.30 -29.38
C ASN IA 187 133.54 -58.26 -30.12
N SER IA 188 133.35 -57.24 -30.96
CA SER IA 188 132.08 -57.05 -31.72
C SER IA 188 131.85 -58.12 -32.78
N LEU IA 189 132.80 -58.33 -33.69
CA LEU IA 189 132.57 -59.27 -34.78
C LEU IA 189 132.50 -60.71 -34.30
N LEU IA 190 133.35 -61.06 -33.32
CA LEU IA 190 133.37 -62.44 -32.79
C LEU IA 190 131.98 -62.76 -32.20
N THR IA 191 131.37 -61.78 -31.53
CA THR IA 191 130.03 -61.98 -30.93
C THR IA 191 128.97 -62.10 -32.02
N LEU IA 192 129.02 -61.23 -33.04
CA LEU IA 192 128.03 -61.28 -34.11
C LEU IA 192 127.95 -62.66 -34.73
N LYS IA 193 129.02 -63.45 -34.62
CA LYS IA 193 129.01 -64.80 -35.17
C LYS IA 193 127.98 -65.68 -34.47
N ARG IA 194 127.75 -65.41 -33.18
CA ARG IA 194 126.80 -66.22 -32.38
C ARG IA 194 125.36 -65.71 -32.54
N LEU IA 195 125.18 -64.38 -32.50
CA LEU IA 195 123.85 -63.73 -32.58
C LEU IA 195 123.14 -64.00 -33.92
N THR IA 196 123.88 -64.43 -34.94
CA THR IA 196 123.27 -64.70 -36.24
C THR IA 196 122.78 -66.12 -36.39
N GLN IA 197 123.06 -67.00 -35.44
CA GLN IA 197 122.66 -68.39 -35.56
C GLN IA 197 121.99 -68.89 -34.27
N ASN IA 198 122.22 -68.19 -33.17
CA ASN IA 198 121.64 -68.60 -31.89
C ASN IA 198 120.41 -67.76 -31.53
N ALA IA 199 120.57 -66.44 -31.49
CA ALA IA 199 119.47 -65.57 -31.14
C ALA IA 199 118.51 -65.42 -32.32
N ASP IA 200 117.33 -66.03 -32.20
CA ASP IA 200 116.33 -65.97 -33.27
C ASP IA 200 115.71 -64.60 -33.42
N CYS IA 201 116.08 -63.64 -32.57
CA CYS IA 201 115.64 -62.26 -32.71
C CYS IA 201 116.67 -61.37 -32.04
N LEU IA 202 116.60 -60.08 -32.34
CA LEU IA 202 117.61 -59.16 -31.83
C LEU IA 202 117.13 -57.74 -32.10
N VAL IA 203 117.45 -56.84 -31.17
CA VAL IA 203 117.23 -55.41 -31.33
C VAL IA 203 118.53 -54.70 -30.99
N VAL IA 204 118.99 -53.87 -31.91
CA VAL IA 204 120.28 -53.21 -31.77
C VAL IA 204 120.07 -51.79 -31.29
N LEU IA 205 120.94 -51.36 -30.36
CA LEU IA 205 120.93 -50.00 -29.84
C LEU IA 205 122.34 -49.45 -29.96
N ASP IA 206 122.54 -48.51 -30.87
CA ASP IA 206 123.87 -47.97 -31.16
C ASP IA 206 124.16 -46.78 -30.25
N ASN IA 207 125.25 -46.88 -29.50
CA ASN IA 207 125.64 -45.80 -28.59
C ASN IA 207 126.04 -44.53 -29.33
N THR IA 208 126.53 -44.64 -30.57
CA THR IA 208 126.92 -43.46 -31.32
C THR IA 208 125.73 -42.54 -31.55
N ALA IA 209 124.64 -43.08 -32.09
CA ALA IA 209 123.45 -42.28 -32.31
C ALA IA 209 122.85 -41.82 -30.98
N LEU IA 210 122.92 -42.65 -29.94
CA LEU IA 210 122.39 -42.28 -28.64
C LEU IA 210 123.16 -41.11 -28.05
N ASN IA 211 124.50 -41.16 -28.11
CA ASN IA 211 125.29 -40.03 -27.63
C ASN IA 211 125.01 -38.79 -28.45
N ARG IA 212 124.71 -38.96 -29.75
CA ARG IA 212 124.34 -37.81 -30.58
C ARG IA 212 123.02 -37.21 -30.11
N ILE IA 213 121.97 -38.03 -29.99
CA ILE IA 213 120.67 -37.54 -29.57
C ILE IA 213 120.77 -36.84 -28.22
N ALA IA 214 121.72 -37.26 -27.39
CA ALA IA 214 121.90 -36.63 -26.09
C ALA IA 214 122.31 -35.17 -26.22
N THR IA 215 123.10 -34.84 -27.25
CA THR IA 215 123.57 -33.47 -27.38
C THR IA 215 122.52 -32.56 -27.99
N ASP IA 216 121.84 -33.00 -29.04
CA ASP IA 216 121.00 -32.08 -29.81
C ASP IA 216 119.70 -31.76 -29.06
N ARG IA 217 118.99 -32.78 -28.60
CA ARG IA 217 117.68 -32.57 -27.98
C ARG IA 217 117.67 -32.84 -26.48
N LEU IA 218 118.81 -33.15 -25.87
CA LEU IA 218 118.88 -33.30 -24.42
C LEU IA 218 119.98 -32.45 -23.77
N HIS IA 219 121.06 -32.12 -24.49
CA HIS IA 219 122.09 -31.20 -24.03
C HIS IA 219 122.73 -31.68 -22.72
N ILE IA 220 123.39 -32.83 -22.80
CA ILE IA 220 124.12 -33.35 -21.64
C ILE IA 220 125.60 -32.99 -21.65
N GLN IA 221 126.18 -32.74 -22.83
CA GLN IA 221 127.60 -32.42 -22.93
C GLN IA 221 127.91 -31.77 -24.27
N SER IA 224 126.89 -38.21 -19.81
CA SER IA 224 127.41 -39.34 -19.06
C SER IA 224 126.54 -40.57 -19.25
N PHE IA 225 127.02 -41.72 -18.76
CA PHE IA 225 126.27 -42.96 -18.88
C PHE IA 225 124.96 -42.88 -18.10
N SER IA 226 124.97 -42.19 -16.97
CA SER IA 226 123.81 -42.14 -16.09
C SER IA 226 122.65 -41.32 -16.67
N GLN IA 227 122.90 -40.51 -17.70
CA GLN IA 227 121.84 -39.73 -18.33
C GLN IA 227 121.28 -40.41 -19.57
N ILE IA 228 122.14 -41.01 -20.40
CA ILE IA 228 121.67 -41.63 -21.64
C ILE IA 228 120.85 -42.88 -21.33
N ASN IA 229 121.11 -43.53 -20.20
CA ASN IA 229 120.36 -44.73 -19.86
C ASN IA 229 118.89 -44.44 -19.63
N GLN IA 230 118.55 -43.21 -19.25
CA GLN IA 230 117.16 -42.84 -19.03
C GLN IA 230 116.32 -43.12 -20.28
N LEU IA 231 116.85 -42.79 -21.45
CA LEU IA 231 116.10 -43.02 -22.68
C LEU IA 231 116.12 -44.48 -23.09
N VAL IA 232 117.19 -45.20 -22.73
CA VAL IA 232 117.27 -46.63 -23.05
C VAL IA 232 116.11 -47.37 -22.38
N SER IA 233 115.89 -47.10 -21.09
CA SER IA 233 114.78 -47.74 -20.38
C SER IA 233 113.45 -47.46 -21.04
N THR IA 234 113.27 -46.26 -21.59
CA THR IA 234 112.00 -45.91 -22.23
C THR IA 234 111.72 -46.82 -23.41
N ILE IA 235 112.76 -47.20 -24.16
CA ILE IA 235 112.58 -48.05 -25.32
C ILE IA 235 112.14 -49.45 -24.89
N MET IA 236 112.86 -50.05 -23.96
CA MET IA 236 112.53 -51.42 -23.54
C MET IA 236 111.16 -51.48 -22.89
N SER IA 237 110.79 -50.44 -22.14
CA SER IA 237 109.48 -50.42 -21.49
C SER IA 237 108.37 -50.44 -22.52
N ALA IA 238 108.35 -49.44 -23.42
CA ALA IA 238 107.31 -49.39 -24.44
C ALA IA 238 107.40 -50.54 -25.43
N SER IA 239 108.53 -51.22 -25.49
CA SER IA 239 108.65 -52.36 -26.39
C SER IA 239 107.74 -53.50 -25.94
N THR IA 240 107.54 -53.64 -24.64
CA THR IA 240 106.71 -54.70 -24.09
C THR IA 240 105.42 -54.15 -23.48
N THR IA 241 104.84 -53.13 -24.14
CA THR IA 241 103.61 -52.54 -23.62
C THR IA 241 102.41 -53.44 -23.85
N THR IA 242 102.26 -53.94 -25.08
CA THR IA 242 101.08 -54.73 -25.43
C THR IA 242 100.99 -56.02 -24.63
N LEU IA 243 102.08 -56.49 -24.04
CA LEU IA 243 102.04 -57.75 -23.30
C LEU IA 243 101.52 -57.57 -21.88
N ARG IA 244 101.78 -56.42 -21.27
CA ARG IA 244 101.43 -56.20 -19.87
C ARG IA 244 100.01 -55.71 -19.67
N TYR IA 245 99.29 -55.43 -20.75
CA TYR IA 245 97.91 -54.98 -20.66
C TYR IA 245 97.02 -55.86 -21.53
N PRO IA 246 95.87 -56.32 -21.03
CA PRO IA 246 95.05 -57.24 -21.81
C PRO IA 246 94.52 -56.59 -23.07
N GLY IA 247 94.84 -57.20 -24.21
CA GLY IA 247 94.40 -56.69 -25.49
C GLY IA 247 93.73 -57.75 -26.34
N TYR IA 248 93.63 -57.51 -27.64
CA TYR IA 248 92.96 -58.47 -28.51
C TYR IA 248 93.96 -59.46 -29.11
N MET IA 249 95.00 -58.95 -29.75
CA MET IA 249 96.13 -59.75 -30.20
C MET IA 249 97.39 -59.26 -29.51
N ASN IA 250 98.53 -59.82 -29.90
CA ASN IA 250 99.82 -59.50 -29.32
C ASN IA 250 99.81 -59.81 -27.81
N ASN IA 251 99.57 -61.08 -27.51
CA ASN IA 251 99.58 -61.56 -26.14
C ASN IA 251 100.75 -62.50 -25.87
N ASP IA 252 101.80 -62.43 -26.68
CA ASP IA 252 103.01 -63.21 -26.47
C ASP IA 252 104.14 -62.59 -27.28
N LEU IA 253 105.37 -62.89 -26.89
CA LEU IA 253 106.52 -62.40 -27.64
C LEU IA 253 106.48 -62.88 -29.08
N ILE IA 254 105.97 -64.10 -29.32
CA ILE IA 254 105.78 -64.58 -30.68
C ILE IA 254 104.80 -63.70 -31.43
N GLY IA 255 103.83 -63.11 -30.72
CA GLY IA 255 102.84 -62.29 -31.39
C GLY IA 255 103.40 -61.02 -32.00
N LEU IA 256 104.63 -60.67 -31.65
CA LEU IA 256 105.24 -59.45 -32.20
C LEU IA 256 106.29 -59.76 -33.23
N ILE IA 257 107.11 -60.79 -33.00
CA ILE IA 257 108.30 -61.01 -33.81
C ILE IA 257 107.94 -61.72 -35.11
N ALA IA 258 107.00 -62.66 -35.05
CA ALA IA 258 106.70 -63.51 -36.20
C ALA IA 258 106.31 -62.73 -37.44
N SER IA 259 105.71 -61.55 -37.28
CA SER IA 259 105.32 -60.76 -38.45
C SER IA 259 106.53 -60.00 -39.01
N LEU IA 260 107.60 -59.88 -38.23
CA LEU IA 260 108.74 -59.08 -38.67
C LEU IA 260 109.77 -59.93 -39.39
N ILE IA 261 110.12 -61.08 -38.83
CA ILE IA 261 111.16 -61.94 -39.39
C ILE IA 261 110.54 -62.97 -40.32
N PRO IA 262 110.72 -62.84 -41.64
CA PRO IA 262 110.21 -63.87 -42.57
C PRO IA 262 111.12 -65.06 -42.71
N THR IA 263 112.43 -64.84 -42.66
CA THR IA 263 113.42 -65.87 -42.93
C THR IA 263 114.43 -65.93 -41.79
N PRO IA 264 114.96 -67.12 -41.50
CA PRO IA 264 115.91 -67.25 -40.38
C PRO IA 264 117.13 -66.36 -40.49
N ARG IA 265 117.42 -65.80 -41.66
CA ARG IA 265 118.57 -64.92 -41.79
C ARG IA 265 118.23 -63.47 -41.45
N LEU IA 266 117.15 -62.95 -42.02
CA LEU IA 266 116.74 -61.57 -41.77
C LEU IA 266 116.10 -61.50 -40.38
N HIS IA 267 116.96 -61.36 -39.37
CA HIS IA 267 116.52 -61.31 -37.97
C HIS IA 267 117.17 -60.16 -37.22
N PHE IA 268 117.12 -58.95 -37.78
CA PHE IA 268 117.60 -57.76 -37.09
C PHE IA 268 116.56 -56.65 -37.19
N LEU IA 269 116.33 -55.96 -36.09
CA LEU IA 269 115.29 -54.95 -36.00
C LEU IA 269 115.86 -53.61 -35.53
N MET IA 270 115.02 -52.59 -35.54
CA MET IA 270 115.38 -51.26 -35.06
C MET IA 270 114.15 -50.60 -34.43
N THR IA 271 114.42 -49.66 -33.53
CA THR IA 271 113.38 -49.01 -32.75
C THR IA 271 113.37 -47.51 -33.03
N GLY IA 272 112.26 -46.87 -32.69
CA GLY IA 272 112.14 -45.42 -32.81
C GLY IA 272 111.15 -44.83 -31.83
N TYR IA 273 111.59 -43.82 -31.06
CA TYR IA 273 110.77 -43.23 -30.01
C TYR IA 273 110.60 -41.74 -30.32
N THR IA 274 109.39 -41.35 -30.71
CA THR IA 274 109.14 -39.99 -31.14
C THR IA 274 109.03 -38.96 -30.02
N PRO IA 275 108.17 -39.14 -29.00
CA PRO IA 275 107.95 -38.03 -28.04
C PRO IA 275 109.16 -37.84 -27.13
N LEU IA 276 109.83 -36.71 -27.29
CA LEU IA 276 111.04 -36.42 -26.53
C LEU IA 276 110.96 -35.03 -25.90
N THR IA 288 96.73 -33.55 -30.72
CA THR IA 288 97.60 -34.61 -31.18
C THR IA 288 96.80 -35.82 -31.67
N THR IA 289 96.91 -36.13 -32.95
CA THR IA 289 96.15 -37.19 -33.58
C THR IA 289 97.04 -38.37 -33.95
N VAL IA 290 96.41 -39.42 -34.47
CA VAL IA 290 97.15 -40.61 -34.86
C VAL IA 290 98.01 -40.32 -36.09
N LEU IA 291 97.53 -39.46 -37.00
CA LEU IA 291 98.33 -39.11 -38.16
C LEU IA 291 99.54 -38.28 -37.76
N ASP IA 292 99.47 -37.62 -36.61
CA ASP IA 292 100.58 -36.79 -36.17
C ASP IA 292 101.79 -37.64 -35.75
N VAL IA 293 101.54 -38.78 -35.14
CA VAL IA 293 102.64 -39.55 -34.55
C VAL IA 293 103.39 -40.33 -35.62
N MET IA 294 102.68 -40.79 -36.66
CA MET IA 294 103.34 -41.63 -37.64
C MET IA 294 104.31 -40.84 -38.52
N ARG IA 295 103.98 -39.60 -38.85
CA ARG IA 295 104.86 -38.82 -39.72
C ARG IA 295 106.21 -38.54 -39.05
N ARG IA 296 106.27 -38.61 -37.73
CA ARG IA 296 107.54 -38.45 -37.03
C ARG IA 296 108.31 -39.75 -36.89
N LEU IA 297 107.65 -40.90 -37.04
CA LEU IA 297 108.35 -42.17 -36.97
C LEU IA 297 109.30 -42.36 -38.15
N LEU IA 298 108.79 -42.22 -39.36
CA LEU IA 298 109.55 -42.57 -40.56
C LEU IA 298 110.72 -41.63 -40.82
N GLN IA 299 110.79 -40.51 -40.10
CA GLN IA 299 111.94 -39.63 -40.28
C GLN IA 299 113.18 -40.27 -39.66
N PRO IA 300 114.26 -40.42 -40.43
CA PRO IA 300 115.52 -40.96 -39.87
C PRO IA 300 116.17 -40.02 -38.86
N LYS IA 301 115.56 -38.86 -38.55
CA LYS IA 301 116.14 -37.95 -37.58
C LYS IA 301 115.94 -38.41 -36.15
N ASN IA 302 115.02 -39.35 -35.92
CA ASN IA 302 114.75 -39.88 -34.58
C ASN IA 302 115.11 -41.34 -34.41
N VAL IA 303 115.32 -42.08 -35.50
CA VAL IA 303 115.69 -43.49 -35.39
C VAL IA 303 117.16 -43.58 -35.03
N MET IA 304 117.47 -44.37 -34.01
CA MET IA 304 118.84 -44.50 -33.51
C MET IA 304 119.67 -45.36 -34.46
N VAL IA 305 120.06 -44.75 -35.59
CA VAL IA 305 120.88 -45.39 -36.61
C VAL IA 305 121.84 -44.36 -37.16
N SER IA 306 122.97 -44.83 -37.67
CA SER IA 306 123.96 -43.95 -38.29
C SER IA 306 124.20 -44.36 -39.73
N ASN IA 314 119.01 -50.68 -53.57
CA ASN IA 314 118.54 -49.56 -52.76
C ASN IA 314 118.30 -50.01 -51.32
N HIS IA 315 117.70 -49.13 -50.52
CA HIS IA 315 117.41 -49.44 -49.13
C HIS IA 315 115.91 -49.30 -48.89
N CYS IA 316 115.35 -50.29 -48.19
CA CYS IA 316 113.92 -50.31 -47.91
C CYS IA 316 113.69 -51.23 -46.71
N TYR IA 317 112.51 -51.08 -46.10
CA TYR IA 317 112.13 -51.87 -44.93
C TYR IA 317 111.62 -53.23 -45.34
N ILE IA 318 111.21 -54.01 -44.34
CA ILE IA 318 110.59 -55.31 -44.56
C ILE IA 318 109.18 -55.35 -43.99
N ALA IA 319 109.00 -54.85 -42.78
CA ALA IA 319 107.69 -54.78 -42.13
C ALA IA 319 107.80 -53.84 -40.94
N ILE IA 320 106.71 -53.15 -40.64
CA ILE IA 320 106.69 -52.14 -39.59
C ILE IA 320 105.65 -52.51 -38.55
N LEU IA 321 106.01 -52.33 -37.28
CA LEU IA 321 105.10 -52.52 -36.16
C LEU IA 321 105.01 -51.22 -35.39
N ASN IA 322 103.81 -50.67 -35.26
CA ASN IA 322 103.60 -49.40 -34.58
C ASN IA 322 102.87 -49.64 -33.26
N ILE IA 323 103.37 -48.99 -32.21
CA ILE IA 323 102.81 -49.12 -30.87
C ILE IA 323 102.41 -47.72 -30.40
N ILE IA 324 101.14 -47.55 -30.07
CA ILE IA 324 100.59 -46.28 -29.61
C ILE IA 324 100.10 -46.48 -28.17
N GLN IA 325 100.60 -45.65 -27.26
CA GLN IA 325 100.26 -45.77 -25.85
C GLN IA 325 99.26 -44.73 -25.40
N GLY IA 326 98.59 -44.04 -26.32
CA GLY IA 326 97.64 -43.01 -25.96
C GLY IA 326 96.20 -43.46 -26.09
N GLU IA 327 95.30 -42.52 -25.75
CA GLU IA 327 93.86 -42.74 -25.83
C GLU IA 327 93.24 -42.15 -27.10
N VAL IA 328 93.96 -42.21 -28.22
CA VAL IA 328 93.48 -41.60 -29.46
C VAL IA 328 92.24 -42.36 -29.95
N ASP IA 329 91.37 -41.62 -30.63
CA ASP IA 329 90.20 -42.21 -31.26
C ASP IA 329 90.63 -43.25 -32.30
N PRO IA 330 90.30 -44.53 -32.12
CA PRO IA 330 90.75 -45.56 -33.04
C PRO IA 330 89.99 -45.62 -34.37
N THR IA 331 89.17 -44.62 -34.68
CA THR IA 331 88.44 -44.62 -35.94
C THR IA 331 89.23 -44.00 -37.08
N GLN IA 332 90.03 -42.98 -36.80
CA GLN IA 332 90.76 -42.24 -37.83
C GLN IA 332 92.14 -42.84 -38.13
N VAL IA 333 92.48 -43.98 -37.54
CA VAL IA 333 93.77 -44.59 -37.84
C VAL IA 333 93.79 -45.12 -39.27
N HIS IA 334 92.64 -45.57 -39.78
CA HIS IA 334 92.58 -46.01 -41.17
C HIS IA 334 92.66 -44.84 -42.13
N LYS IA 335 92.26 -43.65 -41.68
CA LYS IA 335 92.43 -42.46 -42.49
C LYS IA 335 93.89 -42.05 -42.58
N SER IA 336 94.65 -42.26 -41.50
CA SER IA 336 96.06 -41.88 -41.49
C SER IA 336 96.86 -42.73 -42.44
N LEU IA 337 96.59 -44.03 -42.47
CA LEU IA 337 97.36 -44.94 -43.34
C LEU IA 337 97.16 -44.60 -44.81
N GLN IA 338 95.95 -44.15 -45.19
CA GLN IA 338 95.68 -43.85 -46.58
C GLN IA 338 96.54 -42.70 -47.08
N ARG IA 339 96.64 -41.63 -46.30
CA ARG IA 339 97.47 -40.49 -46.69
C ARG IA 339 98.95 -40.89 -46.73
N ILE IA 340 99.36 -41.83 -45.89
CA ILE IA 340 100.75 -42.28 -45.89
C ILE IA 340 101.07 -43.01 -47.18
N ARG IA 341 100.17 -43.90 -47.63
CA ARG IA 341 100.37 -44.57 -48.90
C ARG IA 341 100.32 -43.58 -50.06
N GLU IA 342 99.54 -42.52 -49.92
CA GLU IA 342 99.49 -41.50 -50.96
C GLU IA 342 100.79 -40.73 -51.05
N ARG IA 343 101.32 -40.28 -49.91
CA ARG IA 343 102.59 -39.57 -49.89
C ARG IA 343 103.77 -40.46 -50.26
N LYS IA 344 103.68 -41.77 -50.02
CA LYS IA 344 104.76 -42.71 -50.30
C LYS IA 344 106.04 -42.29 -49.58
N LEU IA 345 105.98 -42.30 -48.25
CA LEU IA 345 107.08 -41.83 -47.43
C LEU IA 345 108.13 -42.90 -47.16
N ALA IA 346 107.81 -44.17 -47.40
CA ALA IA 346 108.75 -45.25 -47.16
C ALA IA 346 108.67 -46.27 -48.29
N ASN IA 347 109.83 -46.76 -48.70
CA ASN IA 347 109.93 -47.74 -49.78
C ASN IA 347 109.90 -49.15 -49.21
N PHE IA 348 109.43 -50.08 -50.01
CA PHE IA 348 109.14 -51.45 -49.57
C PHE IA 348 109.77 -52.46 -50.51
N ILE IA 349 109.55 -53.74 -50.20
CA ILE IA 349 110.03 -54.84 -51.03
C ILE IA 349 108.93 -55.23 -52.02
N PRO IA 350 109.28 -55.50 -53.28
CA PRO IA 350 108.25 -55.90 -54.25
C PRO IA 350 108.02 -57.40 -54.33
N TRP IA 351 108.96 -58.19 -53.81
CA TRP IA 351 108.92 -59.63 -54.02
C TRP IA 351 107.81 -60.30 -53.23
N GLY IA 352 107.73 -60.02 -51.93
CA GLY IA 352 106.81 -60.71 -51.08
C GLY IA 352 105.73 -59.82 -50.50
N PRO IA 353 104.62 -60.42 -50.07
CA PRO IA 353 103.54 -59.63 -49.46
C PRO IA 353 103.93 -59.14 -48.07
N ALA IA 354 103.83 -57.84 -47.85
CA ALA IA 354 104.10 -57.24 -46.56
C ALA IA 354 103.08 -56.13 -46.30
N SER IA 355 102.98 -55.70 -45.05
CA SER IA 355 102.02 -54.67 -44.66
C SER IA 355 102.60 -53.85 -43.51
N ILE IA 356 102.01 -52.69 -43.27
CA ILE IA 356 102.35 -51.84 -42.14
C ILE IA 356 101.28 -52.05 -41.07
N GLN IA 357 101.72 -52.29 -39.84
CA GLN IA 357 100.84 -52.64 -38.74
C GLN IA 357 100.85 -51.53 -37.68
N VAL IA 358 99.79 -51.48 -36.88
CA VAL IA 358 99.69 -50.53 -35.78
C VAL IA 358 98.89 -51.19 -34.66
N ALA IA 359 99.25 -50.86 -33.42
CA ALA IA 359 98.59 -51.44 -32.25
C ALA IA 359 98.41 -50.35 -31.20
N LEU IA 360 97.37 -50.52 -30.37
CA LEU IA 360 97.03 -49.58 -29.32
C LEU IA 360 97.15 -50.24 -27.96
N SER IA 361 97.28 -49.40 -26.93
CA SER IA 361 97.36 -49.87 -25.56
C SER IA 361 96.98 -48.70 -24.64
N ARG IA 362 97.23 -48.85 -23.35
CA ARG IA 362 96.90 -47.84 -22.36
C ARG IA 362 98.13 -47.48 -21.56
N LYS IA 363 98.36 -46.18 -21.39
CA LYS IA 363 99.44 -45.70 -20.54
C LYS IA 363 99.14 -46.04 -19.09
N SER IA 364 100.20 -46.14 -18.29
CA SER IA 364 100.06 -46.44 -16.87
C SER IA 364 99.29 -45.32 -16.18
N PRO IA 365 98.13 -45.61 -15.58
CA PRO IA 365 97.35 -44.54 -14.96
C PRO IA 365 98.00 -43.98 -13.71
N TYR IA 366 98.76 -44.79 -12.97
CA TYR IA 366 99.34 -44.34 -11.72
C TYR IA 366 100.50 -43.38 -11.92
N LEU IA 367 101.02 -43.25 -13.14
CA LEU IA 367 102.11 -42.33 -13.41
C LEU IA 367 101.64 -40.88 -13.36
N ARG IA 372 97.86 -36.65 -23.67
CA ARG IA 372 99.23 -37.14 -23.71
C ARG IA 372 99.32 -38.43 -24.52
N VAL IA 373 100.18 -38.44 -25.54
CA VAL IA 373 100.32 -39.57 -26.44
C VAL IA 373 101.79 -39.82 -26.70
N SER IA 374 102.21 -41.07 -26.60
CA SER IA 374 103.57 -41.48 -26.90
C SER IA 374 103.56 -42.34 -28.16
N GLY IA 375 104.72 -42.88 -28.51
CA GLY IA 375 104.82 -43.71 -29.70
C GLY IA 375 106.14 -44.43 -29.85
N LEU IA 376 106.06 -45.71 -30.23
CA LEU IA 376 107.23 -46.53 -30.50
C LEU IA 376 106.98 -47.33 -31.77
N MET IA 377 108.02 -47.45 -32.59
CA MET IA 377 107.94 -48.16 -33.85
C MET IA 377 109.02 -49.23 -33.91
N MET IA 378 108.68 -50.39 -34.46
CA MET IA 378 109.62 -51.47 -34.68
C MET IA 378 109.89 -51.58 -36.17
N ALA IA 379 111.14 -51.39 -36.57
CA ALA IA 379 111.52 -51.31 -37.96
C ALA IA 379 112.49 -52.44 -38.32
N ASN IA 380 112.32 -52.99 -39.51
CA ASN IA 380 113.19 -54.02 -40.05
C ASN IA 380 113.78 -53.47 -41.35
N HIS IA 381 114.90 -52.77 -41.23
CA HIS IA 381 115.51 -52.06 -42.35
C HIS IA 381 116.78 -52.77 -42.81
N THR IA 382 117.03 -52.71 -44.12
CA THR IA 382 118.26 -53.25 -44.68
C THR IA 382 119.43 -52.29 -44.54
N SER IA 383 119.18 -51.03 -44.18
CA SER IA 383 120.26 -50.08 -43.94
C SER IA 383 121.10 -50.45 -42.72
N ILE IA 384 120.61 -51.38 -41.90
CA ILE IA 384 121.36 -51.80 -40.71
C ILE IA 384 122.59 -52.59 -41.11
N SER IA 385 122.63 -53.08 -42.36
CA SER IA 385 123.80 -53.83 -42.82
C SER IA 385 125.04 -52.96 -42.90
N SER IA 386 124.85 -51.65 -43.14
CA SER IA 386 125.99 -50.75 -43.24
C SER IA 386 126.78 -50.71 -41.95
N LEU IA 387 126.09 -50.70 -40.80
CA LEU IA 387 126.78 -50.69 -39.51
C LEU IA 387 127.69 -51.90 -39.38
N PHE IA 388 127.25 -53.06 -39.87
CA PHE IA 388 128.09 -54.25 -39.86
C PHE IA 388 129.34 -54.03 -40.70
N GLU IA 389 129.16 -53.52 -41.92
CA GLU IA 389 130.29 -53.28 -42.81
C GLU IA 389 131.34 -52.38 -42.16
N ARG IA 390 130.89 -51.31 -41.51
CA ARG IA 390 131.82 -50.41 -40.82
C ARG IA 390 132.67 -51.17 -39.81
N THR IA 391 132.01 -52.01 -39.00
CA THR IA 391 132.73 -52.81 -38.01
C THR IA 391 133.69 -53.79 -38.68
N CYS IA 392 133.17 -54.61 -39.59
CA CYS IA 392 134.00 -55.62 -40.24
C CYS IA 392 135.11 -54.98 -41.08
N ARG IA 393 134.89 -53.75 -41.54
CA ARG IA 393 135.95 -53.02 -42.23
C ARG IA 393 137.12 -52.75 -41.30
N GLN IA 394 136.81 -52.27 -40.09
CA GLN IA 394 137.86 -52.03 -39.10
C GLN IA 394 138.51 -53.34 -38.65
N TYR IA 395 137.75 -54.43 -38.64
CA TYR IA 395 138.31 -55.74 -38.32
C TYR IA 395 139.39 -56.13 -39.31
N ASP IA 396 139.11 -55.96 -40.60
CA ASP IA 396 140.12 -56.24 -41.63
C ASP IA 396 141.29 -55.27 -41.52
N LYS IA 397 141.02 -54.05 -41.04
CA LYS IA 397 142.09 -53.08 -40.85
C LYS IA 397 143.07 -53.53 -39.77
N LEU IA 398 142.56 -54.07 -38.65
CA LEU IA 398 143.43 -54.57 -37.60
C LEU IA 398 144.03 -55.93 -37.91
N ARG IA 399 143.44 -56.67 -38.86
CA ARG IA 399 143.99 -57.96 -39.25
C ARG IA 399 145.32 -57.83 -39.98
N LYS IA 400 145.55 -56.72 -40.68
CA LYS IA 400 146.77 -56.53 -41.45
C LYS IA 400 147.75 -55.60 -40.76
N ARG IA 401 147.47 -55.23 -39.50
CA ARG IA 401 148.37 -54.41 -38.71
C ARG IA 401 148.64 -54.97 -37.31
N GLU IA 402 147.79 -55.85 -36.79
CA GLU IA 402 147.95 -56.42 -35.46
C GLU IA 402 148.02 -55.35 -34.39
N ASP IA 416 145.70 -70.09 -30.13
CA ASP IA 416 146.67 -71.09 -30.51
C ASP IA 416 146.63 -71.36 -32.01
N ASN IA 417 145.44 -71.25 -32.59
CA ASN IA 417 145.25 -71.51 -34.01
C ASN IA 417 144.90 -70.28 -34.83
N PHE IA 418 144.26 -69.28 -34.23
CA PHE IA 418 143.81 -68.07 -34.93
C PHE IA 418 142.90 -68.41 -36.11
N ASP IA 419 142.08 -69.45 -35.96
CA ASP IA 419 141.21 -69.91 -37.02
C ASP IA 419 139.74 -69.61 -36.77
N GLU IA 420 139.31 -69.58 -35.51
CA GLU IA 420 137.91 -69.29 -35.21
C GLU IA 420 137.53 -67.89 -35.66
N MET IA 421 138.44 -66.93 -35.48
CA MET IA 421 138.18 -65.57 -35.95
C MET IA 421 138.15 -65.50 -37.46
N ASP IA 422 138.67 -66.53 -38.13
CA ASP IA 422 138.66 -66.55 -39.59
C ASP IA 422 137.31 -67.00 -40.13
N THR IA 423 136.74 -68.07 -39.55
CA THR IA 423 135.44 -68.54 -40.03
C THR IA 423 134.32 -67.56 -39.65
N SER IA 424 134.49 -66.84 -38.55
CA SER IA 424 133.47 -65.88 -38.13
C SER IA 424 133.33 -64.76 -39.15
N ARG IA 425 134.45 -64.32 -39.73
CA ARG IA 425 134.39 -63.29 -40.76
C ARG IA 425 133.64 -63.80 -42.00
N GLU IA 426 133.74 -65.11 -42.27
CA GLU IA 426 133.10 -65.66 -43.46
C GLU IA 426 131.59 -65.77 -43.27
N ILE IA 427 131.15 -66.19 -42.09
CA ILE IA 427 129.71 -66.40 -41.89
C ILE IA 427 128.96 -65.08 -41.83
N VAL IA 428 129.59 -64.02 -41.31
CA VAL IA 428 128.93 -62.71 -41.32
C VAL IA 428 128.91 -62.15 -42.73
N GLN IA 429 129.80 -62.62 -43.61
CA GLN IA 429 129.76 -62.22 -45.00
C GLN IA 429 128.45 -62.66 -45.65
N GLN IA 430 127.91 -63.81 -45.21
CA GLN IA 430 126.64 -64.27 -45.73
C GLN IA 430 125.50 -63.37 -45.29
N LEU IA 431 125.57 -62.87 -44.06
CA LEU IA 431 124.48 -62.03 -43.55
C LEU IA 431 124.39 -60.73 -44.34
N ILE IA 432 125.49 -59.99 -44.43
CA ILE IA 432 125.49 -58.75 -45.20
C ILE IA 432 125.13 -59.02 -46.65
N ASP IA 433 125.48 -60.22 -47.15
CA ASP IA 433 125.09 -60.58 -48.51
C ASP IA 433 123.59 -60.77 -48.60
N GLU IA 434 122.99 -61.40 -47.59
CA GLU IA 434 121.56 -61.68 -47.64
C GLU IA 434 120.73 -60.41 -47.66
N TYR IA 435 121.17 -59.38 -46.96
CA TYR IA 435 120.41 -58.12 -46.95
C TYR IA 435 120.60 -57.36 -48.25
N HIS IA 436 121.85 -57.25 -48.72
CA HIS IA 436 122.10 -56.58 -50.00
C HIS IA 436 121.39 -57.30 -51.14
N ALA IA 437 121.26 -58.62 -51.05
CA ALA IA 437 120.48 -59.35 -52.04
C ALA IA 437 118.98 -59.29 -51.76
N ALA IA 438 118.57 -58.82 -50.58
CA ALA IA 438 117.16 -58.76 -50.27
C ALA IA 438 116.47 -57.58 -50.94
N THR IA 439 117.21 -56.51 -51.24
CA THR IA 439 116.66 -55.32 -51.87
C THR IA 439 116.61 -55.45 -53.39
N ARG IA 440 116.73 -56.65 -53.93
CA ARG IA 440 116.59 -56.92 -55.35
C ARG IA 440 115.25 -57.59 -55.65
N PRO IA 441 114.72 -57.41 -56.86
CA PRO IA 441 113.48 -58.12 -57.22
C PRO IA 441 113.64 -59.64 -57.28
N ASP IA 442 114.84 -60.16 -57.12
CA ASP IA 442 115.08 -61.60 -57.17
C ASP IA 442 115.81 -62.08 -55.91
N TYR IA 443 115.33 -61.66 -54.74
CA TYR IA 443 115.95 -62.11 -53.50
C TYR IA 443 115.78 -63.61 -53.30
N ILE IA 444 114.65 -64.16 -53.74
CA ILE IA 444 114.44 -65.61 -53.64
C ILE IA 444 115.47 -66.33 -54.50
N SER IA 445 116.10 -67.35 -53.90
CA SER IA 445 117.16 -68.11 -54.57
C SER IA 445 118.29 -67.21 -55.07
N ARG JA 3 91.24 -84.85 30.37
CA ARG JA 3 92.65 -85.19 30.23
C ARG JA 3 93.52 -83.96 30.43
N GLU JA 4 94.39 -84.01 31.44
CA GLU JA 4 95.23 -82.89 31.82
C GLU JA 4 96.61 -83.03 31.20
N ILE JA 5 97.22 -81.88 30.91
CA ILE JA 5 98.57 -81.81 30.35
C ILE JA 5 99.47 -81.12 31.36
N ILE JA 6 100.72 -81.55 31.45
CA ILE JA 6 101.69 -81.01 32.39
C ILE JA 6 102.99 -80.74 31.65
N THR JA 7 103.69 -79.68 32.05
CA THR JA 7 104.91 -79.26 31.38
C THR JA 7 106.11 -79.37 32.31
N LEU JA 8 107.28 -79.57 31.71
CA LEU JA 8 108.55 -79.60 32.41
C LEU JA 8 109.56 -78.74 31.66
N GLN JA 9 110.28 -77.91 32.38
CA GLN JA 9 111.25 -76.98 31.78
C GLN JA 9 112.61 -77.24 32.41
N LEU JA 10 113.63 -77.43 31.56
CA LEU JA 10 114.97 -77.75 32.02
C LEU JA 10 115.96 -76.72 31.50
N GLY JA 11 117.17 -76.74 32.07
CA GLY JA 11 118.24 -75.87 31.62
C GLY JA 11 117.93 -74.39 31.73
N GLN JA 12 118.80 -73.55 31.16
CA GLN JA 12 118.54 -72.11 31.15
C GLN JA 12 117.52 -71.76 30.08
N CYS JA 13 117.63 -72.38 28.91
CA CYS JA 13 116.73 -72.06 27.80
C CYS JA 13 115.28 -72.41 28.13
N GLY JA 14 115.05 -73.67 28.54
CA GLY JA 14 113.68 -74.11 28.77
C GLY JA 14 112.95 -73.26 29.80
N ASN JA 15 113.66 -72.82 30.84
CA ASN JA 15 113.01 -72.01 31.87
C ASN JA 15 112.72 -70.60 31.37
N GLN JA 16 113.45 -70.16 30.34
CA GLN JA 16 113.23 -68.81 29.81
C GLN JA 16 112.03 -68.79 28.86
N ILE JA 17 112.04 -69.63 27.83
CA ILE JA 17 110.94 -69.62 26.88
C ILE JA 17 109.67 -70.13 27.53
N GLY JA 18 109.78 -71.06 28.49
CA GLY JA 18 108.61 -71.51 29.20
C GLY JA 18 107.99 -70.41 30.04
N PHE JA 19 108.82 -69.51 30.56
CA PHE JA 19 108.29 -68.37 31.30
C PHE JA 19 107.45 -67.48 30.42
N GLU JA 20 108.01 -67.02 29.29
CA GLU JA 20 107.24 -66.23 28.35
C GLU JA 20 106.09 -67.04 27.76
N PHE JA 21 106.24 -68.36 27.67
CA PHE JA 21 105.12 -69.20 27.28
C PHE JA 21 104.01 -69.11 28.33
N TRP JA 22 104.37 -68.96 29.60
CA TRP JA 22 103.36 -68.82 30.63
C TRP JA 22 102.77 -67.42 30.63
N LYS JA 23 103.56 -66.41 30.23
CA LYS JA 23 103.02 -65.06 30.14
C LYS JA 23 101.99 -64.97 29.02
N GLN JA 24 102.36 -65.39 27.81
CA GLN JA 24 101.47 -65.26 26.67
C GLN JA 24 100.20 -66.09 26.87
N LEU JA 25 100.34 -67.29 27.44
CA LEU JA 25 99.16 -68.12 27.67
C LEU JA 25 98.27 -67.53 28.75
N CYS JA 26 98.88 -67.01 29.83
CA CYS JA 26 98.09 -66.35 30.86
C CYS JA 26 97.40 -65.11 30.32
N ALA JA 27 97.95 -64.50 29.27
CA ALA JA 27 97.30 -63.35 28.67
C ALA JA 27 96.08 -63.75 27.85
N GLU JA 28 96.12 -64.94 27.24
CA GLU JA 28 95.00 -65.38 26.42
C GLU JA 28 93.71 -65.46 27.23
N HIS JA 29 93.79 -65.99 28.44
CA HIS JA 29 92.65 -66.03 29.33
C HIS JA 29 92.65 -64.81 30.25
N GLY JA 30 91.52 -64.54 30.87
CA GLY JA 30 91.40 -63.39 31.75
C GLY JA 30 92.02 -63.64 33.10
N ILE JA 31 93.32 -63.96 33.11
CA ILE JA 31 94.03 -64.34 34.31
C ILE JA 31 95.06 -63.25 34.61
N SER JA 32 94.88 -62.57 35.73
CA SER JA 32 95.81 -61.52 36.14
C SER JA 32 97.18 -62.11 36.42
N PRO JA 33 98.23 -61.28 36.36
CA PRO JA 33 99.58 -61.76 36.68
C PRO JA 33 99.69 -62.40 38.06
N GLU JA 34 98.82 -61.98 38.98
CA GLU JA 34 98.81 -62.51 40.34
C GLU JA 34 98.05 -63.83 40.45
N ALA JA 35 97.80 -64.52 39.34
CA ALA JA 35 97.09 -65.79 39.31
C ALA JA 35 95.69 -65.68 39.89
N ILE JA 36 94.98 -64.60 39.54
CA ILE JA 36 93.61 -64.37 39.99
C ILE JA 36 92.78 -63.96 38.78
N VAL JA 37 91.60 -64.55 38.65
CA VAL JA 37 90.73 -64.23 37.53
C VAL JA 37 90.09 -62.86 37.73
N GLU JA 38 90.12 -62.04 36.69
CA GLU JA 38 89.47 -60.74 36.71
C GLU JA 38 88.10 -60.84 36.04
N GLU JA 39 87.34 -59.75 36.11
CA GLU JA 39 85.98 -59.76 35.59
C GLU JA 39 85.97 -59.85 34.07
N PHE JA 40 86.45 -58.81 33.39
CA PHE JA 40 86.48 -58.74 31.94
C PHE JA 40 85.13 -59.10 31.31
N THR JA 45 83.59 -70.03 28.07
CA THR JA 45 83.78 -70.67 26.77
C THR JA 45 85.11 -71.43 26.71
N ASP JA 46 86.20 -70.72 26.99
CA ASP JA 46 87.53 -71.30 26.90
C ASP JA 46 87.77 -72.22 28.08
N ARG JA 47 87.95 -73.51 27.79
CA ARG JA 47 88.31 -74.48 28.82
C ARG JA 47 89.73 -74.22 29.30
N LYS JA 48 89.87 -73.72 30.52
CA LYS JA 48 91.17 -73.43 31.11
C LYS JA 48 91.59 -74.50 32.12
N ASP JA 49 91.03 -75.70 32.04
CA ASP JA 49 91.31 -76.72 33.03
C ASP JA 49 92.41 -77.68 32.59
N VAL JA 50 92.75 -77.70 31.31
CA VAL JA 50 93.76 -78.65 30.84
C VAL JA 50 95.15 -78.20 31.28
N PHE JA 51 95.37 -76.90 31.37
CA PHE JA 51 96.67 -76.36 31.77
C PHE JA 51 96.69 -75.81 33.18
N PHE JA 52 95.54 -75.40 33.72
CA PHE JA 52 95.48 -74.78 35.03
C PHE JA 52 94.64 -75.62 35.97
N TYR JA 53 95.02 -75.62 37.24
CA TYR JA 53 94.40 -76.46 38.26
C TYR JA 53 94.05 -75.60 39.46
N GLN JA 54 92.77 -75.54 39.80
CA GLN JA 54 92.29 -74.71 40.90
C GLN JA 54 92.61 -75.33 42.24
N TYR JA 60 94.27 -69.51 40.35
CA TYR JA 60 94.60 -70.60 39.44
C TYR JA 60 96.07 -71.01 39.60
N ILE JA 61 96.34 -72.30 39.43
CA ILE JA 61 97.70 -72.82 39.60
C ILE JA 61 98.14 -73.54 38.33
N PRO JA 62 99.25 -73.14 37.72
CA PRO JA 62 99.74 -73.85 36.54
C PRO JA 62 100.58 -75.06 36.92
N ARG JA 63 100.46 -76.11 36.12
CA ARG JA 63 101.15 -77.36 36.37
C ARG JA 63 102.58 -77.28 35.83
N ALA JA 64 103.36 -76.41 36.45
CA ALA JA 64 104.73 -76.17 36.03
C ALA JA 64 105.70 -76.93 36.94
N VAL JA 65 106.83 -77.32 36.36
CA VAL JA 65 107.91 -77.99 37.08
C VAL JA 65 109.21 -77.38 36.59
N LEU JA 66 109.84 -76.55 37.42
CA LEU JA 66 111.03 -75.83 37.01
C LEU JA 66 112.28 -76.47 37.60
N LEU JA 67 113.23 -76.80 36.74
CA LEU JA 67 114.49 -77.39 37.18
C LEU JA 67 115.65 -76.46 36.86
N ARG JA 72 119.77 -70.98 38.53
CA ARG JA 72 120.20 -69.60 38.69
C ARG JA 72 119.08 -68.61 38.33
N VAL JA 73 118.58 -68.72 37.09
CA VAL JA 73 117.57 -67.79 36.60
C VAL JA 73 116.28 -67.90 37.38
N ILE JA 74 116.06 -69.02 38.08
CA ILE JA 74 114.84 -69.21 38.84
C ILE JA 74 114.65 -68.10 39.86
N HIS JA 75 115.76 -67.59 40.41
CA HIS JA 75 115.67 -66.48 41.36
C HIS JA 75 115.03 -65.25 40.72
N SER JA 76 115.46 -64.91 39.50
CA SER JA 76 114.87 -63.76 38.81
C SER JA 76 113.42 -64.05 38.41
N ILE JA 77 113.10 -65.34 38.18
CA ILE JA 77 111.73 -65.69 37.83
C ILE JA 77 110.79 -65.39 38.99
N LEU JA 78 111.17 -65.75 40.21
CA LEU JA 78 110.39 -65.35 41.37
C LEU JA 78 110.45 -63.85 41.61
N ASN JA 79 111.54 -63.20 41.22
CA ASN JA 79 111.63 -61.75 41.29
C ASN JA 79 110.74 -61.07 40.27
N SER JA 80 110.30 -61.78 39.24
CA SER JA 80 109.35 -61.24 38.29
C SER JA 80 107.99 -61.07 38.95
N PRO JA 81 107.14 -60.19 38.40
CA PRO JA 81 105.80 -60.01 38.98
C PRO JA 81 104.94 -61.27 38.95
N TYR JA 82 105.38 -62.35 38.30
CA TYR JA 82 104.61 -63.58 38.22
C TYR JA 82 105.06 -64.62 39.25
N ALA JA 83 105.49 -64.16 40.43
CA ALA JA 83 105.94 -65.10 41.46
C ALA JA 83 104.80 -65.95 41.99
N LYS JA 84 103.57 -65.43 41.98
CA LYS JA 84 102.42 -66.15 42.51
C LYS JA 84 101.81 -67.12 41.51
N LEU JA 85 102.58 -67.52 40.50
CA LEU JA 85 102.08 -68.39 39.43
C LEU JA 85 102.61 -69.81 39.53
N TYR JA 86 102.93 -70.28 40.74
CA TYR JA 86 103.43 -71.64 40.93
C TYR JA 86 102.99 -72.21 42.26
N GLY JA 101 127.62 -77.93 35.28
CA GLY JA 101 128.73 -77.88 34.37
C GLY JA 101 128.31 -77.55 32.94
N ASN JA 102 129.02 -78.14 31.97
CA ASN JA 102 128.79 -77.89 30.53
C ASN JA 102 128.99 -79.18 29.71
N ASN JA 103 129.12 -80.34 30.35
CA ASN JA 103 129.26 -81.60 29.64
C ASN JA 103 127.98 -82.40 29.72
N TRP JA 104 127.89 -83.44 28.89
CA TRP JA 104 126.67 -84.24 28.84
C TRP JA 104 126.63 -85.27 29.97
N ALA JA 105 127.75 -85.96 30.22
CA ALA JA 105 127.77 -86.97 31.27
C ALA JA 105 127.54 -86.36 32.64
N SER JA 106 128.11 -85.18 32.87
CA SER JA 106 127.86 -84.48 34.13
C SER JA 106 126.40 -84.10 34.26
N GLY JA 107 125.77 -83.66 33.17
CA GLY JA 107 124.34 -83.43 33.19
C GLY JA 107 123.56 -84.70 33.40
N PHE JA 108 124.14 -85.84 33.00
CA PHE JA 108 123.49 -87.13 33.25
C PHE JA 108 123.75 -87.60 34.68
N SER JA 109 124.91 -87.24 35.24
CA SER JA 109 125.23 -87.64 36.61
C SER JA 109 124.34 -86.92 37.61
N GLN JA 110 124.18 -85.61 37.46
CA GLN JA 110 123.33 -84.85 38.38
C GLN JA 110 121.90 -85.37 38.38
N GLY JA 111 121.40 -85.83 37.23
CA GLY JA 111 120.07 -86.40 37.19
C GLY JA 111 119.95 -87.68 37.99
N GLU JA 112 121.06 -88.42 38.14
CA GLU JA 112 121.03 -89.65 38.91
C GLU JA 112 121.16 -89.37 40.41
N LYS JA 113 121.85 -88.29 40.78
CA LYS JA 113 122.06 -87.99 42.20
C LYS JA 113 120.77 -87.53 42.87
N ILE JA 114 119.81 -87.04 42.11
CA ILE JA 114 118.55 -86.56 42.66
C ILE JA 114 117.40 -87.38 42.06
N HIS JA 115 117.65 -88.66 41.80
CA HIS JA 115 116.66 -89.52 41.16
C HIS JA 115 115.32 -89.49 41.89
N GLU JA 116 115.31 -89.88 43.17
CA GLU JA 116 114.05 -89.98 43.89
C GLU JA 116 113.59 -88.62 44.40
N ASP JA 117 114.52 -87.72 44.69
CA ASP JA 117 114.16 -86.44 45.31
C ASP JA 117 113.25 -85.62 44.40
N ILE JA 118 113.60 -85.51 43.12
CA ILE JA 118 112.79 -84.71 42.20
C ILE JA 118 111.54 -85.47 41.77
N PHE JA 119 111.65 -86.79 41.60
CA PHE JA 119 110.56 -87.57 41.04
C PHE JA 119 109.28 -87.53 41.87
N ASP JA 120 109.39 -87.30 43.18
CA ASP JA 120 108.20 -87.25 44.02
C ASP JA 120 107.25 -86.15 43.56
N ILE JA 121 107.82 -85.02 43.10
CA ILE JA 121 107.00 -83.93 42.60
C ILE JA 121 106.17 -84.40 41.40
N ILE JA 122 106.78 -85.20 40.52
CA ILE JA 122 106.07 -85.70 39.36
C ILE JA 122 104.93 -86.61 39.78
N ASP JA 123 105.21 -87.58 40.67
CA ASP JA 123 104.18 -88.53 41.08
C ASP JA 123 103.02 -87.82 41.77
N ARG JA 124 103.31 -86.96 42.75
CA ARG JA 124 102.25 -86.28 43.49
C ARG JA 124 101.43 -85.39 42.57
N GLU JA 125 102.05 -84.86 41.52
CA GLU JA 125 101.28 -84.10 40.53
C GLU JA 125 100.60 -85.03 39.54
N ALA JA 126 101.05 -86.28 39.45
CA ALA JA 126 100.50 -87.20 38.47
C ALA JA 126 99.12 -87.72 38.88
N ASP JA 127 99.07 -88.47 40.00
CA ASP JA 127 97.80 -89.04 40.42
C ASP JA 127 96.89 -88.01 41.09
N GLY JA 128 97.47 -86.94 41.64
CA GLY JA 128 96.64 -85.83 42.08
C GLY JA 128 95.83 -85.23 40.94
N SER JA 129 96.32 -85.36 39.72
CA SER JA 129 95.56 -85.00 38.54
C SER JA 129 94.57 -86.09 38.18
N ASP JA 130 93.47 -85.70 37.54
CA ASP JA 130 92.42 -86.65 37.21
C ASP JA 130 92.92 -87.73 36.25
N SER JA 131 93.31 -87.31 35.04
CA SER JA 131 93.75 -88.26 34.01
C SER JA 131 94.85 -87.58 33.20
N LEU JA 132 96.10 -88.01 33.43
CA LEU JA 132 97.22 -87.48 32.67
C LEU JA 132 97.17 -87.95 31.23
N GLU JA 133 97.43 -87.02 30.31
CA GLU JA 133 97.42 -87.34 28.89
C GLU JA 133 98.81 -87.34 28.28
N GLY JA 134 99.63 -86.34 28.59
CA GLY JA 134 100.96 -86.28 28.03
C GLY JA 134 101.96 -85.58 28.93
N PHE JA 135 103.11 -85.20 28.35
CA PHE JA 135 104.17 -84.51 29.09
C PHE JA 135 104.87 -83.57 28.12
N VAL JA 136 104.56 -82.28 28.21
CA VAL JA 136 105.24 -81.31 27.38
C VAL JA 136 106.60 -81.01 27.97
N LEU JA 137 107.65 -81.12 27.14
CA LEU JA 137 109.02 -80.95 27.57
C LEU JA 137 109.65 -79.80 26.81
N CYS JA 138 110.05 -78.75 27.54
CA CYS JA 138 110.72 -77.60 26.95
C CYS JA 138 112.15 -77.59 27.44
N HIS JA 139 113.09 -77.86 26.53
CA HIS JA 139 114.49 -77.96 26.92
C HIS JA 139 115.36 -77.68 25.70
N SER JA 140 116.65 -77.44 25.96
CA SER JA 140 117.63 -77.18 24.87
C SER JA 140 118.67 -78.32 24.84
N ILE JA 141 119.28 -78.57 23.68
CA ILE JA 141 120.31 -79.65 23.58
C ILE JA 141 121.68 -79.02 23.26
N ALA JA 142 121.83 -77.71 23.51
CA ALA JA 142 123.10 -77.01 23.17
C ALA JA 142 124.14 -77.11 24.29
N GLY JA 143 124.50 -78.33 24.71
CA GLY JA 143 125.58 -78.55 25.70
C GLY JA 143 125.24 -78.16 27.14
N GLY JA 144 123.98 -77.87 27.45
CA GLY JA 144 123.62 -77.47 28.82
C GLY JA 144 123.47 -78.63 29.79
N THR JA 145 123.58 -78.36 31.09
CA THR JA 145 123.31 -79.39 32.14
C THR JA 145 121.89 -79.88 31.89
N GLY JA 146 120.96 -79.00 31.50
CA GLY JA 146 119.62 -79.58 31.22
C GLY JA 146 119.68 -80.55 30.04
N SER JA 147 120.49 -80.30 29.01
CA SER JA 147 120.58 -81.22 27.83
C SER JA 147 120.79 -82.67 28.30
N GLY JA 148 121.70 -82.89 29.25
CA GLY JA 148 121.87 -84.24 29.81
C GLY JA 148 120.65 -84.56 30.65
N LEU JA 149 120.29 -83.62 31.53
CA LEU JA 149 119.10 -83.68 32.36
C LEU JA 149 117.87 -84.03 31.55
N GLY JA 150 117.83 -83.59 30.29
CA GLY JA 150 116.74 -83.99 29.42
C GLY JA 150 116.85 -85.45 28.99
N SER JA 151 118.07 -85.93 28.81
CA SER JA 151 118.27 -87.31 28.39
C SER JA 151 117.83 -88.28 29.48
N TYR JA 152 118.06 -87.91 30.74
CA TYR JA 152 117.74 -88.83 31.84
C TYR JA 152 116.24 -88.96 32.04
N LEU JA 153 115.52 -87.83 32.08
CA LEU JA 153 114.10 -87.86 32.38
C LEU JA 153 113.33 -88.72 31.39
N LEU JA 154 113.69 -88.66 30.11
CA LEU JA 154 112.96 -89.43 29.11
C LEU JA 154 113.15 -90.92 29.29
N GLU JA 155 114.31 -91.34 29.78
CA GLU JA 155 114.52 -92.76 30.06
C GLU JA 155 113.59 -93.22 31.17
N ARG JA 156 113.47 -92.43 32.24
CA ARG JA 156 112.62 -92.82 33.36
C ARG JA 156 111.14 -92.65 33.03
N LEU JA 157 110.80 -91.64 32.21
CA LEU JA 157 109.40 -91.44 31.84
C LEU JA 157 108.87 -92.64 31.07
N ASN JA 158 109.73 -93.33 30.33
CA ASN JA 158 109.31 -94.57 29.67
C ASN JA 158 109.36 -95.74 30.64
N ASP JA 159 110.10 -95.61 31.74
CA ASP JA 159 110.18 -96.68 32.73
C ASP JA 159 108.93 -96.74 33.59
N ARG JA 160 108.58 -95.62 34.23
CA ARG JA 160 107.47 -95.61 35.17
C ARG JA 160 106.12 -95.64 34.46
N TYR JA 161 105.87 -94.63 33.62
CA TYR JA 161 104.58 -94.50 32.95
C TYR JA 161 104.70 -94.98 31.50
N PRO JA 162 104.23 -96.16 31.16
CA PRO JA 162 104.33 -96.61 29.77
C PRO JA 162 103.12 -96.21 28.93
N LYS JA 163 102.11 -95.63 29.57
CA LYS JA 163 100.88 -95.24 28.88
C LYS JA 163 100.73 -93.73 28.80
N LYS JA 164 101.82 -92.98 28.91
CA LYS JA 164 101.78 -91.52 28.91
C LYS JA 164 102.63 -90.99 27.76
N LEU JA 165 101.98 -90.31 26.82
CA LEU JA 165 102.69 -89.67 25.72
C LEU JA 165 103.63 -88.61 26.27
N VAL JA 166 104.70 -88.32 25.52
CA VAL JA 166 105.64 -87.26 25.87
C VAL JA 166 105.94 -86.46 24.61
N GLN JA 167 105.78 -85.15 24.68
CA GLN JA 167 106.13 -84.24 23.61
C GLN JA 167 107.22 -83.29 24.09
N THR JA 168 108.13 -82.93 23.19
CA THR JA 168 109.27 -82.11 23.55
C THR JA 168 109.50 -81.06 22.48
N TYR JA 169 109.61 -79.80 22.91
CA TYR JA 169 109.91 -78.69 22.02
C TYR JA 169 111.40 -78.35 22.10
N SER JA 170 112.22 -79.31 21.68
CA SER JA 170 113.67 -79.12 21.71
C SER JA 170 114.07 -77.96 20.80
N VAL JA 171 115.24 -77.39 21.10
CA VAL JA 171 115.79 -76.28 20.32
C VAL JA 171 117.25 -76.60 20.01
N PHE JA 172 117.66 -76.33 18.77
CA PHE JA 172 118.98 -76.65 18.24
C PHE JA 172 119.87 -75.39 18.21
N PRO JA 173 121.20 -75.55 18.22
CA PRO JA 173 122.11 -74.40 18.22
C PRO JA 173 122.04 -73.58 16.93
N VAL JA 183 132.55 -78.63 21.48
CA VAL JA 183 131.90 -79.65 22.30
C VAL JA 183 130.40 -79.64 22.04
N GLN JA 184 129.93 -78.57 21.39
CA GLN JA 184 128.52 -78.49 21.02
C GLN JA 184 128.08 -79.63 20.11
N PRO JA 185 128.89 -80.12 19.16
CA PRO JA 185 128.47 -81.32 18.43
C PRO JA 185 128.24 -82.54 19.33
N TYR JA 186 129.06 -82.69 20.38
CA TYR JA 186 128.92 -83.84 21.26
C TYR JA 186 127.55 -83.89 21.91
N ASN JA 187 127.26 -82.90 22.76
CA ASN JA 187 125.99 -82.85 23.53
C ASN JA 187 124.76 -82.87 22.61
N SER JA 188 124.90 -82.38 21.37
CA SER JA 188 123.77 -82.37 20.45
C SER JA 188 123.47 -83.77 19.92
N LEU JA 189 124.49 -84.47 19.44
CA LEU JA 189 124.25 -85.77 18.81
C LEU JA 189 123.88 -86.83 19.83
N LEU JA 190 124.30 -86.66 21.09
CA LEU JA 190 124.01 -87.66 22.10
C LEU JA 190 122.53 -87.69 22.44
N THR JA 191 121.95 -86.54 22.77
CA THR JA 191 120.55 -86.50 23.15
C THR JA 191 119.65 -86.96 22.02
N LEU JA 192 120.14 -86.89 20.78
CA LEU JA 192 119.37 -87.40 19.65
C LEU JA 192 119.19 -88.91 19.76
N LYS JA 193 120.11 -89.59 20.43
CA LYS JA 193 120.00 -91.04 20.60
C LYS JA 193 118.81 -91.40 21.49
N ARG JA 194 118.53 -90.56 22.49
CA ARG JA 194 117.40 -90.81 23.38
C ARG JA 194 116.09 -90.30 22.81
N LEU JA 195 116.10 -89.17 22.10
CA LEU JA 195 114.88 -88.57 21.57
C LEU JA 195 114.26 -89.38 20.46
N THR JA 196 115.01 -90.25 19.80
CA THR JA 196 114.49 -91.02 18.68
C THR JA 196 113.81 -92.30 19.11
N GLN JA 197 113.79 -92.62 20.40
CA GLN JA 197 113.20 -93.88 20.85
C GLN JA 197 112.32 -93.70 22.08
N ASN JA 198 112.39 -92.54 22.71
CA ASN JA 198 111.55 -92.25 23.87
C ASN JA 198 110.45 -91.26 23.53
N ALA JA 199 110.82 -90.10 23.01
CA ALA JA 199 109.84 -89.07 22.64
C ALA JA 199 109.04 -89.54 21.44
N ASP JA 200 107.73 -89.73 21.62
CA ASP JA 200 106.86 -90.13 20.53
C ASP JA 200 106.55 -89.00 19.58
N CYS JA 201 107.01 -87.79 19.87
CA CYS JA 201 106.85 -86.65 18.99
C CYS JA 201 107.94 -85.64 19.31
N LEU JA 202 108.10 -84.66 18.44
CA LEU JA 202 109.17 -83.69 18.59
C LEU JA 202 108.95 -82.51 17.65
N VAL JA 203 109.16 -81.32 18.17
CA VAL JA 203 109.03 -80.08 17.41
C VAL JA 203 110.39 -79.37 17.44
N VAL JA 204 111.07 -79.37 16.31
CA VAL JA 204 112.43 -78.83 16.24
C VAL JA 204 112.38 -77.33 16.01
N LEU JA 205 113.29 -76.61 16.65
CA LEU JA 205 113.42 -75.17 16.47
C LEU JA 205 114.91 -74.83 16.49
N ASP JA 206 115.45 -74.41 15.36
CA ASP JA 206 116.86 -74.07 15.26
C ASP JA 206 117.03 -72.57 15.36
N ASN JA 207 117.90 -72.13 16.29
CA ASN JA 207 118.15 -70.71 16.50
C ASN JA 207 118.70 -70.03 15.26
N THR JA 208 119.33 -70.78 14.36
CA THR JA 208 119.90 -70.19 13.16
C THR JA 208 118.80 -69.60 12.28
N ALA JA 209 117.80 -70.41 11.93
CA ALA JA 209 116.71 -69.93 11.09
C ALA JA 209 115.88 -68.88 11.81
N LEU JA 210 115.93 -68.86 13.14
CA LEU JA 210 115.18 -67.86 13.90
C LEU JA 210 115.82 -66.49 13.79
N ASN JA 211 117.15 -66.42 13.93
CA ASN JA 211 117.83 -65.13 13.89
C ASN JA 211 117.72 -64.49 12.52
N ARG JA 212 117.64 -65.30 11.46
CA ARG JA 212 117.36 -64.76 10.13
C ARG JA 212 116.06 -63.99 10.12
N ILE JA 213 115.03 -64.53 10.80
CA ILE JA 213 113.78 -63.81 10.93
C ILE JA 213 113.95 -62.58 11.80
N ALA JA 214 114.86 -62.66 12.78
CA ALA JA 214 115.04 -61.55 13.71
C ALA JA 214 115.59 -60.32 13.00
N THR JA 215 116.69 -60.47 12.27
CA THR JA 215 117.30 -59.33 11.60
C THR JA 215 116.43 -58.80 10.47
N ASP JA 216 115.68 -59.68 9.81
CA ASP JA 216 114.96 -59.28 8.59
C ASP JA 216 113.70 -58.49 8.93
N ARG JA 217 112.83 -59.07 9.75
CA ARG JA 217 111.51 -58.49 10.02
C ARG JA 217 111.35 -57.96 11.43
N LEU JA 218 112.42 -57.91 12.22
CA LEU JA 218 112.42 -57.17 13.48
C LEU JA 218 113.62 -56.25 13.64
N HIS JA 219 114.72 -56.50 12.93
CA HIS JA 219 115.87 -55.61 12.88
C HIS JA 219 116.48 -55.39 14.27
N ILE JA 220 116.97 -56.49 14.85
CA ILE JA 220 117.63 -56.42 16.14
C ILE JA 220 119.09 -55.99 16.02
N GLN JA 221 119.65 -55.99 14.82
CA GLN JA 221 121.04 -55.62 14.61
C GLN JA 221 121.27 -55.20 13.16
N SER JA 224 118.94 -60.24 20.76
CA SER JA 224 119.06 -60.69 22.15
C SER JA 224 118.26 -61.96 22.39
N PHE JA 225 118.42 -62.56 23.57
CA PHE JA 225 117.74 -63.80 23.88
C PHE JA 225 116.25 -63.56 24.12
N SER JA 226 115.93 -62.56 24.94
CA SER JA 226 114.52 -62.25 25.22
C SER JA 226 113.80 -61.63 24.04
N GLN JA 227 114.48 -61.45 22.91
CA GLN JA 227 113.86 -60.89 21.71
C GLN JA 227 113.36 -61.96 20.75
N ILE JA 228 114.15 -63.00 20.53
CA ILE JA 228 113.73 -64.07 19.62
C ILE JA 228 112.66 -64.95 20.26
N ASN JA 229 112.73 -65.14 21.58
CA ASN JA 229 111.76 -66.01 22.24
C ASN JA 229 110.36 -65.43 22.19
N GLN JA 230 110.23 -64.12 21.96
CA GLN JA 230 108.92 -63.53 21.77
C GLN JA 230 108.15 -64.24 20.66
N LEU JA 231 108.84 -64.59 19.58
CA LEU JA 231 108.19 -65.31 18.50
C LEU JA 231 108.07 -66.80 18.82
N VAL JA 232 109.04 -67.33 19.55
CA VAL JA 232 109.04 -68.77 19.88
C VAL JA 232 107.82 -69.10 20.73
N SER JA 233 107.59 -68.31 21.78
CA SER JA 233 106.39 -68.51 22.61
C SER JA 233 105.12 -68.42 21.79
N THR JA 234 105.13 -67.63 20.71
CA THR JA 234 103.95 -67.51 19.87
C THR JA 234 103.66 -68.82 19.14
N ILE JA 235 104.73 -69.53 18.74
CA ILE JA 235 104.54 -70.80 18.04
C ILE JA 235 103.90 -71.84 18.95
N MET JA 236 104.36 -71.93 20.18
CA MET JA 236 103.83 -72.91 21.12
C MET JA 236 102.40 -72.58 21.52
N SER JA 237 102.12 -71.29 21.74
CA SER JA 237 100.78 -70.88 22.14
C SER JA 237 99.75 -71.30 21.12
N ALA JA 238 99.96 -70.95 19.85
CA ALA JA 238 99.02 -71.34 18.81
C ALA JA 238 99.09 -72.83 18.51
N SER JA 239 100.14 -73.52 18.96
CA SER JA 239 100.24 -74.96 18.71
C SER JA 239 99.16 -75.73 19.45
N THR JA 240 98.67 -75.19 20.56
CA THR JA 240 97.61 -75.80 21.34
C THR JA 240 96.30 -75.01 21.24
N THR JA 241 96.02 -74.42 20.08
CA THR JA 241 94.76 -73.70 19.91
C THR JA 241 93.59 -74.65 19.92
N THR JA 242 93.75 -75.83 19.35
CA THR JA 242 92.66 -76.80 19.30
C THR JA 242 92.46 -77.52 20.63
N LEU JA 243 93.37 -77.35 21.59
CA LEU JA 243 93.22 -78.02 22.88
C LEU JA 243 92.49 -77.16 23.90
N ARG JA 244 92.93 -75.92 24.08
CA ARG JA 244 92.30 -75.03 25.06
C ARG JA 244 90.89 -74.62 24.64
N TYR JA 245 90.62 -74.56 23.34
CA TYR JA 245 89.29 -74.27 22.83
C TYR JA 245 88.70 -75.53 22.23
N PRO JA 246 87.52 -75.96 22.64
CA PRO JA 246 86.96 -77.20 22.10
C PRO JA 246 86.54 -77.04 20.65
N GLY JA 247 86.79 -78.09 19.87
CA GLY JA 247 86.35 -78.14 18.49
C GLY JA 247 85.76 -79.50 18.17
N TYR JA 248 85.43 -79.75 16.91
CA TYR JA 248 84.90 -81.06 16.56
C TYR JA 248 86.02 -82.09 16.46
N MET JA 249 86.97 -81.88 15.56
CA MET JA 249 88.08 -82.79 15.37
C MET JA 249 89.27 -82.33 16.21
N ASN JA 250 90.13 -83.30 16.56
CA ASN JA 250 91.38 -83.03 17.27
C ASN JA 250 91.11 -82.34 18.61
N ASN JA 251 90.42 -83.06 19.49
CA ASN JA 251 90.14 -82.58 20.84
C ASN JA 251 91.05 -83.21 21.88
N ASP JA 252 92.22 -83.69 21.49
CA ASP JA 252 93.15 -84.32 22.41
C ASP JA 252 94.52 -84.43 21.74
N LEU JA 253 95.56 -84.59 22.55
CA LEU JA 253 96.92 -84.55 22.04
C LEU JA 253 97.20 -85.73 21.11
N ILE JA 254 96.49 -86.84 21.28
CA ILE JA 254 96.65 -87.95 20.34
C ILE JA 254 95.91 -87.67 19.04
N GLY JA 255 95.04 -86.66 19.04
CA GLY JA 255 94.31 -86.32 17.83
C GLY JA 255 95.15 -85.59 16.80
N LEU JA 256 96.23 -84.95 17.24
CA LEU JA 256 97.08 -84.20 16.32
C LEU JA 256 98.25 -85.04 15.82
N ILE JA 257 98.84 -85.84 16.69
CA ILE JA 257 100.10 -86.49 16.38
C ILE JA 257 99.87 -87.75 15.55
N ALA JA 258 98.76 -88.46 15.81
CA ALA JA 258 98.53 -89.76 15.18
C ALA JA 258 98.42 -89.66 13.66
N SER JA 259 98.05 -88.50 13.13
CA SER JA 259 97.87 -88.39 11.68
C SER JA 259 99.21 -88.17 10.98
N LEU JA 260 100.07 -87.32 11.55
CA LEU JA 260 101.29 -86.93 10.86
C LEU JA 260 102.34 -88.04 10.90
N ILE JA 261 102.78 -88.41 12.10
CA ILE JA 261 103.86 -89.36 12.29
C ILE JA 261 103.42 -90.74 11.80
N PRO JA 262 103.97 -91.25 10.69
CA PRO JA 262 103.51 -92.53 10.15
C PRO JA 262 104.07 -93.72 10.90
N THR JA 263 105.33 -93.63 11.32
CA THR JA 263 106.03 -94.72 11.99
C THR JA 263 106.75 -94.16 13.21
N PRO JA 264 106.95 -94.97 14.25
CA PRO JA 264 107.62 -94.47 15.45
C PRO JA 264 109.03 -93.95 15.21
N ARG JA 265 109.58 -94.09 14.00
CA ARG JA 265 110.89 -93.54 13.69
C ARG JA 265 110.80 -92.15 13.05
N LEU JA 266 110.05 -92.03 11.96
CA LEU JA 266 109.87 -90.74 11.28
C LEU JA 266 108.91 -89.88 12.09
N HIS JA 267 109.40 -89.39 13.23
CA HIS JA 267 108.58 -88.68 14.21
C HIS JA 267 109.13 -87.29 14.48
N PHE JA 268 109.50 -86.56 13.44
CA PHE JA 268 110.03 -85.22 13.57
C PHE JA 268 109.13 -84.24 12.82
N LEU JA 269 108.87 -83.10 13.44
CA LEU JA 269 107.94 -82.11 12.89
C LEU JA 269 108.61 -80.74 12.81
N MET JA 270 108.08 -79.90 11.92
CA MET JA 270 108.46 -78.50 11.85
C MET JA 270 107.19 -77.64 11.89
N THR JA 271 107.37 -76.37 12.18
CA THR JA 271 106.25 -75.45 12.38
C THR JA 271 106.31 -74.27 11.43
N GLY JA 272 105.19 -73.56 11.34
CA GLY JA 272 105.07 -72.34 10.57
C GLY JA 272 104.01 -71.42 11.14
N TYR JA 273 104.23 -70.11 11.08
CA TYR JA 273 103.31 -69.14 11.67
C TYR JA 273 103.38 -67.85 10.85
N THR JA 274 102.39 -67.64 10.00
CA THR JA 274 102.47 -66.60 8.98
C THR JA 274 102.26 -65.16 9.46
N PRO JA 275 101.34 -64.86 10.40
CA PRO JA 275 101.05 -63.44 10.68
C PRO JA 275 102.18 -62.80 11.45
N LEU JA 276 102.97 -61.97 10.76
CA LEU JA 276 104.11 -61.31 11.37
C LEU JA 276 104.26 -59.89 10.81
N THR JA 288 92.42 -60.09 4.00
CA THR JA 288 93.30 -61.25 4.06
C THR JA 288 92.48 -62.54 4.16
N THR JA 289 92.44 -63.30 3.07
CA THR JA 289 91.62 -64.50 2.99
C THR JA 289 92.48 -65.74 3.19
N VAL JA 290 91.81 -66.90 3.08
CA VAL JA 290 92.50 -68.17 3.34
C VAL JA 290 93.60 -68.42 2.33
N LEU JA 291 93.37 -68.07 1.06
CA LEU JA 291 94.39 -68.29 0.04
C LEU JA 291 95.64 -67.46 0.29
N ASP JA 292 95.51 -66.42 1.13
CA ASP JA 292 96.68 -65.64 1.52
C ASP JA 292 97.49 -66.37 2.57
N VAL JA 293 96.83 -67.08 3.49
CA VAL JA 293 97.53 -67.68 4.61
C VAL JA 293 98.36 -68.88 4.13
N MET JA 294 97.69 -69.89 3.58
CA MET JA 294 98.38 -71.13 3.23
C MET JA 294 99.49 -70.91 2.21
N ARG JA 295 99.34 -69.92 1.34
CA ARG JA 295 100.40 -69.68 0.36
C ARG JA 295 101.62 -69.05 0.99
N ARG JA 296 101.43 -68.19 2.00
CA ARG JA 296 102.57 -67.60 2.69
C ARG JA 296 103.23 -68.56 3.67
N LEU JA 297 102.60 -69.70 3.95
CA LEU JA 297 103.17 -70.64 4.91
C LEU JA 297 104.20 -71.54 4.25
N LEU JA 298 103.91 -72.00 3.03
CA LEU JA 298 104.76 -72.97 2.36
C LEU JA 298 106.10 -72.40 1.93
N GLN JA 299 106.33 -71.11 2.09
CA GLN JA 299 107.58 -70.54 1.63
C GLN JA 299 108.73 -70.89 2.59
N PRO JA 300 109.91 -71.21 2.06
CA PRO JA 300 111.05 -71.49 2.94
C PRO JA 300 111.56 -70.27 3.70
N LYS JA 301 110.99 -69.08 3.46
CA LYS JA 301 111.38 -67.91 4.22
C LYS JA 301 110.73 -67.89 5.60
N ASN JA 302 109.64 -68.62 5.79
CA ASN JA 302 108.91 -68.64 7.05
C ASN JA 302 109.18 -69.87 7.91
N VAL JA 303 109.65 -70.97 7.31
CA VAL JA 303 109.83 -72.21 8.06
C VAL JA 303 110.89 -72.02 9.13
N MET JA 304 110.65 -72.59 10.31
CA MET JA 304 111.59 -72.51 11.43
C MET JA 304 112.59 -73.67 11.39
N VAL JA 305 113.19 -73.83 10.21
CA VAL JA 305 114.26 -74.81 9.99
C VAL JA 305 115.29 -74.19 9.05
N SER JA 306 116.56 -74.51 9.27
CA SER JA 306 117.62 -74.06 8.38
C SER JA 306 117.44 -74.63 6.99
N ASN JA 314 114.74 -87.45 -3.51
CA ASN JA 314 114.55 -86.01 -3.48
C ASN JA 314 114.03 -85.55 -2.12
N HIS JA 315 112.99 -84.71 -2.13
CA HIS JA 315 112.41 -84.21 -0.89
C HIS JA 315 110.94 -83.90 -1.13
N CYS JA 316 110.12 -84.20 -0.14
CA CYS JA 316 108.68 -83.98 -0.23
C CYS JA 316 108.09 -84.08 1.17
N TYR JA 317 106.81 -83.74 1.27
CA TYR JA 317 106.10 -83.76 2.54
C TYR JA 317 105.43 -85.12 2.75
N ILE JA 318 105.06 -85.39 4.00
CA ILE JA 318 104.30 -86.58 4.34
C ILE JA 318 102.89 -86.23 4.81
N ALA JA 319 102.76 -85.17 5.60
CA ALA JA 319 101.46 -84.68 6.03
C ALA JA 319 101.63 -83.26 6.56
N ILE JA 320 100.62 -82.42 6.29
CA ILE JA 320 100.61 -81.04 6.75
C ILE JA 320 99.39 -80.83 7.61
N LEU JA 321 99.49 -79.89 8.55
CA LEU JA 321 98.36 -79.47 9.37
C LEU JA 321 98.38 -77.96 9.48
N ASN JA 322 97.30 -77.32 9.05
CA ASN JA 322 97.18 -75.87 9.09
C ASN JA 322 96.04 -75.48 10.02
N ILE JA 323 96.37 -74.71 11.04
CA ILE JA 323 95.40 -74.26 12.05
C ILE JA 323 95.10 -72.79 11.77
N ILE JA 324 93.83 -72.49 11.53
CA ILE JA 324 93.37 -71.13 11.30
C ILE JA 324 92.61 -70.67 12.54
N GLN JA 325 93.00 -69.52 13.07
CA GLN JA 325 92.41 -69.01 14.29
C GLN JA 325 91.39 -67.90 14.05
N GLY JA 326 91.27 -67.40 12.83
CA GLY JA 326 90.43 -66.26 12.56
C GLY JA 326 88.97 -66.63 12.38
N GLU JA 327 88.16 -65.59 12.15
CA GLU JA 327 86.74 -65.73 11.87
C GLU JA 327 86.46 -65.75 10.38
N VAL JA 328 87.41 -66.23 9.58
CA VAL JA 328 87.32 -66.15 8.12
C VAL JA 328 86.09 -66.90 7.63
N ASP JA 329 85.63 -66.50 6.44
CA ASP JA 329 84.48 -67.16 5.82
C ASP JA 329 84.86 -68.58 5.44
N PRO JA 330 84.24 -69.60 6.04
CA PRO JA 330 84.62 -70.99 5.75
C PRO JA 330 84.17 -71.51 4.40
N THR JA 331 83.51 -70.69 3.58
CA THR JA 331 83.06 -71.13 2.27
C THR JA 331 84.18 -71.22 1.26
N GLN JA 332 85.29 -70.52 1.47
CA GLN JA 332 86.39 -70.46 0.53
C GLN JA 332 87.54 -71.39 0.87
N VAL JA 333 87.44 -72.14 1.97
CA VAL JA 333 88.57 -72.96 2.38
C VAL JA 333 88.81 -74.09 1.39
N HIS JA 334 87.78 -74.50 0.65
CA HIS JA 334 87.98 -75.54 -0.36
C HIS JA 334 88.58 -74.95 -1.62
N LYS JA 335 88.28 -73.67 -1.89
CA LYS JA 335 88.81 -73.02 -3.08
C LYS JA 335 90.33 -72.86 -2.98
N SER JA 336 90.81 -72.41 -1.82
CA SER JA 336 92.25 -72.29 -1.61
C SER JA 336 92.93 -73.64 -1.78
N LEU JA 337 92.25 -74.72 -1.39
CA LEU JA 337 92.80 -76.05 -1.56
C LEU JA 337 92.93 -76.41 -3.04
N GLN JA 338 92.04 -75.88 -3.89
CA GLN JA 338 92.12 -76.18 -5.31
C GLN JA 338 93.29 -75.45 -5.96
N ARG JA 339 93.47 -74.17 -5.60
CA ARG JA 339 94.53 -73.39 -6.23
C ARG JA 339 95.91 -73.87 -5.81
N ILE JA 340 96.05 -74.38 -4.59
CA ILE JA 340 97.34 -74.92 -4.17
C ILE JA 340 97.66 -76.19 -4.93
N ARG JA 341 96.64 -77.01 -5.21
CA ARG JA 341 96.88 -78.25 -5.94
C ARG JA 341 97.26 -77.97 -7.39
N GLU JA 342 96.51 -77.11 -8.07
CA GLU JA 342 96.67 -76.94 -9.51
C GLU JA 342 98.01 -76.29 -9.83
N ARG JA 343 98.37 -75.24 -9.10
CA ARG JA 343 99.68 -74.64 -9.32
C ARG JA 343 100.83 -75.57 -8.92
N LYS JA 344 100.53 -76.62 -8.16
CA LYS JA 344 101.54 -77.58 -7.70
C LYS JA 344 102.67 -76.87 -6.96
N LEU JA 345 102.29 -76.20 -5.88
CA LEU JA 345 103.27 -75.45 -5.09
C LEU JA 345 103.97 -76.33 -4.06
N ALA JA 346 103.42 -77.51 -3.77
CA ALA JA 346 104.04 -78.43 -2.82
C ALA JA 346 104.01 -79.84 -3.41
N ASN JA 347 104.97 -80.66 -2.99
CA ASN JA 347 105.11 -82.03 -3.46
C ASN JA 347 105.01 -83.02 -2.30
N PHE JA 348 104.26 -84.09 -2.54
CA PHE JA 348 103.98 -85.11 -1.53
C PHE JA 348 104.63 -86.42 -1.92
N ILE JA 349 104.48 -87.41 -1.05
CA ILE JA 349 104.99 -88.77 -1.26
C ILE JA 349 104.28 -89.41 -2.45
N PRO JA 350 104.95 -90.30 -3.20
CA PRO JA 350 104.29 -90.94 -4.35
C PRO JA 350 103.55 -92.22 -4.00
N TRP JA 351 103.92 -92.87 -2.90
CA TRP JA 351 103.41 -94.22 -2.65
C TRP JA 351 101.99 -94.20 -2.10
N GLY JA 352 101.80 -93.59 -0.93
CA GLY JA 352 100.50 -93.54 -0.31
C GLY JA 352 99.79 -92.23 -0.56
N PRO JA 353 98.47 -92.24 -0.50
CA PRO JA 353 97.72 -90.99 -0.72
C PRO JA 353 97.90 -90.04 0.45
N ALA JA 354 98.70 -89.00 0.27
CA ALA JA 354 98.98 -88.03 1.32
C ALA JA 354 98.28 -86.72 0.99
N SER JA 355 97.62 -86.13 1.99
CA SER JA 355 96.81 -84.95 1.80
C SER JA 355 97.23 -83.87 2.79
N ILE JA 356 96.52 -82.75 2.76
CA ILE JA 356 96.72 -81.64 3.69
C ILE JA 356 95.41 -81.37 4.41
N GLN JA 357 95.48 -81.16 5.72
CA GLN JA 357 94.29 -81.02 6.54
C GLN JA 357 94.27 -79.64 7.20
N VAL JA 358 93.06 -79.10 7.35
CA VAL JA 358 92.85 -77.79 7.95
C VAL JA 358 91.67 -77.85 8.89
N ALA JA 359 91.78 -77.16 10.02
CA ALA JA 359 90.69 -77.05 10.99
C ALA JA 359 90.65 -75.62 11.50
N LEU JA 360 89.47 -75.22 11.96
CA LEU JA 360 89.24 -73.86 12.40
C LEU JA 360 89.05 -73.80 13.91
N SER JA 361 89.29 -72.62 14.46
CA SER JA 361 89.07 -72.33 15.88
C SER JA 361 88.94 -70.83 16.03
N ARG JA 362 88.77 -70.38 17.27
CA ARG JA 362 88.52 -68.98 17.55
C ARG JA 362 89.63 -68.40 18.42
N LYS JA 363 90.01 -67.16 18.15
CA LYS JA 363 91.00 -66.48 18.94
C LYS JA 363 90.48 -66.20 20.35
N SER JA 364 91.39 -65.77 21.22
CA SER JA 364 90.99 -65.30 22.54
C SER JA 364 90.19 -64.01 22.36
N PRO JA 365 88.93 -63.96 22.79
CA PRO JA 365 88.15 -62.73 22.60
C PRO JA 365 88.71 -61.53 23.34
N TYR JA 366 89.53 -61.74 24.36
CA TYR JA 366 90.10 -60.63 25.12
C TYR JA 366 91.14 -59.86 24.33
N LEU JA 367 91.98 -60.54 23.56
CA LEU JA 367 93.07 -59.89 22.83
C LEU JA 367 92.54 -58.92 21.77
N ARG JA 372 92.06 -59.31 11.70
CA ARG JA 372 93.24 -60.05 12.15
C ARG JA 372 93.03 -61.54 11.96
N VAL JA 373 93.81 -62.14 11.06
CA VAL JA 373 93.71 -63.55 10.74
C VAL JA 373 95.08 -64.19 10.92
N SER JA 374 95.18 -65.11 11.86
CA SER JA 374 96.43 -65.80 12.14
C SER JA 374 96.37 -67.21 11.56
N GLY JA 375 97.48 -67.92 11.65
CA GLY JA 375 97.54 -69.27 11.12
C GLY JA 375 98.83 -69.99 11.45
N LEU JA 376 98.74 -71.29 11.73
CA LEU JA 376 99.89 -72.11 12.03
C LEU JA 376 99.99 -73.24 11.04
N MET JA 377 101.22 -73.59 10.67
CA MET JA 377 101.48 -74.68 9.74
C MET JA 377 102.39 -75.68 10.44
N MET JA 378 101.95 -76.93 10.52
CA MET JA 378 102.71 -78.00 11.12
C MET JA 378 102.95 -79.07 10.05
N ALA JA 379 104.21 -79.45 9.88
CA ALA JA 379 104.60 -80.33 8.79
C ALA JA 379 105.67 -81.31 9.21
N ASN JA 380 105.74 -82.42 8.47
CA ASN JA 380 106.75 -83.47 8.65
C ASN JA 380 107.50 -83.59 7.34
N HIS JA 381 108.57 -82.79 7.20
CA HIS JA 381 109.33 -82.72 5.95
C HIS JA 381 110.61 -83.54 6.05
N THR JA 382 110.87 -84.35 5.03
CA THR JA 382 112.09 -85.14 4.99
C THR JA 382 113.33 -84.31 4.76
N SER JA 383 113.19 -83.00 4.52
CA SER JA 383 114.36 -82.14 4.45
C SER JA 383 115.02 -81.97 5.82
N ILE JA 384 114.31 -82.37 6.90
CA ILE JA 384 114.89 -82.28 8.24
C ILE JA 384 116.09 -83.19 8.37
N SER JA 385 116.25 -84.13 7.44
CA SER JA 385 117.42 -85.00 7.46
C SER JA 385 118.71 -84.23 7.24
N SER JA 386 118.65 -83.15 6.45
CA SER JA 386 119.86 -82.38 6.18
C SER JA 386 120.45 -81.79 7.46
N LEU JA 387 119.58 -81.36 8.37
CA LEU JA 387 120.04 -80.75 9.62
C LEU JA 387 120.92 -81.73 10.42
N PHE JA 388 120.49 -83.00 10.48
CA PHE JA 388 121.29 -84.01 11.16
C PHE JA 388 122.63 -84.19 10.49
N GLU JA 389 122.64 -84.22 9.15
CA GLU JA 389 123.89 -84.41 8.42
C GLU JA 389 124.89 -83.31 8.75
N ARG JA 390 124.39 -82.09 8.98
CA ARG JA 390 125.26 -81.00 9.42
C ARG JA 390 125.87 -81.31 10.78
N THR JA 391 125.10 -81.95 11.66
CA THR JA 391 125.59 -82.24 13.00
C THR JA 391 126.59 -83.39 13.00
N CYS JA 392 126.18 -84.55 12.49
CA CYS JA 392 127.00 -85.75 12.60
C CYS JA 392 128.31 -85.60 11.83
N ARG JA 393 128.30 -84.81 10.75
CA ARG JA 393 129.53 -84.54 10.02
C ARG JA 393 130.55 -83.87 10.93
N GLN JA 394 130.10 -82.93 11.77
CA GLN JA 394 130.99 -82.29 12.73
C GLN JA 394 131.56 -83.31 13.70
N TYR JA 395 130.78 -84.35 14.01
CA TYR JA 395 131.24 -85.36 14.97
C TYR JA 395 132.44 -86.12 14.45
N ASP JA 396 132.38 -86.61 13.21
CA ASP JA 396 133.50 -87.34 12.63
C ASP JA 396 134.74 -86.46 12.57
N LYS JA 397 134.57 -85.18 12.29
CA LYS JA 397 135.70 -84.26 12.33
C LYS JA 397 136.24 -84.10 13.75
N LEU JA 398 135.36 -84.06 14.74
CA LEU JA 398 135.80 -84.03 16.13
C LEU JA 398 136.18 -85.40 16.66
N ARG JA 399 135.82 -86.47 15.96
CA ARG JA 399 136.27 -87.81 16.30
C ARG JA 399 137.73 -88.03 15.99
N LYS JA 400 138.31 -87.24 15.08
CA LYS JA 400 139.68 -87.41 14.65
C LYS JA 400 140.57 -86.27 15.14
N ARG JA 401 140.01 -85.36 15.93
CA ARG JA 401 140.76 -84.20 16.41
C ARG JA 401 140.70 -84.01 17.92
N GLU JA 402 139.71 -84.59 18.60
CA GLU JA 402 139.54 -84.47 20.06
C GLU JA 402 139.47 -83.01 20.50
N ASP JA 416 135.15 -94.00 30.47
CA ASP JA 416 136.10 -95.07 30.73
C ASP JA 416 136.23 -96.00 29.52
N ASN JA 417 135.18 -96.05 28.70
CA ASN JA 417 135.15 -96.90 27.52
C ASN JA 417 134.87 -96.16 26.22
N PHE JA 418 134.14 -95.05 26.28
CA PHE JA 418 133.75 -94.29 25.10
C PHE JA 418 132.97 -95.16 24.11
N ASP JA 419 132.13 -96.05 24.62
CA ASP JA 419 131.32 -96.92 23.78
C ASP JA 419 129.90 -96.41 23.58
N GLU JA 420 129.37 -95.65 24.53
CA GLU JA 420 128.02 -95.09 24.36
C GLU JA 420 127.99 -94.09 23.21
N MET JA 421 129.08 -93.34 23.01
CA MET JA 421 129.16 -92.42 21.89
C MET JA 421 129.15 -93.17 20.57
N ASP JA 422 129.57 -94.44 20.58
CA ASP JA 422 129.55 -95.22 19.36
C ASP JA 422 128.12 -95.59 18.97
N THR JA 423 127.37 -96.20 19.88
CA THR JA 423 126.01 -96.62 19.55
C THR JA 423 125.11 -95.43 19.26
N SER JA 424 125.42 -94.27 19.85
CA SER JA 424 124.66 -93.06 19.55
C SER JA 424 124.85 -92.65 18.10
N ARG JA 425 126.11 -92.52 17.67
CA ARG JA 425 126.40 -92.26 16.27
C ARG JA 425 125.82 -93.36 15.37
N GLU JA 426 125.76 -94.59 15.88
CA GLU JA 426 125.25 -95.70 15.09
C GLU JA 426 123.75 -95.57 14.85
N ILE JA 427 123.00 -95.26 15.90
CA ILE JA 427 121.54 -95.30 15.80
C ILE JA 427 121.01 -94.14 14.97
N VAL JA 428 121.63 -92.97 15.06
CA VAL JA 428 121.16 -91.84 14.26
C VAL JA 428 121.43 -92.09 12.78
N GLN JA 429 122.53 -92.77 12.46
CA GLN JA 429 122.82 -93.07 11.06
C GLN JA 429 121.80 -94.06 10.49
N GLN JA 430 121.12 -94.80 11.37
CA GLN JA 430 119.99 -95.59 10.93
C GLN JA 430 118.79 -94.70 10.60
N LEU JA 431 118.60 -93.65 11.41
CA LEU JA 431 117.50 -92.71 11.15
C LEU JA 431 117.74 -91.95 9.85
N ILE JA 432 118.97 -91.48 9.62
CA ILE JA 432 119.27 -90.77 8.39
C ILE JA 432 119.08 -91.69 7.19
N ASP JA 433 119.22 -93.00 7.40
CA ASP JA 433 118.89 -93.95 6.35
C ASP JA 433 117.38 -94.11 6.20
N GLU JA 434 116.65 -93.96 7.30
CA GLU JA 434 115.20 -94.17 7.26
C GLU JA 434 114.50 -93.02 6.54
N TYR JA 435 115.00 -91.80 6.68
CA TYR JA 435 114.44 -90.68 5.93
C TYR JA 435 114.70 -90.82 4.44
N HIS JA 436 115.96 -91.04 4.06
CA HIS JA 436 116.31 -91.09 2.64
C HIS JA 436 115.60 -92.22 1.93
N ALA JA 437 115.14 -93.23 2.67
CA ALA JA 437 114.40 -94.33 2.06
C ALA JA 437 112.92 -94.04 1.90
N ALA JA 438 112.41 -93.01 2.58
CA ALA JA 438 110.99 -92.71 2.50
C ALA JA 438 110.64 -91.96 1.22
N THR JA 439 111.61 -91.33 0.57
CA THR JA 439 111.37 -90.53 -0.61
C THR JA 439 111.34 -91.37 -1.89
N ARG JA 440 111.48 -92.68 -1.78
CA ARG JA 440 111.48 -93.55 -2.95
C ARG JA 440 110.11 -94.16 -3.16
N PRO JA 441 109.65 -94.29 -4.40
CA PRO JA 441 108.31 -94.85 -4.66
C PRO JA 441 108.14 -96.28 -4.18
N ASP JA 442 109.20 -96.94 -3.73
CA ASP JA 442 109.11 -98.30 -3.25
C ASP JA 442 109.54 -98.38 -1.78
N TYR JA 443 109.04 -97.45 -0.96
CA TYR JA 443 109.43 -97.42 0.44
C TYR JA 443 108.94 -98.66 1.18
N ILE JA 444 107.83 -99.25 0.72
CA ILE JA 444 107.33 -100.46 1.37
C ILE JA 444 108.34 -101.58 1.19
N SER JA 445 108.50 -102.40 2.24
CA SER JA 445 109.50 -103.48 2.27
C SER JA 445 110.89 -102.98 1.90
N ARG KA 3 77.77 -92.75 78.27
CA ARG KA 3 78.98 -93.57 78.23
C ARG KA 3 80.22 -92.68 78.20
N GLU KA 4 81.07 -92.82 79.21
CA GLU KA 4 82.25 -91.99 79.37
C GLU KA 4 83.50 -92.82 79.11
N ILE KA 5 84.56 -92.16 78.64
CA ILE KA 5 85.84 -92.80 78.35
C ILE KA 5 86.91 -92.17 79.22
N ILE KA 6 87.43 -92.94 80.17
CA ILE KA 6 88.51 -92.50 81.04
C ILE KA 6 89.84 -92.90 80.41
N THR KA 7 90.71 -91.91 80.19
CA THR KA 7 91.96 -92.13 79.48
C THR KA 7 93.12 -92.25 80.47
N LEU KA 8 94.18 -92.91 80.03
CA LEU KA 8 95.37 -93.09 80.84
C LEU KA 8 96.59 -92.60 80.05
N GLN KA 9 97.60 -92.14 80.78
CA GLN KA 9 98.84 -91.66 80.17
C GLN KA 9 100.00 -92.21 80.96
N LEU KA 10 100.87 -92.97 80.31
CA LEU KA 10 102.03 -93.57 80.95
C LEU KA 10 103.30 -93.15 80.23
N GLY KA 11 104.36 -92.96 81.02
CA GLY KA 11 105.67 -92.65 80.46
C GLY KA 11 105.76 -91.26 79.86
N GLN KA 12 106.99 -90.84 79.54
CA GLN KA 12 107.20 -89.51 79.00
C GLN KA 12 106.45 -89.32 77.69
N CYS KA 13 106.39 -90.36 76.87
CA CYS KA 13 105.64 -90.28 75.62
C CYS KA 13 104.15 -90.07 75.87
N GLY KA 14 103.54 -90.98 76.63
CA GLY KA 14 102.11 -90.89 76.86
C GLY KA 14 101.69 -89.57 77.47
N ASN KA 15 102.52 -89.04 78.37
CA ASN KA 15 102.22 -87.73 78.95
C ASN KA 15 102.27 -86.64 77.91
N GLN KA 16 103.30 -86.64 77.06
CA GLN KA 16 103.49 -85.54 76.11
C GLN KA 16 102.41 -85.56 75.04
N ILE KA 17 102.08 -86.75 74.51
CA ILE KA 17 101.02 -86.80 73.51
C ILE KA 17 99.68 -86.50 74.13
N GLY KA 18 99.42 -87.02 75.33
CA GLY KA 18 98.15 -86.75 75.99
C GLY KA 18 98.01 -85.30 76.40
N PHE KA 19 99.09 -84.70 76.93
CA PHE KA 19 99.05 -83.29 77.28
C PHE KA 19 98.79 -82.43 76.06
N GLU KA 20 99.32 -82.83 74.90
CA GLU KA 20 99.03 -82.10 73.67
C GLU KA 20 97.76 -82.58 73.00
N PHE KA 21 97.26 -83.76 73.38
CA PHE KA 21 95.93 -84.16 72.92
C PHE KA 21 94.85 -83.35 73.60
N TRP KA 22 94.98 -83.13 74.91
CA TRP KA 22 93.99 -82.34 75.64
C TRP KA 22 94.00 -80.89 75.18
N LYS KA 23 95.19 -80.36 74.90
CA LYS KA 23 95.28 -78.97 74.45
C LYS KA 23 94.59 -78.79 73.10
N GLN KA 24 94.65 -79.81 72.25
CA GLN KA 24 93.92 -79.75 70.99
C GLN KA 24 92.41 -79.84 71.22
N LEU KA 25 92.01 -80.58 72.26
CA LEU KA 25 90.58 -80.71 72.53
C LEU KA 25 90.06 -79.49 73.29
N CYS KA 26 90.82 -78.99 74.26
CA CYS KA 26 90.37 -77.84 75.03
C CYS KA 26 90.13 -76.62 74.16
N ALA KA 27 90.91 -76.48 73.08
CA ALA KA 27 90.70 -75.36 72.17
C ALA KA 27 89.58 -75.65 71.18
N GLU KA 28 89.43 -76.91 70.78
CA GLU KA 28 88.38 -77.26 69.83
C GLU KA 28 87.00 -77.06 70.44
N HIS KA 29 86.93 -77.04 71.77
CA HIS KA 29 85.74 -76.59 72.48
C HIS KA 29 85.99 -75.20 73.05
N GLY KA 30 84.93 -74.55 73.50
CA GLY KA 30 85.05 -73.22 74.07
C GLY KA 30 85.45 -73.29 75.53
N ILE KA 31 86.61 -73.89 75.82
CA ILE KA 31 87.06 -74.10 77.18
C ILE KA 31 88.40 -73.40 77.35
N SER KA 32 88.49 -72.51 78.32
CA SER KA 32 89.75 -71.86 78.62
C SER KA 32 90.68 -72.82 79.35
N PRO KA 33 92.00 -72.62 79.21
CA PRO KA 33 92.96 -73.48 79.93
C PRO KA 33 92.76 -73.48 81.43
N GLU KA 34 92.01 -72.50 81.95
CA GLU KA 34 91.68 -72.45 83.36
C GLU KA 34 90.54 -73.38 83.74
N ALA KA 35 90.17 -74.31 82.86
CA ALA KA 35 89.05 -75.23 83.09
C ALA KA 35 87.72 -74.49 83.24
N ILE KA 36 87.59 -73.36 82.57
CA ILE KA 36 86.40 -72.53 82.64
C ILE KA 36 85.87 -72.36 81.22
N VAL KA 37 84.56 -72.55 81.05
CA VAL KA 37 83.96 -72.44 79.73
C VAL KA 37 83.93 -70.99 79.30
N GLU KA 38 84.30 -70.74 78.04
CA GLU KA 38 84.24 -69.42 77.46
C GLU KA 38 82.95 -69.27 76.65
N GLU KA 39 82.37 -68.08 76.69
CA GLU KA 39 81.09 -67.86 76.02
C GLU KA 39 81.27 -67.88 74.50
N PHE KA 40 82.30 -67.21 74.00
CA PHE KA 40 82.55 -67.11 72.56
C PHE KA 40 81.31 -66.74 71.76
N THR KA 45 76.31 -77.32 71.64
CA THR KA 45 75.90 -78.18 70.53
C THR KA 45 76.85 -79.37 70.39
N ASP KA 46 78.12 -79.16 70.70
CA ASP KA 46 79.11 -80.21 70.64
C ASP KA 46 79.05 -81.04 71.91
N ARG KA 47 78.81 -82.34 71.76
CA ARG KA 47 78.77 -83.26 72.89
C ARG KA 47 80.15 -83.32 73.54
N LYS KA 48 80.23 -82.92 74.81
CA LYS KA 48 81.50 -82.84 75.52
C LYS KA 48 81.50 -83.65 76.82
N ASP KA 49 80.48 -84.48 77.05
CA ASP KA 49 80.42 -85.22 78.31
C ASP KA 49 81.28 -86.48 78.29
N VAL KA 50 81.64 -86.98 77.10
CA VAL KA 50 82.37 -88.24 77.03
C VAL KA 50 83.73 -88.10 77.67
N PHE KA 51 84.49 -87.07 77.31
CA PHE KA 51 85.83 -86.89 77.81
C PHE KA 51 85.91 -85.95 79.02
N PHE KA 52 84.91 -85.10 79.23
CA PHE KA 52 84.94 -84.11 80.29
C PHE KA 52 83.83 -84.36 81.28
N TYR KA 53 84.11 -84.07 82.54
CA TYR KA 53 83.17 -84.29 83.64
C TYR KA 53 82.77 -82.94 84.23
N GLN KA 54 81.47 -82.67 84.25
CA GLN KA 54 80.97 -81.40 84.76
C GLN KA 54 81.03 -81.33 86.28
N TYR KA 60 84.35 -77.94 83.96
CA TYR KA 60 84.71 -79.10 83.15
C TYR KA 60 86.08 -79.62 83.53
N ILE KA 61 86.17 -80.93 83.76
CA ILE KA 61 87.42 -81.57 84.14
C ILE KA 61 87.64 -82.79 83.26
N PRO KA 62 88.83 -82.94 82.67
CA PRO KA 62 89.10 -84.13 81.85
C PRO KA 62 89.29 -85.37 82.71
N ARG KA 63 88.78 -86.50 82.21
CA ARG KA 63 88.91 -87.78 82.91
C ARG KA 63 90.23 -88.44 82.52
N ALA KA 64 91.30 -87.98 83.15
CA ALA KA 64 92.63 -88.48 82.87
C ALA KA 64 93.30 -88.94 84.17
N VAL KA 65 94.08 -90.02 84.06
CA VAL KA 65 94.83 -90.56 85.19
C VAL KA 65 96.29 -90.69 84.73
N LEU KA 66 97.08 -89.65 84.96
CA LEU KA 66 98.47 -89.67 84.53
C LEU KA 66 99.30 -90.52 85.47
N LEU KA 67 100.49 -90.90 85.02
CA LEU KA 67 101.43 -91.64 85.85
C LEU KA 67 102.87 -91.37 85.43
N ARG KA 72 109.06 -86.95 85.91
CA ARG KA 72 109.46 -85.58 86.15
C ARG KA 72 108.91 -84.66 85.07
N VAL KA 73 108.27 -85.25 84.07
CA VAL KA 73 107.52 -84.48 83.09
C VAL KA 73 106.23 -83.96 83.70
N ILE KA 74 105.75 -84.62 84.76
CA ILE KA 74 104.54 -84.16 85.45
C ILE KA 74 104.74 -82.74 85.97
N HIS KA 75 105.93 -82.43 86.48
CA HIS KA 75 106.21 -81.07 86.95
C HIS KA 75 106.16 -80.08 85.80
N SER KA 76 106.55 -80.51 84.60
CA SER KA 76 106.49 -79.61 83.46
C SER KA 76 105.06 -79.24 83.12
N ILE KA 77 104.11 -80.13 83.43
CA ILE KA 77 102.70 -79.82 83.21
C ILE KA 77 102.18 -78.91 84.31
N LEU KA 78 102.60 -79.15 85.56
CA LEU KA 78 102.14 -78.36 86.68
C LEU KA 78 102.63 -76.91 86.62
N ASN KA 79 103.71 -76.64 85.90
CA ASN KA 79 104.15 -75.26 85.68
C ASN KA 79 103.55 -74.64 84.43
N SER KA 80 103.08 -75.46 83.49
CA SER KA 80 102.43 -74.95 82.28
C SER KA 80 101.15 -74.22 82.66
N PRO KA 81 100.66 -73.32 81.79
CA PRO KA 81 99.43 -72.59 82.11
C PRO KA 81 98.21 -73.47 82.30
N TYR KA 82 98.32 -74.78 82.06
CA TYR KA 82 97.21 -75.71 82.20
C TYR KA 82 97.22 -76.43 83.54
N ALA KA 83 97.77 -75.80 84.58
CA ALA KA 83 97.92 -76.45 85.87
C ALA KA 83 96.59 -76.68 86.57
N LYS KA 84 95.58 -75.88 86.26
CA LYS KA 84 94.26 -76.01 86.88
C LYS KA 84 93.30 -76.87 86.08
N LEU KA 85 93.81 -77.85 85.31
CA LEU KA 85 92.96 -78.74 84.53
C LEU KA 85 92.93 -80.16 85.08
N TYR KA 86 93.65 -80.44 86.16
CA TYR KA 86 93.69 -81.79 86.71
C TYR KA 86 93.44 -81.80 88.21
N GLY KA 101 113.59 -98.15 85.51
CA GLY KA 101 114.58 -97.51 84.68
C GLY KA 101 114.28 -97.60 83.21
N ASN KA 102 115.12 -98.34 82.47
CA ASN KA 102 114.92 -98.58 81.05
C ASN KA 102 114.67 -100.05 80.74
N ASN KA 103 114.51 -100.88 81.76
CA ASN KA 103 114.24 -102.30 81.58
C ASN KA 103 112.75 -102.56 81.65
N TRP KA 104 112.29 -103.46 80.79
CA TRP KA 104 110.89 -103.87 80.84
C TRP KA 104 110.56 -104.53 82.18
N ALA KA 105 111.55 -105.19 82.79
CA ALA KA 105 111.32 -105.82 84.09
C ALA KA 105 111.15 -104.75 85.17
N SER KA 106 111.86 -103.63 85.05
CA SER KA 106 111.69 -102.55 86.01
C SER KA 106 110.29 -101.97 85.94
N GLY KA 107 109.70 -101.95 84.74
CA GLY KA 107 108.34 -101.46 84.61
C GLY KA 107 107.30 -102.41 85.16
N PHE KA 108 107.51 -103.71 84.94
CA PHE KA 108 106.54 -104.69 85.43
C PHE KA 108 106.72 -104.94 86.93
N SER KA 109 107.94 -104.79 87.45
CA SER KA 109 108.17 -105.02 88.86
C SER KA 109 107.57 -103.89 89.70
N GLN KA 110 107.98 -102.65 89.43
CA GLN KA 110 107.48 -101.52 90.20
C GLN KA 110 105.96 -101.39 90.08
N GLY KA 111 105.40 -101.75 88.93
CA GLY KA 111 103.96 -101.72 88.78
C GLY KA 111 103.24 -102.67 89.72
N GLU KA 112 103.92 -103.74 90.13
CA GLU KA 112 103.33 -104.66 91.10
C GLU KA 112 103.42 -104.10 92.52
N LYS KA 113 104.41 -103.24 92.79
CA LYS KA 113 104.58 -102.70 94.13
C LYS KA 113 103.52 -101.64 94.45
N ILE KA 114 102.94 -101.01 93.43
CA ILE KA 114 101.93 -99.99 93.65
C ILE KA 114 100.60 -100.46 93.07
N HIS KA 115 100.38 -101.77 93.13
CA HIS KA 115 99.14 -102.36 92.63
C HIS KA 115 97.91 -101.71 93.26
N GLU KA 116 97.96 -101.47 94.57
CA GLU KA 116 96.80 -100.92 95.26
C GLU KA 116 96.73 -99.41 95.12
N ASP KA 117 97.87 -98.75 94.90
CA ASP KA 117 97.89 -97.30 94.87
C ASP KA 117 97.19 -96.76 93.62
N ILE KA 118 97.65 -97.19 92.44
CA ILE KA 118 97.09 -96.63 91.20
C ILE KA 118 95.72 -97.22 90.90
N PHE KA 119 95.40 -98.38 91.49
CA PHE KA 119 94.05 -98.92 91.31
C PHE KA 119 93.04 -98.29 92.24
N ASP KA 120 93.49 -97.64 93.31
CA ASP KA 120 92.58 -96.83 94.11
C ASP KA 120 92.04 -95.68 93.27
N ILE KA 121 92.91 -95.03 92.49
CA ILE KA 121 92.50 -93.88 91.70
C ILE KA 121 91.55 -94.30 90.58
N ILE KA 122 91.92 -95.34 89.84
CA ILE KA 122 91.10 -95.78 88.71
C ILE KA 122 89.74 -96.26 89.19
N ASP KA 123 89.70 -96.93 90.33
CA ASP KA 123 88.42 -97.42 90.85
C ASP KA 123 87.54 -96.26 91.31
N ARG KA 124 88.11 -95.31 92.05
CA ARG KA 124 87.32 -94.17 92.51
C ARG KA 124 86.88 -93.30 91.33
N GLU KA 125 87.62 -93.36 90.22
CA GLU KA 125 87.22 -92.62 89.03
C GLU KA 125 86.23 -93.42 88.20
N ALA KA 126 86.14 -94.73 88.43
CA ALA KA 126 85.22 -95.56 87.65
C ALA KA 126 83.80 -95.43 88.17
N ASP KA 127 83.59 -95.67 89.46
CA ASP KA 127 82.24 -95.66 90.02
C ASP KA 127 81.63 -94.26 90.02
N GLY KA 128 82.45 -93.23 90.14
CA GLY KA 128 81.93 -91.87 90.08
C GLY KA 128 81.32 -91.53 88.73
N SER KA 129 81.76 -92.21 87.68
CA SER KA 129 81.19 -92.04 86.36
C SER KA 129 79.88 -92.81 86.24
N ASP KA 130 79.00 -92.34 85.37
CA ASP KA 130 77.69 -92.97 85.19
C ASP KA 130 77.84 -94.41 84.72
N SER KA 131 78.36 -94.59 83.50
CA SER KA 131 78.50 -95.92 82.91
C SER KA 131 79.80 -95.92 82.10
N LEU KA 132 80.81 -96.60 82.62
CA LEU KA 132 82.11 -96.64 81.96
C LEU KA 132 82.01 -97.39 80.65
N GLU KA 133 82.77 -96.92 79.66
CA GLU KA 133 82.73 -97.50 78.32
C GLU KA 133 84.07 -98.07 77.88
N GLY KA 134 85.15 -97.31 78.06
CA GLY KA 134 86.44 -97.78 77.59
C GLY KA 134 87.62 -97.25 78.38
N PHE KA 135 88.83 -97.60 77.96
CA PHE KA 135 90.06 -97.12 78.60
C PHE KA 135 91.05 -96.79 77.49
N VAL KA 136 90.98 -95.58 76.96
CA VAL KA 136 91.94 -95.17 75.95
C VAL KA 136 93.28 -94.93 76.61
N LEU KA 137 94.25 -95.80 76.31
CA LEU KA 137 95.55 -95.80 76.99
C LEU KA 137 96.61 -95.35 76.00
N CYS KA 138 97.35 -94.31 76.37
CA CYS KA 138 98.38 -93.74 75.49
C CYS KA 138 99.75 -94.04 76.09
N HIS KA 139 100.52 -94.91 75.43
CA HIS KA 139 101.84 -95.27 75.90
C HIS KA 139 102.68 -95.67 74.71
N SER KA 140 104.00 -95.50 74.86
CA SER KA 140 104.94 -95.91 73.83
C SER KA 140 105.64 -97.20 74.25
N ILE KA 141 105.72 -98.16 73.32
CA ILE KA 141 106.29 -99.46 73.64
C ILE KA 141 107.82 -99.46 73.63
N ALA KA 142 108.44 -98.33 73.31
CA ALA KA 142 109.90 -98.27 73.27
C ALA KA 142 110.47 -98.03 74.66
N GLY KA 144 110.68 -96.33 78.27
CA GLY KA 144 111.21 -97.32 79.19
C GLY KA 144 110.16 -97.88 80.12
N THR KA 145 109.83 -97.12 81.17
CA THR KA 145 108.87 -97.59 82.17
C THR KA 145 107.45 -97.68 81.62
N GLY KA 146 107.11 -96.86 80.63
CA GLY KA 146 105.80 -96.96 80.02
C GLY KA 146 105.57 -98.32 79.39
N SER KA 147 106.65 -98.98 78.96
CA SER KA 147 106.52 -100.32 78.37
C SER KA 147 106.18 -101.35 79.43
N GLY KA 148 106.95 -101.37 80.52
CA GLY KA 148 106.74 -102.38 81.54
C GLY KA 148 105.50 -102.12 82.38
N LEU KA 149 105.17 -100.85 82.63
CA LEU KA 149 103.98 -100.54 83.39
C LEU KA 149 102.72 -100.80 82.57
N GLY KA 150 102.73 -100.38 81.30
CA GLY KA 150 101.58 -100.63 80.45
C GLY KA 150 101.31 -102.10 80.25
N SER KA 151 102.37 -102.91 80.19
CA SER KA 151 102.19 -104.35 80.12
C SER KA 151 101.51 -104.87 81.38
N TYR KA 152 101.77 -104.21 82.52
CA TYR KA 152 101.15 -104.63 83.78
C TYR KA 152 99.68 -104.24 83.82
N LEU KA 153 99.35 -103.03 83.36
CA LEU KA 153 97.97 -102.55 83.42
C LEU KA 153 97.07 -103.37 82.51
N LEU KA 154 97.46 -103.55 81.25
CA LEU KA 154 96.61 -104.26 80.30
C LEU KA 154 96.31 -105.68 80.77
N GLU KA 155 97.19 -106.23 81.60
CA GLU KA 155 96.92 -107.54 82.19
C GLU KA 155 95.90 -107.41 83.33
N ARG KA 156 96.08 -106.41 84.19
CA ARG KA 156 95.27 -106.31 85.38
C ARG KA 156 93.86 -105.80 85.09
N LEU KA 157 93.68 -105.05 84.01
CA LEU KA 157 92.35 -104.54 83.69
C LEU KA 157 91.41 -105.67 83.27
N ASN KA 158 91.93 -106.66 82.55
CA ASN KA 158 91.09 -107.75 82.08
C ASN KA 158 90.63 -108.63 83.22
N ASP KA 159 91.32 -108.58 84.36
CA ASP KA 159 90.92 -109.36 85.53
C ASP KA 159 89.68 -108.76 86.18
N ARG KA 160 89.76 -107.49 86.58
CA ARG KA 160 88.67 -106.85 87.31
C ARG KA 160 87.57 -106.39 86.38
N TYR KA 161 87.94 -105.70 85.29
CA TYR KA 161 86.96 -105.17 84.35
C TYR KA 161 86.91 -106.07 83.13
N PRO KA 162 85.95 -106.98 83.02
CA PRO KA 162 85.95 -107.92 81.88
C PRO KA 162 85.07 -107.47 80.73
N LYS KA 163 84.32 -106.38 80.93
CA LYS KA 163 83.37 -105.91 79.92
C LYS KA 163 83.71 -104.51 79.42
N LYS KA 164 84.94 -104.05 79.64
CA LYS KA 164 85.34 -102.70 79.27
C LYS KA 164 86.35 -102.78 78.12
N LEU KA 165 86.03 -102.13 77.01
CA LEU KA 165 86.97 -102.03 75.91
C LEU KA 165 88.23 -101.29 76.34
N VAL KA 166 89.36 -101.68 75.79
CA VAL KA 166 90.65 -101.07 76.11
C VAL KA 166 91.35 -100.74 74.80
N GLN KA 167 91.16 -99.52 74.31
CA GLN KA 167 91.86 -99.05 73.13
C GLN KA 167 93.18 -98.40 73.54
N THR KA 168 94.19 -98.54 72.69
CA THR KA 168 95.52 -98.04 73.00
C THR KA 168 96.07 -97.31 71.80
N TYR KA 169 96.59 -96.11 72.02
CA TYR KA 169 97.29 -95.37 70.98
C TYR KA 169 98.81 -95.55 71.13
N SER KA 170 99.25 -96.79 70.94
CA SER KA 170 100.66 -97.12 71.12
C SER KA 170 101.50 -96.49 70.04
N VAL KA 171 102.74 -96.14 70.40
CA VAL KA 171 103.67 -95.47 69.51
C VAL KA 171 104.89 -96.36 69.33
N PHE KA 172 105.25 -96.63 68.04
CA PHE KA 172 106.39 -97.47 67.71
C PHE KA 172 107.64 -96.63 67.49
N PRO KA 173 108.81 -97.14 67.88
CA PRO KA 173 110.08 -96.42 67.72
C PRO KA 173 110.63 -96.50 66.29
N VAL KA 183 118.64 -103.30 73.74
CA VAL KA 183 117.58 -103.72 74.65
C VAL KA 183 116.24 -103.29 74.09
N GLN KA 184 116.28 -102.27 73.23
CA GLN KA 184 115.06 -101.75 72.62
C GLN KA 184 114.25 -102.82 71.90
N PRO KA 185 114.84 -103.76 71.15
CA PRO KA 185 114.00 -104.82 70.57
C PRO KA 185 113.31 -105.68 71.62
N TYR KA 186 113.92 -105.85 72.79
CA TYR KA 186 113.31 -106.67 73.84
C TYR KA 186 112.06 -106.01 74.40
N ASN KA 187 112.22 -104.79 74.94
CA ASN KA 187 111.09 -104.11 75.56
C ASN KA 187 109.95 -103.90 74.56
N SER KA 188 110.27 -103.76 73.28
CA SER KA 188 109.24 -103.54 72.29
C SER KA 188 108.36 -104.77 72.10
N LEU KA 189 108.99 -105.93 71.84
CA LEU KA 189 108.19 -107.11 71.54
C LEU KA 189 107.45 -107.63 72.76
N LEU KA 190 108.02 -107.45 73.95
CA LEU KA 190 107.37 -107.96 75.16
C LEU KA 190 106.01 -107.32 75.37
N THR KA 191 105.88 -106.04 75.05
CA THR KA 191 104.58 -105.40 75.14
C THR KA 191 103.63 -105.95 74.08
N LEU KA 192 104.19 -106.38 72.94
CA LEU KA 192 103.35 -106.93 71.88
C LEU KA 192 102.69 -108.23 72.31
N LYS KA 193 103.30 -108.95 73.25
CA LYS KA 193 102.67 -110.15 73.78
C LYS KA 193 101.35 -109.81 74.47
N ARG KA 194 101.34 -108.73 75.25
CA ARG KA 194 100.13 -108.31 75.92
C ARG KA 194 99.16 -107.59 74.99
N LEU KA 195 99.67 -106.82 74.04
CA LEU KA 195 98.82 -106.03 73.14
C LEU KA 195 98.12 -106.90 72.10
N THR KA 196 98.46 -108.17 71.99
CA THR KA 196 97.79 -109.05 71.04
C THR KA 196 96.73 -109.93 71.66
N GLN KA 197 96.54 -109.89 72.98
CA GLN KA 197 95.53 -110.72 73.61
C GLN KA 197 94.70 -109.96 74.64
N ASN KA 198 95.13 -108.74 75.00
CA ASN KA 198 94.39 -107.96 75.99
C ASN KA 198 93.69 -106.76 75.35
N ALA KA 199 94.44 -105.94 74.62
CA ALA KA 199 93.90 -104.71 74.06
C ALA KA 199 92.90 -105.04 72.95
N ASP KA 200 91.66 -104.63 73.12
CA ASP KA 200 90.61 -104.88 72.14
C ASP KA 200 90.76 -104.02 70.89
N CYS KA 201 91.74 -103.14 70.84
CA CYS KA 201 92.05 -102.37 69.64
C CYS KA 201 93.47 -101.84 69.79
N LEU KA 202 94.02 -101.34 68.70
CA LEU KA 202 95.35 -100.74 68.76
C LEU KA 202 95.55 -99.90 67.52
N VAL KA 203 96.06 -98.69 67.72
CA VAL KA 203 96.34 -97.75 66.65
C VAL KA 203 97.84 -97.51 66.64
N VAL KA 204 98.50 -97.89 65.56
CA VAL KA 204 99.96 -97.79 65.50
C VAL KA 204 100.34 -96.43 64.97
N LEU KA 205 101.41 -95.87 65.54
CA LEU KA 205 101.96 -94.59 65.12
C LEU KA 205 103.47 -94.68 65.33
N ASP KA 206 104.21 -95.02 64.29
CA ASP KA 206 105.65 -95.22 64.39
C ASP KA 206 106.37 -93.89 64.21
N ASN KA 207 107.40 -93.65 65.02
CA ASN KA 207 108.16 -92.41 64.92
C ASN KA 207 108.99 -92.33 63.64
N THR KA 208 109.32 -93.47 63.04
CA THR KA 208 110.14 -93.46 61.84
C THR KA 208 109.39 -92.84 60.66
N ALA KA 209 108.21 -93.37 60.34
CA ALA KA 209 107.43 -92.81 59.24
C ALA KA 209 107.00 -91.38 59.54
N LEU KA 210 106.75 -91.07 60.81
CA LEU KA 210 106.43 -89.69 61.17
C LEU KA 210 107.62 -88.77 60.94
N ASN KA 211 108.83 -89.25 61.23
CA ASN KA 211 110.01 -88.42 61.04
C ASN KA 211 110.22 -88.06 59.58
N ARG KA 212 109.85 -88.97 58.67
CA ARG KA 212 109.92 -88.65 57.25
C ARG KA 212 108.98 -87.50 56.90
N ILE KA 213 107.71 -87.62 57.29
CA ILE KA 213 106.76 -86.53 57.05
C ILE KA 213 107.20 -85.26 57.76
N ALA KA 214 107.91 -85.41 58.88
CA ALA KA 214 108.52 -84.25 59.51
C ALA KA 214 109.62 -83.65 58.63
N THR KA 215 110.33 -84.51 57.88
CA THR KA 215 111.40 -84.02 57.03
C THR KA 215 110.90 -83.64 55.64
N ASP KA 216 109.99 -84.43 55.07
CA ASP KA 216 109.57 -84.21 53.69
C ASP KA 216 108.79 -82.90 53.55
N ARG KA 217 107.67 -82.78 54.25
CA ARG KA 217 106.76 -81.67 54.08
C ARG KA 217 106.80 -80.64 55.20
N LEU KA 218 107.68 -80.83 56.18
CA LEU KA 218 107.86 -79.84 57.24
C LEU KA 218 109.29 -79.36 57.39
N HIS KA 219 110.28 -80.12 56.93
CA HIS KA 219 111.68 -79.70 56.89
C HIS KA 219 112.18 -79.29 58.27
N ILE KA 220 112.18 -80.25 59.19
CA ILE KA 220 112.63 -79.98 60.55
C ILE KA 220 114.14 -80.14 60.72
N GLN KA 221 114.80 -80.88 59.83
CA GLN KA 221 116.23 -81.10 59.95
C GLN KA 221 116.85 -81.45 58.60
N SER KA 224 112.65 -83.14 65.83
CA SER KA 224 112.34 -82.67 67.19
C SER KA 224 111.01 -83.24 67.68
N PHE KA 225 110.99 -83.65 68.94
CA PHE KA 225 109.78 -84.24 69.51
C PHE KA 225 108.65 -83.22 69.59
N SER KA 226 108.99 -81.96 69.88
CA SER KA 226 107.98 -80.93 70.02
C SER KA 226 107.27 -80.62 68.70
N GLN KA 227 107.71 -81.18 67.58
CA GLN KA 227 107.05 -80.97 66.31
C GLN KA 227 106.29 -82.19 65.82
N ILE KA 228 106.88 -83.39 65.94
CA ILE KA 228 106.18 -84.58 65.47
C ILE KA 228 104.95 -84.85 66.30
N ASN KA 229 104.97 -84.50 67.59
CA ASN KA 229 103.80 -84.68 68.43
C ASN KA 229 102.64 -83.81 67.97
N GLN KA 230 102.94 -82.69 67.32
CA GLN KA 230 101.87 -81.86 66.77
C GLN KA 230 101.09 -82.63 65.72
N LEU KA 231 101.76 -83.52 64.97
CA LEU KA 231 101.06 -84.37 64.04
C LEU KA 231 100.33 -85.50 64.76
N VAL KA 232 100.93 -86.03 65.83
CA VAL KA 232 100.27 -87.08 66.61
C VAL KA 232 98.99 -86.55 67.24
N SER KA 233 99.07 -85.35 67.83
CA SER KA 233 97.88 -84.74 68.42
C SER KA 233 96.81 -84.47 67.37
N THR KA 234 97.21 -84.27 66.12
CA THR KA 234 96.23 -84.09 65.05
C THR KA 234 95.54 -85.41 64.73
N ILE KA 235 96.26 -86.52 64.91
CA ILE KA 235 95.67 -87.82 64.60
C ILE KA 235 94.79 -88.30 65.74
N MET KA 236 95.22 -88.09 66.99
CA MET KA 236 94.44 -88.53 68.13
C MET KA 236 93.13 -87.77 68.24
N SER KA 237 93.19 -86.45 68.09
CA SER KA 237 91.99 -85.64 68.21
C SER KA 237 91.00 -85.96 67.10
N ALA KA 238 91.47 -86.02 65.85
CA ALA KA 238 90.57 -86.29 64.74
C ALA KA 238 90.07 -87.73 64.74
N SER KA 239 90.63 -88.59 65.58
CA SER KA 239 90.16 -89.97 65.65
C SER KA 239 88.78 -90.06 66.29
N THR KA 240 88.57 -89.33 67.39
CA THR KA 240 87.31 -89.33 68.12
C THR KA 240 86.45 -88.11 67.77
N THR KA 241 86.47 -87.69 66.50
CA THR KA 241 85.65 -86.55 66.12
C THR KA 241 84.19 -86.96 65.99
N THR KA 242 83.92 -88.23 65.77
CA THR KA 242 82.53 -88.68 65.63
C THR KA 242 81.87 -88.91 66.98
N LEU KA 243 82.64 -89.12 68.04
CA LEU KA 243 82.05 -89.25 69.37
C LEU KA 243 81.63 -87.90 69.93
N ARG KA 244 82.46 -86.88 69.74
CA ARG KA 244 82.18 -85.56 70.31
C ARG KA 244 81.17 -84.77 69.48
N TYR KA 245 81.08 -85.05 68.19
CA TYR KA 245 80.08 -84.43 67.33
C TYR KA 245 79.09 -85.49 66.87
N PRO KA 246 77.91 -85.57 67.49
CA PRO KA 246 77.00 -86.68 67.16
C PRO KA 246 76.37 -86.51 65.79
N GLY KA 247 76.34 -87.61 65.05
CA GLY KA 247 75.75 -87.64 63.73
C GLY KA 247 74.76 -88.77 63.58
N TYR KA 248 74.57 -89.22 62.34
CA TYR KA 248 73.61 -90.34 62.06
C TYR KA 248 74.03 -91.61 62.81
N MET KA 249 75.31 -91.98 62.70
CA MET KA 249 75.86 -93.18 63.31
C MET KA 249 77.12 -92.86 64.10
N ASN KA 250 77.70 -93.92 64.68
CA ASN KA 250 78.98 -93.86 65.36
C ASN KA 250 78.93 -92.90 66.56
N ASN KA 251 77.98 -93.18 67.46
CA ASN KA 251 77.82 -92.41 68.68
C ASN KA 251 78.38 -93.13 69.89
N ASP KA 252 79.22 -94.14 69.68
CA ASP KA 252 79.81 -94.90 70.78
C ASP KA 252 81.07 -95.57 70.27
N LEU KA 253 82.01 -95.79 71.19
CA LEU KA 253 83.31 -96.33 70.79
C LEU KA 253 83.18 -97.71 70.18
N ILE KA 254 82.25 -98.52 70.69
CA ILE KA 254 82.10 -99.88 70.17
C ILE KA 254 81.53 -99.87 68.76
N GLY KA 255 81.05 -98.72 68.30
CA GLY KA 255 80.61 -98.61 66.92
C GLY KA 255 81.76 -98.44 65.94
N LEU KA 256 82.84 -97.79 66.38
CA LEU KA 256 84.01 -97.64 65.51
C LEU KA 256 84.88 -98.89 65.53
N ILE KA 257 84.79 -99.69 66.58
CA ILE KA 257 85.67 -100.83 66.73
C ILE KA 257 85.14 -102.02 65.94
N ALA KA 258 83.92 -102.46 66.25
CA ALA KA 258 83.41 -103.69 65.66
C ALA KA 258 83.28 -103.63 64.15
N SER KA 259 83.27 -102.43 63.56
CA SER KA 259 83.15 -102.34 62.11
C SER KA 259 84.43 -102.74 61.42
N LEU KA 260 85.58 -102.31 61.94
CA LEU KA 260 86.86 -102.58 61.28
C LEU KA 260 87.39 -103.95 61.66
N ILE KA 261 87.54 -104.22 62.96
CA ILE KA 261 88.13 -105.45 63.47
C ILE KA 261 87.15 -106.61 63.28
N PRO KA 262 87.40 -107.52 62.34
CA PRO KA 262 86.45 -108.61 62.13
C PRO KA 262 86.61 -109.75 63.13
N THR KA 263 87.85 -110.06 63.51
CA THR KA 263 88.16 -111.15 64.40
C THR KA 263 89.04 -110.65 65.54
N PRO KA 264 88.98 -111.28 66.71
CA PRO KA 264 89.69 -110.75 67.88
C PRO KA 264 91.19 -110.59 67.69
N ARG KA 265 91.79 -111.24 66.70
CA ARG KA 265 93.24 -111.17 66.54
C ARG KA 265 93.69 -110.04 65.64
N LEU KA 266 93.07 -109.89 64.46
CA LEU KA 266 93.48 -108.85 63.51
C LEU KA 266 92.92 -107.50 63.96
N HIS KA 267 93.49 -107.00 65.05
CA HIS KA 267 93.02 -105.78 65.70
C HIS KA 267 94.10 -104.70 65.72
N PHE KA 268 94.73 -104.46 64.58
CA PHE KA 268 95.73 -103.41 64.46
C PHE KA 268 95.32 -102.47 63.33
N LEU KA 269 95.32 -101.17 63.60
CA LEU KA 269 94.86 -100.18 62.64
C LEU KA 269 95.93 -99.14 62.38
N MET KA 270 95.97 -98.65 61.14
CA MET KA 270 96.84 -97.57 60.74
C MET KA 270 96.00 -96.40 60.25
N THR KA 271 96.60 -95.22 60.24
CA THR KA 271 95.87 -93.97 59.98
C THR KA 271 96.39 -93.30 58.71
N GLY KA 272 95.59 -92.37 58.20
CA GLY KA 272 95.95 -91.58 57.04
C GLY KA 272 95.31 -90.21 57.08
N TYR KA 273 96.10 -89.15 56.92
CA TYR KA 273 95.63 -87.77 57.13
C TYR KA 273 96.21 -86.90 56.01
N THR KA 274 95.36 -86.48 55.08
CA THR KA 274 95.86 -85.77 53.90
C THR KA 274 96.21 -84.29 54.10
N PRO KA 275 95.46 -83.47 54.85
CA PRO KA 275 95.72 -82.03 54.81
C PRO KA 275 96.95 -81.66 55.60
N LEU KA 276 98.04 -81.35 54.89
CA LEU KA 276 99.30 -81.01 55.53
C LEU KA 276 99.87 -79.70 54.95
N THR KA 288 88.07 -78.11 46.08
CA THR KA 288 88.39 -79.39 46.67
C THR KA 288 87.12 -80.18 46.98
N THR KA 289 86.91 -81.28 46.26
CA THR KA 289 85.76 -82.14 46.45
C THR KA 289 86.15 -83.38 47.23
N VAL KA 290 85.14 -84.21 47.54
CA VAL KA 290 85.40 -85.45 48.26
C VAL KA 290 86.29 -86.37 47.45
N LEU KA 291 86.26 -86.27 46.12
CA LEU KA 291 87.12 -87.11 45.31
C LEU KA 291 88.58 -86.71 45.46
N ASP KA 292 88.84 -85.42 45.69
CA ASP KA 292 90.21 -84.96 45.90
C ASP KA 292 90.77 -85.55 47.19
N VAL KA 293 89.96 -85.62 48.24
CA VAL KA 293 90.45 -86.12 49.53
C VAL KA 293 90.57 -87.64 49.50
N MET KA 294 89.58 -88.33 48.94
CA MET KA 294 89.60 -89.79 48.94
C MET KA 294 90.77 -90.34 48.15
N ARG KA 295 91.17 -89.66 47.06
CA ARG KA 295 92.28 -90.17 46.27
C ARG KA 295 93.61 -89.99 46.98
N ARG KA 296 93.74 -88.95 47.80
CA ARG KA 296 95.00 -88.70 48.50
C ARG KA 296 95.22 -89.63 49.69
N LEU KA 297 94.15 -90.13 50.30
CA LEU KA 297 94.31 -90.98 51.47
C LEU KA 297 94.90 -92.33 51.10
N LEU KA 298 94.61 -92.81 49.89
CA LEU KA 298 95.06 -94.13 49.48
C LEU KA 298 96.50 -94.13 48.94
N GLN KA 299 97.12 -92.96 48.78
CA GLN KA 299 98.50 -92.93 48.34
C GLN KA 299 99.44 -93.36 49.46
N PRO KA 300 100.42 -94.20 49.17
CA PRO KA 300 101.35 -94.63 50.24
C PRO KA 300 102.19 -93.51 50.82
N LYS KA 301 102.17 -92.32 50.22
CA LYS KA 301 102.94 -91.21 50.75
C LYS KA 301 102.34 -90.63 52.02
N ASN KA 302 101.04 -90.85 52.25
CA ASN KA 302 100.35 -90.24 53.38
C ASN KA 302 100.22 -91.15 54.59
N VAL KA 303 100.25 -92.46 54.41
CA VAL KA 303 100.06 -93.38 55.53
C VAL KA 303 101.23 -93.27 56.50
N MET KA 304 100.93 -93.34 57.79
CA MET KA 304 101.96 -93.30 58.83
C MET KA 304 102.52 -94.70 59.09
N VAL KA 305 102.97 -95.33 58.02
CA VAL KA 305 103.57 -96.66 58.07
C VAL KA 305 104.77 -96.69 57.14
N SER KA 306 105.87 -97.27 57.59
CA SER KA 306 107.07 -97.39 56.78
C SER KA 306 106.90 -98.47 55.72
N ASN KA 314 99.35 -111.75 48.82
CA ASN KA 314 99.96 -110.43 48.71
C ASN KA 314 99.56 -109.54 49.90
N HIS KA 315 99.04 -108.35 49.60
CA HIS KA 315 98.62 -107.42 50.63
C HIS KA 315 97.34 -106.74 50.19
N CYS KA 316 96.45 -106.50 51.15
CA CYS KA 316 95.13 -105.95 50.85
C CYS KA 316 94.55 -105.38 52.14
N TYR KA 317 93.51 -104.57 51.98
CA TYR KA 317 92.80 -103.97 53.11
C TYR KA 317 91.79 -104.95 53.67
N ILE KA 318 91.26 -104.63 54.85
CA ILE KA 318 90.20 -105.40 55.48
C ILE KA 318 88.95 -104.55 55.70
N ALA KA 319 89.11 -103.31 56.16
CA ALA KA 319 88.00 -102.40 56.33
C ALA KA 319 88.54 -100.99 56.39
N ILE KA 320 87.85 -100.06 55.72
CA ILE KA 320 88.26 -98.67 55.64
C ILE KA 320 87.13 -97.79 56.14
N LEU KA 321 87.48 -96.81 56.97
CA LEU KA 321 86.53 -95.80 57.44
C LEU KA 321 87.11 -94.42 57.17
N ASN KA 322 86.37 -93.61 56.43
CA ASN KA 322 86.80 -92.27 56.05
C ASN KA 322 86.08 -91.23 56.89
N ILE KA 323 86.84 -90.30 57.43
CA ILE KA 323 86.30 -89.19 58.23
C ILE KA 323 86.51 -87.91 57.43
N ILE KA 324 85.41 -87.29 57.00
CA ILE KA 324 85.45 -86.04 56.26
C ILE KA 324 84.91 -84.94 57.15
N GLN KA 325 85.78 -84.08 57.64
CA GLN KA 325 85.40 -83.02 58.56
C GLN KA 325 85.06 -81.72 57.86
N GLY KA 326 84.76 -81.76 56.56
CA GLY KA 326 84.45 -80.57 55.82
C GLY KA 326 82.97 -80.25 55.80
N GLU KA 327 82.64 -79.14 55.15
CA GLU KA 327 81.27 -78.73 54.90
C GLU KA 327 80.78 -79.16 53.52
N VAL KA 328 81.47 -80.14 52.94
CA VAL KA 328 81.14 -80.66 51.59
C VAL KA 328 79.69 -81.15 51.59
N ASP KA 329 78.91 -80.77 50.57
CA ASP KA 329 77.49 -81.18 50.46
C ASP KA 329 77.41 -82.71 50.43
N PRO KA 330 76.50 -83.35 51.19
CA PRO KA 330 76.38 -84.81 51.21
C PRO KA 330 75.56 -85.36 50.03
N THR KA 331 76.07 -85.18 48.81
CA THR KA 331 75.38 -85.68 47.58
C THR KA 331 76.42 -86.29 46.64
N GLN KA 332 77.67 -85.83 46.73
CA GLN KA 332 78.78 -86.35 45.88
C GLN KA 332 79.61 -87.35 46.70
N VAL KA 333 79.03 -87.87 47.78
CA VAL KA 333 79.72 -88.84 48.67
C VAL KA 333 79.66 -90.23 48.03
N HIS KA 334 78.53 -90.56 47.39
CA HIS KA 334 78.36 -91.85 46.74
C HIS KA 334 79.02 -91.87 45.37
N LYS KA 335 79.15 -90.70 44.74
CA LYS KA 335 79.77 -90.65 43.43
C LYS KA 335 81.25 -90.98 43.51
N SER KA 336 81.93 -90.47 44.54
CA SER KA 336 83.35 -90.75 44.70
C SER KA 336 83.58 -92.23 45.03
N LEU KA 337 82.79 -92.75 45.97
CA LEU KA 337 82.87 -94.18 46.26
C LEU KA 337 82.62 -95.02 45.02
N GLN KA 338 81.69 -94.58 44.17
CA GLN KA 338 81.47 -95.26 42.90
C GLN KA 338 82.71 -95.20 42.03
N ARG KA 339 83.40 -94.06 42.04
CA ARG KA 339 84.60 -93.91 41.21
C ARG KA 339 85.77 -94.70 41.76
N ILE KA 340 85.92 -94.76 43.09
CA ILE KA 340 87.03 -95.50 43.67
C ILE KA 340 86.94 -96.98 43.32
N ARG KA 341 85.72 -97.50 43.20
CA ARG KA 341 85.54 -98.89 42.78
C ARG KA 341 85.98 -99.10 41.34
N GLU KA 342 85.74 -98.10 40.48
CA GLU KA 342 86.04 -98.27 39.06
C GLU KA 342 87.53 -98.28 38.79
N ARG KA 343 88.23 -97.23 39.21
CA ARG KA 343 89.66 -97.15 38.97
C ARG KA 343 90.47 -98.16 39.79
N LYS KA 344 89.86 -98.76 40.81
CA LYS KA 344 90.51 -99.78 41.63
C LYS KA 344 91.80 -99.24 42.26
N LEU KA 345 91.62 -98.26 43.14
CA LEU KA 345 92.74 -97.69 43.86
C LEU KA 345 93.11 -98.48 45.11
N ALA KA 346 92.29 -99.43 45.53
CA ALA KA 346 92.57 -100.26 46.68
C ALA KA 346 91.89 -101.61 46.54
N ASN KA 347 92.56 -102.64 47.04
CA ASN KA 347 92.02 -104.00 47.03
C ASN KA 347 91.82 -104.49 48.46
N PHE KA 348 90.91 -105.44 48.61
CA PHE KA 348 90.55 -105.96 49.93
C PHE KA 348 90.71 -107.48 49.96
N ILE KA 349 90.21 -108.07 51.04
CA ILE KA 349 90.27 -109.51 51.25
C ILE KA 349 89.35 -110.21 50.25
N PRO KA 350 89.72 -111.39 49.76
CA PRO KA 350 88.86 -112.09 48.79
C PRO KA 350 87.83 -113.00 49.43
N TRP KA 351 88.07 -113.41 50.68
CA TRP KA 351 87.21 -114.41 51.29
C TRP KA 351 85.90 -113.81 51.78
N GLY KA 352 85.97 -112.78 52.62
CA GLY KA 352 84.79 -112.18 53.17
C GLY KA 352 84.40 -110.90 52.47
N PRO KA 353 83.13 -110.51 52.58
CA PRO KA 353 82.68 -109.26 51.96
C PRO KA 353 83.24 -108.05 52.70
N ALA KA 354 84.16 -107.34 52.08
CA ALA KA 354 84.77 -106.16 52.68
C ALA KA 354 84.33 -104.93 51.91
N SER KA 355 83.83 -103.93 52.64
CA SER KA 355 83.33 -102.70 52.04
C SER KA 355 84.04 -101.51 52.68
N ILE KA 356 83.95 -100.37 52.03
CA ILE KA 356 84.56 -99.13 52.50
C ILE KA 356 83.45 -98.22 53.00
N GLN KA 357 83.68 -97.59 54.15
CA GLN KA 357 82.69 -96.72 54.78
C GLN KA 357 83.26 -95.31 54.90
N VAL KA 358 82.39 -94.33 54.68
CA VAL KA 358 82.76 -92.92 54.77
C VAL KA 358 81.81 -92.23 55.75
N ALA KA 359 82.38 -91.35 56.57
CA ALA KA 359 81.60 -90.65 57.58
C ALA KA 359 81.94 -89.17 57.55
N LEU KA 360 80.93 -88.34 57.67
CA LEU KA 360 81.07 -86.90 57.71
C LEU KA 360 80.92 -86.39 59.13
N SER KA 361 81.35 -85.15 59.35
CA SER KA 361 81.24 -84.51 60.65
C SER KA 361 81.26 -83.01 60.44
N ARG KA 362 81.30 -82.26 61.53
CA ARG KA 362 81.24 -80.80 61.47
C ARG KA 362 82.42 -80.21 62.24
N LYS KA 363 83.17 -79.33 61.57
CA LYS KA 363 84.31 -78.70 62.21
C LYS KA 363 83.86 -77.73 63.30
N SER KA 364 84.72 -77.55 64.29
CA SER KA 364 84.42 -76.65 65.39
C SER KA 364 84.39 -75.21 64.92
N PRO KA 365 83.30 -74.47 65.12
CA PRO KA 365 83.28 -73.07 64.69
C PRO KA 365 84.24 -72.18 65.47
N TYR KA 366 84.64 -72.58 66.68
CA TYR KA 366 85.54 -71.76 67.47
C TYR KA 366 86.97 -71.82 66.98
N LEU KA 367 87.31 -72.74 66.09
CA LEU KA 367 88.66 -72.86 65.58
C LEU KA 367 88.81 -72.14 64.24
N ARG KA 372 87.42 -75.01 54.05
CA ARG KA 372 88.41 -75.85 54.73
C ARG KA 372 87.90 -77.28 54.87
N VAL KA 373 88.55 -78.20 54.16
CA VAL KA 373 88.17 -79.62 54.20
C VAL KA 373 89.38 -80.43 54.62
N SER KA 374 89.18 -81.32 55.58
CA SER KA 374 90.22 -82.22 56.07
C SER KA 374 89.79 -83.66 55.79
N GLY KA 375 90.55 -84.60 56.31
CA GLY KA 375 90.22 -86.00 56.11
C GLY KA 375 91.12 -86.95 56.86
N LEU KA 376 90.52 -87.93 57.53
CA LEU KA 376 91.25 -88.98 58.21
C LEU KA 376 90.67 -90.33 57.83
N MET KA 377 91.54 -91.33 57.76
CA MET KA 377 91.13 -92.67 57.35
C MET KA 377 91.65 -93.69 58.35
N MET KA 378 90.73 -94.48 58.90
CA MET KA 378 91.06 -95.59 59.77
C MET KA 378 91.17 -96.85 58.91
N ALA KA 379 92.36 -97.44 58.87
CA ALA KA 379 92.66 -98.54 57.97
C ALA KA 379 93.06 -99.78 58.75
N ASN KA 380 92.62 -100.93 58.23
CA ASN KA 380 93.02 -102.24 58.77
C ASN KA 380 93.75 -102.96 57.63
N HIS KA 381 95.04 -102.69 57.51
CA HIS KA 381 95.82 -103.17 56.38
C HIS KA 381 96.71 -104.32 56.82
N THR KA 382 96.82 -105.34 55.96
CA THR KA 382 97.68 -106.48 56.25
C THR KA 382 99.15 -106.12 56.24
N SER KA 383 99.53 -105.03 55.54
CA SER KA 383 100.93 -104.64 55.47
C SER KA 383 101.48 -104.17 56.81
N ILE KA 384 100.65 -104.13 57.86
CA ILE KA 384 101.15 -103.80 59.18
C ILE KA 384 102.02 -104.94 59.71
N SER KA 385 101.90 -106.13 59.12
CA SER KA 385 102.71 -107.26 59.55
C SER KA 385 104.20 -107.00 59.34
N SER KA 386 104.53 -106.07 58.44
CA SER KA 386 105.92 -105.76 58.17
C SER KA 386 106.61 -105.17 59.40
N LEU KA 387 105.92 -104.31 60.13
CA LEU KA 387 106.51 -103.67 61.29
C LEU KA 387 106.91 -104.68 62.35
N PHE KA 388 106.11 -105.74 62.49
CA PHE KA 388 106.45 -106.79 63.45
C PHE KA 388 107.74 -107.50 63.06
N GLU KA 389 107.84 -107.89 61.79
CA GLU KA 389 109.00 -108.66 61.33
C GLU KA 389 110.30 -107.93 61.63
N ARG KA 390 110.28 -106.59 61.54
CA ARG KA 390 111.45 -105.80 61.91
C ARG KA 390 111.79 -105.99 63.38
N THR KA 391 110.76 -106.07 64.24
CA THR KA 391 111.01 -106.37 65.64
C THR KA 391 111.40 -107.83 65.83
N CYS KA 392 110.69 -108.74 65.16
CA CYS KA 392 111.01 -110.17 65.28
C CYS KA 392 112.43 -110.47 64.82
N ARG KA 393 112.87 -109.81 63.73
CA ARG KA 393 114.18 -110.07 63.19
C ARG KA 393 115.28 -109.68 64.16
N GLN KA 394 115.24 -108.45 64.65
CA GLN KA 394 116.31 -107.94 65.50
C GLN KA 394 116.36 -108.68 66.83
N TYR KA 395 115.27 -109.35 67.21
CA TYR KA 395 115.24 -110.09 68.46
C TYR KA 395 116.16 -111.31 68.39
N ASP KA 396 116.04 -112.09 67.32
CA ASP KA 396 116.87 -113.28 67.17
C ASP KA 396 118.35 -112.92 67.08
N LYS KA 397 118.66 -111.81 66.43
CA LYS KA 397 120.04 -111.34 66.41
C LYS KA 397 120.55 -111.04 67.81
N LEU KA 398 119.73 -110.36 68.64
CA LEU KA 398 120.08 -110.17 70.03
C LEU KA 398 119.96 -111.44 70.85
N ARG KA 399 119.25 -112.45 70.33
CA ARG KA 399 119.19 -113.74 71.01
C ARG KA 399 120.43 -114.58 70.78
N LYS KA 400 121.23 -114.24 69.77
CA LYS KA 400 122.48 -114.93 69.50
C LYS KA 400 123.70 -114.03 69.75
N ARG KA 401 123.53 -112.98 70.54
CA ARG KA 401 124.62 -112.07 70.86
C ARG KA 401 124.73 -111.75 72.34
N GLU KA 402 123.70 -112.01 73.14
CA GLU KA 402 123.69 -111.72 74.57
C GLU KA 402 123.97 -110.26 74.86
N ASP KA 416 114.56 -115.69 86.06
CA ASP KA 416 115.34 -116.85 86.47
C ASP KA 416 115.21 -118.00 85.46
N ASN KA 417 114.29 -117.84 84.51
CA ASN KA 417 114.01 -118.85 83.50
C ASN KA 417 114.20 -118.36 82.08
N PHE KA 418 114.02 -117.07 81.82
CA PHE KA 418 114.07 -116.51 80.47
C PHE KA 418 113.09 -117.20 79.54
N ASP KA 419 111.95 -117.64 80.09
CA ASP KA 419 110.92 -118.31 79.32
C ASP KA 419 109.83 -117.36 78.83
N GLU KA 420 109.60 -116.26 79.54
CA GLU KA 420 108.58 -115.31 79.10
C GLU KA 420 108.90 -114.74 77.73
N MET KA 421 110.18 -114.47 77.47
CA MET KA 421 110.57 -113.95 76.16
C MET KA 421 110.31 -114.98 75.06
N ASP KA 422 110.63 -116.25 75.32
CA ASP KA 422 110.41 -117.28 74.31
C ASP KA 422 108.92 -117.57 74.15
N THR KA 423 108.16 -117.54 75.25
CA THR KA 423 106.72 -117.72 75.15
C THR KA 423 106.09 -116.55 74.39
N SER KA 424 106.55 -115.33 74.66
CA SER KA 424 106.11 -114.18 73.87
C SER KA 424 106.55 -114.33 72.42
N ARG KA 425 107.73 -114.92 72.21
CA ARG KA 425 108.23 -115.13 70.86
C ARG KA 425 107.29 -116.00 70.04
N GLU KA 426 106.71 -117.02 70.66
CA GLU KA 426 105.85 -117.95 69.93
C GLU KA 426 104.55 -117.27 69.51
N ILE KA 427 103.97 -116.48 70.40
CA ILE KA 427 102.64 -115.92 70.13
C ILE KA 427 102.72 -114.82 69.07
N VAL KA 428 103.84 -114.11 68.98
CA VAL KA 428 104.00 -113.14 67.91
C VAL KA 428 104.10 -113.86 66.57
N GLN KA 429 104.70 -115.05 66.55
CA GLN KA 429 104.78 -115.81 65.32
C GLN KA 429 103.39 -116.31 64.90
N GLN KA 430 102.53 -116.61 65.88
CA GLN KA 430 101.16 -116.98 65.56
C GLN KA 430 100.41 -115.82 64.93
N LEU KA 431 100.70 -114.60 65.38
CA LEU KA 431 100.01 -113.43 64.85
C LEU KA 431 100.41 -113.15 63.41
N ILE KA 432 101.72 -113.12 63.14
CA ILE KA 432 102.19 -112.81 61.79
C ILE KA 432 101.66 -113.84 60.80
N ASP KA 433 101.63 -115.11 61.20
CA ASP KA 433 101.07 -116.13 60.32
C ASP KA 433 99.59 -115.85 60.05
N GLU KA 434 98.88 -115.31 61.03
CA GLU KA 434 97.46 -115.04 60.85
C GLU KA 434 97.24 -113.92 59.84
N TYR KA 435 98.13 -112.93 59.83
CA TYR KA 435 98.03 -111.88 58.81
C TYR KA 435 98.27 -112.45 57.41
N HIS KA 436 99.39 -113.12 57.22
CA HIS KA 436 99.72 -113.65 55.90
C HIS KA 436 98.73 -114.73 55.47
N ALA KA 437 97.99 -115.30 56.41
CA ALA KA 437 96.89 -116.18 56.06
C ALA KA 437 95.61 -115.40 55.76
N ALA KA 438 95.55 -114.12 56.13
CA ALA KA 438 94.35 -113.33 55.90
C ALA KA 438 94.22 -112.93 54.43
N THR KA 439 95.33 -112.92 53.70
CA THR KA 439 95.31 -112.56 52.29
C THR KA 439 95.12 -113.77 51.38
N ARG KA 440 94.71 -114.91 51.92
CA ARG KA 440 94.50 -116.12 51.15
C ARG KA 440 93.02 -116.35 50.91
N PRO KA 441 92.64 -116.79 49.71
CA PRO KA 441 91.22 -117.05 49.43
C PRO KA 441 90.61 -118.15 50.28
N ASP KA 442 91.38 -118.77 51.17
CA ASP KA 442 90.85 -119.81 52.03
C ASP KA 442 91.27 -119.52 53.46
N TYR KA 443 91.12 -118.27 53.90
CA TYR KA 443 91.51 -117.91 55.26
C TYR KA 443 90.68 -118.63 56.29
N ILE KA 444 89.43 -118.98 55.95
CA ILE KA 444 88.63 -119.81 56.83
C ILE KA 444 89.31 -121.16 56.99
N SER KA 445 89.36 -121.65 58.23
CA SER KA 445 90.04 -122.89 58.56
C SER KA 445 91.49 -122.90 58.09
N ARG LA 3 60.88 -69.54 119.41
CA ARG LA 3 61.91 -70.53 119.72
C ARG LA 3 63.28 -70.00 119.34
N GLU LA 4 64.21 -70.03 120.29
CA GLU LA 4 65.52 -69.42 120.10
C GLU LA 4 66.59 -70.48 120.28
N ILE LA 5 67.59 -70.46 119.41
CA ILE LA 5 68.70 -71.40 119.45
C ILE LA 5 69.93 -70.68 119.98
N ILE LA 6 70.55 -71.25 121.00
CA ILE LA 6 71.78 -70.73 121.59
C ILE LA 6 72.93 -71.62 121.17
N THR LA 7 74.03 -71.00 120.75
CA THR LA 7 75.20 -71.72 120.27
C THR LA 7 76.38 -71.53 121.20
N LEU LA 8 77.26 -72.53 121.23
CA LEU LA 8 78.45 -72.53 122.08
C LEU LA 8 79.67 -72.79 121.22
N GLN LA 9 80.78 -72.16 121.56
CA GLN LA 9 82.02 -72.30 120.82
C GLN LA 9 83.14 -72.65 121.80
N LEU LA 10 83.74 -73.83 121.62
CA LEU LA 10 84.80 -74.31 122.48
C LEU LA 10 86.05 -74.59 121.66
N GLY LA 11 87.21 -74.37 122.26
CA GLY LA 11 88.47 -74.65 121.61
C GLY LA 11 88.78 -73.68 120.48
N GLN LA 12 90.02 -73.76 119.99
CA GLN LA 12 90.46 -72.86 118.94
C GLN LA 12 89.67 -73.07 117.66
N CYS LA 13 89.56 -74.32 117.20
CA CYS LA 13 88.82 -74.61 115.98
C CYS LA 13 87.36 -74.19 116.10
N GLY LA 14 86.70 -74.57 117.19
CA GLY LA 14 85.31 -74.19 117.37
C GLY LA 14 85.11 -72.70 117.39
N ASN LA 15 85.98 -71.98 118.13
CA ASN LA 15 85.85 -70.53 118.20
C ASN LA 15 86.05 -69.90 116.83
N GLN LA 16 87.03 -70.37 116.06
CA GLN LA 16 87.29 -69.78 114.76
C GLN LA 16 86.14 -70.04 113.80
N ILE LA 17 85.63 -71.27 113.74
CA ILE LA 17 84.55 -71.56 112.81
C ILE LA 17 83.28 -70.83 113.24
N GLY LA 18 83.06 -70.67 114.55
CA GLY LA 18 81.90 -69.92 115.00
C GLY LA 18 82.01 -68.45 114.67
N PHE LA 19 83.20 -67.88 114.81
CA PHE LA 19 83.39 -66.48 114.46
C PHE LA 19 83.17 -66.25 112.97
N GLU LA 20 83.69 -67.16 112.14
CA GLU LA 20 83.47 -67.01 110.71
C GLU LA 20 82.02 -67.24 110.33
N PHE LA 21 81.34 -68.15 111.03
CA PHE LA 21 79.91 -68.35 110.79
C PHE LA 21 79.12 -67.10 111.14
N TRP LA 22 79.48 -66.46 112.25
CA TRP LA 22 78.79 -65.22 112.63
C TRP LA 22 79.09 -64.10 111.65
N LYS LA 23 80.33 -64.04 111.15
CA LYS LA 23 80.64 -63.07 110.10
C LYS LA 23 79.76 -63.30 108.88
N GLN LA 24 79.68 -64.54 108.42
CA GLN LA 24 78.86 -64.86 107.26
C GLN LA 24 77.39 -64.51 107.49
N LEU LA 25 76.88 -64.82 108.68
CA LEU LA 25 75.46 -64.61 108.93
C LEU LA 25 75.15 -63.12 109.09
N CYS LA 26 76.06 -62.35 109.70
CA CYS LA 26 75.88 -60.91 109.77
C CYS LA 26 75.95 -60.29 108.39
N ALA LA 27 76.79 -60.83 107.52
CA ALA LA 27 76.84 -60.33 106.14
C ALA LA 27 75.56 -60.67 105.38
N GLU LA 28 74.98 -61.84 105.66
CA GLU LA 28 73.75 -62.23 104.97
C GLU LA 28 72.61 -61.28 105.31
N HIS LA 29 72.53 -60.84 106.56
CA HIS LA 29 71.56 -59.84 106.94
C HIS LA 29 72.17 -58.45 106.80
N GLY LA 30 71.37 -57.43 107.11
CA GLY LA 30 71.86 -56.07 107.05
C GLY LA 30 72.37 -55.58 108.39
N ILE LA 31 73.41 -56.23 108.91
CA ILE LA 31 73.93 -55.92 110.24
C ILE LA 31 75.41 -55.61 110.10
N SER LA 32 75.77 -54.35 110.40
CA SER LA 32 77.16 -53.92 110.34
C SER LA 32 77.99 -54.65 111.39
N PRO LA 33 79.31 -54.74 111.18
CA PRO LA 33 80.19 -55.32 112.21
C PRO LA 33 80.04 -54.66 113.57
N GLU LA 34 79.56 -53.42 113.61
CA GLU LA 34 79.31 -52.72 114.85
C GLU LA 34 77.98 -53.11 115.50
N ALA LA 35 77.38 -54.22 115.06
CA ALA LA 35 76.15 -54.74 115.63
C ALA LA 35 75.01 -53.72 115.52
N ILE LA 36 75.02 -52.95 114.44
CA ILE LA 36 73.98 -51.98 114.15
C ILE LA 36 73.36 -52.33 112.81
N VAL LA 37 72.02 -52.38 112.77
CA VAL LA 37 71.33 -52.72 111.53
C VAL LA 37 71.57 -51.63 110.50
N GLU LA 38 71.82 -52.05 109.26
CA GLU LA 38 72.00 -51.10 108.16
C GLU LA 38 70.69 -50.92 107.41
N GLU LA 39 70.55 -49.76 106.76
CA GLU LA 39 69.30 -49.42 106.10
C GLU LA 39 69.07 -50.33 104.89
N PHE LA 40 69.94 -50.24 103.88
CA PHE LA 40 69.81 -51.01 102.65
C PHE LA 40 68.40 -50.97 102.07
N THR LA 45 61.87 -59.08 106.15
CA THR LA 45 61.41 -60.34 105.59
C THR LA 45 62.18 -61.51 106.18
N ASP LA 46 63.48 -61.34 106.38
CA ASP LA 46 64.34 -62.38 106.90
C ASP LA 46 64.14 -62.50 108.41
N ARG LA 47 63.64 -63.65 108.85
CA ARG LA 47 63.40 -63.90 110.26
C ARG LA 47 64.75 -64.05 110.97
N LYS LA 48 65.11 -63.06 111.79
CA LYS LA 48 66.40 -63.03 112.44
C LYS LA 48 66.32 -63.16 113.95
N ASP LA 49 65.13 -63.42 114.51
CA ASP LA 49 65.00 -63.46 115.96
C ASP LA 49 65.59 -64.75 116.55
N VAL LA 50 65.69 -65.80 115.74
CA VAL LA 50 66.12 -67.09 116.27
C VAL LA 50 67.55 -67.01 116.79
N PHE LA 51 68.46 -66.44 115.99
CA PHE LA 51 69.87 -66.42 116.34
C PHE LA 51 70.33 -65.09 116.89
N PHE LA 52 69.50 -64.05 116.86
CA PHE LA 52 69.89 -62.73 117.33
C PHE LA 52 68.89 -62.22 118.35
N TYR LA 53 69.38 -61.46 119.31
CA TYR LA 53 68.56 -60.89 120.37
C TYR LA 53 68.53 -59.37 120.23
N GLN LA 54 67.33 -58.80 120.27
CA GLN LA 54 67.17 -57.36 120.10
C GLN LA 54 67.45 -56.60 121.39
N TYR LA 60 71.25 -55.28 117.98
CA TYR LA 60 71.24 -56.72 117.81
C TYR LA 60 72.49 -57.37 118.36
N ILE LA 61 72.31 -58.47 119.09
CA ILE LA 61 73.43 -59.19 119.69
C ILE LA 61 73.27 -60.67 119.42
N PRO LA 62 74.31 -61.37 118.99
CA PRO LA 62 74.21 -62.82 118.78
C PRO LA 62 74.16 -63.56 120.10
N ARG LA 63 73.52 -64.73 120.06
CA ARG LA 63 73.42 -65.60 121.23
C ARG LA 63 74.56 -66.61 121.23
N ALA LA 64 75.74 -66.12 121.57
CA ALA LA 64 76.95 -66.92 121.56
C ALA LA 64 77.58 -66.94 122.94
N VAL LA 65 78.27 -68.03 123.24
CA VAL LA 65 78.99 -68.20 124.50
C VAL LA 65 80.38 -68.71 124.15
N LEU LA 66 81.34 -67.79 124.07
CA LEU LA 66 82.70 -68.15 123.70
C LEU LA 66 83.44 -68.70 124.92
N LEU LA 67 84.22 -69.76 124.71
CA LEU LA 67 84.96 -70.39 125.78
C LEU LA 67 86.33 -70.87 125.32
N ARG LA 72 92.95 -67.72 123.99
CA ARG LA 72 93.88 -66.82 123.32
C ARG LA 72 93.26 -66.18 122.08
N VAL LA 73 92.57 -67.00 121.28
CA VAL LA 73 91.94 -66.49 120.07
C VAL LA 73 90.83 -65.51 120.40
N ILE LA 74 90.35 -65.50 121.64
CA ILE LA 74 89.37 -64.50 122.05
C ILE LA 74 89.97 -63.11 121.94
N HIS LA 75 91.26 -62.97 122.23
CA HIS LA 75 91.93 -61.69 122.02
C HIS LA 75 91.97 -61.32 120.54
N SER LA 76 92.19 -62.32 119.67
CA SER LA 76 92.15 -62.05 118.23
C SER LA 76 90.78 -61.56 117.80
N ILE LA 77 89.72 -62.15 118.35
CA ILE LA 77 88.37 -61.70 118.02
C ILE LA 77 88.13 -60.30 118.56
N LEU LA 78 88.62 -60.02 119.76
CA LEU LA 78 88.45 -58.69 120.35
C LEU LA 78 89.23 -57.62 119.60
N ASN LA 79 90.30 -58.00 118.90
CA ASN LA 79 91.01 -57.06 118.05
C ASN LA 79 90.43 -56.97 116.65
N SER LA 80 89.60 -57.94 116.26
CA SER LA 80 88.92 -57.88 114.98
C SER LA 80 87.93 -56.70 114.97
N PRO LA 81 87.55 -56.22 113.79
CA PRO LA 81 86.53 -55.16 113.72
C PRO LA 81 85.20 -55.55 114.35
N TYR LA 82 85.01 -56.81 114.72
CA TYR LA 82 83.75 -57.29 115.29
C TYR LA 82 83.79 -57.32 116.81
N ALA LA 83 84.60 -56.46 117.43
CA ALA LA 83 84.66 -56.43 118.89
C ALA LA 83 83.34 -55.98 119.50
N LYS LA 84 82.54 -55.22 118.76
CA LYS LA 84 81.27 -54.72 119.24
C LYS LA 84 80.14 -55.73 119.11
N LEU LA 85 80.45 -57.01 118.92
CA LEU LA 85 79.43 -58.02 118.66
C LEU LA 85 79.15 -58.91 119.86
N TYR LA 86 79.86 -58.75 120.97
CA TYR LA 86 79.65 -59.59 122.14
C TYR LA 86 79.57 -58.77 123.43
N GLY LA 101 96.08 -78.03 128.33
CA GLY LA 101 97.02 -78.89 127.63
C GLY LA 101 96.46 -79.47 126.35
N ASN LA 102 96.86 -80.70 126.04
CA ASN LA 102 96.37 -81.40 124.86
C ASN LA 102 95.72 -82.73 125.20
N ASN LA 103 95.43 -82.99 126.47
CA ASN LA 103 94.83 -84.24 126.89
C ASN LA 103 93.32 -84.08 127.08
N TRP LA 104 92.61 -85.18 126.92
CA TRP LA 104 91.18 -85.18 127.18
C TRP LA 104 90.90 -85.10 128.68
N ALA LA 105 91.70 -85.80 129.49
CA ALA LA 105 91.46 -85.81 130.93
C ALA LA 105 91.67 -84.43 131.54
N SER LA 106 92.70 -83.70 131.07
CA SER LA 106 92.91 -82.35 131.56
C SER LA 106 91.72 -81.46 131.23
N GLY LA 107 91.20 -81.58 130.00
CA GLY LA 107 90.03 -80.80 129.63
C GLY LA 107 88.82 -81.12 130.48
N PHE LA 108 88.59 -82.41 130.73
CA PHE LA 108 87.46 -82.81 131.56
C PHE LA 108 87.62 -82.29 132.98
N SER LA 109 88.82 -82.39 133.54
CA SER LA 109 89.06 -81.92 134.91
C SER LA 109 88.83 -80.41 135.01
N GLN LA 110 89.41 -79.65 134.07
CA GLN LA 110 89.25 -78.20 134.11
C GLN LA 110 87.81 -77.78 133.87
N GLY LA 111 87.06 -78.54 133.06
CA GLY LA 111 85.65 -78.27 132.90
C GLY LA 111 84.85 -78.58 134.16
N GLU LA 112 85.25 -79.60 134.90
CA GLU LA 112 84.62 -79.88 136.18
C GLU LA 112 84.95 -78.81 137.20
N LYS LA 113 86.13 -78.19 137.10
CA LYS LA 113 86.53 -77.19 138.07
C LYS LA 113 85.69 -75.92 137.98
N ILE LA 114 85.23 -75.56 136.78
CA ILE LA 114 84.54 -74.29 136.57
C ILE LA 114 83.10 -74.53 136.15
N HIS LA 115 82.50 -75.61 136.67
CA HIS LA 115 81.12 -75.94 136.33
C HIS LA 115 80.18 -74.76 136.61
N GLU LA 116 80.19 -74.27 137.86
CA GLU LA 116 79.27 -73.21 138.24
C GLU LA 116 79.56 -71.91 137.50
N ASP LA 117 80.84 -71.62 137.25
CA ASP LA 117 81.21 -70.35 136.63
C ASP LA 117 80.62 -70.23 135.23
N ILE LA 118 80.77 -71.27 134.41
CA ILE LA 118 80.22 -71.21 133.07
C ILE LA 118 78.72 -71.46 133.09
N PHE LA 119 78.22 -72.24 134.04
CA PHE LA 119 76.81 -72.55 134.04
C PHE LA 119 75.95 -71.40 134.51
N ASP LA 120 76.51 -70.47 135.29
CA ASP LA 120 75.77 -69.25 135.59
C ASP LA 120 75.51 -68.45 134.32
N ILE LA 121 76.52 -68.32 133.48
CA ILE LA 121 76.35 -67.63 132.20
C ILE LA 121 75.34 -68.37 131.33
N ILE LA 122 75.48 -69.69 131.24
CA ILE LA 122 74.56 -70.46 130.40
C ILE LA 122 73.14 -70.33 130.90
N ASP LA 123 72.94 -70.35 132.21
CA ASP LA 123 71.59 -70.30 132.77
C ASP LA 123 70.98 -68.92 132.63
N ARG LA 124 71.77 -67.86 132.80
CA ARG LA 124 71.21 -66.52 132.61
C ARG LA 124 70.85 -66.30 131.15
N GLU LA 125 71.68 -66.79 130.22
CA GLU LA 125 71.34 -66.65 128.81
C GLU LA 125 70.17 -67.54 128.42
N ALA LA 126 69.96 -68.64 129.14
CA ALA LA 126 68.84 -69.52 128.84
C ALA LA 126 67.53 -68.92 129.34
N ASP LA 127 67.45 -68.62 130.64
CA ASP LA 127 66.22 -68.09 131.19
C ASP LA 127 65.92 -66.68 130.70
N GLY LA 128 66.94 -65.95 130.22
CA GLY LA 128 66.66 -64.67 129.58
C GLY LA 128 65.87 -64.82 128.29
N SER LA 129 65.98 -65.97 127.63
CA SER LA 129 65.27 -66.22 126.39
C SER LA 129 63.81 -66.54 126.64
N ASP LA 130 62.97 -66.21 125.65
CA ASP LA 130 61.55 -66.50 125.75
C ASP LA 130 61.30 -68.00 125.79
N SER LA 131 61.67 -68.70 124.73
CA SER LA 131 61.44 -70.15 124.62
C SER LA 131 62.68 -70.76 123.98
N LEU LA 132 63.54 -71.35 124.79
CA LEU LA 132 64.74 -72.00 124.27
C LEU LA 132 64.36 -73.24 123.47
N GLU LA 133 65.17 -73.54 122.45
CA GLU LA 133 64.91 -74.68 121.59
C GLU LA 133 66.05 -75.69 121.60
N GLY LA 134 67.28 -75.25 121.45
CA GLY LA 134 68.39 -76.18 121.37
C GLY LA 134 69.72 -75.63 121.84
N PHE LA 135 70.80 -76.38 121.60
CA PHE LA 135 72.15 -75.98 121.99
C PHE LA 135 73.11 -76.42 120.89
N VAL LA 136 73.36 -75.51 119.94
CA VAL LA 136 74.34 -75.81 118.89
C VAL LA 136 75.74 -75.76 119.47
N LEU LA 137 76.51 -76.82 119.24
CA LEU LA 137 77.86 -76.93 119.77
C LEU LA 137 78.83 -77.10 118.60
N CYS LA 138 79.79 -76.18 118.48
CA CYS LA 138 80.80 -76.22 117.43
C CYS LA 138 82.15 -76.42 118.08
N HIS LA 139 82.74 -77.59 117.87
CA HIS LA 139 84.03 -77.91 118.49
C HIS LA 139 84.70 -78.98 117.66
N SER LA 140 86.03 -79.09 117.84
CA SER LA 140 86.87 -80.11 117.15
C SER LA 140 87.15 -81.24 118.15
N ILE LA 141 86.82 -82.47 117.77
CA ILE LA 141 87.01 -83.67 118.65
C ILE LA 141 88.38 -84.30 118.38
N ALA LA 142 89.18 -83.70 117.50
CA ALA LA 142 90.51 -84.25 117.15
C ALA LA 142 91.40 -84.29 118.39
N GLY LA 143 91.41 -83.24 119.21
CA GLY LA 143 92.17 -83.28 120.48
C GLY LA 143 92.23 -81.92 121.16
N GLY LA 144 93.01 -81.84 122.25
CA GLY LA 144 93.20 -80.59 123.02
C GLY LA 144 92.27 -80.51 124.22
N THR LA 145 91.84 -79.30 124.59
CA THR LA 145 90.93 -79.15 125.73
C THR LA 145 89.48 -79.05 125.27
N GLY LA 146 89.26 -78.62 124.03
CA GLY LA 146 87.89 -78.51 123.53
C GLY LA 146 87.15 -79.84 123.56
N SER LA 147 87.85 -80.92 123.27
CA SER LA 147 87.21 -82.24 123.25
C SER LA 147 86.64 -82.59 124.62
N GLY LA 148 87.50 -82.59 125.64
CA GLY LA 148 87.03 -82.94 126.97
C GLY LA 148 86.03 -81.94 127.52
N LEU LA 149 86.22 -80.66 127.22
CA LEU LA 149 85.28 -79.65 127.70
C LEU LA 149 83.91 -79.86 127.08
N GLY LA 150 83.85 -80.16 125.78
CA GLY LA 150 82.57 -80.45 125.16
C GLY LA 150 81.95 -81.73 125.68
N SER LA 151 82.79 -82.73 125.97
CA SER LA 151 82.31 -83.94 126.63
C SER LA 151 81.59 -83.60 127.93
N TYR LA 152 82.27 -82.86 128.80
CA TYR LA 152 81.70 -82.50 130.10
C TYR LA 152 80.43 -81.67 129.93
N LEU LA 153 80.45 -80.71 129.00
CA LEU LA 153 79.29 -79.86 128.81
C LEU LA 153 78.10 -80.65 128.28
N LEU LA 154 78.34 -81.60 127.38
CA LEU LA 154 77.28 -82.46 126.89
C LEU LA 154 76.68 -83.27 128.02
N GLU LA 155 77.52 -83.85 128.87
CA GLU LA 155 77.00 -84.62 130.01
C GLU LA 155 76.16 -83.74 130.92
N ARG LA 156 76.66 -82.55 131.24
CA ARG LA 156 75.93 -81.69 132.18
C ARG LA 156 74.65 -81.14 131.58
N LEU LA 157 74.61 -80.92 130.26
CA LEU LA 157 73.38 -80.46 129.62
C LEU LA 157 72.36 -81.57 129.54
N ASN LA 158 72.81 -82.81 129.29
CA ASN LA 158 71.90 -83.94 129.38
C ASN LA 158 71.36 -84.10 130.81
N ASP LA 159 72.17 -83.73 131.80
CA ASP LA 159 71.72 -83.80 133.19
C ASP LA 159 70.65 -82.75 133.47
N ARG LA 160 70.97 -81.47 133.24
CA ARG LA 160 70.09 -80.39 133.67
C ARG LA 160 68.87 -80.27 132.78
N TYR LA 161 69.07 -79.96 131.50
CA TYR LA 161 67.97 -79.71 130.59
C TYR LA 161 67.57 -81.01 129.89
N PRO LA 162 66.41 -81.57 130.18
CA PRO LA 162 66.05 -82.85 129.56
C PRO LA 162 65.18 -82.70 128.32
N LYS LA 163 64.72 -81.48 128.03
CA LYS LA 163 63.80 -81.23 126.93
C LYS LA 163 64.41 -80.36 125.85
N LYS LA 164 65.73 -80.27 125.78
CA LYS LA 164 66.41 -79.41 124.83
C LYS LA 164 67.21 -80.27 123.85
N LEU LA 165 66.90 -80.13 122.56
CA LEU LA 165 67.67 -80.82 121.54
C LEU LA 165 69.10 -80.28 121.51
N VAL LA 166 70.05 -81.16 121.21
CA VAL LA 166 71.46 -80.78 121.17
C VAL LA 166 72.03 -81.25 119.83
N GLN LA 167 72.30 -80.30 118.95
CA GLN LA 167 72.99 -80.58 117.69
C GLN LA 167 74.44 -80.13 117.81
N THR LA 168 75.32 -80.83 117.11
CA THR LA 168 76.75 -80.63 117.25
C THR LA 168 77.41 -80.61 115.88
N TYR LA 169 78.06 -79.49 115.56
CA TYR LA 169 78.84 -79.38 114.33
C TYR LA 169 80.30 -79.78 114.59
N SER LA 170 80.47 -81.03 115.01
CA SER LA 170 81.79 -81.53 115.36
C SER LA 170 82.66 -81.70 114.12
N VAL LA 171 83.95 -81.46 114.30
CA VAL LA 171 84.93 -81.51 113.22
C VAL LA 171 85.91 -82.64 113.48
N PHE LA 172 86.03 -83.56 112.52
CA PHE LA 172 86.93 -84.71 112.60
C PHE LA 172 88.31 -84.36 112.07
N PRO LA 173 89.37 -85.02 112.56
CA PRO LA 173 90.73 -84.74 112.11
C PRO LA 173 91.01 -85.22 110.69
N VAL LA 183 98.08 -89.56 120.32
CA VAL LA 183 97.15 -89.39 121.43
C VAL LA 183 95.81 -88.94 120.89
N GLN LA 184 95.81 -88.50 119.63
CA GLN LA 184 94.59 -88.08 118.97
C GLN LA 184 93.50 -89.15 118.96
N PRO LA 185 93.80 -90.43 118.65
CA PRO LA 185 92.72 -91.42 118.65
C PRO LA 185 92.00 -91.55 119.98
N TYR LA 186 92.74 -91.43 121.09
CA TYR LA 186 92.11 -91.50 122.41
C TYR LA 186 91.04 -90.44 122.56
N ASN LA 187 91.41 -89.17 122.37
CA ASN LA 187 90.45 -88.08 122.52
C ASN LA 187 89.29 -88.24 121.55
N SER LA 188 89.57 -88.62 120.30
CA SER LA 188 88.50 -88.75 119.33
C SER LA 188 87.50 -89.81 119.75
N LEU LA 189 87.99 -90.98 120.18
CA LEU LA 189 87.06 -92.05 120.54
C LEU LA 189 86.28 -91.70 121.81
N LEU LA 190 86.91 -90.98 122.74
CA LEU LA 190 86.17 -90.57 123.93
C LEU LA 190 85.06 -89.60 123.55
N THR LA 191 85.34 -88.66 122.64
CA THR LA 191 84.30 -87.75 122.18
C THR LA 191 83.18 -88.51 121.49
N LEU LA 192 83.52 -89.53 120.68
CA LEU LA 192 82.47 -90.33 120.05
C LEU LA 192 81.63 -91.05 121.10
N LYS LA 193 82.28 -91.57 122.14
CA LYS LA 193 81.55 -92.25 123.20
C LYS LA 193 80.55 -91.31 123.86
N ARG LA 194 80.96 -90.07 124.11
CA ARG LA 194 80.02 -89.14 124.74
C ARG LA 194 78.98 -88.61 123.76
N LEU LA 195 79.28 -88.62 122.47
CA LEU LA 195 78.36 -88.06 121.49
C LEU LA 195 77.30 -89.05 121.02
N THR LA 196 77.55 -90.35 121.18
CA THR LA 196 76.62 -91.35 120.65
C THR LA 196 75.41 -91.58 121.54
N GLN LA 197 75.32 -90.92 122.69
CA GLN LA 197 74.18 -91.12 123.58
C GLN LA 197 73.58 -89.80 124.04
N ASN LA 198 74.38 -88.74 124.07
CA ASN LA 198 73.91 -87.45 124.58
C ASN LA 198 73.35 -86.57 123.46
N ALA LA 199 74.17 -86.27 122.46
CA ALA LA 199 73.75 -85.38 121.39
C ALA LA 199 72.61 -86.02 120.58
N ASP LA 200 71.47 -85.34 120.52
CA ASP LA 200 70.33 -85.85 119.78
C ASP LA 200 70.50 -85.74 118.27
N CYS LA 201 71.59 -85.12 117.80
CA CYS LA 201 71.94 -85.10 116.39
C CYS LA 201 73.41 -84.73 116.29
N LEU LA 202 73.97 -84.92 115.10
CA LEU LA 202 75.39 -84.65 114.91
C LEU LA 202 75.69 -84.54 113.42
N VAL LA 203 76.60 -83.62 113.08
CA VAL LA 203 77.04 -83.41 111.71
C VAL LA 203 78.56 -83.53 111.69
N VAL LA 204 79.08 -84.42 110.88
CA VAL LA 204 80.51 -84.68 110.83
C VAL LA 204 81.17 -83.75 109.83
N LEU LA 205 82.42 -83.38 110.11
CA LEU LA 205 83.23 -82.56 109.21
C LEU LA 205 84.67 -83.04 109.33
N ASP LA 206 85.17 -83.69 108.28
CA ASP LA 206 86.52 -84.23 108.27
C ASP LA 206 87.46 -83.26 107.58
N ASN LA 207 88.55 -82.90 108.27
CA ASN LA 207 89.53 -82.00 107.68
C ASN LA 207 90.25 -82.63 106.48
N THR LA 208 90.30 -83.95 106.42
CA THR LA 208 90.97 -84.61 105.30
C THR LA 208 90.23 -84.35 103.99
N ALA LA 209 88.91 -84.57 103.99
CA ALA LA 209 88.12 -84.32 102.78
C ALA LA 209 88.13 -82.84 102.40
N LEU LA 210 88.07 -81.96 103.39
CA LEU LA 210 88.12 -80.53 103.12
C LEU LA 210 89.45 -80.15 102.47
N ASN LA 211 90.56 -80.69 102.99
CA ASN LA 211 91.86 -80.41 102.40
C ASN LA 211 91.96 -80.97 101.00
N ARG LA 212 91.38 -82.17 100.78
CA ARG LA 212 91.36 -82.73 99.44
C ARG LA 212 90.65 -81.83 98.46
N ILE LA 213 89.47 -81.33 98.86
CA ILE LA 213 88.71 -80.44 97.97
C ILE LA 213 89.47 -79.14 97.76
N ALA LA 214 90.16 -78.65 98.79
CA ALA LA 214 90.93 -77.42 98.66
C ALA LA 214 92.06 -77.58 97.65
N THR LA 215 92.78 -78.69 97.72
CA THR LA 215 93.84 -78.92 96.74
C THR LA 215 93.29 -79.17 95.35
N ASP LA 216 92.11 -79.80 95.26
CA ASP LA 216 91.52 -80.11 93.95
C ASP LA 216 91.04 -78.84 93.25
N ARG LA 217 90.07 -78.15 93.85
CA ARG LA 217 89.33 -77.10 93.16
C ARG LA 217 89.57 -75.71 93.75
N LEU LA 218 90.46 -75.59 94.74
CA LEU LA 218 90.88 -74.30 95.23
C LEU LA 218 92.38 -74.05 95.10
N HIS LA 219 93.19 -75.11 94.99
CA HIS LA 219 94.62 -75.01 94.72
C HIS LA 219 95.34 -74.17 95.79
N ILE LA 220 95.32 -74.69 97.02
CA ILE LA 220 95.96 -74.00 98.13
C ILE LA 220 97.43 -74.39 98.29
N GLN LA 221 97.85 -75.52 97.76
CA GLN LA 221 99.23 -75.97 97.89
C GLN LA 221 99.59 -76.97 96.80
N SER LA 224 95.43 -74.16 104.15
CA SER LA 224 95.46 -73.21 105.26
C SER LA 224 94.12 -73.22 106.01
N PHE LA 225 94.19 -73.01 107.33
CA PHE LA 225 92.98 -72.99 108.14
C PHE LA 225 92.01 -71.91 107.66
N SER LA 226 92.51 -70.71 107.43
CA SER LA 226 91.66 -69.59 107.04
C SER LA 226 91.04 -69.75 105.66
N GLN LA 227 91.37 -70.81 104.93
CA GLN LA 227 90.75 -71.08 103.64
C GLN LA 227 89.71 -72.19 103.72
N ILE LA 228 90.02 -73.29 104.40
CA ILE LA 228 89.04 -74.34 104.60
C ILE LA 228 87.91 -73.85 105.49
N ASN LA 229 88.21 -72.94 106.42
CA ASN LA 229 87.17 -72.39 107.29
C ASN LA 229 86.13 -71.62 106.48
N GLN LA 230 86.51 -71.07 105.33
CA GLN LA 230 85.54 -70.41 104.47
C GLN LA 230 84.47 -71.40 104.01
N LEU LA 231 84.91 -72.54 103.47
CA LEU LA 231 83.95 -73.55 103.02
C LEU LA 231 83.16 -74.11 104.19
N VAL LA 232 83.80 -74.26 105.34
CA VAL LA 232 83.10 -74.76 106.52
C VAL LA 232 81.97 -73.81 106.90
N SER LA 233 82.27 -72.51 106.97
CA SER LA 233 81.25 -71.53 107.32
C SER LA 233 80.16 -71.46 106.27
N THR LA 234 80.53 -71.65 105.00
CA THR LA 234 79.52 -71.68 103.95
C THR LA 234 78.54 -72.82 104.18
N ILE LA 235 79.06 -74.02 104.43
CA ILE LA 235 78.19 -75.18 104.69
C ILE LA 235 77.33 -74.92 105.92
N MET LA 236 77.92 -74.37 106.98
CA MET LA 236 77.17 -74.13 108.20
C MET LA 236 76.04 -73.13 107.98
N SER LA 237 76.35 -71.99 107.36
CA SER LA 237 75.33 -70.99 107.08
C SER LA 237 74.22 -71.56 106.21
N ALA LA 238 74.59 -72.35 105.21
CA ALA LA 238 73.56 -72.96 104.36
C ALA LA 238 72.79 -74.05 105.08
N SER LA 239 73.32 -74.57 106.20
CA SER LA 239 72.64 -75.64 106.92
C SER LA 239 71.35 -75.14 107.56
N THR LA 240 71.39 -73.98 108.20
CA THR LA 240 70.24 -73.41 108.89
C THR LA 240 69.53 -72.37 108.03
N THR LA 241 69.49 -72.58 106.73
CA THR LA 241 68.86 -71.60 105.84
C THR LA 241 67.35 -71.56 106.04
N THR LA 242 66.71 -72.74 106.12
CA THR LA 242 65.26 -72.78 106.20
C THR LA 242 64.72 -72.22 107.51
N LEU LA 243 65.55 -72.04 108.52
CA LEU LA 243 65.07 -71.48 109.78
C LEU LA 243 64.96 -69.97 109.72
N ARG LA 244 65.85 -69.31 108.97
CA ARG LA 244 65.86 -67.85 108.92
C ARG LA 244 64.93 -67.30 107.85
N TYR LA 245 64.74 -68.01 106.74
CA TYR LA 245 63.81 -67.60 105.70
C TYR LA 245 62.60 -68.52 105.74
N PRO LA 246 61.46 -68.07 106.27
CA PRO LA 246 60.34 -69.00 106.48
C PRO LA 246 59.75 -69.48 105.18
N GLY LA 247 59.43 -70.77 105.14
CA GLY LA 247 58.81 -71.37 103.98
C GLY LA 247 57.57 -72.16 104.36
N TYR LA 248 57.12 -73.03 103.46
CA TYR LA 248 55.94 -73.83 103.75
C TYR LA 248 56.19 -74.79 104.90
N MET LA 249 57.34 -75.46 104.90
CA MET LA 249 57.72 -76.40 105.94
C MET LA 249 59.05 -75.96 106.55
N ASN LA 250 59.50 -76.75 107.54
CA ASN LA 250 60.80 -76.56 108.18
C ASN LA 250 60.93 -75.18 108.81
N ASN LA 251 60.08 -74.92 109.79
CA ASN LA 251 60.13 -73.69 110.56
C ASN LA 251 60.73 -73.90 111.95
N ASP LA 252 61.21 -75.10 112.26
CA ASP LA 252 61.75 -75.40 113.56
C ASP LA 252 62.75 -76.54 113.44
N LEU LA 253 63.63 -76.65 114.45
CA LEU LA 253 64.71 -77.62 114.39
C LEU LA 253 64.17 -79.05 114.36
N ILE LA 254 63.06 -79.31 115.05
CA ILE LA 254 62.49 -80.65 115.03
C ILE LA 254 62.04 -81.03 113.63
N GLY LA 255 61.57 -80.06 112.84
CA GLY LA 255 61.20 -80.35 111.46
C GLY LA 255 62.36 -80.83 110.63
N LEU LA 256 63.59 -80.41 110.98
CA LEU LA 256 64.76 -80.90 110.28
C LEU LA 256 65.25 -82.22 110.85
N ILE LA 257 65.15 -82.39 112.16
CA ILE LA 257 65.73 -83.58 112.79
C ILE LA 257 64.83 -84.79 112.59
N ALA LA 258 63.57 -84.70 113.02
CA ALA LA 258 62.69 -85.87 113.04
C ALA LA 258 62.45 -86.45 111.65
N SER LA 259 62.69 -85.68 110.59
CA SER LA 259 62.52 -86.22 109.26
C SER LA 259 63.64 -87.19 108.91
N LEU LA 260 64.87 -86.85 109.26
CA LEU LA 260 66.01 -87.66 108.86
C LEU LA 260 66.24 -88.82 109.82
N ILE LA 261 66.52 -88.52 111.09
CA ILE LA 261 66.90 -89.53 112.07
C ILE LA 261 65.70 -90.42 112.41
N PRO LA 262 65.69 -91.67 111.95
CA PRO LA 262 64.52 -92.53 112.22
C PRO LA 262 64.54 -93.17 113.60
N THR LA 263 65.73 -93.53 114.09
CA THR LA 263 65.93 -94.17 115.37
C THR LA 263 66.97 -93.41 116.17
N PRO LA 264 66.90 -93.43 117.50
CA PRO LA 264 67.80 -92.58 118.31
C PRO LA 264 69.28 -92.91 118.16
N ARG LA 265 69.64 -94.06 117.57
CA ARG LA 265 71.04 -94.40 117.44
C ARG LA 265 71.67 -93.85 116.17
N LEU LA 266 70.96 -93.92 115.04
CA LEU LA 266 71.51 -93.54 113.74
C LEU LA 266 71.40 -92.03 113.56
N HIS LA 267 72.20 -91.30 114.34
CA HIS LA 267 72.10 -89.84 114.34
C HIS LA 267 73.41 -89.18 113.92
N PHE LA 268 74.04 -89.69 112.87
CA PHE LA 268 75.21 -89.07 112.27
C PHE LA 268 74.92 -88.74 110.82
N LEU LA 269 75.16 -87.49 110.44
CA LEU LA 269 74.81 -87.01 109.12
C LEU LA 269 76.04 -86.47 108.40
N MET LA 270 75.97 -86.47 107.06
CA MET LA 270 77.02 -85.91 106.23
C MET LA 270 76.44 -84.85 105.31
N THR LA 271 77.32 -83.98 104.82
CA THR LA 271 76.91 -82.80 104.07
C THR LA 271 77.47 -82.85 102.65
N GLY LA 272 76.79 -82.12 101.76
CA GLY LA 272 77.23 -81.96 100.39
C GLY LA 272 76.82 -80.61 99.83
N TYR LA 273 77.74 -79.95 99.11
CA TYR LA 273 77.50 -78.59 98.61
C TYR LA 273 78.05 -78.51 97.20
N THR LA 274 77.16 -78.58 96.21
CA THR LA 274 77.59 -78.70 94.82
C THR LA 274 78.10 -77.42 94.17
N PRO LA 275 77.57 -76.21 94.43
CA PRO LA 275 78.04 -75.05 93.68
C PRO LA 275 79.37 -74.54 94.23
N LEU LA 276 80.45 -74.80 93.50
CA LEU LA 276 81.78 -74.38 93.92
C LEU LA 276 82.46 -73.55 92.84
N THR LA 288 70.50 -73.34 84.40
CA THR LA 288 70.70 -74.44 85.33
C THR LA 288 69.38 -74.90 85.93
N THR LA 289 69.08 -76.18 85.80
CA THR LA 289 67.85 -76.76 86.32
C THR LA 289 68.13 -77.52 87.61
N VAL LA 290 67.05 -77.79 88.35
CA VAL LA 290 67.19 -78.52 89.61
C VAL LA 290 67.64 -79.94 89.37
N LEU LA 291 67.35 -80.49 88.19
CA LEU LA 291 67.81 -81.83 87.88
C LEU LA 291 69.32 -81.90 87.83
N ASP LA 292 69.96 -80.89 87.23
CA ASP LA 292 71.41 -80.83 87.21
C ASP LA 292 71.97 -80.73 88.62
N VAL LA 293 71.34 -79.93 89.48
CA VAL LA 293 71.81 -79.78 90.86
C VAL LA 293 71.71 -81.11 91.59
N MET LA 294 70.57 -81.79 91.47
CA MET LA 294 70.40 -83.05 92.17
C MET LA 294 71.32 -84.14 91.62
N ARG LA 295 71.65 -84.08 90.33
CA ARG LA 295 72.56 -85.08 89.77
C ARG LA 295 73.99 -84.80 90.20
N ARG LA 296 74.37 -83.53 90.35
CA ARG LA 296 75.70 -83.20 90.83
C ARG LA 296 75.85 -83.39 92.33
N LEU LA 297 74.74 -83.37 93.07
CA LEU LA 297 74.82 -83.52 94.52
C LEU LA 297 75.14 -84.96 94.91
N LEU LA 298 74.46 -85.92 94.30
CA LEU LA 298 74.64 -87.32 94.64
C LEU LA 298 75.96 -87.89 94.16
N GLN LA 299 76.81 -87.09 93.53
CA GLN LA 299 78.13 -87.57 93.14
C GLN LA 299 79.06 -87.64 94.36
N PRO LA 300 79.82 -88.72 94.51
CA PRO LA 300 80.75 -88.81 95.65
C PRO LA 300 81.87 -87.79 95.60
N LYS LA 301 82.01 -87.05 94.50
CA LYS LA 301 83.07 -86.06 94.38
C LYS LA 301 82.87 -84.87 95.30
N ASN LA 302 81.63 -84.59 95.72
CA ASN LA 302 81.32 -83.40 96.48
C ASN LA 302 81.06 -83.65 97.96
N VAL LA 303 80.73 -84.88 98.35
CA VAL LA 303 80.38 -85.17 99.74
C VAL LA 303 81.62 -85.05 100.60
N MET LA 304 81.50 -84.32 101.71
CA MET LA 304 82.61 -84.11 102.65
C MET LA 304 82.81 -85.34 103.54
N VAL LA 305 83.16 -86.45 102.89
CA VAL LA 305 83.40 -87.72 103.58
C VAL LA 305 84.55 -88.43 102.89
N SER LA 306 85.49 -88.94 103.67
CA SER LA 306 86.60 -89.70 103.13
C SER LA 306 86.13 -91.00 102.48
N ASN LA 314 76.34 -104.39 102.26
CA ASN LA 314 76.67 -103.35 101.31
C ASN LA 314 76.49 -101.97 101.94
N HIS LA 315 75.92 -101.04 101.17
CA HIS LA 315 75.71 -99.68 101.65
C HIS LA 315 74.49 -99.10 100.96
N CYS LA 316 73.80 -98.20 101.66
CA CYS LA 316 72.60 -97.56 101.13
C CYS LA 316 72.30 -96.33 101.98
N TYR LA 317 71.24 -95.62 101.59
CA TYR LA 317 70.84 -94.38 102.23
C TYR LA 317 69.70 -94.61 103.21
N ILE LA 318 69.63 -93.75 104.22
CA ILE LA 318 68.55 -93.79 105.21
C ILE LA 318 67.61 -92.61 105.04
N ALA LA 319 68.14 -91.41 104.78
CA ALA LA 319 67.32 -90.24 104.57
C ALA LA 319 68.15 -89.17 103.88
N ILE LA 320 67.53 -88.47 102.93
CA ILE LA 320 68.20 -87.43 102.15
C ILE LA 320 67.34 -86.17 102.21
N LEU LA 321 67.99 -85.03 102.39
CA LEU LA 321 67.31 -83.74 102.40
C LEU LA 321 68.07 -82.76 101.52
N ASN LA 322 67.35 -82.09 100.62
CA ASN LA 322 67.93 -81.11 99.71
C ASN LA 322 67.36 -79.74 100.02
N ILE LA 323 68.23 -78.74 100.03
CA ILE LA 323 67.84 -77.34 100.22
C ILE LA 323 68.31 -76.56 99.01
N ILE LA 324 67.38 -75.96 98.28
CA ILE LA 324 67.68 -75.20 97.07
C ILE LA 324 67.41 -73.74 97.36
N GLN LA 325 68.43 -72.90 97.20
CA GLN LA 325 68.35 -71.49 97.55
C GLN LA 325 68.14 -70.59 96.33
N GLY LA 326 67.97 -71.17 95.15
CA GLY LA 326 67.87 -70.39 93.94
C GLY LA 326 66.46 -69.90 93.65
N GLU LA 327 66.35 -69.14 92.56
CA GLU LA 327 65.07 -68.67 92.05
C GLU LA 327 64.50 -69.58 90.97
N VAL LA 328 64.77 -70.88 91.06
CA VAL LA 328 64.37 -71.81 90.03
C VAL LA 328 62.85 -71.93 89.95
N ASP LA 329 62.39 -72.47 88.84
CA ASP LA 329 60.97 -72.76 88.66
C ASP LA 329 60.59 -73.95 89.52
N PRO LA 330 59.73 -73.79 90.52
CA PRO LA 330 59.43 -74.89 91.44
C PRO LA 330 58.51 -75.97 90.88
N THR LA 331 58.20 -75.95 89.58
CA THR LA 331 57.34 -76.98 89.00
C THR LA 331 58.12 -78.16 88.46
N GLN LA 332 59.42 -78.02 88.25
CA GLN LA 332 60.24 -79.07 87.68
C GLN LA 332 60.87 -79.97 88.73
N VAL LA 333 60.59 -79.74 90.01
CA VAL LA 333 61.20 -80.56 91.06
C VAL LA 333 60.62 -81.97 91.06
N HIS LA 334 59.30 -82.09 90.86
CA HIS LA 334 58.70 -83.42 90.83
C HIS LA 334 59.21 -84.21 89.63
N LYS LA 335 59.42 -83.54 88.49
CA LYS LA 335 60.01 -84.21 87.34
C LYS LA 335 61.43 -84.66 87.65
N SER LA 336 62.18 -83.81 88.37
CA SER LA 336 63.53 -84.17 88.78
C SER LA 336 63.52 -85.45 89.63
N LEU LA 337 62.63 -85.51 90.61
CA LEU LA 337 62.56 -86.70 91.46
C LEU LA 337 62.11 -87.92 90.66
N GLN LA 338 61.16 -87.73 89.75
CA GLN LA 338 60.73 -88.83 88.90
C GLN LA 338 61.89 -89.41 88.11
N ARG LA 339 62.68 -88.53 87.47
CA ARG LA 339 63.79 -89.02 86.66
C ARG LA 339 64.90 -89.61 87.52
N ILE LA 340 65.10 -89.08 88.73
CA ILE LA 340 66.10 -89.65 89.63
C ILE LA 340 65.70 -91.06 90.04
N ARG LA 341 64.41 -91.27 90.33
CA ARG LA 341 63.94 -92.62 90.63
C ARG LA 341 64.05 -93.52 89.42
N GLU LA 342 63.77 -92.98 88.23
CA GLU LA 342 63.86 -93.78 87.00
C GLU LA 342 65.29 -94.29 86.79
N ARG LA 343 66.26 -93.37 86.73
CA ARG LA 343 67.63 -93.77 86.44
C ARG LA 343 68.29 -94.53 87.57
N LYS LA 344 67.70 -94.54 88.77
CA LYS LA 344 68.20 -95.30 89.91
C LYS LA 344 69.64 -94.90 90.24
N LEU LA 345 69.80 -93.65 90.66
CA LEU LA 345 71.12 -93.13 91.00
C LEU LA 345 71.48 -93.36 92.47
N ALA LA 346 70.50 -93.67 93.32
CA ALA LA 346 70.76 -93.87 94.73
C ALA LA 346 69.87 -94.99 95.26
N ASN LA 347 70.36 -95.67 96.30
CA ASN LA 347 69.66 -96.78 96.91
C ASN LA 347 69.19 -96.40 98.31
N PHE LA 348 68.17 -97.11 98.79
CA PHE LA 348 67.57 -96.85 100.08
C PHE LA 348 67.58 -98.13 100.92
N ILE LA 349 67.14 -97.99 102.17
CA ILE LA 349 67.05 -99.11 103.10
C ILE LA 349 66.00 -100.09 102.59
N PRO LA 350 66.18 -101.39 102.79
CA PRO LA 350 65.21 -102.36 102.29
C PRO LA 350 64.07 -102.63 103.27
N TRP LA 351 64.28 -102.33 104.55
CA TRP LA 351 63.28 -102.68 105.56
C TRP LA 351 62.14 -101.66 105.60
N GLY LA 352 62.48 -100.40 105.88
CA GLY LA 352 61.47 -99.37 106.04
C GLY LA 352 61.35 -98.47 104.84
N PRO LA 353 60.18 -97.84 104.68
CA PRO LA 353 60.01 -96.88 103.59
C PRO LA 353 60.74 -95.58 103.87
N ALA LA 354 61.84 -95.36 103.15
CA ALA LA 354 62.62 -94.14 103.29
C ALA LA 354 62.66 -93.42 101.95
N SER LA 355 62.44 -92.11 101.99
CA SER LA 355 62.36 -91.30 100.78
C SER LA 355 63.30 -90.11 100.91
N ILE LA 356 63.35 -89.31 99.83
CA ILE LA 356 64.18 -88.11 99.77
C ILE LA 356 63.26 -86.91 99.81
N GLN LA 357 63.62 -85.92 100.63
CA GLN LA 357 62.83 -84.70 100.78
C GLN LA 357 63.60 -83.53 100.20
N VAL LA 358 62.88 -82.60 99.59
CA VAL LA 358 63.47 -81.43 98.96
C VAL LA 358 62.68 -80.20 99.37
N ALA LA 359 63.39 -79.10 99.62
CA ALA LA 359 62.78 -77.85 100.04
C ALA LA 359 63.52 -76.69 99.39
N LEU LA 360 62.81 -75.59 99.19
CA LEU LA 360 63.37 -74.40 98.57
C LEU LA 360 63.41 -73.25 99.58
N SER LA 361 64.10 -72.19 99.20
CA SER LA 361 64.27 -71.02 100.06
C SER LA 361 64.59 -69.82 99.18
N ARG LA 362 65.06 -68.74 99.79
CA ARG LA 362 65.43 -67.53 99.07
C ARG LA 362 66.81 -67.08 99.52
N LYS LA 363 67.64 -66.71 98.55
CA LYS LA 363 68.95 -66.18 98.86
C LYS LA 363 68.83 -64.79 99.47
N SER LA 364 69.84 -64.40 100.24
CA SER LA 364 69.84 -63.09 100.87
C SER LA 364 69.94 -62.01 99.82
N PRO LA 365 68.93 -61.14 99.67
CA PRO LA 365 68.98 -60.13 98.60
C PRO LA 365 70.11 -59.13 98.78
N TYR LA 366 70.53 -58.87 100.02
CA TYR LA 366 71.61 -57.92 100.25
C TYR LA 366 72.95 -58.47 99.82
N LEU LA 367 73.09 -59.78 99.71
CA LEU LA 367 74.35 -60.39 99.29
C LEU LA 367 74.59 -60.19 97.80
N ARG LA 372 71.89 -66.67 90.00
CA ARG LA 372 72.65 -67.55 90.86
C ARG LA 372 71.76 -68.60 91.50
N VAL LA 373 72.18 -69.86 91.45
CA VAL LA 373 71.43 -70.97 92.00
C VAL LA 373 72.40 -71.88 92.76
N SER LA 374 72.08 -72.18 94.02
CA SER LA 374 72.92 -73.00 94.87
C SER LA 374 72.09 -74.16 95.43
N GLY LA 375 72.73 -74.99 96.24
CA GLY LA 375 72.04 -76.12 96.84
C GLY LA 375 72.90 -76.89 97.83
N LEU LA 376 72.27 -77.42 98.88
CA LEU LA 376 72.95 -78.22 99.87
C LEU LA 376 72.18 -79.51 100.11
N MET LA 377 72.89 -80.53 100.59
CA MET LA 377 72.31 -81.85 100.80
C MET LA 377 72.79 -82.40 102.13
N MET LA 378 71.85 -82.85 102.96
CA MET LA 378 72.13 -83.52 104.22
C MET LA 378 71.69 -84.96 104.10
N ALA LA 379 72.63 -85.89 104.35
CA ALA LA 379 72.38 -87.31 104.13
C ALA LA 379 72.65 -88.12 105.39
N ASN LA 380 71.93 -89.22 105.50
CA ASN LA 380 72.14 -90.22 106.55
C ASN LA 380 72.63 -91.49 105.85
N HIS LA 381 73.94 -91.59 105.64
CA HIS LA 381 74.54 -92.69 104.90
C HIS LA 381 75.25 -93.62 105.87
N THR LA 382 75.05 -94.93 105.67
CA THR LA 382 75.66 -95.92 106.54
C THR LA 382 77.16 -96.04 106.36
N SER LA 383 77.73 -95.42 105.31
CA SER LA 383 79.17 -95.51 105.07
C SER LA 383 79.99 -94.76 106.12
N ILE LA 384 79.38 -93.80 106.83
CA ILE LA 384 80.13 -92.98 107.78
C ILE LA 384 80.81 -93.84 108.82
N SER LA 385 80.20 -94.98 109.18
CA SER LA 385 80.79 -95.88 110.17
C SER LA 385 82.24 -96.21 109.83
N SER LA 386 82.55 -96.31 108.54
CA SER LA 386 83.92 -96.61 108.11
C SER LA 386 84.92 -95.73 108.83
N LEU LA 387 84.66 -94.42 108.85
CA LEU LA 387 85.57 -93.48 109.52
C LEU LA 387 85.86 -93.93 110.95
N PHE LA 388 84.81 -94.19 111.73
CA PHE LA 388 85.00 -94.65 113.10
C PHE LA 388 85.94 -95.84 113.16
N GLU LA 389 85.74 -96.81 112.26
CA GLU LA 389 86.59 -98.00 112.22
C GLU LA 389 88.05 -97.62 112.26
N ARG LA 390 88.45 -96.69 111.38
CA ARG LA 390 89.83 -96.24 111.35
C ARG LA 390 90.29 -95.83 112.75
N THR LA 391 89.58 -94.87 113.36
CA THR LA 391 89.88 -94.49 114.72
C THR LA 391 89.95 -95.72 115.62
N CYS LA 392 88.89 -96.53 115.60
CA CYS LA 392 88.87 -97.78 116.35
C CYS LA 392 90.15 -98.56 116.11
N ARG LA 393 90.45 -98.81 114.83
CA ARG LA 393 91.66 -99.54 114.47
C ARG LA 393 92.88 -98.92 115.14
N GLN LA 394 93.05 -97.61 114.96
CA GLN LA 394 94.21 -96.94 115.55
C GLN LA 394 94.26 -97.15 117.05
N TYR LA 395 93.09 -97.06 117.71
CA TYR LA 395 93.06 -97.27 119.16
C TYR LA 395 93.65 -98.63 119.51
N ASP LA 396 93.24 -99.67 118.80
CA ASP LA 396 93.81 -100.99 119.02
C ASP LA 396 95.32 -100.95 118.81
N LYS LA 397 95.76 -100.33 117.72
CA LYS LA 397 97.20 -100.18 117.49
C LYS LA 397 97.85 -99.39 118.62
N LEU LA 398 97.13 -98.42 119.18
CA LEU LA 398 97.65 -97.68 120.32
C LEU LA 398 97.53 -98.45 121.63
N ARG LA 399 96.60 -99.42 121.69
CA ARG LA 399 96.42 -100.17 122.93
C ARG LA 399 97.50 -101.22 123.14
N LYS LA 400 98.24 -101.57 122.09
CA LYS LA 400 99.26 -102.62 122.16
C LYS LA 400 100.67 -102.07 121.91
N ARG LA 401 100.86 -100.76 122.04
CA ARG LA 401 102.17 -100.16 121.90
C ARG LA 401 102.54 -99.18 123.00
N GLU LA 402 101.57 -98.60 123.70
CA GLU LA 402 101.81 -97.65 124.80
C GLU LA 402 102.75 -96.53 124.39
N ASP LA 416 94.11 -94.04 136.94
CA ASP LA 416 94.15 -95.02 138.03
C ASP LA 416 93.68 -96.39 137.57
N ASN LA 417 92.52 -96.43 136.90
CA ASN LA 417 91.92 -97.67 136.43
C ASN LA 417 92.01 -97.85 134.92
N PHE LA 418 91.96 -96.76 134.16
CA PHE LA 418 92.00 -96.79 132.70
C PHE LA 418 90.90 -97.65 132.10
N ASP LA 419 89.74 -97.68 132.74
CA ASP LA 419 88.63 -98.49 132.26
C ASP LA 419 87.64 -97.68 131.42
N GLU LA 420 87.64 -96.36 131.58
CA GLU LA 420 86.72 -95.52 130.81
C GLU LA 420 86.99 -95.63 129.32
N MET LA 421 88.26 -95.68 128.92
CA MET LA 421 88.59 -95.87 127.51
C MET LA 421 88.09 -97.22 127.01
N ASP LA 422 88.14 -98.25 127.86
CA ASP LA 422 87.63 -99.55 127.47
C ASP LA 422 86.12 -99.50 127.26
N THR LA 423 85.40 -98.82 128.16
CA THR LA 423 83.96 -98.67 127.98
C THR LA 423 83.64 -97.88 126.72
N SER LA 424 84.47 -96.88 126.41
CA SER LA 424 84.29 -96.10 125.18
C SER LA 424 84.45 -96.99 123.96
N ARG LA 425 85.51 -97.79 123.94
CA ARG LA 425 85.70 -98.75 122.85
C ARG LA 425 84.51 -99.69 122.74
N GLU LA 426 83.99 -100.15 123.87
CA GLU LA 426 82.84 -101.05 123.85
C GLU LA 426 81.63 -100.39 123.19
N ILE LA 427 81.34 -99.15 123.58
CA ILE LA 427 80.12 -98.53 123.06
C ILE LA 427 80.28 -98.13 121.60
N VAL LA 428 81.49 -97.74 121.18
CA VAL LA 428 81.67 -97.42 119.77
C VAL LA 428 81.64 -98.69 118.93
N GLN LA 429 82.10 -99.83 119.49
CA GLN LA 429 81.91 -101.09 118.80
C GLN LA 429 80.44 -101.42 118.66
N GLN LA 430 79.66 -101.17 119.71
CA GLN LA 430 78.20 -101.33 119.63
C GLN LA 430 77.64 -100.49 118.49
N LEU LA 431 78.06 -99.23 118.40
CA LEU LA 431 77.52 -98.34 117.38
C LEU LA 431 77.89 -98.80 115.97
N ILE LA 432 79.14 -99.23 115.78
CA ILE LA 432 79.56 -99.69 114.46
C ILE LA 432 78.81 -100.96 114.09
N ASP LA 433 78.58 -101.85 115.06
CA ASP LA 433 77.80 -103.05 114.78
C ASP LA 433 76.37 -102.69 114.40
N GLU LA 434 75.79 -101.70 115.06
CA GLU LA 434 74.43 -101.28 114.72
C GLU LA 434 74.38 -100.69 113.33
N TYR LA 435 75.35 -99.85 112.97
CA TYR LA 435 75.42 -99.35 111.60
C TYR LA 435 75.52 -100.48 110.59
N HIS LA 436 76.40 -101.44 110.84
CA HIS LA 436 76.60 -102.53 109.89
C HIS LA 436 75.34 -103.39 109.77
N ALA LA 437 74.58 -103.53 110.85
CA ALA LA 437 73.34 -104.29 110.80
C ALA LA 437 72.19 -103.47 110.21
N ALA LA 438 72.33 -102.15 110.15
CA ALA LA 438 71.26 -101.32 109.60
C ALA LA 438 71.02 -101.58 108.12
N THR LA 439 72.04 -102.00 107.39
CA THR LA 439 71.94 -102.21 105.95
C THR LA 439 71.49 -103.62 105.59
N ARG LA 440 70.78 -104.31 106.49
CA ARG LA 440 70.29 -105.65 106.21
C ARG LA 440 68.78 -105.64 106.09
N PRO LA 441 68.20 -106.48 105.22
CA PRO LA 441 66.74 -106.50 105.08
C PRO LA 441 66.00 -106.88 106.35
N ASP LA 442 66.68 -107.40 107.36
CA ASP LA 442 66.03 -107.73 108.62
C ASP LA 442 66.69 -106.95 109.76
N TYR LA 443 66.93 -105.65 109.54
CA TYR LA 443 67.55 -104.84 110.57
C TYR LA 443 66.73 -104.84 111.85
N ILE LA 444 65.40 -104.90 111.73
CA ILE LA 444 64.55 -105.01 112.91
C ILE LA 444 64.90 -106.28 113.67
N SER LA 445 65.04 -106.16 114.98
CA SER LA 445 65.43 -107.26 115.86
C SER LA 445 66.76 -107.88 115.41
#